data_9P8H
#
_entry.id   9P8H
#
_cell.length_a   1.00
_cell.length_b   1.00
_cell.length_c   1.00
_cell.angle_alpha   90.00
_cell.angle_beta   90.00
_cell.angle_gamma   90.00
#
_symmetry.space_group_name_H-M   'P 1'
#
loop_
_entity.id
_entity.type
_entity.pdbx_description
1 polymer 'A/P site tRNA'
2 polymer 'P/E site tRNA'
3 polymer '40S ribosomal protein S3'
4 polymer '40S ribosomal protein S5'
5 polymer '40S ribosomal protein S10'
6 polymer 'Small ribosomal subunit protein eS12'
7 polymer '40S ribosomal protein S15'
8 polymer 'Small ribosomal subunit protein uS9'
9 polymer 'Small ribosomal subunit protein eS17'
10 polymer '40S ribosomal protein S18'
11 polymer '40S ribosomal protein S19'
12 polymer '40S ribosomal protein S20'
13 polymer 'Small ribosomal subunit protein eS25'
14 polymer '40S ribosomal protein S28'
15 polymer '40S ribosomal protein S29'
16 polymer 'Ubiquitin-40S ribosomal protein S27a'
17 polymer 'Receptor of activated protein C kinase 1'
18 polymer '40S ribosomal protein SA'
19 polymer '40S ribosomal protein S3a'
20 polymer '40S ribosomal protein S2'
21 polymer 'Small ribosomal subunit protein eS4, X isoform'
22 polymer '40S ribosomal protein S6'
23 polymer 'Small ribosomal subunit protein eS7'
24 polymer '40S ribosomal protein S8'
25 polymer '40S ribosomal protein S9'
26 polymer '40S ribosomal protein S11'
27 polymer '40S ribosomal protein S13'
28 polymer 'Small ribosomal subunit protein uS11'
29 polymer 'Small ribosomal subunit protein eS21'
30 polymer '40S ribosomal protein S15a'
31 polymer '40S ribosomal protein S23'
32 polymer '40S ribosomal protein S24'
33 polymer '40S ribosomal protein S26'
34 polymer 'Small ribosomal subunit protein eS27'
35 polymer '18S rRNA'
36 polymer '60S ribosomal protein L19'
37 polymer 'Ribosomal protein L24'
38 polymer 'Transcription factor BTF3'
39 polymer '28S rRNA'
40 polymer '5S rRNA'
41 polymer '5.8S rRNA'
42 polymer '60S ribosomal protein L8'
43 polymer 'Large ribosomal subunit protein uL3'
44 polymer '60S ribosomal protein L4'
45 polymer 'Large ribosomal subunit protein uL18'
46 polymer 'Large ribosomal subunit protein eL6'
47 polymer '60S ribosomal protein L7'
48 polymer '60S ribosomal protein L7a'
49 polymer '60S ribosomal protein L9'
50 polymer 'Ribosomal protein uL16-like'
51 polymer '60S ribosomal protein L11'
52 polymer 'Large ribosomal subunit protein eL13'
53 polymer '60S ribosomal protein L14'
54 polymer '60S ribosomal protein L15'
55 polymer '60S ribosomal protein L13a'
56 polymer '60S ribosomal protein L17'
57 polymer '60S ribosomal protein L18'
58 polymer '60S ribosomal protein L18a'
59 polymer '60S ribosomal protein L21'
60 polymer 'Heparin-binding protein HBp15'
61 polymer '60S ribosomal protein L23'
62 polymer '60S ribosomal protein L23a'
63 polymer '60S ribosomal protein L26'
64 polymer '60S ribosomal protein L27'
65 polymer '60S ribosomal protein L27a'
66 polymer 'Large ribosomal subunit protein eL29'
67 polymer '60S ribosomal protein L30'
68 polymer '60S ribosomal protein L31'
69 polymer '60S ribosomal protein L32'
70 polymer '60S ribosomal protein L35a'
71 polymer '60S ribosomal protein L34'
72 polymer '60S ribosomal protein L35'
73 polymer '60S ribosomal protein L36'
74 polymer '60S ribosomal protein L37'
75 polymer '60S ribosomal protein L38'
76 polymer '60S ribosomal protein L39'
77 polymer 'Large ribosomal subunit protein eL40'
78 polymer '60S ribosomal protein L41'
79 polymer '60S ribosomal protein L36a'
80 polymer '60S ribosomal protein L37a'
81 polymer '60S ribosomal protein L28'
82 polymer '60S acidic ribosomal protein P0'
83 polymer 'Large ribosomal subunit protein uL11'
84 polymer 'Endothelial differentiation-related factor 1'
85 non-polymer 'MAGNESIUM ION'
86 non-polymer 'ZINC ION'
87 non-polymer SPERMINE
88 non-polymer SPERMIDINE
#
loop_
_entity_poly.entity_id
_entity_poly.type
_entity_poly.pdbx_seq_one_letter_code
_entity_poly.pdbx_strand_id
1 'polyribonucleotide'
;GUCUCCGUAGUGUAGGGUAUCACGUUCGCCUAACACGCGAAAGGUCCUCGGUUCGAAACCGGGCGGAAACAGUCUCCGUA
GUGUAGGGUAUCACGUUCGCCUAACACGCGAAAGGUCCUCGGUUCGAAACCGGGCGGAAACA
;
AP
2 'polyribonucleotide'
;GCCCGGAUAGCUCAGCUGUAGAGCAUCAGACUUUUAAUCUGAGGGUCCAGGGUUCAAGUCCCUGUUCGGGCGCCAGCCCG
GAUAGCUCAGCUGUAGAGCAUCAGACUUUUAAUCUGAGGGUCCAGGGUUCAAGUCCCUGUUCGGGCGCCA
;
PE
3 'polypeptide(L)'
;MAVQISKKRKFVADGIFKAELNEFLTRELAEDGYSGVEVRVTPTRTEIIILATRTQNVLGEKGRRIRELTAVVQKRFGFP
EGSVELYAEKVATRGLCAIAQAESLRYKLLGGLAVRRACYGVLRFIMESGAKGCEVVVSGKLRGQRAKSMKFVDGLMIHS
GDPVNYYVDTAVRHVLLRQGVLGIKVKIMLPWDPTGKIGPKKPLPDHVSIVEPKDEILPTTPISEQKMAVQISKKRKFVA
DGIFKAELNEFLTRELAEDGYSGVEVRVTPTRTEIIILATRTQNVLGEKGRRIRELTAVVQKRFGFPEGSVELYAEKVAT
RGLCAIAQAESLRYKLLGGLAVRRACYGVLRFIMESGAKGCEVVVSGKLRGQRAKSMKFVDGLMIHSGDPVNYYVDTAVR
HVLLRQGVLGIKVKIMLPWDPTGKIGPKKPLPDHVSIVEPKDEILPTTPISEQK
;
SD
4 'polypeptide(L)'
;DIKLFGKWSTDDVQINDISLQDYIAVKEKYAKYLPHSAGRYAAKRFRKAQCPIVERLTNSMMMHGRNNGKKLMTVRIVKH
AFEIIHLLTGENPLQVLVNAIINSGPREDSTRIGRAGTVRRQAVDVSPLRRVNQAIWLLCTGAREAAFRNIKTIAECLAD
ELINAAKGSSNSYAIKKKDELERVAKSNR
;
SF
5 'polypeptide(L)'
;MLMPKKNRIAIYELLFKEGVMVAKKDVHMPKHPELADKNVPNLHVMKAMQSLKSRGYVKEQFAWRHFYWYLTNEGIQYLR
DYLHLPPEIVPATLRRSR
;
SK
6 'polypeptide(L)'
;VMDVNTALQEVLKTALIHDGLARGIREAAKALDKRQAHLCVLASNCDEPMYVKLVEALCAEHQINLIKVDDNKKLGEWVG
LCKIDREGKPRKVVGCSCVVVKDYGKESQAKDVIEEYFKCKK
;
SM
7 'polypeptide(L)'
;RTFRKFTYRGVDLDQLLDMSYEQLMQLYSARQRRRLNRGLRRKQHSLLKRLRKAKKEAPPMEKPEVVKTHLRDMIILPEM
VGSMVGVYNGKTFNQVEIKPEMIGHYLGEFSITYKPVKHGRPGIGAT
;
SP
8 'polypeptide(L)'
;SKGPLQSVQVFGRKKTATAVAHCKRGNGLIKVNGRPLEMIEPRTLQYKLLEPVLLLGKERFAGVDIRVRVKGGGHVAQIY
AIRQSISKALVAYYQKYVDEASKKEIKDILIQYDRTLLVADPRRCESKKFGGPGARARYQKSYR
;
SQ
9 'polypeptide(L)'
;MGRVRTKTVKKAARVIIEKYYTRLGNDFHTNKRVCEEIAIIPSKKLRNKIAGYVTHLMKRIQRGPVRGISIKLQEEERER
RDNYVPEVSALDQEIIEVDPDTKEMLKLLDFGSLSNLQVTQPTVGMNFKTPRGPV
;
SR
10 'polypeptide(L)'
;MSLVIPEKFQHILRVLNTNIDGRRKIAFAITAIKGVGRRYAHVVLRKADIDLTKRAGELTEDEVERVITIMQNPRQYKIP
DWFLNRQKDVKDGKYSQVLANGLDNKLREDLERLKKIRAHRGLRHFWGLRVRGQHTKTTGRRGRT
;
SS
11 'polypeptide(L)'
;PGVTVKDVNQQEFVRALAAFLKKSGKLKVPEWVDTVKLAKHKELAPYDENWFYTRAASTARHLYLRGGAGVGSMTKIYGG
RQRNGVMPSHFSRGSKSVARRVLQALEGLKMVEKDQDGGRKLTPQGQRDLDRIAGQVAAANKK
;
ST
12 'polypeptide(L)'
;AIHRIRITLTSRNVKSLEKVCADLIRGAKEKNLKVKGPVRMPTKTLRITTRKTPCGEGSKTWDRFQMRIHKRLIDLHSPS
EIVKQITSISIEPGVEVEVTIADA
;
SU
13 'polypeptide(L)' RDKLNNLVLFDKATYDKLCKEVPNYKLITPAVVSERLKIRGSLARAALQELLSKGLIKLVSKHRAQVIYTRNTKG SZ
14 'polypeptide(L)' RVQPIKLARVTKVLGRTGSQGQCTQVRVEFMDDTSRSIIRNVKGPVREGDVLTLLESEREARRL Sc
15 'polypeptide(L)' GHQQLYWSHPRKFGQGSRSCRVCSNRHGLIRKYGLNMCRQCFRQYAKDIGFIKLD Sd
16 'polypeptide(L)' YTTPKKNKHKRKKVKLAVLKYYKVDENGKISRLRRECPSDECGAGVFMASHFDRHYCGKCCLTYCFN Sf
17 'polypeptide(L)'
;TEQMTLRGTLKGHNGWVTQIATTPQFPDMILSASRDKTIIMWKLTRDETNYGIPQRALRGHSHFVSDVVISSDGQFALSG
SWDGTLRLWDLTTGTTTRRFVGHTKDVLSVAFSSDNRQIVSGSRDKTIKLWNTLGVCKYTVQDESHSEWVSCVRFSPNSS
NPIIVSCGWDKLVKVWNLANCKLKTNHIGHTGYLNTVTVSPDGSLCASGGKDGQAMLWDLNEGKHLYTLDGGDIINALCF
SPNRYWLCAATGPSIKIWDLEGKIIVDELKQEVISTSSKAEPPQCTSLAWSADGQTLFAGYTDNLVRVWQVTI
;
Sg
18 'polypeptide(L)'
;GALDVLQMKEEDVLKFLAAGTHLGGTNLDFQMEQYIYKRKSDGIYIINLKRTWEKLLLAARAIVAIENPADVSVISSRNT
GQRAVLKFAAATGATPIAGRFTPGTFTNQIQAAFREPRLLVVTDPRADHQPLTEASYVNLPTIALCNTDSPLRYVDIAIP
CNNKGAHSVGLMWWMLAREVLRMRGTISREHPWEVMPDLYFYRDPEEIEKEEQAAAEKAVT
;
SA
19 'polypeptide(L)'
;VVDPFSKKDWYDVKAPAMFNIRNIGKTLVTRTQGTKIASDGLKGRVFEVSLADLQNDEVAFRKFKLITEDVQGKNCLTNF
HGMDLTRDKMCSMVKKWQTMIEAHVDVKTTDGYLLRLFCVGFTKKRNNQIRKTSYAQHQQVRQIRKKMMEIMTREVQTND
LKEVVNKLIPDSIGKDIEKACQSIYPLHDVFVRKVKMLKKPKFELGKLMELHGE
;
SB
20 'polypeptide(L)'
;EWMPVTKLGRLVKDMKIKSLEEIYLFSLPIKESEIIDFFLGASLKDEVLKIMPVQKQTRAGQRTRFKAFVAIGDYNGHVG
LGVKCSKEVATAIRGAIILAKLSIVPVRRGYWGNKIGKPHTVPCKVTGRCGSVLVRLIPAPRGTGIVSAPVPKKLLMMAG
IDDCYTSARGCTATLGNFAKATFDAISKTYSYLTPDLWKETVFTKSPYQEFTDHLVKTHTRV
;
SC
21 'polypeptide(L)'
;ARGPKKHLKRVAAPKHWMLDKLTGVFAPRPSTGPHKLRECLPLIIFLRNRLKYALTGDEVKKICMQRFIKIDGKVRTDIT
YPAGFMDVISIDKTGENFRLIYDTKGRFAVHRITPEEAKYKLCKVRKIFVGTKGIPHLVTHDARTIRYPDPLIKVNDTIQ
IDLETGKITDFIKFDTGNLCMVTGGANLGRIGVITNRERHPGSFDVVHVKDANGNSFATRLSNIFVIGKGNKPWISLPRG
KGIRLTIAEERDKRLAAKQSSG
;
SE
22 'polypeptide(L)'
;MKLNISFPATGCQKLIEVDDERKLRTFYEKRMATEVAADALGEEWKGYVVRISGGNDKQGFPMKQGVLTHGRVRLLLSKG
HSCYRPRRTGERKRKSVRGCIVDANLSVLNLVIVKKGEKDIPGLTDTTVPRRLGPKRASRIRKLFNLSKEDDVRQYVVRK
PLNKEGKKPRTKAPKIQRLVTPRVLQHKRRRIALKKQRTKKNKEEAAEYAKLLAKRMKEAKEKRQEQIAKRRRLSSL
;
SG
23 'polypeptide(L)'
;SAKIVKPNGEKPDEFESGISQALLELEMNSDLKAQLRELNITAAKEIEVGGGRKAIIIFVPVPQLKSFQKIQVRLVRELE
KKFSGKHVVFIAQRRILPKPTRKKNKQKRPRSRTLTAVHDAILEDLVFPSEIVGKRIRVKLDGSRLIKVHLDKAQQNNVE
HKVETFSGVYKKLTGKDVNFEFPEFQ
;
SH
24 'polypeptide(L)'
;GISRDNWHKRRKTGGKRKPYHKKRKYELGRPAANTKIGPRRIHTVRVRGGNKKYRALRLDVGNFSWGSECCTRKTRIIDV
VYNASNNELVRTKTLVKNCIVLIDSTPYRQWYESHYALPLGRKKGAKLTPEEEEILNKKRSKKIQKKYDERKKNAKISSL
LEEQFQQGKLLACIASRPGQCGRADGYVLEGKELEFYLRKIKARKG
;
SI
25 'polypeptide(L)'
;PVARSWVCRKTYVTPRRPFEKSRLDQELKLIGEYGLRNKREVWRVKFTLAKIRKAARELLTLDEKDPRRLFEGNALLRRL
VRIGVLDEGKMKLDYILGLKIEDFLERRLQTQVFKLGLAKSIHHARVLIRQRHIRVRKQVVNIPSFIVRLDSQKHIDFSL
RSPYGGGRPGRVKRKNAKKGQGGAG
;
SJ
26 'polypeptide(L)'
;ADIQTERAYQKQPTIFQNKKRVLLGETGKEKLPRYYKNIGLGFKTPKEAIEGTYIDKKCPFTGNVSIRGRILSGVVTKMK
MQRTIVIRRDYLHYIRKYNRFEKRHKNMSVHLSPCFRDVQIGDIVTVGECRPLSKTVRFNVLKVTKAAGTKKQ
;
SL
27 'polypeptide(L)'
;GRMHAPGKGLSQSALPYRRSVPTWLKLTSDDVKEQIYKLAKKGLTPSQIGVILRDSHGVAQVRFVTGNKILRILKSKGLA
PDLPEDLYHLIKKAVAVRKHLERNRKDKDAKFRLILIESRIHRLARYYKTKRVLPPNWKYESSTASALVA
;
SN
28 'polypeptide(L)'
;EQVISLGPQVAEGENVFGVCHIFASFNDTFVHVTDLSGKETICRVTGGMKVKADRDESSPYAAMLAAQDVAQRCKELGIT
ALHIKLRATGGNRTKTPGPGAQSALRALARSGMKIGRIEDVTPIPSDSTRRKGGRRGRRL
;
SO
29 'polypeptide(L)'
;MQNDAGEFVDLYVPRKCSASNRIIGAKDHASIQMNVAEVDKVTGRFNGQFKTYAICGAIRRMGESDDSILRLAKADGIVS
KNF
;
SV
30 'polypeptide(L)'
;VRMNVLADALKSINNAEKRGKRQVLIRPCSKVIVRFLTVMMKHGYIGEFEIIDDHRAGKIVVNLTGRLNKCGVISPRFDV
QLKDLEKWQNNLLPSRQFGFIVLTTSAGIMDHEEARRKHTGGKILGFFF
;
SW
31 'polypeptide(L)'
;GKCRGLRTARKLRSHRRDQKWHDKQYKKAHLGTALKANPFGGASHAKGIVLEKVGVEAKQPNSAIRKCVRVQLIKNGKKI
TAFVPNDGCLNFIEENDEVLVAGFGRKGHAVGDIPGVRFKVVKVANVSLLALYKGKKERPR
;
SX
32 'polypeptide(L)'
;NDTVTIRTRKFMTNRLLQRKQMVIDVLHPGKATVPKTEIREKLAKMYKTTPDVIFVFGFRTHFGGGKTTGFGMIYDSLDY
AKKNEPKHRLARHGLYEKKKTSRKQRKERKNRMKKVRGTAKANVGAGKKPK
;
SY
33 'polypeptide(L)'
;TKKRRNNGRAKKGRGHVQPIRCTNCARCVPKDKAIKKFVIRNIVEAAAVRDISEASVFDAYVLPKLYVKLHYCVSCAIHS
KVVRNRSREARKDRTPPPRFRP
;
Sa
34 'polypeptide(L)'
;PLAKDLLHPSPEEEKRKHKKKRLVQSPNSYFMDVKCPGCYKITTVFSHAQTVVLCVGCSTVLCQPTGGKARLTEGCSFRR
KQH
;
Sb
35 'polyribonucleotide'
;UACCUGGUUGAUCCUGCCAGUAGCAU(A2M)UGCUUGUCUCAAAGAUUAAGCCAUGCAUGUCUAAGUACGCACGGCCGGU
ACAGUGAAACUGCGAA(PSU)GGCUC(A2M)UUAAA(PSU)CAG(PSU)UAUGGU(OMU)CCUU(OMU)GGUCGCUCGCU
CCUCUCCCACUUGGAUAACUGUGGUA(A2M)UUCUAG(A2M)GCUAA(OMU)A(OMC)AUGCCGACGGGCGCUGACCCCC
UUCGCGGGGGGGAUGCGUGCAUUUAUCAGUGGUGACUCUAGAUAACCUCGGGCCGAUCGCACGCCCCCCGUGGCGGCGAC
GACCCAUUCGAACGUC(OMU)GCCCUAUCAACUUUCGAUGGUAGUCGCCGUGCCUACCAUGGUGACCACGGG(PSU)GAC
GGGGAAUCAGGGUUCGAU(OMU)CCGGAGA(OMG)GGAGCCUGAGAAACGGCUACCACAU(OMC)CAAGG(A2M)AGGCA
GCAGGCGCGC(A2M)AAUUACCCACUCCCGACCCGGGGA(OMG)GUAGUGA(OMC)GAAAAAUAACAAUACAGGACUCUU
UCGAGGCCCUGUAAUUGGAAUGAGUCCACUUUAA(A2M)UCCUUUAACGAGGAUCCAUUGGAG(OMG)GCAAGUCUGGUG
CCAGCAGCCGCGG(OMU)AAUUCCAGCUCCAAUA(OMG)CGUA(PSU)A(PSU)UAAAGUUGCUGCAGUU(A2M)AAAAG
CUCGUAG(PSU)U(OMG)GA(PSU)CUUGGGAGCGGGCGUCCCCGCCCUCUCGGCCGGGGCCCGAAGCG(OMU)U(PSU)
ACUUUGAAAAAA(PSU)UAGAGUGUUCAAAGCAGGCCCGAGCCGCCUGGAUACCGCAGCUAGGAA(PSU)AA(PSU)
(OMG)GAAUAGGACCGCGGUUCUAUUUUGUUGGUUUUCGGAACUGAGGCCAUGAUUAAGAGGGACGGCCGGGGGCAUUCG
UAUUGCGCCGCUAGAGGUGAAAU(PSU)CUUGGACCGGCGCAAGACGGACCAGAGCGAAAGCAUU(PSU)GCCAAGAAUG
UUUUCAUUAAUCAAGA(A2M)CGAAAGUCGGAGG(PSU)(PSU)CGAAGACGA(PSU)CAGAUACCGUCGUAGUUCCGAC
CA(PSU)AAACGAUGCCGACCGGCGAUGCGGCGGCGUUAUUCCCAUGACCCGCCGGGCAGCUUCCGGGAAACCAAAGUCU
UUGGGUUCCGGGGGGAGUA(PSU)GG(PSU)UGCAAAGCUGAAACUUAAAGGAAUUGACGGAAGGGCACCACCAGGAGUG
GAGCC(PSU)GCGGCUUAAUU(PSU)GAC(B8N)CAACACGGGAAACCUCACCCGGC(OMC)CGGACACGGACAGGA
(OMU)UGACAGAUUGAUAGCUCUUUCUCGAUUCCGUGGGUGG(OMU)G(OMG)UGCAUGGC(4AC)GUUCUUAGUUGGUG
GAGCGAUUUGUCUGG(PSU)UAAUUCCGAUAACGA(A2M)CGAGACU(OMC)UGGCAUGCUAACUAGUUACGCGACCCCC
GAGCGGUCGGCGUCCCCCAACU(OMU)CUUAGAGGGACAAGUGGCGUUCAGCCACCCGAGAUUGAGCAAUAACA(OMG)G
UCUGUGAUGCCCUUAGAUGUCCGGGGCUGCACGCGCGCUACACUGACUGGCUCAGCGUGUGCCUACCCUACGCCGGCAGG
CGCGGGUAACCCGUUGAACCCCAUUCGUGAUGGGGAUCGGGGAUUGCAAUUAUUCCCCAUGAACGAG(G7M)AAUUCCCA
GUAAGUGCGGGUCAUAAGCUUGCGUUGAUUAAGUCCCUGCCCUUUGUACACACCG(OMC)CCGUCGCUACUACCGAUUGG
AUGGUUUAGUGAGGCCCUCGGAUCGGCCCCGCCGGGGUCGGCCCACGGCCCUGGCGGAGCGCUGAGAAGACGGUCGAACU
UGACUAUCUAGAGGAAGUAAAAGUCGUA(6MZ)CAAGGUUUC(4AC)GUAGGUG(MA6)(MA6)CCUGCGGAAGGAUCAU
UA
;
S2
36 'polypeptide(L)'
;SMLRLQKRLASSVLRCGKKKVWLDPNETNEIANANSRQQIRKLIKDGLIIRKPVTVHSRARCRKNTLARRKGRHMGIGKR
KGTANARMPEKVTWMRRMRILRRLLRRYRESKKIDRHMYHSLYLKVKGNVFKNKRILMEHIHKLKADKARKKLLADQAEA
RRSKTKEARKRREERLQAKKEEIIKTL
;
LR
37 'polypeptide(L)'
;MKVELCSFSGYKIYPGHGRRYARTDGKVFQFLNAKCESAFLSKRNPRQINWTVLYRRKHKKGQKRTRRAVKFQRAITGAS
LADIMAKRNQKPEVRKAQREQAIRAAKEAKKAKQASKK
;
LW
38 'polypeptide(L)' IMNQEKLAKLQAQVRIGGKGTARRKKKVVHR CI
39 'polyribonucleotide'
;CGCGACCUCAGAUCAGACGUGGCGACCCGCUGAAUUUAAGCAUAUUAGUCAGCGGAGGAGAAGAAACUAACCAGGAUUCC
CUCAGUAACGGCGAGUGAACAGGGAAGAGCCCAGCGCCGAAUCCCCGCCCCGCGGCGGGGCGCGGGACAUGUGGCGUACG
GAAGACCCGCUCCCCGGCGCCGCUCGUGGGGGGCCCAAGUCCUUCUGAUCGAGGCCCAGCCCGUGGACGGUGUGAGGCCG
GUAGCGGCCCCCGGCGCGCCGGGCCCGGGUCUUCCCGGAGUCGGGUUGCUUGGGAAUGCAGCCCAAAGCGGGUGGUAAAC
UCCAUCUAAGGCUAAAUACCGGCACGAGACCGAUAGUCAACAAGUACCGUAAGGGAAAGUUGAAAAGAACUUUGAAG
(A2M)G(A2M)GAGUUCAAGAGGGCGUGAAACCGUUAAGAGGUAAACGGGUGGGGUCCGCGCAGUCCGCCCGGAGGAUUC
AACCCGGCGGCGGGUCCGGCCGUGUCGGCGGCCCGGCGGAUCUUUCCCGCGCGGGGGACCGUCCCCCGACCGGCGACCGG
CCGCCGCCGGGCGCAUUUCCACCGCGGCGGUGCGCCGCGACCGGCUCCGGGACGGCUGGGAAGGCCCGGCGGGGAAGGUG
GCUCGGGGGCCCCCGAGUGUUACAGCCCCCCCGGCAGCAGCACUCGCCGAAUCCCGGGGCCGAGGGAGCGAGACCCGUCG
CCGCGCUCUCCCCCCUCGGGGGGGCCGGGCCACCCCUCCCACGGCGCGACCGCUCGGGGCGGACUGUCCCCAGUGCGCCC
CGGGCGGGUCGCGCCGUCGGGCCCGGGGGAGGCCACGCGCGCGUCCCCCGAAGAGGGGGACGGCGGAGCGAGCGCACGGG
GUCGGCGGCGACGUCGGCUACCCACCCGACCC(OMG)UCUUG(1MA)(A2M)AC(A2M)CGGACCAAGGAGU(OMC)UAA
CACGUGCGCGAGUCGGGGGCUCGCACGAAAGCCGCCGUGGCGCAAUGAAGGUGAAGGCCGGCGCGCUCGCCGGCCGAGGU
GGGAUCCCGAGGCCUCUCCAGUCCGCCGAGGGCGCACCACCGGCCCGUCUCGCCCGCCGCGCCGGGGAGGUGGAGCACGA
GCGCACGUGUUAGGACCC(OMG)A(A2M)AGAUGGUGA(A2M)C(PSU)AUGCCUGGGCAGGGCGAAGCCAGAGGAAACU
CUGGUGGAGGUCCG(PSU)AGCGGUCCUGACGUGCAAAUCGGUCGUCCGACCUGGGUAUAG(OMG)GGCGAAAGACUAAU
CGAACCAUCUAGUAGCUGGUUCCCUCCGAAGUUUCCC(PSU)CAGGA(PSU)AGCUGGCGCUCUCGCAGACCCGAGCCAC
GCAGUUUUAUCCGGUAAAGCGAA(PSU)GAUUAGAGGUCUUGGGGCCGAAACGAUCUCAACCUA(PSU)(PSU)CUCAAA
CUU(PSU)AAAUGGGUAAGAAGCCCGGCUCGCUGGCGUGGAGCCGGGCGUGGAAUGCGAGUGCCUAGUGGGCCAC(PSU)
U(PSU)UGGUAAGC(A2M)GAACUGGCGCUGCGGGAUGAACCGAACGCCGGGUUAAGGCGCCCGAUGCCGACGCUCAUCA
GACCCCAGAAAAGGUGUUGGUUGAUAUAGACAGCAGGACGGUGGCCAUGGAAGUCGGAAUCCGCUAAGGAGUGUGUAACA
ACUCACCUGCCGAAUCAACUAGCCCUGAAAAUGGAUGGCGCUGGAGCGUCGGGCCCAUACCCGGCCGUCGCCGGCAGUCG
AGAGUGGACGGGAGCGGCGGCCGGAGCCCCGCGGACGCUACGCCGCGACGAGUAGGAGGGCCGCUGCGGUGAGCCUUGAA
GCCUAGGGCGCGGGCCCGGGUGGAGCCGCCGCAGGUGCAGAU(OMC)UUGGUGGUAGU(A2M)(OMG)(OMC)AAAUAUU
CAAACGAGAACUUUGAAGGCCGAAGUGG(A2M)GAAGGGUUCCAUGUGAACAG(OMC)A(OMG)UUGAACAUGGGUCAGU
CGGUCCUGAGAGAUGGGCGAGCGCCGUUCCGAAGGGACGGGCGAUGGCCUCCGUUGCCCUCGGCCGAUCGAAAGGGAGUC
GGGUUCAGAUCCCCGAAUCCGGAGUGGCGGAGAUGGGCGCCGCGAGGCGUCCAGUGCGGUAACGCGACCGAUCCCGGAGA
AGCCGGCGGGAGCCCCGGGGAGAGUUCUCUU(PSU)UCUUUGUGAAGGGCAGGGCGCCCUGGAAUGGGUUCGCCCCGAGA
GAGGGGCCCGUGCCUUGGAAAGCGUCGCGGUUCCGGCGGCGUCCGGUGAGCUCUCGCUGGCCCUUGAAAAUCCGGGGGAG
AGGGUGUAAAUCUCGCGCCGGGCCGUACCC(A2M)UAUCCGCAGCAGGUCU(OMC)CAAGGUGAAC(A2M)GCCUCUGG
(OMC)AUGUUGGAACAA(OMU)G(PSU)AGGUAAGGGAAGUCGGCAAGC(OMC)GGAUCCGUAACUUC(OMG)GGAUAAG
GAUUGGCUCUAAGGGCUGGGUCGGUCGCGGCCGGCGCCUAGCAGCCGACUUAGAACUGGUGCGGACCAGG(OMG)GAAUC
CGAC(PSU)G(PSU)UUAAUUAAAACAAAGCAUCGCGAAGGCCCGCGGCGGGUGUUGACGCGAUGUGAUU(PSU)CUGCC
(OMC)AGUGCUCUGAAUGUCA(A2M)AGUGAAGAAAUUCAAUGAAGCGCGG(OMG)UAAACGGCGGGAGUAACUAUGACU
CUCUUAAGGUAGC(5MC)AA(A2M)UGCCUC(OMG)UCAUCUAAUUAGUGA(OMC)GCGCAUGAA(UY1)GGA(PSU)GA
(A2M)CGAG(A2M)UUCCCACUGU(OMC)CC(PSU)ACCUAC(PSU)A(PSU)CCAGCGAAACCAC(A2M)G(OMC)CAA
GGGAACGGGCU(PSU)GG(OMC)GGAAUCAGCGG(OMG)GAAAGAAGACCCUGUUGAGC(PSU)UGAC(OMU)CUAGUCU
GGCACGGUGAAGAGACAUGAGAACUCUGAUCGUUUUUUCACUGACCCGGUGAGGCGGGGGGGCGAGCCCCGAGGGGCUCU
CGCUUCUGGCGCCAAGCGCCCGGCCGCGCGCCGGCCGGGCGCGACCCGCUCCGGGGACAGUGCCAGGUGGGGAGUUUGAC
UG(OMG)GGCGGUACACCUGUCAAACGGUA(6MZ)CGCAGG(OMU)(OMG)UCCUAAGGCGAGCUCAGGGAGGACAGAAA
CCUCCCGUGGAGCAGAAGGGCAAAAGCUCGCUUGA(PSU)CU(PSU)GA(PSU)UUUCAG(OMU)ACGAA(PSU)ACAGA
CCGUGAAAGCGGGGCCUCACGAUCCUUCUGACCUU(PSU)UGGGUUU(PSU)AAGCAGGA(OMG)GUGUCAGAAAAGUUA
CCACAG(OMG)GAUAACUGGC(PSU)UGUGGCGGCCAAGCGUUCAUAGCGACG(PSU)CGCUUUUUGA(PSU)CCUU
(5MC)GAUGUCGG(OMC)(PSU)CUUCCUAUCAUUG(PSU)GAAGCAGAAUUCACCAAGCGU(PSU)(OMG)GAU(OMU)
(OMG)(PSU)UCACCCACUAAUAGGGAACG(PSU)G(A2M)GCUGGG(UR3)U(PSU)AGA(OMC)CGUCGUGAGACAGG
U(PSU)AGUUUUACCCUACUGAUG(A2M)UGUG(PSU)UG(PSU)UGCCAUGGUA(A2M)UCCUGCUCAGUACGAGAGGA
ACCGCAG(OMG)U(OMU)CA(OMG)ACAU(PSU)UGGUGUA(PSU)(OMG)UGCUUGGCUGAGGAGCCAAUGGGGCGAAG
CUACCA(PSU)CUGUGGGAUUAUGAC(PSU)GAACGCCUCUAAGUCAGAAUCCCGCCCAGGCGGAACGAUACGGCAGCGC
CGCGGAGCCUCGGUUGGCCUCGGAUAGCCGGUCCCCCGCCGGGGUCCGGUGCGGAGUGCCCUUCGUCCUGGGAAACGGGG
CGCGGCCGGAGAGGCGGCCGCCCCCUCGCCCGUCACGCACCGCACGUUCGUGGGGAACCUGGCGCUAAACCA(PSU)
(PSU)CGUAGACGACCUGCUUCUGGGUCGGGG(PSU)UUCGUACG(PSU)AGCAGAGCAGCUCCCUCGCUGCGAUCUAUU
GAAAGUCAGCCCUCGACACAAGGGUUUGU
;
L5
40 'polyribonucleotide'
;GUCUACGGCCAUACCACCCUGAACGCGCCCGAUCUCGUCUGAUCUCGGAAGCUAAGCAGGGUCGGGCCUGGUUAGUACUU
GGAUGGGAGACCGCCUGGGAAUACCGGGUGCUGUAGGCUU
;
L7
41 'polyribonucleotide'
;CGACUCUUAGCGGUGGAUCACUCGGCUCGUGCGUCGAUGAAGAACGCAGCUAGC(PSU)GCGAGAAUUAAUG(PSU)GAA
UU(OMG)CAGGACACAUUGAUCAUCGACACUUCGAACGCACUUGCGGCCCCGGGUUCCUCCCGGGGCUACGCCUGUCUGA
GCGUCGCU
;
L8
42 'polypeptide(L)'
;GRVIRGQRKGAGSVFRAHVKHRKGAARLRAVDFAERHGYIKGIVKDIIHDPGRGAPLAKVVFRDPYRFKKRTELFIAAEG
IHTGQFVYCGKKAQLNIGNVLPVGTMPEGTIVCCLEEKPGDRGKLARASGNYATVISHNPETKKTRVKLPSGSKKVISSA
NRAVVGVVAGGGRIDKPILKAGRAYHKYKAKRNCWPRVRGVAMNPVEHPFGGGNHQHIGKPSTIRRDAPAGRKVGLIAAR
RTGRLRGT
;
LA
43 'polypeptide(L)'
;SHRKFSAPRHGSLGFLPRKRSSRHRGKVKSFPKDDPSKPVHLTAFLGYKAGMTHIVREVDRPGSKVNKKEVVEAVTIVET
PPMVVVGIVGYVETPRGLRTFKTVFAEHISDECKRRFYKNWHKSKKKAFTKYCKKWQDEDGKKQLEKDFSSMKKYCQVIR
VIAHTQMRLLPLRQKKAHLMEIQVNGGTVAEKLDWARERLEQQVPVNQVFGQDEMIDVIGVTKGKGYKGVTSRWHTKKLP
RKTHRGLRKVACIGAWHPARVAFSVARAGQKGYHHRTEINKKIYKIGQGYLIKDGKLIKNNASTDYDLSDKSINPLGGFV
HYGEVTNDFVMLKGCVVGTKKRVLTLRKSLLVQTKRRALEKIDLKFIDTTSKFGHGRFQTMEEKKAFMGPLKKDRIAKEE
GA
;
LB
44 'polypeptide(L)'
;MACARPLISVYSEKGESSGKNVTLPAVFKAPIRPDIVNFVHTNLRKNNRQPYAVSELAGHQTSAESWGTGRAVARIPRVR
GGGTHRSGQGAFGNMCRGGRMFAPTKTWRRWHRRVNTTQKRYAICSALAASALPALVMSKGHRIEEVPELPLVVEDKVEG
YKKTKEAVLLLKKLKAWNDIKKVYASQRMRAGKGKMRNRRRIQRRGPCIIYNEDNGIIKAFRNIPGITLLNVSKLNILKL
APGGHVGRFCIWTESAFRKLDELYGTWRKAASLKSNYNLPMHKMINTDLSRILKSPEIQRALRAPRKKIHRRVLKKNPLK
NLRIMLKLNPYAKTMRRNTILRQARNHKLRVDKAAAAAAALQAKSDEK
;
LC
45 'polypeptide(L)'
;GFVKVVKNKAYFKRYQVKFRRRREGKTDYYARKRLVIQDKNKYNTPKYRMIVRVTNRDIICQIAYARIEGDMIVCAAYAH
ELPKYGVKVGLTNYAAAYCTGLLLARRLLNRFGMDKIYEGQVEVTGDEYNVESIDGQPGAFTCYLDAGLARTTTGNKVFG
ALKGAVDGGLSIPHSTKRFPGYDSESKEFNAEVHRKHIMGQNVADYMRYLMEEDEDAYKKQFSQYIKNSVTPDMMEEMYK
KAHAAIRENPVYEKKPKKEVKKKRWNRPKMSLAQKKDRVAQKKASFLRAQERA
;
LD
46 'polypeptide(L)'
;KGKPHCSRNPVLVRGIGRYSRSAMYSRKAMYKRKYSAAKSKVEKKKKEKVLATVTKPVGGDKNGGTRVVKLRKMPRYYPT
EDVPRKLLSHGKKPFSQHVRKLRASITPGTILIILTGRHRGKRVVFLKQLASGLLLVTGPLVLNRVPLRRTHQKFVIATS
TKIDISNVKIPKHLTDAYFKKKKLRKPRHQEGEIFDTEKEKYEITEQRKIDQKAVDSQILPKIKAIPQLQGYLRSVFALT
NGIYPHKLVF
;
LE
47 'polypeptide(L)'
;NFAELKIKRLRKKFAQKMLRKARRKLIYEKAKHYHKEYRQMYRTEIRMARMARKAGNFYVPAEPKLAFVIRIRGINGVSP
KVRKVLQLLRLRQIFNGTFVKLNKASINMLRIVEPYIAWGYPNLKSVNELIYKRGYGKINKKRIALTDNALIARSLGKYG
IICMEDLIHEIYTVGKRFKEANNFLWPFKLSSPRGGMKKKTTHFVEGGDAGNREDQINRLIRRMN
;
LF
48 'polypeptide(L)'
;KVVNPLFEKRPKNFGIGQDIQPKRDLTRFVKWPRYIRLQRQRAILYKRLKVPPAINQFTQALDRQTATQLLKLAHKYRPE
TKQEKKQRLLARAEKKAAGKGDVPTKRPPVLRAGVNTVTTLVENKKAQLVVIAHDVDPIELVVFLPALCRKMGVPYCIIK
GKARLGRLVHRKTCTTVAFTQVNSEDKGALAKLVEAIRTNYNDRYDEIRRHWGGNVLGPKSVARIAKLEKAKAKELATKL
G
;
LG
49 'polypeptide(L)'
;MKTILSNQTVDIPENVDITLKGRTVIVKGPRGTLRRDFNHINVELSLLGKKKKRLRVDKWWGNRKELATVRTICSHVQNM
IKGVTLGFRYKMRSVYAHFPINVVIQENGSLVEIRNFLGEKYIRRVRMRPGVACSVSQAQKDELILEGNDIELVSNSAAL
IQQATTVKNKDIRKFLDGIYVSEKGTVQQA
;
LH
50 'polypeptide(L)'
;GRRPARCYRYCKNKPYPKSRFCRGVPDAKIRIFDLGRKKAKVDEFPLGGHMVSDEYEQLSSEALEAARICANKYMVKSCG
RDGFHMRVRLHPFHVIRINKMLSCAGADRLQTGMRGAFGKPQGTVARVHIGQVIMSIRTKLQNEEHVIEALRRAKFKFPG
RQKIHISKKWGFTKFNADEFEDMVAKKCLIPDGCGVKYVPSHGPLDKWRVLHS
;
LI
51 'polypeptide(L)'
;QDQGEKENPMRELRIRKLCLNICVGESGDRLTRAAKVLEQLTGQTPVFSKARYTVRSFGIRRNEKIAVHCTVRGAKAEEI
LEKGLKVREYELRKNNFSDTGNFGFGIQEHIDLGIKYDPSIGIYGLDFYVVLGRPGFSIADKKRRTGCIGAKHRISKEEA
MRWFQQKYDGIILPGK
;
LJ
52 'polypeptide(L)'
;APSRNGMVLKPHFHKDWQRRVATWFNQPARKIRRRKARQAKARRIAPRPASGPIRPIVRCPTVRYHTKVRAGRGFSLEEL
RVAGIHKKVARTIGISVDPRRRNKSTESLQANVQRLKEYRSKLILFPRKPSAPKKGDSSAEELKLATQLTGPVMPVRNVY
KKEKARVITEEEKNFKAFASLRMARANARLFGIRAKRAKEAAEQDVEKKK
;
LL
53 'polypeptide(L)'
;VFRRFVEVGRVAYVSFGPHAGKLVAIVDVIDQNRALVDGPCTQVRRQAMPFKCMQLTDFILKFPHSAHQKYVRQAWQKAD
INTKWAATRWAKKIEARERKAKMTDFDRFKVMKAKKMRNRIIKNEVKKLQKAALLKASP
;
LM
54 'polypeptide(L)'
;GAYKYIQELWRKKQSDVMRFLLRVRCWQYRQLSALHRAPRPTRPDKARRLGYKAKQGYVIYRIRVRRGGRKRPVPKGATY
GKPVHHGVNQLKFARSLQSVAEERAGRHCGALRVLNSYWVGEDSTYKFFEVILIDPFHKAIRRNPDTQWITKPVHKHREM
RGLTSAGRKSRGLGKGHKFHHTIGGSRRAAWRRRNTLQLHRYR
;
LN
55 'polypeptide(L)'
;EVQVLVLDGRGHLLGRLAAIVAKQVLLGRKVVVVRCEGINISGNFYRNKLKYLAFLRKRMNTNPSRGPYHFRAPSRIFWR
TVRGMLPHKTKRGQAALDRLKVFDGIPPPYDKKKRMVVPAALKVVRLKPTRKFAYLGRLAHEVGWKYQAVTATLEEKRKE
KAKIHYRKKKQLMRLRKQAEKNVEKKIDKYTEVLKTHGLLV
;
LO
56 'polypeptide(L)'
;VRYSLDPENPTKSCKSRGSNLRVHFKNTRETAQAIKGMHIRKATKYLKDVTLQKQCVPFRRYNGGVGRCAQAKQWGWTQG
RWPKKSAEFLLHMLKNAESNAELKGLDVDSLVIEHIQVNKAPKMRRRTYRAHGRINPYMSSPCHIEMILTEKE
;
LP
57 'polypeptide(L)'
;GVDIRHNKDRKVRRKEPKSQDIYLRLLVKLYRFLARRTNSTFNQVVLKRLFMSRTNRPPLSLSRMIRKMKLPGRENKTAV
VVGTITDDVRVQEVPKLKVCALRVTSRARSRILRAGGKILTFDQLALDSPKGCGTVLLSGPRKGREVYRHFGKAPGTPHS
HTKPYVRSKGRKFERARGRRASRGYKN
;
LQ
58 'polypeptide(L)'
;KASGTLREYKVVGRCLPTPKCHTPPLYRMRIFAPNHVVAKSRFWYFVSQLKKMKKSSGEIVYCGQVFEKSPLRVKNFGIW
LRYDSRSGTHNMYREYRDLTTAGAVTQCYRDMGARHRARAHSIQIMKVEEIAASKCRRPAVKQFHDSKIKFPLPHRVLRR
QHKPRFTTKRPNTFF
;
LS
59 'polypeptide(L)'
;TNTKGKRRGTRYMFSRPFRKHGVVPLATYMRIYKKGDIVDIKGMGTVQKGMPHKCYHGKTGRVYNVTQHAVGIVVNKQVK
GKILAKRINVRIEHIKHSKSRDSFLKRVKENDQKKKEAKEKGTWVQLKRQPAPPREAHFVRTNGKEPELLEPIPYEFMA
;
LT
60 'polypeptide(L)'
;QVLKFTLDCTHPVEDGIMDAANFEQFLQERIKVNGKAGNLGGGVVTIERSKSKITVTSEVPFSKRYLKYLTKKYLKKNNL
RDWLRVVANSKESYELRYFQI
;
LU
61 'polypeptide(L)'
;SGAKFRISLGLPVGAVINCADNTGAKNLYIISVKGIKGRLNRLPAAGVGDMVMATVKKGKPELRKKVHPAVVIRQRKSYR
RKDGVFLYFEDNAGVIVNNKGEMKGSAITGPVAKECADLWPRIASNAGSIA
;
LV
62 'polypeptide(L)'
;KKKIRTSPTFRRPKTLRLRRQPKYPRKSAPRRNKLDHYAIIKFPLTTESAMKKIEDNNTLVFIVDVKANKHQIKQAVKKL
YDIDVAKVNTLIRPDGEKKAYVRLAPDYDALDVANKIGII
;
LX
63 'polypeptide(L)'
;MKFNPFVTSDRSKNRKRHFNAPSHIRRKIMSSPLSKELRQKYNVRSMPIRKDDEVQVVRGHYKGQQIGKVVQVYRKKYVI
YIERVQREKANGTTVHVGIHPSKVVITRLKLDKDRKKILERKAKSRQVGKEKGK
;
LY
64 'polypeptide(L)'
;GKFMKPGKVVLVLAGRYSGRKAVIVKNIDDGTSDRPYSHALVAGIDRYPRKVTAAMGKKKIAKRSKIKSFVKVYNYNHLM
PTRYSVDIPLDKTVVNKDVFRDPALKRKARREAKVKFEERYKTGKNKWFFQKLRF
;
LZ
65 'polypeptide(L)'
;PSRLRKTRKLRGHVSHGHGRIGKHRKHPGGRGNAGGLHHHRINFDKYHPGYFGKVGMKHYHLKRNQSFCPTVNLDKLWTL
VSEQTRVNAAKNKTGAAPIIDVVRSGYYKVLGKGKLPKQPVIVKAKFFSRRAEEKIKSVGGACVLVA
;
La
66 'polypeptide(L)'
;AKSKNHTTHNQSRKWHRNGIKKPRSQRYESLKGVDPKFLRNMRFAKKHNKKGLKKMQANNAKAMSARAEAIKALVVSRKL
DRLAYIAHPKLGKRARARIAKGLRLCRPK
;
Lb
67 'polypeptide(L)'
;KSLESINSRLQLVMKSGKYVLGYKQTLKMIRQGKAKLVILANNCPALRKSEIEYYAMLAKTGVHHYSGNNIELGTACGKY
YRVCTLAIIDPGDSDIIR
;
Lc
68 'polypeptide(L)'
;NEVVTREYTINIHKRIHGVGFKKRAPRALKEIRKFAMKEMGTPDVRIDTRLNKAVWAKGIRNVPYRIRVRLSRKRNEDED
SPNKLYTLVTYVPVTTFKNLQTVNVDE
;
Ld
69 'polypeptide(L)'
;AALRPLVKPKIVKKRTKKFIRHQSDRYVKIKRNWRKPRGIDNRVRRRFKGQILMPNIGYGSNKKTKHMLPSGFRKFLVHN
VKELEVLLMCNKSYCAEIAHNVSSKNRKAIVERAAQLAIRVTNPNARL
;
Le
70 'polypeptide(L)'
;SGRLWSKAIFAGYKRGLRNQREHTALLKIEGVYARDETEFYLGKRCAYVYKAKNNTVTPGGKPNKTRVIWGKVTRAHGNS
GMVRAKFRSNLPAKAIGHRIRVMLYPSRI
;
Lf
71 'polypeptide(L)'
;VQRLTYRRRLSYNTASNKTRLSRTPGNRIVYLYTKKVGKAPKSACGVCPGRLRGVRAVRPKVLMRLSKTKKHVSRAYGGS
MCAKCVRDRIKRAFLIEEQKIVVKVLKAQAQSQK
;
Lg
72 'polypeptide(L)'
;AKIKARDLRGKKKEELLKQLDDLKVELSQLRVAKVTGGAASKLSKIRVVRKSIARVLTVINQTQKENLRKFYKGKKYKPL
DLRPKKTRAMRRRLNKHEENLKTKKQQRKERLYPLRKYAVKA
;
Lh
73 'polypeptide(L)'
;ALRYPMAVGLNKGHKVTKNVSKPRHSRRRGRLTKHTKFVRDMIREVCGFAPYERRAMELLKVSKDKRALKFIKKRVGTHI
RAKRKREELSNVLAAMRKAAAK
;
Li
74 'polypeptide(L)'
;TKGTSSFGKRRNKTHTLCRRCGSKAYHLQKSTCGKCGYPAKRKRKYNWSAKAKRRNTTGTGRMRHLKIVYRRFRHGFREG
TTPKPK
;
Lj
75 'polypeptide(L)' PRKIEEIKDFLLTARRKDAKSVKIKKNKDNVKFKVRCSRYLYTLVITDKEKAEKLKQSLPPGLAVKELK Lk
76 'polypeptide(L)' SSHKTFRIKRFLAKKQKQNRPIPQWIRMKTGNKIRYNSKRRHWRRTKLGL Ll
77 'polypeptide(L)' IIEPSLRQLAQKYNCDKMICRKCYARLHPRAVNCRKKKCGHTNNLRPKKKVK Lm
78 'polypeptide(L)' MRAKWRKKRMRRLKRKRRKMRQRS Ln
79 'polypeptide(L)'
;VNVPKTRRTFCKKCGKHQPHKVTQYKKGKDSLYAQGKRRYDRKQSGYGGQTKPIFRKKAKTTKKIVLRLECVEPNCRSKR
MLAIKRCKHFELGGDKKRKGQVIQF
;
Lo
80 'polypeptide(L)'
;AKRTKKVGIVGKYGTRYGASLRKMVKKIEISQHAKYTCSFCGKTKMKRRAVGIWHCGSCMKTVAGGAWTYNTTSAVTVKS
AIRRLKELKDQ
;
Lp
81 'polypeptide(L)'
;SAHLQWMVVRNCSSFLIKRNKQTYSTEPNNLKARNSFRYNGLIHRKTVGVEPAADGKGVVVVIKRRSGQRKPATSYVRTT
INKNARATLSSIRHMIRKNKYRPDLRMAAIRRASAILRSQKPVMV
;
Lr
82 'polypeptide(L)'
;DRATWKSNYFLKIIQLLDDYPKCFIVGADNVGSKQMQQIRMSLRGKAVVLMGKNTMMRKAIRGHLENNPALEKLLPHIRG
NVGFVFTKEDLTEIRDMLLANKVPAAARAGAIAPCEVTVPAQNTGLGPEKTSFFQALGITTKISRGTIEILSDVQLIKTG
DKVGASEATLLNMLNISPFSFGLVIQQVFDNGSIYN
;
Ls
83 'polypeptide(L)'
;PNEIKVVYLRCTGGEVGATSALAPKIGPLGLSPKKVGDDIAKATGDWKGLRITVKLTIQNRQAQIEVVPSASALIIKALK
EITFDEIVNIARQMRHRSLARELSGTIKEILGTAQSVGCNVDGRHPHDIIDDINSGAVECP
;
Lt
84 'polypeptide(L)'
;GPTAAQAKSKQAILAAQRRGEDVETSKKWAAGQNKQHSITKNTAKLDRETEELHHDRVTLEVGKVIQQGRQSKGLTQKDL
ATKINEKPQVIADYESGRAIPNNQVLGKIERAIGLKLRGKDIGKPIEKGPRA
;
CH
#
# COMPACT_ATOMS: atom_id res chain seq x y z
N MET C 1 -51.58 -102.34 -30.21
CA MET C 1 -50.86 -103.14 -29.22
C MET C 1 -49.65 -102.35 -28.71
N ALA C 2 -48.76 -103.05 -28.00
CA ALA C 2 -47.56 -102.39 -27.48
C ALA C 2 -46.63 -101.93 -28.59
N VAL C 3 -46.58 -102.67 -29.70
CA VAL C 3 -45.80 -102.23 -30.85
C VAL C 3 -46.38 -100.93 -31.41
N GLN C 4 -47.69 -100.85 -31.52
CA GLN C 4 -48.33 -99.63 -31.97
C GLN C 4 -48.15 -98.53 -30.93
N ILE C 5 -47.90 -97.32 -31.42
CA ILE C 5 -47.70 -96.19 -30.53
C ILE C 5 -49.05 -95.68 -30.03
N SER C 6 -49.01 -94.88 -28.96
CA SER C 6 -50.22 -94.37 -28.36
C SER C 6 -50.93 -93.40 -29.30
N LYS C 7 -52.19 -93.10 -28.97
CA LYS C 7 -52.98 -92.22 -29.82
C LYS C 7 -52.40 -90.82 -29.89
N LYS C 8 -51.99 -90.27 -28.75
CA LYS C 8 -51.43 -88.93 -28.72
C LYS C 8 -50.16 -88.84 -29.55
N ARG C 9 -49.24 -89.79 -29.34
CA ARG C 9 -48.00 -89.78 -30.09
C ARG C 9 -48.26 -90.04 -31.57
N LYS C 10 -49.25 -90.87 -31.90
CA LYS C 10 -49.57 -91.14 -33.29
C LYS C 10 -50.07 -89.89 -33.99
N PHE C 11 -50.96 -89.15 -33.34
CA PHE C 11 -51.48 -87.93 -33.96
C PHE C 11 -50.40 -86.86 -34.07
N VAL C 12 -49.54 -86.74 -33.05
CA VAL C 12 -48.44 -85.78 -33.13
C VAL C 12 -47.48 -86.19 -34.23
N ALA C 13 -47.25 -87.48 -34.41
CA ALA C 13 -46.39 -87.95 -35.50
C ALA C 13 -47.02 -87.65 -36.85
N ASP C 14 -48.34 -87.81 -36.97
CA ASP C 14 -49.02 -87.46 -38.21
C ASP C 14 -48.85 -85.97 -38.53
N GLY C 15 -49.03 -85.12 -37.53
CA GLY C 15 -48.82 -83.70 -37.74
C GLY C 15 -47.39 -83.36 -38.11
N ILE C 16 -46.43 -84.03 -37.47
CA ILE C 16 -45.02 -83.82 -37.79
C ILE C 16 -44.74 -84.22 -39.23
N PHE C 17 -45.30 -85.35 -39.66
CA PHE C 17 -45.13 -85.80 -41.03
C PHE C 17 -45.73 -84.79 -42.02
N LYS C 18 -46.93 -84.27 -41.70
CA LYS C 18 -47.53 -83.25 -42.55
C LYS C 18 -46.63 -82.03 -42.66
N ALA C 19 -46.12 -81.54 -41.53
CA ALA C 19 -45.30 -80.35 -41.55
C ALA C 19 -43.99 -80.56 -42.30
N GLU C 20 -43.34 -81.70 -42.08
CA GLU C 20 -42.08 -81.97 -42.77
C GLU C 20 -42.29 -82.12 -44.27
N LEU C 21 -43.35 -82.83 -44.68
CA LEU C 21 -43.65 -82.96 -46.10
C LEU C 21 -43.98 -81.60 -46.71
N ASN C 22 -44.72 -80.76 -45.97
CA ASN C 22 -45.06 -79.43 -46.46
C ASN C 22 -43.82 -78.58 -46.66
N GLU C 23 -42.90 -78.63 -45.70
CA GLU C 23 -41.67 -77.85 -45.85
C GLU C 23 -40.82 -78.33 -47.01
N PHE C 24 -40.69 -79.66 -47.15
CA PHE C 24 -39.90 -80.19 -48.25
C PHE C 24 -40.51 -79.83 -49.60
N LEU C 25 -41.84 -79.94 -49.71
CA LEU C 25 -42.50 -79.62 -50.96
C LEU C 25 -42.44 -78.12 -51.26
N THR C 26 -42.53 -77.30 -50.21
CA THR C 26 -42.40 -75.86 -50.40
C THR C 26 -41.02 -75.50 -50.91
N ARG C 27 -39.98 -76.10 -50.32
CA ARG C 27 -38.62 -75.79 -50.76
C ARG C 27 -38.35 -76.30 -52.16
N GLU C 28 -38.85 -77.49 -52.49
CA GLU C 28 -38.55 -78.06 -53.81
C GLU C 28 -39.37 -77.43 -54.92
N LEU C 29 -40.64 -77.10 -54.66
CA LEU C 29 -41.59 -76.73 -55.70
C LEU C 29 -42.02 -75.27 -55.62
N ALA C 30 -41.23 -74.42 -54.96
CA ALA C 30 -41.65 -73.02 -54.79
C ALA C 30 -41.76 -72.31 -56.12
N GLU C 31 -40.78 -72.51 -57.00
CA GLU C 31 -40.81 -71.88 -58.30
C GLU C 31 -41.80 -72.54 -59.25
N ASP C 32 -42.36 -73.68 -58.88
CA ASP C 32 -43.30 -74.41 -59.72
C ASP C 32 -44.75 -74.13 -59.37
N GLY C 33 -45.00 -73.10 -58.57
CA GLY C 33 -46.37 -72.75 -58.23
C GLY C 33 -47.00 -73.59 -57.14
N TYR C 34 -46.20 -74.19 -56.26
CA TYR C 34 -46.75 -74.98 -55.18
C TYR C 34 -47.56 -74.12 -54.23
N SER C 35 -48.70 -74.65 -53.78
CA SER C 35 -49.60 -73.93 -52.92
C SER C 35 -49.87 -74.62 -51.60
N GLY C 36 -50.02 -75.93 -51.60
CA GLY C 36 -50.29 -76.66 -50.37
C GLY C 36 -50.41 -78.14 -50.65
N VAL C 37 -50.44 -78.91 -49.58
CA VAL C 37 -50.48 -80.37 -49.66
C VAL C 37 -51.65 -80.88 -48.83
N GLU C 38 -52.35 -81.88 -49.37
CA GLU C 38 -53.36 -82.60 -48.63
C GLU C 38 -53.07 -84.09 -48.73
N VAL C 39 -53.25 -84.80 -47.63
CA VAL C 39 -53.00 -86.24 -47.56
C VAL C 39 -54.22 -86.90 -46.95
N ARG C 40 -54.80 -87.85 -47.68
CA ARG C 40 -55.83 -88.73 -47.13
C ARG C 40 -55.17 -90.07 -46.83
N VAL C 41 -54.93 -90.33 -45.55
CA VAL C 41 -54.17 -91.50 -45.13
C VAL C 41 -55.13 -92.68 -44.98
N THR C 42 -54.84 -93.76 -45.70
CA THR C 42 -55.53 -95.02 -45.52
C THR C 42 -54.52 -96.11 -45.19
N PRO C 43 -54.92 -97.10 -44.39
CA PRO C 43 -53.95 -98.15 -44.02
C PRO C 43 -53.40 -98.94 -45.20
N THR C 44 -54.21 -99.16 -46.24
CA THR C 44 -53.73 -99.91 -47.40
C THR C 44 -52.64 -99.14 -48.15
N ARG C 45 -52.92 -97.88 -48.48
CA ARG C 45 -51.94 -97.04 -49.14
C ARG C 45 -52.32 -95.58 -48.94
N THR C 46 -51.34 -94.70 -49.03
CA THR C 46 -51.53 -93.29 -48.82
C THR C 46 -51.34 -92.51 -50.12
N GLU C 47 -52.14 -91.46 -50.27
CA GLU C 47 -52.11 -90.59 -51.43
C GLU C 47 -51.80 -89.17 -50.97
N ILE C 48 -50.91 -88.52 -51.71
CA ILE C 48 -50.50 -87.15 -51.43
C ILE C 48 -50.84 -86.30 -52.64
N ILE C 49 -51.70 -85.31 -52.42
CA ILE C 49 -52.16 -84.40 -53.47
C ILE C 49 -51.41 -83.08 -53.32
N ILE C 50 -50.76 -82.65 -54.39
CA ILE C 50 -50.00 -81.41 -54.41
C ILE C 50 -50.85 -80.36 -55.11
N LEU C 51 -51.28 -79.34 -54.37
CA LEU C 51 -52.03 -78.24 -54.96
C LEU C 51 -51.04 -77.26 -55.57
N ALA C 52 -51.08 -77.12 -56.89
CA ALA C 52 -50.11 -76.28 -57.58
C ALA C 52 -50.81 -75.49 -58.67
N THR C 53 -50.12 -74.44 -59.15
CA THR C 53 -50.61 -73.66 -60.27
C THR C 53 -50.01 -74.15 -61.58
N ARG C 54 -48.68 -74.31 -61.61
CA ARG C 54 -48.00 -74.84 -62.79
C ARG C 54 -47.82 -76.36 -62.62
N THR C 55 -48.96 -77.05 -62.66
CA THR C 55 -48.95 -78.49 -62.46
C THR C 55 -48.26 -79.21 -63.61
N GLN C 56 -48.36 -78.66 -64.81
CA GLN C 56 -47.64 -79.23 -65.95
C GLN C 56 -46.13 -79.12 -65.76
N ASN C 57 -45.68 -78.06 -65.08
CA ASN C 57 -44.27 -77.95 -64.75
C ASN C 57 -43.89 -78.84 -63.58
N VAL C 58 -44.83 -79.07 -62.66
CA VAL C 58 -44.59 -79.98 -61.54
C VAL C 58 -44.39 -81.39 -62.05
N LEU C 59 -45.25 -81.83 -62.96
CA LEU C 59 -45.12 -83.14 -63.58
C LEU C 59 -44.05 -83.05 -64.66
N GLY C 60 -42.89 -83.65 -64.41
CA GLY C 60 -41.77 -83.52 -65.33
C GLY C 60 -41.95 -84.25 -66.64
N GLU C 61 -40.84 -84.49 -67.34
CA GLU C 61 -40.89 -85.18 -68.63
C GLU C 61 -41.42 -86.60 -68.45
N LYS C 62 -42.63 -86.84 -68.95
CA LYS C 62 -43.34 -88.11 -68.78
C LYS C 62 -43.48 -88.47 -67.31
N GLY C 63 -43.72 -87.47 -66.47
CA GLY C 63 -43.88 -87.70 -65.05
C GLY C 63 -42.61 -88.03 -64.31
N ARG C 64 -41.45 -87.64 -64.87
CA ARG C 64 -40.18 -87.96 -64.21
C ARG C 64 -40.04 -87.22 -62.88
N ARG C 65 -40.46 -85.96 -62.83
CA ARG C 65 -40.35 -85.19 -61.60
C ARG C 65 -41.22 -85.77 -60.50
N ILE C 66 -42.47 -86.14 -60.83
CA ILE C 66 -43.33 -86.73 -59.82
C ILE C 66 -42.85 -88.11 -59.41
N ARG C 67 -42.24 -88.87 -60.34
CA ARG C 67 -41.64 -90.14 -59.97
C ARG C 67 -40.51 -89.95 -58.98
N GLU C 68 -39.64 -88.97 -59.24
CA GLU C 68 -38.54 -88.68 -58.33
C GLU C 68 -39.06 -88.27 -56.97
N LEU C 69 -40.07 -87.39 -56.94
CA LEU C 69 -40.62 -86.94 -55.67
C LEU C 69 -41.23 -88.09 -54.89
N THR C 70 -41.95 -88.98 -55.58
CA THR C 70 -42.53 -90.13 -54.91
C THR C 70 -41.46 -91.03 -54.33
N ALA C 71 -40.39 -91.30 -55.09
CA ALA C 71 -39.33 -92.16 -54.59
C ALA C 71 -38.63 -91.52 -53.39
N VAL C 72 -38.39 -90.21 -53.46
CA VAL C 72 -37.75 -89.49 -52.36
C VAL C 72 -38.60 -89.56 -51.10
N VAL C 73 -39.90 -89.31 -51.23
CA VAL C 73 -40.78 -89.36 -50.06
C VAL C 73 -40.81 -90.77 -49.49
N GLN C 74 -40.90 -91.77 -50.38
CA GLN C 74 -40.90 -93.17 -49.96
C GLN C 74 -39.67 -93.49 -49.14
N LYS C 75 -38.49 -93.12 -49.64
CA LYS C 75 -37.26 -93.42 -48.92
C LYS C 75 -37.18 -92.66 -47.60
N ARG C 76 -37.53 -91.37 -47.61
CA ARG C 76 -37.35 -90.57 -46.41
C ARG C 76 -38.27 -91.01 -45.29
N PHE C 77 -39.52 -91.34 -45.60
CA PHE C 77 -40.47 -91.71 -44.57
C PHE C 77 -40.63 -93.21 -44.40
N GLY C 78 -39.85 -94.01 -45.14
CA GLY C 78 -39.85 -95.44 -44.93
C GLY C 78 -41.16 -96.11 -45.24
N PHE C 79 -41.92 -95.58 -46.20
CA PHE C 79 -43.15 -96.24 -46.61
C PHE C 79 -42.83 -97.56 -47.30
N PRO C 80 -43.69 -98.56 -47.15
CA PRO C 80 -43.52 -99.80 -47.92
C PRO C 80 -43.66 -99.51 -49.41
N GLU C 81 -42.97 -100.32 -50.20
CA GLU C 81 -42.84 -100.05 -51.63
C GLU C 81 -44.19 -100.11 -52.33
N GLY C 82 -44.50 -99.07 -53.10
CA GLY C 82 -45.76 -98.97 -53.80
C GLY C 82 -46.93 -98.52 -52.97
N SER C 83 -46.71 -98.19 -51.70
CA SER C 83 -47.80 -97.85 -50.79
C SER C 83 -48.04 -96.36 -50.69
N VAL C 84 -47.31 -95.53 -51.43
CA VAL C 84 -47.50 -94.08 -51.41
C VAL C 84 -47.54 -93.59 -52.85
N GLU C 85 -48.56 -92.79 -53.17
CA GLU C 85 -48.73 -92.26 -54.51
C GLU C 85 -48.96 -90.77 -54.46
N LEU C 86 -48.29 -90.02 -55.33
CA LEU C 86 -48.40 -88.56 -55.37
C LEU C 86 -49.11 -88.14 -56.65
N TYR C 87 -50.17 -87.36 -56.49
CA TYR C 87 -50.88 -86.73 -57.60
C TYR C 87 -50.78 -85.23 -57.45
N ALA C 88 -51.02 -84.53 -58.56
CA ALA C 88 -50.98 -83.08 -58.60
C ALA C 88 -52.33 -82.56 -59.05
N GLU C 89 -52.84 -81.54 -58.36
CA GLU C 89 -54.10 -80.90 -58.70
C GLU C 89 -53.88 -79.42 -58.91
N LYS C 90 -54.48 -78.88 -59.97
CA LYS C 90 -54.37 -77.46 -60.26
C LYS C 90 -55.33 -76.68 -59.37
N VAL C 91 -54.81 -75.61 -58.76
CA VAL C 91 -55.63 -74.78 -57.90
C VAL C 91 -56.58 -73.95 -58.75
N ALA C 92 -57.86 -73.95 -58.39
CA ALA C 92 -58.84 -73.13 -59.07
C ALA C 92 -58.78 -71.71 -58.54
N THR C 93 -58.75 -70.74 -59.45
CA THR C 93 -58.66 -69.31 -59.13
C THR C 93 -57.41 -69.04 -58.29
N ARG C 94 -56.27 -69.22 -58.95
CA ARG C 94 -54.97 -69.11 -58.29
C ARG C 94 -54.74 -67.75 -57.67
N GLY C 95 -55.46 -66.72 -58.12
CA GLY C 95 -55.31 -65.40 -57.54
C GLY C 95 -55.78 -65.30 -56.11
N LEU C 96 -56.57 -66.27 -55.65
CA LEU C 96 -57.06 -66.28 -54.29
C LEU C 96 -56.17 -67.08 -53.34
N CYS C 97 -55.12 -67.73 -53.86
CA CYS C 97 -54.15 -68.42 -53.01
C CYS C 97 -53.09 -67.41 -52.60
N ALA C 98 -53.13 -66.99 -51.33
CA ALA C 98 -52.18 -65.98 -50.87
C ALA C 98 -50.75 -66.48 -50.96
N ILE C 99 -50.55 -67.80 -50.88
CA ILE C 99 -49.20 -68.35 -51.02
C ILE C 99 -48.69 -68.14 -52.43
N ALA C 100 -49.50 -68.50 -53.44
CA ALA C 100 -49.04 -68.43 -54.82
C ALA C 100 -48.71 -67.01 -55.22
N GLN C 101 -49.52 -66.04 -54.80
CA GLN C 101 -49.22 -64.65 -55.05
C GLN C 101 -47.91 -64.20 -54.42
N ALA C 102 -47.53 -64.82 -53.29
CA ALA C 102 -46.25 -64.48 -52.67
C ALA C 102 -45.08 -64.84 -53.59
N GLU C 103 -45.10 -66.05 -54.16
CA GLU C 103 -44.02 -66.39 -55.08
C GLU C 103 -44.13 -65.62 -56.38
N SER C 104 -45.33 -65.23 -56.80
CA SER C 104 -45.45 -64.39 -57.98
C SER C 104 -44.77 -63.04 -57.77
N LEU C 105 -45.04 -62.42 -56.62
CA LEU C 105 -44.40 -61.15 -56.30
C LEU C 105 -42.91 -61.33 -56.11
N ARG C 106 -42.49 -62.45 -55.52
CA ARG C 106 -41.07 -62.73 -55.40
C ARG C 106 -40.41 -62.88 -56.77
N TYR C 107 -41.11 -63.52 -57.70
CA TYR C 107 -40.60 -63.65 -59.06
C TYR C 107 -40.43 -62.29 -59.71
N LYS C 108 -41.41 -61.42 -59.55
CA LYS C 108 -41.30 -60.07 -60.12
C LYS C 108 -40.14 -59.31 -59.50
N LEU C 109 -39.99 -59.38 -58.18
CA LEU C 109 -38.92 -58.64 -57.50
C LEU C 109 -37.55 -59.18 -57.89
N LEU C 110 -37.41 -60.50 -58.01
CA LEU C 110 -36.15 -61.07 -58.47
C LEU C 110 -35.87 -60.70 -59.91
N GLY C 111 -36.91 -60.62 -60.74
CA GLY C 111 -36.72 -60.16 -62.11
C GLY C 111 -36.23 -58.74 -62.17
N GLY C 112 -36.70 -57.89 -61.26
CA GLY C 112 -36.16 -56.55 -61.16
C GLY C 112 -37.19 -55.47 -61.35
N LEU C 113 -38.46 -55.84 -61.31
CA LEU C 113 -39.54 -54.87 -61.38
C LEU C 113 -39.50 -53.97 -60.14
N ALA C 114 -39.89 -52.71 -60.34
CA ALA C 114 -40.00 -51.79 -59.22
C ALA C 114 -41.02 -52.30 -58.22
N VAL C 115 -40.73 -52.13 -56.93
CA VAL C 115 -41.52 -52.76 -55.89
C VAL C 115 -42.95 -52.22 -55.87
N ARG C 116 -43.12 -50.91 -56.07
CA ARG C 116 -44.46 -50.34 -56.09
C ARG C 116 -45.28 -50.89 -57.24
N ARG C 117 -44.70 -50.92 -58.44
CA ARG C 117 -45.40 -51.43 -59.61
C ARG C 117 -45.76 -52.90 -59.44
N ALA C 118 -44.81 -53.70 -58.92
CA ALA C 118 -45.07 -55.13 -58.74
C ALA C 118 -46.16 -55.37 -57.71
N CYS C 119 -46.12 -54.66 -56.58
CA CYS C 119 -47.14 -54.83 -55.57
C CYS C 119 -48.50 -54.40 -56.07
N TYR C 120 -48.56 -53.29 -56.82
CA TYR C 120 -49.84 -52.84 -57.36
C TYR C 120 -50.39 -53.81 -58.39
N GLY C 121 -49.51 -54.40 -59.21
CA GLY C 121 -49.97 -55.41 -60.15
C GLY C 121 -50.53 -56.64 -59.46
N VAL C 122 -49.85 -57.12 -58.43
CA VAL C 122 -50.34 -58.28 -57.68
C VAL C 122 -51.67 -57.96 -57.00
N LEU C 123 -51.77 -56.77 -56.41
CA LEU C 123 -53.01 -56.37 -55.75
C LEU C 123 -54.17 -56.29 -56.73
N ARG C 124 -53.94 -55.69 -57.89
CA ARG C 124 -54.97 -55.60 -58.91
C ARG C 124 -55.37 -56.98 -59.39
N PHE C 125 -54.39 -57.88 -59.58
CA PHE C 125 -54.73 -59.23 -60.02
C PHE C 125 -55.55 -59.97 -58.97
N ILE C 126 -55.22 -59.81 -57.70
CA ILE C 126 -55.98 -60.48 -56.65
C ILE C 126 -57.43 -59.99 -56.65
N MET C 127 -57.61 -58.67 -56.72
CA MET C 127 -58.97 -58.15 -56.74
C MET C 127 -59.72 -58.56 -58.00
N GLU C 128 -59.02 -58.65 -59.14
CA GLU C 128 -59.66 -59.11 -60.36
C GLU C 128 -60.08 -60.57 -60.25
N SER C 129 -59.23 -61.40 -59.65
CA SER C 129 -59.60 -62.78 -59.36
C SER C 129 -60.77 -62.85 -58.41
N GLY C 130 -60.96 -61.83 -57.58
CA GLY C 130 -62.19 -61.72 -56.83
C GLY C 130 -62.05 -62.05 -55.36
N ALA C 131 -61.93 -61.01 -54.53
CA ALA C 131 -61.83 -61.18 -53.10
C ALA C 131 -62.52 -60.01 -52.43
N LYS C 132 -62.91 -60.23 -51.17
CA LYS C 132 -63.50 -59.14 -50.40
C LYS C 132 -62.48 -58.04 -50.11
N GLY C 133 -61.19 -58.39 -50.14
CA GLY C 133 -60.15 -57.41 -49.93
C GLY C 133 -58.81 -58.09 -49.88
N CYS C 134 -57.77 -57.26 -49.88
CA CYS C 134 -56.40 -57.77 -49.89
C CYS C 134 -55.48 -56.76 -49.22
N GLU C 135 -54.34 -57.27 -48.77
CA GLU C 135 -53.35 -56.45 -48.09
C GLU C 135 -51.98 -57.07 -48.31
N VAL C 136 -51.11 -56.37 -49.02
CA VAL C 136 -49.75 -56.86 -49.28
C VAL C 136 -48.78 -55.89 -48.65
N VAL C 137 -47.89 -56.39 -47.82
CA VAL C 137 -46.88 -55.56 -47.18
C VAL C 137 -45.51 -56.15 -47.49
N VAL C 138 -44.59 -55.29 -47.91
CA VAL C 138 -43.22 -55.68 -48.21
C VAL C 138 -42.29 -54.83 -47.35
N SER C 139 -41.37 -55.48 -46.66
CA SER C 139 -40.50 -54.81 -45.71
C SER C 139 -39.06 -55.18 -46.01
N GLY C 140 -38.15 -54.28 -45.69
CA GLY C 140 -36.75 -54.59 -45.81
C GLY C 140 -35.94 -53.39 -46.25
N LYS C 141 -34.81 -53.67 -46.89
CA LYS C 141 -33.88 -52.62 -47.31
C LYS C 141 -34.27 -52.10 -48.69
N LEU C 142 -35.41 -51.40 -48.71
CA LEU C 142 -35.86 -50.75 -49.92
C LEU C 142 -35.05 -49.47 -50.15
N ARG C 143 -34.54 -49.31 -51.37
CA ARG C 143 -33.71 -48.16 -51.74
C ARG C 143 -32.49 -48.06 -50.83
N GLY C 144 -32.58 -47.25 -49.78
CA GLY C 144 -31.43 -46.98 -48.94
C GLY C 144 -31.13 -48.09 -47.96
N GLN C 145 -30.11 -47.86 -47.15
CA GLN C 145 -29.71 -48.83 -46.14
C GLN C 145 -30.75 -48.93 -45.03
N ARG C 146 -31.44 -47.82 -44.74
CA ARG C 146 -32.43 -47.81 -43.68
C ARG C 146 -33.64 -48.63 -44.08
N ALA C 147 -34.12 -49.48 -43.18
CA ALA C 147 -35.22 -50.38 -43.50
C ALA C 147 -36.53 -49.61 -43.58
N LYS C 148 -37.38 -50.02 -44.51
CA LYS C 148 -38.70 -49.42 -44.70
C LYS C 148 -39.71 -50.50 -45.03
N SER C 149 -40.98 -50.18 -44.80
CA SER C 149 -42.08 -51.07 -45.12
C SER C 149 -43.12 -50.33 -45.96
N MET C 150 -43.64 -51.03 -46.96
CA MET C 150 -44.69 -50.50 -47.83
C MET C 150 -45.92 -51.39 -47.69
N LYS C 151 -47.05 -50.78 -47.41
CA LYS C 151 -48.31 -51.50 -47.23
C LYS C 151 -49.28 -51.05 -48.31
N PHE C 152 -49.95 -52.02 -48.94
CA PHE C 152 -50.91 -51.76 -50.00
C PHE C 152 -52.16 -52.56 -49.64
N VAL C 153 -53.19 -51.87 -49.15
CA VAL C 153 -54.42 -52.49 -48.68
C VAL C 153 -55.57 -51.94 -49.50
N ASP C 154 -56.45 -52.82 -49.94
CA ASP C 154 -57.68 -52.35 -50.57
C ASP C 154 -58.80 -53.35 -50.33
N GLY C 155 -59.99 -52.83 -50.01
CA GLY C 155 -61.13 -53.68 -49.77
C GLY C 155 -61.37 -53.98 -48.32
N LEU C 156 -61.91 -55.15 -48.04
CA LEU C 156 -62.25 -55.56 -46.68
C LEU C 156 -61.12 -56.41 -46.10
N MET C 157 -60.74 -56.12 -44.86
CA MET C 157 -59.68 -56.89 -44.21
C MET C 157 -59.95 -56.90 -42.71
N ILE C 158 -60.37 -58.05 -42.20
CA ILE C 158 -60.64 -58.19 -40.78
C ILE C 158 -59.37 -58.65 -40.07
N HIS C 159 -59.29 -58.36 -38.80
CA HIS C 159 -58.10 -58.68 -38.02
C HIS C 159 -58.38 -59.51 -36.79
N SER C 160 -59.51 -59.33 -36.14
CA SER C 160 -59.76 -59.86 -34.82
C SER C 160 -60.82 -60.94 -34.83
N GLY C 161 -60.81 -61.77 -33.79
CA GLY C 161 -61.83 -62.77 -33.59
C GLY C 161 -61.56 -64.05 -34.33
N ASP C 162 -62.52 -64.97 -34.18
CA ASP C 162 -62.44 -66.24 -34.90
C ASP C 162 -62.48 -66.12 -36.42
N PRO C 163 -63.33 -65.30 -37.05
CA PRO C 163 -63.46 -65.37 -38.52
C PRO C 163 -62.18 -65.06 -39.27
N VAL C 164 -61.20 -64.42 -38.65
CA VAL C 164 -59.94 -64.18 -39.34
C VAL C 164 -59.21 -65.50 -39.58
N ASN C 165 -59.54 -66.54 -38.82
CA ASN C 165 -58.91 -67.83 -39.04
C ASN C 165 -59.28 -68.42 -40.38
N TYR C 166 -60.54 -68.31 -40.80
CA TYR C 166 -61.02 -69.00 -41.99
C TYR C 166 -61.50 -68.06 -43.08
N TYR C 167 -61.36 -66.75 -42.92
CA TYR C 167 -61.71 -65.82 -43.99
C TYR C 167 -60.53 -65.18 -44.68
N VAL C 168 -59.35 -65.16 -44.09
CA VAL C 168 -58.18 -64.61 -44.75
C VAL C 168 -57.17 -65.72 -44.96
N ASP C 169 -56.55 -65.71 -46.13
CA ASP C 169 -55.39 -66.53 -46.42
C ASP C 169 -54.16 -65.67 -46.19
N THR C 170 -53.26 -66.14 -45.35
CA THR C 170 -52.06 -65.41 -44.97
C THR C 170 -50.83 -66.17 -45.48
N ALA C 171 -49.89 -65.43 -46.04
CA ALA C 171 -48.67 -66.03 -46.55
C ALA C 171 -47.49 -65.11 -46.26
N VAL C 172 -46.39 -65.70 -45.82
CA VAL C 172 -45.15 -64.98 -45.55
C VAL C 172 -44.05 -65.63 -46.36
N ARG C 173 -43.29 -64.83 -47.09
CA ARG C 173 -42.19 -65.35 -47.89
C ARG C 173 -40.98 -64.42 -47.81
N HIS C 174 -39.80 -65.02 -47.75
CA HIS C 174 -38.55 -64.27 -47.78
C HIS C 174 -38.04 -64.19 -49.20
N VAL C 175 -37.47 -63.05 -49.57
CA VAL C 175 -36.84 -62.85 -50.87
C VAL C 175 -35.40 -62.44 -50.64
N LEU C 176 -34.48 -63.14 -51.27
CA LEU C 176 -33.05 -62.91 -51.08
C LEU C 176 -32.54 -62.00 -52.19
N LEU C 177 -32.23 -60.76 -51.84
CA LEU C 177 -31.60 -59.82 -52.75
C LEU C 177 -30.16 -59.60 -52.32
N ARG C 178 -29.36 -59.05 -53.23
CA ARG C 178 -27.95 -58.84 -52.96
C ARG C 178 -27.73 -57.85 -51.81
N GLN C 179 -28.75 -57.08 -51.45
CA GLN C 179 -28.66 -56.19 -50.31
C GLN C 179 -29.12 -56.83 -49.01
N GLY C 180 -29.93 -57.89 -49.08
CA GLY C 180 -30.43 -58.52 -47.87
C GLY C 180 -31.65 -59.38 -48.09
N VAL C 181 -32.63 -59.26 -47.21
CA VAL C 181 -33.85 -60.06 -47.26
C VAL C 181 -35.04 -59.11 -47.25
N LEU C 182 -35.97 -59.34 -48.16
CA LEU C 182 -37.25 -58.63 -48.21
C LEU C 182 -38.34 -59.58 -47.73
N GLY C 183 -39.11 -59.13 -46.75
CA GLY C 183 -40.22 -59.90 -46.22
C GLY C 183 -41.50 -59.51 -46.89
N ILE C 184 -42.21 -60.51 -47.42
CA ILE C 184 -43.48 -60.31 -48.11
C ILE C 184 -44.56 -60.99 -47.29
N LYS C 185 -45.57 -60.23 -46.89
CA LYS C 185 -46.76 -60.80 -46.28
C LYS C 185 -47.96 -60.45 -47.14
N VAL C 186 -48.75 -61.46 -47.46
CA VAL C 186 -49.93 -61.30 -48.30
C VAL C 186 -51.12 -61.86 -47.54
N LYS C 187 -52.13 -61.03 -47.32
CA LYS C 187 -53.38 -61.44 -46.72
C LYS C 187 -54.50 -61.20 -47.73
N ILE C 188 -55.32 -62.21 -47.94
CA ILE C 188 -56.42 -62.11 -48.89
C ILE C 188 -57.69 -62.54 -48.19
N MET C 189 -58.66 -61.65 -48.08
CA MET C 189 -59.93 -61.97 -47.46
C MET C 189 -60.79 -62.72 -48.48
N LEU C 190 -61.05 -63.98 -48.20
CA LEU C 190 -61.77 -64.82 -49.15
C LEU C 190 -63.24 -64.39 -49.22
N PRO C 191 -63.86 -64.53 -50.38
CA PRO C 191 -65.28 -64.21 -50.50
C PRO C 191 -66.15 -65.35 -50.00
N TRP C 192 -67.31 -64.97 -49.45
CA TRP C 192 -68.27 -65.95 -48.97
C TRP C 192 -68.99 -66.61 -50.14
N ASP C 193 -69.20 -67.92 -50.03
CA ASP C 193 -69.89 -68.68 -51.06
C ASP C 193 -70.49 -69.96 -50.47
N PRO C 194 -71.76 -70.26 -50.77
CA PRO C 194 -72.34 -71.51 -50.28
C PRO C 194 -71.71 -72.76 -50.90
N THR C 195 -71.02 -72.63 -52.03
CA THR C 195 -70.42 -73.81 -52.64
C THR C 195 -69.15 -74.25 -51.92
N GLY C 196 -68.47 -73.33 -51.25
CA GLY C 196 -67.30 -73.68 -50.47
C GLY C 196 -66.05 -73.96 -51.26
N LYS C 197 -66.07 -73.74 -52.57
CA LYS C 197 -64.89 -73.98 -53.40
C LYS C 197 -64.02 -72.74 -53.50
N ILE C 198 -64.60 -71.63 -53.95
CA ILE C 198 -63.84 -70.38 -54.11
C ILE C 198 -63.51 -69.73 -52.77
N GLY C 199 -64.09 -70.22 -51.69
CA GLY C 199 -63.85 -69.68 -50.37
C GLY C 199 -64.64 -70.42 -49.30
N PRO C 200 -64.92 -69.75 -48.20
CA PRO C 200 -65.64 -70.38 -47.09
C PRO C 200 -67.14 -70.39 -47.33
N LYS C 201 -67.83 -71.15 -46.48
CA LYS C 201 -69.27 -71.32 -46.55
C LYS C 201 -70.03 -70.53 -45.50
N LYS C 202 -69.51 -70.44 -44.29
CA LYS C 202 -70.19 -69.69 -43.24
C LYS C 202 -70.21 -68.21 -43.59
N PRO C 203 -71.32 -67.52 -43.31
CA PRO C 203 -71.35 -66.08 -43.52
C PRO C 203 -70.61 -65.35 -42.41
N LEU C 204 -70.41 -64.05 -42.63
CA LEU C 204 -69.83 -63.21 -41.59
C LEU C 204 -70.74 -63.23 -40.37
N PRO C 205 -70.19 -63.38 -39.16
CA PRO C 205 -71.05 -63.48 -37.97
C PRO C 205 -71.94 -62.28 -37.75
N ASP C 206 -71.49 -61.09 -38.10
CA ASP C 206 -72.28 -59.88 -37.92
C ASP C 206 -73.09 -59.52 -39.17
N HIS C 207 -73.06 -60.35 -40.20
CA HIS C 207 -73.82 -60.10 -41.41
C HIS C 207 -75.20 -60.74 -41.27
N VAL C 208 -76.23 -59.92 -41.28
CA VAL C 208 -77.60 -60.37 -41.19
C VAL C 208 -78.27 -60.12 -42.54
N SER C 209 -78.74 -61.19 -43.18
CA SER C 209 -79.42 -61.09 -44.46
C SER C 209 -80.90 -61.39 -44.24
N ILE C 210 -81.75 -60.46 -44.63
CA ILE C 210 -83.19 -60.57 -44.42
C ILE C 210 -83.85 -60.94 -45.74
N VAL C 211 -84.58 -62.05 -45.75
CA VAL C 211 -85.24 -62.48 -46.98
C VAL C 211 -86.36 -61.52 -47.33
N GLU C 212 -86.63 -61.40 -48.62
CA GLU C 212 -87.67 -60.49 -49.10
C GLU C 212 -88.98 -61.25 -49.24
N PRO C 213 -90.05 -60.82 -48.58
CA PRO C 213 -91.34 -61.50 -48.70
C PRO C 213 -92.05 -61.09 -50.00
N LYS C 214 -93.19 -61.72 -50.23
CA LYS C 214 -94.06 -61.35 -51.33
C LYS C 214 -95.05 -60.29 -50.85
N ASP C 215 -96.06 -59.99 -51.66
CA ASP C 215 -97.05 -58.98 -51.26
C ASP C 215 -97.98 -59.53 -50.19
N GLU C 216 -98.76 -60.57 -50.53
CA GLU C 216 -99.64 -61.26 -49.59
C GLU C 216 -100.58 -60.31 -48.86
N ILE C 217 -101.10 -59.32 -49.59
CA ILE C 217 -101.95 -58.32 -48.97
C ILE C 217 -103.35 -58.88 -48.73
N LEU C 218 -103.98 -59.39 -49.78
CA LEU C 218 -105.31 -60.00 -49.78
C LEU C 218 -106.32 -59.06 -49.13
N PRO C 219 -106.73 -58.00 -49.82
CA PRO C 219 -107.79 -57.12 -49.29
C PRO C 219 -109.20 -57.49 -49.71
N THR C 220 -109.38 -58.66 -50.34
CA THR C 220 -110.66 -59.00 -50.95
C THR C 220 -111.65 -59.49 -49.90
N THR C 221 -112.87 -59.77 -50.35
CA THR C 221 -113.91 -60.28 -49.49
C THR C 221 -113.58 -61.72 -49.07
N PRO C 222 -114.05 -62.15 -47.89
CA PRO C 222 -113.82 -63.54 -47.48
C PRO C 222 -114.60 -64.54 -48.32
N ILE C 223 -113.87 -65.34 -49.12
CA ILE C 223 -114.48 -66.40 -49.90
C ILE C 223 -113.91 -67.73 -49.42
N SER C 224 -114.33 -68.83 -50.02
CA SER C 224 -113.81 -70.14 -49.64
C SER C 224 -113.72 -71.02 -50.89
N GLU C 225 -112.50 -71.35 -51.29
CA GLU C 225 -112.30 -72.26 -52.40
C GLU C 225 -112.75 -73.66 -52.01
N GLN C 226 -113.45 -74.33 -52.91
CA GLN C 226 -113.93 -75.69 -52.69
C GLN C 226 -113.15 -76.64 -53.60
N LYS C 227 -112.52 -77.64 -53.02
CA LYS C 227 -111.73 -78.58 -53.79
C LYS C 227 -111.87 -80.00 -53.24
N ASP D 1 -85.54 -72.06 19.13
CA ASP D 1 -85.76 -73.26 18.33
C ASP D 1 -84.56 -73.56 17.44
N ILE D 2 -83.63 -72.61 17.37
CA ILE D 2 -82.44 -72.76 16.55
C ILE D 2 -81.24 -73.14 17.41
N LYS D 3 -80.98 -72.34 18.45
CA LYS D 3 -79.93 -72.65 19.42
C LYS D 3 -78.55 -72.79 18.74
N LEU D 4 -78.06 -71.63 18.28
CA LEU D 4 -76.69 -71.51 17.77
C LEU D 4 -75.70 -72.27 18.63
N PHE D 5 -74.96 -73.19 18.01
CA PHE D 5 -74.06 -74.11 18.70
C PHE D 5 -74.80 -75.00 19.70
N GLY D 6 -76.06 -75.32 19.39
CA GLY D 6 -76.82 -76.20 20.24
C GLY D 6 -77.49 -75.55 21.43
N LYS D 7 -77.14 -74.31 21.76
CA LYS D 7 -77.67 -73.64 22.93
C LYS D 7 -77.86 -72.15 22.63
N TRP D 8 -78.31 -71.42 23.64
CA TRP D 8 -78.37 -69.96 23.63
C TRP D 8 -79.24 -69.43 22.49
N SER D 9 -80.55 -69.64 22.66
CA SER D 9 -81.57 -69.09 21.77
C SER D 9 -81.29 -67.64 21.38
N THR D 10 -81.64 -67.28 20.16
CA THR D 10 -81.32 -65.96 19.62
C THR D 10 -82.40 -64.91 19.89
N ASP D 11 -83.64 -65.34 20.11
CA ASP D 11 -84.75 -64.41 20.21
C ASP D 11 -84.72 -63.56 21.48
N ASP D 12 -83.94 -63.95 22.48
CA ASP D 12 -83.90 -63.21 23.73
C ASP D 12 -82.95 -62.02 23.70
N VAL D 13 -82.27 -61.77 22.58
CA VAL D 13 -81.32 -60.68 22.47
C VAL D 13 -82.04 -59.44 21.94
N GLN D 14 -81.82 -58.32 22.61
CA GLN D 14 -82.40 -57.04 22.19
C GLN D 14 -81.28 -56.08 21.85
N ILE D 15 -81.42 -55.40 20.71
CA ILE D 15 -80.41 -54.47 20.24
C ILE D 15 -80.59 -53.15 20.97
N ASN D 16 -79.49 -52.60 21.49
CA ASN D 16 -79.57 -51.44 22.38
C ASN D 16 -79.97 -50.18 21.63
N ASP D 17 -79.14 -49.74 20.69
CA ASP D 17 -79.35 -48.48 20.00
C ASP D 17 -80.04 -48.69 18.65
N ILE D 18 -80.86 -47.71 18.27
CA ILE D 18 -81.60 -47.78 17.02
C ILE D 18 -80.67 -47.75 15.82
N SER D 19 -79.49 -47.14 15.97
CA SER D 19 -78.62 -46.89 14.82
C SER D 19 -78.08 -48.18 14.21
N LEU D 20 -77.95 -49.24 15.02
CA LEU D 20 -77.31 -50.47 14.54
C LEU D 20 -78.28 -51.65 14.50
N GLN D 21 -79.57 -51.40 14.68
CA GLN D 21 -80.55 -52.48 14.65
C GLN D 21 -80.62 -53.13 13.27
N ASP D 22 -80.63 -52.30 12.21
CA ASP D 22 -80.75 -52.84 10.86
C ASP D 22 -79.47 -53.50 10.37
N TYR D 23 -78.36 -53.33 11.08
CA TYR D 23 -77.08 -53.86 10.64
C TYR D 23 -76.56 -55.00 11.51
N ILE D 24 -77.07 -55.16 12.73
CA ILE D 24 -76.75 -56.33 13.54
C ILE D 24 -77.81 -57.39 13.25
N ALA D 25 -77.34 -58.58 12.84
CA ALA D 25 -78.22 -59.64 12.35
C ALA D 25 -78.09 -60.85 13.28
N VAL D 26 -79.00 -60.95 14.24
CA VAL D 26 -78.94 -62.02 15.23
C VAL D 26 -80.26 -62.79 15.28
N LYS D 27 -81.37 -62.15 14.93
CA LYS D 27 -82.69 -62.70 15.23
C LYS D 27 -83.45 -63.09 13.98
N GLU D 28 -84.53 -63.85 14.24
CA GLU D 28 -85.56 -64.22 13.27
C GLU D 28 -84.98 -65.02 12.12
N LYS D 29 -84.77 -64.39 10.96
CA LYS D 29 -84.18 -65.12 9.85
C LYS D 29 -82.67 -65.20 9.95
N TYR D 30 -82.06 -64.40 10.82
CA TYR D 30 -80.64 -64.51 11.10
C TYR D 30 -80.38 -65.44 12.27
N ALA D 31 -81.00 -66.62 12.20
CA ALA D 31 -80.89 -67.62 13.25
C ALA D 31 -80.43 -68.91 12.59
N LYS D 32 -79.14 -69.18 12.66
CA LYS D 32 -78.55 -70.37 12.06
C LYS D 32 -77.90 -71.22 13.13
N TYR D 33 -77.81 -72.52 12.85
CA TYR D 33 -77.15 -73.44 13.77
C TYR D 33 -75.65 -73.17 13.84
N LEU D 34 -75.03 -72.82 12.72
CA LEU D 34 -73.59 -72.65 12.66
C LEU D 34 -73.23 -71.35 11.98
N PRO D 35 -72.13 -70.72 12.38
CA PRO D 35 -71.62 -69.53 11.70
C PRO D 35 -70.78 -69.85 10.47
N HIS D 36 -71.29 -70.77 9.64
CA HIS D 36 -70.59 -71.16 8.41
C HIS D 36 -71.66 -71.49 7.39
N SER D 37 -72.06 -70.48 6.63
CA SER D 37 -73.14 -70.60 5.65
C SER D 37 -72.76 -69.84 4.38
N ALA D 38 -71.55 -70.10 3.87
CA ALA D 38 -70.97 -69.32 2.77
C ALA D 38 -71.96 -69.13 1.63
N GLY D 39 -72.38 -67.88 1.43
CA GLY D 39 -73.53 -67.60 0.60
C GLY D 39 -73.41 -66.37 -0.27
N ARG D 40 -72.19 -66.05 -0.72
CA ARG D 40 -71.94 -64.95 -1.65
C ARG D 40 -72.41 -63.62 -1.06
N TYR D 41 -71.87 -63.30 0.11
CA TYR D 41 -72.25 -62.08 0.82
C TYR D 41 -71.50 -60.85 0.34
N ALA D 42 -70.56 -61.00 -0.58
CA ALA D 42 -69.84 -59.87 -1.15
C ALA D 42 -70.28 -59.54 -2.57
N ALA D 43 -71.33 -60.19 -3.06
CA ALA D 43 -71.73 -60.02 -4.45
C ALA D 43 -72.34 -58.65 -4.72
N LYS D 44 -72.83 -57.96 -3.70
CA LYS D 44 -73.42 -56.64 -3.87
C LYS D 44 -73.19 -55.82 -2.62
N ARG D 45 -73.32 -54.51 -2.78
CA ARG D 45 -73.23 -53.59 -1.66
C ARG D 45 -74.39 -53.81 -0.70
N PHE D 46 -74.12 -53.60 0.59
CA PHE D 46 -75.13 -53.68 1.65
C PHE D 46 -75.77 -55.05 1.73
N ARG D 47 -75.03 -56.10 1.39
CA ARG D 47 -75.49 -57.47 1.56
C ARG D 47 -74.90 -58.14 2.78
N LYS D 48 -73.69 -57.74 3.19
CA LYS D 48 -73.11 -58.29 4.41
C LYS D 48 -73.90 -57.91 5.65
N ALA D 49 -74.72 -56.86 5.56
CA ALA D 49 -75.62 -56.54 6.66
C ALA D 49 -76.65 -57.64 6.89
N GLN D 50 -76.95 -58.43 5.85
CA GLN D 50 -77.82 -59.58 5.98
C GLN D 50 -77.07 -60.83 6.43
N CYS D 51 -75.74 -60.80 6.48
CA CYS D 51 -74.98 -61.92 6.99
C CYS D 51 -75.04 -61.93 8.52
N PRO D 52 -75.29 -63.08 9.14
CA PRO D 52 -75.37 -63.12 10.62
C PRO D 52 -74.05 -62.70 11.24
N ILE D 53 -74.15 -62.00 12.37
CA ILE D 53 -72.98 -61.34 12.94
C ILE D 53 -71.95 -62.32 13.48
N VAL D 54 -72.38 -63.52 13.88
CA VAL D 54 -71.40 -64.52 14.32
C VAL D 54 -70.55 -64.97 13.14
N GLU D 55 -71.14 -65.05 11.95
CA GLU D 55 -70.37 -65.41 10.77
C GLU D 55 -69.40 -64.31 10.40
N ARG D 56 -69.80 -63.05 10.58
CA ARG D 56 -68.86 -61.95 10.36
C ARG D 56 -67.69 -62.01 11.33
N LEU D 57 -67.98 -62.32 12.60
CA LEU D 57 -66.91 -62.47 13.58
C LEU D 57 -65.97 -63.61 13.19
N THR D 58 -66.54 -64.74 12.76
CA THR D 58 -65.73 -65.86 12.32
C THR D 58 -64.86 -65.51 11.13
N ASN D 59 -65.43 -64.81 10.15
CA ASN D 59 -64.66 -64.44 8.97
C ASN D 59 -63.54 -63.48 9.34
N SER D 60 -63.80 -62.53 10.24
CA SER D 60 -62.76 -61.58 10.60
C SER D 60 -61.71 -62.16 11.53
N MET D 61 -62.01 -63.26 12.23
CA MET D 61 -61.06 -63.79 13.20
C MET D 61 -59.92 -64.59 12.57
N MET D 62 -60.06 -65.06 11.33
CA MET D 62 -58.99 -65.81 10.67
C MET D 62 -58.19 -64.84 9.80
N MET D 63 -57.04 -64.39 10.32
CA MET D 63 -56.26 -63.39 9.63
C MET D 63 -54.77 -63.66 9.83
N HIS D 64 -53.96 -62.83 9.18
CA HIS D 64 -52.50 -62.84 9.24
C HIS D 64 -51.89 -64.04 8.55
N GLY D 65 -52.52 -64.53 7.48
CA GLY D 65 -51.87 -65.45 6.58
C GLY D 65 -51.70 -66.86 7.10
N ARG D 66 -51.21 -66.99 8.34
CA ARG D 66 -50.96 -68.30 8.92
C ARG D 66 -52.24 -69.13 9.00
N ASN D 67 -53.39 -68.46 9.05
CA ASN D 67 -54.69 -69.15 9.07
C ASN D 67 -55.70 -68.26 8.35
N ASN D 68 -55.85 -68.50 7.05
CA ASN D 68 -56.74 -67.71 6.21
C ASN D 68 -57.94 -68.49 5.71
N GLY D 69 -57.77 -69.76 5.38
CA GLY D 69 -58.90 -70.55 4.94
C GLY D 69 -59.48 -71.39 6.07
N LYS D 70 -58.77 -71.44 7.19
CA LYS D 70 -59.15 -72.30 8.31
C LYS D 70 -60.34 -71.67 9.03
N LYS D 71 -61.51 -71.88 8.44
CA LYS D 71 -62.75 -71.37 9.04
C LYS D 71 -63.35 -72.33 10.04
N LEU D 72 -63.10 -73.64 9.88
CA LEU D 72 -63.60 -74.60 10.87
C LEU D 72 -62.96 -74.36 12.22
N MET D 73 -61.64 -74.10 12.23
CA MET D 73 -60.96 -73.76 13.47
C MET D 73 -61.54 -72.50 14.09
N THR D 74 -61.88 -71.52 13.25
CA THR D 74 -62.45 -70.29 13.78
C THR D 74 -63.85 -70.51 14.34
N VAL D 75 -64.64 -71.37 13.70
CA VAL D 75 -65.95 -71.72 14.22
C VAL D 75 -65.80 -72.38 15.59
N ARG D 76 -64.83 -73.30 15.71
CA ARG D 76 -64.56 -73.92 16.99
C ARG D 76 -64.14 -72.91 18.04
N ILE D 77 -63.30 -71.96 17.65
CA ILE D 77 -62.83 -70.93 18.57
C ILE D 77 -63.99 -70.07 19.07
N VAL D 78 -64.89 -69.69 18.15
CA VAL D 78 -66.05 -68.89 18.54
C VAL D 78 -66.94 -69.67 19.48
N LYS D 79 -67.15 -70.96 19.20
CA LYS D 79 -67.96 -71.81 20.07
C LYS D 79 -67.38 -71.85 21.48
N HIS D 80 -66.08 -72.09 21.59
CA HIS D 80 -65.46 -72.12 22.91
C HIS D 80 -65.57 -70.77 23.60
N ALA D 81 -65.17 -69.69 22.93
CA ALA D 81 -65.26 -68.36 23.52
C ALA D 81 -66.67 -68.03 24.00
N PHE D 82 -67.69 -68.49 23.28
CA PHE D 82 -69.05 -68.36 23.77
C PHE D 82 -69.25 -69.16 25.06
N GLU D 83 -68.70 -70.37 25.14
CA GLU D 83 -68.81 -71.13 26.38
C GLU D 83 -68.18 -70.38 27.54
N ILE D 84 -66.98 -69.84 27.36
CA ILE D 84 -66.32 -69.10 28.43
C ILE D 84 -67.10 -67.84 28.82
N ILE D 85 -67.61 -67.09 27.84
CA ILE D 85 -68.31 -65.86 28.23
C ILE D 85 -69.61 -66.19 28.95
N HIS D 86 -70.32 -67.23 28.53
CA HIS D 86 -71.49 -67.65 29.28
C HIS D 86 -71.12 -68.10 30.69
N LEU D 87 -70.00 -68.82 30.82
CA LEU D 87 -69.57 -69.29 32.13
C LEU D 87 -69.23 -68.11 33.05
N LEU D 88 -68.58 -67.07 32.52
CA LEU D 88 -68.21 -65.95 33.37
C LEU D 88 -69.41 -65.07 33.72
N THR D 89 -70.27 -64.78 32.75
CA THR D 89 -71.29 -63.77 32.98
C THR D 89 -72.61 -64.35 33.46
N GLY D 90 -72.99 -65.54 32.98
CA GLY D 90 -74.30 -66.08 33.29
C GLY D 90 -75.40 -65.61 32.37
N GLU D 91 -75.11 -64.68 31.47
CA GLU D 91 -76.09 -64.16 30.52
C GLU D 91 -75.79 -64.70 29.13
N ASN D 92 -76.54 -64.22 28.16
CA ASN D 92 -76.46 -64.76 26.81
C ASN D 92 -75.19 -64.30 26.13
N PRO D 93 -74.37 -65.22 25.61
CA PRO D 93 -73.19 -64.81 24.83
C PRO D 93 -73.53 -63.96 23.62
N LEU D 94 -74.67 -64.20 22.97
CA LEU D 94 -75.06 -63.37 21.85
C LEU D 94 -75.37 -61.95 22.30
N GLN D 95 -76.02 -61.81 23.46
CA GLN D 95 -76.25 -60.47 24.01
C GLN D 95 -74.93 -59.80 24.36
N VAL D 96 -73.98 -60.55 24.92
CA VAL D 96 -72.68 -59.99 25.25
C VAL D 96 -71.96 -59.53 23.99
N LEU D 97 -72.00 -60.34 22.93
CA LEU D 97 -71.37 -59.95 21.67
C LEU D 97 -72.03 -58.72 21.08
N VAL D 98 -73.35 -58.65 21.12
CA VAL D 98 -74.06 -57.49 20.57
C VAL D 98 -73.67 -56.24 21.33
N ASN D 99 -73.69 -56.30 22.67
CA ASN D 99 -73.31 -55.15 23.47
C ASN D 99 -71.86 -54.75 23.25
N ALA D 100 -70.98 -55.73 23.10
CA ALA D 100 -69.58 -55.44 22.81
C ALA D 100 -69.42 -54.72 21.49
N ILE D 101 -70.16 -55.15 20.46
CA ILE D 101 -70.11 -54.47 19.18
C ILE D 101 -70.63 -53.04 19.30
N ILE D 102 -71.74 -52.85 20.00
CA ILE D 102 -72.31 -51.51 20.17
C ILE D 102 -71.30 -50.59 20.86
N ASN D 103 -70.66 -51.09 21.91
CA ASN D 103 -69.73 -50.25 22.66
C ASN D 103 -68.38 -50.11 21.99
N SER D 104 -68.04 -51.00 21.06
CA SER D 104 -66.72 -50.93 20.42
C SER D 104 -66.75 -50.09 19.16
N GLY D 105 -67.86 -50.11 18.43
CA GLY D 105 -67.98 -49.33 17.21
C GLY D 105 -67.83 -47.85 17.47
N PRO D 106 -66.81 -47.24 16.86
CA PRO D 106 -66.60 -45.81 17.04
C PRO D 106 -67.73 -45.00 16.42
N ARG D 107 -67.94 -43.81 16.97
CA ARG D 107 -69.01 -42.95 16.51
C ARG D 107 -68.53 -41.79 15.65
N GLU D 108 -67.24 -41.48 15.67
CA GLU D 108 -66.68 -40.42 14.85
C GLU D 108 -65.23 -40.78 14.53
N ASP D 109 -64.71 -40.16 13.47
CA ASP D 109 -63.34 -40.41 13.04
C ASP D 109 -62.80 -39.15 12.37
N SER D 110 -61.64 -39.28 11.75
CA SER D 110 -61.02 -38.18 11.03
C SER D 110 -60.66 -38.65 9.62
N THR D 111 -60.56 -37.69 8.71
CA THR D 111 -60.26 -37.99 7.32
C THR D 111 -59.63 -36.75 6.68
N ARG D 112 -59.54 -36.77 5.35
CA ARG D 112 -58.93 -35.74 4.50
C ARG D 112 -57.42 -35.74 4.64
N ILE D 113 -56.72 -35.46 3.55
CA ILE D 113 -55.27 -35.49 3.52
C ILE D 113 -54.74 -34.09 3.21
N GLY D 114 -55.46 -33.07 3.67
CA GLY D 114 -55.07 -31.70 3.41
C GLY D 114 -53.87 -31.27 4.23
N ARG D 115 -52.70 -31.83 3.91
CA ARG D 115 -51.41 -31.49 4.51
C ARG D 115 -51.37 -31.82 6.01
N ALA D 116 -52.22 -32.75 6.45
CA ALA D 116 -52.21 -33.29 7.81
C ALA D 116 -52.33 -32.17 8.85
N GLY D 117 -53.50 -31.53 8.84
CA GLY D 117 -53.76 -30.33 9.61
C GLY D 117 -53.39 -30.36 11.09
N THR D 118 -54.11 -31.14 11.88
CA THR D 118 -53.83 -31.24 13.31
C THR D 118 -53.44 -32.66 13.73
N VAL D 119 -54.26 -33.65 13.41
CA VAL D 119 -53.92 -35.05 13.67
C VAL D 119 -53.99 -35.80 12.35
N ARG D 120 -55.18 -35.82 11.74
CA ARG D 120 -55.32 -36.29 10.37
C ARG D 120 -55.70 -35.15 9.44
N ARG D 121 -56.82 -34.47 9.70
CA ARG D 121 -57.24 -33.24 9.03
C ARG D 121 -58.60 -32.82 9.56
N GLN D 122 -59.68 -33.40 9.03
CA GLN D 122 -61.02 -32.90 9.29
C GLN D 122 -61.88 -34.03 9.82
N ALA D 123 -62.68 -33.73 10.84
CA ALA D 123 -63.47 -34.75 11.51
C ALA D 123 -64.68 -35.15 10.68
N VAL D 124 -65.10 -36.40 10.84
CA VAL D 124 -66.15 -36.98 10.00
C VAL D 124 -66.95 -37.97 10.86
N ASP D 125 -68.22 -38.13 10.51
CA ASP D 125 -69.03 -39.14 11.15
C ASP D 125 -68.89 -40.46 10.41
N VAL D 126 -69.32 -41.54 11.06
CA VAL D 126 -69.18 -42.88 10.51
C VAL D 126 -70.56 -43.49 10.31
N SER D 127 -70.68 -44.30 9.27
CA SER D 127 -71.92 -44.98 8.97
C SER D 127 -72.13 -46.14 9.95
N PRO D 128 -73.38 -46.58 10.12
CA PRO D 128 -73.62 -47.78 10.95
C PRO D 128 -72.90 -49.02 10.46
N LEU D 129 -72.83 -49.23 9.14
CA LEU D 129 -72.14 -50.40 8.61
C LEU D 129 -70.66 -50.34 8.94
N ARG D 130 -70.03 -49.17 8.79
CA ARG D 130 -68.64 -49.04 9.16
C ARG D 130 -68.45 -49.18 10.66
N ARG D 131 -69.44 -48.73 11.46
CA ARG D 131 -69.37 -48.95 12.89
C ARG D 131 -69.28 -50.43 13.22
N VAL D 132 -70.16 -51.23 12.61
CA VAL D 132 -70.15 -52.67 12.85
C VAL D 132 -68.84 -53.29 12.37
N ASN D 133 -68.40 -52.92 11.17
CA ASN D 133 -67.18 -53.49 10.61
C ASN D 133 -65.97 -53.19 11.48
N GLN D 134 -65.82 -51.93 11.90
CA GLN D 134 -64.70 -51.53 12.72
C GLN D 134 -64.78 -52.13 14.11
N ALA D 135 -65.99 -52.31 14.66
CA ALA D 135 -66.11 -52.97 15.94
C ALA D 135 -65.63 -54.41 15.87
N ILE D 136 -66.07 -55.15 14.86
CA ILE D 136 -65.66 -56.54 14.72
C ILE D 136 -64.15 -56.62 14.49
N TRP D 137 -63.62 -55.75 13.63
CA TRP D 137 -62.19 -55.73 13.36
C TRP D 137 -61.39 -55.43 14.62
N LEU D 138 -61.84 -54.46 15.42
CA LEU D 138 -61.14 -54.10 16.64
C LEU D 138 -61.18 -55.23 17.65
N LEU D 139 -62.32 -55.91 17.78
CA LEU D 139 -62.41 -57.04 18.71
C LEU D 139 -61.45 -58.16 18.29
N CYS D 140 -61.43 -58.50 17.01
CA CYS D 140 -60.55 -59.56 16.55
C CYS D 140 -59.09 -59.19 16.73
N THR D 141 -58.73 -57.94 16.42
CA THR D 141 -57.36 -57.48 16.60
C THR D 141 -56.96 -57.51 18.08
N GLY D 142 -57.86 -57.09 18.96
CA GLY D 142 -57.56 -57.12 20.37
C GLY D 142 -57.34 -58.52 20.90
N ALA D 143 -58.20 -59.46 20.49
CA ALA D 143 -58.03 -60.84 20.91
C ALA D 143 -56.71 -61.42 20.39
N ARG D 144 -56.41 -61.17 19.12
CA ARG D 144 -55.19 -61.70 18.52
C ARG D 144 -53.95 -61.15 19.20
N GLU D 145 -53.92 -59.84 19.45
CA GLU D 145 -52.78 -59.23 20.13
C GLU D 145 -52.68 -59.71 21.57
N ALA D 146 -53.81 -59.94 22.23
CA ALA D 146 -53.77 -60.41 23.60
C ALA D 146 -53.27 -61.84 23.70
N ALA D 147 -53.57 -62.67 22.70
CA ALA D 147 -53.23 -64.08 22.77
C ALA D 147 -51.99 -64.47 21.97
N PHE D 148 -51.29 -63.50 21.37
CA PHE D 148 -50.18 -63.88 20.51
C PHE D 148 -49.04 -64.58 21.24
N ARG D 149 -48.26 -63.87 22.03
CA ARG D 149 -47.10 -64.47 22.68
C ARG D 149 -47.35 -64.72 24.17
N ASN D 150 -48.31 -65.58 24.47
CA ASN D 150 -48.56 -65.95 25.86
C ASN D 150 -49.35 -67.26 25.91
N ILE D 151 -49.50 -67.77 27.12
CA ILE D 151 -50.13 -69.07 27.32
C ILE D 151 -51.65 -69.01 27.20
N LYS D 152 -52.24 -67.82 27.32
CA LYS D 152 -53.70 -67.72 27.24
C LYS D 152 -54.18 -68.07 25.84
N THR D 153 -55.26 -68.86 25.79
CA THR D 153 -55.76 -69.38 24.53
C THR D 153 -56.49 -68.28 23.76
N ILE D 154 -56.61 -68.48 22.44
CA ILE D 154 -57.38 -67.57 21.60
C ILE D 154 -58.82 -67.47 22.09
N ALA D 155 -59.41 -68.60 22.48
CA ALA D 155 -60.78 -68.56 22.98
C ALA D 155 -60.88 -67.72 24.24
N GLU D 156 -59.94 -67.88 25.17
CA GLU D 156 -59.99 -67.10 26.40
C GLU D 156 -59.77 -65.62 26.14
N CYS D 157 -58.84 -65.28 25.25
CA CYS D 157 -58.57 -63.87 24.97
C CYS D 157 -59.73 -63.23 24.22
N LEU D 158 -60.34 -63.94 23.27
CA LEU D 158 -61.54 -63.45 22.63
C LEU D 158 -62.65 -63.26 23.64
N ALA D 159 -62.79 -64.19 24.58
CA ALA D 159 -63.81 -64.09 25.61
C ALA D 159 -63.63 -62.84 26.46
N ASP D 160 -62.41 -62.62 26.96
CA ASP D 160 -62.21 -61.46 27.82
C ASP D 160 -62.30 -60.16 27.04
N GLU D 161 -61.85 -60.16 25.79
CA GLU D 161 -62.01 -58.97 24.95
C GLU D 161 -63.49 -58.62 24.79
N LEU D 162 -64.32 -59.60 24.44
CA LEU D 162 -65.75 -59.34 24.29
C LEU D 162 -66.39 -58.93 25.61
N ILE D 163 -65.99 -59.55 26.71
CA ILE D 163 -66.59 -59.21 27.99
C ILE D 163 -66.25 -57.78 28.38
N ASN D 164 -64.98 -57.40 28.25
CA ASN D 164 -64.57 -56.04 28.59
C ASN D 164 -65.21 -55.01 27.67
N ALA D 165 -65.36 -55.34 26.39
CA ALA D 165 -66.02 -54.43 25.48
C ALA D 165 -67.50 -54.28 25.81
N ALA D 166 -68.15 -55.38 26.18
CA ALA D 166 -69.57 -55.32 26.52
C ALA D 166 -69.80 -54.51 27.79
N LYS D 167 -68.94 -54.68 28.79
CA LYS D 167 -69.11 -53.91 30.02
C LYS D 167 -68.51 -52.51 29.94
N GLY D 168 -67.76 -52.21 28.89
CA GLY D 168 -67.20 -50.88 28.71
C GLY D 168 -66.20 -50.49 29.77
N SER D 169 -65.37 -51.43 30.22
CA SER D 169 -64.46 -51.18 31.33
C SER D 169 -63.23 -50.40 30.93
N SER D 170 -63.02 -50.16 29.63
CA SER D 170 -61.82 -49.51 29.08
C SER D 170 -60.56 -50.31 29.36
N ASN D 171 -60.71 -51.57 29.74
CA ASN D 171 -59.59 -52.50 29.83
C ASN D 171 -59.41 -53.28 28.53
N SER D 172 -60.23 -53.00 27.52
CA SER D 172 -60.17 -53.72 26.26
C SER D 172 -59.42 -52.90 25.21
N TYR D 173 -58.70 -53.61 24.34
CA TYR D 173 -57.99 -52.96 23.25
C TYR D 173 -58.96 -52.23 22.32
N ALA D 174 -60.10 -52.86 22.03
CA ALA D 174 -61.08 -52.24 21.15
C ALA D 174 -61.61 -50.93 21.73
N ILE D 175 -61.92 -50.94 23.04
CA ILE D 175 -62.43 -49.72 23.66
C ILE D 175 -61.36 -48.64 23.70
N LYS D 176 -60.11 -49.02 24.00
CA LYS D 176 -59.04 -48.03 24.03
C LYS D 176 -58.83 -47.41 22.65
N LYS D 177 -58.82 -48.23 21.60
CA LYS D 177 -58.66 -47.71 20.25
C LYS D 177 -59.83 -46.81 19.85
N LYS D 178 -61.06 -47.21 20.22
CA LYS D 178 -62.21 -46.38 19.94
C LYS D 178 -62.11 -45.04 20.64
N ASP D 179 -61.69 -45.04 21.91
CA ASP D 179 -61.54 -43.79 22.64
C ASP D 179 -60.49 -42.89 22.00
N GLU D 180 -59.38 -43.49 21.55
CA GLU D 180 -58.35 -42.70 20.86
C GLU D 180 -58.89 -42.09 19.58
N LEU D 181 -59.64 -42.87 18.80
CA LEU D 181 -60.22 -42.34 17.56
C LEU D 181 -61.18 -41.20 17.84
N GLU D 182 -62.03 -41.35 18.85
CA GLU D 182 -62.96 -40.27 19.20
C GLU D 182 -62.20 -39.03 19.68
N ARG D 183 -61.12 -39.22 20.43
CA ARG D 183 -60.33 -38.08 20.90
C ARG D 183 -59.70 -37.32 19.73
N VAL D 184 -59.11 -38.05 18.78
CA VAL D 184 -58.49 -37.34 17.66
C VAL D 184 -59.54 -36.72 16.76
N ALA D 185 -60.73 -37.34 16.66
CA ALA D 185 -61.81 -36.71 15.92
C ALA D 185 -62.24 -35.40 16.59
N LYS D 186 -62.31 -35.41 17.92
CA LYS D 186 -62.63 -34.18 18.65
C LYS D 186 -61.57 -33.11 18.40
N SER D 187 -60.30 -33.51 18.40
CA SER D 187 -59.25 -32.54 18.10
C SER D 187 -59.31 -32.04 16.67
N ASN D 188 -59.79 -32.86 15.75
CA ASN D 188 -59.88 -32.51 14.34
C ASN D 188 -61.23 -31.91 13.96
N ARG D 189 -62.09 -31.67 14.95
CA ARG D 189 -63.36 -30.97 14.70
C ARG D 189 -63.14 -29.64 14.00
N MET E 1 -12.03 -86.81 -50.27
CA MET E 1 -12.58 -87.88 -49.45
C MET E 1 -11.86 -89.19 -49.73
N LEU E 2 -11.60 -89.97 -48.69
CA LEU E 2 -10.78 -91.18 -48.77
C LEU E 2 -11.63 -92.44 -48.77
N MET E 3 -12.77 -92.43 -49.44
CA MET E 3 -13.57 -93.64 -49.46
C MET E 3 -13.01 -94.65 -50.46
N PRO E 4 -13.17 -95.93 -50.19
CA PRO E 4 -12.66 -96.95 -51.11
C PRO E 4 -13.56 -97.13 -52.33
N LYS E 5 -13.00 -97.84 -53.31
CA LYS E 5 -13.68 -98.06 -54.57
C LYS E 5 -14.99 -98.79 -54.39
N LYS E 6 -15.03 -99.80 -53.51
CA LYS E 6 -16.25 -100.56 -53.32
C LYS E 6 -17.37 -99.67 -52.76
N ASN E 7 -17.04 -98.82 -51.79
CA ASN E 7 -18.03 -97.90 -51.24
C ASN E 7 -18.53 -96.92 -52.30
N ARG E 8 -17.61 -96.36 -53.09
CA ARG E 8 -18.02 -95.44 -54.15
C ARG E 8 -18.92 -96.13 -55.16
N ILE E 9 -18.58 -97.36 -55.53
CA ILE E 9 -19.35 -98.10 -56.52
C ILE E 9 -20.75 -98.40 -55.98
N ALA E 10 -20.85 -98.81 -54.72
CA ALA E 10 -22.17 -99.09 -54.16
C ALA E 10 -23.01 -97.82 -54.09
N ILE E 11 -22.41 -96.71 -53.69
CA ILE E 11 -23.13 -95.44 -53.64
C ILE E 11 -23.64 -95.05 -55.02
N TYR E 12 -22.81 -95.22 -56.04
CA TYR E 12 -23.24 -94.86 -57.39
C TYR E 12 -24.31 -95.81 -57.92
N GLU E 13 -24.18 -97.10 -57.62
CA GLU E 13 -25.12 -98.07 -58.13
C GLU E 13 -26.48 -97.93 -57.48
N LEU E 14 -26.56 -97.44 -56.24
CA LEU E 14 -27.88 -97.13 -55.70
C LEU E 14 -28.56 -96.01 -56.47
N LEU E 15 -27.81 -94.95 -56.78
CA LEU E 15 -28.32 -93.87 -57.60
C LEU E 15 -28.75 -94.33 -58.97
N PHE E 16 -28.07 -95.33 -59.53
CA PHE E 16 -28.49 -95.80 -60.84
C PHE E 16 -29.65 -96.79 -60.77
N LYS E 17 -29.74 -97.57 -59.70
CA LYS E 17 -30.92 -98.43 -59.52
C LYS E 17 -32.17 -97.58 -59.38
N GLU E 18 -32.07 -96.46 -58.66
CA GLU E 18 -33.16 -95.49 -58.66
C GLU E 18 -32.55 -94.09 -58.56
N GLY E 19 -33.04 -93.18 -59.38
CA GLY E 19 -32.36 -91.92 -59.61
C GLY E 19 -32.51 -90.89 -58.51
N VAL E 20 -32.70 -91.34 -57.28
CA VAL E 20 -32.86 -90.46 -56.13
C VAL E 20 -31.92 -90.93 -55.03
N MET E 21 -31.64 -90.03 -54.10
CA MET E 21 -30.81 -90.37 -52.95
C MET E 21 -31.24 -89.52 -51.76
N VAL E 22 -31.78 -90.17 -50.74
CA VAL E 22 -32.21 -89.51 -49.51
C VAL E 22 -31.20 -89.85 -48.43
N ALA E 23 -30.68 -88.83 -47.76
CA ALA E 23 -29.68 -89.07 -46.73
C ALA E 23 -29.88 -88.13 -45.56
N LYS E 24 -29.93 -88.69 -44.35
CA LYS E 24 -29.98 -87.88 -43.14
C LYS E 24 -28.66 -87.16 -42.95
N LYS E 25 -28.73 -85.88 -42.57
CA LYS E 25 -27.53 -85.10 -42.31
C LYS E 25 -26.98 -85.49 -40.95
N ASP E 26 -26.09 -86.48 -40.94
CA ASP E 26 -25.43 -86.90 -39.71
C ASP E 26 -24.12 -87.57 -40.10
N VAL E 27 -23.00 -86.88 -39.86
CA VAL E 27 -21.68 -87.44 -40.17
C VAL E 27 -21.23 -88.48 -39.17
N HIS E 28 -22.04 -88.76 -38.14
CA HIS E 28 -21.68 -89.72 -37.11
C HIS E 28 -22.54 -90.97 -37.15
N MET E 29 -23.35 -91.15 -38.18
CA MET E 29 -24.09 -92.39 -38.33
C MET E 29 -23.14 -93.48 -38.80
N PRO E 30 -23.02 -94.59 -38.08
CA PRO E 30 -22.09 -95.66 -38.52
C PRO E 30 -22.44 -96.24 -39.88
N LYS E 31 -23.73 -96.35 -40.20
CA LYS E 31 -24.17 -96.95 -41.45
C LYS E 31 -25.29 -96.11 -42.05
N HIS E 32 -25.28 -96.03 -43.37
CA HIS E 32 -26.43 -95.50 -44.09
C HIS E 32 -27.62 -96.46 -43.90
N PRO E 33 -28.83 -95.94 -43.68
CA PRO E 33 -29.98 -96.83 -43.45
C PRO E 33 -30.24 -97.80 -44.59
N GLU E 34 -30.08 -97.34 -45.82
CA GLU E 34 -30.04 -98.25 -46.96
C GLU E 34 -28.59 -98.64 -47.22
N LEU E 35 -28.42 -99.69 -48.03
CA LEU E 35 -27.09 -100.23 -48.38
C LEU E 35 -26.20 -100.43 -47.17
N ALA E 36 -26.80 -100.76 -46.02
CA ALA E 36 -26.03 -101.02 -44.81
C ALA E 36 -25.21 -102.29 -44.91
N ASP E 37 -25.53 -103.17 -45.86
CA ASP E 37 -24.75 -104.39 -46.04
C ASP E 37 -23.34 -104.12 -46.54
N LYS E 38 -23.11 -102.97 -47.19
CA LYS E 38 -21.78 -102.64 -47.66
C LYS E 38 -20.93 -101.97 -46.59
N ASN E 39 -21.52 -101.59 -45.46
CA ASN E 39 -20.82 -101.01 -44.33
C ASN E 39 -20.08 -99.73 -44.71
N VAL E 40 -20.83 -98.77 -45.22
CA VAL E 40 -20.30 -97.43 -45.52
C VAL E 40 -21.21 -96.40 -44.87
N PRO E 41 -20.65 -95.39 -44.21
CA PRO E 41 -21.47 -94.48 -43.41
C PRO E 41 -22.03 -93.30 -44.21
N ASN E 42 -22.97 -92.63 -43.56
CA ASN E 42 -23.62 -91.47 -44.11
C ASN E 42 -22.64 -90.36 -44.44
N LEU E 43 -21.51 -90.29 -43.73
CA LEU E 43 -20.50 -89.29 -44.05
C LEU E 43 -19.96 -89.49 -45.46
N HIS E 44 -19.52 -90.71 -45.77
CA HIS E 44 -19.04 -90.99 -47.11
C HIS E 44 -20.15 -90.83 -48.14
N VAL E 45 -21.38 -91.24 -47.81
CA VAL E 45 -22.48 -91.08 -48.75
C VAL E 45 -22.67 -89.60 -49.10
N MET E 46 -22.76 -88.74 -48.08
CA MET E 46 -23.04 -87.33 -48.33
C MET E 46 -21.85 -86.62 -48.99
N LYS E 47 -20.62 -87.05 -48.72
CA LYS E 47 -19.49 -86.44 -49.40
C LYS E 47 -19.43 -86.83 -50.88
N ALA E 48 -19.72 -88.09 -51.20
CA ALA E 48 -19.81 -88.47 -52.61
C ALA E 48 -20.91 -87.69 -53.30
N MET E 49 -22.04 -87.50 -52.62
CA MET E 49 -23.12 -86.72 -53.22
C MET E 49 -22.73 -85.26 -53.42
N GLN E 50 -21.99 -84.67 -52.49
CA GLN E 50 -21.59 -83.28 -52.71
C GLN E 50 -20.59 -83.17 -53.85
N SER E 51 -19.73 -84.18 -54.04
CA SER E 51 -18.86 -84.18 -55.21
C SER E 51 -19.68 -84.23 -56.49
N LEU E 52 -20.70 -85.09 -56.52
CA LEU E 52 -21.56 -85.16 -57.70
C LEU E 52 -22.29 -83.84 -57.94
N LYS E 53 -22.75 -83.19 -56.87
CA LYS E 53 -23.48 -81.93 -57.02
C LYS E 53 -22.56 -80.83 -57.54
N SER E 54 -21.35 -80.72 -56.98
CA SER E 54 -20.41 -79.72 -57.46
C SER E 54 -19.97 -79.98 -58.88
N ARG E 55 -19.95 -81.25 -59.31
CA ARG E 55 -19.68 -81.57 -60.70
C ARG E 55 -20.93 -81.52 -61.56
N GLY E 56 -22.08 -81.22 -60.98
CA GLY E 56 -23.27 -80.99 -61.76
C GLY E 56 -24.01 -82.22 -62.19
N TYR E 57 -23.81 -83.34 -61.52
CA TYR E 57 -24.47 -84.59 -61.86
C TYR E 57 -25.71 -84.87 -61.02
N VAL E 58 -26.09 -83.97 -60.11
CA VAL E 58 -27.20 -84.21 -59.21
C VAL E 58 -27.68 -82.87 -58.67
N LYS E 59 -28.98 -82.79 -58.39
CA LYS E 59 -29.59 -81.60 -57.82
C LYS E 59 -29.87 -81.83 -56.34
N GLU E 60 -29.41 -80.92 -55.50
CA GLU E 60 -29.49 -81.09 -54.06
C GLU E 60 -30.62 -80.26 -53.48
N GLN E 61 -31.49 -80.91 -52.71
CA GLN E 61 -32.53 -80.24 -51.96
C GLN E 61 -32.40 -80.63 -50.50
N PHE E 62 -32.59 -79.65 -49.61
CA PHE E 62 -32.38 -79.86 -48.18
C PHE E 62 -33.58 -79.32 -47.40
N ALA E 63 -34.42 -80.24 -46.92
CA ALA E 63 -35.43 -79.94 -45.91
C ALA E 63 -34.78 -80.01 -44.54
N TRP E 64 -35.61 -80.17 -43.50
CA TRP E 64 -35.20 -80.01 -42.10
C TRP E 64 -33.82 -80.57 -41.77
N ARG E 65 -33.64 -81.87 -41.94
CA ARG E 65 -32.33 -82.47 -41.66
C ARG E 65 -31.98 -83.57 -42.65
N HIS E 66 -32.47 -83.47 -43.88
CA HIS E 66 -32.26 -84.52 -44.85
C HIS E 66 -31.95 -83.91 -46.21
N PHE E 67 -31.11 -84.61 -46.99
CA PHE E 67 -30.84 -84.28 -48.37
C PHE E 67 -31.63 -85.21 -49.28
N TYR E 68 -32.04 -84.69 -50.43
CA TYR E 68 -32.95 -85.36 -51.35
C TYR E 68 -32.43 -85.28 -52.78
N TRP E 69 -31.19 -85.70 -52.98
CA TRP E 69 -30.52 -85.55 -54.27
C TRP E 69 -31.30 -86.21 -55.41
N TYR E 70 -31.45 -85.49 -56.52
CA TYR E 70 -32.14 -85.96 -57.72
C TYR E 70 -31.13 -86.10 -58.84
N LEU E 71 -31.05 -87.29 -59.43
CA LEU E 71 -30.10 -87.53 -60.51
C LEU E 71 -30.51 -86.79 -61.77
N THR E 72 -29.52 -86.20 -62.45
CA THR E 72 -29.72 -85.47 -63.70
C THR E 72 -29.28 -86.33 -64.88
N ASN E 73 -29.50 -85.80 -66.09
CA ASN E 73 -29.07 -86.52 -67.28
C ASN E 73 -27.56 -86.45 -67.46
N GLU E 74 -26.97 -85.31 -67.13
CA GLU E 74 -25.51 -85.18 -67.11
C GLU E 74 -24.91 -86.20 -66.16
N GLY E 75 -25.61 -86.53 -65.08
CA GLY E 75 -25.21 -87.59 -64.19
C GLY E 75 -25.55 -88.96 -64.72
N ILE E 76 -26.60 -89.06 -65.54
CA ILE E 76 -26.94 -90.34 -66.17
C ILE E 76 -25.79 -90.81 -67.04
N GLN E 77 -25.29 -89.92 -67.91
CA GLN E 77 -24.16 -90.28 -68.76
C GLN E 77 -22.91 -90.58 -67.94
N TYR E 78 -22.66 -89.79 -66.89
CA TYR E 78 -21.47 -89.98 -66.09
C TYR E 78 -21.50 -91.31 -65.35
N LEU E 79 -22.64 -91.66 -64.75
CA LEU E 79 -22.77 -92.95 -64.10
C LEU E 79 -22.69 -94.08 -65.11
N ARG E 80 -23.24 -93.88 -66.31
CA ARG E 80 -23.15 -94.91 -67.34
C ARG E 80 -21.69 -95.22 -67.66
N ASP E 81 -20.89 -94.18 -67.92
CA ASP E 81 -19.50 -94.43 -68.29
C ASP E 81 -18.66 -94.87 -67.10
N TYR E 82 -19.04 -94.47 -65.88
CA TYR E 82 -18.27 -94.88 -64.71
C TYR E 82 -18.55 -96.32 -64.31
N LEU E 83 -19.79 -96.76 -64.41
CA LEU E 83 -20.17 -98.11 -64.04
C LEU E 83 -20.13 -99.07 -65.21
N HIS E 84 -19.79 -98.59 -66.41
CA HIS E 84 -19.66 -99.42 -67.61
C HIS E 84 -20.97 -100.10 -67.98
N LEU E 85 -22.09 -99.51 -67.57
CA LEU E 85 -23.39 -100.07 -67.87
C LEU E 85 -23.73 -99.83 -69.35
N PRO E 86 -24.42 -100.78 -69.99
CA PRO E 86 -24.75 -100.63 -71.40
C PRO E 86 -25.75 -99.50 -71.61
N PRO E 87 -25.79 -98.89 -72.81
CA PRO E 87 -26.72 -97.79 -73.08
C PRO E 87 -28.16 -98.26 -73.28
N GLU E 88 -28.62 -99.14 -72.39
CA GLU E 88 -29.96 -99.69 -72.45
C GLU E 88 -30.66 -99.70 -71.11
N ILE E 89 -29.93 -99.66 -70.00
CA ILE E 89 -30.50 -99.73 -68.65
C ILE E 89 -30.58 -98.32 -68.08
N VAL E 90 -31.76 -97.95 -67.58
CA VAL E 90 -31.99 -96.62 -67.04
C VAL E 90 -32.63 -96.76 -65.66
N PRO E 91 -32.50 -95.75 -64.81
CA PRO E 91 -33.14 -95.80 -63.50
C PRO E 91 -34.66 -95.81 -63.58
N ALA E 92 -35.28 -96.30 -62.51
CA ALA E 92 -36.73 -96.44 -62.47
C ALA E 92 -37.42 -95.09 -62.53
N THR E 93 -36.84 -94.07 -61.89
CA THR E 93 -37.39 -92.73 -62.00
C THR E 93 -37.36 -92.23 -63.43
N LEU E 94 -36.27 -92.51 -64.16
CA LEU E 94 -36.19 -92.08 -65.55
C LEU E 94 -37.20 -92.81 -66.42
N ARG E 95 -37.38 -94.12 -66.18
CA ARG E 95 -38.36 -94.89 -66.94
C ARG E 95 -39.01 -95.92 -66.03
N ARG E 96 -40.35 -95.91 -65.99
CA ARG E 96 -41.11 -96.90 -65.25
C ARG E 96 -41.83 -97.80 -66.27
N SER E 97 -41.23 -98.97 -66.53
CA SER E 97 -41.81 -100.01 -67.37
C SER E 97 -42.04 -99.57 -68.82
N ARG E 98 -41.65 -98.35 -69.15
CA ARG E 98 -41.93 -97.79 -70.48
C ARG E 98 -40.76 -96.96 -70.98
N VAL F 1 0.27 -112.01 -85.54
CA VAL F 1 0.38 -111.53 -84.17
C VAL F 1 -0.63 -110.42 -83.93
N MET F 2 -1.23 -109.92 -85.01
CA MET F 2 -2.24 -108.87 -84.88
C MET F 2 -3.48 -109.37 -84.14
N ASP F 3 -3.91 -110.60 -84.45
CA ASP F 3 -5.07 -111.17 -83.76
C ASP F 3 -4.79 -111.33 -82.28
N VAL F 4 -3.60 -111.80 -81.92
CA VAL F 4 -3.24 -111.95 -80.51
C VAL F 4 -3.11 -110.59 -79.83
N ASN F 5 -2.61 -109.59 -80.56
CA ASN F 5 -2.50 -108.25 -80.00
C ASN F 5 -3.87 -107.65 -79.71
N THR F 6 -4.80 -107.80 -80.65
CA THR F 6 -6.18 -107.35 -80.41
C THR F 6 -6.84 -108.15 -79.30
N ALA F 7 -6.52 -109.44 -79.21
CA ALA F 7 -7.05 -110.26 -78.12
C ALA F 7 -6.57 -109.75 -76.77
N LEU F 8 -5.28 -109.44 -76.66
CA LEU F 8 -4.75 -108.87 -75.42
C LEU F 8 -5.38 -107.52 -75.13
N GLN F 9 -5.59 -106.69 -76.17
CA GLN F 9 -6.25 -105.41 -75.99
C GLN F 9 -7.64 -105.57 -75.39
N GLU F 10 -8.44 -106.49 -75.95
CA GLU F 10 -9.80 -106.64 -75.44
C GLU F 10 -9.80 -107.31 -74.08
N VAL F 11 -8.82 -108.17 -73.79
CA VAL F 11 -8.69 -108.72 -72.44
C VAL F 11 -8.43 -107.62 -71.43
N LEU F 12 -7.54 -106.68 -71.78
CA LEU F 12 -7.30 -105.55 -70.89
C LEU F 12 -8.54 -104.68 -70.73
N LYS F 13 -9.30 -104.50 -71.82
CA LYS F 13 -10.53 -103.72 -71.72
C LYS F 13 -11.56 -104.40 -70.82
N THR F 14 -11.69 -105.72 -70.94
CA THR F 14 -12.59 -106.45 -70.05
C THR F 14 -12.10 -106.42 -68.61
N ALA F 15 -10.79 -106.40 -68.41
CA ALA F 15 -10.24 -106.24 -67.07
C ALA F 15 -10.50 -104.84 -66.52
N LEU F 16 -10.63 -103.84 -67.40
CA LEU F 16 -11.12 -102.54 -66.94
C LEU F 16 -12.57 -102.62 -66.55
N ILE F 17 -13.38 -103.33 -67.35
CA ILE F 17 -14.81 -103.46 -67.07
C ILE F 17 -15.04 -104.10 -65.71
N HIS F 18 -14.37 -105.23 -65.47
CA HIS F 18 -14.42 -105.91 -64.19
C HIS F 18 -13.26 -105.40 -63.32
N ASP F 19 -12.98 -106.12 -62.24
CA ASP F 19 -11.81 -105.84 -61.40
C ASP F 19 -10.83 -107.00 -61.58
N GLY F 20 -10.01 -106.91 -62.62
CA GLY F 20 -9.03 -107.93 -62.90
C GLY F 20 -7.70 -107.40 -63.39
N LEU F 21 -7.32 -106.20 -62.95
CA LEU F 21 -6.13 -105.53 -63.49
C LEU F 21 -4.85 -105.98 -62.79
N ALA F 22 -4.78 -105.79 -61.46
CA ALA F 22 -3.60 -106.14 -60.67
C ALA F 22 -2.35 -105.47 -61.21
N ARG F 23 -2.48 -104.22 -61.65
CA ARG F 23 -1.37 -103.48 -62.20
C ARG F 23 -0.34 -103.16 -61.13
N GLY F 24 0.93 -103.25 -61.49
CA GLY F 24 2.00 -102.93 -60.57
C GLY F 24 2.62 -104.17 -59.94
N ILE F 25 3.83 -103.98 -59.41
CA ILE F 25 4.61 -105.12 -58.91
C ILE F 25 3.93 -105.74 -57.70
N ARG F 26 3.47 -104.91 -56.76
CA ARG F 26 2.90 -105.42 -55.52
C ARG F 26 1.64 -106.24 -55.79
N GLU F 27 0.71 -105.68 -56.57
CA GLU F 27 -0.51 -106.40 -56.89
C GLU F 27 -0.23 -107.63 -57.75
N ALA F 28 0.72 -107.53 -58.67
CA ALA F 28 1.10 -108.68 -59.48
C ALA F 28 1.61 -109.83 -58.63
N ALA F 29 2.53 -109.53 -57.71
CA ALA F 29 3.06 -110.57 -56.82
C ALA F 29 1.97 -111.11 -55.91
N LYS F 30 1.10 -110.23 -55.41
CA LYS F 30 0.03 -110.68 -54.52
C LYS F 30 -0.91 -111.63 -55.22
N ALA F 31 -1.19 -111.39 -56.50
CA ALA F 31 -2.03 -112.34 -57.24
C ALA F 31 -1.27 -113.63 -57.54
N LEU F 32 -0.01 -113.52 -57.97
CA LEU F 32 0.72 -114.68 -58.45
C LEU F 32 1.01 -115.65 -57.32
N ASP F 33 1.41 -115.15 -56.15
CA ASP F 33 1.76 -116.07 -55.07
C ASP F 33 0.54 -116.70 -54.42
N LYS F 34 -0.64 -116.10 -54.57
CA LYS F 34 -1.88 -116.72 -54.14
C LYS F 34 -2.55 -117.49 -55.27
N ARG F 35 -1.91 -117.55 -56.44
CA ARG F 35 -2.29 -118.40 -57.58
C ARG F 35 -3.54 -117.91 -58.29
N GLN F 36 -4.11 -116.78 -57.87
CA GLN F 36 -5.29 -116.22 -58.52
C GLN F 36 -4.87 -115.33 -59.70
N ALA F 37 -4.13 -115.94 -60.61
CA ALA F 37 -3.61 -115.25 -61.78
C ALA F 37 -3.90 -116.08 -63.02
N HIS F 38 -4.09 -115.39 -64.15
CA HIS F 38 -4.38 -116.09 -65.39
C HIS F 38 -3.44 -115.66 -66.51
N LEU F 39 -2.95 -114.42 -66.45
CA LEU F 39 -2.07 -113.94 -67.50
C LEU F 39 -1.17 -112.84 -66.94
N CYS F 40 0.06 -112.77 -67.45
CA CYS F 40 0.99 -111.72 -67.07
C CYS F 40 1.51 -111.04 -68.31
N VAL F 41 1.41 -109.71 -68.35
CA VAL F 41 1.86 -108.91 -69.49
C VAL F 41 2.81 -107.85 -68.96
N LEU F 42 4.04 -107.84 -69.47
CA LEU F 42 5.06 -106.94 -68.98
C LEU F 42 5.72 -106.24 -70.16
N ALA F 43 6.24 -105.05 -69.91
CA ALA F 43 6.94 -104.30 -70.94
C ALA F 43 8.34 -104.86 -71.13
N SER F 44 8.69 -105.16 -72.38
CA SER F 44 10.03 -105.65 -72.71
C SER F 44 11.10 -104.59 -72.53
N ASN F 45 10.71 -103.32 -72.36
CA ASN F 45 11.64 -102.23 -72.09
C ASN F 45 11.57 -101.90 -70.61
N CYS F 46 12.63 -102.23 -69.87
CA CYS F 46 12.71 -101.90 -68.45
C CYS F 46 14.19 -101.92 -68.09
N ASP F 47 14.75 -100.74 -67.78
CA ASP F 47 16.18 -100.65 -67.52
C ASP F 47 16.58 -101.40 -66.26
N GLU F 48 15.69 -101.50 -65.29
CA GLU F 48 16.01 -102.21 -64.06
C GLU F 48 15.99 -103.72 -64.33
N PRO F 49 17.08 -104.43 -64.10
CA PRO F 49 17.13 -105.86 -64.44
C PRO F 49 16.42 -106.75 -63.45
N MET F 50 16.44 -106.36 -62.16
CA MET F 50 15.77 -107.17 -61.15
C MET F 50 14.27 -107.23 -61.39
N TYR F 51 13.70 -106.16 -61.95
CA TYR F 51 12.29 -106.15 -62.32
C TYR F 51 11.94 -107.34 -63.21
N VAL F 52 12.56 -107.39 -64.39
CA VAL F 52 12.24 -108.43 -65.35
C VAL F 52 12.67 -109.79 -64.83
N LYS F 53 13.80 -109.86 -64.11
CA LYS F 53 14.24 -111.14 -63.56
C LYS F 53 13.21 -111.71 -62.60
N LEU F 54 12.73 -110.89 -61.67
CA LEU F 54 11.75 -111.34 -60.69
C LEU F 54 10.45 -111.76 -61.37
N VAL F 55 9.96 -110.95 -62.30
CA VAL F 55 8.65 -111.25 -62.88
C VAL F 55 8.71 -112.53 -63.71
N GLU F 56 9.77 -112.70 -64.52
CA GLU F 56 9.90 -113.95 -65.25
C GLU F 56 10.13 -115.13 -64.32
N ALA F 57 10.82 -114.92 -63.20
CA ALA F 57 11.08 -116.01 -62.27
C ALA F 57 9.77 -116.54 -61.69
N LEU F 58 8.93 -115.66 -61.13
CA LEU F 58 7.73 -116.21 -60.51
C LEU F 58 6.68 -116.61 -61.54
N CYS F 59 6.63 -115.94 -62.70
CA CYS F 59 5.70 -116.36 -63.74
C CYS F 59 6.14 -117.64 -64.43
N ALA F 60 7.39 -118.04 -64.27
CA ALA F 60 7.80 -119.37 -64.72
C ALA F 60 7.59 -120.41 -63.63
N GLU F 61 7.80 -120.04 -62.38
CA GLU F 61 7.61 -120.99 -61.28
C GLU F 61 6.14 -121.34 -61.10
N HIS F 62 5.25 -120.37 -61.27
CA HIS F 62 3.81 -120.64 -61.27
C HIS F 62 3.30 -120.68 -62.70
N GLN F 63 2.30 -121.54 -62.92
CA GLN F 63 1.87 -121.88 -64.29
C GLN F 63 0.96 -120.78 -64.84
N ILE F 64 1.58 -119.67 -65.25
CA ILE F 64 0.87 -118.55 -65.86
C ILE F 64 1.64 -118.10 -67.09
N ASN F 65 0.91 -117.80 -68.16
CA ASN F 65 1.52 -117.29 -69.38
C ASN F 65 2.09 -115.90 -69.17
N LEU F 66 3.15 -115.59 -69.92
CA LEU F 66 3.85 -114.32 -69.85
C LEU F 66 4.01 -113.77 -71.26
N ILE F 67 3.71 -112.48 -71.43
CA ILE F 67 3.76 -111.84 -72.73
C ILE F 67 4.50 -110.50 -72.60
N LYS F 68 5.46 -110.27 -73.50
CA LYS F 68 6.18 -109.01 -73.55
C LYS F 68 5.51 -108.05 -74.52
N VAL F 69 5.25 -106.84 -74.06
CA VAL F 69 4.69 -105.78 -74.89
C VAL F 69 5.82 -104.82 -75.23
N ASP F 70 5.63 -104.08 -76.32
CA ASP F 70 6.71 -103.24 -76.85
C ASP F 70 7.00 -102.04 -75.95
N ASP F 71 5.97 -101.46 -75.32
CA ASP F 71 6.12 -100.17 -74.67
C ASP F 71 5.37 -100.12 -73.35
N ASN F 72 6.07 -99.62 -72.32
CA ASN F 72 5.47 -99.50 -71.00
C ASN F 72 4.37 -98.45 -70.97
N LYS F 73 4.57 -97.33 -71.68
CA LYS F 73 3.51 -96.33 -71.75
C LYS F 73 2.30 -96.86 -72.51
N LYS F 74 2.54 -97.66 -73.55
CA LYS F 74 1.43 -98.30 -74.26
C LYS F 74 0.67 -99.24 -73.34
N LEU F 75 1.40 -100.01 -72.53
CA LEU F 75 0.74 -100.90 -71.57
C LEU F 75 -0.07 -100.11 -70.56
N GLY F 76 0.49 -99.01 -70.05
CA GLY F 76 -0.25 -98.17 -69.12
C GLY F 76 -1.49 -97.56 -69.74
N GLU F 77 -1.40 -97.17 -71.02
CA GLU F 77 -2.55 -96.64 -71.72
C GLU F 77 -3.63 -97.70 -71.88
N TRP F 78 -3.24 -98.93 -72.24
CA TRP F 78 -4.22 -99.99 -72.42
C TRP F 78 -4.86 -100.38 -71.09
N VAL F 79 -4.10 -100.31 -70.00
CA VAL F 79 -4.65 -100.58 -68.66
C VAL F 79 -5.38 -99.37 -68.10
N GLY F 80 -5.29 -98.23 -68.75
CA GLY F 80 -6.07 -97.07 -68.35
C GLY F 80 -5.37 -96.14 -67.39
N LEU F 81 -4.04 -96.08 -67.42
CA LEU F 81 -3.30 -95.20 -66.54
C LEU F 81 -3.05 -93.85 -67.21
N CYS F 82 -4.14 -93.24 -67.66
CA CYS F 82 -4.08 -92.00 -68.39
C CYS F 82 -5.13 -91.00 -67.88
N LYS F 83 -5.29 -89.89 -68.59
CA LYS F 83 -6.27 -88.87 -68.21
C LYS F 83 -7.68 -89.20 -68.68
N ILE F 84 -7.84 -90.26 -69.47
CA ILE F 84 -9.12 -90.65 -70.07
C ILE F 84 -9.67 -89.48 -70.86
N ASP F 85 -8.81 -88.81 -71.62
CA ASP F 85 -9.21 -87.65 -72.41
C ASP F 85 -8.56 -87.71 -73.79
N ARG F 86 -8.58 -88.88 -74.42
CA ARG F 86 -7.93 -89.07 -75.71
C ARG F 86 -8.63 -88.32 -76.84
N GLU F 87 -9.85 -87.82 -76.62
CA GLU F 87 -10.56 -87.10 -77.67
C GLU F 87 -9.89 -85.78 -78.00
N GLY F 88 -9.19 -85.18 -77.04
CA GLY F 88 -8.54 -83.90 -77.28
C GLY F 88 -7.20 -83.74 -76.61
N LYS F 89 -6.63 -84.85 -76.12
CA LYS F 89 -5.35 -84.77 -75.43
C LYS F 89 -4.67 -86.12 -75.45
N PRO F 90 -3.34 -86.18 -75.59
CA PRO F 90 -2.63 -87.46 -75.45
C PRO F 90 -2.75 -88.07 -74.06
N ARG F 91 -3.21 -87.31 -73.07
CA ARG F 91 -3.47 -87.75 -71.69
C ARG F 91 -2.18 -87.99 -70.93
N LYS F 92 -2.16 -87.62 -69.65
CA LYS F 92 -1.00 -87.83 -68.81
C LYS F 92 -0.86 -89.33 -68.52
N VAL F 93 0.20 -89.95 -69.05
CA VAL F 93 0.39 -91.38 -68.99
C VAL F 93 1.62 -91.68 -68.15
N VAL F 94 1.49 -92.59 -67.20
CA VAL F 94 2.57 -92.96 -66.32
C VAL F 94 3.15 -94.30 -66.75
N GLY F 95 4.29 -94.66 -66.17
CA GLY F 95 4.95 -95.89 -66.51
C GLY F 95 4.37 -97.11 -65.81
N CYS F 96 3.68 -97.95 -66.56
CA CYS F 96 3.20 -99.24 -66.07
C CYS F 96 3.82 -100.32 -66.93
N SER F 97 4.63 -101.18 -66.31
CA SER F 97 5.41 -102.17 -67.05
C SER F 97 5.12 -103.61 -66.62
N CYS F 98 4.04 -103.82 -65.88
CA CYS F 98 3.62 -105.19 -65.54
C CYS F 98 2.17 -105.16 -65.07
N VAL F 99 1.36 -106.06 -65.63
CA VAL F 99 -0.02 -106.26 -65.20
C VAL F 99 -0.31 -107.75 -65.20
N VAL F 100 -1.28 -108.16 -64.39
CA VAL F 100 -1.67 -109.55 -64.27
C VAL F 100 -3.18 -109.63 -64.42
N VAL F 101 -3.64 -110.15 -65.56
CA VAL F 101 -5.06 -110.43 -65.73
C VAL F 101 -5.43 -111.62 -64.88
N LYS F 102 -6.45 -111.44 -64.04
CA LYS F 102 -6.76 -112.40 -62.98
C LYS F 102 -8.25 -112.72 -62.88
N ASP F 103 -9.08 -112.23 -63.78
CA ASP F 103 -10.52 -112.44 -63.66
C ASP F 103 -11.11 -113.25 -64.81
N TYR F 104 -10.86 -112.86 -66.06
CA TYR F 104 -11.55 -113.41 -67.23
C TYR F 104 -13.06 -113.42 -67.03
N GLY F 105 -13.60 -112.22 -66.79
CA GLY F 105 -15.04 -112.09 -66.66
C GLY F 105 -15.76 -112.33 -67.98
N LYS F 106 -15.18 -111.86 -69.08
CA LYS F 106 -15.77 -111.99 -70.41
C LYS F 106 -14.78 -112.65 -71.34
N GLU F 107 -15.24 -113.66 -72.08
CA GLU F 107 -14.41 -114.42 -73.02
C GLU F 107 -14.91 -114.18 -74.43
N SER F 108 -14.25 -113.27 -75.15
CA SER F 108 -14.50 -113.08 -76.57
C SER F 108 -13.29 -113.45 -77.41
N GLN F 109 -12.14 -112.81 -77.18
CA GLN F 109 -10.87 -113.25 -77.73
C GLN F 109 -9.95 -113.78 -76.63
N ALA F 110 -10.46 -113.89 -75.41
CA ALA F 110 -9.75 -114.65 -74.39
C ALA F 110 -9.54 -116.09 -74.82
N LYS F 111 -10.44 -116.61 -75.66
CA LYS F 111 -10.20 -117.90 -76.28
C LYS F 111 -8.96 -117.88 -77.17
N ASP F 112 -8.76 -116.77 -77.92
CA ASP F 112 -7.53 -116.63 -78.70
C ASP F 112 -6.30 -116.56 -77.81
N VAL F 113 -6.41 -115.84 -76.68
CA VAL F 113 -5.28 -115.76 -75.75
C VAL F 113 -4.95 -117.14 -75.18
N ILE F 114 -5.98 -117.90 -74.80
CA ILE F 114 -5.78 -119.23 -74.24
C ILE F 114 -5.20 -120.17 -75.29
N GLU F 115 -5.62 -120.03 -76.54
CA GLU F 115 -5.05 -120.85 -77.61
C GLU F 115 -3.59 -120.51 -77.84
N GLU F 116 -3.23 -119.23 -77.79
CA GLU F 116 -1.84 -118.84 -77.94
C GLU F 116 -1.00 -119.37 -76.78
N TYR F 117 -1.56 -119.34 -75.57
CA TYR F 117 -0.88 -119.92 -74.40
C TYR F 117 -0.70 -121.43 -74.58
N PHE F 118 -1.72 -122.12 -75.09
CA PHE F 118 -1.61 -123.55 -75.36
C PHE F 118 -0.51 -123.83 -76.38
N LYS F 119 -0.47 -123.05 -77.47
CA LYS F 119 0.57 -123.22 -78.48
C LYS F 119 1.95 -122.98 -77.89
N CYS F 120 2.08 -121.95 -77.03
CA CYS F 120 3.37 -121.66 -76.43
C CYS F 120 3.81 -122.79 -75.51
N LYS F 121 2.87 -123.40 -74.80
CA LYS F 121 3.22 -124.50 -73.91
C LYS F 121 3.28 -125.85 -74.62
N LYS F 122 2.98 -125.91 -75.92
CA LYS F 122 3.27 -127.11 -76.71
C LYS F 122 4.76 -127.33 -76.82
N ARG G 1 9.09 -97.40 17.14
CA ARG G 1 8.20 -96.88 18.17
C ARG G 1 7.50 -95.60 17.70
N THR G 2 6.72 -95.72 16.63
CA THR G 2 6.00 -94.55 16.13
C THR G 2 4.91 -94.14 17.10
N PHE G 3 4.70 -92.83 17.22
CA PHE G 3 3.71 -92.31 18.15
C PHE G 3 2.29 -92.69 17.74
N ARG G 4 1.95 -92.46 16.48
CA ARG G 4 0.60 -92.72 15.98
C ARG G 4 0.71 -93.51 14.69
N LYS G 5 0.50 -94.82 14.77
CA LYS G 5 0.44 -95.63 13.57
C LYS G 5 -0.77 -95.25 12.74
N PHE G 6 -0.59 -95.18 11.44
CA PHE G 6 -1.69 -94.86 10.55
C PHE G 6 -2.53 -96.12 10.34
N THR G 7 -3.82 -96.03 10.65
CA THR G 7 -4.77 -97.08 10.37
C THR G 7 -5.97 -96.49 9.66
N TYR G 8 -6.49 -97.21 8.66
CA TYR G 8 -7.63 -96.69 7.93
C TYR G 8 -8.94 -96.96 8.67
N ARG G 9 -9.27 -98.23 8.87
CA ARG G 9 -10.45 -98.60 9.64
C ARG G 9 -10.09 -99.69 10.63
N GLY G 10 -9.00 -99.46 11.37
CA GLY G 10 -8.45 -100.46 12.25
C GLY G 10 -7.42 -101.36 11.62
N VAL G 11 -7.20 -101.25 10.32
CA VAL G 11 -6.17 -102.00 9.60
C VAL G 11 -5.12 -101.00 9.12
N ASP G 12 -3.86 -101.39 9.23
CA ASP G 12 -2.77 -100.48 8.90
C ASP G 12 -2.38 -100.62 7.44
N LEU G 13 -1.36 -99.87 7.03
CA LEU G 13 -0.91 -99.88 5.65
C LEU G 13 -0.43 -101.26 5.21
N ASP G 14 0.11 -102.04 6.16
CA ASP G 14 0.61 -103.37 5.82
C ASP G 14 -0.51 -104.27 5.29
N GLN G 15 -1.67 -104.25 5.95
CA GLN G 15 -2.80 -105.00 5.41
C GLN G 15 -3.44 -104.28 4.22
N LEU G 16 -3.38 -102.94 4.20
CA LEU G 16 -4.01 -102.21 3.11
C LEU G 16 -3.35 -102.53 1.77
N LEU G 17 -2.03 -102.66 1.75
CA LEU G 17 -1.34 -102.95 0.50
C LEU G 17 -1.70 -104.31 -0.07
N ASP G 18 -1.74 -105.35 0.77
CA ASP G 18 -1.93 -106.70 0.30
C ASP G 18 -3.38 -107.18 0.38
N MET G 19 -4.31 -106.34 0.81
CA MET G 19 -5.72 -106.69 0.76
C MET G 19 -6.29 -106.41 -0.62
N SER G 20 -7.19 -107.29 -1.07
CA SER G 20 -7.75 -107.19 -2.41
C SER G 20 -8.87 -106.16 -2.46
N TYR G 21 -9.34 -105.90 -3.68
CA TYR G 21 -10.41 -104.92 -3.89
C TYR G 21 -11.69 -105.33 -3.19
N GLU G 22 -12.02 -106.62 -3.21
CA GLU G 22 -13.28 -107.07 -2.67
C GLU G 22 -13.37 -106.83 -1.16
N GLN G 23 -12.30 -107.12 -0.43
CA GLN G 23 -12.28 -106.79 0.99
C GLN G 23 -12.08 -105.31 1.23
N LEU G 24 -11.45 -104.60 0.28
CA LEU G 24 -11.30 -103.16 0.40
C LEU G 24 -12.62 -102.44 0.21
N MET G 25 -13.60 -103.09 -0.42
CA MET G 25 -14.94 -102.52 -0.56
C MET G 25 -15.54 -102.19 0.79
N GLN G 26 -15.44 -103.12 1.74
CA GLN G 26 -15.99 -102.90 3.07
C GLN G 26 -15.16 -101.92 3.89
N LEU G 27 -13.98 -101.56 3.41
CA LEU G 27 -13.18 -100.54 4.08
C LEU G 27 -13.50 -99.14 3.57
N TYR G 28 -13.68 -98.99 2.26
CA TYR G 28 -14.04 -97.70 1.71
C TYR G 28 -15.45 -97.28 2.11
N SER G 29 -15.74 -96.00 1.88
CA SER G 29 -17.06 -95.45 2.11
C SER G 29 -18.02 -95.92 1.02
N ALA G 30 -19.26 -95.41 1.09
CA ALA G 30 -20.28 -95.83 0.13
C ALA G 30 -19.91 -95.41 -1.29
N ARG G 31 -19.42 -94.17 -1.45
CA ARG G 31 -19.12 -93.67 -2.79
C ARG G 31 -17.97 -94.44 -3.43
N GLN G 32 -16.88 -94.62 -2.68
CA GLN G 32 -15.74 -95.34 -3.24
C GLN G 32 -16.07 -96.81 -3.45
N ARG G 33 -16.88 -97.39 -2.56
CA ARG G 33 -17.30 -98.77 -2.74
C ARG G 33 -18.11 -98.94 -4.01
N ARG G 34 -19.04 -98.02 -4.27
CA ARG G 34 -19.81 -98.08 -5.52
C ARG G 34 -18.91 -97.86 -6.73
N ARG G 35 -17.96 -96.92 -6.63
CA ARG G 35 -17.06 -96.65 -7.74
C ARG G 35 -16.22 -97.87 -8.09
N LEU G 36 -15.74 -98.58 -7.07
CA LEU G 36 -14.95 -99.77 -7.32
C LEU G 36 -15.83 -100.94 -7.77
N ASN G 37 -17.07 -100.99 -7.28
CA ASN G 37 -18.01 -102.03 -7.72
C ASN G 37 -18.27 -101.91 -9.21
N ARG G 38 -18.52 -100.68 -9.68
CA ARG G 38 -18.53 -100.44 -11.11
C ARG G 38 -17.12 -100.58 -11.65
N GLY G 39 -17.02 -101.07 -12.89
CA GLY G 39 -15.72 -101.41 -13.46
C GLY G 39 -14.77 -100.25 -13.58
N LEU G 40 -13.56 -100.40 -13.03
CA LEU G 40 -12.51 -99.40 -13.19
C LEU G 40 -12.00 -99.47 -14.62
N ARG G 41 -11.89 -98.32 -15.27
CA ARG G 41 -11.71 -98.31 -16.71
C ARG G 41 -10.23 -98.35 -17.09
N ARG G 42 -10.01 -98.47 -18.41
CA ARG G 42 -8.68 -98.72 -18.93
C ARG G 42 -7.74 -97.56 -18.68
N LYS G 43 -8.25 -96.33 -18.67
CA LYS G 43 -7.38 -95.18 -18.44
C LYS G 43 -6.82 -95.20 -17.02
N GLN G 44 -7.69 -95.47 -16.02
CA GLN G 44 -7.20 -95.58 -14.65
C GLN G 44 -6.27 -96.78 -14.49
N HIS G 45 -6.56 -97.88 -15.18
CA HIS G 45 -5.67 -99.03 -15.12
C HIS G 45 -4.29 -98.67 -15.66
N SER G 46 -4.24 -97.94 -16.77
CA SER G 46 -2.97 -97.55 -17.34
C SER G 46 -2.21 -96.61 -16.42
N LEU G 47 -2.93 -95.67 -15.79
CA LEU G 47 -2.27 -94.78 -14.83
C LEU G 47 -1.70 -95.55 -13.65
N LEU G 48 -2.46 -96.52 -13.13
CA LEU G 48 -1.97 -97.34 -12.03
C LEU G 48 -0.75 -98.15 -12.45
N LYS G 49 -0.78 -98.71 -13.66
CA LYS G 49 0.35 -99.48 -14.15
C LYS G 49 1.59 -98.62 -14.31
N ARG G 50 1.42 -97.40 -14.83
CA ARG G 50 2.55 -96.49 -14.97
C ARG G 50 3.10 -96.08 -13.61
N LEU G 51 2.21 -95.87 -12.64
CA LEU G 51 2.66 -95.56 -11.29
C LEU G 51 3.42 -96.71 -10.67
N ARG G 52 2.97 -97.94 -10.89
CA ARG G 52 3.69 -99.10 -10.39
C ARG G 52 5.06 -99.20 -11.03
N LYS G 53 5.14 -98.94 -12.34
CA LYS G 53 6.43 -98.95 -13.02
C LYS G 53 7.37 -97.90 -12.44
N ALA G 54 6.87 -96.69 -12.22
CA ALA G 54 7.69 -95.63 -11.67
C ALA G 54 8.17 -95.98 -10.26
N LYS G 55 7.28 -96.53 -9.43
CA LYS G 55 7.66 -96.91 -8.08
C LYS G 55 8.69 -98.02 -8.10
N LYS G 56 8.57 -98.98 -9.03
CA LYS G 56 9.55 -100.05 -9.12
C LYS G 56 10.92 -99.52 -9.54
N GLU G 57 10.95 -98.71 -10.59
CA GLU G 57 12.23 -98.23 -11.12
C GLU G 57 12.76 -97.03 -10.36
N ALA G 58 12.06 -96.59 -9.31
CA ALA G 58 12.54 -95.48 -8.50
C ALA G 58 13.85 -95.85 -7.80
N PRO G 59 14.75 -94.87 -7.62
CA PRO G 59 15.99 -95.15 -6.90
C PRO G 59 15.70 -95.47 -5.44
N PRO G 60 16.55 -96.29 -4.81
CA PRO G 60 16.30 -96.67 -3.42
C PRO G 60 16.45 -95.48 -2.48
N MET G 61 15.62 -95.48 -1.43
CA MET G 61 15.60 -94.44 -0.41
C MET G 61 15.39 -93.04 -1.02
N GLU G 62 14.70 -93.00 -2.16
CA GLU G 62 14.50 -91.75 -2.89
C GLU G 62 13.06 -91.72 -3.40
N LYS G 63 12.46 -90.54 -3.40
CA LYS G 63 11.11 -90.40 -3.90
C LYS G 63 11.07 -90.65 -5.40
N PRO G 64 10.01 -91.28 -5.91
CA PRO G 64 9.96 -91.59 -7.34
C PRO G 64 9.70 -90.33 -8.16
N GLU G 65 9.96 -90.47 -9.46
CA GLU G 65 9.65 -89.40 -10.40
C GLU G 65 8.15 -89.21 -10.50
N VAL G 66 7.74 -88.01 -10.87
CA VAL G 66 6.32 -87.66 -10.90
C VAL G 66 5.69 -88.19 -12.19
N VAL G 67 4.46 -88.65 -12.07
CA VAL G 67 3.66 -89.08 -13.22
C VAL G 67 2.51 -88.10 -13.37
N LYS G 68 2.42 -87.46 -14.53
CA LYS G 68 1.39 -86.48 -14.77
C LYS G 68 0.13 -87.17 -15.29
N THR G 69 -1.03 -86.64 -14.89
CA THR G 69 -2.29 -87.19 -15.36
C THR G 69 -3.37 -86.12 -15.36
N HIS G 70 -4.23 -86.17 -16.39
CA HIS G 70 -5.39 -85.30 -16.44
C HIS G 70 -6.48 -85.77 -15.50
N LEU G 71 -6.72 -87.08 -15.43
CA LEU G 71 -7.85 -87.60 -14.70
C LEU G 71 -7.69 -87.34 -13.22
N ARG G 72 -8.76 -86.87 -12.59
CA ARG G 72 -8.75 -86.51 -11.18
C ARG G 72 -9.84 -87.21 -10.38
N ASP G 73 -10.61 -88.08 -11.01
CA ASP G 73 -11.62 -88.84 -10.31
C ASP G 73 -11.11 -90.20 -9.85
N MET G 74 -9.82 -90.45 -9.97
CA MET G 74 -9.25 -91.70 -9.48
C MET G 74 -9.16 -91.65 -7.96
N ILE G 75 -9.85 -92.57 -7.30
CA ILE G 75 -9.74 -92.67 -5.85
C ILE G 75 -8.36 -93.18 -5.49
N ILE G 76 -7.89 -92.82 -4.30
CA ILE G 76 -6.53 -93.15 -3.89
C ILE G 76 -6.53 -94.56 -3.31
N LEU G 77 -5.97 -95.49 -4.05
CA LEU G 77 -5.80 -96.86 -3.59
C LEU G 77 -4.61 -96.94 -2.63
N PRO G 78 -4.57 -97.95 -1.76
CA PRO G 78 -3.40 -98.12 -0.89
C PRO G 78 -2.11 -98.39 -1.65
N GLU G 79 -2.20 -98.91 -2.88
CA GLU G 79 -0.99 -99.20 -3.64
C GLU G 79 -0.39 -97.95 -4.27
N MET G 80 -1.05 -96.81 -4.19
CA MET G 80 -0.52 -95.56 -4.71
C MET G 80 0.06 -94.68 -3.61
N VAL G 81 0.19 -95.20 -2.40
CA VAL G 81 0.80 -94.43 -1.31
C VAL G 81 2.28 -94.25 -1.58
N GLY G 82 2.77 -93.03 -1.35
CA GLY G 82 4.15 -92.70 -1.57
C GLY G 82 4.49 -92.25 -2.97
N SER G 83 3.51 -92.20 -3.86
CA SER G 83 3.78 -91.82 -5.24
C SER G 83 3.77 -90.31 -5.40
N MET G 84 4.30 -89.86 -6.54
CA MET G 84 4.27 -88.47 -6.95
C MET G 84 3.41 -88.35 -8.20
N VAL G 85 2.27 -87.67 -8.08
CA VAL G 85 1.35 -87.51 -9.20
C VAL G 85 1.16 -86.04 -9.50
N GLY G 86 1.40 -85.65 -10.74
CA GLY G 86 1.06 -84.31 -11.18
C GLY G 86 -0.36 -84.29 -11.69
N VAL G 87 -1.28 -83.85 -10.84
CA VAL G 87 -2.69 -83.82 -11.20
C VAL G 87 -2.95 -82.55 -11.98
N TYR G 88 -3.66 -82.68 -13.10
CA TYR G 88 -3.97 -81.52 -13.92
C TYR G 88 -5.18 -80.79 -13.34
N ASN G 89 -5.02 -79.49 -13.10
CA ASN G 89 -6.08 -78.67 -12.53
C ASN G 89 -6.78 -77.79 -13.56
N GLY G 90 -6.51 -78.00 -14.85
CA GLY G 90 -7.08 -77.21 -15.91
C GLY G 90 -6.07 -76.39 -16.67
N LYS G 91 -5.03 -75.91 -15.99
CA LYS G 91 -3.99 -75.10 -16.61
C LYS G 91 -2.61 -75.70 -16.44
N THR G 92 -2.30 -76.27 -15.28
CA THR G 92 -0.98 -76.82 -14.99
C THR G 92 -1.12 -78.22 -14.43
N PHE G 93 0.03 -78.87 -14.24
CA PHE G 93 0.10 -80.17 -13.57
C PHE G 93 0.67 -79.92 -12.17
N ASN G 94 -0.21 -79.75 -11.20
CA ASN G 94 0.22 -79.53 -9.82
C ASN G 94 0.70 -80.83 -9.21
N GLN G 95 1.92 -80.82 -8.67
CA GLN G 95 2.53 -82.03 -8.17
C GLN G 95 2.06 -82.30 -6.73
N VAL G 96 1.61 -83.52 -6.48
CA VAL G 96 1.11 -83.93 -5.18
C VAL G 96 1.79 -85.24 -4.79
N GLU G 97 2.33 -85.29 -3.58
CA GLU G 97 2.85 -86.51 -3.00
C GLU G 97 1.76 -87.20 -2.21
N ILE G 98 1.45 -88.44 -2.57
CA ILE G 98 0.38 -89.18 -1.90
C ILE G 98 0.86 -89.61 -0.52
N LYS G 99 0.25 -89.05 0.52
CA LYS G 99 0.47 -89.48 1.88
C LYS G 99 -0.40 -90.69 2.18
N PRO G 100 -0.04 -91.47 3.21
CA PRO G 100 -0.87 -92.64 3.54
C PRO G 100 -2.32 -92.31 3.87
N GLU G 101 -2.56 -91.17 4.53
CA GLU G 101 -3.91 -90.81 4.94
C GLU G 101 -4.75 -90.24 3.81
N MET G 102 -4.26 -90.25 2.58
CA MET G 102 -4.99 -89.74 1.44
C MET G 102 -5.91 -90.77 0.81
N ILE G 103 -6.00 -91.98 1.39
CA ILE G 103 -6.62 -93.11 0.71
C ILE G 103 -8.10 -92.85 0.45
N GLY G 104 -8.82 -92.38 1.47
CA GLY G 104 -10.25 -92.20 1.32
C GLY G 104 -10.65 -90.91 0.63
N HIS G 105 -9.97 -90.56 -0.46
CA HIS G 105 -10.24 -89.31 -1.15
C HIS G 105 -9.98 -89.47 -2.63
N TYR G 106 -10.53 -88.55 -3.40
CA TYR G 106 -10.28 -88.50 -4.83
C TYR G 106 -8.93 -87.84 -5.11
N LEU G 107 -8.40 -88.12 -6.30
CA LEU G 107 -7.12 -87.53 -6.69
C LEU G 107 -7.24 -86.03 -6.92
N GLY G 108 -8.42 -85.56 -7.30
CA GLY G 108 -8.59 -84.15 -7.62
C GLY G 108 -8.76 -83.23 -6.45
N GLU G 109 -8.80 -83.75 -5.23
CA GLU G 109 -9.01 -82.92 -4.06
C GLU G 109 -7.76 -82.18 -3.63
N PHE G 110 -6.61 -82.45 -4.25
CA PHE G 110 -5.35 -81.87 -3.81
C PHE G 110 -4.69 -81.01 -4.89
N SER G 111 -5.41 -80.68 -5.95
CA SER G 111 -4.94 -79.75 -6.98
C SER G 111 -6.08 -78.77 -7.23
N ILE G 112 -6.07 -77.66 -6.50
CA ILE G 112 -7.17 -76.70 -6.58
C ILE G 112 -7.23 -76.10 -7.98
N THR G 113 -8.45 -75.90 -8.48
CA THR G 113 -8.65 -75.45 -9.85
C THR G 113 -8.73 -73.93 -9.98
N TYR G 114 -8.56 -73.20 -8.88
CA TYR G 114 -8.72 -71.77 -8.87
C TYR G 114 -7.80 -71.16 -7.82
N LYS G 115 -7.45 -69.91 -8.02
CA LYS G 115 -6.74 -69.42 -6.85
C LYS G 115 -7.69 -68.65 -5.95
N PRO G 116 -7.46 -68.70 -4.63
CA PRO G 116 -8.38 -68.04 -3.70
C PRO G 116 -8.43 -66.53 -3.93
N VAL G 117 -9.60 -65.96 -3.68
CA VAL G 117 -9.85 -64.57 -4.02
C VAL G 117 -9.30 -63.65 -2.93
N LYS G 118 -8.58 -62.62 -3.36
CA LYS G 118 -8.12 -61.55 -2.49
C LYS G 118 -8.78 -60.27 -2.97
N HIS G 119 -9.78 -59.80 -2.22
CA HIS G 119 -10.63 -58.72 -2.69
C HIS G 119 -9.88 -57.40 -2.69
N GLY G 120 -9.95 -56.68 -3.80
CA GLY G 120 -9.41 -55.35 -3.92
C GLY G 120 -10.47 -54.29 -3.78
N ARG G 121 -10.20 -53.13 -4.38
CA ARG G 121 -11.16 -52.02 -4.32
C ARG G 121 -12.27 -52.25 -5.34
N PRO G 122 -13.52 -52.33 -4.92
CA PRO G 122 -14.62 -52.42 -5.89
C PRO G 122 -14.74 -51.16 -6.73
N GLY G 123 -15.23 -51.34 -7.95
CA GLY G 123 -15.31 -50.25 -8.90
C GLY G 123 -16.65 -49.56 -8.94
N ILE G 124 -17.45 -49.84 -9.97
CA ILE G 124 -18.74 -49.20 -10.15
C ILE G 124 -19.84 -50.06 -9.55
N GLY G 125 -19.45 -51.03 -8.72
CA GLY G 125 -20.42 -51.85 -8.02
C GLY G 125 -20.77 -51.28 -6.65
N ALA G 126 -22.01 -51.55 -6.23
CA ALA G 126 -22.54 -51.07 -4.95
C ALA G 126 -22.48 -49.55 -4.86
N THR G 127 -23.23 -48.90 -5.76
CA THR G 127 -23.26 -47.44 -5.82
C THR G 127 -24.04 -46.85 -4.65
N SER H 1 -99.04 -100.98 -0.32
CA SER H 1 -98.12 -101.20 0.78
C SER H 1 -96.80 -101.77 0.27
N LYS H 2 -96.85 -102.44 -0.88
CA LYS H 2 -95.69 -103.04 -1.51
C LYS H 2 -95.44 -102.44 -2.88
N GLY H 3 -95.68 -101.14 -3.01
CA GLY H 3 -95.58 -100.45 -4.27
C GLY H 3 -94.17 -100.42 -4.82
N PRO H 4 -93.96 -101.08 -5.96
CA PRO H 4 -92.62 -101.15 -6.53
C PRO H 4 -92.18 -99.81 -7.11
N LEU H 5 -90.87 -99.65 -7.24
CA LEU H 5 -90.25 -98.48 -7.87
C LEU H 5 -90.61 -97.19 -7.14
N GLN H 6 -90.86 -97.27 -5.83
CA GLN H 6 -91.19 -96.08 -5.05
C GLN H 6 -89.89 -95.45 -4.54
N SER H 7 -89.14 -94.89 -5.50
CA SER H 7 -87.82 -94.37 -5.17
C SER H 7 -87.44 -93.26 -6.13
N VAL H 8 -86.57 -92.37 -5.65
CA VAL H 8 -85.99 -91.30 -6.45
C VAL H 8 -84.49 -91.32 -6.24
N GLN H 9 -83.77 -90.73 -7.19
CA GLN H 9 -82.32 -90.57 -7.10
C GLN H 9 -82.00 -89.14 -7.53
N VAL H 10 -81.67 -88.29 -6.57
CA VAL H 10 -81.49 -86.86 -6.81
C VAL H 10 -80.10 -86.46 -6.38
N PHE H 11 -79.38 -85.76 -7.25
CA PHE H 11 -78.01 -85.37 -6.96
C PHE H 11 -77.94 -83.94 -6.43
N GLY H 12 -76.84 -83.66 -5.75
CA GLY H 12 -76.52 -82.31 -5.32
C GLY H 12 -75.03 -82.09 -5.53
N ARG H 13 -74.68 -80.82 -5.69
CA ARG H 13 -73.32 -80.50 -6.09
C ARG H 13 -72.87 -79.19 -5.46
N LYS H 14 -71.60 -79.13 -5.11
CA LYS H 14 -70.93 -77.86 -4.76
C LYS H 14 -69.44 -78.08 -4.89
N LYS H 15 -68.80 -77.32 -5.79
CA LYS H 15 -67.35 -77.34 -5.98
C LYS H 15 -66.87 -78.76 -6.31
N THR H 16 -67.29 -79.23 -7.48
CA THR H 16 -66.87 -80.50 -8.06
C THR H 16 -67.16 -81.71 -7.17
N ALA H 17 -68.00 -81.55 -6.15
CA ALA H 17 -68.35 -82.62 -5.22
C ALA H 17 -69.79 -83.01 -5.49
N THR H 18 -69.99 -84.22 -6.01
CA THR H 18 -71.32 -84.71 -6.33
C THR H 18 -71.77 -85.74 -5.31
N ALA H 19 -72.98 -85.57 -4.80
CA ALA H 19 -73.58 -86.48 -3.84
C ALA H 19 -74.97 -86.84 -4.32
N VAL H 20 -75.19 -88.10 -4.64
CA VAL H 20 -76.47 -88.60 -5.11
C VAL H 20 -77.20 -89.23 -3.94
N ALA H 21 -78.40 -88.75 -3.65
CA ALA H 21 -79.25 -89.31 -2.61
C ALA H 21 -80.27 -90.23 -3.26
N HIS H 22 -80.26 -91.49 -2.85
CA HIS H 22 -81.25 -92.49 -3.24
C HIS H 22 -82.27 -92.55 -2.12
N CYS H 23 -83.48 -92.07 -2.40
CA CYS H 23 -84.55 -92.05 -1.43
C CYS H 23 -85.61 -93.07 -1.81
N LYS H 24 -86.10 -93.80 -0.82
CA LYS H 24 -87.03 -94.90 -1.06
C LYS H 24 -88.09 -94.91 0.02
N ARG H 25 -89.22 -95.54 -0.28
CA ARG H 25 -90.22 -95.78 0.74
C ARG H 25 -89.71 -96.78 1.75
N GLY H 26 -89.97 -96.52 3.03
CA GLY H 26 -89.55 -97.43 4.08
C GLY H 26 -89.54 -96.72 5.42
N ASN H 27 -88.87 -97.34 6.38
CA ASN H 27 -88.75 -96.74 7.70
C ASN H 27 -87.83 -95.52 7.64
N GLY H 28 -87.98 -94.65 8.64
CA GLY H 28 -87.13 -93.47 8.71
C GLY H 28 -85.68 -93.84 8.94
N LEU H 29 -84.86 -93.66 7.91
CA LEU H 29 -83.44 -93.99 8.01
C LEU H 29 -82.67 -93.15 7.01
N ILE H 30 -81.51 -92.65 7.43
CA ILE H 30 -80.64 -91.88 6.55
C ILE H 30 -79.19 -92.30 6.78
N LYS H 31 -78.44 -92.44 5.70
CA LYS H 31 -77.06 -92.88 5.76
C LYS H 31 -76.30 -92.29 4.58
N VAL H 32 -75.00 -92.17 4.74
CA VAL H 32 -74.11 -91.73 3.66
C VAL H 32 -72.93 -92.69 3.56
N ASN H 33 -72.67 -93.19 2.35
CA ASN H 33 -71.58 -94.12 2.07
C ASN H 33 -71.61 -95.34 3.00
N GLY H 34 -72.80 -95.72 3.44
CA GLY H 34 -72.95 -96.79 4.39
C GLY H 34 -72.76 -96.39 5.84
N ARG H 35 -72.46 -95.13 6.12
CA ARG H 35 -72.28 -94.68 7.49
C ARG H 35 -73.48 -93.84 7.93
N PRO H 36 -73.80 -93.82 9.22
CA PRO H 36 -74.87 -92.96 9.71
C PRO H 36 -74.52 -91.50 9.51
N LEU H 37 -75.57 -90.68 9.38
CA LEU H 37 -75.35 -89.25 9.16
C LEU H 37 -74.67 -88.60 10.35
N GLU H 38 -74.96 -89.03 11.58
CA GLU H 38 -74.31 -88.46 12.74
C GLU H 38 -72.84 -88.86 12.83
N MET H 39 -72.43 -89.90 12.12
CA MET H 39 -71.05 -90.37 12.14
C MET H 39 -70.28 -89.79 10.97
N ILE H 40 -70.17 -88.46 10.95
CA ILE H 40 -69.42 -87.73 9.93
C ILE H 40 -68.24 -87.04 10.60
N GLU H 41 -67.06 -87.23 10.03
CA GLU H 41 -65.82 -86.91 10.73
C GLU H 41 -65.67 -85.43 11.06
N PRO H 42 -65.91 -84.48 10.13
CA PRO H 42 -65.88 -83.08 10.61
C PRO H 42 -67.17 -82.76 11.38
N ARG H 43 -67.18 -83.15 12.65
CA ARG H 43 -68.34 -82.89 13.51
C ARG H 43 -68.56 -81.41 13.75
N THR H 44 -67.59 -80.55 13.42
CA THR H 44 -67.78 -79.12 13.51
C THR H 44 -68.95 -78.67 12.63
N LEU H 45 -69.13 -79.32 11.48
CA LEU H 45 -70.25 -79.04 10.60
C LEU H 45 -71.35 -80.09 10.70
N GLN H 46 -71.53 -80.67 11.89
CA GLN H 46 -72.61 -81.65 12.06
C GLN H 46 -73.97 -81.00 11.87
N TYR H 47 -74.13 -79.77 12.36
CA TYR H 47 -75.41 -79.08 12.22
C TYR H 47 -75.72 -78.74 10.77
N LYS H 48 -74.70 -78.58 9.92
CA LYS H 48 -74.98 -78.34 8.51
C LYS H 48 -75.71 -79.52 7.88
N LEU H 49 -75.30 -80.74 8.24
CA LEU H 49 -76.01 -81.92 7.75
C LEU H 49 -77.31 -82.15 8.50
N LEU H 50 -77.37 -81.78 9.78
CA LEU H 50 -78.59 -81.94 10.56
C LEU H 50 -79.64 -80.88 10.22
N GLU H 51 -79.27 -79.86 9.45
CA GLU H 51 -80.19 -78.76 9.15
C GLU H 51 -81.49 -79.20 8.48
N PRO H 52 -81.49 -80.05 7.44
CA PRO H 52 -82.79 -80.41 6.84
C PRO H 52 -83.73 -81.14 7.78
N VAL H 53 -83.24 -82.13 8.53
CA VAL H 53 -84.13 -82.86 9.43
C VAL H 53 -84.58 -81.96 10.58
N LEU H 54 -83.70 -81.09 11.07
CA LEU H 54 -84.09 -80.18 12.14
C LEU H 54 -85.15 -79.19 11.68
N LEU H 55 -85.01 -78.67 10.45
CA LEU H 55 -85.99 -77.71 9.96
C LEU H 55 -87.32 -78.37 9.65
N LEU H 56 -87.30 -79.49 8.93
CA LEU H 56 -88.55 -80.05 8.44
C LEU H 56 -89.25 -80.87 9.51
N GLY H 57 -88.51 -81.72 10.22
CA GLY H 57 -89.11 -82.56 11.24
C GLY H 57 -88.89 -84.02 10.98
N LYS H 58 -88.59 -84.77 12.04
CA LYS H 58 -88.36 -86.21 11.90
C LYS H 58 -89.62 -86.93 11.42
N GLU H 59 -90.80 -86.35 11.64
CA GLU H 59 -92.03 -86.97 11.14
C GLU H 59 -92.06 -86.97 9.62
N ARG H 60 -91.55 -85.91 9.00
CA ARG H 60 -91.46 -85.89 7.54
C ARG H 60 -90.51 -86.96 7.03
N PHE H 61 -89.40 -87.17 7.73
CA PHE H 61 -88.40 -88.15 7.35
C PHE H 61 -88.75 -89.56 7.84
N ALA H 62 -89.86 -89.73 8.55
CA ALA H 62 -90.20 -91.02 9.12
C ALA H 62 -90.57 -92.07 8.08
N GLY H 63 -90.77 -91.67 6.83
CA GLY H 63 -91.17 -92.64 5.83
C GLY H 63 -90.21 -92.77 4.67
N VAL H 64 -88.93 -92.46 4.88
CA VAL H 64 -87.95 -92.46 3.81
C VAL H 64 -86.68 -93.18 4.25
N ASP H 65 -86.13 -93.98 3.33
CA ASP H 65 -84.81 -94.59 3.45
C ASP H 65 -83.90 -93.84 2.48
N ILE H 66 -82.93 -93.12 3.02
CA ILE H 66 -82.05 -92.26 2.23
C ILE H 66 -80.63 -92.81 2.31
N ARG H 67 -80.03 -93.06 1.16
CA ARG H 67 -78.63 -93.48 1.06
C ARG H 67 -77.91 -92.54 0.13
N VAL H 68 -76.93 -91.81 0.65
CA VAL H 68 -76.21 -90.79 -0.10
C VAL H 68 -74.84 -91.33 -0.47
N ARG H 69 -74.51 -91.29 -1.75
CA ARG H 69 -73.18 -91.66 -2.24
C ARG H 69 -72.52 -90.39 -2.77
N VAL H 70 -71.37 -90.04 -2.19
CA VAL H 70 -70.71 -88.78 -2.47
C VAL H 70 -69.28 -89.05 -2.89
N LYS H 71 -68.86 -88.47 -4.03
CA LYS H 71 -67.62 -88.89 -4.68
C LYS H 71 -66.85 -87.71 -5.25
N GLY H 72 -66.66 -86.64 -4.48
CA GLY H 72 -65.84 -85.57 -5.02
C GLY H 72 -65.56 -84.48 -4.01
N GLY H 73 -64.72 -83.54 -4.43
CA GLY H 73 -64.45 -82.32 -3.70
C GLY H 73 -63.65 -82.55 -2.42
N GLY H 74 -63.65 -81.53 -1.58
CA GLY H 74 -63.10 -81.61 -0.26
C GLY H 74 -64.17 -81.81 0.80
N HIS H 75 -63.76 -81.67 2.06
CA HIS H 75 -64.62 -82.08 3.18
C HIS H 75 -65.91 -81.29 3.23
N VAL H 76 -65.82 -79.96 3.23
CA VAL H 76 -67.03 -79.18 3.39
C VAL H 76 -67.86 -79.20 2.11
N ALA H 77 -67.22 -79.37 0.95
CA ALA H 77 -67.98 -79.56 -0.28
C ALA H 77 -68.77 -80.86 -0.23
N GLN H 78 -68.17 -81.93 0.30
CA GLN H 78 -68.90 -83.16 0.57
C GLN H 78 -70.11 -82.88 1.46
N ILE H 79 -69.90 -82.12 2.53
CA ILE H 79 -70.99 -81.84 3.48
C ILE H 79 -72.13 -81.12 2.79
N TYR H 80 -71.81 -80.04 2.06
CA TYR H 80 -72.85 -79.24 1.43
C TYR H 80 -73.56 -80.01 0.33
N ALA H 81 -72.81 -80.79 -0.45
CA ALA H 81 -73.44 -81.62 -1.48
C ALA H 81 -74.37 -82.65 -0.86
N ILE H 82 -73.97 -83.24 0.27
CA ILE H 82 -74.82 -84.25 0.91
C ILE H 82 -76.11 -83.62 1.42
N ARG H 83 -76.01 -82.47 2.10
CA ARG H 83 -77.23 -81.85 2.63
C ARG H 83 -78.15 -81.37 1.51
N GLN H 84 -77.57 -80.80 0.45
CA GLN H 84 -78.38 -80.41 -0.70
C GLN H 84 -79.04 -81.61 -1.34
N SER H 85 -78.32 -82.72 -1.45
CA SER H 85 -78.89 -83.93 -2.02
C SER H 85 -80.04 -84.45 -1.18
N ILE H 86 -79.89 -84.44 0.14
CA ILE H 86 -80.96 -84.90 1.03
C ILE H 86 -82.21 -84.05 0.83
N SER H 87 -82.03 -82.73 0.88
CA SER H 87 -83.18 -81.83 0.75
C SER H 87 -83.86 -82.00 -0.60
N LYS H 88 -83.07 -82.03 -1.68
CA LYS H 88 -83.65 -82.12 -3.01
C LYS H 88 -84.29 -83.47 -3.26
N ALA H 89 -83.71 -84.55 -2.74
CA ALA H 89 -84.33 -85.86 -2.88
C ALA H 89 -85.66 -85.91 -2.14
N LEU H 90 -85.73 -85.31 -0.94
CA LEU H 90 -86.99 -85.28 -0.22
C LEU H 90 -88.05 -84.49 -0.99
N VAL H 91 -87.67 -83.32 -1.52
CA VAL H 91 -88.68 -82.52 -2.22
C VAL H 91 -89.09 -83.20 -3.52
N ALA H 92 -88.18 -83.94 -4.17
CA ALA H 92 -88.55 -84.63 -5.40
C ALA H 92 -89.46 -85.82 -5.11
N TYR H 93 -89.18 -86.56 -4.04
CA TYR H 93 -90.04 -87.66 -3.64
C TYR H 93 -91.44 -87.16 -3.31
N TYR H 94 -91.53 -86.06 -2.56
CA TYR H 94 -92.82 -85.47 -2.27
C TYR H 94 -93.48 -84.92 -3.52
N GLN H 95 -92.69 -84.43 -4.48
CA GLN H 95 -93.25 -83.88 -5.70
C GLN H 95 -93.91 -84.96 -6.54
N LYS H 96 -93.24 -86.10 -6.72
CA LYS H 96 -93.77 -87.12 -7.60
C LYS H 96 -94.54 -88.21 -6.88
N TYR H 97 -94.73 -88.10 -5.58
CA TYR H 97 -95.54 -89.13 -4.94
C TYR H 97 -96.71 -88.59 -4.14
N VAL H 98 -96.54 -87.45 -3.47
CA VAL H 98 -97.64 -86.87 -2.69
C VAL H 98 -97.98 -85.50 -3.28
N ASP H 99 -98.93 -84.82 -2.64
CA ASP H 99 -99.50 -83.62 -3.24
C ASP H 99 -98.56 -82.43 -3.19
N GLU H 100 -98.78 -81.50 -4.13
CA GLU H 100 -98.06 -80.24 -4.12
C GLU H 100 -98.43 -79.37 -2.93
N ALA H 101 -99.57 -79.61 -2.29
CA ALA H 101 -99.88 -78.88 -1.05
C ALA H 101 -98.86 -79.16 0.04
N SER H 102 -98.25 -80.35 0.01
CA SER H 102 -97.14 -80.66 0.91
C SER H 102 -95.79 -80.33 0.29
N LYS H 103 -95.66 -80.53 -1.02
CA LYS H 103 -94.40 -80.22 -1.69
C LYS H 103 -94.05 -78.75 -1.55
N LYS H 104 -95.02 -77.86 -1.72
CA LYS H 104 -94.75 -76.43 -1.61
C LYS H 104 -94.43 -76.02 -0.18
N GLU H 105 -95.15 -76.58 0.80
CA GLU H 105 -94.87 -76.19 2.18
C GLU H 105 -93.56 -76.78 2.70
N ILE H 106 -93.00 -77.78 2.02
CA ILE H 106 -91.63 -78.17 2.33
C ILE H 106 -90.63 -77.28 1.62
N LYS H 107 -90.85 -77.06 0.31
CA LYS H 107 -89.90 -76.31 -0.51
C LYS H 107 -89.74 -74.88 -0.02
N ASP H 108 -90.85 -74.22 0.33
CA ASP H 108 -90.76 -72.83 0.75
C ASP H 108 -90.01 -72.68 2.06
N ILE H 109 -90.21 -73.61 3.00
CA ILE H 109 -89.48 -73.55 4.25
C ILE H 109 -87.99 -73.77 4.03
N LEU H 110 -87.65 -74.78 3.20
CA LEU H 110 -86.24 -75.03 2.92
C LEU H 110 -85.58 -73.85 2.23
N ILE H 111 -86.25 -73.28 1.22
CA ILE H 111 -85.64 -72.20 0.45
C ILE H 111 -85.63 -70.91 1.25
N GLN H 112 -86.53 -70.76 2.22
CA GLN H 112 -86.50 -69.57 3.07
C GLN H 112 -85.36 -69.67 4.07
N TYR H 113 -85.17 -70.84 4.67
CA TYR H 113 -84.09 -70.98 5.64
C TYR H 113 -82.72 -70.93 4.98
N ASP H 114 -82.59 -71.53 3.80
CA ASP H 114 -81.31 -71.55 3.11
C ASP H 114 -81.55 -71.85 1.64
N ARG H 115 -81.20 -70.90 0.76
CA ARG H 115 -81.40 -71.12 -0.66
C ARG H 115 -80.50 -72.21 -1.20
N THR H 116 -79.29 -72.36 -0.64
CA THR H 116 -78.37 -73.39 -1.10
C THR H 116 -78.84 -74.79 -0.78
N LEU H 117 -79.88 -74.95 0.05
CA LEU H 117 -80.44 -76.26 0.30
C LEU H 117 -81.23 -76.80 -0.87
N LEU H 118 -81.49 -76.00 -1.90
CA LEU H 118 -82.26 -76.47 -3.04
C LEU H 118 -81.66 -76.11 -4.39
N VAL H 119 -80.84 -75.07 -4.49
CA VAL H 119 -80.24 -74.67 -5.76
C VAL H 119 -78.73 -74.71 -5.62
N ALA H 120 -78.06 -75.13 -6.70
CA ALA H 120 -76.62 -75.33 -6.65
C ALA H 120 -75.89 -74.00 -6.69
N ASP H 121 -74.78 -73.94 -5.99
CA ASP H 121 -73.90 -72.77 -6.07
C ASP H 121 -73.18 -72.82 -7.41
N PRO H 122 -73.36 -71.84 -8.29
CA PRO H 122 -72.78 -71.93 -9.63
C PRO H 122 -71.29 -71.65 -9.69
N ARG H 123 -70.70 -71.14 -8.62
CA ARG H 123 -69.29 -70.74 -8.65
C ARG H 123 -68.40 -71.96 -8.48
N ARG H 124 -67.45 -72.15 -9.39
CA ARG H 124 -66.58 -73.32 -9.35
C ARG H 124 -65.12 -72.95 -9.07
N CYS H 125 -64.48 -72.18 -9.95
CA CYS H 125 -63.06 -71.87 -9.85
C CYS H 125 -62.71 -70.95 -11.00
N GLU H 126 -61.52 -70.36 -10.93
CA GLU H 126 -61.02 -69.50 -11.98
C GLU H 126 -59.65 -69.97 -12.40
N SER H 127 -59.39 -69.95 -13.70
CA SER H 127 -58.15 -70.46 -14.23
C SER H 127 -56.98 -69.54 -13.88
N LYS H 128 -55.83 -70.15 -13.65
CA LYS H 128 -54.60 -69.39 -13.42
C LYS H 128 -54.10 -68.81 -14.74
N LYS H 129 -53.51 -67.62 -14.64
CA LYS H 129 -52.95 -66.96 -15.81
C LYS H 129 -51.43 -66.99 -15.73
N PHE H 130 -50.78 -66.62 -16.83
CA PHE H 130 -49.35 -66.84 -16.99
C PHE H 130 -48.51 -65.66 -16.52
N GLY H 131 -48.97 -64.91 -15.52
CA GLY H 131 -48.15 -63.83 -15.02
C GLY H 131 -48.19 -63.68 -13.51
N GLY H 132 -48.81 -64.64 -12.83
CA GLY H 132 -48.96 -64.57 -11.41
C GLY H 132 -49.22 -65.92 -10.76
N PRO H 133 -49.16 -65.97 -9.43
CA PRO H 133 -49.38 -67.25 -8.75
C PRO H 133 -50.79 -67.79 -8.90
N GLY H 134 -51.79 -66.92 -9.03
CA GLY H 134 -53.16 -67.37 -9.07
C GLY H 134 -53.96 -66.81 -10.24
N ALA H 135 -55.28 -66.81 -10.10
CA ALA H 135 -56.14 -66.35 -11.19
C ALA H 135 -56.06 -64.84 -11.36
N ARG H 136 -56.08 -64.09 -10.26
CA ARG H 136 -56.06 -62.64 -10.33
C ARG H 136 -54.76 -62.02 -9.88
N ALA H 137 -54.05 -62.64 -8.94
CA ALA H 137 -52.82 -62.07 -8.44
C ALA H 137 -51.74 -62.06 -9.52
N ARG H 138 -50.80 -61.13 -9.38
CA ARG H 138 -49.67 -61.01 -10.28
C ARG H 138 -48.38 -61.12 -9.49
N TYR H 139 -47.31 -61.50 -10.19
CA TYR H 139 -46.01 -61.57 -9.56
C TYR H 139 -45.52 -60.17 -9.22
N GLN H 140 -44.75 -60.08 -8.14
CA GLN H 140 -44.22 -58.80 -7.72
C GLN H 140 -43.28 -58.24 -8.79
N LYS H 141 -43.42 -56.96 -9.09
CA LYS H 141 -42.59 -56.31 -10.07
C LYS H 141 -41.67 -55.30 -9.40
N SER H 142 -40.51 -55.07 -10.01
CA SER H 142 -39.49 -54.21 -9.46
C SER H 142 -39.00 -53.25 -10.53
N TYR H 143 -38.71 -52.02 -10.11
CA TYR H 143 -38.34 -50.96 -11.04
C TYR H 143 -36.85 -50.64 -11.04
N ARG H 144 -36.16 -50.86 -9.93
CA ARG H 144 -34.72 -50.63 -9.86
C ARG H 144 -34.00 -51.88 -9.38
N MET I 1 -75.71 -52.89 -15.84
CA MET I 1 -75.21 -51.88 -16.78
C MET I 1 -74.52 -52.54 -17.98
N GLY I 2 -74.04 -51.71 -18.90
CA GLY I 2 -73.38 -52.21 -20.08
C GLY I 2 -74.29 -52.99 -21.01
N ARG I 3 -75.50 -52.48 -21.26
CA ARG I 3 -76.49 -53.17 -22.09
C ARG I 3 -76.85 -52.34 -23.31
N VAL I 4 -75.85 -51.77 -23.97
CA VAL I 4 -76.07 -50.93 -25.13
C VAL I 4 -76.03 -51.79 -26.38
N ARG I 5 -77.03 -51.61 -27.25
CA ARG I 5 -77.15 -52.39 -28.47
C ARG I 5 -76.53 -51.63 -29.63
N THR I 6 -75.77 -52.33 -30.46
CA THR I 6 -74.94 -51.70 -31.47
C THR I 6 -75.68 -51.56 -32.80
N LYS I 7 -74.97 -51.05 -33.81
CA LYS I 7 -75.56 -50.91 -35.13
C LYS I 7 -75.99 -52.26 -35.70
N THR I 8 -75.19 -53.30 -35.47
CA THR I 8 -75.45 -54.60 -36.08
C THR I 8 -76.82 -55.12 -35.66
N VAL I 9 -77.21 -54.91 -34.41
CA VAL I 9 -78.52 -55.36 -33.97
C VAL I 9 -79.59 -54.31 -34.27
N LYS I 10 -79.28 -53.02 -34.12
CA LYS I 10 -80.31 -51.99 -34.26
C LYS I 10 -80.80 -51.87 -35.70
N LYS I 11 -79.87 -51.81 -36.66
CA LYS I 11 -80.26 -51.73 -38.07
C LYS I 11 -81.02 -52.97 -38.50
N ALA I 12 -80.56 -54.14 -38.07
CA ALA I 12 -81.25 -55.38 -38.41
C ALA I 12 -82.65 -55.40 -37.84
N ALA I 13 -82.80 -54.98 -36.59
CA ALA I 13 -84.12 -54.94 -35.97
C ALA I 13 -85.05 -53.98 -36.70
N ARG I 14 -84.54 -52.79 -37.05
CA ARG I 14 -85.36 -51.83 -37.78
C ARG I 14 -85.79 -52.39 -39.14
N VAL I 15 -84.86 -53.03 -39.85
CA VAL I 15 -85.19 -53.55 -41.18
C VAL I 15 -86.23 -54.66 -41.08
N ILE I 16 -86.06 -55.58 -40.13
CA ILE I 16 -87.00 -56.69 -40.05
C ILE I 16 -88.36 -56.22 -39.53
N ILE I 17 -88.37 -55.17 -38.70
CA ILE I 17 -89.66 -54.62 -38.27
C ILE I 17 -90.36 -53.95 -39.44
N GLU I 18 -89.61 -53.24 -40.28
CA GLU I 18 -90.21 -52.64 -41.47
C GLU I 18 -90.77 -53.70 -42.41
N LYS I 19 -90.01 -54.78 -42.62
CA LYS I 19 -90.44 -55.79 -43.59
C LYS I 19 -91.59 -56.64 -43.05
N TYR I 20 -91.55 -57.04 -41.79
CA TYR I 20 -92.47 -58.02 -41.23
C TYR I 20 -93.15 -57.49 -39.98
N TYR I 21 -93.67 -56.26 -40.06
CA TYR I 21 -94.37 -55.69 -38.92
C TYR I 21 -95.62 -56.48 -38.58
N THR I 22 -96.33 -56.97 -39.61
CA THR I 22 -97.58 -57.68 -39.38
C THR I 22 -97.37 -58.97 -38.61
N ARG I 23 -96.35 -59.75 -39.01
CA ARG I 23 -96.09 -61.01 -38.33
C ARG I 23 -95.52 -60.80 -36.93
N LEU I 24 -94.73 -59.76 -36.74
CA LEU I 24 -94.07 -59.52 -35.47
C LEU I 24 -95.09 -59.10 -34.41
N GLY I 25 -94.70 -59.29 -33.15
CA GLY I 25 -95.60 -58.99 -32.05
C GLY I 25 -94.90 -58.58 -30.77
N ASN I 26 -95.61 -58.66 -29.66
CA ASN I 26 -95.11 -58.20 -28.36
C ASN I 26 -94.43 -59.31 -27.56
N ASP I 27 -94.40 -60.53 -28.06
CA ASP I 27 -93.82 -61.66 -27.33
C ASP I 27 -92.38 -61.86 -27.76
N PHE I 28 -91.46 -61.83 -26.80
CA PHE I 28 -90.05 -62.04 -27.11
C PHE I 28 -89.81 -63.45 -27.61
N HIS I 29 -90.44 -64.44 -26.99
CA HIS I 29 -90.21 -65.83 -27.36
C HIS I 29 -90.87 -66.19 -28.68
N THR I 30 -91.77 -65.37 -29.19
CA THR I 30 -92.34 -65.58 -30.51
C THR I 30 -91.59 -64.78 -31.57
N ASN I 31 -91.10 -63.60 -31.20
CA ASN I 31 -90.26 -62.83 -32.10
C ASN I 31 -88.94 -63.54 -32.37
N LYS I 32 -88.38 -64.20 -31.35
CA LYS I 32 -87.17 -64.98 -31.57
C LYS I 32 -87.43 -66.15 -32.53
N ARG I 33 -88.66 -66.64 -32.57
CA ARG I 33 -88.98 -67.75 -33.47
C ARG I 33 -89.24 -67.25 -34.89
N VAL I 34 -89.88 -66.09 -35.04
CA VAL I 34 -90.07 -65.57 -36.38
C VAL I 34 -88.75 -65.09 -36.97
N CYS I 35 -87.81 -64.65 -36.13
CA CYS I 35 -86.49 -64.26 -36.59
C CYS I 35 -85.70 -65.46 -37.12
N GLU I 36 -86.12 -66.67 -36.80
CA GLU I 36 -85.47 -67.85 -37.37
C GLU I 36 -85.61 -67.89 -38.88
N GLU I 37 -86.79 -67.57 -39.39
CA GLU I 37 -87.07 -67.71 -40.81
C GLU I 37 -87.14 -66.40 -41.57
N ILE I 38 -87.33 -65.27 -40.90
CA ILE I 38 -87.37 -64.03 -41.67
C ILE I 38 -85.98 -63.53 -42.04
N ALA I 39 -84.93 -64.06 -41.40
CA ALA I 39 -83.57 -63.65 -41.71
C ALA I 39 -82.62 -64.75 -41.31
N ILE I 40 -81.43 -64.72 -41.89
CA ILE I 40 -80.35 -65.65 -41.57
C ILE I 40 -79.42 -64.94 -40.59
N ILE I 41 -79.45 -65.37 -39.34
CA ILE I 41 -78.64 -64.81 -38.27
C ILE I 41 -77.62 -65.85 -37.86
N PRO I 42 -76.33 -65.59 -38.02
CA PRO I 42 -75.32 -66.64 -37.77
C PRO I 42 -75.26 -67.14 -36.34
N SER I 43 -75.57 -66.30 -35.35
CA SER I 43 -75.38 -66.65 -33.96
C SER I 43 -76.70 -66.56 -33.19
N LYS I 44 -76.90 -67.50 -32.27
CA LYS I 44 -78.10 -67.48 -31.44
C LYS I 44 -78.11 -66.28 -30.52
N LYS I 45 -76.95 -65.91 -29.97
CA LYS I 45 -76.86 -64.70 -29.15
C LYS I 45 -77.23 -63.46 -29.96
N LEU I 46 -76.75 -63.36 -31.19
CA LEU I 46 -77.12 -62.26 -32.04
C LEU I 46 -78.63 -62.26 -32.31
N ARG I 47 -79.19 -63.45 -32.58
CA ARG I 47 -80.61 -63.52 -32.91
C ARG I 47 -81.49 -63.13 -31.73
N ASN I 48 -81.14 -63.52 -30.51
CA ASN I 48 -82.03 -63.15 -29.42
C ASN I 48 -81.78 -61.74 -28.91
N LYS I 49 -80.57 -61.20 -29.08
CA LYS I 49 -80.41 -59.76 -28.88
C LYS I 49 -81.29 -58.98 -29.86
N ILE I 50 -81.30 -59.40 -31.12
CA ILE I 50 -82.12 -58.75 -32.13
C ILE I 50 -83.60 -58.87 -31.78
N ALA I 51 -84.02 -60.06 -31.35
CA ALA I 51 -85.42 -60.26 -30.97
C ALA I 51 -85.83 -59.39 -29.79
N GLY I 52 -84.96 -59.27 -28.79
CA GLY I 52 -85.27 -58.40 -27.67
C GLY I 52 -85.41 -56.94 -28.09
N TYR I 53 -84.50 -56.47 -28.94
CA TYR I 53 -84.64 -55.10 -29.43
C TYR I 53 -85.88 -54.94 -30.29
N VAL I 54 -86.27 -55.99 -31.02
CA VAL I 54 -87.50 -55.92 -31.82
C VAL I 54 -88.71 -55.75 -30.93
N THR I 55 -88.77 -56.50 -29.83
CA THR I 55 -89.90 -56.35 -28.91
C THR I 55 -89.91 -54.97 -28.28
N HIS I 56 -88.73 -54.46 -27.91
CA HIS I 56 -88.67 -53.10 -27.36
C HIS I 56 -89.16 -52.07 -28.38
N LEU I 57 -88.73 -52.20 -29.63
CA LEU I 57 -89.12 -51.24 -30.65
C LEU I 57 -90.59 -51.35 -30.98
N MET I 58 -91.16 -52.55 -30.91
CA MET I 58 -92.59 -52.69 -31.14
C MET I 58 -93.40 -52.10 -30.00
N LYS I 59 -92.92 -52.24 -28.76
CA LYS I 59 -93.55 -51.53 -27.65
C LYS I 59 -93.52 -50.02 -27.88
N ARG I 60 -92.42 -49.51 -28.43
CA ARG I 60 -92.37 -48.09 -28.76
C ARG I 60 -93.32 -47.75 -29.91
N ILE I 61 -93.43 -48.63 -30.90
CA ILE I 61 -94.23 -48.35 -32.10
C ILE I 61 -95.71 -48.31 -31.75
N GLN I 62 -96.16 -49.22 -30.89
CA GLN I 62 -97.58 -49.27 -30.55
C GLN I 62 -98.09 -47.98 -29.92
N ARG I 63 -97.19 -47.16 -29.40
CA ARG I 63 -97.56 -45.86 -28.86
C ARG I 63 -97.24 -44.71 -29.82
N GLY I 64 -96.02 -44.66 -30.35
CA GLY I 64 -95.59 -43.51 -31.11
C GLY I 64 -95.06 -43.83 -32.48
N PRO I 65 -94.77 -42.80 -33.27
CA PRO I 65 -94.16 -42.96 -34.61
C PRO I 65 -92.63 -43.03 -34.59
N VAL I 66 -92.13 -44.23 -34.31
CA VAL I 66 -90.69 -44.47 -34.36
C VAL I 66 -90.19 -44.30 -35.79
N ARG I 67 -88.90 -43.96 -35.93
CA ARG I 67 -88.31 -43.75 -37.26
C ARG I 67 -88.46 -44.96 -38.17
N GLY I 68 -88.54 -46.17 -37.61
CA GLY I 68 -88.89 -47.32 -38.40
C GLY I 68 -90.26 -47.18 -39.00
N ILE I 69 -90.37 -47.30 -40.33
CA ILE I 69 -91.64 -47.04 -41.00
C ILE I 69 -92.60 -48.19 -40.76
N SER I 70 -93.89 -47.89 -40.86
CA SER I 70 -94.95 -48.88 -40.73
C SER I 70 -96.10 -48.46 -41.63
N ILE I 71 -96.65 -49.41 -42.38
CA ILE I 71 -97.66 -49.05 -43.37
C ILE I 71 -98.94 -48.53 -42.72
N LYS I 72 -99.30 -49.08 -41.55
CA LYS I 72 -100.52 -48.63 -40.88
C LYS I 72 -100.38 -47.19 -40.38
N LEU I 73 -99.26 -46.88 -39.73
CA LEU I 73 -99.02 -45.51 -39.30
C LEU I 73 -98.88 -44.56 -40.49
N GLN I 74 -98.27 -45.05 -41.58
CA GLN I 74 -98.13 -44.21 -42.76
C GLN I 74 -99.48 -43.88 -43.38
N GLU I 75 -100.38 -44.86 -43.47
CA GLU I 75 -101.68 -44.56 -44.05
C GLU I 75 -102.54 -43.75 -43.09
N GLU I 76 -102.33 -43.93 -41.79
CA GLU I 76 -103.07 -43.11 -40.80
C GLU I 76 -102.63 -41.66 -40.97
N GLU I 77 -101.32 -41.42 -41.10
CA GLU I 77 -100.83 -40.05 -41.37
C GLU I 77 -101.47 -39.56 -42.66
N ARG I 78 -101.30 -40.31 -43.75
CA ARG I 78 -101.82 -39.87 -45.04
C ARG I 78 -103.32 -39.62 -44.97
N GLU I 79 -103.97 -40.14 -43.93
CA GLU I 79 -105.41 -39.84 -43.73
C GLU I 79 -105.50 -38.51 -42.99
N ARG I 80 -104.95 -38.44 -41.77
CA ARG I 80 -105.10 -37.22 -40.95
C ARG I 80 -104.72 -35.99 -41.78
N ARG I 81 -103.59 -36.04 -42.47
CA ARG I 81 -103.11 -34.84 -43.22
C ARG I 81 -104.14 -34.40 -44.25
N ASP I 82 -104.64 -35.33 -45.06
CA ASP I 82 -105.54 -34.91 -46.17
C ASP I 82 -106.98 -34.82 -45.67
N ASN I 83 -107.19 -35.03 -44.38
CA ASN I 83 -108.61 -35.08 -43.93
C ASN I 83 -108.90 -34.04 -42.86
N TYR I 84 -109.80 -34.39 -41.93
CA TYR I 84 -110.23 -33.40 -40.95
C TYR I 84 -110.27 -32.01 -41.57
N VAL I 85 -110.70 -31.96 -42.83
CA VAL I 85 -110.98 -30.69 -43.49
C VAL I 85 -112.27 -30.19 -42.87
N PRO I 86 -112.26 -29.01 -42.26
CA PRO I 86 -113.47 -28.53 -41.56
C PRO I 86 -114.62 -28.30 -42.53
N GLU I 87 -115.83 -28.49 -42.02
CA GLU I 87 -117.02 -28.27 -42.84
C GLU I 87 -117.18 -26.80 -43.20
N VAL I 88 -116.66 -25.90 -42.37
CA VAL I 88 -116.66 -24.47 -42.65
C VAL I 88 -115.22 -23.98 -42.51
N SER I 89 -114.81 -23.12 -43.43
CA SER I 89 -113.44 -22.61 -43.42
C SER I 89 -113.25 -21.62 -42.28
N ALA I 90 -111.99 -21.46 -41.87
CA ALA I 90 -111.63 -20.42 -40.93
C ALA I 90 -111.39 -19.08 -41.60
N LEU I 91 -111.53 -19.02 -42.93
CA LEU I 91 -111.25 -17.82 -43.69
C LEU I 91 -112.51 -17.15 -44.23
N ASP I 92 -113.69 -17.62 -43.83
CA ASP I 92 -114.94 -16.99 -44.23
C ASP I 92 -115.64 -16.32 -43.04
N GLN I 93 -114.87 -15.80 -42.10
CA GLN I 93 -115.44 -15.12 -40.95
C GLN I 93 -116.22 -13.90 -41.38
N GLU I 94 -117.38 -13.69 -40.74
CA GLU I 94 -118.28 -12.61 -41.16
C GLU I 94 -117.66 -11.24 -40.92
N ILE I 95 -117.00 -11.06 -39.79
CA ILE I 95 -116.35 -9.79 -39.48
C ILE I 95 -114.85 -10.02 -39.43
N ILE I 96 -114.09 -9.02 -39.87
CA ILE I 96 -112.65 -9.08 -39.91
C ILE I 96 -112.07 -7.88 -39.19
N GLU I 97 -111.16 -8.13 -38.26
CA GLU I 97 -110.49 -7.08 -37.52
C GLU I 97 -109.47 -6.38 -38.41
N VAL I 98 -109.70 -5.10 -38.69
CA VAL I 98 -108.89 -4.36 -39.66
C VAL I 98 -108.39 -3.08 -38.99
N ASP I 99 -107.09 -2.90 -38.97
CA ASP I 99 -106.50 -1.66 -38.47
C ASP I 99 -106.75 -0.53 -39.48
N PRO I 100 -107.08 0.68 -39.02
CA PRO I 100 -107.20 1.81 -39.95
C PRO I 100 -106.01 2.04 -40.86
N ASP I 101 -104.79 1.80 -40.36
CA ASP I 101 -103.62 1.88 -41.23
C ASP I 101 -103.69 0.84 -42.33
N THR I 102 -104.14 -0.37 -42.01
CA THR I 102 -104.34 -1.40 -43.02
C THR I 102 -105.52 -1.06 -43.92
N LYS I 103 -106.49 -0.30 -43.41
CA LYS I 103 -107.67 0.04 -44.19
C LYS I 103 -107.32 0.91 -45.38
N GLU I 104 -106.40 1.86 -45.21
CA GLU I 104 -106.04 2.76 -46.30
C GLU I 104 -105.36 2.02 -47.44
N MET I 105 -104.69 0.91 -47.13
CA MET I 105 -104.01 0.16 -48.19
C MET I 105 -105.00 -0.41 -49.19
N LEU I 106 -106.14 -0.92 -48.71
CA LEU I 106 -107.15 -1.46 -49.61
C LEU I 106 -107.78 -0.37 -50.47
N LYS I 107 -107.76 0.88 -50.00
CA LYS I 107 -108.37 1.97 -50.76
C LYS I 107 -107.63 2.20 -52.08
N LEU I 108 -106.31 2.13 -52.05
CA LEU I 108 -105.54 2.29 -53.29
C LEU I 108 -105.81 1.14 -54.24
N LEU I 109 -105.89 -0.07 -53.72
CA LEU I 109 -106.17 -1.31 -54.43
C LEU I 109 -107.68 -1.47 -54.77
N ASP I 110 -108.40 -0.37 -54.51
CA ASP I 110 -109.84 -0.16 -54.68
C ASP I 110 -110.65 -1.42 -54.36
N PHE I 111 -110.25 -2.12 -53.30
CA PHE I 111 -110.99 -3.25 -52.79
C PHE I 111 -111.50 -2.99 -51.38
N GLY I 112 -111.39 -1.76 -50.91
CA GLY I 112 -111.85 -1.40 -49.58
C GLY I 112 -113.35 -1.25 -49.53
N SER I 113 -113.82 -0.80 -48.35
CA SER I 113 -115.24 -0.60 -48.08
C SER I 113 -116.04 -1.88 -48.32
N LEU I 114 -115.50 -3.02 -47.87
CA LEU I 114 -116.23 -4.26 -47.92
C LEU I 114 -117.04 -4.46 -46.65
N SER I 115 -118.09 -5.28 -46.76
CA SER I 115 -118.97 -5.51 -45.63
C SER I 115 -118.25 -6.26 -44.51
N ASN I 116 -117.40 -7.23 -44.86
CA ASN I 116 -116.74 -8.05 -43.86
C ASN I 116 -115.63 -7.30 -43.12
N LEU I 117 -115.22 -6.14 -43.60
CA LEU I 117 -114.20 -5.36 -42.91
C LEU I 117 -114.82 -4.54 -41.80
N GLN I 118 -114.17 -4.53 -40.65
CA GLN I 118 -114.56 -3.68 -39.53
C GLN I 118 -113.35 -2.84 -39.13
N VAL I 119 -113.46 -1.53 -39.32
CA VAL I 119 -112.38 -0.61 -38.99
C VAL I 119 -112.33 -0.48 -37.46
N THR I 120 -111.25 -0.96 -36.87
CA THR I 120 -111.10 -0.94 -35.42
C THR I 120 -110.48 0.38 -34.98
N GLN I 121 -110.08 0.45 -33.72
CA GLN I 121 -109.36 1.60 -33.18
C GLN I 121 -107.92 1.22 -32.96
N PRO I 122 -106.97 1.87 -33.63
CA PRO I 122 -105.56 1.49 -33.49
C PRO I 122 -105.06 1.72 -32.08
N THR I 123 -104.11 0.88 -31.67
CA THR I 123 -103.54 0.99 -30.33
C THR I 123 -102.78 2.30 -30.19
N VAL I 124 -102.83 2.87 -28.99
CA VAL I 124 -102.21 4.15 -28.69
C VAL I 124 -101.22 3.94 -27.56
N GLY I 125 -100.00 4.44 -27.75
CA GLY I 125 -98.98 4.33 -26.73
C GLY I 125 -97.61 4.01 -27.32
N MET I 126 -97.60 3.26 -28.41
CA MET I 126 -96.36 2.84 -29.08
C MET I 126 -95.45 2.11 -28.09
N ASN I 127 -96.04 1.32 -27.22
CA ASN I 127 -95.34 0.66 -26.13
C ASN I 127 -94.66 -0.63 -26.55
N PHE I 128 -94.43 -0.83 -27.84
CA PHE I 128 -93.71 -2.01 -28.29
C PHE I 128 -92.22 -1.82 -28.02
N LYS I 129 -91.41 -2.77 -28.51
CA LYS I 129 -89.96 -2.87 -28.25
C LYS I 129 -89.70 -3.26 -26.81
N THR I 130 -88.88 -4.28 -26.61
CA THR I 130 -88.49 -4.72 -25.28
C THR I 130 -87.50 -3.75 -24.66
N PRO I 131 -87.48 -3.63 -23.34
CA PRO I 131 -86.43 -2.83 -22.68
C PRO I 131 -85.06 -3.39 -23.02
N ARG I 132 -84.11 -2.49 -23.26
CA ARG I 132 -82.83 -2.87 -23.83
C ARG I 132 -81.90 -3.43 -22.76
N GLY I 133 -81.06 -4.37 -23.19
CA GLY I 133 -80.05 -4.94 -22.34
C GLY I 133 -80.64 -5.77 -21.20
N PRO I 134 -79.86 -5.96 -20.14
CA PRO I 134 -80.41 -6.61 -18.94
C PRO I 134 -81.47 -5.74 -18.30
N VAL I 135 -82.40 -6.42 -17.61
CA VAL I 135 -83.55 -5.79 -16.96
C VAL I 135 -84.39 -5.04 -17.99
N MET J 1 -48.47 -88.63 40.51
CA MET J 1 -49.82 -88.12 40.31
C MET J 1 -49.83 -86.60 40.29
N SER J 2 -48.69 -86.03 39.88
CA SER J 2 -48.49 -84.58 39.81
C SER J 2 -48.71 -83.93 41.17
N LEU J 3 -48.13 -84.54 42.20
CA LEU J 3 -48.21 -84.05 43.56
C LEU J 3 -47.21 -82.91 43.74
N VAL J 4 -46.94 -82.56 45.00
CA VAL J 4 -45.88 -81.61 45.29
C VAL J 4 -44.54 -82.17 44.80
N ILE J 5 -43.57 -81.27 44.67
CA ILE J 5 -42.26 -81.69 44.17
C ILE J 5 -41.63 -82.66 45.17
N PRO J 6 -40.98 -83.74 44.71
CA PRO J 6 -40.31 -84.63 45.65
C PRO J 6 -39.17 -83.94 46.36
N GLU J 7 -38.89 -84.39 47.58
CA GLU J 7 -37.84 -83.79 48.38
C GLU J 7 -36.47 -83.98 47.74
N LYS J 8 -36.22 -85.16 47.19
CA LYS J 8 -34.93 -85.45 46.56
C LYS J 8 -34.94 -85.07 45.08
N PHE J 9 -35.30 -83.82 44.81
CA PHE J 9 -35.38 -83.30 43.45
C PHE J 9 -34.12 -82.49 43.17
N GLN J 10 -33.40 -82.88 42.12
CA GLN J 10 -32.20 -82.18 41.70
C GLN J 10 -32.57 -81.22 40.57
N HIS J 11 -32.60 -79.93 40.88
CA HIS J 11 -32.91 -78.95 39.84
C HIS J 11 -31.79 -78.82 38.83
N ILE J 12 -30.56 -79.13 39.25
CA ILE J 12 -29.37 -78.98 38.41
C ILE J 12 -28.60 -80.29 38.49
N LEU J 13 -28.44 -80.94 37.34
CA LEU J 13 -27.65 -82.16 37.24
C LEU J 13 -26.35 -81.88 36.52
N ARG J 14 -25.35 -82.73 36.78
CA ARG J 14 -24.00 -82.56 36.26
C ARG J 14 -23.54 -83.81 35.54
N VAL J 15 -24.38 -84.33 34.65
CA VAL J 15 -24.04 -85.52 33.88
C VAL J 15 -22.94 -85.17 32.89
N LEU J 16 -21.89 -85.98 32.88
CA LEU J 16 -20.72 -85.82 32.01
C LEU J 16 -20.08 -84.46 32.31
N ASN J 17 -19.52 -83.81 31.29
CA ASN J 17 -18.88 -82.52 31.47
C ASN J 17 -19.83 -81.36 31.25
N THR J 18 -21.11 -81.63 31.01
CA THR J 18 -22.11 -80.59 30.79
C THR J 18 -23.09 -80.55 31.96
N ASN J 19 -23.96 -79.55 31.93
CA ASN J 19 -24.96 -79.33 32.95
C ASN J 19 -26.33 -79.31 32.29
N ILE J 20 -27.30 -79.96 32.91
CA ILE J 20 -28.65 -80.03 32.36
C ILE J 20 -29.64 -79.46 33.37
N ASP J 21 -30.79 -79.03 32.85
CA ASP J 21 -31.84 -78.46 33.67
C ASP J 21 -32.85 -79.55 34.02
N GLY J 22 -33.16 -79.68 35.30
CA GLY J 22 -34.05 -80.72 35.77
C GLY J 22 -35.52 -80.37 35.71
N ARG J 23 -35.88 -79.16 35.28
CA ARG J 23 -37.28 -78.77 35.23
C ARG J 23 -37.98 -79.23 33.96
N ARG J 24 -37.23 -79.69 32.95
CA ARG J 24 -37.82 -80.25 31.75
C ARG J 24 -37.88 -81.77 31.85
N LYS J 25 -38.71 -82.36 31.00
CA LYS J 25 -38.82 -83.82 30.98
C LYS J 25 -37.49 -84.44 30.60
N ILE J 26 -37.27 -85.66 31.09
CA ILE J 26 -35.96 -86.30 30.99
C ILE J 26 -35.52 -86.47 29.54
N ALA J 27 -36.46 -86.79 28.64
CA ALA J 27 -36.11 -87.08 27.26
C ALA J 27 -35.54 -85.85 26.57
N PHE J 28 -36.11 -84.68 26.82
CA PHE J 28 -35.61 -83.45 26.25
C PHE J 28 -34.62 -82.74 27.15
N ALA J 29 -34.37 -83.30 28.33
CA ALA J 29 -33.36 -82.75 29.23
C ALA J 29 -31.99 -83.33 28.97
N ILE J 30 -31.92 -84.63 28.65
CA ILE J 30 -30.63 -85.22 28.28
C ILE J 30 -30.20 -84.81 26.89
N THR J 31 -31.07 -84.17 26.11
CA THR J 31 -30.65 -83.62 24.83
C THR J 31 -29.72 -82.43 24.99
N ALA J 32 -29.63 -81.87 26.19
CA ALA J 32 -28.67 -80.81 26.45
C ALA J 32 -27.24 -81.30 26.30
N ILE J 33 -27.01 -82.59 26.52
CA ILE J 33 -25.70 -83.17 26.31
C ILE J 33 -25.38 -83.16 24.82
N LYS J 34 -24.22 -82.60 24.47
CA LYS J 34 -23.83 -82.55 23.07
C LYS J 34 -23.57 -83.95 22.55
N GLY J 35 -24.03 -84.23 21.34
CA GLY J 35 -24.01 -85.56 20.78
C GLY J 35 -25.27 -86.35 21.01
N VAL J 36 -26.21 -85.84 21.80
CA VAL J 36 -27.47 -86.49 22.08
C VAL J 36 -28.58 -85.63 21.51
N GLY J 37 -29.42 -86.23 20.66
CA GLY J 37 -30.57 -85.56 20.11
C GLY J 37 -31.87 -86.13 20.64
N ARG J 38 -32.97 -85.71 20.04
CA ARG J 38 -34.28 -86.19 20.46
C ARG J 38 -34.42 -87.69 20.19
N ARG J 39 -34.00 -88.14 19.01
CA ARG J 39 -34.12 -89.55 18.66
C ARG J 39 -33.26 -90.43 19.57
N TYR J 40 -31.99 -90.07 19.72
CA TYR J 40 -31.09 -90.85 20.56
C TYR J 40 -31.54 -90.84 22.00
N ALA J 41 -31.97 -89.68 22.50
CA ALA J 41 -32.43 -89.57 23.87
C ALA J 41 -33.65 -90.46 24.11
N HIS J 42 -34.62 -90.41 23.20
CA HIS J 42 -35.80 -91.24 23.36
C HIS J 42 -35.46 -92.72 23.32
N VAL J 43 -34.56 -93.13 22.42
CA VAL J 43 -34.26 -94.55 22.33
C VAL J 43 -33.47 -95.03 23.55
N VAL J 44 -32.56 -94.19 24.08
CA VAL J 44 -31.82 -94.66 25.25
C VAL J 44 -32.71 -94.68 26.47
N LEU J 45 -33.66 -93.76 26.58
CA LEU J 45 -34.63 -93.85 27.67
C LEU J 45 -35.49 -95.09 27.53
N ARG J 46 -35.88 -95.43 26.30
CA ARG J 46 -36.67 -96.63 26.05
C ARG J 46 -35.89 -97.87 26.45
N LYS J 47 -34.60 -97.91 26.13
CA LYS J 47 -33.78 -99.07 26.51
C LYS J 47 -33.57 -99.13 28.01
N ALA J 48 -33.32 -97.99 28.65
CA ALA J 48 -33.14 -97.95 30.11
C ALA J 48 -34.44 -98.22 30.85
N ASP J 49 -35.58 -98.17 30.17
CA ASP J 49 -36.87 -98.60 30.72
C ASP J 49 -37.26 -97.75 31.93
N ILE J 50 -37.28 -96.44 31.71
CA ILE J 50 -37.73 -95.50 32.72
C ILE J 50 -39.02 -94.86 32.23
N ASP J 51 -39.67 -94.12 33.13
CA ASP J 51 -40.89 -93.41 32.79
C ASP J 51 -40.54 -92.20 31.94
N LEU J 52 -41.02 -92.18 30.70
CA LEU J 52 -40.80 -91.03 29.83
C LEU J 52 -41.51 -89.80 30.34
N THR J 53 -42.58 -89.96 31.13
CA THR J 53 -43.37 -88.83 31.57
C THR J 53 -42.67 -88.03 32.67
N LYS J 54 -41.97 -88.71 33.56
CA LYS J 54 -41.38 -88.03 34.71
C LYS J 54 -40.25 -87.12 34.29
N ARG J 55 -40.04 -86.06 35.07
CA ARG J 55 -39.01 -85.08 34.77
C ARG J 55 -37.63 -85.63 35.11
N ALA J 56 -36.61 -84.90 34.65
CA ALA J 56 -35.23 -85.33 34.90
C ALA J 56 -34.84 -85.09 36.35
N GLY J 57 -35.44 -84.11 37.01
CA GLY J 57 -35.07 -83.82 38.40
C GLY J 57 -35.44 -84.94 39.35
N GLU J 58 -36.60 -85.53 39.17
CA GLU J 58 -37.06 -86.62 40.03
C GLU J 58 -36.55 -87.98 39.58
N LEU J 59 -35.46 -88.00 38.82
CA LEU J 59 -34.84 -89.25 38.41
C LEU J 59 -33.74 -89.61 39.40
N THR J 60 -33.81 -90.82 39.96
CA THR J 60 -32.88 -91.21 41.00
C THR J 60 -31.48 -91.44 40.41
N GLU J 61 -30.48 -91.40 41.30
CA GLU J 61 -29.09 -91.42 40.85
C GLU J 61 -28.71 -92.75 40.21
N ASP J 62 -29.30 -93.86 40.68
CA ASP J 62 -29.04 -95.14 40.02
C ASP J 62 -29.62 -95.17 38.62
N GLU J 63 -30.82 -94.62 38.46
CA GLU J 63 -31.38 -94.49 37.12
C GLU J 63 -30.52 -93.55 36.26
N VAL J 64 -29.98 -92.50 36.88
CA VAL J 64 -29.14 -91.56 36.14
C VAL J 64 -27.89 -92.25 35.63
N GLU J 65 -27.21 -93.01 36.50
CA GLU J 65 -26.02 -93.70 36.03
C GLU J 65 -26.36 -94.82 35.04
N ARG J 66 -27.54 -95.43 35.18
CA ARG J 66 -27.98 -96.42 34.21
C ARG J 66 -28.15 -95.81 32.83
N VAL J 67 -28.84 -94.67 32.74
CA VAL J 67 -29.01 -94.06 31.42
C VAL J 67 -27.68 -93.51 30.92
N ILE J 68 -26.78 -93.09 31.82
CA ILE J 68 -25.46 -92.62 31.40
C ILE J 68 -24.69 -93.76 30.74
N THR J 69 -24.67 -94.94 31.37
CA THR J 69 -23.93 -96.04 30.76
C THR J 69 -24.64 -96.57 29.52
N ILE J 70 -25.97 -96.45 29.44
CA ILE J 70 -26.66 -96.78 28.20
C ILE J 70 -26.18 -95.88 27.08
N MET J 71 -26.07 -94.58 27.35
CA MET J 71 -25.57 -93.64 26.35
C MET J 71 -24.14 -93.95 25.96
N GLN J 72 -23.30 -94.25 26.95
CA GLN J 72 -21.87 -94.42 26.67
C GLN J 72 -21.58 -95.73 25.96
N ASN J 73 -22.38 -96.76 26.19
CA ASN J 73 -22.19 -98.07 25.56
C ASN J 73 -23.50 -98.49 24.90
N PRO J 74 -23.80 -97.94 23.72
CA PRO J 74 -25.05 -98.30 23.06
C PRO J 74 -25.01 -99.63 22.33
N ARG J 75 -23.82 -100.11 21.96
CA ARG J 75 -23.74 -101.35 21.18
C ARG J 75 -24.20 -102.55 22.00
N GLN J 76 -23.87 -102.58 23.29
CA GLN J 76 -24.23 -103.71 24.12
C GLN J 76 -25.74 -103.81 24.38
N TYR J 77 -26.48 -102.73 24.14
CA TYR J 77 -27.90 -102.68 24.44
C TYR J 77 -28.74 -102.66 23.17
N LYS J 78 -28.32 -103.43 22.16
CA LYS J 78 -29.08 -103.71 20.95
C LYS J 78 -29.35 -102.48 20.10
N ILE J 79 -28.77 -101.33 20.46
CA ILE J 79 -28.96 -100.14 19.61
C ILE J 79 -28.27 -100.37 18.28
N PRO J 80 -28.95 -100.21 17.16
CA PRO J 80 -28.39 -100.63 15.88
C PRO J 80 -27.22 -99.78 15.46
N ASP J 81 -26.36 -100.38 14.65
CA ASP J 81 -25.15 -99.71 14.18
C ASP J 81 -25.45 -98.52 13.28
N TRP J 82 -26.59 -98.52 12.61
CA TRP J 82 -26.97 -97.41 11.74
C TRP J 82 -27.49 -96.21 12.49
N PHE J 83 -27.69 -96.33 13.80
CA PHE J 83 -28.30 -95.25 14.57
C PHE J 83 -27.27 -94.32 15.18
N LEU J 84 -26.00 -94.66 15.12
CA LEU J 84 -24.96 -94.00 15.88
C LEU J 84 -24.38 -92.80 15.12
N ASN J 85 -23.60 -92.00 15.85
CA ASN J 85 -22.93 -90.85 15.24
C ASN J 85 -21.66 -91.27 14.53
N ARG J 86 -20.70 -91.81 15.28
CA ARG J 86 -19.37 -92.09 14.75
C ARG J 86 -19.31 -93.52 14.22
N GLN J 87 -20.09 -93.75 13.16
CA GLN J 87 -20.07 -95.03 12.48
C GLN J 87 -18.83 -95.13 11.61
N LYS J 88 -18.13 -96.26 11.70
CA LYS J 88 -17.05 -96.62 10.79
C LYS J 88 -15.96 -95.54 10.77
N ASP J 89 -15.32 -95.40 11.93
CA ASP J 89 -14.40 -94.29 12.16
C ASP J 89 -13.26 -94.29 11.16
N VAL J 90 -12.83 -93.08 10.79
CA VAL J 90 -11.76 -92.90 9.81
C VAL J 90 -10.40 -93.29 10.37
N LYS J 91 -10.29 -93.51 11.69
CA LYS J 91 -9.03 -93.89 12.30
C LYS J 91 -8.98 -95.37 12.64
N ASP J 92 -9.93 -95.85 13.44
CA ASP J 92 -9.91 -97.23 13.90
C ASP J 92 -11.09 -98.06 13.40
N GLY J 93 -12.06 -97.44 12.74
CA GLY J 93 -13.17 -98.19 12.16
C GLY J 93 -14.03 -98.90 13.18
N LYS J 94 -14.34 -98.24 14.30
CA LYS J 94 -15.18 -98.81 15.34
C LYS J 94 -16.47 -98.01 15.43
N TYR J 95 -17.61 -98.71 15.34
CA TYR J 95 -18.89 -98.03 15.41
C TYR J 95 -19.15 -97.59 16.85
N SER J 96 -19.51 -96.33 17.02
CA SER J 96 -19.75 -95.80 18.36
C SER J 96 -20.57 -94.52 18.24
N GLN J 97 -21.08 -94.08 19.38
CA GLN J 97 -21.78 -92.81 19.51
C GLN J 97 -21.00 -91.96 20.49
N VAL J 98 -20.20 -91.03 19.97
CA VAL J 98 -19.41 -90.16 20.83
C VAL J 98 -20.25 -88.95 21.22
N LEU J 99 -20.44 -88.75 22.52
CA LEU J 99 -21.31 -87.69 23.04
C LEU J 99 -20.66 -87.06 24.26
N ALA J 100 -19.81 -86.08 24.03
CA ALA J 100 -19.01 -85.48 25.09
C ALA J 100 -18.24 -84.30 24.50
N ASN J 101 -17.31 -83.78 25.29
CA ASN J 101 -16.18 -83.05 24.72
C ASN J 101 -15.38 -83.93 23.77
N GLY J 102 -15.51 -85.24 23.90
CA GLY J 102 -14.95 -86.15 22.90
C GLY J 102 -15.52 -85.92 21.52
N LEU J 103 -16.81 -85.56 21.43
CA LEU J 103 -17.37 -85.21 20.13
C LEU J 103 -16.65 -84.00 19.54
N ASP J 104 -16.37 -83.01 20.37
CA ASP J 104 -15.63 -81.84 19.92
C ASP J 104 -14.22 -82.21 19.49
N ASN J 105 -13.57 -83.13 20.22
CA ASN J 105 -12.21 -83.49 19.83
C ASN J 105 -12.21 -84.28 18.54
N LYS J 106 -13.22 -85.12 18.31
CA LYS J 106 -13.33 -85.81 17.02
C LYS J 106 -13.59 -84.83 15.89
N LEU J 107 -14.41 -83.81 16.12
CA LEU J 107 -14.66 -82.81 15.08
C LEU J 107 -13.39 -82.06 14.73
N ARG J 108 -12.68 -81.54 15.74
CA ARG J 108 -11.45 -80.83 15.45
C ARG J 108 -10.38 -81.76 14.88
N GLU J 109 -10.43 -83.05 15.23
CA GLU J 109 -9.47 -83.99 14.66
C GLU J 109 -9.73 -84.20 13.18
N ASP J 110 -11.00 -84.32 12.79
CA ASP J 110 -11.33 -84.43 11.37
C ASP J 110 -10.91 -83.17 10.63
N LEU J 111 -11.19 -82.00 11.21
CA LEU J 111 -10.80 -80.75 10.58
C LEU J 111 -9.28 -80.66 10.41
N GLU J 112 -8.53 -81.05 11.44
CA GLU J 112 -7.07 -80.96 11.35
C GLU J 112 -6.50 -82.03 10.45
N ARG J 113 -7.16 -83.18 10.33
CA ARG J 113 -6.71 -84.19 9.37
C ARG J 113 -6.88 -83.67 7.96
N LEU J 114 -8.00 -83.02 7.67
CA LEU J 114 -8.18 -82.43 6.35
C LEU J 114 -7.19 -81.28 6.11
N LYS J 115 -6.91 -80.48 7.15
CA LYS J 115 -5.96 -79.40 6.99
C LYS J 115 -4.55 -79.91 6.74
N LYS J 116 -4.14 -80.98 7.41
CA LYS J 116 -2.80 -81.52 7.22
C LYS J 116 -2.69 -82.30 5.91
N ILE J 117 -3.79 -82.90 5.44
CA ILE J 117 -3.77 -83.59 4.15
C ILE J 117 -3.88 -82.59 3.01
N ARG J 118 -4.27 -81.35 3.31
CA ARG J 118 -4.41 -80.29 2.31
C ARG J 118 -5.46 -80.64 1.27
N ALA J 119 -6.54 -81.29 1.71
CA ALA J 119 -7.67 -81.53 0.85
C ALA J 119 -8.43 -80.24 0.59
N HIS J 120 -9.28 -80.26 -0.44
CA HIS J 120 -10.03 -79.05 -0.77
C HIS J 120 -10.96 -78.66 0.36
N ARG J 121 -11.65 -79.63 0.96
CA ARG J 121 -12.55 -79.31 2.06
C ARG J 121 -11.77 -78.78 3.26
N GLY J 122 -10.59 -79.33 3.52
CA GLY J 122 -9.78 -78.82 4.60
C GLY J 122 -9.32 -77.39 4.36
N LEU J 123 -8.94 -77.07 3.12
CA LEU J 123 -8.56 -75.70 2.81
C LEU J 123 -9.75 -74.77 2.93
N ARG J 124 -10.94 -75.24 2.55
CA ARG J 124 -12.15 -74.44 2.74
C ARG J 124 -12.40 -74.16 4.21
N HIS J 125 -12.24 -75.17 5.06
CA HIS J 125 -12.36 -74.96 6.49
C HIS J 125 -11.35 -73.96 7.00
N PHE J 126 -10.10 -74.07 6.54
CA PHE J 126 -9.05 -73.16 6.98
C PHE J 126 -9.37 -71.72 6.57
N TRP J 127 -9.83 -71.51 5.35
CA TRP J 127 -10.22 -70.18 4.91
C TRP J 127 -11.52 -69.71 5.55
N GLY J 128 -12.28 -70.61 6.15
CA GLY J 128 -13.52 -70.20 6.79
C GLY J 128 -14.69 -70.03 5.86
N LEU J 129 -14.63 -70.62 4.68
CA LEU J 129 -15.70 -70.51 3.70
C LEU J 129 -16.59 -71.75 3.77
N ARG J 130 -17.54 -71.85 2.84
CA ARG J 130 -18.41 -73.01 2.79
C ARG J 130 -17.66 -74.24 2.31
N VAL J 131 -18.06 -75.40 2.80
CA VAL J 131 -17.43 -76.65 2.40
C VAL J 131 -18.35 -77.55 1.59
N ARG J 132 -19.66 -77.39 1.69
CA ARG J 132 -20.61 -78.26 1.02
C ARG J 132 -20.92 -77.81 -0.41
N GLY J 133 -20.05 -76.99 -1.00
CA GLY J 133 -20.15 -76.63 -2.40
C GLY J 133 -21.37 -75.83 -2.79
N GLN J 134 -21.79 -74.88 -1.97
CA GLN J 134 -22.89 -74.01 -2.32
C GLN J 134 -22.39 -72.60 -2.62
N HIS J 135 -23.27 -71.80 -3.21
CA HIS J 135 -22.90 -70.50 -3.72
C HIS J 135 -22.56 -69.55 -2.58
N THR J 136 -21.47 -68.80 -2.74
CA THR J 136 -21.03 -67.84 -1.73
C THR J 136 -21.11 -66.40 -2.21
N LYS J 137 -21.71 -66.17 -3.38
CA LYS J 137 -21.70 -64.83 -3.96
C LYS J 137 -22.60 -63.89 -3.18
N THR J 138 -23.73 -64.37 -2.67
CA THR J 138 -24.73 -63.51 -2.06
C THR J 138 -25.07 -63.83 -0.62
N THR J 139 -24.76 -65.03 -0.13
CA THR J 139 -25.15 -65.43 1.21
C THR J 139 -23.92 -65.62 2.09
N GLY J 140 -24.15 -65.64 3.40
CA GLY J 140 -23.09 -65.84 4.35
C GLY J 140 -22.27 -64.60 4.66
N ARG J 141 -22.75 -63.42 4.27
CA ARG J 141 -21.99 -62.19 4.52
C ARG J 141 -22.00 -61.77 5.98
N ARG J 142 -22.79 -62.42 6.82
CA ARG J 142 -22.80 -62.09 8.25
C ARG J 142 -21.46 -62.37 8.89
N GLY J 143 -20.85 -63.51 8.58
CA GLY J 143 -19.60 -63.88 9.21
C GLY J 143 -18.40 -63.11 8.71
N ARG J 144 -18.58 -62.27 7.70
CA ARG J 144 -17.51 -61.46 7.14
C ARG J 144 -17.68 -59.98 7.42
N THR J 145 -18.90 -59.48 7.38
CA THR J 145 -19.19 -58.10 7.79
C THR J 145 -20.46 -58.07 8.64
N PRO K 1 -80.49 -105.01 15.99
CA PRO K 1 -79.29 -104.60 16.72
C PRO K 1 -78.01 -104.95 15.98
N GLY K 2 -78.16 -105.44 14.75
CA GLY K 2 -77.02 -105.78 13.93
C GLY K 2 -76.16 -104.59 13.60
N VAL K 3 -74.97 -104.55 14.17
CA VAL K 3 -74.09 -103.40 14.04
C VAL K 3 -72.90 -103.76 13.18
N THR K 4 -72.33 -102.75 12.54
CA THR K 4 -71.14 -102.88 11.71
C THR K 4 -70.17 -101.79 12.15
N VAL K 5 -68.88 -102.01 11.88
CA VAL K 5 -67.86 -101.02 12.23
C VAL K 5 -68.16 -99.67 11.59
N LYS K 6 -68.82 -99.66 10.44
CA LYS K 6 -69.23 -98.40 9.83
C LYS K 6 -70.27 -97.66 10.65
N ASP K 7 -70.93 -98.33 11.60
CA ASP K 7 -71.97 -97.72 12.41
C ASP K 7 -71.44 -97.13 13.72
N VAL K 8 -70.14 -97.20 13.98
CA VAL K 8 -69.57 -96.76 15.24
C VAL K 8 -68.46 -95.75 14.96
N ASN K 9 -67.99 -95.11 16.03
CA ASN K 9 -66.93 -94.12 15.91
C ASN K 9 -65.61 -94.79 15.57
N GLN K 10 -65.04 -94.44 14.42
CA GLN K 10 -63.83 -95.11 13.94
C GLN K 10 -62.64 -94.82 14.84
N GLN K 11 -62.52 -93.59 15.32
CA GLN K 11 -61.38 -93.23 16.17
C GLN K 11 -61.40 -94.01 17.48
N GLU K 12 -62.59 -94.20 18.06
CA GLU K 12 -62.68 -95.04 19.25
C GLU K 12 -62.61 -96.52 18.91
N PHE K 13 -63.10 -96.90 17.73
CA PHE K 13 -63.05 -98.30 17.32
C PHE K 13 -61.61 -98.79 17.20
N VAL K 14 -60.73 -97.97 16.61
CA VAL K 14 -59.34 -98.40 16.47
C VAL K 14 -58.69 -98.53 17.83
N ARG K 15 -59.03 -97.64 18.77
CA ARG K 15 -58.48 -97.72 20.12
C ARG K 15 -58.93 -99.01 20.80
N ALA K 16 -60.20 -99.34 20.69
CA ALA K 16 -60.72 -100.54 21.33
C ALA K 16 -60.17 -101.81 20.69
N LEU K 17 -59.99 -101.81 19.37
CA LEU K 17 -59.45 -103.01 18.74
C LEU K 17 -57.97 -103.16 19.06
N ALA K 18 -57.24 -102.06 19.20
CA ALA K 18 -55.87 -102.15 19.69
C ALA K 18 -55.83 -102.70 21.10
N ALA K 19 -56.78 -102.29 21.95
CA ALA K 19 -56.86 -102.85 23.29
C ALA K 19 -57.13 -104.35 23.25
N PHE K 20 -58.02 -104.77 22.35
CA PHE K 20 -58.31 -106.20 22.19
C PHE K 20 -57.09 -106.97 21.73
N LEU K 21 -56.33 -106.39 20.80
CA LEU K 21 -55.10 -107.04 20.33
C LEU K 21 -54.08 -107.15 21.44
N LYS K 22 -53.97 -106.11 22.28
CA LYS K 22 -53.10 -106.19 23.44
C LYS K 22 -53.54 -107.29 24.40
N LYS K 23 -54.85 -107.40 24.63
CA LYS K 23 -55.36 -108.42 25.55
C LYS K 23 -55.08 -109.82 25.01
N SER K 24 -55.29 -110.03 23.72
CA SER K 24 -55.00 -111.33 23.10
C SER K 24 -53.56 -111.31 22.63
N GLY K 25 -52.64 -111.69 23.51
CA GLY K 25 -51.22 -111.56 23.24
C GLY K 25 -50.67 -112.57 22.26
N LYS K 26 -51.32 -112.71 21.11
CA LYS K 26 -50.87 -113.59 20.05
C LYS K 26 -50.23 -112.83 18.89
N LEU K 27 -50.15 -111.51 18.98
CA LEU K 27 -49.65 -110.69 17.88
C LEU K 27 -48.13 -110.69 17.88
N LYS K 28 -47.53 -111.12 16.77
CA LYS K 28 -46.09 -111.05 16.62
C LYS K 28 -45.66 -109.59 16.50
N VAL K 29 -44.63 -109.22 17.25
CA VAL K 29 -44.12 -107.85 17.21
C VAL K 29 -42.61 -107.90 16.95
N PRO K 30 -42.11 -107.18 15.95
CA PRO K 30 -40.67 -107.14 15.72
C PRO K 30 -39.95 -106.44 16.87
N GLU K 31 -38.71 -106.86 17.10
CA GLU K 31 -37.95 -106.36 18.23
C GLU K 31 -37.48 -104.92 18.05
N TRP K 32 -37.53 -104.37 16.84
CA TRP K 32 -37.02 -103.02 16.60
C TRP K 32 -38.11 -101.96 16.67
N VAL K 33 -39.30 -102.31 17.16
CA VAL K 33 -40.38 -101.34 17.29
C VAL K 33 -40.02 -100.20 18.23
N ASP K 34 -39.09 -100.43 19.15
CA ASP K 34 -38.64 -99.39 20.05
C ASP K 34 -37.66 -98.42 19.41
N THR K 35 -37.20 -98.69 18.19
CA THR K 35 -36.13 -97.92 17.56
C THR K 35 -36.60 -97.12 16.36
N VAL K 36 -37.39 -97.71 15.48
CA VAL K 36 -37.63 -97.12 14.18
C VAL K 36 -38.71 -96.05 14.24
N LYS K 37 -38.68 -95.14 13.28
CA LYS K 37 -39.76 -94.20 13.03
C LYS K 37 -40.77 -94.82 12.08
N LEU K 38 -42.02 -94.35 12.17
CA LEU K 38 -43.06 -94.95 11.36
C LEU K 38 -43.01 -94.53 9.91
N ALA K 39 -42.28 -93.45 9.59
CA ALA K 39 -42.11 -93.03 8.21
C ALA K 39 -40.91 -92.12 8.12
N LYS K 40 -40.36 -92.02 6.91
CA LYS K 40 -39.18 -91.18 6.69
C LYS K 40 -39.46 -89.71 6.93
N HIS K 41 -40.71 -89.29 6.84
CA HIS K 41 -41.08 -87.90 7.02
C HIS K 41 -41.43 -87.58 8.46
N LYS K 42 -41.32 -88.53 9.37
CA LYS K 42 -41.56 -88.30 10.78
C LYS K 42 -40.27 -87.89 11.46
N GLU K 43 -40.33 -86.79 12.21
CA GLU K 43 -39.16 -86.31 12.92
C GLU K 43 -38.87 -87.12 14.17
N LEU K 44 -39.86 -87.83 14.71
CA LEU K 44 -39.71 -88.49 16.00
C LEU K 44 -40.37 -89.87 15.97
N ALA K 45 -39.91 -90.73 16.87
CA ALA K 45 -40.56 -92.02 17.07
C ALA K 45 -41.88 -91.81 17.80
N PRO K 46 -42.85 -92.72 17.59
CA PRO K 46 -44.17 -92.53 18.22
C PRO K 46 -44.09 -92.59 19.74
N TYR K 47 -44.97 -91.81 20.37
CA TYR K 47 -44.98 -91.75 21.82
C TYR K 47 -45.49 -93.05 22.44
N ASP K 48 -46.55 -93.61 21.87
CA ASP K 48 -47.17 -94.78 22.46
C ASP K 48 -46.27 -96.01 22.39
N GLU K 49 -46.28 -96.80 23.44
CA GLU K 49 -45.54 -98.04 23.46
C GLU K 49 -46.22 -99.11 22.64
N ASN K 50 -47.54 -99.02 22.48
CA ASN K 50 -48.34 -100.01 21.75
C ASN K 50 -48.67 -99.52 20.35
N TRP K 51 -47.76 -98.76 19.75
CA TRP K 51 -48.00 -98.23 18.42
C TRP K 51 -48.15 -99.35 17.40
N PHE K 52 -47.47 -100.47 17.59
CA PHE K 52 -47.65 -101.58 16.67
C PHE K 52 -49.06 -102.14 16.77
N TYR K 53 -49.59 -102.23 17.99
CA TYR K 53 -50.95 -102.73 18.16
C TYR K 53 -51.96 -101.78 17.52
N THR K 54 -51.79 -100.48 17.69
CA THR K 54 -52.74 -99.57 17.07
C THR K 54 -52.58 -99.51 15.56
N ARG K 55 -51.35 -99.69 15.04
CA ARG K 55 -51.17 -99.81 13.60
C ARG K 55 -51.86 -101.04 13.06
N ALA K 56 -51.77 -102.17 13.76
CA ALA K 56 -52.45 -103.38 13.33
C ALA K 56 -53.95 -103.18 13.34
N ALA K 57 -54.47 -102.51 14.37
CA ALA K 57 -55.90 -102.22 14.42
C ALA K 57 -56.33 -101.36 13.23
N SER K 58 -55.57 -100.31 12.95
CA SER K 58 -55.90 -99.43 11.82
C SER K 58 -55.84 -100.17 10.50
N THR K 59 -54.82 -101.02 10.33
CA THR K 59 -54.67 -101.76 9.07
C THR K 59 -55.80 -102.76 8.89
N ALA K 60 -56.20 -103.45 9.96
CA ALA K 60 -57.33 -104.36 9.86
C ALA K 60 -58.61 -103.62 9.52
N ARG K 61 -58.81 -102.45 10.13
CA ARG K 61 -59.99 -101.66 9.83
C ARG K 61 -60.00 -101.19 8.37
N HIS K 62 -58.84 -100.79 7.87
CA HIS K 62 -58.76 -100.36 6.47
C HIS K 62 -58.99 -101.52 5.52
N LEU K 63 -58.52 -102.71 5.88
CA LEU K 63 -58.79 -103.88 5.05
C LEU K 63 -60.27 -104.23 5.08
N TYR K 64 -60.95 -103.98 6.20
CA TYR K 64 -62.40 -104.13 6.20
C TYR K 64 -63.05 -103.13 5.26
N LEU K 65 -62.59 -101.87 5.30
CA LEU K 65 -63.23 -100.83 4.50
C LEU K 65 -63.06 -101.08 3.01
N ARG K 66 -61.86 -101.51 2.59
CA ARG K 66 -61.67 -101.93 1.21
C ARG K 66 -60.55 -102.95 1.14
N GLY K 67 -60.80 -104.05 0.43
CA GLY K 67 -59.84 -105.11 0.31
C GLY K 67 -58.85 -104.88 -0.81
N GLY K 68 -57.94 -105.85 -0.97
CA GLY K 68 -56.94 -105.78 -2.00
C GLY K 68 -55.79 -104.84 -1.71
N ALA K 69 -55.72 -104.28 -0.52
CA ALA K 69 -54.65 -103.35 -0.19
C ALA K 69 -53.34 -104.10 0.00
N GLY K 70 -52.27 -103.57 -0.58
CA GLY K 70 -50.94 -104.12 -0.41
C GLY K 70 -50.06 -103.21 0.43
N VAL K 71 -48.77 -103.51 0.40
CA VAL K 71 -47.80 -102.73 1.17
C VAL K 71 -47.73 -101.30 0.63
N GLY K 72 -47.73 -101.15 -0.70
CA GLY K 72 -47.75 -99.82 -1.28
C GLY K 72 -49.00 -99.05 -0.93
N SER K 73 -50.15 -99.73 -0.91
CA SER K 73 -51.39 -99.08 -0.50
C SER K 73 -51.32 -98.63 0.95
N MET K 74 -50.75 -99.47 1.82
CA MET K 74 -50.60 -99.09 3.22
C MET K 74 -49.69 -97.88 3.37
N THR K 75 -48.57 -97.85 2.63
CA THR K 75 -47.67 -96.72 2.70
C THR K 75 -48.33 -95.45 2.19
N LYS K 76 -49.15 -95.56 1.14
CA LYS K 76 -49.90 -94.40 0.67
C LYS K 76 -50.90 -93.93 1.72
N ILE K 77 -51.55 -94.87 2.40
CA ILE K 77 -52.55 -94.51 3.40
C ILE K 77 -51.90 -93.78 4.57
N TYR K 78 -50.79 -94.30 5.05
CA TYR K 78 -50.14 -93.74 6.24
C TYR K 78 -49.09 -92.71 5.91
N GLY K 79 -48.91 -92.35 4.65
CA GLY K 79 -47.99 -91.29 4.31
C GLY K 79 -48.50 -89.94 4.75
N GLY K 80 -47.61 -88.95 4.72
CA GLY K 80 -47.96 -87.64 5.21
C GLY K 80 -46.98 -86.59 4.76
N ARG K 81 -47.11 -85.41 5.36
CA ARG K 81 -46.36 -84.24 4.91
C ARG K 81 -44.94 -84.25 5.46
N GLN K 82 -43.97 -84.16 4.56
CA GLN K 82 -42.56 -83.98 4.92
C GLN K 82 -42.22 -82.50 4.76
N ARG K 83 -41.71 -81.89 5.83
CA ARG K 83 -41.52 -80.46 5.81
C ARG K 83 -40.26 -80.02 5.11
N ASN K 84 -39.30 -80.92 4.90
CA ASN K 84 -38.11 -80.68 4.08
C ASN K 84 -37.27 -79.51 4.57
N GLY K 85 -37.42 -79.11 5.82
CA GLY K 85 -36.64 -78.00 6.34
C GLY K 85 -36.98 -76.69 5.66
N VAL K 86 -35.96 -76.05 5.10
CA VAL K 86 -36.15 -74.77 4.40
C VAL K 86 -36.79 -74.97 3.04
N MET K 87 -36.70 -76.18 2.48
CA MET K 87 -37.36 -76.47 1.22
C MET K 87 -38.87 -76.51 1.40
N PRO K 88 -39.64 -76.26 0.35
CA PRO K 88 -41.09 -76.40 0.44
C PRO K 88 -41.49 -77.83 0.78
N SER K 89 -42.56 -77.95 1.55
CA SER K 89 -43.00 -79.25 2.03
C SER K 89 -43.61 -80.07 0.91
N HIS K 90 -43.63 -81.39 1.10
CA HIS K 90 -44.17 -82.31 0.11
C HIS K 90 -44.85 -83.47 0.81
N PHE K 91 -45.19 -84.50 0.05
CA PHE K 91 -45.81 -85.70 0.60
C PHE K 91 -44.85 -86.86 0.50
N SER K 92 -44.85 -87.72 1.53
CA SER K 92 -43.95 -88.86 1.59
C SER K 92 -44.73 -90.10 2.00
N ARG K 93 -44.30 -91.23 1.47
CA ARG K 93 -44.94 -92.50 1.76
C ARG K 93 -44.65 -92.96 3.18
N GLY K 94 -45.26 -94.07 3.57
CA GLY K 94 -45.00 -94.68 4.85
C GLY K 94 -43.78 -95.58 4.80
N SER K 95 -43.54 -96.26 5.91
CA SER K 95 -42.43 -97.20 6.00
C SER K 95 -42.88 -98.58 5.57
N LYS K 96 -42.28 -99.05 4.46
CA LYS K 96 -42.70 -100.31 3.85
C LYS K 96 -42.45 -101.49 4.78
N SER K 97 -41.33 -101.50 5.49
CA SER K 97 -41.05 -102.63 6.40
C SER K 97 -42.09 -102.70 7.51
N VAL K 98 -42.44 -101.56 8.09
CA VAL K 98 -43.45 -101.56 9.16
C VAL K 98 -44.79 -102.02 8.62
N ALA K 99 -45.19 -101.51 7.45
CA ALA K 99 -46.47 -101.92 6.89
C ALA K 99 -46.49 -103.41 6.58
N ARG K 100 -45.40 -103.91 5.98
CA ARG K 100 -45.33 -105.32 5.62
C ARG K 100 -45.32 -106.20 6.87
N ARG K 101 -44.62 -105.78 7.92
CA ARG K 101 -44.60 -106.54 9.15
C ARG K 101 -45.97 -106.57 9.80
N VAL K 102 -46.70 -105.45 9.76
CA VAL K 102 -48.05 -105.44 10.30
C VAL K 102 -48.95 -106.39 9.52
N LEU K 103 -48.86 -106.35 8.20
CA LEU K 103 -49.68 -107.23 7.38
C LEU K 103 -49.34 -108.70 7.60
N GLN K 104 -48.05 -109.02 7.74
CA GLN K 104 -47.65 -110.39 8.01
C GLN K 104 -48.09 -110.83 9.40
N ALA K 105 -48.07 -109.91 10.38
CA ALA K 105 -48.56 -110.22 11.70
C ALA K 105 -50.05 -110.53 11.68
N LEU K 106 -50.82 -109.76 10.90
CA LEU K 106 -52.24 -110.04 10.78
C LEU K 106 -52.47 -111.38 10.08
N GLU K 107 -51.68 -111.67 9.04
CA GLU K 107 -51.81 -112.95 8.35
C GLU K 107 -51.51 -114.11 9.28
N GLY K 108 -50.49 -113.97 10.13
CA GLY K 108 -50.23 -114.98 11.14
C GLY K 108 -51.25 -115.02 12.25
N LEU K 109 -51.95 -113.92 12.47
CA LEU K 109 -53.06 -113.87 13.41
C LEU K 109 -54.35 -114.40 12.81
N LYS K 110 -54.33 -114.74 11.51
CA LYS K 110 -55.39 -115.46 10.80
C LYS K 110 -56.58 -114.56 10.50
N MET K 111 -56.51 -113.29 10.87
CA MET K 111 -57.57 -112.35 10.54
C MET K 111 -57.48 -111.84 9.11
N VAL K 112 -56.38 -112.09 8.42
CA VAL K 112 -56.13 -111.55 7.08
C VAL K 112 -55.61 -112.66 6.19
N GLU K 113 -56.13 -112.74 4.97
CA GLU K 113 -55.67 -113.71 4.00
C GLU K 113 -55.39 -113.02 2.67
N LYS K 114 -54.54 -113.65 1.87
CA LYS K 114 -54.18 -113.12 0.56
C LYS K 114 -55.31 -113.35 -0.43
N ASP K 115 -55.44 -112.41 -1.37
CA ASP K 115 -56.40 -112.54 -2.45
C ASP K 115 -55.85 -113.42 -3.55
N GLN K 116 -56.71 -113.74 -4.52
CA GLN K 116 -56.24 -114.45 -5.71
C GLN K 116 -55.29 -113.57 -6.52
N ASP K 117 -55.56 -112.27 -6.58
CA ASP K 117 -54.62 -111.30 -7.11
C ASP K 117 -53.82 -110.72 -5.94
N GLY K 118 -53.10 -109.63 -6.20
CA GLY K 118 -52.27 -109.03 -5.17
C GLY K 118 -53.08 -108.40 -4.05
N GLY K 119 -52.37 -108.07 -2.97
CA GLY K 119 -53.01 -107.51 -1.80
C GLY K 119 -53.57 -108.59 -0.89
N ARG K 120 -54.24 -108.13 0.15
CA ARG K 120 -54.85 -109.04 1.12
C ARG K 120 -56.09 -108.38 1.71
N LYS K 121 -57.03 -109.21 2.15
CA LYS K 121 -58.28 -108.75 2.72
C LYS K 121 -58.56 -109.51 4.01
N LEU K 122 -59.71 -109.26 4.61
CA LEU K 122 -60.09 -109.88 5.86
C LEU K 122 -60.71 -111.25 5.62
N THR K 123 -60.32 -112.21 6.46
CA THR K 123 -60.97 -113.51 6.50
C THR K 123 -62.37 -113.37 7.11
N PRO K 124 -63.23 -114.38 6.92
CA PRO K 124 -64.49 -114.37 7.67
C PRO K 124 -64.29 -114.26 9.17
N GLN K 125 -63.25 -114.91 9.69
CA GLN K 125 -62.91 -114.77 11.11
C GLN K 125 -62.54 -113.34 11.43
N GLY K 126 -61.79 -112.69 10.54
CA GLY K 126 -61.44 -111.29 10.75
C GLY K 126 -62.66 -110.39 10.78
N GLN K 127 -63.60 -110.62 9.85
CA GLN K 127 -64.83 -109.84 9.85
C GLN K 127 -65.63 -110.07 11.12
N ARG K 128 -65.66 -111.32 11.59
CA ARG K 128 -66.34 -111.63 12.85
C ARG K 128 -65.72 -110.88 14.01
N ASP K 129 -64.39 -110.85 14.09
CA ASP K 129 -63.72 -110.13 15.17
C ASP K 129 -64.00 -108.63 15.08
N LEU K 130 -63.91 -108.07 13.88
CA LEU K 130 -64.18 -106.65 13.68
C LEU K 130 -65.60 -106.29 14.09
N ASP K 131 -66.58 -107.10 13.71
CA ASP K 131 -67.96 -106.79 14.05
C ASP K 131 -68.27 -107.04 15.52
N ARG K 132 -67.60 -108.00 16.16
CA ARG K 132 -67.78 -108.16 17.61
C ARG K 132 -67.23 -106.95 18.35
N ILE K 133 -66.09 -106.42 17.92
CA ILE K 133 -65.55 -105.23 18.54
C ILE K 133 -66.45 -104.03 18.25
N ALA K 134 -67.03 -103.99 17.05
CA ALA K 134 -68.03 -102.96 16.77
C ALA K 134 -69.22 -103.06 17.70
N GLY K 135 -69.66 -104.28 17.99
CA GLY K 135 -70.75 -104.46 18.94
C GLY K 135 -70.40 -103.97 20.33
N GLN K 136 -69.20 -104.31 20.80
CA GLN K 136 -68.85 -103.88 22.15
C GLN K 136 -68.65 -102.36 22.23
N VAL K 137 -68.12 -101.73 21.17
CA VAL K 137 -67.96 -100.28 21.24
C VAL K 137 -69.31 -99.58 21.11
N ALA K 138 -70.24 -100.15 20.32
CA ALA K 138 -71.58 -99.60 20.27
C ALA K 138 -72.27 -99.71 21.63
N ALA K 139 -72.12 -100.84 22.30
CA ALA K 139 -72.70 -101.00 23.63
C ALA K 139 -72.07 -100.03 24.63
N ALA K 140 -70.75 -99.85 24.55
CA ALA K 140 -70.08 -98.93 25.47
C ALA K 140 -70.53 -97.49 25.24
N ASN K 141 -70.70 -97.10 23.97
CA ASN K 141 -71.21 -95.77 23.68
C ASN K 141 -72.65 -95.62 24.16
N LYS K 142 -73.46 -96.66 24.01
CA LYS K 142 -74.84 -96.59 24.47
C LYS K 142 -74.91 -96.44 25.98
N LYS K 143 -74.09 -97.18 26.72
CA LYS K 143 -74.08 -97.08 28.18
C LYS K 143 -72.67 -96.90 28.71
CA ALA L 1 -70.16 -118.19 -38.00
C ALA L 1 -70.51 -116.95 -37.18
N ILE L 2 -69.94 -116.86 -35.98
CA ILE L 2 -70.20 -115.76 -35.06
C ILE L 2 -68.89 -115.01 -34.84
N HIS L 3 -68.92 -113.70 -35.09
CA HIS L 3 -67.74 -112.86 -34.88
C HIS L 3 -68.18 -111.55 -34.26
N ARG L 4 -67.27 -110.94 -33.49
CA ARG L 4 -67.53 -109.70 -32.80
C ARG L 4 -66.54 -108.67 -33.29
N ILE L 5 -67.04 -107.51 -33.73
CA ILE L 5 -66.19 -106.47 -34.29
C ILE L 5 -66.44 -105.17 -33.54
N ARG L 6 -65.37 -104.55 -33.08
CA ARG L 6 -65.40 -103.22 -32.48
C ARG L 6 -64.65 -102.28 -33.41
N ILE L 7 -65.30 -101.17 -33.77
CA ILE L 7 -64.71 -100.17 -34.65
C ILE L 7 -64.50 -98.91 -33.82
N THR L 8 -63.23 -98.54 -33.65
CA THR L 8 -62.86 -97.34 -32.92
C THR L 8 -62.50 -96.26 -33.94
N LEU L 9 -63.16 -95.11 -33.84
CA LEU L 9 -62.95 -93.98 -34.74
C LEU L 9 -62.36 -92.85 -33.93
N THR L 10 -61.18 -92.39 -34.32
CA THR L 10 -60.48 -91.35 -33.57
C THR L 10 -60.07 -90.24 -34.51
N SER L 11 -60.35 -88.99 -34.13
CA SER L 11 -60.10 -87.86 -35.01
C SER L 11 -59.87 -86.61 -34.17
N ARG L 12 -59.82 -85.46 -34.85
CA ARG L 12 -59.60 -84.19 -34.18
C ARG L 12 -60.79 -83.23 -34.25
N ASN L 13 -61.71 -83.42 -35.19
CA ASN L 13 -62.87 -82.55 -35.29
C ASN L 13 -64.15 -83.36 -35.14
N VAL L 14 -65.01 -82.89 -34.24
CA VAL L 14 -66.22 -83.62 -33.88
C VAL L 14 -67.17 -83.71 -35.06
N LYS L 15 -67.13 -82.75 -35.98
CA LYS L 15 -68.04 -82.81 -37.13
C LYS L 15 -67.74 -84.02 -38.00
N SER L 16 -66.48 -84.19 -38.41
CA SER L 16 -66.11 -85.33 -39.21
C SER L 16 -66.26 -86.63 -38.44
N LEU L 17 -65.92 -86.61 -37.14
CA LEU L 17 -66.09 -87.83 -36.34
C LEU L 17 -67.55 -88.23 -36.26
N GLU L 18 -68.45 -87.27 -36.05
CA GLU L 18 -69.87 -87.59 -35.96
C GLU L 18 -70.42 -88.03 -37.30
N LYS L 19 -69.95 -87.44 -38.40
CA LYS L 19 -70.41 -87.88 -39.71
C LYS L 19 -69.98 -89.32 -39.99
N VAL L 20 -68.73 -89.66 -39.67
CA VAL L 20 -68.25 -91.00 -39.94
C VAL L 20 -68.81 -92.02 -38.95
N CYS L 21 -69.29 -91.58 -37.79
CA CYS L 21 -70.06 -92.49 -36.94
C CYS L 21 -71.47 -92.69 -37.50
N ALA L 22 -72.10 -91.60 -37.94
CA ALA L 22 -73.50 -91.63 -38.34
C ALA L 22 -73.69 -92.46 -39.60
N ASP L 23 -72.81 -92.30 -40.59
CA ASP L 23 -73.01 -93.06 -41.81
C ASP L 23 -72.77 -94.55 -41.59
N LEU L 24 -71.79 -94.91 -40.75
CA LEU L 24 -71.58 -96.32 -40.43
C LEU L 24 -72.78 -96.91 -39.72
N ILE L 25 -73.31 -96.18 -38.73
CA ILE L 25 -74.49 -96.65 -38.01
C ILE L 25 -75.68 -96.78 -38.95
N ARG L 26 -75.84 -95.81 -39.84
CA ARG L 26 -76.96 -95.85 -40.79
C ARG L 26 -76.86 -97.04 -41.74
N GLY L 27 -75.66 -97.30 -42.27
CA GLY L 27 -75.49 -98.44 -43.15
C GLY L 27 -75.73 -99.76 -42.45
N ALA L 28 -75.22 -99.90 -41.23
CA ALA L 28 -75.44 -101.12 -40.48
C ALA L 28 -76.92 -101.30 -40.11
N LYS L 29 -77.61 -100.21 -39.78
CA LYS L 29 -79.03 -100.29 -39.50
C LYS L 29 -79.82 -100.67 -40.74
N GLU L 30 -79.43 -100.13 -41.91
CA GLU L 30 -80.09 -100.52 -43.15
C GLU L 30 -79.88 -101.99 -43.45
N LYS L 31 -78.68 -102.50 -43.17
CA LYS L 31 -78.42 -103.93 -43.28
C LYS L 31 -78.82 -104.68 -42.00
N ASN L 32 -79.62 -104.03 -41.14
CA ASN L 32 -80.23 -104.61 -39.93
C ASN L 32 -79.20 -105.24 -38.99
N LEU L 33 -77.96 -104.77 -39.05
CA LEU L 33 -76.95 -105.13 -38.06
C LEU L 33 -77.36 -104.59 -36.69
N LYS L 34 -77.12 -105.36 -35.65
CA LYS L 34 -77.34 -104.84 -34.30
C LYS L 34 -76.17 -103.94 -33.94
N VAL L 35 -76.43 -102.65 -33.80
CA VAL L 35 -75.41 -101.65 -33.56
C VAL L 35 -75.44 -101.30 -32.09
N LYS L 36 -74.35 -101.54 -31.39
CA LYS L 36 -74.23 -101.00 -30.04
C LYS L 36 -74.10 -99.49 -30.12
N GLY L 37 -74.66 -98.80 -29.14
CA GLY L 37 -74.75 -97.36 -29.16
C GLY L 37 -73.38 -96.70 -29.32
N PRO L 38 -73.34 -95.58 -30.04
CA PRO L 38 -72.07 -94.88 -30.22
C PRO L 38 -71.56 -94.30 -28.91
N VAL L 39 -70.48 -94.85 -28.41
CA VAL L 39 -69.95 -94.44 -27.11
C VAL L 39 -68.77 -93.52 -27.36
N ARG L 40 -68.63 -92.54 -26.46
CA ARG L 40 -67.71 -91.43 -26.63
C ARG L 40 -66.71 -91.46 -25.47
N MET L 41 -65.49 -91.88 -25.77
CA MET L 41 -64.43 -91.82 -24.78
C MET L 41 -64.14 -90.35 -24.47
N PRO L 42 -63.75 -90.03 -23.24
CA PRO L 42 -63.48 -88.63 -22.90
C PRO L 42 -62.37 -88.05 -23.78
N THR L 43 -62.58 -86.81 -24.19
CA THR L 43 -61.68 -86.17 -25.14
C THR L 43 -60.35 -85.85 -24.49
N LYS L 44 -59.27 -86.01 -25.25
CA LYS L 44 -57.92 -85.76 -24.76
C LYS L 44 -57.45 -84.39 -25.22
N THR L 45 -56.95 -83.60 -24.28
CA THR L 45 -56.49 -82.24 -24.57
C THR L 45 -54.98 -82.22 -24.41
N LEU L 46 -54.27 -82.23 -25.54
CA LEU L 46 -52.82 -82.10 -25.57
C LEU L 46 -52.51 -80.62 -25.49
N ARG L 47 -51.99 -80.19 -24.35
CA ARG L 47 -51.75 -78.77 -24.10
C ARG L 47 -50.25 -78.51 -24.02
N ILE L 48 -49.78 -77.55 -24.79
CA ILE L 48 -48.38 -77.13 -24.76
C ILE L 48 -48.34 -75.64 -24.51
N THR L 49 -47.57 -75.22 -23.50
CA THR L 49 -47.49 -73.82 -23.13
C THR L 49 -46.04 -73.38 -23.26
N THR L 50 -45.76 -72.51 -24.22
CA THR L 50 -44.41 -72.06 -24.50
C THR L 50 -44.32 -70.55 -24.32
N ARG L 51 -43.12 -70.02 -24.47
CA ARG L 51 -42.94 -68.57 -24.48
C ARG L 51 -43.20 -68.04 -25.88
N LYS L 52 -43.98 -66.97 -25.98
CA LYS L 52 -44.25 -66.37 -27.28
C LYS L 52 -42.99 -65.82 -27.92
N THR L 53 -42.14 -65.20 -27.12
CA THR L 53 -40.92 -64.60 -27.66
C THR L 53 -39.94 -65.69 -28.09
N PRO L 54 -39.09 -65.40 -29.07
CA PRO L 54 -37.99 -66.31 -29.39
C PRO L 54 -36.67 -66.00 -28.70
N CYS L 55 -36.58 -64.86 -28.00
CA CYS L 55 -35.31 -64.41 -27.44
C CYS L 55 -35.33 -64.20 -25.94
N GLY L 56 -36.48 -64.35 -25.28
CA GLY L 56 -36.52 -64.16 -23.85
C GLY L 56 -36.63 -62.73 -23.37
N GLU L 57 -36.77 -61.77 -24.27
CA GLU L 57 -37.03 -60.38 -23.91
C GLU L 57 -38.51 -60.08 -24.11
N GLY L 58 -39.07 -59.30 -23.20
CA GLY L 58 -40.45 -58.91 -23.28
C GLY L 58 -41.09 -58.99 -21.92
N SER L 59 -42.43 -59.02 -21.92
CA SER L 59 -43.19 -59.08 -20.70
C SER L 59 -43.56 -60.51 -20.30
N LYS L 60 -42.86 -61.49 -20.84
CA LYS L 60 -43.08 -62.91 -20.51
C LYS L 60 -44.52 -63.33 -20.81
N THR L 61 -44.86 -63.29 -22.09
CA THR L 61 -46.19 -63.66 -22.57
C THR L 61 -46.15 -65.09 -23.06
N TRP L 62 -47.09 -65.92 -22.59
CA TRP L 62 -47.06 -67.34 -22.87
C TRP L 62 -48.12 -67.71 -23.89
N ASP L 63 -47.76 -68.62 -24.79
CA ASP L 63 -48.63 -69.13 -25.83
C ASP L 63 -49.13 -70.50 -25.43
N ARG L 64 -50.45 -70.71 -25.55
CA ARG L 64 -51.10 -71.93 -25.11
C ARG L 64 -51.72 -72.62 -26.32
N PHE L 65 -51.07 -73.68 -26.80
CA PHE L 65 -51.56 -74.46 -27.91
C PHE L 65 -52.31 -75.68 -27.38
N GLN L 66 -53.47 -75.93 -27.97
CA GLN L 66 -54.31 -77.06 -27.62
C GLN L 66 -54.48 -77.97 -28.83
N MET L 67 -54.63 -79.26 -28.54
CA MET L 67 -54.94 -80.26 -29.57
C MET L 67 -55.99 -81.18 -28.99
N ARG L 68 -57.18 -81.18 -29.57
CA ARG L 68 -58.29 -81.97 -29.06
C ARG L 68 -58.40 -83.27 -29.86
N ILE L 69 -58.34 -84.39 -29.16
CA ILE L 69 -58.48 -85.71 -29.77
C ILE L 69 -59.79 -86.31 -29.27
N HIS L 70 -60.67 -86.66 -30.20
CA HIS L 70 -61.97 -87.23 -29.89
C HIS L 70 -62.00 -88.69 -30.34
N LYS L 71 -62.60 -89.53 -29.51
CA LYS L 71 -62.59 -90.98 -29.70
C LYS L 71 -64.01 -91.50 -29.52
N ARG L 72 -64.56 -92.12 -30.55
CA ARG L 72 -65.83 -92.81 -30.47
C ARG L 72 -65.59 -94.27 -30.81
N LEU L 73 -66.52 -95.14 -30.41
CA LEU L 73 -66.40 -96.52 -30.88
C LEU L 73 -67.75 -97.21 -30.93
N ILE L 74 -67.83 -98.22 -31.79
CA ILE L 74 -69.06 -98.92 -32.15
C ILE L 74 -68.79 -100.42 -32.00
N ASP L 75 -69.85 -101.18 -31.72
CA ASP L 75 -69.79 -102.64 -31.72
C ASP L 75 -70.84 -103.18 -32.67
N LEU L 76 -70.44 -104.12 -33.52
CA LEU L 76 -71.31 -104.68 -34.55
C LEU L 76 -71.70 -106.10 -34.17
N HIS L 77 -72.99 -106.40 -34.32
CA HIS L 77 -73.53 -107.70 -33.93
C HIS L 77 -74.36 -108.27 -35.07
N SER L 78 -74.15 -109.55 -35.36
CA SER L 78 -74.95 -110.28 -36.34
C SER L 78 -74.74 -111.76 -36.14
N PRO L 79 -75.76 -112.59 -36.39
CA PRO L 79 -75.53 -114.04 -36.44
C PRO L 79 -74.64 -114.46 -37.60
N SER L 80 -74.45 -113.62 -38.60
CA SER L 80 -73.61 -113.90 -39.74
C SER L 80 -72.28 -113.18 -39.60
N GLU L 81 -71.33 -113.56 -40.47
CA GLU L 81 -70.01 -112.96 -40.44
C GLU L 81 -70.10 -111.54 -40.98
N ILE L 82 -69.32 -110.63 -40.41
CA ILE L 82 -69.60 -109.21 -40.56
C ILE L 82 -68.63 -108.54 -41.55
N VAL L 83 -67.42 -109.09 -41.69
CA VAL L 83 -66.44 -108.48 -42.59
C VAL L 83 -66.91 -108.58 -44.04
N LYS L 84 -67.43 -109.74 -44.43
CA LYS L 84 -67.96 -109.87 -45.78
C LYS L 84 -69.19 -109.00 -45.99
N GLN L 85 -69.95 -108.74 -44.93
CA GLN L 85 -71.15 -107.91 -45.06
C GLN L 85 -70.77 -106.44 -45.28
N ILE L 86 -69.84 -105.93 -44.47
CA ILE L 86 -69.36 -104.56 -44.63
C ILE L 86 -67.84 -104.59 -44.78
N THR L 87 -67.37 -104.16 -45.94
CA THR L 87 -65.94 -104.13 -46.24
C THR L 87 -65.40 -102.72 -46.40
N SER L 88 -66.20 -101.80 -46.94
CA SER L 88 -65.80 -100.40 -47.06
C SER L 88 -65.84 -99.71 -45.70
N ILE L 89 -65.32 -98.49 -45.66
CA ILE L 89 -65.25 -97.73 -44.43
C ILE L 89 -66.03 -96.42 -44.59
N SER L 90 -66.07 -95.91 -45.82
CA SER L 90 -66.78 -94.68 -46.18
C SER L 90 -66.40 -93.52 -45.26
N ILE L 91 -65.10 -93.27 -45.16
CA ILE L 91 -64.56 -92.24 -44.29
C ILE L 91 -64.11 -91.05 -45.13
N GLU L 92 -63.76 -89.98 -44.44
CA GLU L 92 -63.19 -88.77 -45.02
C GLU L 92 -61.88 -88.47 -44.30
N PRO L 93 -60.98 -87.73 -44.94
CA PRO L 93 -59.67 -87.48 -44.31
C PRO L 93 -59.81 -86.75 -42.98
N GLY L 94 -58.91 -87.07 -42.06
CA GLY L 94 -58.92 -86.51 -40.72
C GLY L 94 -59.35 -87.48 -39.65
N VAL L 95 -59.92 -88.63 -40.01
CA VAL L 95 -60.38 -89.63 -39.05
C VAL L 95 -59.60 -90.91 -39.29
N GLU L 96 -59.38 -91.67 -38.21
CA GLU L 96 -58.67 -92.92 -38.26
C GLU L 96 -59.55 -94.03 -37.71
N VAL L 97 -59.52 -95.17 -38.38
CA VAL L 97 -60.35 -96.32 -38.03
C VAL L 97 -59.49 -97.39 -37.36
N GLU L 98 -60.15 -98.21 -36.54
CA GLU L 98 -59.47 -99.30 -35.85
C GLU L 98 -60.48 -100.44 -35.69
N VAL L 99 -60.36 -101.45 -36.53
CA VAL L 99 -61.23 -102.62 -36.44
C VAL L 99 -60.55 -103.68 -35.58
N THR L 100 -61.30 -104.26 -34.66
CA THR L 100 -60.73 -105.20 -33.71
C THR L 100 -61.73 -106.31 -33.43
N ILE L 101 -61.27 -107.55 -33.46
CA ILE L 101 -62.08 -108.69 -33.07
C ILE L 101 -61.95 -108.87 -31.56
N ALA L 102 -63.00 -109.40 -30.94
CA ALA L 102 -63.06 -109.52 -29.49
C ALA L 102 -62.03 -110.47 -28.91
N ASP L 103 -61.37 -111.28 -29.75
CA ASP L 103 -60.33 -112.18 -29.26
C ASP L 103 -59.16 -111.40 -28.66
N ALA L 104 -58.76 -110.31 -29.32
CA ALA L 104 -57.67 -109.48 -28.83
C ALA L 104 -58.15 -108.57 -27.69
N ARG M 1 -42.21 -58.40 34.11
CA ARG M 1 -42.59 -59.08 32.89
C ARG M 1 -41.36 -59.29 32.00
N ASP M 2 -40.45 -60.13 32.47
CA ASP M 2 -39.30 -60.56 31.69
C ASP M 2 -39.27 -62.05 31.46
N LYS M 3 -39.40 -62.86 32.50
CA LYS M 3 -39.48 -64.31 32.39
C LYS M 3 -40.43 -64.83 33.46
N LEU M 4 -41.00 -66.00 33.20
CA LEU M 4 -42.01 -66.54 34.09
C LEU M 4 -41.44 -67.46 35.16
N ASN M 5 -40.43 -68.26 34.81
CA ASN M 5 -39.86 -69.31 35.67
C ASN M 5 -40.94 -70.06 36.43
N ASN M 6 -41.96 -70.49 35.70
CA ASN M 6 -43.11 -71.14 36.29
C ASN M 6 -42.73 -72.49 36.89
N LEU M 7 -43.41 -72.85 37.97
CA LEU M 7 -43.08 -74.08 38.69
C LEU M 7 -43.51 -75.29 37.88
N VAL M 8 -42.56 -76.20 37.64
CA VAL M 8 -42.86 -77.43 36.94
C VAL M 8 -43.68 -78.37 37.83
N LEU M 9 -43.37 -78.41 39.13
CA LEU M 9 -44.07 -79.24 40.08
C LEU M 9 -44.52 -78.41 41.27
N PHE M 10 -45.55 -78.91 41.95
CA PHE M 10 -46.12 -78.18 43.07
C PHE M 10 -45.21 -78.21 44.28
N ASP M 11 -45.52 -77.34 45.23
CA ASP M 11 -45.02 -77.41 46.59
C ASP M 11 -46.24 -77.42 47.52
N LYS M 12 -45.97 -77.41 48.83
CA LYS M 12 -47.09 -77.36 49.77
C LYS M 12 -47.84 -76.03 49.67
N ALA M 13 -47.11 -74.92 49.58
CA ALA M 13 -47.71 -73.59 49.54
C ALA M 13 -48.42 -73.31 48.22
N THR M 14 -48.24 -74.15 47.22
CA THR M 14 -49.02 -74.07 45.98
C THR M 14 -50.18 -75.05 45.96
N TYR M 15 -49.95 -76.27 46.45
CA TYR M 15 -51.00 -77.27 46.47
C TYR M 15 -52.13 -76.88 47.40
N ASP M 16 -51.80 -76.30 48.56
CA ASP M 16 -52.86 -75.88 49.47
C ASP M 16 -53.68 -74.75 48.87
N LYS M 17 -53.03 -73.81 48.18
CA LYS M 17 -53.75 -72.75 47.50
C LYS M 17 -54.66 -73.31 46.42
N LEU M 18 -54.17 -74.29 45.66
CA LEU M 18 -54.99 -74.93 44.65
C LEU M 18 -56.21 -75.61 45.27
N CYS M 19 -56.01 -76.33 46.37
CA CYS M 19 -57.13 -77.04 46.98
C CYS M 19 -58.06 -76.13 47.76
N LYS M 20 -57.63 -74.91 48.08
CA LYS M 20 -58.46 -74.02 48.90
C LYS M 20 -59.18 -72.94 48.11
N GLU M 21 -58.67 -72.53 46.94
CA GLU M 21 -59.35 -71.44 46.23
C GLU M 21 -59.50 -71.62 44.74
N VAL M 22 -58.87 -72.62 44.10
CA VAL M 22 -59.13 -72.88 42.69
C VAL M 22 -60.58 -73.28 42.44
N PRO M 23 -61.21 -74.23 43.22
CA PRO M 23 -62.63 -74.54 43.02
C PRO M 23 -63.56 -73.49 43.62
N ASN M 24 -63.26 -72.23 43.38
CA ASN M 24 -64.09 -71.11 43.83
C ASN M 24 -64.62 -70.29 42.68
N TYR M 25 -63.76 -69.87 41.76
CA TYR M 25 -64.14 -69.01 40.66
C TYR M 25 -64.68 -69.83 39.50
N LYS M 26 -65.43 -69.15 38.62
CA LYS M 26 -66.26 -69.84 37.64
C LYS M 26 -65.43 -70.54 36.57
N LEU M 27 -64.45 -69.84 36.02
CA LEU M 27 -63.70 -70.34 34.88
C LEU M 27 -62.45 -71.08 35.35
N ILE M 28 -62.31 -72.33 34.91
CA ILE M 28 -61.12 -73.12 35.19
C ILE M 28 -60.62 -73.68 33.87
N THR M 29 -59.52 -73.12 33.38
CA THR M 29 -58.79 -73.58 32.21
C THR M 29 -57.33 -73.74 32.60
N PRO M 30 -56.59 -74.60 31.90
CA PRO M 30 -55.15 -74.75 32.23
C PRO M 30 -54.38 -73.45 32.15
N ALA M 31 -54.69 -72.59 31.18
CA ALA M 31 -53.97 -71.32 31.06
C ALA M 31 -54.26 -70.40 32.24
N VAL M 32 -55.52 -70.29 32.65
CA VAL M 32 -55.84 -69.41 33.76
C VAL M 32 -55.30 -69.98 35.07
N VAL M 33 -55.29 -71.31 35.22
CA VAL M 33 -54.70 -71.92 36.41
C VAL M 33 -53.20 -71.64 36.44
N SER M 34 -52.53 -71.79 35.30
CA SER M 34 -51.10 -71.53 35.25
C SER M 34 -50.79 -70.06 35.55
N GLU M 35 -51.60 -69.15 35.03
CA GLU M 35 -51.35 -67.74 35.27
C GLU M 35 -51.62 -67.37 36.72
N ARG M 36 -52.64 -67.97 37.33
CA ARG M 36 -52.98 -67.64 38.71
C ARG M 36 -52.02 -68.29 39.71
N LEU M 37 -51.45 -69.44 39.38
CA LEU M 37 -50.63 -70.19 40.32
C LEU M 37 -49.15 -70.16 40.00
N LYS M 38 -48.74 -69.51 38.91
CA LYS M 38 -47.34 -69.45 38.47
C LYS M 38 -46.76 -70.85 38.27
N ILE M 39 -47.57 -71.76 37.75
CA ILE M 39 -47.15 -73.11 37.48
C ILE M 39 -46.94 -73.30 35.98
N ARG M 40 -46.41 -74.46 35.61
CA ARG M 40 -45.99 -74.71 34.23
C ARG M 40 -47.17 -74.62 33.26
N GLY M 41 -48.15 -75.48 33.44
CA GLY M 41 -49.30 -75.51 32.55
C GLY M 41 -49.62 -76.91 32.10
N SER M 42 -48.59 -77.69 31.78
CA SER M 42 -48.76 -79.14 31.72
C SER M 42 -49.09 -79.69 33.10
N LEU M 43 -48.39 -79.20 34.12
CA LEU M 43 -48.74 -79.52 35.50
C LEU M 43 -50.14 -79.04 35.82
N ALA M 44 -50.53 -77.87 35.29
CA ALA M 44 -51.89 -77.39 35.51
C ALA M 44 -52.92 -78.32 34.90
N ARG M 45 -52.65 -78.81 33.68
CA ARG M 45 -53.55 -79.77 33.05
C ARG M 45 -53.69 -81.03 33.89
N ALA M 46 -52.56 -81.55 34.36
CA ALA M 46 -52.59 -82.76 35.17
C ALA M 46 -53.34 -82.52 36.48
N ALA M 47 -53.11 -81.39 37.12
CA ALA M 47 -53.81 -81.09 38.37
C ALA M 47 -55.30 -80.92 38.16
N LEU M 48 -55.69 -80.31 37.04
CA LEU M 48 -57.11 -80.10 36.77
C LEU M 48 -57.81 -81.43 36.51
N GLN M 49 -57.19 -82.31 35.73
CA GLN M 49 -57.82 -83.62 35.54
C GLN M 49 -57.76 -84.46 36.81
N GLU M 50 -56.78 -84.23 37.69
CA GLU M 50 -56.78 -84.88 39.00
C GLU M 50 -57.95 -84.39 39.85
N LEU M 51 -58.24 -83.10 39.82
CA LEU M 51 -59.39 -82.58 40.54
C LEU M 51 -60.69 -83.13 39.97
N LEU M 52 -60.76 -83.28 38.65
CA LEU M 52 -61.93 -83.90 38.05
C LEU M 52 -62.08 -85.35 38.51
N SER M 53 -60.97 -86.09 38.56
CA SER M 53 -61.03 -87.47 39.06
C SER M 53 -61.43 -87.51 40.52
N LYS M 54 -61.05 -86.48 41.29
CA LYS M 54 -61.56 -86.36 42.65
C LYS M 54 -63.06 -86.11 42.67
N GLY M 55 -63.57 -85.40 41.66
CA GLY M 55 -64.98 -85.16 41.54
C GLY M 55 -65.47 -83.80 41.99
N LEU M 56 -64.57 -82.88 42.29
CA LEU M 56 -64.95 -81.56 42.78
C LEU M 56 -64.85 -80.48 41.71
N ILE M 57 -64.68 -80.86 40.45
CA ILE M 57 -64.56 -79.92 39.34
C ILE M 57 -65.36 -80.48 38.16
N LYS M 58 -66.14 -79.63 37.50
CA LYS M 58 -67.05 -80.06 36.45
C LYS M 58 -66.52 -79.64 35.09
N LEU M 59 -66.27 -80.60 34.22
CA LEU M 59 -65.84 -80.32 32.86
C LEU M 59 -67.04 -79.92 32.00
N VAL M 60 -66.78 -79.11 30.96
CA VAL M 60 -67.82 -78.75 30.01
C VAL M 60 -67.46 -79.13 28.58
N SER M 61 -66.21 -78.91 28.16
CA SER M 61 -65.88 -79.00 26.74
C SER M 61 -64.96 -80.16 26.39
N LYS M 62 -63.76 -80.22 26.96
CA LYS M 62 -62.77 -81.25 26.67
C LYS M 62 -62.46 -81.32 25.17
N HIS M 63 -61.83 -80.27 24.68
CA HIS M 63 -61.35 -80.26 23.32
C HIS M 63 -59.83 -80.29 23.30
N ARG M 64 -59.28 -80.66 22.15
CA ARG M 64 -57.82 -80.75 21.99
C ARG M 64 -57.16 -79.41 22.27
N ALA M 65 -57.66 -78.34 21.65
CA ALA M 65 -57.03 -77.04 21.80
C ALA M 65 -57.41 -76.33 23.10
N GLN M 66 -58.46 -76.79 23.78
CA GLN M 66 -58.97 -76.06 24.94
C GLN M 66 -59.85 -76.99 25.75
N VAL M 67 -59.57 -77.10 27.04
CA VAL M 67 -60.40 -77.83 27.98
C VAL M 67 -60.88 -76.86 29.04
N ILE M 68 -62.18 -76.87 29.33
CA ILE M 68 -62.81 -75.88 30.18
C ILE M 68 -63.53 -76.57 31.33
N TYR M 69 -63.31 -76.05 32.53
CA TYR M 69 -63.91 -76.57 33.75
C TYR M 69 -64.68 -75.46 34.46
N THR M 70 -65.40 -75.87 35.51
CA THR M 70 -66.21 -74.96 36.30
C THR M 70 -66.40 -75.55 37.68
N ARG M 71 -66.87 -74.71 38.59
CA ARG M 71 -67.14 -75.12 39.96
C ARG M 71 -68.45 -75.89 40.03
N ASN M 72 -68.57 -76.72 41.06
CA ASN M 72 -69.82 -77.42 41.32
C ASN M 72 -70.85 -76.46 41.86
N THR M 73 -72.12 -76.68 41.48
CA THR M 73 -73.21 -75.81 41.91
C THR M 73 -73.59 -76.10 43.35
N LYS M 74 -73.89 -75.03 44.09
CA LYS M 74 -74.26 -75.11 45.49
C LYS M 74 -75.75 -74.77 45.63
N GLY M 75 -76.47 -75.57 46.42
CA GLY M 75 -77.88 -75.33 46.66
C GLY M 75 -78.67 -76.60 46.93
N ARG N 1 -74.34 -28.79 30.71
CA ARG N 1 -73.85 -27.73 29.83
C ARG N 1 -73.50 -28.28 28.45
N VAL N 2 -72.77 -29.39 28.43
CA VAL N 2 -72.36 -29.98 27.16
C VAL N 2 -73.57 -30.55 26.44
N GLN N 3 -73.53 -30.50 25.12
CA GLN N 3 -74.62 -31.04 24.32
C GLN N 3 -74.57 -32.57 24.36
N PRO N 4 -75.70 -33.24 24.55
CA PRO N 4 -75.71 -34.70 24.58
C PRO N 4 -75.63 -35.28 23.17
N ILE N 5 -75.25 -36.56 23.12
CA ILE N 5 -75.16 -37.28 21.87
C ILE N 5 -76.57 -37.54 21.36
N LYS N 6 -76.83 -37.22 20.10
CA LYS N 6 -78.17 -37.39 19.55
C LYS N 6 -78.10 -38.22 18.28
N LEU N 7 -79.26 -38.39 17.64
CA LEU N 7 -79.38 -39.27 16.48
C LEU N 7 -80.00 -38.50 15.32
N ALA N 8 -79.56 -38.82 14.10
CA ALA N 8 -80.10 -38.21 12.90
C ALA N 8 -80.25 -39.28 11.84
N ARG N 9 -81.37 -39.23 11.10
CA ARG N 9 -81.65 -40.21 10.07
C ARG N 9 -81.38 -39.60 8.70
N VAL N 10 -80.71 -40.38 7.84
CA VAL N 10 -80.41 -39.94 6.49
C VAL N 10 -81.68 -39.95 5.65
N THR N 11 -81.96 -38.84 4.97
CA THR N 11 -83.04 -38.76 4.01
C THR N 11 -82.57 -38.81 2.57
N LYS N 12 -81.49 -38.09 2.25
CA LYS N 12 -80.96 -38.05 0.90
C LYS N 12 -79.44 -38.15 0.96
N VAL N 13 -78.85 -38.62 -0.13
CA VAL N 13 -77.40 -38.69 -0.29
C VAL N 13 -77.00 -37.66 -1.32
N LEU N 14 -76.05 -36.80 -0.96
CA LEU N 14 -75.69 -35.65 -1.77
C LEU N 14 -74.44 -35.86 -2.61
N GLY N 15 -73.95 -37.09 -2.70
CA GLY N 15 -72.77 -37.40 -3.48
C GLY N 15 -71.50 -37.45 -2.64
N ARG N 16 -70.46 -37.96 -3.27
CA ARG N 16 -69.20 -38.18 -2.59
C ARG N 16 -68.41 -36.87 -2.45
N THR N 17 -67.37 -36.94 -1.64
CA THR N 17 -66.53 -35.80 -1.30
C THR N 17 -65.33 -36.33 -0.53
N GLY N 18 -64.35 -35.45 -0.31
CA GLY N 18 -63.15 -35.81 0.41
C GLY N 18 -61.89 -35.90 -0.42
N SER N 19 -61.94 -35.47 -1.68
CA SER N 19 -60.86 -35.48 -2.66
C SER N 19 -60.43 -36.89 -3.05
N GLN N 20 -61.05 -37.93 -2.49
CA GLN N 20 -60.72 -39.29 -2.84
C GLN N 20 -61.97 -40.17 -2.92
N GLY N 21 -63.16 -39.59 -2.77
CA GLY N 21 -64.38 -40.36 -2.72
C GLY N 21 -64.60 -41.07 -1.41
N GLN N 22 -63.77 -40.82 -0.41
CA GLN N 22 -63.81 -41.57 0.84
C GLN N 22 -64.91 -41.10 1.78
N CYS N 23 -65.55 -39.97 1.50
CA CYS N 23 -66.69 -39.54 2.29
C CYS N 23 -67.87 -39.32 1.36
N THR N 24 -69.08 -39.41 1.91
CA THR N 24 -70.29 -39.06 1.20
C THR N 24 -71.09 -38.07 2.04
N GLN N 25 -71.62 -37.04 1.40
CA GLN N 25 -72.41 -36.04 2.09
C GLN N 25 -73.87 -36.45 2.05
N VAL N 26 -74.52 -36.44 3.20
CA VAL N 26 -75.89 -36.88 3.33
C VAL N 26 -76.67 -35.83 4.09
N ARG N 27 -77.91 -35.61 3.65
CA ARG N 27 -78.85 -34.76 4.36
C ARG N 27 -79.49 -35.59 5.46
N VAL N 28 -79.38 -35.13 6.70
CA VAL N 28 -79.85 -35.87 7.86
C VAL N 28 -80.85 -34.99 8.62
N GLU N 29 -81.96 -35.60 9.01
CA GLU N 29 -82.96 -34.94 9.85
C GLU N 29 -82.93 -35.55 11.24
N PHE N 30 -82.97 -34.71 12.25
CA PHE N 30 -82.90 -35.19 13.63
C PHE N 30 -84.17 -35.93 13.99
N MET N 31 -84.01 -37.05 14.71
CA MET N 31 -85.18 -37.81 15.16
C MET N 31 -85.99 -37.04 16.19
N ASP N 32 -85.39 -36.04 16.84
CA ASP N 32 -86.14 -35.20 17.77
C ASP N 32 -87.12 -34.28 17.05
N ASP N 33 -86.65 -33.60 16.01
CA ASP N 33 -87.47 -32.70 15.22
C ASP N 33 -87.36 -33.07 13.75
N THR N 34 -88.49 -33.46 13.17
CA THR N 34 -88.50 -33.88 11.76
C THR N 34 -88.14 -32.73 10.83
N SER N 35 -88.62 -31.52 11.14
CA SER N 35 -88.38 -30.38 10.26
C SER N 35 -86.90 -29.99 10.25
N ARG N 36 -86.24 -30.02 11.40
CA ARG N 36 -84.85 -29.58 11.47
C ARG N 36 -83.95 -30.62 10.82
N SER N 37 -83.21 -30.20 9.79
CA SER N 37 -82.35 -31.10 9.06
C SER N 37 -81.15 -30.32 8.53
N ILE N 38 -79.99 -30.97 8.52
CA ILE N 38 -78.75 -30.39 8.04
C ILE N 38 -78.11 -31.34 7.05
N ILE N 39 -76.91 -31.00 6.59
CA ILE N 39 -76.11 -31.85 5.72
C ILE N 39 -74.77 -32.11 6.39
N ARG N 40 -74.38 -33.38 6.44
CA ARG N 40 -73.12 -33.76 7.06
C ARG N 40 -72.41 -34.77 6.17
N ASN N 41 -71.09 -34.71 6.17
CA ASN N 41 -70.27 -35.68 5.47
C ASN N 41 -69.91 -36.83 6.41
N VAL N 42 -70.15 -38.05 5.96
CA VAL N 42 -69.94 -39.26 6.73
C VAL N 42 -69.08 -40.21 5.93
N LYS N 43 -68.41 -41.12 6.64
CA LYS N 43 -67.57 -42.12 6.00
C LYS N 43 -68.18 -43.51 6.20
N GLY N 44 -67.85 -44.42 5.29
CA GLY N 44 -68.43 -45.74 5.29
C GLY N 44 -69.60 -45.83 4.33
N PRO N 45 -70.06 -47.04 4.06
CA PRO N 45 -71.18 -47.23 3.13
C PRO N 45 -72.49 -46.74 3.75
N VAL N 46 -73.13 -45.78 3.09
CA VAL N 46 -74.36 -45.17 3.58
C VAL N 46 -75.43 -45.30 2.51
N ARG N 47 -76.64 -45.66 2.93
CA ARG N 47 -77.80 -45.65 2.07
C ARG N 47 -78.92 -44.89 2.75
N GLU N 48 -79.83 -44.35 1.96
CA GLU N 48 -80.91 -43.53 2.51
C GLU N 48 -81.83 -44.37 3.37
N GLY N 49 -82.20 -43.82 4.52
CA GLY N 49 -83.05 -44.52 5.46
C GLY N 49 -82.33 -45.22 6.58
N ASP N 50 -81.21 -44.68 7.06
CA ASP N 50 -80.51 -45.26 8.19
C ASP N 50 -80.13 -44.16 9.18
N VAL N 51 -80.00 -44.56 10.44
CA VAL N 51 -79.79 -43.63 11.54
C VAL N 51 -78.32 -43.63 11.92
N LEU N 52 -77.73 -42.45 12.03
CA LEU N 52 -76.35 -42.28 12.46
C LEU N 52 -76.31 -41.29 13.60
N THR N 53 -75.38 -41.50 14.52
CA THR N 53 -75.32 -40.68 15.72
C THR N 53 -74.46 -39.44 15.48
N LEU N 54 -74.72 -38.41 16.29
CA LEU N 54 -74.00 -37.15 16.22
C LEU N 54 -73.52 -36.79 17.61
N LEU N 55 -72.23 -36.51 17.72
CA LEU N 55 -71.62 -36.02 18.95
C LEU N 55 -71.66 -34.50 19.06
N GLU N 56 -72.05 -33.82 17.98
CA GLU N 56 -72.16 -32.36 17.99
C GLU N 56 -73.32 -31.97 17.08
N SER N 57 -73.87 -30.80 17.34
CA SER N 57 -75.04 -30.37 16.59
C SER N 57 -74.67 -29.79 15.23
N GLU N 58 -73.67 -28.91 15.19
CA GLU N 58 -73.28 -28.25 13.96
C GLU N 58 -71.79 -28.45 13.69
N ARG N 59 -71.47 -28.86 12.47
CA ARG N 59 -70.09 -28.89 12.04
C ARG N 59 -69.87 -28.25 10.67
N GLU N 60 -70.81 -28.43 9.75
CA GLU N 60 -70.52 -28.13 8.35
C GLU N 60 -71.83 -28.01 7.57
N ALA N 61 -71.82 -27.12 6.58
CA ALA N 61 -72.92 -26.97 5.63
C ALA N 61 -72.39 -26.29 4.38
N ARG N 62 -72.31 -27.03 3.27
CA ARG N 62 -71.90 -26.44 2.00
C ARG N 62 -72.46 -27.31 0.87
N ARG N 63 -72.53 -26.70 -0.32
CA ARG N 63 -72.99 -27.39 -1.52
C ARG N 63 -71.86 -27.44 -2.53
N LEU N 64 -71.62 -28.62 -3.10
CA LEU N 64 -70.57 -28.78 -4.09
C LEU N 64 -71.16 -28.88 -5.49
N GLY O 1 -10.27 -86.95 -35.43
CA GLY O 1 -9.17 -87.89 -35.38
C GLY O 1 -9.56 -89.24 -35.94
N HIS O 2 -8.84 -90.28 -35.53
CA HIS O 2 -9.13 -91.63 -35.98
C HIS O 2 -10.34 -92.19 -35.25
N GLN O 3 -10.72 -93.41 -35.61
CA GLN O 3 -12.00 -93.98 -35.18
C GLN O 3 -12.09 -94.19 -33.68
N GLN O 4 -10.97 -94.20 -32.97
CA GLN O 4 -11.00 -94.55 -31.56
C GLN O 4 -11.56 -93.42 -30.69
N LEU O 5 -11.38 -92.16 -31.08
CA LEU O 5 -11.74 -91.06 -30.20
C LEU O 5 -12.53 -89.95 -30.88
N TYR O 6 -12.93 -90.10 -32.13
CA TYR O 6 -13.66 -89.02 -32.80
C TYR O 6 -15.01 -88.79 -32.14
N TRP O 7 -15.79 -89.84 -31.96
CA TRP O 7 -17.11 -89.77 -31.34
C TRP O 7 -17.15 -90.62 -30.08
N SER O 8 -16.00 -90.76 -29.41
CA SER O 8 -15.87 -91.73 -28.32
C SER O 8 -16.70 -91.34 -27.11
N HIS O 9 -16.96 -90.05 -26.93
CA HIS O 9 -17.67 -89.60 -25.74
C HIS O 9 -19.11 -90.11 -25.77
N PRO O 10 -19.59 -90.72 -24.69
CA PRO O 10 -20.96 -91.23 -24.69
C PRO O 10 -21.99 -90.12 -24.82
N ARG O 11 -22.97 -90.36 -25.69
CA ARG O 11 -24.07 -89.43 -25.92
C ARG O 11 -25.40 -90.15 -25.77
N LYS O 12 -25.54 -90.90 -24.68
CA LYS O 12 -26.77 -91.64 -24.41
C LYS O 12 -27.81 -90.80 -23.70
N PHE O 13 -27.47 -89.58 -23.31
CA PHE O 13 -28.32 -88.74 -22.48
C PHE O 13 -27.78 -87.31 -22.52
N GLY O 14 -28.45 -86.43 -21.78
CA GLY O 14 -28.04 -85.05 -21.69
C GLY O 14 -28.48 -84.24 -22.88
N GLN O 15 -28.14 -82.95 -22.84
CA GLN O 15 -28.51 -82.06 -23.94
C GLN O 15 -27.72 -82.34 -25.20
N GLY O 16 -26.54 -82.97 -25.09
CA GLY O 16 -25.78 -83.30 -26.28
C GLY O 16 -26.39 -84.43 -27.09
N SER O 17 -27.15 -85.30 -26.44
CA SER O 17 -27.81 -86.39 -27.16
C SER O 17 -29.03 -85.92 -27.93
N ARG O 18 -29.67 -84.84 -27.50
CA ARG O 18 -30.94 -84.39 -28.07
C ARG O 18 -30.73 -83.10 -28.85
N SER O 19 -31.26 -83.07 -30.06
CA SER O 19 -31.23 -81.88 -30.89
C SER O 19 -32.58 -81.75 -31.59
N CYS O 20 -32.90 -80.53 -32.01
CA CYS O 20 -34.15 -80.30 -32.69
C CYS O 20 -34.20 -81.05 -34.01
N ARG O 21 -35.34 -81.65 -34.32
CA ARG O 21 -35.51 -82.39 -35.56
C ARG O 21 -35.57 -81.49 -36.78
N VAL O 22 -35.66 -80.18 -36.60
CA VAL O 22 -35.72 -79.22 -37.71
C VAL O 22 -34.43 -78.41 -37.82
N CYS O 23 -34.12 -77.63 -36.79
CA CYS O 23 -33.02 -76.68 -36.85
C CYS O 23 -31.74 -77.21 -36.23
N SER O 24 -31.74 -78.45 -35.72
CA SER O 24 -30.57 -79.06 -35.09
C SER O 24 -30.04 -78.19 -33.95
N ASN O 25 -30.95 -77.70 -33.12
CA ASN O 25 -30.62 -76.89 -31.96
C ASN O 25 -30.76 -77.72 -30.69
N ARG O 26 -29.99 -77.34 -29.67
CA ARG O 26 -29.97 -78.09 -28.41
C ARG O 26 -30.66 -77.37 -27.27
N HIS O 27 -31.42 -76.31 -27.55
CA HIS O 27 -32.02 -75.52 -26.48
C HIS O 27 -33.50 -75.30 -26.75
N GLY O 28 -34.28 -75.33 -25.68
CA GLY O 28 -35.71 -75.14 -25.79
C GLY O 28 -36.46 -76.27 -26.42
N LEU O 29 -35.93 -77.48 -26.38
CA LEU O 29 -36.61 -78.61 -27.00
C LEU O 29 -37.89 -78.95 -26.28
N ILE O 30 -38.81 -79.56 -27.03
CA ILE O 30 -40.09 -80.01 -26.51
C ILE O 30 -40.16 -81.50 -26.76
N ARG O 31 -39.91 -82.30 -25.72
CA ARG O 31 -39.99 -83.74 -25.82
C ARG O 31 -41.36 -84.30 -25.44
N LYS O 32 -42.31 -83.42 -25.13
CA LYS O 32 -43.66 -83.87 -24.83
C LYS O 32 -44.31 -84.45 -26.08
N TYR O 33 -44.95 -85.61 -25.93
CA TYR O 33 -45.59 -86.33 -27.03
C TYR O 33 -44.61 -86.66 -28.16
N GLY O 34 -43.32 -86.75 -27.84
CA GLY O 34 -42.32 -87.12 -28.83
C GLY O 34 -42.16 -86.12 -29.96
N LEU O 35 -42.36 -84.83 -29.69
CA LEU O 35 -42.16 -83.82 -30.72
C LEU O 35 -40.70 -83.72 -31.13
N ASN O 36 -39.81 -83.58 -30.14
CA ASN O 36 -38.37 -83.41 -30.36
C ASN O 36 -38.12 -82.26 -31.34
N MET O 37 -38.62 -81.09 -30.97
CA MET O 37 -38.55 -79.94 -31.86
C MET O 37 -38.34 -78.69 -31.04
N CYS O 38 -37.71 -77.70 -31.65
CA CYS O 38 -37.25 -76.51 -30.92
C CYS O 38 -38.43 -75.68 -30.44
N ARG O 39 -38.13 -74.80 -29.49
CA ARG O 39 -39.12 -73.89 -28.93
C ARG O 39 -39.74 -73.03 -30.02
N GLN O 40 -38.90 -72.40 -30.85
CA GLN O 40 -39.40 -71.54 -31.91
C GLN O 40 -39.89 -72.32 -33.11
N CYS O 41 -39.29 -73.49 -33.38
CA CYS O 41 -39.77 -74.31 -34.48
C CYS O 41 -41.18 -74.81 -34.21
N PHE O 42 -41.52 -75.07 -32.95
CA PHE O 42 -42.89 -75.45 -32.65
C PHE O 42 -43.85 -74.29 -32.89
N ARG O 43 -43.46 -73.07 -32.51
CA ARG O 43 -44.30 -71.93 -32.83
C ARG O 43 -44.46 -71.76 -34.33
N GLN O 44 -43.44 -72.14 -35.09
CA GLN O 44 -43.53 -72.04 -36.54
C GLN O 44 -44.46 -73.08 -37.14
N TYR O 45 -44.41 -74.32 -36.63
CA TYR O 45 -45.14 -75.42 -37.26
C TYR O 45 -46.33 -75.92 -36.43
N ALA O 46 -46.80 -75.13 -35.46
CA ALA O 46 -47.90 -75.57 -34.61
C ALA O 46 -49.17 -75.79 -35.41
N LYS O 47 -49.56 -74.82 -36.24
CA LYS O 47 -50.77 -74.97 -37.03
C LYS O 47 -50.62 -76.06 -38.07
N ASP O 48 -49.41 -76.23 -38.62
CA ASP O 48 -49.17 -77.32 -39.56
C ASP O 48 -49.37 -78.67 -38.89
N ILE O 49 -48.86 -78.82 -37.67
CA ILE O 49 -49.03 -80.07 -36.95
C ILE O 49 -50.50 -80.30 -36.59
N GLY O 50 -51.17 -79.28 -36.10
CA GLY O 50 -52.55 -79.41 -35.69
C GLY O 50 -52.78 -78.82 -34.31
N PHE O 51 -51.81 -78.08 -33.82
CA PHE O 51 -51.93 -77.39 -32.54
C PHE O 51 -52.47 -75.98 -32.80
N ILE O 52 -53.60 -75.67 -32.17
CA ILE O 52 -54.26 -74.38 -32.35
C ILE O 52 -54.34 -73.69 -30.99
N LYS O 53 -54.72 -72.42 -31.02
CA LYS O 53 -54.88 -71.61 -29.82
C LYS O 53 -56.37 -71.45 -29.56
N LEU O 54 -56.90 -72.26 -28.65
CA LEU O 54 -58.31 -72.11 -28.29
C LEU O 54 -58.50 -71.03 -27.24
N ASP O 55 -57.57 -70.90 -26.31
CA ASP O 55 -57.69 -69.95 -25.22
C ASP O 55 -56.34 -69.59 -24.61
N TYR P 1 -1.62 -65.28 -31.29
CA TYR P 1 -1.80 -66.47 -30.48
C TYR P 1 -0.61 -66.68 -29.57
N THR P 2 0.55 -66.88 -30.21
CA THR P 2 1.82 -67.16 -29.53
C THR P 2 1.66 -68.37 -28.60
N THR P 3 1.40 -69.51 -29.23
CA THR P 3 1.39 -70.76 -28.49
C THR P 3 2.81 -71.13 -28.09
N PRO P 4 3.01 -71.60 -26.86
CA PRO P 4 4.39 -71.87 -26.39
C PRO P 4 5.12 -72.91 -27.21
N LYS P 5 4.43 -73.96 -27.66
CA LYS P 5 5.09 -74.99 -28.44
C LYS P 5 5.25 -74.55 -29.88
N LYS P 6 6.31 -75.05 -30.52
CA LYS P 6 6.51 -74.77 -31.93
C LYS P 6 5.50 -75.57 -32.77
N ASN P 7 5.41 -75.22 -34.04
CA ASN P 7 4.46 -75.88 -34.93
C ASN P 7 4.81 -77.36 -35.03
N LYS P 8 3.82 -78.21 -34.76
CA LYS P 8 4.06 -79.65 -34.72
C LYS P 8 4.46 -80.16 -36.09
N HIS P 9 5.51 -80.97 -36.12
CA HIS P 9 5.94 -81.61 -37.36
C HIS P 9 4.88 -82.58 -37.85
N LYS P 10 4.69 -82.64 -39.16
CA LYS P 10 3.81 -83.61 -39.79
C LYS P 10 4.66 -84.67 -40.46
N ARG P 11 4.32 -85.94 -40.25
CA ARG P 11 5.10 -87.03 -40.81
C ARG P 11 5.00 -87.06 -42.32
N LYS P 12 6.16 -87.20 -42.98
CA LYS P 12 6.23 -87.50 -44.40
C LYS P 12 6.81 -88.90 -44.56
N LYS P 13 6.26 -89.67 -45.49
CA LYS P 13 6.68 -91.04 -45.69
C LYS P 13 8.10 -91.10 -46.25
N VAL P 14 8.72 -92.27 -46.14
CA VAL P 14 10.09 -92.44 -46.59
C VAL P 14 10.22 -92.46 -48.11
N LYS P 15 9.13 -92.75 -48.83
CA LYS P 15 9.12 -92.85 -50.29
C LYS P 15 10.16 -93.86 -50.79
N LEU P 16 9.99 -95.10 -50.34
CA LEU P 16 10.94 -96.15 -50.67
C LEU P 16 10.77 -96.59 -52.13
N ALA P 17 11.87 -97.10 -52.69
CA ALA P 17 11.88 -97.60 -54.07
C ALA P 17 11.27 -98.99 -54.13
N VAL P 18 11.53 -99.70 -55.23
CA VAL P 18 10.92 -101.00 -55.49
C VAL P 18 11.09 -101.94 -54.30
N LEU P 19 10.05 -102.72 -54.01
CA LEU P 19 10.05 -103.61 -52.85
C LEU P 19 11.04 -104.76 -53.02
N LYS P 20 10.84 -105.60 -54.04
CA LYS P 20 11.77 -106.66 -54.50
C LYS P 20 12.36 -107.50 -53.35
N TYR P 21 11.68 -107.57 -52.20
CA TYR P 21 12.23 -108.28 -51.06
C TYR P 21 11.99 -109.79 -51.07
N TYR P 22 12.32 -110.43 -52.19
CA TYR P 22 12.40 -111.90 -52.25
C TYR P 22 13.27 -112.26 -53.43
N LYS P 23 14.23 -113.16 -53.21
CA LYS P 23 15.29 -113.43 -54.16
C LYS P 23 15.21 -114.87 -54.66
N VAL P 24 15.66 -115.07 -55.90
CA VAL P 24 15.77 -116.39 -56.50
C VAL P 24 17.24 -116.73 -56.67
N ASP P 25 17.52 -118.02 -56.81
CA ASP P 25 18.87 -118.54 -56.85
C ASP P 25 19.05 -119.47 -58.04
N GLU P 26 20.30 -119.61 -58.47
CA GLU P 26 20.76 -120.48 -59.57
C GLU P 26 19.78 -120.47 -60.74
N ASN P 27 19.64 -119.28 -61.33
CA ASN P 27 18.74 -119.03 -62.45
C ASN P 27 17.29 -119.34 -62.10
N GLY P 28 16.89 -119.03 -60.87
CA GLY P 28 15.49 -119.12 -60.50
C GLY P 28 15.17 -120.23 -59.53
N LYS P 29 15.05 -119.88 -58.25
CA LYS P 29 14.56 -120.78 -57.21
C LYS P 29 13.66 -119.96 -56.31
N ILE P 30 12.37 -120.30 -56.27
CA ILE P 30 11.41 -119.52 -55.51
C ILE P 30 11.77 -119.57 -54.03
N SER P 31 12.02 -118.40 -53.45
CA SER P 31 12.50 -118.33 -52.08
C SER P 31 12.21 -116.95 -51.52
N ARG P 32 11.76 -116.90 -50.27
CA ARG P 32 11.43 -115.66 -49.60
C ARG P 32 12.49 -115.31 -48.58
N LEU P 33 12.99 -114.08 -48.63
CA LEU P 33 13.88 -113.57 -47.61
C LEU P 33 13.12 -112.87 -46.47
N ARG P 34 11.79 -112.96 -46.49
CA ARG P 34 10.94 -112.37 -45.46
C ARG P 34 10.04 -113.44 -44.87
N ARG P 35 9.07 -113.00 -44.08
CA ARG P 35 8.14 -113.85 -43.35
C ARG P 35 6.73 -113.63 -43.89
N GLU P 36 5.92 -114.69 -43.82
CA GLU P 36 4.54 -114.67 -44.30
C GLU P 36 3.57 -114.58 -43.13
N CYS P 37 2.62 -113.67 -43.23
CA CYS P 37 1.54 -113.58 -42.25
C CYS P 37 0.61 -114.78 -42.40
N PRO P 38 0.39 -115.57 -41.36
CA PRO P 38 -0.38 -116.81 -41.50
C PRO P 38 -1.88 -116.68 -41.28
N SER P 39 -2.40 -115.47 -41.09
CA SER P 39 -3.84 -115.32 -40.95
C SER P 39 -4.54 -115.50 -42.29
N ASP P 40 -5.84 -115.75 -42.23
CA ASP P 40 -6.62 -115.89 -43.44
C ASP P 40 -7.01 -114.55 -44.06
N GLU P 41 -6.82 -113.44 -43.35
CA GLU P 41 -7.05 -112.13 -43.92
C GLU P 41 -5.78 -111.45 -44.42
N CYS P 42 -4.63 -111.70 -43.77
CA CYS P 42 -3.37 -111.29 -44.36
C CYS P 42 -3.11 -112.03 -45.67
N GLY P 43 -3.31 -113.35 -45.66
CA GLY P 43 -3.08 -114.14 -46.86
C GLY P 43 -1.61 -114.37 -47.12
N ALA P 44 -1.32 -114.76 -48.37
CA ALA P 44 0.05 -115.03 -48.80
C ALA P 44 0.70 -113.86 -49.53
N GLY P 45 -0.09 -112.93 -50.07
CA GLY P 45 0.49 -111.81 -50.78
C GLY P 45 1.27 -110.87 -49.87
N VAL P 46 0.76 -110.62 -48.68
CA VAL P 46 1.43 -109.73 -47.74
C VAL P 46 2.64 -110.45 -47.13
N PHE P 47 3.50 -109.68 -46.48
CA PHE P 47 4.69 -110.22 -45.83
C PHE P 47 4.87 -109.55 -44.49
N MET P 48 5.28 -110.33 -43.49
CA MET P 48 5.54 -109.76 -42.18
C MET P 48 6.82 -108.93 -42.19
N ALA P 49 6.90 -108.00 -41.25
CA ALA P 49 8.04 -107.11 -41.15
C ALA P 49 9.25 -107.85 -40.59
N SER P 50 10.37 -107.14 -40.49
CA SER P 50 11.64 -107.69 -40.01
C SER P 50 12.27 -106.76 -38.99
N HIS P 51 11.50 -106.36 -37.99
CA HIS P 51 12.04 -105.54 -36.92
C HIS P 51 13.11 -106.31 -36.15
N PHE P 52 13.86 -105.57 -35.34
CA PHE P 52 15.00 -106.15 -34.64
C PHE P 52 14.59 -107.19 -33.61
N ASP P 53 13.32 -107.20 -33.17
CA ASP P 53 12.91 -108.14 -32.16
C ASP P 53 11.55 -108.78 -32.39
N ARG P 54 10.86 -108.48 -33.50
CA ARG P 54 9.59 -109.13 -33.77
C ARG P 54 9.29 -109.03 -35.26
N HIS P 55 8.26 -109.77 -35.68
CA HIS P 55 7.73 -109.71 -37.02
C HIS P 55 6.26 -109.31 -36.96
N TYR P 56 5.88 -108.37 -37.84
CA TYR P 56 4.58 -107.71 -37.77
C TYR P 56 3.86 -107.85 -39.11
N CYS P 57 2.61 -108.31 -39.07
CA CYS P 57 1.83 -108.51 -40.28
C CYS P 57 1.20 -107.20 -40.69
N GLY P 58 1.23 -106.90 -41.99
CA GLY P 58 0.72 -105.62 -42.45
C GLY P 58 -0.77 -105.46 -42.26
N LYS P 59 -1.54 -106.52 -42.55
CA LYS P 59 -2.97 -106.51 -42.35
C LYS P 59 -3.36 -107.13 -41.01
N CYS P 60 -2.93 -108.38 -40.77
CA CYS P 60 -3.34 -109.10 -39.57
C CYS P 60 -2.78 -108.51 -38.29
N CYS P 61 -1.79 -107.62 -38.38
CA CYS P 61 -1.17 -106.95 -37.23
C CYS P 61 -0.57 -107.94 -36.24
N LEU P 62 -0.44 -109.20 -36.63
CA LEU P 62 0.14 -110.21 -35.76
C LEU P 62 1.61 -109.91 -35.53
N THR P 63 2.06 -110.13 -34.30
CA THR P 63 3.47 -109.95 -33.95
C THR P 63 4.03 -111.23 -33.37
N TYR P 64 5.18 -111.62 -33.88
CA TYR P 64 5.89 -112.81 -33.42
C TYR P 64 7.28 -112.38 -32.97
N CYS P 65 7.53 -112.46 -31.68
CA CYS P 65 8.85 -112.16 -31.14
C CYS P 65 9.54 -113.43 -30.70
N PHE P 66 10.83 -113.31 -30.41
CA PHE P 66 11.66 -114.42 -29.96
C PHE P 66 12.19 -114.10 -28.56
N ASN P 67 12.04 -115.04 -27.64
CA ASN P 67 12.46 -114.84 -26.26
C ASN P 67 13.19 -116.06 -25.73
N THR Q 1 -130.81 -62.13 -15.91
CA THR Q 1 -130.12 -62.20 -14.62
C THR Q 1 -129.08 -63.32 -14.61
N GLU Q 2 -128.56 -63.66 -15.79
CA GLU Q 2 -127.54 -64.69 -15.95
C GLU Q 2 -126.32 -64.05 -16.59
N GLN Q 3 -125.35 -63.67 -15.76
CA GLN Q 3 -124.13 -63.02 -16.21
C GLN Q 3 -122.93 -63.69 -15.56
N MET Q 4 -121.79 -63.58 -16.24
CA MET Q 4 -120.56 -64.15 -15.73
C MET Q 4 -120.06 -63.35 -14.53
N THR Q 5 -119.58 -64.06 -13.51
CA THR Q 5 -119.00 -63.42 -12.34
C THR Q 5 -117.72 -64.13 -11.96
N LEU Q 6 -116.83 -63.39 -11.28
CA LEU Q 6 -115.54 -63.93 -10.88
C LEU Q 6 -115.68 -64.77 -9.62
N ARG Q 7 -115.13 -65.97 -9.65
CA ARG Q 7 -115.10 -66.84 -8.47
C ARG Q 7 -113.76 -66.87 -7.78
N GLY Q 8 -112.67 -66.76 -8.52
CA GLY Q 8 -111.35 -66.74 -7.90
C GLY Q 8 -110.24 -66.93 -8.91
N THR Q 9 -109.03 -66.96 -8.37
CA THR Q 9 -107.81 -67.13 -9.13
C THR Q 9 -107.02 -68.31 -8.59
N LEU Q 10 -106.26 -68.94 -9.48
CA LEU Q 10 -105.42 -70.08 -9.15
C LEU Q 10 -104.00 -69.77 -9.60
N LYS Q 11 -103.05 -70.00 -8.69
CA LYS Q 11 -101.66 -69.62 -8.85
C LYS Q 11 -100.78 -70.84 -8.63
N GLY Q 12 -99.57 -70.79 -9.18
CA GLY Q 12 -98.62 -71.87 -9.03
C GLY Q 12 -97.75 -72.03 -10.27
N HIS Q 13 -98.22 -71.50 -11.38
CA HIS Q 13 -97.44 -71.49 -12.60
C HIS Q 13 -96.37 -70.40 -12.54
N ASN Q 14 -95.36 -70.53 -13.39
CA ASN Q 14 -94.35 -69.50 -13.54
C ASN Q 14 -94.24 -68.97 -14.96
N GLY Q 15 -94.85 -69.63 -15.94
CA GLY Q 15 -94.90 -69.14 -17.30
C GLY Q 15 -96.34 -68.84 -17.69
N TRP Q 16 -96.51 -68.31 -18.90
CA TRP Q 16 -97.84 -68.00 -19.39
C TRP Q 16 -98.65 -69.27 -19.57
N VAL Q 17 -99.87 -69.26 -19.06
CA VAL Q 17 -100.74 -70.45 -19.09
C VAL Q 17 -101.24 -70.60 -20.52
N THR Q 18 -100.63 -71.51 -21.28
CA THR Q 18 -100.95 -71.62 -22.70
C THR Q 18 -102.26 -72.34 -22.94
N GLN Q 19 -102.59 -73.35 -22.13
CA GLN Q 19 -103.76 -74.17 -22.42
C GLN Q 19 -104.43 -74.64 -21.14
N ILE Q 20 -105.74 -74.89 -21.23
CA ILE Q 20 -106.54 -75.48 -20.16
C ILE Q 20 -107.29 -76.67 -20.74
N ALA Q 21 -107.34 -77.78 -20.00
CA ALA Q 21 -108.00 -78.97 -20.50
C ALA Q 21 -108.74 -79.70 -19.38
N THR Q 22 -109.98 -80.09 -19.67
CA THR Q 22 -110.84 -80.80 -18.73
C THR Q 22 -111.53 -81.94 -19.44
N THR Q 23 -112.10 -82.85 -18.65
CA THR Q 23 -112.81 -84.02 -19.16
C THR Q 23 -114.17 -84.12 -18.47
N PRO Q 24 -115.24 -84.38 -19.22
CA PRO Q 24 -116.55 -84.58 -18.58
C PRO Q 24 -116.59 -85.76 -17.63
N GLN Q 25 -115.78 -86.80 -17.87
CA GLN Q 25 -115.77 -87.95 -16.97
C GLN Q 25 -115.27 -87.57 -15.58
N PHE Q 26 -114.35 -86.62 -15.51
CA PHE Q 26 -113.83 -86.11 -14.23
C PHE Q 26 -114.01 -84.61 -14.21
N PRO Q 27 -115.23 -84.13 -13.94
CA PRO Q 27 -115.44 -82.68 -13.85
C PRO Q 27 -114.69 -82.04 -12.70
N ASP Q 28 -114.28 -82.81 -11.71
CA ASP Q 28 -113.57 -82.29 -10.55
C ASP Q 28 -112.08 -82.18 -10.81
N MET Q 29 -111.61 -82.59 -11.98
CA MET Q 29 -110.19 -82.58 -12.32
C MET Q 29 -109.99 -81.75 -13.59
N ILE Q 30 -108.94 -80.92 -13.59
CA ILE Q 30 -108.56 -80.13 -14.75
C ILE Q 30 -107.05 -80.12 -14.81
N LEU Q 31 -106.49 -79.60 -15.91
CA LEU Q 31 -105.05 -79.38 -15.92
C LEU Q 31 -104.69 -78.26 -16.87
N SER Q 32 -103.71 -77.48 -16.47
CA SER Q 32 -103.28 -76.29 -17.20
C SER Q 32 -101.83 -76.46 -17.66
N ALA Q 33 -101.60 -76.27 -18.94
CA ALA Q 33 -100.26 -76.28 -19.52
C ALA Q 33 -99.77 -74.84 -19.65
N SER Q 34 -98.56 -74.60 -19.17
CA SER Q 34 -98.04 -73.25 -19.03
C SER Q 34 -96.61 -73.19 -19.56
N ARG Q 35 -96.10 -71.97 -19.70
CA ARG Q 35 -94.76 -71.76 -20.20
C ARG Q 35 -93.69 -72.03 -19.16
N ASP Q 36 -94.05 -72.52 -17.97
CA ASP Q 36 -93.09 -72.88 -16.95
C ASP Q 36 -92.54 -74.29 -17.13
N LYS Q 37 -92.71 -74.87 -18.32
CA LYS Q 37 -92.27 -76.24 -18.63
C LYS Q 37 -92.88 -77.24 -17.65
N THR Q 38 -94.11 -76.99 -17.24
CA THR Q 38 -94.78 -77.82 -16.25
C THR Q 38 -96.27 -77.77 -16.51
N ILE Q 39 -96.92 -78.93 -16.52
CA ILE Q 39 -98.36 -78.98 -16.64
C ILE Q 39 -98.95 -79.25 -15.27
N ILE Q 40 -99.63 -78.27 -14.69
CA ILE Q 40 -100.16 -78.47 -13.35
C ILE Q 40 -101.56 -79.04 -13.46
N MET Q 41 -101.75 -80.25 -12.92
CA MET Q 41 -103.06 -80.88 -12.87
C MET Q 41 -103.71 -80.53 -11.54
N TRP Q 42 -104.85 -79.86 -11.63
CA TRP Q 42 -105.60 -79.30 -10.52
C TRP Q 42 -106.77 -80.20 -10.16
N LYS Q 43 -107.05 -80.31 -8.87
CA LYS Q 43 -108.32 -80.84 -8.40
C LYS Q 43 -109.13 -79.70 -7.80
N LEU Q 44 -110.44 -79.71 -8.08
CA LEU Q 44 -111.30 -78.56 -7.81
C LEU Q 44 -111.91 -78.71 -6.42
N THR Q 45 -111.19 -78.17 -5.43
CA THR Q 45 -111.64 -78.19 -4.05
C THR Q 45 -112.42 -76.90 -3.79
N ARG Q 46 -113.59 -76.82 -4.41
CA ARG Q 46 -114.37 -75.59 -4.47
C ARG Q 46 -114.80 -75.11 -3.09
N ASP Q 47 -114.24 -74.00 -2.65
CA ASP Q 47 -114.63 -73.36 -1.39
C ASP Q 47 -114.39 -71.87 -1.53
N GLU Q 48 -114.37 -71.17 -0.41
CA GLU Q 48 -114.24 -69.71 -0.38
C GLU Q 48 -112.80 -69.23 -0.36
N THR Q 49 -111.82 -70.14 -0.32
CA THR Q 49 -110.43 -69.75 -0.22
C THR Q 49 -109.61 -70.16 -1.43
N ASN Q 50 -109.66 -71.43 -1.83
CA ASN Q 50 -108.89 -71.91 -2.98
C ASN Q 50 -109.78 -72.81 -3.81
N TYR Q 51 -110.22 -72.31 -4.97
CA TYR Q 51 -111.12 -73.07 -5.82
C TYR Q 51 -110.49 -74.36 -6.31
N GLY Q 52 -109.22 -74.29 -6.72
CA GLY Q 52 -108.50 -75.47 -7.14
C GLY Q 52 -107.14 -75.54 -6.48
N ILE Q 53 -106.65 -76.77 -6.35
CA ILE Q 53 -105.37 -77.01 -5.68
C ILE Q 53 -104.57 -77.98 -6.56
N PRO Q 54 -103.25 -77.81 -6.68
CA PRO Q 54 -102.49 -78.69 -7.59
C PRO Q 54 -102.36 -80.09 -7.03
N GLN Q 55 -103.07 -81.03 -7.64
CA GLN Q 55 -102.90 -82.44 -7.32
C GLN Q 55 -101.58 -82.98 -7.86
N ARG Q 56 -101.21 -82.63 -9.10
CA ARG Q 56 -99.98 -83.15 -9.69
C ARG Q 56 -99.28 -82.04 -10.46
N ALA Q 57 -97.97 -82.22 -10.68
CA ALA Q 57 -97.17 -81.32 -11.50
C ALA Q 57 -96.40 -82.16 -12.51
N LEU Q 58 -96.97 -82.33 -13.70
CA LEU Q 58 -96.39 -83.14 -14.76
C LEU Q 58 -95.20 -82.40 -15.34
N ARG Q 59 -94.01 -83.00 -15.23
CA ARG Q 59 -92.78 -82.35 -15.65
C ARG Q 59 -91.96 -83.31 -16.51
N GLY Q 60 -91.21 -82.75 -17.45
CA GLY Q 60 -90.45 -83.58 -18.37
C GLY Q 60 -90.31 -82.98 -19.75
N HIS Q 61 -91.00 -81.88 -20.01
CA HIS Q 61 -90.85 -81.18 -21.28
C HIS Q 61 -89.59 -80.31 -21.24
N SER Q 62 -88.88 -80.27 -22.37
CA SER Q 62 -87.63 -79.52 -22.44
C SER Q 62 -87.87 -78.01 -22.52
N HIS Q 63 -89.01 -77.58 -23.06
CA HIS Q 63 -89.27 -76.17 -23.30
C HIS Q 63 -90.73 -75.89 -22.93
N PHE Q 64 -91.23 -74.74 -23.37
CA PHE Q 64 -92.62 -74.36 -23.09
C PHE Q 64 -93.57 -75.40 -23.65
N VAL Q 65 -94.52 -75.83 -22.82
CA VAL Q 65 -95.58 -76.72 -23.29
C VAL Q 65 -96.75 -75.88 -23.76
N SER Q 66 -97.21 -76.14 -24.98
CA SER Q 66 -98.24 -75.33 -25.61
C SER Q 66 -99.64 -75.89 -25.36
N ASP Q 67 -99.90 -77.12 -25.79
CA ASP Q 67 -101.24 -77.66 -25.77
C ASP Q 67 -101.30 -78.94 -24.96
N VAL Q 68 -102.40 -79.14 -24.25
CA VAL Q 68 -102.68 -80.39 -23.55
C VAL Q 68 -104.12 -80.77 -23.80
N VAL Q 69 -104.35 -82.03 -24.14
CA VAL Q 69 -105.70 -82.53 -24.39
C VAL Q 69 -105.85 -83.90 -23.74
N ILE Q 70 -106.88 -84.06 -22.94
CA ILE Q 70 -107.13 -85.34 -22.29
C ILE Q 70 -107.87 -86.27 -23.26
N SER Q 71 -107.79 -87.57 -22.97
CA SER Q 71 -108.53 -88.57 -23.73
C SER Q 71 -110.01 -88.52 -23.34
N SER Q 72 -110.79 -89.40 -23.98
CA SER Q 72 -112.21 -89.46 -23.65
C SER Q 72 -112.45 -89.92 -22.22
N ASP Q 73 -111.72 -90.94 -21.77
CA ASP Q 73 -111.97 -91.53 -20.46
C ASP Q 73 -111.37 -90.73 -19.31
N GLY Q 74 -110.42 -89.84 -19.60
CA GLY Q 74 -109.77 -89.08 -18.55
C GLY Q 74 -108.60 -89.76 -17.89
N GLN Q 75 -107.97 -90.73 -18.54
CA GLN Q 75 -106.82 -91.43 -17.98
C GLN Q 75 -105.52 -91.22 -18.74
N PHE Q 76 -105.56 -90.59 -19.91
CA PHE Q 76 -104.36 -90.29 -20.68
C PHE Q 76 -104.47 -88.88 -21.21
N ALA Q 77 -103.32 -88.27 -21.52
CA ALA Q 77 -103.30 -86.89 -21.96
C ALA Q 77 -102.15 -86.65 -22.93
N LEU Q 78 -102.47 -86.09 -24.09
CA LEU Q 78 -101.45 -85.59 -24.99
C LEU Q 78 -100.96 -84.23 -24.54
N SER Q 79 -99.66 -84.01 -24.68
CA SER Q 79 -99.10 -82.69 -24.41
C SER Q 79 -98.10 -82.38 -25.51
N GLY Q 80 -98.35 -81.32 -26.26
CA GLY Q 80 -97.42 -80.83 -27.27
C GLY Q 80 -96.73 -79.57 -26.76
N SER Q 81 -95.41 -79.55 -26.91
CA SER Q 81 -94.56 -78.51 -26.36
C SER Q 81 -93.64 -77.93 -27.44
N TRP Q 82 -92.89 -76.90 -27.06
CA TRP Q 82 -91.93 -76.30 -27.96
C TRP Q 82 -90.71 -77.17 -28.23
N ASP Q 83 -90.52 -78.24 -27.43
CA ASP Q 83 -89.40 -79.14 -27.61
C ASP Q 83 -89.49 -79.96 -28.88
N GLY Q 84 -90.62 -79.92 -29.58
CA GLY Q 84 -90.80 -80.67 -30.81
C GLY Q 84 -91.25 -82.09 -30.64
N THR Q 85 -91.61 -82.49 -29.42
CA THR Q 85 -92.04 -83.85 -29.15
C THR Q 85 -93.35 -83.81 -28.37
N LEU Q 86 -94.09 -84.91 -28.46
CA LEU Q 86 -95.36 -85.04 -27.78
C LEU Q 86 -95.21 -86.04 -26.63
N ARG Q 87 -95.85 -85.74 -25.50
CA ARG Q 87 -95.76 -86.60 -24.33
C ARG Q 87 -97.16 -87.14 -24.02
N LEU Q 88 -97.25 -88.46 -23.84
CA LEU Q 88 -98.52 -89.11 -23.52
C LEU Q 88 -98.51 -89.45 -22.04
N TRP Q 89 -99.01 -88.51 -21.23
CA TRP Q 89 -99.07 -88.68 -19.79
C TRP Q 89 -100.23 -89.58 -19.41
N ASP Q 90 -100.11 -90.21 -18.24
CA ASP Q 90 -101.21 -90.89 -17.60
C ASP Q 90 -101.64 -90.09 -16.37
N LEU Q 91 -102.95 -89.96 -16.18
CA LEU Q 91 -103.46 -89.03 -15.17
C LEU Q 91 -103.30 -89.54 -13.75
N THR Q 92 -102.94 -90.81 -13.55
CA THR Q 92 -102.85 -91.35 -12.20
C THR Q 92 -101.42 -91.27 -11.65
N THR Q 93 -100.47 -91.94 -12.31
CA THR Q 93 -99.12 -92.01 -11.81
C THR Q 93 -98.27 -90.80 -12.20
N GLY Q 94 -98.73 -89.98 -13.14
CA GLY Q 94 -97.97 -88.84 -13.57
C GLY Q 94 -96.67 -89.19 -14.26
N THR Q 95 -96.71 -90.15 -15.19
CA THR Q 95 -95.54 -90.53 -15.96
C THR Q 95 -95.89 -90.47 -17.45
N THR Q 96 -94.85 -90.37 -18.27
CA THR Q 96 -95.02 -90.32 -19.71
C THR Q 96 -94.95 -91.73 -20.27
N THR Q 97 -96.08 -92.22 -20.79
CA THR Q 97 -96.14 -93.57 -21.34
C THR Q 97 -95.72 -93.63 -22.80
N ARG Q 98 -95.55 -92.48 -23.47
CA ARG Q 98 -95.12 -92.50 -24.86
C ARG Q 98 -94.54 -91.15 -25.22
N ARG Q 99 -93.46 -91.18 -26.00
CA ARG Q 99 -92.77 -89.99 -26.47
C ARG Q 99 -92.87 -89.96 -28.00
N PHE Q 100 -93.85 -89.23 -28.51
CA PHE Q 100 -94.05 -89.09 -29.95
C PHE Q 100 -92.99 -88.17 -30.51
N VAL Q 101 -92.24 -88.64 -31.50
CA VAL Q 101 -91.16 -87.89 -32.11
C VAL Q 101 -91.35 -87.88 -33.63
N GLY Q 102 -90.73 -86.90 -34.27
CA GLY Q 102 -90.80 -86.78 -35.72
C GLY Q 102 -90.81 -85.36 -36.21
N HIS Q 103 -91.15 -84.41 -35.34
CA HIS Q 103 -91.14 -83.01 -35.72
C HIS Q 103 -89.73 -82.43 -35.60
N THR Q 104 -89.53 -81.27 -36.19
CA THR Q 104 -88.24 -80.59 -36.19
C THR Q 104 -88.25 -79.25 -35.47
N LYS Q 105 -89.41 -78.59 -35.38
CA LYS Q 105 -89.50 -77.30 -34.70
C LYS Q 105 -90.57 -77.32 -33.63
N ASP Q 106 -90.97 -76.14 -33.15
CA ASP Q 106 -91.92 -76.05 -32.05
C ASP Q 106 -93.24 -76.70 -32.44
N VAL Q 107 -93.76 -77.55 -31.56
CA VAL Q 107 -95.08 -78.15 -31.76
C VAL Q 107 -96.10 -77.23 -31.13
N LEU Q 108 -97.01 -76.70 -31.95
CA LEU Q 108 -97.90 -75.65 -31.49
C LEU Q 108 -99.22 -76.18 -30.98
N SER Q 109 -99.83 -77.11 -31.71
CA SER Q 109 -101.14 -77.63 -31.33
C SER Q 109 -101.16 -79.15 -31.46
N VAL Q 110 -101.92 -79.80 -30.59
CA VAL Q 110 -102.11 -81.23 -30.63
C VAL Q 110 -103.59 -81.52 -30.41
N ALA Q 111 -104.14 -82.43 -31.20
CA ALA Q 111 -105.54 -82.78 -31.12
C ALA Q 111 -105.71 -84.28 -31.00
N PHE Q 112 -106.70 -84.68 -30.21
CA PHE Q 112 -106.97 -86.08 -29.89
C PHE Q 112 -108.35 -86.41 -30.43
N SER Q 113 -108.46 -87.50 -31.21
CA SER Q 113 -109.71 -87.80 -31.88
C SER Q 113 -110.77 -88.25 -30.88
N SER Q 114 -112.03 -88.10 -31.29
CA SER Q 114 -113.15 -88.50 -30.44
C SER Q 114 -113.16 -89.99 -30.20
N ASP Q 115 -112.85 -90.78 -31.23
CA ASP Q 115 -112.76 -92.22 -31.09
C ASP Q 115 -111.45 -92.66 -30.44
N ASN Q 116 -110.57 -91.72 -30.13
CA ASN Q 116 -109.31 -91.90 -29.41
C ASN Q 116 -108.27 -92.67 -30.20
N ARG Q 117 -108.60 -93.16 -31.39
CA ARG Q 117 -107.66 -93.99 -32.14
C ARG Q 117 -106.56 -93.16 -32.79
N GLN Q 118 -106.84 -91.89 -33.09
CA GLN Q 118 -105.92 -91.05 -33.84
C GLN Q 118 -105.60 -89.78 -33.09
N ILE Q 119 -104.39 -89.26 -33.34
CA ILE Q 119 -103.95 -87.97 -32.83
C ILE Q 119 -103.39 -87.21 -34.02
N VAL Q 120 -103.30 -85.89 -33.87
CA VAL Q 120 -102.74 -85.05 -34.91
C VAL Q 120 -101.97 -83.91 -34.27
N SER Q 121 -100.93 -83.46 -34.95
CA SER Q 121 -100.02 -82.45 -34.41
C SER Q 121 -99.71 -81.41 -35.47
N GLY Q 122 -99.82 -80.14 -35.08
CA GLY Q 122 -99.43 -79.03 -35.93
C GLY Q 122 -98.27 -78.28 -35.31
N SER Q 123 -97.15 -78.23 -36.03
CA SER Q 123 -95.90 -77.66 -35.54
C SER Q 123 -95.48 -76.49 -36.41
N ARG Q 124 -94.39 -75.84 -35.99
CA ARG Q 124 -93.87 -74.68 -36.71
C ARG Q 124 -93.09 -75.09 -37.95
N ASP Q 125 -92.89 -76.38 -38.18
CA ASP Q 125 -92.19 -76.85 -39.37
C ASP Q 125 -93.07 -76.85 -40.61
N LYS Q 126 -94.24 -76.18 -40.54
CA LYS Q 126 -95.17 -76.04 -41.65
C LYS Q 126 -95.72 -77.39 -42.12
N THR Q 127 -95.74 -78.38 -41.23
CA THR Q 127 -96.30 -79.68 -41.53
C THR Q 127 -97.27 -80.08 -40.43
N ILE Q 128 -98.27 -80.87 -40.81
CA ILE Q 128 -99.24 -81.44 -39.89
C ILE Q 128 -99.13 -82.96 -39.97
N LYS Q 129 -99.04 -83.61 -38.83
CA LYS Q 129 -98.74 -85.03 -38.78
C LYS Q 129 -99.86 -85.78 -38.06
N LEU Q 130 -100.40 -86.81 -38.72
CA LEU Q 130 -101.44 -87.67 -38.17
C LEU Q 130 -100.78 -88.95 -37.66
N TRP Q 131 -100.87 -89.18 -36.36
CA TRP Q 131 -100.17 -90.26 -35.68
C TRP Q 131 -101.18 -91.12 -34.92
N ASN Q 132 -100.72 -92.28 -34.49
CA ASN Q 132 -101.57 -93.21 -33.75
C ASN Q 132 -101.15 -93.22 -32.29
N THR Q 133 -101.80 -94.08 -31.50
CA THR Q 133 -101.50 -94.18 -30.07
C THR Q 133 -100.07 -94.66 -29.84
N LEU Q 134 -99.61 -95.62 -30.62
CA LEU Q 134 -98.31 -96.22 -30.39
C LEU Q 134 -97.14 -95.34 -30.77
N GLY Q 135 -97.33 -94.07 -31.13
CA GLY Q 135 -96.22 -93.20 -31.42
C GLY Q 135 -95.56 -93.41 -32.77
N VAL Q 136 -96.32 -93.82 -33.78
CA VAL Q 136 -95.80 -94.09 -35.11
C VAL Q 136 -96.25 -92.98 -36.04
N CYS Q 137 -95.33 -92.47 -36.86
CA CYS Q 137 -95.62 -91.42 -37.82
C CYS Q 137 -96.40 -92.03 -39.00
N LYS Q 138 -97.71 -92.17 -38.79
CA LYS Q 138 -98.53 -92.82 -39.80
C LYS Q 138 -98.67 -91.95 -41.05
N TYR Q 139 -98.81 -90.64 -40.87
CA TYR Q 139 -98.82 -89.76 -42.04
C TYR Q 139 -98.37 -88.37 -41.65
N THR Q 140 -97.87 -87.64 -42.65
CA THR Q 140 -97.57 -86.22 -42.52
C THR Q 140 -97.90 -85.55 -43.85
N VAL Q 141 -98.28 -84.28 -43.78
CA VAL Q 141 -98.63 -83.53 -44.99
C VAL Q 141 -97.43 -82.66 -45.35
N GLN Q 142 -96.57 -83.19 -46.20
CA GLN Q 142 -95.45 -82.46 -46.78
C GLN Q 142 -95.82 -81.76 -48.08
N ASP Q 143 -97.02 -82.01 -48.59
CA ASP Q 143 -97.51 -81.40 -49.82
C ASP Q 143 -98.90 -80.83 -49.56
N GLU Q 144 -99.22 -79.75 -50.25
CA GLU Q 144 -100.53 -79.10 -50.23
C GLU Q 144 -100.86 -78.52 -48.85
N SER Q 145 -99.89 -78.46 -47.95
CA SER Q 145 -100.11 -78.00 -46.60
C SER Q 145 -99.96 -76.48 -46.52
N HIS Q 146 -99.95 -75.94 -45.31
CA HIS Q 146 -99.79 -74.51 -45.13
C HIS Q 146 -98.38 -74.07 -45.52
N SER Q 147 -98.29 -72.94 -46.21
CA SER Q 147 -97.01 -72.37 -46.60
C SER Q 147 -96.29 -71.69 -45.43
N GLU Q 148 -96.97 -71.51 -44.30
CA GLU Q 148 -96.36 -70.93 -43.11
C GLU Q 148 -96.59 -71.85 -41.92
N TRP Q 149 -96.31 -71.36 -40.72
CA TRP Q 149 -96.53 -72.13 -39.51
C TRP Q 149 -97.98 -72.56 -39.38
N VAL Q 150 -98.20 -73.66 -38.67
CA VAL Q 150 -99.54 -74.17 -38.38
C VAL Q 150 -99.81 -73.90 -36.91
N SER Q 151 -100.85 -73.12 -36.63
CA SER Q 151 -101.10 -72.66 -35.28
C SER Q 151 -102.01 -73.61 -34.50
N CYS Q 152 -103.19 -73.90 -35.02
CA CYS Q 152 -104.16 -74.72 -34.30
C CYS Q 152 -104.75 -75.78 -35.21
N VAL Q 153 -104.94 -76.98 -34.67
CA VAL Q 153 -105.61 -78.06 -35.38
C VAL Q 153 -106.65 -78.68 -34.45
N ARG Q 154 -107.84 -78.91 -34.97
CA ARG Q 154 -108.92 -79.49 -34.18
C ARG Q 154 -109.71 -80.50 -35.00
N PHE Q 155 -110.04 -81.62 -34.37
CA PHE Q 155 -110.81 -82.67 -35.03
C PHE Q 155 -112.29 -82.30 -35.08
N SER Q 156 -113.04 -83.03 -35.89
CA SER Q 156 -114.49 -82.92 -35.86
C SER Q 156 -115.04 -83.76 -34.71
N PRO Q 157 -115.72 -83.15 -33.73
CA PRO Q 157 -116.35 -83.95 -32.67
C PRO Q 157 -117.39 -84.91 -33.19
N ASN Q 158 -118.07 -84.57 -34.28
CA ASN Q 158 -119.03 -85.47 -34.89
C ASN Q 158 -118.30 -86.66 -35.51
N SER Q 159 -118.79 -87.87 -35.21
CA SER Q 159 -118.20 -89.06 -35.80
C SER Q 159 -118.43 -89.11 -37.31
N SER Q 160 -119.57 -88.59 -37.77
CA SER Q 160 -119.80 -88.45 -39.19
C SER Q 160 -118.89 -87.37 -39.77
N ASN Q 161 -118.77 -87.37 -41.10
CA ASN Q 161 -117.92 -86.51 -41.94
C ASN Q 161 -116.59 -86.18 -41.28
N PRO Q 162 -115.74 -87.17 -41.05
CA PRO Q 162 -114.53 -86.96 -40.23
C PRO Q 162 -113.57 -85.98 -40.89
N ILE Q 163 -113.40 -84.82 -40.25
CA ILE Q 163 -112.59 -83.76 -40.79
C ILE Q 163 -111.61 -83.28 -39.73
N ILE Q 164 -110.48 -82.75 -40.19
CA ILE Q 164 -109.51 -82.06 -39.35
C ILE Q 164 -109.37 -80.64 -39.88
N VAL Q 165 -109.43 -79.67 -38.98
CA VAL Q 165 -109.35 -78.27 -39.36
C VAL Q 165 -108.03 -77.70 -38.84
N SER Q 166 -107.44 -76.82 -39.65
CA SER Q 166 -106.13 -76.27 -39.32
C SER Q 166 -106.10 -74.79 -39.68
N CYS Q 167 -105.70 -73.96 -38.72
CA CYS Q 167 -105.41 -72.56 -38.96
C CYS Q 167 -103.94 -72.31 -38.68
N GLY Q 168 -103.33 -71.48 -39.52
CA GLY Q 168 -101.90 -71.23 -39.40
C GLY Q 168 -101.56 -69.82 -39.82
N TRP Q 169 -100.26 -69.52 -39.77
CA TRP Q 169 -99.76 -68.19 -40.07
C TRP Q 169 -99.72 -67.89 -41.56
N ASP Q 170 -100.22 -68.78 -42.41
CA ASP Q 170 -100.37 -68.49 -43.82
C ASP Q 170 -101.68 -67.76 -44.15
N LYS Q 171 -102.36 -67.23 -43.13
CA LYS Q 171 -103.58 -66.47 -43.30
C LYS Q 171 -104.64 -67.26 -44.05
N LEU Q 172 -104.75 -68.54 -43.73
CA LEU Q 172 -105.62 -69.45 -44.45
C LEU Q 172 -106.02 -70.59 -43.52
N VAL Q 173 -107.26 -71.05 -43.65
CA VAL Q 173 -107.75 -72.21 -42.92
C VAL Q 173 -107.88 -73.36 -43.92
N LYS Q 174 -107.43 -74.53 -43.54
CA LYS Q 174 -107.52 -75.70 -44.42
C LYS Q 174 -108.22 -76.83 -43.70
N VAL Q 175 -109.13 -77.51 -44.39
CA VAL Q 175 -109.75 -78.71 -43.83
C VAL Q 175 -109.26 -79.91 -44.62
N TRP Q 176 -109.05 -81.02 -43.92
CA TRP Q 176 -108.54 -82.24 -44.52
C TRP Q 176 -109.42 -83.39 -44.09
N ASN Q 177 -109.85 -84.21 -45.04
CA ASN Q 177 -110.69 -85.35 -44.68
C ASN Q 177 -109.86 -86.44 -44.03
N LEU Q 178 -110.46 -87.17 -43.09
CA LEU Q 178 -109.75 -88.26 -42.46
C LEU Q 178 -109.74 -89.53 -43.29
N ALA Q 179 -110.66 -89.64 -44.26
CA ALA Q 179 -110.73 -90.85 -45.06
C ALA Q 179 -109.50 -91.02 -45.94
N ASN Q 180 -109.00 -89.94 -46.52
CA ASN Q 180 -107.85 -89.99 -47.41
C ASN Q 180 -106.70 -89.10 -46.98
N CYS Q 181 -106.87 -88.30 -45.93
CA CYS Q 181 -105.88 -87.32 -45.49
C CYS Q 181 -105.55 -86.34 -46.62
N LYS Q 182 -106.61 -85.82 -47.27
CA LYS Q 182 -106.47 -84.94 -48.41
C LYS Q 182 -107.27 -83.67 -48.17
N LEU Q 183 -106.83 -82.59 -48.82
CA LEU Q 183 -107.45 -81.28 -48.65
C LEU Q 183 -108.84 -81.25 -49.23
N LYS Q 184 -109.75 -80.58 -48.53
CA LYS Q 184 -111.13 -80.43 -48.99
C LYS Q 184 -111.47 -78.98 -49.32
N THR Q 185 -111.32 -78.05 -48.37
CA THR Q 185 -111.56 -76.64 -48.64
C THR Q 185 -110.45 -75.80 -48.05
N ASN Q 186 -110.17 -74.69 -48.76
CA ASN Q 186 -109.23 -73.66 -48.36
C ASN Q 186 -110.06 -72.41 -48.04
N HIS Q 187 -110.42 -72.26 -46.77
CA HIS Q 187 -111.22 -71.14 -46.32
C HIS Q 187 -110.31 -69.93 -46.16
N ILE Q 188 -110.56 -68.90 -46.96
CA ILE Q 188 -109.72 -67.71 -46.98
C ILE Q 188 -110.56 -66.54 -46.47
N GLY Q 189 -109.89 -65.42 -46.18
CA GLY Q 189 -110.60 -64.23 -45.76
C GLY Q 189 -109.95 -63.49 -44.61
N HIS Q 190 -108.84 -64.01 -44.12
CA HIS Q 190 -108.14 -63.37 -43.02
C HIS Q 190 -107.23 -62.25 -43.54
N THR Q 191 -106.90 -61.32 -42.64
CA THR Q 191 -105.94 -60.27 -42.92
C THR Q 191 -104.66 -60.40 -42.10
N GLY Q 192 -104.65 -61.28 -41.10
CA GLY Q 192 -103.48 -61.48 -40.26
C GLY Q 192 -103.28 -62.95 -39.99
N TYR Q 193 -102.24 -63.25 -39.21
CA TYR Q 193 -101.95 -64.63 -38.87
C TYR Q 193 -103.02 -65.17 -37.93
N LEU Q 194 -103.10 -66.50 -37.86
CA LEU Q 194 -104.17 -67.18 -37.16
C LEU Q 194 -103.64 -67.78 -35.86
N ASN Q 195 -104.48 -67.78 -34.84
CA ASN Q 195 -104.11 -68.31 -33.53
C ASN Q 195 -104.92 -69.55 -33.16
N THR Q 196 -106.25 -69.46 -33.15
CA THR Q 196 -107.08 -70.57 -32.70
C THR Q 196 -108.24 -70.78 -33.67
N VAL Q 197 -108.44 -72.03 -34.08
CA VAL Q 197 -109.61 -72.47 -34.82
C VAL Q 197 -110.31 -73.53 -33.99
N THR Q 198 -111.63 -73.39 -33.81
CA THR Q 198 -112.40 -74.30 -32.99
C THR Q 198 -113.68 -74.71 -33.71
N VAL Q 199 -114.07 -75.97 -33.51
CA VAL Q 199 -115.23 -76.57 -34.15
C VAL Q 199 -116.33 -76.72 -33.12
N SER Q 200 -117.55 -76.35 -33.51
CA SER Q 200 -118.70 -76.48 -32.63
C SER Q 200 -119.00 -77.94 -32.34
N PRO Q 201 -119.63 -78.24 -31.20
CA PRO Q 201 -119.93 -79.65 -30.87
C PRO Q 201 -120.80 -80.36 -31.89
N ASP Q 202 -121.62 -79.64 -32.64
CA ASP Q 202 -122.43 -80.27 -33.68
C ASP Q 202 -121.61 -80.67 -34.89
N GLY Q 203 -120.36 -80.25 -34.98
CA GLY Q 203 -119.54 -80.54 -36.14
C GLY Q 203 -120.01 -79.87 -37.42
N SER Q 204 -120.41 -78.60 -37.34
CA SER Q 204 -120.89 -77.88 -38.50
C SER Q 204 -120.13 -76.57 -38.69
N LEU Q 205 -119.69 -75.98 -37.58
CA LEU Q 205 -119.02 -74.68 -37.59
C LEU Q 205 -117.57 -74.84 -37.20
N CYS Q 206 -116.68 -74.15 -37.91
CA CYS Q 206 -115.24 -74.25 -37.69
C CYS Q 206 -114.63 -72.86 -37.52
N ALA Q 207 -115.17 -72.10 -36.56
CA ALA Q 207 -114.81 -70.70 -36.39
C ALA Q 207 -113.31 -70.55 -36.09
N SER Q 208 -112.78 -69.37 -36.39
CA SER Q 208 -111.36 -69.13 -36.15
C SER Q 208 -111.10 -67.65 -35.94
N GLY Q 209 -109.97 -67.37 -35.27
CA GLY Q 209 -109.56 -66.00 -35.02
C GLY Q 209 -108.08 -65.78 -35.24
N GLY Q 210 -107.56 -64.65 -34.79
CA GLY Q 210 -106.12 -64.42 -34.93
C GLY Q 210 -105.78 -62.94 -34.81
N LYS Q 211 -104.66 -62.58 -35.43
CA LYS Q 211 -104.16 -61.20 -35.40
C LYS Q 211 -105.12 -60.24 -36.08
N ASP Q 212 -105.91 -60.73 -37.04
CA ASP Q 212 -106.78 -59.89 -37.85
C ASP Q 212 -107.87 -59.19 -37.03
N GLY Q 213 -108.01 -59.51 -35.75
CA GLY Q 213 -109.01 -58.84 -34.94
C GLY Q 213 -110.43 -59.24 -35.28
N GLN Q 214 -110.62 -60.31 -36.03
CA GLN Q 214 -111.94 -60.74 -36.44
C GLN Q 214 -112.04 -62.25 -36.36
N ALA Q 215 -113.16 -62.73 -35.84
CA ALA Q 215 -113.49 -64.14 -35.84
C ALA Q 215 -114.37 -64.42 -37.04
N MET Q 216 -114.10 -65.52 -37.74
CA MET Q 216 -114.88 -65.90 -38.89
C MET Q 216 -115.46 -67.29 -38.70
N LEU Q 217 -116.72 -67.44 -39.11
CA LEU Q 217 -117.46 -68.68 -39.00
C LEU Q 217 -117.57 -69.32 -40.37
N TRP Q 218 -117.19 -70.59 -40.48
CA TRP Q 218 -117.36 -71.36 -41.70
C TRP Q 218 -118.18 -72.61 -41.44
N ASP Q 219 -119.08 -72.90 -42.37
CA ASP Q 219 -119.76 -74.18 -42.40
C ASP Q 219 -118.76 -75.30 -42.68
N LEU Q 220 -119.03 -76.47 -42.10
CA LEU Q 220 -118.23 -77.66 -42.34
C LEU Q 220 -118.94 -78.72 -43.17
N ASN Q 221 -120.28 -78.75 -43.12
CA ASN Q 221 -121.02 -79.76 -43.88
C ASN Q 221 -120.88 -79.52 -45.38
N GLU Q 222 -120.94 -78.28 -45.81
CA GLU Q 222 -120.76 -77.90 -47.21
C GLU Q 222 -119.51 -77.07 -47.44
N GLY Q 223 -119.26 -76.08 -46.58
CA GLY Q 223 -118.04 -75.30 -46.67
C GLY Q 223 -118.22 -73.97 -47.35
N LYS Q 224 -118.36 -72.91 -46.55
CA LYS Q 224 -118.49 -71.54 -47.04
C LYS Q 224 -118.44 -70.61 -45.85
N HIS Q 225 -118.08 -69.36 -46.10
CA HIS Q 225 -118.12 -68.35 -45.07
C HIS Q 225 -119.57 -68.07 -44.67
N LEU Q 226 -119.80 -67.91 -43.37
CA LEU Q 226 -121.12 -67.64 -42.86
C LEU Q 226 -121.22 -66.26 -42.23
N TYR Q 227 -120.37 -65.95 -41.25
CA TYR Q 227 -120.47 -64.66 -40.59
C TYR Q 227 -119.10 -64.25 -40.08
N THR Q 228 -118.96 -62.95 -39.78
CA THR Q 228 -117.72 -62.36 -39.32
C THR Q 228 -118.00 -61.51 -38.10
N LEU Q 229 -117.58 -61.98 -36.94
CA LEU Q 229 -117.60 -61.15 -35.74
C LEU Q 229 -116.30 -60.36 -35.65
N ASP Q 230 -116.37 -59.19 -35.01
CA ASP Q 230 -115.23 -58.31 -34.87
C ASP Q 230 -114.89 -58.12 -33.41
N GLY Q 231 -113.65 -58.43 -33.03
CA GLY Q 231 -113.14 -58.11 -31.72
C GLY Q 231 -112.24 -56.89 -31.77
N GLY Q 232 -112.01 -56.31 -30.59
CA GLY Q 232 -111.24 -55.07 -30.53
C GLY Q 232 -109.80 -55.25 -30.99
N ASP Q 233 -109.17 -56.36 -30.62
CA ASP Q 233 -107.75 -56.56 -30.89
C ASP Q 233 -107.51 -58.04 -31.08
N ILE Q 234 -106.24 -58.45 -30.95
CA ILE Q 234 -105.80 -59.80 -31.29
C ILE Q 234 -106.57 -60.82 -30.46
N ILE Q 235 -107.05 -61.87 -31.14
CA ILE Q 235 -107.78 -62.95 -30.51
C ILE Q 235 -106.90 -64.18 -30.51
N ASN Q 236 -106.77 -64.82 -29.35
CA ASN Q 236 -105.84 -65.93 -29.19
C ASN Q 236 -106.47 -67.16 -28.52
N ALA Q 237 -107.79 -67.20 -28.36
CA ALA Q 237 -108.43 -68.33 -27.70
C ALA Q 237 -109.90 -68.34 -28.08
N LEU Q 238 -110.39 -69.50 -28.51
CA LEU Q 238 -111.80 -69.70 -28.82
C LEU Q 238 -112.24 -71.05 -28.27
N CYS Q 239 -113.54 -71.18 -28.03
CA CYS Q 239 -114.19 -72.45 -27.73
C CYS Q 239 -115.69 -72.24 -27.70
N PHE Q 240 -116.43 -73.27 -28.10
CA PHE Q 240 -117.88 -73.26 -28.07
C PHE Q 240 -118.37 -73.78 -26.73
N SER Q 241 -119.52 -73.26 -26.29
CA SER Q 241 -120.13 -73.76 -25.07
C SER Q 241 -120.67 -75.18 -25.31
N PRO Q 242 -120.50 -76.08 -24.35
CA PRO Q 242 -121.00 -77.45 -24.54
C PRO Q 242 -122.51 -77.56 -24.38
N ASN Q 243 -123.06 -76.80 -23.43
CA ASN Q 243 -124.49 -76.82 -23.14
C ASN Q 243 -125.21 -75.59 -23.66
N ARG Q 244 -124.57 -74.83 -24.55
CA ARG Q 244 -125.14 -73.58 -25.05
C ARG Q 244 -124.54 -73.31 -26.42
N TYR Q 245 -125.23 -72.47 -27.19
CA TYR Q 245 -124.73 -71.99 -28.46
C TYR Q 245 -123.87 -70.74 -28.30
N TRP Q 246 -123.39 -70.46 -27.09
CA TRP Q 246 -122.53 -69.32 -26.85
C TRP Q 246 -121.15 -69.56 -27.46
N LEU Q 247 -120.45 -68.46 -27.75
CA LEU Q 247 -119.06 -68.50 -28.21
C LEU Q 247 -118.27 -67.48 -27.43
N CYS Q 248 -117.26 -67.92 -26.69
CA CYS Q 248 -116.43 -67.05 -25.88
C CYS Q 248 -115.01 -67.03 -26.43
N ALA Q 249 -114.41 -65.84 -26.43
CA ALA Q 249 -113.08 -65.65 -26.99
C ALA Q 249 -112.28 -64.71 -26.11
N ALA Q 250 -110.95 -64.85 -26.21
CA ALA Q 250 -110.02 -63.97 -25.48
C ALA Q 250 -109.51 -62.89 -26.43
N THR Q 251 -110.37 -61.91 -26.67
CA THR Q 251 -110.00 -60.79 -27.52
C THR Q 251 -109.04 -59.89 -26.75
N GLY Q 252 -107.75 -60.08 -26.97
CA GLY Q 252 -106.73 -59.36 -26.26
C GLY Q 252 -106.76 -59.64 -24.77
N PRO Q 253 -106.70 -58.60 -23.96
CA PRO Q 253 -106.72 -58.78 -22.51
C PRO Q 253 -108.13 -58.88 -21.95
N SER Q 254 -109.12 -59.15 -22.81
CA SER Q 254 -110.50 -59.19 -22.39
C SER Q 254 -111.17 -60.49 -22.84
N ILE Q 255 -112.21 -60.87 -22.10
CA ILE Q 255 -113.05 -62.01 -22.42
C ILE Q 255 -114.34 -61.49 -23.04
N LYS Q 256 -114.75 -62.06 -24.16
CA LYS Q 256 -116.00 -61.67 -24.81
C LYS Q 256 -116.78 -62.92 -25.17
N ILE Q 257 -117.96 -63.08 -24.60
CA ILE Q 257 -118.86 -64.19 -24.91
C ILE Q 257 -120.09 -63.63 -25.60
N TRP Q 258 -120.46 -64.26 -26.73
CA TRP Q 258 -121.50 -63.78 -27.62
C TRP Q 258 -122.47 -64.91 -27.91
N ASP Q 259 -123.67 -64.54 -28.35
CA ASP Q 259 -124.69 -65.48 -28.78
C ASP Q 259 -124.79 -65.45 -30.29
N LEU Q 260 -124.84 -66.64 -30.91
CA LEU Q 260 -124.86 -66.69 -32.37
C LEU Q 260 -126.25 -66.52 -32.95
N GLU Q 261 -127.29 -66.97 -32.25
CA GLU Q 261 -128.65 -66.76 -32.74
C GLU Q 261 -129.05 -65.29 -32.75
N GLY Q 262 -128.38 -64.45 -31.98
CA GLY Q 262 -128.67 -63.03 -32.00
C GLY Q 262 -127.55 -62.20 -32.59
N LYS Q 263 -126.31 -62.67 -32.40
CA LYS Q 263 -125.10 -61.95 -32.81
C LYS Q 263 -125.01 -60.60 -32.10
N ILE Q 264 -125.31 -60.61 -30.81
CA ILE Q 264 -125.08 -59.47 -29.93
C ILE Q 264 -124.06 -59.90 -28.87
N ILE Q 265 -123.14 -59.00 -28.54
CA ILE Q 265 -122.19 -59.26 -27.47
C ILE Q 265 -122.96 -59.51 -26.17
N VAL Q 266 -122.85 -60.73 -25.65
CA VAL Q 266 -123.61 -61.09 -24.46
C VAL Q 266 -122.93 -60.55 -23.20
N ASP Q 267 -121.69 -60.92 -22.97
CA ASP Q 267 -120.98 -60.45 -21.79
C ASP Q 267 -119.52 -60.21 -22.11
N GLU Q 268 -118.91 -59.30 -21.35
CA GLU Q 268 -117.51 -58.93 -21.54
C GLU Q 268 -116.86 -58.75 -20.18
N LEU Q 269 -115.65 -59.30 -20.03
CA LEU Q 269 -114.90 -59.26 -18.78
C LEU Q 269 -113.55 -58.60 -19.04
N LYS Q 270 -113.21 -57.61 -18.22
CA LYS Q 270 -112.00 -56.82 -18.36
C LYS Q 270 -110.99 -57.10 -17.25
N GLN Q 271 -111.03 -58.31 -16.68
CA GLN Q 271 -110.16 -58.80 -15.62
C GLN Q 271 -110.34 -58.07 -14.30
N GLU Q 272 -111.20 -57.05 -14.24
CA GLU Q 272 -111.48 -56.28 -13.03
C GLU Q 272 -110.21 -55.74 -12.39
N VAL Q 273 -109.34 -55.18 -13.23
CA VAL Q 273 -108.09 -54.58 -12.78
C VAL Q 273 -108.28 -53.08 -12.73
N ILE Q 274 -107.84 -52.46 -11.63
CA ILE Q 274 -107.92 -51.02 -11.47
C ILE Q 274 -106.55 -50.49 -11.08
N SER Q 275 -105.49 -51.17 -11.55
CA SER Q 275 -104.13 -50.74 -11.24
C SER Q 275 -103.84 -49.35 -11.81
N THR Q 276 -104.34 -49.09 -13.03
CA THR Q 276 -104.18 -47.82 -13.77
C THR Q 276 -102.80 -47.20 -13.58
N SER Q 277 -101.77 -48.05 -13.72
CA SER Q 277 -100.40 -47.56 -13.62
C SER Q 277 -100.03 -46.67 -14.80
N SER Q 278 -100.68 -46.86 -15.94
CA SER Q 278 -100.42 -46.12 -17.18
C SER Q 278 -98.98 -46.26 -17.65
N LYS Q 279 -98.31 -47.34 -17.25
CA LYS Q 279 -96.95 -47.62 -17.66
C LYS Q 279 -96.76 -48.99 -18.28
N ALA Q 280 -97.63 -49.95 -17.98
CA ALA Q 280 -97.51 -51.30 -18.50
C ALA Q 280 -98.83 -51.74 -19.11
N GLU Q 281 -98.75 -52.62 -20.10
CA GLU Q 281 -99.93 -53.16 -20.74
C GLU Q 281 -100.69 -54.07 -19.78
N PRO Q 282 -101.99 -54.22 -19.98
CA PRO Q 282 -102.75 -55.14 -19.14
C PRO Q 282 -102.36 -56.58 -19.45
N PRO Q 283 -102.45 -57.48 -18.47
CA PRO Q 283 -102.19 -58.90 -18.75
C PRO Q 283 -103.21 -59.45 -19.73
N GLN Q 284 -102.75 -60.32 -20.61
CA GLN Q 284 -103.54 -60.78 -21.74
C GLN Q 284 -104.00 -62.21 -21.52
N CYS Q 285 -105.28 -62.46 -21.78
CA CYS Q 285 -105.81 -63.81 -21.70
C CYS Q 285 -105.28 -64.66 -22.84
N THR Q 286 -104.99 -65.93 -22.55
CA THR Q 286 -104.33 -66.80 -23.51
C THR Q 286 -105.10 -68.08 -23.76
N SER Q 287 -105.76 -68.61 -22.74
CA SER Q 287 -106.35 -69.94 -22.82
C SER Q 287 -107.75 -69.93 -22.23
N LEU Q 288 -108.69 -70.56 -22.94
CA LEU Q 288 -110.07 -70.66 -22.51
C LEU Q 288 -110.51 -72.12 -22.50
N ALA Q 289 -111.25 -72.50 -21.47
CA ALA Q 289 -111.83 -73.83 -21.43
C ALA Q 289 -113.19 -73.78 -20.76
N TRP Q 290 -114.19 -74.35 -21.42
CA TRP Q 290 -115.51 -74.48 -20.82
C TRP Q 290 -115.53 -75.67 -19.87
N SER Q 291 -116.47 -75.62 -18.92
CA SER Q 291 -116.62 -76.73 -18.00
C SER Q 291 -117.38 -77.88 -18.64
N ALA Q 292 -117.39 -79.02 -17.94
CA ALA Q 292 -118.17 -80.16 -18.39
C ALA Q 292 -119.65 -79.83 -18.41
N ASP Q 293 -120.15 -79.19 -17.34
CA ASP Q 293 -121.54 -78.78 -17.28
C ASP Q 293 -121.80 -77.45 -17.96
N GLY Q 294 -120.75 -76.72 -18.35
CA GLY Q 294 -120.89 -75.43 -18.97
C GLY Q 294 -121.19 -74.28 -18.03
N GLN Q 295 -121.18 -74.53 -16.72
CA GLN Q 295 -121.51 -73.48 -15.76
C GLN Q 295 -120.31 -72.61 -15.40
N THR Q 296 -119.10 -73.03 -15.75
CA THR Q 296 -117.90 -72.25 -15.47
C THR Q 296 -116.99 -72.25 -16.69
N LEU Q 297 -116.16 -71.22 -16.77
CA LEU Q 297 -115.12 -71.13 -17.78
C LEU Q 297 -113.82 -70.74 -17.11
N PHE Q 298 -112.74 -71.35 -17.58
CA PHE Q 298 -111.41 -71.15 -17.03
C PHE Q 298 -110.58 -70.37 -18.04
N ALA Q 299 -109.97 -69.28 -17.59
CA ALA Q 299 -109.23 -68.38 -18.47
C ALA Q 299 -107.84 -68.17 -17.89
N GLY Q 300 -106.83 -68.60 -18.62
CA GLY Q 300 -105.46 -68.36 -18.24
C GLY Q 300 -104.98 -66.99 -18.69
N TYR Q 301 -103.98 -66.48 -17.97
CA TYR Q 301 -103.44 -65.16 -18.30
C TYR Q 301 -101.92 -65.21 -18.26
N THR Q 302 -101.31 -64.13 -18.73
CA THR Q 302 -99.87 -63.97 -18.64
C THR Q 302 -99.40 -63.63 -17.23
N ASP Q 303 -100.33 -63.55 -16.28
CA ASP Q 303 -100.02 -63.35 -14.86
C ASP Q 303 -99.61 -64.64 -14.17
N ASN Q 304 -99.27 -65.68 -14.93
CA ASN Q 304 -98.91 -66.99 -14.40
C ASN Q 304 -100.05 -67.57 -13.57
N LEU Q 305 -101.28 -67.34 -14.02
CA LEU Q 305 -102.44 -67.52 -13.17
C LEU Q 305 -103.68 -67.74 -14.02
N VAL Q 306 -104.63 -68.49 -13.48
CA VAL Q 306 -105.88 -68.79 -14.17
C VAL Q 306 -107.05 -68.33 -13.33
N ARG Q 307 -107.97 -67.60 -13.95
CA ARG Q 307 -109.17 -67.11 -13.29
C ARG Q 307 -110.36 -67.99 -13.67
N VAL Q 308 -111.32 -68.09 -12.77
CA VAL Q 308 -112.54 -68.86 -13.00
C VAL Q 308 -113.72 -67.92 -13.03
N TRP Q 309 -114.57 -68.05 -14.06
CA TRP Q 309 -115.78 -67.26 -14.18
C TRP Q 309 -116.98 -68.18 -14.23
N GLN Q 310 -117.96 -67.96 -13.36
CA GLN Q 310 -119.12 -68.82 -13.22
C GLN Q 310 -120.38 -68.10 -13.65
N VAL Q 311 -121.22 -68.79 -14.41
CA VAL Q 311 -122.53 -68.27 -14.76
C VAL Q 311 -123.36 -68.18 -13.48
N THR Q 312 -123.86 -66.99 -13.18
CA THR Q 312 -124.73 -66.84 -12.02
C THR Q 312 -126.08 -67.48 -12.31
N ILE Q 313 -126.69 -68.04 -11.27
CA ILE Q 313 -127.96 -68.72 -11.42
C ILE Q 313 -129.12 -67.76 -11.15
N GLY R 1 -99.25 -9.97 -63.54
CA GLY R 1 -100.09 -9.83 -64.72
C GLY R 1 -100.81 -8.51 -64.80
N ALA R 2 -100.63 -7.81 -65.92
CA ALA R 2 -101.29 -6.52 -66.14
C ALA R 2 -102.71 -6.66 -66.66
N LEU R 3 -103.13 -7.88 -67.03
CA LEU R 3 -104.44 -8.10 -67.60
C LEU R 3 -105.51 -8.04 -66.52
N ASP R 4 -106.73 -7.67 -66.94
CA ASP R 4 -107.83 -7.56 -65.98
C ASP R 4 -108.24 -8.93 -65.45
N VAL R 5 -108.14 -9.98 -66.26
CA VAL R 5 -108.45 -11.32 -65.76
C VAL R 5 -107.41 -11.77 -64.75
N LEU R 6 -106.15 -11.34 -64.92
CA LEU R 6 -105.11 -11.62 -63.93
C LEU R 6 -105.08 -10.54 -62.86
N GLN R 7 -106.22 -10.26 -62.24
CA GLN R 7 -106.32 -9.30 -61.17
C GLN R 7 -106.86 -9.99 -59.92
N MET R 8 -106.73 -9.30 -58.79
CA MET R 8 -107.21 -9.88 -57.54
C MET R 8 -108.73 -9.92 -57.52
N LYS R 9 -109.27 -10.62 -56.52
CA LYS R 9 -110.70 -10.71 -56.33
C LYS R 9 -111.03 -10.34 -54.90
N GLU R 10 -112.30 -9.96 -54.69
CA GLU R 10 -112.76 -9.61 -53.35
C GLU R 10 -112.63 -10.79 -52.41
N GLU R 11 -112.97 -11.99 -52.88
CA GLU R 11 -112.82 -13.19 -52.07
C GLU R 11 -111.37 -13.42 -51.69
N ASP R 12 -110.46 -13.23 -52.64
CA ASP R 12 -109.04 -13.42 -52.35
C ASP R 12 -108.56 -12.40 -51.32
N VAL R 13 -109.01 -11.16 -51.43
CA VAL R 13 -108.61 -10.14 -50.46
C VAL R 13 -109.14 -10.51 -49.08
N LEU R 14 -110.39 -10.98 -49.01
CA LEU R 14 -110.97 -11.37 -47.73
C LEU R 14 -110.19 -12.52 -47.10
N LYS R 15 -109.82 -13.51 -47.90
CA LYS R 15 -109.04 -14.63 -47.38
C LYS R 15 -107.66 -14.19 -46.91
N PHE R 16 -107.01 -13.32 -47.68
CA PHE R 16 -105.73 -12.76 -47.24
C PHE R 16 -105.86 -12.08 -45.89
N LEU R 17 -106.84 -11.20 -45.75
CA LEU R 17 -106.99 -10.46 -44.51
C LEU R 17 -107.35 -11.38 -43.35
N ALA R 18 -108.19 -12.38 -43.59
CA ALA R 18 -108.57 -13.29 -42.53
C ALA R 18 -107.39 -14.13 -42.05
N ALA R 19 -106.55 -14.60 -42.99
CA ALA R 19 -105.42 -15.42 -42.61
C ALA R 19 -104.23 -14.60 -42.12
N GLY R 20 -104.21 -13.30 -42.37
CA GLY R 20 -103.05 -12.49 -42.05
C GLY R 20 -102.42 -11.92 -43.29
N THR R 21 -101.22 -12.40 -43.63
CA THR R 21 -100.61 -12.25 -44.96
C THR R 21 -100.25 -10.79 -45.25
N HIS R 22 -100.69 -9.88 -44.38
CA HIS R 22 -100.42 -8.46 -44.55
C HIS R 22 -99.81 -7.83 -43.32
N LEU R 23 -99.78 -8.53 -42.19
CA LEU R 23 -99.07 -8.09 -41.00
C LEU R 23 -97.73 -8.81 -40.98
N GLY R 24 -96.65 -8.05 -41.15
CA GLY R 24 -95.33 -8.65 -41.14
C GLY R 24 -94.76 -8.68 -39.74
N GLY R 25 -93.43 -8.57 -39.63
CA GLY R 25 -92.77 -8.50 -38.36
C GLY R 25 -92.58 -7.07 -37.90
N THR R 26 -91.76 -6.91 -36.86
CA THR R 26 -91.38 -5.59 -36.40
C THR R 26 -90.09 -5.08 -37.02
N ASN R 27 -89.37 -5.94 -37.74
CA ASN R 27 -88.14 -5.55 -38.41
C ASN R 27 -88.36 -5.50 -39.91
N LEU R 28 -87.57 -4.68 -40.58
CA LEU R 28 -87.68 -4.50 -42.02
C LEU R 28 -86.30 -4.66 -42.65
N ASP R 29 -86.25 -5.41 -43.74
CA ASP R 29 -85.04 -5.52 -44.55
C ASP R 29 -85.11 -4.52 -45.69
N PHE R 30 -83.97 -3.87 -45.96
CA PHE R 30 -83.96 -2.83 -46.98
C PHE R 30 -84.29 -3.38 -48.36
N GLN R 31 -84.02 -4.66 -48.60
CA GLN R 31 -84.48 -5.30 -49.82
C GLN R 31 -86.00 -5.40 -49.87
N MET R 32 -86.62 -5.67 -48.72
CA MET R 32 -88.07 -5.82 -48.64
C MET R 32 -88.78 -4.51 -48.39
N GLU R 33 -88.05 -3.39 -48.35
CA GLU R 33 -88.66 -2.10 -48.05
C GLU R 33 -89.72 -1.73 -49.08
N GLN R 34 -89.43 -1.94 -50.36
CA GLN R 34 -90.34 -1.48 -51.40
C GLN R 34 -91.59 -2.34 -51.52
N TYR R 35 -91.68 -3.45 -50.80
CA TYR R 35 -92.89 -4.24 -50.71
C TYR R 35 -93.78 -3.85 -49.55
N ILE R 36 -93.40 -2.82 -48.79
CA ILE R 36 -94.12 -2.43 -47.58
C ILE R 36 -94.98 -1.21 -47.87
N TYR R 37 -96.23 -1.26 -47.43
CA TYR R 37 -97.12 -0.12 -47.57
C TYR R 37 -96.82 0.94 -46.52
N LYS R 38 -96.95 0.58 -45.24
CA LYS R 38 -96.73 1.52 -44.16
C LYS R 38 -96.50 0.72 -42.88
N ARG R 39 -95.86 1.37 -41.91
CA ARG R 39 -95.64 0.77 -40.60
C ARG R 39 -96.71 1.26 -39.63
N LYS R 40 -97.34 0.32 -38.94
CA LYS R 40 -98.41 0.69 -38.03
C LYS R 40 -97.84 1.30 -36.76
N SER R 41 -98.73 1.95 -36.01
CA SER R 41 -98.35 2.44 -34.68
C SER R 41 -98.06 1.31 -33.71
N ASP R 42 -98.60 0.12 -33.97
CA ASP R 42 -98.28 -1.05 -33.16
C ASP R 42 -96.81 -1.44 -33.30
N GLY R 43 -96.23 -1.25 -34.49
CA GLY R 43 -94.86 -1.65 -34.72
C GLY R 43 -94.78 -2.83 -35.65
N ILE R 44 -95.74 -2.93 -36.57
CA ILE R 44 -95.83 -4.02 -37.53
C ILE R 44 -95.93 -3.42 -38.92
N TYR R 45 -95.11 -3.92 -39.84
CA TYR R 45 -95.11 -3.40 -41.19
C TYR R 45 -96.24 -4.02 -42.00
N ILE R 46 -96.99 -3.19 -42.71
CA ILE R 46 -98.07 -3.68 -43.56
C ILE R 46 -97.48 -4.07 -44.91
N ILE R 47 -97.77 -5.30 -45.34
CA ILE R 47 -97.33 -5.80 -46.63
C ILE R 47 -98.35 -5.42 -47.68
N ASN R 48 -97.89 -4.80 -48.76
CA ASN R 48 -98.80 -4.34 -49.80
C ASN R 48 -99.34 -5.52 -50.60
N LEU R 49 -100.64 -5.72 -50.54
CA LEU R 49 -101.25 -6.89 -51.17
C LEU R 49 -101.17 -6.82 -52.69
N LYS R 50 -101.21 -5.62 -53.27
CA LYS R 50 -101.07 -5.51 -54.72
C LYS R 50 -99.69 -5.99 -55.18
N ARG R 51 -98.63 -5.55 -54.49
CA ARG R 51 -97.30 -6.00 -54.82
C ARG R 51 -97.16 -7.50 -54.58
N THR R 52 -97.74 -7.99 -53.48
CA THR R 52 -97.69 -9.42 -53.20
C THR R 52 -98.37 -10.22 -54.30
N TRP R 53 -99.52 -9.76 -54.78
CA TRP R 53 -100.21 -10.47 -55.85
C TRP R 53 -99.43 -10.44 -57.14
N GLU R 54 -98.83 -9.29 -57.46
CA GLU R 54 -98.01 -9.22 -58.67
C GLU R 54 -96.83 -10.18 -58.60
N LYS R 55 -96.17 -10.23 -57.45
CA LYS R 55 -95.05 -11.16 -57.28
C LYS R 55 -95.52 -12.61 -57.34
N LEU R 56 -96.70 -12.90 -56.80
CA LEU R 56 -97.24 -14.25 -56.85
C LEU R 56 -97.55 -14.66 -58.29
N LEU R 57 -98.11 -13.74 -59.07
CA LEU R 57 -98.36 -14.05 -60.48
C LEU R 57 -97.05 -14.27 -61.22
N LEU R 58 -96.04 -13.47 -60.92
CA LEU R 58 -94.73 -13.67 -61.53
C LEU R 58 -94.16 -15.04 -61.19
N ALA R 59 -94.27 -15.44 -59.92
CA ALA R 59 -93.77 -16.75 -59.50
C ALA R 59 -94.54 -17.87 -60.17
N ALA R 60 -95.85 -17.71 -60.31
CA ALA R 60 -96.65 -18.73 -60.99
C ALA R 60 -96.26 -18.84 -62.46
N ARG R 61 -96.00 -17.71 -63.11
CA ARG R 61 -95.51 -17.74 -64.49
C ARG R 61 -94.18 -18.46 -64.57
N ALA R 62 -93.28 -18.18 -63.64
CA ALA R 62 -91.99 -18.86 -63.61
C ALA R 62 -92.16 -20.36 -63.40
N ILE R 63 -93.12 -20.76 -62.56
CA ILE R 63 -93.36 -22.17 -62.33
C ILE R 63 -93.88 -22.85 -63.59
N VAL R 64 -94.90 -22.26 -64.23
CA VAL R 64 -95.49 -22.88 -65.40
C VAL R 64 -94.59 -22.82 -66.61
N ALA R 65 -93.52 -22.00 -66.55
CA ALA R 65 -92.55 -22.00 -67.64
C ALA R 65 -91.86 -23.35 -67.78
N ILE R 66 -91.74 -24.11 -66.69
CA ILE R 66 -91.06 -25.40 -66.72
C ILE R 66 -92.00 -26.43 -67.31
N GLU R 67 -91.55 -27.13 -68.35
CA GLU R 67 -92.38 -28.16 -68.98
C GLU R 67 -92.56 -29.36 -68.05
N ASN R 68 -91.47 -29.85 -67.47
CA ASN R 68 -91.54 -31.00 -66.60
C ASN R 68 -92.03 -30.57 -65.22
N PRO R 69 -93.23 -31.00 -64.80
CA PRO R 69 -93.72 -30.58 -63.47
C PRO R 69 -92.85 -31.06 -62.33
N ALA R 70 -92.18 -32.20 -62.48
CA ALA R 70 -91.29 -32.69 -61.45
C ALA R 70 -89.95 -31.97 -61.44
N ASP R 71 -89.69 -31.12 -62.44
CA ASP R 71 -88.43 -30.40 -62.50
C ASP R 71 -88.37 -29.22 -61.54
N VAL R 72 -89.49 -28.83 -60.94
CA VAL R 72 -89.52 -27.82 -59.90
C VAL R 72 -89.63 -28.52 -58.55
N SER R 73 -88.83 -28.08 -57.58
CA SER R 73 -88.78 -28.70 -56.27
C SER R 73 -89.19 -27.68 -55.22
N VAL R 74 -90.07 -28.11 -54.31
CA VAL R 74 -90.55 -27.27 -53.23
C VAL R 74 -90.05 -27.86 -51.92
N ILE R 75 -89.77 -26.97 -50.95
CA ILE R 75 -89.14 -27.36 -49.70
C ILE R 75 -89.80 -26.65 -48.53
N SER R 76 -89.60 -27.22 -47.34
CA SER R 76 -89.98 -26.60 -46.08
C SER R 76 -89.29 -27.31 -44.93
N SER R 77 -88.54 -26.58 -44.11
CA SER R 77 -87.81 -27.16 -43.00
C SER R 77 -88.44 -26.85 -41.66
N ARG R 78 -89.57 -26.16 -41.63
CA ARG R 78 -90.27 -25.85 -40.40
C ARG R 78 -91.57 -26.64 -40.34
N ASN R 79 -91.96 -27.00 -39.12
CA ASN R 79 -93.23 -27.70 -38.92
C ASN R 79 -94.39 -26.94 -39.52
N THR R 80 -94.30 -25.61 -39.54
CA THR R 80 -95.25 -24.77 -40.25
C THR R 80 -94.88 -24.79 -41.72
N GLY R 81 -95.43 -25.76 -42.44
CA GLY R 81 -95.20 -25.80 -43.88
C GLY R 81 -95.09 -27.14 -44.58
N GLN R 82 -94.84 -28.24 -43.87
CA GLN R 82 -94.77 -29.53 -44.54
C GLN R 82 -96.09 -29.89 -45.19
N ARG R 83 -97.21 -29.67 -44.49
CA ARG R 83 -98.50 -30.00 -45.06
C ARG R 83 -98.77 -29.17 -46.31
N ALA R 84 -98.45 -27.88 -46.26
CA ALA R 84 -98.68 -27.01 -47.41
C ALA R 84 -97.83 -27.43 -48.60
N VAL R 85 -96.54 -27.71 -48.39
CA VAL R 85 -95.70 -28.08 -49.51
C VAL R 85 -96.08 -29.45 -50.05
N LEU R 86 -96.49 -30.38 -49.20
CA LEU R 86 -96.89 -31.68 -49.68
C LEU R 86 -98.16 -31.60 -50.51
N LYS R 87 -99.15 -30.82 -50.04
CA LYS R 87 -100.37 -30.67 -50.81
C LYS R 87 -100.11 -29.92 -52.12
N PHE R 88 -99.22 -28.92 -52.09
CA PHE R 88 -98.88 -28.20 -53.30
C PHE R 88 -98.22 -29.12 -54.32
N ALA R 89 -97.27 -29.94 -53.88
CA ALA R 89 -96.62 -30.86 -54.80
C ALA R 89 -97.60 -31.91 -55.32
N ALA R 90 -98.51 -32.38 -54.47
CA ALA R 90 -99.52 -33.32 -54.94
C ALA R 90 -100.42 -32.70 -56.00
N ALA R 91 -100.78 -31.43 -55.81
CA ALA R 91 -101.67 -30.78 -56.77
C ALA R 91 -100.96 -30.46 -58.09
N THR R 92 -99.72 -29.98 -58.03
CA THR R 92 -99.06 -29.46 -59.22
C THR R 92 -98.05 -30.41 -59.84
N GLY R 93 -97.87 -31.61 -59.28
CA GLY R 93 -96.90 -32.53 -59.83
C GLY R 93 -95.46 -32.21 -59.55
N ALA R 94 -95.19 -31.32 -58.59
CA ALA R 94 -93.82 -30.96 -58.26
C ALA R 94 -93.21 -32.02 -57.34
N THR R 95 -91.94 -31.83 -57.01
CA THR R 95 -91.23 -32.74 -56.13
C THR R 95 -91.00 -32.09 -54.77
N PRO R 96 -91.59 -32.61 -53.70
CA PRO R 96 -91.46 -31.97 -52.39
C PRO R 96 -90.28 -32.48 -51.59
N ILE R 97 -89.79 -31.59 -50.72
CA ILE R 97 -88.81 -31.95 -49.70
C ILE R 97 -89.35 -31.45 -48.37
N ALA R 98 -89.67 -32.37 -47.47
CA ALA R 98 -90.31 -32.05 -46.21
C ALA R 98 -89.35 -32.31 -45.06
N GLY R 99 -89.42 -31.45 -44.03
CA GLY R 99 -88.56 -31.64 -42.88
C GLY R 99 -87.13 -31.26 -43.19
N ARG R 100 -86.20 -32.06 -42.65
CA ARG R 100 -84.78 -31.76 -42.79
C ARG R 100 -84.34 -31.85 -44.24
N PHE R 101 -83.57 -30.87 -44.69
CA PHE R 101 -82.93 -30.89 -45.99
C PHE R 101 -81.52 -31.44 -45.81
N THR R 102 -81.25 -32.59 -46.38
CA THR R 102 -79.92 -33.18 -46.27
C THR R 102 -78.93 -32.36 -47.09
N PRO R 103 -77.84 -31.89 -46.50
CA PRO R 103 -76.86 -31.12 -47.27
C PRO R 103 -76.24 -31.97 -48.37
N GLY R 104 -75.90 -31.30 -49.47
CA GLY R 104 -75.36 -32.01 -50.62
C GLY R 104 -76.40 -32.65 -51.51
N THR R 105 -77.68 -32.37 -51.29
CA THR R 105 -78.72 -32.94 -52.14
C THR R 105 -78.57 -32.47 -53.58
N PHE R 106 -78.28 -31.18 -53.78
CA PHE R 106 -78.06 -30.65 -55.11
C PHE R 106 -76.61 -30.76 -55.56
N THR R 107 -75.67 -30.68 -54.62
CA THR R 107 -74.27 -30.54 -54.99
C THR R 107 -73.57 -31.89 -55.12
N ASN R 108 -73.78 -32.77 -54.15
CA ASN R 108 -73.15 -34.09 -54.18
C ASN R 108 -73.98 -35.01 -55.04
N GLN R 109 -73.36 -35.60 -56.07
CA GLN R 109 -74.06 -36.38 -57.07
C GLN R 109 -74.01 -37.88 -56.82
N ILE R 110 -73.32 -38.32 -55.77
CA ILE R 110 -73.14 -39.76 -55.56
C ILE R 110 -74.28 -40.36 -54.76
N GLN R 111 -74.66 -39.73 -53.65
CA GLN R 111 -75.63 -40.33 -52.76
C GLN R 111 -77.01 -40.38 -53.40
N ALA R 112 -77.84 -41.29 -52.89
CA ALA R 112 -79.14 -41.56 -53.50
C ALA R 112 -80.09 -40.37 -53.41
N ALA R 113 -79.89 -39.47 -52.46
CA ALA R 113 -80.76 -38.31 -52.33
C ALA R 113 -80.51 -37.27 -53.41
N PHE R 114 -79.51 -37.47 -54.26
CA PHE R 114 -79.12 -36.45 -55.23
C PHE R 114 -80.22 -36.21 -56.25
N ARG R 115 -80.51 -34.94 -56.49
CA ARG R 115 -81.47 -34.53 -57.51
C ARG R 115 -81.11 -33.11 -57.93
N GLU R 116 -81.36 -32.79 -59.20
CA GLU R 116 -80.97 -31.52 -59.79
C GLU R 116 -82.17 -30.88 -60.47
N PRO R 117 -83.01 -30.18 -59.72
CA PRO R 117 -84.19 -29.54 -60.31
C PRO R 117 -83.81 -28.30 -61.11
N ARG R 118 -84.80 -27.75 -61.79
CA ARG R 118 -84.61 -26.52 -62.55
C ARG R 118 -85.27 -25.31 -61.92
N LEU R 119 -86.00 -25.49 -60.83
CA LEU R 119 -86.58 -24.36 -60.10
C LEU R 119 -86.76 -24.80 -58.66
N LEU R 120 -86.47 -23.89 -57.73
CA LEU R 120 -86.62 -24.15 -56.30
C LEU R 120 -87.64 -23.18 -55.72
N VAL R 121 -88.50 -23.69 -54.84
CA VAL R 121 -89.49 -22.86 -54.14
C VAL R 121 -89.30 -23.06 -52.65
N VAL R 122 -89.27 -21.97 -51.91
CA VAL R 122 -88.84 -21.94 -50.51
C VAL R 122 -89.94 -21.30 -49.67
N THR R 123 -90.23 -21.88 -48.51
CA THR R 123 -91.22 -21.31 -47.61
C THR R 123 -90.65 -20.27 -46.66
N ASP R 124 -89.33 -20.27 -46.44
CA ASP R 124 -88.71 -19.31 -45.55
C ASP R 124 -87.24 -19.17 -45.89
N PRO R 125 -86.78 -18.00 -46.33
CA PRO R 125 -85.36 -17.84 -46.65
C PRO R 125 -84.44 -18.01 -45.46
N ARG R 126 -84.94 -17.77 -44.24
CA ARG R 126 -84.10 -17.91 -43.06
C ARG R 126 -84.04 -19.35 -42.58
N ALA R 127 -85.17 -20.04 -42.58
CA ALA R 127 -85.17 -21.44 -42.19
C ALA R 127 -84.49 -22.32 -43.24
N ASP R 128 -84.84 -22.12 -44.51
CA ASP R 128 -84.24 -22.87 -45.60
C ASP R 128 -83.02 -22.17 -46.18
N HIS R 129 -82.11 -21.76 -45.31
CA HIS R 129 -80.93 -21.05 -45.78
C HIS R 129 -79.97 -21.98 -46.50
N GLN R 130 -79.87 -23.23 -46.02
CA GLN R 130 -78.93 -24.18 -46.63
C GLN R 130 -79.28 -24.53 -48.06
N PRO R 131 -80.51 -24.92 -48.42
CA PRO R 131 -80.79 -25.19 -49.85
C PRO R 131 -80.65 -23.96 -50.73
N LEU R 132 -80.96 -22.77 -50.20
CA LEU R 132 -80.72 -21.55 -50.97
C LEU R 132 -79.24 -21.39 -51.28
N THR R 133 -78.38 -21.69 -50.31
CA THR R 133 -76.94 -21.66 -50.57
C THR R 133 -76.54 -22.69 -51.60
N GLU R 134 -77.13 -23.90 -51.52
CA GLU R 134 -76.74 -24.96 -52.44
C GLU R 134 -77.18 -24.67 -53.87
N ALA R 135 -78.26 -23.90 -54.05
CA ALA R 135 -78.70 -23.57 -55.39
C ALA R 135 -77.64 -22.81 -56.17
N SER R 136 -76.85 -21.99 -55.48
CA SER R 136 -75.80 -21.21 -56.11
C SER R 136 -74.63 -22.05 -56.60
N TYR R 137 -74.55 -23.32 -56.21
CA TYR R 137 -73.54 -24.21 -56.75
C TYR R 137 -74.01 -24.94 -57.99
N VAL R 138 -75.28 -24.87 -58.33
CA VAL R 138 -75.83 -25.72 -59.37
C VAL R 138 -76.70 -24.90 -60.33
N ASN R 139 -76.64 -23.58 -60.20
CA ASN R 139 -77.32 -22.66 -61.13
C ASN R 139 -78.84 -22.82 -61.06
N LEU R 140 -79.36 -22.79 -59.84
CA LEU R 140 -80.76 -23.11 -59.61
C LEU R 140 -81.53 -21.86 -59.22
N PRO R 141 -82.39 -21.32 -60.08
CA PRO R 141 -83.22 -20.18 -59.68
C PRO R 141 -84.16 -20.54 -58.55
N THR R 142 -84.37 -19.58 -57.64
CA THR R 142 -85.15 -19.80 -56.43
C THR R 142 -86.22 -18.74 -56.28
N ILE R 143 -87.39 -19.19 -55.82
CA ILE R 143 -88.48 -18.35 -55.35
C ILE R 143 -88.61 -18.60 -53.85
N ALA R 144 -88.96 -17.58 -53.09
CA ALA R 144 -89.13 -17.76 -51.66
C ALA R 144 -90.24 -16.88 -51.13
N LEU R 145 -91.01 -17.41 -50.18
CA LEU R 145 -92.00 -16.65 -49.45
C LEU R 145 -91.28 -15.85 -48.37
N CYS R 146 -91.20 -14.54 -48.54
CA CYS R 146 -90.30 -13.70 -47.76
C CYS R 146 -91.09 -12.77 -46.85
N ASN R 147 -90.65 -12.67 -45.60
CA ASN R 147 -91.22 -11.73 -44.64
C ASN R 147 -90.54 -10.38 -44.79
N THR R 148 -90.95 -9.42 -43.96
CA THR R 148 -90.38 -8.09 -44.04
C THR R 148 -88.92 -8.05 -43.59
N ASP R 149 -88.48 -9.06 -42.83
CA ASP R 149 -87.11 -9.09 -42.31
C ASP R 149 -86.30 -10.24 -42.91
N SER R 150 -86.83 -10.90 -43.93
CA SER R 150 -86.03 -12.03 -44.37
C SER R 150 -84.97 -11.58 -45.38
N PRO R 151 -83.75 -12.12 -45.28
CA PRO R 151 -82.72 -11.77 -46.26
C PRO R 151 -83.04 -12.37 -47.62
N LEU R 152 -82.73 -11.61 -48.66
CA LEU R 152 -82.97 -12.04 -50.04
C LEU R 152 -81.66 -12.31 -50.77
N ARG R 153 -80.69 -12.92 -50.07
CA ARG R 153 -79.34 -13.03 -50.61
C ARG R 153 -79.33 -13.83 -51.90
N TYR R 154 -80.04 -14.96 -51.94
CA TYR R 154 -80.10 -15.80 -53.13
C TYR R 154 -81.51 -15.92 -53.70
N VAL R 155 -82.44 -15.10 -53.24
CA VAL R 155 -83.82 -15.17 -53.69
C VAL R 155 -83.98 -14.35 -54.96
N ASP R 156 -84.80 -14.84 -55.88
CA ASP R 156 -85.02 -14.17 -57.16
C ASP R 156 -86.44 -13.69 -57.36
N ILE R 157 -87.44 -14.42 -56.88
CA ILE R 157 -88.84 -14.09 -57.14
C ILE R 157 -89.53 -13.92 -55.79
N ALA R 158 -88.82 -13.33 -54.83
CA ALA R 158 -89.30 -13.13 -53.46
C ALA R 158 -90.72 -12.63 -53.42
N ILE R 159 -91.59 -13.39 -52.76
CA ILE R 159 -93.01 -13.05 -52.63
C ILE R 159 -93.22 -12.46 -51.25
N PRO R 160 -93.55 -11.17 -51.12
CA PRO R 160 -93.70 -10.56 -49.80
C PRO R 160 -94.93 -11.05 -49.06
N CYS R 161 -94.73 -11.75 -47.96
CA CYS R 161 -95.84 -12.29 -47.20
C CYS R 161 -95.44 -12.56 -45.76
N ASN R 162 -96.45 -12.76 -44.93
CA ASN R 162 -96.27 -13.22 -43.56
C ASN R 162 -95.98 -14.71 -43.63
N ASN R 163 -94.69 -15.06 -43.68
CA ASN R 163 -94.30 -16.45 -43.73
C ASN R 163 -94.20 -17.08 -42.34
N LYS R 164 -94.75 -16.43 -41.32
CA LYS R 164 -94.72 -16.92 -39.96
C LYS R 164 -96.00 -17.66 -39.57
N GLY R 165 -97.15 -17.08 -39.87
CA GLY R 165 -98.41 -17.69 -39.48
C GLY R 165 -98.72 -18.93 -40.30
N ALA R 166 -99.25 -19.94 -39.61
CA ALA R 166 -99.62 -21.18 -40.30
C ALA R 166 -100.71 -20.94 -41.32
N HIS R 167 -101.73 -20.16 -40.94
CA HIS R 167 -102.79 -19.84 -41.88
C HIS R 167 -102.25 -19.08 -43.08
N SER R 168 -101.34 -18.14 -42.84
CA SER R 168 -100.78 -17.36 -43.94
C SER R 168 -99.97 -18.22 -44.90
N VAL R 169 -99.11 -19.09 -44.37
CA VAL R 169 -98.28 -19.90 -45.27
C VAL R 169 -99.13 -20.92 -46.02
N GLY R 170 -100.12 -21.51 -45.34
CA GLY R 170 -101.00 -22.44 -46.04
C GLY R 170 -101.79 -21.75 -47.12
N LEU R 171 -102.31 -20.56 -46.84
CA LEU R 171 -103.08 -19.82 -47.83
C LEU R 171 -102.21 -19.42 -49.01
N MET R 172 -100.95 -19.05 -48.76
CA MET R 172 -100.10 -18.64 -49.87
C MET R 172 -99.72 -19.81 -50.74
N TRP R 173 -99.43 -20.97 -50.13
CA TRP R 173 -99.17 -22.16 -50.94
C TRP R 173 -100.41 -22.56 -51.73
N TRP R 174 -101.59 -22.44 -51.12
CA TRP R 174 -102.83 -22.72 -51.81
C TRP R 174 -103.05 -21.75 -52.98
N MET R 175 -102.75 -20.47 -52.77
CA MET R 175 -102.89 -19.48 -53.83
C MET R 175 -101.95 -19.78 -54.99
N LEU R 176 -100.71 -20.14 -54.68
CA LEU R 176 -99.75 -20.47 -55.74
C LEU R 176 -100.19 -21.69 -56.52
N ALA R 177 -100.68 -22.72 -55.82
CA ALA R 177 -101.17 -23.91 -56.51
C ALA R 177 -102.36 -23.58 -57.40
N ARG R 178 -103.30 -22.78 -56.89
CA ARG R 178 -104.46 -22.39 -57.69
C ARG R 178 -104.03 -21.60 -58.91
N GLU R 179 -103.07 -20.70 -58.75
CA GLU R 179 -102.67 -19.85 -59.88
C GLU R 179 -101.93 -20.65 -60.93
N VAL R 180 -101.06 -21.57 -60.53
CA VAL R 180 -100.37 -22.36 -61.55
C VAL R 180 -101.34 -23.29 -62.25
N LEU R 181 -102.32 -23.85 -61.51
CA LEU R 181 -103.31 -24.70 -62.17
C LEU R 181 -104.24 -23.89 -63.05
N ARG R 182 -104.42 -22.61 -62.76
CA ARG R 182 -105.21 -21.74 -63.63
C ARG R 182 -104.44 -21.38 -64.90
N MET R 183 -103.15 -21.07 -64.77
CA MET R 183 -102.34 -20.79 -65.94
C MET R 183 -102.20 -22.02 -66.83
N ARG R 184 -102.18 -23.20 -66.23
CA ARG R 184 -102.29 -24.42 -67.02
C ARG R 184 -103.77 -24.67 -67.35
N GLY R 185 -103.99 -25.58 -68.28
CA GLY R 185 -105.34 -25.83 -68.75
C GLY R 185 -106.13 -26.78 -67.86
N THR R 186 -106.13 -26.52 -66.55
CA THR R 186 -106.81 -27.37 -65.59
C THR R 186 -107.94 -26.69 -64.86
N ILE R 187 -107.94 -25.37 -64.72
CA ILE R 187 -108.98 -24.63 -64.03
C ILE R 187 -109.59 -23.64 -65.02
N SER R 188 -110.91 -23.57 -65.03
CA SER R 188 -111.64 -22.78 -66.02
C SER R 188 -111.77 -21.31 -65.65
N ARG R 189 -111.23 -20.88 -64.52
CA ARG R 189 -111.16 -19.49 -64.08
C ARG R 189 -112.52 -18.89 -63.74
N GLU R 190 -113.62 -19.60 -63.96
CA GLU R 190 -114.95 -19.03 -63.78
C GLU R 190 -115.60 -19.43 -62.47
N HIS R 191 -115.17 -20.53 -61.86
CA HIS R 191 -115.74 -20.99 -60.61
C HIS R 191 -114.64 -21.16 -59.57
N PRO R 192 -114.98 -21.08 -58.28
CA PRO R 192 -113.96 -21.26 -57.25
C PRO R 192 -113.35 -22.65 -57.30
N TRP R 193 -112.08 -22.73 -56.91
CA TRP R 193 -111.36 -23.99 -56.93
C TRP R 193 -111.97 -24.97 -55.93
N GLU R 194 -111.99 -26.25 -56.32
CA GLU R 194 -112.61 -27.26 -55.47
C GLU R 194 -111.79 -27.54 -54.22
N VAL R 195 -110.46 -27.40 -54.30
CA VAL R 195 -109.61 -27.70 -53.16
C VAL R 195 -109.76 -26.59 -52.13
N MET R 196 -110.11 -26.96 -50.93
CA MET R 196 -110.33 -26.02 -49.84
C MET R 196 -108.99 -25.48 -49.33
N PRO R 197 -108.89 -24.17 -49.10
CA PRO R 197 -107.63 -23.62 -48.59
C PRO R 197 -107.24 -24.13 -47.21
N ASP R 198 -108.21 -24.57 -46.40
CA ASP R 198 -107.89 -25.07 -45.06
C ASP R 198 -107.15 -26.39 -45.10
N LEU R 199 -107.16 -27.08 -46.24
CA LEU R 199 -106.39 -28.31 -46.39
C LEU R 199 -104.91 -28.06 -46.23
N TYR R 200 -104.44 -26.89 -46.66
CA TYR R 200 -103.03 -26.55 -46.61
C TYR R 200 -102.57 -26.07 -45.25
N PHE R 201 -103.48 -25.93 -44.29
CA PHE R 201 -103.11 -25.43 -42.98
C PHE R 201 -102.31 -26.46 -42.21
N TYR R 202 -101.57 -25.98 -41.23
CA TYR R 202 -100.78 -26.81 -40.34
C TYR R 202 -101.47 -26.90 -38.99
N ARG R 203 -101.69 -28.13 -38.52
CA ARG R 203 -102.36 -28.36 -37.21
C ARG R 203 -101.34 -28.93 -36.23
N ASP R 204 -101.19 -28.29 -35.06
CA ASP R 204 -100.27 -28.74 -34.04
C ASP R 204 -100.72 -30.08 -33.46
N PRO R 205 -99.76 -30.86 -32.91
CA PRO R 205 -100.11 -32.21 -32.45
C PRO R 205 -101.18 -32.25 -31.38
N GLU R 206 -101.19 -31.29 -30.45
CA GLU R 206 -102.17 -31.32 -29.37
C GLU R 206 -103.60 -31.21 -29.91
N GLU R 207 -103.82 -30.35 -30.90
CA GLU R 207 -105.14 -30.25 -31.50
C GLU R 207 -105.43 -31.44 -32.39
N ILE R 208 -104.45 -31.84 -33.20
CA ILE R 208 -104.73 -32.95 -34.17
C ILE R 208 -105.05 -34.24 -33.40
N GLU R 209 -104.60 -34.36 -32.13
CA GLU R 209 -104.85 -35.57 -31.35
C GLU R 209 -106.08 -35.50 -30.47
N LYS R 210 -106.83 -34.39 -30.47
CA LYS R 210 -108.04 -34.33 -29.65
C LYS R 210 -109.26 -33.83 -30.41
N GLU R 211 -109.05 -32.97 -31.40
CA GLU R 211 -110.18 -32.48 -32.18
C GLU R 211 -110.82 -33.61 -32.98
N GLU R 212 -109.98 -34.54 -33.44
CA GLU R 212 -110.50 -35.68 -34.23
C GLU R 212 -111.41 -36.53 -33.34
N GLN R 213 -111.00 -36.77 -32.08
CA GLN R 213 -111.83 -37.60 -31.21
C GLN R 213 -113.08 -36.86 -30.76
N ALA R 214 -113.00 -35.53 -30.59
CA ALA R 214 -114.20 -34.76 -30.33
C ALA R 214 -115.19 -34.85 -31.49
N ALA R 215 -114.68 -34.76 -32.72
CA ALA R 215 -115.54 -34.87 -33.89
C ALA R 215 -116.10 -36.28 -34.03
N ALA R 216 -115.30 -37.30 -33.71
CA ALA R 216 -115.79 -38.67 -33.74
C ALA R 216 -116.91 -38.88 -32.72
N GLU R 217 -116.76 -38.29 -31.53
CA GLU R 217 -117.81 -38.37 -30.52
C GLU R 217 -119.08 -37.67 -31.00
N LYS R 218 -118.93 -36.50 -31.61
CA LYS R 218 -120.10 -35.80 -32.14
C LYS R 218 -120.78 -36.60 -33.25
N ALA R 219 -119.99 -37.26 -34.10
CA ALA R 219 -120.56 -38.03 -35.20
C ALA R 219 -121.26 -39.28 -34.71
N VAL R 220 -120.67 -39.99 -33.74
CA VAL R 220 -121.33 -41.19 -33.24
C VAL R 220 -122.55 -40.81 -32.40
N THR R 221 -122.52 -39.66 -31.74
CA THR R 221 -123.69 -39.18 -31.01
C THR R 221 -124.50 -38.23 -31.89
N VAL S 1 -58.25 -10.77 40.50
CA VAL S 1 -58.83 -11.39 41.70
C VAL S 1 -60.33 -11.13 41.74
N VAL S 2 -60.71 -9.90 42.07
CA VAL S 2 -62.12 -9.53 42.16
C VAL S 2 -62.58 -8.99 40.82
N ASP S 3 -63.76 -9.41 40.39
CA ASP S 3 -64.28 -9.00 39.10
C ASP S 3 -64.71 -7.54 39.14
N PRO S 4 -64.49 -6.78 38.07
CA PRO S 4 -64.87 -5.36 38.06
C PRO S 4 -66.35 -5.12 37.88
N PHE S 5 -67.13 -6.16 37.61
CA PHE S 5 -68.58 -6.01 37.49
C PHE S 5 -69.29 -6.07 38.82
N SER S 6 -68.56 -6.29 39.91
CA SER S 6 -69.10 -6.17 41.25
C SER S 6 -69.10 -4.73 41.74
N LYS S 7 -68.58 -3.80 40.94
CA LYS S 7 -68.56 -2.39 41.28
C LYS S 7 -69.30 -1.53 40.27
N LYS S 8 -70.06 -2.15 39.37
CA LYS S 8 -70.83 -1.43 38.37
C LYS S 8 -72.25 -1.22 38.83
N ASP S 9 -72.89 -0.20 38.28
CA ASP S 9 -74.30 0.06 38.52
C ASP S 9 -74.97 0.35 37.18
N TRP S 10 -76.23 -0.04 37.07
CA TRP S 10 -76.96 0.04 35.82
C TRP S 10 -77.89 1.24 35.80
N TYR S 11 -77.97 1.88 34.64
CA TYR S 11 -78.77 3.07 34.43
C TYR S 11 -79.70 2.85 33.24
N ASP S 12 -80.84 3.51 33.28
CA ASP S 12 -81.83 3.47 32.21
C ASP S 12 -81.62 4.67 31.28
N VAL S 13 -81.51 4.40 29.99
CA VAL S 13 -81.30 5.43 28.98
C VAL S 13 -82.65 5.93 28.51
N LYS S 14 -82.85 7.25 28.54
CA LYS S 14 -84.13 7.85 28.22
C LYS S 14 -84.02 8.77 27.01
N ALA S 15 -84.82 8.48 25.99
CA ALA S 15 -84.95 9.31 24.81
C ALA S 15 -85.81 10.53 25.10
N PRO S 16 -85.69 11.59 24.30
CA PRO S 16 -86.56 12.75 24.48
C PRO S 16 -88.01 12.43 24.14
N ALA S 17 -88.87 13.41 24.42
CA ALA S 17 -90.31 13.25 24.22
C ALA S 17 -90.71 13.22 22.75
N MET S 18 -89.79 13.52 21.83
CA MET S 18 -90.11 13.49 20.42
C MET S 18 -90.40 12.08 19.91
N PHE S 19 -89.99 11.07 20.66
CA PHE S 19 -90.21 9.68 20.30
C PHE S 19 -91.27 9.09 21.21
N ASN S 20 -92.11 8.22 20.64
CA ASN S 20 -93.18 7.61 21.43
C ASN S 20 -92.70 6.43 22.25
N ILE S 21 -91.45 6.03 22.13
CA ILE S 21 -90.84 5.00 22.98
C ILE S 21 -89.70 5.66 23.73
N ARG S 22 -89.83 5.75 25.05
CA ARG S 22 -88.89 6.50 25.87
C ARG S 22 -87.77 5.65 26.47
N ASN S 23 -87.94 4.33 26.49
CA ASN S 23 -86.96 3.43 27.10
C ASN S 23 -86.00 2.95 26.01
N ILE S 24 -84.85 3.61 25.91
CA ILE S 24 -83.85 3.22 24.94
C ILE S 24 -83.25 1.87 25.31
N GLY S 25 -82.90 1.70 26.57
CA GLY S 25 -82.24 0.49 27.03
C GLY S 25 -81.53 0.75 28.33
N LYS S 26 -80.50 -0.06 28.57
CA LYS S 26 -79.75 0.04 29.81
C LYS S 26 -78.26 0.14 29.50
N THR S 27 -77.56 0.80 30.42
CA THR S 27 -76.10 0.90 30.33
C THR S 27 -75.54 0.71 31.72
N LEU S 28 -74.22 0.61 31.81
CA LEU S 28 -73.56 0.43 33.09
C LEU S 28 -72.37 1.37 33.21
N VAL S 29 -71.90 1.53 34.45
CA VAL S 29 -70.77 2.40 34.75
C VAL S 29 -70.27 1.99 36.13
N THR S 30 -68.98 2.27 36.38
CA THR S 30 -68.42 2.02 37.70
C THR S 30 -69.05 2.95 38.71
N ARG S 31 -69.24 2.46 39.92
CA ARG S 31 -69.77 3.30 41.00
C ARG S 31 -68.74 4.36 41.38
N THR S 32 -69.25 5.51 41.80
CA THR S 32 -68.40 6.67 42.06
C THR S 32 -67.40 6.39 43.18
N GLN S 33 -66.14 6.69 42.93
CA GLN S 33 -65.07 6.49 43.90
C GLN S 33 -64.16 7.72 43.85
N GLY S 34 -64.31 8.62 44.82
CA GLY S 34 -63.48 9.79 44.90
C GLY S 34 -63.61 10.74 43.73
N THR S 35 -62.50 10.99 43.04
CA THR S 35 -62.52 11.90 41.90
C THR S 35 -63.36 11.34 40.75
N LYS S 36 -63.26 10.04 40.50
CA LYS S 36 -64.01 9.42 39.41
C LYS S 36 -65.49 9.41 39.74
N ILE S 37 -66.31 9.96 38.86
CA ILE S 37 -67.74 10.12 39.06
C ILE S 37 -68.49 9.29 38.05
N ALA S 38 -69.47 8.53 38.51
CA ALA S 38 -70.33 7.79 37.59
C ALA S 38 -71.09 8.71 36.67
N SER S 39 -71.45 9.91 37.15
CA SER S 39 -72.24 10.83 36.34
C SER S 39 -71.49 11.27 35.10
N ASP S 40 -70.27 11.79 35.26
CA ASP S 40 -69.53 12.23 34.09
C ASP S 40 -68.84 11.06 33.39
N GLY S 41 -68.79 9.89 34.01
CA GLY S 41 -68.45 8.70 33.26
C GLY S 41 -69.53 8.32 32.27
N LEU S 42 -70.79 8.47 32.67
CA LEU S 42 -71.91 8.19 31.78
C LEU S 42 -72.12 9.29 30.75
N LYS S 43 -71.84 10.54 31.12
CA LYS S 43 -72.11 11.66 30.23
C LYS S 43 -71.25 11.59 28.98
N GLY S 44 -71.84 11.97 27.85
CA GLY S 44 -71.14 11.95 26.59
C GLY S 44 -71.28 10.68 25.77
N ARG S 45 -71.95 9.66 26.31
CA ARG S 45 -72.14 8.43 25.56
C ARG S 45 -73.15 8.63 24.44
N VAL S 46 -73.00 7.85 23.38
CA VAL S 46 -73.85 7.93 22.19
C VAL S 46 -74.45 6.56 21.92
N PHE S 47 -75.77 6.51 21.79
CA PHE S 47 -76.51 5.27 21.60
C PHE S 47 -77.12 5.26 20.21
N GLU S 48 -76.44 4.63 19.26
CA GLU S 48 -76.99 4.50 17.91
C GLU S 48 -78.19 3.57 17.97
N VAL S 49 -79.38 4.14 17.91
CA VAL S 49 -80.64 3.41 18.06
C VAL S 49 -81.41 3.54 16.77
N SER S 50 -81.93 2.42 16.26
CA SER S 50 -82.74 2.47 15.06
C SER S 50 -84.05 3.20 15.33
N LEU S 51 -84.79 3.46 14.27
CA LEU S 51 -86.05 4.17 14.39
C LEU S 51 -87.25 3.24 14.55
N ALA S 52 -87.11 1.97 14.16
CA ALA S 52 -88.20 1.02 14.34
C ALA S 52 -88.48 0.78 15.81
N ASP S 53 -87.43 0.72 16.64
CA ASP S 53 -87.59 0.60 18.08
C ASP S 53 -87.56 1.95 18.78
N LEU S 54 -87.91 3.01 18.08
CA LEU S 54 -88.11 4.34 18.65
C LEU S 54 -89.49 4.90 18.35
N GLN S 55 -89.99 4.69 17.14
CA GLN S 55 -91.38 4.95 16.79
C GLN S 55 -92.03 3.60 16.52
N ASN S 56 -93.22 3.39 17.12
CA ASN S 56 -93.81 2.06 17.11
C ASN S 56 -94.18 1.58 15.71
N ASP S 57 -94.34 2.50 14.75
CA ASP S 57 -94.61 2.14 13.36
C ASP S 57 -93.83 3.10 12.46
N GLU S 58 -92.61 2.70 12.09
CA GLU S 58 -91.75 3.55 11.29
C GLU S 58 -90.70 2.66 10.61
N VAL S 59 -90.00 3.24 9.64
CA VAL S 59 -88.97 2.51 8.92
C VAL S 59 -87.83 2.14 9.86
N ALA S 60 -87.11 1.07 9.51
CA ALA S 60 -86.05 0.55 10.36
C ALA S 60 -84.67 0.91 9.88
N PHE S 61 -84.53 1.55 8.71
CA PHE S 61 -83.23 1.88 8.15
C PHE S 61 -82.76 3.27 8.55
N ARG S 62 -83.35 3.85 9.60
CA ARG S 62 -82.97 5.15 10.11
C ARG S 62 -82.40 4.98 11.51
N LYS S 63 -81.22 5.52 11.76
CA LYS S 63 -80.59 5.41 13.06
C LYS S 63 -80.31 6.80 13.61
N PHE S 64 -80.45 6.94 14.93
CA PHE S 64 -80.28 8.19 15.63
C PHE S 64 -79.23 8.03 16.71
N LYS S 65 -78.55 9.13 17.05
CA LYS S 65 -77.36 9.02 17.88
C LYS S 65 -77.67 9.13 19.38
N LEU S 66 -78.44 10.14 19.78
CA LEU S 66 -78.89 10.29 21.18
C LEU S 66 -77.73 10.31 22.16
N ILE S 67 -76.94 11.38 22.09
CA ILE S 67 -75.91 11.61 23.09
C ILE S 67 -76.56 11.92 24.43
N THR S 68 -76.04 11.33 25.51
CA THR S 68 -76.53 11.64 26.83
C THR S 68 -75.98 12.99 27.28
N GLU S 69 -76.86 13.81 27.86
CA GLU S 69 -76.48 15.14 28.32
C GLU S 69 -76.48 15.27 29.83
N ASP S 70 -77.42 14.63 30.53
CA ASP S 70 -77.47 14.74 31.97
C ASP S 70 -78.09 13.46 32.54
N VAL S 71 -77.89 13.26 33.83
CA VAL S 71 -78.40 12.09 34.54
C VAL S 71 -79.10 12.52 35.81
N GLN S 72 -80.27 11.95 36.07
CA GLN S 72 -81.02 12.19 37.30
C GLN S 72 -81.42 10.83 37.88
N GLY S 73 -80.91 10.52 39.06
CA GLY S 73 -81.19 9.23 39.64
C GLY S 73 -80.55 8.13 38.82
N LYS S 74 -81.36 7.14 38.44
CA LYS S 74 -80.90 6.03 37.61
C LYS S 74 -81.20 6.25 36.14
N ASN S 75 -81.68 7.43 35.77
CA ASN S 75 -82.08 7.73 34.40
C ASN S 75 -81.08 8.69 33.76
N CYS S 76 -80.46 8.26 32.67
CA CYS S 76 -79.59 9.10 31.86
C CYS S 76 -80.43 9.67 30.72
N LEU S 77 -80.68 10.97 30.78
CA LEU S 77 -81.43 11.64 29.72
C LEU S 77 -80.53 11.88 28.53
N THR S 78 -81.07 11.70 27.33
CA THR S 78 -80.29 11.90 26.11
C THR S 78 -80.86 13.07 25.33
N ASN S 79 -80.18 13.37 24.22
CA ASN S 79 -80.57 14.45 23.32
C ASN S 79 -80.12 14.09 21.92
N PHE S 80 -80.85 14.60 20.93
CA PHE S 80 -80.54 14.30 19.53
C PHE S 80 -79.11 14.72 19.19
N HIS S 81 -78.42 13.84 18.46
CA HIS S 81 -77.03 14.07 18.10
C HIS S 81 -76.75 13.77 16.64
N GLY S 82 -77.74 13.32 15.88
CA GLY S 82 -77.58 13.08 14.46
C GLY S 82 -78.35 11.84 14.05
N MET S 83 -78.58 11.74 12.74
CA MET S 83 -79.13 10.50 12.18
C MET S 83 -78.31 10.06 10.99
N ASP S 84 -78.43 8.78 10.68
CA ASP S 84 -77.71 8.15 9.59
C ASP S 84 -78.59 7.07 8.97
N LEU S 85 -78.52 6.93 7.65
CA LEU S 85 -79.11 5.77 7.01
C LEU S 85 -78.29 4.52 7.33
N THR S 86 -78.93 3.36 7.25
CA THR S 86 -78.22 2.14 7.57
C THR S 86 -77.41 1.67 6.36
N ARG S 87 -76.39 0.85 6.65
CA ARG S 87 -75.43 0.48 5.62
C ARG S 87 -76.09 -0.33 4.50
N ASP S 88 -76.95 -1.29 4.86
CA ASP S 88 -77.56 -2.13 3.83
C ASP S 88 -78.50 -1.33 2.95
N LYS S 89 -79.30 -0.44 3.53
CA LYS S 89 -80.18 0.39 2.72
C LYS S 89 -79.38 1.30 1.81
N MET S 90 -78.33 1.93 2.35
CA MET S 90 -77.52 2.83 1.52
C MET S 90 -76.86 2.08 0.39
N CYS S 91 -76.38 0.86 0.64
CA CYS S 91 -75.74 0.09 -0.41
C CYS S 91 -76.74 -0.45 -1.42
N SER S 92 -77.99 -0.69 -1.00
CA SER S 92 -79.03 -1.08 -1.94
C SER S 92 -79.50 0.08 -2.80
N MET S 93 -79.35 1.31 -2.31
CA MET S 93 -79.73 2.47 -3.11
C MET S 93 -78.93 2.55 -4.39
N VAL S 94 -77.62 2.32 -4.32
CA VAL S 94 -76.70 2.65 -5.40
C VAL S 94 -76.77 1.53 -6.43
N LYS S 95 -77.45 1.80 -7.54
CA LYS S 95 -77.56 0.87 -8.65
C LYS S 95 -77.02 1.54 -9.91
N LYS S 96 -76.59 0.72 -10.86
CA LYS S 96 -76.04 1.24 -12.10
C LYS S 96 -77.16 1.77 -13.01
N TRP S 97 -76.75 2.36 -14.12
CA TRP S 97 -77.65 2.87 -15.16
C TRP S 97 -78.61 3.92 -14.60
N GLN S 98 -78.13 4.69 -13.64
CA GLN S 98 -78.86 5.81 -13.08
C GLN S 98 -77.85 6.75 -12.44
N THR S 99 -78.30 7.97 -12.19
CA THR S 99 -77.44 9.01 -11.63
C THR S 99 -77.85 9.26 -10.19
N MET S 100 -76.88 9.22 -9.28
CA MET S 100 -77.11 9.68 -7.93
C MET S 100 -76.74 11.16 -7.82
N ILE S 101 -77.41 11.86 -6.93
CA ILE S 101 -77.25 13.30 -6.77
C ILE S 101 -77.19 13.55 -5.27
N GLU S 102 -76.03 13.99 -4.80
CA GLU S 102 -75.81 14.22 -3.38
C GLU S 102 -75.70 15.70 -3.10
N ALA S 103 -76.30 16.14 -2.00
CA ALA S 103 -76.21 17.53 -1.56
C ALA S 103 -75.87 17.55 -0.08
N HIS S 104 -75.11 18.56 0.33
CA HIS S 104 -74.81 18.79 1.73
C HIS S 104 -74.93 20.27 2.01
N VAL S 105 -75.38 20.59 3.22
CA VAL S 105 -75.60 21.98 3.61
C VAL S 105 -75.35 22.13 5.10
N ASP S 106 -74.68 23.23 5.46
CA ASP S 106 -74.47 23.61 6.84
C ASP S 106 -75.53 24.63 7.21
N VAL S 107 -76.33 24.34 8.23
CA VAL S 107 -77.47 25.18 8.56
C VAL S 107 -77.65 25.22 10.08
N LYS S 108 -78.03 26.38 10.60
CA LYS S 108 -78.19 26.58 12.03
C LYS S 108 -79.67 26.64 12.37
N THR S 109 -80.05 25.95 13.45
CA THR S 109 -81.42 25.99 13.93
C THR S 109 -81.71 27.29 14.67
N THR S 110 -82.98 27.51 14.97
CA THR S 110 -83.37 28.70 15.74
C THR S 110 -82.83 28.65 17.15
N ASP S 111 -82.77 27.45 17.74
CA ASP S 111 -82.26 27.31 19.09
C ASP S 111 -80.79 27.70 19.17
N GLY S 112 -80.00 27.28 18.19
CA GLY S 112 -78.58 27.55 18.23
C GLY S 112 -77.76 26.33 17.86
N TYR S 113 -78.43 25.24 17.51
CA TYR S 113 -77.76 24.04 17.05
C TYR S 113 -77.35 24.19 15.59
N LEU S 114 -76.15 23.75 15.28
CA LEU S 114 -75.62 23.77 13.92
C LEU S 114 -75.56 22.34 13.40
N LEU S 115 -76.14 22.12 12.22
CA LEU S 115 -76.24 20.79 11.64
C LEU S 115 -75.64 20.77 10.26
N ARG S 116 -75.02 19.66 9.92
CA ARG S 116 -74.64 19.37 8.53
C ARG S 116 -75.61 18.31 8.03
N LEU S 117 -76.27 18.63 6.93
CA LEU S 117 -77.28 17.77 6.33
C LEU S 117 -76.73 17.21 5.02
N PHE S 118 -76.74 15.89 4.88
CA PHE S 118 -76.45 15.22 3.63
C PHE S 118 -77.71 14.52 3.16
N CYS S 119 -78.13 14.84 1.95
CA CYS S 119 -79.27 14.19 1.31
C CYS S 119 -78.82 13.61 -0.02
N VAL S 120 -79.50 12.56 -0.45
CA VAL S 120 -79.16 11.85 -1.68
C VAL S 120 -80.44 11.52 -2.43
N GLY S 121 -80.39 11.65 -3.76
CA GLY S 121 -81.49 11.24 -4.60
C GLY S 121 -80.95 10.45 -5.78
N PHE S 122 -81.85 9.76 -6.46
CA PHE S 122 -81.48 8.92 -7.59
C PHE S 122 -82.46 9.12 -8.72
N THR S 123 -81.95 9.13 -9.95
CA THR S 123 -82.82 9.28 -11.11
C THR S 123 -83.75 8.07 -11.23
N LYS S 124 -85.01 8.33 -11.49
CA LYS S 124 -86.03 7.30 -11.58
C LYS S 124 -86.27 6.92 -13.03
N LYS S 125 -86.36 5.62 -13.29
CA LYS S 125 -86.62 5.12 -14.63
C LYS S 125 -88.13 5.00 -14.84
N ARG S 126 -88.60 5.57 -15.95
CA ARG S 126 -90.03 5.57 -16.25
C ARG S 126 -90.53 4.16 -16.50
N ASN S 127 -91.82 3.95 -16.26
CA ASN S 127 -92.41 2.63 -16.42
C ASN S 127 -92.39 2.17 -17.87
N ASN S 128 -92.64 3.08 -18.81
CA ASN S 128 -92.64 2.75 -20.22
C ASN S 128 -91.28 2.94 -20.86
N GLN S 129 -90.25 3.23 -20.06
CA GLN S 129 -88.93 3.52 -20.60
C GLN S 129 -88.33 2.30 -21.27
N ILE S 130 -87.69 2.52 -22.42
CA ILE S 130 -86.97 1.46 -23.12
C ILE S 130 -85.46 1.61 -23.00
N ARG S 131 -84.96 2.84 -22.92
CA ARG S 131 -83.52 3.05 -22.71
C ARG S 131 -83.11 2.46 -21.38
N LYS S 132 -81.98 1.75 -21.38
CA LYS S 132 -81.54 1.06 -20.18
C LYS S 132 -80.99 1.99 -19.12
N THR S 133 -80.64 3.22 -19.48
CA THR S 133 -80.02 4.16 -18.56
C THR S 133 -80.93 5.35 -18.31
N SER S 134 -80.94 5.81 -17.06
CA SER S 134 -81.67 7.02 -16.67
C SER S 134 -80.62 7.99 -16.15
N TYR S 135 -80.01 8.73 -17.06
CA TYR S 135 -78.96 9.67 -16.72
C TYR S 135 -79.48 11.10 -16.83
N ALA S 136 -79.12 11.92 -15.86
CA ALA S 136 -79.45 13.32 -15.86
C ALA S 136 -78.24 14.11 -16.31
N GLN S 137 -78.47 15.13 -17.15
CA GLN S 137 -77.38 15.97 -17.59
C GLN S 137 -76.86 16.80 -16.42
N HIS S 138 -75.66 17.36 -16.60
CA HIS S 138 -74.99 18.04 -15.50
C HIS S 138 -75.77 19.23 -15.01
N GLN S 139 -76.38 19.99 -15.93
CA GLN S 139 -77.17 21.15 -15.50
C GLN S 139 -78.42 20.71 -14.76
N GLN S 140 -79.03 19.61 -15.16
CA GLN S 140 -80.18 19.09 -14.43
C GLN S 140 -79.78 18.66 -13.03
N VAL S 141 -78.63 17.99 -12.91
CA VAL S 141 -78.12 17.58 -11.60
C VAL S 141 -77.85 18.80 -10.73
N ARG S 142 -77.26 19.84 -11.32
CA ARG S 142 -76.97 21.05 -10.56
C ARG S 142 -78.25 21.74 -10.11
N GLN S 143 -79.25 21.80 -10.98
CA GLN S 143 -80.53 22.40 -10.59
C GLN S 143 -81.19 21.61 -9.47
N ILE S 144 -81.15 20.28 -9.56
CA ILE S 144 -81.71 19.44 -8.51
C ILE S 144 -80.98 19.67 -7.19
N ARG S 145 -79.64 19.71 -7.25
CA ARG S 145 -78.85 19.92 -6.05
C ARG S 145 -79.14 21.28 -5.42
N LYS S 146 -79.24 22.32 -6.25
CA LYS S 146 -79.58 23.63 -5.74
C LYS S 146 -80.94 23.63 -5.08
N LYS S 147 -81.92 23.00 -5.73
CA LYS S 147 -83.28 22.95 -5.18
C LYS S 147 -83.31 22.26 -3.84
N MET S 148 -82.66 21.10 -3.72
CA MET S 148 -82.74 20.39 -2.46
C MET S 148 -81.87 21.01 -1.38
N MET S 149 -80.74 21.63 -1.73
CA MET S 149 -80.00 22.39 -0.73
C MET S 149 -80.84 23.52 -0.17
N GLU S 150 -81.51 24.28 -1.05
CA GLU S 150 -82.26 25.43 -0.55
C GLU S 150 -83.50 25.02 0.23
N ILE S 151 -84.22 23.98 -0.18
CA ILE S 151 -85.37 23.57 0.63
C ILE S 151 -84.97 22.74 1.84
N MET S 152 -83.74 22.22 1.90
CA MET S 152 -83.26 21.64 3.14
C MET S 152 -82.90 22.72 4.14
N THR S 153 -82.22 23.77 3.69
CA THR S 153 -81.85 24.83 4.63
C THR S 153 -83.03 25.69 5.02
N ARG S 154 -84.05 25.80 4.17
CA ARG S 154 -85.21 26.64 4.48
C ARG S 154 -85.93 26.15 5.73
N GLU S 155 -86.12 24.84 5.86
CA GLU S 155 -86.85 24.32 7.02
C GLU S 155 -86.03 24.48 8.29
N VAL S 156 -84.75 24.11 8.24
CA VAL S 156 -83.94 24.08 9.44
C VAL S 156 -83.65 25.49 9.94
N GLN S 157 -83.45 26.45 9.03
CA GLN S 157 -83.20 27.82 9.46
C GLN S 157 -84.39 28.38 10.24
N THR S 158 -85.59 28.14 9.75
CA THR S 158 -86.78 28.74 10.33
C THR S 158 -87.43 27.87 11.40
N ASN S 159 -86.89 26.69 11.67
CA ASN S 159 -87.56 25.77 12.57
C ASN S 159 -86.66 25.41 13.74
N ASP S 160 -87.29 25.13 14.88
CA ASP S 160 -86.58 24.71 16.08
C ASP S 160 -86.08 23.28 15.95
N LEU S 161 -85.10 22.93 16.78
CA LEU S 161 -84.46 21.61 16.69
C LEU S 161 -85.45 20.49 16.95
N LYS S 162 -86.34 20.66 17.94
CA LYS S 162 -87.31 19.61 18.26
C LYS S 162 -88.20 19.33 17.07
N GLU S 163 -88.71 20.37 16.42
CA GLU S 163 -89.57 20.15 15.26
C GLU S 163 -88.79 19.67 14.06
N VAL S 164 -87.51 20.04 13.93
CA VAL S 164 -86.68 19.48 12.88
C VAL S 164 -86.53 17.98 13.07
N VAL S 165 -86.31 17.54 14.30
CA VAL S 165 -86.19 16.11 14.59
C VAL S 165 -87.50 15.40 14.29
N ASN S 166 -88.62 15.95 14.77
CA ASN S 166 -89.88 15.25 14.51
C ASN S 166 -90.36 15.40 13.07
N LYS S 167 -89.74 16.30 12.30
CA LYS S 167 -90.00 16.37 10.87
C LYS S 167 -89.17 15.37 10.09
N LEU S 168 -87.95 15.08 10.55
CA LEU S 168 -87.13 14.09 9.88
C LEU S 168 -87.35 12.67 10.39
N ILE S 169 -88.13 12.48 11.45
CA ILE S 169 -88.58 11.13 11.81
C ILE S 169 -89.37 10.47 10.67
N PRO S 170 -90.33 11.13 10.03
CA PRO S 170 -90.89 10.56 8.79
C PRO S 170 -90.19 11.03 7.53
N ASP S 171 -89.14 11.85 7.65
CA ASP S 171 -88.35 12.33 6.52
C ASP S 171 -89.22 13.03 5.48
N SER S 172 -90.02 13.99 5.95
CA SER S 172 -90.82 14.79 5.03
C SER S 172 -89.96 15.67 4.13
N ILE S 173 -88.73 15.97 4.56
CA ILE S 173 -87.83 16.79 3.76
C ILE S 173 -87.52 16.10 2.44
N GLY S 174 -87.24 14.80 2.48
CA GLY S 174 -86.94 14.08 1.25
C GLY S 174 -88.15 14.00 0.33
N LYS S 175 -89.35 13.83 0.90
CA LYS S 175 -90.55 13.80 0.09
C LYS S 175 -90.77 15.15 -0.59
N ASP S 176 -90.53 16.24 0.13
CA ASP S 176 -90.63 17.56 -0.48
C ASP S 176 -89.57 17.75 -1.56
N ILE S 177 -88.37 17.21 -1.36
CA ILE S 177 -87.33 17.29 -2.38
C ILE S 177 -87.79 16.60 -3.65
N GLU S 178 -88.33 15.39 -3.51
CA GLU S 178 -88.81 14.65 -4.67
C GLU S 178 -89.93 15.41 -5.38
N LYS S 179 -90.89 15.93 -4.61
CA LYS S 179 -92.01 16.63 -5.22
C LYS S 179 -91.57 17.89 -5.94
N ALA S 180 -90.59 18.59 -5.39
CA ALA S 180 -90.08 19.79 -6.05
C ALA S 180 -89.26 19.46 -7.29
N CYS S 181 -88.46 18.40 -7.23
CA CYS S 181 -87.56 18.06 -8.32
C CYS S 181 -88.22 17.23 -9.40
N GLN S 182 -89.51 16.88 -9.23
CA GLN S 182 -90.23 16.15 -10.27
C GLN S 182 -90.18 16.85 -11.61
N SER S 183 -90.11 18.18 -11.63
CA SER S 183 -90.17 18.93 -12.87
C SER S 183 -88.83 19.00 -13.60
N ILE S 184 -87.74 18.58 -12.97
CA ILE S 184 -86.43 18.60 -13.61
C ILE S 184 -86.09 17.22 -14.14
N TYR S 185 -86.06 16.23 -13.24
CA TYR S 185 -85.86 14.85 -13.58
C TYR S 185 -86.54 14.06 -12.48
N PRO S 186 -87.29 13.01 -12.82
CA PRO S 186 -87.91 12.20 -11.76
C PRO S 186 -86.87 11.58 -10.85
N LEU S 187 -87.21 11.53 -9.56
CA LEU S 187 -86.39 10.88 -8.54
C LEU S 187 -87.27 9.93 -7.74
N HIS S 188 -86.72 8.80 -7.33
CA HIS S 188 -87.51 7.82 -6.62
C HIS S 188 -87.04 7.56 -5.20
N ASP S 189 -85.73 7.38 -5.00
CA ASP S 189 -85.20 7.07 -3.67
C ASP S 189 -84.53 8.33 -3.11
N VAL S 190 -85.34 9.19 -2.51
CA VAL S 190 -84.88 10.47 -1.98
C VAL S 190 -85.02 10.45 -0.48
N PHE S 191 -83.89 10.59 0.22
CA PHE S 191 -83.89 10.59 1.67
C PHE S 191 -82.82 11.55 2.15
N VAL S 192 -82.95 11.96 3.42
CA VAL S 192 -81.87 12.67 4.09
C VAL S 192 -80.88 11.62 4.57
N ARG S 193 -79.74 11.53 3.90
CA ARG S 193 -78.78 10.46 4.16
C ARG S 193 -78.25 10.53 5.59
N LYS S 194 -77.98 11.75 6.06
CA LYS S 194 -77.30 11.91 7.35
C LYS S 194 -77.50 13.33 7.82
N VAL S 195 -77.58 13.50 9.14
CA VAL S 195 -77.40 14.81 9.75
C VAL S 195 -76.48 14.64 10.94
N LYS S 196 -75.50 15.54 11.05
CA LYS S 196 -74.53 15.48 12.13
C LYS S 196 -74.45 16.82 12.83
N MET S 197 -74.23 16.76 14.14
CA MET S 197 -74.08 17.96 14.95
C MET S 197 -72.72 18.62 14.72
N LEU S 198 -72.68 19.94 14.79
CA LEU S 198 -71.43 20.69 14.69
C LEU S 198 -71.17 21.52 15.95
N LYS S 199 -72.16 22.28 16.40
CA LYS S 199 -72.01 23.09 17.61
C LYS S 199 -73.27 22.98 18.44
N LYS S 200 -73.08 22.82 19.76
CA LYS S 200 -74.19 22.69 20.69
C LYS S 200 -74.23 23.89 21.62
N PRO S 201 -75.40 24.49 21.83
CA PRO S 201 -75.46 25.73 22.61
C PRO S 201 -75.47 25.55 24.13
N LYS S 202 -74.30 25.38 24.72
CA LYS S 202 -74.03 25.72 26.12
C LYS S 202 -74.68 24.75 27.11
N PHE S 203 -75.49 23.81 26.62
CA PHE S 203 -76.17 22.82 27.45
C PHE S 203 -77.10 23.49 28.46
N GLU S 204 -78.17 24.07 27.92
CA GLU S 204 -79.24 24.58 28.77
C GLU S 204 -80.07 23.43 29.32
N LEU S 205 -79.99 23.20 30.64
CA LEU S 205 -80.79 22.17 31.26
C LEU S 205 -82.28 22.44 31.14
N GLY S 206 -82.66 23.72 31.03
CA GLY S 206 -84.05 24.03 30.77
C GLY S 206 -84.54 23.48 29.45
N LYS S 207 -83.77 23.69 28.38
CA LYS S 207 -84.13 23.12 27.09
C LYS S 207 -84.12 21.60 27.14
N LEU S 208 -83.14 21.02 27.84
CA LEU S 208 -83.08 19.56 27.93
C LEU S 208 -84.33 18.99 28.58
N MET S 209 -84.73 19.55 29.73
CA MET S 209 -85.91 19.05 30.41
C MET S 209 -87.18 19.37 29.64
N GLU S 210 -87.21 20.49 28.91
CA GLU S 210 -88.38 20.80 28.11
C GLU S 210 -88.57 19.79 26.99
N LEU S 211 -87.48 19.40 26.32
CA LEU S 211 -87.61 18.41 25.26
C LEU S 211 -87.76 16.99 25.81
N HIS S 212 -87.38 16.74 27.05
CA HIS S 212 -87.73 15.46 27.69
C HIS S 212 -89.14 15.46 28.29
N GLY S 213 -89.79 16.61 28.38
CA GLY S 213 -91.14 16.67 28.92
C GLY S 213 -92.05 17.55 28.10
N GLU S 214 -92.92 18.30 28.78
CA GLU S 214 -93.83 19.22 28.11
C GLU S 214 -93.11 20.50 27.70
N GLU T 1 -69.03 -48.37 -71.56
CA GLU T 1 -68.96 -48.97 -70.24
C GLU T 1 -69.19 -47.93 -69.15
N TRP T 2 -69.52 -46.70 -69.56
CA TRP T 2 -69.72 -45.59 -68.65
C TRP T 2 -71.21 -45.30 -68.53
N MET T 3 -71.71 -45.31 -67.30
CA MET T 3 -73.10 -44.99 -67.03
C MET T 3 -73.16 -43.64 -66.33
N PRO T 4 -73.60 -42.58 -67.01
CA PRO T 4 -73.69 -41.27 -66.34
C PRO T 4 -74.74 -41.25 -65.26
N VAL T 5 -74.50 -40.41 -64.25
CA VAL T 5 -75.42 -40.25 -63.15
C VAL T 5 -76.16 -38.92 -63.20
N THR T 6 -75.64 -37.91 -63.91
CA THR T 6 -76.23 -36.58 -63.97
C THR T 6 -77.00 -36.39 -65.26
N LYS T 7 -77.90 -35.41 -65.25
CA LYS T 7 -78.65 -35.08 -66.47
C LYS T 7 -77.71 -34.61 -67.57
N LEU T 8 -76.74 -33.77 -67.22
CA LEU T 8 -75.78 -33.29 -68.20
C LEU T 8 -74.99 -34.45 -68.78
N GLY T 9 -74.54 -35.37 -67.92
CA GLY T 9 -73.79 -36.52 -68.40
C GLY T 9 -74.63 -37.40 -69.30
N ARG T 10 -75.89 -37.63 -68.94
CA ARG T 10 -76.77 -38.44 -69.77
C ARG T 10 -76.98 -37.80 -71.13
N LEU T 11 -77.24 -36.49 -71.15
CA LEU T 11 -77.50 -35.79 -72.40
C LEU T 11 -76.25 -35.72 -73.27
N VAL T 12 -75.08 -35.64 -72.66
CA VAL T 12 -73.85 -35.70 -73.45
C VAL T 12 -73.64 -37.11 -74.00
N LYS T 13 -73.91 -38.13 -73.17
CA LYS T 13 -73.63 -39.51 -73.56
C LYS T 13 -74.51 -39.95 -74.71
N ASP T 14 -75.78 -39.56 -74.73
CA ASP T 14 -76.67 -40.00 -75.80
C ASP T 14 -76.64 -39.07 -77.00
N MET T 15 -75.56 -38.31 -77.18
CA MET T 15 -75.33 -37.46 -78.35
C MET T 15 -76.46 -36.44 -78.54
N LYS T 16 -76.60 -35.55 -77.56
CA LYS T 16 -77.53 -34.45 -77.65
C LYS T 16 -76.87 -33.08 -77.57
N ILE T 17 -75.64 -33.01 -77.07
CA ILE T 17 -74.84 -31.78 -77.09
C ILE T 17 -73.72 -31.98 -78.09
N LYS T 18 -73.63 -31.07 -79.06
CA LYS T 18 -72.68 -31.20 -80.16
C LYS T 18 -71.40 -30.41 -79.94
N SER T 19 -71.25 -29.75 -78.80
CA SER T 19 -70.05 -28.95 -78.55
C SER T 19 -69.97 -28.60 -77.07
N LEU T 20 -68.76 -28.67 -76.53
CA LEU T 20 -68.55 -28.26 -75.14
C LEU T 20 -68.89 -26.79 -74.91
N GLU T 21 -68.87 -25.99 -75.98
CA GLU T 21 -69.23 -24.59 -75.83
C GLU T 21 -70.72 -24.42 -75.56
N GLU T 22 -71.54 -25.42 -75.91
CA GLU T 22 -72.95 -25.39 -75.51
C GLU T 22 -73.08 -25.44 -73.99
N ILE T 23 -72.23 -26.24 -73.33
CA ILE T 23 -72.21 -26.26 -71.87
C ILE T 23 -71.64 -24.97 -71.32
N TYR T 24 -70.54 -24.50 -71.92
CA TYR T 24 -69.89 -23.30 -71.42
C TYR T 24 -70.77 -22.06 -71.56
N LEU T 25 -71.67 -22.04 -72.54
CA LEU T 25 -72.55 -20.90 -72.73
C LEU T 25 -73.47 -20.73 -71.53
N PHE T 26 -74.01 -21.81 -71.01
CA PHE T 26 -74.92 -21.78 -69.87
C PHE T 26 -74.21 -21.99 -68.54
N SER T 27 -72.90 -22.17 -68.56
CA SER T 27 -72.09 -22.25 -67.34
C SER T 27 -72.54 -23.40 -66.44
N LEU T 28 -72.97 -24.49 -67.05
CA LEU T 28 -73.37 -25.65 -66.28
C LEU T 28 -72.14 -26.27 -65.64
N PRO T 29 -72.15 -26.53 -64.34
CA PRO T 29 -70.98 -27.15 -63.70
C PRO T 29 -70.76 -28.56 -64.21
N ILE T 30 -69.51 -28.91 -64.42
CA ILE T 30 -69.12 -30.24 -64.84
C ILE T 30 -68.86 -31.07 -63.59
N LYS T 31 -69.44 -32.27 -63.54
CA LYS T 31 -69.27 -33.14 -62.40
C LYS T 31 -68.79 -34.53 -62.77
N GLU T 32 -68.53 -34.79 -64.04
CA GLU T 32 -68.04 -36.09 -64.49
C GLU T 32 -66.92 -35.88 -65.49
N SER T 33 -65.81 -36.61 -65.31
CA SER T 33 -64.70 -36.48 -66.24
C SER T 33 -65.02 -37.10 -67.58
N GLU T 34 -65.86 -38.13 -67.60
CA GLU T 34 -66.23 -38.77 -68.85
C GLU T 34 -67.08 -37.87 -69.74
N ILE T 35 -67.59 -36.76 -69.21
CA ILE T 35 -68.37 -35.83 -70.04
C ILE T 35 -67.46 -35.16 -71.07
N ILE T 36 -66.31 -34.66 -70.62
CA ILE T 36 -65.54 -33.80 -71.52
C ILE T 36 -64.75 -34.61 -72.52
N ASP T 37 -64.24 -35.78 -72.15
CA ASP T 37 -63.44 -36.55 -73.08
C ASP T 37 -64.27 -37.08 -74.24
N PHE T 38 -65.59 -37.14 -74.06
CA PHE T 38 -66.50 -37.39 -75.17
C PHE T 38 -66.27 -36.40 -76.30
N PHE T 39 -65.93 -35.15 -75.96
CA PHE T 39 -65.61 -34.14 -76.95
C PHE T 39 -64.11 -34.08 -77.24
N LEU T 40 -63.31 -33.93 -76.20
CA LEU T 40 -61.86 -33.82 -76.32
C LEU T 40 -61.17 -35.17 -76.19
N GLY T 41 -61.67 -36.16 -76.93
CA GLY T 41 -60.98 -37.43 -77.00
C GLY T 41 -59.80 -37.36 -77.94
N ALA T 42 -58.69 -37.97 -77.51
CA ALA T 42 -57.46 -38.05 -78.29
C ALA T 42 -56.94 -36.68 -78.71
N SER T 43 -57.20 -35.67 -77.88
CA SER T 43 -56.68 -34.33 -78.13
C SER T 43 -56.09 -33.66 -76.89
N LEU T 44 -56.46 -34.09 -75.69
CA LEU T 44 -55.88 -33.53 -74.48
C LEU T 44 -54.47 -34.06 -74.27
N LYS T 45 -53.55 -33.17 -73.93
CA LYS T 45 -52.19 -33.53 -73.56
C LYS T 45 -52.05 -33.43 -72.05
N ASP T 46 -51.43 -34.44 -71.46
CA ASP T 46 -51.25 -34.51 -70.02
C ASP T 46 -49.87 -34.00 -69.63
N GLU T 47 -49.80 -33.20 -68.57
CA GLU T 47 -48.53 -32.73 -68.07
C GLU T 47 -48.53 -32.77 -66.55
N VAL T 48 -47.44 -33.25 -65.97
CA VAL T 48 -47.24 -33.28 -64.54
C VAL T 48 -46.27 -32.16 -64.19
N LEU T 49 -46.66 -31.28 -63.28
CA LEU T 49 -45.90 -30.09 -62.95
C LEU T 49 -45.01 -30.28 -61.74
N LYS T 50 -45.55 -30.82 -60.65
CA LYS T 50 -44.78 -30.96 -59.43
C LYS T 50 -45.39 -32.07 -58.58
N ILE T 51 -44.55 -32.71 -57.77
CA ILE T 51 -44.97 -33.70 -56.80
C ILE T 51 -44.37 -33.26 -55.46
N MET T 52 -45.12 -32.46 -54.71
CA MET T 52 -44.60 -31.95 -53.45
C MET T 52 -45.06 -32.82 -52.30
N PRO T 53 -44.14 -33.35 -51.50
CA PRO T 53 -44.52 -34.22 -50.38
C PRO T 53 -44.89 -33.46 -49.11
N VAL T 54 -46.16 -33.11 -48.97
CA VAL T 54 -46.64 -32.48 -47.74
C VAL T 54 -46.90 -33.56 -46.69
N GLN T 55 -46.42 -33.33 -45.47
CA GLN T 55 -46.63 -34.31 -44.41
C GLN T 55 -47.22 -33.65 -43.16
N LYS T 56 -47.96 -34.45 -42.41
CA LYS T 56 -48.66 -34.05 -41.20
C LYS T 56 -48.06 -34.78 -40.01
N GLN T 57 -47.71 -34.03 -38.96
CA GLN T 57 -47.13 -34.66 -37.78
C GLN T 57 -48.17 -35.46 -37.02
N THR T 58 -47.78 -36.65 -36.57
CA THR T 58 -48.64 -37.50 -35.75
C THR T 58 -47.93 -37.88 -34.46
N ARG T 59 -48.55 -38.76 -33.67
CA ARG T 59 -47.90 -39.28 -32.48
C ARG T 59 -46.64 -40.07 -32.85
N ALA T 60 -46.71 -40.84 -33.92
CA ALA T 60 -45.63 -41.71 -34.36
C ALA T 60 -45.13 -41.20 -35.70
N GLY T 61 -44.13 -40.33 -35.68
CA GLY T 61 -43.61 -39.80 -36.92
C GLY T 61 -44.61 -38.89 -37.61
N GLN T 62 -44.37 -38.67 -38.89
CA GLN T 62 -45.26 -37.85 -39.71
C GLN T 62 -45.68 -38.62 -40.94
N ARG T 63 -46.99 -38.69 -41.18
CA ARG T 63 -47.49 -39.34 -42.38
C ARG T 63 -47.33 -38.40 -43.56
N THR T 64 -46.82 -38.94 -44.66
CA THR T 64 -46.46 -38.14 -45.81
C THR T 64 -47.37 -38.45 -46.98
N ARG T 65 -47.99 -37.41 -47.52
CA ARG T 65 -48.77 -37.51 -48.75
C ARG T 65 -48.13 -36.65 -49.82
N PHE T 66 -48.52 -36.87 -51.06
CA PHE T 66 -47.97 -36.16 -52.20
C PHE T 66 -49.08 -35.42 -52.91
N LYS T 67 -48.81 -34.17 -53.28
CA LYS T 67 -49.72 -33.38 -54.10
C LYS T 67 -49.22 -33.41 -55.53
N ALA T 68 -50.04 -33.95 -56.41
CA ALA T 68 -49.76 -33.97 -57.84
C ALA T 68 -50.48 -32.79 -58.50
N PHE T 69 -49.73 -32.01 -59.26
CA PHE T 69 -50.26 -30.92 -60.07
C PHE T 69 -50.28 -31.39 -61.51
N VAL T 70 -51.46 -31.42 -62.11
CA VAL T 70 -51.63 -31.87 -63.49
C VAL T 70 -52.27 -30.77 -64.30
N ALA T 71 -51.63 -30.43 -65.42
CA ALA T 71 -52.20 -29.54 -66.42
C ALA T 71 -52.64 -30.39 -67.60
N ILE T 72 -53.89 -30.23 -68.00
CA ILE T 72 -54.42 -30.94 -69.16
C ILE T 72 -55.03 -29.92 -70.10
N GLY T 73 -55.13 -30.27 -71.38
CA GLY T 73 -55.74 -29.37 -72.33
C GLY T 73 -55.18 -29.50 -73.73
N ASP T 74 -56.07 -29.49 -74.73
CA ASP T 74 -55.64 -29.42 -76.11
C ASP T 74 -55.10 -28.04 -76.42
N TYR T 75 -54.35 -27.94 -77.52
CA TYR T 75 -53.72 -26.67 -77.85
C TYR T 75 -54.64 -25.81 -78.71
N ASN T 76 -55.90 -25.66 -78.28
CA ASN T 76 -56.88 -24.96 -79.10
C ASN T 76 -57.87 -24.16 -78.26
N GLY T 77 -57.47 -23.71 -77.08
CA GLY T 77 -58.31 -22.87 -76.26
C GLY T 77 -59.05 -23.58 -75.15
N HIS T 78 -58.48 -24.65 -74.59
CA HIS T 78 -59.06 -25.32 -73.43
C HIS T 78 -57.91 -25.75 -72.53
N VAL T 79 -57.98 -25.39 -71.26
CA VAL T 79 -56.93 -25.73 -70.31
C VAL T 79 -57.58 -26.02 -68.96
N GLY T 80 -56.96 -26.91 -68.20
CA GLY T 80 -57.44 -27.25 -66.88
C GLY T 80 -56.27 -27.61 -66.00
N LEU T 81 -56.40 -27.24 -64.72
CA LEU T 81 -55.35 -27.51 -63.73
C LEU T 81 -55.98 -28.20 -62.54
N GLY T 82 -55.38 -29.30 -62.10
CA GLY T 82 -55.88 -30.05 -60.98
C GLY T 82 -54.78 -30.39 -59.99
N VAL T 83 -55.14 -30.38 -58.72
CA VAL T 83 -54.24 -30.70 -57.63
C VAL T 83 -54.86 -31.82 -56.81
N LYS T 84 -54.12 -32.91 -56.62
CA LYS T 84 -54.63 -34.04 -55.85
C LYS T 84 -53.61 -34.49 -54.82
N CYS T 85 -54.02 -34.57 -53.57
CA CYS T 85 -53.15 -35.05 -52.50
C CYS T 85 -53.55 -36.47 -52.14
N SER T 86 -52.57 -37.37 -52.14
CA SER T 86 -52.85 -38.76 -51.79
C SER T 86 -51.58 -39.41 -51.25
N LYS T 87 -51.77 -40.55 -50.58
CA LYS T 87 -50.64 -41.24 -49.97
C LYS T 87 -49.73 -41.91 -51.01
N GLU T 88 -50.22 -42.10 -52.23
CA GLU T 88 -49.44 -42.72 -53.28
C GLU T 88 -49.35 -41.79 -54.48
N VAL T 89 -48.15 -41.71 -55.06
CA VAL T 89 -47.90 -40.79 -56.17
C VAL T 89 -48.76 -41.15 -57.38
N ALA T 90 -48.91 -42.44 -57.68
CA ALA T 90 -49.65 -42.84 -58.87
C ALA T 90 -51.11 -42.46 -58.78
N THR T 91 -51.76 -42.76 -57.65
CA THR T 91 -53.15 -42.37 -57.50
C THR T 91 -53.32 -40.87 -57.36
N ALA T 92 -52.33 -40.17 -56.80
CA ALA T 92 -52.37 -38.72 -56.82
C ALA T 92 -52.34 -38.19 -58.25
N ILE T 93 -51.51 -38.78 -59.10
CA ILE T 93 -51.43 -38.38 -60.50
C ILE T 93 -52.77 -38.60 -61.19
N ARG T 94 -53.38 -39.77 -60.99
CA ARG T 94 -54.63 -40.05 -61.68
C ARG T 94 -55.77 -39.16 -61.15
N GLY T 95 -55.82 -38.91 -59.84
CA GLY T 95 -56.85 -38.04 -59.31
C GLY T 95 -56.68 -36.61 -59.78
N ALA T 96 -55.44 -36.14 -59.87
CA ALA T 96 -55.21 -34.79 -60.35
C ALA T 96 -55.52 -34.67 -61.84
N ILE T 97 -55.30 -35.75 -62.60
CA ILE T 97 -55.73 -35.76 -63.99
C ILE T 97 -57.24 -35.61 -64.07
N ILE T 98 -57.97 -36.33 -63.20
CA ILE T 98 -59.42 -36.22 -63.20
C ILE T 98 -59.85 -34.80 -62.83
N LEU T 99 -59.22 -34.21 -61.82
CA LEU T 99 -59.60 -32.87 -61.39
C LEU T 99 -59.27 -31.82 -62.44
N ALA T 100 -58.13 -31.96 -63.12
CA ALA T 100 -57.77 -31.05 -64.20
C ALA T 100 -58.75 -31.17 -65.35
N LYS T 101 -59.23 -32.40 -65.61
CA LYS T 101 -60.31 -32.57 -66.56
C LYS T 101 -61.56 -31.82 -66.10
N LEU T 102 -61.91 -31.94 -64.82
CA LEU T 102 -63.13 -31.34 -64.33
C LEU T 102 -63.10 -29.82 -64.45
N SER T 103 -61.95 -29.21 -64.16
CA SER T 103 -61.82 -27.76 -64.24
C SER T 103 -61.25 -27.31 -65.58
N ILE T 104 -61.84 -27.74 -66.69
CA ILE T 104 -61.40 -27.29 -68.01
C ILE T 104 -62.17 -26.03 -68.37
N VAL T 105 -61.46 -24.96 -68.67
CA VAL T 105 -62.09 -23.68 -68.99
C VAL T 105 -61.72 -23.28 -70.41
N PRO T 106 -62.53 -22.47 -71.09
CA PRO T 106 -62.15 -22.00 -72.42
C PRO T 106 -61.28 -20.76 -72.34
N VAL T 107 -60.45 -20.59 -73.36
CA VAL T 107 -59.49 -19.49 -73.42
C VAL T 107 -59.81 -18.62 -74.62
N ARG T 108 -59.87 -17.31 -74.39
CA ARG T 108 -60.13 -16.36 -75.47
C ARG T 108 -58.82 -15.89 -76.08
N ARG T 109 -58.71 -16.04 -77.40
CA ARG T 109 -57.55 -15.59 -78.13
C ARG T 109 -57.89 -14.34 -78.92
N GLY T 110 -57.01 -13.35 -78.88
CA GLY T 110 -57.19 -12.13 -79.63
C GLY T 110 -55.98 -11.79 -80.46
N TYR T 111 -55.90 -10.55 -80.92
CA TYR T 111 -54.81 -10.08 -81.76
C TYR T 111 -54.11 -8.93 -81.07
N TRP T 112 -52.77 -8.91 -81.16
CA TRP T 112 -52.02 -7.80 -80.61
C TRP T 112 -52.37 -6.51 -81.33
N GLY T 113 -52.52 -6.58 -82.64
CA GLY T 113 -52.89 -5.43 -83.45
C GLY T 113 -52.90 -5.84 -84.90
N ASN T 114 -53.73 -5.18 -85.72
CA ASN T 114 -53.87 -5.48 -87.13
C ASN T 114 -54.27 -6.95 -87.34
N LYS T 115 -55.47 -7.24 -86.87
CA LYS T 115 -56.04 -8.58 -87.00
C LYS T 115 -56.10 -8.99 -88.46
N ILE T 116 -55.51 -10.14 -88.77
CA ILE T 116 -55.40 -10.57 -90.16
C ILE T 116 -56.00 -11.95 -90.32
N GLY T 117 -55.46 -12.93 -89.60
CA GLY T 117 -55.94 -14.30 -89.73
C GLY T 117 -56.49 -14.87 -88.45
N LYS T 118 -55.87 -15.89 -87.95
CA LYS T 118 -56.39 -16.49 -86.74
C LYS T 118 -55.89 -15.74 -85.52
N PRO T 119 -56.68 -15.69 -84.45
CA PRO T 119 -56.20 -15.07 -83.21
C PRO T 119 -55.04 -15.86 -82.63
N HIS T 120 -54.11 -15.13 -82.01
CA HIS T 120 -52.86 -15.71 -81.55
C HIS T 120 -52.47 -15.35 -80.13
N THR T 121 -52.98 -14.25 -79.58
CA THR T 121 -52.56 -13.76 -78.28
C THR T 121 -53.79 -13.51 -77.41
N VAL T 122 -53.54 -13.10 -76.17
CA VAL T 122 -54.62 -12.76 -75.24
C VAL T 122 -55.29 -11.48 -75.74
N PRO T 123 -56.61 -11.34 -75.59
CA PRO T 123 -57.29 -10.15 -76.11
C PRO T 123 -56.83 -8.85 -75.44
N CYS T 124 -56.49 -8.90 -74.17
CA CYS T 124 -56.05 -7.72 -73.44
C CYS T 124 -55.22 -8.19 -72.25
N LYS T 125 -54.47 -7.25 -71.67
CA LYS T 125 -53.61 -7.59 -70.54
C LYS T 125 -54.49 -7.93 -69.35
N VAL T 126 -54.53 -9.22 -69.03
CA VAL T 126 -55.33 -9.71 -67.93
C VAL T 126 -54.41 -10.11 -66.79
N THR T 127 -54.98 -10.25 -65.60
CA THR T 127 -54.19 -10.55 -64.42
C THR T 127 -54.83 -11.68 -63.62
N GLY T 128 -54.01 -12.40 -62.90
CA GLY T 128 -54.47 -13.49 -62.06
C GLY T 128 -53.75 -13.46 -60.73
N ARG T 129 -54.50 -13.73 -59.68
CA ARG T 129 -54.01 -13.60 -58.31
C ARG T 129 -54.26 -14.90 -57.57
N CYS T 130 -53.25 -15.39 -56.87
CA CYS T 130 -53.44 -16.53 -55.97
C CYS T 130 -52.35 -16.45 -54.91
N GLY T 131 -52.75 -16.21 -53.66
CA GLY T 131 -51.77 -15.93 -52.65
C GLY T 131 -51.03 -14.65 -52.97
N SER T 132 -49.74 -14.63 -52.69
CA SER T 132 -48.93 -13.47 -53.04
C SER T 132 -48.57 -13.42 -54.51
N VAL T 133 -48.81 -14.49 -55.26
CA VAL T 133 -48.42 -14.55 -56.65
C VAL T 133 -49.42 -13.79 -57.50
N LEU T 134 -48.92 -12.87 -58.31
CA LEU T 134 -49.71 -12.13 -59.29
C LEU T 134 -49.06 -12.32 -60.64
N VAL T 135 -49.82 -12.82 -61.61
CA VAL T 135 -49.32 -13.07 -62.96
C VAL T 135 -50.16 -12.26 -63.93
N ARG T 136 -49.49 -11.43 -64.74
CA ARG T 136 -50.16 -10.61 -65.73
C ARG T 136 -49.75 -11.05 -67.12
N LEU T 137 -50.73 -11.35 -67.96
CA LEU T 137 -50.52 -11.71 -69.35
C LEU T 137 -50.82 -10.48 -70.21
N ILE T 138 -49.84 -10.07 -71.01
CA ILE T 138 -49.92 -8.91 -71.89
C ILE T 138 -49.90 -9.40 -73.33
N PRO T 139 -50.75 -8.86 -74.21
CA PRO T 139 -50.71 -9.26 -75.62
C PRO T 139 -49.36 -8.98 -76.25
N ALA T 140 -48.98 -9.84 -77.17
CA ALA T 140 -47.71 -9.75 -77.86
C ALA T 140 -47.91 -9.95 -79.35
N PRO T 141 -47.08 -9.33 -80.19
CA PRO T 141 -47.21 -9.51 -81.64
C PRO T 141 -46.85 -10.92 -82.06
N ARG T 142 -47.15 -11.22 -83.32
CA ARG T 142 -46.95 -12.57 -83.84
C ARG T 142 -45.48 -12.95 -83.84
N GLY T 143 -45.19 -14.19 -83.46
CA GLY T 143 -43.86 -14.73 -83.54
C GLY T 143 -42.98 -14.46 -82.34
N THR T 144 -43.43 -13.64 -81.39
CA THR T 144 -42.64 -13.41 -80.20
C THR T 144 -42.63 -14.61 -79.28
N GLY T 145 -43.59 -15.50 -79.41
CA GLY T 145 -43.65 -16.63 -78.52
C GLY T 145 -44.15 -16.24 -77.14
N ILE T 146 -43.99 -17.18 -76.22
CA ILE T 146 -44.38 -16.97 -74.83
C ILE T 146 -43.13 -16.60 -74.05
N VAL T 147 -43.13 -15.42 -73.43
CA VAL T 147 -42.04 -15.05 -72.54
C VAL T 147 -42.59 -15.05 -71.12
N SER T 148 -42.04 -15.96 -70.32
CA SER T 148 -42.58 -16.30 -69.01
C SER T 148 -41.62 -17.28 -68.36
N ALA T 149 -41.96 -17.68 -67.14
CA ALA T 149 -41.28 -18.79 -66.50
C ALA T 149 -41.70 -20.09 -67.18
N PRO T 150 -40.97 -21.18 -66.95
CA PRO T 150 -41.37 -22.46 -67.57
C PRO T 150 -42.78 -22.91 -67.24
N VAL T 151 -43.24 -22.72 -66.01
CA VAL T 151 -44.58 -23.16 -65.61
C VAL T 151 -45.67 -22.41 -66.39
N PRO T 152 -45.68 -21.07 -66.41
CA PRO T 152 -46.70 -20.41 -67.23
C PRO T 152 -46.47 -20.61 -68.70
N LYS T 153 -45.21 -20.81 -69.12
CA LYS T 153 -44.95 -21.09 -70.53
C LYS T 153 -45.67 -22.36 -70.97
N LYS T 154 -45.50 -23.45 -70.21
CA LYS T 154 -46.16 -24.69 -70.57
C LYS T 154 -47.68 -24.58 -70.41
N LEU T 155 -48.15 -23.88 -69.37
CA LEU T 155 -49.59 -23.76 -69.18
C LEU T 155 -50.24 -22.97 -70.31
N LEU T 156 -49.67 -21.84 -70.69
CA LEU T 156 -50.23 -21.05 -71.79
C LEU T 156 -50.08 -21.78 -73.12
N MET T 157 -48.94 -22.45 -73.33
CA MET T 157 -48.72 -23.17 -74.58
C MET T 157 -49.74 -24.28 -74.76
N MET T 158 -50.11 -24.95 -73.67
CA MET T 158 -51.12 -25.98 -73.79
C MET T 158 -52.54 -25.44 -73.61
N ALA T 159 -52.68 -24.17 -73.25
CA ALA T 159 -53.96 -23.48 -73.34
C ALA T 159 -54.20 -22.92 -74.74
N GLY T 160 -53.18 -22.82 -75.57
CA GLY T 160 -53.36 -22.42 -76.95
C GLY T 160 -52.81 -21.05 -77.30
N ILE T 161 -52.34 -20.29 -76.33
CA ILE T 161 -51.75 -18.99 -76.63
C ILE T 161 -50.40 -19.19 -77.30
N ASP T 162 -50.17 -18.47 -78.39
CA ASP T 162 -48.92 -18.56 -79.13
C ASP T 162 -47.92 -17.50 -78.70
N ASP T 163 -48.36 -16.26 -78.53
CA ASP T 163 -47.48 -15.14 -78.21
C ASP T 163 -48.05 -14.36 -77.05
N CYS T 164 -47.22 -14.12 -76.03
CA CYS T 164 -47.70 -13.46 -74.82
C CYS T 164 -46.51 -13.02 -73.98
N TYR T 165 -46.52 -11.75 -73.57
CA TYR T 165 -45.61 -11.29 -72.54
C TYR T 165 -46.20 -11.62 -71.19
N THR T 166 -45.37 -12.01 -70.22
CA THR T 166 -45.90 -12.16 -68.87
C THR T 166 -45.04 -11.41 -67.87
N SER T 167 -45.70 -10.91 -66.82
CA SER T 167 -45.05 -10.29 -65.69
C SER T 167 -45.51 -11.01 -64.43
N ALA T 168 -44.61 -11.13 -63.45
CA ALA T 168 -44.93 -11.87 -62.24
C ALA T 168 -44.44 -11.12 -61.02
N ARG T 169 -45.22 -11.22 -59.95
CA ARG T 169 -44.88 -10.65 -58.66
C ARG T 169 -45.17 -11.68 -57.58
N GLY T 170 -44.34 -11.68 -56.55
CA GLY T 170 -44.57 -12.53 -55.41
C GLY T 170 -43.69 -13.75 -55.42
N CYS T 171 -43.97 -14.64 -54.45
CA CYS T 171 -43.18 -15.85 -54.29
C CYS T 171 -43.52 -16.82 -55.42
N THR T 172 -42.91 -16.58 -56.58
CA THR T 172 -43.12 -17.43 -57.74
C THR T 172 -42.60 -18.84 -57.52
N ALA T 173 -41.75 -19.04 -56.51
CA ALA T 173 -41.27 -20.37 -56.19
C ALA T 173 -42.40 -21.29 -55.75
N THR T 174 -43.48 -20.72 -55.22
CA THR T 174 -44.65 -21.52 -54.86
C THR T 174 -45.34 -21.94 -56.16
N LEU T 175 -45.00 -23.15 -56.63
CA LEU T 175 -45.49 -23.59 -57.92
C LEU T 175 -47.00 -23.73 -57.94
N GLY T 176 -47.60 -24.15 -56.83
CA GLY T 176 -49.03 -24.31 -56.80
C GLY T 176 -49.77 -22.99 -56.97
N ASN T 177 -49.43 -22.00 -56.14
CA ASN T 177 -50.08 -20.70 -56.23
C ASN T 177 -49.78 -20.04 -57.57
N PHE T 178 -48.56 -20.26 -58.07
CA PHE T 178 -48.14 -19.61 -59.31
C PHE T 178 -48.89 -20.19 -60.51
N ALA T 179 -49.03 -21.52 -60.56
CA ALA T 179 -49.85 -22.13 -61.60
C ALA T 179 -51.30 -21.73 -61.47
N LYS T 180 -51.81 -21.62 -60.24
CA LYS T 180 -53.19 -21.20 -60.04
C LYS T 180 -53.41 -19.76 -60.52
N ALA T 181 -52.44 -18.88 -60.27
CA ALA T 181 -52.56 -17.50 -60.72
C ALA T 181 -52.56 -17.43 -62.25
N THR T 182 -51.69 -18.20 -62.89
CA THR T 182 -51.70 -18.24 -64.35
C THR T 182 -53.03 -18.78 -64.86
N PHE T 183 -53.56 -19.82 -64.21
CA PHE T 183 -54.84 -20.38 -64.61
C PHE T 183 -55.97 -19.38 -64.45
N ASP T 184 -55.97 -18.61 -63.36
CA ASP T 184 -57.01 -17.61 -63.16
C ASP T 184 -56.93 -16.51 -64.22
N ALA T 185 -55.72 -16.06 -64.53
CA ALA T 185 -55.56 -15.04 -65.57
C ALA T 185 -56.03 -15.57 -66.91
N ILE T 186 -55.74 -16.83 -67.20
CA ILE T 186 -56.23 -17.44 -68.44
C ILE T 186 -57.74 -17.53 -68.44
N SER T 187 -58.33 -17.91 -67.31
CA SER T 187 -59.76 -18.18 -67.25
C SER T 187 -60.57 -16.91 -67.43
N LYS T 188 -60.14 -15.79 -66.84
CA LYS T 188 -60.97 -14.59 -66.85
C LYS T 188 -60.86 -13.79 -68.14
N THR T 189 -60.30 -14.36 -69.21
CA THR T 189 -60.30 -13.67 -70.49
C THR T 189 -61.72 -13.48 -71.01
N TYR T 190 -62.56 -14.51 -70.93
CA TYR T 190 -63.98 -14.34 -71.22
C TYR T 190 -64.65 -13.40 -70.23
N SER T 191 -64.29 -13.49 -68.95
CA SER T 191 -64.92 -12.62 -67.96
C SER T 191 -64.66 -11.15 -68.26
N TYR T 192 -63.54 -10.83 -68.90
CA TYR T 192 -63.27 -9.44 -69.28
C TYR T 192 -64.22 -9.01 -70.39
N LEU T 193 -64.78 -7.80 -70.25
CA LEU T 193 -65.73 -7.27 -71.21
C LEU T 193 -65.04 -6.35 -72.21
N THR T 194 -65.35 -6.52 -73.47
CA THR T 194 -64.73 -5.77 -74.55
C THR T 194 -65.79 -5.19 -75.47
N PRO T 195 -65.48 -4.09 -76.18
CA PRO T 195 -66.49 -3.45 -77.04
C PRO T 195 -67.06 -4.34 -78.12
N ASP T 196 -66.28 -5.29 -78.65
CA ASP T 196 -66.81 -6.18 -79.65
C ASP T 196 -67.83 -7.17 -79.09
N LEU T 197 -67.95 -7.27 -77.77
CA LEU T 197 -68.97 -8.07 -77.13
C LEU T 197 -70.13 -7.24 -76.61
N TRP T 198 -70.24 -5.99 -77.05
CA TRP T 198 -71.29 -5.09 -76.57
C TRP T 198 -72.66 -5.42 -77.13
N LYS T 199 -72.75 -6.26 -78.16
CA LYS T 199 -74.03 -6.56 -78.78
C LYS T 199 -74.98 -7.20 -77.79
N GLU T 200 -76.26 -6.85 -77.89
CA GLU T 200 -77.27 -7.39 -76.99
C GLU T 200 -77.38 -8.89 -77.16
N THR T 201 -77.39 -9.61 -76.03
CA THR T 201 -77.41 -11.07 -76.08
C THR T 201 -78.80 -11.58 -76.44
N VAL T 202 -78.85 -12.47 -77.42
CA VAL T 202 -80.04 -13.27 -77.68
C VAL T 202 -79.89 -14.58 -76.93
N PHE T 203 -80.94 -15.02 -76.26
CA PHE T 203 -80.89 -16.20 -75.43
C PHE T 203 -81.39 -17.41 -76.21
N THR T 204 -80.64 -18.50 -76.12
CA THR T 204 -81.06 -19.79 -76.65
C THR T 204 -81.59 -20.65 -75.50
N LYS T 205 -82.29 -21.72 -75.87
CA LYS T 205 -82.85 -22.61 -74.87
C LYS T 205 -81.74 -23.36 -74.14
N SER T 206 -81.89 -23.49 -72.82
CA SER T 206 -80.98 -24.31 -72.05
C SER T 206 -81.08 -25.76 -72.50
N PRO T 207 -79.99 -26.52 -72.43
CA PRO T 207 -80.06 -27.93 -72.85
C PRO T 207 -81.11 -28.73 -72.10
N TYR T 208 -81.26 -28.46 -70.79
CA TYR T 208 -82.30 -29.15 -70.02
C TYR T 208 -83.69 -28.82 -70.54
N GLN T 209 -83.94 -27.54 -70.81
CA GLN T 209 -85.26 -27.16 -71.29
C GLN T 209 -85.52 -27.69 -72.70
N GLU T 210 -84.48 -27.75 -73.53
CA GLU T 210 -84.62 -28.21 -74.90
C GLU T 210 -84.83 -29.72 -74.96
N PHE T 211 -84.24 -30.47 -74.03
CA PHE T 211 -84.43 -31.92 -74.02
C PHE T 211 -85.09 -32.39 -72.72
N THR T 212 -86.07 -31.64 -72.24
CA THR T 212 -86.76 -32.03 -71.01
C THR T 212 -87.52 -33.35 -71.17
N ASP T 213 -88.12 -33.59 -72.33
CA ASP T 213 -88.88 -34.82 -72.51
C ASP T 213 -87.95 -36.03 -72.62
N HIS T 214 -86.82 -35.86 -73.30
CA HIS T 214 -85.86 -36.95 -73.41
C HIS T 214 -85.28 -37.31 -72.06
N LEU T 215 -85.05 -36.31 -71.21
CA LEU T 215 -84.59 -36.58 -69.86
C LEU T 215 -85.62 -37.36 -69.05
N VAL T 216 -86.90 -37.02 -69.21
CA VAL T 216 -87.96 -37.77 -68.54
C VAL T 216 -87.97 -39.22 -69.01
N LYS T 217 -87.82 -39.42 -70.32
CA LYS T 217 -87.84 -40.78 -70.86
C LYS T 217 -86.65 -41.60 -70.37
N THR T 218 -85.44 -41.02 -70.40
CA THR T 218 -84.23 -41.80 -70.19
C THR T 218 -83.68 -41.68 -68.76
N HIS T 219 -83.39 -40.46 -68.31
CA HIS T 219 -82.74 -40.24 -67.03
C HIS T 219 -83.79 -40.27 -65.91
N THR T 220 -84.31 -41.46 -65.68
CA THR T 220 -85.36 -41.65 -64.67
C THR T 220 -84.78 -42.21 -63.37
N ALA U 1 -4.39 24.89 -78.23
CA ALA U 1 -3.36 25.23 -79.21
C ALA U 1 -2.78 26.60 -78.93
N ARG U 2 -1.51 26.79 -79.29
CA ARG U 2 -0.84 28.06 -79.13
C ARG U 2 -0.93 28.94 -80.37
N GLY U 3 -1.53 28.45 -81.44
CA GLY U 3 -1.63 29.20 -82.67
C GLY U 3 -2.56 28.53 -83.64
N PRO U 4 -2.51 28.96 -84.91
CA PRO U 4 -3.43 28.40 -85.91
C PRO U 4 -3.18 26.94 -86.17
N LYS U 5 -4.24 26.22 -86.51
CA LYS U 5 -4.15 24.81 -86.85
C LYS U 5 -3.93 24.67 -88.36
N LYS U 6 -2.98 23.83 -88.74
CA LYS U 6 -2.69 23.58 -90.14
C LYS U 6 -2.78 22.10 -90.48
N HIS U 7 -3.60 21.36 -89.76
CA HIS U 7 -3.86 19.96 -90.02
C HIS U 7 -5.36 19.73 -89.99
N LEU U 8 -5.84 18.84 -90.86
CA LEU U 8 -7.26 18.51 -90.89
C LEU U 8 -7.41 16.99 -90.83
N LYS U 9 -8.18 16.51 -89.87
CA LYS U 9 -8.41 15.07 -89.74
C LYS U 9 -9.34 14.59 -90.85
N ARG U 10 -9.11 13.35 -91.29
CA ARG U 10 -9.91 12.80 -92.37
C ARG U 10 -11.38 12.70 -91.98
N VAL U 11 -11.66 12.26 -90.76
CA VAL U 11 -13.05 12.15 -90.31
C VAL U 11 -13.64 13.53 -90.01
N ALA U 12 -12.81 14.52 -89.69
CA ALA U 12 -13.31 15.86 -89.42
C ALA U 12 -13.52 16.68 -90.68
N ALA U 13 -13.20 16.14 -91.85
CA ALA U 13 -13.39 16.86 -93.09
C ALA U 13 -14.88 17.04 -93.36
N PRO U 14 -15.25 18.05 -94.14
CA PRO U 14 -16.67 18.25 -94.47
C PRO U 14 -17.25 17.03 -95.19
N LYS U 15 -18.52 16.74 -94.89
CA LYS U 15 -19.14 15.53 -95.40
C LYS U 15 -19.34 15.56 -96.90
N HIS U 16 -19.56 16.74 -97.48
CA HIS U 16 -19.84 16.81 -98.91
C HIS U 16 -18.62 16.51 -99.76
N TRP U 17 -17.43 16.40 -99.16
CA TRP U 17 -16.27 15.95 -99.91
C TRP U 17 -16.34 14.47 -100.23
N MET U 18 -17.15 13.71 -99.49
CA MET U 18 -17.33 12.27 -99.69
C MET U 18 -16.00 11.53 -99.57
N LEU U 19 -15.11 12.01 -98.71
CA LEU U 19 -13.86 11.32 -98.48
C LEU U 19 -14.10 10.06 -97.65
N ASP U 20 -13.41 8.99 -98.02
CA ASP U 20 -13.47 7.74 -97.28
C ASP U 20 -12.66 7.86 -95.99
N LYS U 21 -12.74 6.84 -95.14
CA LYS U 21 -12.12 6.90 -93.82
C LYS U 21 -11.02 5.86 -93.61
N LEU U 22 -10.53 5.24 -94.69
CA LEU U 22 -9.46 4.25 -94.55
C LEU U 22 -8.18 4.60 -95.29
N THR U 23 -8.24 5.45 -96.30
CA THR U 23 -7.04 5.77 -97.07
C THR U 23 -5.99 6.48 -96.22
N GLY U 24 -6.41 7.40 -95.37
CA GLY U 24 -5.46 8.16 -94.59
C GLY U 24 -6.02 8.63 -93.28
N VAL U 25 -5.12 9.14 -92.44
CA VAL U 25 -5.52 9.74 -91.18
C VAL U 25 -5.96 11.18 -91.39
N PHE U 26 -5.28 11.90 -92.27
CA PHE U 26 -5.48 13.33 -92.43
C PHE U 26 -6.34 13.63 -93.66
N ALA U 27 -6.76 14.88 -93.73
CA ALA U 27 -7.56 15.43 -94.81
C ALA U 27 -6.76 16.51 -95.52
N PRO U 28 -7.17 16.91 -96.73
CA PRO U 28 -6.38 17.89 -97.49
C PRO U 28 -6.09 19.20 -96.78
N ARG U 29 -6.95 19.64 -95.84
CA ARG U 29 -6.75 20.91 -95.14
C ARG U 29 -6.62 22.05 -96.15
N PRO U 30 -7.72 22.50 -96.75
CA PRO U 30 -7.63 23.51 -97.81
C PRO U 30 -6.99 24.79 -97.30
N SER U 31 -6.16 25.38 -98.15
CA SER U 31 -5.52 26.63 -97.82
C SER U 31 -6.54 27.76 -97.75
N THR U 32 -6.17 28.84 -97.09
CA THR U 32 -7.06 29.99 -96.97
C THR U 32 -7.29 30.61 -98.34
N GLY U 33 -8.48 31.14 -98.53
CA GLY U 33 -8.85 31.70 -99.81
C GLY U 33 -10.15 32.47 -99.78
N PRO U 34 -10.75 32.67 -100.95
CA PRO U 34 -12.00 33.42 -101.02
C PRO U 34 -13.18 32.72 -100.35
N HIS U 35 -13.10 31.42 -100.12
CA HIS U 35 -14.22 30.65 -99.59
C HIS U 35 -13.85 30.05 -98.24
N LYS U 36 -14.86 29.89 -97.39
CA LYS U 36 -14.67 29.16 -96.14
C LYS U 36 -14.36 27.70 -96.44
N LEU U 37 -13.54 27.09 -95.59
CA LEU U 37 -13.09 25.73 -95.85
C LEU U 37 -14.22 24.72 -95.72
N ARG U 38 -15.27 25.04 -94.98
CA ARG U 38 -16.36 24.10 -94.77
C ARG U 38 -17.28 23.98 -95.97
N GLU U 39 -17.19 24.88 -96.94
CA GLU U 39 -18.01 24.80 -98.14
C GLU U 39 -17.16 25.06 -99.38
N CYS U 40 -15.97 24.48 -99.44
CA CYS U 40 -15.09 24.63 -100.57
C CYS U 40 -14.53 23.28 -100.98
N LEU U 41 -14.12 23.18 -102.25
CA LEU U 41 -13.45 22.00 -102.75
C LEU U 41 -11.96 22.30 -102.92
N PRO U 42 -11.08 21.64 -102.20
CA PRO U 42 -9.67 21.66 -102.60
C PRO U 42 -9.49 21.02 -103.97
N LEU U 43 -8.60 21.62 -104.75
CA LEU U 43 -8.34 21.12 -106.10
C LEU U 43 -7.82 19.70 -106.09
N ILE U 44 -7.15 19.28 -105.01
CA ILE U 44 -6.63 17.92 -104.95
C ILE U 44 -7.75 16.91 -105.01
N ILE U 45 -8.79 17.07 -104.19
CA ILE U 45 -9.89 16.13 -104.25
C ILE U 45 -10.77 16.39 -105.47
N PHE U 46 -10.84 17.63 -105.96
CA PHE U 46 -11.60 17.86 -107.18
C PHE U 46 -11.01 17.11 -108.37
N LEU U 47 -9.68 17.00 -108.43
CA LEU U 47 -9.05 16.29 -109.53
C LEU U 47 -8.92 14.80 -109.28
N ARG U 48 -8.70 14.39 -108.03
CA ARG U 48 -8.47 12.98 -107.75
C ARG U 48 -9.77 12.22 -107.53
N ASN U 49 -10.62 12.69 -106.63
CA ASN U 49 -11.81 11.94 -106.26
C ASN U 49 -13.00 12.18 -107.18
N ARG U 50 -13.04 13.32 -107.86
CA ARG U 50 -14.18 13.62 -108.71
C ARG U 50 -13.95 13.20 -110.16
N LEU U 51 -12.91 13.74 -110.80
CA LEU U 51 -12.67 13.48 -112.20
C LEU U 51 -11.76 12.29 -112.43
N LYS U 52 -11.05 11.83 -111.41
CA LYS U 52 -10.12 10.70 -111.49
C LYS U 52 -9.05 10.89 -112.56
N TYR U 53 -8.75 12.15 -112.93
CA TYR U 53 -7.64 12.40 -113.84
C TYR U 53 -6.32 11.96 -113.22
N ALA U 54 -6.13 12.28 -111.95
CA ALA U 54 -4.96 11.88 -111.20
C ALA U 54 -5.32 10.77 -110.22
N LEU U 55 -4.31 10.03 -109.79
CA LEU U 55 -4.51 8.95 -108.83
C LEU U 55 -4.12 9.31 -107.41
N THR U 56 -3.13 10.18 -107.23
CA THR U 56 -2.64 10.56 -105.92
C THR U 56 -2.38 12.05 -105.85
N GLY U 57 -2.13 12.52 -104.62
CA GLY U 57 -1.80 13.92 -104.43
C GLY U 57 -0.52 14.32 -105.13
N ASP U 58 0.43 13.40 -105.28
CA ASP U 58 1.63 13.69 -106.05
C ASP U 58 1.31 13.97 -107.50
N GLU U 59 0.41 13.18 -108.09
CA GLU U 59 0.02 13.43 -109.47
C GLU U 59 -0.78 14.71 -109.61
N VAL U 60 -1.60 15.04 -108.61
CA VAL U 60 -2.26 16.35 -108.61
C VAL U 60 -1.22 17.46 -108.55
N LYS U 61 -0.16 17.25 -107.77
CA LYS U 61 0.92 18.23 -107.70
C LYS U 61 1.58 18.40 -109.07
N LYS U 62 1.80 17.29 -109.76
CA LYS U 62 2.41 17.36 -111.09
C LYS U 62 1.54 18.14 -112.06
N ILE U 63 0.24 17.84 -112.10
CA ILE U 63 -0.63 18.52 -113.04
C ILE U 63 -0.81 19.99 -112.66
N CYS U 64 -0.72 20.31 -111.36
CA CYS U 64 -0.84 21.71 -110.96
C CYS U 64 0.42 22.50 -111.31
N MET U 65 1.60 21.92 -111.06
CA MET U 65 2.83 22.59 -111.41
C MET U 65 3.11 22.58 -112.91
N GLN U 66 2.36 21.79 -113.68
CA GLN U 66 2.40 21.91 -115.12
C GLN U 66 1.58 23.09 -115.64
N ARG U 67 0.96 23.87 -114.74
CA ARG U 67 0.28 25.11 -115.08
C ARG U 67 -0.83 24.88 -116.10
N PHE U 68 -1.66 23.88 -115.83
CA PHE U 68 -2.80 23.57 -116.69
C PHE U 68 -4.14 23.80 -116.00
N ILE U 69 -4.13 24.28 -114.76
CA ILE U 69 -5.35 24.49 -113.98
C ILE U 69 -5.54 25.99 -113.78
N LYS U 70 -6.60 26.52 -114.37
CA LYS U 70 -6.90 27.95 -114.29
C LYS U 70 -8.25 28.12 -113.61
N ILE U 71 -8.26 28.90 -112.53
CA ILE U 71 -9.46 29.16 -111.76
C ILE U 71 -9.81 30.63 -111.93
N ASP U 72 -11.08 30.91 -112.20
CA ASP U 72 -11.62 32.25 -112.47
C ASP U 72 -10.70 33.10 -113.33
N GLY U 73 -10.11 32.50 -114.36
CA GLY U 73 -9.27 33.23 -115.29
C GLY U 73 -7.85 33.46 -114.85
N LYS U 74 -7.43 32.86 -113.73
CA LYS U 74 -6.08 33.00 -113.23
C LYS U 74 -5.53 31.63 -112.88
N VAL U 75 -4.28 31.38 -113.27
CA VAL U 75 -3.66 30.08 -113.02
C VAL U 75 -3.34 29.96 -111.54
N ARG U 76 -3.79 28.87 -110.93
CA ARG U 76 -3.54 28.59 -109.52
C ARG U 76 -2.71 27.32 -109.42
N THR U 77 -1.55 27.41 -108.78
CA THR U 77 -0.67 26.28 -108.56
C THR U 77 -0.86 25.65 -107.18
N ASP U 78 -1.80 26.15 -106.39
CA ASP U 78 -2.00 25.67 -105.03
C ASP U 78 -2.76 24.35 -105.06
N ILE U 79 -2.22 23.34 -104.39
CA ILE U 79 -2.88 22.04 -104.32
C ILE U 79 -4.18 22.17 -103.53
N THR U 80 -4.16 22.89 -102.43
CA THR U 80 -5.30 23.01 -101.53
C THR U 80 -6.04 24.32 -101.72
N TYR U 81 -6.16 24.78 -102.95
CA TYR U 81 -6.85 26.03 -103.20
C TYR U 81 -8.36 25.80 -103.07
N PRO U 82 -9.06 26.63 -102.31
CA PRO U 82 -10.51 26.45 -102.17
C PRO U 82 -11.26 26.84 -103.42
N ALA U 83 -11.76 25.85 -104.17
CA ALA U 83 -12.47 26.15 -105.41
C ALA U 83 -13.78 26.87 -105.15
N GLY U 84 -14.52 26.47 -104.13
CA GLY U 84 -15.69 27.22 -103.74
C GLY U 84 -16.87 27.09 -104.68
N PHE U 85 -17.86 27.95 -104.42
CA PHE U 85 -19.16 27.86 -105.07
C PHE U 85 -19.18 28.60 -106.40
N MET U 86 -19.72 27.92 -107.42
CA MET U 86 -19.99 28.44 -108.77
C MET U 86 -18.75 29.07 -109.42
N ASP U 87 -17.57 28.82 -108.89
CA ASP U 87 -16.38 29.18 -109.64
C ASP U 87 -16.21 28.26 -110.83
N VAL U 88 -15.41 28.72 -111.78
CA VAL U 88 -15.16 28.03 -113.03
C VAL U 88 -13.76 27.44 -113.01
N ILE U 89 -13.68 26.12 -113.15
CA ILE U 89 -12.42 25.42 -113.33
C ILE U 89 -12.26 25.19 -114.82
N SER U 90 -11.18 25.73 -115.39
CA SER U 90 -10.94 25.66 -116.82
C SER U 90 -9.65 24.90 -117.07
N ILE U 91 -9.73 23.86 -117.88
CA ILE U 91 -8.56 23.15 -118.39
C ILE U 91 -8.57 23.38 -119.89
N ASP U 92 -7.75 24.32 -120.35
CA ASP U 92 -7.71 24.65 -121.76
C ASP U 92 -7.01 23.57 -122.58
N LYS U 93 -6.19 22.73 -121.94
CA LYS U 93 -5.57 21.63 -122.66
C LYS U 93 -6.61 20.65 -123.17
N THR U 94 -7.58 20.30 -122.33
CA THR U 94 -8.74 19.53 -122.76
C THR U 94 -9.88 20.40 -123.26
N GLY U 95 -9.78 21.72 -123.11
CA GLY U 95 -10.87 22.59 -123.48
C GLY U 95 -12.12 22.44 -122.65
N GLU U 96 -12.00 21.93 -121.44
CA GLU U 96 -13.17 21.60 -120.62
C GLU U 96 -13.32 22.59 -119.47
N ASN U 97 -14.56 23.01 -119.24
CA ASN U 97 -14.88 23.99 -118.22
C ASN U 97 -15.95 23.43 -117.30
N PHE U 98 -15.82 23.74 -116.01
CA PHE U 98 -16.75 23.28 -115.00
C PHE U 98 -17.15 24.45 -114.11
N ARG U 99 -18.39 24.43 -113.65
CA ARG U 99 -18.88 25.40 -112.67
C ARG U 99 -19.33 24.65 -111.43
N LEU U 100 -18.81 25.04 -110.27
CA LEU U 100 -19.06 24.30 -109.04
C LEU U 100 -20.40 24.69 -108.43
N ILE U 101 -21.43 23.94 -108.78
CA ILE U 101 -22.78 24.14 -108.27
C ILE U 101 -23.19 22.90 -107.49
N TYR U 102 -23.80 23.10 -106.32
CA TYR U 102 -24.28 21.98 -105.53
C TYR U 102 -25.39 21.22 -106.27
N ASP U 103 -25.48 19.92 -106.02
CA ASP U 103 -26.56 19.11 -106.57
C ASP U 103 -27.73 19.09 -105.59
N THR U 104 -28.73 18.27 -105.89
CA THR U 104 -29.90 18.14 -105.01
C THR U 104 -29.56 17.51 -103.67
N LYS U 105 -28.43 16.81 -103.57
CA LYS U 105 -27.97 16.25 -102.32
C LYS U 105 -27.02 17.17 -101.57
N GLY U 106 -26.85 18.40 -102.04
CA GLY U 106 -25.98 19.35 -101.38
C GLY U 106 -24.50 19.02 -101.45
N ARG U 107 -24.02 18.58 -102.60
CA ARG U 107 -22.62 18.32 -102.83
C ARG U 107 -22.19 18.94 -104.14
N PHE U 108 -20.93 19.36 -104.21
CA PHE U 108 -20.36 19.90 -105.44
C PHE U 108 -20.19 18.76 -106.44
N ALA U 109 -21.12 18.65 -107.38
CA ALA U 109 -20.98 17.70 -108.45
C ALA U 109 -20.37 18.38 -109.67
N VAL U 110 -19.78 17.58 -110.56
CA VAL U 110 -19.21 18.10 -111.79
C VAL U 110 -20.34 18.56 -112.70
N HIS U 111 -20.22 19.78 -113.22
CA HIS U 111 -21.24 20.39 -114.06
C HIS U 111 -20.51 21.07 -115.21
N ARG U 112 -20.33 20.34 -116.32
CA ARG U 112 -19.60 20.87 -117.46
C ARG U 112 -20.38 21.99 -118.12
N ILE U 113 -19.66 23.04 -118.51
CA ILE U 113 -20.27 24.23 -119.08
C ILE U 113 -19.55 24.58 -120.38
N THR U 114 -20.24 25.35 -121.23
CA THR U 114 -19.69 25.74 -122.51
C THR U 114 -18.64 26.84 -122.34
N PRO U 115 -17.66 26.90 -123.23
CA PRO U 115 -16.67 27.99 -123.14
C PRO U 115 -17.27 29.38 -123.24
N GLU U 116 -18.32 29.56 -124.05
CA GLU U 116 -18.99 30.85 -124.11
C GLU U 116 -19.78 31.16 -122.83
N GLU U 117 -20.01 30.16 -121.99
CA GLU U 117 -20.62 30.38 -120.68
C GLU U 117 -19.58 30.61 -119.59
N ALA U 118 -18.42 29.97 -119.71
CA ALA U 118 -17.41 30.03 -118.66
C ALA U 118 -16.78 31.41 -118.50
N LYS U 119 -16.97 32.30 -119.47
CA LYS U 119 -16.35 33.62 -119.40
C LYS U 119 -16.98 34.52 -118.35
N TYR U 120 -18.13 34.15 -117.79
CA TYR U 120 -18.81 34.97 -116.81
C TYR U 120 -19.27 34.11 -115.64
N LYS U 121 -19.46 34.76 -114.50
CA LYS U 121 -19.79 34.07 -113.27
C LYS U 121 -20.53 35.02 -112.35
N LEU U 122 -21.67 34.57 -111.81
CA LEU U 122 -22.45 35.39 -110.92
C LEU U 122 -21.82 35.44 -109.53
N CYS U 123 -22.21 36.44 -108.75
CA CYS U 123 -21.62 36.64 -107.43
C CYS U 123 -22.64 37.30 -106.51
N LYS U 124 -22.53 36.99 -105.22
CA LYS U 124 -23.42 37.52 -104.20
C LYS U 124 -22.78 38.69 -103.48
N VAL U 125 -23.47 39.83 -103.46
CA VAL U 125 -22.95 41.03 -102.82
C VAL U 125 -23.05 40.83 -101.31
N ARG U 126 -21.92 40.54 -100.67
CA ARG U 126 -21.94 40.36 -99.22
C ARG U 126 -22.11 41.68 -98.50
N LYS U 127 -21.39 42.72 -98.92
CA LYS U 127 -21.52 44.01 -98.26
C LYS U 127 -21.21 45.13 -99.24
N ILE U 128 -21.70 46.32 -98.90
CA ILE U 128 -21.45 47.53 -99.67
C ILE U 128 -21.03 48.62 -98.70
N PHE U 129 -20.05 49.43 -99.09
CA PHE U 129 -19.61 50.53 -98.25
C PHE U 129 -18.92 51.56 -99.13
N VAL U 130 -18.36 52.58 -98.52
CA VAL U 130 -17.62 53.62 -99.21
C VAL U 130 -16.27 53.79 -98.54
N GLY U 131 -15.21 53.85 -99.34
CA GLY U 131 -13.88 54.08 -98.85
C GLY U 131 -13.48 55.53 -98.96
N THR U 132 -12.17 55.76 -98.96
CA THR U 132 -11.63 57.11 -99.01
C THR U 132 -12.02 57.79 -100.32
N LYS U 133 -12.23 59.11 -100.25
CA LYS U 133 -12.63 59.94 -101.40
C LYS U 133 -14.02 59.57 -101.91
N GLY U 134 -14.84 59.00 -101.03
CA GLY U 134 -16.21 58.68 -101.38
C GLY U 134 -16.36 57.60 -102.43
N ILE U 135 -15.35 56.77 -102.63
CA ILE U 135 -15.38 55.75 -103.68
C ILE U 135 -16.16 54.55 -103.16
N PRO U 136 -17.26 54.16 -103.81
CA PRO U 136 -18.01 53.01 -103.33
C PRO U 136 -17.30 51.70 -103.60
N HIS U 137 -17.30 50.82 -102.61
CA HIS U 137 -16.68 49.50 -102.69
C HIS U 137 -17.72 48.43 -102.37
N LEU U 138 -17.67 47.35 -103.14
CA LEU U 138 -18.61 46.23 -103.02
C LEU U 138 -17.82 44.96 -102.76
N VAL U 139 -18.10 44.30 -101.65
CA VAL U 139 -17.46 43.04 -101.31
C VAL U 139 -18.43 41.90 -101.59
N THR U 140 -17.98 40.93 -102.38
CA THR U 140 -18.86 39.88 -102.85
C THR U 140 -18.83 38.68 -101.91
N HIS U 141 -19.48 37.58 -102.32
CA HIS U 141 -19.44 36.36 -101.54
C HIS U 141 -18.05 35.73 -101.56
N ASP U 142 -17.33 35.89 -102.66
CA ASP U 142 -15.91 35.62 -102.64
C ASP U 142 -15.20 36.75 -101.91
N ALA U 143 -13.87 36.68 -101.87
CA ALA U 143 -13.08 37.74 -101.26
C ALA U 143 -12.81 38.88 -102.22
N ARG U 144 -13.63 39.02 -103.25
CA ARG U 144 -13.41 40.01 -104.30
C ARG U 144 -14.18 41.29 -104.01
N THR U 145 -13.48 42.43 -104.12
CA THR U 145 -14.07 43.74 -103.97
C THR U 145 -13.99 44.48 -105.30
N ILE U 146 -15.04 45.23 -105.61
CA ILE U 146 -15.16 45.97 -106.86
C ILE U 146 -15.53 47.41 -106.53
N ARG U 147 -14.84 48.36 -107.16
CA ARG U 147 -15.14 49.76 -106.95
C ARG U 147 -16.15 50.25 -107.96
N TYR U 148 -16.84 51.34 -107.61
CA TYR U 148 -17.81 52.03 -108.45
C TYR U 148 -18.90 51.12 -108.97
N PRO U 149 -19.81 50.62 -108.13
CA PRO U 149 -20.99 49.93 -108.64
C PRO U 149 -22.18 50.87 -108.76
N ASP U 150 -23.14 50.45 -109.58
CA ASP U 150 -24.37 51.22 -109.72
C ASP U 150 -25.11 51.27 -108.38
N PRO U 151 -25.65 52.43 -108.00
CA PRO U 151 -26.29 52.54 -106.68
C PRO U 151 -27.53 51.67 -106.50
N LEU U 152 -27.97 51.00 -107.57
CA LEU U 152 -29.12 50.11 -107.49
C LEU U 152 -28.76 48.73 -107.00
N ILE U 153 -27.49 48.46 -106.74
CA ILE U 153 -27.04 47.17 -106.20
C ILE U 153 -26.73 47.36 -104.72
N LYS U 154 -27.47 46.65 -103.88
CA LYS U 154 -27.35 46.73 -102.43
C LYS U 154 -26.90 45.38 -101.88
N VAL U 155 -26.91 45.26 -100.55
CA VAL U 155 -26.49 44.03 -99.89
C VAL U 155 -27.40 42.88 -100.31
N ASN U 156 -26.84 41.67 -100.33
CA ASN U 156 -27.53 40.41 -100.66
C ASN U 156 -28.26 40.48 -102.00
N ASP U 157 -27.79 41.35 -102.89
CA ASP U 157 -28.20 41.32 -104.29
C ASP U 157 -27.32 40.29 -105.01
N THR U 158 -27.36 40.30 -106.34
CA THR U 158 -26.49 39.44 -107.12
C THR U 158 -25.86 40.26 -108.24
N ILE U 159 -24.62 39.93 -108.61
CA ILE U 159 -23.95 40.63 -109.70
C ILE U 159 -23.38 39.61 -110.68
N GLN U 160 -23.68 39.82 -111.95
CA GLN U 160 -23.08 39.06 -113.05
C GLN U 160 -21.79 39.76 -113.43
N ILE U 161 -20.66 39.11 -113.16
CA ILE U 161 -19.35 39.63 -113.50
C ILE U 161 -18.72 38.70 -114.52
N ASP U 162 -17.68 39.20 -115.18
CA ASP U 162 -16.97 38.43 -116.18
C ASP U 162 -15.54 38.16 -115.71
N LEU U 163 -14.87 37.27 -116.42
CA LEU U 163 -13.52 36.88 -116.10
C LEU U 163 -12.53 37.74 -116.89
N GLU U 164 -11.28 37.74 -116.41
CA GLU U 164 -10.14 38.41 -117.02
C GLU U 164 -10.22 39.94 -116.90
N THR U 165 -11.34 40.45 -116.43
CA THR U 165 -11.45 41.89 -116.16
C THR U 165 -11.91 42.18 -114.75
N GLY U 166 -12.85 41.40 -114.22
CA GLY U 166 -13.40 41.68 -112.91
C GLY U 166 -14.35 42.85 -112.87
N LYS U 167 -14.91 43.25 -113.99
CA LYS U 167 -15.86 44.36 -114.03
C LYS U 167 -17.27 43.84 -113.76
N ILE U 168 -18.24 44.75 -113.78
CA ILE U 168 -19.63 44.43 -113.54
C ILE U 168 -20.36 44.39 -114.89
N THR U 169 -20.96 43.25 -115.19
CA THR U 169 -21.73 43.10 -116.43
C THR U 169 -23.21 43.35 -116.20
N ASP U 170 -23.82 42.64 -115.26
CA ASP U 170 -25.23 42.85 -114.97
C ASP U 170 -25.45 42.59 -113.48
N PHE U 171 -26.73 42.54 -113.08
CA PHE U 171 -27.04 42.31 -111.68
C PHE U 171 -28.49 41.85 -111.54
N ILE U 172 -28.80 41.35 -110.36
CA ILE U 172 -30.15 40.94 -109.97
C ILE U 172 -30.47 41.63 -108.65
N LYS U 173 -31.56 42.38 -108.63
CA LYS U 173 -32.09 42.96 -107.41
C LYS U 173 -32.78 41.88 -106.58
N PHE U 174 -32.71 42.02 -105.26
CA PHE U 174 -33.39 41.10 -104.36
C PHE U 174 -34.87 41.45 -104.32
N ASP U 175 -35.71 40.58 -104.87
CA ASP U 175 -37.14 40.85 -104.92
C ASP U 175 -37.90 39.53 -104.86
N THR U 176 -39.17 39.64 -104.47
CA THR U 176 -40.05 38.49 -104.48
C THR U 176 -40.24 37.98 -105.90
N GLY U 177 -40.18 36.66 -106.07
CA GLY U 177 -40.34 36.03 -107.35
C GLY U 177 -39.06 35.71 -108.07
N ASN U 178 -37.93 36.24 -107.62
CA ASN U 178 -36.65 35.93 -108.25
C ASN U 178 -36.22 34.51 -107.92
N LEU U 179 -35.73 33.80 -108.93
CA LEU U 179 -35.24 32.46 -108.73
C LEU U 179 -33.95 32.50 -107.91
N CYS U 180 -33.84 31.60 -106.94
CA CYS U 180 -32.71 31.59 -106.03
C CYS U 180 -32.27 30.17 -105.73
N MET U 181 -31.05 30.04 -105.21
CA MET U 181 -30.47 28.77 -104.84
C MET U 181 -29.98 28.83 -103.40
N VAL U 182 -30.26 27.78 -102.63
CA VAL U 182 -29.86 27.69 -101.23
C VAL U 182 -28.44 27.14 -101.17
N THR U 183 -27.57 27.84 -100.46
CA THR U 183 -26.14 27.53 -100.41
C THR U 183 -25.68 27.22 -98.99
N GLY U 184 -26.47 26.47 -98.24
CA GLY U 184 -26.06 26.09 -96.90
C GLY U 184 -27.17 25.55 -96.03
N GLY U 185 -26.87 24.48 -95.28
CA GLY U 185 -27.84 23.90 -94.39
C GLY U 185 -28.52 22.65 -94.93
N ALA U 186 -29.72 22.36 -94.44
CA ALA U 186 -30.43 21.16 -94.89
C ALA U 186 -30.90 21.31 -96.33
N ASN U 187 -31.42 22.48 -96.69
CA ASN U 187 -31.93 22.73 -98.03
C ASN U 187 -30.84 23.08 -99.01
N LEU U 188 -29.59 22.80 -98.68
CA LEU U 188 -28.47 23.15 -99.54
C LEU U 188 -28.58 22.45 -100.90
N GLY U 189 -28.34 23.21 -101.95
CA GLY U 189 -28.40 22.64 -103.29
C GLY U 189 -29.80 22.45 -103.82
N ARG U 190 -30.74 23.29 -103.42
CA ARG U 190 -32.11 23.22 -103.93
C ARG U 190 -32.42 24.51 -104.67
N ILE U 191 -32.97 24.38 -105.88
CA ILE U 191 -33.31 25.52 -106.71
C ILE U 191 -34.79 25.85 -106.48
N GLY U 192 -35.06 27.14 -106.26
CA GLY U 192 -36.44 27.56 -106.07
C GLY U 192 -36.66 29.01 -106.45
N VAL U 193 -37.81 29.55 -106.06
CA VAL U 193 -38.17 30.93 -106.34
C VAL U 193 -38.51 31.60 -105.02
N ILE U 194 -37.93 32.78 -104.77
CA ILE U 194 -38.21 33.51 -103.54
C ILE U 194 -39.68 33.89 -103.50
N THR U 195 -40.38 33.40 -102.50
CA THR U 195 -41.80 33.69 -102.34
C THR U 195 -42.09 34.68 -101.22
N ASN U 196 -41.38 34.61 -100.11
CA ASN U 196 -41.59 35.59 -99.06
C ASN U 196 -40.32 35.75 -98.25
N ARG U 197 -40.25 36.85 -97.51
CA ARG U 197 -39.11 37.14 -96.65
C ARG U 197 -39.58 37.92 -95.43
N GLU U 198 -39.41 37.32 -94.25
CA GLU U 198 -39.74 37.99 -93.00
C GLU U 198 -38.46 38.44 -92.31
N ARG U 199 -38.48 39.68 -91.84
CA ARG U 199 -37.33 40.31 -91.22
C ARG U 199 -37.45 40.23 -89.71
N HIS U 200 -36.42 39.72 -89.07
CA HIS U 200 -36.35 39.67 -87.61
C HIS U 200 -35.23 40.59 -87.14
N PRO U 201 -35.54 41.80 -86.69
CA PRO U 201 -34.49 42.73 -86.28
C PRO U 201 -33.67 42.17 -85.14
N GLY U 202 -32.35 42.40 -85.21
CA GLY U 202 -31.43 41.87 -84.24
C GLY U 202 -31.11 40.40 -84.40
N SER U 203 -31.65 39.75 -85.42
CA SER U 203 -31.47 38.31 -85.59
C SER U 203 -31.52 38.00 -87.08
N PHE U 204 -31.65 36.71 -87.41
CA PHE U 204 -31.59 36.27 -88.79
C PHE U 204 -32.96 36.39 -89.45
N ASP U 205 -32.99 36.99 -90.63
CA ASP U 205 -34.22 37.02 -91.42
C ASP U 205 -34.42 35.66 -92.09
N VAL U 206 -35.69 35.31 -92.30
CA VAL U 206 -36.06 34.00 -92.82
C VAL U 206 -36.83 34.20 -94.11
N VAL U 207 -36.43 33.48 -95.16
CA VAL U 207 -37.15 33.54 -96.42
C VAL U 207 -37.82 32.20 -96.66
N HIS U 208 -38.93 32.26 -97.38
CA HIS U 208 -39.69 31.09 -97.78
C HIS U 208 -39.66 30.98 -99.29
N VAL U 209 -39.25 29.83 -99.78
CA VAL U 209 -38.95 29.58 -101.18
C VAL U 209 -39.75 28.38 -101.64
N LYS U 210 -40.47 28.53 -102.75
CA LYS U 210 -41.24 27.45 -103.35
C LYS U 210 -40.60 27.08 -104.68
N ASP U 211 -40.39 25.78 -104.89
CA ASP U 211 -39.74 25.30 -106.10
C ASP U 211 -40.78 25.01 -107.18
N ALA U 212 -40.35 24.32 -108.24
CA ALA U 212 -41.24 23.99 -109.34
C ALA U 212 -42.15 22.81 -109.06
N ASN U 213 -41.89 22.03 -108.02
CA ASN U 213 -42.75 20.91 -107.65
C ASN U 213 -43.72 21.27 -106.55
N GLY U 214 -43.84 22.54 -106.20
CA GLY U 214 -44.73 22.97 -105.15
C GLY U 214 -44.16 22.88 -103.76
N ASN U 215 -42.96 22.34 -103.60
CA ASN U 215 -42.35 22.21 -102.28
C ASN U 215 -41.91 23.60 -101.81
N SER U 216 -42.45 24.03 -100.68
CA SER U 216 -42.09 25.31 -100.10
C SER U 216 -41.32 25.05 -98.80
N PHE U 217 -40.12 25.60 -98.72
CA PHE U 217 -39.25 25.46 -97.57
C PHE U 217 -38.83 26.84 -97.09
N ALA U 218 -38.05 26.87 -96.02
CA ALA U 218 -37.55 28.11 -95.46
C ALA U 218 -36.04 28.01 -95.31
N THR U 219 -35.40 29.18 -95.29
CA THR U 219 -33.95 29.24 -95.17
C THR U 219 -33.57 30.61 -94.65
N ARG U 220 -32.47 30.67 -93.90
CA ARG U 220 -31.91 31.94 -93.49
C ARG U 220 -31.46 32.75 -94.71
N LEU U 221 -31.48 34.08 -94.56
CA LEU U 221 -31.07 34.95 -95.65
C LEU U 221 -29.61 34.75 -96.03
N SER U 222 -28.78 34.36 -95.07
CA SER U 222 -27.36 34.18 -95.32
C SER U 222 -27.07 33.03 -96.27
N ASN U 223 -27.99 32.08 -96.41
CA ASN U 223 -27.77 30.91 -97.24
C ASN U 223 -28.50 31.01 -98.58
N ILE U 224 -29.04 32.17 -98.91
CA ILE U 224 -29.84 32.35 -100.11
C ILE U 224 -29.03 33.09 -101.15
N PHE U 225 -28.91 32.50 -102.34
CA PHE U 225 -28.18 33.11 -103.43
C PHE U 225 -28.99 32.99 -104.71
N VAL U 226 -28.98 34.05 -105.51
CA VAL U 226 -29.86 34.16 -106.67
C VAL U 226 -29.07 33.86 -107.94
N ILE U 227 -29.64 33.03 -108.81
CA ILE U 227 -28.98 32.67 -110.06
C ILE U 227 -29.89 32.89 -111.25
N GLY U 228 -30.84 33.82 -111.14
CA GLY U 228 -31.72 34.07 -112.27
C GLY U 228 -32.68 35.20 -111.98
N LYS U 229 -33.45 35.55 -113.00
CA LYS U 229 -34.47 36.60 -112.92
C LYS U 229 -35.83 35.94 -113.07
N GLY U 230 -36.52 35.75 -111.96
CA GLY U 230 -37.89 35.27 -111.97
C GLY U 230 -38.00 33.77 -112.18
N ASN U 231 -37.84 33.34 -113.43
CA ASN U 231 -37.97 31.92 -113.76
C ASN U 231 -36.78 31.49 -114.59
N LYS U 232 -36.26 32.38 -115.41
CA LYS U 232 -35.12 32.06 -116.27
C LYS U 232 -33.84 32.19 -115.49
N PRO U 233 -33.06 31.12 -115.32
CA PRO U 233 -31.76 31.25 -114.66
C PRO U 233 -30.73 31.85 -115.60
N TRP U 234 -29.83 32.63 -115.01
CA TRP U 234 -28.71 33.20 -115.75
C TRP U 234 -27.52 32.26 -115.82
N ILE U 235 -27.64 31.07 -115.24
CA ILE U 235 -26.58 30.08 -115.21
C ILE U 235 -27.18 28.74 -115.61
N SER U 236 -26.45 27.99 -116.44
CA SER U 236 -26.88 26.64 -116.81
C SER U 236 -27.00 25.78 -115.57
N LEU U 237 -28.22 25.36 -115.26
CA LEU U 237 -28.47 24.57 -114.07
C LEU U 237 -27.86 23.17 -114.22
N PRO U 238 -27.37 22.58 -113.13
CA PRO U 238 -26.78 21.24 -113.21
C PRO U 238 -27.84 20.18 -113.43
N ARG U 239 -27.41 18.92 -113.51
CA ARG U 239 -28.36 17.85 -113.73
C ARG U 239 -29.25 17.67 -112.52
N GLY U 240 -30.55 17.49 -112.76
CA GLY U 240 -31.55 17.42 -111.72
C GLY U 240 -32.32 18.69 -111.50
N LYS U 241 -31.85 19.81 -112.04
CA LYS U 241 -32.51 21.12 -111.96
C LYS U 241 -32.71 21.59 -110.52
N GLY U 242 -32.03 20.97 -109.56
CA GLY U 242 -32.07 21.41 -108.18
C GLY U 242 -33.33 21.09 -107.43
N ILE U 243 -34.19 20.22 -107.94
CA ILE U 243 -35.38 19.80 -107.21
C ILE U 243 -35.01 18.61 -106.34
N ARG U 244 -35.32 18.72 -105.06
CA ARG U 244 -35.06 17.63 -104.11
C ARG U 244 -36.28 16.73 -104.06
N LEU U 245 -36.07 15.45 -104.32
CA LEU U 245 -37.13 14.48 -104.45
C LEU U 245 -37.14 13.50 -103.27
N THR U 246 -38.33 12.99 -102.97
CA THR U 246 -38.50 12.13 -101.79
C THR U 246 -37.80 10.79 -102.00
N ILE U 247 -37.66 10.06 -100.89
CA ILE U 247 -36.80 8.87 -100.87
C ILE U 247 -37.36 7.78 -101.78
N ALA U 248 -38.68 7.69 -101.90
CA ALA U 248 -39.25 6.71 -102.81
C ALA U 248 -38.98 7.07 -104.27
N GLU U 249 -38.73 8.35 -104.56
CA GLU U 249 -38.62 8.78 -105.94
C GLU U 249 -37.31 8.32 -106.57
N GLU U 250 -36.20 8.37 -105.83
CA GLU U 250 -34.98 7.83 -106.43
C GLU U 250 -35.01 6.32 -106.48
N ARG U 251 -35.76 5.67 -105.59
CA ARG U 251 -35.96 4.23 -105.71
C ARG U 251 -36.69 3.90 -107.01
N ASP U 252 -37.75 4.65 -107.31
CA ASP U 252 -38.47 4.44 -108.57
C ASP U 252 -37.58 4.75 -109.76
N LYS U 253 -36.77 5.81 -109.67
CA LYS U 253 -35.86 6.14 -110.76
C LYS U 253 -34.83 5.03 -110.98
N ARG U 254 -34.27 4.50 -109.90
CA ARG U 254 -33.30 3.42 -110.00
C ARG U 254 -33.92 2.16 -110.59
N LEU U 255 -35.12 1.81 -110.15
CA LEU U 255 -35.80 0.63 -110.70
C LEU U 255 -36.11 0.82 -112.17
N ALA U 256 -36.59 2.01 -112.57
CA ALA U 256 -36.88 2.25 -113.97
C ALA U 256 -35.61 2.17 -114.81
N ALA U 257 -34.52 2.76 -114.33
CA ALA U 257 -33.26 2.73 -115.06
C ALA U 257 -32.74 1.31 -115.19
N LYS U 258 -32.79 0.52 -114.12
CA LYS U 258 -32.26 -0.83 -114.18
C LYS U 258 -33.16 -1.75 -115.00
N GLN U 259 -34.46 -1.50 -115.01
CA GLN U 259 -35.35 -2.26 -115.89
C GLN U 259 -35.08 -1.94 -117.35
N SER U 260 -34.89 -0.66 -117.67
CA SER U 260 -34.63 -0.26 -119.05
C SER U 260 -33.26 -0.76 -119.52
N SER U 261 -32.28 -0.77 -118.63
CA SER U 261 -30.91 -1.12 -118.99
C SER U 261 -30.59 -2.60 -118.77
N GLY U 262 -31.51 -3.37 -118.20
CA GLY U 262 -31.28 -4.79 -118.01
C GLY U 262 -31.73 -5.62 -119.19
N MET V 1 52.45 31.89 -70.73
CA MET V 1 51.56 32.81 -71.42
C MET V 1 51.94 32.94 -72.88
N LYS V 2 50.94 33.08 -73.74
CA LYS V 2 51.15 33.27 -75.16
C LYS V 2 50.58 34.60 -75.59
N LEU V 3 51.07 35.09 -76.73
CA LEU V 3 50.65 36.38 -77.27
C LEU V 3 50.33 36.20 -78.73
N ASN V 4 49.08 36.46 -79.11
CA ASN V 4 48.66 36.42 -80.50
C ASN V 4 48.89 37.81 -81.07
N ILE V 5 50.05 38.00 -81.72
CA ILE V 5 50.48 39.30 -82.20
C ILE V 5 50.06 39.43 -83.65
N SER V 6 49.32 40.51 -83.96
CA SER V 6 48.84 40.72 -85.33
C SER V 6 49.16 42.13 -85.77
N PHE V 7 49.66 42.26 -87.00
CA PHE V 7 49.93 43.57 -87.59
C PHE V 7 48.97 43.76 -88.75
N PRO V 8 47.87 44.49 -88.56
CA PRO V 8 46.84 44.58 -89.62
C PRO V 8 47.33 45.18 -90.92
N ALA V 9 48.29 46.10 -90.87
CA ALA V 9 48.78 46.74 -92.08
C ALA V 9 49.43 45.73 -93.03
N THR V 10 49.92 44.60 -92.51
CA THR V 10 50.46 43.55 -93.34
C THR V 10 49.84 42.19 -93.08
N GLY V 11 48.90 42.08 -92.13
CA GLY V 11 48.41 40.77 -91.75
C GLY V 11 49.49 40.02 -91.01
N CYS V 12 49.67 38.74 -91.36
CA CYS V 12 50.77 37.91 -90.89
C CYS V 12 50.81 37.84 -89.36
N GLN V 13 49.67 37.52 -88.76
CA GLN V 13 49.63 37.31 -87.32
C GLN V 13 50.39 36.05 -86.95
N LYS V 14 51.01 36.08 -85.77
CA LYS V 14 51.83 34.97 -85.31
C LYS V 14 51.80 34.94 -83.79
N LEU V 15 52.15 33.79 -83.23
CA LEU V 15 52.09 33.57 -81.79
C LEU V 15 53.48 33.62 -81.19
N ILE V 16 53.63 34.36 -80.10
CA ILE V 16 54.89 34.50 -79.39
C ILE V 16 54.68 34.02 -77.95
N GLU V 17 55.44 33.03 -77.53
CA GLU V 17 55.32 32.51 -76.17
C GLU V 17 56.28 33.28 -75.26
N VAL V 18 55.73 33.90 -74.21
CA VAL V 18 56.52 34.70 -73.29
C VAL V 18 56.37 34.10 -71.90
N ASP V 19 57.51 33.83 -71.25
CA ASP V 19 57.53 33.24 -69.92
C ASP V 19 57.93 34.20 -68.83
N ASP V 20 58.92 35.05 -69.07
CA ASP V 20 59.42 35.95 -68.03
C ASP V 20 58.35 36.96 -67.65
N GLU V 21 58.00 36.99 -66.37
CA GLU V 21 56.95 37.89 -65.88
C GLU V 21 57.36 39.36 -65.97
N ARG V 22 58.67 39.64 -66.09
CA ARG V 22 59.09 41.02 -66.26
C ARG V 22 58.64 41.58 -67.60
N LYS V 23 58.50 40.73 -68.61
CA LYS V 23 58.00 41.19 -69.91
C LYS V 23 56.51 41.49 -69.84
N LEU V 24 55.76 40.70 -69.07
CA LEU V 24 54.31 40.83 -69.00
C LEU V 24 53.86 41.84 -67.94
N ARG V 25 54.74 42.24 -67.03
CA ARG V 25 54.34 43.19 -65.99
C ARG V 25 53.97 44.55 -66.56
N THR V 26 54.49 44.91 -67.74
CA THR V 26 54.05 46.14 -68.38
C THR V 26 52.66 45.97 -68.97
N PHE V 27 52.27 44.74 -69.31
CA PHE V 27 50.91 44.49 -69.77
C PHE V 27 49.92 44.42 -68.63
N TYR V 28 50.36 43.94 -67.46
CA TYR V 28 49.46 43.71 -66.34
C TYR V 28 48.78 45.00 -65.91
N GLU V 29 47.62 44.83 -65.25
CA GLU V 29 46.84 45.93 -64.69
C GLU V 29 46.43 46.93 -65.77
N LYS V 30 46.04 46.39 -66.93
CA LYS V 30 45.55 47.20 -68.03
C LYS V 30 44.19 46.65 -68.46
N ARG V 31 43.58 47.31 -69.44
CA ARG V 31 42.29 46.90 -69.95
C ARG V 31 42.38 46.66 -71.45
N MET V 32 41.29 46.17 -72.02
CA MET V 32 41.23 45.97 -73.45
C MET V 32 41.18 47.31 -74.17
N ALA V 33 41.58 47.28 -75.44
CA ALA V 33 41.59 48.47 -76.31
C ALA V 33 42.42 49.60 -75.69
N THR V 34 43.54 49.23 -75.08
CA THR V 34 44.49 50.17 -74.51
C THR V 34 45.84 49.97 -75.18
N GLU V 35 46.53 51.08 -75.47
CA GLU V 35 47.80 51.05 -76.16
C GLU V 35 48.94 51.14 -75.16
N VAL V 36 49.86 50.19 -75.21
CA VAL V 36 51.00 50.12 -74.32
C VAL V 36 52.26 49.92 -75.14
N ALA V 37 53.38 50.42 -74.63
CA ALA V 37 54.65 50.27 -75.32
C ALA V 37 55.24 48.89 -75.04
N ALA V 38 55.63 48.18 -76.09
CA ALA V 38 56.17 46.84 -75.98
C ALA V 38 57.68 46.83 -75.77
N ASP V 39 58.24 47.94 -75.29
CA ASP V 39 59.69 48.04 -75.13
C ASP V 39 60.23 47.07 -74.09
N ALA V 40 59.39 46.61 -73.16
CA ALA V 40 59.82 45.62 -72.18
C ALA V 40 60.04 44.24 -72.80
N LEU V 41 59.64 44.03 -74.05
CA LEU V 41 59.87 42.76 -74.73
C LEU V 41 61.22 42.75 -75.44
N GLY V 42 62.28 43.10 -74.73
CA GLY V 42 63.60 43.10 -75.32
C GLY V 42 63.80 44.28 -76.26
N GLU V 43 64.98 44.28 -76.89
CA GLU V 43 65.33 45.35 -77.82
C GLU V 43 64.56 45.23 -79.13
N GLU V 44 64.18 44.01 -79.52
CA GLU V 44 63.56 43.78 -80.82
C GLU V 44 62.24 44.51 -80.95
N TRP V 45 61.56 44.77 -79.83
CA TRP V 45 60.25 45.41 -79.84
C TRP V 45 60.32 46.89 -79.48
N LYS V 46 61.51 47.47 -79.45
CA LYS V 46 61.64 48.89 -79.17
C LYS V 46 61.06 49.70 -80.33
N GLY V 47 60.41 50.82 -80.00
CA GLY V 47 59.72 51.59 -80.99
C GLY V 47 58.36 51.07 -81.37
N TYR V 48 57.84 50.09 -80.65
CA TYR V 48 56.57 49.45 -80.95
C TYR V 48 55.56 49.79 -79.85
N VAL V 49 54.38 50.24 -80.27
CA VAL V 49 53.24 50.41 -79.38
C VAL V 49 52.12 49.50 -79.88
N VAL V 50 51.53 48.75 -78.96
CA VAL V 50 50.60 47.68 -79.28
C VAL V 50 49.35 47.86 -78.45
N ARG V 51 48.19 47.62 -79.08
CA ARG V 51 46.91 47.72 -78.41
C ARG V 51 46.43 46.34 -77.97
N ILE V 52 45.97 46.25 -76.73
CA ILE V 52 45.46 45.00 -76.16
C ILE V 52 44.05 44.80 -76.72
N SER V 53 43.92 43.90 -77.70
CA SER V 53 42.63 43.69 -78.34
C SER V 53 41.76 42.69 -77.60
N GLY V 54 42.36 41.64 -77.04
CA GLY V 54 41.58 40.65 -76.33
C GLY V 54 42.45 39.55 -75.77
N GLY V 55 41.82 38.41 -75.51
CA GLY V 55 42.53 37.26 -74.99
C GLY V 55 41.56 36.19 -74.53
N ASN V 56 42.12 35.14 -73.95
CA ASN V 56 41.33 34.03 -73.43
C ASN V 56 41.87 33.63 -72.06
N ASP V 57 40.96 33.32 -71.15
CA ASP V 57 41.31 32.96 -69.79
C ASP V 57 42.07 31.64 -69.76
N LYS V 58 42.56 31.28 -68.57
CA LYS V 58 43.28 30.03 -68.39
C LYS V 58 42.41 28.83 -68.74
N GLN V 59 41.10 28.95 -68.58
CA GLN V 59 40.16 27.88 -68.89
C GLN V 59 39.57 28.01 -70.29
N GLY V 60 39.99 29.01 -71.06
CA GLY V 60 39.51 29.18 -72.43
C GLY V 60 38.38 30.16 -72.60
N PHE V 61 37.92 30.80 -71.52
CA PHE V 61 36.84 31.74 -71.63
C PHE V 61 37.33 33.05 -72.24
N PRO V 62 36.72 33.53 -73.31
CA PRO V 62 37.16 34.81 -73.90
C PRO V 62 36.83 35.97 -72.97
N MET V 63 37.63 37.02 -73.09
CA MET V 63 37.41 38.22 -72.30
C MET V 63 36.52 39.20 -73.04
N LYS V 64 35.67 39.89 -72.30
CA LYS V 64 34.67 40.77 -72.86
C LYS V 64 34.96 42.22 -72.48
N GLN V 65 34.82 43.12 -73.46
CA GLN V 65 35.06 44.52 -73.23
C GLN V 65 34.00 45.11 -72.30
N GLY V 66 34.46 45.95 -71.37
CA GLY V 66 33.55 46.69 -70.52
C GLY V 66 33.14 46.01 -69.23
N VAL V 67 33.63 44.80 -68.97
CA VAL V 67 33.27 44.12 -67.73
C VAL V 67 33.89 44.85 -66.53
N LEU V 68 35.09 45.37 -66.71
CA LEU V 68 35.77 46.22 -65.71
C LEU V 68 36.10 45.46 -64.43
N THR V 69 36.55 44.22 -64.58
CA THR V 69 37.05 43.45 -63.45
C THR V 69 38.01 42.40 -63.99
N HIS V 70 38.78 41.81 -63.08
CA HIS V 70 39.58 40.64 -63.38
C HIS V 70 38.91 39.44 -62.72
N GLY V 71 38.66 38.41 -63.50
CA GLY V 71 37.92 37.24 -63.08
C GLY V 71 36.84 36.92 -64.07
N ARG V 72 35.98 35.99 -63.70
CA ARG V 72 34.93 35.49 -64.58
C ARG V 72 33.57 35.81 -63.98
N VAL V 73 32.68 36.33 -64.81
CA VAL V 73 31.34 36.70 -64.36
C VAL V 73 30.32 36.08 -65.31
N ARG V 74 29.17 35.72 -64.75
CA ARG V 74 28.07 35.18 -65.54
C ARG V 74 27.21 36.33 -66.04
N LEU V 75 27.04 36.40 -67.35
CA LEU V 75 26.27 37.46 -67.97
C LEU V 75 25.24 36.84 -68.92
N LEU V 76 24.07 37.46 -68.98
CA LEU V 76 23.04 37.07 -69.95
C LEU V 76 23.36 37.78 -71.26
N LEU V 77 23.85 37.01 -72.24
CA LEU V 77 24.27 37.56 -73.52
C LEU V 77 23.18 37.36 -74.54
N SER V 78 22.73 38.47 -75.15
CA SER V 78 21.72 38.44 -76.18
C SER V 78 22.39 38.45 -77.55
N LYS V 79 21.60 38.68 -78.60
CA LYS V 79 22.14 38.70 -79.95
C LYS V 79 23.07 39.89 -80.14
N GLY V 80 24.25 39.62 -80.68
CA GLY V 80 25.15 40.69 -81.07
C GLY V 80 25.83 41.43 -79.95
N HIS V 81 25.96 40.81 -78.77
CA HIS V 81 26.74 41.47 -77.72
C HIS V 81 28.23 41.21 -77.91
N SER V 82 28.65 39.96 -77.69
CA SER V 82 30.00 39.45 -77.84
C SER V 82 29.98 38.01 -77.38
N CYS V 83 31.00 37.26 -77.79
CA CYS V 83 31.35 35.97 -77.20
C CYS V 83 30.21 34.96 -77.21
N TYR V 84 29.21 35.14 -78.08
CA TYR V 84 28.04 34.28 -78.08
C TYR V 84 27.28 34.47 -79.37
N ARG V 85 26.96 33.36 -80.05
CA ARG V 85 26.08 33.42 -81.20
C ARG V 85 24.78 32.68 -80.91
N PRO V 86 23.64 33.31 -81.14
CA PRO V 86 22.37 32.65 -80.82
C PRO V 86 22.10 31.50 -81.77
N ARG V 87 21.57 30.42 -81.20
CA ARG V 87 21.15 29.28 -82.00
C ARG V 87 19.79 29.48 -82.64
N ARG V 88 19.03 30.48 -82.20
CA ARG V 88 17.76 30.81 -82.80
C ARG V 88 17.44 32.27 -82.48
N THR V 89 16.47 32.81 -83.22
CA THR V 89 16.11 34.21 -83.07
C THR V 89 15.57 34.49 -81.66
N GLY V 90 16.05 35.57 -81.07
CA GLY V 90 15.58 35.98 -79.76
C GLY V 90 16.14 35.17 -78.60
N GLU V 91 17.01 34.21 -78.88
CA GLU V 91 17.56 33.39 -77.81
C GLU V 91 18.60 34.16 -77.01
N ARG V 92 18.59 33.95 -75.70
CA ARG V 92 19.59 34.50 -74.80
C ARG V 92 20.13 33.38 -73.93
N LYS V 93 21.37 33.52 -73.50
CA LYS V 93 22.01 32.48 -72.71
C LYS V 93 22.96 33.12 -71.72
N ARG V 94 22.98 32.59 -70.51
CA ARG V 94 23.86 33.06 -69.45
C ARG V 94 25.18 32.32 -69.56
N LYS V 95 26.24 33.04 -69.91
CA LYS V 95 27.55 32.46 -70.10
C LYS V 95 28.58 33.15 -69.22
N SER V 96 29.66 32.43 -68.93
CA SER V 96 30.77 32.98 -68.18
C SER V 96 31.72 33.70 -69.13
N VAL V 97 32.08 34.92 -68.78
CA VAL V 97 33.02 35.71 -69.55
C VAL V 97 34.11 36.24 -68.63
N ARG V 98 35.34 36.25 -69.13
CA ARG V 98 36.45 36.88 -68.43
C ARG V 98 36.36 38.39 -68.57
N GLY V 99 36.77 39.09 -67.52
CA GLY V 99 36.72 40.53 -67.52
C GLY V 99 37.72 41.15 -68.49
N CYS V 100 37.51 42.44 -68.75
CA CYS V 100 38.36 43.17 -69.69
C CYS V 100 39.71 43.54 -69.11
N ILE V 101 39.91 43.38 -67.81
CA ILE V 101 41.17 43.71 -67.17
C ILE V 101 42.12 42.52 -67.29
N VAL V 102 43.33 42.80 -67.74
CA VAL V 102 44.37 41.80 -67.92
C VAL V 102 45.14 41.63 -66.62
N ASP V 103 45.51 40.38 -66.31
CA ASP V 103 46.32 40.08 -65.15
C ASP V 103 47.20 38.89 -65.49
N ALA V 104 47.75 38.24 -64.46
CA ALA V 104 48.67 37.12 -64.69
C ALA V 104 47.96 35.93 -65.32
N ASN V 105 46.75 35.62 -64.85
CA ASN V 105 46.06 34.38 -65.25
C ASN V 105 45.38 34.58 -66.59
N LEU V 106 46.11 34.31 -67.67
CA LEU V 106 45.56 34.34 -69.02
C LEU V 106 46.36 33.39 -69.88
N SER V 107 45.68 32.50 -70.60
CA SER V 107 46.38 31.62 -71.53
C SER V 107 47.03 32.41 -72.65
N VAL V 108 46.25 33.27 -73.32
CA VAL V 108 46.74 34.08 -74.41
C VAL V 108 46.32 35.52 -74.19
N LEU V 109 47.09 36.41 -74.78
CA LEU V 109 46.74 37.83 -74.86
C LEU V 109 46.80 38.24 -76.32
N ASN V 110 45.72 38.81 -76.82
CA ASN V 110 45.65 39.22 -78.22
C ASN V 110 46.14 40.66 -78.34
N LEU V 111 47.13 40.87 -79.19
CA LEU V 111 47.79 42.16 -79.30
C LEU V 111 47.83 42.58 -80.76
N VAL V 112 47.61 43.87 -81.01
CA VAL V 112 47.53 44.41 -82.35
C VAL V 112 48.53 45.55 -82.47
N ILE V 113 49.50 45.43 -83.37
CA ILE V 113 50.46 46.51 -83.55
C ILE V 113 49.77 47.66 -84.27
N VAL V 114 49.91 48.86 -83.74
CA VAL V 114 49.34 50.04 -84.38
C VAL V 114 50.40 50.91 -85.05
N LYS V 115 51.60 51.01 -84.47
CA LYS V 115 52.67 51.81 -85.05
C LYS V 115 53.92 50.96 -85.22
N LYS V 116 54.48 51.01 -86.42
CA LYS V 116 55.63 50.19 -86.77
C LYS V 116 56.87 50.66 -86.02
N GLY V 117 57.72 49.70 -85.62
CA GLY V 117 58.97 49.99 -84.96
C GLY V 117 60.07 50.38 -85.94
N GLU V 118 61.27 50.50 -85.40
CA GLU V 118 62.40 50.90 -86.23
C GLU V 118 62.91 49.77 -87.12
N LYS V 119 62.77 48.53 -86.69
CA LYS V 119 63.22 47.38 -87.48
C LYS V 119 62.09 46.38 -87.60
N ASP V 120 62.19 45.55 -88.63
CA ASP V 120 61.11 44.63 -88.98
C ASP V 120 61.17 43.38 -88.12
N ILE V 121 60.04 43.03 -87.52
CA ILE V 121 59.94 41.76 -86.78
C ILE V 121 59.92 40.60 -87.77
N PRO V 122 60.70 39.55 -87.55
CA PRO V 122 60.78 38.46 -88.55
C PRO V 122 59.44 37.76 -88.74
N GLY V 123 58.89 37.87 -89.94
CA GLY V 123 57.67 37.18 -90.30
C GLY V 123 56.40 37.81 -89.81
N LEU V 124 56.48 38.96 -89.14
CA LEU V 124 55.30 39.63 -88.60
C LEU V 124 55.02 40.95 -89.29
N THR V 125 55.99 41.87 -89.31
CA THR V 125 55.79 43.19 -89.87
C THR V 125 56.22 43.31 -91.33
N ASP V 126 56.65 42.21 -91.93
CA ASP V 126 57.06 42.19 -93.33
C ASP V 126 56.27 41.12 -94.08
N THR V 127 56.58 40.96 -95.36
CA THR V 127 55.95 39.97 -96.25
C THR V 127 54.43 40.14 -96.25
N THR V 128 54.00 41.29 -96.75
CA THR V 128 52.59 41.64 -96.78
C THR V 128 51.78 40.61 -97.57
N VAL V 129 50.71 40.10 -96.96
CA VAL V 129 49.84 39.13 -97.60
C VAL V 129 48.67 39.86 -98.25
N PRO V 130 48.14 39.38 -99.37
CA PRO V 130 47.03 40.07 -100.04
C PRO V 130 45.68 39.63 -99.53
N ARG V 131 44.72 40.55 -99.64
CA ARG V 131 43.33 40.22 -99.35
C ARG V 131 42.82 39.20 -100.36
N ARG V 132 41.96 38.30 -99.90
CA ARG V 132 41.51 37.19 -100.72
C ARG V 132 40.68 37.64 -101.91
N LEU V 133 40.10 38.84 -101.86
CA LEU V 133 39.13 39.27 -102.84
C LEU V 133 38.90 40.76 -102.71
N GLY V 134 38.71 41.42 -103.85
CA GLY V 134 38.57 42.86 -103.88
C GLY V 134 37.12 43.30 -103.80
N PRO V 135 36.88 44.57 -104.15
CA PRO V 135 35.52 45.11 -104.03
C PRO V 135 34.55 44.43 -104.97
N LYS V 136 33.29 44.37 -104.54
CA LYS V 136 32.20 43.77 -105.29
C LYS V 136 31.14 44.77 -105.71
N ARG V 137 30.87 45.76 -104.85
CA ARG V 137 29.92 46.81 -105.21
C ARG V 137 30.60 47.84 -106.11
N ALA V 138 29.94 48.16 -107.22
CA ALA V 138 30.52 49.05 -108.22
C ALA V 138 30.95 50.38 -107.61
N SER V 139 30.22 50.86 -106.60
CA SER V 139 30.66 52.03 -105.86
C SER V 139 32.00 51.77 -105.19
N ARG V 140 32.22 50.58 -104.65
CA ARG V 140 33.50 50.29 -104.00
C ARG V 140 34.63 50.14 -105.01
N ILE V 141 34.36 49.55 -106.18
CA ILE V 141 35.40 49.51 -107.22
C ILE V 141 35.76 50.92 -107.66
N ARG V 142 34.77 51.78 -107.88
CA ARG V 142 35.07 53.16 -108.25
C ARG V 142 35.82 53.88 -107.15
N LYS V 143 35.47 53.63 -105.90
CA LYS V 143 36.17 54.26 -104.78
C LYS V 143 37.62 53.79 -104.73
N LEU V 144 37.87 52.50 -104.96
CA LEU V 144 39.24 52.00 -104.92
C LEU V 144 40.08 52.56 -106.06
N PHE V 145 39.55 52.54 -107.28
CA PHE V 145 40.32 52.88 -108.46
C PHE V 145 40.16 54.33 -108.88
N ASN V 146 39.52 55.16 -108.06
CA ASN V 146 39.37 56.60 -108.31
C ASN V 146 38.64 56.87 -109.63
N LEU V 147 37.65 56.03 -109.94
CA LEU V 147 36.78 56.28 -111.08
C LEU V 147 35.73 57.32 -110.72
N SER V 148 35.54 58.28 -111.62
CA SER V 148 34.53 59.31 -111.39
C SER V 148 33.14 58.82 -111.78
N LYS V 149 32.93 58.56 -113.08
CA LYS V 149 31.64 58.08 -113.55
C LYS V 149 31.70 57.53 -114.98
N GLU V 150 31.25 56.28 -115.14
CA GLU V 150 31.02 55.66 -116.44
C GLU V 150 32.30 55.62 -117.28
N ASP V 151 33.29 54.89 -116.78
CA ASP V 151 34.53 54.64 -117.53
C ASP V 151 34.94 53.18 -117.31
N ASP V 152 34.47 52.30 -118.20
CA ASP V 152 34.96 50.92 -118.32
C ASP V 152 34.95 50.20 -116.96
N VAL V 153 33.82 50.35 -116.26
CA VAL V 153 33.72 49.87 -114.89
C VAL V 153 33.77 48.35 -114.84
N ARG V 154 33.07 47.68 -115.77
CA ARG V 154 33.01 46.23 -115.72
C ARG V 154 34.35 45.60 -116.06
N GLN V 155 35.22 46.31 -116.76
CA GLN V 155 36.53 45.78 -117.08
C GLN V 155 37.63 46.30 -116.16
N TYR V 156 37.32 47.27 -115.30
CA TYR V 156 38.25 47.66 -114.25
C TYR V 156 38.12 46.79 -113.00
N VAL V 157 37.20 45.82 -112.97
CA VAL V 157 37.11 44.95 -111.81
C VAL V 157 38.33 44.03 -111.75
N VAL V 158 38.71 43.65 -110.54
CA VAL V 158 39.85 42.77 -110.31
C VAL V 158 39.45 41.34 -110.61
N ARG V 159 40.25 40.65 -111.42
CA ARG V 159 40.01 39.27 -111.78
C ARG V 159 41.02 38.39 -111.04
N LYS V 160 40.51 37.42 -110.27
CA LYS V 160 41.36 36.56 -109.46
C LYS V 160 41.83 35.37 -110.28
N PRO V 161 43.12 35.14 -110.42
CA PRO V 161 43.59 34.02 -111.25
C PRO V 161 43.71 32.72 -110.49
N LEU V 162 43.04 31.68 -110.97
CA LEU V 162 43.20 30.33 -110.45
C LEU V 162 44.13 29.56 -111.38
N ASN V 163 45.18 28.97 -110.80
CA ASN V 163 46.27 28.38 -111.55
C ASN V 163 46.71 27.06 -110.93
N LYS V 164 45.73 26.22 -110.55
CA LYS V 164 46.06 24.94 -109.95
C LYS V 164 46.74 24.03 -110.96
N GLU V 165 47.65 23.20 -110.47
CA GLU V 165 48.50 22.40 -111.35
C GLU V 165 47.70 21.32 -112.07
N GLY V 166 46.73 20.71 -111.38
CA GLY V 166 45.98 19.63 -111.99
C GLY V 166 44.92 20.04 -112.98
N LYS V 167 44.69 21.34 -113.16
CA LYS V 167 43.64 21.85 -114.02
C LYS V 167 44.18 22.97 -114.89
N LYS V 168 43.47 23.27 -115.97
CA LYS V 168 43.87 24.36 -116.84
C LYS V 168 43.71 25.69 -116.09
N PRO V 169 44.66 26.61 -116.26
CA PRO V 169 44.55 27.91 -115.59
C PRO V 169 43.47 28.77 -116.21
N ARG V 170 42.80 29.55 -115.36
CA ARG V 170 41.87 30.56 -115.86
C ARG V 170 41.77 31.66 -114.82
N THR V 171 41.06 32.73 -115.17
CA THR V 171 40.83 33.82 -114.25
C THR V 171 39.33 34.01 -114.04
N LYS V 172 38.94 34.22 -112.79
CA LYS V 172 37.54 34.31 -112.39
C LYS V 172 37.22 35.74 -111.99
N ALA V 173 36.13 36.27 -112.53
CA ALA V 173 35.72 37.62 -112.20
C ALA V 173 34.47 37.59 -111.34
N PRO V 174 34.36 38.46 -110.34
CA PRO V 174 33.18 38.46 -109.47
C PRO V 174 32.00 39.16 -110.12
N LYS V 175 30.80 38.71 -109.73
CA LYS V 175 29.59 39.34 -110.21
C LYS V 175 29.40 40.68 -109.50
N ILE V 176 29.50 41.77 -110.24
CA ILE V 176 29.39 43.08 -109.64
C ILE V 176 27.94 43.35 -109.24
N GLN V 177 27.76 44.15 -108.19
CA GLN V 177 26.45 44.50 -107.69
C GLN V 177 26.24 46.01 -107.70
N ARG V 178 24.98 46.41 -107.77
CA ARG V 178 24.56 47.80 -107.84
C ARG V 178 25.15 48.51 -109.05
N LEU V 179 25.41 47.76 -110.11
CA LEU V 179 25.81 48.33 -111.39
C LEU V 179 24.58 48.59 -112.24
N VAL V 180 24.48 49.80 -112.78
CA VAL V 180 23.32 50.17 -113.58
C VAL V 180 23.36 49.39 -114.89
N THR V 181 22.29 48.66 -115.17
CA THR V 181 22.21 47.72 -116.28
C THR V 181 20.92 47.93 -117.04
N PRO V 182 20.86 47.50 -118.30
CA PRO V 182 19.59 47.59 -119.04
C PRO V 182 18.45 46.86 -118.37
N ARG V 183 18.75 45.79 -117.62
CA ARG V 183 17.71 45.14 -116.83
C ARG V 183 17.16 46.09 -115.77
N VAL V 184 18.04 46.85 -115.11
CA VAL V 184 17.60 47.82 -114.11
C VAL V 184 16.75 48.89 -114.77
N LEU V 185 17.19 49.38 -115.93
CA LEU V 185 16.40 50.41 -116.64
C LEU V 185 15.04 49.87 -117.05
N GLN V 186 15.00 48.63 -117.53
CA GLN V 186 13.74 48.02 -117.93
C GLN V 186 12.80 47.87 -116.73
N HIS V 187 13.33 47.45 -115.58
CA HIS V 187 12.51 47.34 -114.39
C HIS V 187 11.95 48.70 -113.97
N LYS V 188 12.80 49.73 -114.00
CA LYS V 188 12.36 51.06 -113.59
C LYS V 188 11.27 51.57 -114.51
N ARG V 189 11.47 51.44 -115.83
CA ARG V 189 10.45 51.94 -116.75
C ARG V 189 9.19 51.08 -116.72
N ARG V 190 9.33 49.80 -116.36
CA ARG V 190 8.15 48.95 -116.18
C ARG V 190 7.32 49.43 -115.01
N ARG V 191 7.98 49.78 -113.89
CA ARG V 191 7.25 50.32 -112.76
C ARG V 191 6.60 51.65 -113.11
N ILE V 192 7.29 52.48 -113.89
CA ILE V 192 6.72 53.76 -114.30
C ILE V 192 5.48 53.53 -115.17
N ALA V 193 5.55 52.57 -116.09
CA ALA V 193 4.40 52.28 -116.94
C ALA V 193 3.25 51.72 -116.11
N LEU V 194 3.55 50.92 -115.09
CA LEU V 194 2.50 50.45 -114.19
C LEU V 194 1.82 51.62 -113.48
N LYS V 195 2.61 52.59 -113.02
CA LYS V 195 2.03 53.77 -112.37
C LYS V 195 1.11 54.52 -113.34
N LYS V 196 1.59 54.71 -114.57
CA LYS V 196 0.81 55.45 -115.57
C LYS V 196 -0.50 54.74 -115.89
N GLN V 197 -0.44 53.43 -116.09
CA GLN V 197 -1.66 52.69 -116.41
C GLN V 197 -2.61 52.64 -115.21
N ARG V 198 -2.08 52.61 -113.99
CA ARG V 198 -2.95 52.62 -112.82
C ARG V 198 -3.70 53.94 -112.69
N THR V 199 -3.00 55.06 -112.86
CA THR V 199 -3.71 56.33 -112.78
C THR V 199 -4.66 56.51 -113.96
N LYS V 200 -4.32 55.96 -115.13
CA LYS V 200 -5.23 56.04 -116.26
C LYS V 200 -6.52 55.27 -115.98
N LYS V 201 -6.41 54.02 -115.53
CA LYS V 201 -7.62 53.24 -115.26
C LYS V 201 -8.42 53.84 -114.11
N ASN V 202 -7.75 54.44 -113.12
CA ASN V 202 -8.47 55.14 -112.06
C ASN V 202 -9.29 56.29 -112.64
N LYS V 203 -8.69 57.07 -113.55
CA LYS V 203 -9.42 58.16 -114.17
C LYS V 203 -10.63 57.66 -114.96
N GLU V 204 -10.44 56.57 -115.71
CA GLU V 204 -11.54 56.03 -116.52
C GLU V 204 -12.67 55.54 -115.64
N GLU V 205 -12.34 54.83 -114.55
CA GLU V 205 -13.37 54.33 -113.64
C GLU V 205 -14.11 55.48 -112.97
N ALA V 206 -13.39 56.53 -112.56
CA ALA V 206 -14.02 57.68 -111.95
C ALA V 206 -14.99 58.35 -112.92
N ALA V 207 -14.58 58.50 -114.18
CA ALA V 207 -15.45 59.12 -115.18
C ALA V 207 -16.69 58.28 -115.42
N GLU V 208 -16.53 56.96 -115.55
CA GLU V 208 -17.69 56.09 -115.78
C GLU V 208 -18.66 56.15 -114.61
N TYR V 209 -18.15 56.12 -113.38
CA TYR V 209 -19.03 56.18 -112.23
C TYR V 209 -19.73 57.53 -112.12
N ALA V 210 -19.03 58.62 -112.45
CA ALA V 210 -19.66 59.92 -112.44
C ALA V 210 -20.81 59.98 -113.44
N LYS V 211 -20.60 59.42 -114.63
CA LYS V 211 -21.66 59.38 -115.62
C LYS V 211 -22.87 58.58 -115.13
N LEU V 212 -22.61 57.39 -114.58
CA LEU V 212 -23.72 56.56 -114.11
C LEU V 212 -24.47 57.20 -112.96
N LEU V 213 -23.75 57.81 -112.01
CA LEU V 213 -24.40 58.46 -110.89
C LEU V 213 -25.22 59.66 -111.34
N ALA V 214 -24.70 60.43 -112.31
CA ALA V 214 -25.47 61.54 -112.86
C ALA V 214 -26.75 61.05 -113.53
N LYS V 215 -26.66 59.93 -114.26
CA LYS V 215 -27.85 59.37 -114.89
C LYS V 215 -28.87 58.92 -113.85
N ARG V 216 -28.39 58.28 -112.77
CA ARG V 216 -29.31 57.82 -111.73
C ARG V 216 -29.99 59.00 -111.03
N MET V 217 -29.23 60.06 -110.74
CA MET V 217 -29.83 61.23 -110.10
C MET V 217 -30.81 61.93 -111.04
N LYS V 218 -30.51 61.94 -112.35
CA LYS V 218 -31.45 62.48 -113.31
C LYS V 218 -32.73 61.67 -113.34
N GLU V 219 -32.62 60.35 -113.26
CA GLU V 219 -33.82 59.50 -113.21
C GLU V 219 -34.63 59.77 -111.95
N ALA V 220 -33.95 59.95 -110.81
CA ALA V 220 -34.65 60.25 -109.57
C ALA V 220 -35.37 61.59 -109.66
N LYS V 221 -34.72 62.60 -110.24
CA LYS V 221 -35.36 63.90 -110.43
C LYS V 221 -36.56 63.78 -111.37
N GLU V 222 -36.43 62.97 -112.42
CA GLU V 222 -37.55 62.78 -113.34
C GLU V 222 -38.73 62.10 -112.64
N LYS V 223 -38.44 61.11 -111.79
CA LYS V 223 -39.49 60.46 -111.01
C LYS V 223 -40.19 61.46 -110.08
N ARG V 224 -39.39 62.26 -109.37
CA ARG V 224 -39.96 63.22 -108.43
C ARG V 224 -40.79 64.27 -109.14
N GLN V 225 -40.32 64.77 -110.28
CA GLN V 225 -41.11 65.70 -111.07
C GLN V 225 -42.34 65.04 -111.66
N GLU V 226 -42.29 63.74 -111.95
CA GLU V 226 -43.50 63.02 -112.37
C GLU V 226 -44.54 63.03 -111.26
N GLN V 227 -44.14 62.77 -110.02
CA GLN V 227 -45.10 62.88 -108.92
C GLN V 227 -45.57 64.30 -108.69
N ILE V 228 -44.69 65.29 -108.90
CA ILE V 228 -45.09 66.69 -108.83
C ILE V 228 -46.20 66.99 -109.85
N ALA V 229 -45.99 66.55 -111.10
CA ALA V 229 -46.98 66.76 -112.14
C ALA V 229 -48.28 66.04 -111.84
N LYS V 230 -48.20 64.83 -111.30
CA LYS V 230 -49.41 64.09 -110.93
C LYS V 230 -50.21 64.83 -109.86
N ARG V 231 -49.54 65.30 -108.80
CA ARG V 231 -50.26 65.98 -107.73
C ARG V 231 -50.75 67.35 -108.17
N ARG V 232 -50.08 67.99 -109.13
CA ARG V 232 -50.57 69.27 -109.62
C ARG V 232 -51.76 69.10 -110.56
N ARG V 233 -51.75 68.04 -111.37
CA ARG V 233 -52.89 67.76 -112.23
C ARG V 233 -54.11 67.35 -111.41
N LEU V 234 -53.92 66.51 -110.41
CA LEU V 234 -55.03 66.01 -109.61
C LEU V 234 -55.07 66.75 -108.29
N SER V 235 -55.70 67.94 -108.33
CA SER V 235 -55.83 68.79 -107.15
C SER V 235 -57.24 69.28 -106.90
N SER V 236 -58.11 69.31 -107.91
CA SER V 236 -59.48 69.79 -107.75
C SER V 236 -60.52 68.74 -108.12
N LEU V 237 -60.11 67.55 -108.53
CA LEU V 237 -61.04 66.52 -108.97
C LEU V 237 -61.06 65.34 -107.99
N SER W 1 -96.47 58.05 -91.35
CA SER W 1 -96.10 57.14 -90.28
C SER W 1 -95.39 57.90 -89.16
N ALA W 2 -95.65 57.48 -87.92
CA ALA W 2 -95.06 58.11 -86.74
C ALA W 2 -94.10 57.14 -86.08
N LYS W 3 -92.85 57.58 -85.89
CA LYS W 3 -91.81 56.80 -85.21
C LYS W 3 -91.26 57.70 -84.11
N ILE W 4 -91.93 57.71 -82.96
CA ILE W 4 -91.56 58.59 -81.86
C ILE W 4 -90.96 57.85 -80.69
N VAL W 5 -91.07 56.53 -80.63
CA VAL W 5 -90.45 55.73 -79.57
C VAL W 5 -89.56 54.71 -80.26
N LYS W 6 -88.32 55.09 -80.51
CA LYS W 6 -87.24 54.22 -80.95
C LYS W 6 -85.90 54.92 -80.76
N PRO W 7 -85.40 55.08 -79.54
CA PRO W 7 -84.05 55.64 -79.36
C PRO W 7 -82.99 54.56 -79.52
N ASN W 8 -82.27 54.62 -80.63
CA ASN W 8 -81.26 53.61 -80.95
C ASN W 8 -80.38 54.16 -82.07
N GLY W 9 -79.38 53.37 -82.45
CA GLY W 9 -78.49 53.77 -83.51
C GLY W 9 -79.01 53.55 -84.91
N GLU W 10 -80.22 53.01 -85.04
CA GLU W 10 -80.82 52.72 -86.34
C GLU W 10 -81.94 53.73 -86.60
N LYS W 11 -81.81 54.48 -87.69
CA LYS W 11 -82.83 55.47 -88.03
C LYS W 11 -84.03 54.83 -88.71
N PRO W 12 -83.88 53.97 -89.72
CA PRO W 12 -85.06 53.34 -90.32
C PRO W 12 -85.56 52.18 -89.47
N ASP W 13 -86.76 51.70 -89.83
CA ASP W 13 -87.34 50.52 -89.21
C ASP W 13 -88.40 49.96 -90.12
N GLU W 14 -88.76 48.70 -89.88
CA GLU W 14 -89.82 48.02 -90.63
C GLU W 14 -90.75 47.37 -89.63
N PHE W 15 -92.00 47.89 -89.56
CA PHE W 15 -93.08 47.40 -88.70
C PHE W 15 -92.81 47.75 -87.23
N GLU W 16 -91.59 48.17 -86.92
CA GLU W 16 -91.35 48.87 -85.67
C GLU W 16 -92.09 50.20 -85.65
N SER W 17 -92.24 50.83 -86.82
CA SER W 17 -93.09 52.01 -86.91
C SER W 17 -94.51 51.68 -86.53
N GLY W 18 -95.03 50.53 -86.99
CA GLY W 18 -96.37 50.13 -86.62
C GLY W 18 -96.51 49.84 -85.14
N ILE W 19 -95.49 49.20 -84.55
CA ILE W 19 -95.52 48.90 -83.12
C ILE W 19 -95.48 50.19 -82.31
N SER W 20 -94.64 51.14 -82.71
CA SER W 20 -94.61 52.44 -82.03
C SER W 20 -95.93 53.18 -82.19
N GLN W 21 -96.53 53.08 -83.38
CA GLN W 21 -97.84 53.68 -83.62
C GLN W 21 -98.89 53.09 -82.69
N ALA W 22 -98.85 51.76 -82.51
CA ALA W 22 -99.79 51.11 -81.60
C ALA W 22 -99.58 51.56 -80.16
N LEU W 23 -98.33 51.60 -79.71
CA LEU W 23 -98.10 52.00 -78.33
C LEU W 23 -98.31 53.48 -78.09
N LEU W 24 -98.33 54.31 -79.13
CA LEU W 24 -98.66 55.72 -78.93
C LEU W 24 -100.16 55.98 -79.05
N GLU W 25 -100.86 55.25 -79.91
CA GLU W 25 -102.33 55.30 -79.90
C GLU W 25 -102.90 54.60 -78.68
N LEU W 26 -102.07 53.87 -77.93
CA LEU W 26 -102.44 53.41 -76.60
C LEU W 26 -102.75 54.56 -75.65
N GLU W 27 -102.52 55.81 -76.07
CA GLU W 27 -102.98 56.97 -75.33
C GLU W 27 -104.48 56.89 -75.04
N MET W 28 -104.87 57.40 -73.88
CA MET W 28 -106.24 57.35 -73.38
C MET W 28 -106.72 55.89 -73.28
N ASN W 29 -106.06 55.17 -72.37
CA ASN W 29 -106.35 53.77 -72.09
C ASN W 29 -106.83 53.64 -70.65
N SER W 30 -106.96 52.39 -70.20
CA SER W 30 -107.44 52.08 -68.85
C SER W 30 -106.32 52.33 -67.84
N ASP W 31 -105.93 53.60 -67.72
CA ASP W 31 -105.03 54.09 -66.69
C ASP W 31 -103.67 53.38 -66.75
N LEU W 32 -103.02 53.50 -67.90
CA LEU W 32 -101.71 52.88 -68.09
C LEU W 32 -100.72 53.87 -68.66
N LYS W 33 -101.22 54.88 -69.37
CA LYS W 33 -100.35 55.85 -70.04
C LYS W 33 -99.68 56.80 -69.06
N ALA W 34 -100.08 56.80 -67.79
CA ALA W 34 -99.51 57.73 -66.83
C ALA W 34 -98.02 57.48 -66.63
N GLN W 35 -97.61 56.22 -66.59
CA GLN W 35 -96.22 55.86 -66.36
C GLN W 35 -95.62 55.14 -67.57
N LEU W 36 -96.07 55.49 -68.77
CA LEU W 36 -95.64 54.80 -69.97
C LEU W 36 -94.82 55.65 -70.91
N ARG W 37 -94.99 56.98 -70.89
CA ARG W 37 -94.24 57.84 -71.80
C ARG W 37 -92.74 57.76 -71.55
N GLU W 38 -92.35 57.76 -70.28
CA GLU W 38 -90.93 57.74 -69.95
C GLU W 38 -90.28 56.38 -70.17
N LEU W 39 -91.02 55.39 -70.65
CA LEU W 39 -90.46 54.08 -70.99
C LEU W 39 -90.38 53.99 -72.50
N ASN W 40 -89.19 53.70 -73.02
CA ASN W 40 -88.94 53.69 -74.45
C ASN W 40 -88.62 52.28 -74.94
N ILE W 41 -88.91 52.04 -76.22
CA ILE W 41 -88.68 50.76 -76.86
C ILE W 41 -87.37 50.84 -77.64
N THR W 42 -86.44 49.95 -77.31
CA THR W 42 -85.17 49.91 -78.04
C THR W 42 -85.37 49.31 -79.42
N ALA W 43 -86.10 48.21 -79.53
CA ALA W 43 -86.30 47.55 -80.82
C ALA W 43 -87.44 46.55 -80.71
N ALA W 44 -87.73 45.87 -81.82
CA ALA W 44 -88.68 44.77 -81.82
C ALA W 44 -88.46 43.90 -83.05
N LYS W 45 -88.93 42.67 -82.97
CA LYS W 45 -88.82 41.70 -84.04
C LYS W 45 -90.06 40.81 -84.07
N GLU W 46 -90.31 40.25 -85.26
CA GLU W 46 -91.41 39.34 -85.51
C GLU W 46 -90.88 38.00 -86.00
N ILE W 47 -91.27 36.92 -85.34
CA ILE W 47 -90.77 35.59 -85.66
C ILE W 47 -91.93 34.62 -85.81
N GLU W 48 -91.64 33.49 -86.45
CA GLU W 48 -92.62 32.42 -86.63
C GLU W 48 -92.35 31.32 -85.61
N VAL W 49 -93.40 30.90 -84.92
CA VAL W 49 -93.30 29.91 -83.84
C VAL W 49 -94.33 28.82 -84.08
N GLY W 50 -93.91 27.56 -83.97
CA GLY W 50 -94.85 26.46 -84.04
C GLY W 50 -95.37 26.21 -85.45
N GLY W 51 -96.61 25.77 -85.52
CA GLY W 51 -97.23 25.45 -86.80
C GLY W 51 -97.61 26.67 -87.61
N GLY W 52 -98.52 27.47 -87.07
CA GLY W 52 -98.96 28.67 -87.77
C GLY W 52 -99.09 29.87 -86.86
N ARG W 53 -98.32 29.89 -85.78
CA ARG W 53 -98.35 30.98 -84.80
C ARG W 53 -97.19 31.94 -85.04
N LYS W 54 -97.41 33.19 -84.64
CA LYS W 54 -96.42 34.25 -84.80
C LYS W 54 -96.18 34.92 -83.46
N ALA W 55 -94.94 35.32 -83.22
CA ALA W 55 -94.53 35.88 -81.94
C ALA W 55 -93.83 37.22 -82.14
N ILE W 56 -93.95 38.08 -81.13
CA ILE W 56 -93.41 39.42 -81.17
C ILE W 56 -92.46 39.60 -79.98
N ILE W 57 -91.27 40.10 -80.26
CA ILE W 57 -90.25 40.36 -79.24
C ILE W 57 -90.02 41.86 -79.19
N ILE W 58 -90.07 42.41 -77.98
CA ILE W 58 -89.85 43.84 -77.76
C ILE W 58 -88.61 44.00 -76.90
N PHE W 59 -87.60 44.65 -77.45
CA PHE W 59 -86.34 44.89 -76.77
C PHE W 59 -86.37 46.26 -76.12
N VAL W 60 -86.02 46.30 -74.84
CA VAL W 60 -86.14 47.48 -74.00
C VAL W 60 -84.77 47.75 -73.37
N PRO W 61 -84.52 48.99 -72.95
CA PRO W 61 -83.26 49.28 -72.25
C PRO W 61 -83.13 48.50 -70.95
N VAL W 62 -81.91 48.07 -70.66
CA VAL W 62 -81.65 47.31 -69.44
C VAL W 62 -82.00 48.09 -68.18
N PRO W 63 -81.60 49.37 -68.03
CA PRO W 63 -82.04 50.10 -66.82
C PRO W 63 -83.54 50.23 -66.70
N GLN W 64 -84.26 50.27 -67.82
CA GLN W 64 -85.71 50.42 -67.81
C GLN W 64 -86.44 49.08 -67.79
N LEU W 65 -85.71 47.96 -67.79
CA LEU W 65 -86.37 46.66 -67.77
C LEU W 65 -87.22 46.48 -66.52
N LYS W 66 -86.73 46.93 -65.36
CA LYS W 66 -87.52 46.78 -64.14
C LYS W 66 -88.82 47.57 -64.21
N SER W 67 -88.77 48.79 -64.73
CA SER W 67 -89.99 49.58 -64.88
C SER W 67 -90.94 48.96 -65.90
N PHE W 68 -90.40 48.42 -67.00
CA PHE W 68 -91.25 47.70 -67.94
C PHE W 68 -91.90 46.48 -67.28
N GLN W 69 -91.13 45.74 -66.49
CA GLN W 69 -91.67 44.54 -65.87
C GLN W 69 -92.72 44.87 -64.81
N LYS W 70 -92.59 46.03 -64.18
CA LYS W 70 -93.60 46.44 -63.18
C LYS W 70 -94.99 46.52 -63.79
N ILE W 71 -95.07 46.84 -65.08
CA ILE W 71 -96.35 46.93 -65.79
C ILE W 71 -96.54 45.83 -66.81
N GLN W 72 -95.57 44.94 -66.97
CA GLN W 72 -95.57 44.02 -68.10
C GLN W 72 -96.75 43.08 -68.06
N VAL W 73 -97.10 42.59 -66.86
CA VAL W 73 -98.26 41.73 -66.70
C VAL W 73 -99.55 42.45 -67.13
N ARG W 74 -99.54 43.78 -67.13
CA ARG W 74 -100.75 44.51 -67.49
C ARG W 74 -100.91 44.65 -69.00
N LEU W 75 -99.91 45.22 -69.68
CA LEU W 75 -100.13 45.59 -71.08
C LEU W 75 -100.01 44.41 -72.04
N VAL W 76 -99.69 43.21 -71.55
CA VAL W 76 -99.68 42.05 -72.45
C VAL W 76 -101.07 41.76 -72.99
N ARG W 77 -102.10 41.90 -72.15
CA ARG W 77 -103.46 41.71 -72.65
C ARG W 77 -103.86 42.82 -73.61
N GLU W 78 -103.38 44.05 -73.39
CA GLU W 78 -103.62 45.11 -74.36
C GLU W 78 -102.99 44.79 -75.70
N LEU W 79 -101.76 44.29 -75.68
CA LEU W 79 -101.10 43.90 -76.92
C LEU W 79 -101.80 42.72 -77.59
N GLU W 80 -102.32 41.77 -76.80
CA GLU W 80 -103.12 40.69 -77.36
C GLU W 80 -104.36 41.23 -78.04
N LYS W 81 -105.04 42.19 -77.43
CA LYS W 81 -106.22 42.78 -78.05
C LYS W 81 -105.86 43.53 -79.33
N LYS W 82 -104.72 44.24 -79.33
CA LYS W 82 -104.30 44.94 -80.53
C LYS W 82 -103.96 43.98 -81.65
N PHE W 83 -103.25 42.90 -81.34
CA PHE W 83 -102.87 41.89 -82.32
C PHE W 83 -103.26 40.52 -81.74
N SER W 84 -104.52 40.14 -81.94
CA SER W 84 -104.99 38.84 -81.48
C SER W 84 -104.21 37.70 -82.11
N GLY W 85 -103.94 36.67 -81.32
CA GLY W 85 -103.17 35.54 -81.76
C GLY W 85 -101.67 35.72 -81.70
N LYS W 86 -101.19 36.87 -81.29
CA LYS W 86 -99.76 37.16 -81.20
C LYS W 86 -99.34 37.21 -79.75
N HIS W 87 -98.29 36.48 -79.41
CA HIS W 87 -97.72 36.51 -78.07
C HIS W 87 -96.54 37.46 -78.05
N VAL W 88 -96.54 38.37 -77.08
CA VAL W 88 -95.54 39.43 -76.98
C VAL W 88 -94.65 39.15 -75.78
N VAL W 89 -93.34 39.30 -75.97
CA VAL W 89 -92.36 39.09 -74.91
C VAL W 89 -91.48 40.33 -74.82
N PHE W 90 -90.86 40.51 -73.66
CA PHE W 90 -90.03 41.68 -73.38
C PHE W 90 -88.63 41.22 -73.01
N ILE W 91 -87.64 41.61 -73.80
CA ILE W 91 -86.25 41.24 -73.62
C ILE W 91 -85.43 42.52 -73.56
N ALA W 92 -84.29 42.45 -72.87
CA ALA W 92 -83.36 43.57 -72.81
C ALA W 92 -82.11 43.25 -73.62
N GLN W 93 -81.67 44.22 -74.41
CA GLN W 93 -80.44 44.08 -75.19
C GLN W 93 -79.26 44.18 -74.23
N ARG W 94 -78.64 43.04 -73.91
CA ARG W 94 -77.64 42.98 -72.86
C ARG W 94 -76.22 43.18 -73.35
N ARG W 95 -76.01 43.44 -74.66
CA ARG W 95 -74.72 43.85 -75.19
C ARG W 95 -73.63 42.83 -74.87
N ILE W 96 -73.74 41.68 -75.53
CA ILE W 96 -72.78 40.59 -75.34
C ILE W 96 -71.44 41.03 -75.91
N LEU W 97 -70.46 41.25 -75.04
CA LEU W 97 -69.11 41.54 -75.49
C LEU W 97 -68.36 40.25 -75.84
N PRO W 98 -67.47 40.30 -76.81
CA PRO W 98 -66.70 39.10 -77.18
C PRO W 98 -65.70 38.74 -76.09
N LYS W 99 -65.38 37.45 -76.05
CA LYS W 99 -64.38 36.98 -75.10
C LYS W 99 -62.99 37.44 -75.53
N PRO W 100 -62.24 38.10 -74.65
CA PRO W 100 -60.91 38.60 -75.05
C PRO W 100 -59.96 37.45 -75.34
N THR W 101 -59.25 37.55 -76.45
CA THR W 101 -58.30 36.54 -76.89
C THR W 101 -56.89 37.12 -76.89
N ARG W 102 -55.94 36.31 -77.34
CA ARG W 102 -54.56 36.75 -77.44
C ARG W 102 -54.33 37.68 -78.63
N LYS W 103 -55.31 37.82 -79.51
CA LYS W 103 -55.15 38.63 -80.72
C LYS W 103 -55.78 40.00 -80.54
N LYS W 104 -54.74 51.35 -78.94
CA LYS W 104 -55.32 50.04 -78.66
C LYS W 104 -55.56 49.87 -77.16
N ASN W 105 -56.26 50.82 -76.56
CA ASN W 105 -56.53 50.81 -75.13
C ASN W 105 -57.96 50.36 -74.87
N LYS W 106 -58.11 49.25 -74.15
CA LYS W 106 -59.41 48.67 -73.85
C LYS W 106 -59.58 48.60 -72.32
N GLN W 107 -60.73 48.07 -71.92
CA GLN W 107 -61.10 47.97 -70.51
C GLN W 107 -61.57 46.56 -70.21
N LYS W 108 -61.50 46.21 -68.92
CA LYS W 108 -61.88 44.86 -68.49
C LYS W 108 -63.35 44.59 -68.78
N ARG W 109 -63.62 43.42 -69.34
CA ARG W 109 -64.99 43.03 -69.63
C ARG W 109 -65.68 42.59 -68.36
N PRO W 110 -66.77 43.23 -67.95
CA PRO W 110 -67.48 42.79 -66.75
C PRO W 110 -68.20 41.48 -66.99
N ARG W 111 -68.42 40.74 -65.91
CA ARG W 111 -69.04 39.42 -66.02
C ARG W 111 -70.49 39.51 -66.48
N SER W 112 -71.15 40.66 -66.28
CA SER W 112 -72.52 40.82 -66.73
C SER W 112 -72.64 40.85 -68.25
N ARG W 113 -71.56 41.19 -68.95
CA ARG W 113 -71.57 41.21 -70.41
C ARG W 113 -71.22 39.86 -71.02
N THR W 114 -70.73 38.90 -70.23
CA THR W 114 -70.33 37.62 -70.77
C THR W 114 -71.53 36.86 -71.29
N LEU W 115 -71.26 35.98 -72.27
CA LEU W 115 -72.33 35.30 -72.98
C LEU W 115 -73.16 34.42 -72.05
N THR W 116 -72.50 33.65 -71.19
CA THR W 116 -73.22 32.77 -70.30
C THR W 116 -74.09 33.54 -69.32
N ALA W 117 -73.69 34.76 -68.97
CA ALA W 117 -74.48 35.58 -68.06
C ALA W 117 -75.61 36.32 -68.74
N VAL W 118 -75.68 36.28 -70.07
CA VAL W 118 -76.73 36.97 -70.80
C VAL W 118 -77.88 36.04 -71.15
N HIS W 119 -77.57 34.79 -71.52
CA HIS W 119 -78.62 33.87 -71.96
C HIS W 119 -79.57 33.53 -70.82
N ASP W 120 -79.04 33.26 -69.62
CA ASP W 120 -79.93 33.00 -68.49
C ASP W 120 -80.75 34.23 -68.12
N ALA W 121 -80.14 35.42 -68.18
CA ALA W 121 -80.86 36.64 -67.84
C ALA W 121 -82.01 36.90 -68.81
N ILE W 122 -81.75 36.73 -70.11
CA ILE W 122 -82.81 36.94 -71.08
C ILE W 122 -83.86 35.85 -70.98
N LEU W 123 -83.47 34.63 -70.57
CA LEU W 123 -84.48 33.62 -70.29
C LEU W 123 -85.38 34.03 -69.13
N GLU W 124 -84.79 34.60 -68.08
CA GLU W 124 -85.57 35.06 -66.94
C GLU W 124 -86.56 36.15 -67.36
N ASP W 125 -86.07 37.19 -68.03
CA ASP W 125 -86.99 38.25 -68.43
C ASP W 125 -87.91 37.82 -69.56
N LEU W 126 -87.63 36.69 -70.21
CA LEU W 126 -88.56 36.12 -71.16
C LEU W 126 -89.73 35.46 -70.44
N VAL W 127 -89.45 34.73 -69.36
CA VAL W 127 -90.51 34.03 -68.65
C VAL W 127 -90.92 34.84 -67.42
N PHE W 128 -90.68 36.14 -67.47
CA PHE W 128 -90.90 37.04 -66.34
C PHE W 128 -92.20 36.83 -65.54
N PRO W 129 -93.37 36.55 -66.14
CA PRO W 129 -94.55 36.29 -65.29
C PRO W 129 -94.34 35.18 -64.29
N SER W 130 -93.48 34.23 -64.58
CA SER W 130 -93.01 33.24 -63.62
C SER W 130 -91.55 33.52 -63.30
N GLU W 131 -90.94 32.63 -62.51
CA GLU W 131 -89.51 32.70 -62.27
C GLU W 131 -88.92 31.29 -62.33
N ILE W 132 -87.65 31.22 -62.70
CA ILE W 132 -86.99 29.94 -62.87
C ILE W 132 -86.64 29.38 -61.49
N VAL W 133 -87.19 28.21 -61.17
CA VAL W 133 -86.91 27.54 -59.92
C VAL W 133 -85.94 26.39 -60.08
N GLY W 134 -85.50 26.11 -61.31
CA GLY W 134 -84.58 25.02 -61.55
C GLY W 134 -84.24 24.84 -63.01
N LYS W 135 -82.99 24.47 -63.28
CA LYS W 135 -82.50 24.28 -64.64
C LYS W 135 -81.78 22.93 -64.71
N ARG W 136 -82.12 22.14 -65.72
CA ARG W 136 -81.47 20.84 -65.92
C ARG W 136 -81.03 20.73 -67.37
N ILE W 137 -79.74 20.51 -67.60
CA ILE W 137 -79.18 20.41 -68.93
C ILE W 137 -78.89 18.94 -69.21
N ARG W 138 -79.52 18.39 -70.24
CA ARG W 138 -79.35 17.00 -70.63
C ARG W 138 -78.69 16.92 -71.99
N VAL W 139 -77.65 16.11 -72.11
CA VAL W 139 -76.92 15.94 -73.36
C VAL W 139 -77.47 14.70 -74.05
N LYS W 140 -78.01 14.87 -75.25
CA LYS W 140 -78.84 13.83 -75.88
C LYS W 140 -78.03 12.83 -76.68
N LEU W 141 -77.00 12.25 -76.06
CA LEU W 141 -76.30 11.06 -76.55
C LEU W 141 -75.51 11.34 -77.83
N ASP W 142 -75.62 12.54 -78.39
CA ASP W 142 -74.88 12.90 -79.59
C ASP W 142 -74.23 14.27 -79.48
N GLY W 143 -74.09 14.79 -78.27
CA GLY W 143 -73.46 16.07 -78.04
C GLY W 143 -74.41 17.25 -78.01
N SER W 144 -75.61 17.09 -78.56
CA SER W 144 -76.60 18.16 -78.49
C SER W 144 -77.13 18.28 -77.07
N ARG W 145 -77.47 19.51 -76.69
CA ARG W 145 -77.95 19.81 -75.35
C ARG W 145 -79.41 20.22 -75.41
N LEU W 146 -80.15 19.85 -74.37
CA LEU W 146 -81.51 20.28 -74.16
C LEU W 146 -81.61 20.85 -72.75
N ILE W 147 -82.13 22.07 -72.64
CA ILE W 147 -82.32 22.71 -71.35
C ILE W 147 -83.76 22.51 -70.92
N LYS W 148 -83.97 22.08 -69.68
CA LYS W 148 -85.28 21.92 -69.09
C LYS W 148 -85.41 22.94 -67.97
N VAL W 149 -86.41 23.81 -68.07
CA VAL W 149 -86.58 24.92 -67.14
C VAL W 149 -87.85 24.67 -66.34
N HIS W 150 -87.73 24.69 -65.01
CA HIS W 150 -88.86 24.50 -64.13
C HIS W 150 -89.43 25.86 -63.73
N LEU W 151 -90.72 26.04 -63.93
CA LEU W 151 -91.37 27.31 -63.69
C LEU W 151 -92.01 27.34 -62.30
N ASP W 152 -92.81 28.37 -62.06
CA ASP W 152 -93.29 28.65 -60.70
C ASP W 152 -94.18 27.55 -60.16
N LYS W 153 -95.11 27.06 -60.99
CA LYS W 153 -96.19 26.13 -60.64
C LYS W 153 -97.23 26.85 -59.80
N ALA W 154 -96.91 28.08 -59.35
CA ALA W 154 -97.86 28.87 -58.61
C ALA W 154 -98.95 29.43 -59.51
N GLN W 155 -98.58 29.90 -60.70
CA GLN W 155 -99.53 30.43 -61.66
C GLN W 155 -99.42 29.66 -62.96
N GLN W 156 -100.57 29.31 -63.52
CA GLN W 156 -100.64 28.61 -64.79
C GLN W 156 -101.56 29.27 -65.80
N ASN W 157 -102.28 30.32 -65.41
CA ASN W 157 -103.27 30.92 -66.29
C ASN W 157 -102.66 31.69 -67.45
N ASN W 158 -101.35 31.94 -67.42
CA ASN W 158 -100.73 32.79 -68.42
C ASN W 158 -99.45 32.20 -69.01
N VAL W 159 -99.13 30.94 -68.72
CA VAL W 159 -97.90 30.34 -69.22
C VAL W 159 -98.12 29.02 -69.93
N GLU W 160 -99.23 28.33 -69.69
CA GLU W 160 -99.49 27.06 -70.38
C GLU W 160 -99.58 27.27 -71.88
N HIS W 161 -100.19 28.36 -72.30
CA HIS W 161 -100.35 28.68 -73.71
C HIS W 161 -99.15 29.39 -74.30
N LYS W 162 -98.11 29.67 -73.51
CA LYS W 162 -96.95 30.41 -73.99
C LYS W 162 -95.63 29.68 -73.80
N VAL W 163 -95.64 28.47 -73.22
CA VAL W 163 -94.40 27.71 -73.12
C VAL W 163 -93.80 27.44 -74.50
N GLU W 164 -94.64 27.08 -75.47
CA GLU W 164 -94.12 26.80 -76.82
C GLU W 164 -93.54 28.05 -77.46
N THR W 165 -94.20 29.19 -77.28
CA THR W 165 -93.65 30.44 -77.80
C THR W 165 -92.34 30.80 -77.12
N PHE W 166 -92.25 30.56 -75.81
CA PHE W 166 -91.00 30.80 -75.10
C PHE W 166 -89.87 29.96 -75.67
N SER W 167 -90.14 28.66 -75.90
CA SER W 167 -89.11 27.80 -76.45
C SER W 167 -88.71 28.25 -77.86
N GLY W 168 -89.69 28.64 -78.68
CA GLY W 168 -89.38 29.10 -80.02
C GLY W 168 -88.53 30.36 -80.03
N VAL W 169 -88.89 31.35 -79.21
CA VAL W 169 -88.14 32.60 -79.21
C VAL W 169 -86.76 32.39 -78.61
N TYR W 170 -86.64 31.52 -77.61
CA TYR W 170 -85.32 31.25 -77.05
C TYR W 170 -84.44 30.56 -78.07
N LYS W 171 -84.99 29.61 -78.83
CA LYS W 171 -84.23 28.98 -79.90
C LYS W 171 -83.86 29.99 -80.97
N LYS W 172 -84.74 30.96 -81.23
CA LYS W 172 -84.45 31.96 -82.25
C LYS W 172 -83.29 32.85 -81.85
N LEU W 173 -83.42 33.55 -80.72
CA LEU W 173 -82.44 34.56 -80.35
C LEU W 173 -81.29 34.01 -79.52
N THR W 174 -81.27 32.72 -79.22
CA THR W 174 -80.17 32.12 -78.46
C THR W 174 -79.50 30.99 -79.23
N GLY W 175 -80.28 30.06 -79.78
CA GLY W 175 -79.76 28.99 -80.58
C GLY W 175 -79.74 27.62 -79.94
N LYS W 176 -80.06 27.52 -78.66
CA LYS W 176 -80.01 26.24 -77.95
C LYS W 176 -81.42 25.79 -77.58
N ASP W 177 -81.65 24.47 -77.68
CA ASP W 177 -82.97 23.90 -77.46
C ASP W 177 -83.36 23.96 -75.99
N VAL W 178 -84.58 24.42 -75.74
CA VAL W 178 -85.09 24.55 -74.38
C VAL W 178 -86.54 24.08 -74.36
N ASN W 179 -86.99 23.62 -73.19
CA ASN W 179 -88.38 23.32 -72.96
C ASN W 179 -88.68 23.53 -71.47
N PHE W 180 -89.95 23.75 -71.17
CA PHE W 180 -90.36 24.21 -69.85
C PHE W 180 -91.33 23.21 -69.24
N GLU W 181 -91.28 23.09 -67.92
CA GLU W 181 -92.16 22.20 -67.19
C GLU W 181 -92.42 22.77 -65.80
N PHE W 182 -93.47 22.26 -65.17
CA PHE W 182 -93.91 22.74 -63.87
C PHE W 182 -93.84 21.60 -62.87
N PRO W 183 -92.90 21.63 -61.93
CA PRO W 183 -92.73 20.50 -61.02
C PRO W 183 -93.80 20.52 -59.93
N GLU W 184 -93.77 19.50 -59.08
CA GLU W 184 -94.70 19.41 -57.96
C GLU W 184 -94.24 20.36 -56.85
N PHE W 185 -94.89 20.26 -55.69
CA PHE W 185 -94.56 21.11 -54.56
C PHE W 185 -93.12 20.90 -54.14
N GLN W 186 -92.46 21.99 -53.75
CA GLN W 186 -91.04 21.95 -53.41
C GLN W 186 -90.81 22.32 -51.95
N GLY X 1 3.95 37.90 -65.24
CA GLY X 1 4.01 39.33 -64.94
C GLY X 1 2.70 39.85 -64.39
N ILE X 2 2.47 41.15 -64.57
CA ILE X 2 1.19 41.73 -64.20
C ILE X 2 0.13 41.13 -65.11
N SER X 3 -0.97 40.68 -64.51
CA SER X 3 -2.01 39.99 -65.23
C SER X 3 -3.32 40.74 -65.16
N ARG X 4 -4.11 40.61 -66.22
CA ARG X 4 -5.46 41.17 -66.29
C ARG X 4 -6.53 40.10 -66.29
N ASP X 5 -6.18 38.90 -65.85
CA ASP X 5 -7.11 37.78 -65.91
C ASP X 5 -8.27 37.99 -64.93
N ASN X 6 -9.42 37.46 -65.29
CA ASN X 6 -10.61 37.59 -64.45
C ASN X 6 -10.68 36.53 -63.37
N TRP X 7 -9.93 35.44 -63.50
CA TRP X 7 -10.10 34.30 -62.63
C TRP X 7 -9.31 34.40 -61.34
N HIS X 8 -8.55 35.48 -61.14
CA HIS X 8 -7.96 35.71 -59.83
C HIS X 8 -8.92 36.40 -58.88
N LYS X 9 -10.07 36.85 -59.37
CA LYS X 9 -11.07 37.50 -58.54
C LYS X 9 -12.05 36.48 -58.00
N ARG X 10 -12.66 36.82 -56.86
CA ARG X 10 -13.76 36.02 -56.35
C ARG X 10 -14.95 36.11 -57.29
N ARG X 11 -15.73 35.05 -57.34
CA ARG X 11 -16.93 35.04 -58.16
C ARG X 11 -18.01 35.91 -57.51
N LYS X 12 -19.17 35.96 -58.17
CA LYS X 12 -20.24 36.84 -57.73
C LYS X 12 -20.75 36.45 -56.34
N THR X 13 -20.78 35.15 -56.05
CA THR X 13 -21.26 34.68 -54.76
C THR X 13 -20.27 34.91 -53.62
N GLY X 14 -19.05 35.33 -53.94
CA GLY X 14 -18.01 35.47 -52.94
C GLY X 14 -17.10 34.27 -52.80
N GLY X 15 -17.42 33.15 -53.43
CA GLY X 15 -16.59 31.97 -53.32
C GLY X 15 -15.29 32.12 -54.09
N LYS X 16 -14.26 31.43 -53.62
CA LYS X 16 -12.96 31.47 -54.26
C LYS X 16 -12.94 30.63 -55.52
N ARG X 17 -12.27 31.14 -56.54
CA ARG X 17 -12.14 30.45 -57.82
C ARG X 17 -10.75 29.86 -57.96
N LYS X 18 -10.68 28.60 -58.33
CA LYS X 18 -9.40 27.94 -58.56
C LYS X 18 -9.00 28.09 -60.03
N PRO X 19 -7.81 28.60 -60.32
CA PRO X 19 -7.38 28.72 -61.72
C PRO X 19 -7.20 27.35 -62.35
N TYR X 20 -7.51 27.29 -63.64
CA TYR X 20 -7.36 26.06 -64.41
C TYR X 20 -6.24 26.12 -65.42
N HIS X 21 -5.53 27.24 -65.51
CA HIS X 21 -4.33 27.35 -66.31
C HIS X 21 -3.42 28.40 -65.69
N LYS X 22 -2.14 28.35 -66.05
CA LYS X 22 -1.24 29.40 -65.61
C LYS X 22 -1.43 30.64 -66.46
N LYS X 23 -0.77 31.73 -66.05
CA LYS X 23 -0.97 33.02 -66.69
C LYS X 23 -0.62 32.99 -68.16
N ARG X 24 -1.63 33.13 -69.02
CA ARG X 24 -1.38 33.20 -70.45
C ARG X 24 -0.79 34.54 -70.82
N LYS X 25 -0.21 34.60 -72.02
CA LYS X 25 0.46 35.82 -72.43
C LYS X 25 -0.53 36.94 -72.75
N TYR X 26 -1.63 36.61 -73.43
CA TYR X 26 -2.52 37.65 -73.93
C TYR X 26 -3.13 38.47 -72.82
N GLU X 27 -3.26 37.90 -71.62
CA GLU X 27 -3.76 38.62 -70.46
C GLU X 27 -2.64 39.19 -69.60
N LEU X 28 -1.71 39.91 -70.22
CA LEU X 28 -0.62 40.53 -69.49
C LEU X 28 -0.90 41.99 -69.23
N GLY X 29 -0.25 42.53 -68.19
CA GLY X 29 -0.26 43.95 -67.93
C GLY X 29 1.16 44.48 -67.89
N ARG X 30 1.33 45.78 -68.03
CA ARG X 30 2.64 46.40 -68.08
C ARG X 30 2.70 47.56 -67.11
N PRO X 31 3.90 47.97 -66.68
CA PRO X 31 4.01 49.07 -65.72
C PRO X 31 3.41 50.36 -66.27
N ALA X 32 2.93 51.18 -65.33
CA ALA X 32 2.25 52.42 -65.70
C ALA X 32 3.21 53.38 -66.38
N ALA X 33 2.64 54.25 -67.22
CA ALA X 33 3.45 55.24 -67.92
C ALA X 33 4.05 56.25 -66.94
N ASN X 34 3.22 56.83 -66.09
CA ASN X 34 3.63 57.88 -65.15
C ASN X 34 4.32 59.02 -65.89
N THR X 35 3.66 59.52 -66.93
CA THR X 35 4.20 60.59 -67.73
C THR X 35 4.38 61.86 -66.91
N LYS X 36 5.56 62.46 -67.00
CA LYS X 36 5.89 63.66 -66.26
C LYS X 36 5.99 64.85 -67.20
N ILE X 37 6.39 65.99 -66.65
CA ILE X 37 6.59 67.23 -67.40
C ILE X 37 8.09 67.45 -67.55
N GLY X 38 8.54 67.56 -68.79
CA GLY X 38 9.95 67.77 -69.07
C GLY X 38 10.27 67.60 -70.53
N PRO X 39 11.55 67.47 -70.86
CA PRO X 39 11.96 67.26 -72.25
C PRO X 39 11.37 65.96 -72.80
N ARG X 40 11.05 65.99 -74.10
CA ARG X 40 10.32 64.89 -74.73
C ARG X 40 11.08 63.58 -74.61
N ARG X 41 10.38 62.53 -74.22
CA ARG X 41 10.97 61.20 -74.12
C ARG X 41 9.87 60.18 -74.31
N ILE X 42 10.01 59.34 -75.34
CA ILE X 42 8.98 58.40 -75.74
C ILE X 42 9.65 57.06 -76.03
N HIS X 43 9.14 55.99 -75.40
CA HIS X 43 9.65 54.65 -75.62
C HIS X 43 8.62 53.83 -76.38
N THR X 44 9.07 53.19 -77.45
CA THR X 44 8.22 52.30 -78.22
C THR X 44 8.10 50.95 -77.54
N VAL X 45 6.87 50.44 -77.45
CA VAL X 45 6.63 49.10 -76.96
C VAL X 45 5.87 48.32 -78.02
N ARG X 46 6.33 47.10 -78.28
CA ARG X 46 5.63 46.18 -79.16
C ARG X 46 4.43 45.59 -78.44
N VAL X 47 3.30 45.56 -79.13
CA VAL X 47 2.07 45.06 -78.52
C VAL X 47 1.55 43.88 -79.32
N ARG X 48 0.39 43.36 -78.91
CA ARG X 48 -0.22 42.21 -79.58
C ARG X 48 -0.45 42.51 -81.05
N GLY X 49 -0.12 41.53 -81.89
CA GLY X 49 -0.26 41.69 -83.32
C GLY X 49 0.91 42.36 -84.02
N GLY X 50 1.99 42.65 -83.31
CA GLY X 50 3.11 43.33 -83.88
C GLY X 50 2.97 44.83 -83.97
N ASN X 51 1.88 45.39 -83.45
CA ASN X 51 1.67 46.83 -83.53
C ASN X 51 2.54 47.55 -82.50
N LYS X 52 2.47 48.87 -82.53
CA LYS X 52 3.39 49.73 -81.80
C LYS X 52 2.61 50.70 -80.92
N LYS X 53 3.01 50.79 -79.65
CA LYS X 53 2.44 51.74 -78.72
C LYS X 53 3.55 52.65 -78.23
N TYR X 54 3.21 53.90 -77.93
CA TYR X 54 4.17 54.92 -77.54
C TYR X 54 3.99 55.23 -76.07
N ARG X 55 4.79 54.60 -75.21
CA ARG X 55 4.79 54.93 -73.79
C ARG X 55 5.58 56.22 -73.64
N ALA X 56 4.87 57.33 -73.48
CA ALA X 56 5.50 58.63 -73.34
C ALA X 56 5.76 58.89 -71.87
N LEU X 57 7.03 59.13 -71.54
CA LEU X 57 7.43 59.28 -70.15
C LEU X 57 7.55 60.73 -69.70
N ARG X 58 7.89 61.63 -70.62
CA ARG X 58 7.98 63.05 -70.31
C ARG X 58 7.45 63.84 -71.50
N LEU X 59 6.63 64.85 -71.23
CA LEU X 59 6.12 65.74 -72.25
C LEU X 59 6.35 67.18 -71.83
N ASP X 60 6.43 68.05 -72.84
CA ASP X 60 6.44 69.49 -72.62
C ASP X 60 5.54 70.24 -73.59
N VAL X 61 5.16 69.64 -74.72
CA VAL X 61 4.39 70.31 -75.76
C VAL X 61 3.13 69.48 -76.02
N GLY X 62 2.01 70.17 -76.12
CA GLY X 62 0.74 69.51 -76.40
C GLY X 62 -0.08 70.32 -77.37
N ASN X 63 -0.86 69.61 -78.19
CA ASN X 63 -1.75 70.23 -79.16
C ASN X 63 -3.11 70.41 -78.50
N PHE X 64 -3.50 71.66 -78.28
CA PHE X 64 -4.74 71.96 -77.57
C PHE X 64 -5.69 72.72 -78.47
N SER X 65 -6.97 72.61 -78.14
CA SER X 65 -8.06 73.13 -78.96
C SER X 65 -8.84 74.18 -78.19
N TRP X 66 -9.01 75.36 -78.79
CA TRP X 66 -9.88 76.37 -78.18
C TRP X 66 -11.32 75.92 -78.17
N GLY X 67 -11.78 75.30 -79.24
CA GLY X 67 -13.15 74.82 -79.32
C GLY X 67 -14.10 75.90 -79.77
N SER X 68 -14.29 76.92 -78.92
CA SER X 68 -15.20 78.02 -79.27
C SER X 68 -14.69 78.78 -80.49
N GLU X 69 -13.38 79.01 -80.56
CA GLU X 69 -12.79 79.72 -81.67
C GLU X 69 -12.36 78.80 -82.81
N CYS X 70 -12.44 77.48 -82.60
CA CYS X 70 -12.05 76.48 -83.60
C CYS X 70 -10.59 76.68 -84.04
N CYS X 71 -9.72 77.02 -83.08
CA CYS X 71 -8.30 77.17 -83.32
C CYS X 71 -7.54 76.19 -82.46
N THR X 72 -6.67 75.40 -83.08
CA THR X 72 -5.89 74.39 -82.37
C THR X 72 -4.42 74.67 -82.56
N ARG X 73 -3.69 74.75 -81.45
CA ARG X 73 -2.30 75.18 -81.48
C ARG X 73 -1.44 74.22 -80.68
N LYS X 74 -0.18 74.13 -81.08
CA LYS X 74 0.79 73.23 -80.45
C LYS X 74 1.56 73.98 -79.37
N THR X 75 0.88 74.19 -78.25
CA THR X 75 1.42 75.01 -77.17
C THR X 75 2.26 74.16 -76.23
N ARG X 76 2.76 74.77 -75.16
CA ARG X 76 3.53 74.04 -74.16
C ARG X 76 2.70 73.86 -72.89
N ILE X 77 3.07 72.84 -72.12
CA ILE X 77 2.37 72.49 -70.88
C ILE X 77 3.18 72.99 -69.70
N ILE X 78 2.51 73.67 -68.77
CA ILE X 78 3.20 74.25 -67.63
C ILE X 78 3.31 73.24 -66.50
N ASP X 79 2.19 72.75 -66.00
CA ASP X 79 2.16 71.81 -64.88
C ASP X 79 0.75 71.20 -64.79
N VAL X 80 0.56 70.39 -63.76
CA VAL X 80 -0.72 69.73 -63.48
C VAL X 80 -1.34 70.42 -62.27
N VAL X 81 -2.60 70.82 -62.40
CA VAL X 81 -3.27 71.54 -61.32
C VAL X 81 -4.45 70.79 -60.72
N TYR X 82 -5.06 69.86 -61.44
CA TYR X 82 -6.18 69.12 -60.88
C TYR X 82 -6.27 67.74 -61.53
N ASN X 83 -6.70 66.75 -60.74
CA ASN X 83 -6.95 65.42 -61.24
C ASN X 83 -8.11 64.81 -60.47
N ALA X 84 -9.08 64.27 -61.20
CA ALA X 84 -10.24 63.68 -60.53
C ALA X 84 -9.90 62.36 -59.87
N SER X 85 -8.84 61.68 -60.34
CA SER X 85 -8.53 60.36 -59.82
C SER X 85 -7.91 60.45 -58.42
N ASN X 86 -6.77 61.12 -58.30
CA ASN X 86 -6.08 61.20 -57.02
C ASN X 86 -5.28 62.49 -56.97
N ASN X 87 -5.17 63.04 -55.75
CA ASN X 87 -4.47 64.30 -55.57
C ASN X 87 -2.97 64.13 -55.63
N GLU X 88 -2.47 62.93 -55.31
CA GLU X 88 -1.04 62.68 -55.40
C GLU X 88 -0.54 62.77 -56.83
N LEU X 89 -1.40 62.53 -57.83
CA LEU X 89 -1.00 62.74 -59.21
C LEU X 89 -0.66 64.19 -59.46
N VAL X 90 -1.48 65.11 -58.94
CA VAL X 90 -1.17 66.53 -59.05
C VAL X 90 0.08 66.86 -58.25
N ARG X 91 0.24 66.23 -57.08
CA ARG X 91 1.42 66.48 -56.26
C ARG X 91 2.71 66.13 -57.00
N THR X 92 2.70 65.01 -57.72
CA THR X 92 3.88 64.56 -58.45
C THR X 92 3.91 65.03 -59.90
N LYS X 93 2.91 65.80 -60.33
CA LYS X 93 2.88 66.43 -61.66
C LYS X 93 2.95 65.38 -62.77
N THR X 94 1.91 64.55 -62.83
CA THR X 94 1.81 63.46 -63.78
C THR X 94 0.65 63.68 -64.73
N LEU X 95 0.90 63.53 -66.03
CA LEU X 95 -0.12 63.68 -67.05
C LEU X 95 -0.88 62.38 -67.24
N VAL X 96 -2.21 62.46 -67.24
CA VAL X 96 -3.09 61.34 -67.53
C VAL X 96 -4.17 61.82 -68.49
N LYS X 97 -5.11 60.93 -68.80
CA LYS X 97 -6.07 61.19 -69.86
C LYS X 97 -7.05 62.32 -69.52
N ASN X 98 -7.31 62.59 -68.25
CA ASN X 98 -8.30 63.58 -67.88
C ASN X 98 -7.75 64.69 -66.98
N CYS X 99 -6.44 64.77 -66.82
CA CYS X 99 -5.90 65.75 -65.89
C CYS X 99 -6.03 67.17 -66.45
N ILE X 100 -6.11 68.12 -65.52
CA ILE X 100 -6.23 69.53 -65.83
C ILE X 100 -4.84 70.16 -65.73
N VAL X 101 -4.40 70.77 -66.81
CA VAL X 101 -3.05 71.28 -66.93
C VAL X 101 -3.08 72.74 -67.34
N LEU X 102 -2.03 73.46 -66.97
CA LEU X 102 -1.84 74.82 -67.45
C LEU X 102 -1.01 74.82 -68.73
N ILE X 103 -1.34 75.75 -69.63
CA ILE X 103 -0.63 75.90 -70.88
C ILE X 103 -0.35 77.39 -71.09
N ASP X 104 0.60 77.66 -71.97
CA ASP X 104 0.90 79.02 -72.36
C ASP X 104 -0.22 79.56 -73.25
N SER X 105 -0.57 80.82 -73.05
CA SER X 105 -1.63 81.47 -73.80
C SER X 105 -1.12 82.18 -75.05
N THR X 106 0.18 82.13 -75.31
CA THR X 106 0.75 82.88 -76.43
C THR X 106 0.20 82.49 -77.81
N PRO X 107 0.05 81.20 -78.18
CA PRO X 107 -0.41 80.94 -79.56
C PRO X 107 -1.84 81.35 -79.80
N TYR X 108 -2.73 81.13 -78.81
CA TYR X 108 -4.11 81.58 -78.97
C TYR X 108 -4.23 83.09 -78.90
N ARG X 109 -3.39 83.73 -78.08
CA ARG X 109 -3.35 85.20 -78.10
C ARG X 109 -2.93 85.71 -79.46
N GLN X 110 -1.92 85.08 -80.06
CA GLN X 110 -1.47 85.48 -81.40
C GLN X 110 -2.57 85.24 -82.43
N TRP X 111 -3.28 84.12 -82.33
CA TRP X 111 -4.39 83.85 -83.22
C TRP X 111 -5.46 84.93 -83.12
N TYR X 112 -5.82 85.29 -81.89
CA TYR X 112 -6.84 86.32 -81.70
C TYR X 112 -6.39 87.65 -82.27
N GLU X 113 -5.14 88.04 -81.99
CA GLU X 113 -4.64 89.32 -82.47
C GLU X 113 -4.58 89.36 -83.99
N SER X 114 -4.16 88.26 -84.62
CA SER X 114 -4.01 88.23 -86.06
C SER X 114 -5.31 87.98 -86.80
N HIS X 115 -6.35 87.51 -86.12
CA HIS X 115 -7.62 87.22 -86.77
C HIS X 115 -8.66 88.31 -86.51
N TYR X 116 -8.94 88.60 -85.24
CA TYR X 116 -9.97 89.58 -84.91
C TYR X 116 -9.42 91.00 -84.83
N ALA X 117 -8.10 91.14 -84.66
CA ALA X 117 -7.44 92.44 -84.52
C ALA X 117 -8.01 93.23 -83.34
N LEU X 118 -8.30 92.52 -82.25
CA LEU X 118 -8.61 93.16 -80.99
C LEU X 118 -7.46 92.92 -80.03
N PRO X 119 -6.83 93.96 -79.49
CA PRO X 119 -5.78 93.74 -78.48
C PRO X 119 -6.34 93.06 -77.25
N LEU X 120 -5.91 91.83 -77.00
CA LEU X 120 -6.41 91.00 -75.91
C LEU X 120 -5.24 90.46 -75.11
N GLY X 121 -5.39 90.46 -73.79
CA GLY X 121 -4.31 90.08 -72.91
C GLY X 121 -3.34 91.19 -72.61
N ARG X 122 -3.56 92.39 -73.14
CA ARG X 122 -2.71 93.54 -72.92
C ARG X 122 -3.46 94.57 -72.10
N LYS X 123 -2.85 95.03 -71.01
CA LYS X 123 -3.52 95.96 -70.11
C LYS X 123 -3.56 97.37 -70.69
N LYS X 124 -2.39 97.94 -70.97
CA LYS X 124 -2.28 99.31 -71.46
C LYS X 124 -1.80 99.38 -72.90
N GLY X 125 -0.68 98.74 -73.22
CA GLY X 125 -0.16 98.73 -74.57
C GLY X 125 1.00 99.68 -74.76
N ALA X 126 1.34 99.89 -76.03
CA ALA X 126 2.47 100.71 -76.45
C ALA X 126 3.76 100.26 -75.80
N LYS X 127 3.94 98.93 -75.73
CA LYS X 127 5.13 98.34 -75.11
C LYS X 127 5.82 97.41 -76.10
N LEU X 128 5.05 96.89 -77.06
CA LEU X 128 5.58 96.01 -78.09
C LEU X 128 5.37 96.65 -79.45
N THR X 129 5.70 97.93 -79.55
CA THR X 129 5.34 98.75 -80.71
C THR X 129 5.73 98.18 -82.07
N PRO X 130 6.93 97.63 -82.29
CA PRO X 130 7.27 97.16 -83.65
C PRO X 130 6.36 96.08 -84.20
N GLU X 131 5.68 95.30 -83.36
CA GLU X 131 4.93 94.14 -83.84
C GLU X 131 3.42 94.29 -83.66
N GLU X 132 2.95 94.55 -82.44
CA GLU X 132 1.51 94.53 -82.19
C GLU X 132 0.82 95.78 -82.76
N GLU X 133 1.54 96.89 -82.85
CA GLU X 133 0.95 98.07 -83.48
C GLU X 133 0.67 97.83 -84.95
N GLU X 134 1.56 97.12 -85.63
CA GLU X 134 1.37 96.79 -87.03
C GLU X 134 0.11 95.96 -87.24
N ILE X 135 -0.15 95.00 -86.36
CA ILE X 135 -1.31 94.14 -86.55
C ILE X 135 -2.60 94.77 -86.03
N LEU X 136 -2.53 95.74 -85.12
CA LEU X 136 -3.75 96.45 -84.76
C LEU X 136 -4.13 97.49 -85.83
N ASN X 137 -3.15 98.08 -86.50
CA ASN X 137 -3.46 99.10 -87.51
C ASN X 137 -3.64 98.50 -88.89
N LYS X 138 -2.57 97.89 -89.44
CA LYS X 138 -2.55 97.15 -90.69
C LYS X 138 -2.76 98.01 -91.93
N LYS X 139 -3.11 99.29 -91.73
CA LYS X 139 -3.35 100.29 -92.78
C LYS X 139 -4.02 99.69 -94.02
N ARG X 140 -5.06 98.90 -93.79
CA ARG X 140 -5.65 98.12 -94.87
C ARG X 140 -6.73 98.91 -95.60
N SER X 141 -7.27 98.30 -96.65
CA SER X 141 -8.23 98.96 -97.53
C SER X 141 -9.61 98.95 -96.87
N LYS X 142 -10.64 99.30 -97.64
CA LYS X 142 -11.97 99.50 -97.08
C LYS X 142 -12.83 98.24 -97.08
N LYS X 143 -12.70 97.39 -98.10
CA LYS X 143 -13.55 96.20 -98.16
C LYS X 143 -13.16 95.18 -97.09
N ILE X 144 -11.87 94.95 -96.90
CA ILE X 144 -11.45 94.04 -95.84
C ILE X 144 -11.68 94.66 -94.47
N GLN X 145 -11.65 95.98 -94.36
CA GLN X 145 -12.03 96.62 -93.11
C GLN X 145 -13.51 96.43 -92.82
N LYS X 146 -14.34 96.47 -93.87
CA LYS X 146 -15.74 96.11 -93.73
C LYS X 146 -15.91 94.66 -93.32
N LYS X 147 -15.01 93.79 -93.78
CA LYS X 147 -15.03 92.41 -93.31
C LYS X 147 -14.60 92.30 -91.85
N TYR X 148 -13.73 93.20 -91.40
CA TYR X 148 -13.19 93.10 -90.04
C TYR X 148 -14.16 93.65 -89.01
N ASP X 149 -14.79 94.80 -89.30
CA ASP X 149 -15.55 95.49 -88.27
C ASP X 149 -16.78 94.70 -87.84
N GLU X 150 -17.27 93.81 -88.70
CA GLU X 150 -18.34 92.90 -88.28
C GLU X 150 -17.81 91.78 -87.40
N ARG X 151 -16.60 91.28 -87.69
CA ARG X 151 -15.95 90.34 -86.79
C ARG X 151 -15.67 90.96 -85.43
N LYS X 152 -15.51 92.28 -85.38
CA LYS X 152 -15.36 92.98 -84.11
C LYS X 152 -16.58 92.78 -83.22
N LYS X 153 -17.77 92.60 -83.82
CA LYS X 153 -18.98 92.41 -83.02
C LYS X 153 -18.97 91.06 -82.32
N ASN X 154 -18.67 89.99 -83.05
CA ASN X 154 -18.69 88.66 -82.45
C ASN X 154 -17.39 88.31 -81.74
N ALA X 155 -16.36 89.16 -81.83
CA ALA X 155 -15.10 88.92 -81.11
C ALA X 155 -15.23 89.33 -79.64
N LYS X 156 -16.15 88.67 -78.95
CA LYS X 156 -16.38 88.88 -77.53
C LYS X 156 -16.01 87.61 -76.79
N ILE X 157 -15.20 87.74 -75.74
CA ILE X 157 -14.69 86.62 -74.97
C ILE X 157 -15.12 86.78 -73.53
N SER X 158 -15.45 85.67 -72.88
CA SER X 158 -15.91 85.69 -71.50
C SER X 158 -14.81 86.21 -70.58
N SER X 159 -15.25 86.84 -69.47
CA SER X 159 -14.31 87.45 -68.55
C SER X 159 -13.38 86.43 -67.91
N LEU X 160 -13.82 85.19 -67.77
CA LEU X 160 -12.96 84.15 -67.23
C LEU X 160 -11.77 83.89 -68.13
N LEU X 161 -12.03 83.76 -69.44
CA LEU X 161 -10.92 83.60 -70.38
C LEU X 161 -10.11 84.87 -70.49
N GLU X 162 -10.73 86.04 -70.32
CA GLU X 162 -9.98 87.28 -70.27
C GLU X 162 -8.96 87.26 -69.13
N GLU X 163 -9.42 86.83 -67.95
CA GLU X 163 -8.53 86.75 -66.79
C GLU X 163 -7.44 85.71 -67.00
N GLN X 164 -7.79 84.57 -67.62
CA GLN X 164 -6.78 83.57 -67.94
C GLN X 164 -5.71 84.13 -68.87
N PHE X 165 -6.13 84.88 -69.90
CA PHE X 165 -5.18 85.45 -70.84
C PHE X 165 -4.33 86.51 -70.17
N GLN X 166 -4.92 87.32 -69.29
CA GLN X 166 -4.15 88.30 -68.54
C GLN X 166 -3.11 87.62 -67.68
N GLN X 167 -3.48 86.51 -67.04
CA GLN X 167 -2.53 85.77 -66.21
C GLN X 167 -1.46 85.08 -67.05
N GLY X 168 -1.75 84.79 -68.32
CA GLY X 168 -0.81 84.13 -69.20
C GLY X 168 -0.86 82.63 -69.15
N LYS X 169 -1.62 82.04 -68.24
CA LYS X 169 -1.75 80.60 -68.11
C LYS X 169 -3.21 80.22 -68.36
N LEU X 170 -3.42 79.31 -69.30
CA LEU X 170 -4.75 78.80 -69.59
C LEU X 170 -4.89 77.40 -68.99
N LEU X 171 -5.90 77.21 -68.17
CA LEU X 171 -6.15 75.88 -67.63
C LEU X 171 -7.06 75.10 -68.58
N ALA X 172 -6.73 73.84 -68.79
CA ALA X 172 -7.32 73.05 -69.85
C ALA X 172 -7.33 71.58 -69.45
N CYS X 173 -7.93 70.75 -70.28
CA CYS X 173 -8.13 69.34 -69.99
C CYS X 173 -7.43 68.49 -71.04
N ILE X 174 -6.73 67.46 -70.58
CA ILE X 174 -6.18 66.47 -71.51
C ILE X 174 -7.31 65.63 -72.07
N ALA X 175 -7.18 65.19 -73.33
CA ALA X 175 -8.16 64.31 -73.94
C ALA X 175 -7.56 63.04 -74.50
N SER X 176 -6.28 63.05 -74.89
CA SER X 176 -5.62 61.87 -75.41
C SER X 176 -5.06 61.06 -74.25
N ARG X 177 -4.39 59.96 -74.57
CA ARG X 177 -3.85 59.06 -73.56
C ARG X 177 -2.33 59.08 -73.60
N PRO X 178 -1.67 59.86 -72.74
CA PRO X 178 -0.21 59.79 -72.67
C PRO X 178 0.23 58.48 -72.05
N GLY X 179 0.75 57.58 -72.88
CA GLY X 179 1.06 56.24 -72.42
C GLY X 179 0.54 55.21 -73.38
N GLN X 180 -0.41 55.61 -74.22
CA GLN X 180 -0.91 54.77 -75.29
C GLN X 180 -0.61 55.37 -76.66
N CYS X 181 -0.96 56.62 -76.90
CA CYS X 181 -0.68 57.29 -78.16
C CYS X 181 0.59 58.12 -78.12
N GLY X 182 1.18 58.32 -76.96
CA GLY X 182 2.42 59.05 -76.87
C GLY X 182 2.32 60.54 -77.05
N ARG X 183 1.13 61.12 -76.92
CA ARG X 183 0.96 62.55 -77.03
C ARG X 183 -0.01 63.01 -75.94
N ALA X 184 -0.14 64.33 -75.83
CA ALA X 184 -0.91 64.96 -74.76
C ALA X 184 -1.86 65.99 -75.33
N ASP X 185 -2.63 65.60 -76.34
CA ASP X 185 -3.61 66.50 -76.93
C ASP X 185 -4.70 66.84 -75.92
N GLY X 186 -5.30 68.01 -76.09
CA GLY X 186 -6.31 68.45 -75.16
C GLY X 186 -7.13 69.61 -75.66
N TYR X 187 -7.98 70.13 -74.78
CA TYR X 187 -8.83 71.25 -75.13
C TYR X 187 -8.97 72.19 -73.94
N VAL X 188 -9.13 73.47 -74.25
CA VAL X 188 -9.21 74.51 -73.24
C VAL X 188 -10.57 74.44 -72.56
N LEU X 189 -10.57 74.51 -71.24
CA LEU X 189 -11.81 74.49 -70.49
C LEU X 189 -12.55 75.82 -70.65
N GLU X 190 -13.87 75.73 -70.81
CA GLU X 190 -14.70 76.90 -71.05
C GLU X 190 -16.04 76.70 -70.37
N GLY X 191 -16.70 77.83 -70.10
CA GLY X 191 -18.08 77.80 -69.65
C GLY X 191 -18.26 77.18 -68.26
N LYS X 192 -19.37 76.46 -68.10
CA LYS X 192 -19.69 75.87 -66.82
C LYS X 192 -18.68 74.81 -66.41
N GLU X 193 -18.08 74.13 -67.38
CA GLU X 193 -16.99 73.21 -67.07
C GLU X 193 -15.82 73.96 -66.45
N LEU X 194 -15.46 75.10 -67.03
CA LEU X 194 -14.38 75.91 -66.48
C LEU X 194 -14.74 76.41 -65.09
N GLU X 195 -15.99 76.82 -64.89
CA GLU X 195 -16.41 77.29 -63.57
C GLU X 195 -16.32 76.17 -62.53
N PHE X 196 -16.79 74.97 -62.89
CA PHE X 196 -16.75 73.84 -61.98
C PHE X 196 -15.31 73.47 -61.63
N TYR X 197 -14.43 73.44 -62.63
CA TYR X 197 -13.05 73.10 -62.34
C TYR X 197 -12.36 74.19 -61.53
N LEU X 198 -12.72 75.46 -61.75
CA LEU X 198 -12.17 76.54 -60.96
C LEU X 198 -12.62 76.42 -59.50
N ARG X 199 -13.89 76.11 -59.27
CA ARG X 199 -14.34 75.95 -57.89
C ARG X 199 -13.73 74.70 -57.26
N LYS X 200 -13.41 73.68 -58.06
CA LYS X 200 -12.73 72.51 -57.52
C LYS X 200 -11.31 72.86 -57.09
N ILE X 201 -10.59 73.66 -57.89
CA ILE X 201 -9.25 74.08 -57.52
C ILE X 201 -9.29 74.96 -56.28
N LYS X 202 -10.28 75.86 -56.19
CA LYS X 202 -10.43 76.66 -54.98
C LYS X 202 -10.81 75.80 -53.78
N ALA X 203 -11.56 74.72 -54.00
CA ALA X 203 -11.88 73.81 -52.90
C ALA X 203 -10.64 73.10 -52.41
N ARG X 204 -9.75 72.70 -53.32
CA ARG X 204 -8.47 72.12 -52.92
C ARG X 204 -7.64 73.14 -52.15
N LYS X 205 -7.59 74.38 -52.62
CA LYS X 205 -6.84 75.43 -51.93
C LYS X 205 -7.49 76.77 -52.24
N GLY X 206 -8.23 77.32 -51.28
CA GLY X 206 -8.81 78.64 -51.42
C GLY X 206 -8.77 79.44 -50.14
N PRO Y 1 -3.94 9.78 -84.88
CA PRO Y 1 -3.53 8.38 -84.73
C PRO Y 1 -4.10 7.47 -85.81
N VAL Y 2 -4.02 6.16 -85.59
CA VAL Y 2 -4.09 5.18 -86.67
C VAL Y 2 -5.37 5.30 -87.50
N ALA Y 3 -5.28 4.84 -88.75
CA ALA Y 3 -6.38 4.91 -89.71
C ALA Y 3 -7.16 3.61 -89.79
N ARG Y 4 -7.27 2.89 -88.68
CA ARG Y 4 -8.02 1.65 -88.65
C ARG Y 4 -9.51 1.97 -88.53
N SER Y 5 -10.32 0.92 -88.39
CA SER Y 5 -11.76 1.10 -88.22
C SER Y 5 -12.29 0.51 -86.92
N TRP Y 6 -11.84 -0.69 -86.56
CA TRP Y 6 -12.30 -1.46 -85.40
C TRP Y 6 -13.81 -1.40 -85.19
N VAL Y 7 -14.57 -1.50 -86.26
CA VAL Y 7 -16.03 -1.56 -86.20
C VAL Y 7 -16.43 -3.02 -86.36
N CYS Y 8 -17.01 -3.60 -85.32
CA CYS Y 8 -17.36 -5.01 -85.34
C CYS Y 8 -18.51 -5.24 -84.37
N ARG Y 9 -19.39 -6.17 -84.74
CA ARG Y 9 -20.50 -6.55 -83.89
C ARG Y 9 -20.62 -8.06 -83.84
N LYS Y 10 -21.13 -8.57 -82.72
CA LYS Y 10 -21.40 -9.99 -82.60
C LYS Y 10 -22.63 -10.36 -83.41
N THR Y 11 -22.59 -11.54 -84.02
CA THR Y 11 -23.68 -12.01 -84.86
C THR Y 11 -24.61 -12.98 -84.15
N TYR Y 12 -24.41 -13.21 -82.85
CA TYR Y 12 -25.21 -14.20 -82.15
C TYR Y 12 -25.36 -13.80 -80.69
N VAL Y 13 -26.37 -14.38 -80.04
CA VAL Y 13 -26.61 -14.19 -78.61
C VAL Y 13 -26.82 -15.56 -77.97
N THR Y 14 -26.18 -15.77 -76.84
CA THR Y 14 -26.33 -17.02 -76.11
C THR Y 14 -27.68 -17.07 -75.42
N PRO Y 15 -28.27 -18.26 -75.27
CA PRO Y 15 -29.56 -18.36 -74.60
C PRO Y 15 -29.48 -17.95 -73.13
N ARG Y 16 -30.58 -17.41 -72.64
CA ARG Y 16 -30.63 -16.94 -71.26
C ARG Y 16 -30.47 -18.10 -70.27
N ARG Y 17 -31.20 -19.18 -70.49
CA ARG Y 17 -31.19 -20.31 -69.56
C ARG Y 17 -30.42 -21.46 -70.17
N PRO Y 18 -29.23 -21.78 -69.68
CA PRO Y 18 -28.55 -22.99 -70.15
C PRO Y 18 -29.19 -24.23 -69.55
N PHE Y 19 -28.98 -25.35 -70.24
CA PHE Y 19 -29.46 -26.67 -69.81
C PHE Y 19 -30.98 -26.71 -69.70
N GLU Y 20 -31.63 -26.44 -70.83
CA GLU Y 20 -33.06 -26.69 -71.01
C GLU Y 20 -33.21 -27.91 -71.90
N LYS Y 21 -33.99 -28.89 -71.42
CA LYS Y 21 -34.18 -30.10 -72.21
C LYS Y 21 -34.84 -29.79 -73.55
N SER Y 22 -35.89 -28.96 -73.53
CA SER Y 22 -36.59 -28.63 -74.76
C SER Y 22 -35.71 -27.87 -75.73
N ARG Y 23 -34.98 -26.86 -75.23
CA ARG Y 23 -34.13 -26.07 -76.11
C ARG Y 23 -32.99 -26.90 -76.68
N LEU Y 24 -32.37 -27.74 -75.86
CA LEU Y 24 -31.28 -28.57 -76.34
C LEU Y 24 -31.78 -29.59 -77.37
N ASP Y 25 -32.96 -30.17 -77.14
CA ASP Y 25 -33.51 -31.10 -78.12
C ASP Y 25 -33.84 -30.40 -79.43
N GLN Y 26 -34.44 -29.21 -79.35
CA GLN Y 26 -34.78 -28.47 -80.56
C GLN Y 26 -33.54 -28.10 -81.36
N GLU Y 27 -32.51 -27.60 -80.66
CA GLU Y 27 -31.31 -27.19 -81.36
C GLU Y 27 -30.52 -28.38 -81.90
N LEU Y 28 -30.50 -29.49 -81.17
CA LEU Y 28 -29.85 -30.68 -81.68
C LEU Y 28 -30.57 -31.22 -82.91
N LYS Y 29 -31.90 -31.19 -82.90
CA LYS Y 29 -32.65 -31.58 -84.09
C LYS Y 29 -32.34 -30.66 -85.26
N LEU Y 30 -32.23 -29.35 -85.02
CA LEU Y 30 -31.91 -28.42 -86.08
C LEU Y 30 -30.52 -28.69 -86.66
N ILE Y 31 -29.52 -28.87 -85.80
CA ILE Y 31 -28.17 -29.07 -86.31
C ILE Y 31 -28.04 -30.42 -86.97
N GLY Y 32 -28.76 -31.44 -86.50
CA GLY Y 32 -28.74 -32.72 -87.19
C GLY Y 32 -29.42 -32.65 -88.55
N GLU Y 33 -30.51 -31.88 -88.65
CA GLU Y 33 -31.24 -31.80 -89.90
C GLU Y 33 -30.52 -30.94 -90.94
N TYR Y 34 -29.79 -29.91 -90.51
CA TYR Y 34 -29.16 -29.00 -91.46
C TYR Y 34 -27.63 -29.05 -91.44
N GLY Y 35 -27.02 -30.00 -90.74
CA GLY Y 35 -25.58 -30.19 -90.83
C GLY Y 35 -24.74 -29.01 -90.38
N LEU Y 36 -25.10 -28.39 -89.26
CA LEU Y 36 -24.33 -27.26 -88.78
C LEU Y 36 -23.15 -27.75 -87.94
N ARG Y 37 -22.14 -26.88 -87.81
CA ARG Y 37 -20.95 -27.25 -87.05
C ARG Y 37 -21.22 -27.28 -85.56
N ASN Y 38 -21.89 -26.26 -85.04
CA ASN Y 38 -22.09 -26.12 -83.61
C ASN Y 38 -23.30 -25.23 -83.37
N LYS Y 39 -23.58 -24.97 -82.09
CA LYS Y 39 -24.75 -24.18 -81.72
C LYS Y 39 -24.60 -22.72 -82.10
N ARG Y 40 -23.37 -22.25 -82.35
CA ARG Y 40 -23.19 -20.84 -82.67
C ARG Y 40 -23.84 -20.48 -84.00
N GLU Y 41 -23.89 -21.44 -84.94
CA GLU Y 41 -24.52 -21.14 -86.23
C GLU Y 41 -26.02 -20.95 -86.09
N VAL Y 42 -26.69 -21.85 -85.35
CA VAL Y 42 -28.12 -21.69 -85.15
C VAL Y 42 -28.39 -20.46 -84.28
N TRP Y 43 -27.48 -20.13 -83.36
CA TRP Y 43 -27.66 -18.90 -82.60
C TRP Y 43 -27.52 -17.67 -83.50
N ARG Y 44 -26.61 -17.71 -84.47
CA ARG Y 44 -26.45 -16.56 -85.36
C ARG Y 44 -27.66 -16.40 -86.27
N VAL Y 45 -28.25 -17.50 -86.73
CA VAL Y 45 -29.45 -17.35 -87.54
C VAL Y 45 -30.63 -16.93 -86.68
N LYS Y 46 -30.68 -17.36 -85.42
CA LYS Y 46 -31.70 -16.86 -84.51
C LYS Y 46 -31.55 -15.37 -84.29
N PHE Y 47 -30.31 -14.89 -84.15
CA PHE Y 47 -30.07 -13.47 -84.00
C PHE Y 47 -30.49 -12.69 -85.24
N THR Y 48 -30.23 -13.24 -86.43
CA THR Y 48 -30.69 -12.61 -87.66
C THR Y 48 -32.22 -12.50 -87.68
N LEU Y 49 -32.90 -13.58 -87.31
CA LEU Y 49 -34.36 -13.55 -87.23
C LEU Y 49 -34.84 -12.53 -86.21
N ALA Y 50 -34.15 -12.44 -85.07
CA ALA Y 50 -34.53 -11.47 -84.06
C ALA Y 50 -34.39 -10.05 -84.59
N LYS Y 51 -33.31 -9.77 -85.31
CA LYS Y 51 -33.14 -8.43 -85.89
C LYS Y 51 -34.24 -8.13 -86.90
N ILE Y 52 -34.54 -9.07 -87.78
CA ILE Y 52 -35.56 -8.85 -88.80
C ILE Y 52 -36.92 -8.64 -88.15
N ARG Y 53 -37.25 -9.48 -87.17
CA ARG Y 53 -38.54 -9.38 -86.48
C ARG Y 53 -38.65 -8.07 -85.71
N LYS Y 54 -37.55 -7.63 -85.08
CA LYS Y 54 -37.57 -6.37 -84.36
C LYS Y 54 -37.79 -5.20 -85.31
N ALA Y 55 -37.15 -5.23 -86.47
CA ALA Y 55 -37.36 -4.16 -87.45
C ALA Y 55 -38.80 -4.13 -87.91
N ALA Y 56 -39.36 -5.31 -88.22
CA ALA Y 56 -40.76 -5.37 -88.67
C ALA Y 56 -41.70 -4.89 -87.58
N ARG Y 57 -41.43 -5.27 -86.33
CA ARG Y 57 -42.27 -4.84 -85.21
C ARG Y 57 -42.23 -3.33 -85.03
N GLU Y 58 -41.03 -2.74 -85.13
CA GLU Y 58 -40.93 -1.29 -85.03
C GLU Y 58 -41.70 -0.60 -86.14
N LEU Y 59 -41.57 -1.10 -87.37
CA LEU Y 59 -42.31 -0.49 -88.47
C LEU Y 59 -43.81 -0.61 -88.27
N LEU Y 60 -44.27 -1.76 -87.77
CA LEU Y 60 -45.70 -1.95 -87.58
C LEU Y 60 -46.24 -1.06 -86.46
N THR Y 61 -45.47 -0.89 -85.38
CA THR Y 61 -45.88 0.03 -84.34
C THR Y 61 -45.90 1.47 -84.83
N LEU Y 62 -44.98 1.82 -85.73
CA LEU Y 62 -44.98 3.16 -86.29
C LEU Y 62 -46.24 3.37 -87.14
N ASP Y 63 -46.72 4.60 -87.17
CA ASP Y 63 -48.04 4.90 -87.71
C ASP Y 63 -48.12 4.64 -89.21
N GLU Y 64 -49.35 4.38 -89.66
CA GLU Y 64 -49.61 4.10 -91.07
C GLU Y 64 -49.36 5.33 -91.93
N LYS Y 65 -49.08 5.09 -93.21
CA LYS Y 65 -48.92 6.10 -94.26
C LYS Y 65 -47.70 6.98 -94.08
N ASP Y 66 -46.81 6.64 -93.17
CA ASP Y 66 -45.57 7.38 -93.02
C ASP Y 66 -44.62 7.02 -94.15
N PRO Y 67 -44.04 8.01 -94.84
CA PRO Y 67 -43.05 7.69 -95.88
C PRO Y 67 -41.91 6.84 -95.38
N ARG Y 68 -41.45 7.08 -94.14
CA ARG Y 68 -40.40 6.24 -93.57
C ARG Y 68 -40.87 4.79 -93.44
N ARG Y 69 -42.09 4.60 -92.94
CA ARG Y 69 -42.61 3.24 -92.79
C ARG Y 69 -42.72 2.54 -94.13
N LEU Y 70 -43.30 3.22 -95.12
CA LEU Y 70 -43.45 2.60 -96.44
C LEU Y 70 -42.10 2.27 -97.06
N PHE Y 71 -41.15 3.21 -97.00
CA PHE Y 71 -39.85 2.96 -97.63
C PHE Y 71 -39.12 1.80 -96.96
N GLU Y 72 -39.07 1.80 -95.62
CA GLU Y 72 -38.39 0.73 -94.93
C GLU Y 72 -39.10 -0.60 -95.12
N GLY Y 73 -40.43 -0.60 -95.12
CA GLY Y 73 -41.17 -1.83 -95.32
C GLY Y 73 -40.93 -2.43 -96.69
N ASN Y 74 -40.98 -1.58 -97.73
CA ASN Y 74 -40.71 -2.08 -99.07
C ASN Y 74 -39.27 -2.57 -99.20
N ALA Y 75 -38.31 -1.87 -98.58
CA ALA Y 75 -36.93 -2.33 -98.64
C ALA Y 75 -36.76 -3.69 -97.98
N LEU Y 76 -37.34 -3.86 -96.78
CA LEU Y 76 -37.23 -5.12 -96.06
C LEU Y 76 -37.93 -6.25 -96.82
N LEU Y 77 -39.12 -5.98 -97.35
CA LEU Y 77 -39.85 -6.99 -98.10
C LEU Y 77 -39.11 -7.37 -99.37
N ARG Y 78 -38.53 -6.39 -100.05
CA ARG Y 78 -37.73 -6.68 -101.24
C ARG Y 78 -36.55 -7.56 -100.89
N ARG Y 79 -35.85 -7.26 -99.81
CA ARG Y 79 -34.70 -8.07 -99.43
C ARG Y 79 -35.12 -9.49 -99.06
N LEU Y 80 -36.24 -9.63 -98.33
CA LEU Y 80 -36.70 -10.96 -97.95
C LEU Y 80 -37.12 -11.79 -99.16
N VAL Y 81 -37.86 -11.17 -100.10
CA VAL Y 81 -38.26 -11.90 -101.29
C VAL Y 81 -37.04 -12.25 -102.13
N ARG Y 82 -36.07 -11.33 -102.22
CA ARG Y 82 -34.89 -11.59 -103.03
C ARG Y 82 -34.06 -12.73 -102.47
N ILE Y 83 -33.90 -12.77 -101.15
CA ILE Y 83 -33.21 -13.92 -100.55
C ILE Y 83 -34.08 -15.18 -100.57
N GLY Y 84 -35.38 -15.04 -100.81
CA GLY Y 84 -36.23 -16.16 -101.13
C GLY Y 84 -37.00 -16.76 -99.98
N VAL Y 85 -36.74 -16.32 -98.75
CA VAL Y 85 -37.46 -16.89 -97.60
C VAL Y 85 -38.93 -16.48 -97.60
N LEU Y 86 -39.30 -15.45 -98.33
CA LEU Y 86 -40.66 -14.92 -98.31
C LEU Y 86 -41.27 -14.97 -99.70
N ASP Y 87 -42.55 -15.28 -99.76
CA ASP Y 87 -43.27 -15.33 -101.03
C ASP Y 87 -43.35 -13.94 -101.66
N GLU Y 88 -43.42 -13.94 -103.00
CA GLU Y 88 -43.54 -12.67 -103.72
C GLU Y 88 -44.84 -11.96 -103.38
N GLY Y 89 -45.94 -12.72 -103.28
CA GLY Y 89 -47.21 -12.13 -102.93
C GLY Y 89 -47.44 -11.93 -101.45
N LYS Y 90 -46.57 -12.48 -100.60
CA LYS Y 90 -46.72 -12.36 -99.16
C LYS Y 90 -45.94 -11.16 -98.62
N MET Y 91 -46.18 -9.99 -99.22
CA MET Y 91 -45.42 -8.78 -98.88
C MET Y 91 -46.23 -7.93 -97.91
N LYS Y 92 -46.26 -8.35 -96.66
CA LYS Y 92 -46.87 -7.58 -95.59
C LYS Y 92 -45.97 -7.63 -94.36
N LEU Y 93 -45.92 -6.50 -93.64
CA LEU Y 93 -45.13 -6.44 -92.42
C LEU Y 93 -45.65 -7.42 -91.37
N ASP Y 94 -46.97 -7.62 -91.32
CA ASP Y 94 -47.52 -8.65 -90.45
C ASP Y 94 -47.06 -10.04 -90.90
N TYR Y 95 -47.02 -10.27 -92.21
CA TYR Y 95 -46.55 -11.54 -92.74
C TYR Y 95 -45.08 -11.78 -92.46
N ILE Y 96 -44.30 -10.71 -92.26
CA ILE Y 96 -42.90 -10.88 -91.88
C ILE Y 96 -42.79 -11.59 -90.54
N LEU Y 97 -43.64 -11.21 -89.58
CA LEU Y 97 -43.53 -11.71 -88.21
C LEU Y 97 -43.77 -13.21 -88.10
N GLY Y 98 -44.32 -13.85 -89.13
CA GLY Y 98 -44.56 -15.28 -89.10
C GLY Y 98 -43.45 -16.16 -89.62
N LEU Y 99 -42.30 -15.59 -89.99
CA LEU Y 99 -41.22 -16.39 -90.53
C LEU Y 99 -40.61 -17.27 -89.45
N LYS Y 100 -40.32 -18.52 -89.82
CA LYS Y 100 -39.69 -19.47 -88.92
C LYS Y 100 -38.18 -19.44 -89.12
N ILE Y 101 -37.49 -20.40 -88.53
CA ILE Y 101 -36.04 -20.47 -88.67
C ILE Y 101 -35.62 -21.48 -89.73
N GLU Y 102 -36.47 -22.47 -90.00
CA GLU Y 102 -36.14 -23.49 -90.99
C GLU Y 102 -36.09 -22.91 -92.40
N ASP Y 103 -36.95 -21.94 -92.69
CA ASP Y 103 -36.95 -21.35 -94.03
C ASP Y 103 -35.70 -20.51 -94.28
N PHE Y 104 -35.06 -19.99 -93.23
CA PHE Y 104 -33.76 -19.37 -93.37
C PHE Y 104 -32.64 -20.39 -93.43
N LEU Y 105 -32.76 -21.50 -92.68
CA LEU Y 105 -31.75 -22.54 -92.76
C LEU Y 105 -31.70 -23.15 -94.15
N GLU Y 106 -32.85 -23.37 -94.78
CA GLU Y 106 -32.88 -24.05 -96.06
C GLU Y 106 -32.35 -23.20 -97.21
N ARG Y 107 -32.12 -21.91 -96.97
CA ARG Y 107 -31.57 -21.03 -97.99
C ARG Y 107 -30.05 -21.01 -97.99
N ARG Y 108 -29.40 -21.74 -97.10
CA ARG Y 108 -27.95 -21.81 -97.09
C ARG Y 108 -27.45 -22.60 -98.28
N LEU Y 109 -26.19 -22.38 -98.62
CA LEU Y 109 -25.58 -23.09 -99.75
C LEU Y 109 -25.53 -24.60 -99.51
N GLN Y 110 -25.29 -25.01 -98.27
CA GLN Y 110 -25.23 -26.44 -97.95
C GLN Y 110 -26.55 -27.13 -98.24
N THR Y 111 -27.64 -26.59 -97.66
CA THR Y 111 -28.96 -27.14 -97.92
C THR Y 111 -29.34 -26.99 -99.37
N GLN Y 112 -28.90 -25.91 -100.02
CA GLN Y 112 -29.25 -25.71 -101.42
C GLN Y 112 -28.63 -26.79 -102.31
N VAL Y 113 -27.34 -27.07 -102.13
CA VAL Y 113 -26.72 -28.08 -102.98
C VAL Y 113 -27.21 -29.46 -102.62
N PHE Y 114 -27.56 -29.70 -101.35
CA PHE Y 114 -28.19 -30.97 -101.01
C PHE Y 114 -29.54 -31.12 -101.69
N LYS Y 115 -30.32 -30.04 -101.77
CA LYS Y 115 -31.61 -30.07 -102.43
C LYS Y 115 -31.47 -30.29 -103.93
N LEU Y 116 -30.52 -29.59 -104.56
CA LEU Y 116 -30.24 -29.82 -105.97
C LEU Y 116 -29.56 -31.15 -106.24
N GLY Y 117 -29.14 -31.87 -105.19
CA GLY Y 117 -28.67 -33.23 -105.37
C GLY Y 117 -27.22 -33.36 -105.77
N LEU Y 118 -26.47 -32.25 -105.80
CA LEU Y 118 -25.04 -32.33 -106.08
C LEU Y 118 -24.31 -33.12 -105.00
N ALA Y 119 -24.90 -33.25 -103.82
CA ALA Y 119 -24.36 -34.07 -102.74
C ALA Y 119 -25.44 -35.02 -102.25
N LYS Y 120 -25.04 -36.21 -101.85
CA LYS Y 120 -25.97 -37.22 -101.36
C LYS Y 120 -26.18 -37.14 -99.85
N SER Y 121 -25.56 -36.18 -99.18
CA SER Y 121 -25.79 -35.95 -97.76
C SER Y 121 -25.58 -34.48 -97.47
N ILE Y 122 -26.12 -34.02 -96.34
CA ILE Y 122 -25.85 -32.65 -95.92
C ILE Y 122 -24.41 -32.50 -95.46
N HIS Y 123 -23.88 -33.51 -94.76
CA HIS Y 123 -22.47 -33.50 -94.41
C HIS Y 123 -21.59 -33.57 -95.65
N HIS Y 124 -22.00 -34.38 -96.62
CA HIS Y 124 -21.29 -34.43 -97.90
C HIS Y 124 -21.34 -33.07 -98.59
N ALA Y 125 -22.47 -32.38 -98.49
CA ALA Y 125 -22.58 -31.03 -99.05
C ALA Y 125 -21.63 -30.07 -98.36
N ARG Y 126 -21.54 -30.16 -97.03
CA ARG Y 126 -20.62 -29.30 -96.29
C ARG Y 126 -19.18 -29.53 -96.74
N VAL Y 127 -18.78 -30.80 -96.84
CA VAL Y 127 -17.39 -31.06 -97.23
C VAL Y 127 -17.17 -30.69 -98.69
N LEU Y 128 -18.17 -30.86 -99.55
CA LEU Y 128 -18.01 -30.46 -100.95
C LEU Y 128 -17.81 -28.96 -101.07
N ILE Y 129 -18.58 -28.18 -100.30
CA ILE Y 129 -18.39 -26.73 -100.31
C ILE Y 129 -17.03 -26.37 -99.75
N ARG Y 130 -16.62 -27.02 -98.67
CA ARG Y 130 -15.37 -26.65 -98.00
C ARG Y 130 -14.16 -26.98 -98.87
N GLN Y 131 -14.20 -28.09 -99.61
CA GLN Y 131 -13.06 -28.47 -100.44
C GLN Y 131 -13.08 -27.82 -101.81
N ARG Y 132 -13.84 -26.73 -101.97
CA ARG Y 132 -13.82 -25.90 -103.18
C ARG Y 132 -14.18 -26.72 -104.42
N HIS Y 133 -15.39 -27.26 -104.40
CA HIS Y 133 -15.89 -28.06 -105.51
C HIS Y 133 -17.05 -27.40 -106.25
N ILE Y 134 -17.75 -26.46 -105.62
CA ILE Y 134 -18.97 -25.90 -106.15
C ILE Y 134 -18.77 -24.41 -106.40
N ARG Y 135 -19.29 -23.93 -107.52
CA ARG Y 135 -19.27 -22.52 -107.86
C ARG Y 135 -20.69 -21.97 -107.84
N VAL Y 136 -20.80 -20.69 -107.54
CA VAL Y 136 -22.07 -19.97 -107.56
C VAL Y 136 -21.96 -18.89 -108.63
N ARG Y 137 -22.86 -18.93 -109.61
CA ARG Y 137 -22.78 -18.11 -110.81
C ARG Y 137 -21.43 -18.40 -111.44
N LYS Y 138 -20.51 -17.45 -111.50
CA LYS Y 138 -19.16 -17.71 -111.98
C LYS Y 138 -18.18 -17.94 -110.84
N GLN Y 139 -18.37 -17.22 -109.73
CA GLN Y 139 -17.46 -17.30 -108.60
C GLN Y 139 -17.58 -18.65 -107.91
N VAL Y 140 -16.45 -19.18 -107.47
CA VAL Y 140 -16.42 -20.36 -106.62
C VAL Y 140 -16.52 -19.92 -105.16
N VAL Y 141 -17.32 -20.65 -104.39
CA VAL Y 141 -17.61 -20.30 -103.00
C VAL Y 141 -17.25 -21.48 -102.12
N ASN Y 142 -16.55 -21.20 -101.02
CA ASN Y 142 -16.22 -22.23 -100.04
C ASN Y 142 -16.85 -21.95 -98.68
N ILE Y 143 -17.92 -21.16 -98.65
CA ILE Y 143 -18.60 -20.82 -97.41
C ILE Y 143 -19.90 -21.64 -97.36
N PRO Y 144 -20.02 -22.60 -96.44
CA PRO Y 144 -21.28 -23.37 -96.35
C PRO Y 144 -22.48 -22.51 -96.01
N SER Y 145 -22.28 -21.38 -95.31
CA SER Y 145 -23.37 -20.51 -94.90
C SER Y 145 -23.67 -19.43 -95.93
N PHE Y 146 -23.31 -19.64 -97.19
CA PHE Y 146 -23.61 -18.67 -98.24
C PHE Y 146 -25.10 -18.70 -98.54
N ILE Y 147 -25.81 -17.64 -98.21
CA ILE Y 147 -27.23 -17.55 -98.52
C ILE Y 147 -27.40 -17.12 -99.97
N VAL Y 148 -28.15 -17.92 -100.72
CA VAL Y 148 -28.37 -17.67 -102.13
C VAL Y 148 -29.65 -16.87 -102.31
N ARG Y 149 -29.77 -16.20 -103.44
CA ARG Y 149 -30.94 -15.44 -103.80
C ARG Y 149 -31.74 -16.19 -104.87
N LEU Y 150 -32.88 -15.61 -105.23
CA LEU Y 150 -33.75 -16.25 -106.21
C LEU Y 150 -33.07 -16.35 -107.58
N ASP Y 151 -32.43 -15.26 -108.02
CA ASP Y 151 -31.77 -15.28 -109.32
C ASP Y 151 -30.55 -16.18 -109.31
N SER Y 152 -29.81 -16.19 -108.21
CA SER Y 152 -28.63 -17.04 -108.08
C SER Y 152 -28.97 -18.50 -107.79
N GLN Y 153 -30.24 -18.80 -107.53
CA GLN Y 153 -30.64 -20.17 -107.23
C GLN Y 153 -30.42 -21.08 -108.43
N LYS Y 154 -30.69 -20.59 -109.63
CA LYS Y 154 -30.66 -21.41 -110.83
C LYS Y 154 -29.27 -21.68 -111.38
N HIS Y 155 -28.23 -21.07 -110.79
CA HIS Y 155 -26.89 -21.19 -111.38
C HIS Y 155 -25.90 -21.79 -110.40
N ILE Y 156 -26.28 -22.87 -109.74
CA ILE Y 156 -25.39 -23.60 -108.83
C ILE Y 156 -24.87 -24.82 -109.57
N ASP Y 157 -23.54 -24.91 -109.70
CA ASP Y 157 -22.94 -25.99 -110.47
C ASP Y 157 -21.55 -26.26 -109.90
N PHE Y 158 -21.00 -27.41 -110.29
CA PHE Y 158 -19.64 -27.76 -109.88
C PHE Y 158 -18.64 -26.81 -110.52
N SER Y 159 -17.59 -26.48 -109.77
CA SER Y 159 -16.55 -25.62 -110.31
C SER Y 159 -15.77 -26.34 -111.39
N LEU Y 160 -15.26 -25.56 -112.35
CA LEU Y 160 -14.52 -26.15 -113.46
C LEU Y 160 -13.21 -26.77 -113.00
N ARG Y 161 -12.58 -26.17 -111.98
CA ARG Y 161 -11.34 -26.71 -111.44
C ARG Y 161 -11.54 -28.07 -110.78
N SER Y 162 -12.75 -28.33 -110.28
CA SER Y 162 -13.02 -29.53 -109.51
C SER Y 162 -12.89 -30.78 -110.38
N PRO Y 163 -12.46 -31.90 -109.80
CA PRO Y 163 -12.45 -33.16 -110.56
C PRO Y 163 -13.83 -33.57 -111.05
N TYR Y 164 -14.88 -33.29 -110.28
CA TYR Y 164 -16.22 -33.58 -110.74
C TYR Y 164 -16.65 -32.63 -111.84
N GLY Y 165 -16.27 -31.34 -111.72
CA GLY Y 165 -16.71 -30.36 -112.69
C GLY Y 165 -16.12 -30.57 -114.07
N GLY Y 166 -14.86 -31.02 -114.13
CA GLY Y 166 -14.22 -31.23 -115.41
C GLY Y 166 -12.95 -32.05 -115.32
N GLY Y 167 -11.93 -31.65 -116.07
CA GLY Y 167 -10.66 -32.35 -116.07
C GLY Y 167 -9.84 -32.06 -114.83
N ARG Y 168 -8.57 -32.47 -114.90
CA ARG Y 168 -7.62 -32.35 -113.79
C ARG Y 168 -8.17 -33.07 -112.56
N PRO Y 169 -8.17 -34.41 -112.56
CA PRO Y 169 -8.74 -35.14 -111.42
C PRO Y 169 -7.93 -34.98 -110.15
N GLY Y 170 -8.41 -35.57 -109.06
CA GLY Y 170 -7.80 -35.36 -107.76
C GLY Y 170 -6.44 -36.01 -107.62
N ARG Y 171 -5.73 -35.60 -106.57
CA ARG Y 171 -4.42 -36.16 -106.30
C ARG Y 171 -4.50 -37.64 -105.97
N VAL Y 172 -5.57 -38.07 -105.31
CA VAL Y 172 -5.77 -39.50 -105.07
C VAL Y 172 -5.98 -40.22 -106.40
N LYS Y 173 -6.76 -39.61 -107.30
CA LYS Y 173 -7.01 -40.22 -108.60
C LYS Y 173 -5.72 -40.38 -109.39
N ARG Y 174 -4.88 -39.34 -109.42
CA ARG Y 174 -3.64 -39.45 -110.18
C ARG Y 174 -2.63 -40.36 -109.49
N LYS Y 175 -2.66 -40.44 -108.16
CA LYS Y 175 -1.82 -41.40 -107.46
C LYS Y 175 -2.22 -42.83 -107.80
N ASN Y 176 -3.52 -43.10 -107.85
CA ASN Y 176 -3.98 -44.43 -108.22
C ASN Y 176 -3.67 -44.74 -109.68
N ALA Y 177 -3.78 -43.73 -110.55
CA ALA Y 177 -3.42 -43.92 -111.96
C ALA Y 177 -1.94 -44.22 -112.12
N LYS Y 178 -1.07 -43.50 -111.39
CA LYS Y 178 0.36 -43.77 -111.49
C LYS Y 178 0.72 -45.11 -110.88
N LYS Y 179 0.03 -45.54 -109.81
CA LYS Y 179 0.23 -46.90 -109.31
C LYS Y 179 -0.19 -47.93 -110.33
N GLY Y 180 -1.31 -47.70 -111.03
CA GLY Y 180 -1.76 -48.63 -112.04
C GLY Y 180 -0.79 -48.75 -113.22
N GLN Y 181 -0.24 -47.62 -113.67
CA GLN Y 181 0.72 -47.67 -114.76
C GLN Y 181 2.12 -48.07 -114.30
N GLY Y 182 2.39 -48.07 -113.01
CA GLY Y 182 3.65 -48.60 -112.51
C GLY Y 182 3.60 -50.09 -112.19
N GLY Y 183 2.40 -50.60 -111.93
CA GLY Y 183 2.26 -52.01 -111.63
C GLY Y 183 2.40 -52.93 -112.83
N ALA Y 184 2.16 -52.41 -114.03
CA ALA Y 184 2.25 -53.21 -115.25
C ALA Y 184 2.91 -52.39 -116.35
N GLY Y 185 3.54 -53.10 -117.29
CA GLY Y 185 4.20 -52.46 -118.40
C GLY Y 185 3.49 -52.66 -119.73
N ALA Z 1 -27.19 66.34 -54.56
CA ALA Z 1 -27.27 67.77 -54.79
C ALA Z 1 -27.58 68.06 -56.25
N ASP Z 2 -26.68 68.79 -56.90
CA ASP Z 2 -26.81 69.09 -58.32
C ASP Z 2 -26.42 67.87 -59.14
N ILE Z 3 -26.32 68.03 -60.46
CA ILE Z 3 -25.87 66.94 -61.30
C ILE Z 3 -24.39 66.64 -61.05
N GLN Z 4 -23.57 67.69 -61.00
CA GLN Z 4 -22.13 67.52 -60.84
C GLN Z 4 -21.81 67.23 -59.38
N THR Z 5 -21.99 65.95 -59.01
CA THR Z 5 -21.66 65.46 -57.68
C THR Z 5 -20.35 64.70 -57.64
N GLU Z 6 -19.68 64.54 -58.78
CA GLU Z 6 -18.46 63.75 -58.85
C GLU Z 6 -17.24 64.67 -58.83
N ARG Z 7 -16.07 64.05 -58.97
CA ARG Z 7 -14.82 64.81 -59.00
C ARG Z 7 -14.54 65.42 -60.37
N ALA Z 8 -15.22 64.97 -61.40
CA ALA Z 8 -15.02 65.45 -62.75
C ALA Z 8 -16.33 65.98 -63.32
N TYR Z 9 -16.23 66.74 -64.40
CA TYR Z 9 -17.40 67.35 -65.01
C TYR Z 9 -18.17 66.30 -65.79
N GLN Z 10 -19.39 66.00 -65.36
CA GLN Z 10 -20.23 65.03 -66.05
C GLN Z 10 -20.94 65.70 -67.21
N LYS Z 11 -20.72 65.20 -68.42
CA LYS Z 11 -21.32 65.77 -69.61
C LYS Z 11 -21.33 64.71 -70.71
N GLN Z 12 -22.18 64.93 -71.71
CA GLN Z 12 -22.27 64.00 -72.82
C GLN Z 12 -21.21 64.35 -73.85
N PRO Z 13 -20.32 63.42 -74.21
CA PRO Z 13 -19.25 63.75 -75.16
C PRO Z 13 -19.74 64.19 -76.53
N THR Z 14 -20.86 63.64 -77.01
CA THR Z 14 -21.36 64.03 -78.32
C THR Z 14 -21.88 65.46 -78.31
N ILE Z 15 -22.33 65.95 -77.17
CA ILE Z 15 -22.90 67.29 -77.05
C ILE Z 15 -21.79 68.29 -76.75
N PHE Z 16 -21.71 69.33 -77.57
CA PHE Z 16 -20.77 70.42 -77.37
C PHE Z 16 -21.49 71.55 -76.64
N GLN Z 17 -20.91 71.99 -75.53
CA GLN Z 17 -21.61 72.91 -74.64
C GLN Z 17 -21.43 74.38 -75.02
N ASN Z 18 -20.22 74.78 -75.41
CA ASN Z 18 -19.91 76.21 -75.59
C ASN Z 18 -19.94 76.56 -77.08
N LYS Z 19 -21.14 76.80 -77.58
CA LYS Z 19 -21.33 77.14 -78.99
C LYS Z 19 -21.34 78.65 -79.20
N LYS Z 20 -20.24 79.27 -78.78
CA LYS Z 20 -19.95 80.70 -78.91
C LYS Z 20 -21.19 81.57 -78.61
N ARG Z 21 -21.68 81.41 -77.38
CA ARG Z 21 -22.83 82.20 -76.92
C ARG Z 21 -22.39 83.64 -76.74
N VAL Z 22 -22.74 84.48 -77.71
CA VAL Z 22 -22.31 85.86 -77.76
C VAL Z 22 -23.54 86.76 -77.90
N LEU Z 23 -23.29 88.06 -78.05
CA LEU Z 23 -24.34 89.06 -77.91
C LEU Z 23 -25.36 89.04 -79.03
N LEU Z 24 -25.12 88.30 -80.13
CA LEU Z 24 -26.14 88.17 -81.16
C LEU Z 24 -27.37 87.43 -80.66
N GLY Z 25 -27.25 86.65 -79.59
CA GLY Z 25 -28.39 86.01 -78.98
C GLY Z 25 -28.45 86.34 -77.50
N GLU Z 26 -29.67 86.22 -76.97
CA GLU Z 26 -29.88 86.52 -75.55
C GLU Z 26 -29.31 85.41 -74.68
N THR Z 27 -28.73 85.81 -73.55
CA THR Z 27 -28.12 84.87 -72.60
C THR Z 27 -28.70 85.17 -71.21
N GLY Z 28 -29.69 84.40 -70.79
CA GLY Z 28 -30.26 83.31 -71.57
C GLY Z 28 -31.78 83.25 -71.52
N LYS Z 29 -32.32 82.08 -71.24
CA LYS Z 29 -31.55 80.88 -70.98
C LYS Z 29 -31.54 79.93 -72.19
N GLU Z 30 -30.36 79.58 -72.64
CA GLU Z 30 -30.18 78.65 -73.76
C GLU Z 30 -29.98 77.26 -73.18
N LYS Z 31 -31.05 76.47 -73.17
CA LYS Z 31 -31.00 75.13 -72.61
C LYS Z 31 -30.10 74.23 -73.48
N LEU Z 32 -29.28 73.43 -72.82
CA LEU Z 32 -28.30 72.62 -73.52
C LEU Z 32 -29.02 71.54 -74.33
N PRO Z 33 -28.68 71.36 -75.60
CA PRO Z 33 -29.27 70.27 -76.37
C PRO Z 33 -28.91 68.92 -75.78
N ARG Z 34 -29.87 68.00 -75.83
CA ARG Z 34 -29.71 66.69 -75.21
C ARG Z 34 -29.44 65.64 -76.29
N TYR Z 35 -28.45 64.79 -76.04
CA TYR Z 35 -28.15 63.69 -76.95
C TYR Z 35 -28.95 62.47 -76.53
N TYR Z 36 -29.62 61.84 -77.49
CA TYR Z 36 -30.35 60.61 -77.24
C TYR Z 36 -30.46 59.84 -78.55
N LYS Z 37 -30.82 58.57 -78.43
CA LYS Z 37 -30.95 57.70 -79.59
C LYS Z 37 -32.05 56.68 -79.32
N ASN Z 38 -32.59 56.13 -80.40
CA ASN Z 38 -33.49 54.99 -80.29
C ASN Z 38 -32.66 53.72 -80.31
N ILE Z 39 -32.92 52.82 -79.35
CA ILE Z 39 -32.12 51.60 -79.24
C ILE Z 39 -32.58 50.52 -80.19
N GLY Z 40 -33.57 50.78 -81.02
CA GLY Z 40 -34.04 49.81 -81.97
C GLY Z 40 -34.92 48.76 -81.31
N LEU Z 41 -35.28 47.76 -82.12
CA LEU Z 41 -36.08 46.62 -81.69
C LEU Z 41 -37.44 47.05 -81.14
N GLY Z 42 -37.95 48.18 -81.62
CA GLY Z 42 -39.26 48.65 -81.26
C GLY Z 42 -39.37 49.35 -79.93
N PHE Z 43 -38.30 49.42 -79.16
CA PHE Z 43 -38.35 50.08 -77.86
C PHE Z 43 -38.27 51.59 -78.03
N LYS Z 44 -39.23 52.30 -77.44
CA LYS Z 44 -39.31 53.74 -77.56
C LYS Z 44 -38.69 54.40 -76.34
N THR Z 45 -37.80 55.36 -76.57
CA THR Z 45 -37.08 56.01 -75.48
C THR Z 45 -38.03 56.84 -74.62
N PRO Z 46 -37.89 56.79 -73.31
CA PRO Z 46 -38.76 57.57 -72.43
C PRO Z 46 -38.51 59.06 -72.52
N LYS Z 47 -39.57 59.82 -72.20
CA LYS Z 47 -39.46 61.27 -72.20
C LYS Z 47 -38.52 61.77 -71.11
N GLU Z 48 -38.32 60.99 -70.04
CA GLU Z 48 -37.30 61.35 -69.07
C GLU Z 48 -35.92 61.29 -69.70
N ALA Z 49 -35.66 60.29 -70.53
CA ALA Z 49 -34.43 60.24 -71.31
C ALA Z 49 -34.40 61.29 -72.42
N ILE Z 50 -35.55 61.84 -72.79
CA ILE Z 50 -35.59 62.89 -73.80
C ILE Z 50 -35.21 64.24 -73.21
N GLU Z 51 -35.83 64.61 -72.09
CA GLU Z 51 -35.68 65.95 -71.52
C GLU Z 51 -35.03 65.98 -70.15
N GLY Z 52 -34.34 64.92 -69.76
CA GLY Z 52 -33.71 64.89 -68.45
C GLY Z 52 -32.41 65.68 -68.42
N THR Z 53 -31.83 65.74 -67.22
CA THR Z 53 -30.57 66.43 -67.02
C THR Z 53 -29.47 65.51 -66.52
N TYR Z 54 -29.78 64.24 -66.25
CA TYR Z 54 -28.79 63.30 -65.75
C TYR Z 54 -27.78 62.96 -66.85
N ILE Z 55 -26.62 62.48 -66.41
CA ILE Z 55 -25.62 61.94 -67.33
C ILE Z 55 -25.27 60.54 -66.86
N ASP Z 56 -25.42 59.56 -67.76
CA ASP Z 56 -25.09 58.17 -67.46
C ASP Z 56 -24.49 57.56 -68.73
N LYS Z 57 -23.18 57.35 -68.72
CA LYS Z 57 -22.50 56.78 -69.87
C LYS Z 57 -22.92 55.33 -70.13
N LYS Z 58 -23.60 54.69 -69.18
CA LYS Z 58 -24.12 53.35 -69.35
C LYS Z 58 -25.62 53.34 -69.60
N CYS Z 59 -26.24 54.51 -69.74
CA CYS Z 59 -27.66 54.56 -70.10
C CYS Z 59 -27.87 54.06 -71.52
N PRO Z 60 -28.89 53.24 -71.76
CA PRO Z 60 -29.14 52.76 -73.14
C PRO Z 60 -29.43 53.86 -74.13
N PHE Z 61 -30.01 54.98 -73.68
CA PHE Z 61 -30.42 56.04 -74.58
C PHE Z 61 -29.43 57.21 -74.61
N THR Z 62 -28.98 57.67 -73.44
CA THR Z 62 -28.12 58.83 -73.35
C THR Z 62 -26.69 58.45 -73.00
N GLY Z 63 -26.27 57.23 -73.33
CA GLY Z 63 -24.95 56.75 -73.01
C GLY Z 63 -24.32 56.04 -74.18
N ASN Z 64 -23.10 55.57 -73.97
CA ASN Z 64 -22.32 54.91 -75.01
C ASN Z 64 -22.40 53.39 -74.90
N VAL Z 65 -23.62 52.87 -75.05
CA VAL Z 65 -23.85 51.43 -75.09
C VAL Z 65 -24.77 51.11 -76.25
N SER Z 66 -24.66 49.89 -76.75
CA SER Z 66 -25.53 49.39 -77.81
C SER Z 66 -26.12 48.06 -77.37
N ILE Z 67 -27.42 47.91 -77.54
CA ILE Z 67 -28.11 46.71 -77.10
C ILE Z 67 -28.12 45.69 -78.24
N ARG Z 68 -27.47 44.57 -78.02
CA ARG Z 68 -27.35 43.50 -79.00
C ARG Z 68 -27.19 42.19 -78.25
N GLY Z 69 -27.75 41.13 -78.81
CA GLY Z 69 -27.69 39.83 -78.14
C GLY Z 69 -29.04 39.28 -77.76
N ARG Z 70 -29.32 39.21 -76.46
CA ARG Z 70 -30.55 38.63 -75.96
C ARG Z 70 -31.35 39.65 -75.17
N ILE Z 71 -32.67 39.55 -75.27
CA ILE Z 71 -33.60 40.37 -74.51
C ILE Z 71 -34.36 39.45 -73.56
N LEU Z 72 -34.28 39.75 -72.27
CA LEU Z 72 -34.89 38.91 -71.24
C LEU Z 72 -35.81 39.75 -70.38
N SER Z 73 -36.53 39.09 -69.48
CA SER Z 73 -37.42 39.77 -68.56
C SER Z 73 -37.22 39.23 -67.16
N GLY Z 74 -37.51 40.06 -66.18
CA GLY Z 74 -37.33 39.67 -64.80
C GLY Z 74 -38.14 40.52 -63.86
N VAL Z 75 -38.02 40.22 -62.58
CA VAL Z 75 -38.77 40.89 -61.52
C VAL Z 75 -37.76 41.55 -60.58
N VAL Z 76 -37.98 42.83 -60.28
CA VAL Z 76 -37.03 43.59 -59.47
C VAL Z 76 -37.01 43.06 -58.06
N THR Z 77 -35.83 42.71 -57.58
CA THR Z 77 -35.65 42.15 -56.24
C THR Z 77 -35.16 43.21 -55.24
N LYS Z 78 -34.02 43.81 -55.51
CA LYS Z 78 -33.47 44.86 -54.65
C LYS Z 78 -33.08 46.07 -55.50
N MET Z 79 -33.08 47.23 -54.86
CA MET Z 79 -32.71 48.49 -55.48
C MET Z 79 -31.76 49.27 -54.60
N LYS Z 80 -30.76 48.58 -54.03
CA LYS Z 80 -29.87 49.18 -53.05
C LYS Z 80 -28.48 49.46 -53.62
N MET Z 81 -28.35 49.53 -54.93
CA MET Z 81 -27.08 49.80 -55.59
C MET Z 81 -27.20 51.06 -56.43
N GLN Z 82 -26.07 51.73 -56.64
CA GLN Z 82 -26.05 52.97 -57.39
C GLN Z 82 -26.28 52.68 -58.86
N ARG Z 83 -27.44 53.10 -59.38
CA ARG Z 83 -27.83 53.02 -60.78
C ARG Z 83 -27.92 51.59 -61.30
N THR Z 84 -27.82 50.59 -60.43
CA THR Z 84 -28.00 49.20 -60.82
C THR Z 84 -28.94 48.53 -59.84
N ILE Z 85 -29.72 47.58 -60.34
CA ILE Z 85 -30.64 46.79 -59.53
C ILE Z 85 -30.43 45.32 -59.87
N VAL Z 86 -30.88 44.46 -58.97
CA VAL Z 86 -30.83 43.02 -59.17
C VAL Z 86 -32.24 42.51 -59.42
N ILE Z 87 -32.39 41.72 -60.47
CA ILE Z 87 -33.68 41.12 -60.82
C ILE Z 87 -33.59 39.61 -60.66
N ARG Z 88 -34.74 38.99 -60.44
CA ARG Z 88 -34.82 37.55 -60.26
C ARG Z 88 -35.64 36.96 -61.40
N ARG Z 89 -35.06 35.99 -62.09
CA ARG Z 89 -35.74 35.30 -63.19
C ARG Z 89 -36.03 33.87 -62.75
N ASP Z 90 -37.31 33.56 -62.61
CA ASP Z 90 -37.75 32.24 -62.17
C ASP Z 90 -38.16 31.41 -63.37
N TYR Z 91 -37.69 30.17 -63.42
CA TYR Z 91 -37.94 29.29 -64.54
C TYR Z 91 -38.04 27.86 -64.04
N LEU Z 92 -38.44 26.96 -64.93
CA LEU Z 92 -38.62 25.55 -64.61
C LEU Z 92 -37.56 24.74 -65.33
N HIS Z 93 -36.92 23.81 -64.61
CA HIS Z 93 -35.92 22.93 -65.17
C HIS Z 93 -36.49 21.53 -65.26
N TYR Z 94 -36.52 20.98 -66.48
CA TYR Z 94 -37.09 19.68 -66.71
C TYR Z 94 -36.13 18.57 -66.27
N ILE Z 95 -36.65 17.61 -65.53
CA ILE Z 95 -35.92 16.42 -65.14
C ILE Z 95 -36.55 15.26 -65.89
N ARG Z 96 -35.78 14.66 -66.81
CA ARG Z 96 -36.33 13.64 -67.69
C ARG Z 96 -36.81 12.42 -66.92
N LYS Z 97 -35.97 11.92 -66.00
CA LYS Z 97 -36.27 10.67 -65.32
C LYS Z 97 -37.60 10.72 -64.60
N TYR Z 98 -37.86 11.81 -63.88
CA TYR Z 98 -39.10 11.96 -63.14
C TYR Z 98 -40.20 12.61 -63.95
N ASN Z 99 -39.91 13.04 -65.18
CA ASN Z 99 -40.89 13.70 -66.05
C ASN Z 99 -41.53 14.91 -65.38
N ARG Z 100 -40.77 15.57 -64.49
CA ARG Z 100 -41.29 16.67 -63.71
C ARG Z 100 -40.30 17.83 -63.75
N PHE Z 101 -40.74 18.97 -63.25
CA PHE Z 101 -39.98 20.20 -63.35
C PHE Z 101 -39.37 20.56 -62.00
N GLU Z 102 -38.54 21.59 -62.05
CA GLU Z 102 -37.75 22.02 -60.89
C GLU Z 102 -37.70 23.53 -60.91
N LYS Z 103 -38.33 24.16 -59.92
CA LYS Z 103 -38.34 25.61 -59.85
C LYS Z 103 -36.95 26.12 -59.51
N ARG Z 104 -36.36 26.87 -60.44
CA ARG Z 104 -35.05 27.45 -60.25
C ARG Z 104 -35.14 28.96 -60.44
N HIS Z 105 -34.04 29.64 -60.10
CA HIS Z 105 -33.94 31.07 -60.28
C HIS Z 105 -32.48 31.45 -60.45
N LYS Z 106 -32.25 32.63 -61.03
CA LYS Z 106 -30.91 33.16 -61.18
C LYS Z 106 -30.99 34.67 -61.00
N ASN Z 107 -30.39 35.17 -59.91
CA ASN Z 107 -30.29 36.61 -59.70
C ASN Z 107 -29.42 37.23 -60.78
N MET Z 108 -29.79 38.45 -61.18
CA MET Z 108 -29.10 39.12 -62.28
C MET Z 108 -29.00 40.60 -61.97
N SER Z 109 -27.77 41.09 -61.84
CA SER Z 109 -27.54 42.52 -61.63
C SER Z 109 -27.63 43.24 -62.97
N VAL Z 110 -28.53 44.21 -63.06
CA VAL Z 110 -28.74 44.96 -64.29
C VAL Z 110 -28.64 46.45 -63.99
N HIS Z 111 -28.15 47.20 -64.98
CA HIS Z 111 -28.05 48.65 -64.85
C HIS Z 111 -29.40 49.28 -65.11
N LEU Z 112 -29.80 50.20 -64.24
CA LEU Z 112 -31.05 50.93 -64.39
C LEU Z 112 -30.73 52.41 -64.56
N SER Z 113 -30.92 52.91 -65.78
CA SER Z 113 -30.66 54.30 -66.06
C SER Z 113 -31.66 55.18 -65.32
N PRO Z 114 -31.26 56.40 -64.93
CA PRO Z 114 -32.17 57.27 -64.17
C PRO Z 114 -33.40 57.72 -64.95
N CYS Z 115 -33.52 57.36 -66.23
CA CYS Z 115 -34.73 57.70 -66.98
C CYS Z 115 -35.96 56.96 -66.46
N PHE Z 116 -35.77 55.86 -65.76
CA PHE Z 116 -36.86 55.10 -65.15
C PHE Z 116 -36.93 55.48 -63.68
N ARG Z 117 -37.94 56.26 -63.31
CA ARG Z 117 -38.08 56.74 -61.93
C ARG Z 117 -39.04 55.89 -61.11
N ASP Z 118 -40.22 55.58 -61.66
CA ASP Z 118 -41.23 54.81 -60.94
C ASP Z 118 -40.90 53.32 -61.09
N VAL Z 119 -39.79 52.93 -60.48
CA VAL Z 119 -39.35 51.55 -60.42
C VAL Z 119 -39.36 51.12 -58.96
N GLN Z 120 -40.11 50.08 -58.65
CA GLN Z 120 -40.23 49.58 -57.30
C GLN Z 120 -40.00 48.08 -57.29
N ILE Z 121 -39.85 47.53 -56.09
CA ILE Z 121 -39.66 46.09 -55.94
C ILE Z 121 -40.92 45.37 -56.39
N GLY Z 122 -40.74 44.37 -57.26
CA GLY Z 122 -41.85 43.60 -57.79
C GLY Z 122 -42.26 43.96 -59.20
N ASP Z 123 -41.78 45.09 -59.72
CA ASP Z 123 -42.09 45.47 -61.08
C ASP Z 123 -41.40 44.55 -62.07
N ILE Z 124 -42.05 44.33 -63.21
CA ILE Z 124 -41.49 43.47 -64.26
C ILE Z 124 -40.71 44.34 -65.22
N VAL Z 125 -39.42 44.09 -65.34
CA VAL Z 125 -38.56 44.82 -66.24
C VAL Z 125 -38.14 43.92 -67.38
N THR Z 126 -37.82 44.53 -68.51
CA THR Z 126 -37.14 43.84 -69.58
C THR Z 126 -35.75 44.43 -69.74
N VAL Z 127 -34.78 43.57 -70.00
CA VAL Z 127 -33.39 43.97 -70.12
C VAL Z 127 -32.84 43.47 -71.44
N GLY Z 128 -31.86 44.20 -71.96
CA GLY Z 128 -31.19 43.84 -73.19
C GLY Z 128 -29.70 43.65 -72.93
N GLU Z 129 -29.09 42.73 -73.67
CA GLU Z 129 -27.69 42.46 -73.50
C GLU Z 129 -26.84 43.57 -74.10
N CYS Z 130 -25.81 43.97 -73.39
CA CYS Z 130 -24.90 45.00 -73.86
C CYS Z 130 -23.46 44.59 -73.62
N ARG Z 131 -22.52 45.50 -73.86
CA ARG Z 131 -21.15 45.24 -73.49
C ARG Z 131 -21.02 45.21 -71.97
N PRO Z 132 -20.06 44.47 -71.43
CA PRO Z 132 -19.91 44.39 -69.97
C PRO Z 132 -19.75 45.75 -69.30
N LEU Z 133 -20.75 46.12 -68.51
CA LEU Z 133 -20.73 47.41 -67.82
C LEU Z 133 -19.96 47.37 -66.52
N SER Z 134 -19.95 46.22 -65.85
CA SER Z 134 -19.17 46.04 -64.64
C SER Z 134 -18.72 44.60 -64.58
N LYS Z 135 -18.26 44.17 -63.39
CA LYS Z 135 -17.79 42.80 -63.25
C LYS Z 135 -18.91 41.79 -63.46
N THR Z 136 -20.10 42.06 -62.90
CA THR Z 136 -21.22 41.13 -62.99
C THR Z 136 -22.43 41.75 -63.68
N VAL Z 137 -22.24 42.83 -64.43
CA VAL Z 137 -23.34 43.53 -65.09
C VAL Z 137 -23.15 43.41 -66.59
N ARG Z 138 -24.12 42.80 -67.28
CA ARG Z 138 -24.07 42.71 -68.72
C ARG Z 138 -25.42 43.00 -69.37
N PHE Z 139 -26.41 43.46 -68.59
CA PHE Z 139 -27.74 43.72 -69.12
C PHE Z 139 -28.20 45.10 -68.67
N ASN Z 140 -28.98 45.74 -69.52
CA ASN Z 140 -29.44 47.09 -69.27
C ASN Z 140 -30.96 47.14 -69.38
N VAL Z 141 -31.60 47.85 -68.44
CA VAL Z 141 -33.05 47.93 -68.41
C VAL Z 141 -33.54 48.77 -69.58
N LEU Z 142 -34.54 48.26 -70.30
CA LEU Z 142 -35.11 48.95 -71.44
C LEU Z 142 -36.54 49.40 -71.23
N LYS Z 143 -37.35 48.62 -70.54
CA LYS Z 143 -38.75 48.94 -70.31
C LYS Z 143 -39.18 48.40 -68.97
N VAL Z 144 -40.01 49.16 -68.26
CA VAL Z 144 -40.46 48.83 -66.92
C VAL Z 144 -41.99 48.80 -66.94
N THR Z 145 -42.57 47.74 -66.39
CA THR Z 145 -44.01 47.64 -66.20
C THR Z 145 -44.30 47.40 -64.72
N LYS Z 146 -45.34 48.05 -64.22
CA LYS Z 146 -45.72 47.89 -62.82
C LYS Z 146 -46.48 46.59 -62.62
N ALA Z 147 -46.54 46.16 -61.37
CA ALA Z 147 -47.18 44.90 -60.99
C ALA Z 147 -48.26 45.19 -59.97
N ALA Z 148 -49.51 45.34 -60.44
CA ALA Z 148 -50.67 45.60 -59.58
C ALA Z 148 -50.49 46.84 -58.72
N GLY Z 149 -49.68 47.78 -59.19
CA GLY Z 149 -49.38 49.02 -58.49
C GLY Z 149 -50.18 50.18 -59.03
N THR Z 150 -49.55 51.34 -59.07
CA THR Z 150 -50.11 52.60 -59.58
C THR Z 150 -51.38 53.03 -58.87
N LYS Z 151 -51.71 52.42 -57.73
CA LYS Z 151 -52.89 52.79 -56.95
C LYS Z 151 -52.43 52.82 -55.48
N LYS Z 152 -51.94 53.98 -55.06
CA LYS Z 152 -51.34 54.13 -53.74
C LYS Z 152 -52.36 54.73 -52.77
N GLN Z 153 -52.68 53.97 -51.74
CA GLN Z 153 -53.66 54.38 -50.73
C GLN Z 153 -53.00 55.22 -49.64
N GLY AA 1 -62.72 20.19 -42.76
CA GLY AA 1 -62.38 20.14 -41.36
C GLY AA 1 -61.98 21.50 -40.83
N ARG AA 2 -62.07 21.68 -39.51
CA ARG AA 2 -61.70 22.95 -38.92
C ARG AA 2 -60.20 23.16 -39.03
N MET AA 3 -59.81 24.43 -39.18
CA MET AA 3 -58.41 24.76 -39.35
C MET AA 3 -57.59 24.36 -38.13
N HIS AA 4 -58.12 24.62 -36.93
CA HIS AA 4 -57.35 24.43 -35.70
C HIS AA 4 -58.10 23.56 -34.71
N ALA AA 5 -59.00 22.70 -35.19
CA ALA AA 5 -59.71 21.76 -34.33
C ALA AA 5 -59.91 20.48 -35.12
N PRO AA 6 -59.98 19.33 -34.43
CA PRO AA 6 -60.22 18.08 -35.15
C PRO AA 6 -61.70 17.84 -35.38
N GLY AA 7 -62.42 18.87 -35.80
CA GLY AA 7 -63.86 18.79 -35.99
C GLY AA 7 -64.17 18.88 -37.47
N LYS AA 8 -65.27 18.23 -37.87
CA LYS AA 8 -65.70 18.19 -39.25
C LYS AA 8 -67.19 18.47 -39.34
N GLY AA 9 -67.62 19.53 -38.67
CA GLY AA 9 -69.03 19.89 -38.69
C GLY AA 9 -69.48 20.41 -40.04
N LEU AA 10 -70.79 20.31 -40.27
CA LEU AA 10 -71.39 20.69 -41.54
C LEU AA 10 -72.42 21.80 -41.38
N SER AA 11 -72.45 22.47 -40.24
CA SER AA 11 -73.43 23.52 -40.00
C SER AA 11 -73.14 24.70 -40.90
N GLN AA 12 -73.98 24.91 -41.90
CA GLN AA 12 -73.84 26.00 -42.86
C GLN AA 12 -75.19 26.59 -43.18
N SER AA 13 -75.17 27.71 -43.89
CA SER AA 13 -76.39 28.34 -44.38
C SER AA 13 -76.59 27.96 -45.84
N ALA AA 14 -77.76 27.41 -46.14
CA ALA AA 14 -78.09 26.97 -47.50
C ALA AA 14 -78.96 28.03 -48.15
N LEU AA 15 -78.34 28.87 -48.98
CA LEU AA 15 -79.07 29.92 -49.65
C LEU AA 15 -80.07 29.32 -50.64
N PRO AA 16 -81.27 29.89 -50.74
CA PRO AA 16 -82.27 29.33 -51.67
C PRO AA 16 -81.88 29.58 -53.11
N TYR AA 17 -82.44 28.75 -53.99
CA TYR AA 17 -82.15 28.88 -55.42
C TYR AA 17 -82.67 30.18 -55.98
N ARG AA 18 -83.91 30.56 -55.63
CA ARG AA 18 -84.53 31.74 -56.21
C ARG AA 18 -83.83 33.00 -55.68
N ARG AA 19 -83.13 33.69 -56.56
CA ARG AA 19 -82.43 34.91 -56.17
C ARG AA 19 -83.38 36.09 -56.00
N SER AA 20 -84.51 36.08 -56.69
CA SER AA 20 -85.42 37.21 -56.68
C SER AA 20 -86.05 37.39 -55.30
N VAL AA 21 -86.30 38.65 -54.96
CA VAL AA 21 -86.93 39.01 -53.69
C VAL AA 21 -88.38 38.55 -53.69
N PRO AA 22 -88.92 38.11 -52.56
CA PRO AA 22 -90.33 37.74 -52.52
C PRO AA 22 -91.22 38.95 -52.68
N THR AA 23 -92.43 38.71 -53.20
CA THR AA 23 -93.32 39.82 -53.53
C THR AA 23 -93.89 40.51 -52.30
N TRP AA 24 -93.83 39.88 -51.13
CA TRP AA 24 -94.37 40.51 -49.94
C TRP AA 24 -93.40 41.48 -49.28
N LEU AA 25 -92.17 41.58 -49.78
CA LEU AA 25 -91.19 42.53 -49.26
C LEU AA 25 -91.40 43.86 -49.96
N LYS AA 26 -91.96 44.83 -49.24
CA LYS AA 26 -92.20 46.15 -49.80
C LYS AA 26 -90.99 47.07 -49.70
N LEU AA 27 -89.97 46.70 -48.93
CA LEU AA 27 -88.80 47.54 -48.78
C LEU AA 27 -88.03 47.60 -50.08
N THR AA 28 -87.60 48.81 -50.45
CA THR AA 28 -86.82 49.01 -51.67
C THR AA 28 -85.34 49.16 -51.32
N SER AA 29 -84.52 49.30 -52.37
CA SER AA 29 -83.08 49.33 -52.18
C SER AA 29 -82.64 50.52 -51.34
N ASP AA 30 -83.19 51.70 -51.63
CA ASP AA 30 -82.86 52.87 -50.82
C ASP AA 30 -83.35 52.72 -49.39
N ASP AA 31 -84.49 52.08 -49.19
CA ASP AA 31 -85.02 51.88 -47.84
C ASP AA 31 -84.09 50.99 -47.01
N VAL AA 32 -83.72 49.84 -47.56
CA VAL AA 32 -82.85 48.93 -46.82
C VAL AA 32 -81.46 49.54 -46.66
N LYS AA 33 -81.02 50.34 -47.64
CA LYS AA 33 -79.74 51.02 -47.50
C LYS AA 33 -79.79 52.04 -46.35
N GLU AA 34 -80.89 52.77 -46.23
CA GLU AA 34 -81.03 53.71 -45.13
C GLU AA 34 -81.03 52.98 -43.79
N GLN AA 35 -81.73 51.84 -43.73
CA GLN AA 35 -81.69 51.04 -42.51
C GLN AA 35 -80.27 50.60 -42.17
N ILE AA 36 -79.51 50.17 -43.19
CA ILE AA 36 -78.13 49.75 -42.99
C ILE AA 36 -77.28 50.90 -42.49
N TYR AA 37 -77.46 52.09 -43.07
CA TYR AA 37 -76.70 53.27 -42.61
C TYR AA 37 -77.04 53.58 -41.16
N LYS AA 38 -78.32 53.51 -40.80
CA LYS AA 38 -78.72 53.74 -39.43
C LYS AA 38 -78.04 52.77 -38.48
N LEU AA 39 -78.05 51.47 -38.83
CA LEU AA 39 -77.43 50.48 -37.95
C LEU AA 39 -75.92 50.68 -37.85
N ALA AA 40 -75.28 50.97 -38.98
CA ALA AA 40 -73.82 51.13 -38.99
C ALA AA 40 -73.40 52.33 -38.17
N LYS AA 41 -74.13 53.45 -38.29
CA LYS AA 41 -73.80 54.59 -37.45
C LYS AA 41 -74.17 54.34 -35.99
N LYS AA 42 -75.16 53.48 -35.74
CA LYS AA 42 -75.43 53.04 -34.37
C LYS AA 42 -74.25 52.27 -33.81
N GLY AA 43 -73.51 51.56 -34.65
CA GLY AA 43 -72.30 50.91 -34.21
C GLY AA 43 -72.36 49.40 -34.27
N LEU AA 44 -73.07 48.88 -35.27
CA LEU AA 44 -73.23 47.45 -35.44
C LEU AA 44 -72.30 46.95 -36.53
N THR AA 45 -71.74 45.76 -36.30
CA THR AA 45 -70.92 45.11 -37.30
C THR AA 45 -71.79 44.69 -38.49
N PRO AA 46 -71.19 44.55 -39.68
CA PRO AA 46 -72.01 44.15 -40.85
C PRO AA 46 -72.73 42.83 -40.68
N SER AA 47 -72.11 41.84 -40.03
CA SER AA 47 -72.79 40.59 -39.79
C SER AA 47 -73.99 40.78 -38.87
N GLN AA 48 -73.82 41.60 -37.83
CA GLN AA 48 -74.94 41.90 -36.95
C GLN AA 48 -76.04 42.66 -37.68
N ILE AA 49 -75.67 43.55 -38.60
CA ILE AA 49 -76.65 44.27 -39.40
C ILE AA 49 -77.45 43.30 -40.25
N GLY AA 50 -76.77 42.35 -40.89
CA GLY AA 50 -77.47 41.35 -41.67
C GLY AA 50 -78.40 40.50 -40.81
N VAL AA 51 -77.93 40.12 -39.62
CA VAL AA 51 -78.77 39.33 -38.72
C VAL AA 51 -80.02 40.11 -38.32
N ILE AA 52 -79.85 41.39 -37.97
CA ILE AA 52 -80.99 42.21 -37.56
C ILE AA 52 -81.98 42.37 -38.71
N LEU AA 53 -81.47 42.67 -39.90
CA LEU AA 53 -82.33 42.88 -41.05
C LEU AA 53 -83.07 41.61 -41.43
N ARG AA 54 -82.44 40.46 -41.26
CA ARG AA 54 -83.11 39.20 -41.55
C ARG AA 54 -84.16 38.90 -40.49
N ASP AA 55 -83.82 39.08 -39.22
CA ASP AA 55 -84.71 38.64 -38.14
C ASP AA 55 -85.94 39.54 -38.04
N SER AA 56 -85.78 40.85 -38.21
CA SER AA 56 -86.84 41.79 -37.91
C SER AA 56 -87.57 42.32 -39.14
N HIS AA 57 -86.85 42.70 -40.18
CA HIS AA 57 -87.43 43.44 -41.29
C HIS AA 57 -87.67 42.58 -42.51
N GLY AA 58 -87.49 41.27 -42.41
CA GLY AA 58 -87.81 40.39 -43.52
C GLY AA 58 -86.85 40.41 -44.66
N VAL AA 59 -85.70 41.08 -44.51
CA VAL AA 59 -84.70 41.15 -45.58
C VAL AA 59 -83.94 39.83 -45.56
N ALA AA 60 -84.31 38.92 -46.47
CA ALA AA 60 -83.67 37.61 -46.52
C ALA AA 60 -82.21 37.72 -46.93
N GLN AA 61 -81.91 38.53 -47.95
CA GLN AA 61 -80.54 38.71 -48.38
C GLN AA 61 -80.37 40.15 -48.88
N VAL AA 62 -79.52 40.90 -48.19
CA VAL AA 62 -79.27 42.29 -48.56
C VAL AA 62 -78.71 42.35 -49.98
N ARG AA 63 -77.88 41.37 -50.34
CA ARG AA 63 -77.35 41.33 -51.71
C ARG AA 63 -78.47 41.18 -52.73
N PHE AA 64 -79.46 40.35 -52.44
CA PHE AA 64 -80.55 40.18 -53.39
C PHE AA 64 -81.42 41.43 -53.45
N VAL AA 65 -81.63 42.09 -52.30
CA VAL AA 65 -82.51 43.26 -52.29
C VAL AA 65 -81.85 44.44 -53.00
N THR AA 66 -80.55 44.65 -52.78
CA THR AA 66 -79.88 45.86 -53.24
C THR AA 66 -79.03 45.68 -54.49
N GLY AA 67 -78.64 44.46 -54.82
CA GLY AA 67 -77.61 44.27 -55.81
C GLY AA 67 -76.21 44.50 -55.30
N ASN AA 68 -76.03 44.56 -53.99
CA ASN AA 68 -74.75 44.94 -53.41
C ASN AA 68 -74.65 44.39 -52.00
N LYS AA 69 -73.42 44.17 -51.55
CA LYS AA 69 -73.16 43.58 -50.25
C LYS AA 69 -73.06 44.66 -49.17
N ILE AA 70 -73.13 44.21 -47.91
CA ILE AA 70 -73.19 45.16 -46.80
C ILE AA 70 -71.87 45.89 -46.63
N LEU AA 71 -70.76 45.16 -46.68
CA LEU AA 71 -69.46 45.82 -46.52
C LEU AA 71 -69.19 46.79 -47.66
N ARG AA 72 -69.57 46.42 -48.87
CA ARG AA 72 -69.44 47.34 -50.00
C ARG AA 72 -70.31 48.58 -49.80
N ILE AA 73 -71.51 48.39 -49.25
CA ILE AA 73 -72.39 49.52 -48.97
C ILE AA 73 -71.74 50.46 -47.96
N LEU AA 74 -71.18 49.90 -46.89
CA LEU AA 74 -70.55 50.72 -45.87
C LEU AA 74 -69.32 51.44 -46.40
N LYS AA 75 -68.52 50.77 -47.24
CA LYS AA 75 -67.36 51.42 -47.80
C LYS AA 75 -67.75 52.51 -48.79
N SER AA 76 -68.81 52.28 -49.58
CA SER AA 76 -69.28 53.30 -50.51
C SER AA 76 -69.79 54.53 -49.77
N LYS AA 77 -70.48 54.32 -48.65
CA LYS AA 77 -70.90 55.45 -47.83
C LYS AA 77 -69.78 55.97 -46.94
N GLY AA 78 -68.63 55.31 -46.93
CA GLY AA 78 -67.49 55.79 -46.16
C GLY AA 78 -67.66 55.74 -44.66
N LEU AA 79 -68.19 54.64 -44.13
CA LEU AA 79 -68.29 54.50 -42.68
C LEU AA 79 -67.94 53.08 -42.22
N ALA AA 80 -67.33 52.27 -43.08
CA ALA AA 80 -66.82 50.98 -42.68
C ALA AA 80 -65.54 51.14 -41.85
N PRO AA 81 -65.31 50.25 -40.89
CA PRO AA 81 -64.09 50.34 -40.08
C PRO AA 81 -62.86 50.05 -40.91
N ASP AA 82 -61.74 50.64 -40.50
CA ASP AA 82 -60.48 50.37 -41.18
C ASP AA 82 -59.99 48.96 -40.92
N LEU AA 83 -60.31 48.40 -39.75
CA LEU AA 83 -59.94 47.03 -39.45
C LEU AA 83 -61.05 46.09 -39.90
N PRO AA 84 -60.72 44.98 -40.57
CA PRO AA 84 -61.76 44.04 -40.98
C PRO AA 84 -62.43 43.37 -39.79
N GLU AA 85 -63.64 42.85 -40.06
CA GLU AA 85 -64.51 42.33 -39.02
C GLU AA 85 -63.88 41.14 -38.29
N ASP AA 86 -63.59 40.07 -39.03
CA ASP AA 86 -63.07 38.86 -38.43
C ASP AA 86 -61.71 39.08 -37.81
N LEU AA 87 -60.87 39.91 -38.43
CA LEU AA 87 -59.58 40.23 -37.83
C LEU AA 87 -59.76 40.96 -36.51
N TYR AA 88 -60.71 41.91 -36.46
CA TYR AA 88 -60.99 42.62 -35.21
C TYR AA 88 -61.44 41.66 -34.12
N HIS AA 89 -62.35 40.74 -34.47
CA HIS AA 89 -62.85 39.81 -33.46
C HIS AA 89 -61.76 38.85 -33.00
N LEU AA 90 -60.91 38.40 -33.91
CA LEU AA 90 -59.81 37.52 -33.54
C LEU AA 90 -58.83 38.22 -32.61
N ILE AA 91 -58.50 39.48 -32.90
CA ILE AA 91 -57.61 40.22 -32.02
C ILE AA 91 -58.25 40.44 -30.66
N LYS AA 92 -59.56 40.69 -30.64
CA LYS AA 92 -60.27 40.81 -29.38
C LYS AA 92 -60.17 39.53 -28.56
N LYS AA 93 -60.38 38.38 -29.21
CA LYS AA 93 -60.27 37.10 -28.52
C LYS AA 93 -58.86 36.88 -27.99
N ALA AA 94 -57.84 37.18 -28.79
CA ALA AA 94 -56.47 36.99 -28.36
C ALA AA 94 -56.12 37.89 -27.19
N VAL AA 95 -56.64 39.12 -27.19
CA VAL AA 95 -56.41 40.02 -26.07
C VAL AA 95 -57.08 39.49 -24.81
N ALA AA 96 -58.29 38.94 -24.94
CA ALA AA 96 -58.95 38.34 -23.79
C ALA AA 96 -58.13 37.18 -23.23
N VAL AA 97 -57.62 36.33 -24.11
CA VAL AA 97 -56.84 35.18 -23.67
C VAL AA 97 -55.55 35.64 -22.98
N ARG AA 98 -54.89 36.66 -23.54
CA ARG AA 98 -53.69 37.18 -22.90
C ARG AA 98 -53.99 37.76 -21.52
N LYS AA 99 -55.10 38.47 -21.39
CA LYS AA 99 -55.47 39.02 -20.08
C LYS AA 99 -55.70 37.90 -19.07
N HIS AA 100 -56.37 36.83 -19.49
CA HIS AA 100 -56.56 35.69 -18.61
C HIS AA 100 -55.22 35.02 -18.27
N LEU AA 101 -54.34 34.93 -19.26
CA LEU AA 101 -53.08 34.21 -19.08
C LEU AA 101 -52.13 34.93 -18.15
N GLU AA 102 -52.05 36.26 -18.26
CA GLU AA 102 -51.16 37.00 -17.38
C GLU AA 102 -51.64 36.99 -15.93
N ARG AA 103 -52.88 36.60 -15.68
CA ARG AA 103 -53.35 36.34 -14.33
C ARG AA 103 -53.14 34.89 -13.91
N ASN AA 104 -53.23 33.96 -14.85
CA ASN AA 104 -53.07 32.52 -14.55
C ASN AA 104 -51.91 31.97 -15.37
N ARG AA 105 -50.73 31.88 -14.74
CA ARG AA 105 -49.55 31.39 -15.45
C ARG AA 105 -49.67 29.91 -15.81
N LYS AA 106 -50.29 29.12 -14.94
CA LYS AA 106 -50.30 27.68 -15.10
C LYS AA 106 -51.34 27.19 -16.08
N ASP AA 107 -52.12 28.07 -16.70
CA ASP AA 107 -53.16 27.67 -17.65
C ASP AA 107 -52.51 27.37 -19.00
N LYS AA 108 -51.86 26.21 -19.07
CA LYS AA 108 -51.18 25.80 -20.29
C LYS AA 108 -52.16 25.50 -21.43
N ASP AA 109 -53.39 25.08 -21.10
CA ASP AA 109 -54.40 24.96 -22.13
C ASP AA 109 -54.71 26.31 -22.76
N ALA AA 110 -54.84 27.35 -21.93
CA ALA AA 110 -55.04 28.69 -22.45
C ALA AA 110 -53.84 29.15 -23.26
N LYS AA 111 -52.64 28.77 -22.84
CA LYS AA 111 -51.44 29.08 -23.62
C LYS AA 111 -51.52 28.47 -25.02
N PHE AA 112 -51.84 27.18 -25.08
CA PHE AA 112 -51.95 26.48 -26.35
C PHE AA 112 -53.02 27.13 -27.24
N ARG AA 113 -54.16 27.47 -26.66
CA ARG AA 113 -55.19 28.17 -27.42
C ARG AA 113 -54.68 29.52 -27.90
N LEU AA 114 -53.82 30.18 -27.12
CA LEU AA 114 -53.29 31.47 -27.55
C LEU AA 114 -52.41 31.32 -28.79
N ILE AA 115 -51.55 30.30 -28.81
CA ILE AA 115 -50.81 30.04 -30.05
C ILE AA 115 -51.75 29.79 -31.21
N LEU AA 116 -52.83 29.03 -30.98
CA LEU AA 116 -53.78 28.78 -32.07
C LEU AA 116 -54.40 30.08 -32.59
N ILE AA 117 -54.85 30.94 -31.68
CA ILE AA 117 -55.52 32.18 -32.08
C ILE AA 117 -54.55 33.11 -32.80
N GLU AA 118 -53.31 33.22 -32.30
CA GLU AA 118 -52.33 34.06 -32.97
C GLU AA 118 -51.98 33.54 -34.34
N SER AA 119 -51.91 32.21 -34.50
CA SER AA 119 -51.68 31.64 -35.82
C SER AA 119 -52.78 32.05 -36.78
N ARG AA 120 -54.04 31.97 -36.33
CA ARG AA 120 -55.15 32.39 -37.18
C ARG AA 120 -55.05 33.87 -37.51
N ILE AA 121 -54.69 34.70 -36.53
CA ILE AA 121 -54.56 36.14 -36.74
C ILE AA 121 -53.51 36.42 -37.80
N HIS AA 122 -52.36 35.75 -37.69
CA HIS AA 122 -51.27 36.00 -38.63
C HIS AA 122 -51.62 35.54 -40.03
N ARG AA 123 -52.31 34.41 -40.17
CA ARG AA 123 -52.70 33.96 -41.50
C ARG AA 123 -53.73 34.91 -42.13
N LEU AA 124 -54.72 35.35 -41.34
CA LEU AA 124 -55.69 36.31 -41.84
C LEU AA 124 -55.04 37.62 -42.22
N ALA AA 125 -54.07 38.07 -41.42
CA ALA AA 125 -53.36 39.31 -41.74
C ALA AA 125 -52.51 39.16 -42.98
N ARG AA 126 -51.90 38.00 -43.22
CA ARG AA 126 -51.23 37.76 -44.48
C ARG AA 126 -52.19 37.91 -45.65
N TYR AA 127 -53.39 37.33 -45.51
CA TYR AA 127 -54.36 37.44 -46.59
C TYR AA 127 -54.76 38.89 -46.83
N TYR AA 128 -55.01 39.64 -45.76
CA TYR AA 128 -55.44 41.02 -45.95
C TYR AA 128 -54.32 41.89 -46.49
N LYS AA 129 -53.08 41.64 -46.09
CA LYS AA 129 -51.96 42.39 -46.63
C LYS AA 129 -51.76 42.10 -48.10
N THR AA 130 -51.90 40.84 -48.52
CA THR AA 130 -51.73 40.55 -49.94
C THR AA 130 -52.93 41.02 -50.75
N LYS AA 131 -54.08 41.24 -50.13
CA LYS AA 131 -55.21 41.86 -50.81
C LYS AA 131 -55.25 43.37 -50.63
N ARG AA 132 -54.25 43.93 -49.96
CA ARG AA 132 -54.04 45.36 -49.80
C ARG AA 132 -55.12 46.04 -48.96
N VAL AA 133 -55.88 45.27 -48.19
CA VAL AA 133 -56.79 45.87 -47.22
C VAL AA 133 -56.00 46.49 -46.08
N LEU AA 134 -54.99 45.80 -45.60
CA LEU AA 134 -54.11 46.29 -44.56
C LEU AA 134 -52.89 46.97 -45.18
N PRO AA 135 -52.25 47.87 -44.45
CA PRO AA 135 -51.02 48.47 -44.95
C PRO AA 135 -49.94 47.43 -45.12
N PRO AA 136 -49.01 47.64 -46.07
CA PRO AA 136 -47.94 46.65 -46.28
C PRO AA 136 -47.06 46.45 -45.07
N ASN AA 137 -46.96 47.43 -44.18
CA ASN AA 137 -46.16 47.32 -42.97
C ASN AA 137 -47.00 46.98 -41.74
N TRP AA 138 -48.27 46.64 -41.93
CA TRP AA 138 -49.12 46.28 -40.80
C TRP AA 138 -48.62 44.99 -40.17
N LYS AA 139 -48.68 44.94 -38.84
CA LYS AA 139 -48.17 43.79 -38.12
C LYS AA 139 -48.84 43.75 -36.75
N TYR AA 140 -49.24 42.56 -36.33
CA TYR AA 140 -49.91 42.37 -35.05
C TYR AA 140 -48.86 42.09 -33.99
N GLU AA 141 -48.84 42.90 -32.94
CA GLU AA 141 -47.91 42.73 -31.83
C GLU AA 141 -48.69 42.54 -30.54
N SER AA 142 -48.12 41.74 -29.65
CA SER AA 142 -48.75 41.48 -28.37
C SER AA 142 -48.88 42.75 -27.54
N SER AA 143 -47.83 43.57 -27.55
CA SER AA 143 -47.83 44.76 -26.72
C SER AA 143 -48.87 45.78 -27.17
N THR AA 144 -49.04 45.94 -28.48
CA THR AA 144 -49.94 46.95 -29.02
C THR AA 144 -51.34 46.44 -29.28
N ALA AA 145 -51.60 45.15 -29.06
CA ALA AA 145 -52.89 44.57 -29.41
C ALA AA 145 -54.01 45.14 -28.56
N SER AA 146 -53.76 45.35 -27.27
CA SER AA 146 -54.79 45.82 -26.37
C SER AA 146 -55.28 47.20 -26.77
N ALA AA 147 -54.37 48.09 -27.16
CA ALA AA 147 -54.78 49.38 -27.67
C ALA AA 147 -55.35 49.28 -29.09
N LEU AA 148 -54.88 48.31 -29.86
CA LEU AA 148 -55.33 48.15 -31.23
C LEU AA 148 -56.81 47.78 -31.29
N VAL AA 149 -57.25 46.88 -30.42
CA VAL AA 149 -58.63 46.42 -30.42
C VAL AA 149 -59.36 47.10 -29.26
N ALA AA 150 -60.57 47.61 -29.55
CA ALA AA 150 -61.42 48.27 -28.55
C ALA AA 150 -60.70 49.40 -27.81
N ILE BA 4 -78.21 -9.60 43.71
CA ILE BA 4 -76.84 -9.87 43.27
C ILE BA 4 -76.87 -9.92 41.73
N SER BA 5 -76.29 -10.96 41.12
CA SER BA 5 -76.29 -11.22 39.68
C SER BA 5 -75.44 -10.20 38.92
N LEU BA 6 -74.91 -9.20 39.62
CA LEU BA 6 -73.99 -8.21 39.07
C LEU BA 6 -74.59 -7.48 37.88
N GLY BA 7 -75.91 -7.35 37.84
CA GLY BA 7 -76.58 -6.79 36.69
C GLY BA 7 -77.81 -5.99 37.05
N PRO BA 8 -78.63 -5.69 36.04
CA PRO BA 8 -79.80 -4.86 36.28
C PRO BA 8 -81.02 -5.66 36.71
N GLN BA 9 -82.11 -4.96 36.97
CA GLN BA 9 -83.39 -5.59 37.29
C GLN BA 9 -84.33 -5.42 36.11
N VAL BA 10 -84.89 -6.54 35.63
CA VAL BA 10 -85.77 -6.54 34.48
C VAL BA 10 -87.02 -7.34 34.81
N ALA BA 11 -88.05 -7.14 33.99
CA ALA BA 11 -89.29 -7.89 34.12
C ALA BA 11 -89.13 -9.26 33.46
N GLU BA 12 -90.24 -9.97 33.28
CA GLU BA 12 -90.19 -11.31 32.70
C GLU BA 12 -90.37 -11.29 31.18
N GLY BA 13 -91.31 -10.50 30.67
CA GLY BA 13 -91.60 -10.48 29.25
C GLY BA 13 -90.67 -9.64 28.40
N GLU BA 14 -89.68 -8.98 29.01
CA GLU BA 14 -88.77 -8.14 28.27
C GLU BA 14 -87.33 -8.50 28.64
N ASN BA 15 -86.42 -8.23 27.71
CA ASN BA 15 -85.02 -8.64 27.82
C ASN BA 15 -84.10 -7.45 27.67
N VAL BA 16 -82.92 -7.56 28.24
CA VAL BA 16 -81.92 -6.50 28.23
C VAL BA 16 -80.99 -6.68 27.04
N PHE BA 17 -80.69 -5.57 26.36
CA PHE BA 17 -79.98 -5.58 25.10
C PHE BA 17 -78.55 -5.08 25.27
N GLY BA 18 -77.60 -5.84 24.70
CA GLY BA 18 -76.24 -5.39 24.51
C GLY BA 18 -75.92 -5.35 23.03
N VAL BA 19 -74.65 -5.12 22.73
CA VAL BA 19 -74.16 -5.06 21.35
C VAL BA 19 -73.00 -6.03 21.22
N CYS BA 20 -73.00 -6.80 20.15
CA CYS BA 20 -71.91 -7.71 19.85
C CYS BA 20 -71.21 -7.26 18.57
N HIS BA 21 -69.99 -6.79 18.70
CA HIS BA 21 -69.14 -6.45 17.57
C HIS BA 21 -68.33 -7.69 17.20
N ILE BA 22 -68.61 -8.24 16.03
CA ILE BA 22 -67.91 -9.42 15.54
C ILE BA 22 -66.98 -8.94 14.43
N PHE BA 23 -65.71 -8.78 14.77
CA PHE BA 23 -64.68 -8.41 13.81
C PHE BA 23 -64.07 -9.70 13.30
N ALA BA 24 -64.62 -10.21 12.20
CA ALA BA 24 -64.20 -11.50 11.67
C ALA BA 24 -63.28 -11.26 10.49
N SER BA 25 -61.99 -11.10 10.79
CA SER BA 25 -61.04 -10.90 9.71
C SER BA 25 -60.52 -12.27 9.29
N PHE BA 26 -59.51 -12.28 8.43
CA PHE BA 26 -58.70 -13.46 8.30
C PHE BA 26 -57.60 -13.38 9.35
N ASN BA 27 -57.09 -14.55 9.72
CA ASN BA 27 -56.11 -14.76 10.79
C ASN BA 27 -56.70 -14.58 12.18
N ASP BA 28 -57.94 -14.11 12.31
CA ASP BA 28 -58.56 -13.94 13.62
C ASP BA 28 -60.03 -13.55 13.51
N THR BA 29 -60.73 -13.72 14.62
CA THR BA 29 -62.09 -13.24 14.80
C THR BA 29 -62.26 -12.72 16.23
N PHE BA 30 -62.95 -11.60 16.35
CA PHE BA 30 -63.23 -10.94 17.62
C PHE BA 30 -64.73 -10.99 17.88
N VAL BA 31 -65.10 -11.40 19.08
CA VAL BA 31 -66.51 -11.64 19.40
C VAL BA 31 -66.87 -10.66 20.52
N HIS BA 32 -66.37 -9.43 20.40
CA HIS BA 32 -66.51 -8.43 21.45
C HIS BA 32 -67.98 -8.18 21.78
N VAL BA 33 -68.27 -7.97 23.06
CA VAL BA 33 -69.61 -7.59 23.51
C VAL BA 33 -69.51 -6.38 24.40
N THR BA 34 -70.23 -5.33 24.06
CA THR BA 34 -70.30 -4.08 24.79
C THR BA 34 -71.75 -3.79 25.16
N ASP BA 35 -71.95 -2.70 25.90
CA ASP BA 35 -73.29 -2.28 26.26
C ASP BA 35 -73.91 -1.56 25.06
N LEU BA 36 -75.06 -0.92 25.28
CA LEU BA 36 -75.76 -0.27 24.19
C LEU BA 36 -74.99 0.94 23.67
N SER BA 37 -74.27 1.64 24.55
CA SER BA 37 -73.45 2.75 24.10
C SER BA 37 -72.22 2.27 23.36
N GLY BA 38 -71.62 1.18 23.84
CA GLY BA 38 -70.37 0.68 23.30
C GLY BA 38 -69.15 1.12 24.08
N LYS BA 39 -69.27 2.16 24.90
CA LYS BA 39 -68.14 2.59 25.72
C LYS BA 39 -67.78 1.53 26.75
N GLU BA 40 -68.77 0.94 27.40
CA GLU BA 40 -68.52 -0.09 28.40
C GLU BA 40 -68.60 -1.46 27.74
N THR BA 41 -67.60 -2.29 28.00
CA THR BA 41 -67.55 -3.62 27.44
C THR BA 41 -67.68 -4.67 28.53
N ILE BA 42 -68.27 -5.80 28.15
CA ILE BA 42 -68.57 -6.88 29.09
C ILE BA 42 -67.57 -8.00 28.93
N CYS BA 43 -67.46 -8.54 27.71
CA CYS BA 43 -66.55 -9.65 27.49
C CYS BA 43 -66.08 -9.63 26.05
N ARG BA 44 -64.80 -9.90 25.87
CA ARG BA 44 -64.20 -10.05 24.55
C ARG BA 44 -63.42 -11.35 24.52
N VAL BA 45 -63.79 -12.26 23.63
CA VAL BA 45 -63.08 -13.50 23.42
C VAL BA 45 -62.67 -13.57 21.95
N THR BA 46 -61.41 -13.89 21.72
CA THR BA 46 -60.87 -14.01 20.37
C THR BA 46 -60.60 -15.48 20.04
N GLY BA 47 -60.43 -15.75 18.75
CA GLY BA 47 -60.15 -17.12 18.33
C GLY BA 47 -58.82 -17.62 18.85
N GLY BA 48 -57.84 -16.74 18.94
CA GLY BA 48 -56.56 -17.10 19.51
C GLY BA 48 -56.58 -17.34 21.00
N MET BA 49 -57.65 -16.91 21.68
CA MET BA 49 -57.82 -17.28 23.07
C MET BA 49 -58.27 -18.73 23.18
N LYS BA 50 -59.18 -19.15 22.31
CA LYS BA 50 -59.71 -20.51 22.38
C LYS BA 50 -58.69 -21.52 21.86
N VAL BA 51 -58.06 -21.24 20.73
CA VAL BA 51 -57.13 -22.19 20.13
C VAL BA 51 -55.71 -21.65 20.27
N LYS BA 52 -54.75 -22.58 20.29
CA LYS BA 52 -53.35 -22.21 20.40
C LYS BA 52 -52.52 -22.79 19.26
N ALA BA 53 -53.17 -23.21 18.17
CA ALA BA 53 -52.48 -23.78 17.03
C ALA BA 53 -51.97 -22.74 16.04
N ASP BA 54 -52.43 -21.49 16.15
CA ASP BA 54 -51.94 -20.34 15.38
C ASP BA 54 -52.37 -20.42 13.91
N ARG BA 55 -52.92 -21.55 13.50
CA ARG BA 55 -53.49 -21.71 12.16
C ARG BA 55 -54.98 -21.45 12.17
N ASP BA 56 -55.64 -21.85 13.25
CA ASP BA 56 -57.09 -21.91 13.33
C ASP BA 56 -57.68 -20.75 14.11
N GLU BA 57 -56.91 -19.67 14.30
CA GLU BA 57 -57.45 -18.51 15.00
C GLU BA 57 -58.61 -17.90 14.23
N SER BA 58 -58.60 -18.02 12.90
CA SER BA 58 -59.70 -17.57 12.07
C SER BA 58 -60.68 -18.69 11.74
N SER BA 59 -60.50 -19.87 12.33
CA SER BA 59 -61.34 -21.00 11.97
C SER BA 59 -62.76 -20.83 12.50
N PRO BA 60 -63.76 -21.34 11.78
CA PRO BA 60 -65.14 -21.29 12.28
C PRO BA 60 -65.32 -22.02 13.60
N TYR BA 61 -64.58 -23.10 13.83
CA TYR BA 61 -64.67 -23.79 15.11
C TYR BA 61 -64.18 -22.92 16.25
N ALA BA 62 -63.07 -22.21 16.04
CA ALA BA 62 -62.57 -21.29 17.05
C ALA BA 62 -63.57 -20.15 17.30
N ALA BA 63 -64.18 -19.65 16.23
CA ALA BA 63 -65.19 -18.61 16.40
C ALA BA 63 -66.38 -19.13 17.19
N MET BA 64 -66.80 -20.38 16.92
CA MET BA 64 -67.91 -20.96 17.67
C MET BA 64 -67.57 -21.09 19.15
N LEU BA 65 -66.35 -21.53 19.46
CA LEU BA 65 -65.95 -21.65 20.86
C LEU BA 65 -65.93 -20.29 21.55
N ALA BA 66 -65.39 -19.27 20.87
CA ALA BA 66 -65.36 -17.93 21.44
C ALA BA 66 -66.78 -17.40 21.66
N ALA BA 67 -67.67 -17.63 20.70
CA ALA BA 67 -69.05 -17.18 20.86
C ALA BA 67 -69.73 -17.88 22.02
N GLN BA 68 -69.51 -19.19 22.19
CA GLN BA 68 -70.11 -19.90 23.31
C GLN BA 68 -69.60 -19.35 24.64
N ASP BA 69 -68.29 -19.09 24.74
CA ASP BA 69 -67.74 -18.55 25.97
C ASP BA 69 -68.31 -17.17 26.28
N VAL BA 70 -68.36 -16.29 25.28
CA VAL BA 70 -68.86 -14.95 25.56
C VAL BA 70 -70.35 -14.98 25.84
N ALA BA 71 -71.08 -15.93 25.25
CA ALA BA 71 -72.50 -16.05 25.54
C ALA BA 71 -72.72 -16.50 26.98
N GLN BA 72 -71.92 -17.44 27.45
CA GLN BA 72 -72.03 -17.84 28.86
C GLN BA 72 -71.70 -16.69 29.79
N ARG BA 73 -70.64 -15.93 29.47
CA ARG BA 73 -70.29 -14.79 30.30
C ARG BA 73 -71.41 -13.75 30.33
N CYS BA 74 -72.02 -13.47 29.17
CA CYS BA 74 -73.10 -12.50 29.12
C CYS BA 74 -74.33 -13.00 29.87
N LYS BA 75 -74.61 -14.30 29.80
CA LYS BA 75 -75.73 -14.86 30.53
C LYS BA 75 -75.52 -14.71 32.03
N GLU BA 76 -74.33 -15.06 32.52
CA GLU BA 76 -74.10 -14.96 33.96
C GLU BA 76 -73.96 -13.51 34.42
N LEU BA 77 -73.65 -12.58 33.52
CA LEU BA 77 -73.63 -11.18 33.88
C LEU BA 77 -74.95 -10.47 33.63
N GLY BA 78 -75.93 -11.16 33.06
CA GLY BA 78 -77.26 -10.59 32.95
C GLY BA 78 -77.52 -9.81 31.68
N ILE BA 79 -77.15 -10.37 30.54
CA ILE BA 79 -77.47 -9.81 29.24
C ILE BA 79 -78.11 -10.91 28.41
N THR BA 80 -79.27 -10.62 27.83
CA THR BA 80 -80.07 -11.64 27.18
C THR BA 80 -80.23 -11.47 25.67
N ALA BA 81 -80.18 -10.25 25.15
CA ALA BA 81 -80.31 -10.03 23.71
C ALA BA 81 -79.14 -9.21 23.22
N LEU BA 82 -78.82 -9.36 21.94
CA LEU BA 82 -77.65 -8.72 21.37
C LEU BA 82 -77.96 -8.16 19.99
N HIS BA 83 -77.53 -6.93 19.75
CA HIS BA 83 -77.52 -6.34 18.41
C HIS BA 83 -76.18 -6.65 17.76
N ILE BA 84 -76.21 -7.24 16.58
CA ILE BA 84 -75.02 -7.75 15.91
C ILE BA 84 -74.44 -6.67 15.02
N LYS BA 85 -73.12 -6.49 15.07
CA LYS BA 85 -72.38 -5.57 14.21
C LYS BA 85 -71.22 -6.36 13.60
N LEU BA 86 -71.41 -6.87 12.38
CA LEU BA 86 -70.34 -7.57 11.70
C LEU BA 86 -69.34 -6.59 11.12
N ARG BA 87 -68.08 -7.03 11.04
CA ARG BA 87 -67.03 -6.15 10.54
C ARG BA 87 -65.92 -6.99 9.93
N ALA BA 88 -65.63 -6.75 8.65
CA ALA BA 88 -64.45 -7.31 8.01
C ALA BA 88 -63.26 -6.40 8.32
N THR BA 89 -62.12 -6.67 7.69
CA THR BA 89 -60.94 -5.86 7.94
C THR BA 89 -61.16 -4.41 7.53
N GLY BA 90 -61.76 -4.20 6.36
CA GLY BA 90 -62.08 -2.85 5.97
C GLY BA 90 -60.87 -2.02 5.57
N GLY BA 91 -61.08 -0.70 5.57
CA GLY BA 91 -60.03 0.19 5.10
C GLY BA 91 -59.80 -0.02 3.61
N ASN BA 92 -58.54 0.08 3.21
CA ASN BA 92 -58.17 -0.26 1.85
C ASN BA 92 -57.94 -1.75 1.64
N ARG BA 93 -58.38 -2.58 2.59
CA ARG BA 93 -58.24 -4.02 2.50
C ARG BA 93 -59.61 -4.65 2.24
N THR BA 94 -59.66 -5.98 2.30
CA THR BA 94 -60.85 -6.71 1.86
C THR BA 94 -62.06 -6.39 2.72
N LYS BA 95 -63.21 -6.24 2.07
CA LYS BA 95 -64.46 -5.98 2.75
C LYS BA 95 -65.28 -7.23 3.03
N THR BA 96 -64.85 -8.38 2.56
CA THR BA 96 -65.60 -9.58 2.88
C THR BA 96 -65.23 -10.10 4.27
N PRO BA 97 -66.22 -10.50 5.07
CA PRO BA 97 -65.90 -11.03 6.40
C PRO BA 97 -65.21 -12.37 6.31
N GLY BA 98 -64.49 -12.71 7.38
CA GLY BA 98 -63.72 -13.92 7.43
C GLY BA 98 -64.58 -15.15 7.61
N PRO BA 99 -63.92 -16.30 7.69
CA PRO BA 99 -64.67 -17.56 7.86
C PRO BA 99 -65.48 -17.63 9.13
N GLY BA 100 -65.04 -16.97 10.20
CA GLY BA 100 -65.65 -17.16 11.50
C GLY BA 100 -66.91 -16.37 11.77
N ALA BA 101 -67.30 -15.45 10.90
CA ALA BA 101 -68.45 -14.60 11.17
C ALA BA 101 -69.74 -15.42 11.28
N GLN BA 102 -70.01 -16.25 10.28
CA GLN BA 102 -71.23 -17.05 10.29
C GLN BA 102 -71.26 -17.98 11.49
N SER BA 103 -70.15 -18.67 11.76
CA SER BA 103 -70.12 -19.62 12.84
C SER BA 103 -70.31 -18.95 14.19
N ALA BA 104 -69.65 -17.81 14.41
CA ALA BA 104 -69.79 -17.10 15.68
C ALA BA 104 -71.21 -16.59 15.86
N LEU BA 105 -71.81 -16.02 14.81
CA LEU BA 105 -73.18 -15.52 14.93
C LEU BA 105 -74.16 -16.65 15.19
N ARG BA 106 -74.01 -17.77 14.47
CA ARG BA 106 -74.91 -18.90 14.67
C ARG BA 106 -74.73 -19.51 16.05
N ALA BA 107 -73.50 -19.58 16.54
CA ALA BA 107 -73.27 -20.10 17.89
C ALA BA 107 -73.91 -19.20 18.93
N LEU BA 108 -73.81 -17.89 18.75
CA LEU BA 108 -74.47 -16.96 19.66
C LEU BA 108 -75.98 -17.15 19.65
N ALA BA 109 -76.55 -17.32 18.46
CA ALA BA 109 -78.00 -17.50 18.38
C ALA BA 109 -78.44 -18.81 19.01
N ARG BA 110 -77.72 -19.89 18.77
CA ARG BA 110 -78.13 -21.22 19.21
C ARG BA 110 -77.61 -21.58 20.59
N SER BA 111 -76.84 -20.71 21.23
CA SER BA 111 -76.42 -20.93 22.61
C SER BA 111 -77.43 -20.44 23.62
N GLY BA 112 -78.45 -19.69 23.20
CA GLY BA 112 -79.45 -19.20 24.12
C GLY BA 112 -79.41 -17.71 24.31
N MET BA 113 -79.00 -16.98 23.28
CA MET BA 113 -78.96 -15.53 23.31
C MET BA 113 -79.86 -15.00 22.21
N LYS BA 114 -80.71 -14.03 22.53
CA LYS BA 114 -81.63 -13.47 21.56
C LYS BA 114 -80.90 -12.52 20.61
N ILE BA 115 -81.40 -12.43 19.39
CA ILE BA 115 -80.76 -11.66 18.32
C ILE BA 115 -81.67 -10.52 17.93
N GLY BA 116 -81.11 -9.32 17.88
CA GLY BA 116 -81.81 -8.13 17.42
C GLY BA 116 -81.41 -7.77 16.01
N ARG BA 117 -81.18 -6.48 15.79
CA ARG BA 117 -80.83 -5.99 14.46
C ARG BA 117 -79.39 -6.35 14.13
N ILE BA 118 -79.17 -6.70 12.86
CA ILE BA 118 -77.85 -7.07 12.37
C ILE BA 118 -77.37 -5.97 11.43
N GLU BA 119 -76.12 -5.55 11.63
CA GLU BA 119 -75.58 -4.42 10.89
C GLU BA 119 -74.17 -4.76 10.42
N ASP BA 120 -73.82 -4.25 9.24
CA ASP BA 120 -72.46 -4.32 8.73
C ASP BA 120 -71.80 -2.96 8.93
N VAL BA 121 -70.76 -2.93 9.74
CA VAL BA 121 -70.11 -1.67 10.09
C VAL BA 121 -68.67 -1.65 9.59
N THR BA 122 -68.43 -2.37 8.50
CA THR BA 122 -67.08 -2.47 7.96
C THR BA 122 -66.60 -1.11 7.47
N PRO BA 123 -65.40 -0.67 7.86
CA PRO BA 123 -64.92 0.63 7.41
C PRO BA 123 -64.63 0.65 5.93
N ILE BA 124 -65.45 1.39 5.19
CA ILE BA 124 -65.29 1.55 3.75
C ILE BA 124 -64.84 2.98 3.49
N PRO BA 125 -63.79 3.20 2.73
CA PRO BA 125 -63.31 4.56 2.49
C PRO BA 125 -64.01 5.20 1.32
N SER BA 126 -64.08 6.53 1.37
CA SER BA 126 -64.43 7.34 0.20
C SER BA 126 -63.16 7.71 -0.57
N ASP BA 127 -62.43 6.66 -0.97
CA ASP BA 127 -61.09 6.67 -1.57
C ASP BA 127 -60.02 6.87 -0.50
N SER BA 128 -59.11 5.91 -0.42
CA SER BA 128 -58.23 5.74 0.72
C SER BA 128 -56.79 6.02 0.34
N THR BA 129 -55.91 5.80 1.32
CA THR BA 129 -54.48 5.82 1.10
C THR BA 129 -54.07 4.60 0.28
N ARG BA 130 -52.83 4.63 -0.21
CA ARG BA 130 -52.35 3.57 -1.09
C ARG BA 130 -52.27 2.24 -0.34
N ARG BA 131 -52.76 1.18 -0.97
CA ARG BA 131 -52.81 -0.12 -0.34
C ARG BA 131 -51.48 -0.84 -0.47
N LYS BA 132 -51.12 -1.60 0.57
CA LYS BA 132 -49.86 -2.31 0.60
C LYS BA 132 -49.80 -3.39 -0.48
N GLY BA 133 -48.63 -3.54 -1.11
CA GLY BA 133 -48.44 -4.62 -2.05
C GLY BA 133 -47.69 -4.28 -3.32
N GLY BA 134 -47.52 -2.99 -3.59
CA GLY BA 134 -46.93 -2.55 -4.84
C GLY BA 134 -47.92 -2.59 -5.98
N ARG BA 135 -47.49 -2.08 -7.12
CA ARG BA 135 -48.37 -2.06 -8.28
C ARG BA 135 -48.44 -3.40 -9.00
N ARG BA 136 -47.52 -4.31 -8.71
CA ARG BA 136 -47.59 -5.67 -9.23
C ARG BA 136 -48.23 -6.64 -8.25
N GLY BA 137 -48.66 -6.14 -7.09
CA GLY BA 137 -49.40 -6.95 -6.16
C GLY BA 137 -48.55 -7.96 -5.42
N ARG BA 138 -49.24 -8.89 -4.77
CA ARG BA 138 -48.60 -9.94 -4.00
C ARG BA 138 -48.35 -11.11 -4.93
N ARG BA 139 -47.14 -11.18 -5.46
CA ARG BA 139 -46.80 -12.27 -6.39
C ARG BA 139 -46.75 -13.59 -5.64
N LEU BA 140 -47.41 -14.60 -6.16
CA LEU BA 140 -47.43 -15.91 -5.53
C LEU BA 140 -47.33 -17.03 -6.56
N MET CA 1 -62.56 -10.78 -81.58
CA MET CA 1 -63.24 -11.62 -82.56
C MET CA 1 -63.55 -10.83 -83.84
N GLN CA 2 -64.02 -11.55 -84.86
CA GLN CA 2 -64.41 -10.97 -86.15
C GLN CA 2 -63.24 -10.22 -86.78
N ASN CA 3 -62.23 -10.99 -87.17
CA ASN CA 3 -61.06 -10.45 -87.86
C ASN CA 3 -61.49 -9.75 -89.15
N ASP CA 4 -60.56 -8.94 -89.68
CA ASP CA 4 -60.88 -8.07 -90.81
C ASP CA 4 -61.28 -8.84 -92.07
N ALA CA 5 -60.96 -10.14 -92.12
CA ALA CA 5 -61.44 -10.97 -93.22
C ALA CA 5 -62.96 -11.04 -93.23
N GLY CA 6 -63.58 -11.11 -92.04
CA GLY CA 6 -65.02 -11.08 -91.94
C GLY CA 6 -65.64 -12.36 -91.43
N GLU CA 7 -64.92 -13.09 -90.60
CA GLU CA 7 -65.44 -14.31 -89.99
C GLU CA 7 -65.35 -14.22 -88.48
N PHE CA 8 -66.34 -14.80 -87.81
CA PHE CA 8 -66.46 -14.71 -86.35
C PHE CA 8 -65.47 -15.68 -85.73
N VAL CA 9 -64.26 -15.20 -85.46
CA VAL CA 9 -63.21 -16.05 -84.87
C VAL CA 9 -63.39 -15.96 -83.36
N ASP CA 10 -64.33 -16.76 -82.86
CA ASP CA 10 -64.60 -16.86 -81.43
C ASP CA 10 -65.39 -18.12 -81.20
N LEU CA 11 -64.87 -19.01 -80.35
CA LEU CA 11 -65.47 -20.33 -80.21
C LEU CA 11 -66.87 -20.28 -79.58
N TYR CA 12 -67.14 -19.29 -78.73
CA TYR CA 12 -68.51 -18.95 -78.41
C TYR CA 12 -68.53 -17.53 -77.85
N VAL CA 13 -69.72 -16.95 -77.81
CA VAL CA 13 -69.94 -15.63 -77.21
C VAL CA 13 -70.76 -15.83 -75.93
N PRO CA 14 -70.27 -15.39 -74.78
CA PRO CA 14 -70.97 -15.63 -73.53
C PRO CA 14 -72.19 -14.73 -73.37
N ARG CA 15 -73.10 -15.16 -72.50
CA ARG CA 15 -74.26 -14.37 -72.17
C ARG CA 15 -73.88 -13.23 -71.24
N LYS CA 16 -74.68 -12.17 -71.27
CA LYS CA 16 -74.51 -11.02 -70.41
C LYS CA 16 -75.70 -10.90 -69.48
N CYS CA 17 -75.42 -10.61 -68.22
CA CYS CA 17 -76.47 -10.41 -67.24
C CYS CA 17 -77.41 -9.30 -67.68
N SER CA 18 -78.70 -9.56 -67.63
CA SER CA 18 -79.69 -8.59 -68.09
C SER CA 18 -79.98 -7.53 -67.06
N ALA CA 19 -79.16 -7.42 -66.02
CA ALA CA 19 -79.29 -6.40 -64.99
C ALA CA 19 -78.08 -5.49 -64.88
N SER CA 20 -76.87 -6.05 -64.96
CA SER CA 20 -75.65 -5.26 -64.84
C SER CA 20 -74.77 -5.36 -66.07
N ASN CA 21 -75.22 -6.06 -67.12
CA ASN CA 21 -74.51 -6.14 -68.39
C ASN CA 21 -73.11 -6.74 -68.24
N ARG CA 22 -72.89 -7.54 -67.20
CA ARG CA 22 -71.63 -8.21 -66.99
C ARG CA 22 -71.61 -9.56 -67.70
N ILE CA 23 -70.42 -9.97 -68.13
CA ILE CA 23 -70.28 -11.27 -68.77
C ILE CA 23 -70.47 -12.36 -67.74
N ILE CA 24 -71.33 -13.33 -68.03
CA ILE CA 24 -71.47 -14.50 -67.17
C ILE CA 24 -70.39 -15.50 -67.57
N GLY CA 25 -69.48 -15.77 -66.64
CA GLY CA 25 -68.37 -16.65 -66.92
C GLY CA 25 -68.81 -18.10 -67.08
N ALA CA 26 -67.91 -18.89 -67.66
CA ALA CA 26 -68.19 -20.30 -67.86
C ALA CA 26 -68.23 -21.06 -66.53
N LYS CA 27 -67.44 -20.63 -65.55
CA LYS CA 27 -67.39 -21.30 -64.26
C LYS CA 27 -68.25 -20.59 -63.21
N ASP CA 28 -69.03 -19.60 -63.61
CA ASP CA 28 -69.91 -18.88 -62.69
C ASP CA 28 -71.16 -19.71 -62.48
N HIS CA 29 -71.10 -20.60 -61.50
CA HIS CA 29 -72.23 -21.49 -61.23
C HIS CA 29 -73.29 -20.85 -60.37
N ALA CA 30 -73.06 -19.64 -59.86
CA ALA CA 30 -74.12 -18.94 -59.14
C ALA CA 30 -75.11 -18.27 -60.07
N SER CA 31 -74.73 -18.01 -61.32
CA SER CA 31 -75.60 -17.33 -62.26
C SER CA 31 -76.82 -18.17 -62.60
N ILE CA 32 -77.92 -17.49 -62.92
CA ILE CA 32 -79.15 -18.16 -63.31
C ILE CA 32 -79.65 -17.57 -64.62
N GLN CA 33 -80.46 -18.35 -65.32
CA GLN CA 33 -81.09 -17.93 -66.56
C GLN CA 33 -82.49 -18.55 -66.58
N MET CA 34 -83.50 -17.74 -66.26
CA MET CA 34 -84.84 -18.24 -66.02
C MET CA 34 -85.82 -17.70 -67.05
N ASN CA 35 -86.90 -18.45 -67.25
CA ASN CA 35 -87.95 -18.11 -68.19
C ASN CA 35 -89.22 -17.75 -67.45
N VAL CA 36 -89.95 -16.79 -67.98
CA VAL CA 36 -91.24 -16.37 -67.45
C VAL CA 36 -92.27 -16.55 -68.55
N ALA CA 37 -93.35 -17.25 -68.24
CA ALA CA 37 -94.34 -17.64 -69.24
C ALA CA 37 -95.40 -16.56 -69.35
N GLU CA 38 -95.45 -15.89 -70.49
CA GLU CA 38 -96.53 -14.95 -70.75
C GLU CA 38 -97.80 -15.70 -71.15
N VAL CA 39 -98.94 -15.04 -70.93
CA VAL CA 39 -100.23 -15.65 -71.14
C VAL CA 39 -100.94 -14.91 -72.27
N ASP CA 40 -102.09 -15.44 -72.67
CA ASP CA 40 -102.85 -14.81 -73.73
C ASP CA 40 -103.70 -13.67 -73.18
N LYS CA 41 -104.38 -12.96 -74.09
CA LYS CA 41 -105.11 -11.76 -73.70
C LYS CA 41 -106.39 -12.08 -72.94
N VAL CA 42 -107.12 -13.10 -73.38
CA VAL CA 42 -108.48 -13.30 -72.90
C VAL CA 42 -108.49 -14.13 -71.62
N THR CA 43 -108.05 -15.38 -71.70
CA THR CA 43 -108.21 -16.30 -70.59
C THR CA 43 -106.99 -16.37 -69.67
N GLY CA 44 -105.90 -15.72 -70.03
CA GLY CA 44 -104.71 -15.78 -69.19
C GLY CA 44 -104.11 -17.17 -69.08
N ARG CA 45 -104.03 -17.88 -70.20
CA ARG CA 45 -103.49 -19.23 -70.24
C ARG CA 45 -102.13 -19.22 -70.93
N PHE CA 46 -101.29 -20.17 -70.56
CA PHE CA 46 -99.97 -20.31 -71.16
C PHE CA 46 -100.10 -20.58 -72.65
N ASN CA 47 -99.50 -19.71 -73.46
CA ASN CA 47 -99.56 -19.82 -74.91
C ASN CA 47 -98.32 -20.49 -75.51
N GLY CA 48 -97.42 -20.98 -74.68
CA GLY CA 48 -96.28 -21.72 -75.13
C GLY CA 48 -95.00 -20.92 -75.30
N GLN CA 49 -95.09 -19.59 -75.26
CA GLN CA 49 -93.91 -18.74 -75.41
C GLN CA 49 -93.59 -18.07 -74.09
N PHE CA 50 -92.34 -17.62 -73.97
CA PHE CA 50 -91.82 -17.12 -72.72
C PHE CA 50 -90.79 -16.04 -72.98
N LYS CA 51 -90.61 -15.18 -72.00
CA LYS CA 51 -89.54 -14.17 -72.00
C LYS CA 51 -88.49 -14.57 -70.98
N THR CA 52 -87.23 -14.55 -71.39
CA THR CA 52 -86.15 -15.09 -70.59
C THR CA 52 -85.21 -13.99 -70.11
N TYR CA 53 -84.70 -14.18 -68.90
CA TYR CA 53 -83.76 -13.24 -68.28
C TYR CA 53 -82.59 -14.01 -67.71
N ALA CA 54 -81.47 -13.31 -67.55
CA ALA CA 54 -80.28 -13.89 -66.97
C ALA CA 54 -79.73 -12.97 -65.90
N ILE CA 55 -79.36 -13.54 -64.76
CA ILE CA 55 -78.79 -12.78 -63.66
C ILE CA 55 -77.45 -13.41 -63.31
N CYS CA 56 -76.41 -12.57 -63.19
CA CYS CA 56 -75.10 -13.07 -62.87
C CYS CA 56 -74.97 -13.34 -61.38
N GLY CA 57 -74.00 -14.20 -61.04
CA GLY CA 57 -73.86 -14.62 -59.67
C GLY CA 57 -73.48 -13.50 -58.73
N ALA CA 58 -72.65 -12.57 -59.20
CA ALA CA 58 -72.26 -11.44 -58.35
C ALA CA 58 -73.47 -10.60 -57.97
N ILE CA 59 -74.37 -10.35 -58.92
CA ILE CA 59 -75.58 -9.60 -58.62
C ILE CA 59 -76.47 -10.40 -57.69
N ARG CA 60 -76.69 -11.67 -57.99
CA ARG CA 60 -77.68 -12.44 -57.26
C ARG CA 60 -77.13 -13.10 -56.00
N ARG CA 61 -75.90 -12.80 -55.62
CA ARG CA 61 -75.44 -13.16 -54.28
C ARG CA 61 -75.49 -12.01 -53.31
N MET CA 62 -75.69 -10.79 -53.79
CA MET CA 62 -75.77 -9.61 -52.93
C MET CA 62 -77.20 -9.14 -52.72
N GLY CA 63 -78.18 -9.88 -53.23
CA GLY CA 63 -79.56 -9.64 -52.88
C GLY CA 63 -80.36 -8.78 -53.84
N GLU CA 64 -79.82 -8.45 -55.00
CA GLU CA 64 -80.50 -7.57 -55.93
C GLU CA 64 -81.19 -8.32 -57.05
N SER CA 65 -81.17 -9.65 -57.02
CA SER CA 65 -81.82 -10.43 -58.06
C SER CA 65 -83.32 -10.21 -58.09
N ASP CA 66 -83.94 -10.10 -56.91
CA ASP CA 66 -85.37 -9.82 -56.84
C ASP CA 66 -85.71 -8.53 -57.55
N ASP CA 67 -85.02 -7.44 -57.21
CA ASP CA 67 -85.34 -6.15 -57.80
C ASP CA 67 -85.00 -6.13 -59.28
N SER CA 68 -83.92 -6.81 -59.68
CA SER CA 68 -83.56 -6.86 -61.09
C SER CA 68 -84.63 -7.56 -61.91
N ILE CA 69 -85.08 -8.72 -61.44
CA ILE CA 69 -86.13 -9.45 -62.17
C ILE CA 69 -87.43 -8.66 -62.16
N LEU CA 70 -87.73 -7.98 -61.05
CA LEU CA 70 -88.94 -7.18 -60.99
C LEU CA 70 -88.89 -6.04 -62.01
N ARG CA 71 -87.74 -5.37 -62.12
CA ARG CA 71 -87.59 -4.29 -63.08
C ARG CA 71 -87.73 -4.82 -64.51
N LEU CA 72 -87.10 -5.96 -64.79
CA LEU CA 72 -87.17 -6.53 -66.14
C LEU CA 72 -88.60 -6.93 -66.49
N ALA CA 73 -89.33 -7.51 -65.53
CA ALA CA 73 -90.72 -7.88 -65.76
C ALA CA 73 -91.59 -6.65 -65.98
N LYS CA 74 -91.36 -5.59 -65.20
CA LYS CA 74 -92.08 -4.35 -65.39
C LYS CA 74 -91.82 -3.76 -66.77
N ALA CA 75 -90.56 -3.78 -67.21
CA ALA CA 75 -90.21 -3.24 -68.50
C ALA CA 75 -90.84 -4.05 -69.63
N ASP CA 76 -90.81 -5.37 -69.53
CA ASP CA 76 -91.39 -6.20 -70.58
C ASP CA 76 -92.90 -6.30 -70.51
N GLY CA 77 -93.52 -5.80 -69.44
CA GLY CA 77 -94.96 -5.82 -69.34
C GLY CA 77 -95.52 -7.00 -68.59
N ILE CA 78 -94.68 -7.85 -67.99
CA ILE CA 78 -95.17 -8.93 -67.16
C ILE CA 78 -95.87 -8.37 -65.93
N VAL CA 79 -95.28 -7.34 -65.31
CA VAL CA 79 -95.84 -6.70 -64.13
C VAL CA 79 -96.50 -5.40 -64.55
N SER CA 80 -97.70 -5.15 -64.05
CA SER CA 80 -98.46 -3.97 -64.43
C SER CA 80 -97.75 -2.71 -63.96
N LYS CA 81 -97.99 -1.61 -64.69
CA LYS CA 81 -97.39 -0.33 -64.34
C LYS CA 81 -97.92 0.20 -63.01
N ASN CA 82 -99.11 -0.21 -62.60
CA ASN CA 82 -99.70 0.18 -61.33
C ASN CA 82 -99.20 -0.66 -60.16
N PHE CA 83 -98.06 -1.32 -60.34
CA PHE CA 83 -97.44 -2.12 -59.28
C PHE CA 83 -97.16 -1.26 -58.05
N VAL DA 1 -58.26 18.84 -48.56
CA VAL DA 1 -59.42 19.42 -49.24
C VAL DA 1 -59.54 18.85 -50.64
N ARG DA 2 -60.65 19.13 -51.30
CA ARG DA 2 -60.82 18.71 -52.68
C ARG DA 2 -59.90 19.52 -53.58
N MET DA 3 -59.14 18.83 -54.43
CA MET DA 3 -58.20 19.54 -55.28
C MET DA 3 -58.36 19.15 -56.75
N ASN DA 4 -58.80 17.92 -57.01
CA ASN DA 4 -58.97 17.42 -58.37
C ASN DA 4 -60.41 16.95 -58.54
N VAL DA 5 -61.26 17.85 -59.04
CA VAL DA 5 -62.67 17.54 -59.19
C VAL DA 5 -62.88 16.49 -60.27
N LEU DA 6 -62.08 16.51 -61.34
CA LEU DA 6 -62.18 15.47 -62.36
C LEU DA 6 -61.81 14.11 -61.80
N ALA DA 7 -60.76 14.06 -60.98
CA ALA DA 7 -60.37 12.81 -60.35
C ALA DA 7 -61.48 12.30 -59.44
N ASP DA 8 -62.09 13.18 -58.66
CA ASP DA 8 -63.17 12.77 -57.79
C ASP DA 8 -64.36 12.22 -58.58
N ALA DA 9 -64.72 12.88 -59.66
CA ALA DA 9 -65.85 12.42 -60.47
C ALA DA 9 -65.55 11.07 -61.12
N LEU DA 10 -64.34 10.90 -61.65
CA LEU DA 10 -63.99 9.63 -62.27
C LEU DA 10 -63.97 8.51 -61.26
N LYS DA 11 -63.43 8.74 -60.07
CA LYS DA 11 -63.44 7.71 -59.04
C LYS DA 11 -64.85 7.38 -58.60
N SER DA 12 -65.72 8.38 -58.48
CA SER DA 12 -67.09 8.13 -58.07
C SER DA 12 -67.83 7.28 -59.08
N ILE DA 13 -67.73 7.62 -60.37
CA ILE DA 13 -68.42 6.80 -61.37
C ILE DA 13 -67.79 5.42 -61.47
N ASN DA 14 -66.48 5.30 -61.23
CA ASN DA 14 -65.84 3.99 -61.22
C ASN DA 14 -66.38 3.10 -60.10
N ASN DA 15 -66.49 3.65 -58.88
CA ASN DA 15 -67.02 2.87 -57.78
C ASN DA 15 -68.49 2.56 -57.94
N ALA DA 16 -69.25 3.43 -58.60
CA ALA DA 16 -70.63 3.09 -58.91
C ALA DA 16 -70.72 1.96 -59.94
N GLU DA 17 -69.87 2.00 -60.96
CA GLU DA 17 -69.88 0.97 -61.98
C GLU DA 17 -69.46 -0.38 -61.42
N LYS DA 18 -68.49 -0.39 -60.51
CA LYS DA 18 -68.07 -1.65 -59.90
C LYS DA 18 -69.19 -2.29 -59.10
N ARG DA 19 -69.97 -1.50 -58.37
CA ARG DA 19 -71.10 -2.00 -57.63
C ARG DA 19 -72.32 -2.23 -58.51
N GLY DA 20 -72.27 -1.81 -59.76
CA GLY DA 20 -73.34 -2.14 -60.68
C GLY DA 20 -74.54 -1.24 -60.62
N LYS DA 21 -74.37 -0.02 -60.13
CA LYS DA 21 -75.48 0.94 -60.10
C LYS DA 21 -75.84 1.37 -61.53
N ARG DA 22 -77.05 1.91 -61.66
CA ARG DA 22 -77.52 2.37 -62.96
C ARG DA 22 -77.39 3.87 -63.14
N GLN DA 23 -77.50 4.65 -62.07
CA GLN DA 23 -77.31 6.08 -62.12
C GLN DA 23 -76.35 6.49 -61.03
N VAL DA 24 -75.48 7.45 -61.34
CA VAL DA 24 -74.49 7.95 -60.40
C VAL DA 24 -74.57 9.47 -60.35
N LEU DA 25 -74.44 10.02 -59.15
CA LEU DA 25 -74.47 11.46 -58.94
C LEU DA 25 -73.07 11.91 -58.53
N ILE DA 26 -72.49 12.83 -59.30
CA ILE DA 26 -71.23 13.46 -58.95
C ILE DA 26 -71.51 14.92 -58.60
N ARG DA 27 -71.02 15.33 -57.41
CA ARG DA 27 -71.51 16.59 -56.84
C ARG DA 27 -70.91 17.82 -57.52
N PRO DA 28 -69.58 18.01 -57.58
CA PRO DA 28 -69.08 19.21 -58.26
C PRO DA 28 -68.83 18.96 -59.73
N CYS DA 29 -69.47 19.75 -60.60
CA CYS DA 29 -69.26 19.61 -62.02
C CYS DA 29 -68.34 20.71 -62.52
N SER DA 30 -67.66 20.44 -63.63
CA SER DA 30 -66.81 21.43 -64.27
C SER DA 30 -66.91 21.24 -65.77
N LYS DA 31 -66.42 22.24 -66.50
CA LYS DA 31 -66.37 22.14 -67.95
C LYS DA 31 -65.53 20.94 -68.38
N VAL DA 32 -64.41 20.72 -67.69
CA VAL DA 32 -63.55 19.58 -68.00
C VAL DA 32 -64.30 18.27 -67.82
N ILE DA 33 -65.04 18.14 -66.73
CA ILE DA 33 -65.82 16.93 -66.49
C ILE DA 33 -66.87 16.76 -67.57
N VAL DA 34 -67.52 17.85 -67.97
CA VAL DA 34 -68.55 17.75 -68.99
C VAL DA 34 -67.97 17.26 -70.31
N ARG DA 35 -66.82 17.80 -70.72
CA ARG DA 35 -66.21 17.33 -71.96
C ARG DA 35 -65.74 15.90 -71.86
N PHE DA 36 -65.21 15.51 -70.69
CA PHE DA 36 -64.78 14.13 -70.49
C PHE DA 36 -65.95 13.16 -70.61
N LEU DA 37 -67.05 13.46 -69.93
CA LEU DA 37 -68.24 12.62 -70.05
C LEU DA 37 -68.78 12.64 -71.47
N THR DA 38 -68.64 13.77 -72.17
CA THR DA 38 -69.13 13.87 -73.54
C THR DA 38 -68.35 12.93 -74.46
N VAL DA 39 -67.02 12.92 -74.34
CA VAL DA 39 -66.27 12.01 -75.20
C VAL DA 39 -66.52 10.56 -74.82
N MET DA 40 -66.72 10.28 -73.51
CA MET DA 40 -67.09 8.93 -73.10
C MET DA 40 -68.39 8.50 -73.75
N MET DA 41 -69.39 9.38 -73.75
CA MET DA 41 -70.68 9.06 -74.33
C MET DA 41 -70.62 8.95 -75.84
N LYS DA 42 -69.80 9.78 -76.49
CA LYS DA 42 -69.63 9.67 -77.94
C LYS DA 42 -69.00 8.34 -78.31
N HIS DA 43 -68.07 7.84 -77.50
CA HIS DA 43 -67.54 6.51 -77.72
C HIS DA 43 -68.42 5.41 -77.15
N GLY DA 44 -69.51 5.78 -76.47
CA GLY DA 44 -70.51 4.82 -76.08
C GLY DA 44 -70.26 4.09 -74.77
N TYR DA 45 -69.37 4.61 -73.92
CA TYR DA 45 -69.07 3.93 -72.67
C TYR DA 45 -70.06 4.28 -71.58
N ILE DA 46 -70.73 5.42 -71.66
CA ILE DA 46 -71.74 5.80 -70.69
C ILE DA 46 -72.99 6.28 -71.43
N GLY DA 47 -74.11 6.23 -70.74
CA GLY DA 47 -75.37 6.70 -71.29
C GLY DA 47 -75.50 8.20 -71.14
N GLU DA 48 -76.74 8.67 -71.25
CA GLU DA 48 -77.01 10.09 -71.13
C GLU DA 48 -76.77 10.58 -69.71
N PHE DA 49 -76.41 11.84 -69.59
CA PHE DA 49 -76.21 12.47 -68.29
C PHE DA 49 -76.84 13.85 -68.29
N GLU DA 50 -77.46 14.21 -67.17
CA GLU DA 50 -78.12 15.49 -67.00
C GLU DA 50 -77.42 16.30 -65.93
N ILE DA 51 -77.19 17.57 -66.21
CA ILE DA 51 -76.52 18.47 -65.29
C ILE DA 51 -77.56 19.21 -64.47
N ILE DA 52 -77.74 18.81 -63.22
CA ILE DA 52 -78.60 19.53 -62.29
C ILE DA 52 -77.89 20.83 -61.94
N ASP DA 53 -78.47 21.96 -62.35
CA ASP DA 53 -77.78 23.24 -62.29
C ASP DA 53 -78.33 24.05 -61.13
N ASP DA 54 -77.75 23.84 -59.95
CA ASP DA 54 -77.95 24.79 -58.88
C ASP DA 54 -77.11 26.02 -59.14
N HIS DA 55 -77.36 27.07 -58.36
CA HIS DA 55 -76.61 28.30 -58.57
C HIS DA 55 -75.18 28.20 -58.07
N ARG DA 56 -74.83 27.12 -57.39
CA ARG DA 56 -73.45 26.78 -57.09
C ARG DA 56 -72.89 25.93 -58.21
N ALA DA 57 -71.74 25.30 -57.98
CA ALA DA 57 -71.21 24.32 -58.92
C ALA DA 57 -72.19 23.15 -59.04
N GLY DA 58 -72.73 22.97 -60.23
CA GLY DA 58 -73.82 22.02 -60.42
C GLY DA 58 -73.39 20.59 -60.23
N LYS DA 59 -74.39 19.72 -60.13
CA LYS DA 59 -74.18 18.29 -60.02
C LYS DA 59 -74.50 17.62 -61.34
N ILE DA 60 -74.04 16.39 -61.52
CA ILE DA 60 -74.31 15.63 -62.73
C ILE DA 60 -74.84 14.26 -62.34
N VAL DA 61 -75.91 13.84 -63.00
CA VAL DA 61 -76.42 12.47 -62.88
C VAL DA 61 -76.14 11.77 -64.20
N VAL DA 62 -75.41 10.66 -64.13
CA VAL DA 62 -74.95 9.92 -65.29
C VAL DA 62 -75.65 8.57 -65.30
N ASN DA 63 -76.12 8.16 -66.47
CA ASN DA 63 -76.63 6.81 -66.68
C ASN DA 63 -75.48 5.91 -67.10
N LEU DA 64 -75.34 4.79 -66.42
CA LEU DA 64 -74.27 3.83 -66.69
C LEU DA 64 -74.82 2.68 -67.52
N THR DA 65 -74.17 2.40 -68.64
CA THR DA 65 -74.57 1.33 -69.53
C THR DA 65 -74.06 -0.03 -69.09
N GLY DA 66 -73.28 -0.09 -68.02
CA GLY DA 66 -72.78 -1.35 -67.53
C GLY DA 66 -71.64 -1.94 -68.33
N ARG DA 67 -71.09 -1.21 -69.30
CA ARG DA 67 -70.06 -1.73 -70.17
C ARG DA 67 -68.71 -1.05 -69.97
N LEU DA 68 -68.55 -0.28 -68.90
CA LEU DA 68 -67.29 0.38 -68.60
C LEU DA 68 -66.50 -0.46 -67.61
N ASN DA 69 -65.21 -0.62 -67.87
CA ASN DA 69 -64.35 -1.38 -66.95
C ASN DA 69 -63.67 -0.46 -65.94
N LYS DA 70 -62.86 0.47 -66.42
CA LYS DA 70 -62.11 1.38 -65.57
C LYS DA 70 -62.07 2.74 -66.25
N CYS DA 71 -62.20 3.79 -65.44
CA CYS DA 71 -62.21 5.17 -65.92
C CYS DA 71 -61.29 6.03 -65.07
N GLY DA 72 -60.06 5.58 -64.90
CA GLY DA 72 -59.12 6.27 -64.05
C GLY DA 72 -58.66 7.61 -64.61
N VAL DA 73 -57.85 8.29 -63.81
CA VAL DA 73 -57.37 9.63 -64.11
C VAL DA 73 -55.86 9.68 -63.86
N ILE DA 74 -55.19 10.54 -64.61
CA ILE DA 74 -53.78 10.85 -64.39
C ILE DA 74 -53.72 12.24 -63.80
N SER DA 75 -53.28 12.33 -62.55
CA SER DA 75 -53.45 13.58 -61.83
C SER DA 75 -52.42 14.64 -62.23
N PRO DA 76 -51.09 14.36 -62.18
CA PRO DA 76 -50.18 15.38 -62.70
C PRO DA 76 -50.28 15.43 -64.22
N ARG DA 77 -50.89 16.49 -64.74
CA ARG DA 77 -51.21 16.57 -66.15
C ARG DA 77 -49.92 16.78 -66.93
N PHE DA 78 -49.25 15.67 -67.20
CA PHE DA 78 -48.00 15.69 -67.94
C PHE DA 78 -48.23 16.20 -69.36
N ASP DA 79 -47.20 16.82 -69.91
CA ASP DA 79 -47.25 17.36 -71.27
C ASP DA 79 -46.98 16.22 -72.24
N VAL DA 80 -48.05 15.66 -72.79
CA VAL DA 80 -47.92 14.54 -73.71
C VAL DA 80 -47.71 15.09 -75.12
N GLN DA 81 -46.55 14.80 -75.68
CA GLN DA 81 -46.28 15.13 -77.07
C GLN DA 81 -46.74 14.00 -77.97
N LEU DA 82 -46.83 14.29 -79.26
CA LEU DA 82 -47.24 13.26 -80.21
C LEU DA 82 -46.16 12.19 -80.37
N LYS DA 83 -44.89 12.57 -80.25
CA LYS DA 83 -43.80 11.63 -80.46
C LYS DA 83 -43.72 10.56 -79.38
N ASP DA 84 -44.42 10.71 -78.26
CA ASP DA 84 -44.39 9.74 -77.19
C ASP DA 84 -45.78 9.34 -76.70
N LEU DA 85 -46.83 9.65 -77.44
CA LEU DA 85 -48.18 9.29 -77.02
C LEU DA 85 -48.37 7.79 -77.01
N GLU DA 86 -47.68 7.05 -77.89
CA GLU DA 86 -47.81 5.60 -77.92
C GLU DA 86 -47.27 4.95 -76.65
N LYS DA 87 -46.32 5.59 -75.97
CA LYS DA 87 -45.85 5.04 -74.70
C LYS DA 87 -46.94 5.10 -73.63
N TRP DA 88 -47.67 6.22 -73.55
CA TRP DA 88 -48.84 6.26 -72.69
C TRP DA 88 -49.90 5.26 -73.16
N GLN DA 89 -50.03 5.09 -74.47
CA GLN DA 89 -51.01 4.17 -75.02
C GLN DA 89 -50.79 2.76 -74.52
N ASN DA 90 -49.58 2.24 -74.68
CA ASN DA 90 -49.31 0.87 -74.26
C ASN DA 90 -48.91 0.77 -72.80
N ASN DA 91 -48.81 1.88 -72.09
CA ASN DA 91 -48.68 1.83 -70.64
C ASN DA 91 -50.03 1.85 -69.92
N LEU DA 92 -51.07 2.36 -70.57
CA LEU DA 92 -52.36 2.48 -69.89
C LEU DA 92 -53.43 1.60 -70.51
N LEU DA 93 -53.65 1.69 -71.81
CA LEU DA 93 -54.74 0.97 -72.44
C LEU DA 93 -54.50 -0.54 -72.40
N PRO DA 94 -55.54 -1.34 -72.15
CA PRO DA 94 -55.35 -2.79 -72.11
C PRO DA 94 -54.88 -3.40 -73.42
N SER DA 95 -55.31 -2.86 -74.55
CA SER DA 95 -54.88 -3.40 -75.84
C SER DA 95 -55.02 -2.32 -76.89
N ARG DA 96 -54.46 -2.60 -78.06
CA ARG DA 96 -54.55 -1.70 -79.19
C ARG DA 96 -55.89 -1.79 -79.91
N GLN DA 97 -56.74 -2.76 -79.54
CA GLN DA 97 -58.02 -2.93 -80.21
C GLN DA 97 -59.07 -1.99 -79.66
N PHE DA 98 -59.00 -1.63 -78.38
CA PHE DA 98 -60.00 -0.77 -77.77
C PHE DA 98 -59.33 0.05 -76.68
N GLY DA 99 -60.15 0.76 -75.91
CA GLY DA 99 -59.63 1.61 -74.85
C GLY DA 99 -59.22 2.97 -75.38
N PHE DA 100 -59.49 4.02 -74.62
CA PHE DA 100 -59.21 5.37 -75.07
C PHE DA 100 -58.50 6.16 -73.98
N ILE DA 101 -57.63 7.06 -74.41
CA ILE DA 101 -56.92 7.99 -73.55
C ILE DA 101 -57.38 9.40 -73.89
N VAL DA 102 -57.90 10.10 -72.90
CA VAL DA 102 -58.38 11.47 -73.09
C VAL DA 102 -57.30 12.43 -72.64
N LEU DA 103 -56.92 13.34 -73.53
CA LEU DA 103 -55.94 14.36 -73.20
C LEU DA 103 -56.43 15.69 -73.73
N THR DA 104 -56.30 16.74 -72.93
CA THR DA 104 -56.73 18.05 -73.37
C THR DA 104 -55.67 18.67 -74.27
N THR DA 105 -56.11 19.16 -75.42
CA THR DA 105 -55.24 19.82 -76.39
C THR DA 105 -55.81 21.18 -76.71
N SER DA 106 -55.02 21.97 -77.44
CA SER DA 106 -55.46 23.30 -77.81
C SER DA 106 -56.64 23.28 -78.75
N ALA DA 107 -56.89 22.17 -79.44
CA ALA DA 107 -58.07 22.00 -80.26
C ALA DA 107 -59.24 21.43 -79.47
N GLY DA 108 -59.23 21.57 -78.15
CA GLY DA 108 -60.28 21.05 -77.30
C GLY DA 108 -59.87 19.77 -76.62
N ILE DA 109 -60.81 19.23 -75.85
CA ILE DA 109 -60.63 17.96 -75.17
C ILE DA 109 -61.07 16.84 -76.11
N MET DA 110 -60.17 15.89 -76.34
CA MET DA 110 -60.48 14.78 -77.23
C MET DA 110 -59.59 13.60 -76.88
N ASP DA 111 -59.92 12.46 -77.47
CA ASP DA 111 -59.18 11.23 -77.22
C ASP DA 111 -57.94 11.16 -78.09
N HIS DA 112 -57.08 10.18 -77.79
CA HIS DA 112 -55.80 10.07 -78.46
C HIS DA 112 -55.93 9.77 -79.94
N GLU DA 113 -56.97 9.02 -80.33
CA GLU DA 113 -57.12 8.67 -81.74
C GLU DA 113 -57.32 9.91 -82.61
N GLU DA 114 -58.29 10.74 -82.26
CA GLU DA 114 -58.49 11.95 -83.05
C GLU DA 114 -57.42 13.01 -82.78
N ALA DA 115 -56.78 12.98 -81.61
CA ALA DA 115 -55.62 13.85 -81.42
C ALA DA 115 -54.52 13.52 -82.43
N ARG DA 116 -54.25 12.23 -82.62
CA ARG DA 116 -53.29 11.83 -83.64
C ARG DA 116 -53.79 12.16 -85.03
N ARG DA 117 -55.10 12.01 -85.27
CA ARG DA 117 -55.67 12.31 -86.58
C ARG DA 117 -55.46 13.77 -86.95
N LYS DA 118 -55.72 14.68 -86.03
CA LYS DA 118 -55.58 16.10 -86.30
C LYS DA 118 -54.21 16.64 -85.91
N HIS DA 119 -53.28 15.75 -85.54
CA HIS DA 119 -51.86 16.09 -85.40
C HIS DA 119 -51.65 17.18 -84.34
N THR DA 120 -52.00 16.85 -83.10
CA THR DA 120 -51.79 17.75 -81.99
C THR DA 120 -51.44 16.96 -80.74
N GLY DA 121 -50.68 17.59 -79.86
CA GLY DA 121 -50.40 17.07 -78.54
C GLY DA 121 -51.10 17.90 -77.49
N GLY DA 122 -50.89 17.51 -76.24
CA GLY DA 122 -51.53 18.23 -75.16
C GLY DA 122 -51.20 17.61 -73.81
N LYS DA 123 -51.98 18.00 -72.82
CA LYS DA 123 -51.79 17.53 -71.45
C LYS DA 123 -52.72 16.36 -71.18
N ILE DA 124 -52.16 15.35 -70.50
CA ILE DA 124 -52.91 14.14 -70.19
C ILE DA 124 -54.03 14.46 -69.21
N LEU DA 125 -55.20 13.88 -69.44
CA LEU DA 125 -56.34 14.05 -68.56
C LEU DA 125 -56.73 12.75 -67.87
N GLY DA 126 -56.99 11.70 -68.64
CA GLY DA 126 -57.41 10.45 -68.06
C GLY DA 126 -57.55 9.39 -69.13
N PHE DA 127 -58.12 8.27 -68.73
CA PHE DA 127 -58.31 7.15 -69.64
C PHE DA 127 -59.55 6.39 -69.24
N PHE DA 128 -60.09 5.64 -70.19
CA PHE DA 128 -61.24 4.78 -69.92
C PHE DA 128 -61.23 3.63 -70.91
N PHE DA 129 -61.62 2.46 -70.44
CA PHE DA 129 -61.71 1.29 -71.31
C PHE DA 129 -62.72 0.30 -70.75
N GLY EA 1 -48.60 9.17 -48.65
CA GLY EA 1 -48.07 8.49 -49.80
C GLY EA 1 -46.81 9.16 -50.33
N LYS EA 2 -46.76 9.36 -51.65
CA LYS EA 2 -45.64 10.03 -52.29
C LYS EA 2 -46.16 11.25 -53.05
N CYS EA 3 -45.37 12.31 -53.04
CA CYS EA 3 -45.74 13.52 -53.75
C CYS EA 3 -45.70 13.28 -55.25
N ARG EA 4 -46.71 13.79 -55.96
CA ARG EA 4 -46.85 13.57 -57.40
C ARG EA 4 -46.94 14.89 -58.17
N GLY EA 5 -46.57 16.01 -57.56
CA GLY EA 5 -46.75 17.28 -58.21
C GLY EA 5 -45.85 17.46 -59.41
N LEU EA 6 -46.28 18.34 -60.31
CA LEU EA 6 -45.56 18.56 -61.55
C LEU EA 6 -44.21 19.25 -61.34
N ARG EA 7 -44.02 19.90 -60.20
CA ARG EA 7 -42.79 20.62 -59.91
C ARG EA 7 -42.09 20.05 -58.68
N THR EA 8 -42.27 18.76 -58.44
CA THR EA 8 -41.68 18.08 -57.29
C THR EA 8 -40.44 17.29 -57.64
N ALA EA 9 -39.87 17.49 -58.84
CA ALA EA 9 -38.74 16.68 -59.26
C ALA EA 9 -37.53 16.87 -58.37
N ARG EA 10 -37.33 18.08 -57.84
CA ARG EA 10 -36.21 18.30 -56.93
C ARG EA 10 -36.35 17.45 -55.67
N LYS EA 11 -37.52 17.45 -55.06
CA LYS EA 11 -37.72 16.62 -53.88
C LYS EA 11 -37.64 15.15 -54.22
N LEU EA 12 -38.17 14.75 -55.37
CA LEU EA 12 -38.10 13.34 -55.76
C LEU EA 12 -36.66 12.87 -55.89
N ARG EA 13 -35.83 13.62 -56.62
CA ARG EA 13 -34.45 13.20 -56.80
C ARG EA 13 -33.64 13.31 -55.51
N SER EA 14 -33.91 14.33 -54.68
CA SER EA 14 -33.19 14.46 -53.43
C SER EA 14 -33.53 13.32 -52.48
N HIS EA 15 -34.81 12.99 -52.36
CA HIS EA 15 -35.20 11.85 -51.53
C HIS EA 15 -34.64 10.57 -52.09
N ARG EA 16 -34.57 10.45 -53.42
CA ARG EA 16 -34.08 9.21 -54.01
C ARG EA 16 -32.61 9.01 -53.69
N ARG EA 17 -31.81 10.08 -53.85
CA ARG EA 17 -30.39 9.95 -53.55
C ARG EA 17 -30.12 9.88 -52.05
N ASP EA 18 -31.06 10.33 -51.22
CA ASP EA 18 -30.91 10.12 -49.79
C ASP EA 18 -31.19 8.68 -49.41
N GLN EA 19 -32.26 8.10 -49.98
CA GLN EA 19 -32.62 6.72 -49.67
C GLN EA 19 -31.76 5.70 -50.36
N LYS EA 20 -31.01 6.08 -51.39
CA LYS EA 20 -30.06 5.17 -51.98
C LYS EA 20 -28.89 4.87 -51.06
N TRP EA 21 -28.72 5.64 -49.99
CA TRP EA 21 -27.66 5.38 -49.03
C TRP EA 21 -28.02 4.31 -48.03
N HIS EA 22 -29.22 3.75 -48.10
CA HIS EA 22 -29.70 2.81 -47.10
C HIS EA 22 -29.66 1.36 -47.57
N ASP EA 23 -29.09 1.09 -48.73
CA ASP EA 23 -28.87 -0.29 -49.14
C ASP EA 23 -27.37 -0.58 -49.15
N LYS EA 24 -27.03 -1.81 -48.81
CA LYS EA 24 -25.63 -2.16 -48.54
C LYS EA 24 -24.78 -2.02 -49.78
N GLN EA 25 -25.31 -2.38 -50.95
CA GLN EA 25 -24.51 -2.41 -52.16
C GLN EA 25 -24.03 -1.01 -52.54
N TYR EA 26 -24.94 -0.06 -52.63
CA TYR EA 26 -24.57 1.31 -52.98
C TYR EA 26 -23.69 1.93 -51.92
N LYS EA 27 -24.03 1.71 -50.64
CA LYS EA 27 -23.26 2.28 -49.55
C LYS EA 27 -21.82 1.80 -49.61
N LYS EA 28 -21.61 0.49 -49.75
CA LYS EA 28 -20.27 -0.06 -49.80
C LYS EA 28 -19.54 0.33 -51.07
N ALA EA 29 -20.25 0.46 -52.18
CA ALA EA 29 -19.61 0.85 -53.42
C ALA EA 29 -19.20 2.31 -53.45
N HIS EA 30 -19.85 3.18 -52.67
CA HIS EA 30 -19.65 4.61 -52.84
C HIS EA 30 -19.05 5.35 -51.65
N LEU EA 31 -19.16 4.83 -50.42
CA LEU EA 31 -18.46 5.50 -49.33
C LEU EA 31 -16.96 5.43 -49.52
N GLY EA 32 -16.44 4.29 -49.95
CA GLY EA 32 -15.02 4.08 -50.06
C GLY EA 32 -14.37 3.51 -48.82
N THR EA 33 -15.08 3.44 -47.70
CA THR EA 33 -14.53 2.79 -46.51
C THR EA 33 -14.26 1.31 -46.77
N ALA EA 34 -15.18 0.64 -47.48
CA ALA EA 34 -14.96 -0.75 -47.86
C ALA EA 34 -13.77 -0.87 -48.80
N LEU EA 35 -13.61 0.11 -49.69
CA LEU EA 35 -12.46 0.11 -50.60
C LEU EA 35 -11.15 0.25 -49.84
N LYS EA 36 -11.12 1.13 -48.84
CA LYS EA 36 -9.93 1.27 -48.01
C LYS EA 36 -9.65 0.00 -47.21
N ALA EA 37 -10.70 -0.61 -46.66
CA ALA EA 37 -10.51 -1.81 -45.85
C ALA EA 37 -10.21 -3.05 -46.67
N ASN EA 38 -10.46 -3.01 -47.97
CA ASN EA 38 -10.18 -4.16 -48.82
C ASN EA 38 -8.69 -4.33 -48.97
N PRO EA 39 -8.11 -5.48 -48.58
CA PRO EA 39 -6.66 -5.68 -48.75
C PRO EA 39 -6.22 -5.66 -50.20
N PHE EA 40 -7.11 -5.95 -51.14
CA PHE EA 40 -6.76 -5.92 -52.55
C PHE EA 40 -6.73 -4.51 -53.12
N GLY EA 41 -7.31 -3.55 -52.42
CA GLY EA 41 -7.37 -2.19 -52.94
C GLY EA 41 -8.17 -2.07 -54.21
N GLY EA 42 -9.28 -2.80 -54.30
CA GLY EA 42 -10.08 -2.78 -55.51
C GLY EA 42 -9.58 -3.65 -56.63
N ALA EA 43 -8.60 -4.51 -56.37
CA ALA EA 43 -8.06 -5.39 -57.39
C ALA EA 43 -8.72 -6.77 -57.31
N SER EA 44 -8.44 -7.59 -58.31
CA SER EA 44 -8.95 -8.95 -58.37
C SER EA 44 -7.96 -9.99 -57.86
N HIS EA 45 -6.66 -9.74 -58.03
CA HIS EA 45 -5.62 -10.65 -57.59
C HIS EA 45 -4.54 -9.85 -56.88
N ALA EA 46 -3.70 -10.54 -56.11
CA ALA EA 46 -2.64 -9.86 -55.39
C ALA EA 46 -1.51 -10.85 -55.10
N LYS EA 47 -0.28 -10.40 -55.30
CA LYS EA 47 0.87 -11.22 -54.96
C LYS EA 47 1.18 -11.12 -53.47
N GLY EA 48 1.87 -12.13 -52.96
CA GLY EA 48 2.28 -12.12 -51.57
C GLY EA 48 3.40 -13.11 -51.32
N ILE EA 49 4.01 -12.97 -50.15
CA ILE EA 49 5.07 -13.85 -49.67
C ILE EA 49 4.54 -14.62 -48.47
N VAL EA 50 4.63 -15.94 -48.52
CA VAL EA 50 4.01 -16.79 -47.52
C VAL EA 50 4.75 -16.66 -46.19
N LEU EA 51 4.00 -16.41 -45.12
CA LEU EA 51 4.56 -16.34 -43.79
C LEU EA 51 4.31 -17.57 -42.95
N GLU EA 52 3.18 -18.25 -43.13
CA GLU EA 52 2.86 -19.36 -42.26
C GLU EA 52 1.92 -20.31 -43.00
N LYS EA 53 1.79 -21.53 -42.46
CA LYS EA 53 0.87 -22.53 -42.99
C LYS EA 53 0.09 -23.11 -41.82
N VAL EA 54 -1.19 -22.73 -41.69
CA VAL EA 54 -1.98 -23.15 -40.55
C VAL EA 54 -3.22 -23.89 -41.01
N GLY EA 55 -4.01 -24.37 -40.07
CA GLY EA 55 -5.24 -25.07 -40.37
C GLY EA 55 -6.39 -24.49 -39.57
N VAL EA 56 -7.56 -24.51 -40.19
CA VAL EA 56 -8.77 -23.91 -39.62
C VAL EA 56 -9.80 -25.01 -39.41
N GLU EA 57 -10.45 -25.00 -38.25
CA GLU EA 57 -11.52 -25.94 -37.97
C GLU EA 57 -12.70 -25.69 -38.91
N ALA EA 58 -13.35 -26.76 -39.33
CA ALA EA 58 -14.59 -26.62 -40.07
C ALA EA 58 -15.70 -26.11 -39.15
N LYS EA 59 -16.85 -25.79 -39.74
CA LYS EA 59 -17.96 -25.26 -38.96
C LYS EA 59 -18.64 -26.38 -38.18
N GLN EA 60 -19.74 -26.05 -37.50
CA GLN EA 60 -20.37 -27.01 -36.59
C GLN EA 60 -20.88 -28.28 -37.27
N PRO EA 61 -21.69 -28.23 -38.33
CA PRO EA 61 -22.18 -29.49 -38.91
C PRO EA 61 -21.15 -30.23 -39.75
N ASN EA 62 -19.91 -29.76 -39.80
CA ASN EA 62 -18.83 -30.41 -40.50
C ASN EA 62 -17.69 -30.69 -39.52
N SER EA 63 -16.66 -31.36 -40.01
CA SER EA 63 -15.47 -31.61 -39.21
C SER EA 63 -14.32 -31.88 -40.17
N ALA EA 64 -13.39 -30.93 -40.26
CA ALA EA 64 -12.19 -31.09 -41.07
C ALA EA 64 -11.23 -29.97 -40.70
N ILE EA 65 -9.99 -30.11 -41.17
CA ILE EA 65 -8.96 -29.09 -41.02
C ILE EA 65 -8.70 -28.53 -42.41
N ARG EA 66 -9.04 -27.26 -42.61
CA ARG EA 66 -8.82 -26.58 -43.88
C ARG EA 66 -7.44 -25.94 -43.86
N LYS EA 67 -6.63 -26.25 -44.86
CA LYS EA 67 -5.21 -25.89 -44.86
C LYS EA 67 -5.04 -24.54 -45.53
N CYS EA 68 -4.84 -23.49 -44.73
CA CYS EA 68 -4.74 -22.13 -45.23
C CYS EA 68 -3.34 -21.59 -44.97
N VAL EA 69 -2.78 -20.92 -45.96
CA VAL EA 69 -1.49 -20.26 -45.81
C VAL EA 69 -1.73 -18.80 -45.44
N ARG EA 70 -0.97 -18.31 -44.46
CA ARG EA 70 -1.05 -16.92 -44.04
C ARG EA 70 0.08 -16.16 -44.70
N VAL EA 71 -0.28 -15.09 -45.42
CA VAL EA 71 0.58 -14.43 -46.38
C VAL EA 71 0.52 -12.93 -46.20
N GLN EA 72 1.66 -12.26 -46.39
CA GLN EA 72 1.73 -10.81 -46.41
C GLN EA 72 1.79 -10.32 -47.85
N LEU EA 73 0.91 -9.38 -48.19
CA LEU EA 73 0.82 -8.89 -49.56
C LEU EA 73 2.00 -7.98 -49.90
N ILE EA 74 2.40 -8.00 -51.17
CA ILE EA 74 3.54 -7.21 -51.62
C ILE EA 74 3.22 -5.72 -51.51
N LYS EA 75 2.08 -5.31 -52.05
CA LYS EA 75 1.63 -3.94 -51.88
C LYS EA 75 0.93 -3.80 -50.53
N ASN EA 76 1.03 -2.59 -49.97
CA ASN EA 76 0.31 -2.12 -48.78
C ASN EA 76 0.59 -2.95 -47.52
N GLY EA 77 1.38 -4.01 -47.63
CA GLY EA 77 1.89 -4.70 -46.44
C GLY EA 77 0.85 -5.20 -45.47
N LYS EA 78 -0.22 -5.83 -45.97
CA LYS EA 78 -1.23 -6.42 -45.10
C LYS EA 78 -1.13 -7.93 -45.14
N LYS EA 79 -1.61 -8.56 -44.07
CA LYS EA 79 -1.53 -10.01 -43.89
C LYS EA 79 -2.92 -10.61 -43.92
N ILE EA 80 -3.08 -11.66 -44.73
CA ILE EA 80 -4.36 -12.33 -44.93
C ILE EA 80 -4.14 -13.84 -44.87
N THR EA 81 -5.24 -14.58 -44.92
CA THR EA 81 -5.22 -16.04 -44.95
C THR EA 81 -5.89 -16.52 -46.23
N ALA EA 82 -5.15 -17.28 -47.03
CA ALA EA 82 -5.66 -17.82 -48.28
C ALA EA 82 -5.74 -19.32 -48.19
N PHE EA 83 -6.92 -19.87 -48.47
CA PHE EA 83 -7.14 -21.31 -48.41
C PHE EA 83 -6.64 -21.96 -49.69
N VAL EA 84 -5.82 -22.99 -49.56
CA VAL EA 84 -5.29 -23.71 -50.72
C VAL EA 84 -6.36 -24.66 -51.23
N PRO EA 85 -6.80 -24.53 -52.48
CA PRO EA 85 -7.98 -25.23 -52.97
C PRO EA 85 -7.71 -26.57 -53.65
N ASN EA 86 -6.96 -27.45 -52.99
CA ASN EA 86 -6.73 -28.80 -53.51
C ASN EA 86 -6.36 -29.71 -52.35
N ASP EA 87 -6.16 -30.99 -52.68
CA ASP EA 87 -5.89 -31.99 -51.65
C ASP EA 87 -4.48 -31.86 -51.11
N GLY EA 88 -3.47 -32.03 -51.95
CA GLY EA 88 -2.11 -32.05 -51.48
C GLY EA 88 -1.21 -30.99 -52.09
N CYS EA 89 -1.74 -29.79 -52.31
CA CYS EA 89 -0.92 -28.69 -52.79
C CYS EA 89 -0.20 -27.94 -51.68
N LEU EA 90 -0.55 -28.20 -50.41
CA LEU EA 90 0.26 -27.64 -49.33
C LEU EA 90 1.66 -28.21 -49.37
N ASN EA 91 1.81 -29.46 -49.80
CA ASN EA 91 3.13 -30.04 -50.02
C ASN EA 91 3.86 -29.33 -51.13
N PHE EA 92 3.15 -28.91 -52.18
CA PHE EA 92 3.73 -28.08 -53.21
C PHE EA 92 4.15 -26.71 -52.67
N ILE EA 93 3.44 -26.20 -51.68
CA ILE EA 93 3.78 -24.92 -51.08
C ILE EA 93 5.08 -25.07 -50.28
N GLU EA 94 6.10 -24.34 -50.68
CA GLU EA 94 7.27 -24.14 -49.83
C GLU EA 94 7.31 -22.69 -49.37
N GLU EA 95 8.01 -22.46 -48.27
CA GLU EA 95 7.96 -21.18 -47.58
C GLU EA 95 8.58 -20.07 -48.43
N ASN EA 96 8.03 -18.87 -48.28
CA ASN EA 96 8.52 -17.64 -48.91
C ASN EA 96 8.49 -17.74 -50.44
N ASP EA 97 7.28 -17.94 -50.95
CA ASP EA 97 7.02 -17.95 -52.38
C ASP EA 97 6.09 -16.80 -52.75
N GLU EA 98 6.09 -16.47 -54.03
CA GLU EA 98 5.17 -15.47 -54.58
C GLU EA 98 3.86 -16.17 -54.89
N VAL EA 99 2.93 -16.13 -53.95
CA VAL EA 99 1.60 -16.69 -54.18
C VAL EA 99 0.69 -15.61 -54.72
N LEU EA 100 -0.07 -15.95 -55.75
CA LEU EA 100 -1.07 -15.05 -56.32
C LEU EA 100 -2.40 -15.40 -55.69
N VAL EA 101 -2.78 -14.65 -54.68
CA VAL EA 101 -4.08 -14.86 -54.05
C VAL EA 101 -5.14 -14.14 -54.86
N ALA EA 102 -6.36 -14.69 -54.80
CA ALA EA 102 -7.51 -14.15 -55.48
C ALA EA 102 -8.70 -14.26 -54.55
N GLY EA 103 -9.81 -13.66 -54.96
CA GLY EA 103 -11.03 -13.75 -54.18
C GLY EA 103 -11.54 -15.18 -54.10
N PHE EA 104 -12.40 -15.41 -53.13
CA PHE EA 104 -12.80 -16.77 -52.80
C PHE EA 104 -14.26 -17.05 -53.16
N GLY EA 105 -14.89 -16.16 -53.93
CA GLY EA 105 -16.15 -16.52 -54.55
C GLY EA 105 -17.31 -15.56 -54.41
N ARG EA 106 -17.48 -14.95 -53.23
CA ARG EA 106 -18.65 -14.12 -52.99
C ARG EA 106 -18.25 -12.77 -52.41
N LYS EA 107 -17.23 -12.16 -53.00
CA LYS EA 107 -16.95 -10.74 -52.83
C LYS EA 107 -16.63 -10.39 -51.37
N GLY EA 108 -15.56 -10.98 -50.87
CA GLY EA 108 -15.15 -10.71 -49.51
C GLY EA 108 -16.05 -11.29 -48.45
N HIS EA 109 -16.44 -12.55 -48.60
CA HIS EA 109 -17.19 -13.25 -47.58
C HIS EA 109 -16.72 -14.70 -47.52
N ALA EA 110 -16.83 -15.29 -46.33
CA ALA EA 110 -16.43 -16.68 -46.15
C ALA EA 110 -17.38 -17.61 -46.91
N VAL EA 111 -16.86 -18.76 -47.31
CA VAL EA 111 -17.61 -19.72 -48.12
C VAL EA 111 -17.64 -21.06 -47.39
N GLY EA 112 -18.84 -21.56 -47.14
CA GLY EA 112 -19.00 -22.92 -46.65
C GLY EA 112 -18.50 -23.11 -45.24
N ASP EA 113 -17.92 -24.27 -44.99
CA ASP EA 113 -17.47 -24.66 -43.65
C ASP EA 113 -16.26 -23.88 -43.17
N ILE EA 114 -15.63 -23.09 -44.04
CA ILE EA 114 -14.43 -22.34 -43.68
C ILE EA 114 -14.88 -21.02 -43.06
N PRO EA 115 -14.57 -20.75 -41.80
CA PRO EA 115 -14.98 -19.49 -41.20
C PRO EA 115 -13.92 -18.40 -41.32
N GLY EA 116 -14.35 -17.20 -41.70
CA GLY EA 116 -13.47 -16.04 -41.71
C GLY EA 116 -12.28 -16.11 -42.63
N VAL EA 117 -12.45 -16.73 -43.80
CA VAL EA 117 -11.43 -16.76 -44.83
C VAL EA 117 -12.05 -16.26 -46.13
N ARG EA 118 -11.42 -15.28 -46.75
CA ARG EA 118 -12.01 -14.57 -47.88
C ARG EA 118 -11.16 -14.66 -49.14
N PHE EA 119 -10.08 -15.43 -49.13
CA PHE EA 119 -9.20 -15.50 -50.29
C PHE EA 119 -8.71 -16.92 -50.49
N LYS EA 120 -8.30 -17.20 -51.72
CA LYS EA 120 -7.66 -18.46 -52.06
C LYS EA 120 -6.39 -18.17 -52.85
N VAL EA 121 -5.64 -19.21 -53.15
CA VAL EA 121 -4.36 -19.09 -53.85
C VAL EA 121 -4.49 -19.75 -55.22
N VAL EA 122 -3.94 -19.09 -56.24
CA VAL EA 122 -4.05 -19.55 -57.63
C VAL EA 122 -2.69 -19.96 -58.18
N LYS EA 123 -1.72 -19.05 -58.18
CA LYS EA 123 -0.38 -19.31 -58.66
C LYS EA 123 0.61 -19.25 -57.52
N VAL EA 124 1.62 -20.11 -57.58
CA VAL EA 124 2.72 -20.11 -56.63
C VAL EA 124 4.02 -20.14 -57.41
N ALA EA 125 4.90 -19.19 -57.14
CA ALA EA 125 6.18 -19.06 -57.85
C ALA EA 125 5.96 -19.01 -59.36
N ASN EA 126 5.04 -18.13 -59.76
CA ASN EA 126 4.66 -17.86 -61.16
C ASN EA 126 4.35 -19.14 -61.95
N VAL EA 127 3.86 -20.17 -61.28
CA VAL EA 127 3.35 -21.36 -61.95
C VAL EA 127 2.09 -21.81 -61.21
N SER EA 128 1.09 -22.22 -61.99
CA SER EA 128 -0.25 -22.46 -61.45
C SER EA 128 -0.33 -23.71 -60.60
N LEU EA 129 -1.04 -23.61 -59.48
CA LEU EA 129 -1.31 -24.80 -58.66
C LEU EA 129 -2.14 -25.82 -59.41
N LEU EA 130 -2.99 -25.39 -60.33
CA LEU EA 130 -3.70 -26.35 -61.17
C LEU EA 130 -2.72 -27.15 -62.02
N ALA EA 131 -1.73 -26.47 -62.61
CA ALA EA 131 -0.72 -27.17 -63.39
C ALA EA 131 0.10 -28.11 -62.53
N LEU EA 132 0.46 -27.68 -61.31
CA LEU EA 132 1.19 -28.56 -60.40
C LEU EA 132 0.35 -29.77 -60.01
N TYR EA 133 -0.92 -29.56 -59.72
CA TYR EA 133 -1.82 -30.65 -59.30
C TYR EA 133 -2.00 -31.66 -60.42
N LYS EA 134 -2.18 -31.19 -61.65
CA LYS EA 134 -2.35 -32.09 -62.78
C LYS EA 134 -1.03 -32.57 -63.36
N GLY EA 135 0.10 -32.09 -62.84
CA GLY EA 135 1.38 -32.50 -63.36
C GLY EA 135 1.70 -31.95 -64.73
N LYS EA 136 1.03 -30.86 -65.13
CA LYS EA 136 1.28 -30.28 -66.45
C LYS EA 136 2.70 -29.76 -66.58
N LYS EA 137 3.20 -29.08 -65.54
CA LYS EA 137 4.57 -28.61 -65.55
C LYS EA 137 5.11 -28.61 -64.13
N GLU EA 138 6.43 -28.71 -64.04
CA GLU EA 138 7.14 -28.88 -62.78
C GLU EA 138 7.60 -27.53 -62.25
N ARG EA 139 7.89 -27.48 -60.95
CA ARG EA 139 8.44 -26.28 -60.35
C ARG EA 139 9.83 -26.00 -60.93
N PRO EA 140 10.21 -24.73 -61.04
CA PRO EA 140 11.51 -24.39 -61.64
C PRO EA 140 12.67 -24.73 -60.71
N ARG EA 141 13.05 -26.00 -60.67
CA ARG EA 141 14.14 -26.44 -59.82
C ARG EA 141 15.49 -26.10 -60.44
N ASN FA 1 -0.07 -19.15 -122.47
CA ASN FA 1 -0.46 -18.08 -123.36
C ASN FA 1 -1.63 -18.51 -124.23
N ASP FA 2 -1.89 -19.82 -124.26
CA ASP FA 2 -2.98 -20.34 -125.06
C ASP FA 2 -4.33 -19.79 -124.60
N THR FA 3 -4.54 -19.73 -123.29
CA THR FA 3 -5.76 -19.18 -122.71
C THR FA 3 -5.36 -18.10 -121.70
N VAL FA 4 -5.09 -16.90 -122.22
CA VAL FA 4 -4.79 -15.73 -121.41
C VAL FA 4 -5.45 -14.54 -122.08
N THR FA 5 -6.42 -13.92 -121.40
CA THR FA 5 -7.23 -12.88 -122.01
C THR FA 5 -7.05 -11.56 -121.27
N ILE FA 6 -6.88 -10.48 -122.03
CA ILE FA 6 -6.77 -9.13 -121.49
C ILE FA 6 -8.01 -8.36 -121.86
N ARG FA 7 -8.63 -7.71 -120.88
CA ARG FA 7 -9.74 -6.80 -121.15
C ARG FA 7 -9.52 -5.50 -120.40
N THR FA 8 -9.88 -4.39 -121.04
CA THR FA 8 -9.70 -3.06 -120.49
C THR FA 8 -11.06 -2.42 -120.24
N ARG FA 9 -11.19 -1.74 -119.10
CA ARG FA 9 -12.42 -1.02 -118.78
C ARG FA 9 -12.07 0.23 -117.99
N LYS FA 10 -13.09 1.06 -117.79
CA LYS FA 10 -12.94 2.38 -117.15
C LYS FA 10 -11.83 3.18 -117.83
N PHE FA 11 -11.77 3.08 -119.15
CA PHE FA 11 -10.69 3.70 -119.90
C PHE FA 11 -10.89 5.20 -119.97
N MET FA 12 -9.79 5.94 -119.85
CA MET FA 12 -9.82 7.38 -119.98
C MET FA 12 -8.47 7.85 -120.52
N THR FA 13 -8.50 8.96 -121.24
CA THR FA 13 -7.30 9.55 -121.83
C THR FA 13 -7.14 10.95 -121.26
N ASN FA 14 -6.17 11.13 -120.36
CA ASN FA 14 -5.93 12.43 -119.77
C ASN FA 14 -4.66 13.02 -120.35
N ARG FA 15 -4.79 14.14 -121.05
CA ARG FA 15 -3.63 14.85 -121.55
C ARG FA 15 -3.01 15.73 -120.47
N LEU FA 16 -3.61 15.80 -119.29
CA LEU FA 16 -2.98 16.46 -118.15
C LEU FA 16 -1.68 15.77 -117.78
N LEU FA 17 -1.72 14.44 -117.70
CA LEU FA 17 -0.52 13.63 -117.55
C LEU FA 17 -0.11 12.96 -118.85
N GLN FA 18 -0.67 13.43 -119.97
CA GLN FA 18 -0.41 12.93 -121.34
C GLN FA 18 -0.30 11.41 -121.38
N ARG FA 19 -1.32 10.75 -120.84
CA ARG FA 19 -1.34 9.30 -120.76
C ARG FA 19 -2.77 8.81 -120.80
N LYS FA 20 -2.92 7.49 -120.70
CA LYS FA 20 -4.23 6.85 -120.70
C LYS FA 20 -4.29 5.88 -119.54
N GLN FA 21 -5.35 6.01 -118.72
CA GLN FA 21 -5.61 5.10 -117.62
C GLN FA 21 -6.67 4.09 -118.02
N MET FA 22 -6.58 2.89 -117.46
CA MET FA 22 -7.65 1.92 -117.51
C MET FA 22 -7.40 0.88 -116.42
N VAL FA 23 -8.44 0.12 -116.11
CA VAL FA 23 -8.31 -1.05 -115.27
C VAL FA 23 -8.39 -2.27 -116.17
N ILE FA 24 -7.37 -3.12 -116.11
CA ILE FA 24 -7.27 -4.28 -116.97
C ILE FA 24 -7.47 -5.53 -116.13
N ASP FA 25 -8.36 -6.40 -116.59
CA ASP FA 25 -8.55 -7.70 -115.97
C ASP FA 25 -8.07 -8.78 -116.93
N VAL FA 26 -7.28 -9.71 -116.39
CA VAL FA 26 -6.70 -10.81 -117.15
C VAL FA 26 -7.32 -12.12 -116.69
N LEU FA 27 -7.72 -12.94 -117.65
CA LEU FA 27 -8.33 -14.24 -117.41
C LEU FA 27 -7.30 -15.32 -117.73
N HIS FA 28 -6.97 -16.12 -116.71
CA HIS FA 28 -6.04 -17.25 -116.84
C HIS FA 28 -6.70 -18.44 -116.15
N PRO FA 29 -7.62 -19.13 -116.84
CA PRO FA 29 -8.52 -20.06 -116.15
C PRO FA 29 -7.85 -21.19 -115.41
N GLY FA 30 -6.71 -21.69 -115.88
CA GLY FA 30 -6.10 -22.83 -115.23
C GLY FA 30 -4.64 -22.67 -114.89
N LYS FA 31 -4.16 -21.44 -114.83
CA LYS FA 31 -2.75 -21.15 -114.58
C LYS FA 31 -2.61 -20.28 -113.35
N ALA FA 32 -1.37 -19.95 -113.02
CA ALA FA 32 -1.10 -19.03 -111.93
C ALA FA 32 -1.37 -17.60 -112.40
N THR FA 33 -0.98 -16.63 -111.58
CA THR FA 33 -1.15 -15.23 -111.97
C THR FA 33 -0.24 -14.91 -113.14
N VAL FA 34 -0.79 -14.22 -114.14
CA VAL FA 34 -0.01 -13.88 -115.33
C VAL FA 34 1.05 -12.84 -114.97
N PRO FA 35 2.32 -13.05 -115.29
CA PRO FA 35 3.36 -12.09 -114.92
C PRO FA 35 3.23 -10.78 -115.68
N LYS FA 36 3.81 -9.74 -115.06
CA LYS FA 36 3.65 -8.38 -115.54
C LYS FA 36 4.29 -8.19 -116.92
N THR FA 37 5.35 -8.94 -117.23
CA THR FA 37 5.94 -8.85 -118.56
C THR FA 37 4.97 -9.35 -119.63
N GLU FA 38 4.29 -10.47 -119.37
CA GLU FA 38 3.30 -10.98 -120.31
C GLU FA 38 2.13 -10.02 -120.44
N ILE FA 39 1.67 -9.45 -119.32
CA ILE FA 39 0.60 -8.47 -119.39
C ILE FA 39 1.05 -7.26 -120.21
N ARG FA 40 2.30 -6.84 -120.02
CA ARG FA 40 2.84 -5.68 -120.73
C ARG FA 40 2.87 -5.92 -122.23
N GLU FA 41 3.39 -7.06 -122.65
CA GLU FA 41 3.49 -7.33 -124.09
C GLU FA 41 2.11 -7.52 -124.71
N LYS FA 42 1.18 -8.16 -123.99
CA LYS FA 42 -0.18 -8.32 -124.52
C LYS FA 42 -0.86 -6.97 -124.67
N LEU FA 43 -0.72 -6.09 -123.68
CA LEU FA 43 -1.32 -4.76 -123.79
C LEU FA 43 -0.66 -3.93 -124.89
N ALA FA 44 0.65 -4.10 -125.07
CA ALA FA 44 1.32 -3.41 -126.17
C ALA FA 44 0.79 -3.86 -127.52
N LYS FA 45 0.58 -5.18 -127.67
CA LYS FA 45 -0.02 -5.68 -128.90
C LYS FA 45 -1.44 -5.15 -129.08
N MET FA 46 -2.21 -5.10 -127.99
CA MET FA 46 -3.60 -4.67 -128.08
C MET FA 46 -3.71 -3.20 -128.47
N TYR FA 47 -2.84 -2.35 -127.92
CA TYR FA 47 -2.93 -0.91 -128.13
C TYR FA 47 -1.92 -0.39 -129.14
N LYS FA 48 -1.21 -1.27 -129.85
CA LYS FA 48 -0.27 -0.90 -130.91
C LYS FA 48 0.79 0.06 -130.41
N THR FA 49 1.50 -0.35 -129.35
CA THR FA 49 2.54 0.46 -128.76
C THR FA 49 3.74 -0.41 -128.44
N THR FA 50 4.87 0.25 -128.18
CA THR FA 50 6.11 -0.46 -127.88
C THR FA 50 6.12 -0.90 -126.42
N PRO FA 51 6.35 -2.19 -126.14
CA PRO FA 51 6.26 -2.71 -124.76
C PRO FA 51 7.43 -2.32 -123.86
N ASP FA 52 7.71 -1.01 -123.78
CA ASP FA 52 8.69 -0.49 -122.84
C ASP FA 52 8.19 0.73 -122.09
N VAL FA 53 6.96 1.19 -122.35
CA VAL FA 53 6.39 2.34 -121.68
C VAL FA 53 5.10 2.01 -120.96
N ILE FA 54 4.59 0.79 -121.11
CA ILE FA 54 3.32 0.39 -120.49
C ILE FA 54 3.58 0.03 -119.04
N PHE FA 55 2.77 0.57 -118.14
CA PHE FA 55 2.92 0.37 -116.71
C PHE FA 55 1.74 -0.42 -116.17
N VAL FA 56 2.03 -1.52 -115.47
CA VAL FA 56 1.02 -2.38 -114.88
C VAL FA 56 1.39 -2.65 -113.43
N PHE FA 57 0.40 -2.62 -112.56
CA PHE FA 57 0.60 -2.83 -111.13
C PHE FA 57 -0.76 -3.08 -110.48
N GLY FA 58 -0.71 -3.46 -109.21
CA GLY FA 58 -1.91 -3.60 -108.41
C GLY FA 58 -2.84 -4.72 -108.85
N PHE FA 59 -2.27 -5.88 -109.17
CA PHE FA 59 -3.05 -7.00 -109.68
C PHE FA 59 -3.48 -7.91 -108.53
N ARG FA 60 -4.78 -7.97 -108.29
CA ARG FA 60 -5.37 -8.88 -107.31
C ARG FA 60 -6.05 -10.01 -108.05
N THR FA 61 -5.69 -11.24 -107.70
CA THR FA 61 -6.31 -12.42 -108.29
C THR FA 61 -7.55 -12.80 -107.50
N HIS FA 62 -8.65 -13.06 -108.21
CA HIS FA 62 -9.91 -13.36 -107.55
C HIS FA 62 -9.83 -14.72 -106.86
N PHE FA 63 -10.80 -14.96 -105.99
CA PHE FA 63 -10.85 -16.21 -105.23
C PHE FA 63 -11.04 -17.40 -106.15
N GLY FA 64 -10.28 -18.45 -105.89
CA GLY FA 64 -10.39 -19.66 -106.68
C GLY FA 64 -9.85 -19.57 -108.08
N GLY FA 65 -8.91 -18.64 -108.34
CA GLY FA 65 -8.33 -18.51 -109.65
C GLY FA 65 -9.27 -17.83 -110.62
N GLY FA 66 -8.84 -17.81 -111.88
CA GLY FA 66 -9.64 -17.20 -112.93
C GLY FA 66 -9.18 -15.81 -113.32
N LYS FA 67 -9.84 -14.79 -112.80
CA LYS FA 67 -9.56 -13.42 -113.17
C LYS FA 67 -8.54 -12.79 -112.22
N THR FA 68 -7.89 -11.74 -112.71
CA THR FA 68 -6.98 -10.93 -111.91
C THR FA 68 -7.08 -9.51 -112.41
N THR FA 69 -7.46 -8.59 -111.53
CA THR FA 69 -7.72 -7.20 -111.92
C THR FA 69 -6.60 -6.30 -111.43
N GLY FA 70 -6.13 -5.41 -112.30
CA GLY FA 70 -5.06 -4.49 -111.94
C GLY FA 70 -5.22 -3.18 -112.68
N PHE FA 71 -4.33 -2.26 -112.38
CA PHE FA 71 -4.36 -0.91 -112.93
C PHE FA 71 -3.31 -0.80 -114.03
N GLY FA 72 -3.69 -0.23 -115.17
CA GLY FA 72 -2.77 -0.04 -116.26
C GLY FA 72 -2.82 1.37 -116.78
N MET FA 73 -1.68 1.84 -117.25
CA MET FA 73 -1.58 3.17 -117.86
C MET FA 73 -0.54 3.12 -118.97
N ILE FA 74 -0.87 3.75 -120.09
CA ILE FA 74 0.04 3.83 -121.22
C ILE FA 74 0.38 5.28 -121.47
N TYR FA 75 1.57 5.51 -122.03
CA TYR FA 75 2.08 6.85 -122.24
C TYR FA 75 2.35 7.08 -123.72
N ASP FA 76 2.28 8.35 -124.13
CA ASP FA 76 2.61 8.71 -125.50
C ASP FA 76 4.10 8.69 -125.77
N SER FA 77 4.94 8.87 -124.75
CA SER FA 77 6.38 8.90 -124.96
C SER FA 77 7.08 8.47 -123.67
N LEU FA 78 8.19 7.75 -123.83
CA LEU FA 78 8.96 7.34 -122.67
C LEU FA 78 9.56 8.53 -121.95
N ASP FA 79 9.84 9.62 -122.66
CA ASP FA 79 10.30 10.83 -121.99
C ASP FA 79 9.22 11.38 -121.05
N TYR FA 80 7.99 11.43 -121.52
CA TYR FA 80 6.90 11.89 -120.66
C TYR FA 80 6.70 10.94 -119.48
N ALA FA 81 6.79 9.64 -119.73
CA ALA FA 81 6.68 8.68 -118.64
C ALA FA 81 7.78 8.88 -117.61
N LYS FA 82 9.02 9.08 -118.06
CA LYS FA 82 10.11 9.37 -117.14
C LYS FA 82 9.88 10.68 -116.39
N LYS FA 83 9.20 11.63 -117.02
CA LYS FA 83 8.89 12.88 -116.34
C LYS FA 83 7.91 12.65 -115.19
N ASN FA 84 6.80 11.95 -115.46
CA ASN FA 84 5.77 11.76 -114.42
C ASN FA 84 5.45 10.28 -114.22
N GLU FA 85 6.21 9.64 -113.32
CA GLU FA 85 5.98 8.25 -112.91
C GLU FA 85 6.69 8.04 -111.59
N PRO FA 86 6.12 7.28 -110.66
CA PRO FA 86 6.80 7.08 -109.38
C PRO FA 86 8.14 6.37 -109.52
N LYS FA 87 9.07 6.75 -108.64
CA LYS FA 87 10.43 6.25 -108.71
C LYS FA 87 10.48 4.75 -108.50
N HIS FA 88 9.57 4.21 -107.68
CA HIS FA 88 9.58 2.77 -107.43
C HIS FA 88 9.17 2.00 -108.68
N ARG FA 89 8.17 2.49 -109.41
CA ARG FA 89 7.79 1.84 -110.66
C ARG FA 89 8.89 1.98 -111.70
N LEU FA 90 9.54 3.15 -111.74
CA LEU FA 90 10.65 3.34 -112.67
C LEU FA 90 11.81 2.39 -112.34
N ALA FA 91 12.09 2.19 -111.06
CA ALA FA 91 13.13 1.24 -110.67
C ALA FA 91 12.71 -0.20 -110.93
N ARG FA 92 11.41 -0.49 -110.82
CA ARG FA 92 10.91 -1.81 -111.19
C ARG FA 92 11.18 -2.08 -112.66
N HIS FA 93 10.93 -1.10 -113.52
CA HIS FA 93 11.18 -1.27 -114.94
C HIS FA 93 12.64 -1.02 -115.31
N GLY FA 94 13.47 -0.59 -114.37
CA GLY FA 94 14.89 -0.46 -114.56
C GLY FA 94 15.39 0.95 -114.80
N LEU FA 95 14.50 1.88 -115.14
CA LEU FA 95 14.90 3.25 -115.48
C LEU FA 95 15.32 4.08 -114.29
N TYR FA 96 15.45 3.50 -113.09
CA TYR FA 96 15.81 4.24 -111.90
C TYR FA 96 16.56 3.30 -110.96
N GLU FA 97 17.48 3.86 -110.18
CA GLU FA 97 18.25 3.10 -109.22
C GLU FA 97 18.10 3.76 -107.85
N LYS FA 98 17.40 3.08 -106.94
CA LYS FA 98 17.19 3.58 -105.59
C LYS FA 98 18.13 2.94 -104.58
N LYS FA 99 19.20 2.30 -105.06
CA LYS FA 99 20.16 1.65 -104.17
C LYS FA 99 20.98 2.70 -103.44
N LYS FA 100 20.56 3.05 -102.22
CA LYS FA 100 21.26 4.06 -101.44
C LYS FA 100 21.58 3.51 -100.05
N THR FA 101 22.04 4.38 -99.15
CA THR FA 101 22.22 4.02 -97.76
C THR FA 101 20.89 4.05 -97.03
N SER FA 102 20.90 3.63 -95.77
CA SER FA 102 19.65 3.47 -95.04
C SER FA 102 19.26 4.77 -94.34
N ARG FA 103 17.98 4.80 -93.92
CA ARG FA 103 17.40 5.99 -93.32
C ARG FA 103 18.08 6.35 -92.01
N LYS FA 104 18.42 5.33 -91.20
CA LYS FA 104 19.12 5.60 -89.94
C LYS FA 104 20.47 6.26 -90.21
N GLN FA 105 21.22 5.75 -91.18
CA GLN FA 105 22.51 6.34 -91.52
C GLN FA 105 22.35 7.77 -92.02
N ARG FA 106 21.32 8.03 -92.82
CA ARG FA 106 21.08 9.40 -93.28
C ARG FA 106 20.78 10.33 -92.12
N LYS FA 107 19.98 9.86 -91.15
CA LYS FA 107 19.68 10.68 -89.98
C LYS FA 107 20.94 10.96 -89.15
N GLU FA 108 21.79 9.94 -88.96
CA GLU FA 108 23.03 10.17 -88.23
C GLU FA 108 23.92 11.17 -88.95
N ARG FA 109 24.00 11.07 -90.28
CA ARG FA 109 24.78 12.01 -91.05
C ARG FA 109 24.24 13.43 -90.88
N LYS FA 110 22.92 13.58 -90.89
CA LYS FA 110 22.33 14.90 -90.72
C LYS FA 110 22.64 15.45 -89.34
N ASN FA 111 22.58 14.61 -88.30
CA ASN FA 111 22.88 15.08 -86.95
C ASN FA 111 24.34 15.50 -86.80
N ARG FA 112 25.26 14.72 -87.37
CA ARG FA 112 26.66 15.10 -87.27
C ARG FA 112 26.96 16.38 -88.05
N MET FA 113 26.34 16.53 -89.22
CA MET FA 113 26.46 17.77 -89.96
C MET FA 113 25.86 18.94 -89.19
N LYS FA 114 24.82 18.68 -88.39
CA LYS FA 114 24.28 19.72 -87.52
C LYS FA 114 25.27 20.10 -86.44
N LYS FA 115 25.97 19.12 -85.88
CA LYS FA 115 26.99 19.42 -84.87
C LYS FA 115 28.13 20.26 -85.45
N VAL FA 116 28.59 19.91 -86.65
CA VAL FA 116 29.66 20.67 -87.29
C VAL FA 116 29.10 21.99 -87.81
N ARG FA 117 29.88 23.06 -87.75
CA ARG FA 117 29.44 24.39 -88.14
C ARG FA 117 30.30 24.94 -89.26
N GLY FA 118 29.65 25.39 -90.33
CA GLY FA 118 30.28 26.28 -91.28
C GLY FA 118 31.32 25.67 -92.20
N THR FA 119 32.43 25.25 -91.63
CA THR FA 119 33.61 24.81 -92.38
C THR FA 119 33.25 23.72 -93.37
N ALA FA 120 33.43 24.01 -94.66
CA ALA FA 120 33.08 23.04 -95.69
C ALA FA 120 33.96 21.80 -95.58
N LYS FA 121 35.26 21.98 -95.36
CA LYS FA 121 36.18 20.85 -95.28
C LYS FA 121 35.84 19.93 -94.11
N ALA FA 122 35.63 20.49 -92.92
CA ALA FA 122 35.27 19.67 -91.77
C ALA FA 122 33.87 19.09 -91.91
N ASN FA 123 32.94 19.84 -92.53
CA ASN FA 123 31.59 19.35 -92.70
C ASN FA 123 31.56 18.13 -93.61
N VAL FA 124 32.32 18.16 -94.71
CA VAL FA 124 32.39 17.01 -95.59
C VAL FA 124 33.27 15.91 -95.00
N GLY FA 125 34.20 16.26 -94.11
CA GLY FA 125 34.95 15.23 -93.40
C GLY FA 125 34.19 14.54 -92.31
N ALA FA 126 33.09 15.15 -91.85
CA ALA FA 126 32.24 14.55 -90.84
C ALA FA 126 31.49 13.32 -91.34
N GLY FA 127 31.52 13.04 -92.64
CA GLY FA 127 30.86 11.87 -93.18
C GLY FA 127 31.82 10.81 -93.68
N LYS FA 128 33.06 11.22 -94.00
CA LYS FA 128 34.04 10.26 -94.50
C LYS FA 128 34.46 9.28 -93.42
N LYS FA 129 34.76 9.79 -92.22
CA LYS FA 129 35.16 8.92 -91.12
C LYS FA 129 34.07 7.94 -90.70
N PRO FA 130 32.80 8.34 -90.48
CA PRO FA 130 31.79 7.31 -90.18
C PRO FA 130 31.21 6.62 -91.43
N LYS FA 131 31.96 5.63 -91.91
CA LYS FA 131 31.52 4.84 -93.06
C LYS FA 131 31.10 3.44 -92.64
N THR GA 1 -49.83 -10.87 -33.37
CA THR GA 1 -51.15 -11.51 -33.41
C THR GA 1 -52.08 -10.89 -32.38
N LYS GA 2 -52.93 -9.97 -32.84
CA LYS GA 2 -53.87 -9.29 -31.96
C LYS GA 2 -54.94 -10.27 -31.51
N LYS GA 3 -54.93 -10.63 -30.22
CA LYS GA 3 -55.86 -11.62 -29.72
C LYS GA 3 -57.28 -11.09 -29.69
N ARG GA 4 -57.48 -9.88 -29.17
CA ARG GA 4 -58.80 -9.30 -29.04
C ARG GA 4 -58.83 -7.95 -29.73
N ARG GA 5 -59.89 -7.71 -30.49
CA ARG GA 5 -60.15 -6.37 -30.99
C ARG GA 5 -60.38 -5.40 -29.84
N ASN GA 6 -60.89 -5.92 -28.72
CA ASN GA 6 -61.10 -5.12 -27.53
C ASN GA 6 -59.80 -4.75 -26.83
N ASN GA 7 -58.72 -5.49 -27.12
CA ASN GA 7 -57.47 -5.45 -26.37
C ASN GA 7 -57.65 -5.84 -24.91
N GLY GA 8 -58.77 -6.48 -24.58
CA GLY GA 8 -59.02 -6.93 -23.23
C GLY GA 8 -59.53 -5.88 -22.27
N ARG GA 9 -59.87 -4.69 -22.75
CA ARG GA 9 -60.30 -3.60 -21.88
C ARG GA 9 -61.49 -2.92 -22.54
N ALA GA 10 -61.83 -1.72 -22.08
CA ALA GA 10 -62.95 -0.97 -22.64
C ALA GA 10 -62.55 0.44 -23.07
N LYS GA 11 -61.26 0.76 -23.09
CA LYS GA 11 -60.79 2.08 -23.45
C LYS GA 11 -61.02 2.32 -24.94
N LYS GA 12 -62.05 3.10 -25.28
CA LYS GA 12 -62.38 3.37 -26.67
C LYS GA 12 -62.17 4.83 -27.05
N GLY GA 13 -62.83 5.75 -26.36
CA GLY GA 13 -62.62 7.17 -26.60
C GLY GA 13 -61.71 7.83 -25.61
N ARG GA 14 -61.27 7.11 -24.59
CA ARG GA 14 -60.41 7.62 -23.56
C ARG GA 14 -58.98 7.71 -24.07
N GLY GA 15 -58.09 8.27 -23.26
CA GLY GA 15 -56.67 8.12 -23.48
C GLY GA 15 -56.04 7.39 -22.33
N HIS GA 16 -56.58 7.61 -21.13
CA HIS GA 16 -56.05 7.01 -19.92
C HIS GA 16 -57.19 6.73 -18.95
N VAL GA 17 -57.12 5.57 -18.30
CA VAL GA 17 -58.13 5.13 -17.35
C VAL GA 17 -57.45 4.97 -15.99
N GLN GA 18 -58.08 5.51 -14.96
CA GLN GA 18 -57.52 5.41 -13.62
C GLN GA 18 -57.50 3.96 -13.17
N PRO GA 19 -56.42 3.50 -12.56
CA PRO GA 19 -56.34 2.11 -12.12
C PRO GA 19 -57.05 1.89 -10.79
N ILE GA 20 -57.22 0.62 -10.47
CA ILE GA 20 -57.73 0.18 -9.19
C ILE GA 20 -56.80 -0.92 -8.68
N ARG GA 21 -57.05 -1.38 -7.46
CA ARG GA 21 -56.29 -2.46 -6.85
C ARG GA 21 -57.12 -3.73 -6.86
N CYS GA 22 -56.49 -4.84 -7.25
CA CYS GA 22 -57.17 -6.13 -7.20
C CYS GA 22 -57.56 -6.46 -5.77
N THR GA 23 -58.79 -6.93 -5.59
CA THR GA 23 -59.24 -7.28 -4.25
C THR GA 23 -58.57 -8.52 -3.70
N ASN GA 24 -57.89 -9.29 -4.55
CA ASN GA 24 -57.29 -10.55 -4.13
C ASN GA 24 -55.79 -10.47 -3.97
N CYS GA 25 -55.10 -9.66 -4.78
CA CYS GA 25 -53.66 -9.56 -4.67
C CYS GA 25 -53.15 -8.12 -4.66
N ALA GA 26 -54.05 -7.14 -4.69
CA ALA GA 26 -53.70 -5.72 -4.60
C ALA GA 26 -52.81 -5.28 -5.76
N ARG GA 27 -53.21 -5.63 -6.97
CA ARG GA 27 -52.44 -5.29 -8.16
C ARG GA 27 -53.08 -4.12 -8.87
N CYS GA 28 -52.24 -3.20 -9.35
CA CYS GA 28 -52.73 -2.04 -10.09
C CYS GA 28 -53.27 -2.48 -11.44
N VAL GA 29 -54.58 -2.40 -11.62
CA VAL GA 29 -55.23 -2.80 -12.85
C VAL GA 29 -56.09 -1.64 -13.34
N PRO GA 30 -56.07 -1.31 -14.63
CA PRO GA 30 -57.00 -0.28 -15.13
C PRO GA 30 -58.43 -0.71 -14.89
N LYS GA 31 -59.28 0.27 -14.60
CA LYS GA 31 -60.64 -0.02 -14.15
C LYS GA 31 -61.45 -0.70 -15.24
N ASP GA 32 -61.26 -0.30 -16.49
CA ASP GA 32 -61.95 -0.97 -17.58
C ASP GA 32 -61.41 -2.38 -17.81
N LYS GA 33 -60.12 -2.59 -17.57
CA LYS GA 33 -59.53 -3.91 -17.79
C LYS GA 33 -59.93 -4.91 -16.71
N ALA GA 34 -60.18 -4.43 -15.50
CA ALA GA 34 -60.47 -5.34 -14.39
C ALA GA 34 -61.81 -6.04 -14.55
N ILE GA 35 -61.88 -7.26 -14.03
CA ILE GA 35 -63.11 -8.03 -13.97
C ILE GA 35 -63.82 -7.69 -12.66
N LYS GA 36 -65.07 -7.24 -12.77
CA LYS GA 36 -65.83 -6.77 -11.62
C LYS GA 36 -66.98 -7.73 -11.35
N LYS GA 37 -67.00 -8.29 -10.15
CA LYS GA 37 -68.17 -8.97 -9.63
C LYS GA 37 -68.90 -8.05 -8.67
N PHE GA 38 -70.17 -8.35 -8.45
CA PHE GA 38 -70.99 -7.60 -7.48
C PHE GA 38 -71.74 -8.63 -6.64
N VAL GA 39 -71.12 -9.06 -5.54
CA VAL GA 39 -71.71 -10.12 -4.75
C VAL GA 39 -72.83 -9.55 -3.89
N ILE GA 40 -73.97 -10.21 -3.91
CA ILE GA 40 -75.16 -9.79 -3.17
C ILE GA 40 -75.52 -10.96 -2.27
N ARG GA 41 -74.98 -10.98 -1.06
CA ARG GA 41 -75.07 -12.18 -0.24
C ARG GA 41 -75.84 -11.88 1.04
N ASN GA 42 -76.74 -12.78 1.42
CA ASN GA 42 -77.40 -12.63 2.71
C ASN GA 42 -76.36 -12.65 3.82
N ILE GA 43 -76.57 -11.81 4.83
CA ILE GA 43 -75.58 -11.63 5.88
C ILE GA 43 -75.43 -12.88 6.74
N VAL GA 44 -76.41 -13.79 6.68
CA VAL GA 44 -76.32 -15.08 7.35
C VAL GA 44 -76.45 -16.17 6.28
N GLU GA 45 -75.77 -17.28 6.50
CA GLU GA 45 -75.78 -18.37 5.53
C GLU GA 45 -77.13 -19.07 5.52
N ALA GA 46 -77.46 -19.67 4.37
CA ALA GA 46 -78.80 -20.17 4.09
C ALA GA 46 -79.20 -21.34 4.97
N ALA GA 47 -78.26 -21.99 5.65
CA ALA GA 47 -78.61 -23.04 6.60
C ALA GA 47 -78.55 -22.55 8.05
N ALA GA 48 -78.28 -21.27 8.27
CA ALA GA 48 -78.35 -20.67 9.59
C ALA GA 48 -79.41 -19.59 9.68
N VAL GA 49 -80.04 -19.24 8.56
CA VAL GA 49 -81.10 -18.24 8.59
C VAL GA 49 -82.25 -18.71 9.47
N ARG GA 50 -82.56 -20.00 9.46
CA ARG GA 50 -83.64 -20.52 10.31
C ARG GA 50 -83.32 -20.32 11.78
N ASP GA 51 -82.10 -20.66 12.20
CA ASP GA 51 -81.72 -20.49 13.60
C ASP GA 51 -81.74 -19.02 14.00
N ILE GA 52 -81.25 -18.15 13.11
CA ILE GA 52 -81.28 -16.71 13.39
C ILE GA 52 -82.71 -16.22 13.56
N SER GA 53 -83.60 -16.64 12.65
CA SER GA 53 -84.99 -16.20 12.73
C SER GA 53 -85.66 -16.70 14.00
N GLU GA 54 -85.37 -17.93 14.42
CA GLU GA 54 -86.01 -18.47 15.61
C GLU GA 54 -85.44 -17.84 16.88
N ALA GA 55 -84.19 -17.39 16.85
CA ALA GA 55 -83.60 -16.73 18.00
C ALA GA 55 -83.82 -15.22 17.99
N SER GA 56 -84.42 -14.67 16.93
CA SER GA 56 -84.65 -13.24 16.86
C SER GA 56 -85.72 -12.81 17.86
N VAL GA 57 -85.69 -11.53 18.22
CA VAL GA 57 -86.71 -10.94 19.08
C VAL GA 57 -87.87 -10.36 18.28
N PHE GA 58 -87.77 -10.34 16.96
CA PHE GA 58 -88.80 -9.80 16.10
C PHE GA 58 -89.55 -10.92 15.41
N ASP GA 59 -90.88 -10.80 15.35
CA ASP GA 59 -91.69 -11.80 14.68
C ASP GA 59 -91.44 -11.82 13.18
N ALA GA 60 -91.14 -10.67 12.59
CA ALA GA 60 -90.88 -10.57 11.15
C ALA GA 60 -89.69 -9.63 10.97
N TYR GA 61 -88.50 -10.19 10.82
CA TYR GA 61 -87.28 -9.43 10.59
C TYR GA 61 -86.67 -9.87 9.28
N VAL GA 62 -86.60 -8.96 8.32
CA VAL GA 62 -85.95 -9.24 7.04
C VAL GA 62 -84.44 -9.18 7.22
N LEU GA 63 -83.76 -10.21 6.75
CA LEU GA 63 -82.32 -10.29 6.94
C LEU GA 63 -81.62 -9.26 6.07
N PRO GA 64 -80.66 -8.50 6.62
CA PRO GA 64 -79.91 -7.56 5.80
C PRO GA 64 -78.99 -8.30 4.84
N LYS GA 65 -78.64 -7.63 3.75
CA LYS GA 65 -77.76 -8.21 2.75
C LYS GA 65 -76.44 -7.44 2.71
N LEU GA 66 -75.37 -8.19 2.48
CA LEU GA 66 -74.03 -7.64 2.31
C LEU GA 66 -73.75 -7.43 0.82
N TYR GA 67 -73.26 -6.24 0.50
CA TYR GA 67 -73.07 -5.78 -0.87
C TYR GA 67 -71.60 -5.42 -1.04
N VAL GA 68 -70.85 -6.25 -1.76
CA VAL GA 68 -69.43 -6.02 -1.97
C VAL GA 68 -69.16 -6.05 -3.46
N LYS GA 69 -68.42 -5.06 -3.95
CA LYS GA 69 -67.99 -5.01 -5.33
C LYS GA 69 -66.54 -5.49 -5.40
N LEU GA 70 -66.31 -6.54 -6.18
CA LEU GA 70 -65.01 -7.18 -6.28
C LEU GA 70 -64.34 -6.77 -7.58
N HIS GA 71 -63.11 -6.29 -7.48
CA HIS GA 71 -62.28 -5.96 -8.64
C HIS GA 71 -61.15 -6.97 -8.72
N TYR GA 72 -60.96 -7.55 -9.90
CA TYR GA 72 -60.03 -8.65 -10.08
C TYR GA 72 -59.06 -8.35 -11.22
N CYS GA 73 -57.77 -8.53 -10.97
CA CYS GA 73 -56.84 -8.69 -12.07
C CYS GA 73 -57.14 -10.01 -12.77
N VAL GA 74 -56.74 -10.11 -14.04
CA VAL GA 74 -57.11 -11.30 -14.78
C VAL GA 74 -56.34 -12.51 -14.26
N SER GA 75 -55.16 -12.32 -13.67
CA SER GA 75 -54.44 -13.44 -13.06
C SER GA 75 -55.23 -14.06 -11.92
N CYS GA 76 -55.67 -13.23 -10.98
CA CYS GA 76 -56.49 -13.77 -9.89
C CYS GA 76 -57.85 -14.24 -10.38
N ALA GA 77 -58.41 -13.61 -11.41
CA ALA GA 77 -59.67 -14.06 -11.96
C ALA GA 77 -59.56 -15.48 -12.51
N ILE GA 78 -58.51 -15.73 -13.29
CA ILE GA 78 -58.29 -17.05 -13.87
C ILE GA 78 -57.94 -18.06 -12.79
N HIS GA 79 -57.16 -17.64 -11.78
CA HIS GA 79 -56.82 -18.57 -10.71
C HIS GA 79 -58.04 -18.94 -9.88
N SER GA 80 -58.91 -17.99 -9.59
CA SER GA 80 -60.11 -18.25 -8.81
C SER GA 80 -61.25 -18.79 -9.66
N LYS GA 81 -61.03 -18.92 -10.97
CA LYS GA 81 -61.98 -19.58 -11.88
C LYS GA 81 -63.29 -18.83 -11.98
N VAL GA 82 -63.27 -17.51 -11.79
CA VAL GA 82 -64.45 -16.72 -12.10
C VAL GA 82 -64.57 -16.51 -13.60
N VAL GA 83 -63.44 -16.45 -14.31
CA VAL GA 83 -63.43 -16.47 -15.76
C VAL GA 83 -62.59 -17.65 -16.21
N ARG GA 84 -62.84 -18.10 -17.44
CA ARG GA 84 -62.15 -19.24 -18.00
C ARG GA 84 -61.72 -18.92 -19.41
N ASN GA 85 -60.68 -19.61 -19.87
CA ASN GA 85 -60.28 -19.50 -21.26
C ASN GA 85 -61.36 -20.10 -22.15
N ARG GA 86 -61.59 -19.45 -23.29
CA ARG GA 86 -62.62 -19.88 -24.22
C ARG GA 86 -62.01 -20.07 -25.59
N SER GA 87 -62.73 -20.78 -26.45
CA SER GA 87 -62.29 -20.98 -27.82
C SER GA 87 -62.25 -19.65 -28.55
N ARG GA 88 -61.57 -19.63 -29.70
CA ARG GA 88 -61.40 -18.37 -30.42
C ARG GA 88 -62.74 -17.80 -30.87
N GLU GA 89 -63.64 -18.65 -31.33
CA GLU GA 89 -64.97 -18.18 -31.74
C GLU GA 89 -65.87 -17.91 -30.54
N ALA GA 90 -65.67 -18.62 -29.43
CA ALA GA 90 -66.50 -18.40 -28.24
C ALA GA 90 -66.00 -17.25 -27.39
N ARG GA 91 -64.86 -16.67 -27.73
CA ARG GA 91 -64.41 -15.47 -27.04
C ARG GA 91 -65.21 -14.25 -27.43
N LYS GA 92 -65.90 -14.29 -28.56
CA LYS GA 92 -66.50 -13.09 -29.12
C LYS GA 92 -67.75 -12.66 -28.38
N ASP GA 93 -68.55 -13.61 -27.89
CA ASP GA 93 -69.81 -13.23 -27.24
C ASP GA 93 -69.56 -12.59 -25.88
N ARG GA 94 -70.41 -11.64 -25.54
CA ARG GA 94 -70.29 -10.90 -24.28
C ARG GA 94 -71.47 -11.12 -23.36
N THR GA 95 -72.31 -12.10 -23.64
CA THR GA 95 -73.46 -12.36 -22.78
C THR GA 95 -73.00 -12.99 -21.48
N PRO GA 96 -73.39 -12.45 -20.33
CA PRO GA 96 -73.02 -13.07 -19.06
C PRO GA 96 -73.63 -14.44 -18.94
N PRO GA 97 -72.98 -15.36 -18.23
CA PRO GA 97 -73.55 -16.68 -18.03
C PRO GA 97 -74.83 -16.61 -17.24
N PRO GA 98 -75.78 -17.50 -17.51
CA PRO GA 98 -77.07 -17.45 -16.80
C PRO GA 98 -76.91 -17.73 -15.31
N ARG GA 99 -77.82 -17.15 -14.53
CA ARG GA 99 -77.76 -17.21 -13.08
C ARG GA 99 -78.16 -18.55 -12.49
N PHE GA 100 -78.63 -19.49 -13.32
CA PHE GA 100 -79.05 -20.82 -12.88
C PHE GA 100 -80.17 -20.75 -11.84
N ARG GA 101 -81.10 -19.81 -12.04
CA ARG GA 101 -82.24 -19.66 -11.14
C ARG GA 101 -83.25 -20.82 -11.22
N PRO GA 102 -83.42 -21.53 -12.36
CA PRO GA 102 -84.41 -22.60 -12.19
C PRO GA 102 -83.84 -23.84 -11.49
N PRO HA 1 -80.45 -0.70 -53.41
CA PRO HA 1 -81.08 -0.83 -54.72
C PRO HA 1 -80.23 -0.22 -55.83
N LEU HA 2 -80.09 -0.95 -56.94
CA LEU HA 2 -79.21 -0.49 -58.01
C LEU HA 2 -79.82 0.65 -58.80
N ALA HA 3 -81.13 0.60 -59.04
CA ALA HA 3 -81.79 1.50 -59.99
C ALA HA 3 -82.56 2.62 -59.31
N LYS HA 4 -82.05 3.16 -58.21
CA LYS HA 4 -82.65 4.36 -57.65
C LYS HA 4 -82.53 5.50 -58.65
N ASP HA 5 -83.63 6.20 -58.88
CA ASP HA 5 -83.65 7.32 -59.83
C ASP HA 5 -83.22 8.58 -59.09
N LEU HA 6 -81.97 8.98 -59.29
CA LEU HA 6 -81.45 10.17 -58.61
C LEU HA 6 -82.00 11.45 -59.20
N LEU HA 7 -82.42 11.44 -60.46
CA LEU HA 7 -82.90 12.65 -61.11
C LEU HA 7 -84.29 13.05 -60.65
N HIS HA 8 -85.13 12.08 -60.26
CA HIS HA 8 -86.50 12.35 -59.85
C HIS HA 8 -86.75 11.72 -58.48
N PRO HA 9 -86.21 12.31 -57.42
CA PRO HA 9 -86.51 11.80 -56.08
C PRO HA 9 -87.82 12.38 -55.55
N SER HA 10 -88.52 11.57 -54.77
CA SER HA 10 -89.83 11.98 -54.29
C SER HA 10 -89.69 13.01 -53.17
N PRO HA 11 -90.72 13.86 -52.99
CA PRO HA 11 -90.61 14.94 -52.00
C PRO HA 11 -90.41 14.46 -50.57
N GLU HA 12 -90.87 13.25 -50.22
CA GLU HA 12 -90.64 12.79 -48.85
C GLU HA 12 -89.16 12.53 -48.59
N GLU HA 13 -88.45 11.86 -49.51
CA GLU HA 13 -87.01 11.75 -49.36
C GLU HA 13 -86.32 13.09 -49.47
N GLU HA 14 -86.83 13.98 -50.33
CA GLU HA 14 -86.21 15.29 -50.45
C GLU HA 14 -86.27 16.06 -49.13
N LYS HA 15 -87.44 16.07 -48.49
CA LYS HA 15 -87.57 16.74 -47.21
C LYS HA 15 -86.80 16.02 -46.12
N ARG HA 16 -86.69 14.68 -46.21
CA ARG HA 16 -85.92 13.93 -45.23
C ARG HA 16 -84.45 14.30 -45.28
N LYS HA 17 -83.91 14.49 -46.48
CA LYS HA 17 -82.48 14.67 -46.63
C LYS HA 17 -82.02 15.99 -46.01
N HIS HA 18 -80.71 16.06 -45.74
CA HIS HA 18 -80.11 17.24 -45.15
C HIS HA 18 -80.21 18.42 -46.10
N LYS HA 19 -80.18 19.63 -45.53
CA LYS HA 19 -80.40 20.85 -46.31
C LYS HA 19 -79.38 21.00 -47.42
N LYS HA 20 -78.20 20.42 -47.27
CA LYS HA 20 -77.15 20.51 -48.29
C LYS HA 20 -77.04 19.24 -49.12
N LYS HA 21 -77.36 18.08 -48.56
CA LYS HA 21 -77.28 16.82 -49.28
C LYS HA 21 -78.49 16.56 -50.15
N ARG HA 22 -79.37 17.55 -50.32
CA ARG HA 22 -80.49 17.43 -51.24
C ARG HA 22 -79.99 17.52 -52.67
N LEU HA 23 -80.91 17.37 -53.63
CA LEU HA 23 -80.54 17.54 -55.03
C LEU HA 23 -80.11 18.97 -55.30
N VAL HA 24 -80.91 19.93 -54.86
CA VAL HA 24 -80.54 21.33 -54.86
C VAL HA 24 -80.74 21.87 -53.45
N GLN HA 25 -79.78 22.66 -52.98
CA GLN HA 25 -79.85 23.18 -51.62
C GLN HA 25 -81.11 24.01 -51.43
N SER HA 26 -81.82 23.73 -50.34
CA SER HA 26 -83.04 24.44 -50.01
C SER HA 26 -83.04 24.67 -48.51
N PRO HA 27 -83.19 25.91 -48.06
CA PRO HA 27 -83.23 26.18 -46.63
C PRO HA 27 -84.46 25.56 -45.98
N ASN HA 28 -84.31 25.20 -44.71
CA ASN HA 28 -85.39 24.65 -43.92
C ASN HA 28 -86.21 25.72 -43.21
N SER HA 29 -85.82 26.98 -43.33
CA SER HA 29 -86.43 28.07 -42.60
C SER HA 29 -87.37 28.87 -43.49
N TYR HA 30 -88.03 29.85 -42.90
CA TYR HA 30 -89.03 30.64 -43.60
C TYR HA 30 -89.22 31.96 -42.85
N PHE HA 31 -89.99 32.85 -43.46
CA PHE HA 31 -90.36 34.13 -42.85
C PHE HA 31 -91.85 34.11 -42.61
N MET HA 32 -92.26 34.44 -41.39
CA MET HA 32 -93.65 34.31 -40.98
C MET HA 32 -94.20 35.64 -40.51
N ASP HA 33 -95.45 35.90 -40.88
CA ASP HA 33 -96.22 36.98 -40.28
C ASP HA 33 -96.52 36.66 -38.83
N VAL HA 34 -96.38 37.66 -37.98
CA VAL HA 34 -96.66 37.54 -36.56
C VAL HA 34 -97.62 38.65 -36.17
N LYS HA 35 -98.74 38.28 -35.57
CA LYS HA 35 -99.76 39.21 -35.11
C LYS HA 35 -99.87 39.04 -33.59
N CYS HA 36 -99.49 40.08 -32.87
CA CYS HA 36 -99.62 40.04 -31.43
C CYS HA 36 -100.98 40.58 -30.99
N PRO HA 37 -101.53 40.06 -29.90
CA PRO HA 37 -102.83 40.56 -29.43
C PRO HA 37 -102.73 41.99 -28.92
N GLY HA 38 -103.82 42.73 -29.07
CA GLY HA 38 -103.89 44.09 -28.60
C GLY HA 38 -103.31 45.12 -29.55
N CYS HA 39 -102.74 44.69 -30.67
CA CYS HA 39 -102.20 45.60 -31.67
C CYS HA 39 -102.84 45.28 -33.02
N TYR HA 40 -102.32 45.93 -34.06
CA TYR HA 40 -102.80 45.71 -35.42
C TYR HA 40 -101.69 45.45 -36.42
N LYS HA 41 -100.46 45.86 -36.15
CA LYS HA 41 -99.37 45.65 -37.09
C LYS HA 41 -98.98 44.18 -37.15
N ILE HA 42 -98.43 43.79 -38.29
CA ILE HA 42 -97.97 42.43 -38.53
C ILE HA 42 -96.49 42.47 -38.80
N THR HA 43 -95.72 41.63 -38.11
CA THR HA 43 -94.27 41.66 -38.19
C THR HA 43 -93.74 40.45 -38.94
N THR HA 44 -92.79 40.68 -39.84
CA THR HA 44 -92.13 39.60 -40.58
C THR HA 44 -90.97 39.10 -39.74
N VAL HA 45 -91.06 37.87 -39.27
CA VAL HA 45 -90.06 37.30 -38.36
C VAL HA 45 -89.43 36.07 -39.03
N PHE HA 46 -88.11 36.02 -39.02
CA PHE HA 46 -87.40 34.83 -39.45
C PHE HA 46 -87.66 33.69 -38.47
N SER HA 47 -87.90 32.50 -39.01
CA SER HA 47 -88.29 31.36 -38.17
C SER HA 47 -87.17 30.93 -37.25
N HIS HA 48 -85.92 31.19 -37.62
CA HIS HA 48 -84.76 30.86 -36.80
C HIS HA 48 -84.06 32.13 -36.31
N ALA HA 49 -84.87 33.09 -35.84
CA ALA HA 49 -84.34 34.39 -35.45
C ALA HA 49 -83.39 34.25 -34.28
N GLN HA 50 -82.30 35.01 -34.33
CA GLN HA 50 -81.27 34.97 -33.31
C GLN HA 50 -81.43 36.08 -32.28
N THR HA 51 -82.19 37.11 -32.59
CA THR HA 51 -82.36 38.27 -31.73
C THR HA 51 -83.75 38.28 -31.12
N VAL HA 52 -83.85 38.90 -29.94
CA VAL HA 52 -85.14 39.11 -29.30
C VAL HA 52 -85.86 40.22 -30.05
N VAL HA 53 -86.81 39.86 -30.91
CA VAL HA 53 -87.51 40.89 -31.67
C VAL HA 53 -88.49 41.63 -30.76
N LEU HA 54 -88.81 42.85 -31.17
CA LEU HA 54 -89.66 43.72 -30.38
C LEU HA 54 -90.68 44.39 -31.30
N CYS HA 55 -91.85 44.69 -30.73
CA CYS HA 55 -92.84 45.47 -31.46
C CYS HA 55 -92.39 46.91 -31.57
N VAL HA 56 -92.52 47.49 -32.76
CA VAL HA 56 -92.05 48.85 -32.98
C VAL HA 56 -92.95 49.90 -32.35
N GLY HA 57 -94.14 49.51 -31.91
CA GLY HA 57 -95.05 50.46 -31.26
C GLY HA 57 -95.58 49.95 -29.94
N CYS HA 58 -95.19 48.74 -29.56
CA CYS HA 58 -95.64 48.12 -28.33
C CYS HA 58 -94.44 47.56 -27.57
N SER HA 59 -94.55 47.56 -26.25
CA SER HA 59 -93.48 47.04 -25.40
C SER HA 59 -93.74 45.59 -25.02
N THR HA 60 -93.79 44.74 -26.05
CA THR HA 60 -93.97 43.31 -25.87
C THR HA 60 -93.01 42.56 -26.77
N VAL HA 61 -92.39 41.53 -26.23
CA VAL HA 61 -91.52 40.66 -27.04
C VAL HA 61 -92.39 39.71 -27.84
N LEU HA 62 -91.98 39.46 -29.09
CA LEU HA 62 -92.71 38.52 -29.92
C LEU HA 62 -92.11 37.12 -29.89
N CYS HA 63 -90.79 37.01 -29.89
CA CYS HA 63 -90.14 35.71 -29.88
C CYS HA 63 -88.82 35.82 -29.14
N GLN HA 64 -88.29 34.67 -28.76
CA GLN HA 64 -87.00 34.56 -28.10
C GLN HA 64 -86.13 33.54 -28.84
N PRO HA 65 -84.82 33.73 -28.83
CA PRO HA 65 -83.95 32.79 -29.52
C PRO HA 65 -83.73 31.52 -28.72
N THR HA 66 -83.76 30.39 -29.42
CA THR HA 66 -83.44 29.09 -28.87
C THR HA 66 -82.33 28.48 -29.72
N GLY HA 67 -82.10 27.18 -29.52
CA GLY HA 67 -81.13 26.46 -30.33
C GLY HA 67 -81.41 26.56 -31.81
N GLY HA 68 -82.49 25.95 -32.27
CA GLY HA 68 -82.81 25.96 -33.68
C GLY HA 68 -83.80 27.01 -34.13
N LYS HA 69 -84.98 27.03 -33.52
CA LYS HA 69 -86.08 27.86 -34.00
C LYS HA 69 -86.44 28.90 -32.95
N ALA HA 70 -86.95 30.04 -33.43
CA ALA HA 70 -87.45 31.06 -32.54
C ALA HA 70 -88.68 30.55 -31.79
N ARG HA 71 -88.73 30.84 -30.50
CA ARG HA 71 -89.85 30.45 -29.65
C ARG HA 71 -90.73 31.67 -29.46
N LEU HA 72 -91.91 31.64 -30.08
CA LEU HA 72 -92.82 32.77 -29.99
C LEU HA 72 -93.51 32.79 -28.63
N THR HA 73 -93.90 33.99 -28.21
CA THR HA 73 -94.64 34.12 -26.96
C THR HA 73 -96.05 33.55 -27.13
N GLU HA 74 -96.62 33.10 -26.01
CA GLU HA 74 -97.97 32.53 -26.05
C GLU HA 74 -98.98 33.63 -26.34
N GLY HA 75 -99.94 33.33 -27.21
CA GLY HA 75 -101.05 34.21 -27.46
C GLY HA 75 -100.97 35.06 -28.71
N CYS HA 76 -99.88 34.94 -29.48
CA CYS HA 76 -99.74 35.69 -30.72
C CYS HA 76 -99.81 34.72 -31.90
N SER HA 77 -100.55 35.10 -32.93
CA SER HA 77 -100.72 34.22 -34.07
C SER HA 77 -99.59 34.41 -35.08
N PHE HA 78 -99.40 33.40 -35.92
CA PHE HA 78 -98.39 33.45 -36.96
C PHE HA 78 -98.91 32.80 -38.22
N ARG HA 79 -98.35 33.22 -39.35
CA ARG HA 79 -98.78 32.77 -40.67
C ARG HA 79 -97.55 32.60 -41.55
N ARG HA 80 -97.58 31.61 -42.44
CA ARG HA 80 -96.46 31.42 -43.34
C ARG HA 80 -96.49 32.45 -44.46
N LYS HA 81 -95.42 32.46 -45.25
CA LYS HA 81 -95.32 33.33 -46.41
C LYS HA 81 -94.79 32.53 -47.59
N GLN HA 82 -95.59 32.45 -48.66
CA GLN HA 82 -95.26 31.77 -49.92
C GLN HA 82 -94.65 30.38 -49.70
N HIS HA 83 -95.06 29.72 -48.61
CA HIS HA 83 -94.57 28.40 -48.20
C HIS HA 83 -93.06 28.36 -48.03
N SER JA 1 29.59 90.24 14.82
CA SER JA 1 30.00 88.93 15.30
C SER JA 1 29.13 87.83 14.71
N MET JA 2 28.09 87.46 15.44
CA MET JA 2 27.17 86.41 15.03
C MET JA 2 25.75 86.98 14.99
N LEU JA 3 25.10 86.82 13.84
CA LEU JA 3 23.81 87.44 13.58
C LEU JA 3 22.71 86.41 13.44
N ARG JA 4 22.77 85.35 14.23
CA ARG JA 4 21.72 84.34 14.18
C ARG JA 4 20.40 84.89 14.69
N LEU JA 5 20.45 85.68 15.77
CA LEU JA 5 19.22 86.25 16.32
C LEU JA 5 18.62 87.29 15.39
N GLN JA 6 19.46 88.10 14.75
CA GLN JA 6 18.96 89.17 13.91
C GLN JA 6 18.26 88.64 12.67
N LYS JA 7 18.79 87.56 12.08
CA LYS JA 7 18.14 86.96 10.92
C LYS JA 7 16.81 86.34 11.30
N ARG JA 8 16.73 85.74 12.48
CA ARG JA 8 15.46 85.19 12.94
C ARG JA 8 14.43 86.29 13.15
N LEU JA 9 14.84 87.41 13.76
CA LEU JA 9 13.90 88.50 13.99
C LEU JA 9 13.48 89.15 12.68
N ALA JA 10 14.41 89.34 11.75
CA ALA JA 10 14.10 89.98 10.49
C ALA JA 10 13.11 89.14 9.69
N SER JA 11 13.21 87.81 9.80
CA SER JA 11 12.28 86.94 9.11
C SER JA 11 10.86 87.11 9.64
N SER JA 12 10.71 87.27 10.95
CA SER JA 12 9.39 87.47 11.53
C SER JA 12 8.84 88.85 11.18
N VAL JA 13 9.68 89.87 11.21
CA VAL JA 13 9.23 91.22 10.90
C VAL JA 13 8.86 91.33 9.43
N LEU JA 14 9.72 90.81 8.55
CA LEU JA 14 9.44 90.86 7.12
C LEU JA 14 8.38 89.86 6.69
N ARG JA 15 7.98 88.95 7.58
CA ARG JA 15 6.96 87.94 7.29
C ARG JA 15 7.34 87.09 6.08
N CYS JA 16 8.63 86.80 5.97
CA CYS JA 16 9.16 85.92 4.94
C CYS JA 16 10.03 84.85 5.59
N GLY JA 17 10.71 84.04 4.79
CA GLY JA 17 11.60 83.05 5.34
C GLY JA 17 12.99 83.59 5.56
N LYS JA 18 13.80 82.81 6.26
CA LYS JA 18 15.19 83.17 6.44
C LYS JA 18 15.99 83.07 5.15
N LYS JA 19 15.44 82.40 4.14
CA LYS JA 19 16.06 82.39 2.82
C LYS JA 19 16.13 83.79 2.24
N LYS JA 20 15.08 84.58 2.44
CA LYS JA 20 14.94 85.87 1.79
C LYS JA 20 15.51 87.03 2.59
N VAL JA 21 15.94 86.81 3.82
CA VAL JA 21 16.49 87.88 4.62
C VAL JA 21 17.91 88.16 4.15
N TRP JA 22 18.17 89.41 3.79
CA TRP JA 22 19.50 89.84 3.37
C TRP JA 22 20.04 90.80 4.42
N LEU JA 23 21.08 90.39 5.13
CA LEU JA 23 21.77 91.24 6.09
C LEU JA 23 23.01 91.79 5.43
N ASP JA 24 23.21 93.10 5.51
CA ASP JA 24 24.33 93.77 4.86
C ASP JA 24 25.65 93.21 5.38
N PRO JA 25 26.42 92.53 4.53
CA PRO JA 25 27.68 91.94 5.02
C PRO JA 25 28.70 92.96 5.46
N ASN JA 26 28.59 94.21 5.02
CA ASN JA 26 29.53 95.24 5.42
C ASN JA 26 29.15 95.89 6.73
N GLU JA 27 27.87 96.12 6.97
CA GLU JA 27 27.41 96.72 8.22
C GLU JA 27 27.04 95.64 9.24
N THR JA 28 27.96 94.70 9.45
CA THR JA 28 27.73 93.64 10.42
C THR JA 28 27.65 94.19 11.84
N ASN JA 29 28.52 95.15 12.16
CA ASN JA 29 28.58 95.67 13.53
C ASN JA 29 27.32 96.45 13.89
N GLU JA 30 26.71 97.11 12.92
CA GLU JA 30 25.50 97.88 13.20
C GLU JA 30 24.29 96.98 13.40
N ILE JA 31 24.18 95.92 12.59
CA ILE JA 31 23.08 94.99 12.72
C ILE JA 31 23.17 94.22 14.03
N ALA JA 32 24.39 93.91 14.49
CA ALA JA 32 24.56 93.15 15.72
C ALA JA 32 24.02 93.89 16.93
N ASN JA 33 23.90 95.21 16.88
CA ASN JA 33 23.33 95.96 17.98
C ASN JA 33 21.81 95.88 18.03
N ALA JA 34 21.17 95.37 16.99
CA ALA JA 34 19.71 95.32 16.91
C ALA JA 34 19.24 94.06 17.61
N ASN JA 35 18.94 94.18 18.90
CA ASN JA 35 18.49 93.07 19.70
C ASN JA 35 16.97 93.03 19.88
N SER JA 36 16.24 93.92 19.23
CA SER JA 36 14.80 94.00 19.38
C SER JA 36 14.15 94.13 18.02
N ARG JA 37 12.88 93.74 17.94
CA ARG JA 37 12.16 93.81 16.68
C ARG JA 37 11.94 95.25 16.25
N GLN JA 38 11.88 96.17 17.21
CA GLN JA 38 11.79 97.59 16.86
C GLN JA 38 13.06 98.07 16.17
N GLN JA 39 14.22 97.61 16.65
CA GLN JA 39 15.47 97.95 16.00
C GLN JA 39 15.56 97.33 14.62
N ILE JA 40 15.01 96.13 14.44
CA ILE JA 40 15.02 95.50 13.12
C ILE JA 40 14.20 96.32 12.14
N ARG JA 41 13.04 96.81 12.56
CA ARG JA 41 12.21 97.63 11.68
C ARG JA 41 12.94 98.87 11.24
N LYS JA 42 13.72 99.47 12.14
CA LYS JA 42 14.51 100.64 11.79
C LYS JA 42 15.57 100.31 10.75
N LEU JA 43 16.23 99.15 10.92
CA LEU JA 43 17.24 98.75 9.94
C LEU JA 43 16.62 98.41 8.60
N ILE JA 44 15.42 97.81 8.62
CA ILE JA 44 14.71 97.52 7.38
C ILE JA 44 14.36 98.81 6.66
N LYS JA 45 13.94 99.83 7.40
CA LYS JA 45 13.65 101.13 6.79
C LYS JA 45 14.90 101.77 6.23
N ASP JA 46 16.05 101.58 6.86
CA ASP JA 46 17.29 102.23 6.46
C ASP JA 46 18.09 101.40 5.45
N GLY JA 47 17.55 100.28 4.99
CA GLY JA 47 18.17 99.55 3.91
C GLY JA 47 19.26 98.58 4.31
N LEU JA 48 19.53 98.40 5.60
CA LEU JA 48 20.52 97.42 6.01
C LEU JA 48 19.98 96.00 6.00
N ILE JA 49 18.66 95.83 6.09
CA ILE JA 49 18.03 94.53 5.98
C ILE JA 49 17.05 94.59 4.82
N ILE JA 50 17.14 93.61 3.93
CA ILE JA 50 16.43 93.62 2.66
C ILE JA 50 15.76 92.27 2.47
N ARG JA 51 14.53 92.27 1.96
CA ARG JA 51 13.85 91.04 1.56
C ARG JA 51 14.22 90.74 0.12
N LYS JA 52 14.97 89.66 -0.10
CA LYS JA 52 15.35 89.28 -1.45
C LYS JA 52 14.13 88.78 -2.22
N PRO JA 53 14.08 89.03 -3.52
CA PRO JA 53 12.90 88.64 -4.29
C PRO JA 53 12.79 87.14 -4.44
N VAL JA 54 11.56 86.70 -4.77
CA VAL JA 54 11.30 85.28 -4.97
C VAL JA 54 12.09 84.77 -6.16
N THR JA 55 12.68 83.59 -6.00
CA THR JA 55 13.39 82.94 -7.09
C THR JA 55 12.47 82.75 -8.29
N VAL JA 56 12.96 83.08 -9.47
CA VAL JA 56 12.14 83.05 -10.67
C VAL JA 56 11.84 81.61 -11.04
N HIS JA 57 10.56 81.27 -11.08
CA HIS JA 57 10.08 80.02 -11.65
C HIS JA 57 9.09 80.41 -12.75
N SER JA 58 9.61 80.59 -13.96
CA SER JA 58 8.78 81.04 -15.07
C SER JA 58 7.85 79.92 -15.54
N ARG JA 59 6.69 80.32 -16.06
CA ARG JA 59 5.76 79.41 -16.70
C ARG JA 59 5.74 79.60 -18.21
N ALA JA 60 6.67 80.38 -18.76
CA ALA JA 60 6.65 80.67 -20.19
C ALA JA 60 6.85 79.42 -21.02
N ARG JA 61 7.70 78.51 -20.54
CA ARG JA 61 7.93 77.25 -21.24
C ARG JA 61 6.67 76.40 -21.29
N CYS JA 62 5.96 76.31 -20.18
CA CYS JA 62 4.70 75.57 -20.16
C CYS JA 62 3.66 76.21 -21.06
N ARG JA 63 3.59 77.54 -21.03
CA ARG JA 63 2.63 78.24 -21.88
C ARG JA 63 2.93 78.01 -23.35
N LYS JA 64 4.20 77.99 -23.72
CA LYS JA 64 4.58 77.70 -25.10
C LYS JA 64 4.16 76.29 -25.49
N ASN JA 65 4.39 75.31 -24.60
CA ASN JA 65 4.03 73.94 -24.92
C ASN JA 65 2.53 73.72 -24.87
N THR JA 66 1.82 74.46 -24.02
CA THR JA 66 0.37 74.39 -24.02
C THR JA 66 -0.21 74.90 -25.33
N LEU JA 67 0.36 75.98 -25.86
CA LEU JA 67 -0.10 76.51 -27.14
C LEU JA 67 0.13 75.52 -28.27
N ALA JA 68 1.25 74.81 -28.25
CA ALA JA 68 1.48 73.77 -29.24
C ALA JA 68 0.51 72.62 -29.08
N ARG JA 69 0.22 72.23 -27.83
CA ARG JA 69 -0.65 71.08 -27.60
C ARG JA 69 -2.08 71.37 -28.00
N ARG JA 70 -2.53 72.63 -27.85
CA ARG JA 70 -3.87 72.98 -28.31
C ARG JA 70 -3.98 72.87 -29.83
N LYS JA 71 -2.89 73.10 -30.54
CA LYS JA 71 -2.85 72.85 -31.97
C LYS JA 71 -2.71 71.37 -32.30
N GLY JA 72 -2.39 70.54 -31.31
CA GLY JA 72 -2.33 69.11 -31.51
C GLY JA 72 -0.94 68.51 -31.39
N ARG JA 73 0.09 69.31 -31.19
CA ARG JA 73 1.44 68.77 -31.10
C ARG JA 73 1.62 68.02 -29.79
N HIS JA 74 2.62 67.13 -29.77
CA HIS JA 74 3.01 66.35 -28.61
C HIS JA 74 1.87 65.50 -28.06
N MET JA 75 0.86 65.20 -28.87
CA MET JA 75 -0.22 64.31 -28.45
C MET JA 75 0.00 62.91 -28.99
N GLY JA 76 0.05 62.75 -30.30
CA GLY JA 76 0.52 61.54 -30.96
C GLY JA 76 0.04 60.22 -30.42
N ILE JA 77 0.83 59.18 -30.64
CA ILE JA 77 0.61 57.88 -30.04
C ILE JA 77 1.68 57.56 -29.01
N GLY JA 78 2.91 57.95 -29.28
CA GLY JA 78 4.02 57.78 -28.37
C GLY JA 78 4.12 58.82 -27.29
N LYS JA 79 3.11 59.68 -27.16
CA LYS JA 79 3.04 60.60 -26.04
C LYS JA 79 1.89 60.26 -25.10
N ARG JA 80 1.22 59.15 -25.33
CA ARG JA 80 0.09 58.73 -24.50
C ARG JA 80 0.55 57.62 -23.58
N LYS JA 81 0.37 57.81 -22.28
CA LYS JA 81 0.67 56.79 -21.29
C LYS JA 81 -0.56 56.22 -20.63
N GLY JA 82 -1.60 57.01 -20.46
CA GLY JA 82 -2.81 56.50 -19.88
C GLY JA 82 -3.71 55.87 -20.92
N THR JA 83 -4.62 55.03 -20.44
CA THR JA 83 -5.61 54.42 -21.29
C THR JA 83 -6.52 55.50 -21.86
N ALA JA 84 -7.11 55.21 -23.03
CA ALA JA 84 -8.04 56.14 -23.64
C ALA JA 84 -9.15 56.53 -22.69
N ASN JA 85 -9.63 55.59 -21.88
CA ASN JA 85 -10.62 55.93 -20.86
C ASN JA 85 -10.01 56.73 -19.73
N ALA JA 86 -8.71 56.55 -19.46
CA ALA JA 86 -8.09 57.35 -18.41
C ALA JA 86 -7.88 58.78 -18.87
N ARG JA 87 -7.57 58.98 -20.14
CA ARG JA 87 -7.36 60.33 -20.66
C ARG JA 87 -8.67 61.06 -20.87
N MET JA 88 -9.71 60.35 -21.28
CA MET JA 88 -11.02 60.96 -21.54
C MET JA 88 -12.06 59.92 -21.23
N PRO JA 89 -12.66 59.95 -20.04
CA PRO JA 89 -13.57 58.89 -19.62
C PRO JA 89 -14.78 58.77 -20.53
N GLU JA 90 -15.20 57.53 -20.76
CA GLU JA 90 -16.39 57.30 -21.58
C GLU JA 90 -17.63 57.81 -20.89
N LYS JA 91 -17.70 57.69 -19.56
CA LYS JA 91 -18.88 58.16 -18.84
C LYS JA 91 -19.00 59.66 -18.93
N VAL JA 92 -17.89 60.38 -18.83
CA VAL JA 92 -17.94 61.84 -18.97
C VAL JA 92 -18.31 62.22 -20.39
N THR JA 93 -17.82 61.47 -21.38
CA THR JA 93 -18.23 61.71 -22.76
C THR JA 93 -19.71 61.44 -22.94
N TRP JA 94 -20.22 60.37 -22.34
CA TRP JA 94 -21.64 60.07 -22.42
C TRP JA 94 -22.47 61.09 -21.65
N MET JA 95 -21.98 61.50 -20.48
CA MET JA 95 -22.71 62.47 -19.67
C MET JA 95 -22.84 63.80 -20.40
N ARG JA 96 -21.76 64.27 -21.04
CA ARG JA 96 -21.86 65.49 -21.83
C ARG JA 96 -22.79 65.30 -23.00
N ARG JA 97 -22.75 64.12 -23.63
CA ARG JA 97 -23.59 63.87 -24.79
C ARG JA 97 -25.06 63.89 -24.45
N MET JA 98 -25.43 63.27 -23.32
CA MET JA 98 -26.84 63.23 -22.93
C MET JA 98 -27.34 64.62 -22.57
N ARG JA 99 -26.53 65.40 -21.86
CA ARG JA 99 -26.95 66.74 -21.48
C ARG JA 99 -27.09 67.65 -22.69
N ILE JA 100 -26.19 67.52 -23.67
CA ILE JA 100 -26.29 68.35 -24.87
C ILE JA 100 -27.52 67.98 -25.67
N LEU JA 101 -27.81 66.71 -25.82
CA LEU JA 101 -28.92 66.31 -26.71
C LEU JA 101 -30.27 66.48 -25.99
N ARG JA 102 -30.32 66.25 -24.68
CA ARG JA 102 -31.57 66.48 -23.97
C ARG JA 102 -31.90 67.97 -23.93
N ARG JA 103 -30.88 68.82 -23.84
CA ARG JA 103 -31.11 70.25 -23.89
C ARG JA 103 -31.69 70.66 -25.24
N LEU JA 104 -31.17 70.07 -26.33
CA LEU JA 104 -31.68 70.37 -27.65
C LEU JA 104 -33.13 69.92 -27.80
N LEU JA 105 -33.45 68.71 -27.34
CA LEU JA 105 -34.81 68.22 -27.46
C LEU JA 105 -35.78 69.04 -26.63
N ARG JA 106 -35.35 69.46 -25.45
CA ARG JA 106 -36.20 70.31 -24.62
C ARG JA 106 -36.48 71.63 -25.32
N ARG JA 107 -35.43 72.32 -25.77
CA ARG JA 107 -35.61 73.61 -26.42
C ARG JA 107 -36.47 73.52 -27.67
N TYR JA 108 -36.45 72.37 -28.34
CA TYR JA 108 -37.32 72.17 -29.48
C TYR JA 108 -38.77 71.98 -29.06
N ARG JA 109 -39.00 71.50 -27.84
CA ARG JA 109 -40.37 71.23 -27.42
C ARG JA 109 -41.10 72.50 -27.03
N GLU JA 110 -40.44 73.42 -26.33
CA GLU JA 110 -41.06 74.70 -26.00
C GLU JA 110 -40.84 75.76 -27.07
N SER JA 111 -40.20 75.44 -28.18
CA SER JA 111 -40.24 76.29 -29.37
C SER JA 111 -41.24 75.76 -30.39
N LYS JA 112 -42.03 74.74 -30.02
CA LYS JA 112 -43.08 74.15 -30.85
C LYS JA 112 -42.55 73.52 -32.13
N LYS JA 113 -41.25 73.20 -32.18
CA LYS JA 113 -40.74 72.48 -33.35
C LYS JA 113 -41.16 71.02 -33.32
N ILE JA 114 -41.27 70.43 -32.13
CA ILE JA 114 -41.77 69.08 -31.96
C ILE JA 114 -42.80 69.09 -30.85
N ASP JA 115 -43.70 68.11 -30.88
CA ASP JA 115 -44.75 68.01 -29.88
C ASP JA 115 -44.27 67.12 -28.73
N ARG JA 116 -45.18 66.77 -27.82
CA ARG JA 116 -44.84 65.86 -26.74
C ARG JA 116 -44.44 64.49 -27.27
N HIS JA 117 -45.16 64.00 -28.27
CA HIS JA 117 -45.00 62.62 -28.70
C HIS JA 117 -43.74 62.43 -29.53
N MET JA 118 -43.40 63.40 -30.37
CA MET JA 118 -42.12 63.32 -31.07
C MET JA 118 -40.97 63.50 -30.11
N TYR JA 119 -41.13 64.39 -29.12
CA TYR JA 119 -40.09 64.58 -28.12
C TYR JA 119 -39.85 63.31 -27.33
N HIS JA 120 -40.92 62.67 -26.86
CA HIS JA 120 -40.77 61.53 -25.97
C HIS JA 120 -40.17 60.34 -26.70
N SER JA 121 -40.57 60.10 -27.95
CA SER JA 121 -39.96 59.03 -28.72
C SER JA 121 -38.49 59.32 -28.98
N LEU JA 122 -38.16 60.57 -29.30
CA LEU JA 122 -36.78 60.93 -29.54
C LEU JA 122 -35.96 60.93 -28.26
N TYR JA 123 -36.60 61.24 -27.13
CA TYR JA 123 -35.90 61.18 -25.86
C TYR JA 123 -35.44 59.77 -25.56
N LEU JA 124 -36.30 58.78 -25.82
CA LEU JA 124 -35.89 57.40 -25.63
C LEU JA 124 -34.88 56.95 -26.67
N LYS JA 125 -34.82 57.63 -27.82
CA LYS JA 125 -33.86 57.24 -28.83
C LYS JA 125 -32.47 57.77 -28.53
N VAL JA 126 -32.37 59.01 -28.03
CA VAL JA 126 -31.06 59.53 -27.67
C VAL JA 126 -30.49 58.74 -26.50
N LYS JA 127 -31.35 58.31 -25.57
CA LYS JA 127 -30.92 57.42 -24.50
C LYS JA 127 -30.44 56.09 -25.06
N GLY JA 128 -30.97 55.67 -26.20
CA GLY JA 128 -30.60 54.45 -26.85
C GLY JA 128 -29.38 54.52 -27.73
N ASN JA 129 -28.70 55.68 -27.75
CA ASN JA 129 -27.45 55.88 -28.48
C ASN JA 129 -27.64 55.64 -29.96
N VAL JA 130 -28.49 56.47 -30.58
CA VAL JA 130 -28.69 56.44 -32.01
C VAL JA 130 -28.26 57.72 -32.70
N PHE JA 131 -28.06 58.77 -31.90
CA PHE JA 131 -27.61 60.08 -32.42
C PHE JA 131 -26.31 60.41 -31.70
N LYS JA 132 -25.25 60.76 -32.43
CA LYS JA 132 -23.94 60.97 -31.76
C LYS JA 132 -23.64 62.45 -31.59
N ASN JA 133 -24.34 63.32 -32.32
CA ASN JA 133 -24.01 64.77 -32.26
C ASN JA 133 -25.30 65.56 -32.26
N LYS JA 134 -25.23 66.88 -32.13
CA LYS JA 134 -26.42 67.74 -32.33
C LYS JA 134 -26.82 67.68 -33.80
N ARG JA 135 -25.83 67.76 -34.69
CA ARG JA 135 -26.15 67.80 -36.14
C ARG JA 135 -26.94 66.55 -36.50
N ILE JA 136 -26.48 65.37 -36.05
CA ILE JA 136 -27.16 64.13 -36.48
C ILE JA 136 -28.62 64.20 -36.07
N LEU JA 137 -28.89 64.55 -34.81
CA LEU JA 137 -30.29 64.59 -34.32
C LEU JA 137 -31.02 65.70 -35.06
N MET JA 138 -30.44 66.89 -35.09
CA MET JA 138 -31.13 68.03 -35.69
C MET JA 138 -31.61 67.70 -37.10
N GLU JA 139 -30.74 67.12 -37.93
CA GLU JA 139 -31.15 66.77 -39.28
C GLU JA 139 -32.08 65.57 -39.31
N HIS JA 140 -32.02 64.69 -38.32
CA HIS JA 140 -33.04 63.65 -38.22
C HIS JA 140 -34.41 64.26 -37.95
N ILE JA 141 -34.47 65.26 -37.07
CA ILE JA 141 -35.71 65.97 -36.81
C ILE JA 141 -36.21 66.65 -38.08
N HIS JA 142 -35.29 67.28 -38.82
CA HIS JA 142 -35.67 67.90 -40.08
C HIS JA 142 -36.24 66.88 -41.07
N LYS JA 143 -35.60 65.71 -41.16
CA LYS JA 143 -36.08 64.67 -42.07
C LYS JA 143 -37.46 64.18 -41.66
N LEU JA 144 -37.68 63.99 -40.36
CA LEU JA 144 -39.01 63.57 -39.89
C LEU JA 144 -40.06 64.61 -40.21
N LYS JA 145 -39.75 65.88 -39.99
CA LYS JA 145 -40.72 66.93 -40.27
C LYS JA 145 -41.02 67.02 -41.76
N ALA JA 146 -39.99 66.89 -42.60
CA ALA JA 146 -40.20 66.92 -44.04
C ALA JA 146 -41.04 65.75 -44.53
N ASP JA 147 -40.78 64.55 -43.99
CA ASP JA 147 -41.59 63.40 -44.36
C ASP JA 147 -43.03 63.56 -43.92
N LYS JA 148 -43.24 64.09 -42.71
CA LYS JA 148 -44.59 64.38 -42.26
C LYS JA 148 -45.29 65.38 -43.17
N ALA JA 149 -44.57 66.42 -43.58
CA ALA JA 149 -45.16 67.42 -44.47
C ALA JA 149 -45.53 66.83 -45.82
N ARG JA 150 -44.66 66.00 -46.39
CA ARG JA 150 -44.98 65.42 -47.70
C ARG JA 150 -46.13 64.43 -47.60
N LYS JA 151 -46.20 63.66 -46.52
CA LYS JA 151 -47.33 62.77 -46.33
C LYS JA 151 -48.63 63.57 -46.19
N LYS JA 152 -48.58 64.67 -45.44
CA LYS JA 152 -49.76 65.50 -45.27
C LYS JA 152 -50.22 66.11 -46.59
N LEU JA 153 -49.28 66.61 -47.40
CA LEU JA 153 -49.70 67.23 -48.66
C LEU JA 153 -50.26 66.18 -49.62
N LEU JA 154 -49.65 64.98 -49.66
CA LEU JA 154 -50.18 63.92 -50.50
C LEU JA 154 -51.58 63.53 -50.08
N ALA JA 155 -51.80 63.38 -48.77
CA ALA JA 155 -53.13 63.03 -48.28
C ALA JA 155 -54.14 64.13 -48.59
N ASP JA 156 -53.75 65.39 -48.41
CA ASP JA 156 -54.66 66.50 -48.65
C ASP JA 156 -55.04 66.59 -50.12
N GLN JA 157 -54.09 66.40 -51.03
CA GLN JA 157 -54.43 66.51 -52.45
C GLN JA 157 -55.21 65.29 -52.92
N ALA JA 158 -54.96 64.11 -52.35
CA ALA JA 158 -55.79 62.95 -52.67
C ALA JA 158 -57.23 63.18 -52.20
N GLU JA 159 -57.39 63.73 -50.99
CA GLU JA 159 -58.72 64.06 -50.52
C GLU JA 159 -59.36 65.14 -51.39
N ALA JA 160 -58.57 66.07 -51.91
CA ALA JA 160 -59.09 67.09 -52.81
C ALA JA 160 -59.62 66.47 -54.09
N ARG JA 161 -58.87 65.52 -54.68
CA ARG JA 161 -59.37 64.84 -55.87
C ARG JA 161 -60.64 64.06 -55.59
N ARG JA 162 -60.68 63.37 -54.44
CA ARG JA 162 -61.87 62.63 -54.06
C ARG JA 162 -63.08 63.56 -53.89
N SER JA 163 -62.86 64.72 -53.27
CA SER JA 163 -63.94 65.69 -53.10
C SER JA 163 -64.38 66.28 -54.44
N LYS JA 164 -63.45 66.47 -55.37
CA LYS JA 164 -63.81 66.95 -56.69
C LYS JA 164 -64.70 65.94 -57.41
N THR JA 165 -64.35 64.66 -57.33
CA THR JA 165 -65.18 63.63 -57.94
C THR JA 165 -66.56 63.57 -57.28
N LYS JA 166 -66.60 63.73 -55.95
CA LYS JA 166 -67.88 63.72 -55.25
C LYS JA 166 -68.74 64.93 -55.65
N GLU JA 167 -68.11 66.08 -55.88
CA GLU JA 167 -68.84 67.23 -56.39
C GLU JA 167 -69.39 66.98 -57.78
N ALA JA 168 -68.61 66.33 -58.64
CA ALA JA 168 -69.13 65.97 -59.96
C ALA JA 168 -70.35 65.06 -59.83
N ARG JA 169 -70.28 64.10 -58.90
CA ARG JA 169 -71.41 63.21 -58.67
C ARG JA 169 -72.63 63.96 -58.17
N LYS JA 170 -72.46 64.92 -57.24
CA LYS JA 170 -73.61 65.64 -56.73
C LYS JA 170 -74.24 66.53 -57.81
N ARG JA 171 -73.41 67.14 -58.66
CA ARG JA 171 -73.96 67.92 -59.77
C ARG JA 171 -74.74 67.02 -60.72
N ARG JA 172 -74.19 65.83 -61.00
CA ARG JA 172 -74.88 64.89 -61.88
C ARG JA 172 -76.22 64.45 -61.29
N GLU JA 173 -76.26 64.15 -60.00
CA GLU JA 173 -77.52 63.74 -59.39
C GLU JA 173 -78.51 64.89 -59.30
N GLU JA 174 -78.02 66.13 -59.12
CA GLU JA 174 -78.91 67.28 -59.19
C GLU JA 174 -79.54 67.42 -60.56
N ARG JA 175 -78.75 67.24 -61.62
CA ARG JA 175 -79.30 67.27 -62.96
C ARG JA 175 -80.33 66.16 -63.15
N LEU JA 176 -80.04 64.97 -62.63
CA LEU JA 176 -80.95 63.85 -62.78
C LEU JA 176 -82.27 64.10 -62.07
N GLN JA 177 -82.22 64.63 -60.84
CA GLN JA 177 -83.47 64.86 -60.12
C GLN JA 177 -84.26 66.01 -60.75
N ALA JA 178 -83.59 67.03 -61.29
CA ALA JA 178 -84.30 68.06 -62.02
C ALA JA 178 -84.99 67.49 -63.25
N LYS JA 179 -84.32 66.60 -63.97
CA LYS JA 179 -84.92 65.96 -65.14
C LYS JA 179 -86.12 65.12 -64.74
N LYS JA 180 -86.02 64.39 -63.62
CA LYS JA 180 -87.16 63.59 -63.15
C LYS JA 180 -88.34 64.47 -62.78
N GLU JA 181 -88.09 65.59 -62.09
CA GLU JA 181 -89.16 66.51 -61.74
C GLU JA 181 -89.83 67.07 -62.98
N GLU JA 182 -89.03 67.46 -63.98
CA GLU JA 182 -89.59 67.96 -65.23
C GLU JA 182 -90.43 66.91 -65.95
N ILE JA 183 -89.96 65.66 -65.97
CA ILE JA 183 -90.71 64.59 -66.63
C ILE JA 183 -92.03 64.35 -65.91
N ILE JA 184 -92.02 64.30 -64.57
CA ILE JA 184 -93.24 63.99 -63.85
C ILE JA 184 -94.23 65.16 -63.90
N LYS JA 185 -93.75 66.40 -64.00
CA LYS JA 185 -94.70 67.50 -64.19
C LYS JA 185 -95.22 67.52 -65.62
N THR JA 186 -94.42 67.09 -66.59
CA THR JA 186 -94.90 66.98 -67.96
C THR JA 186 -95.98 65.92 -68.09
N LEU JA 187 -95.82 64.79 -67.40
CA LEU JA 187 -96.78 63.68 -67.47
C LEU JA 187 -98.17 64.08 -67.00
N MET KA 1 52.01 46.02 -49.19
CA MET KA 1 52.11 46.05 -50.63
C MET KA 1 51.28 44.95 -51.26
N LYS KA 2 50.09 44.73 -50.71
CA LYS KA 2 49.13 43.77 -51.22
C LYS KA 2 48.14 44.49 -52.12
N VAL KA 3 47.06 43.78 -52.48
CA VAL KA 3 45.94 44.44 -53.13
C VAL KA 3 45.39 45.50 -52.19
N GLU KA 4 45.02 46.64 -52.75
CA GLU KA 4 44.54 47.77 -51.98
C GLU KA 4 43.02 47.86 -52.05
N LEU KA 5 42.38 47.89 -50.89
CA LEU KA 5 40.94 47.72 -50.78
C LEU KA 5 40.26 49.04 -50.45
N CYS KA 6 38.94 49.04 -50.58
CA CYS KA 6 38.11 50.22 -50.32
C CYS KA 6 36.93 49.81 -49.45
N SER KA 7 36.35 50.78 -48.76
CA SER KA 7 35.48 50.54 -47.62
C SER KA 7 34.03 50.92 -47.89
N PHE KA 8 33.22 50.82 -46.84
CA PHE KA 8 31.93 51.55 -46.75
C PHE KA 8 32.10 53.04 -47.00
N SER KA 9 33.10 53.64 -46.38
CA SER KA 9 33.37 55.06 -46.54
C SER KA 9 34.18 55.37 -47.79
N GLY KA 10 34.55 54.35 -48.57
CA GLY KA 10 35.36 54.56 -49.74
C GLY KA 10 36.80 54.87 -49.44
N TYR KA 11 37.20 54.86 -48.17
CA TYR KA 11 38.57 55.13 -47.81
C TYR KA 11 39.45 53.95 -48.17
N LYS KA 12 40.75 54.20 -48.23
CA LYS KA 12 41.73 53.19 -48.58
C LYS KA 12 42.10 52.39 -47.33
N ILE KA 13 42.00 51.07 -47.41
CA ILE KA 13 42.33 50.19 -46.29
C ILE KA 13 43.66 49.52 -46.60
N TYR KA 14 44.68 49.86 -45.84
CA TYR KA 14 46.00 49.29 -46.00
C TYR KA 14 46.05 47.92 -45.35
N PRO KA 15 47.00 47.07 -45.76
CA PRO KA 15 47.07 45.73 -45.18
C PRO KA 15 47.27 45.76 -43.68
N GLY KA 16 46.62 44.84 -42.99
CA GLY KA 16 46.67 44.78 -41.55
C GLY KA 16 45.67 45.64 -40.82
N HIS KA 17 44.75 46.29 -41.54
CA HIS KA 17 43.76 47.17 -40.94
C HIS KA 17 42.36 46.69 -41.25
N GLY KA 18 41.44 46.97 -40.36
CA GLY KA 18 40.04 46.74 -40.60
C GLY KA 18 39.63 45.28 -40.52
N ARG KA 19 38.39 45.03 -40.91
CA ARG KA 19 37.80 43.71 -40.89
C ARG KA 19 37.08 43.46 -42.21
N ARG KA 20 37.06 42.21 -42.62
CA ARG KA 20 36.37 41.79 -43.84
C ARG KA 20 35.10 41.05 -43.45
N TYR KA 21 34.00 41.40 -44.09
CA TYR KA 21 32.69 40.85 -43.79
C TYR KA 21 32.21 40.05 -44.98
N ALA KA 22 31.94 38.77 -44.76
CA ALA KA 22 31.46 37.88 -45.81
C ALA KA 22 30.01 37.54 -45.51
N ARG KA 23 29.10 38.09 -46.30
CA ARG KA 23 27.68 37.85 -46.07
C ARG KA 23 27.27 36.49 -46.60
N THR KA 24 26.11 36.01 -46.14
CA THR KA 24 25.64 34.68 -46.51
C THR KA 24 25.24 34.61 -47.98
N ASP KA 25 24.76 35.72 -48.54
CA ASP KA 25 24.39 35.74 -49.96
C ASP KA 25 25.60 35.87 -50.88
N GLY KA 26 26.81 35.77 -50.36
CA GLY KA 26 28.01 35.74 -51.16
C GLY KA 26 28.74 37.05 -51.27
N LYS KA 27 28.09 38.15 -50.91
CA LYS KA 27 28.74 39.46 -50.99
C LYS KA 27 29.79 39.59 -49.89
N VAL KA 28 30.94 40.13 -50.26
CA VAL KA 28 32.05 40.32 -49.34
C VAL KA 28 32.33 41.81 -49.21
N PHE KA 29 32.30 42.31 -47.99
CA PHE KA 29 32.56 43.71 -47.70
C PHE KA 29 33.74 43.83 -46.75
N GLN KA 30 34.48 44.92 -46.88
CA GLN KA 30 35.59 45.22 -46.01
C GLN KA 30 35.47 46.65 -45.51
N PHE KA 31 35.83 46.86 -44.25
CA PHE KA 31 35.63 48.14 -43.59
C PHE KA 31 36.95 48.59 -42.99
N LEU KA 32 37.11 49.91 -42.88
CA LEU KA 32 38.35 50.42 -42.34
C LEU KA 32 38.39 50.30 -40.83
N ASN KA 33 37.27 50.54 -40.15
CA ASN KA 33 37.24 50.48 -38.70
C ASN KA 33 35.83 50.13 -38.24
N ALA KA 34 35.66 50.05 -36.93
CA ALA KA 34 34.35 49.71 -36.37
C ALA KA 34 33.33 50.82 -36.54
N LYS KA 35 33.77 52.07 -36.72
CA LYS KA 35 32.83 53.14 -37.03
C LYS KA 35 32.18 52.91 -38.38
N CYS KA 36 32.95 52.50 -39.38
CA CYS KA 36 32.39 52.21 -40.69
C CYS KA 36 31.56 50.95 -40.68
N GLU KA 37 32.00 49.93 -39.95
CA GLU KA 37 31.26 48.67 -39.97
C GLU KA 37 29.97 48.77 -39.17
N SER KA 38 29.91 49.65 -38.19
CA SER KA 38 28.67 49.83 -37.46
C SER KA 38 27.64 50.55 -38.31
N ALA KA 39 28.09 51.55 -39.08
CA ALA KA 39 27.18 52.25 -39.98
C ALA KA 39 26.65 51.32 -41.06
N PHE KA 40 27.51 50.49 -41.62
CA PHE KA 40 27.06 49.54 -42.62
C PHE KA 40 26.09 48.53 -42.04
N LEU KA 41 26.41 47.98 -40.86
CA LEU KA 41 25.56 46.95 -40.29
C LEU KA 41 24.23 47.49 -39.79
N SER KA 42 24.15 48.79 -39.51
CA SER KA 42 22.90 49.43 -39.14
C SER KA 42 22.13 49.94 -40.34
N LYS KA 43 22.50 49.50 -41.55
CA LYS KA 43 21.79 49.85 -42.78
C LYS KA 43 21.72 51.35 -43.00
N ARG KA 44 22.79 52.05 -42.65
CA ARG KA 44 22.87 53.48 -42.87
C ARG KA 44 23.38 53.76 -44.27
N ASN KA 45 22.82 54.77 -44.90
CA ASN KA 45 23.19 55.12 -46.26
C ASN KA 45 24.48 55.92 -46.26
N PRO KA 46 25.54 55.47 -46.93
CA PRO KA 46 26.79 56.23 -46.92
C PRO KA 46 26.69 57.57 -47.61
N ARG KA 47 25.73 57.76 -48.51
CA ARG KA 47 25.58 59.04 -49.19
C ARG KA 47 25.00 60.12 -48.29
N GLN KA 48 24.52 59.77 -47.11
CA GLN KA 48 23.98 60.73 -46.16
C GLN KA 48 24.92 61.01 -45.01
N ILE KA 49 26.16 60.55 -45.08
CA ILE KA 49 27.15 60.70 -44.02
C ILE KA 49 28.28 61.57 -44.55
N ASN KA 50 28.49 62.73 -43.92
CA ASN KA 50 29.22 63.80 -44.59
C ASN KA 50 30.69 63.48 -44.82
N TRP KA 51 31.29 62.64 -43.99
CA TRP KA 51 32.70 62.34 -44.17
C TRP KA 51 32.96 61.22 -45.17
N THR KA 52 31.91 60.51 -45.58
CA THR KA 52 32.06 59.46 -46.57
C THR KA 52 32.39 60.07 -47.93
N VAL KA 53 33.23 59.39 -48.70
CA VAL KA 53 33.57 59.90 -50.03
C VAL KA 53 32.38 59.85 -50.97
N LEU KA 54 31.40 59.00 -50.69
CA LEU KA 54 30.20 58.97 -51.52
C LEU KA 54 29.38 60.24 -51.34
N TYR KA 55 29.34 60.77 -50.11
CA TYR KA 55 28.68 62.04 -49.89
C TYR KA 55 29.43 63.18 -50.56
N ARG KA 56 30.75 63.21 -50.38
CA ARG KA 56 31.54 64.29 -50.95
C ARG KA 56 31.56 64.25 -52.47
N ARG KA 57 31.22 63.12 -53.07
CA ARG KA 57 31.08 63.04 -54.51
C ARG KA 57 29.67 63.38 -54.97
N LYS KA 58 28.66 62.95 -54.21
CA LYS KA 58 27.28 63.29 -54.54
C LYS KA 58 27.04 64.79 -54.41
N HIS KA 59 27.59 65.40 -53.38
CA HIS KA 59 27.47 66.83 -53.18
C HIS KA 59 28.57 67.61 -53.86
N LYS KA 60 29.48 66.93 -54.56
CA LYS KA 60 30.55 67.56 -55.33
C LYS KA 60 31.42 68.46 -54.44
N LYS KA 61 31.84 67.92 -53.31
CA LYS KA 61 32.63 68.66 -52.35
C LYS KA 61 34.10 68.50 -52.67
N GLY KA 62 34.79 69.62 -52.88
CA GLY KA 62 36.22 69.62 -53.07
C GLY KA 62 36.70 69.48 -54.50
N GLN KA 63 35.83 69.03 -55.41
CA GLN KA 63 36.21 68.87 -56.81
C GLN KA 63 35.09 69.31 -57.74
N THR KA 66 41.54 58.73 -78.54
CA THR KA 66 41.36 59.89 -79.40
C THR KA 66 40.58 59.53 -80.66
N ARG KA 67 40.46 60.48 -81.58
CA ARG KA 67 39.72 60.31 -82.82
C ARG KA 67 40.67 60.32 -84.01
N ARG KA 68 40.51 59.32 -84.88
CA ARG KA 68 41.32 59.22 -86.09
C ARG KA 68 40.62 58.29 -87.06
N ALA KA 69 41.06 58.34 -88.32
CA ALA KA 69 40.53 57.45 -89.35
C ALA KA 69 41.66 57.19 -90.34
N VAL KA 70 42.36 56.07 -90.17
CA VAL KA 70 43.52 55.73 -90.97
C VAL KA 70 43.16 54.58 -91.90
N LYS KA 71 43.31 54.79 -93.19
CA LYS KA 71 43.09 53.77 -94.20
C LYS KA 71 44.44 53.32 -94.75
N PHE KA 72 44.75 52.04 -94.57
CA PHE KA 72 46.01 51.48 -95.03
C PHE KA 72 45.75 50.70 -96.31
N GLN KA 73 46.46 51.04 -97.38
CA GLN KA 73 46.30 50.34 -98.64
C GLN KA 73 46.98 48.99 -98.59
N ARG KA 74 46.36 48.00 -99.25
CA ARG KA 74 46.88 46.64 -99.24
C ARG KA 74 46.73 46.04 -100.64
N ALA KA 75 47.61 45.10 -100.94
CA ALA KA 75 47.49 44.32 -102.17
C ALA KA 75 46.34 43.33 -102.04
N ILE KA 76 45.80 42.91 -103.19
CA ILE KA 76 44.75 41.92 -103.24
C ILE KA 76 45.13 40.86 -104.26
N THR KA 77 44.45 39.72 -104.17
CA THR KA 77 44.69 38.65 -105.12
C THR KA 77 44.30 39.08 -106.52
N GLY KA 78 45.19 38.85 -107.48
CA GLY KA 78 44.96 39.22 -108.86
C GLY KA 78 45.48 40.59 -109.25
N ALA KA 79 45.43 41.55 -108.32
CA ALA KA 79 45.88 42.91 -108.57
C ALA KA 79 46.78 43.34 -107.43
N SER KA 80 48.08 43.43 -107.69
CA SER KA 80 49.03 43.84 -106.68
C SER KA 80 48.86 45.33 -106.37
N LEU KA 81 49.65 45.80 -105.41
CA LEU KA 81 49.62 47.22 -105.07
C LEU KA 81 50.04 48.08 -106.25
N ALA KA 82 51.08 47.66 -106.96
CA ALA KA 82 51.47 48.35 -108.18
C ALA KA 82 50.38 48.26 -109.25
N ASP KA 83 49.68 47.13 -109.32
CA ASP KA 83 48.59 46.99 -110.28
C ASP KA 83 47.49 48.01 -110.00
N ILE KA 84 47.04 48.10 -108.76
CA ILE KA 84 45.97 49.04 -108.46
C ILE KA 84 46.46 50.48 -108.59
N MET KA 85 47.75 50.72 -108.32
CA MET KA 85 48.31 52.06 -108.53
C MET KA 85 48.27 52.44 -110.01
N ALA KA 86 48.67 51.52 -110.89
CA ALA KA 86 48.63 51.77 -112.32
C ALA KA 86 47.19 51.94 -112.81
N LYS KA 87 46.25 51.24 -112.21
CA LYS KA 87 44.85 51.39 -112.60
C LYS KA 87 44.29 52.73 -112.14
N ARG KA 88 44.61 53.17 -110.93
CA ARG KA 88 44.05 54.41 -110.41
C ARG KA 88 44.80 55.64 -110.90
N ASN KA 89 45.98 55.47 -111.51
CA ASN KA 89 46.72 56.59 -112.07
C ASN KA 89 46.48 56.76 -113.57
N GLN KA 90 45.34 56.28 -114.07
CA GLN KA 90 44.97 56.45 -115.47
C GLN KA 90 44.31 57.81 -115.73
N LYS KA 91 44.47 58.76 -114.82
CA LYS KA 91 43.90 60.08 -114.99
C LYS KA 91 44.35 60.82 -116.25
N PRO KA 92 45.66 60.84 -116.64
CA PRO KA 92 46.04 61.66 -117.79
C PRO KA 92 45.53 61.12 -119.12
N GLU KA 93 44.25 61.38 -119.40
CA GLU KA 93 43.61 61.18 -120.69
C GLU KA 93 43.44 59.71 -121.06
N VAL KA 94 43.99 58.81 -120.25
CA VAL KA 94 43.77 57.39 -120.48
C VAL KA 94 42.33 57.02 -120.15
N ARG KA 95 41.80 57.59 -119.06
CA ARG KA 95 40.40 57.38 -118.71
C ARG KA 95 39.48 57.94 -119.80
N LYS KA 96 39.83 59.10 -120.35
CA LYS KA 96 39.05 59.67 -121.45
C LYS KA 96 39.14 58.80 -122.69
N ALA KA 97 40.32 58.22 -122.96
CA ALA KA 97 40.47 57.32 -124.09
C ALA KA 97 39.61 56.08 -123.92
N GLN KA 98 39.57 55.52 -122.71
CA GLN KA 98 38.70 54.39 -122.45
C GLN KA 98 37.23 54.78 -122.61
N ARG KA 99 36.86 55.97 -122.15
CA ARG KA 99 35.49 56.43 -122.29
C ARG KA 99 35.10 56.58 -123.76
N GLU KA 100 35.98 57.14 -124.59
CA GLU KA 100 35.64 57.34 -125.99
C GLU KA 100 35.66 56.01 -126.76
N GLN KA 101 36.53 55.08 -126.38
CA GLN KA 101 36.48 53.78 -127.05
C GLN KA 101 35.23 53.01 -126.64
N ALA KA 102 34.77 53.18 -125.39
CA ALA KA 102 33.48 52.62 -125.01
C ALA KA 102 32.34 53.27 -125.80
N ILE KA 103 32.44 54.58 -126.03
CA ILE KA 103 31.42 55.28 -126.80
C ILE KA 103 31.35 54.73 -128.22
N ARG KA 104 32.51 54.58 -128.87
CA ARG KA 104 32.49 54.06 -130.24
C ARG KA 104 32.11 52.59 -130.28
N ALA KA 105 32.44 51.81 -129.25
CA ALA KA 105 31.99 50.43 -129.19
C ALA KA 105 30.47 50.36 -129.08
N ALA KA 106 29.88 51.21 -128.25
CA ALA KA 106 28.42 51.27 -128.17
C ALA KA 106 27.82 51.71 -129.51
N LYS KA 107 28.44 52.69 -130.17
CA LYS KA 107 27.93 53.16 -131.44
C LYS KA 107 27.97 52.06 -132.50
N GLU KA 108 29.09 51.33 -132.59
CA GLU KA 108 29.18 50.26 -133.58
C GLU KA 108 28.25 49.11 -133.24
N ALA KA 109 28.04 48.82 -131.95
CA ALA KA 109 27.08 47.80 -131.55
C ALA KA 109 25.67 48.20 -131.95
N LYS KA 110 25.31 49.47 -131.75
CA LYS KA 110 23.97 49.93 -132.10
C LYS KA 110 23.76 49.93 -133.61
N LYS KA 111 24.78 50.34 -134.37
CA LYS KA 111 24.67 50.29 -135.83
C LYS KA 111 24.55 48.86 -136.34
N ALA KA 112 25.32 47.94 -135.74
CA ALA KA 112 25.21 46.53 -136.10
C ALA KA 112 23.82 45.98 -135.77
N LYS KA 113 23.27 46.38 -134.62
CA LYS KA 113 21.93 45.95 -134.24
C LYS KA 113 20.88 46.48 -135.22
N GLN KA 114 21.01 47.75 -135.62
CA GLN KA 114 20.08 48.31 -136.60
C GLN KA 114 20.18 47.58 -137.94
N ALA KA 115 21.41 47.29 -138.38
CA ALA KA 115 21.61 46.58 -139.64
C ALA KA 115 21.02 45.18 -139.57
N SER KA 116 21.23 44.47 -138.46
CA SER KA 116 20.71 43.12 -138.34
C SER KA 116 19.20 43.10 -138.26
N LYS KA 117 18.61 44.04 -137.52
CA LYS KA 117 17.15 44.12 -137.43
C LYS KA 117 16.54 44.48 -138.79
N LYS KA 118 17.17 45.40 -139.51
CA LYS KA 118 16.67 45.81 -140.82
C LYS KA 118 17.41 45.07 -141.94
N ILE LA 1 25.31 116.58 -5.19
CA ILE LA 1 25.03 116.28 -6.59
C ILE LA 1 25.97 115.17 -7.07
N MET LA 2 25.55 114.44 -8.11
CA MET LA 2 26.32 113.32 -8.61
C MET LA 2 27.54 113.80 -9.39
N ASN LA 3 28.54 112.93 -9.49
CA ASN LA 3 29.75 113.20 -10.25
C ASN LA 3 30.29 111.88 -10.77
N GLN LA 4 31.42 111.94 -11.46
CA GLN LA 4 31.98 110.73 -12.08
C GLN LA 4 32.45 109.73 -11.03
N GLU LA 5 33.22 110.19 -10.04
CA GLU LA 5 33.66 109.29 -8.98
C GLU LA 5 32.50 108.80 -8.14
N LYS LA 6 31.51 109.66 -7.90
CA LYS LA 6 30.33 109.25 -7.15
C LYS LA 6 29.59 108.13 -7.85
N LEU LA 7 29.39 108.25 -9.16
CA LEU LA 7 28.76 107.17 -9.91
C LEU LA 7 29.64 105.94 -10.01
N ALA LA 8 30.96 106.12 -10.11
CA ALA LA 8 31.87 104.98 -10.20
C ALA LA 8 31.82 104.13 -8.94
N LYS LA 9 31.76 104.77 -7.77
CA LYS LA 9 31.57 104.00 -6.55
C LYS LA 9 30.13 103.54 -6.37
N LEU LA 10 29.16 104.27 -6.92
CA LEU LA 10 27.76 103.88 -6.81
C LEU LA 10 27.51 102.57 -7.55
N GLN LA 11 28.18 102.36 -8.68
CA GLN LA 11 28.01 101.12 -9.42
C GLN LA 11 28.42 99.92 -8.57
N ALA LA 12 29.52 100.02 -7.85
CA ALA LA 12 29.93 98.93 -6.97
C ALA LA 12 29.00 98.83 -5.77
N GLN LA 13 28.53 99.96 -5.25
CA GLN LA 13 27.71 99.95 -4.05
C GLN LA 13 26.31 99.40 -4.30
N VAL LA 14 25.81 99.47 -5.53
CA VAL LA 14 24.44 99.06 -5.85
C VAL LA 14 24.34 97.55 -6.02
N ARG LA 15 25.24 96.93 -6.78
CA ARG LA 15 25.17 95.50 -7.01
C ARG LA 15 25.47 94.74 -5.74
N ILE LA 16 24.59 93.81 -5.37
CA ILE LA 16 24.78 92.98 -4.20
C ILE LA 16 24.69 91.52 -4.63
N GLY LA 17 25.01 91.26 -5.88
CA GLY LA 17 24.94 89.92 -6.42
C GLY LA 17 25.22 89.94 -7.90
N GLY LA 18 25.08 88.77 -8.51
CA GLY LA 18 25.34 88.59 -9.92
C GLY LA 18 24.11 88.85 -10.77
N LYS LA 19 24.14 88.29 -11.98
CA LYS LA 19 23.04 88.48 -12.92
C LYS LA 19 21.78 87.80 -12.40
N GLY LA 20 20.67 88.51 -12.44
CA GLY LA 20 19.40 88.00 -11.97
C GLY LA 20 19.05 88.35 -10.54
N THR LA 21 19.85 89.19 -9.88
CA THR LA 21 19.58 89.60 -8.51
C THR LA 21 19.15 91.05 -8.48
N ALA LA 22 18.27 91.37 -7.52
CA ALA LA 22 17.74 92.72 -7.41
C ALA LA 22 18.81 93.69 -6.93
N ARG LA 23 18.91 94.82 -7.59
CA ARG LA 23 19.85 95.86 -7.19
C ARG LA 23 19.43 96.48 -5.86
N ARG LA 24 20.42 96.88 -5.08
CA ARG LA 24 20.16 97.57 -3.82
C ARG LA 24 19.51 98.92 -4.10
N LYS LA 25 18.48 99.25 -3.32
CA LYS LA 25 17.73 100.48 -3.55
C LYS LA 25 18.27 101.66 -2.75
N LYS LA 26 18.50 101.46 -1.45
CA LYS LA 26 18.86 102.58 -0.59
C LYS LA 26 19.73 102.07 0.55
N LYS LA 27 20.48 103.00 1.15
CA LYS LA 27 21.27 102.71 2.34
C LYS LA 27 21.45 104.01 3.10
N VAL LA 28 20.94 104.06 4.33
CA VAL LA 28 20.93 105.27 5.15
C VAL LA 28 21.60 104.96 6.48
N VAL LA 29 22.25 105.97 7.05
CA VAL LA 29 22.72 105.92 8.43
C VAL LA 29 22.09 107.09 9.19
N HIS LA 30 21.19 106.77 10.12
CA HIS LA 30 20.33 107.75 10.78
C HIS LA 30 20.28 107.49 12.27
N ARG LA 31 20.09 108.55 13.04
CA ARG LA 31 20.01 108.45 14.49
C ARG LA 31 18.60 108.72 15.00
N GLY PA 1 -2.24 19.78 30.20
CA GLY PA 1 -2.03 20.46 31.46
C GLY PA 1 -2.52 21.88 31.44
N ARG PA 2 -3.16 22.27 30.35
CA ARG PA 2 -3.69 23.61 30.17
C ARG PA 2 -5.20 23.56 30.06
N VAL PA 3 -5.86 24.57 30.64
CA VAL PA 3 -7.31 24.67 30.55
C VAL PA 3 -7.71 24.88 29.10
N ILE PA 4 -8.65 24.08 28.63
CA ILE PA 4 -8.99 24.06 27.22
C ILE PA 4 -10.04 25.12 26.90
N ARG PA 5 -10.16 25.43 25.62
CA ARG PA 5 -11.28 26.22 25.15
C ARG PA 5 -12.57 25.43 25.34
N GLY PA 6 -13.64 26.14 25.68
CA GLY PA 6 -14.83 25.47 26.14
C GLY PA 6 -14.84 25.48 27.65
N GLN PA 7 -13.77 25.02 28.27
CA GLN PA 7 -13.58 25.29 29.69
C GLN PA 7 -13.42 26.78 29.93
N ARG PA 8 -12.68 27.46 29.06
CA ARG PA 8 -12.47 28.88 29.24
C ARG PA 8 -13.72 29.71 28.96
N LYS PA 9 -14.72 29.13 28.29
CA LYS PA 9 -15.90 29.90 27.90
C LYS PA 9 -16.80 30.23 29.08
N GLY PA 10 -16.68 29.52 30.20
CA GLY PA 10 -17.56 29.78 31.31
C GLY PA 10 -17.16 30.96 32.15
N ALA PA 11 -15.88 31.31 32.16
CA ALA PA 11 -15.44 32.48 32.90
C ALA PA 11 -16.03 33.75 32.32
N GLY PA 12 -16.21 33.80 31.01
CA GLY PA 12 -16.99 34.81 30.36
C GLY PA 12 -16.20 35.98 29.83
N SER PA 13 -14.93 36.13 30.21
CA SER PA 13 -14.16 37.35 29.94
C SER PA 13 -14.26 37.81 28.50
N VAL PA 14 -13.79 36.98 27.58
CA VAL PA 14 -13.84 37.32 26.15
C VAL PA 14 -15.07 36.71 25.49
N PHE PA 15 -15.69 35.71 26.13
CA PHE PA 15 -16.79 34.96 25.54
C PHE PA 15 -18.15 35.46 25.99
N ARG PA 16 -18.24 36.67 26.52
CA ARG PA 16 -19.53 37.27 26.80
C ARG PA 16 -20.21 37.70 25.50
N ALA PA 17 -21.52 37.86 25.57
CA ALA PA 17 -22.30 38.25 24.40
C ALA PA 17 -22.06 39.70 24.05
N HIS PA 18 -22.15 40.01 22.75
CA HIS PA 18 -22.00 41.37 22.24
C HIS PA 18 -23.38 42.02 22.26
N VAL PA 19 -23.72 42.64 23.37
CA VAL PA 19 -25.06 43.15 23.58
C VAL PA 19 -25.10 44.67 23.52
N LYS PA 20 -24.14 45.30 22.84
CA LYS PA 20 -24.07 46.75 22.86
C LYS PA 20 -25.22 47.37 22.08
N HIS PA 21 -25.48 46.89 20.87
CA HIS PA 21 -26.47 47.48 20.00
C HIS PA 21 -27.77 46.69 19.96
N ARG PA 22 -27.93 45.70 20.81
CA ARG PA 22 -29.18 44.99 20.90
C ARG PA 22 -30.26 45.91 21.46
N LYS PA 23 -31.49 45.73 20.98
CA LYS PA 23 -32.56 46.67 21.21
C LYS PA 23 -33.34 46.42 22.49
N GLY PA 24 -32.96 45.42 23.27
CA GLY PA 24 -33.65 45.07 24.49
C GLY PA 24 -34.14 43.64 24.48
N ALA PA 25 -34.57 43.20 25.65
CA ALA PA 25 -35.13 41.86 25.78
C ALA PA 25 -36.52 41.82 25.18
N ALA PA 26 -36.72 40.90 24.25
CA ALA PA 26 -37.99 40.76 23.55
C ALA PA 26 -38.90 39.87 24.38
N ARG PA 27 -39.99 40.45 24.88
CA ARG PA 27 -40.88 39.79 25.81
C ARG PA 27 -42.32 40.14 25.50
N LEU PA 28 -43.23 39.27 25.93
CA LEU PA 28 -44.62 39.69 26.04
C LEU PA 28 -44.76 40.68 27.19
N ARG PA 29 -45.90 41.36 27.26
CA ARG PA 29 -46.13 42.21 28.41
C ARG PA 29 -46.53 41.37 29.61
N ALA PA 30 -46.24 41.90 30.80
CA ALA PA 30 -46.51 41.17 32.02
C ALA PA 30 -48.00 40.96 32.21
N VAL PA 31 -48.38 39.77 32.67
CA VAL PA 31 -49.79 39.45 32.83
C VAL PA 31 -50.40 40.32 33.93
N ASP PA 32 -51.56 40.87 33.64
CA ASP PA 32 -52.25 41.76 34.56
C ASP PA 32 -53.74 41.46 34.47
N PHE PA 33 -54.56 42.34 35.04
CA PHE PA 33 -55.99 42.12 35.08
C PHE PA 33 -56.59 42.08 33.67
N ALA PA 34 -56.16 43.01 32.81
CA ALA PA 34 -56.74 43.09 31.48
C ALA PA 34 -56.45 41.84 30.67
N GLU PA 35 -55.21 41.37 30.68
CA GLU PA 35 -54.89 40.15 29.96
C GLU PA 35 -55.49 38.92 30.63
N ARG PA 36 -55.70 38.98 31.94
CA ARG PA 36 -56.23 37.82 32.65
C ARG PA 36 -57.73 37.65 32.44
N HIS PA 37 -58.48 38.73 32.28
CA HIS PA 37 -59.92 38.65 32.19
C HIS PA 37 -60.51 39.08 30.87
N GLY PA 38 -59.99 40.12 30.23
CA GLY PA 38 -60.51 40.55 28.96
C GLY PA 38 -59.44 40.62 27.89
N TYR PA 39 -59.28 41.78 27.28
CA TYR PA 39 -58.18 42.00 26.34
C TYR PA 39 -57.79 43.46 26.37
N ILE PA 40 -56.59 43.73 25.89
CA ILE PA 40 -56.06 45.08 25.77
C ILE PA 40 -55.51 45.24 24.36
N LYS PA 41 -55.76 46.40 23.77
CA LYS PA 41 -55.36 46.71 22.40
C LYS PA 41 -54.09 47.53 22.41
N GLY PA 42 -53.12 47.11 21.59
CA GLY PA 42 -51.94 47.91 21.35
C GLY PA 42 -51.77 48.12 19.86
N ILE PA 43 -50.89 49.06 19.52
CA ILE PA 43 -50.64 49.43 18.13
C ILE PA 43 -49.18 49.15 17.81
N VAL PA 44 -48.95 48.57 16.64
CA VAL PA 44 -47.58 48.30 16.20
C VAL PA 44 -46.98 49.59 15.64
N LYS PA 45 -45.92 50.07 16.28
CA LYS PA 45 -45.30 51.33 15.91
C LYS PA 45 -44.13 51.15 14.97
N ASP PA 46 -43.34 50.09 15.14
CA ASP PA 46 -42.19 49.88 14.27
C ASP PA 46 -41.81 48.42 14.30
N ILE PA 47 -41.16 47.97 13.21
CA ILE PA 47 -40.57 46.65 13.13
C ILE PA 47 -39.09 46.85 12.83
N ILE PA 48 -38.25 46.34 13.72
CA ILE PA 48 -36.83 46.69 13.74
C ILE PA 48 -35.98 45.43 13.77
N HIS PA 49 -34.71 45.61 13.43
CA HIS PA 49 -33.74 44.53 13.38
C HIS PA 49 -32.94 44.53 14.67
N ASP PA 50 -32.99 43.41 15.39
CA ASP PA 50 -32.18 43.25 16.58
C ASP PA 50 -30.86 42.61 16.20
N PRO PA 51 -29.73 43.28 16.44
CA PRO PA 51 -28.44 42.71 16.07
C PRO PA 51 -28.18 41.41 16.79
N GLY PA 52 -27.61 40.45 16.06
CA GLY PA 52 -27.39 39.13 16.59
C GLY PA 52 -28.61 38.24 16.60
N ARG PA 53 -29.74 38.72 16.10
CA ARG PA 53 -30.97 37.95 16.07
C ARG PA 53 -31.53 37.95 14.67
N GLY PA 54 -31.93 36.77 14.19
CA GLY PA 54 -32.51 36.69 12.86
C GLY PA 54 -33.95 37.10 12.78
N ALA PA 55 -34.64 37.15 13.90
CA ALA PA 55 -36.05 37.48 13.91
C ALA PA 55 -36.24 38.98 14.12
N PRO PA 56 -37.11 39.64 13.35
CA PRO PA 56 -37.41 41.04 13.62
C PRO PA 56 -38.17 41.20 14.93
N LEU PA 57 -38.05 42.39 15.51
CA LEU PA 57 -38.76 42.72 16.74
C LEU PA 57 -39.78 43.79 16.45
N ALA PA 58 -40.90 43.75 17.14
CA ALA PA 58 -41.98 44.69 16.94
C ALA PA 58 -42.14 45.55 18.18
N LYS PA 59 -42.08 46.87 18.02
CA LYS PA 59 -42.47 47.78 19.07
C LYS PA 59 -43.99 47.90 19.06
N VAL PA 60 -44.61 47.59 20.19
CA VAL PA 60 -46.05 47.69 20.33
C VAL PA 60 -46.32 48.60 21.50
N VAL PA 61 -47.20 49.58 21.29
CA VAL PA 61 -47.52 50.58 22.30
C VAL PA 61 -48.92 50.29 22.82
N PHE PA 62 -49.03 50.17 24.13
CA PHE PA 62 -50.29 49.94 24.83
C PHE PA 62 -50.63 51.14 25.69
N ARG PA 63 -51.85 51.13 26.21
CA ARG PA 63 -52.27 52.10 27.20
C ARG PA 63 -52.11 51.49 28.58
N ASP PA 64 -51.57 52.26 29.50
CA ASP PA 64 -51.52 51.82 30.87
C ASP PA 64 -52.93 51.87 31.44
N PRO PA 65 -53.45 50.77 32.01
CA PRO PA 65 -54.83 50.79 32.50
C PRO PA 65 -55.02 51.49 33.83
N TYR PA 66 -53.95 51.82 34.55
CA TYR PA 66 -54.07 52.39 35.88
C TYR PA 66 -53.56 53.81 35.99
N ARG PA 67 -52.78 54.29 35.03
CA ARG PA 67 -52.36 55.68 35.06
C ARG PA 67 -52.22 56.17 33.62
N PHE PA 68 -52.29 57.49 33.47
CA PHE PA 68 -52.21 58.12 32.16
C PHE PA 68 -50.77 57.99 31.67
N LYS PA 69 -50.51 56.98 30.84
CA LYS PA 69 -49.17 56.74 30.33
C LYS PA 69 -49.29 55.78 29.16
N LYS PA 70 -48.23 55.69 28.37
CA LYS PA 70 -48.14 54.74 27.27
C LYS PA 70 -47.03 53.75 27.58
N ARG PA 71 -47.32 52.46 27.41
CA ARG PA 71 -46.36 51.39 27.67
C ARG PA 71 -45.90 50.83 26.34
N THR PA 72 -44.59 50.84 26.11
CA THR PA 72 -44.01 50.30 24.89
C THR PA 72 -43.44 48.92 25.18
N GLU PA 73 -43.86 47.93 24.41
CA GLU PA 73 -43.34 46.58 24.52
C GLU PA 73 -42.45 46.27 23.33
N LEU PA 74 -41.77 45.14 23.41
CA LEU PA 74 -40.78 44.74 22.42
C LEU PA 74 -41.07 43.32 21.94
N PHE PA 75 -42.30 43.11 21.47
CA PHE PA 75 -42.72 41.78 21.04
C PHE PA 75 -41.82 41.24 19.94
N ILE PA 76 -41.67 39.93 19.91
CA ILE PA 76 -41.09 39.26 18.76
C ILE PA 76 -42.11 39.29 17.63
N ALA PA 77 -41.67 39.71 16.45
CA ALA PA 77 -42.59 39.91 15.33
C ALA PA 77 -43.05 38.59 14.78
N ALA PA 78 -44.34 38.30 14.91
CA ALA PA 78 -44.95 37.21 14.15
C ALA PA 78 -44.98 37.60 12.68
N GLU PA 79 -44.83 36.61 11.81
CA GLU PA 79 -44.74 36.92 10.39
C GLU PA 79 -46.09 37.39 9.85
N GLY PA 80 -46.06 38.50 9.11
CA GLY PA 80 -47.26 39.06 8.52
C GLY PA 80 -47.77 40.30 9.19
N ILE PA 81 -47.31 40.62 10.38
CA ILE PA 81 -47.75 41.83 11.05
C ILE PA 81 -47.08 43.03 10.40
N HIS PA 82 -47.75 44.18 10.48
CA HIS PA 82 -47.28 45.40 9.84
C HIS PA 82 -47.49 46.57 10.78
N THR PA 83 -46.77 47.66 10.52
CA THR PA 83 -46.90 48.84 11.34
C THR PA 83 -48.28 49.47 11.14
N GLY PA 84 -48.80 50.07 12.20
CA GLY PA 84 -50.14 50.60 12.17
C GLY PA 84 -51.23 49.60 12.40
N GLN PA 85 -50.87 48.36 12.69
CA GLN PA 85 -51.85 47.31 12.94
C GLN PA 85 -52.11 47.20 14.44
N PHE PA 86 -53.37 46.97 14.78
CA PHE PA 86 -53.75 46.76 16.17
C PHE PA 86 -53.61 45.28 16.51
N VAL PA 87 -52.89 45.01 17.60
CA VAL PA 87 -52.80 43.67 18.16
C VAL PA 87 -53.56 43.67 19.48
N TYR PA 88 -54.02 42.50 19.88
CA TYR PA 88 -54.84 42.36 21.07
C TYR PA 88 -54.29 41.25 21.94
N CYS PA 89 -54.16 41.52 23.23
CA CYS PA 89 -53.61 40.56 24.18
C CYS PA 89 -54.61 40.34 25.30
N GLY PA 90 -54.92 39.10 25.59
CA GLY PA 90 -55.77 38.79 26.72
C GLY PA 90 -56.53 37.50 26.49
N LYS PA 91 -57.41 37.21 27.46
CA LYS PA 91 -58.20 36.00 27.38
C LYS PA 91 -59.26 36.09 26.28
N LYS PA 92 -59.82 37.27 26.07
CA LYS PA 92 -60.86 37.47 25.08
C LYS PA 92 -60.33 37.95 23.75
N ALA PA 93 -59.02 37.88 23.53
CA ALA PA 93 -58.46 38.22 22.24
C ALA PA 93 -58.93 37.21 21.18
N GLN PA 94 -59.09 37.69 19.96
CA GLN PA 94 -59.55 36.84 18.88
C GLN PA 94 -58.37 36.21 18.17
N LEU PA 95 -58.64 35.12 17.44
CA LEU PA 95 -57.60 34.41 16.73
C LEU PA 95 -57.14 35.19 15.51
N ASN PA 96 -56.09 35.98 15.66
CA ASN PA 96 -55.48 36.66 14.54
C ASN PA 96 -53.98 36.60 14.71
N ILE PA 97 -53.27 36.70 13.59
CA ILE PA 97 -51.81 36.68 13.65
C ILE PA 97 -51.33 37.91 14.39
N GLY PA 98 -50.51 37.68 15.42
CA GLY PA 98 -50.01 38.74 16.25
C GLY PA 98 -50.75 38.91 17.56
N ASN PA 99 -51.97 38.39 17.66
CA ASN PA 99 -52.69 38.45 18.91
C ASN PA 99 -52.06 37.52 19.93
N VAL PA 100 -52.15 37.91 21.20
CA VAL PA 100 -51.61 37.14 22.31
C VAL PA 100 -52.78 36.68 23.16
N LEU PA 101 -52.88 35.37 23.38
CA LEU PA 101 -53.97 34.85 24.18
C LEU PA 101 -53.55 33.50 24.76
N PRO PA 102 -54.12 33.10 25.90
CA PRO PA 102 -53.65 31.88 26.56
C PRO PA 102 -53.92 30.64 25.73
N VAL PA 103 -53.02 29.66 25.85
CA VAL PA 103 -53.14 28.45 25.07
C VAL PA 103 -54.39 27.66 25.43
N GLY PA 104 -54.89 27.82 26.66
CA GLY PA 104 -56.08 27.09 27.05
C GLY PA 104 -57.31 27.46 26.25
N THR PA 105 -57.41 28.71 25.80
CA THR PA 105 -58.56 29.16 25.03
C THR PA 105 -58.42 28.91 23.54
N MET PA 106 -57.23 28.55 23.08
CA MET PA 106 -56.98 28.34 21.66
C MET PA 106 -57.56 27.00 21.21
N PRO PA 107 -57.88 26.86 19.92
CA PRO PA 107 -58.37 25.58 19.42
C PRO PA 107 -57.33 24.47 19.46
N GLU PA 108 -57.71 23.27 19.02
CA GLU PA 108 -56.87 22.10 19.18
C GLU PA 108 -55.80 21.97 18.12
N GLY PA 109 -55.72 22.88 17.16
CA GLY PA 109 -54.75 22.72 16.10
C GLY PA 109 -53.96 23.97 15.77
N THR PA 110 -54.20 25.05 16.50
CA THR PA 110 -53.55 26.31 16.23
C THR PA 110 -52.05 26.21 16.45
N ILE PA 111 -51.33 27.18 15.92
CA ILE PA 111 -49.90 27.25 16.19
C ILE PA 111 -49.58 28.62 16.76
N VAL PA 112 -48.50 28.68 17.52
CA VAL PA 112 -48.17 29.83 18.34
C VAL PA 112 -46.71 30.17 18.16
N CYS PA 113 -46.35 31.39 18.57
CA CYS PA 113 -45.06 31.97 18.28
C CYS PA 113 -44.17 32.12 19.51
N CYS PA 114 -44.58 32.87 20.51
CA CYS PA 114 -43.71 33.18 21.64
C CYS PA 114 -44.36 32.60 22.88
N LEU PA 115 -44.14 31.31 23.10
CA LEU PA 115 -44.90 30.55 24.08
C LEU PA 115 -44.21 30.59 25.43
N GLU PA 116 -45.02 30.78 26.48
CA GLU PA 116 -44.50 30.80 27.84
C GLU PA 116 -44.20 29.40 28.32
N GLU PA 117 -43.00 29.20 28.87
CA GLU PA 117 -42.64 27.90 29.44
C GLU PA 117 -43.41 27.65 30.72
N LYS PA 118 -43.60 28.67 31.52
CA LYS PA 118 -44.38 28.62 32.76
C LYS PA 118 -45.38 29.76 32.74
N PRO PA 119 -46.53 29.61 33.40
CA PRO PA 119 -47.51 30.69 33.37
C PRO PA 119 -47.01 31.89 34.14
N GLY PA 120 -47.10 33.06 33.52
CA GLY PA 120 -46.74 34.27 34.20
C GLY PA 120 -45.54 34.97 33.64
N ASP PA 121 -44.53 34.21 33.21
CA ASP PA 121 -43.33 34.82 32.66
C ASP PA 121 -43.67 35.34 31.26
N ARG PA 122 -42.65 35.73 30.53
CA ARG PA 122 -42.89 36.14 29.15
C ARG PA 122 -42.59 34.96 28.24
N GLY PA 123 -42.56 35.18 26.94
CA GLY PA 123 -42.35 34.08 26.02
C GLY PA 123 -40.97 33.46 26.19
N LYS PA 124 -40.92 32.14 26.08
CA LYS PA 124 -39.66 31.43 26.24
C LYS PA 124 -39.40 30.51 25.06
N LEU PA 125 -40.45 29.97 24.46
CA LEU PA 125 -40.32 28.92 23.47
C LEU PA 125 -40.68 29.42 22.08
N ALA PA 126 -40.06 28.79 21.08
CA ALA PA 126 -40.32 29.06 19.67
C ALA PA 126 -40.02 30.51 19.30
N ARG PA 127 -38.96 31.08 19.87
CA ARG PA 127 -38.63 32.47 19.62
C ARG PA 127 -37.71 32.70 18.43
N ALA PA 128 -36.91 31.70 18.06
CA ALA PA 128 -35.98 31.88 16.95
C ALA PA 128 -36.73 31.96 15.63
N SER PA 129 -36.14 32.67 14.66
CA SER PA 129 -36.84 33.06 13.46
C SER PA 129 -37.30 31.85 12.65
N GLY PA 130 -38.53 31.93 12.14
CA GLY PA 130 -39.13 30.89 11.34
C GLY PA 130 -39.77 29.76 12.12
N ASN PA 131 -39.65 29.77 13.44
CA ASN PA 131 -40.08 28.65 14.26
C ASN PA 131 -41.48 28.90 14.82
N TYR PA 132 -42.09 27.83 15.32
CA TYR PA 132 -43.43 27.88 15.87
C TYR PA 132 -43.66 26.65 16.71
N ALA PA 133 -44.61 26.74 17.63
CA ALA PA 133 -45.07 25.61 18.40
C ALA PA 133 -46.50 25.32 17.99
N THR PA 134 -46.95 24.09 18.24
CA THR PA 134 -48.30 23.68 17.87
C THR PA 134 -49.07 23.28 19.11
N VAL PA 135 -50.31 23.75 19.24
CA VAL PA 135 -51.16 23.31 20.32
C VAL PA 135 -51.79 21.98 19.94
N ILE PA 136 -51.41 20.91 20.65
CA ILE PA 136 -51.92 19.58 20.38
C ILE PA 136 -53.25 19.37 21.09
N SER PA 137 -53.28 19.50 22.41
CA SER PA 137 -54.49 19.09 23.10
C SER PA 137 -54.64 19.83 24.43
N HIS PA 138 -55.86 19.76 24.98
CA HIS PA 138 -56.16 20.30 26.30
C HIS PA 138 -56.79 19.24 27.18
N ASN PA 139 -56.74 19.48 28.47
CA ASN PA 139 -57.72 18.93 29.40
C ASN PA 139 -58.04 20.01 30.43
N PRO PA 140 -59.30 20.48 30.44
CA PRO PA 140 -59.68 21.52 31.41
C PRO PA 140 -59.54 21.09 32.85
N GLU PA 141 -59.80 19.83 33.16
CA GLU PA 141 -59.39 19.29 34.44
C GLU PA 141 -57.86 19.26 34.48
N THR PA 142 -57.30 19.71 35.61
CA THR PA 142 -55.87 19.95 35.82
C THR PA 142 -55.38 21.14 34.99
N LYS PA 143 -56.24 21.68 34.13
CA LYS PA 143 -55.97 22.89 33.35
C LYS PA 143 -54.64 22.78 32.59
N LYS PA 144 -54.49 21.71 31.82
CA LYS PA 144 -53.22 21.43 31.17
C LYS PA 144 -53.38 21.41 29.66
N THR PA 145 -52.28 21.67 28.96
CA THR PA 145 -52.26 21.71 27.51
C THR PA 145 -50.97 21.10 27.01
N ARG PA 146 -51.10 20.15 26.08
CA ARG PA 146 -49.94 19.57 25.42
C ARG PA 146 -49.68 20.34 24.14
N VAL PA 147 -48.42 20.69 23.91
CA VAL PA 147 -47.96 21.40 22.73
C VAL PA 147 -46.74 20.67 22.16
N LYS PA 148 -46.48 20.92 20.89
CA LYS PA 148 -45.31 20.36 20.20
C LYS PA 148 -44.34 21.50 19.93
N LEU PA 149 -43.10 21.31 20.34
CA LEU PA 149 -42.04 22.29 20.24
C LEU PA 149 -41.32 22.18 18.91
N PRO PA 150 -40.56 23.22 18.52
CA PRO PA 150 -39.82 23.14 17.25
C PRO PA 150 -38.88 21.96 17.15
N SER PA 151 -38.38 21.46 18.27
CA SER PA 151 -37.54 20.27 18.26
C SER PA 151 -38.31 18.99 17.99
N GLY PA 152 -39.63 19.06 17.89
CA GLY PA 152 -40.45 17.90 17.69
C GLY PA 152 -40.87 17.21 18.97
N SER PA 153 -40.44 17.72 20.12
CA SER PA 153 -40.78 17.10 21.40
C SER PA 153 -42.11 17.65 21.92
N LYS PA 154 -42.88 16.78 22.55
CA LYS PA 154 -44.14 17.19 23.16
C LYS PA 154 -43.88 17.66 24.58
N LYS PA 155 -44.72 18.60 25.03
CA LYS PA 155 -44.55 19.20 26.34
C LYS PA 155 -45.89 19.57 26.91
N VAL PA 156 -46.08 19.30 28.20
CA VAL PA 156 -47.31 19.64 28.91
C VAL PA 156 -47.06 20.90 29.70
N ILE PA 157 -47.92 21.90 29.51
CA ILE PA 157 -47.80 23.20 30.16
C ILE PA 157 -49.16 23.58 30.72
N SER PA 158 -49.17 24.66 31.50
CA SER PA 158 -50.42 25.17 32.03
C SER PA 158 -51.24 25.80 30.92
N SER PA 159 -52.56 25.69 31.04
CA SER PA 159 -53.43 26.28 30.04
C SER PA 159 -53.41 27.79 30.05
N ALA PA 160 -52.84 28.41 31.08
CA ALA PA 160 -52.80 29.86 31.21
C ALA PA 160 -51.60 30.48 30.52
N ASN PA 161 -50.71 29.69 29.93
CA ASN PA 161 -49.55 30.24 29.27
C ASN PA 161 -49.98 31.00 28.02
N ARG PA 162 -49.52 32.23 27.89
CA ARG PA 162 -49.84 33.04 26.73
C ARG PA 162 -48.85 32.77 25.61
N ALA PA 163 -49.27 33.08 24.39
CA ALA PA 163 -48.42 32.90 23.23
C ALA PA 163 -48.97 33.73 22.07
N VAL PA 164 -48.08 34.17 21.21
CA VAL PA 164 -48.46 34.92 20.02
C VAL PA 164 -48.94 33.95 18.96
N VAL PA 165 -50.06 34.27 18.33
CA VAL PA 165 -50.58 33.44 17.24
C VAL PA 165 -49.79 33.70 15.97
N GLY PA 166 -49.33 32.63 15.34
CA GLY PA 166 -48.62 32.71 14.07
C GLY PA 166 -47.19 32.22 14.19
N VAL PA 167 -46.52 32.23 13.06
CA VAL PA 167 -45.10 31.91 13.00
C VAL PA 167 -44.31 33.20 13.18
N VAL PA 168 -43.13 33.07 13.75
CA VAL PA 168 -42.23 34.20 13.90
C VAL PA 168 -41.60 34.54 12.54
N ALA PA 169 -41.46 35.83 12.28
CA ALA PA 169 -40.89 36.30 11.04
C ALA PA 169 -39.42 35.94 10.96
N GLY PA 170 -38.80 36.26 9.82
CA GLY PA 170 -37.43 35.92 9.59
C GLY PA 170 -37.21 34.72 8.70
N GLY PA 171 -38.28 34.02 8.34
CA GLY PA 171 -38.39 33.01 7.29
C GLY PA 171 -37.24 32.02 7.29
N GLY PA 172 -36.90 31.56 6.10
CA GLY PA 172 -35.87 30.55 5.93
C GLY PA 172 -34.48 31.12 5.90
N ARG PA 173 -34.07 31.75 7.00
CA ARG PA 173 -32.79 32.43 7.06
C ARG PA 173 -31.63 31.48 6.81
N ILE PA 174 -31.77 30.22 7.19
CA ILE PA 174 -30.69 29.25 7.01
C ILE PA 174 -30.63 28.67 5.61
N ASP PA 175 -31.55 29.06 4.73
CA ASP PA 175 -31.50 28.55 3.35
C ASP PA 175 -30.26 29.04 2.62
N LYS PA 176 -29.93 30.31 2.77
CA LYS PA 176 -28.87 30.91 1.98
C LYS PA 176 -27.52 30.45 2.47
N PRO PA 177 -26.67 29.88 1.60
CA PRO PA 177 -25.30 29.59 2.01
C PRO PA 177 -24.57 30.87 2.36
N ILE PA 178 -23.71 30.79 3.39
CA ILE PA 178 -22.96 31.96 3.81
C ILE PA 178 -21.93 32.33 2.76
N LEU PA 179 -21.29 31.33 2.16
CA LEU PA 179 -20.41 31.43 1.00
C LEU PA 179 -19.07 32.07 1.30
N LYS PA 180 -18.91 32.69 2.46
CA LYS PA 180 -17.72 33.49 2.68
C LYS PA 180 -17.35 33.46 4.15
N ALA PA 181 -16.07 33.19 4.41
CA ALA PA 181 -15.55 33.33 5.76
C ALA PA 181 -15.77 34.74 6.28
N GLY PA 182 -15.75 35.74 5.39
CA GLY PA 182 -16.05 37.09 5.82
C GLY PA 182 -17.47 37.26 6.30
N ARG PA 183 -18.43 36.66 5.59
CA ARG PA 183 -19.81 36.78 6.03
C ARG PA 183 -20.06 36.02 7.31
N ALA PA 184 -19.38 34.88 7.50
CA ALA PA 184 -19.46 34.21 8.79
C ALA PA 184 -18.86 35.07 9.90
N TYR PA 185 -17.76 35.76 9.60
CA TYR PA 185 -17.15 36.66 10.57
C TYR PA 185 -18.12 37.77 10.95
N HIS PA 186 -18.77 38.38 9.96
CA HIS PA 186 -19.72 39.46 10.26
C HIS PA 186 -20.93 38.95 10.99
N LYS PA 187 -21.32 37.69 10.75
CA LYS PA 187 -22.46 37.13 11.46
C LYS PA 187 -22.15 36.95 12.94
N TYR PA 188 -20.99 36.34 13.25
CA TYR PA 188 -20.69 36.04 14.64
C TYR PA 188 -20.09 37.22 15.39
N LYS PA 189 -19.64 38.26 14.69
CA LYS PA 189 -19.15 39.45 15.38
C LYS PA 189 -20.28 40.15 16.12
N ALA PA 190 -21.49 40.08 15.60
CA ALA PA 190 -22.65 40.66 16.27
C ALA PA 190 -23.23 39.73 17.32
N LYS PA 191 -22.68 38.53 17.49
CA LYS PA 191 -23.22 37.57 18.44
C LYS PA 191 -22.30 37.35 19.63
N ARG PA 192 -21.09 36.84 19.40
CA ARG PA 192 -20.16 36.49 20.48
C ARG PA 192 -18.90 35.95 19.85
N ASN PA 193 -17.86 35.81 20.68
CA ASN PA 193 -16.56 35.33 20.20
C ASN PA 193 -16.59 33.81 20.20
N CYS PA 194 -17.06 33.23 19.09
CA CYS PA 194 -17.07 31.79 18.96
C CYS PA 194 -16.64 31.27 17.61
N TRP PA 195 -16.46 32.11 16.61
CA TRP PA 195 -16.56 31.59 15.26
C TRP PA 195 -15.34 30.86 14.73
N PRO PA 196 -14.14 31.47 14.63
CA PRO PA 196 -13.05 30.73 14.00
C PRO PA 196 -12.70 29.55 14.87
N ARG PA 197 -13.08 28.37 14.40
CA ARG PA 197 -13.14 27.15 15.20
C ARG PA 197 -11.96 26.27 14.85
N VAL PA 198 -10.98 26.23 15.73
CA VAL PA 198 -9.83 25.36 15.55
C VAL PA 198 -10.19 23.96 15.97
N ARG PA 199 -9.90 22.98 15.12
CA ARG PA 199 -10.18 21.60 15.44
C ARG PA 199 -9.26 21.13 16.57
N GLY PA 200 -9.79 20.26 17.41
CA GLY PA 200 -9.01 19.75 18.52
C GLY PA 200 -7.83 18.90 18.08
N VAL PA 201 -8.00 18.14 17.00
CA VAL PA 201 -6.90 17.31 16.51
C VAL PA 201 -5.75 18.14 15.99
N ALA PA 202 -5.99 19.41 15.67
CA ALA PA 202 -4.96 20.32 15.21
C ALA PA 202 -4.21 21.02 16.34
N MET PA 203 -4.53 20.68 17.59
CA MET PA 203 -3.89 21.29 18.74
C MET PA 203 -2.82 20.36 19.30
N ASN PA 204 -2.16 20.81 20.34
CA ASN PA 204 -1.18 20.04 21.08
C ASN PA 204 -1.86 19.28 22.21
N PRO PA 205 -1.23 18.24 22.75
CA PRO PA 205 -1.87 17.47 23.83
C PRO PA 205 -2.11 18.29 25.09
N VAL PA 206 -1.40 19.39 25.27
CA VAL PA 206 -1.53 20.17 26.49
C VAL PA 206 -2.88 20.85 26.58
N GLU PA 207 -3.57 21.04 25.46
CA GLU PA 207 -4.71 21.94 25.41
C GLU PA 207 -5.95 21.29 24.81
N HIS PA 208 -5.92 19.99 24.56
CA HIS PA 208 -7.11 19.27 24.13
C HIS PA 208 -6.90 17.79 24.34
N PRO PA 209 -7.93 17.03 24.69
CA PRO PA 209 -7.80 15.57 24.72
C PRO PA 209 -7.45 14.98 23.37
N PHE PA 210 -7.82 15.63 22.28
CA PHE PA 210 -7.59 15.12 20.95
C PHE PA 210 -6.28 15.59 20.34
N GLY PA 211 -5.55 16.47 21.03
CA GLY PA 211 -4.36 17.04 20.44
C GLY PA 211 -3.19 16.08 20.44
N GLY PA 212 -2.25 16.36 19.53
CA GLY PA 212 -0.99 15.65 19.49
C GLY PA 212 -1.01 14.49 18.51
N GLY PA 213 0.15 13.86 18.40
CA GLY PA 213 0.35 12.75 17.50
C GLY PA 213 1.00 13.18 16.20
N ASN PA 214 1.67 12.23 15.56
CA ASN PA 214 2.35 12.55 14.31
C ASN PA 214 1.38 12.65 13.15
N HIS PA 215 0.26 11.95 13.21
CA HIS PA 215 -0.84 12.16 12.28
C HIS PA 215 -2.00 12.81 13.03
N GLN PA 216 -2.82 13.56 12.32
CA GLN PA 216 -3.98 14.22 12.92
C GLN PA 216 -5.10 13.20 13.06
N HIS PA 217 -4.99 12.39 14.10
CA HIS PA 217 -5.99 11.38 14.41
C HIS PA 217 -6.46 11.58 15.84
N ILE PA 218 -7.70 11.18 16.12
CA ILE PA 218 -8.26 11.39 17.44
C ILE PA 218 -7.56 10.48 18.45
N GLY PA 219 -7.32 9.23 18.10
CA GLY PA 219 -6.59 8.33 18.95
C GLY PA 219 -7.37 7.73 20.09
N LYS PA 220 -8.65 8.06 20.21
CA LYS PA 220 -9.51 7.57 21.27
C LYS PA 220 -10.93 7.68 20.78
N PRO PA 221 -11.85 6.89 21.33
CA PRO PA 221 -13.25 7.00 20.90
C PRO PA 221 -13.77 8.41 21.16
N SER PA 222 -14.25 9.05 20.10
CA SER PA 222 -14.67 10.44 20.22
C SER PA 222 -15.94 10.58 21.05
N THR PA 223 -16.76 9.54 21.09
CA THR PA 223 -17.91 9.55 21.97
C THR PA 223 -17.46 9.49 23.42
N ILE PA 224 -17.97 10.41 24.23
CA ILE PA 224 -17.51 10.56 25.61
C ILE PA 224 -18.70 10.46 26.53
N ARG PA 225 -18.49 9.86 27.70
CA ARG PA 225 -19.57 9.61 28.62
C ARG PA 225 -20.14 10.91 29.18
N ARG PA 226 -21.36 10.82 29.72
CA ARG PA 226 -22.04 12.03 30.17
C ARG PA 226 -21.36 12.62 31.40
N ASP PA 227 -20.90 11.78 32.31
CA ASP PA 227 -20.32 12.25 33.57
C ASP PA 227 -18.83 12.49 33.48
N ALA PA 228 -18.30 12.66 32.29
CA ALA PA 228 -16.88 12.95 32.16
C ALA PA 228 -16.57 14.30 32.76
N PRO PA 229 -15.40 14.47 33.39
CA PRO PA 229 -15.06 15.76 33.97
C PRO PA 229 -14.88 16.82 32.90
N ALA PA 230 -15.11 18.07 33.29
CA ALA PA 230 -14.85 19.18 32.39
C ALA PA 230 -13.37 19.24 32.06
N GLY PA 231 -13.06 19.65 30.84
CA GLY PA 231 -11.74 19.51 30.31
C GLY PA 231 -11.50 18.19 29.64
N ARG PA 232 -12.44 17.26 29.74
CA ARG PA 232 -12.35 15.97 29.09
C ARG PA 232 -13.51 15.68 28.17
N LYS PA 233 -14.73 16.09 28.53
CA LYS PA 233 -15.87 15.77 27.67
C LYS PA 233 -15.83 16.70 26.47
N VAL PA 234 -15.23 16.20 25.39
CA VAL PA 234 -15.20 16.85 24.10
C VAL PA 234 -15.61 15.81 23.07
N GLY PA 235 -16.05 16.27 21.92
CA GLY PA 235 -16.49 15.36 20.90
C GLY PA 235 -17.98 15.11 21.00
N LEU PA 236 -18.38 13.86 20.85
CA LEU PA 236 -19.80 13.50 20.86
C LEU PA 236 -20.18 13.13 22.28
N ILE PA 237 -20.87 14.05 22.95
CA ILE PA 237 -21.14 13.92 24.38
C ILE PA 237 -22.38 13.07 24.57
N ALA PA 238 -22.22 11.94 25.28
CA ALA PA 238 -23.34 11.07 25.63
C ALA PA 238 -24.13 10.65 24.41
N ALA PA 239 -23.42 10.35 23.33
CA ALA PA 239 -24.05 10.08 22.05
C ALA PA 239 -24.75 8.72 22.09
N ARG PA 240 -26.06 8.74 21.85
CA ARG PA 240 -26.81 7.48 21.81
C ARG PA 240 -26.41 6.65 20.61
N ARG PA 241 -26.01 7.29 19.52
CA ARG PA 241 -25.60 6.59 18.31
C ARG PA 241 -24.72 7.54 17.51
N THR PA 242 -24.04 6.99 16.52
CA THR PA 242 -23.24 7.76 15.59
C THR PA 242 -23.51 7.27 14.19
N GLY PA 243 -22.96 7.95 13.20
CA GLY PA 243 -23.12 7.49 11.84
C GLY PA 243 -23.77 8.49 10.91
N ARG PA 244 -24.83 8.08 10.23
CA ARG PA 244 -25.36 8.85 9.13
C ARG PA 244 -26.85 9.16 9.26
N LEU PA 245 -27.54 8.55 10.23
CA LEU PA 245 -28.99 8.68 10.38
C LEU PA 245 -29.72 8.24 9.11
N ARG PA 246 -29.44 7.00 8.72
CA ARG PA 246 -30.14 6.37 7.60
C ARG PA 246 -31.36 5.68 8.19
N GLY PA 247 -32.48 6.39 8.23
CA GLY PA 247 -33.69 5.86 8.83
C GLY PA 247 -34.55 6.89 9.53
N THR PA 248 -34.04 8.12 9.66
CA THR PA 248 -34.81 9.19 10.27
C THR PA 248 -34.28 10.56 9.85
N SER QA 1 43.06 13.22 0.66
CA SER QA 1 42.75 12.43 -0.52
C SER QA 1 43.16 13.17 -1.77
N HIS QA 2 43.30 12.43 -2.87
CA HIS QA 2 43.74 13.03 -4.12
C HIS QA 2 42.70 14.01 -4.63
N ARG QA 3 43.17 15.01 -5.36
CA ARG QA 3 42.25 15.96 -5.96
C ARG QA 3 41.43 15.26 -7.04
N LYS QA 4 40.19 15.73 -7.20
CA LYS QA 4 39.19 14.99 -7.96
C LYS QA 4 39.61 14.78 -9.40
N PHE QA 5 40.05 15.85 -10.06
CA PHE QA 5 40.48 15.79 -11.45
C PHE QA 5 41.84 16.45 -11.59
N SER QA 6 42.65 15.91 -12.48
CA SER QA 6 43.98 16.45 -12.70
C SER QA 6 43.89 17.77 -13.44
N ALA QA 7 44.72 18.72 -13.04
CA ALA QA 7 44.82 19.97 -13.74
C ALA QA 7 46.25 20.45 -13.59
N PRO QA 8 46.85 20.97 -14.65
CA PRO QA 8 48.22 21.47 -14.54
C PRO QA 8 48.31 22.66 -13.61
N ARG QA 9 49.51 22.87 -13.08
CA ARG QA 9 49.76 23.92 -12.12
C ARG QA 9 49.61 25.30 -12.75
N HIS QA 10 49.06 26.24 -11.99
CA HIS QA 10 48.96 27.62 -12.45
C HIS QA 10 50.29 28.33 -12.26
N GLY QA 11 50.87 28.83 -13.35
CA GLY QA 11 52.10 29.59 -13.28
C GLY QA 11 53.31 28.70 -13.16
N SER QA 12 54.47 29.32 -13.30
CA SER QA 12 55.75 28.63 -13.29
C SER QA 12 56.54 28.97 -12.05
N LEU QA 13 57.22 27.98 -11.49
CA LEU QA 13 58.11 28.19 -10.36
C LEU QA 13 59.52 28.56 -10.80
N GLY QA 14 59.78 28.64 -12.11
CA GLY QA 14 61.08 29.04 -12.58
C GLY QA 14 61.38 30.51 -12.47
N PHE QA 15 60.34 31.33 -12.40
CA PHE QA 15 60.47 32.78 -12.21
C PHE QA 15 59.94 33.18 -10.85
N LEU QA 16 60.18 32.32 -9.86
CA LEU QA 16 59.34 32.30 -8.66
C LEU QA 16 59.40 33.57 -7.81
N PRO QA 17 60.56 34.14 -7.47
CA PRO QA 17 60.51 35.34 -6.62
C PRO QA 17 59.92 36.51 -7.38
N ARG QA 18 58.60 36.52 -7.51
CA ARG QA 18 57.92 37.53 -8.31
C ARG QA 18 57.98 38.87 -7.61
N LYS QA 19 59.17 39.44 -7.55
CA LYS QA 19 59.43 40.71 -6.90
C LYS QA 19 59.83 41.74 -7.94
N ARG QA 20 59.77 43.00 -7.55
CA ARG QA 20 60.31 44.06 -8.39
C ARG QA 20 61.79 43.81 -8.61
N SER QA 21 62.22 43.97 -9.85
CA SER QA 21 63.63 43.76 -10.18
C SER QA 21 64.51 44.71 -9.39
N SER QA 22 65.64 44.19 -8.92
CA SER QA 22 66.60 45.03 -8.22
C SER QA 22 67.35 45.96 -9.16
N ARG QA 23 67.16 45.81 -10.46
CA ARG QA 23 67.80 46.65 -11.46
C ARG QA 23 66.76 47.16 -12.43
N HIS QA 24 67.10 48.26 -13.09
CA HIS QA 24 66.24 48.83 -14.11
C HIS QA 24 66.73 48.54 -15.52
N ARG QA 25 68.04 48.41 -15.70
CA ARG QA 25 68.61 48.23 -17.03
C ARG QA 25 68.34 46.84 -17.58
N GLY QA 26 68.53 45.82 -16.77
CA GLY QA 26 68.43 44.46 -17.27
C GLY QA 26 69.78 43.92 -17.63
N LYS QA 27 70.35 43.05 -16.79
CA LYS QA 27 71.72 42.61 -16.94
C LYS QA 27 71.79 41.30 -17.71
N VAL QA 28 72.93 41.08 -18.36
CA VAL QA 28 73.05 40.02 -19.35
C VAL QA 28 73.00 38.65 -18.68
N LYS QA 29 73.78 38.45 -17.63
CA LYS QA 29 73.82 37.25 -16.79
C LYS QA 29 74.46 36.06 -17.50
N SER QA 30 74.67 36.16 -18.81
CA SER QA 30 75.33 35.11 -19.57
C SER QA 30 75.76 35.62 -20.93
N PHE QA 31 77.04 35.67 -21.16
CA PHE QA 31 77.50 36.06 -22.47
C PHE QA 31 77.77 34.82 -23.32
N PRO QA 32 77.74 34.96 -24.65
CA PRO QA 32 78.04 33.80 -25.50
C PRO QA 32 79.41 33.24 -25.22
N LYS QA 33 79.50 31.91 -25.29
CA LYS QA 33 80.76 31.22 -25.05
C LYS QA 33 81.81 31.68 -26.04
N ASP QA 34 82.97 32.06 -25.53
CA ASP QA 34 84.01 32.66 -26.35
C ASP QA 34 84.89 31.58 -26.95
N ASP QA 35 85.08 31.64 -28.26
CA ASP QA 35 86.05 30.80 -28.93
C ASP QA 35 87.06 31.67 -29.67
N PRO QA 36 88.35 31.45 -29.46
CA PRO QA 36 89.37 32.33 -30.07
C PRO QA 36 89.42 32.28 -31.59
N SER QA 37 88.81 31.29 -32.24
CA SER QA 37 88.89 31.20 -33.69
C SER QA 37 88.12 32.33 -34.37
N LYS QA 38 87.07 32.84 -33.74
CA LYS QA 38 86.27 33.88 -34.33
C LYS QA 38 87.01 35.21 -34.32
N PRO QA 39 86.62 36.14 -35.19
CA PRO QA 39 87.18 37.50 -35.12
C PRO QA 39 86.68 38.22 -33.88
N VAL QA 40 87.41 39.27 -33.51
CA VAL QA 40 87.09 40.04 -32.31
C VAL QA 40 85.81 40.83 -32.55
N HIS QA 41 84.85 40.70 -31.64
CA HIS QA 41 83.55 41.30 -31.82
C HIS QA 41 82.90 41.53 -30.46
N LEU QA 42 81.84 42.33 -30.48
CA LEU QA 42 81.05 42.61 -29.29
C LEU QA 42 79.82 41.71 -29.27
N THR QA 43 79.31 41.46 -28.07
CA THR QA 43 78.24 40.49 -27.90
C THR QA 43 76.92 41.09 -27.41
N ALA QA 44 76.85 42.40 -27.21
CA ALA QA 44 75.65 43.00 -26.65
C ALA QA 44 75.55 44.45 -27.08
N PHE QA 45 74.38 45.03 -26.85
CA PHE QA 45 74.10 46.41 -27.18
C PHE QA 45 72.96 46.89 -26.30
N LEU QA 46 72.81 48.20 -26.20
CA LEU QA 46 71.74 48.82 -25.43
C LEU QA 46 70.86 49.63 -26.37
N GLY QA 47 69.57 49.34 -26.37
CA GLY QA 47 68.62 50.11 -27.16
C GLY QA 47 67.48 50.60 -26.28
N TYR QA 48 66.56 51.32 -26.90
CA TYR QA 48 65.40 51.86 -26.21
C TYR QA 48 64.15 51.53 -27.00
N LYS QA 49 63.17 50.92 -26.33
CA LYS QA 49 61.96 50.49 -27.01
C LYS QA 49 61.14 51.71 -27.41
N ALA QA 50 60.99 51.94 -28.71
CA ALA QA 50 60.24 53.09 -29.20
C ALA QA 50 58.76 52.77 -29.37
N GLY QA 51 58.45 51.66 -30.03
CA GLY QA 51 57.07 51.31 -30.25
C GLY QA 51 56.96 50.20 -31.26
N MET QA 52 55.73 49.76 -31.47
CA MET QA 52 55.43 48.66 -32.37
C MET QA 52 54.77 49.18 -33.62
N THR QA 53 54.97 48.44 -34.71
CA THR QA 53 54.24 48.65 -35.96
C THR QA 53 54.08 47.29 -36.60
N HIS QA 54 53.63 47.27 -37.86
CA HIS QA 54 53.54 46.00 -38.57
C HIS QA 54 54.01 46.18 -40.00
N ILE QA 55 54.44 45.08 -40.59
CA ILE QA 55 55.07 45.10 -41.90
C ILE QA 55 54.29 44.24 -42.87
N VAL QA 56 54.77 44.14 -44.10
CA VAL QA 56 54.30 43.18 -45.08
C VAL QA 56 55.52 42.55 -45.73
N ARG QA 57 55.54 41.22 -45.80
CA ARG QA 57 56.66 40.56 -46.47
C ARG QA 57 56.19 39.27 -47.11
N GLU QA 58 56.94 38.83 -48.12
CA GLU QA 58 56.70 37.56 -48.78
C GLU QA 58 57.54 36.49 -48.10
N VAL QA 59 56.93 35.36 -47.79
CA VAL QA 59 57.58 34.31 -47.03
C VAL QA 59 58.29 33.36 -47.98
N ASP QA 60 59.46 32.89 -47.55
CA ASP QA 60 60.26 31.96 -48.33
C ASP QA 60 60.43 30.64 -47.58
N ARG QA 61 59.33 30.10 -47.08
CA ARG QA 61 59.34 28.86 -46.29
C ARG QA 61 58.66 27.75 -47.09
N PRO QA 62 59.41 26.88 -47.75
CA PRO QA 62 58.78 25.84 -48.57
C PRO QA 62 58.07 24.80 -47.72
N GLY QA 63 56.99 24.27 -48.27
CA GLY QA 63 56.17 23.31 -47.57
C GLY QA 63 55.13 23.91 -46.64
N SER QA 64 55.09 25.23 -46.51
CA SER QA 64 54.12 25.89 -45.66
C SER QA 64 52.97 26.42 -46.49
N LYS QA 65 51.87 26.73 -45.81
CA LYS QA 65 50.74 27.34 -46.49
C LYS QA 65 51.03 28.77 -46.93
N VAL QA 66 52.03 29.41 -46.33
CA VAL QA 66 52.35 30.79 -46.64
C VAL QA 66 53.59 30.90 -47.54
N ASN QA 67 53.99 29.80 -48.17
CA ASN QA 67 55.12 29.84 -49.06
C ASN QA 67 54.80 30.70 -50.28
N LYS QA 68 55.67 31.68 -50.54
CA LYS QA 68 55.46 32.66 -51.61
C LYS QA 68 54.11 33.36 -51.46
N LYS QA 69 53.79 33.74 -50.23
CA LYS QA 69 52.60 34.50 -49.91
C LYS QA 69 53.00 35.70 -49.08
N GLU QA 70 52.19 36.74 -49.15
CA GLU QA 70 52.44 37.97 -48.41
C GLU QA 70 51.72 37.90 -47.08
N VAL QA 71 52.47 38.12 -46.00
CA VAL QA 71 51.92 38.11 -44.65
C VAL QA 71 52.27 39.44 -44.00
N VAL QA 72 51.49 39.79 -42.97
CA VAL QA 72 51.81 40.93 -42.12
C VAL QA 72 52.32 40.39 -40.81
N GLU QA 73 53.31 41.07 -40.24
CA GLU QA 73 53.89 40.65 -38.98
C GLU QA 73 54.12 41.88 -38.11
N ALA QA 74 53.82 41.74 -36.83
CA ALA QA 74 54.09 42.81 -35.88
C ALA QA 74 55.58 42.87 -35.58
N VAL QA 75 56.13 44.07 -35.61
CA VAL QA 75 57.54 44.29 -35.32
C VAL QA 75 57.66 45.38 -34.28
N THR QA 76 58.78 45.35 -33.56
CA THR QA 76 59.07 46.32 -32.51
C THR QA 76 60.29 47.14 -32.93
N ILE QA 77 60.18 48.46 -32.79
CA ILE QA 77 61.28 49.36 -33.13
C ILE QA 77 62.08 49.63 -31.86
N VAL QA 78 63.39 49.43 -31.95
CA VAL QA 78 64.29 49.67 -30.83
C VAL QA 78 65.34 50.66 -31.29
N GLU QA 79 65.20 51.91 -30.86
CA GLU QA 79 66.16 52.93 -31.24
C GLU QA 79 67.51 52.65 -30.61
N THR QA 80 68.55 52.64 -31.43
CA THR QA 80 69.90 52.28 -31.00
C THR QA 80 70.91 53.29 -31.53
N PRO QA 81 71.05 54.45 -30.88
CA PRO QA 81 72.18 55.32 -31.18
C PRO QA 81 73.48 54.64 -30.80
N PRO QA 82 74.59 54.97 -31.48
CA PRO QA 82 75.84 54.25 -31.25
C PRO QA 82 76.32 54.39 -29.80
N MET QA 83 76.86 53.30 -29.27
CA MET QA 83 77.43 53.33 -27.93
C MET QA 83 78.79 54.01 -27.98
N VAL QA 84 79.26 54.45 -26.81
CA VAL QA 84 80.59 55.03 -26.67
C VAL QA 84 81.36 54.19 -25.67
N VAL QA 85 82.55 53.74 -26.05
CA VAL QA 85 83.36 52.89 -25.19
C VAL QA 85 84.22 53.77 -24.29
N VAL QA 86 84.09 53.60 -22.99
CA VAL QA 86 84.82 54.41 -22.02
C VAL QA 86 85.75 53.60 -21.13
N GLY QA 87 85.58 52.29 -21.02
CA GLY QA 87 86.46 51.55 -20.13
C GLY QA 87 86.69 50.13 -20.59
N ILE QA 88 87.66 49.49 -19.94
CA ILE QA 88 87.98 48.08 -20.15
C ILE QA 88 88.14 47.43 -18.79
N VAL QA 89 87.45 46.30 -18.60
CA VAL QA 89 87.56 45.50 -17.38
C VAL QA 89 88.13 44.14 -17.76
N GLY QA 90 89.03 43.63 -16.93
CA GLY QA 90 89.51 42.27 -17.06
C GLY QA 90 88.97 41.41 -15.91
N TYR QA 91 88.72 40.15 -16.19
CA TYR QA 91 88.31 39.19 -15.18
C TYR QA 91 89.29 38.03 -15.18
N VAL QA 92 89.47 37.43 -14.02
CA VAL QA 92 90.31 36.24 -13.89
C VAL QA 92 89.47 35.12 -13.27
N GLU QA 93 89.63 33.92 -13.80
CA GLU QA 93 88.95 32.75 -13.28
C GLU QA 93 89.65 32.26 -12.04
N THR QA 94 88.90 32.03 -10.98
CA THR QA 94 89.36 31.52 -9.71
C THR QA 94 88.49 30.33 -9.36
N PRO QA 95 88.95 29.44 -8.47
CA PRO QA 95 88.07 28.37 -7.99
C PRO QA 95 86.84 28.85 -7.24
N ARG QA 96 86.64 30.16 -7.10
CA ARG QA 96 85.42 30.71 -6.54
C ARG QA 96 84.59 31.47 -7.56
N GLY QA 97 85.01 31.49 -8.82
CA GLY QA 97 84.29 32.18 -9.88
C GLY QA 97 85.18 33.18 -10.59
N LEU QA 98 84.56 33.90 -11.51
CA LEU QA 98 85.25 35.03 -12.13
C LEU QA 98 85.30 36.20 -11.16
N ARG QA 99 86.47 36.81 -11.02
CA ARG QA 99 86.55 38.04 -10.25
C ARG QA 99 87.20 39.14 -11.07
N THR QA 100 86.78 40.37 -10.76
CA THR QA 100 87.30 41.53 -11.45
C THR QA 100 88.75 41.73 -11.06
N PHE QA 101 89.61 41.81 -12.07
CA PHE QA 101 91.04 41.93 -11.83
C PHE QA 101 91.50 43.39 -11.92
N LYS QA 102 91.20 44.06 -13.03
CA LYS QA 102 91.64 45.43 -13.20
C LYS QA 102 90.67 46.16 -14.11
N THR QA 103 90.46 47.43 -13.83
CA THR QA 103 89.61 48.31 -14.64
C THR QA 103 90.42 49.52 -15.06
N VAL QA 104 90.38 49.84 -16.35
CA VAL QA 104 91.07 50.99 -16.90
C VAL QA 104 90.03 51.83 -17.64
N PHE QA 105 89.91 53.09 -17.24
CA PHE QA 105 88.97 53.99 -17.89
C PHE QA 105 89.70 54.95 -18.83
N ALA QA 106 89.04 55.31 -19.91
CA ALA QA 106 89.63 56.21 -20.87
C ALA QA 106 89.70 57.62 -20.29
N GLU QA 107 90.56 58.43 -20.89
CA GLU QA 107 90.48 59.86 -20.70
C GLU QA 107 89.21 60.38 -21.37
N HIS QA 108 88.82 61.60 -21.00
CA HIS QA 108 87.71 62.29 -21.65
C HIS QA 108 86.42 61.47 -21.60
N ILE QA 109 85.92 61.27 -20.39
CA ILE QA 109 84.63 60.65 -20.19
C ILE QA 109 83.56 61.71 -20.38
N SER QA 110 82.54 61.40 -21.18
CA SER QA 110 81.50 62.37 -21.51
C SER QA 110 80.67 62.71 -20.28
N ASP QA 111 80.05 63.88 -20.32
CA ASP QA 111 79.26 64.34 -19.18
C ASP QA 111 78.04 63.46 -18.95
N GLU QA 112 77.39 63.02 -20.02
CA GLU QA 112 76.22 62.16 -19.85
C GLU QA 112 76.61 60.83 -19.22
N CYS QA 113 77.78 60.30 -19.58
CA CYS QA 113 78.28 59.12 -18.89
C CYS QA 113 78.60 59.43 -17.44
N LYS QA 114 79.18 60.60 -17.18
CA LYS QA 114 79.57 60.96 -15.82
C LYS QA 114 78.36 61.17 -14.92
N ARG QA 115 77.21 61.50 -15.49
CA ARG QA 115 76.00 61.64 -14.68
C ARG QA 115 75.61 60.35 -13.99
N ARG QA 116 76.03 59.21 -14.53
CA ARG QA 116 75.66 57.93 -13.93
C ARG QA 116 76.25 57.77 -12.54
N PHE QA 117 77.36 58.44 -12.26
CA PHE QA 117 78.04 58.31 -10.98
C PHE QA 117 77.47 59.22 -9.90
N TYR QA 118 76.48 60.04 -10.23
CA TYR QA 118 75.94 61.01 -9.29
C TYR QA 118 74.44 60.82 -9.16
N LYS QA 119 73.96 60.76 -7.92
CA LYS QA 119 72.53 60.78 -7.70
C LYS QA 119 71.96 62.17 -7.94
N ASN QA 120 72.66 63.20 -7.49
CA ASN QA 120 72.25 64.59 -7.67
C ASN QA 120 73.33 65.30 -8.47
N TRP QA 121 73.20 65.24 -9.80
CA TRP QA 121 74.11 65.93 -10.69
C TRP QA 121 73.98 67.45 -10.59
N HIS QA 122 72.81 67.93 -10.17
CA HIS QA 122 72.58 69.37 -10.05
C HIS QA 122 73.48 69.99 -8.99
N LYS QA 123 73.56 69.35 -7.83
CA LYS QA 123 74.27 69.91 -6.68
C LYS QA 123 75.74 69.50 -6.63
N SER QA 124 76.17 68.60 -7.48
CA SER QA 124 77.53 68.09 -7.42
C SER QA 124 78.51 69.08 -8.05
N LYS QA 125 79.79 68.86 -7.77
CA LYS QA 125 80.86 69.63 -8.39
C LYS QA 125 81.41 68.95 -9.63
N LYS QA 126 80.84 67.80 -10.03
CA LYS QA 126 81.25 67.08 -11.22
C LYS QA 126 82.72 66.67 -11.16
N LYS QA 127 83.15 66.23 -9.98
CA LYS QA 127 84.55 65.95 -9.72
C LYS QA 127 84.98 64.55 -10.15
N ALA QA 128 84.05 63.72 -10.63
CA ALA QA 128 84.38 62.33 -10.90
C ALA QA 128 85.40 62.19 -12.02
N PHE QA 129 86.38 61.32 -11.80
CA PHE QA 129 87.42 60.96 -12.75
C PHE QA 129 88.35 62.12 -13.09
N THR QA 130 88.25 63.24 -12.36
CA THR QA 130 89.08 64.39 -12.67
C THR QA 130 90.51 64.20 -12.21
N LYS QA 131 90.74 63.37 -11.19
CA LYS QA 131 92.11 63.01 -10.84
C LYS QA 131 92.58 61.77 -11.56
N TYR QA 132 91.65 60.94 -12.06
CA TYR QA 132 92.03 59.78 -12.84
C TYR QA 132 92.48 60.19 -14.23
N CYS QA 133 91.86 61.20 -14.82
CA CYS QA 133 92.24 61.59 -16.16
C CYS QA 133 93.64 62.19 -16.24
N LYS QA 134 94.23 62.55 -15.10
CA LYS QA 134 95.57 63.14 -15.12
C LYS QA 134 96.64 62.11 -15.37
N LYS QA 135 96.41 60.85 -14.97
CA LYS QA 135 97.41 59.83 -15.16
C LYS QA 135 97.47 59.36 -16.61
N TRP QA 136 96.50 59.72 -17.44
CA TRP QA 136 96.67 59.52 -18.87
C TRP QA 136 97.68 60.49 -19.45
N GLN QA 137 97.95 61.58 -18.76
CA GLN QA 137 98.81 62.64 -19.27
C GLN QA 137 100.18 62.70 -18.63
N ASP QA 138 100.31 62.42 -17.34
CA ASP QA 138 101.67 62.45 -16.80
C ASP QA 138 102.41 61.15 -17.13
N GLU QA 139 103.73 61.19 -17.00
CA GLU QA 139 104.56 60.07 -17.45
C GLU QA 139 104.40 58.86 -16.54
N ASP QA 140 104.45 59.08 -15.22
CA ASP QA 140 104.31 57.97 -14.29
C ASP QA 140 102.96 57.30 -14.43
N GLY QA 141 101.90 58.09 -14.64
CA GLY QA 141 100.59 57.50 -14.86
C GLY QA 141 100.51 56.69 -16.12
N LYS QA 142 101.17 57.15 -17.19
CA LYS QA 142 101.17 56.37 -18.42
C LYS QA 142 101.90 55.05 -18.24
N LYS QA 143 103.02 55.07 -17.52
CA LYS QA 143 103.70 53.81 -17.23
C LYS QA 143 102.83 52.89 -16.39
N GLN QA 144 102.09 53.46 -15.43
CA GLN QA 144 101.18 52.65 -14.62
C GLN QA 144 100.08 52.04 -15.46
N LEU QA 145 99.54 52.80 -16.42
CA LEU QA 145 98.51 52.26 -17.30
C LEU QA 145 99.05 51.15 -18.20
N GLU QA 146 100.29 51.32 -18.68
CA GLU QA 146 100.91 50.25 -19.47
C GLU QA 146 101.10 49.00 -18.64
N LYS QA 147 101.49 49.16 -17.37
CA LYS QA 147 101.59 48.02 -16.47
C LYS QA 147 100.24 47.34 -16.28
N ASP QA 148 99.17 48.14 -16.15
CA ASP QA 148 97.84 47.59 -15.98
C ASP QA 148 97.42 46.78 -17.19
N PHE QA 149 97.69 47.30 -18.39
CA PHE QA 149 97.35 46.57 -19.60
C PHE QA 149 98.18 45.30 -19.74
N SER QA 150 99.46 45.34 -19.37
CA SER QA 150 100.28 44.14 -19.41
C SER QA 150 99.75 43.09 -18.44
N SER QA 151 99.35 43.51 -17.25
CA SER QA 151 98.81 42.56 -16.27
C SER QA 151 97.50 41.95 -16.75
N MET QA 152 96.62 42.76 -17.35
CA MET QA 152 95.41 42.19 -17.95
C MET QA 152 95.76 41.19 -19.05
N LYS QA 153 96.75 41.52 -19.86
CA LYS QA 153 97.14 40.64 -20.96
C LYS QA 153 97.66 39.30 -20.46
N LYS QA 154 98.42 39.30 -19.38
CA LYS QA 154 99.05 38.08 -18.93
C LYS QA 154 98.28 37.37 -17.80
N TYR QA 155 97.17 37.93 -17.33
CA TYR QA 155 96.47 37.27 -16.24
C TYR QA 155 94.98 37.06 -16.49
N CYS QA 156 94.34 37.96 -17.22
CA CYS QA 156 92.89 37.90 -17.39
C CYS QA 156 92.52 36.90 -18.47
N GLN QA 157 91.43 36.18 -18.24
CA GLN QA 157 90.93 35.20 -19.19
C GLN QA 157 89.80 35.74 -20.06
N VAL QA 158 89.06 36.71 -19.56
CA VAL QA 158 88.00 37.36 -20.33
C VAL QA 158 88.06 38.85 -20.05
N ILE QA 159 87.79 39.66 -21.06
CA ILE QA 159 87.74 41.10 -20.84
C ILE QA 159 86.42 41.61 -21.42
N ARG QA 160 85.96 42.72 -20.86
CA ARG QA 160 84.74 43.37 -21.28
C ARG QA 160 85.04 44.85 -21.47
N VAL QA 161 84.25 45.50 -22.31
CA VAL QA 161 84.34 46.93 -22.48
C VAL QA 161 83.17 47.58 -21.78
N ILE QA 162 83.44 48.57 -20.95
CA ILE QA 162 82.39 49.40 -20.38
C ILE QA 162 82.03 50.43 -21.43
N ALA QA 163 80.77 50.40 -21.86
CA ALA QA 163 80.25 51.30 -22.88
C ALA QA 163 78.97 51.94 -22.36
N HIS QA 164 78.72 53.16 -22.80
CA HIS QA 164 77.55 53.91 -22.37
C HIS QA 164 76.77 54.41 -23.56
N THR QA 165 75.47 54.58 -23.36
CA THR QA 165 74.59 55.11 -24.38
C THR QA 165 74.70 56.63 -24.44
N GLN QA 166 74.09 57.21 -25.47
CA GLN QA 166 74.14 58.65 -25.73
C GLN QA 166 72.71 59.18 -25.60
N MET QA 167 72.36 59.64 -24.40
CA MET QA 167 71.01 60.09 -24.14
C MET QA 167 70.70 61.43 -24.81
N ARG QA 168 71.73 62.20 -25.18
CA ARG QA 168 71.50 63.48 -25.84
C ARG QA 168 70.89 63.31 -27.22
N LEU QA 169 71.04 62.14 -27.84
CA LEU QA 169 70.47 61.87 -29.14
C LEU QA 169 69.05 61.33 -29.07
N LEU QA 170 68.52 61.14 -27.88
CA LEU QA 170 67.20 60.57 -27.68
C LEU QA 170 66.22 61.62 -27.20
N PRO QA 171 64.94 61.48 -27.53
CA PRO QA 171 63.95 62.52 -27.16
C PRO QA 171 63.42 62.42 -25.74
N LEU QA 172 64.04 61.64 -24.86
CA LEU QA 172 63.48 61.40 -23.55
C LEU QA 172 63.87 62.48 -22.56
N ARG QA 173 63.19 62.49 -21.43
CA ARG QA 173 63.52 63.38 -20.33
C ARG QA 173 64.91 63.09 -19.79
N GLN QA 174 65.27 61.82 -19.69
CA GLN QA 174 66.49 61.41 -19.02
C GLN QA 174 67.72 61.88 -19.78
N LYS QA 175 68.66 62.47 -19.06
CA LYS QA 175 69.96 62.83 -19.58
C LYS QA 175 71.07 61.93 -19.09
N LYS QA 176 70.82 61.18 -18.02
CA LYS QA 176 71.83 60.31 -17.43
C LYS QA 176 71.98 59.06 -18.29
N ALA QA 177 73.22 58.79 -18.72
CA ALA QA 177 73.47 57.71 -19.65
C ALA QA 177 73.39 56.35 -18.96
N HIS QA 178 73.33 55.31 -19.76
CA HIS QA 178 73.32 53.94 -19.28
C HIS QA 178 74.68 53.32 -19.57
N LEU QA 179 75.29 52.72 -18.55
CA LEU QA 179 76.56 52.04 -18.67
C LEU QA 179 76.34 50.54 -18.59
N MET QA 180 77.13 49.80 -19.36
CA MET QA 180 77.11 48.35 -19.23
C MET QA 180 78.42 47.76 -19.71
N GLU QA 181 78.73 46.58 -19.21
CA GLU QA 181 79.88 45.82 -19.65
C GLU QA 181 79.46 44.88 -20.76
N ILE QA 182 80.09 45.03 -21.93
CA ILE QA 182 79.85 44.16 -23.07
C ILE QA 182 81.08 43.29 -23.24
N GLN QA 183 80.91 41.98 -23.14
CA GLN QA 183 82.03 41.07 -23.25
C GLN QA 183 82.58 41.07 -24.67
N VAL QA 184 83.90 41.12 -24.77
CA VAL QA 184 84.58 41.03 -26.06
C VAL QA 184 84.91 39.56 -26.30
N ASN QA 185 84.34 38.99 -27.35
CA ASN QA 185 84.52 37.59 -27.65
C ASN QA 185 85.36 37.42 -28.90
N GLY QA 186 85.79 36.18 -29.15
CA GLY QA 186 86.42 35.85 -30.42
C GLY QA 186 87.85 36.31 -30.59
N GLY QA 187 88.77 35.73 -29.85
CA GLY QA 187 90.17 36.00 -30.09
C GLY QA 187 90.99 35.66 -28.86
N THR QA 188 92.28 35.96 -28.96
CA THR QA 188 93.11 35.84 -27.78
C THR QA 188 92.96 37.09 -26.93
N VAL QA 189 93.40 36.97 -25.68
CA VAL QA 189 93.25 38.08 -24.73
C VAL QA 189 94.02 39.30 -25.20
N ALA QA 190 95.23 39.08 -25.74
CA ALA QA 190 96.01 40.20 -26.26
C ALA QA 190 95.29 40.87 -27.41
N GLU QA 191 94.72 40.08 -28.32
CA GLU QA 191 94.05 40.67 -29.48
C GLU QA 191 92.83 41.47 -29.07
N LYS QA 192 92.00 40.91 -28.19
CA LYS QA 192 90.83 41.66 -27.76
C LYS QA 192 91.19 42.86 -26.89
N LEU QA 193 92.31 42.82 -26.17
CA LEU QA 193 92.76 44.00 -25.44
C LEU QA 193 93.22 45.10 -26.40
N ASP QA 194 93.95 44.75 -27.45
CA ASP QA 194 94.34 45.74 -28.44
C ASP QA 194 93.12 46.33 -29.13
N TRP QA 195 92.15 45.49 -29.47
CA TRP QA 195 90.91 45.96 -30.08
C TRP QA 195 90.19 46.94 -29.16
N ALA QA 196 90.05 46.59 -27.89
CA ALA QA 196 89.38 47.48 -26.95
C ALA QA 196 90.15 48.78 -26.77
N ARG QA 197 91.47 48.72 -26.70
CA ARG QA 197 92.27 49.91 -26.53
C ARG QA 197 92.10 50.86 -27.71
N GLU QA 198 92.08 50.31 -28.93
CA GLU QA 198 91.85 51.17 -30.07
C GLU QA 198 90.40 51.64 -30.15
N ARG QA 199 89.47 50.95 -29.51
CA ARG QA 199 88.09 51.42 -29.46
C ARG QA 199 87.80 52.34 -28.28
N LEU QA 200 88.78 52.60 -27.41
CA LEU QA 200 88.56 53.51 -26.30
C LEU QA 200 88.19 54.90 -26.82
N GLU QA 201 87.21 55.52 -26.16
CA GLU QA 201 86.60 56.81 -26.51
C GLU QA 201 85.82 56.76 -27.81
N GLN QA 202 85.72 55.63 -28.48
CA GLN QA 202 85.16 55.58 -29.81
C GLN QA 202 83.69 55.19 -29.78
N GLN QA 203 83.02 55.40 -30.91
CA GLN QA 203 81.62 55.07 -31.11
C GLN QA 203 81.49 53.73 -31.82
N VAL QA 204 80.65 52.87 -31.26
CA VAL QA 204 80.31 51.59 -31.86
C VAL QA 204 78.85 51.65 -32.30
N PRO QA 205 78.59 51.69 -33.60
CA PRO QA 205 77.21 51.60 -34.08
C PRO QA 205 76.67 50.18 -33.94
N VAL QA 206 75.34 50.08 -34.00
CA VAL QA 206 74.70 48.78 -33.91
C VAL QA 206 74.97 47.92 -35.13
N ASN QA 207 75.42 48.53 -36.23
CA ASN QA 207 75.84 47.76 -37.40
C ASN QA 207 77.00 46.85 -37.07
N GLN QA 208 77.96 47.36 -36.30
CA GLN QA 208 79.16 46.58 -36.01
C GLN QA 208 78.89 45.45 -35.03
N VAL QA 209 77.79 45.49 -34.29
CA VAL QA 209 77.49 44.43 -33.33
C VAL QA 209 76.54 43.43 -33.98
N PHE QA 210 75.38 43.90 -34.40
CA PHE QA 210 74.35 43.02 -34.93
C PHE QA 210 74.23 43.18 -36.43
N GLY QA 211 73.70 42.15 -37.08
CA GLY QA 211 73.49 42.15 -38.51
C GLY QA 211 72.04 41.89 -38.87
N GLN QA 212 71.77 41.94 -40.17
CA GLN QA 212 70.44 41.68 -40.67
C GLN QA 212 70.04 40.24 -40.38
N ASP QA 213 68.73 40.02 -40.28
CA ASP QA 213 68.03 38.74 -40.15
C ASP QA 213 68.78 37.70 -39.33
N GLU QA 214 69.16 38.06 -38.12
CA GLU QA 214 69.77 37.13 -37.19
C GLU QA 214 68.94 37.11 -35.91
N MET QA 215 69.00 35.98 -35.21
CA MET QA 215 68.25 35.81 -33.98
C MET QA 215 69.08 36.30 -32.81
N ILE QA 216 68.51 37.21 -32.02
CA ILE QA 216 69.18 37.74 -30.85
C ILE QA 216 68.30 37.53 -29.63
N ASP QA 217 68.86 37.85 -28.47
CA ASP QA 217 68.15 37.78 -27.21
C ASP QA 217 67.91 39.18 -26.69
N VAL QA 218 66.72 39.41 -26.15
CA VAL QA 218 66.34 40.70 -25.60
C VAL QA 218 66.19 40.55 -24.10
N ILE QA 219 66.93 41.35 -23.35
CA ILE QA 219 66.92 41.32 -21.90
C ILE QA 219 66.35 42.63 -21.39
N GLY QA 220 65.36 42.56 -20.53
CA GLY QA 220 64.75 43.79 -20.06
C GLY QA 220 63.93 43.57 -18.83
N VAL QA 221 63.18 44.61 -18.45
CA VAL QA 221 62.29 44.58 -17.31
C VAL QA 221 60.88 44.82 -17.81
N THR QA 222 59.96 43.93 -17.45
CA THR QA 222 58.61 44.01 -17.96
C THR QA 222 57.88 45.22 -17.37
N LYS QA 223 56.70 45.49 -17.92
CA LYS QA 223 55.90 46.61 -17.43
C LYS QA 223 55.42 46.32 -16.03
N GLY QA 224 55.55 47.32 -15.15
CA GLY QA 224 55.07 47.17 -13.79
C GLY QA 224 53.56 47.28 -13.75
N LYS QA 225 52.95 46.46 -12.89
CA LYS QA 225 51.51 46.44 -12.74
C LYS QA 225 51.05 46.67 -11.31
N GLY QA 226 51.96 46.88 -10.38
CA GLY QA 226 51.57 47.13 -9.01
C GLY QA 226 51.23 45.88 -8.25
N TYR QA 227 50.58 46.08 -7.11
CA TYR QA 227 50.16 45.01 -6.24
C TYR QA 227 48.94 44.35 -6.88
N LYS QA 228 49.01 43.05 -7.12
CA LYS QA 228 47.94 42.36 -7.82
C LYS QA 228 47.53 41.12 -7.05
N GLY QA 229 46.27 40.72 -7.22
CA GLY QA 229 45.74 39.55 -6.57
C GLY QA 229 46.12 38.27 -7.30
N VAL QA 230 45.61 37.16 -6.77
CA VAL QA 230 45.99 35.87 -7.34
C VAL QA 230 45.36 35.66 -8.71
N THR QA 231 44.18 36.22 -8.95
CA THR QA 231 43.52 35.98 -10.22
C THR QA 231 44.25 36.66 -11.37
N SER QA 232 44.76 37.86 -11.15
CA SER QA 232 45.52 38.53 -12.18
C SER QA 232 46.97 38.06 -12.20
N ARG QA 233 47.54 37.81 -11.01
CA ARG QA 233 48.96 37.50 -10.92
C ARG QA 233 49.28 36.08 -11.38
N TRP QA 234 48.46 35.11 -10.99
CA TRP QA 234 48.72 33.70 -11.27
C TRP QA 234 47.67 33.09 -12.18
N HIS QA 235 46.66 33.84 -12.57
CA HIS QA 235 45.62 33.39 -13.50
C HIS QA 235 44.92 32.13 -12.98
N THR QA 236 44.59 32.15 -11.70
CA THR QA 236 43.80 31.08 -11.12
C THR QA 236 42.32 31.25 -11.46
N LYS QA 237 41.56 30.20 -11.24
CA LYS QA 237 40.13 30.22 -11.56
C LYS QA 237 39.38 31.11 -10.60
N LYS QA 238 38.54 31.99 -11.14
CA LYS QA 238 37.70 32.83 -10.31
C LYS QA 238 36.63 31.99 -9.61
N LEU QA 239 36.42 32.28 -8.34
CA LEU QA 239 35.44 31.57 -7.56
C LEU QA 239 34.03 31.95 -7.98
N PRO QA 240 33.03 31.12 -7.68
CA PRO QA 240 31.67 31.41 -8.14
C PRO QA 240 31.12 32.69 -7.54
N ARG QA 241 30.03 33.16 -8.16
CA ARG QA 241 29.41 34.43 -7.75
C ARG QA 241 28.89 34.37 -6.33
N LYS QA 242 28.53 33.19 -5.84
CA LYS QA 242 27.94 33.03 -4.52
C LYS QA 242 28.95 33.06 -3.39
N THR QA 243 30.24 33.19 -3.69
CA THR QA 243 31.25 33.13 -2.65
C THR QA 243 31.15 34.33 -1.72
N HIS QA 244 31.28 34.06 -0.42
CA HIS QA 244 30.95 35.07 0.58
C HIS QA 244 32.03 36.13 0.70
N ARG QA 245 33.23 35.73 1.11
CA ARG QA 245 34.26 36.68 1.47
C ARG QA 245 35.10 37.12 0.29
N GLY QA 246 34.64 36.89 -0.94
CA GLY QA 246 35.39 37.28 -2.10
C GLY QA 246 35.69 36.15 -3.05
N LEU QA 247 35.64 36.43 -4.35
CA LEU QA 247 35.78 35.40 -5.36
C LEU QA 247 37.07 35.49 -6.15
N ARG QA 248 37.82 36.58 -6.06
CA ARG QA 248 39.10 36.67 -6.73
C ARG QA 248 40.22 36.18 -5.83
N LYS QA 249 40.07 34.95 -5.34
CA LYS QA 249 40.99 34.39 -4.37
C LYS QA 249 41.25 32.92 -4.72
N VAL QA 250 42.23 32.35 -4.04
CA VAL QA 250 42.46 30.91 -4.07
C VAL QA 250 41.77 30.30 -2.87
N ALA QA 251 40.92 29.30 -3.12
CA ALA QA 251 40.08 28.77 -2.05
C ALA QA 251 40.90 28.08 -0.96
N CYS QA 252 41.77 27.15 -1.35
CA CYS QA 252 42.60 26.42 -0.40
C CYS QA 252 44.05 26.74 -0.65
N ILE QA 253 44.74 27.22 0.38
CA ILE QA 253 46.15 27.53 0.28
C ILE QA 253 47.01 26.45 0.94
N GLY QA 254 46.48 25.25 1.09
CA GLY QA 254 47.26 24.14 1.58
C GLY QA 254 46.42 23.23 2.45
N ALA QA 255 46.89 21.99 2.60
CA ALA QA 255 46.24 21.02 3.45
C ALA QA 255 46.53 21.33 4.91
N TRP QA 256 45.94 20.54 5.80
CA TRP QA 256 46.22 20.68 7.22
C TRP QA 256 47.70 20.42 7.50
N HIS QA 257 48.26 19.39 6.88
CA HIS QA 257 49.68 19.16 6.97
C HIS QA 257 50.28 19.22 5.58
N PRO QA 258 51.48 19.80 5.41
CA PRO QA 258 52.52 20.16 6.38
C PRO QA 258 52.34 21.36 7.32
N ALA QA 259 51.15 21.85 7.65
CA ALA QA 259 50.93 22.84 8.70
C ALA QA 259 51.65 24.15 8.44
N ARG QA 260 51.95 24.43 7.18
CA ARG QA 260 52.51 25.70 6.76
C ARG QA 260 51.97 25.98 5.37
N VAL QA 261 52.14 27.21 4.91
CA VAL QA 261 51.82 27.56 3.53
C VAL QA 261 53.06 27.31 2.69
N ALA QA 262 52.92 26.48 1.66
CA ALA QA 262 54.05 26.18 0.82
C ALA QA 262 54.43 27.38 -0.05
N PHE QA 263 55.68 27.36 -0.51
CA PHE QA 263 56.16 28.40 -1.42
C PHE QA 263 55.52 28.32 -2.79
N SER QA 264 54.87 27.22 -3.12
CA SER QA 264 54.32 26.97 -4.44
C SER QA 264 52.85 27.35 -4.57
N VAL QA 265 52.28 27.96 -3.53
CA VAL QA 265 50.88 28.33 -3.53
C VAL QA 265 50.76 29.76 -4.03
N ALA QA 266 49.82 29.99 -4.94
CA ALA QA 266 49.64 31.30 -5.55
C ALA QA 266 49.13 32.31 -4.53
N ARG QA 267 49.82 33.42 -4.40
CA ARG QA 267 49.46 34.43 -3.42
C ARG QA 267 49.66 35.82 -4.00
N ALA QA 268 48.88 36.76 -3.50
CA ALA QA 268 48.85 38.12 -4.04
C ALA QA 268 50.14 38.86 -3.73
N GLY QA 269 50.46 39.82 -4.58
CA GLY QA 269 51.67 40.60 -4.39
C GLY QA 269 51.98 41.39 -5.64
N GLN QA 270 53.24 41.77 -5.77
CA GLN QA 270 53.69 42.58 -6.90
C GLN QA 270 53.56 41.79 -8.19
N LYS QA 271 53.00 42.40 -9.22
CA LYS QA 271 52.96 41.85 -10.56
C LYS QA 271 53.63 42.81 -11.53
N GLY QA 272 54.42 42.27 -12.44
CA GLY QA 272 55.13 43.09 -13.38
C GLY QA 272 56.41 43.65 -12.80
N TYR QA 273 57.15 44.36 -13.65
CA TYR QA 273 58.47 44.88 -13.33
C TYR QA 273 59.41 43.77 -12.89
N HIS QA 274 59.46 42.72 -13.70
CA HIS QA 274 60.32 41.58 -13.48
C HIS QA 274 61.41 41.56 -14.55
N HIS QA 275 62.59 41.08 -14.17
CA HIS QA 275 63.67 40.92 -15.13
C HIS QA 275 63.41 39.68 -15.97
N ARG QA 276 63.40 39.84 -17.30
CA ARG QA 276 63.12 38.73 -18.19
C ARG QA 276 64.07 38.77 -19.38
N THR QA 277 64.47 37.59 -19.83
CA THR QA 277 65.23 37.42 -21.06
C THR QA 277 64.41 36.60 -22.03
N GLU QA 278 64.20 37.13 -23.22
CA GLU QA 278 63.49 36.44 -24.28
C GLU QA 278 64.47 36.12 -25.40
N ILE QA 279 64.51 34.86 -25.81
CA ILE QA 279 65.45 34.42 -26.82
C ILE QA 279 64.75 34.36 -28.17
N ASN QA 280 65.56 34.34 -29.22
CA ASN QA 280 65.12 34.13 -30.60
C ASN QA 280 64.16 35.22 -31.07
N LYS QA 281 64.66 36.45 -31.10
CA LYS QA 281 63.98 37.54 -31.78
C LYS QA 281 64.76 37.85 -33.05
N LYS QA 282 64.08 37.77 -34.19
CA LYS QA 282 64.74 37.96 -35.47
C LYS QA 282 64.84 39.44 -35.80
N ILE QA 283 66.03 39.88 -36.18
CA ILE QA 283 66.24 41.26 -36.57
C ILE QA 283 65.68 41.44 -37.98
N TYR QA 284 64.50 42.05 -38.07
CA TYR QA 284 63.91 42.26 -39.37
C TYR QA 284 64.57 43.37 -40.14
N LYS QA 285 65.06 44.40 -39.45
CA LYS QA 285 65.69 45.49 -40.17
C LYS QA 285 66.67 46.19 -39.25
N ILE QA 286 67.64 46.87 -39.85
CA ILE QA 286 68.53 47.78 -39.13
C ILE QA 286 68.51 49.10 -39.89
N GLY QA 287 67.84 50.10 -39.32
CA GLY QA 287 67.70 51.36 -39.99
C GLY QA 287 68.94 52.23 -39.89
N GLN QA 288 69.02 53.19 -40.80
CA GLN QA 288 70.23 53.97 -40.99
C GLN QA 288 70.27 55.25 -40.18
N GLY QA 289 69.13 55.72 -39.68
CA GLY QA 289 69.11 56.96 -38.94
C GLY QA 289 69.19 58.18 -39.84
N TYR QA 290 68.78 59.31 -39.30
CA TYR QA 290 68.66 60.52 -40.09
C TYR QA 290 70.04 61.03 -40.46
N LEU QA 291 70.22 61.38 -41.74
CA LEU QA 291 71.48 61.86 -42.26
C LEU QA 291 71.27 63.19 -42.96
N ILE QA 292 72.32 63.99 -43.02
CA ILE QA 292 72.32 65.24 -43.74
C ILE QA 292 73.58 65.27 -44.59
N LYS QA 293 73.44 65.10 -45.90
CA LYS QA 293 74.56 65.27 -46.82
C LYS QA 293 74.50 66.63 -47.51
N ASP QA 294 73.40 66.93 -48.22
CA ASP QA 294 73.05 68.29 -48.57
C ASP QA 294 71.71 68.67 -47.99
N GLY QA 295 70.66 67.91 -48.29
CA GLY QA 295 69.42 67.94 -47.55
C GLY QA 295 69.45 66.90 -46.44
N LYS QA 296 68.28 66.68 -45.85
CA LYS QA 296 68.15 65.76 -44.74
C LYS QA 296 67.45 64.50 -45.22
N LEU QA 297 68.02 63.34 -44.90
CA LEU QA 297 67.61 62.06 -45.46
C LEU QA 297 66.87 61.24 -44.42
N ILE QA 298 65.57 61.05 -44.63
CA ILE QA 298 64.75 60.19 -43.80
C ILE QA 298 64.20 59.01 -44.56
N LYS QA 299 64.40 58.96 -45.88
CA LYS QA 299 63.76 57.96 -46.72
C LYS QA 299 64.16 56.56 -46.31
N ASN QA 300 65.45 56.34 -46.10
CA ASN QA 300 65.99 55.01 -45.90
C ASN QA 300 65.51 54.35 -44.61
N ASN QA 301 64.89 55.11 -43.70
CA ASN QA 301 64.40 54.52 -42.46
C ASN QA 301 63.29 53.52 -42.72
N ALA QA 302 62.35 53.86 -43.61
CA ALA QA 302 61.22 52.97 -43.84
C ALA QA 302 60.88 52.81 -45.31
N SER QA 303 61.80 53.15 -46.22
CA SER QA 303 61.57 52.96 -47.63
C SER QA 303 62.10 51.59 -48.04
N THR QA 304 61.19 50.69 -48.39
CA THR QA 304 61.57 49.41 -48.98
C THR QA 304 61.67 49.59 -50.50
N ASP QA 305 62.32 48.62 -51.15
CA ASP QA 305 62.43 48.69 -52.60
C ASP QA 305 61.11 48.46 -53.29
N TYR QA 306 60.13 47.87 -52.61
CA TYR QA 306 58.77 47.78 -53.14
C TYR QA 306 57.92 48.98 -52.77
N ASP QA 307 58.43 49.90 -51.94
CA ASP QA 307 57.68 51.07 -51.52
C ASP QA 307 58.16 52.33 -52.21
N LEU QA 308 59.45 52.65 -52.10
CA LEU QA 308 60.05 53.83 -52.73
C LEU QA 308 59.32 55.11 -52.32
N SER QA 309 59.01 55.23 -51.03
CA SER QA 309 58.40 56.42 -50.47
C SER QA 309 59.37 57.12 -49.56
N ASP QA 310 59.41 58.45 -49.63
CA ASP QA 310 60.32 59.26 -48.83
C ASP QA 310 59.74 59.42 -47.42
N LYS QA 311 59.72 58.32 -46.69
CA LYS QA 311 59.15 58.30 -45.35
C LYS QA 311 60.07 57.57 -44.40
N SER QA 312 60.04 57.98 -43.13
CA SER QA 312 60.85 57.38 -42.09
C SER QA 312 60.00 56.40 -41.28
N ILE QA 313 60.65 55.74 -40.32
CA ILE QA 313 59.96 54.75 -39.49
C ILE QA 313 58.96 55.41 -38.57
N ASN QA 314 59.04 56.73 -38.39
CA ASN QA 314 58.15 57.41 -37.48
C ASN QA 314 56.72 57.39 -38.02
N PRO QA 315 55.74 56.98 -37.23
CA PRO QA 315 54.36 57.00 -37.70
C PRO QA 315 53.88 58.43 -37.86
N LEU QA 316 52.75 58.57 -38.55
CA LEU QA 316 52.15 59.87 -38.71
C LEU QA 316 51.75 60.41 -37.34
N GLY QA 317 52.42 61.45 -36.87
CA GLY QA 317 52.20 61.97 -35.54
C GLY QA 317 53.17 61.49 -34.49
N GLY QA 318 54.21 60.76 -34.88
CA GLY QA 318 55.23 60.33 -33.95
C GLY QA 318 54.82 59.08 -33.17
N PHE QA 319 55.81 58.46 -32.56
CA PHE QA 319 55.56 57.32 -31.70
C PHE QA 319 54.83 57.77 -30.45
N VAL QA 320 53.73 57.10 -30.12
CA VAL QA 320 52.95 57.49 -28.95
C VAL QA 320 53.74 57.18 -27.69
N HIS QA 321 53.83 58.16 -26.80
CA HIS QA 321 54.48 58.09 -25.50
C HIS QA 321 55.98 57.85 -25.58
N TYR QA 322 56.59 58.00 -26.76
CA TYR QA 322 58.04 57.91 -26.87
C TYR QA 322 58.66 59.20 -27.41
N GLY QA 323 58.25 59.64 -28.59
CA GLY QA 323 58.93 60.73 -29.26
C GLY QA 323 59.20 60.35 -30.68
N GLU QA 324 60.22 60.99 -31.26
CA GLU QA 324 60.59 60.78 -32.65
C GLU QA 324 61.92 60.06 -32.73
N VAL QA 325 61.94 58.97 -33.48
CA VAL QA 325 63.15 58.16 -33.66
C VAL QA 325 63.97 58.77 -34.77
N THR QA 326 65.20 59.15 -34.45
CA THR QA 326 66.10 59.83 -35.36
C THR QA 326 67.39 59.06 -35.61
N ASN QA 327 67.88 58.32 -34.62
CA ASN QA 327 69.14 57.61 -34.76
C ASN QA 327 68.89 56.25 -35.42
N ASP QA 328 69.89 55.39 -35.36
CA ASP QA 328 69.74 54.02 -35.84
C ASP QA 328 68.67 53.31 -35.04
N PHE QA 329 68.02 52.34 -35.66
CA PHE QA 329 67.04 51.52 -34.96
C PHE QA 329 67.17 50.08 -35.42
N VAL QA 330 66.67 49.18 -34.59
CA VAL QA 330 66.62 47.76 -34.90
C VAL QA 330 65.16 47.35 -34.88
N MET QA 331 64.68 46.82 -36.00
CA MET QA 331 63.30 46.35 -36.11
C MET QA 331 63.30 44.86 -35.91
N LEU QA 332 62.73 44.43 -34.78
CA LEU QA 332 62.70 43.04 -34.36
C LEU QA 332 61.30 42.47 -34.56
N LYS QA 333 61.23 41.20 -34.93
CA LYS QA 333 59.95 40.54 -35.09
C LYS QA 333 59.26 40.35 -33.74
N GLY QA 334 57.98 40.68 -33.68
CA GLY QA 334 57.19 40.40 -32.49
C GLY QA 334 57.32 41.43 -31.40
N CYS QA 335 56.92 41.03 -30.20
CA CYS QA 335 56.84 41.91 -29.05
C CYS QA 335 58.07 41.78 -28.16
N VAL QA 336 58.29 42.81 -27.36
CA VAL QA 336 59.46 42.95 -26.51
C VAL QA 336 59.02 43.44 -25.14
N VAL QA 337 59.63 42.89 -24.09
CA VAL QA 337 59.28 43.31 -22.73
C VAL QA 337 59.53 44.80 -22.53
N GLY QA 338 58.84 45.36 -21.55
CA GLY QA 338 59.07 46.72 -21.14
C GLY QA 338 58.05 47.68 -21.70
N THR QA 339 57.95 48.85 -21.06
CA THR QA 339 57.12 49.92 -21.57
C THR QA 339 57.78 50.56 -22.77
N LYS QA 340 57.15 51.60 -23.29
CA LYS QA 340 57.84 52.45 -24.24
C LYS QA 340 58.97 53.17 -23.52
N LYS QA 341 59.95 53.63 -24.30
CA LYS QA 341 61.19 54.24 -23.82
C LYS QA 341 61.79 53.51 -22.63
N ARG QA 342 61.73 52.19 -22.65
CA ARG QA 342 62.38 51.32 -21.69
C ARG QA 342 63.68 50.85 -22.30
N VAL QA 343 64.75 50.85 -21.50
CA VAL QA 343 66.05 50.43 -21.99
C VAL QA 343 66.09 48.90 -22.07
N LEU QA 344 66.54 48.39 -23.20
CA LEU QA 344 66.62 46.97 -23.45
C LEU QA 344 68.06 46.59 -23.76
N THR QA 345 68.45 45.40 -23.33
CA THR QA 345 69.76 44.84 -23.64
C THR QA 345 69.59 43.79 -24.71
N LEU QA 346 70.24 43.99 -25.84
CA LEU QA 346 70.24 43.02 -26.93
C LEU QA 346 71.52 42.21 -26.86
N ARG QA 347 71.39 40.90 -27.00
CA ARG QA 347 72.50 39.98 -26.78
C ARG QA 347 72.56 38.99 -27.94
N LYS QA 348 73.77 38.61 -28.32
CA LYS QA 348 73.95 37.53 -29.28
C LYS QA 348 73.38 36.23 -28.74
N SER QA 349 72.88 35.40 -29.64
CA SER QA 349 72.30 34.13 -29.24
C SER QA 349 73.35 33.21 -28.65
N LEU QA 350 73.00 32.57 -27.53
CA LEU QA 350 73.86 31.56 -26.93
C LEU QA 350 73.84 30.25 -27.71
N LEU QA 351 72.81 30.05 -28.53
CA LEU QA 351 72.63 28.81 -29.26
C LEU QA 351 73.24 28.90 -30.65
N VAL QA 352 73.12 27.82 -31.40
CA VAL QA 352 73.51 27.78 -32.81
C VAL QA 352 72.23 27.76 -33.63
N GLN QA 353 72.06 28.76 -34.49
CA GLN QA 353 70.85 28.89 -35.27
C GLN QA 353 70.95 27.98 -36.49
N THR QA 354 70.25 26.85 -36.44
CA THR QA 354 70.27 25.87 -37.52
C THR QA 354 68.89 25.59 -38.10
N LYS QA 355 67.82 26.02 -37.45
CA LYS QA 355 66.48 25.75 -37.95
C LYS QA 355 66.18 26.64 -39.16
N ARG QA 356 65.12 26.29 -39.88
CA ARG QA 356 64.73 27.06 -41.05
C ARG QA 356 64.07 28.39 -40.69
N ARG QA 357 63.50 28.49 -39.48
CA ARG QA 357 63.00 29.78 -39.02
C ARG QA 357 64.13 30.80 -38.92
N ALA QA 358 65.26 30.38 -38.36
CA ALA QA 358 66.46 31.19 -38.42
C ALA QA 358 67.05 31.10 -39.81
N LEU QA 359 68.17 31.80 -40.01
CA LEU QA 359 68.95 31.78 -41.25
C LEU QA 359 68.09 32.00 -42.49
N GLU QA 360 66.96 32.69 -42.31
CA GLU QA 360 66.03 33.00 -43.39
C GLU QA 360 66.14 34.48 -43.74
N LYS QA 361 66.17 34.77 -45.03
CA LYS QA 361 66.31 36.16 -45.49
C LYS QA 361 64.96 36.87 -45.38
N ILE QA 362 64.91 37.90 -44.54
CA ILE QA 362 63.71 38.70 -44.37
C ILE QA 362 63.81 39.89 -45.30
N ASP QA 363 62.92 39.95 -46.29
CA ASP QA 363 62.86 41.05 -47.24
C ASP QA 363 61.52 41.72 -47.11
N LEU QA 364 61.51 42.95 -46.61
CA LEU QA 364 60.27 43.66 -46.34
C LEU QA 364 59.71 44.27 -47.61
N LYS QA 365 58.39 44.11 -47.80
CA LYS QA 365 57.70 44.75 -48.91
C LYS QA 365 57.07 46.08 -48.53
N PHE QA 366 56.77 46.28 -47.25
CA PHE QA 366 56.01 47.45 -46.83
C PHE QA 366 56.13 47.58 -45.32
N ILE QA 367 56.33 48.80 -44.84
CA ILE QA 367 56.36 49.10 -43.42
C ILE QA 367 55.25 50.09 -43.13
N ASP QA 368 54.36 49.74 -42.21
CA ASP QA 368 53.22 50.59 -41.91
C ASP QA 368 53.66 51.79 -41.08
N THR QA 369 53.21 52.98 -41.47
CA THR QA 369 53.49 54.20 -40.74
C THR QA 369 52.23 55.02 -40.52
N THR QA 370 51.08 54.37 -40.44
CA THR QA 370 49.87 55.07 -40.06
C THR QA 370 49.98 55.54 -38.61
N SER QA 371 49.13 56.51 -38.27
CA SER QA 371 49.14 57.03 -36.90
C SER QA 371 48.77 55.93 -35.92
N LYS QA 372 49.55 55.81 -34.87
CA LYS QA 372 49.24 54.90 -33.79
C LYS QA 372 48.45 55.57 -32.68
N PHE QA 373 48.21 56.87 -32.79
CA PHE QA 373 47.45 57.63 -31.82
C PHE QA 373 45.97 57.65 -32.18
N GLY QA 374 45.42 56.48 -32.42
CA GLY QA 374 44.07 56.32 -32.90
C GLY QA 374 44.05 55.42 -34.10
N HIS QA 375 42.97 55.47 -34.87
CA HIS QA 375 42.84 54.66 -36.07
C HIS QA 375 43.36 55.48 -37.24
N GLY QA 376 44.68 55.52 -37.37
CA GLY QA 376 45.28 56.19 -38.50
C GLY QA 376 44.97 55.48 -39.80
N ARG QA 377 44.82 56.28 -40.87
CA ARG QA 377 44.45 55.73 -42.15
C ARG QA 377 45.29 56.29 -43.29
N PHE QA 378 46.34 57.04 -42.99
CA PHE QA 378 47.22 57.58 -44.00
C PHE QA 378 48.66 57.25 -43.63
N GLN QA 379 49.49 57.08 -44.65
CA GLN QA 379 50.88 56.71 -44.41
C GLN QA 379 51.79 57.91 -44.30
N THR QA 380 51.54 58.97 -45.06
CA THR QA 380 52.40 60.14 -45.05
C THR QA 380 51.55 61.41 -45.02
N MET QA 381 52.21 62.50 -44.59
CA MET QA 381 51.59 63.82 -44.63
C MET QA 381 51.12 64.15 -46.05
N GLU QA 382 51.98 63.91 -47.03
CA GLU QA 382 51.65 64.27 -48.39
C GLU QA 382 50.51 63.41 -48.93
N GLU QA 383 50.46 62.13 -48.55
CA GLU QA 383 49.33 61.30 -48.96
C GLU QA 383 48.04 61.82 -48.35
N LYS QA 384 48.07 62.20 -47.07
CA LYS QA 384 46.89 62.76 -46.44
C LYS QA 384 46.44 64.03 -47.12
N LYS QA 385 47.37 64.94 -47.40
CA LYS QA 385 47.01 66.19 -48.05
C LYS QA 385 46.48 65.97 -49.46
N ALA QA 386 47.09 65.04 -50.20
CA ALA QA 386 46.63 64.76 -51.55
C ALA QA 386 45.24 64.16 -51.57
N PHE QA 387 44.95 63.26 -50.62
CA PHE QA 387 43.62 62.67 -50.55
C PHE QA 387 42.58 63.68 -50.12
N MET QA 388 42.89 64.46 -49.08
CA MET QA 388 41.88 65.26 -48.42
C MET QA 388 41.72 66.65 -49.03
N GLY QA 389 42.66 67.09 -49.85
CA GLY QA 389 42.54 68.38 -50.49
C GLY QA 389 42.79 69.52 -49.51
N PRO QA 390 42.62 70.75 -49.99
CA PRO QA 390 42.78 71.90 -49.09
C PRO QA 390 41.68 71.95 -48.05
N LEU QA 391 42.03 72.46 -46.87
CA LEU QA 391 41.11 72.61 -45.77
C LEU QA 391 40.90 74.09 -45.47
N LYS QA 392 40.12 74.37 -44.43
CA LYS QA 392 39.88 75.75 -44.04
C LYS QA 392 41.15 76.41 -43.53
N LYS QA 393 41.93 75.67 -42.74
CA LYS QA 393 43.19 76.20 -42.23
C LYS QA 393 44.15 76.56 -43.36
N ASP QA 394 44.29 75.67 -44.34
CA ASP QA 394 45.15 75.95 -45.48
C ASP QA 394 44.59 77.08 -46.33
N ARG QA 395 43.26 77.17 -46.43
CA ARG QA 395 42.64 78.24 -47.20
C ARG QA 395 42.95 79.60 -46.59
N ILE QA 396 42.79 79.73 -45.28
CA ILE QA 396 43.10 81.02 -44.65
C ILE QA 396 44.60 81.27 -44.64
N ALA QA 397 45.41 80.22 -44.56
CA ALA QA 397 46.86 80.40 -44.64
C ALA QA 397 47.27 80.93 -46.01
N LYS QA 398 46.68 80.39 -47.07
CA LYS QA 398 46.96 80.90 -48.41
C LYS QA 398 46.37 82.30 -48.60
N GLU QA 399 45.26 82.61 -47.93
CA GLU QA 399 44.74 83.97 -47.95
C GLU QA 399 45.72 84.95 -47.32
N GLU QA 400 46.34 84.56 -46.21
CA GLU QA 400 47.33 85.41 -45.57
C GLU QA 400 48.60 85.51 -46.40
N GLY QA 401 49.03 84.40 -47.01
CA GLY QA 401 50.23 84.44 -47.83
C GLY QA 401 50.07 85.29 -49.07
N ALA QA 402 48.94 85.15 -49.77
CA ALA QA 402 48.63 85.88 -50.99
C ALA QA 402 49.73 85.72 -52.05
N MET RA 1 60.51 19.61 107.67
CA MET RA 1 60.19 20.95 107.21
C MET RA 1 58.69 21.16 107.11
N ALA RA 2 57.99 20.17 106.55
CA ALA RA 2 56.55 20.28 106.38
C ALA RA 2 55.83 20.39 107.72
N CYS RA 3 56.27 19.60 108.69
CA CYS RA 3 55.69 19.68 110.03
C CYS RA 3 56.22 20.85 110.84
N ALA RA 4 57.24 21.55 110.34
CA ALA RA 4 57.85 22.65 111.06
C ALA RA 4 57.16 23.95 110.69
N ARG RA 5 56.51 24.59 111.66
CA ARG RA 5 55.79 25.83 111.46
C ARG RA 5 56.41 26.91 112.32
N PRO RA 6 57.17 27.84 111.75
CA PRO RA 6 57.87 28.85 112.55
C PRO RA 6 56.90 29.92 113.02
N LEU RA 7 57.45 30.89 113.75
CA LEU RA 7 56.69 32.04 114.22
C LEU RA 7 57.06 33.26 113.39
N ILE RA 8 56.04 34.01 112.97
CA ILE RA 8 56.20 35.21 112.17
C ILE RA 8 55.78 36.40 113.00
N SER RA 9 56.67 37.39 113.10
CA SER RA 9 56.37 38.58 113.86
C SER RA 9 55.33 39.42 113.14
N VAL RA 10 54.48 40.09 113.92
CA VAL RA 10 53.52 41.05 113.40
C VAL RA 10 54.14 42.43 113.55
N TYR RA 11 54.33 43.11 112.42
CA TYR RA 11 54.99 44.41 112.41
C TYR RA 11 53.98 45.52 112.66
N SER RA 12 54.39 46.49 113.46
CA SER RA 12 53.55 47.66 113.71
C SER RA 12 53.48 48.52 112.46
N GLU RA 13 52.63 49.55 112.52
CA GLU RA 13 52.48 50.44 111.37
C GLU RA 13 53.73 51.26 111.10
N LYS RA 14 54.68 51.29 112.02
CA LYS RA 14 55.96 51.94 111.82
C LYS RA 14 57.00 51.02 111.21
N GLY RA 15 56.62 49.83 110.80
CA GLY RA 15 57.54 48.91 110.15
C GLY RA 15 58.46 48.17 111.08
N GLU RA 16 58.13 48.08 112.36
CA GLU RA 16 58.97 47.42 113.34
C GLU RA 16 58.17 46.34 114.05
N SER RA 17 58.87 45.32 114.52
CA SER RA 17 58.22 44.21 115.18
C SER RA 17 57.56 44.66 116.47
N SER RA 18 56.28 44.34 116.62
CA SER RA 18 55.52 44.74 117.80
C SER RA 18 55.66 43.77 118.95
N GLY RA 19 56.43 42.69 118.78
CA GLY RA 19 56.60 41.70 119.82
C GLY RA 19 55.57 40.59 119.78
N LYS RA 20 54.53 40.73 118.96
CA LYS RA 20 53.52 39.69 118.82
C LYS RA 20 53.94 38.75 117.70
N ASN RA 21 53.75 37.45 117.91
CA ASN RA 21 54.07 36.45 116.92
C ASN RA 21 52.84 35.61 116.62
N VAL RA 22 52.74 35.16 115.37
CA VAL RA 22 51.72 34.20 114.95
C VAL RA 22 52.45 33.00 114.37
N THR RA 23 52.08 31.81 114.82
CA THR RA 23 52.63 30.61 114.19
C THR RA 23 52.17 30.55 112.75
N LEU RA 24 53.04 30.06 111.88
CA LEU RA 24 52.75 30.04 110.45
C LEU RA 24 51.52 29.18 110.20
N PRO RA 25 50.51 29.69 109.49
CA PRO RA 25 49.38 28.84 109.12
C PRO RA 25 49.86 27.68 108.26
N ALA RA 26 49.21 26.52 108.44
CA ALA RA 26 49.63 25.32 107.76
C ALA RA 26 49.42 25.41 106.26
N VAL RA 27 48.61 26.36 105.79
CA VAL RA 27 48.37 26.49 104.36
C VAL RA 27 49.62 26.95 103.63
N PHE RA 28 50.58 27.56 104.33
CA PHE RA 28 51.81 27.98 103.69
C PHE RA 28 52.80 26.83 103.49
N LYS RA 29 52.48 25.65 104.00
CA LYS RA 29 53.26 24.46 103.73
C LYS RA 29 52.54 23.51 102.79
N ALA RA 30 51.46 23.95 102.17
CA ALA RA 30 50.73 23.15 101.20
C ALA RA 30 51.59 22.93 99.96
N PRO RA 31 51.29 21.90 99.17
CA PRO RA 31 52.04 21.70 97.91
C PRO RA 31 51.88 22.89 96.98
N ILE RA 32 52.98 23.24 96.32
CA ILE RA 32 52.97 24.29 95.31
C ILE RA 32 52.91 23.59 93.96
N ARG RA 33 51.80 23.78 93.24
CA ARG RA 33 51.54 23.09 91.99
C ARG RA 33 51.26 24.12 90.92
N PRO RA 34 52.31 24.65 90.27
CA PRO RA 34 52.09 25.65 89.22
C PRO RA 34 51.24 25.15 88.06
N ASP RA 35 51.28 23.85 87.76
CA ASP RA 35 50.43 23.35 86.69
C ASP RA 35 48.95 23.41 87.06
N ILE RA 36 48.61 23.09 88.31
CA ILE RA 36 47.21 23.18 88.73
C ILE RA 36 46.78 24.63 88.83
N VAL RA 37 47.68 25.50 89.32
CA VAL RA 37 47.35 26.92 89.37
C VAL RA 37 47.12 27.46 87.97
N ASN RA 38 47.96 27.06 87.01
CA ASN RA 38 47.76 27.49 85.63
C ASN RA 38 46.45 26.96 85.06
N PHE RA 39 46.11 25.72 85.36
CA PHE RA 39 44.86 25.15 84.86
C PHE RA 39 43.66 25.91 85.41
N VAL RA 40 43.62 26.12 86.72
CA VAL RA 40 42.48 26.79 87.33
C VAL RA 40 42.40 28.24 86.87
N HIS RA 41 43.54 28.93 86.79
CA HIS RA 41 43.55 30.30 86.31
C HIS RA 41 43.09 30.39 84.86
N THR RA 42 43.56 29.47 84.01
CA THR RA 42 43.16 29.44 82.61
C THR RA 42 41.67 29.25 82.47
N ASN RA 43 41.09 28.34 83.24
CA ASN RA 43 39.67 28.07 83.10
C ASN RA 43 38.80 29.05 83.86
N LEU RA 44 39.35 29.83 84.77
CA LEU RA 44 38.54 30.80 85.49
C LEU RA 44 38.57 32.19 84.88
N ARG RA 45 39.62 32.54 84.13
CA ARG RA 45 39.53 33.79 83.38
C ARG RA 45 38.50 33.77 82.28
N LYS RA 46 38.09 32.59 81.83
CA LYS RA 46 37.07 32.52 80.80
C LYS RA 46 35.69 32.87 81.32
N ASN RA 47 35.51 32.94 82.63
CA ASN RA 47 34.18 33.09 83.21
C ASN RA 47 33.71 34.54 83.28
N ASN RA 48 34.58 35.51 83.06
CA ASN RA 48 34.17 36.91 83.05
C ASN RA 48 34.14 37.49 81.64
N ARG RA 49 33.99 36.64 80.64
CA ARG RA 49 34.00 37.09 79.25
C ARG RA 49 32.60 37.41 78.79
N GLN RA 50 32.45 38.56 78.18
CA GLN RA 50 31.20 38.88 77.51
C GLN RA 50 31.19 38.23 76.12
N PRO RA 51 30.04 37.76 75.67
CA PRO RA 51 29.99 37.14 74.34
C PRO RA 51 30.17 38.15 73.23
N TYR RA 52 30.71 37.66 72.12
CA TYR RA 52 30.76 38.41 70.88
C TYR RA 52 30.30 37.50 69.75
N ALA RA 53 29.67 38.12 68.75
CA ALA RA 53 29.24 37.40 67.55
C ALA RA 53 29.02 38.44 66.47
N VAL RA 54 29.00 37.95 65.23
CA VAL RA 54 28.61 38.80 64.12
C VAL RA 54 27.10 38.77 64.02
N SER RA 55 26.53 39.70 63.27
CA SER RA 55 25.09 39.68 63.05
C SER RA 55 24.71 38.46 62.23
N GLU RA 56 23.63 37.79 62.64
CA GLU RA 56 23.19 36.61 61.91
C GLU RA 56 22.64 36.96 60.54
N LEU RA 57 22.33 38.24 60.30
CA LEU RA 57 21.86 38.69 59.01
C LEU RA 57 22.97 39.15 58.10
N ALA RA 58 24.21 39.17 58.57
CA ALA RA 58 25.30 39.79 57.83
C ALA RA 58 25.62 38.99 56.58
N GLY RA 59 25.63 39.68 55.44
CA GLY RA 59 25.95 39.05 54.18
C GLY RA 59 24.81 38.31 53.53
N HIS RA 60 23.63 38.29 54.13
CA HIS RA 60 22.49 37.53 53.64
C HIS RA 60 21.27 38.41 53.54
N GLN RA 61 21.44 39.59 52.94
CA GLN RA 61 20.36 40.56 52.75
C GLN RA 61 20.32 41.00 51.30
N THR RA 62 20.40 40.04 50.38
CA THR RA 62 20.80 40.37 49.02
C THR RA 62 19.87 39.82 47.94
N SER RA 63 19.22 38.69 48.22
CA SER RA 63 18.38 37.98 47.23
C SER RA 63 19.16 37.57 45.99
N ALA RA 64 20.49 37.46 46.10
CA ALA RA 64 21.30 37.13 44.94
C ALA RA 64 21.10 35.68 44.54
N GLU RA 65 21.37 35.40 43.26
CA GLU RA 65 21.30 34.04 42.76
C GLU RA 65 22.39 33.83 41.73
N SER RA 66 22.73 32.57 41.51
CA SER RA 66 23.77 32.24 40.55
C SER RA 66 23.31 32.54 39.13
N TRP RA 67 24.23 33.02 38.31
CA TRP RA 67 23.91 33.33 36.92
C TRP RA 67 23.77 32.10 36.05
N GLY RA 68 24.19 30.94 36.54
CA GLY RA 68 24.17 29.76 35.72
C GLY RA 68 25.58 29.37 35.33
N THR RA 69 25.74 28.82 34.13
CA THR RA 69 27.05 28.37 33.71
C THR RA 69 27.42 28.69 32.28
N GLY RA 70 26.54 29.30 31.49
CA GLY RA 70 26.87 29.55 30.12
C GLY RA 70 27.30 30.97 29.83
N ARG RA 71 27.72 31.70 30.87
CA ARG RA 71 27.97 33.13 30.75
C ARG RA 71 29.42 33.51 31.01
N ALA RA 72 30.32 32.52 31.02
CA ALA RA 72 31.76 32.73 31.14
C ALA RA 72 32.14 33.43 32.43
N VAL RA 73 31.35 33.24 33.49
CA VAL RA 73 31.63 33.80 34.80
C VAL RA 73 31.51 32.69 35.82
N ALA RA 74 32.14 32.89 36.98
CA ALA RA 74 32.09 31.89 38.03
C ALA RA 74 30.66 31.73 38.55
N ARG RA 75 30.36 30.55 39.03
CA ARG RA 75 28.99 30.17 39.40
C ARG RA 75 28.58 30.69 40.77
N ILE RA 76 29.31 31.63 41.34
CA ILE RA 76 28.96 32.25 42.62
C ILE RA 76 27.66 33.03 42.44
N PRO RA 77 26.81 33.15 43.45
CA PRO RA 77 25.63 34.00 43.31
C PRO RA 77 26.00 35.45 43.05
N ARG RA 78 25.18 36.10 42.24
CA ARG RA 78 25.40 37.47 41.80
C ARG RA 78 24.22 38.33 42.21
N VAL RA 79 24.48 39.56 42.66
CA VAL RA 79 23.41 40.46 43.05
C VAL RA 79 22.58 40.81 41.83
N ARG RA 80 21.27 40.79 42.01
CA ARG RA 80 20.34 40.96 40.91
C ARG RA 80 20.10 42.44 40.64
N GLY RA 81 19.60 42.71 39.44
CA GLY RA 81 19.22 44.05 39.06
C GLY RA 81 20.24 44.73 38.16
N GLY RA 82 20.16 46.06 38.15
CA GLY RA 82 21.06 46.87 37.35
C GLY RA 82 21.10 48.28 37.89
N GLY RA 83 21.87 49.12 37.20
CA GLY RA 83 21.93 50.52 37.51
C GLY RA 83 22.75 50.89 38.72
N THR RA 84 23.57 49.98 39.23
CA THR RA 84 24.43 50.27 40.36
C THR RA 84 25.66 49.39 40.29
N HIS RA 85 26.70 49.78 41.02
CA HIS RA 85 27.92 48.98 41.06
C HIS RA 85 27.66 47.60 41.65
N ARG RA 86 26.70 47.49 42.57
CA ARG RA 86 26.42 46.25 43.25
C ARG RA 86 25.90 45.17 42.31
N SER RA 87 25.28 45.55 41.19
CA SER RA 87 24.64 44.58 40.32
C SER RA 87 25.66 43.67 39.67
N GLY RA 88 25.37 42.36 39.67
CA GLY RA 88 26.25 41.40 39.05
C GLY RA 88 27.52 41.11 39.83
N GLN RA 89 27.55 41.45 41.11
CA GLN RA 89 28.69 41.21 41.97
C GLN RA 89 28.44 39.98 42.83
N GLY RA 90 29.53 39.31 43.20
CA GLY RA 90 29.39 38.08 43.97
C GLY RA 90 28.79 38.33 45.34
N ALA RA 91 28.11 37.32 45.85
CA ALA RA 91 27.41 37.46 47.12
C ALA RA 91 27.43 36.14 47.88
N PHE RA 92 27.12 36.23 49.17
CA PHE RA 92 26.84 35.10 50.06
C PHE RA 92 28.05 34.28 50.44
N GLY RA 93 29.19 34.48 49.79
CA GLY RA 93 30.32 33.61 49.96
C GLY RA 93 31.35 34.19 50.92
N ASN RA 94 32.07 33.31 51.60
CA ASN RA 94 33.14 33.78 52.47
C ASN RA 94 34.26 34.42 51.67
N MET RA 95 34.37 34.10 50.39
CA MET RA 95 35.37 34.68 49.52
C MET RA 95 34.89 35.95 48.82
N CYS RA 96 33.61 36.28 48.92
CA CYS RA 96 33.07 37.45 48.26
C CYS RA 96 33.15 38.66 49.15
N ARG RA 97 33.42 39.81 48.55
CA ARG RA 97 33.42 41.05 49.30
C ARG RA 97 31.98 41.45 49.62
N GLY RA 98 31.72 41.74 50.88
CA GLY RA 98 30.38 42.00 51.32
C GLY RA 98 29.56 40.77 51.60
N GLY RA 99 30.15 39.59 51.51
CA GLY RA 99 29.45 38.35 51.76
C GLY RA 99 29.53 37.93 53.21
N ARG RA 100 29.00 36.74 53.47
CA ARG RA 100 28.95 36.17 54.81
C ARG RA 100 30.26 35.47 55.13
N MET RA 101 30.75 35.66 56.35
CA MET RA 101 32.00 35.03 56.73
C MET RA 101 31.81 33.53 56.89
N PHE RA 102 32.91 32.79 56.79
CA PHE RA 102 32.85 31.35 57.00
C PHE RA 102 32.56 31.06 58.45
N ALA RA 103 31.52 30.25 58.68
CA ALA RA 103 31.12 29.84 60.02
C ALA RA 103 30.97 31.05 60.91
N PRO RA 104 29.91 31.85 60.75
CA PRO RA 104 29.76 33.07 61.54
C PRO RA 104 29.78 32.76 63.03
N THR RA 105 30.48 33.60 63.77
CA THR RA 105 30.60 33.41 65.21
C THR RA 105 29.25 33.57 65.87
N LYS RA 106 29.00 32.77 66.90
CA LYS RA 106 27.69 32.71 67.52
C LYS RA 106 27.82 32.88 69.01
N THR RA 107 26.78 33.42 69.63
CA THR RA 107 26.83 33.75 71.04
C THR RA 107 26.87 32.53 71.93
N TRP RA 108 26.43 31.37 71.44
CA TRP RA 108 26.44 30.16 72.26
C TRP RA 108 27.73 29.37 72.05
N ARG RA 109 28.83 30.01 72.36
CA ARG RA 109 30.16 29.47 72.11
C ARG RA 109 30.75 28.74 73.31
N ARG RA 110 30.00 28.61 74.41
CA ARG RA 110 30.53 28.02 75.65
C ARG RA 110 31.73 28.81 76.15
N TRP RA 111 31.44 30.05 76.55
CA TRP RA 111 32.49 30.94 77.03
C TRP RA 111 32.96 30.56 78.42
N HIS RA 112 32.11 29.94 79.21
CA HIS RA 112 32.39 29.68 80.61
C HIS RA 112 32.82 28.25 80.82
N ARG RA 113 33.72 28.06 81.77
CA ARG RA 113 34.19 26.75 82.18
C ARG RA 113 33.97 26.60 83.68
N ARG RA 114 33.55 25.42 84.09
CA ARG RA 114 33.41 25.12 85.50
C ARG RA 114 34.61 24.30 85.97
N VAL RA 115 35.14 24.67 87.12
CA VAL RA 115 36.28 24.00 87.73
C VAL RA 115 35.79 23.38 89.03
N ASN RA 116 36.31 22.20 89.35
CA ASN RA 116 35.92 21.55 90.60
C ASN RA 116 36.31 22.42 91.78
N THR RA 117 35.45 22.42 92.80
CA THR RA 117 35.70 23.23 93.99
C THR RA 117 36.98 22.83 94.68
N THR RA 118 37.26 21.52 94.72
CA THR RA 118 38.48 21.06 95.35
C THR RA 118 39.71 21.49 94.55
N GLN RA 119 39.60 21.48 93.22
CA GLN RA 119 40.66 22.03 92.37
C GLN RA 119 40.92 23.50 92.68
N LYS RA 120 39.85 24.29 92.77
CA LYS RA 120 40.01 25.72 93.02
C LYS RA 120 40.62 25.99 94.39
N ARG RA 121 40.16 25.28 95.41
CA ARG RA 121 40.77 25.40 96.73
C ARG RA 121 42.22 24.95 96.70
N TYR RA 122 42.53 23.93 95.90
CA TYR RA 122 43.88 23.41 95.85
C TYR RA 122 44.81 24.46 95.27
N ALA RA 123 44.35 25.14 94.23
CA ALA RA 123 45.13 26.20 93.59
C ALA RA 123 45.29 27.40 94.51
N ILE RA 124 44.25 27.73 95.29
CA ILE RA 124 44.40 28.79 96.28
C ILE RA 124 45.49 28.43 97.29
N CYS RA 125 45.49 27.18 97.75
CA CYS RA 125 46.52 26.75 98.69
C CYS RA 125 47.90 26.84 98.08
N SER RA 126 48.04 26.43 96.80
CA SER RA 126 49.33 26.50 96.15
C SER RA 126 49.82 27.94 96.00
N ALA RA 127 48.92 28.86 95.62
CA ALA RA 127 49.29 30.25 95.49
C ALA RA 127 49.71 30.84 96.84
N LEU RA 128 48.97 30.52 97.89
CA LEU RA 128 49.32 31.01 99.22
C LEU RA 128 50.68 30.49 99.66
N ALA RA 129 50.91 29.19 99.44
CA ALA RA 129 52.19 28.61 99.84
C ALA RA 129 53.35 29.20 99.06
N ALA RA 130 53.13 29.49 97.77
CA ALA RA 130 54.19 30.09 96.97
C ALA RA 130 54.44 31.54 97.36
N SER RA 131 53.43 32.22 97.88
CA SER RA 131 53.63 33.62 98.27
C SER RA 131 54.51 33.77 99.49
N ALA RA 132 54.89 32.69 100.18
CA ALA RA 132 55.75 32.76 101.35
C ALA RA 132 57.20 32.39 101.07
N LEU RA 133 57.56 32.15 99.80
CA LEU RA 133 58.93 31.83 99.45
C LEU RA 133 59.56 33.00 98.74
N PRO RA 134 60.62 33.60 99.28
CA PRO RA 134 61.19 34.81 98.66
C PRO RA 134 61.67 34.61 97.24
N ALA RA 135 62.13 33.41 96.87
CA ALA RA 135 62.60 33.20 95.51
C ALA RA 135 61.46 33.32 94.51
N LEU RA 136 60.27 32.82 94.85
CA LEU RA 136 59.15 32.87 93.91
C LEU RA 136 58.59 34.28 93.80
N VAL RA 137 58.48 34.98 94.93
CA VAL RA 137 57.96 36.35 94.87
C VAL RA 137 58.96 37.26 94.18
N MET RA 138 60.26 37.02 94.39
CA MET RA 138 61.27 37.77 93.64
C MET RA 138 61.20 37.45 92.15
N SER RA 139 60.97 36.18 91.81
CA SER RA 139 60.87 35.78 90.41
C SER RA 139 59.61 36.29 89.75
N LYS RA 140 58.60 36.71 90.52
CA LYS RA 140 57.52 37.50 89.97
C LYS RA 140 57.90 38.97 89.82
N GLY RA 141 59.12 39.34 90.16
CA GLY RA 141 59.60 40.71 90.04
C GLY RA 141 58.95 41.69 90.98
N HIS RA 142 58.76 41.31 92.24
CA HIS RA 142 57.96 42.08 93.18
C HIS RA 142 58.79 42.95 94.11
N ARG RA 143 60.11 43.02 93.91
CA ARG RA 143 60.98 43.95 94.63
C ARG RA 143 60.87 43.80 96.14
N ILE RA 144 60.89 42.56 96.61
CA ILE RA 144 60.95 42.28 98.05
C ILE RA 144 62.44 42.22 98.39
N GLU RA 145 63.03 43.40 98.53
CA GLU RA 145 64.45 43.50 98.80
C GLU RA 145 64.72 43.88 100.24
N GLU RA 146 64.04 44.91 100.72
CA GLU RA 146 64.18 45.37 102.10
C GLU RA 146 62.97 45.00 102.94
N VAL RA 147 62.13 44.08 102.47
CA VAL RA 147 60.98 43.64 103.26
C VAL RA 147 61.47 42.87 104.48
N PRO RA 148 61.03 43.22 105.68
CA PRO RA 148 61.58 42.57 106.88
C PRO RA 148 61.31 41.08 106.96
N GLU RA 149 60.18 40.60 106.46
CA GLU RA 149 59.84 39.19 106.50
C GLU RA 149 58.79 38.93 105.43
N LEU RA 150 59.00 37.92 104.60
CA LEU RA 150 58.15 37.77 103.42
C LEU RA 150 56.69 37.47 103.76
N PRO RA 151 56.35 36.50 104.62
CA PRO RA 151 54.95 36.44 105.06
C PRO RA 151 54.67 37.65 105.93
N LEU RA 152 54.48 38.80 105.28
CA LEU RA 152 54.49 40.09 105.94
C LEU RA 152 53.13 40.36 106.59
N VAL RA 153 53.12 40.45 107.91
CA VAL RA 153 51.90 40.59 108.68
C VAL RA 153 51.99 41.89 109.47
N VAL RA 154 50.93 42.69 109.41
CA VAL RA 154 50.86 43.96 110.13
C VAL RA 154 49.68 43.94 111.09
N GLU RA 155 49.71 44.87 112.03
CA GLU RA 155 48.69 44.94 113.06
C GLU RA 155 47.35 45.34 112.48
N ASP RA 156 46.29 45.06 113.22
CA ASP RA 156 44.92 45.31 112.76
C ASP RA 156 44.60 46.79 112.64
N LYS RA 157 45.45 47.68 113.15
CA LYS RA 157 45.20 49.11 113.04
C LYS RA 157 45.12 49.55 111.59
N VAL RA 158 45.81 48.85 110.69
CA VAL RA 158 45.80 49.18 109.28
C VAL RA 158 44.39 49.08 108.70
N GLU RA 159 43.58 48.16 109.22
CA GLU RA 159 42.23 47.96 108.71
C GLU RA 159 41.35 49.19 108.90
N GLY RA 160 41.72 50.10 109.79
CA GLY RA 160 40.96 51.30 110.04
C GLY RA 160 41.52 52.57 109.44
N TYR RA 161 42.46 52.47 108.51
CA TYR RA 161 42.99 53.66 107.86
C TYR RA 161 41.93 54.30 107.01
N LYS RA 162 41.97 55.63 106.93
CA LYS RA 162 40.99 56.38 106.15
C LYS RA 162 41.61 57.18 105.02
N LYS RA 163 42.76 57.78 105.24
CA LYS RA 163 43.41 58.60 104.22
C LYS RA 163 44.38 57.77 103.40
N THR RA 164 44.68 58.26 102.20
CA THR RA 164 45.65 57.61 101.34
C THR RA 164 47.08 57.89 101.78
N LYS RA 165 47.31 59.05 102.41
CA LYS RA 165 48.65 59.42 102.84
C LYS RA 165 49.19 58.42 103.86
N GLU RA 166 48.34 58.00 104.81
CA GLU RA 166 48.80 57.05 105.80
C GLU RA 166 49.02 55.66 105.22
N ALA RA 167 48.25 55.27 104.21
CA ALA RA 167 48.54 54.02 103.52
C ALA RA 167 49.88 54.09 102.81
N VAL RA 168 50.18 55.22 102.16
CA VAL RA 168 51.47 55.40 101.51
C VAL RA 168 52.59 55.34 102.54
N LEU RA 169 52.41 55.99 103.69
CA LEU RA 169 53.42 55.98 104.73
C LEU RA 169 53.64 54.57 105.27
N LEU RA 170 52.56 53.80 105.42
CA LEU RA 170 52.69 52.43 105.87
C LEU RA 170 53.48 51.60 104.87
N LEU RA 171 53.20 51.76 103.58
CA LEU RA 171 53.97 51.02 102.57
C LEU RA 171 55.44 51.43 102.59
N LYS RA 172 55.71 52.73 102.73
CA LYS RA 172 57.09 53.20 102.78
C LYS RA 172 57.83 52.60 103.98
N LYS RA 173 57.19 52.57 105.14
CA LYS RA 173 57.84 52.03 106.32
C LYS RA 173 57.91 50.51 106.32
N LEU RA 174 57.04 49.84 105.60
CA LEU RA 174 57.14 48.40 105.39
C LEU RA 174 58.06 48.05 104.24
N LYS RA 175 58.64 49.04 103.57
CA LYS RA 175 59.60 48.85 102.49
C LYS RA 175 58.96 48.21 101.28
N ALA RA 176 57.65 48.31 101.17
CA ALA RA 176 56.93 47.86 99.98
C ALA RA 176 56.69 48.99 99.00
N TRP RA 177 57.23 50.17 99.25
CA TRP RA 177 56.99 51.29 98.36
C TRP RA 177 57.75 51.13 97.05
N ASN RA 178 58.82 50.34 97.04
CA ASN RA 178 59.56 50.15 95.80
C ASN RA 178 58.75 49.38 94.78
N ASP RA 179 57.89 48.47 95.22
CA ASP RA 179 57.01 47.78 94.29
C ASP RA 179 56.01 48.74 93.66
N ILE RA 180 55.49 49.69 94.44
CA ILE RA 180 54.60 50.71 93.89
C ILE RA 180 55.35 51.59 92.90
N LYS RA 181 56.59 51.95 93.23
CA LYS RA 181 57.41 52.70 92.30
C LYS RA 181 57.64 51.94 91.01
N LYS RA 182 57.82 50.62 91.10
CA LYS RA 182 57.93 49.81 89.90
C LYS RA 182 56.66 49.81 89.09
N VAL RA 183 55.50 49.78 89.74
CA VAL RA 183 54.23 49.89 89.00
C VAL RA 183 54.16 51.23 88.27
N TYR RA 184 54.53 52.30 88.96
CA TYR RA 184 54.56 53.63 88.35
C TYR RA 184 55.46 53.65 87.12
N ALA RA 185 56.65 53.08 87.23
CA ALA RA 185 57.55 53.00 86.09
C ALA RA 185 56.99 52.12 84.99
N SER RA 186 56.17 51.14 85.33
CA SER RA 186 55.61 50.21 84.37
C SER RA 186 54.34 50.71 83.71
N GLN RA 187 53.81 51.84 84.13
CA GLN RA 187 52.64 52.41 83.45
C GLN RA 187 53.06 52.89 82.06
N ARG RA 188 52.41 52.37 81.02
CA ARG RA 188 52.62 52.84 79.67
C ARG RA 188 51.40 52.49 78.84
N MET RA 189 51.42 52.90 77.57
CA MET RA 189 50.31 52.65 76.66
C MET RA 189 50.35 51.23 76.13
N ARG RA 190 49.18 50.66 75.93
CA ARG RA 190 49.08 49.32 75.36
C ARG RA 190 49.39 49.37 73.86
N ALA RA 191 49.66 48.20 73.29
CA ALA RA 191 49.93 48.06 71.87
C ALA RA 191 48.78 47.32 71.21
N GLY RA 192 48.18 47.92 70.20
CA GLY RA 192 47.18 47.26 69.41
C GLY RA 192 45.80 47.88 69.54
N LYS RA 193 44.79 47.05 69.26
CA LYS RA 193 43.41 47.51 69.20
C LYS RA 193 42.77 47.65 70.56
N GLY RA 194 43.42 47.22 71.63
CA GLY RA 194 42.88 47.46 72.95
C GLY RA 194 42.73 48.93 73.25
N LYS RA 195 43.59 49.76 72.65
CA LYS RA 195 43.49 51.19 72.81
C LYS RA 195 42.17 51.71 72.29
N MET RA 196 41.74 51.22 71.13
CA MET RA 196 40.40 51.54 70.65
C MET RA 196 39.33 50.90 71.50
N ARG RA 197 39.60 49.74 72.09
CA ARG RA 197 38.61 48.95 72.79
C ARG RA 197 38.67 49.14 74.31
N ASN RA 198 39.12 50.31 74.75
CA ASN RA 198 39.02 50.85 76.12
C ASN RA 198 40.05 50.29 77.07
N ARG RA 199 40.95 49.45 76.62
CA ARG RA 199 42.08 49.01 77.43
C ARG RA 199 43.33 49.82 77.07
N ARG RA 200 43.16 51.14 77.20
CA ARG RA 200 44.16 52.08 76.71
C ARG RA 200 45.47 51.97 77.47
N ARG RA 201 45.42 51.85 78.78
CA ARG RA 201 46.62 51.88 79.63
C ARG RA 201 46.84 50.53 80.28
N ILE RA 202 48.11 50.19 80.47
CA ILE RA 202 48.51 48.96 81.14
C ILE RA 202 49.56 49.30 82.17
N GLN RA 203 49.65 48.47 83.20
CA GLN RA 203 50.66 48.61 84.24
C GLN RA 203 50.81 47.26 84.92
N ARG RA 204 51.95 47.09 85.60
CA ARG RA 204 52.20 45.83 86.26
C ARG RA 204 51.42 45.76 87.59
N ARG RA 205 51.34 44.56 88.14
CA ARG RA 205 50.61 44.33 89.38
C ARG RA 205 51.46 44.68 90.59
N GLY RA 206 50.84 45.30 91.58
CA GLY RA 206 51.49 45.62 92.82
C GLY RA 206 51.19 44.58 93.88
N PRO RA 207 51.38 44.92 95.15
CA PRO RA 207 51.10 43.97 96.21
C PRO RA 207 49.60 43.82 96.49
N CYS RA 208 49.30 42.73 97.18
CA CYS RA 208 47.94 42.36 97.55
C CYS RA 208 47.79 42.49 99.05
N ILE RA 209 46.97 43.44 99.49
CA ILE RA 209 46.67 43.64 100.90
C ILE RA 209 45.50 42.73 101.23
N ILE RA 210 45.73 41.73 102.07
CA ILE RA 210 44.68 40.80 102.46
C ILE RA 210 44.25 41.17 103.87
N TYR RA 211 43.01 41.63 103.99
CA TYR RA 211 42.45 42.10 105.24
C TYR RA 211 41.37 41.13 105.72
N ASN RA 212 40.88 41.38 106.93
CA ASN RA 212 39.76 40.64 107.47
C ASN RA 212 38.50 41.48 107.54
N GLU RA 213 38.59 42.70 108.04
CA GLU RA 213 37.46 43.61 108.12
C GLU RA 213 37.83 44.92 107.45
N ASP RA 214 36.90 45.46 106.67
CA ASP RA 214 37.11 46.71 105.95
C ASP RA 214 36.50 47.83 106.77
N ASN RA 215 37.29 48.44 107.64
CA ASN RA 215 36.89 49.62 108.40
C ASN RA 215 37.42 50.89 107.77
N GLY RA 216 37.52 50.92 106.44
CA GLY RA 216 38.05 52.05 105.71
C GLY RA 216 39.31 51.76 104.96
N ILE RA 217 39.89 50.56 105.11
CA ILE RA 217 41.16 50.25 104.48
C ILE RA 217 41.03 50.26 102.96
N ILE RA 218 39.90 49.84 102.43
CA ILE RA 218 39.70 49.83 100.98
C ILE RA 218 39.76 51.25 100.44
N LYS RA 219 39.10 52.19 101.12
CA LYS RA 219 39.14 53.58 100.69
C LYS RA 219 40.52 54.18 100.89
N ALA RA 220 41.21 53.80 101.97
CA ALA RA 220 42.55 54.34 102.22
C ALA RA 220 43.52 53.93 101.12
N PHE RA 221 43.49 52.66 100.76
CA PHE RA 221 44.19 52.18 99.57
C PHE RA 221 43.27 52.43 98.38
N ARG RA 222 43.50 51.74 97.27
CA ARG RA 222 42.72 51.72 96.04
C ARG RA 222 42.98 52.93 95.16
N ASN RA 223 43.66 53.97 95.65
CA ASN RA 223 44.19 54.99 94.77
C ASN RA 223 45.67 54.80 94.51
N ILE RA 224 46.30 53.83 95.18
CA ILE RA 224 47.66 53.43 94.91
C ILE RA 224 47.63 52.52 93.70
N PRO RA 225 48.32 52.86 92.60
CA PRO RA 225 48.36 51.95 91.46
C PRO RA 225 49.04 50.64 91.82
N GLY RA 226 48.53 49.56 91.26
CA GLY RA 226 49.06 48.23 91.48
C GLY RA 226 48.52 47.54 92.73
N ILE RA 227 48.24 48.30 93.79
CA ILE RA 227 47.69 47.74 95.01
C ILE RA 227 46.34 47.09 94.71
N THR RA 228 46.16 45.86 95.15
CA THR RA 228 44.84 45.25 95.15
C THR RA 228 44.52 44.76 96.54
N LEU RA 229 43.23 44.72 96.88
CA LEU RA 229 42.83 44.31 98.21
C LEU RA 229 41.95 43.08 98.13
N LEU RA 230 42.18 42.15 99.06
CA LEU RA 230 41.44 40.90 99.12
C LEU RA 230 40.92 40.69 100.53
N ASN RA 231 39.64 40.34 100.64
CA ASN RA 231 39.11 39.82 101.88
C ASN RA 231 39.62 38.40 102.07
N VAL RA 232 39.99 38.07 103.31
CA VAL RA 232 40.60 36.77 103.56
C VAL RA 232 39.60 35.66 103.34
N SER RA 233 38.30 35.94 103.50
CA SER RA 233 37.29 34.92 103.33
C SER RA 233 36.87 34.72 101.88
N LYS RA 234 37.29 35.60 100.98
CA LYS RA 234 36.93 35.53 99.57
C LYS RA 234 38.16 35.59 98.70
N LEU RA 235 39.16 34.76 99.02
CA LEU RA 235 40.41 34.77 98.29
C LEU RA 235 40.20 34.37 96.83
N ASN RA 236 40.80 35.14 95.92
CA ASN RA 236 40.61 34.96 94.49
C ASN RA 236 41.92 34.50 93.86
N ILE RA 237 41.86 33.38 93.14
CA ILE RA 237 43.05 32.90 92.44
C ILE RA 237 43.46 33.88 91.34
N LEU RA 238 42.51 34.59 90.74
CA LEU RA 238 42.84 35.56 89.70
C LEU RA 238 43.60 36.75 90.26
N LYS RA 239 43.46 37.03 91.55
CA LYS RA 239 44.21 38.11 92.17
C LYS RA 239 45.45 37.62 92.90
N LEU RA 240 45.51 36.34 93.24
CA LEU RA 240 46.69 35.81 93.91
C LEU RA 240 47.74 35.28 92.95
N ALA RA 241 47.34 34.84 91.76
CA ALA RA 241 48.28 34.42 90.72
C ALA RA 241 47.88 35.19 89.47
N PRO RA 242 48.29 36.46 89.35
CA PRO RA 242 47.70 37.35 88.34
C PRO RA 242 47.84 36.85 86.91
N GLY RA 243 48.96 36.28 86.53
CA GLY RA 243 49.11 35.75 85.19
C GLY RA 243 49.00 34.25 85.09
N GLY RA 244 48.53 33.58 86.13
CA GLY RA 244 48.69 32.15 86.25
C GLY RA 244 50.01 31.75 86.87
N HIS RA 245 50.87 32.71 87.17
CA HIS RA 245 52.15 32.46 87.81
C HIS RA 245 52.02 32.72 89.30
N VAL RA 246 52.46 31.76 90.09
CA VAL RA 246 52.39 31.89 91.54
C VAL RA 246 53.50 32.82 92.02
N GLY RA 247 53.26 33.46 93.16
CA GLY RA 247 54.30 34.24 93.79
C GLY RA 247 54.03 35.72 93.87
N ARG RA 248 52.77 36.11 94.03
CA ARG RA 248 52.46 37.51 94.19
C ARG RA 248 52.80 37.98 95.59
N PHE RA 249 53.37 39.17 95.69
CA PHE RA 249 53.64 39.78 96.98
C PHE RA 249 52.34 40.11 97.70
N CYS RA 250 52.20 39.64 98.93
CA CYS RA 250 50.99 39.83 99.72
C CYS RA 250 51.35 40.35 101.10
N ILE RA 251 50.65 41.39 101.53
CA ILE RA 251 50.77 41.94 102.87
C ILE RA 251 49.51 41.55 103.63
N TRP RA 252 49.70 40.92 104.79
CA TRP RA 252 48.60 40.38 105.57
C TRP RA 252 48.30 41.26 106.77
N THR RA 253 47.02 41.38 107.09
CA THR RA 253 46.61 41.89 108.38
C THR RA 253 46.64 40.75 109.39
N GLU RA 254 46.86 41.08 110.67
CA GLU RA 254 47.02 40.05 111.68
C GLU RA 254 45.75 39.21 111.84
N SER RA 255 44.59 39.85 111.81
CA SER RA 255 43.34 39.11 111.96
C SER RA 255 43.13 38.16 110.79
N ALA RA 256 43.44 38.60 109.58
CA ALA RA 256 43.36 37.71 108.42
C ALA RA 256 44.33 36.54 108.55
N PHE RA 257 45.55 36.83 109.01
CA PHE RA 257 46.55 35.78 109.20
C PHE RA 257 46.05 34.73 110.19
N ARG RA 258 45.45 35.17 111.29
CA ARG RA 258 44.94 34.23 112.27
C ARG RA 258 43.75 33.46 111.73
N LYS RA 259 42.86 34.12 110.98
CA LYS RA 259 41.70 33.45 110.44
C LYS RA 259 42.05 32.44 109.36
N LEU RA 260 43.24 32.54 108.79
CA LEU RA 260 43.59 31.70 107.66
C LEU RA 260 43.63 30.22 108.02
N ASP RA 261 44.10 29.88 109.23
CA ASP RA 261 44.05 28.49 109.69
C ASP RA 261 42.62 27.98 109.77
N GLU RA 262 41.70 28.77 110.30
CA GLU RA 262 40.31 28.34 110.35
C GLU RA 262 39.73 28.22 108.94
N LEU RA 263 40.17 29.06 108.02
CA LEU RA 263 39.63 29.01 106.67
C LEU RA 263 40.05 27.74 105.94
N TYR RA 264 41.32 27.34 106.05
CA TYR RA 264 41.78 26.19 105.30
C TYR RA 264 42.19 24.99 106.14
N GLY RA 265 42.25 25.13 107.46
CA GLY RA 265 42.56 23.98 108.30
C GLY RA 265 44.05 23.71 108.38
N THR RA 266 44.41 22.96 109.41
CA THR RA 266 45.74 22.41 109.55
C THR RA 266 45.74 21.06 108.84
N TRP RA 267 46.78 20.25 108.99
CA TRP RA 267 46.68 18.87 108.57
C TRP RA 267 46.12 17.97 109.66
N ARG RA 268 46.23 18.38 110.91
CA ARG RA 268 45.65 17.65 112.03
C ARG RA 268 44.23 18.10 112.34
N LYS RA 269 43.72 19.08 111.61
CA LYS RA 269 42.45 19.72 111.96
C LYS RA 269 41.83 20.26 110.68
N ALA RA 270 40.67 19.74 110.32
CA ALA RA 270 40.01 20.18 109.09
C ALA RA 270 39.50 21.60 109.26
N ALA RA 271 39.24 22.24 108.12
CA ALA RA 271 38.78 23.62 108.12
C ALA RA 271 37.42 23.74 108.80
N SER RA 272 37.29 24.71 109.69
CA SER RA 272 36.04 24.96 110.38
C SER RA 272 35.13 25.93 109.65
N LEU RA 273 35.58 26.48 108.53
CA LEU RA 273 34.80 27.43 107.75
C LEU RA 273 34.48 26.93 106.35
N LYS RA 274 34.70 25.64 106.09
CA LYS RA 274 34.39 25.04 104.80
C LYS RA 274 33.70 23.70 104.90
N SER RA 275 33.57 23.14 106.10
CA SER RA 275 32.65 22.06 106.44
C SER RA 275 33.03 20.71 105.83
N ASN RA 276 33.94 20.70 104.87
CA ASN RA 276 34.43 19.42 104.37
C ASN RA 276 35.89 19.46 103.93
N TYR RA 277 36.59 20.57 104.07
CA TYR RA 277 37.87 20.74 103.40
C TYR RA 277 39.01 20.55 104.38
N ASN RA 278 39.99 19.75 103.97
CA ASN RA 278 41.24 19.61 104.67
C ASN RA 278 42.36 19.88 103.68
N LEU RA 279 43.51 20.27 104.21
CA LEU RA 279 44.63 20.60 103.34
C LEU RA 279 45.06 19.38 102.54
N PRO RA 280 45.47 19.56 101.29
CA PRO RA 280 45.94 18.43 100.49
C PRO RA 280 47.25 17.86 100.99
N MET RA 281 47.46 16.60 100.67
CA MET RA 281 48.64 15.86 101.11
C MET RA 281 49.76 15.95 100.09
N HIS RA 282 50.99 16.02 100.60
CA HIS RA 282 52.17 15.92 99.75
C HIS RA 282 52.38 14.49 99.31
N LYS RA 283 52.71 14.30 98.04
CA LYS RA 283 53.16 13.00 97.58
C LYS RA 283 54.66 12.83 97.74
N MET RA 284 55.36 13.88 98.16
CA MET RA 284 56.80 13.85 98.41
C MET RA 284 57.05 14.73 99.63
N ILE RA 285 57.44 14.11 100.74
CA ILE RA 285 57.64 14.87 101.97
C ILE RA 285 58.92 15.71 101.90
N ASN RA 286 60.05 15.05 101.76
CA ASN RA 286 61.34 15.72 101.65
C ASN RA 286 61.65 15.96 100.19
N THR RA 287 61.61 17.22 99.77
CA THR RA 287 61.94 17.60 98.41
C THR RA 287 63.40 17.98 98.25
N ASP RA 288 64.20 17.90 99.32
CA ASP RA 288 65.61 18.28 99.25
C ASP RA 288 66.37 17.15 98.57
N LEU RA 289 66.36 17.19 97.24
CA LEU RA 289 66.97 16.13 96.45
C LEU RA 289 68.46 16.02 96.71
N SER RA 290 69.13 17.15 96.94
CA SER RA 290 70.57 17.11 97.24
C SER RA 290 70.83 16.35 98.54
N ARG RA 291 70.07 16.64 99.59
CA ARG RA 291 70.24 15.93 100.85
C ARG RA 291 69.92 14.47 100.71
N ILE RA 292 68.85 14.14 99.98
CA ILE RA 292 68.49 12.73 99.80
C ILE RA 292 69.59 11.98 99.06
N LEU RA 293 70.10 12.57 97.97
CA LEU RA 293 71.09 11.88 97.17
C LEU RA 293 72.43 11.77 97.90
N LYS RA 294 72.76 12.75 98.73
CA LYS RA 294 74.01 12.71 99.47
C LYS RA 294 73.86 12.03 100.83
N SER RA 295 72.68 11.54 101.17
CA SER RA 295 72.51 10.82 102.41
C SER RA 295 73.32 9.52 102.40
N PRO RA 296 73.90 9.13 103.53
CA PRO RA 296 74.72 7.91 103.55
C PRO RA 296 73.98 6.65 103.19
N GLU RA 297 72.68 6.57 103.48
CA GLU RA 297 71.91 5.38 103.14
C GLU RA 297 71.83 5.18 101.64
N ILE RA 298 71.59 6.26 100.89
CA ILE RA 298 71.57 6.17 99.44
C ILE RA 298 72.96 5.88 98.90
N GLN RA 299 73.96 6.60 99.40
CA GLN RA 299 75.32 6.46 98.86
C GLN RA 299 75.90 5.09 99.15
N ARG RA 300 75.44 4.42 100.21
CA ARG RA 300 75.97 3.12 100.56
C ARG RA 300 75.62 2.06 99.53
N ALA RA 301 74.50 2.22 98.84
CA ALA RA 301 73.99 1.22 97.92
C ALA RA 301 74.42 1.44 96.48
N LEU RA 302 75.09 2.54 96.17
CA LEU RA 302 75.41 2.87 94.80
C LEU RA 302 76.67 2.15 94.36
N ARG RA 303 76.72 1.79 93.08
CA ARG RA 303 77.97 1.40 92.46
C ARG RA 303 78.78 2.64 92.11
N ALA RA 304 80.06 2.44 91.86
CA ALA RA 304 80.96 3.56 91.63
C ALA RA 304 80.67 4.21 90.28
N PRO RA 305 80.84 5.53 90.19
CA PRO RA 305 80.61 6.20 88.90
C PRO RA 305 81.61 5.79 87.84
N ARG RA 306 81.15 5.79 86.60
CA ARG RA 306 82.00 5.51 85.44
C ARG RA 306 82.23 6.83 84.74
N LYS RA 307 83.28 7.55 85.16
CA LYS RA 307 83.53 8.90 84.72
C LYS RA 307 84.63 9.01 83.67
N LYS RA 308 85.04 7.90 83.08
CA LYS RA 308 86.00 7.93 81.98
C LYS RA 308 85.24 7.86 80.66
N ILE RA 309 85.47 8.84 79.81
CA ILE RA 309 84.81 8.89 78.51
C ILE RA 309 85.60 8.05 77.52
N HIS RA 310 84.93 7.11 76.87
CA HIS RA 310 85.55 6.23 75.90
C HIS RA 310 85.13 6.69 74.51
N ARG RA 311 86.01 7.41 73.83
CA ARG RA 311 85.68 7.95 72.52
C ARG RA 311 85.95 6.91 71.44
N ARG RA 312 85.66 7.29 70.20
CA ARG RA 312 85.82 6.38 69.08
C ARG RA 312 87.30 6.09 68.86
N VAL RA 313 87.62 4.83 68.61
CA VAL RA 313 88.97 4.41 68.32
C VAL RA 313 89.13 4.33 66.82
N LEU RA 314 90.07 5.10 66.28
CA LEU RA 314 90.38 5.01 64.86
C LEU RA 314 91.00 3.65 64.57
N LYS RA 315 90.38 2.89 63.69
CA LYS RA 315 90.87 1.55 63.37
C LYS RA 315 92.05 1.68 62.43
N LYS RA 316 93.24 1.73 63.01
CA LYS RA 316 94.44 1.60 62.21
C LYS RA 316 94.54 0.18 61.67
N ASN RA 317 95.06 0.05 60.46
CA ASN RA 317 95.11 -1.24 59.81
C ASN RA 317 96.29 -2.05 60.33
N PRO RA 318 96.07 -3.21 60.92
CA PRO RA 318 97.14 -4.20 60.97
C PRO RA 318 97.45 -4.65 59.56
N LEU RA 319 98.54 -5.39 59.41
CA LEU RA 319 99.06 -5.83 58.11
C LEU RA 319 99.69 -4.65 57.38
N LYS RA 320 99.55 -3.46 57.93
CA LYS RA 320 100.22 -2.24 57.53
C LYS RA 320 100.89 -1.55 58.71
N ASN RA 321 100.29 -1.61 59.89
CA ASN RA 321 100.83 -1.00 61.09
C ASN RA 321 101.40 -2.09 61.98
N LEU RA 322 102.73 -2.12 62.10
CA LEU RA 322 103.40 -3.22 62.79
C LEU RA 322 103.02 -3.28 64.25
N ARG RA 323 102.97 -2.12 64.93
CA ARG RA 323 102.69 -2.14 66.36
C ARG RA 323 101.24 -2.52 66.63
N ILE RA 324 100.32 -2.12 65.75
CA ILE RA 324 98.94 -2.57 65.90
C ILE RA 324 98.84 -4.08 65.72
N MET RA 325 99.55 -4.62 64.73
CA MET RA 325 99.56 -6.06 64.54
C MET RA 325 100.16 -6.76 65.76
N LEU RA 326 101.16 -6.17 66.39
CA LEU RA 326 101.73 -6.78 67.58
C LEU RA 326 100.80 -6.66 68.77
N LYS RA 327 100.04 -5.57 68.85
CA LYS RA 327 99.05 -5.40 69.90
C LYS RA 327 97.98 -6.47 69.81
N LEU RA 328 97.61 -6.86 68.59
CA LEU RA 328 96.62 -7.93 68.42
C LEU RA 328 97.22 -9.33 68.46
N ASN RA 329 98.49 -9.48 68.12
CA ASN RA 329 99.11 -10.79 67.91
C ASN RA 329 100.61 -10.66 68.13
N PRO RA 330 101.08 -10.90 69.36
CA PRO RA 330 102.50 -10.71 69.65
C PRO RA 330 103.42 -11.67 68.90
N TYR RA 331 102.91 -12.81 68.44
CA TYR RA 331 103.76 -13.77 67.73
C TYR RA 331 104.16 -13.27 66.36
N ALA RA 332 103.45 -12.27 65.82
CA ALA RA 332 103.74 -11.76 64.50
C ALA RA 332 105.13 -11.15 64.41
N LYS RA 333 105.65 -10.57 65.49
CA LYS RA 333 107.00 -10.02 65.44
C LYS RA 333 108.02 -11.12 65.22
N THR RA 334 107.90 -12.24 65.93
CA THR RA 334 108.84 -13.32 65.74
C THR RA 334 108.67 -13.96 64.37
N MET RA 335 107.43 -14.10 63.91
CA MET RA 335 107.23 -14.66 62.56
C MET RA 335 107.85 -13.77 61.50
N ARG RA 336 107.67 -12.46 61.62
CA ARG RA 336 108.26 -11.52 60.67
C ARG RA 336 109.78 -11.53 60.74
N ARG RA 337 110.35 -11.55 61.94
CA ARG RA 337 111.80 -11.59 62.07
C ARG RA 337 112.36 -12.86 61.46
N ASN RA 338 111.69 -13.98 61.69
CA ASN RA 338 112.13 -15.24 61.10
C ASN RA 338 112.08 -15.19 59.58
N THR RA 339 111.01 -14.63 59.02
CA THR RA 339 110.93 -14.61 57.56
C THR RA 339 111.94 -13.64 56.96
N ILE RA 340 112.26 -12.54 57.64
CA ILE RA 340 113.28 -11.63 57.12
C ILE RA 340 114.65 -12.29 57.15
N LEU RA 341 114.99 -12.93 58.27
CA LEU RA 341 116.28 -13.62 58.35
C LEU RA 341 116.37 -14.74 57.32
N ARG RA 342 115.29 -15.51 57.15
CA ARG RA 342 115.30 -16.61 56.19
C ARG RA 342 115.45 -16.10 54.77
N GLN RA 343 114.74 -15.03 54.41
CA GLN RA 343 114.85 -14.50 53.07
C GLN RA 343 116.24 -13.95 52.81
N ALA RA 344 116.84 -13.30 53.80
CA ALA RA 344 118.21 -12.82 53.64
C ALA RA 344 119.18 -13.97 53.42
N ARG RA 345 119.04 -15.05 54.20
CA ARG RA 345 119.94 -16.19 54.03
C ARG RA 345 119.75 -16.84 52.67
N ASN RA 346 118.51 -17.02 52.23
CA ASN RA 346 118.25 -17.62 50.94
C ASN RA 346 118.80 -16.75 49.81
N HIS RA 347 118.63 -15.43 49.93
CA HIS RA 347 119.16 -14.52 48.92
C HIS RA 347 120.67 -14.59 48.86
N LYS RA 348 121.33 -14.66 50.02
CA LYS RA 348 122.78 -14.79 50.03
C LYS RA 348 123.23 -16.08 49.38
N LEU RA 349 122.54 -17.19 49.69
CA LEU RA 349 122.89 -18.47 49.09
C LEU RA 349 122.74 -18.44 47.58
N ARG RA 350 121.64 -17.89 47.09
CA ARG RA 350 121.45 -17.83 45.65
C ARG RA 350 122.46 -16.92 44.98
N VAL RA 351 122.78 -15.78 45.59
CA VAL RA 351 123.74 -14.86 44.99
C VAL RA 351 125.12 -15.49 44.91
N ASP RA 352 125.61 -16.07 46.02
CA ASP RA 352 126.97 -16.59 45.95
C ASP RA 352 127.03 -17.89 45.16
N LYS RA 353 125.94 -18.65 45.11
CA LYS RA 353 125.90 -19.83 44.25
C LYS RA 353 125.96 -19.44 42.78
N ALA RA 354 125.22 -18.40 42.39
CA ALA RA 354 125.29 -17.94 41.00
C ALA RA 354 126.66 -17.38 40.67
N ALA RA 355 127.26 -16.64 41.61
CA ALA RA 355 128.61 -16.13 41.38
C ALA RA 355 129.61 -17.27 41.22
N ALA RA 356 129.51 -18.31 42.06
CA ALA RA 356 130.42 -19.44 41.95
C ALA RA 356 130.21 -20.20 40.65
N ALA RA 357 128.95 -20.36 40.21
CA ALA RA 357 128.70 -21.05 38.95
C ALA RA 357 129.25 -20.26 37.77
N ALA RA 358 129.07 -18.94 37.77
CA ALA RA 358 129.65 -18.12 36.71
C ALA RA 358 131.16 -18.19 36.72
N ALA RA 359 131.77 -18.17 37.91
CA ALA RA 359 133.22 -18.27 38.01
C ALA RA 359 133.73 -19.60 37.49
N ALA RA 360 133.04 -20.69 37.84
CA ALA RA 360 133.44 -22.00 37.36
C ALA RA 360 133.28 -22.11 35.85
N LEU RA 361 132.20 -21.55 35.31
CA LEU RA 361 132.01 -21.56 33.86
C LEU RA 361 133.12 -20.81 33.15
N GLN RA 362 133.45 -19.61 33.64
CA GLN RA 362 134.51 -18.83 33.00
C GLN RA 362 135.86 -19.51 33.11
N ALA RA 363 136.17 -20.08 34.28
CA ALA RA 363 137.44 -20.75 34.47
C ALA RA 363 137.56 -21.98 33.58
N LYS RA 364 136.49 -22.78 33.47
CA LYS RA 364 136.55 -23.97 32.62
C LYS RA 364 136.60 -23.60 31.14
N SER RA 365 135.92 -22.52 30.74
CA SER RA 365 135.93 -22.11 29.34
C SER RA 365 137.27 -21.52 28.95
N ASP RA 366 137.95 -20.85 29.88
CA ASP RA 366 139.29 -20.35 29.60
C ASP RA 366 140.32 -21.46 29.65
N GLU RA 367 140.10 -22.47 30.50
CA GLU RA 367 141.01 -23.61 30.55
C GLU RA 367 140.91 -24.46 29.29
N LYS RA 368 139.70 -24.60 28.74
CA LYS RA 368 139.44 -25.39 27.54
C LYS RA 368 139.86 -26.84 27.71
N GLY SA 1 35.73 -67.90 16.25
CA GLY SA 1 34.92 -67.11 17.16
C GLY SA 1 34.22 -65.97 16.44
N PHE SA 2 33.10 -65.52 16.99
CA PHE SA 2 32.31 -64.47 16.37
C PHE SA 2 31.80 -63.44 17.36
N VAL SA 3 32.10 -63.59 18.64
CA VAL SA 3 31.73 -62.61 19.66
C VAL SA 3 32.97 -62.32 20.48
N LYS SA 4 33.03 -61.12 21.05
CA LYS SA 4 34.18 -60.70 21.83
C LYS SA 4 34.41 -61.66 23.00
N VAL SA 5 35.65 -62.09 23.16
CA VAL SA 5 36.03 -62.86 24.34
C VAL SA 5 35.98 -61.92 25.54
N VAL SA 6 35.05 -62.17 26.46
CA VAL SA 6 34.88 -61.27 27.59
C VAL SA 6 36.10 -61.30 28.50
N LYS SA 7 36.54 -62.50 28.88
CA LYS SA 7 37.66 -62.63 29.81
C LYS SA 7 38.97 -62.55 29.04
N ASN SA 8 39.27 -61.35 28.59
CA ASN SA 8 40.48 -61.09 27.82
C ASN SA 8 41.53 -60.40 28.70
N LYS SA 9 42.62 -59.99 28.06
CA LYS SA 9 43.74 -59.42 28.79
C LYS SA 9 43.35 -58.14 29.52
N ALA SA 10 42.56 -57.29 28.88
CA ALA SA 10 42.10 -56.07 29.53
C ALA SA 10 41.18 -56.38 30.71
N TYR SA 11 40.33 -57.40 30.57
CA TYR SA 11 39.49 -57.81 31.68
C TYR SA 11 40.34 -58.20 32.88
N PHE SA 12 41.39 -58.98 32.65
CA PHE SA 12 42.22 -59.38 33.78
C PHE SA 12 43.07 -58.23 34.30
N LYS SA 13 43.43 -57.28 33.43
CA LYS SA 13 44.20 -56.13 33.89
C LYS SA 13 43.38 -55.23 34.80
N ARG SA 14 42.10 -55.06 34.51
CA ARG SA 14 41.25 -54.23 35.35
C ARG SA 14 40.58 -54.97 36.48
N TYR SA 15 40.60 -56.29 36.48
CA TYR SA 15 39.88 -57.06 37.46
C TYR SA 15 40.45 -56.83 38.85
N GLN SA 16 39.58 -56.52 39.81
CA GLN SA 16 39.95 -56.37 41.21
C GLN SA 16 39.30 -57.50 42.00
N VAL SA 17 40.13 -58.37 42.57
CA VAL SA 17 39.62 -59.51 43.31
C VAL SA 17 38.93 -59.02 44.59
N LYS SA 18 38.02 -59.84 45.10
CA LYS SA 18 37.42 -59.55 46.40
C LYS SA 18 38.35 -60.03 47.49
N PHE SA 19 37.95 -59.80 48.74
CA PHE SA 19 38.73 -60.26 49.88
C PHE SA 19 38.80 -61.78 49.85
N ARG SA 20 39.86 -62.33 50.42
CA ARG SA 20 40.11 -63.77 50.27
C ARG SA 20 38.97 -64.59 50.86
N ARG SA 21 38.49 -64.24 52.04
CA ARG SA 21 37.40 -64.99 52.63
C ARG SA 21 36.07 -64.70 51.97
N ARG SA 22 35.91 -63.54 51.35
CA ARG SA 22 34.74 -63.32 50.50
C ARG SA 22 34.77 -64.23 49.29
N ARG SA 23 35.92 -64.39 48.65
CA ARG SA 23 36.04 -65.29 47.51
C ARG SA 23 35.83 -66.73 47.94
N GLU SA 24 36.35 -67.11 49.10
CA GLU SA 24 36.09 -68.45 49.63
C GLU SA 24 34.64 -68.61 50.07
N GLY SA 25 33.90 -67.53 50.25
CA GLY SA 25 32.52 -67.63 50.65
C GLY SA 25 32.34 -67.96 52.11
N LYS SA 26 33.23 -67.49 52.97
CA LYS SA 26 33.20 -67.82 54.38
C LYS SA 26 32.82 -66.66 55.28
N THR SA 27 33.10 -65.42 54.86
CA THR SA 27 32.90 -64.25 55.70
C THR SA 27 31.98 -63.26 55.01
N ASP SA 28 30.96 -62.80 55.72
CA ASP SA 28 30.12 -61.69 55.29
C ASP SA 28 30.66 -60.45 55.97
N TYR SA 29 31.42 -59.65 55.23
CA TYR SA 29 32.07 -58.48 55.81
C TYR SA 29 31.10 -57.38 56.17
N TYR SA 30 29.95 -57.30 55.48
CA TYR SA 30 28.93 -56.32 55.85
C TYR SA 30 28.45 -56.54 57.27
N ALA SA 31 28.19 -57.79 57.64
CA ALA SA 31 27.80 -58.08 59.01
C ALA SA 31 29.00 -58.08 59.95
N ARG SA 32 30.17 -58.47 59.45
CA ARG SA 32 31.35 -58.55 60.30
C ARG SA 32 31.73 -57.17 60.82
N LYS SA 33 31.62 -56.15 59.97
CA LYS SA 33 31.95 -54.80 60.41
C LYS SA 33 31.06 -54.35 61.56
N ARG SA 34 29.78 -54.69 61.50
CA ARG SA 34 28.88 -54.32 62.58
C ARG SA 34 29.03 -55.21 63.81
N LEU SA 35 29.54 -56.43 63.67
CA LEU SA 35 29.77 -57.30 64.81
C LEU SA 35 31.04 -56.99 65.58
N VAL SA 36 32.18 -56.83 64.90
CA VAL SA 36 33.46 -56.89 65.61
C VAL SA 36 34.03 -55.52 65.92
N ILE SA 37 33.45 -54.44 65.42
CA ILE SA 37 34.05 -53.12 65.54
C ILE SA 37 33.51 -52.45 66.80
N GLN SA 38 34.43 -52.07 67.69
CA GLN SA 38 34.11 -51.42 68.95
C GLN SA 38 34.05 -49.91 68.76
N ASP SA 39 33.23 -49.26 69.57
CA ASP SA 39 33.16 -47.81 69.55
C ASP SA 39 34.53 -47.20 69.86
N LYS SA 40 34.81 -46.07 69.25
CA LYS SA 40 36.12 -45.46 69.42
C LYS SA 40 36.31 -44.90 70.83
N ASN SA 41 35.25 -44.42 71.46
CA ASN SA 41 35.39 -43.91 72.81
C ASN SA 41 35.42 -45.02 73.86
N LYS SA 42 35.39 -46.27 73.44
CA LYS SA 42 35.62 -47.39 74.34
C LYS SA 42 37.04 -47.95 74.23
N TYR SA 43 37.80 -47.52 73.23
CA TYR SA 43 39.25 -47.74 73.12
C TYR SA 43 39.51 -49.24 73.05
N ASN SA 44 40.41 -49.78 73.87
CA ASN SA 44 40.84 -51.16 73.76
C ASN SA 44 39.95 -52.13 74.53
N THR SA 45 38.70 -51.75 74.77
CA THR SA 45 37.76 -52.66 75.39
C THR SA 45 37.41 -53.76 74.38
N PRO SA 46 37.64 -55.02 74.71
CA PRO SA 46 37.30 -56.09 73.76
C PRO SA 46 35.80 -56.20 73.55
N LYS SA 47 35.43 -56.59 72.33
CA LYS SA 47 34.03 -56.78 71.97
C LYS SA 47 33.86 -58.26 71.62
N TYR SA 48 33.25 -59.01 72.53
CA TYR SA 48 33.22 -60.45 72.41
C TYR SA 48 32.02 -60.93 71.61
N ARG SA 49 32.27 -61.82 70.66
CA ARG SA 49 31.21 -62.46 69.92
C ARG SA 49 31.37 -63.96 69.98
N MET SA 50 30.24 -64.64 70.07
CA MET SA 50 30.17 -66.09 70.10
C MET SA 50 29.90 -66.57 68.68
N ILE SA 51 30.94 -67.05 68.02
CA ILE SA 51 30.83 -67.60 66.68
C ILE SA 51 30.24 -69.00 66.78
N VAL SA 52 29.16 -69.25 66.07
CA VAL SA 52 28.59 -70.60 65.99
C VAL SA 52 28.59 -71.02 64.53
N ARG SA 53 29.22 -72.15 64.24
CA ARG SA 53 29.33 -72.65 62.88
C ARG SA 53 28.93 -74.11 62.86
N VAL SA 54 27.91 -74.43 62.07
CA VAL SA 54 27.39 -75.79 61.97
C VAL SA 54 27.94 -76.43 60.72
N THR SA 55 28.53 -77.61 60.87
CA THR SA 55 29.16 -78.36 59.81
C THR SA 55 28.32 -79.60 59.52
N ASN SA 56 28.65 -80.32 58.43
CA ASN SA 56 27.91 -81.53 58.12
C ASN SA 56 28.05 -82.59 59.19
N ARG SA 57 29.12 -82.55 59.98
CA ARG SA 57 29.34 -83.56 61.00
C ARG SA 57 29.72 -83.01 62.35
N ASP SA 58 29.85 -81.71 62.52
CA ASP SA 58 30.35 -81.12 63.75
C ASP SA 58 29.66 -79.79 63.99
N ILE SA 59 29.82 -79.27 65.20
CA ILE SA 59 29.39 -77.93 65.57
C ILE SA 59 30.55 -77.26 66.28
N ILE SA 60 30.91 -76.05 65.84
CA ILE SA 60 32.01 -75.30 66.41
C ILE SA 60 31.44 -74.07 67.09
N CYS SA 61 31.70 -73.95 68.39
CA CYS SA 61 31.35 -72.76 69.15
C CYS SA 61 32.62 -72.13 69.66
N GLN SA 62 32.78 -70.83 69.42
CA GLN SA 62 33.97 -70.13 69.85
C GLN SA 62 33.57 -68.76 70.38
N ILE SA 63 34.41 -68.19 71.22
CA ILE SA 63 34.24 -66.80 71.67
C ILE SA 63 35.50 -66.04 71.29
N ALA SA 64 35.32 -64.95 70.57
CA ALA SA 64 36.45 -64.23 70.00
C ALA SA 64 36.22 -62.73 70.08
N TYR SA 65 37.32 -62.00 70.07
CA TYR SA 65 37.31 -60.56 69.89
C TYR SA 65 38.35 -60.19 68.85
N ALA SA 66 38.08 -59.11 68.12
CA ALA SA 66 38.84 -58.79 66.92
C ALA SA 66 40.01 -57.89 67.23
N ARG SA 67 41.19 -58.25 66.74
CA ARG SA 67 42.38 -57.44 66.79
C ARG SA 67 42.88 -57.19 65.37
N ILE SA 68 43.84 -56.28 65.24
CA ILE SA 68 44.36 -55.94 63.92
C ILE SA 68 45.10 -57.12 63.31
N GLU SA 69 45.82 -57.88 64.13
CA GLU SA 69 46.57 -59.03 63.64
C GLU SA 69 45.68 -60.25 63.42
N GLY SA 70 44.43 -60.21 63.84
CA GLY SA 70 43.52 -61.32 63.67
C GLY SA 70 42.71 -61.53 64.94
N ASP SA 71 41.59 -62.23 64.80
CA ASP SA 71 40.71 -62.47 65.93
C ASP SA 71 41.39 -63.35 66.97
N MET SA 72 41.22 -62.99 68.23
CA MET SA 72 41.75 -63.76 69.35
C MET SA 72 40.61 -64.59 69.93
N ILE SA 73 40.80 -65.90 70.00
CA ILE SA 73 39.78 -66.82 70.48
C ILE SA 73 40.09 -67.18 71.92
N VAL SA 74 39.17 -66.85 72.82
CA VAL SA 74 39.40 -67.06 74.25
C VAL SA 74 38.81 -68.38 74.74
N CYS SA 75 37.91 -68.99 74.00
CA CYS SA 75 37.32 -70.27 74.39
C CYS SA 75 36.76 -70.93 73.14
N ALA SA 76 36.75 -72.26 73.15
CA ALA SA 76 36.28 -73.01 72.00
C ALA SA 76 35.70 -74.34 72.46
N ALA SA 77 34.52 -74.66 71.97
CA ALA SA 77 33.86 -75.92 72.24
C ALA SA 77 33.41 -76.54 70.94
N TYR SA 78 33.60 -77.85 70.81
CA TYR SA 78 33.24 -78.58 69.61
C TYR SA 78 32.23 -79.66 69.97
N ALA SA 79 31.41 -80.05 68.99
CA ALA SA 79 30.46 -81.11 69.24
C ALA SA 79 31.13 -82.48 69.27
N HIS SA 80 32.32 -82.61 68.70
CA HIS SA 80 32.96 -83.92 68.63
C HIS SA 80 33.55 -84.36 69.97
N GLU SA 81 33.68 -83.47 70.94
CA GLU SA 81 34.15 -83.85 72.26
C GLU SA 81 33.01 -84.19 73.21
N LEU SA 82 31.76 -84.16 72.72
CA LEU SA 82 30.65 -84.61 73.54
C LEU SA 82 30.69 -86.09 73.93
N PRO SA 83 31.29 -87.01 73.16
CA PRO SA 83 31.42 -88.38 73.68
C PRO SA 83 32.11 -88.49 75.03
N LYS SA 84 32.96 -87.53 75.38
CA LYS SA 84 33.50 -87.51 76.73
C LYS SA 84 32.40 -87.32 77.77
N TYR SA 85 31.45 -86.42 77.50
CA TYR SA 85 30.34 -86.15 78.40
C TYR SA 85 29.11 -86.90 77.90
N GLY SA 86 29.07 -88.19 78.19
CA GLY SA 86 27.87 -88.93 77.87
C GLY SA 86 27.65 -89.16 76.38
N VAL SA 87 26.72 -88.38 75.81
CA VAL SA 87 26.24 -88.51 74.44
C VAL SA 87 27.37 -88.72 73.43
N LYS SA 88 27.25 -89.78 72.64
CA LYS SA 88 28.32 -90.17 71.71
C LYS SA 88 27.81 -90.39 70.29
N VAL SA 89 26.56 -90.01 70.00
CA VAL SA 89 26.00 -90.18 68.67
C VAL SA 89 24.93 -89.11 68.49
N GLY SA 90 24.53 -88.89 67.24
CA GLY SA 90 23.55 -87.86 66.96
C GLY SA 90 24.05 -86.47 67.24
N LEU SA 91 25.27 -86.17 66.83
CA LEU SA 91 25.80 -84.82 66.93
C LEU SA 91 25.14 -83.97 65.84
N THR SA 92 25.63 -82.75 65.67
CA THR SA 92 25.16 -81.74 64.72
C THR SA 92 23.64 -81.62 64.66
N ASN SA 93 22.95 -81.94 65.75
CA ASN SA 93 21.51 -81.71 65.86
C ASN SA 93 21.27 -80.66 66.93
N TYR SA 94 20.00 -80.33 67.16
CA TYR SA 94 19.68 -79.21 68.04
C TYR SA 94 20.10 -79.50 69.48
N ALA SA 95 19.90 -80.75 69.93
CA ALA SA 95 20.30 -81.10 71.29
C ALA SA 95 21.81 -81.01 71.46
N ALA SA 96 22.57 -81.47 70.47
CA ALA SA 96 24.02 -81.34 70.54
C ALA SA 96 24.46 -79.89 70.48
N ALA SA 97 23.75 -79.06 69.72
CA ALA SA 97 24.05 -77.64 69.70
C ALA SA 97 23.84 -77.01 71.07
N TYR SA 98 22.76 -77.39 71.74
CA TYR SA 98 22.54 -76.90 73.10
C TYR SA 98 23.63 -77.37 74.03
N CYS SA 99 24.02 -78.64 73.92
CA CYS SA 99 25.06 -79.18 74.81
C CYS SA 99 26.39 -78.48 74.59
N THR SA 100 26.76 -78.22 73.33
CA THR SA 100 28.06 -77.59 73.09
C THR SA 100 28.03 -76.11 73.44
N GLY SA 101 26.88 -75.45 73.30
CA GLY SA 101 26.79 -74.08 73.78
C GLY SA 101 26.92 -74.00 75.30
N LEU SA 102 26.27 -74.93 76.00
CA LEU SA 102 26.41 -74.98 77.45
C LEU SA 102 27.85 -75.28 77.84
N LEU SA 103 28.51 -76.18 77.11
CA LEU SA 103 29.90 -76.50 77.40
C LEU SA 103 30.80 -75.30 77.20
N LEU SA 104 30.57 -74.55 76.12
CA LEU SA 104 31.36 -73.35 75.88
C LEU SA 104 31.15 -72.33 77.00
N ALA SA 105 29.91 -72.12 77.40
CA ALA SA 105 29.63 -71.17 78.47
C ALA SA 105 30.31 -71.58 79.76
N ARG SA 106 30.18 -72.85 80.14
CA ARG SA 106 30.77 -73.32 81.39
C ARG SA 106 32.29 -73.25 81.33
N ARG SA 107 32.89 -73.62 80.20
CA ARG SA 107 34.33 -73.56 80.07
C ARG SA 107 34.85 -72.14 80.19
N LEU SA 108 34.18 -71.19 79.54
CA LEU SA 108 34.62 -69.81 79.62
C LEU SA 108 34.48 -69.26 81.03
N LEU SA 109 33.37 -69.57 81.70
CA LEU SA 109 33.19 -69.10 83.07
C LEU SA 109 34.22 -69.71 84.01
N ASN SA 110 34.55 -70.98 83.81
CA ASN SA 110 35.57 -71.61 84.63
C ASN SA 110 36.94 -70.99 84.39
N ARG SA 111 37.27 -70.70 83.12
CA ARG SA 111 38.54 -70.05 82.83
C ARG SA 111 38.62 -68.67 83.46
N PHE SA 112 37.54 -67.89 83.37
CA PHE SA 112 37.56 -66.54 83.88
C PHE SA 112 37.38 -66.46 85.39
N GLY SA 113 36.96 -67.55 86.03
CA GLY SA 113 36.94 -67.61 87.48
C GLY SA 113 35.57 -67.39 88.10
N MET SA 114 34.62 -66.82 87.37
CA MET SA 114 33.27 -66.71 87.90
C MET SA 114 32.43 -67.93 87.54
N ASP SA 115 32.99 -69.10 87.82
CA ASP SA 115 32.28 -70.35 87.59
C ASP SA 115 31.14 -70.52 88.58
N LYS SA 116 31.41 -70.29 89.87
CA LYS SA 116 30.39 -70.51 90.88
C LYS SA 116 29.36 -69.40 90.88
N ILE SA 117 29.79 -68.15 90.65
CA ILE SA 117 28.84 -67.10 90.35
C ILE SA 117 28.25 -67.40 88.99
N TYR SA 118 27.00 -66.98 88.78
CA TYR SA 118 26.31 -67.16 87.49
C TYR SA 118 26.24 -68.64 87.11
N GLU SA 119 25.52 -69.41 87.93
CA GLU SA 119 25.29 -70.81 87.60
C GLU SA 119 24.38 -70.98 86.40
N GLY SA 120 23.72 -69.92 85.94
CA GLY SA 120 22.79 -70.05 84.84
C GLY SA 120 21.52 -70.74 85.27
N GLN SA 121 20.86 -71.37 84.30
CA GLN SA 121 19.62 -72.10 84.55
C GLN SA 121 19.95 -73.59 84.52
N VAL SA 122 20.15 -74.18 85.71
CA VAL SA 122 20.47 -75.60 85.80
C VAL SA 122 19.29 -76.45 85.35
N GLU SA 123 18.09 -76.12 85.83
CA GLU SA 123 16.88 -76.82 85.42
C GLU SA 123 16.44 -76.29 84.07
N VAL SA 124 16.53 -77.12 83.04
CA VAL SA 124 16.35 -76.66 81.67
C VAL SA 124 14.87 -76.52 81.39
N THR SA 125 14.42 -75.29 81.20
CA THR SA 125 13.10 -74.98 80.66
C THR SA 125 13.29 -74.29 79.31
N GLY SA 126 12.36 -74.52 78.40
CA GLY SA 126 12.49 -73.90 77.10
C GLY SA 126 12.24 -72.40 77.09
N ASP SA 127 11.85 -71.82 78.21
CA ASP SA 127 11.43 -70.43 78.25
C ASP SA 127 12.63 -69.48 78.28
N GLU SA 128 12.34 -68.20 78.33
CA GLU SA 128 13.35 -67.16 78.26
C GLU SA 128 14.06 -67.00 79.60
N TYR SA 129 15.38 -66.91 79.56
CA TYR SA 129 16.18 -66.66 80.75
C TYR SA 129 17.38 -65.81 80.35
N ASN SA 130 17.50 -64.64 80.97
CA ASN SA 130 18.62 -63.75 80.73
C ASN SA 130 19.32 -63.50 82.05
N VAL SA 131 20.60 -63.87 82.13
CA VAL SA 131 21.34 -63.72 83.38
C VAL SA 131 21.58 -62.24 83.66
N GLU SA 132 21.44 -61.86 84.92
CA GLU SA 132 21.68 -60.49 85.36
C GLU SA 132 22.92 -60.45 86.24
N SER SA 133 23.70 -59.38 86.11
CA SER SA 133 24.89 -59.22 86.91
C SER SA 133 24.54 -59.07 88.38
N ILE SA 134 25.45 -59.53 89.24
CA ILE SA 134 25.25 -59.49 90.68
C ILE SA 134 26.13 -58.40 91.25
N ASP SA 135 25.53 -57.47 91.99
CA ASP SA 135 26.28 -56.36 92.56
C ASP SA 135 27.28 -56.86 93.59
N GLY SA 136 28.46 -56.25 93.61
CA GLY SA 136 29.54 -56.72 94.45
C GLY SA 136 30.28 -57.91 93.89
N GLN SA 137 29.91 -58.39 92.71
CA GLN SA 137 30.53 -59.50 92.02
C GLN SA 137 30.94 -59.03 90.64
N PRO SA 138 31.91 -59.68 90.01
CA PRO SA 138 32.25 -59.32 88.63
C PRO SA 138 31.06 -59.48 87.72
N GLY SA 139 30.92 -58.55 86.78
CA GLY SA 139 29.76 -58.54 85.92
C GLY SA 139 29.70 -59.76 85.02
N ALA SA 140 28.49 -60.10 84.60
CA ALA SA 140 28.29 -61.26 83.75
C ALA SA 140 28.98 -61.04 82.41
N PHE SA 141 29.52 -62.12 81.86
CA PHE SA 141 30.17 -62.03 80.57
C PHE SA 141 29.16 -61.70 79.49
N THR SA 142 29.46 -60.72 78.66
CA THR SA 142 28.57 -60.26 77.61
C THR SA 142 29.19 -60.55 76.25
N CYS SA 143 28.46 -61.26 75.41
CA CYS SA 143 28.94 -61.55 74.07
C CYS SA 143 27.75 -61.56 73.12
N TYR SA 144 28.04 -61.31 71.85
CA TYR SA 144 27.02 -61.20 70.83
C TYR SA 144 27.12 -62.37 69.86
N LEU SA 145 25.98 -62.93 69.48
CA LEU SA 145 25.99 -64.10 68.62
C LEU SA 145 26.46 -63.74 67.21
N ASP SA 146 27.30 -64.60 66.64
CA ASP SA 146 27.75 -64.51 65.25
C ASP SA 146 27.29 -65.78 64.55
N ALA SA 147 26.25 -65.63 63.73
CA ALA SA 147 25.66 -66.73 62.99
C ALA SA 147 26.26 -66.91 61.60
N GLY SA 148 27.14 -66.00 61.18
CA GLY SA 148 27.79 -66.16 59.90
C GLY SA 148 26.81 -66.00 58.77
N LEU SA 149 26.80 -66.97 57.85
CA LEU SA 149 25.93 -66.94 56.69
C LEU SA 149 24.69 -67.81 56.87
N ALA SA 150 24.46 -68.33 58.06
CA ALA SA 150 23.29 -69.17 58.31
C ALA SA 150 22.02 -68.36 58.19
N ARG SA 151 21.02 -68.94 57.53
CA ARG SA 151 19.71 -68.30 57.42
C ARG SA 151 19.00 -68.39 58.75
N THR SA 152 18.92 -67.26 59.46
CA THR SA 152 18.41 -67.24 60.82
C THR SA 152 16.89 -67.22 60.79
N THR SA 153 16.31 -68.41 60.72
CA THR SA 153 14.88 -68.60 60.89
C THR SA 153 14.64 -69.36 62.18
N THR SA 154 13.37 -69.62 62.47
CA THR SA 154 13.00 -70.32 63.70
C THR SA 154 13.48 -71.76 63.64
N GLY SA 155 14.20 -72.18 64.68
CA GLY SA 155 14.71 -73.53 64.76
C GLY SA 155 16.13 -73.72 64.29
N ASN SA 156 16.82 -72.65 63.90
CA ASN SA 156 18.22 -72.77 63.49
C ASN SA 156 19.07 -73.19 64.68
N LYS SA 157 19.98 -74.13 64.45
CA LYS SA 157 20.78 -74.69 65.54
C LYS SA 157 21.74 -73.68 66.14
N VAL SA 158 22.05 -72.59 65.44
CA VAL SA 158 22.83 -71.53 66.08
C VAL SA 158 22.06 -70.95 67.25
N PHE SA 159 20.74 -70.92 67.17
CA PHE SA 159 19.94 -70.47 68.30
C PHE SA 159 19.87 -71.50 69.41
N GLY SA 160 20.00 -72.78 69.08
CA GLY SA 160 20.18 -73.77 70.13
C GLY SA 160 21.49 -73.59 70.86
N ALA SA 161 22.55 -73.27 70.12
CA ALA SA 161 23.83 -72.96 70.76
C ALA SA 161 23.71 -71.72 71.64
N LEU SA 162 23.00 -70.69 71.17
CA LEU SA 162 22.79 -69.50 71.97
C LEU SA 162 21.99 -69.81 73.23
N LYS SA 163 20.97 -70.67 73.11
CA LYS SA 163 20.19 -71.07 74.28
C LYS SA 163 21.06 -71.81 75.27
N GLY SA 164 21.92 -72.70 74.79
CA GLY SA 164 22.84 -73.37 75.68
C GLY SA 164 23.78 -72.41 76.37
N ALA SA 165 24.26 -71.40 75.65
CA ALA SA 165 25.17 -70.44 76.26
C ALA SA 165 24.48 -69.60 77.33
N VAL SA 166 23.27 -69.10 77.04
CA VAL SA 166 22.58 -68.28 78.02
C VAL SA 166 22.12 -69.12 79.20
N ASP SA 167 21.92 -70.41 79.00
CA ASP SA 167 21.67 -71.29 80.15
C ASP SA 167 22.94 -71.58 80.93
N GLY SA 168 24.07 -71.62 80.25
CA GLY SA 168 25.34 -71.78 80.94
C GLY SA 168 25.75 -70.56 81.74
N GLY SA 169 25.24 -69.39 81.38
CA GLY SA 169 25.41 -68.23 82.22
C GLY SA 169 26.04 -67.02 81.55
N LEU SA 170 26.02 -67.00 80.23
CA LEU SA 170 26.55 -65.88 79.46
C LEU SA 170 25.43 -64.94 79.08
N SER SA 171 25.68 -63.65 79.25
CA SER SA 171 24.71 -62.61 78.93
C SER SA 171 24.77 -62.33 77.43
N ILE SA 172 23.80 -62.85 76.69
CA ILE SA 172 23.72 -62.64 75.25
C ILE SA 172 22.37 -62.02 74.94
N PRO SA 173 22.32 -60.86 74.29
CA PRO SA 173 21.03 -60.28 73.92
C PRO SA 173 20.35 -61.12 72.86
N HIS SA 174 19.07 -61.44 73.11
CA HIS SA 174 18.31 -62.27 72.19
C HIS SA 174 16.83 -62.16 72.52
N SER SA 175 16.01 -62.61 71.59
CA SER SA 175 14.58 -62.76 71.81
C SER SA 175 14.18 -64.18 71.45
N THR SA 176 13.04 -64.60 71.98
CA THR SA 176 12.57 -65.96 71.78
C THR SA 176 11.89 -66.18 70.44
N LYS SA 177 12.01 -65.24 69.51
CA LYS SA 177 11.31 -65.34 68.24
C LYS SA 177 11.88 -66.42 67.34
N ARG SA 178 13.11 -66.85 67.58
CA ARG SA 178 13.77 -67.79 66.70
C ARG SA 178 13.94 -69.17 67.32
N PHE SA 179 13.56 -69.35 68.58
CA PHE SA 179 13.62 -70.66 69.19
C PHE SA 179 12.52 -71.55 68.62
N PRO SA 180 12.73 -72.88 68.62
CA PRO SA 180 11.77 -73.78 67.96
C PRO SA 180 10.37 -73.72 68.50
N GLY SA 181 10.17 -73.30 69.74
CA GLY SA 181 8.84 -73.23 70.29
C GLY SA 181 8.00 -72.08 69.78
N TYR SA 182 8.61 -71.12 69.09
CA TYR SA 182 7.88 -69.95 68.64
C TYR SA 182 6.88 -70.32 67.55
N ASP SA 183 5.73 -69.67 67.59
CA ASP SA 183 4.67 -69.86 66.60
C ASP SA 183 4.46 -68.56 65.85
N SER SA 184 4.51 -68.63 64.52
CA SER SA 184 4.43 -67.41 63.73
C SER SA 184 3.02 -66.85 63.68
N GLU SA 185 2.02 -67.71 63.51
CA GLU SA 185 0.65 -67.23 63.38
C GLU SA 185 0.13 -66.62 64.66
N SER SA 186 0.30 -67.32 65.78
CA SER SA 186 -0.16 -66.79 67.06
C SER SA 186 0.79 -65.77 67.65
N LYS SA 187 2.00 -65.65 67.11
CA LYS SA 187 3.01 -64.70 67.59
C LYS SA 187 3.28 -64.88 69.08
N GLU SA 188 3.30 -66.14 69.52
CA GLU SA 188 3.59 -66.47 70.92
C GLU SA 188 4.57 -67.64 70.96
N PHE SA 189 5.24 -67.75 72.09
CA PHE SA 189 6.31 -68.73 72.30
C PHE SA 189 5.79 -69.86 73.17
N ASN SA 190 5.83 -71.09 72.65
CA ASN SA 190 5.33 -72.23 73.41
C ASN SA 190 6.21 -72.54 74.61
N ALA SA 191 7.53 -72.46 74.43
CA ALA SA 191 8.52 -72.63 75.49
C ALA SA 191 8.51 -74.03 76.09
N GLU SA 192 7.78 -74.96 75.49
CA GLU SA 192 7.83 -76.34 75.94
C GLU SA 192 8.23 -77.30 74.83
N VAL SA 193 7.72 -77.09 73.61
CA VAL SA 193 8.28 -77.80 72.48
C VAL SA 193 9.73 -77.37 72.24
N HIS SA 194 10.09 -76.16 72.67
CA HIS SA 194 11.51 -75.79 72.66
C HIS SA 194 12.32 -76.67 73.60
N ARG SA 195 11.79 -76.96 74.79
CA ARG SA 195 12.47 -77.88 75.69
C ARG SA 195 12.51 -79.28 75.11
N LYS SA 196 11.47 -79.68 74.39
CA LYS SA 196 11.49 -80.97 73.71
C LYS SA 196 12.61 -81.03 72.68
N HIS SA 197 12.77 -79.97 71.89
CA HIS SA 197 13.87 -79.92 70.94
C HIS SA 197 15.22 -79.94 71.64
N ILE SA 198 15.32 -79.23 72.77
CA ILE SA 198 16.57 -79.20 73.53
C ILE SA 198 16.93 -80.59 74.03
N MET SA 199 15.93 -81.34 74.51
CA MET SA 199 16.14 -82.69 74.98
C MET SA 199 16.16 -83.71 73.85
N GLY SA 200 15.98 -83.26 72.61
CA GLY SA 200 16.05 -84.18 71.49
C GLY SA 200 14.83 -85.05 71.35
N GLN SA 201 13.67 -84.57 71.80
CA GLN SA 201 12.47 -85.38 71.74
C GLN SA 201 11.93 -85.50 70.32
N ASN SA 202 12.23 -84.54 69.46
CA ASN SA 202 11.80 -84.66 68.07
C ASN SA 202 12.55 -85.78 67.36
N VAL SA 203 13.84 -85.95 67.66
CA VAL SA 203 14.61 -87.04 67.08
C VAL SA 203 14.09 -88.38 67.59
N ALA SA 204 13.81 -88.47 68.89
CA ALA SA 204 13.26 -89.72 69.44
C ALA SA 204 11.88 -90.02 68.87
N ASP SA 205 11.07 -88.98 68.66
CA ASP SA 205 9.77 -89.15 68.05
C ASP SA 205 9.89 -89.67 66.63
N TYR SA 206 10.86 -89.15 65.87
CA TYR SA 206 11.11 -89.67 64.54
C TYR SA 206 11.55 -91.13 64.59
N MET SA 207 12.40 -91.47 65.56
CA MET SA 207 12.88 -92.83 65.70
C MET SA 207 11.73 -93.80 65.93
N ARG SA 208 10.88 -93.49 66.90
CA ARG SA 208 9.76 -94.38 67.20
C ARG SA 208 8.64 -94.27 66.18
N TYR SA 209 8.62 -93.23 65.35
CA TYR SA 209 7.70 -93.20 64.23
C TYR SA 209 8.16 -94.13 63.11
N LEU SA 210 9.47 -94.14 62.83
CA LEU SA 210 9.99 -95.03 61.80
C LEU SA 210 9.97 -96.48 62.26
N MET SA 211 10.17 -96.73 63.56
CA MET SA 211 10.20 -98.10 64.05
C MET SA 211 8.86 -98.80 63.84
N GLU SA 212 7.77 -98.07 63.99
CA GLU SA 212 6.45 -98.67 63.90
C GLU SA 212 5.92 -98.79 62.48
N GLU SA 213 6.60 -98.19 61.50
CA GLU SA 213 6.11 -98.24 60.12
C GLU SA 213 7.06 -98.91 59.14
N ASP SA 214 8.38 -98.83 59.36
CA ASP SA 214 9.34 -99.44 58.44
C ASP SA 214 10.64 -99.68 59.21
N GLU SA 215 10.92 -100.95 59.49
CA GLU SA 215 12.12 -101.28 60.26
C GLU SA 215 13.38 -100.99 59.46
N ASP SA 216 13.39 -101.37 58.17
CA ASP SA 216 14.60 -101.19 57.36
C ASP SA 216 14.88 -99.71 57.11
N ALA SA 217 13.83 -98.92 56.90
CA ALA SA 217 14.03 -97.47 56.76
C ALA SA 217 14.53 -96.87 58.07
N TYR SA 218 14.02 -97.35 59.20
CA TYR SA 218 14.51 -96.89 60.49
C TYR SA 218 15.98 -97.22 60.67
N LYS SA 219 16.39 -98.42 60.27
CA LYS SA 219 17.80 -98.79 60.36
C LYS SA 219 18.66 -97.95 59.44
N LYS SA 220 18.17 -97.68 58.23
CA LYS SA 220 18.92 -96.83 57.31
C LYS SA 220 19.10 -95.42 57.86
N GLN SA 221 18.06 -94.87 58.49
CA GLN SA 221 18.17 -93.51 59.00
C GLN SA 221 18.99 -93.45 60.28
N PHE SA 222 18.88 -94.44 61.16
CA PHE SA 222 19.54 -94.37 62.46
C PHE SA 222 20.48 -95.54 62.66
N SER SA 223 21.28 -95.86 61.65
CA SER SA 223 22.19 -97.00 61.72
C SER SA 223 23.17 -96.88 62.88
N GLN SA 224 23.83 -95.72 63.02
CA GLN SA 224 24.77 -95.54 64.11
C GLN SA 224 24.07 -95.31 65.45
N TYR SA 225 22.77 -95.06 65.45
CA TYR SA 225 22.02 -95.07 66.70
C TYR SA 225 21.83 -96.49 67.21
N ILE SA 226 21.75 -97.46 66.31
CA ILE SA 226 21.63 -98.85 66.72
C ILE SA 226 22.91 -99.28 67.43
N LYS SA 227 24.05 -98.94 66.87
CA LYS SA 227 25.29 -99.02 67.63
C LYS SA 227 25.22 -98.04 68.79
N ASN SA 228 25.90 -98.39 69.87
CA ASN SA 228 25.86 -97.71 71.17
C ASN SA 228 24.51 -97.86 71.85
N SER SA 229 23.55 -98.54 71.22
CA SER SA 229 22.26 -98.89 71.82
C SER SA 229 21.53 -97.65 72.35
N VAL SA 230 21.36 -96.67 71.48
CA VAL SA 230 20.68 -95.43 71.83
C VAL SA 230 19.25 -95.56 71.31
N THR SA 231 18.37 -96.09 72.16
CA THR SA 231 16.96 -96.17 71.84
C THR SA 231 16.30 -94.83 72.12
N PRO SA 232 15.10 -94.58 71.59
CA PRO SA 232 14.43 -93.30 71.87
C PRO SA 232 14.13 -93.06 73.34
N ASP SA 233 14.12 -94.11 74.17
CA ASP SA 233 13.64 -93.97 75.54
C ASP SA 233 14.59 -93.13 76.39
N MET SA 234 15.89 -93.42 76.34
CA MET SA 234 16.82 -92.76 77.25
C MET SA 234 17.47 -91.51 76.66
N MET SA 235 16.97 -91.00 75.54
CA MET SA 235 17.59 -89.82 74.94
C MET SA 235 17.46 -88.61 75.86
N GLU SA 236 16.28 -88.41 76.42
CA GLU SA 236 16.08 -87.28 77.33
C GLU SA 236 17.00 -87.38 78.54
N GLU SA 237 17.10 -88.57 79.12
CA GLU SA 237 17.94 -88.77 80.30
C GLU SA 237 19.41 -88.62 79.96
N MET SA 238 19.84 -89.07 78.79
CA MET SA 238 21.26 -88.95 78.45
C MET SA 238 21.62 -87.52 78.14
N TYR SA 239 20.70 -86.73 77.59
CA TYR SA 239 21.00 -85.31 77.42
C TYR SA 239 21.03 -84.59 78.75
N LYS SA 240 20.15 -84.96 79.68
CA LYS SA 240 20.23 -84.41 81.03
C LYS SA 240 21.56 -84.77 81.69
N LYS SA 241 21.99 -86.03 81.53
CA LYS SA 241 23.25 -86.47 82.11
C LYS SA 241 24.43 -85.75 81.48
N ALA SA 242 24.38 -85.51 80.18
CA ALA SA 242 25.43 -84.75 79.51
C ALA SA 242 25.49 -83.33 80.04
N HIS SA 243 24.33 -82.70 80.24
CA HIS SA 243 24.32 -81.36 80.83
C HIS SA 243 24.95 -81.38 82.22
N ALA SA 244 24.57 -82.36 83.03
CA ALA SA 244 25.11 -82.44 84.39
C ALA SA 244 26.61 -82.64 84.37
N ALA SA 245 27.10 -83.52 83.49
CA ALA SA 245 28.53 -83.77 83.42
C ALA SA 245 29.29 -82.55 82.92
N ILE SA 246 28.69 -81.81 81.98
CA ILE SA 246 29.32 -80.58 81.50
C ILE SA 246 29.44 -79.58 82.64
N ARG SA 247 28.39 -79.45 83.45
CA ARG SA 247 28.47 -78.57 84.62
C ARG SA 247 29.55 -79.05 85.59
N GLU SA 248 29.63 -80.36 85.82
CA GLU SA 248 30.59 -80.90 86.77
C GLU SA 248 32.03 -80.65 86.34
N ASN SA 249 32.34 -80.89 85.06
CA ASN SA 249 33.70 -80.77 84.56
C ASN SA 249 33.69 -80.17 83.17
N PRO SA 250 33.89 -78.86 83.07
CA PRO SA 250 33.93 -78.21 81.75
C PRO SA 250 35.32 -77.96 81.17
N VAL SA 251 36.40 -78.25 81.90
CA VAL SA 251 37.73 -77.87 81.44
C VAL SA 251 38.16 -78.77 80.27
N TYR SA 252 39.14 -78.28 79.51
CA TYR SA 252 39.64 -78.96 78.33
C TYR SA 252 41.12 -79.26 78.48
N GLU SA 253 41.54 -80.36 77.86
CA GLU SA 253 42.94 -80.72 77.80
C GLU SA 253 43.27 -81.19 76.39
N LYS SA 254 44.53 -81.00 76.00
CA LYS SA 254 45.00 -81.40 74.69
C LYS SA 254 45.87 -82.65 74.83
N LYS SA 255 45.56 -83.67 74.03
CA LYS SA 255 46.28 -84.93 74.12
C LYS SA 255 47.71 -84.75 73.61
N PRO SA 256 48.69 -85.36 74.27
CA PRO SA 256 50.08 -85.24 73.83
C PRO SA 256 50.45 -86.26 72.76
N LYS SA 257 51.18 -85.79 71.74
CA LYS SA 257 51.65 -86.65 70.68
C LYS SA 257 52.91 -86.03 70.08
N LYS SA 258 54.02 -86.76 70.14
CA LYS SA 258 55.29 -86.30 69.60
C LYS SA 258 56.01 -87.36 68.78
N GLU SA 259 55.40 -88.53 68.56
CA GLU SA 259 56.02 -89.62 67.85
C GLU SA 259 56.17 -89.35 66.36
N VAL SA 260 55.57 -88.28 65.84
CA VAL SA 260 55.49 -88.08 64.40
C VAL SA 260 56.89 -87.83 63.83
N LYS SA 261 57.18 -88.47 62.71
CA LYS SA 261 58.39 -88.21 61.96
C LYS SA 261 58.06 -87.31 60.76
N LYS SA 262 59.05 -86.53 60.35
CA LYS SA 262 58.83 -85.53 59.30
C LYS SA 262 58.56 -86.23 57.97
N LYS SA 263 57.32 -86.14 57.51
CA LYS SA 263 56.90 -86.69 56.23
C LYS SA 263 56.26 -85.60 55.40
N ARG SA 264 56.66 -85.50 54.14
CA ARG SA 264 56.14 -84.52 53.21
C ARG SA 264 55.24 -85.22 52.21
N TRP SA 265 53.99 -84.79 52.12
CA TRP SA 265 53.04 -85.38 51.18
C TRP SA 265 52.81 -84.52 49.96
N ASN SA 266 52.90 -83.21 50.08
CA ASN SA 266 52.73 -82.33 48.94
C ASN SA 266 53.95 -82.37 48.05
N ARG SA 267 53.81 -81.79 46.89
CA ARG SA 267 54.94 -81.63 45.99
C ARG SA 267 55.63 -80.30 46.25
N PRO SA 268 56.94 -80.26 46.33
CA PRO SA 268 57.64 -78.97 46.39
C PRO SA 268 57.55 -78.26 45.06
N LYS SA 269 57.77 -76.94 45.10
CA LYS SA 269 57.80 -76.17 43.87
C LYS SA 269 59.03 -76.54 43.04
N MET SA 270 58.84 -76.65 41.73
CA MET SA 270 59.95 -76.92 40.83
C MET SA 270 60.88 -75.72 40.78
N SER SA 271 62.18 -76.00 40.71
CA SER SA 271 63.16 -74.93 40.62
C SER SA 271 63.10 -74.26 39.24
N LEU SA 272 63.61 -73.03 39.19
CA LEU SA 272 63.69 -72.31 37.93
C LEU SA 272 64.58 -73.04 36.93
N ALA SA 273 65.71 -73.57 37.42
CA ALA SA 273 66.57 -74.38 36.56
C ALA SA 273 65.84 -75.62 36.08
N GLN SA 274 65.01 -76.22 36.93
CA GLN SA 274 64.24 -77.39 36.51
C GLN SA 274 63.24 -77.03 35.42
N LYS SA 275 62.56 -75.89 35.56
CA LYS SA 275 61.61 -75.49 34.52
C LYS SA 275 62.32 -75.20 33.21
N LYS SA 276 63.46 -74.51 33.26
CA LYS SA 276 64.22 -74.22 32.04
C LYS SA 276 64.71 -75.50 31.39
N ASP SA 277 65.21 -76.44 32.19
CA ASP SA 277 65.67 -77.70 31.63
C ASP SA 277 64.51 -78.48 31.03
N ARG SA 278 63.34 -78.45 31.68
CA ARG SA 278 62.18 -79.15 31.16
C ARG SA 278 61.75 -78.59 29.81
N VAL SA 279 61.71 -77.26 29.68
CA VAL SA 279 61.30 -76.71 28.39
C VAL SA 279 62.36 -76.96 27.32
N ALA SA 280 63.64 -76.96 27.70
CA ALA SA 280 64.69 -77.30 26.74
C ALA SA 280 64.54 -78.73 26.25
N GLN SA 281 64.26 -79.66 27.17
CA GLN SA 281 64.06 -81.05 26.77
C GLN SA 281 62.83 -81.22 25.90
N LYS SA 282 61.75 -80.49 26.20
CA LYS SA 282 60.56 -80.56 25.35
C LYS SA 282 60.86 -80.07 23.95
N LYS SA 283 61.61 -78.97 23.82
CA LYS SA 283 61.99 -78.49 22.50
C LYS SA 283 62.85 -79.50 21.75
N ALA SA 284 63.82 -80.10 22.45
CA ALA SA 284 64.68 -81.09 21.81
C ALA SA 284 63.89 -82.29 21.34
N SER SA 285 62.94 -82.75 22.16
CA SER SA 285 62.10 -83.88 21.77
C SER SA 285 61.23 -83.54 20.57
N PHE SA 286 60.70 -82.32 20.51
CA PHE SA 286 59.93 -81.92 19.34
C PHE SA 286 60.80 -81.91 18.09
N LEU SA 287 62.02 -81.39 18.19
CA LEU SA 287 62.90 -81.37 17.02
C LEU SA 287 63.26 -82.78 16.58
N ARG SA 288 63.51 -83.67 17.53
CA ARG SA 288 63.83 -85.06 17.20
C ARG SA 288 62.66 -85.74 16.51
N ALA SA 289 61.45 -85.54 17.03
CA ALA SA 289 60.27 -86.11 16.38
C ALA SA 289 60.06 -85.53 14.99
N GLN SA 290 60.34 -84.24 14.80
CA GLN SA 290 60.21 -83.64 13.48
C GLN SA 290 61.21 -84.23 12.50
N GLU SA 291 62.47 -84.42 12.92
CA GLU SA 291 63.45 -84.98 12.00
C GLU SA 291 63.16 -86.45 11.73
N ARG SA 292 62.53 -87.15 12.68
CA ARG SA 292 62.01 -88.48 12.37
C ARG SA 292 60.91 -88.40 11.33
N ALA SA 293 60.05 -87.39 11.42
CA ALA SA 293 58.99 -87.11 10.44
C ALA SA 293 58.03 -88.27 10.26
N LYS TA 1 126.48 4.14 88.71
CA LYS TA 1 126.36 4.57 87.33
C LYS TA 1 127.34 3.81 86.42
N GLY TA 2 126.84 3.38 85.27
CA GLY TA 2 127.68 2.68 84.32
C GLY TA 2 127.73 3.37 82.97
N LYS TA 3 128.81 3.13 82.22
CA LYS TA 3 128.94 3.75 80.91
C LYS TA 3 127.87 3.18 79.98
N PRO TA 4 127.09 4.01 79.29
CA PRO TA 4 126.06 3.49 78.39
C PRO TA 4 126.65 2.64 77.28
N HIS TA 5 125.95 1.56 76.96
CA HIS TA 5 126.38 0.64 75.92
C HIS TA 5 125.61 0.91 74.64
N CYS TA 6 126.12 0.33 73.54
CA CYS TA 6 125.37 0.36 72.29
C CYS TA 6 124.12 -0.50 72.42
N SER TA 7 123.28 -0.42 71.39
CA SER TA 7 121.94 -1.00 71.49
C SER TA 7 121.96 -2.51 71.66
N ARG TA 8 123.02 -3.17 71.20
CA ARG TA 8 123.25 -4.59 71.46
C ARG TA 8 122.20 -5.48 70.79
N ASN TA 9 121.20 -4.86 70.17
CA ASN TA 9 120.19 -5.54 69.36
C ASN TA 9 120.22 -4.87 68.00
N PRO TA 10 120.99 -5.38 67.06
CA PRO TA 10 121.07 -4.74 65.74
C PRO TA 10 119.72 -4.71 65.07
N VAL TA 11 119.45 -3.61 64.39
CA VAL TA 11 118.19 -3.45 63.67
C VAL TA 11 118.36 -4.00 62.27
N LEU TA 12 117.40 -4.80 61.83
CA LEU TA 12 117.37 -5.30 60.47
C LEU TA 12 116.22 -4.75 59.65
N VAL TA 13 115.09 -4.49 60.29
CA VAL TA 13 113.97 -3.77 59.70
C VAL TA 13 113.46 -2.84 60.78
N ARG TA 14 113.06 -1.62 60.39
CA ARG TA 14 112.58 -0.64 61.35
C ARG TA 14 111.48 -1.21 62.22
N GLY TA 15 111.69 -1.17 63.54
CA GLY TA 15 110.75 -1.70 64.49
C GLY TA 15 110.93 -3.15 64.84
N ILE TA 16 111.86 -3.85 64.19
CA ILE TA 16 112.12 -5.26 64.47
C ILE TA 16 113.62 -5.41 64.69
N GLY TA 17 114.01 -5.91 65.85
CA GLY TA 17 115.40 -6.19 66.11
C GLY TA 17 115.78 -7.57 65.62
N ARG TA 18 117.09 -7.80 65.51
CA ARG TA 18 117.55 -9.08 64.98
C ARG TA 18 117.41 -10.21 65.98
N TYR TA 19 117.46 -9.92 67.28
CA TYR TA 19 117.49 -10.94 68.31
C TYR TA 19 116.18 -10.97 69.08
N SER TA 20 115.77 -12.17 69.48
CA SER TA 20 114.51 -12.38 70.16
C SER TA 20 114.62 -11.99 71.63
N ARG TA 21 113.56 -12.27 72.40
CA ARG TA 21 113.54 -11.90 73.81
C ARG TA 21 114.58 -12.68 74.60
N SER TA 22 114.61 -14.00 74.43
CA SER TA 22 115.58 -14.81 75.15
C SER TA 22 117.00 -14.56 74.68
N ALA TA 23 117.18 -14.33 73.38
CA ALA TA 23 118.50 -14.01 72.86
C ALA TA 23 119.02 -12.71 73.47
N MET TA 24 118.16 -11.70 73.55
CA MET TA 24 118.57 -10.44 74.15
C MET TA 24 118.78 -10.57 75.65
N TYR TA 25 118.00 -11.42 76.32
CA TYR TA 25 118.23 -11.71 77.73
C TYR TA 25 119.62 -12.28 77.94
N SER TA 26 120.01 -13.24 77.10
CA SER TA 26 121.35 -13.82 77.19
C SER TA 26 122.43 -12.80 76.88
N ARG TA 27 122.21 -11.96 75.86
CA ARG TA 27 123.23 -10.99 75.50
C ARG TA 27 123.43 -9.94 76.57
N LYS TA 28 122.35 -9.49 77.21
CA LYS TA 28 122.45 -8.50 78.27
C LYS TA 28 122.79 -9.10 79.62
N ALA TA 29 122.79 -10.43 79.75
CA ALA TA 29 123.10 -11.11 81.01
C ALA TA 29 122.17 -10.65 82.12
N MET TA 30 120.88 -10.56 81.81
CA MET TA 30 119.90 -10.23 82.82
C MET TA 30 119.73 -11.33 83.86
N TYR TA 31 120.30 -12.51 83.63
CA TYR TA 31 120.18 -13.60 84.59
C TYR TA 31 120.93 -13.29 85.88
N LYS TA 32 121.94 -12.43 85.82
CA LYS TA 32 122.66 -12.03 87.02
C LYS TA 32 122.43 -10.59 87.43
N ARG TA 33 121.90 -9.75 86.54
CA ARG TA 33 121.56 -8.37 86.89
C ARG TA 33 120.12 -8.33 87.38
N LYS TA 34 119.92 -8.87 88.58
CA LYS TA 34 118.62 -8.95 89.21
C LYS TA 34 118.58 -8.02 90.42
N TYR TA 35 117.54 -7.20 90.49
CA TYR TA 35 117.38 -6.21 91.56
C TYR TA 35 116.04 -6.42 92.25
N SER TA 36 116.06 -6.44 93.58
CA SER TA 36 114.87 -6.75 94.36
C SER TA 36 114.13 -5.49 94.80
N ALA TA 37 114.78 -4.63 95.55
CA ALA TA 37 114.14 -3.44 96.11
C ALA TA 37 115.17 -2.34 96.20
N ALA TA 38 114.88 -1.31 96.98
CA ALA TA 38 115.78 -0.17 97.14
C ALA TA 38 117.03 -0.57 97.94
N LYS TA 49 112.23 19.15 96.53
CA LYS TA 49 113.07 19.31 95.35
C LYS TA 49 113.13 20.77 94.93
N VAL TA 50 112.09 21.23 94.24
CA VAL TA 50 112.02 22.60 93.77
C VAL TA 50 111.48 23.48 94.89
N LEU TA 51 112.23 24.53 95.23
CA LEU TA 51 111.86 25.42 96.32
C LEU TA 51 111.05 26.58 95.74
N ALA TA 52 109.74 26.59 96.04
CA ALA TA 52 108.88 27.65 95.55
C ALA TA 52 109.03 28.94 96.34
N THR TA 53 109.30 28.84 97.64
CA THR TA 53 109.43 30.01 98.49
C THR TA 53 110.86 30.13 99.02
N VAL TA 54 111.26 31.36 99.32
CA VAL TA 54 112.54 31.64 99.94
C VAL TA 54 112.31 32.67 101.04
N THR TA 55 113.04 32.53 102.13
CA THR TA 55 112.94 33.45 103.26
C THR TA 55 114.10 34.44 103.19
N LYS TA 56 113.76 35.74 103.14
CA LYS TA 56 114.74 36.77 102.88
C LYS TA 56 114.72 37.82 103.98
N PRO TA 57 115.87 38.41 104.31
CA PRO TA 57 115.90 39.47 105.33
C PRO TA 57 115.19 40.72 104.81
N VAL TA 58 114.10 41.08 105.50
CA VAL TA 58 113.28 42.19 105.03
C VAL TA 58 114.01 43.52 105.23
N GLY TA 59 114.73 43.67 106.33
CA GLY TA 59 115.35 44.93 106.66
C GLY TA 59 114.40 45.87 107.38
N GLY TA 60 114.99 46.84 108.08
CA GLY TA 60 114.21 47.76 108.88
C GLY TA 60 113.96 47.26 110.29
N ASP TA 61 114.14 48.14 111.26
CA ASP TA 61 113.90 47.78 112.66
C ASP TA 61 112.41 47.56 112.91
N LYS TA 62 112.12 46.67 113.87
CA LYS TA 62 110.77 46.26 114.28
C LYS TA 62 109.85 45.97 113.09
N ASN TA 63 110.43 45.54 111.97
CA ASN TA 63 109.69 45.15 110.79
C ASN TA 63 109.61 43.63 110.67
N GLY TA 64 109.54 42.93 111.80
CA GLY TA 64 109.59 41.49 111.81
C GLY TA 64 111.00 40.99 111.53
N GLY TA 65 111.16 39.69 111.66
CA GLY TA 65 112.44 39.08 111.37
C GLY TA 65 112.75 39.10 109.88
N THR TA 66 112.01 38.29 109.12
CA THR TA 66 112.26 38.11 107.70
C THR TA 66 110.92 38.03 106.98
N ARG TA 67 110.99 37.94 105.66
CA ARG TA 67 109.80 37.78 104.81
C ARG TA 67 109.89 36.46 104.08
N VAL TA 68 108.83 35.66 104.20
CA VAL TA 68 108.77 34.37 103.48
C VAL TA 68 108.14 34.68 102.13
N VAL TA 69 108.98 35.11 101.19
CA VAL TA 69 108.49 35.50 99.88
C VAL TA 69 108.37 34.24 99.02
N LYS TA 70 107.40 34.22 98.13
CA LYS TA 70 107.21 33.11 97.22
C LYS TA 70 107.32 33.59 95.79
N LEU TA 71 108.07 32.85 94.99
CA LEU TA 71 108.12 33.10 93.56
C LEU TA 71 106.91 32.47 92.91
N ARG TA 72 106.63 32.90 91.67
CA ARG TA 72 105.48 32.42 90.91
C ARG TA 72 104.17 32.67 91.66
N LYS TA 73 103.88 33.96 91.81
CA LYS TA 73 102.70 34.39 92.53
C LYS TA 73 101.42 33.98 91.80
N MET TA 74 100.31 34.04 92.51
CA MET TA 74 99.02 33.74 91.92
C MET TA 74 98.67 34.80 90.88
N PRO TA 75 97.96 34.41 89.82
CA PRO TA 75 97.61 35.38 88.78
C PRO TA 75 96.75 36.50 89.32
N ARG TA 76 96.99 37.71 88.82
CA ARG TA 76 96.24 38.88 89.25
C ARG TA 76 95.00 39.13 88.40
N TYR TA 77 94.77 38.33 87.36
CA TYR TA 77 93.61 38.50 86.52
C TYR TA 77 93.29 37.16 85.88
N TYR TA 78 92.00 36.89 85.72
CA TYR TA 78 91.55 35.68 85.08
C TYR TA 78 90.63 36.03 83.92
N PRO TA 79 90.79 35.39 82.76
CA PRO TA 79 89.84 35.59 81.68
C PRO TA 79 88.47 35.06 82.06
N THR TA 80 87.44 35.64 81.42
CA THR TA 80 86.07 35.23 81.72
C THR TA 80 85.84 33.76 81.38
N GLU TA 81 86.56 33.24 80.40
CA GLU TA 81 86.48 31.82 80.07
C GLU TA 81 87.76 31.41 79.36
N ASP TA 82 88.03 30.11 79.38
CA ASP TA 82 89.29 29.56 78.92
C ASP TA 82 89.03 28.44 77.92
N VAL TA 83 90.11 27.81 77.47
CA VAL TA 83 90.07 26.77 76.46
C VAL TA 83 90.60 25.49 77.09
N PRO TA 84 89.91 24.35 76.95
CA PRO TA 84 90.42 23.10 77.50
C PRO TA 84 91.71 22.67 76.82
N ARG TA 85 92.54 21.94 77.58
CA ARG TA 85 93.79 21.46 77.05
C ARG TA 85 93.57 20.33 76.06
N LYS TA 86 94.57 20.09 75.22
CA LYS TA 86 94.46 19.11 74.16
C LYS TA 86 94.73 17.71 74.69
N LEU TA 87 94.33 16.71 73.90
CA LEU TA 87 94.72 15.34 74.15
C LEU TA 87 96.16 15.14 73.70
N LEU TA 88 96.73 13.99 74.05
CA LEU TA 88 98.14 13.70 73.79
C LEU TA 88 98.27 12.81 72.56
N SER TA 89 99.28 13.10 71.73
CA SER TA 89 99.31 12.63 70.36
C SER TA 89 100.39 11.61 70.04
N HIS TA 90 101.36 11.39 70.93
CA HIS TA 90 102.41 10.36 70.83
C HIS TA 90 103.20 10.42 69.53
N GLY TA 91 103.23 11.53 68.85
CA GLY TA 91 104.03 11.68 67.65
C GLY TA 91 104.30 13.13 67.42
N LYS TA 92 104.36 13.53 66.15
CA LYS TA 92 104.32 14.94 65.78
C LYS TA 92 105.50 15.70 66.38
N LYS TA 93 106.69 15.25 66.01
CA LYS TA 93 107.91 15.89 66.46
C LYS TA 93 108.05 17.27 65.81
N PRO TA 94 108.81 18.17 66.42
CA PRO TA 94 109.05 19.47 65.79
C PRO TA 94 109.96 19.35 64.58
N PHE TA 95 109.93 20.41 63.76
CA PHE TA 95 110.66 20.42 62.51
C PHE TA 95 112.15 20.28 62.72
N SER TA 96 112.67 20.76 63.84
CA SER TA 96 114.08 20.58 64.15
C SER TA 96 114.44 19.13 64.38
N GLN TA 97 113.48 18.30 64.76
CA GLN TA 97 113.71 16.89 65.01
C GLN TA 97 113.21 15.99 63.88
N HIS TA 98 112.57 16.55 62.86
CA HIS TA 98 112.23 15.74 61.70
C HIS TA 98 113.48 15.18 61.03
N VAL TA 99 113.35 13.98 60.47
CA VAL TA 99 114.44 13.38 59.71
C VAL TA 99 114.53 14.05 58.35
N ARG TA 100 115.76 14.20 57.86
CA ARG TA 100 116.02 14.90 56.61
C ARG TA 100 116.29 13.88 55.52
N LYS TA 101 115.37 13.77 54.58
CA LYS TA 101 115.53 12.88 53.44
C LYS TA 101 116.10 13.65 52.26
N LEU TA 102 117.02 13.01 51.55
CA LEU TA 102 117.65 13.61 50.37
C LEU TA 102 117.57 12.61 49.23
N ARG TA 103 117.22 13.10 48.03
CA ARG TA 103 117.05 12.22 46.89
C ARG TA 103 118.37 11.57 46.52
N ALA TA 104 118.28 10.32 46.04
CA ALA TA 104 119.48 9.55 45.74
C ALA TA 104 120.27 10.12 44.59
N SER TA 105 119.64 10.88 43.71
CA SER TA 105 120.32 11.47 42.56
C SER TA 105 121.09 12.73 42.89
N ILE TA 106 120.99 13.22 44.12
CA ILE TA 106 121.71 14.41 44.57
C ILE TA 106 122.83 13.95 45.49
N THR TA 107 124.06 14.14 45.05
CA THR TA 107 125.26 13.86 45.81
C THR TA 107 126.20 15.05 45.67
N PRO TA 108 127.10 15.27 46.65
CA PRO TA 108 127.98 16.44 46.59
C PRO TA 108 128.77 16.57 45.31
N GLY TA 109 128.60 17.69 44.61
CA GLY TA 109 129.21 17.91 43.32
C GLY TA 109 128.28 17.77 42.15
N THR TA 110 127.04 17.34 42.39
CA THR TA 110 126.07 17.18 41.31
C THR TA 110 125.68 18.54 40.76
N ILE TA 111 125.49 18.61 39.44
CA ILE TA 111 125.02 19.84 38.82
C ILE TA 111 123.50 19.84 38.86
N LEU TA 112 122.93 20.74 39.64
CA LEU TA 112 121.49 20.89 39.75
C LEU TA 112 121.01 22.04 38.90
N ILE TA 113 119.71 22.04 38.62
CA ILE TA 113 119.05 23.10 37.87
C ILE TA 113 118.02 23.75 38.76
N ILE TA 114 118.17 25.05 38.98
CA ILE TA 114 117.24 25.78 39.84
C ILE TA 114 115.96 26.05 39.06
N LEU TA 115 114.82 25.81 39.69
CA LEU TA 115 113.53 25.95 39.02
C LEU TA 115 112.72 27.16 39.48
N THR TA 116 113.05 27.76 40.62
CA THR TA 116 112.28 28.87 41.16
C THR TA 116 113.24 29.93 41.67
N GLY TA 117 112.72 31.14 41.80
CA GLY TA 117 113.50 32.26 42.29
C GLY TA 117 114.05 33.10 41.17
N ARG TA 118 114.86 34.09 41.55
CA ARG TA 118 115.48 34.95 40.55
C ARG TA 118 116.59 34.23 39.80
N HIS TA 119 117.08 33.11 40.32
CA HIS TA 119 118.08 32.28 39.66
C HIS TA 119 117.43 31.12 38.93
N ARG TA 120 116.25 31.39 38.38
CA ARG TA 120 115.46 30.39 37.70
C ARG TA 120 116.17 29.87 36.46
N GLY TA 121 116.30 28.56 36.36
CA GLY TA 121 116.90 27.94 35.20
C GLY TA 121 118.41 27.88 35.20
N LYS TA 122 119.07 28.42 36.21
CA LYS TA 122 120.51 28.38 36.26
C LYS TA 122 121.00 27.02 36.74
N ARG TA 123 122.18 26.65 36.29
CA ARG TA 123 122.81 25.39 36.65
C ARG TA 123 123.87 25.65 37.70
N VAL TA 124 123.71 25.02 38.87
CA VAL TA 124 124.56 25.28 40.02
C VAL TA 124 125.18 23.96 40.48
N VAL TA 125 126.13 24.08 41.41
CA VAL TA 125 126.86 22.94 41.94
C VAL TA 125 126.36 22.68 43.35
N PHE TA 126 126.01 21.42 43.63
CA PHE TA 126 125.58 21.03 44.96
C PHE TA 126 126.78 20.78 45.86
N LEU TA 127 126.68 21.23 47.10
CA LEU TA 127 127.76 21.07 48.07
C LEU TA 127 127.41 20.11 49.19
N LYS TA 128 126.33 20.39 49.92
CA LYS TA 128 125.94 19.59 51.06
C LYS TA 128 124.50 19.90 51.39
N GLN TA 129 123.90 19.02 52.19
CA GLN TA 129 122.57 19.25 52.74
C GLN TA 129 122.70 19.80 54.14
N LEU TA 130 122.01 20.90 54.41
CA LEU TA 130 122.09 21.54 55.71
C LEU TA 130 121.20 20.81 56.71
N ALA TA 131 121.30 21.24 57.98
CA ALA TA 131 120.56 20.58 59.05
C ALA TA 131 119.06 20.75 58.89
N SER TA 132 118.60 21.77 58.19
CA SER TA 132 117.19 21.97 57.90
C SER TA 132 116.73 21.20 56.68
N GLY TA 133 117.62 20.43 56.06
CA GLY TA 133 117.30 19.70 54.86
C GLY TA 133 117.49 20.49 53.58
N LEU TA 134 117.62 21.80 53.68
CA LEU TA 134 117.85 22.62 52.50
C LEU TA 134 119.25 22.39 51.96
N LEU TA 135 119.35 22.28 50.64
CA LEU TA 135 120.62 22.11 49.98
C LEU TA 135 121.40 23.42 50.00
N LEU TA 136 122.72 23.31 50.12
CA LEU TA 136 123.61 24.44 49.95
C LEU TA 136 124.27 24.33 48.58
N VAL TA 137 124.05 25.33 47.73
CA VAL TA 137 124.55 25.29 46.36
C VAL TA 137 125.37 26.54 46.10
N THR TA 138 126.32 26.41 45.18
CA THR TA 138 126.98 27.58 44.62
C THR TA 138 127.41 27.23 43.19
N GLY TA 139 126.58 27.59 42.23
CA GLY TA 139 127.05 27.70 40.88
C GLY TA 139 127.93 28.91 40.89
N PRO TA 140 129.24 28.71 40.74
CA PRO TA 140 130.21 29.71 41.22
C PRO TA 140 129.91 31.10 40.70
N LEU TA 141 130.02 32.08 41.60
CA LEU TA 141 129.52 33.42 41.32
C LEU TA 141 130.17 34.02 40.08
N VAL TA 142 131.41 33.64 39.78
CA VAL TA 142 132.07 34.09 38.58
C VAL TA 142 131.51 33.42 37.32
N LEU TA 143 130.72 32.36 37.48
CA LEU TA 143 130.17 31.65 36.34
C LEU TA 143 128.75 32.11 36.01
N ASN TA 144 127.83 32.03 36.97
CA ASN TA 144 126.45 32.38 36.69
C ASN TA 144 125.81 33.23 37.78
N ARG TA 145 126.60 33.96 38.56
CA ARG TA 145 126.11 34.95 39.52
C ARG TA 145 125.21 34.33 40.59
N VAL TA 146 125.48 33.09 40.98
CA VAL TA 146 124.74 32.45 42.06
C VAL TA 146 125.70 32.28 43.24
N PRO TA 147 125.49 32.97 44.34
CA PRO TA 147 126.41 32.83 45.47
C PRO TA 147 126.17 31.56 46.26
N LEU TA 148 126.87 31.40 47.37
CA LEU TA 148 126.52 30.33 48.31
C LEU TA 148 125.11 30.58 48.79
N ARG TA 149 124.17 29.73 48.39
CA ARG TA 149 122.76 29.99 48.64
C ARG TA 149 122.08 28.69 49.01
N ARG TA 150 121.09 28.79 49.89
CA ARG TA 150 120.23 27.65 50.16
C ARG TA 150 119.22 27.46 49.04
N THR TA 151 118.75 26.24 48.89
CA THR TA 151 117.70 25.93 47.93
C THR TA 151 117.00 24.67 48.40
N HIS TA 152 115.82 24.42 47.86
CA HIS TA 152 115.01 23.30 48.27
C HIS TA 152 115.14 22.17 47.26
N GLN TA 153 115.35 20.95 47.75
CA GLN TA 153 115.56 19.81 46.87
C GLN TA 153 114.31 19.48 46.06
N LYS TA 154 113.14 19.91 46.51
CA LYS TA 154 111.92 19.68 45.76
C LYS TA 154 111.80 20.59 44.55
N PHE TA 155 112.64 21.60 44.43
CA PHE TA 155 112.59 22.56 43.34
C PHE TA 155 113.90 22.59 42.56
N VAL TA 156 114.59 21.45 42.46
CA VAL TA 156 115.79 21.33 41.65
C VAL TA 156 115.66 20.09 40.79
N ILE TA 157 116.44 20.05 39.72
CA ILE TA 157 116.56 18.88 38.87
C ILE TA 157 117.99 18.40 38.97
N ALA TA 158 118.18 17.22 39.53
CA ALA TA 158 119.51 16.64 39.70
C ALA TA 158 119.94 16.03 38.37
N THR TA 159 120.80 16.73 37.64
CA THR TA 159 121.29 16.19 36.39
C THR TA 159 122.31 15.09 36.65
N SER TA 160 122.55 14.29 35.62
CA SER TA 160 123.45 13.15 35.73
C SER TA 160 124.91 13.55 35.79
N THR TA 161 125.26 14.77 35.42
CA THR TA 161 126.66 15.18 35.43
C THR TA 161 127.06 15.63 36.82
N LYS TA 162 128.18 15.10 37.30
CA LYS TA 162 128.69 15.38 38.63
C LYS TA 162 130.18 15.60 38.55
N ILE TA 163 130.71 16.38 39.49
CA ILE TA 163 132.14 16.57 39.61
C ILE TA 163 132.57 16.15 41.00
N ASP TA 164 133.77 15.59 41.09
CA ASP TA 164 134.31 15.12 42.36
C ASP TA 164 134.72 16.33 43.19
N ILE TA 165 133.84 16.77 44.09
CA ILE TA 165 134.16 17.84 45.00
C ILE TA 165 134.53 17.30 46.39
N SER TA 166 134.96 16.05 46.47
CA SER TA 166 135.58 15.61 47.70
C SER TA 166 136.87 16.37 47.92
N ASN TA 167 137.46 16.18 49.11
CA ASN TA 167 138.69 16.85 49.54
C ASN TA 167 138.65 18.36 49.31
N VAL TA 168 137.47 18.96 49.37
CA VAL TA 168 137.34 20.40 49.52
C VAL TA 168 136.79 20.66 50.91
N LYS TA 169 137.11 21.81 51.46
CA LYS TA 169 136.75 22.15 52.84
C LYS TA 169 135.70 23.25 52.80
N ILE TA 170 134.44 22.85 52.92
CA ILE TA 170 133.37 23.81 53.16
C ILE TA 170 133.46 24.32 54.60
N PRO TA 171 133.54 25.62 54.82
CA PRO TA 171 133.72 26.13 56.18
C PRO TA 171 132.57 25.71 57.09
N LYS TA 172 132.90 25.42 58.34
CA LYS TA 172 131.95 24.83 59.26
C LYS TA 172 130.92 25.82 59.79
N HIS TA 173 131.10 27.11 59.57
CA HIS TA 173 130.11 28.08 60.02
C HIS TA 173 128.99 28.29 59.02
N LEU TA 174 129.08 27.69 57.84
CA LEU TA 174 128.02 27.80 56.84
C LEU TA 174 126.89 26.87 57.25
N THR TA 175 125.92 27.42 57.96
CA THR TA 175 124.79 26.67 58.48
C THR TA 175 123.49 27.43 58.19
N ASP TA 176 122.38 26.85 58.62
CA ASP TA 176 121.09 27.47 58.39
C ASP TA 176 120.97 28.79 59.14
N ALA TA 177 121.53 28.85 60.35
CA ALA TA 177 121.55 30.12 61.07
C ALA TA 177 122.37 31.17 60.34
N TYR TA 178 123.43 30.73 59.65
CA TYR TA 178 124.25 31.65 58.88
C TYR TA 178 123.50 32.17 57.66
N PHE TA 179 122.73 31.32 57.00
CA PHE TA 179 122.03 31.74 55.79
C PHE TA 179 120.64 32.29 56.04
N LYS TA 180 120.17 32.29 57.29
CA LYS TA 180 118.83 32.73 57.59
C LYS TA 180 118.69 34.23 57.36
N LYS TA 181 117.53 34.63 56.85
CA LYS TA 181 117.29 36.03 56.55
C LYS TA 181 117.24 36.87 57.81
N LYS TA 182 117.34 38.18 57.63
CA LYS TA 182 117.35 39.15 58.71
C LYS TA 182 116.43 40.30 58.36
N LYS TA 183 116.10 41.10 59.37
CA LYS TA 183 115.26 42.28 59.18
C LYS TA 183 115.47 43.22 60.35
N LEU TA 184 114.87 44.40 60.26
CA LEU TA 184 114.99 45.38 61.34
C LEU TA 184 113.64 45.91 61.81
N ARG TA 185 112.69 46.04 60.90
CA ARG TA 185 111.38 46.59 61.23
C ARG TA 185 110.67 45.69 62.24
N LYS TA 186 109.90 46.31 63.14
CA LYS TA 186 109.65 47.76 63.21
C LYS TA 186 109.72 48.30 64.64
N PRO TA 187 110.87 48.85 65.01
CA PRO TA 187 111.01 49.50 66.31
C PRO TA 187 110.67 50.98 66.22
N ARG TA 188 110.60 51.61 67.39
CA ARG TA 188 110.39 53.05 67.60
C ARG TA 188 109.35 53.66 66.67
N HIS TA 189 108.29 52.90 66.37
CA HIS TA 189 107.31 53.32 65.38
C HIS TA 189 106.00 52.59 65.64
N GLN TA 190 104.93 53.33 65.88
CA GLN TA 190 103.62 52.74 66.10
C GLN TA 190 102.57 53.44 65.27
N GLU TA 191 102.82 54.70 64.93
CA GLU TA 191 101.96 55.48 64.04
C GLU TA 191 102.68 55.68 62.71
N GLY TA 192 101.98 55.39 61.62
CA GLY TA 192 102.62 55.43 60.32
C GLY TA 192 102.63 56.81 59.69
N GLU TA 193 103.73 57.54 59.89
CA GLU TA 193 103.90 58.86 59.29
C GLU TA 193 105.28 58.97 58.65
N ILE TA 194 106.24 58.20 59.15
CA ILE TA 194 107.61 58.19 58.65
C ILE TA 194 107.86 56.84 57.99
N PHE TA 195 108.40 56.87 56.77
CA PHE TA 195 108.59 55.66 55.99
C PHE TA 195 109.83 54.91 56.47
N ASP TA 196 109.73 53.58 56.49
CA ASP TA 196 110.82 52.72 56.92
C ASP TA 196 111.44 51.96 55.76
N THR TA 197 111.42 52.53 54.56
CA THR TA 197 111.99 51.92 53.36
C THR TA 197 113.50 51.95 53.33
N GLU TA 198 114.16 52.38 54.41
CA GLU TA 198 115.60 52.34 54.48
C GLU TA 198 116.08 50.89 54.61
N LYS TA 199 117.39 50.72 54.38
CA LYS TA 199 118.15 49.47 54.46
C LYS TA 199 117.51 48.32 53.69
N GLU TA 200 116.54 48.61 52.82
CA GLU TA 200 115.97 47.56 51.99
C GLU TA 200 116.97 47.07 50.98
N LYS TA 201 117.98 47.87 50.65
CA LYS TA 201 119.09 47.41 49.84
C LYS TA 201 119.95 46.52 50.70
N TYR TA 202 119.65 45.22 50.70
CA TYR TA 202 120.40 44.25 51.48
C TYR TA 202 121.87 44.30 51.09
N GLU TA 203 122.73 44.36 52.10
CA GLU TA 203 124.16 44.55 51.87
C GLU TA 203 124.90 43.23 52.01
N ILE TA 204 125.80 42.97 51.09
CA ILE TA 204 126.59 41.74 51.14
C ILE TA 204 127.64 41.87 52.24
N THR TA 205 127.62 40.95 53.18
CA THR TA 205 128.58 40.97 54.26
C THR TA 205 129.97 40.60 53.75
N GLU TA 206 130.98 41.30 54.27
CA GLU TA 206 132.36 40.96 53.93
C GLU TA 206 132.69 39.52 54.26
N GLN TA 207 132.12 38.99 55.35
CA GLN TA 207 132.31 37.58 55.66
C GLN TA 207 131.71 36.70 54.57
N ARG TA 208 130.55 37.08 54.05
CA ARG TA 208 129.95 36.34 52.95
C ARG TA 208 130.86 36.34 51.72
N LYS TA 209 131.44 37.49 51.41
CA LYS TA 209 132.36 37.56 50.27
C LYS TA 209 133.59 36.69 50.50
N ILE TA 210 134.12 36.69 51.73
CA ILE TA 210 135.29 35.88 52.04
C ILE TA 210 134.96 34.39 51.90
N ASP TA 211 133.81 33.98 52.42
CA ASP TA 211 133.40 32.58 52.31
C ASP TA 211 133.18 32.18 50.85
N GLN TA 212 132.59 33.07 50.06
CA GLN TA 212 132.38 32.77 48.65
C GLN TA 212 133.71 32.58 47.94
N LYS TA 213 134.68 33.46 48.21
CA LYS TA 213 136.00 33.28 47.61
C LYS TA 213 136.65 31.98 48.07
N ALA TA 214 136.53 31.65 49.35
CA ALA TA 214 137.16 30.45 49.88
C ALA TA 214 136.60 29.20 49.23
N VAL TA 215 135.28 29.14 49.04
CA VAL TA 215 134.67 27.98 48.40
C VAL TA 215 135.00 27.93 46.91
N ASP TA 216 134.89 29.08 46.23
CA ASP TA 216 135.10 29.10 44.79
C ASP TA 216 136.54 28.80 44.42
N SER TA 217 137.50 29.23 45.25
CA SER TA 217 138.91 29.02 44.94
C SER TA 217 139.27 27.55 44.88
N GLN TA 218 138.51 26.68 45.53
CA GLN TA 218 138.77 25.25 45.45
C GLN TA 218 137.77 24.50 44.57
N ILE TA 219 136.62 25.09 44.28
CA ILE TA 219 135.72 24.42 43.33
C ILE TA 219 136.08 24.72 41.88
N LEU TA 220 136.42 25.98 41.57
CA LEU TA 220 136.64 26.38 40.18
C LEU TA 220 137.71 25.57 39.46
N PRO TA 221 138.89 25.27 40.03
CA PRO TA 221 139.85 24.46 39.28
C PRO TA 221 139.32 23.09 38.88
N LYS TA 222 138.41 22.52 39.65
CA LYS TA 222 137.82 21.24 39.28
C LYS TA 222 136.76 21.39 38.19
N ILE TA 223 136.11 22.56 38.11
CA ILE TA 223 135.23 22.83 36.99
C ILE TA 223 136.02 23.01 35.71
N LYS TA 224 137.14 23.75 35.79
CA LYS TA 224 137.99 23.93 34.63
C LYS TA 224 138.68 22.64 34.19
N ALA TA 225 138.63 21.60 35.01
CA ALA TA 225 139.32 20.35 34.67
C ALA TA 225 138.68 19.69 33.45
N ILE TA 226 137.37 19.52 33.46
CA ILE TA 226 136.72 18.80 32.36
C ILE TA 226 136.30 19.80 31.29
N PRO TA 227 136.36 19.43 30.01
CA PRO TA 227 136.13 20.41 28.95
C PRO TA 227 134.71 20.97 28.95
N GLN TA 228 134.62 22.25 28.59
CA GLN TA 228 133.41 23.05 28.44
C GLN TA 228 132.34 22.77 29.50
N LEU TA 229 132.75 22.59 30.75
CA LEU TA 229 131.78 22.57 31.83
C LEU TA 229 131.44 23.96 32.30
N GLN TA 230 132.41 24.88 32.22
CA GLN TA 230 132.14 26.25 32.62
C GLN TA 230 131.13 26.91 31.71
N GLY TA 231 131.16 26.65 30.40
CA GLY TA 231 130.11 27.14 29.53
C GLY TA 231 128.76 26.53 29.84
N TYR TA 232 128.76 25.25 30.20
CA TYR TA 232 127.51 24.58 30.59
C TYR TA 232 126.91 25.23 31.82
N LEU TA 233 127.73 25.49 32.84
CA LEU TA 233 127.25 26.16 34.04
C LEU TA 233 126.90 27.62 33.77
N ARG TA 234 127.51 28.24 32.78
CA ARG TA 234 127.18 29.60 32.41
C ARG TA 234 125.83 29.70 31.72
N SER TA 235 125.46 28.70 30.93
CA SER TA 235 124.18 28.70 30.25
C SER TA 235 123.02 28.50 31.23
N VAL TA 236 121.79 28.61 30.73
CA VAL TA 236 120.59 28.43 31.53
C VAL TA 236 119.70 27.40 30.85
N PHE TA 237 119.03 26.58 31.66
CA PHE TA 237 118.16 25.55 31.12
C PHE TA 237 116.86 26.14 30.59
N ALA TA 238 116.39 25.63 29.48
CA ALA TA 238 115.18 26.13 28.84
C ALA TA 238 114.50 24.99 28.09
N LEU TA 239 113.21 25.14 27.87
CA LEU TA 239 112.43 24.14 27.17
C LEU TA 239 112.20 24.61 25.74
N THR TA 240 112.85 23.94 24.79
CA THR TA 240 112.57 24.11 23.38
C THR TA 240 111.18 23.56 23.07
N ASN TA 241 110.55 24.09 22.02
CA ASN TA 241 109.19 23.65 21.69
C ASN TA 241 109.14 22.18 21.30
N GLY TA 242 110.23 21.64 20.77
CA GLY TA 242 110.21 20.26 20.33
C GLY TA 242 110.46 19.25 21.43
N ILE TA 243 111.04 19.70 22.55
CA ILE TA 243 111.55 18.80 23.57
C ILE TA 243 110.56 18.72 24.73
N TYR TA 244 110.51 17.55 25.37
CA TYR TA 244 109.55 17.28 26.42
C TYR TA 244 110.27 16.74 27.65
N PRO TA 245 110.00 17.27 28.84
CA PRO TA 245 110.76 16.86 30.02
C PRO TA 245 110.58 15.41 30.40
N HIS TA 246 109.46 14.78 30.05
CA HIS TA 246 109.31 13.36 30.38
C HIS TA 246 110.19 12.50 29.51
N LYS TA 247 110.50 12.94 28.29
CA LYS TA 247 111.41 12.22 27.44
C LYS TA 247 112.87 12.58 27.68
N LEU TA 248 113.12 13.77 28.22
CA LEU TA 248 114.50 14.18 28.46
C LEU TA 248 115.15 13.32 29.54
N VAL TA 249 116.41 12.97 29.31
CA VAL TA 249 117.25 12.35 30.32
C VAL TA 249 118.13 13.43 30.89
N PHE TA 250 118.08 13.61 32.20
CA PHE TA 250 118.85 14.66 32.85
C PHE TA 250 120.12 14.08 33.46
N ASN UA 1 97.83 5.78 107.92
CA ASN UA 1 97.15 4.78 107.09
C ASN UA 1 97.46 4.99 105.61
N PHE UA 2 98.03 6.17 105.30
CA PHE UA 2 98.34 6.50 103.91
C PHE UA 2 99.36 5.53 103.33
N ALA UA 3 100.40 5.18 104.11
CA ALA UA 3 101.40 4.24 103.63
C ALA UA 3 100.79 2.87 103.37
N GLU UA 4 99.92 2.40 104.27
CA GLU UA 4 99.32 1.08 104.09
C GLU UA 4 98.39 1.04 102.88
N LEU UA 5 97.58 2.07 102.69
CA LEU UA 5 96.71 2.07 101.51
C LEU UA 5 97.52 2.21 100.22
N LYS UA 6 98.62 2.97 100.26
CA LYS UA 6 99.47 3.07 99.08
C LYS UA 6 100.11 1.73 98.74
N ILE UA 7 100.57 1.00 99.76
CA ILE UA 7 101.12 -0.34 99.52
C ILE UA 7 100.04 -1.26 98.97
N LYS UA 8 98.81 -1.14 99.46
CA LYS UA 8 97.73 -1.96 98.94
C LYS UA 8 97.47 -1.68 97.45
N ARG UA 9 97.45 -0.39 97.08
CA ARG UA 9 97.30 -0.04 95.67
C ARG UA 9 98.46 -0.58 94.84
N LEU UA 10 99.68 -0.49 95.36
CA LEU UA 10 100.84 -1.00 94.63
C LEU UA 10 100.74 -2.51 94.41
N ARG UA 11 100.32 -3.24 95.44
CA ARG UA 11 100.18 -4.68 95.30
C ARG UA 11 99.11 -5.05 94.28
N LYS UA 12 97.97 -4.35 94.31
CA LYS UA 12 96.91 -4.67 93.35
C LYS UA 12 97.35 -4.33 91.92
N LYS UA 13 98.01 -3.20 91.73
CA LYS UA 13 98.48 -2.83 90.39
C LYS UA 13 99.52 -3.82 89.88
N PHE UA 14 100.41 -4.27 90.77
CA PHE UA 14 101.41 -5.27 90.37
C PHE UA 14 100.75 -6.58 90.00
N ALA UA 15 99.73 -6.99 90.75
CA ALA UA 15 99.02 -8.21 90.42
C ALA UA 15 98.34 -8.10 89.05
N GLN UA 16 97.75 -6.93 88.76
CA GLN UA 16 97.15 -6.72 87.45
C GLN UA 16 98.19 -6.81 86.34
N LYS UA 17 99.38 -6.23 86.57
CA LYS UA 17 100.43 -6.33 85.58
C LYS UA 17 100.87 -7.77 85.36
N MET UA 18 101.00 -8.54 86.44
CA MET UA 18 101.37 -9.94 86.29
C MET UA 18 100.32 -10.72 85.51
N LEU UA 19 99.04 -10.45 85.78
CA LEU UA 19 97.98 -11.11 85.04
C LEU UA 19 98.03 -10.75 83.56
N ARG UA 20 98.28 -9.47 83.26
CA ARG UA 20 98.39 -9.06 81.86
C ARG UA 20 99.55 -9.76 81.18
N LYS UA 21 100.69 -9.88 81.86
CA LYS UA 21 101.84 -10.58 81.29
C LYS UA 21 101.52 -12.03 81.01
N ALA UA 22 100.84 -12.70 81.95
CA ALA UA 22 100.50 -14.11 81.76
C ALA UA 22 99.58 -14.28 80.57
N ARG UA 23 98.57 -13.40 80.44
CA ARG UA 23 97.67 -13.49 79.31
C ARG UA 23 98.39 -13.25 77.99
N ARG UA 24 99.30 -12.28 77.97
CA ARG UA 24 100.04 -12.00 76.74
C ARG UA 24 100.92 -13.19 76.33
N LYS UA 25 101.58 -13.81 77.31
CA LYS UA 25 102.39 -14.98 77.00
C LYS UA 25 101.53 -16.12 76.48
N LEU UA 26 100.35 -16.31 77.08
CA LEU UA 26 99.46 -17.35 76.59
C LEU UA 26 99.03 -17.09 75.15
N ILE UA 27 98.70 -15.85 74.82
CA ILE UA 27 98.31 -15.49 73.46
C ILE UA 27 99.46 -15.78 72.49
N TYR UA 28 100.67 -15.38 72.86
CA TYR UA 28 101.82 -15.60 72.01
C TYR UA 28 102.03 -17.09 71.73
N GLU UA 29 101.96 -17.91 72.77
CA GLU UA 29 102.19 -19.33 72.57
C GLU UA 29 101.06 -20.02 71.82
N LYS UA 30 99.82 -19.57 72.03
CA LYS UA 30 98.72 -20.12 71.24
C LYS UA 30 98.89 -19.81 69.76
N ALA UA 31 99.34 -18.59 69.45
CA ALA UA 31 99.59 -18.25 68.06
C ALA UA 31 100.70 -19.11 67.46
N LYS UA 32 101.76 -19.36 68.24
CA LYS UA 32 102.82 -20.24 67.76
C LYS UA 32 102.30 -21.64 67.48
N HIS UA 33 101.48 -22.17 68.39
CA HIS UA 33 100.90 -23.50 68.20
C HIS UA 33 100.02 -23.55 66.97
N TYR UA 34 99.24 -22.49 66.74
CA TYR UA 34 98.37 -22.46 65.56
C TYR UA 34 99.18 -22.41 64.28
N HIS UA 35 100.31 -21.69 64.29
CA HIS UA 35 101.19 -21.70 63.12
C HIS UA 35 101.69 -23.10 62.83
N LYS UA 36 102.07 -23.83 63.88
CA LYS UA 36 102.52 -25.21 63.71
C LYS UA 36 101.41 -26.07 63.13
N GLU UA 37 100.19 -25.92 63.65
CA GLU UA 37 99.06 -26.73 63.16
C GLU UA 37 98.74 -26.42 61.71
N TYR UA 38 98.78 -25.15 61.33
CA TYR UA 38 98.49 -24.77 59.95
C TYR UA 38 99.51 -25.37 59.00
N ARG UA 39 100.80 -25.25 59.31
CA ARG UA 39 101.78 -25.83 58.40
C ARG UA 39 101.69 -27.34 58.37
N GLN UA 40 101.29 -27.96 59.48
CA GLN UA 40 101.08 -29.40 59.47
C GLN UA 40 99.96 -29.80 58.52
N MET UA 41 98.84 -29.07 58.55
CA MET UA 41 97.75 -29.39 57.64
C MET UA 41 98.16 -29.19 56.18
N TYR UA 42 98.83 -28.08 55.91
CA TYR UA 42 99.22 -27.76 54.53
C TYR UA 42 100.19 -28.80 53.99
N ARG UA 43 101.13 -29.27 54.81
CA ARG UA 43 102.04 -30.30 54.34
C ARG UA 43 101.37 -31.66 54.27
N THR UA 44 100.38 -31.91 55.14
CA THR UA 44 99.72 -33.21 55.15
C THR UA 44 98.94 -33.44 53.88
N GLU UA 45 98.28 -32.40 53.36
CA GLU UA 45 97.57 -32.56 52.10
C GLU UA 45 98.52 -32.93 50.96
N ILE UA 46 99.66 -32.24 50.88
CA ILE UA 46 100.65 -32.54 49.86
C ILE UA 46 101.16 -33.97 50.01
N ARG UA 47 101.45 -34.37 51.24
CA ARG UA 47 102.00 -35.70 51.47
C ARG UA 47 101.00 -36.80 51.09
N MET UA 48 99.72 -36.60 51.42
CA MET UA 48 98.70 -37.58 51.05
C MET UA 48 98.59 -37.71 49.54
N ALA UA 49 98.56 -36.56 48.84
CA ALA UA 49 98.51 -36.62 47.39
C ALA UA 49 99.74 -37.31 46.81
N ARG UA 50 100.91 -37.04 47.37
CA ARG UA 50 102.14 -37.63 46.87
C ARG UA 50 102.15 -39.14 47.05
N MET UA 51 101.73 -39.63 48.21
CA MET UA 51 101.72 -41.08 48.41
C MET UA 51 100.67 -41.76 47.54
N ALA UA 52 99.52 -41.12 47.31
CA ALA UA 52 98.56 -41.70 46.38
C ALA UA 52 99.14 -41.79 44.97
N ARG UA 53 99.80 -40.71 44.51
CA ARG UA 53 100.37 -40.73 43.17
C ARG UA 53 101.48 -41.77 43.06
N LYS UA 54 102.29 -41.90 44.10
CA LYS UA 54 103.33 -42.93 44.10
C LYS UA 54 102.74 -44.32 44.01
N ALA UA 55 101.65 -44.57 44.74
CA ALA UA 55 100.97 -45.85 44.64
C ALA UA 55 100.21 -46.02 43.33
N GLY UA 56 100.00 -44.95 42.58
CA GLY UA 56 99.25 -45.03 41.34
C GLY UA 56 97.77 -44.80 41.49
N ASN UA 57 97.29 -44.53 42.69
CA ASN UA 57 95.88 -44.30 42.95
C ASN UA 57 95.60 -42.80 42.95
N PHE UA 58 94.42 -42.43 43.43
CA PHE UA 58 94.01 -41.03 43.53
C PHE UA 58 93.65 -40.72 44.96
N TYR UA 59 94.09 -39.54 45.43
CA TYR UA 59 93.72 -39.03 46.73
C TYR UA 59 92.69 -37.92 46.53
N VAL UA 60 91.46 -38.18 46.95
CA VAL UA 60 90.39 -37.18 46.90
C VAL UA 60 90.44 -36.40 48.20
N PRO UA 61 90.70 -35.09 48.15
CA PRO UA 61 90.77 -34.32 49.40
C PRO UA 61 89.40 -34.23 50.06
N ALA UA 62 89.44 -33.94 51.35
CA ALA UA 62 88.19 -33.73 52.09
C ALA UA 62 87.43 -32.59 51.47
N GLU UA 63 86.12 -32.77 51.36
CA GLU UA 63 85.28 -31.74 50.77
C GLU UA 63 85.35 -30.50 51.64
N PRO UA 64 85.50 -29.31 51.05
CA PRO UA 64 85.72 -28.10 51.85
C PRO UA 64 84.56 -27.82 52.79
N LYS UA 65 84.88 -27.42 54.01
CA LYS UA 65 83.88 -27.24 55.04
C LYS UA 65 83.64 -25.78 55.40
N LEU UA 66 84.42 -24.86 54.86
CA LEU UA 66 84.22 -23.44 55.09
C LEU UA 66 84.06 -22.74 53.75
N ALA UA 67 83.08 -21.86 53.64
CA ALA UA 67 82.87 -21.07 52.44
C ALA UA 67 82.83 -19.60 52.81
N PHE UA 68 83.24 -18.77 51.87
CA PHE UA 68 83.02 -17.33 51.96
C PHE UA 68 82.01 -16.95 50.89
N VAL UA 69 80.96 -16.23 51.31
CA VAL UA 69 79.85 -15.87 50.43
C VAL UA 69 79.78 -14.36 50.36
N ILE UA 70 79.73 -13.82 49.14
CA ILE UA 70 79.64 -12.40 48.87
C ILE UA 70 78.37 -12.13 48.08
N ARG UA 71 77.57 -11.19 48.55
CA ARG UA 71 76.41 -10.77 47.78
C ARG UA 71 76.86 -9.85 46.65
N ILE UA 72 76.46 -10.16 45.42
CA ILE UA 72 76.92 -9.39 44.27
C ILE UA 72 75.81 -8.62 43.57
N ARG UA 73 74.55 -8.90 43.85
CA ARG UA 73 73.46 -8.12 43.28
C ARG UA 73 72.84 -7.23 44.36
N GLY UA 74 72.16 -6.19 43.92
CA GLY UA 74 71.55 -5.24 44.80
C GLY UA 74 70.22 -5.71 45.36
N ILE UA 75 69.49 -4.77 45.94
CA ILE UA 75 68.31 -5.09 46.74
C ILE UA 75 67.02 -4.73 46.01
N ASN UA 76 67.05 -4.61 44.70
CA ASN UA 76 65.86 -4.26 43.93
C ASN UA 76 65.31 -5.49 43.22
N GLY UA 77 64.00 -5.71 43.36
CA GLY UA 77 63.33 -6.77 42.64
C GLY UA 77 63.79 -8.16 43.01
N VAL UA 78 63.83 -8.45 44.31
CA VAL UA 78 64.27 -9.75 44.81
C VAL UA 78 63.05 -10.56 45.21
N SER UA 79 62.99 -11.81 44.77
CA SER UA 79 61.88 -12.68 45.12
C SER UA 79 61.91 -12.98 46.62
N PRO UA 80 60.75 -13.29 47.22
CA PRO UA 80 60.70 -13.43 48.68
C PRO UA 80 61.59 -14.52 49.24
N LYS UA 81 61.70 -15.67 48.57
CA LYS UA 81 62.53 -16.75 49.09
C LYS UA 81 64.00 -16.37 49.06
N VAL UA 82 64.46 -15.79 47.96
CA VAL UA 82 65.83 -15.34 47.86
C VAL UA 82 66.12 -14.26 48.90
N ARG UA 83 65.17 -13.35 49.09
CA ARG UA 83 65.32 -12.30 50.09
C ARG UA 83 65.44 -12.89 51.49
N LYS UA 84 64.61 -13.88 51.82
CA LYS UA 84 64.66 -14.50 53.12
C LYS UA 84 65.98 -15.23 53.35
N VAL UA 85 66.47 -15.94 52.33
CA VAL UA 85 67.72 -16.67 52.50
C VAL UA 85 68.89 -15.71 52.64
N LEU UA 86 68.87 -14.60 51.89
CA LEU UA 86 69.93 -13.62 52.05
C LEU UA 86 69.91 -13.00 53.43
N GLN UA 87 68.72 -12.73 53.96
CA GLN UA 87 68.64 -12.22 55.34
C GLN UA 87 69.17 -13.24 56.33
N LEU UA 88 68.85 -14.52 56.15
CA LEU UA 88 69.37 -15.55 57.04
C LEU UA 88 70.87 -15.75 56.89
N LEU UA 89 71.43 -15.38 55.74
CA LEU UA 89 72.87 -15.38 55.54
C LEU UA 89 73.52 -14.08 55.98
N ARG UA 90 72.71 -13.10 56.40
CA ARG UA 90 73.17 -11.80 56.86
C ARG UA 90 73.80 -10.98 55.74
N LEU UA 91 73.33 -11.18 54.52
CA LEU UA 91 73.78 -10.42 53.36
C LEU UA 91 72.61 -9.55 52.91
N ARG UA 92 72.47 -8.39 53.53
CA ARG UA 92 71.41 -7.45 53.22
C ARG UA 92 71.91 -6.28 52.38
N GLN UA 93 73.16 -6.32 51.96
CA GLN UA 93 73.74 -5.25 51.18
C GLN UA 93 74.65 -5.87 50.14
N ILE UA 94 74.79 -5.17 49.00
CA ILE UA 94 75.69 -5.65 47.97
C ILE UA 94 77.13 -5.55 48.48
N PHE UA 95 77.97 -6.48 48.03
CA PHE UA 95 79.37 -6.57 48.45
C PHE UA 95 79.48 -6.69 49.97
N ASN UA 96 78.62 -7.55 50.51
CA ASN UA 96 78.71 -7.99 51.89
C ASN UA 96 79.14 -9.45 51.89
N GLY UA 97 80.09 -9.78 52.76
CA GLY UA 97 80.64 -11.11 52.82
C GLY UA 97 80.37 -11.74 54.17
N THR UA 98 80.33 -13.07 54.18
CA THR UA 98 80.07 -13.81 55.40
C THR UA 98 80.64 -15.21 55.25
N PHE UA 99 81.27 -15.72 56.31
CA PHE UA 99 81.69 -17.10 56.34
C PHE UA 99 80.51 -18.01 56.63
N VAL UA 100 80.43 -19.12 55.89
CA VAL UA 100 79.34 -20.06 56.00
C VAL UA 100 79.93 -21.45 56.24
N LYS UA 101 79.45 -22.11 57.29
CA LYS UA 101 79.83 -23.48 57.56
C LYS UA 101 79.12 -24.39 56.57
N LEU UA 102 79.86 -25.17 55.80
CA LEU UA 102 79.30 -25.92 54.68
C LEU UA 102 78.79 -27.27 55.16
N ASN UA 103 77.51 -27.51 54.90
CA ASN UA 103 76.90 -28.82 55.06
C ASN UA 103 75.73 -28.88 54.09
N LYS UA 104 74.93 -29.93 54.19
CA LYS UA 104 73.81 -30.09 53.27
C LYS UA 104 72.82 -28.95 53.39
N ALA UA 105 72.49 -28.58 54.63
CA ALA UA 105 71.47 -27.54 54.86
C ALA UA 105 71.90 -26.20 54.29
N SER UA 106 73.16 -25.82 54.51
CA SER UA 106 73.62 -24.51 54.04
C SER UA 106 73.88 -24.51 52.54
N ILE UA 107 74.34 -25.64 52.00
CA ILE UA 107 74.56 -25.72 50.56
C ILE UA 107 73.24 -25.61 49.81
N ASN UA 108 72.19 -26.21 50.35
CA ASN UA 108 70.90 -26.11 49.68
C ASN UA 108 70.29 -24.72 49.76
N MET UA 109 70.84 -23.85 50.62
CA MET UA 109 70.41 -22.45 50.64
C MET UA 109 71.26 -21.60 49.70
N LEU UA 110 72.57 -21.86 49.67
CA LEU UA 110 73.42 -21.20 48.68
C LEU UA 110 72.96 -21.51 47.26
N ARG UA 111 72.43 -22.72 47.04
CA ARG UA 111 71.84 -23.05 45.75
C ARG UA 111 70.64 -22.17 45.42
N ILE UA 112 69.84 -21.82 46.44
CA ILE UA 112 68.70 -20.94 46.20
C ILE UA 112 69.16 -19.54 45.84
N VAL UA 113 70.13 -19.00 46.58
CA VAL UA 113 70.53 -17.62 46.35
C VAL UA 113 71.68 -17.56 45.37
N GLU UA 114 71.88 -18.63 44.61
CA GLU UA 114 72.96 -18.71 43.63
C GLU UA 114 73.06 -17.52 42.68
N PRO UA 115 71.98 -17.02 42.06
CA PRO UA 115 72.15 -15.87 41.16
C PRO UA 115 72.58 -14.60 41.86
N TYR UA 116 72.38 -14.48 43.17
CA TYR UA 116 72.64 -13.24 43.88
C TYR UA 116 73.98 -13.22 44.60
N ILE UA 117 74.70 -14.34 44.64
CA ILE UA 117 75.92 -14.45 45.42
C ILE UA 117 77.03 -15.03 44.56
N ALA UA 118 78.25 -14.74 44.98
CA ALA UA 118 79.45 -15.43 44.53
C ALA UA 118 80.15 -15.97 45.76
N TRP UA 119 80.43 -17.26 45.76
CA TRP UA 119 81.02 -17.86 46.95
C TRP UA 119 82.12 -18.84 46.55
N GLY UA 120 82.87 -19.25 47.56
CA GLY UA 120 83.94 -20.18 47.31
C GLY UA 120 84.59 -20.63 48.59
N TYR UA 121 85.77 -21.22 48.46
CA TYR UA 121 86.49 -21.80 49.59
C TYR UA 121 87.67 -20.93 49.93
N PRO UA 122 87.60 -20.13 50.99
CA PRO UA 122 88.71 -19.23 51.31
C PRO UA 122 89.88 -19.98 51.88
N ASN UA 123 91.06 -19.38 51.76
CA ASN UA 123 92.26 -19.96 52.32
C ASN UA 123 92.73 -19.12 53.50
N LEU UA 124 93.86 -19.53 54.08
CA LEU UA 124 94.32 -18.94 55.32
C LEU UA 124 94.61 -17.46 55.17
N LYS UA 125 95.24 -17.07 54.07
CA LYS UA 125 95.53 -15.66 53.84
C LYS UA 125 94.24 -14.85 53.69
N SER UA 126 93.25 -15.41 53.00
CA SER UA 126 91.98 -14.71 52.87
C SER UA 126 91.31 -14.50 54.21
N VAL UA 127 91.28 -15.53 55.05
CA VAL UA 127 90.69 -15.40 56.38
C VAL UA 127 91.46 -14.38 57.21
N ASN UA 128 92.79 -14.46 57.17
CA ASN UA 128 93.60 -13.53 57.95
C ASN UA 128 93.34 -12.09 57.53
N GLU UA 129 93.35 -11.83 56.23
CA GLU UA 129 93.16 -10.46 55.77
C GLU UA 129 91.76 -9.96 56.02
N LEU UA 130 90.75 -10.82 55.88
CA LEU UA 130 89.39 -10.39 56.16
C LEU UA 130 89.20 -10.05 57.63
N ILE UA 131 89.73 -10.89 58.53
CA ILE UA 131 89.56 -10.61 59.96
C ILE UA 131 90.37 -9.39 60.37
N TYR UA 132 91.55 -9.20 59.80
CA TYR UA 132 92.41 -8.13 60.29
C TYR UA 132 92.04 -6.78 59.69
N LYS UA 133 91.70 -6.73 58.41
CA LYS UA 133 91.42 -5.43 57.80
C LYS UA 133 89.97 -4.99 57.99
N ARG UA 134 89.03 -5.92 57.93
CA ARG UA 134 87.62 -5.59 57.98
C ARG UA 134 86.88 -6.29 59.11
N GLY UA 135 87.60 -6.81 60.09
CA GLY UA 135 86.96 -7.51 61.19
C GLY UA 135 86.32 -6.58 62.19
N TYR UA 136 85.00 -6.63 62.28
CA TYR UA 136 84.24 -5.87 63.27
C TYR UA 136 83.39 -6.84 64.07
N GLY UA 137 83.24 -6.57 65.36
CA GLY UA 137 82.49 -7.44 66.24
C GLY UA 137 81.11 -6.89 66.53
N LYS UA 138 80.15 -7.80 66.70
CA LYS UA 138 78.82 -7.44 67.18
C LYS UA 138 78.84 -7.50 68.69
N ILE UA 139 79.14 -6.37 69.31
CA ILE UA 139 79.25 -6.27 70.77
C ILE UA 139 78.15 -5.33 71.24
N ASN UA 140 77.26 -5.85 72.07
CA ASN UA 140 76.10 -5.10 72.57
C ASN UA 140 75.29 -4.53 71.41
N LYS UA 141 75.07 -5.37 70.40
CA LYS UA 141 74.35 -5.04 69.18
C LYS UA 141 75.00 -3.95 68.36
N LYS UA 142 76.24 -3.58 68.66
CA LYS UA 142 76.94 -2.51 67.98
C LYS UA 142 78.08 -3.07 67.14
N ARG UA 143 78.39 -2.36 66.07
CA ARG UA 143 79.49 -2.72 65.19
C ARG UA 143 80.75 -2.06 65.70
N ILE UA 144 81.56 -2.81 66.44
CA ILE UA 144 82.77 -2.29 67.08
C ILE UA 144 83.98 -2.86 66.36
N ALA UA 145 84.93 -2.00 66.02
CA ALA UA 145 86.15 -2.44 65.37
C ALA UA 145 86.98 -3.27 66.33
N LEU UA 146 87.54 -4.37 65.82
CA LEU UA 146 88.32 -5.28 66.64
C LEU UA 146 89.74 -4.76 66.78
N THR UA 147 89.88 -3.69 67.56
CA THR UA 147 91.15 -3.02 67.75
C THR UA 147 91.96 -3.59 68.91
N ASP UA 148 91.32 -4.29 69.84
CA ASP UA 148 92.02 -4.87 70.97
C ASP UA 148 91.48 -6.26 71.23
N ASN UA 149 92.35 -7.12 71.78
CA ASN UA 149 91.96 -8.49 72.11
C ASN UA 149 90.93 -8.55 73.21
N ALA UA 150 90.82 -7.52 74.03
CA ALA UA 150 89.85 -7.54 75.13
C ALA UA 150 88.43 -7.58 74.61
N LEU UA 151 88.16 -6.94 73.47
CA LEU UA 151 86.83 -7.00 72.88
C LEU UA 151 86.44 -8.43 72.51
N ILE UA 152 87.38 -9.18 71.93
CA ILE UA 152 87.09 -10.57 71.59
C ILE UA 152 86.99 -11.42 72.84
N ALA UA 153 87.87 -11.20 73.81
CA ALA UA 153 87.92 -12.07 74.98
C ALA UA 153 86.74 -11.83 75.91
N ARG UA 154 86.20 -10.62 75.93
CA ARG UA 154 85.12 -10.33 76.85
C ARG UA 154 83.81 -10.96 76.41
N SER UA 155 83.62 -11.17 75.11
CA SER UA 155 82.39 -11.72 74.59
C SER UA 155 82.50 -13.17 74.14
N LEU UA 156 83.69 -13.65 73.82
CA LEU UA 156 83.88 -15.03 73.40
C LEU UA 156 84.85 -15.78 74.31
N GLY UA 157 85.15 -15.23 75.48
CA GLY UA 157 86.09 -15.90 76.37
C GLY UA 157 85.58 -17.23 76.90
N LYS UA 158 84.27 -17.33 77.11
CA LYS UA 158 83.70 -18.57 77.63
C LYS UA 158 83.85 -19.73 76.66
N TYR UA 159 84.12 -19.44 75.38
CA TYR UA 159 84.36 -20.46 74.38
C TYR UA 159 85.84 -20.70 74.15
N GLY UA 160 86.71 -20.06 74.92
CA GLY UA 160 88.13 -20.20 74.75
C GLY UA 160 88.74 -19.26 73.75
N ILE UA 161 87.93 -18.46 73.04
CA ILE UA 161 88.42 -17.56 72.02
C ILE UA 161 88.73 -16.23 72.69
N ILE UA 162 90.01 -15.92 72.83
CA ILE UA 162 90.43 -14.75 73.61
C ILE UA 162 91.37 -13.86 72.83
N CYS UA 163 91.55 -14.13 71.54
CA CYS UA 163 92.44 -13.29 70.74
C CYS UA 163 92.05 -13.39 69.28
N MET UA 164 92.65 -12.51 68.48
CA MET UA 164 92.49 -12.56 67.03
C MET UA 164 92.91 -13.90 66.47
N GLU UA 165 93.98 -14.48 67.00
CA GLU UA 165 94.43 -15.77 66.50
C GLU UA 165 93.43 -16.87 66.82
N ASP UA 166 92.84 -16.83 68.02
CA ASP UA 166 91.80 -17.80 68.34
C ASP UA 166 90.59 -17.65 67.44
N LEU UA 167 90.18 -16.41 67.16
CA LEU UA 167 89.06 -16.19 66.26
C LEU UA 167 89.36 -16.70 64.86
N ILE UA 168 90.56 -16.42 64.36
CA ILE UA 168 90.95 -16.86 63.02
C ILE UA 168 91.05 -18.38 62.97
N HIS UA 169 91.58 -19.01 64.01
CA HIS UA 169 91.65 -20.46 64.06
C HIS UA 169 90.26 -21.07 64.06
N GLU UA 170 89.35 -20.52 64.86
CA GLU UA 170 88.00 -21.02 64.94
C GLU UA 170 87.28 -20.89 63.61
N ILE UA 171 87.48 -19.77 62.91
CA ILE UA 171 86.85 -19.60 61.61
C ILE UA 171 87.46 -20.55 60.58
N TYR UA 172 88.78 -20.62 60.50
CA TYR UA 172 89.43 -21.39 59.45
C TYR UA 172 89.21 -22.87 59.63
N THR UA 173 89.65 -23.43 60.76
CA THR UA 173 89.31 -24.80 61.11
C THR UA 173 87.98 -24.73 61.82
N VAL UA 174 86.92 -25.23 61.18
CA VAL UA 174 85.57 -24.96 61.65
C VAL UA 174 85.37 -25.72 62.95
N GLY UA 175 85.55 -25.03 64.07
CA GLY UA 175 85.57 -25.65 65.38
C GLY UA 175 84.19 -25.80 65.97
N LYS UA 176 84.17 -26.23 67.23
CA LYS UA 176 82.90 -26.49 67.88
C LYS UA 176 82.12 -25.22 68.18
N ARG UA 177 82.78 -24.07 68.18
CA ARG UA 177 82.14 -22.80 68.50
C ARG UA 177 82.18 -21.87 67.29
N PHE UA 178 82.18 -22.46 66.10
CA PHE UA 178 82.18 -21.66 64.89
C PHE UA 178 80.93 -20.80 64.79
N LYS UA 179 79.78 -21.34 65.21
CA LYS UA 179 78.55 -20.57 65.13
C LYS UA 179 78.65 -19.30 65.95
N GLU UA 180 79.16 -19.43 67.18
CA GLU UA 180 79.28 -18.26 68.04
C GLU UA 180 80.31 -17.28 67.52
N ALA UA 181 81.48 -17.76 67.07
CA ALA UA 181 82.50 -16.84 66.56
C ALA UA 181 82.03 -16.14 65.29
N ASN UA 182 81.42 -16.88 64.37
CA ASN UA 182 80.98 -16.29 63.12
C ASN UA 182 79.83 -15.33 63.34
N ASN UA 183 78.93 -15.63 64.29
CA ASN UA 183 77.87 -14.68 64.56
C ASN UA 183 78.39 -13.45 65.29
N PHE UA 184 79.43 -13.62 66.11
CA PHE UA 184 80.08 -12.47 66.73
C PHE UA 184 80.66 -11.55 65.68
N LEU UA 185 81.24 -12.11 64.62
CA LEU UA 185 81.72 -11.29 63.51
C LEU UA 185 80.57 -10.58 62.84
N TRP UA 186 80.66 -9.25 62.77
CA TRP UA 186 79.74 -8.49 61.94
C TRP UA 186 80.00 -8.82 60.47
N PRO UA 187 78.97 -8.89 59.63
CA PRO UA 187 79.19 -9.20 58.22
C PRO UA 187 80.13 -8.21 57.55
N PHE UA 188 81.03 -8.74 56.73
CA PHE UA 188 82.12 -7.94 56.19
C PHE UA 188 81.58 -7.01 55.11
N LYS UA 189 81.95 -5.74 55.21
CA LYS UA 189 81.48 -4.72 54.27
C LYS UA 189 82.62 -4.46 53.30
N LEU UA 190 82.64 -5.24 52.21
CA LEU UA 190 83.74 -5.16 51.26
C LEU UA 190 83.52 -4.01 50.28
N SER UA 191 84.62 -3.58 49.66
CA SER UA 191 84.53 -2.55 48.66
C SER UA 191 84.12 -3.14 47.32
N SER UA 192 83.95 -2.28 46.32
CA SER UA 192 83.73 -2.78 44.98
C SER UA 192 84.99 -3.50 44.49
N PRO UA 193 84.83 -4.52 43.64
CA PRO UA 193 85.99 -5.24 43.14
C PRO UA 193 86.85 -4.35 42.25
N ARG UA 194 88.06 -4.08 42.69
CA ARG UA 194 89.00 -3.33 41.87
C ARG UA 194 89.39 -4.15 40.66
N GLY UA 195 89.37 -3.53 39.49
CA GLY UA 195 89.56 -4.26 38.25
C GLY UA 195 88.27 -4.73 37.61
N GLY UA 196 87.13 -4.46 38.22
CA GLY UA 196 85.86 -4.77 37.60
C GLY UA 196 85.44 -6.21 37.77
N MET UA 197 84.30 -6.52 37.18
CA MET UA 197 83.73 -7.85 37.18
C MET UA 197 83.60 -8.35 35.75
N LYS UA 198 83.58 -9.67 35.60
CA LYS UA 198 83.41 -10.25 34.27
C LYS UA 198 81.98 -10.05 33.80
N LYS UA 199 81.02 -10.62 34.51
CA LYS UA 199 79.61 -10.43 34.20
C LYS UA 199 78.82 -10.75 35.45
N LYS UA 200 78.06 -9.77 35.93
CA LYS UA 200 77.39 -9.94 37.22
C LYS UA 200 76.18 -10.85 37.12
N THR UA 201 75.56 -10.96 35.95
CA THR UA 201 74.25 -11.55 35.81
C THR UA 201 74.25 -13.02 35.44
N THR UA 202 75.41 -13.63 35.26
CA THR UA 202 75.50 -15.02 34.85
C THR UA 202 76.31 -15.81 35.87
N HIS UA 203 76.40 -17.12 35.64
CA HIS UA 203 77.16 -17.99 36.52
C HIS UA 203 78.64 -17.94 36.17
N PHE UA 204 79.47 -18.28 37.15
CA PHE UA 204 80.91 -18.22 36.96
C PHE UA 204 81.38 -19.16 35.86
N VAL UA 205 80.73 -20.32 35.72
CA VAL UA 205 81.21 -21.34 34.80
C VAL UA 205 80.80 -21.00 33.38
N GLU UA 206 80.00 -19.95 33.21
CA GLU UA 206 79.61 -19.49 31.89
C GLU UA 206 80.07 -18.06 31.63
N GLY UA 207 81.22 -17.69 32.20
CA GLY UA 207 81.82 -16.40 31.98
C GLY UA 207 81.36 -15.30 32.90
N GLY UA 208 80.55 -15.60 33.91
CA GLY UA 208 80.03 -14.58 34.78
C GLY UA 208 80.66 -14.54 36.15
N ASP UA 209 79.86 -14.22 37.17
CA ASP UA 209 80.37 -14.04 38.52
C ASP UA 209 79.58 -14.80 39.56
N ALA UA 210 78.30 -15.03 39.31
CA ALA UA 210 77.45 -15.66 40.31
C ALA UA 210 77.83 -17.12 40.47
N GLY UA 211 77.39 -17.69 41.59
CA GLY UA 211 77.58 -19.09 41.83
C GLY UA 211 78.89 -19.43 42.50
N ASN UA 212 79.19 -20.72 42.51
CA ASN UA 212 80.34 -21.25 43.21
C ASN UA 212 81.56 -21.29 42.30
N ARG UA 213 82.49 -20.38 42.52
CA ARG UA 213 83.86 -20.54 42.04
C ARG UA 213 84.64 -21.17 43.19
N GLU UA 214 85.34 -22.26 42.92
CA GLU UA 214 85.86 -23.07 44.00
C GLU UA 214 86.86 -22.30 44.85
N ASP UA 215 88.01 -21.97 44.29
CA ASP UA 215 89.06 -21.27 45.04
C ASP UA 215 89.45 -19.94 44.44
N GLN UA 216 88.81 -19.52 43.36
CA GLN UA 216 89.00 -18.19 42.81
C GLN UA 216 88.32 -17.12 43.64
N ILE UA 217 87.54 -17.53 44.63
CA ILE UA 217 87.02 -16.60 45.62
C ILE UA 217 88.17 -15.88 46.30
N ASN UA 218 89.36 -16.48 46.32
CA ASN UA 218 90.52 -15.83 46.91
C ASN UA 218 91.00 -14.66 46.07
N ARG UA 219 91.04 -14.83 44.75
CA ARG UA 219 91.33 -13.69 43.87
C ARG UA 219 90.29 -12.60 44.05
N LEU UA 220 89.02 -12.99 44.13
CA LEU UA 220 87.96 -12.00 44.33
C LEU UA 220 88.15 -11.27 45.65
N ILE UA 221 88.56 -11.98 46.71
CA ILE UA 221 88.76 -11.36 48.01
C ILE UA 221 89.94 -10.40 47.97
N ARG UA 222 91.01 -10.78 47.27
CA ARG UA 222 92.14 -9.85 47.13
C ARG UA 222 91.70 -8.57 46.46
N ARG UA 223 90.86 -8.67 45.44
CA ARG UA 223 90.44 -7.45 44.73
C ARG UA 223 89.41 -6.65 45.50
N MET UA 224 88.53 -7.30 46.26
CA MET UA 224 87.47 -6.60 46.97
C MET UA 224 87.85 -6.19 48.38
N ASN UA 225 89.00 -6.62 48.88
CA ASN UA 225 89.42 -6.29 50.22
C ASN UA 225 90.50 -5.22 50.21
N LYS VA 1 -85.72 72.90 38.30
CA LYS VA 1 -86.55 74.09 38.19
C LYS VA 1 -85.69 75.33 37.97
N VAL VA 2 -84.46 75.29 38.50
CA VAL VA 2 -83.52 76.40 38.37
C VAL VA 2 -82.13 75.91 37.94
N VAL VA 3 -81.94 74.59 37.82
CA VAL VA 3 -80.62 74.05 37.54
C VAL VA 3 -80.15 74.47 36.15
N ASN VA 4 -78.86 74.79 36.05
CA ASN VA 4 -78.29 75.25 34.80
C ASN VA 4 -78.38 74.15 33.74
N PRO VA 5 -78.76 74.48 32.51
CA PRO VA 5 -78.71 73.48 31.43
C PRO VA 5 -77.32 72.97 31.12
N LEU VA 6 -76.28 73.67 31.54
CA LEU VA 6 -74.91 73.29 31.24
C LEU VA 6 -74.34 72.26 32.19
N PHE VA 7 -75.11 71.81 33.19
CA PHE VA 7 -74.66 70.77 34.11
C PHE VA 7 -75.19 69.43 33.62
N GLU VA 8 -74.30 68.44 33.51
CA GLU VA 8 -74.71 67.12 33.07
C GLU VA 8 -73.86 66.07 33.75
N LYS VA 9 -74.40 64.86 33.83
CA LYS VA 9 -73.61 63.72 34.27
C LYS VA 9 -72.56 63.39 33.22
N ARG VA 10 -71.35 63.12 33.67
CA ARG VA 10 -70.27 62.68 32.79
C ARG VA 10 -69.68 61.40 33.39
N PRO VA 11 -70.44 60.31 33.36
CA PRO VA 11 -69.94 59.08 33.95
C PRO VA 11 -68.78 58.52 33.16
N LYS VA 12 -67.84 57.92 33.89
CA LYS VA 12 -66.77 57.14 33.28
C LYS VA 12 -66.94 55.71 33.72
N ASN VA 13 -66.88 54.79 32.77
CA ASN VA 13 -66.99 53.37 33.06
C ASN VA 13 -65.60 52.75 33.04
N PHE VA 14 -65.30 51.94 34.05
CA PHE VA 14 -63.97 51.40 34.26
C PHE VA 14 -63.86 49.98 33.75
N GLY VA 15 -64.54 49.67 32.65
CA GLY VA 15 -64.36 48.38 32.01
C GLY VA 15 -62.96 48.22 31.49
N ILE VA 16 -62.62 46.98 31.14
CA ILE VA 16 -61.28 46.68 30.66
C ILE VA 16 -61.04 47.44 29.36
N GLY VA 17 -59.92 48.14 29.28
CA GLY VA 17 -59.57 48.89 28.11
C GLY VA 17 -60.25 50.23 27.98
N GLN VA 18 -61.18 50.55 28.86
CA GLN VA 18 -61.91 51.81 28.87
C GLN VA 18 -61.17 52.78 29.78
N ASP VA 19 -61.86 53.86 30.21
CA ASP VA 19 -61.28 54.87 31.10
C ASP VA 19 -60.47 54.24 32.23
N ILE VA 20 -59.35 54.90 32.57
CA ILE VA 20 -58.36 54.26 33.43
C ILE VA 20 -58.94 54.04 34.82
N GLN VA 21 -58.42 53.04 35.52
CA GLN VA 21 -59.01 52.59 36.76
C GLN VA 21 -58.91 53.66 37.84
N PRO VA 22 -59.89 53.74 38.72
CA PRO VA 22 -59.85 54.72 39.80
C PRO VA 22 -58.82 54.32 40.85
N LYS VA 23 -58.40 55.31 41.62
CA LYS VA 23 -57.44 55.11 42.69
C LYS VA 23 -58.16 54.48 43.87
N ARG VA 24 -58.25 53.15 43.86
CA ARG VA 24 -58.96 52.42 44.89
C ARG VA 24 -57.98 51.85 45.92
N ASP VA 25 -58.51 51.16 46.91
CA ASP VA 25 -57.70 50.59 47.97
C ASP VA 25 -56.93 49.38 47.48
N LEU VA 26 -55.63 49.35 47.74
CA LEU VA 26 -54.78 48.23 47.35
C LEU VA 26 -54.12 47.58 48.56
N THR VA 27 -54.67 47.74 49.76
CA THR VA 27 -54.01 47.25 50.97
C THR VA 27 -53.76 45.76 50.92
N ARG VA 28 -54.61 45.00 50.23
CA ARG VA 28 -54.40 43.57 50.17
C ARG VA 28 -53.23 43.20 49.28
N PHE VA 29 -52.85 44.07 48.35
CA PHE VA 29 -51.79 43.78 47.39
C PHE VA 29 -50.59 44.69 47.57
N VAL VA 30 -50.44 45.32 48.72
CA VAL VA 30 -49.28 46.17 48.97
C VAL VA 30 -48.06 45.28 49.18
N LYS VA 31 -46.95 45.66 48.57
CA LYS VA 31 -45.66 45.04 48.85
C LYS VA 31 -45.19 45.57 50.20
N TRP VA 32 -45.34 44.76 51.23
CA TRP VA 32 -45.10 45.19 52.60
C TRP VA 32 -43.62 45.04 52.96
N PRO VA 33 -43.17 45.76 53.98
CA PRO VA 33 -41.81 45.56 54.49
C PRO VA 33 -41.63 44.17 55.07
N ARG VA 34 -40.37 43.76 55.17
CA ARG VA 34 -40.03 42.40 55.56
C ARG VA 34 -40.52 42.08 56.97
N TYR VA 35 -40.42 43.04 57.89
CA TYR VA 35 -40.85 42.75 59.26
C TYR VA 35 -42.37 42.60 59.35
N ILE VA 36 -43.12 43.39 58.57
CA ILE VA 36 -44.57 43.22 58.55
C ILE VA 36 -44.94 41.87 57.97
N ARG VA 37 -44.31 41.48 56.86
CA ARG VA 37 -44.56 40.18 56.29
C ARG VA 37 -44.21 39.06 57.26
N LEU VA 38 -43.10 39.21 57.98
CA LEU VA 38 -42.66 38.18 58.91
C LEU VA 38 -43.64 38.02 60.06
N GLN VA 39 -44.09 39.11 60.66
CA GLN VA 39 -45.02 38.97 61.78
C GLN VA 39 -46.38 38.46 61.33
N ARG VA 40 -46.85 38.87 60.14
CA ARG VA 40 -48.11 38.33 59.63
C ARG VA 40 -47.99 36.85 59.30
N GLN VA 41 -46.86 36.43 58.73
CA GLN VA 41 -46.68 35.02 58.42
C GLN VA 41 -46.53 34.19 59.69
N ARG VA 42 -45.95 34.75 60.74
CA ARG VA 42 -45.93 34.05 62.03
C ARG VA 42 -47.34 33.87 62.56
N ALA VA 43 -48.17 34.90 62.44
CA ALA VA 43 -49.57 34.77 62.84
C ALA VA 43 -50.25 33.65 62.05
N ILE VA 44 -49.94 33.54 60.76
CA ILE VA 44 -50.57 32.51 59.93
C ILE VA 44 -50.06 31.12 60.30
N LEU VA 45 -48.76 30.98 60.58
CA LEU VA 45 -48.24 29.68 60.97
C LEU VA 45 -48.81 29.21 62.29
N TYR VA 46 -49.11 30.13 63.20
CA TYR VA 46 -49.75 29.67 64.43
C TYR VA 46 -51.16 29.17 64.21
N LYS VA 47 -51.73 29.38 63.03
CA LYS VA 47 -52.99 28.75 62.64
C LYS VA 47 -52.79 27.50 61.80
N ARG VA 48 -51.73 27.45 61.00
CA ARG VA 48 -51.46 26.27 60.19
C ARG VA 48 -50.99 25.11 61.05
N LEU VA 49 -49.94 25.31 61.83
CA LEU VA 49 -49.28 24.21 62.50
C LEU VA 49 -50.14 23.69 63.64
N LYS VA 50 -49.90 22.43 63.99
CA LYS VA 50 -50.55 21.83 65.15
C LYS VA 50 -49.88 22.36 66.41
N VAL VA 51 -50.57 23.22 67.13
CA VAL VA 51 -50.00 23.79 68.35
C VAL VA 51 -50.20 22.81 69.50
N PRO VA 52 -49.14 22.44 70.21
CA PRO VA 52 -49.32 21.55 71.36
C PRO VA 52 -50.17 22.21 72.42
N PRO VA 53 -50.89 21.42 73.22
CA PRO VA 53 -51.83 22.01 74.19
C PRO VA 53 -51.17 22.91 75.21
N ALA VA 54 -49.90 22.67 75.55
CA ALA VA 54 -49.22 23.52 76.52
C ALA VA 54 -49.10 24.95 76.04
N ILE VA 55 -48.92 25.14 74.73
CA ILE VA 55 -48.93 26.49 74.18
C ILE VA 55 -50.34 26.93 73.82
N ASN VA 56 -51.20 25.99 73.43
CA ASN VA 56 -52.54 26.34 72.99
C ASN VA 56 -53.43 26.80 74.13
N GLN VA 57 -53.14 26.41 75.37
CA GLN VA 57 -53.99 26.78 76.48
C GLN VA 57 -54.04 28.29 76.70
N PHE VA 58 -53.02 29.02 76.26
CA PHE VA 58 -53.01 30.47 76.42
C PHE VA 58 -53.88 31.18 75.41
N THR VA 59 -54.33 30.51 74.35
CA THR VA 59 -55.31 31.12 73.45
C THR VA 59 -56.66 31.25 74.14
N GLN VA 60 -57.05 30.26 74.93
CA GLN VA 60 -58.26 30.36 75.74
C GLN VA 60 -57.98 31.29 76.91
N ALA VA 61 -58.63 32.44 76.94
CA ALA VA 61 -58.41 33.41 77.99
C ALA VA 61 -59.74 33.93 78.50
N LEU VA 62 -59.67 34.76 79.53
CA LEU VA 62 -60.87 35.27 80.17
C LEU VA 62 -61.65 36.16 79.21
N ASP VA 63 -62.98 36.08 79.28
CA ASP VA 63 -63.81 36.96 78.50
C ASP VA 63 -63.80 38.37 79.09
N ARG VA 64 -64.43 39.30 78.38
CA ARG VA 64 -64.32 40.71 78.72
C ARG VA 64 -64.91 41.01 80.09
N GLN VA 65 -66.06 40.42 80.41
CA GLN VA 65 -66.72 40.72 81.69
C GLN VA 65 -65.88 40.27 82.86
N THR VA 66 -65.42 39.01 82.84
CA THR VA 66 -64.63 38.50 83.95
C THR VA 66 -63.27 39.19 84.01
N ALA VA 67 -62.67 39.50 82.86
CA ALA VA 67 -61.41 40.22 82.87
C ALA VA 67 -61.56 41.61 83.48
N THR VA 68 -62.65 42.30 83.14
CA THR VA 68 -62.90 43.62 83.72
C THR VA 68 -63.12 43.53 85.22
N GLN VA 69 -63.89 42.53 85.66
CA GLN VA 69 -64.11 42.35 87.10
C GLN VA 69 -62.81 42.06 87.83
N LEU VA 70 -61.98 41.19 87.26
CA LEU VA 70 -60.71 40.83 87.88
C LEU VA 70 -59.76 42.02 87.94
N LEU VA 71 -59.67 42.79 86.86
CA LEU VA 71 -58.79 43.95 86.88
C LEU VA 71 -59.32 45.03 87.80
N LYS VA 72 -60.65 45.17 87.91
CA LYS VA 72 -61.23 46.09 88.87
C LYS VA 72 -60.86 45.70 90.29
N LEU VA 73 -60.90 44.41 90.59
CA LEU VA 73 -60.46 43.96 91.91
C LEU VA 73 -58.98 44.22 92.11
N ALA VA 74 -58.16 43.94 91.10
CA ALA VA 74 -56.71 44.07 91.24
C ALA VA 74 -56.28 45.52 91.33
N HIS VA 75 -57.09 46.45 90.84
CA HIS VA 75 -56.76 47.86 90.95
C HIS VA 75 -56.70 48.34 92.39
N LYS VA 76 -57.34 47.63 93.31
CA LYS VA 76 -57.33 48.01 94.71
C LYS VA 76 -56.09 47.53 95.45
N TYR VA 77 -55.20 46.81 94.79
CA TYR VA 77 -54.00 46.27 95.44
C TYR VA 77 -52.77 46.50 94.59
N ARG VA 78 -52.74 47.59 93.84
CA ARG VA 78 -51.58 47.87 93.01
C ARG VA 78 -50.39 48.24 93.89
N PRO VA 79 -49.18 47.85 93.50
CA PRO VA 79 -48.00 48.23 94.28
C PRO VA 79 -47.82 49.74 94.29
N GLU VA 80 -47.31 50.24 95.41
CA GLU VA 80 -47.06 51.67 95.53
C GLU VA 80 -45.93 52.08 94.60
N THR VA 81 -46.05 53.29 94.05
CA THR VA 81 -45.06 53.79 93.12
C THR VA 81 -43.89 54.39 93.89
N LYS VA 82 -42.94 55.02 93.17
CA LYS VA 82 -41.81 55.64 93.84
C LYS VA 82 -42.27 56.80 94.72
N GLN VA 83 -43.20 57.61 94.22
CA GLN VA 83 -43.70 58.73 95.03
C GLN VA 83 -44.45 58.23 96.25
N GLU VA 84 -45.28 57.20 96.09
CA GLU VA 84 -46.01 56.65 97.23
C GLU VA 84 -45.07 56.06 98.26
N LYS VA 85 -44.03 55.35 97.82
CA LYS VA 85 -43.07 54.79 98.75
C LYS VA 85 -42.30 55.89 99.47
N LYS VA 86 -41.93 56.95 98.75
CA LYS VA 86 -41.26 58.07 99.39
C LYS VA 86 -42.15 58.73 100.44
N GLN VA 87 -43.43 58.90 100.12
CA GLN VA 87 -44.35 59.51 101.09
C GLN VA 87 -44.53 58.63 102.32
N ARG VA 88 -44.68 57.32 102.11
CA ARG VA 88 -44.82 56.40 103.24
C ARG VA 88 -43.57 56.41 104.10
N LEU VA 89 -42.39 56.41 103.48
CA LEU VA 89 -41.14 56.41 104.24
C LEU VA 89 -40.97 57.71 105.00
N LEU VA 90 -41.32 58.85 104.40
CA LEU VA 90 -41.20 60.11 105.11
C LEU VA 90 -42.15 60.16 106.29
N ALA VA 91 -43.39 59.70 106.12
CA ALA VA 91 -44.33 59.67 107.23
C ALA VA 91 -43.84 58.75 108.34
N ARG VA 92 -43.28 57.59 107.97
CA ARG VA 92 -42.77 56.67 108.97
C ARG VA 92 -41.59 57.27 109.73
N ALA VA 93 -40.70 57.96 109.02
CA ALA VA 93 -39.56 58.61 109.68
C ALA VA 93 -40.01 59.70 110.63
N GLU VA 94 -40.99 60.50 110.21
CA GLU VA 94 -41.53 61.54 111.10
C GLU VA 94 -42.18 60.92 112.33
N LYS VA 95 -42.95 59.84 112.13
CA LYS VA 95 -43.61 59.18 113.26
C LYS VA 95 -42.60 58.60 114.24
N LYS VA 96 -41.54 57.99 113.72
CA LYS VA 96 -40.49 57.45 114.58
C LYS VA 96 -39.76 58.55 115.35
N ALA VA 97 -39.45 59.66 114.65
CA ALA VA 97 -38.80 60.78 115.33
C ALA VA 97 -39.69 61.36 116.42
N ALA VA 98 -40.99 61.49 116.14
CA ALA VA 98 -41.94 61.97 117.14
C ALA VA 98 -43.29 61.38 116.81
N GLY VA 99 -43.76 60.44 117.62
CA GLY VA 99 -43.06 59.90 118.76
C GLY VA 99 -43.37 58.45 119.07
N LYS VA 100 -44.14 57.81 118.17
CA LYS VA 100 -44.69 56.50 118.47
C LYS VA 100 -43.61 55.42 118.49
N GLY VA 101 -42.72 55.43 117.50
CA GLY VA 101 -41.63 54.49 117.43
C GLY VA 101 -41.64 53.72 116.12
N ASP VA 102 -41.40 52.40 116.21
CA ASP VA 102 -41.35 51.56 115.02
C ASP VA 102 -42.70 51.54 114.30
N VAL VA 103 -43.72 51.02 114.97
CA VAL VA 103 -45.10 51.04 114.48
C VAL VA 103 -45.22 50.44 113.08
N PRO VA 104 -45.16 49.11 112.94
CA PRO VA 104 -45.33 48.51 111.60
C PRO VA 104 -46.65 48.88 110.94
N THR VA 105 -47.72 49.02 111.73
CA THR VA 105 -49.01 49.53 111.27
C THR VA 105 -49.58 48.74 110.09
N LYS VA 106 -49.50 47.42 110.17
CA LYS VA 106 -50.26 46.50 109.30
C LYS VA 106 -49.93 46.74 107.83
N ARG VA 107 -48.70 46.34 107.45
CA ARG VA 107 -48.24 46.32 106.07
C ARG VA 107 -49.34 45.75 105.17
N PRO VA 108 -49.89 46.54 104.27
CA PRO VA 108 -51.14 46.19 103.62
C PRO VA 108 -50.94 45.10 102.58
N PRO VA 109 -51.98 44.33 102.28
CA PRO VA 109 -51.90 43.37 101.17
C PRO VA 109 -51.65 44.08 99.86
N VAL VA 110 -50.86 43.44 99.01
CA VAL VA 110 -50.44 44.03 97.74
C VAL VA 110 -50.37 42.94 96.70
N LEU VA 111 -50.53 43.32 95.44
CA LEU VA 111 -50.44 42.38 94.34
C LEU VA 111 -48.98 41.97 94.13
N ARG VA 112 -48.74 40.67 94.04
CA ARG VA 112 -47.39 40.15 93.89
C ARG VA 112 -47.14 39.84 92.42
N ALA VA 113 -46.11 40.45 91.86
CA ALA VA 113 -45.85 40.41 90.43
C ALA VA 113 -44.49 39.79 90.15
N GLY VA 114 -44.33 39.31 88.93
CA GLY VA 114 -43.09 38.68 88.52
C GLY VA 114 -43.27 37.19 88.50
N VAL VA 115 -42.75 36.54 87.45
CA VAL VA 115 -42.98 35.12 87.30
C VAL VA 115 -42.26 34.33 88.39
N ASN VA 116 -41.06 34.75 88.79
CA ASN VA 116 -40.33 34.04 89.82
C ASN VA 116 -41.03 34.16 91.18
N THR VA 117 -41.46 35.37 91.53
CA THR VA 117 -42.20 35.57 92.76
C THR VA 117 -43.47 34.76 92.78
N VAL VA 118 -44.21 34.79 91.66
CA VAL VA 118 -45.49 34.10 91.60
C VAL VA 118 -45.30 32.59 91.71
N THR VA 119 -44.31 32.04 91.01
CA THR VA 119 -44.12 30.59 91.09
C THR VA 119 -43.60 30.15 92.45
N THR VA 120 -42.80 30.97 93.12
CA THR VA 120 -42.44 30.63 94.50
C THR VA 120 -43.65 30.64 95.41
N LEU VA 121 -44.55 31.62 95.23
CA LEU VA 121 -45.78 31.63 96.03
C LEU VA 121 -46.65 30.42 95.74
N VAL VA 122 -46.75 30.02 94.46
CA VAL VA 122 -47.57 28.86 94.11
C VAL VA 122 -47.01 27.61 94.73
N GLU VA 123 -45.68 27.44 94.70
CA GLU VA 123 -45.06 26.30 95.36
C GLU VA 123 -45.31 26.33 96.86
N ASN VA 124 -45.24 27.51 97.48
CA ASN VA 124 -45.53 27.62 98.90
C ASN VA 124 -47.01 27.47 99.21
N LYS VA 125 -47.87 27.44 98.20
CA LYS VA 125 -49.33 27.46 98.37
C LYS VA 125 -49.80 28.71 99.10
N LYS VA 126 -49.11 29.82 98.87
CA LYS VA 126 -49.46 31.09 99.51
C LYS VA 126 -50.19 32.04 98.58
N ALA VA 127 -50.58 31.58 97.40
CA ALA VA 127 -51.28 32.42 96.43
C ALA VA 127 -52.76 32.01 96.37
N GLN VA 128 -53.63 33.01 96.35
CA GLN VA 128 -55.07 32.75 96.30
C GLN VA 128 -55.62 32.78 94.88
N LEU VA 129 -54.96 33.46 93.96
CA LEU VA 129 -55.39 33.53 92.58
C LEU VA 129 -54.22 34.00 91.74
N VAL VA 130 -53.91 33.27 90.67
CA VAL VA 130 -52.80 33.58 89.79
C VAL VA 130 -53.35 34.03 88.45
N VAL VA 131 -52.85 35.14 87.95
CA VAL VA 131 -53.26 35.69 86.66
C VAL VA 131 -52.05 35.68 85.75
N ILE VA 132 -52.20 35.09 84.57
CA ILE VA 132 -51.12 34.91 83.61
C ILE VA 132 -51.47 35.64 82.33
N ALA VA 133 -50.53 36.43 81.82
CA ALA VA 133 -50.72 37.07 80.53
C ALA VA 133 -50.72 36.02 79.43
N HIS VA 134 -51.53 36.24 78.40
CA HIS VA 134 -51.66 35.27 77.33
C HIS VA 134 -50.62 35.43 76.22
N ASP VA 135 -49.82 36.49 76.23
CA ASP VA 135 -48.97 36.81 75.08
C ASP VA 135 -47.52 37.00 75.49
N VAL VA 136 -47.01 36.13 76.36
CA VAL VA 136 -45.61 36.18 76.74
C VAL VA 136 -44.77 35.72 75.54
N ASP VA 137 -44.02 36.64 74.94
CA ASP VA 137 -43.43 36.39 73.63
C ASP VA 137 -42.39 35.27 73.65
N PRO VA 138 -41.43 35.21 74.58
CA PRO VA 138 -40.71 33.95 74.78
C PRO VA 138 -41.55 32.99 75.60
N ILE VA 139 -42.42 32.21 74.94
CA ILE VA 139 -43.40 31.45 75.69
C ILE VA 139 -42.71 30.17 76.17
N GLU VA 140 -41.91 30.33 77.21
CA GLU VA 140 -41.44 29.26 78.08
C GLU VA 140 -41.49 29.70 79.52
N LEU VA 141 -41.62 31.00 79.77
CA LEU VA 141 -41.65 31.52 81.13
C LEU VA 141 -42.90 31.09 81.88
N VAL VA 142 -43.97 30.71 81.17
CA VAL VA 142 -45.25 30.42 81.79
C VAL VA 142 -45.88 29.13 81.30
N VAL VA 143 -45.22 28.35 80.45
CA VAL VA 143 -45.86 27.14 79.95
C VAL VA 143 -46.07 26.12 81.04
N PHE VA 144 -45.41 26.28 82.19
CA PHE VA 144 -45.59 25.40 83.32
C PHE VA 144 -46.58 25.91 84.34
N LEU VA 145 -46.85 27.22 84.36
CA LEU VA 145 -47.70 27.79 85.40
C LEU VA 145 -49.11 27.23 85.45
N PRO VA 146 -49.81 26.98 84.33
CA PRO VA 146 -51.10 26.27 84.46
C PRO VA 146 -50.99 24.93 85.15
N ALA VA 147 -50.07 24.07 84.71
CA ALA VA 147 -49.95 22.75 85.33
C ALA VA 147 -49.49 22.84 86.78
N LEU VA 148 -48.54 23.73 87.05
CA LEU VA 148 -48.04 23.88 88.42
C LEU VA 148 -49.13 24.42 89.34
N CYS VA 149 -49.91 25.38 88.87
CA CYS VA 149 -51.00 25.90 89.69
C CYS VA 149 -52.08 24.85 89.91
N ARG VA 150 -52.36 24.04 88.89
CA ARG VA 150 -53.33 22.97 89.09
C ARG VA 150 -52.84 21.95 90.10
N LYS VA 151 -51.56 21.61 90.05
CA LYS VA 151 -51.04 20.63 91.00
C LYS VA 151 -51.01 21.18 92.41
N MET VA 152 -50.60 22.43 92.58
CA MET VA 152 -50.60 23.01 93.92
C MET VA 152 -52.00 23.41 94.39
N GLY VA 153 -52.99 23.38 93.51
CA GLY VA 153 -54.35 23.65 93.89
C GLY VA 153 -54.79 25.09 93.83
N VAL VA 154 -53.89 26.02 93.53
CA VAL VA 154 -54.23 27.44 93.50
C VAL VA 154 -54.97 27.75 92.20
N PRO VA 155 -56.08 28.47 92.26
CA PRO VA 155 -56.78 28.83 91.02
C PRO VA 155 -55.95 29.77 90.16
N TYR VA 156 -56.02 29.55 88.85
CA TYR VA 156 -55.26 30.33 87.90
C TYR VA 156 -56.15 30.70 86.72
N CYS VA 157 -55.83 31.81 86.08
CA CYS VA 157 -56.55 32.27 84.91
C CYS VA 157 -55.57 32.90 83.94
N ILE VA 158 -55.97 32.97 82.67
CA ILE VA 158 -55.19 33.61 81.63
C ILE VA 158 -55.96 34.80 81.12
N ILE VA 159 -55.31 35.96 81.09
CA ILE VA 159 -55.93 37.21 80.72
C ILE VA 159 -55.26 37.76 79.46
N LYS VA 160 -56.04 38.49 78.67
CA LYS VA 160 -55.55 39.05 77.42
C LYS VA 160 -54.72 40.29 77.73
N GLY VA 161 -53.42 40.21 77.47
CA GLY VA 161 -52.59 41.38 77.55
C GLY VA 161 -51.61 41.40 78.71
N LYS VA 162 -50.32 41.30 78.40
CA LYS VA 162 -49.30 41.59 79.39
C LYS VA 162 -49.15 43.09 79.65
N ALA VA 163 -49.57 43.91 78.69
CA ALA VA 163 -49.51 45.36 78.90
C ALA VA 163 -50.48 45.79 80.00
N ARG VA 164 -51.63 45.12 80.10
CA ARG VA 164 -52.58 45.45 81.16
C ARG VA 164 -52.00 45.14 82.53
N LEU VA 165 -51.36 43.99 82.68
CA LEU VA 165 -50.69 43.67 83.94
C LEU VA 165 -49.54 44.63 84.21
N GLY VA 166 -48.84 45.05 83.16
CA GLY VA 166 -47.80 46.05 83.34
C GLY VA 166 -48.34 47.36 83.89
N ARG VA 167 -49.46 47.84 83.34
CA ARG VA 167 -50.07 49.06 83.87
C ARG VA 167 -50.59 48.84 85.27
N LEU VA 168 -50.99 47.60 85.59
CA LEU VA 168 -51.38 47.28 86.95
C LEU VA 168 -50.22 47.46 87.92
N VAL VA 169 -49.03 47.05 87.52
CA VAL VA 169 -47.87 47.09 88.40
C VAL VA 169 -46.96 48.29 88.09
N HIS VA 170 -47.47 49.27 87.34
CA HIS VA 170 -46.74 50.49 86.99
C HIS VA 170 -45.46 50.18 86.21
N ARG VA 171 -45.55 49.26 85.26
CA ARG VA 171 -44.44 48.96 84.39
C ARG VA 171 -44.96 48.80 82.97
N LYS VA 172 -44.07 48.50 82.03
CA LYS VA 172 -44.49 48.32 80.66
C LYS VA 172 -45.20 47.00 80.46
N THR VA 173 -44.69 45.94 81.09
CA THR VA 173 -45.17 44.59 80.86
C THR VA 173 -44.99 43.79 82.14
N CYS VA 174 -46.01 43.05 82.53
CA CYS VA 174 -45.88 42.08 83.61
C CYS VA 174 -46.37 40.73 83.12
N THR VA 175 -45.55 39.70 83.31
CA THR VA 175 -45.90 38.38 82.85
C THR VA 175 -47.05 37.78 83.66
N THR VA 176 -46.95 37.83 84.99
CA THR VA 176 -47.95 37.24 85.87
C THR VA 176 -48.12 38.09 87.11
N VAL VA 177 -49.30 38.01 87.72
CA VAL VA 177 -49.53 38.60 89.02
C VAL VA 177 -50.24 37.57 89.89
N ALA VA 178 -50.20 37.80 91.19
CA ALA VA 178 -50.80 36.86 92.13
C ALA VA 178 -51.48 37.61 93.25
N PHE VA 179 -52.48 36.97 93.83
CA PHE VA 179 -53.22 37.51 94.97
C PHE VA 179 -52.82 36.71 96.21
N THR VA 180 -52.11 37.36 97.12
CA THR VA 180 -51.92 36.83 98.46
C THR VA 180 -53.16 37.13 99.28
N GLN VA 181 -53.05 37.10 100.60
CA GLN VA 181 -54.17 37.48 101.46
C GLN VA 181 -54.72 38.84 101.05
N VAL VA 182 -56.03 39.00 101.21
CA VAL VA 182 -56.78 40.11 100.65
C VAL VA 182 -57.61 40.73 101.76
N ASN VA 183 -58.08 41.95 101.53
CA ASN VA 183 -58.88 42.65 102.53
C ASN VA 183 -60.25 42.00 102.69
N SER VA 184 -60.81 42.16 103.89
CA SER VA 184 -62.05 41.49 104.24
C SER VA 184 -63.20 41.95 103.37
N GLU VA 185 -63.26 43.25 103.05
CA GLU VA 185 -64.34 43.75 102.22
C GLU VA 185 -64.28 43.18 100.81
N ASP VA 186 -63.09 42.87 100.31
CA ASP VA 186 -62.94 42.30 98.98
C ASP VA 186 -62.88 40.77 99.00
N LYS VA 187 -62.97 40.15 100.18
CA LYS VA 187 -62.95 38.69 100.23
C LYS VA 187 -64.11 38.08 99.46
N GLY VA 188 -65.30 38.68 99.57
CA GLY VA 188 -66.44 38.14 98.83
C GLY VA 188 -66.27 38.24 97.33
N ALA VA 189 -65.80 39.38 96.84
CA ALA VA 189 -65.55 39.53 95.41
C ALA VA 189 -64.47 38.57 94.93
N LEU VA 190 -63.42 38.38 95.74
CA LEU VA 190 -62.37 37.45 95.37
C LEU VA 190 -62.91 36.03 95.29
N ALA VA 191 -63.75 35.62 96.24
CA ALA VA 191 -64.32 34.28 96.20
C ALA VA 191 -65.24 34.12 94.98
N LYS VA 192 -66.04 35.15 94.69
CA LYS VA 192 -66.92 35.10 93.53
C LYS VA 192 -66.14 34.95 92.24
N LEU VA 193 -65.01 35.66 92.13
CA LEU VA 193 -64.15 35.47 90.97
C LEU VA 193 -63.54 34.07 90.95
N VAL VA 194 -63.03 33.63 92.09
CA VAL VA 194 -62.23 32.40 92.17
C VAL VA 194 -63.08 31.19 91.81
N GLU VA 195 -64.35 31.16 92.22
CA GLU VA 195 -65.17 30.01 91.87
C GLU VA 195 -65.35 29.86 90.36
N ALA VA 196 -65.60 30.97 89.66
CA ALA VA 196 -65.70 30.93 88.21
C ALA VA 196 -64.38 30.59 87.56
N ILE VA 197 -63.28 31.13 88.09
CA ILE VA 197 -61.96 30.88 87.53
C ILE VA 197 -61.60 29.41 87.65
N ARG VA 198 -61.88 28.81 88.81
CA ARG VA 198 -61.61 27.40 89.02
C ARG VA 198 -62.51 26.54 88.13
N THR VA 199 -63.77 26.96 87.94
CA THR VA 199 -64.65 26.24 87.04
C THR VA 199 -64.08 26.23 85.62
N ASN VA 200 -63.58 27.37 85.16
CA ASN VA 200 -63.13 27.46 83.78
C ASN VA 200 -61.74 26.87 83.54
N TYR VA 201 -60.86 26.87 84.56
CA TYR VA 201 -59.47 26.49 84.31
C TYR VA 201 -59.04 25.24 85.08
N ASN VA 202 -59.12 25.25 86.42
CA ASN VA 202 -58.56 24.13 87.17
C ASN VA 202 -59.43 22.89 87.05
N ASP VA 203 -60.74 23.07 86.90
CA ASP VA 203 -61.64 21.92 86.92
C ASP VA 203 -61.54 21.11 85.64
N ARG VA 204 -61.29 21.76 84.50
CA ARG VA 204 -61.23 21.07 83.21
C ARG VA 204 -59.80 20.98 82.69
N TYR VA 205 -58.84 20.89 83.61
CA TYR VA 205 -57.44 20.76 83.24
C TYR VA 205 -57.19 19.49 82.44
N ASP VA 206 -57.98 18.44 82.65
CA ASP VA 206 -57.79 17.19 81.92
C ASP VA 206 -57.98 17.39 80.42
N GLU VA 207 -59.02 18.11 80.02
CA GLU VA 207 -59.24 18.35 78.61
C GLU VA 207 -58.42 19.53 78.08
N ILE VA 208 -58.05 20.47 78.94
CA ILE VA 208 -57.08 21.48 78.52
C ILE VA 208 -55.76 20.81 78.17
N ARG VA 209 -55.38 19.76 78.89
CA ARG VA 209 -54.14 19.04 78.60
C ARG VA 209 -54.16 18.40 77.23
N ARG VA 210 -55.33 18.00 76.74
CA ARG VA 210 -55.43 17.28 75.48
C ARG VA 210 -55.89 18.15 74.32
N HIS VA 211 -56.29 19.39 74.59
CA HIS VA 211 -56.81 20.27 73.55
C HIS VA 211 -55.67 20.82 72.72
N TRP VA 212 -55.40 20.17 71.59
CA TRP VA 212 -54.44 20.70 70.63
C TRP VA 212 -55.05 21.91 69.91
N GLY VA 213 -54.17 22.69 69.28
CA GLY VA 213 -54.57 23.90 68.61
C GLY VA 213 -54.08 23.95 67.17
N GLY VA 214 -54.49 25.01 66.48
CA GLY VA 214 -54.10 25.22 65.11
C GLY VA 214 -54.71 24.19 64.18
N ASN VA 215 -53.95 23.83 63.15
CA ASN VA 215 -54.34 22.83 62.16
C ASN VA 215 -55.63 23.22 61.43
N VAL VA 216 -55.69 24.47 61.00
CA VAL VA 216 -56.76 24.96 60.14
C VAL VA 216 -56.14 25.52 58.87
N LEU VA 217 -56.75 25.21 57.73
CA LEU VA 217 -56.21 25.63 56.46
C LEU VA 217 -56.63 27.07 56.16
N GLY VA 218 -56.10 27.59 55.07
CA GLY VA 218 -56.43 28.92 54.62
C GLY VA 218 -57.82 28.97 54.06
N PRO VA 219 -58.39 30.17 53.98
CA PRO VA 219 -59.74 30.31 53.41
C PRO VA 219 -59.85 29.82 51.98
N LYS VA 220 -58.81 30.01 51.16
CA LYS VA 220 -58.88 29.54 49.79
C LYS VA 220 -58.89 28.01 49.70
N SER VA 221 -58.02 27.35 50.46
CA SER VA 221 -58.00 25.91 50.48
C SER VA 221 -59.30 25.34 51.03
N VAL VA 222 -59.83 25.97 52.09
CA VAL VA 222 -61.10 25.55 52.65
C VAL VA 222 -62.21 25.73 51.61
N ALA VA 223 -62.17 26.83 50.86
CA ALA VA 223 -63.19 27.09 49.87
C ALA VA 223 -63.16 26.07 48.75
N ARG VA 224 -61.98 25.71 48.28
CA ARG VA 224 -61.93 24.72 47.20
C ARG VA 224 -62.28 23.31 47.70
N ILE VA 225 -61.91 22.97 48.94
CA ILE VA 225 -62.34 21.71 49.52
C ILE VA 225 -63.86 21.68 49.65
N ALA VA 226 -64.45 22.78 50.11
CA ALA VA 226 -65.89 22.86 50.26
C ALA VA 226 -66.60 22.80 48.90
N LYS VA 227 -65.99 23.38 47.87
CA LYS VA 227 -66.55 23.27 46.53
C LYS VA 227 -66.56 21.82 46.06
N LEU VA 228 -65.46 21.10 46.29
CA LEU VA 228 -65.43 19.68 45.94
C LEU VA 228 -66.48 18.89 46.72
N GLU VA 229 -66.60 19.16 48.01
CA GLU VA 229 -67.56 18.43 48.83
C GLU VA 229 -68.99 18.76 48.42
N LYS VA 230 -69.25 20.01 48.05
CA LYS VA 230 -70.57 20.40 47.57
C LYS VA 230 -70.89 19.71 46.25
N ALA VA 231 -69.92 19.61 45.34
CA ALA VA 231 -70.16 18.89 44.10
C ALA VA 231 -70.46 17.42 44.37
N LYS VA 232 -69.72 16.81 45.29
CA LYS VA 232 -69.96 15.41 45.63
C LYS VA 232 -71.34 15.21 46.26
N ALA VA 233 -71.73 16.11 47.17
CA ALA VA 233 -73.04 16.00 47.79
C ALA VA 233 -74.16 16.21 46.79
N LYS VA 234 -73.98 17.15 45.86
CA LYS VA 234 -74.96 17.35 44.80
C LYS VA 234 -75.09 16.11 43.93
N GLU VA 235 -73.95 15.48 43.61
CA GLU VA 235 -73.99 14.25 42.82
C GLU VA 235 -74.74 13.15 43.56
N LEU VA 236 -74.49 13.00 44.86
CA LEU VA 236 -75.20 12.01 45.65
C LEU VA 236 -76.70 12.30 45.70
N ALA VA 237 -77.07 13.57 45.90
CA ALA VA 237 -78.47 13.94 45.99
C ALA VA 237 -79.19 13.69 44.67
N THR VA 238 -78.54 14.00 43.55
CA THR VA 238 -79.13 13.70 42.25
C THR VA 238 -79.23 12.20 42.01
N LYS VA 239 -78.25 11.43 42.49
CA LYS VA 239 -78.30 9.98 42.34
C LYS VA 239 -79.47 9.40 43.12
N LEU VA 240 -79.72 9.89 44.33
CA LEU VA 240 -80.81 9.37 45.15
C LEU VA 240 -82.13 10.11 44.92
N GLY VA 241 -82.16 11.09 44.02
CA GLY VA 241 -83.37 11.83 43.74
C GLY VA 241 -84.18 11.28 42.59
N MET WA 1 89.98 -19.19 2.15
CA MET WA 1 91.32 -19.72 2.00
C MET WA 1 92.23 -18.75 1.27
N LYS WA 2 93.46 -18.63 1.72
CA LYS WA 2 94.45 -17.78 1.07
C LYS WA 2 95.57 -18.67 0.55
N THR WA 3 95.61 -18.85 -0.76
CA THR WA 3 96.68 -19.62 -1.39
C THR WA 3 97.99 -18.85 -1.28
N ILE WA 4 99.06 -19.54 -0.89
CA ILE WA 4 100.34 -18.86 -0.67
C ILE WA 4 100.84 -18.22 -1.95
N LEU WA 5 100.80 -18.96 -3.05
CA LEU WA 5 101.36 -18.47 -4.31
C LEU WA 5 100.55 -19.01 -5.47
N SER WA 6 100.23 -18.13 -6.41
CA SER WA 6 99.62 -18.49 -7.67
C SER WA 6 100.41 -17.79 -8.76
N ASN WA 7 101.09 -18.56 -9.61
CA ASN WA 7 101.98 -17.98 -10.60
C ASN WA 7 101.70 -18.56 -11.97
N GLN WA 8 101.95 -17.75 -13.00
CA GLN WA 8 101.79 -18.20 -14.37
C GLN WA 8 102.80 -17.47 -15.24
N THR WA 9 103.40 -18.21 -16.19
CA THR WA 9 104.45 -17.68 -17.03
C THR WA 9 104.01 -17.67 -18.48
N VAL WA 10 104.34 -16.60 -19.19
CA VAL WA 10 104.12 -16.49 -20.63
C VAL WA 10 105.47 -16.40 -21.31
N ASP WA 11 105.55 -16.95 -22.52
CA ASP WA 11 106.78 -16.96 -23.30
C ASP WA 11 106.71 -15.86 -24.34
N ILE WA 12 107.82 -15.18 -24.56
CA ILE WA 12 107.90 -14.07 -25.50
C ILE WA 12 108.76 -14.48 -26.68
N PRO WA 13 108.28 -14.36 -27.91
CA PRO WA 13 109.10 -14.70 -29.07
C PRO WA 13 110.34 -13.82 -29.22
N GLU WA 14 111.21 -14.16 -30.17
CA GLU WA 14 112.45 -13.40 -30.33
C GLU WA 14 112.19 -12.04 -30.98
N ASN WA 15 111.27 -11.98 -31.94
CA ASN WA 15 111.04 -10.75 -32.69
C ASN WA 15 110.37 -9.65 -31.88
N VAL WA 16 109.90 -9.96 -30.68
CA VAL WA 16 109.20 -9.00 -29.82
C VAL WA 16 109.89 -8.99 -28.47
N ASP WA 17 109.99 -7.81 -27.87
CA ASP WA 17 110.54 -7.69 -26.52
C ASP WA 17 109.60 -6.89 -25.63
N ILE WA 18 109.62 -7.24 -24.35
CA ILE WA 18 108.69 -6.70 -23.37
C ILE WA 18 109.48 -5.98 -22.29
N THR WA 19 109.07 -4.76 -21.98
CA THR WA 19 109.67 -3.94 -20.93
C THR WA 19 108.63 -3.70 -19.85
N LEU WA 20 109.08 -3.72 -18.59
CA LEU WA 20 108.21 -3.49 -17.45
C LEU WA 20 108.58 -2.19 -16.77
N LYS WA 21 107.58 -1.34 -16.53
CA LYS WA 21 107.72 -0.16 -15.70
C LYS WA 21 106.71 -0.34 -14.57
N GLY WA 22 107.12 -1.03 -13.52
CA GLY WA 22 106.22 -1.41 -12.46
C GLY WA 22 105.22 -2.44 -12.95
N ARG WA 23 103.96 -2.05 -13.06
CA ARG WA 23 102.91 -2.90 -13.59
C ARG WA 23 102.46 -2.46 -14.98
N THR WA 24 103.19 -1.54 -15.60
CA THR WA 24 102.91 -1.11 -16.97
C THR WA 24 103.78 -1.92 -17.92
N VAL WA 25 103.13 -2.70 -18.79
CA VAL WA 25 103.81 -3.54 -19.75
C VAL WA 25 103.88 -2.80 -21.08
N ILE WA 26 105.10 -2.69 -21.62
CA ILE WA 26 105.33 -2.15 -22.96
C ILE WA 26 105.79 -3.30 -23.82
N VAL WA 27 105.03 -3.61 -24.87
CA VAL WA 27 105.32 -4.73 -25.74
C VAL WA 27 105.70 -4.15 -27.10
N LYS WA 28 106.96 -4.34 -27.49
CA LYS WA 28 107.51 -3.75 -28.71
C LYS WA 28 107.78 -4.87 -29.69
N GLY WA 29 107.08 -4.86 -30.81
CA GLY WA 29 107.25 -5.85 -31.84
C GLY WA 29 107.47 -5.23 -33.19
N PRO WA 30 107.46 -6.05 -34.25
CA PRO WA 30 107.60 -5.49 -35.60
C PRO WA 30 106.48 -4.56 -36.01
N ARG WA 31 105.25 -4.83 -35.57
CA ARG WA 31 104.10 -4.08 -36.04
C ARG WA 31 103.83 -2.81 -35.24
N GLY WA 32 104.69 -2.48 -34.29
CA GLY WA 32 104.54 -1.27 -33.52
C GLY WA 32 104.75 -1.54 -32.05
N THR WA 33 104.17 -0.68 -31.23
CA THR WA 33 104.29 -0.77 -29.78
C THR WA 33 102.90 -0.76 -29.15
N LEU WA 34 102.72 -1.61 -28.15
CA LEU WA 34 101.53 -1.60 -27.32
C LEU WA 34 101.92 -1.33 -25.88
N ARG WA 35 100.99 -0.79 -25.10
CA ARG WA 35 101.32 -0.39 -23.75
C ARG WA 35 100.07 -0.45 -22.89
N ARG WA 36 100.17 -1.13 -21.75
CA ARG WA 36 99.00 -1.31 -20.91
C ARG WA 36 99.43 -1.43 -19.46
N ASP WA 37 98.78 -0.69 -18.57
CA ASP WA 37 99.12 -0.71 -17.15
C ASP WA 37 98.09 -1.50 -16.37
N PHE WA 38 98.57 -2.38 -15.50
CA PHE WA 38 97.74 -3.22 -14.66
C PHE WA 38 97.80 -2.80 -13.21
N ASN WA 39 97.82 -1.50 -12.95
CA ASN WA 39 97.90 -1.02 -11.57
C ASN WA 39 96.67 -1.36 -10.75
N HIS WA 40 95.57 -1.73 -11.41
CA HIS WA 40 94.38 -2.13 -10.66
C HIS WA 40 94.49 -3.54 -10.10
N ILE WA 41 95.54 -4.28 -10.46
CA ILE WA 41 95.75 -5.63 -9.97
C ILE WA 41 97.07 -5.68 -9.21
N ASN WA 42 97.01 -6.17 -7.98
CA ASN WA 42 98.20 -6.25 -7.12
C ASN WA 42 98.92 -7.57 -7.42
N VAL WA 43 99.83 -7.53 -8.38
CA VAL WA 43 100.61 -8.69 -8.76
C VAL WA 43 102.07 -8.30 -8.87
N GLU WA 44 102.92 -9.32 -8.93
CA GLU WA 44 104.34 -9.14 -9.13
C GLU WA 44 104.68 -9.61 -10.54
N LEU WA 45 105.20 -8.71 -11.36
CA LEU WA 45 105.57 -9.01 -12.74
C LEU WA 45 107.08 -9.11 -12.83
N SER WA 46 107.58 -10.20 -13.42
CA SER WA 46 109.02 -10.42 -13.51
C SER WA 46 109.39 -10.87 -14.90
N LEU WA 47 110.57 -10.46 -15.36
CA LEU WA 47 111.16 -10.98 -16.58
C LEU WA 47 112.34 -11.87 -16.20
N LEU WA 48 112.42 -13.05 -16.80
CA LEU WA 48 113.31 -14.08 -16.31
C LEU WA 48 114.51 -14.34 -17.23
N GLY WA 49 114.27 -14.68 -18.49
CA GLY WA 49 115.33 -15.13 -19.36
C GLY WA 49 115.93 -14.03 -20.21
N LYS WA 50 117.23 -14.17 -20.48
CA LYS WA 50 117.94 -13.34 -21.44
C LYS WA 50 118.11 -14.03 -22.78
N LYS WA 51 117.48 -15.18 -22.95
CA LYS WA 51 117.52 -16.06 -24.11
C LYS WA 51 116.13 -16.37 -24.66
N LYS WA 52 115.14 -16.53 -23.79
CA LYS WA 52 113.81 -16.95 -24.19
C LYS WA 52 112.72 -16.00 -23.71
N LYS WA 53 113.04 -15.05 -22.83
CA LYS WA 53 112.14 -13.96 -22.46
C LYS WA 53 110.83 -14.49 -21.90
N ARG WA 54 110.92 -15.05 -20.71
CA ARG WA 54 109.73 -15.44 -19.96
C ARG WA 54 109.27 -14.28 -19.09
N LEU WA 55 107.97 -14.03 -19.09
CA LEU WA 55 107.36 -13.06 -18.18
C LEU WA 55 106.46 -13.81 -17.21
N ARG WA 56 106.76 -13.70 -15.92
CA ARG WA 56 106.05 -14.42 -14.89
C ARG WA 56 105.19 -13.47 -14.06
N VAL WA 57 103.95 -13.88 -13.82
CA VAL WA 57 102.99 -13.13 -13.02
C VAL WA 57 102.80 -13.92 -11.73
N ASP WA 58 103.03 -13.27 -10.60
CA ASP WA 58 102.90 -13.89 -9.29
C ASP WA 58 101.83 -13.17 -8.49
N LYS WA 59 101.02 -13.94 -7.77
CA LYS WA 59 100.10 -13.39 -6.79
C LYS WA 59 100.33 -14.14 -5.49
N TRP WA 60 100.55 -13.40 -4.42
CA TRP WA 60 100.83 -13.98 -3.11
C TRP WA 60 99.65 -13.73 -2.18
N TRP WA 61 99.26 -14.77 -1.45
CA TRP WA 61 98.20 -14.68 -0.45
C TRP WA 61 96.91 -14.15 -1.05
N GLY WA 62 96.53 -14.69 -2.19
CA GLY WA 62 95.30 -14.31 -2.82
C GLY WA 62 94.14 -15.18 -2.41
N ASN WA 63 92.93 -14.66 -2.56
CA ASN WA 63 91.73 -15.43 -2.35
C ASN WA 63 91.09 -15.74 -3.70
N ARG WA 64 89.93 -16.41 -3.64
CA ARG WA 64 89.29 -16.95 -4.84
C ARG WA 64 89.10 -15.89 -5.91
N LYS WA 65 88.79 -14.65 -5.52
CA LYS WA 65 88.51 -13.61 -6.49
C LYS WA 65 89.78 -13.12 -7.17
N GLU WA 66 90.88 -12.98 -6.44
CA GLU WA 66 92.08 -12.41 -7.01
C GLU WA 66 93.09 -13.44 -7.50
N LEU WA 67 92.83 -14.74 -7.32
CA LEU WA 67 93.51 -15.72 -8.14
C LEU WA 67 93.01 -15.73 -9.58
N ALA WA 68 91.84 -15.15 -9.83
CA ALA WA 68 91.30 -15.13 -11.18
C ALA WA 68 92.01 -14.12 -12.07
N THR WA 69 92.77 -13.20 -11.48
CA THR WA 69 93.40 -12.13 -12.24
C THR WA 69 94.74 -12.53 -12.84
N VAL WA 70 95.37 -13.60 -12.38
CA VAL WA 70 96.67 -14.00 -12.91
C VAL WA 70 96.54 -14.45 -14.36
N ARG WA 71 95.60 -15.34 -14.63
CA ARG WA 71 95.38 -15.78 -16.00
C ARG WA 71 94.86 -14.65 -16.86
N THR WA 72 94.09 -13.72 -16.28
CA THR WA 72 93.62 -12.57 -17.04
C THR WA 72 94.78 -11.70 -17.50
N ILE WA 73 95.74 -11.43 -16.61
CA ILE WA 73 96.91 -10.65 -17.00
C ILE WA 73 97.73 -11.38 -18.05
N CYS WA 74 97.90 -12.69 -17.86
CA CYS WA 74 98.66 -13.46 -18.84
C CYS WA 74 97.99 -13.43 -20.20
N SER WA 75 96.67 -13.55 -20.24
CA SER WA 75 95.94 -13.51 -21.50
C SER WA 75 96.03 -12.14 -22.15
N HIS WA 76 95.95 -11.07 -21.36
CA HIS WA 76 96.11 -9.73 -21.92
C HIS WA 76 97.49 -9.53 -22.51
N VAL WA 77 98.53 -10.01 -21.82
CA VAL WA 77 99.89 -9.85 -22.34
C VAL WA 77 100.07 -10.69 -23.61
N GLN WA 78 99.52 -11.90 -23.63
CA GLN WA 78 99.60 -12.71 -24.84
C GLN WA 78 98.87 -12.06 -26.00
N ASN WA 79 97.72 -11.43 -25.73
CA ASN WA 79 97.01 -10.71 -26.78
C ASN WA 79 97.82 -9.51 -27.26
N MET WA 80 98.53 -8.83 -26.37
CA MET WA 80 99.41 -7.74 -26.79
C MET WA 80 100.53 -8.26 -27.69
N ILE WA 81 101.12 -9.39 -27.33
CA ILE WA 81 102.18 -9.98 -28.15
C ILE WA 81 101.64 -10.36 -29.51
N LYS WA 82 100.46 -10.97 -29.54
CA LYS WA 82 99.82 -11.33 -30.79
C LYS WA 82 99.50 -10.11 -31.63
N GLY WA 83 99.11 -9.00 -30.98
CA GLY WA 83 98.82 -7.79 -31.72
C GLY WA 83 100.04 -7.16 -32.34
N VAL WA 84 101.17 -7.15 -31.63
CA VAL WA 84 102.37 -6.54 -32.18
C VAL WA 84 103.15 -7.46 -33.10
N THR WA 85 102.86 -8.76 -33.10
CA THR WA 85 103.49 -9.66 -34.05
C THR WA 85 102.64 -9.90 -35.29
N LEU WA 86 101.39 -10.30 -35.12
CA LEU WA 86 100.51 -10.62 -36.24
C LEU WA 86 99.38 -9.63 -36.44
N GLY WA 87 98.99 -8.88 -35.42
CA GLY WA 87 97.90 -7.95 -35.56
C GLY WA 87 96.55 -8.62 -35.50
N PHE WA 88 95.49 -7.85 -35.27
CA PHE WA 88 94.15 -8.39 -35.17
C PHE WA 88 93.33 -7.88 -36.34
N ARG WA 89 92.59 -8.78 -36.97
CA ARG WA 89 91.76 -8.45 -38.12
C ARG WA 89 90.39 -9.08 -37.93
N TYR WA 90 89.38 -8.24 -37.82
CA TYR WA 90 88.01 -8.68 -37.67
C TYR WA 90 87.28 -8.47 -38.99
N LYS WA 91 86.72 -9.53 -39.53
CA LYS WA 91 85.96 -9.47 -40.76
C LYS WA 91 84.48 -9.50 -40.42
N MET WA 92 83.76 -8.49 -40.91
CA MET WA 92 82.36 -8.27 -40.60
C MET WA 92 81.55 -8.36 -41.88
N ARG WA 93 80.70 -9.37 -41.99
CA ARG WA 93 79.79 -9.44 -43.11
C ARG WA 93 78.55 -8.62 -42.82
N SER WA 94 78.04 -7.93 -43.82
CA SER WA 94 76.80 -7.18 -43.67
C SER WA 94 75.69 -7.98 -44.36
N VAL WA 95 74.66 -8.32 -43.61
CA VAL WA 95 73.57 -9.13 -44.12
C VAL WA 95 72.35 -8.25 -44.28
N TYR WA 96 71.52 -8.57 -45.27
CA TYR WA 96 70.29 -7.84 -45.49
C TYR WA 96 69.37 -8.69 -46.35
N ALA WA 97 68.07 -8.46 -46.19
CA ALA WA 97 67.09 -9.16 -47.00
C ALA WA 97 66.72 -8.37 -48.25
N HIS WA 98 66.38 -7.10 -48.08
CA HIS WA 98 65.94 -6.27 -49.19
C HIS WA 98 66.87 -5.09 -49.45
N PHE WA 99 67.11 -4.24 -48.46
CA PHE WA 99 67.86 -3.02 -48.68
C PHE WA 99 69.35 -3.31 -48.53
N PRO WA 100 70.15 -3.16 -49.58
CA PRO WA 100 71.60 -3.28 -49.41
C PRO WA 100 72.12 -2.20 -48.47
N ILE WA 101 73.09 -2.56 -47.66
CA ILE WA 101 73.67 -1.65 -46.70
C ILE WA 101 74.90 -1.04 -47.33
N ASN WA 102 74.85 0.25 -47.60
CA ASN WA 102 75.97 0.96 -48.24
C ASN WA 102 76.89 1.48 -47.16
N VAL WA 103 78.14 1.02 -47.18
CA VAL WA 103 79.14 1.43 -46.21
C VAL WA 103 80.21 2.21 -46.95
N VAL WA 104 80.45 3.44 -46.51
CA VAL WA 104 81.45 4.32 -47.09
C VAL WA 104 82.52 4.57 -46.04
N ILE WA 105 83.77 4.34 -46.42
CA ILE WA 105 84.90 4.51 -45.51
C ILE WA 105 85.46 5.91 -45.70
N GLN WA 106 85.46 6.69 -44.63
CA GLN WA 106 85.97 8.05 -44.63
C GLN WA 106 87.45 8.03 -44.24
N GLU WA 107 87.97 9.17 -43.81
CA GLU WA 107 89.41 9.44 -43.72
C GLU WA 107 90.20 8.31 -43.07
N ASN WA 108 91.08 7.69 -43.87
CA ASN WA 108 92.06 6.72 -43.41
C ASN WA 108 91.41 5.57 -42.63
N GLY WA 109 90.20 5.20 -42.99
CA GLY WA 109 89.50 4.15 -42.28
C GLY WA 109 89.17 4.46 -40.84
N SER WA 110 88.87 5.72 -40.53
CA SER WA 110 88.53 6.11 -39.18
C SER WA 110 87.06 6.40 -38.97
N LEU WA 111 86.30 6.62 -40.05
CA LEU WA 111 84.88 6.86 -39.96
C LEU WA 111 84.16 5.93 -40.92
N VAL WA 112 83.04 5.38 -40.48
CA VAL WA 112 82.24 4.46 -41.27
C VAL WA 112 80.86 5.06 -41.43
N GLU WA 113 80.38 5.18 -42.66
CA GLU WA 113 79.07 5.73 -42.95
C GLU WA 113 78.18 4.61 -43.47
N ILE WA 114 77.16 4.27 -42.70
CA ILE WA 114 76.13 3.33 -43.09
C ILE WA 114 74.94 4.13 -43.60
N ARG WA 115 74.54 3.88 -44.84
CA ARG WA 115 73.60 4.76 -45.53
C ARG WA 115 72.19 4.21 -45.61
N ASN WA 116 72.02 2.96 -45.98
CA ASN WA 116 70.70 2.44 -46.33
C ASN WA 116 70.34 1.24 -45.47
N PHE WA 117 70.61 1.30 -44.18
CA PHE WA 117 70.29 0.17 -43.30
C PHE WA 117 68.78 0.09 -43.14
N LEU WA 118 68.19 -0.96 -43.67
CA LEU WA 118 66.74 -1.17 -43.69
C LEU WA 118 66.01 -0.05 -44.43
N GLY WA 119 66.73 0.68 -45.29
CA GLY WA 119 66.11 1.66 -46.14
C GLY WA 119 65.72 2.96 -45.48
N GLU WA 120 66.26 3.27 -44.31
CA GLU WA 120 65.91 4.52 -43.65
C GLU WA 120 66.87 5.63 -44.05
N LYS WA 121 66.35 6.86 -44.04
CA LYS WA 121 67.11 8.01 -44.52
C LYS WA 121 68.20 8.43 -43.55
N TYR WA 122 68.14 7.98 -42.30
CA TYR WA 122 69.17 8.35 -41.34
C TYR WA 122 70.50 7.72 -41.71
N ILE WA 123 71.57 8.50 -41.56
CA ILE WA 123 72.92 8.07 -41.88
C ILE WA 123 73.65 7.81 -40.57
N ARG WA 124 74.27 6.64 -40.45
CA ARG WA 124 75.00 6.28 -39.25
C ARG WA 124 76.48 6.56 -39.47
N ARG WA 125 77.07 7.36 -38.59
CA ARG WA 125 78.49 7.65 -38.63
C ARG WA 125 79.13 7.04 -37.40
N VAL WA 126 79.97 6.04 -37.61
CA VAL WA 126 80.64 5.32 -36.54
C VAL WA 126 82.10 5.71 -36.57
N ARG WA 127 82.60 6.19 -35.43
CA ARG WA 127 83.99 6.58 -35.31
C ARG WA 127 84.79 5.42 -34.73
N MET WA 128 85.78 4.94 -35.48
CA MET WA 128 86.63 3.88 -34.99
C MET WA 128 87.54 4.40 -33.89
N ARG WA 129 87.92 3.50 -32.99
CA ARG WA 129 88.87 3.86 -31.96
C ARG WA 129 90.23 4.14 -32.60
N PRO WA 130 91.03 5.02 -31.99
CA PRO WA 130 92.35 5.33 -32.57
C PRO WA 130 93.23 4.09 -32.64
N GLY WA 131 94.00 4.01 -33.72
CA GLY WA 131 94.81 2.85 -33.98
C GLY WA 131 94.12 1.73 -34.71
N VAL WA 132 92.86 1.92 -35.11
CA VAL WA 132 92.08 0.90 -35.79
C VAL WA 132 91.69 1.44 -37.16
N ALA WA 133 91.93 0.63 -38.19
CA ALA WA 133 91.61 1.03 -39.55
C ALA WA 133 90.53 0.13 -40.11
N CYS WA 134 89.54 0.73 -40.76
CA CYS WA 134 88.45 0.00 -41.38
C CYS WA 134 88.54 0.13 -42.89
N SER WA 135 88.12 -0.92 -43.59
CA SER WA 135 88.17 -0.92 -45.04
C SER WA 135 87.11 -1.86 -45.57
N VAL WA 136 86.80 -1.74 -46.85
CA VAL WA 136 85.87 -2.63 -47.53
C VAL WA 136 86.69 -3.66 -48.28
N SER WA 137 86.41 -4.93 -48.04
CA SER WA 137 87.22 -5.99 -48.66
C SER WA 137 87.03 -6.01 -50.16
N GLN WA 138 88.11 -6.27 -50.87
CA GLN WA 138 88.06 -6.44 -52.32
C GLN WA 138 87.75 -7.88 -52.73
N ALA WA 139 87.63 -8.79 -51.77
CA ALA WA 139 87.38 -10.19 -52.09
C ALA WA 139 85.89 -10.49 -52.16
N GLN WA 140 85.18 -10.31 -51.05
CA GLN WA 140 83.76 -10.62 -50.99
C GLN WA 140 82.93 -9.37 -51.23
N LYS WA 141 81.62 -9.56 -51.29
CA LYS WA 141 80.73 -8.48 -51.72
C LYS WA 141 80.48 -7.49 -50.59
N ASP WA 142 79.89 -7.95 -49.49
CA ASP WA 142 79.49 -7.06 -48.40
C ASP WA 142 80.29 -7.42 -47.15
N GLU WA 143 81.51 -6.92 -47.07
CA GLU WA 143 82.41 -7.30 -46.00
C GLU WA 143 83.34 -6.15 -45.64
N LEU WA 144 83.44 -5.91 -44.33
CA LEU WA 144 84.32 -4.92 -43.75
C LEU WA 144 85.51 -5.63 -43.11
N ILE WA 145 86.67 -5.01 -43.20
CA ILE WA 145 87.88 -5.50 -42.56
C ILE WA 145 88.33 -4.45 -41.56
N LEU WA 146 88.47 -4.84 -40.30
CA LEU WA 146 88.94 -3.96 -39.25
C LEU WA 146 90.30 -4.49 -38.79
N GLU WA 147 91.35 -3.72 -39.04
CA GLU WA 147 92.71 -4.13 -38.71
C GLU WA 147 93.29 -3.21 -37.64
N GLY WA 148 93.99 -3.81 -36.70
CA GLY WA 148 94.61 -3.02 -35.65
C GLY WA 148 95.58 -3.86 -34.87
N ASN WA 149 96.11 -3.26 -33.80
CA ASN WA 149 97.05 -3.95 -32.92
C ASN WA 149 96.43 -4.33 -31.58
N ASP WA 150 95.58 -3.46 -31.03
CA ASP WA 150 94.94 -3.73 -29.75
C ASP WA 150 93.62 -4.46 -29.99
N ILE WA 151 93.52 -5.68 -29.45
CA ILE WA 151 92.31 -6.46 -29.60
C ILE WA 151 91.14 -5.74 -28.94
N GLU WA 152 91.39 -5.08 -27.80
CA GLU WA 152 90.36 -4.29 -27.15
C GLU WA 152 89.75 -3.29 -28.12
N LEU WA 153 90.60 -2.49 -28.77
CA LEU WA 153 90.12 -1.42 -29.63
C LEU WA 153 89.48 -1.95 -30.91
N VAL WA 154 90.06 -2.98 -31.50
CA VAL WA 154 89.51 -3.55 -32.72
C VAL WA 154 88.13 -4.14 -32.47
N SER WA 155 88.02 -4.96 -31.42
CA SER WA 155 86.74 -5.60 -31.13
C SER WA 155 85.71 -4.57 -30.67
N ASN WA 156 86.14 -3.52 -29.97
CA ASN WA 156 85.20 -2.48 -29.58
C ASN WA 156 84.70 -1.70 -30.80
N SER WA 157 85.56 -1.45 -31.78
CA SER WA 157 85.11 -0.80 -33.01
C SER WA 157 84.12 -1.68 -33.77
N ALA WA 158 84.41 -2.97 -33.86
CA ALA WA 158 83.48 -3.89 -34.51
C ALA WA 158 82.14 -3.91 -33.79
N ALA WA 159 82.17 -3.92 -32.46
CA ALA WA 159 80.93 -3.87 -31.69
C ALA WA 159 80.20 -2.56 -31.89
N LEU WA 160 80.92 -1.45 -32.05
CA LEU WA 160 80.27 -0.18 -32.34
C LEU WA 160 79.49 -0.25 -33.64
N ILE WA 161 80.10 -0.81 -34.69
CA ILE WA 161 79.39 -0.96 -35.96
C ILE WA 161 78.19 -1.89 -35.79
N GLN WA 162 78.39 -3.02 -35.11
CA GLN WA 162 77.34 -4.02 -34.97
C GLN WA 162 76.14 -3.48 -34.21
N GLN WA 163 76.39 -2.73 -33.14
CA GLN WA 163 75.30 -2.13 -32.38
C GLN WA 163 74.71 -0.90 -33.05
N ALA WA 164 75.48 -0.24 -33.93
CA ALA WA 164 74.89 0.83 -34.73
C ALA WA 164 73.84 0.29 -35.69
N THR WA 165 74.11 -0.85 -36.32
CA THR WA 165 73.13 -1.45 -37.22
C THR WA 165 72.22 -2.38 -36.43
N THR WA 166 71.18 -1.79 -35.84
CA THR WA 166 70.30 -2.52 -34.92
C THR WA 166 68.85 -2.25 -35.31
N VAL WA 167 68.08 -3.32 -35.50
CA VAL WA 167 66.67 -3.20 -35.83
C VAL WA 167 65.86 -2.91 -34.57
N LYS WA 168 64.87 -2.04 -34.68
CA LYS WA 168 64.06 -1.65 -33.56
C LYS WA 168 62.59 -1.80 -33.89
N ASN WA 169 61.79 -2.11 -32.86
CA ASN WA 169 60.34 -2.23 -32.95
C ASN WA 169 59.91 -3.30 -33.95
N LYS WA 170 60.76 -4.30 -34.16
CA LYS WA 170 60.47 -5.38 -35.09
C LYS WA 170 60.90 -6.69 -34.46
N ASP WA 171 60.36 -7.78 -35.00
CA ASP WA 171 60.75 -9.12 -34.60
C ASP WA 171 62.15 -9.37 -35.14
N ILE WA 172 63.17 -9.23 -34.29
CA ILE WA 172 64.55 -9.40 -34.74
C ILE WA 172 64.88 -10.82 -35.11
N ARG WA 173 64.01 -11.78 -34.79
CA ARG WA 173 64.18 -13.11 -35.34
C ARG WA 173 63.88 -13.15 -36.82
N LYS WA 174 62.96 -12.31 -37.28
CA LYS WA 174 62.63 -12.20 -38.70
C LYS WA 174 63.52 -11.21 -39.42
N PHE WA 175 63.61 -9.99 -38.90
CA PHE WA 175 64.43 -8.94 -39.47
C PHE WA 175 65.86 -9.15 -38.99
N LEU WA 176 66.64 -9.87 -39.78
CA LEU WA 176 68.00 -10.23 -39.42
C LEU WA 176 69.03 -9.24 -39.95
N ASP WA 177 68.58 -8.14 -40.56
CA ASP WA 177 69.50 -7.22 -41.22
C ASP WA 177 70.46 -6.58 -40.23
N GLY WA 178 71.68 -6.34 -40.70
CA GLY WA 178 72.69 -5.72 -39.87
C GLY WA 178 74.06 -6.11 -40.35
N ILE WA 179 75.05 -5.63 -39.61
CA ILE WA 179 76.45 -5.98 -39.84
C ILE WA 179 76.93 -6.76 -38.62
N TYR WA 180 77.48 -7.94 -38.87
CA TYR WA 180 77.86 -8.86 -37.80
C TYR WA 180 79.30 -9.28 -37.99
N VAL WA 181 80.00 -9.49 -36.88
CA VAL WA 181 81.39 -9.94 -36.93
C VAL WA 181 81.41 -11.36 -37.44
N SER WA 182 81.90 -11.54 -38.66
CA SER WA 182 81.92 -12.88 -39.25
C SER WA 182 83.05 -13.72 -38.68
N GLU WA 183 84.27 -13.20 -38.66
CA GLU WA 183 85.37 -13.96 -38.10
C GLU WA 183 86.41 -13.03 -37.50
N LYS WA 184 87.22 -13.60 -36.60
CA LYS WA 184 88.29 -12.88 -35.92
C LYS WA 184 89.58 -13.63 -36.18
N GLY WA 185 90.57 -12.95 -36.74
CA GLY WA 185 91.83 -13.61 -37.03
C GLY WA 185 92.98 -12.64 -36.96
N THR WA 186 94.07 -12.97 -37.62
CA THR WA 186 95.29 -12.17 -37.58
C THR WA 186 95.60 -11.62 -38.97
N VAL WA 187 96.73 -10.94 -39.07
CA VAL WA 187 97.31 -10.54 -40.35
C VAL WA 187 98.60 -11.33 -40.52
N GLN WA 188 98.89 -11.70 -41.77
CA GLN WA 188 100.08 -12.44 -42.20
C GLN WA 188 100.02 -13.91 -41.80
N GLN WA 189 99.05 -14.28 -40.97
CA GLN WA 189 98.66 -15.66 -40.71
C GLN WA 189 99.85 -16.55 -40.35
N ALA WA 190 100.75 -16.02 -39.54
CA ALA WA 190 101.93 -16.78 -39.14
C ALA WA 190 101.70 -17.52 -37.85
N GLY XA 1 35.79 -19.83 1.20
CA GLY XA 1 35.58 -19.05 2.41
C GLY XA 1 36.37 -19.56 3.59
N ARG XA 2 37.64 -19.86 3.37
CA ARG XA 2 38.54 -20.31 4.41
C ARG XA 2 39.59 -19.24 4.66
N ARG XA 3 39.93 -19.05 5.93
CA ARG XA 3 40.95 -18.07 6.29
C ARG XA 3 42.33 -18.54 5.83
N PRO XA 4 43.28 -17.63 5.70
CA PRO XA 4 44.67 -18.04 5.45
C PRO XA 4 45.19 -18.88 6.60
N ALA XA 5 46.04 -19.85 6.28
CA ALA XA 5 46.58 -20.74 7.30
C ALA XA 5 47.54 -20.04 8.26
N ARG XA 6 47.98 -18.83 7.93
CA ARG XA 6 48.81 -18.07 8.86
C ARG XA 6 48.06 -17.72 10.13
N CYS XA 7 46.72 -17.77 10.09
CA CYS XA 7 45.92 -17.49 11.27
C CYS XA 7 45.95 -18.64 12.26
N TYR XA 8 46.07 -19.87 11.76
CA TYR XA 8 45.99 -21.06 12.59
C TYR XA 8 47.28 -21.87 12.54
N ARG XA 9 48.38 -21.23 12.17
CA ARG XA 9 49.65 -21.93 12.07
C ARG XA 9 50.15 -22.49 13.39
N TYR XA 10 50.00 -21.77 14.50
CA TYR XA 10 50.65 -22.11 15.75
C TYR XA 10 49.70 -22.80 16.70
N CYS XA 11 50.23 -23.72 17.51
CA CYS XA 11 49.45 -24.44 18.52
C CYS XA 11 49.26 -23.54 19.72
N LYS XA 12 48.27 -22.65 19.63
CA LYS XA 12 48.02 -21.71 20.70
C LYS XA 12 47.04 -22.23 21.73
N ASN XA 13 46.06 -23.03 21.32
CA ASN XA 13 45.04 -23.53 22.22
C ASN XA 13 45.34 -24.94 22.68
N LYS XA 14 44.65 -25.35 23.74
CA LYS XA 14 44.67 -26.73 24.16
C LYS XA 14 44.00 -27.59 23.09
N PRO XA 15 44.32 -28.88 23.02
CA PRO XA 15 43.71 -29.73 22.00
C PRO XA 15 42.20 -29.74 22.12
N TYR XA 16 41.54 -29.66 20.97
CA TYR XA 16 40.10 -29.46 20.89
C TYR XA 16 39.52 -30.52 19.98
N PRO XA 17 39.44 -31.76 20.45
CA PRO XA 17 38.98 -32.85 19.60
C PRO XA 17 37.49 -32.75 19.35
N LYS XA 18 37.05 -33.42 18.28
CA LYS XA 18 35.63 -33.58 18.02
C LYS XA 18 35.07 -34.61 18.98
N SER XA 19 34.22 -34.17 19.91
CA SER XA 19 33.73 -35.03 20.97
C SER XA 19 32.27 -34.68 21.24
N ARG XA 20 31.76 -35.18 22.36
CA ARG XA 20 30.40 -34.89 22.76
C ARG XA 20 30.22 -33.49 23.30
N PHE XA 21 31.30 -32.73 23.44
CA PHE XA 21 31.21 -31.32 23.76
C PHE XA 21 31.38 -30.42 22.55
N CYS XA 22 32.11 -30.87 21.54
CA CYS XA 22 32.32 -30.12 20.31
C CYS XA 22 31.51 -30.81 19.22
N ARG XA 23 30.28 -30.34 19.04
CA ARG XA 23 29.41 -30.84 17.99
C ARG XA 23 29.33 -29.85 16.84
N GLY XA 24 28.98 -30.36 15.66
CA GLY XA 24 28.87 -29.53 14.49
C GLY XA 24 30.20 -29.25 13.83
N VAL XA 25 31.01 -30.28 13.69
CA VAL XA 25 32.37 -30.16 13.15
C VAL XA 25 32.33 -30.60 11.68
N PRO XA 26 32.71 -29.73 10.73
CA PRO XA 26 32.82 -30.18 9.34
C PRO XA 26 33.87 -31.27 9.18
N ASP XA 27 33.59 -32.21 8.29
CA ASP XA 27 34.51 -33.32 8.07
C ASP XA 27 35.81 -32.82 7.45
N ALA XA 28 36.90 -33.48 7.82
CA ALA XA 28 38.21 -33.08 7.36
C ALA XA 28 38.36 -33.30 5.87
N LYS XA 29 39.21 -32.48 5.24
CA LYS XA 29 39.42 -32.59 3.81
C LYS XA 29 40.06 -33.92 3.44
N ILE XA 30 40.95 -34.44 4.27
CA ILE XA 30 41.65 -35.67 3.98
C ILE XA 30 40.90 -36.84 4.60
N ARG XA 31 40.49 -37.79 3.76
CA ARG XA 31 39.83 -39.00 4.21
C ARG XA 31 40.62 -40.26 3.94
N ILE XA 32 41.60 -40.20 3.05
CA ILE XA 32 42.43 -41.34 2.68
C ILE XA 32 43.83 -41.09 3.21
N PHE XA 33 44.38 -42.05 3.93
CA PHE XA 33 45.71 -41.91 4.50
C PHE XA 33 46.71 -42.90 3.94
N ASP XA 34 46.28 -43.96 3.28
CA ASP XA 34 47.20 -44.91 2.68
C ASP XA 34 46.94 -45.03 1.19
N LEU XA 35 48.02 -45.04 0.42
CA LEU XA 35 47.93 -45.07 -1.04
C LEU XA 35 48.98 -46.02 -1.58
N GLY XA 36 48.91 -46.28 -2.88
CA GLY XA 36 49.84 -47.19 -3.48
C GLY XA 36 49.39 -48.63 -3.28
N ARG XA 37 50.35 -49.53 -3.31
CA ARG XA 37 50.07 -50.94 -3.05
C ARG XA 37 50.11 -51.15 -1.55
N LYS XA 38 48.99 -50.86 -0.89
CA LYS XA 38 48.90 -51.11 0.54
C LYS XA 38 49.00 -52.59 0.87
N LYS XA 39 48.63 -53.46 -0.07
CA LYS XA 39 48.61 -54.89 0.15
C LYS XA 39 49.96 -55.55 -0.06
N ALA XA 40 50.99 -54.79 -0.37
CA ALA XA 40 52.31 -55.36 -0.59
C ALA XA 40 52.87 -55.93 0.70
N LYS XA 41 53.61 -57.03 0.58
CA LYS XA 41 54.17 -57.68 1.75
C LYS XA 41 55.34 -56.86 2.29
N VAL XA 42 55.82 -57.26 3.47
CA VAL XA 42 56.84 -56.49 4.16
C VAL XA 42 58.17 -56.55 3.43
N ASP XA 43 58.45 -57.64 2.73
CA ASP XA 43 59.74 -57.78 2.05
C ASP XA 43 59.77 -57.13 0.67
N GLU XA 44 58.62 -56.73 0.12
CA GLU XA 44 58.62 -56.11 -1.20
C GLU XA 44 59.27 -54.74 -1.17
N PHE XA 45 59.00 -53.95 -0.12
CA PHE XA 45 59.41 -52.56 -0.04
C PHE XA 45 60.29 -52.38 1.18
N PRO XA 46 61.61 -52.58 1.05
CA PRO XA 46 62.49 -52.46 2.21
C PRO XA 46 62.93 -51.05 2.53
N LEU XA 47 62.69 -50.08 1.66
CA LEU XA 47 63.20 -48.73 1.85
C LEU XA 47 62.09 -47.81 2.31
N GLY XA 48 62.35 -47.07 3.39
CA GLY XA 48 61.39 -46.12 3.91
C GLY XA 48 61.92 -44.70 3.96
N GLY XA 49 61.17 -43.76 3.41
CA GLY XA 49 61.50 -42.35 3.44
C GLY XA 49 60.45 -41.59 4.23
N HIS XA 50 60.91 -40.63 5.02
CA HIS XA 50 60.07 -39.89 5.95
C HIS XA 50 60.17 -38.40 5.69
N MET XA 51 59.08 -37.70 5.91
CA MET XA 51 59.06 -36.25 6.00
C MET XA 51 58.88 -35.86 7.45
N VAL XA 52 59.84 -35.14 8.01
CA VAL XA 52 59.93 -34.87 9.43
C VAL XA 52 59.79 -33.37 9.63
N SER XA 53 58.99 -32.96 10.61
CA SER XA 53 58.81 -31.54 10.87
C SER XA 53 59.87 -31.02 11.83
N ASP XA 54 60.41 -29.84 11.53
CA ASP XA 54 61.26 -29.11 12.45
C ASP XA 54 60.49 -28.04 13.21
N GLU XA 55 59.19 -27.99 13.04
CA GLU XA 55 58.34 -26.94 13.59
C GLU XA 55 57.31 -27.57 14.50
N TYR XA 56 57.07 -26.94 15.64
CA TYR XA 56 55.91 -27.28 16.47
C TYR XA 56 54.78 -26.38 16.03
N GLU XA 57 53.91 -26.91 15.16
CA GLU XA 57 52.89 -26.09 14.54
C GLU XA 57 51.68 -26.95 14.23
N GLN XA 58 50.74 -26.39 13.47
CA GLN XA 58 49.53 -27.07 13.07
C GLN XA 58 49.50 -27.15 11.55
N LEU XA 59 49.24 -28.34 11.03
CA LEU XA 59 49.09 -28.56 9.61
C LEU XA 59 47.62 -28.80 9.30
N SER XA 60 47.07 -28.02 8.39
CA SER XA 60 45.67 -28.14 8.08
C SER XA 60 45.39 -29.43 7.32
N SER XA 61 44.16 -29.92 7.45
CA SER XA 61 43.75 -31.11 6.72
C SER XA 61 43.79 -30.87 5.21
N GLU XA 62 43.49 -29.65 4.78
CA GLU XA 62 43.61 -29.31 3.36
C GLU XA 62 45.06 -29.42 2.88
N ALA XA 63 46.00 -28.94 3.69
CA ALA XA 63 47.40 -29.06 3.34
C ALA XA 63 47.84 -30.52 3.30
N LEU XA 64 47.35 -31.33 4.24
CA LEU XA 64 47.67 -32.76 4.23
C LEU XA 64 47.13 -33.42 2.98
N GLU XA 65 45.91 -33.10 2.58
CA GLU XA 65 45.33 -33.66 1.37
C GLU XA 65 46.12 -33.24 0.14
N ALA XA 66 46.51 -31.97 0.06
CA ALA XA 66 47.27 -31.49 -1.09
C ALA XA 66 48.63 -32.16 -1.17
N ALA XA 67 49.33 -32.29 -0.04
CA ALA XA 67 50.62 -32.94 -0.05
C ALA XA 67 50.51 -34.41 -0.42
N ARG XA 68 49.48 -35.08 0.09
CA ARG XA 68 49.24 -36.47 -0.24
C ARG XA 68 49.00 -36.64 -1.74
N ILE XA 69 48.18 -35.77 -2.33
CA ILE XA 69 47.89 -35.87 -3.75
C ILE XA 69 49.16 -35.62 -4.58
N CYS XA 70 49.93 -34.59 -4.21
CA CYS XA 70 51.14 -34.27 -4.97
C CYS XA 70 52.15 -35.41 -4.93
N ALA XA 71 52.44 -35.92 -3.73
CA ALA XA 71 53.39 -37.02 -3.61
C ALA XA 71 52.88 -38.27 -4.31
N ASN XA 72 51.58 -38.56 -4.23
CA ASN XA 72 51.05 -39.73 -4.91
C ASN XA 72 51.18 -39.61 -6.42
N LYS XA 73 50.89 -38.44 -6.98
CA LYS XA 73 51.02 -38.28 -8.42
C LYS XA 73 52.46 -38.43 -8.87
N TYR XA 74 53.40 -37.84 -8.13
CA TYR XA 74 54.79 -37.97 -8.55
C TYR XA 74 55.28 -39.40 -8.41
N MET XA 75 54.88 -40.10 -7.33
CA MET XA 75 55.30 -41.48 -7.15
C MET XA 75 54.73 -42.37 -8.24
N VAL XA 76 53.48 -42.14 -8.63
CA VAL XA 76 52.89 -42.90 -9.72
C VAL XA 76 53.65 -42.64 -11.01
N LYS XA 77 54.00 -41.38 -11.28
CA LYS XA 77 54.69 -41.05 -12.51
C LYS XA 77 56.07 -41.70 -12.58
N SER XA 78 56.82 -41.67 -11.48
CA SER XA 78 58.22 -42.08 -11.51
C SER XA 78 58.44 -43.54 -11.11
N CYS XA 79 57.46 -44.20 -10.52
CA CYS XA 79 57.64 -45.57 -10.06
C CYS XA 79 56.49 -46.50 -10.42
N GLY XA 80 55.51 -46.03 -11.18
CA GLY XA 80 54.37 -46.84 -11.51
C GLY XA 80 53.33 -46.83 -10.40
N ARG XA 81 52.13 -47.28 -10.74
CA ARG XA 81 51.03 -47.23 -9.78
C ARG XA 81 51.15 -48.27 -8.68
N ASP XA 82 52.06 -49.25 -8.82
CA ASP XA 82 52.19 -50.31 -7.83
C ASP XA 82 53.63 -50.49 -7.39
N GLY XA 83 54.42 -49.43 -7.44
CA GLY XA 83 55.80 -49.49 -7.01
C GLY XA 83 56.08 -48.88 -5.66
N PHE XA 84 55.06 -48.50 -4.90
CA PHE XA 84 55.26 -47.74 -3.69
C PHE XA 84 54.05 -47.91 -2.78
N HIS XA 85 54.23 -47.54 -1.52
CA HIS XA 85 53.13 -47.46 -0.56
C HIS XA 85 53.34 -46.20 0.26
N MET XA 86 52.32 -45.34 0.29
CA MET XA 86 52.39 -44.09 1.01
C MET XA 86 51.45 -44.11 2.22
N ARG XA 87 51.92 -43.55 3.33
CA ARG XA 87 51.13 -43.47 4.55
C ARG XA 87 51.29 -42.09 5.14
N VAL XA 88 50.18 -41.39 5.32
CA VAL XA 88 50.17 -40.10 6.00
C VAL XA 88 50.02 -40.36 7.50
N ARG XA 89 51.06 -40.04 8.26
CA ARG XA 89 51.12 -40.35 9.67
C ARG XA 89 50.56 -39.25 10.55
N LEU XA 90 49.68 -38.41 10.03
CA LEU XA 90 49.10 -37.32 10.79
C LEU XA 90 47.60 -37.28 10.57
N HIS XA 91 46.86 -37.19 11.65
CA HIS XA 91 45.42 -37.13 11.54
C HIS XA 91 44.90 -35.83 12.11
N PRO XA 92 43.99 -35.17 11.43
CA PRO XA 92 43.53 -33.85 11.86
C PRO XA 92 42.48 -33.92 12.96
N PHE XA 93 42.95 -34.13 14.19
CA PHE XA 93 42.06 -34.32 15.32
C PHE XA 93 41.76 -33.03 16.07
N HIS XA 94 42.43 -31.93 15.76
CA HIS XA 94 42.26 -30.69 16.49
C HIS XA 94 41.36 -29.75 15.68
N VAL XA 95 40.27 -29.30 16.30
CA VAL XA 95 39.31 -28.43 15.64
C VAL XA 95 39.68 -26.97 15.91
N ILE XA 96 39.73 -26.18 14.87
CA ILE XA 96 39.95 -24.75 15.00
C ILE XA 96 38.61 -24.04 14.84
N ARG XA 97 38.49 -22.87 15.48
CA ARG XA 97 37.24 -22.15 15.53
C ARG XA 97 37.36 -20.81 14.81
N ILE XA 98 36.21 -20.26 14.44
CA ILE XA 98 36.15 -18.93 13.83
C ILE XA 98 35.06 -18.13 14.50
N ASN XA 99 35.37 -16.90 14.89
CA ASN XA 99 34.38 -15.95 15.37
C ASN XA 99 33.92 -15.14 14.17
N LYS XA 100 32.78 -15.54 13.60
CA LYS XA 100 32.34 -14.96 12.33
C LYS XA 100 31.81 -13.55 12.54
N MET XA 101 32.32 -12.61 11.74
CA MET XA 101 31.90 -11.23 11.76
C MET XA 101 31.20 -10.89 10.46
N LEU XA 102 30.17 -10.05 10.54
CA LEU XA 102 29.40 -9.66 9.37
C LEU XA 102 30.25 -8.73 8.49
N SER XA 103 30.61 -9.21 7.31
CA SER XA 103 31.54 -8.48 6.43
C SER XA 103 30.81 -7.48 5.54
N CYS XA 104 30.01 -6.61 6.16
CA CYS XA 104 29.28 -5.56 5.47
C CYS XA 104 29.46 -4.26 6.23
N ALA XA 105 29.09 -3.16 5.57
CA ALA XA 105 29.17 -1.85 6.20
C ALA XA 105 28.06 -1.68 7.23
N GLY XA 106 28.34 -2.10 8.46
CA GLY XA 106 27.36 -2.02 9.53
C GLY XA 106 27.85 -2.64 10.82
N ALA XA 107 27.58 -1.98 11.94
CA ALA XA 107 28.03 -2.46 13.25
C ALA XA 107 26.91 -2.58 14.27
N ASP XA 108 25.96 -1.64 14.29
CA ASP XA 108 24.84 -1.76 15.21
C ASP XA 108 23.90 -2.90 14.84
N ARG XA 109 23.94 -3.36 13.59
CA ARG XA 109 23.05 -4.42 13.13
C ARG XA 109 23.56 -5.79 13.60
N LEU XA 110 23.63 -5.92 14.92
CA LEU XA 110 24.01 -7.15 15.62
C LEU XA 110 25.35 -7.70 15.14
N GLN XA 111 26.37 -6.84 15.14
CA GLN XA 111 27.73 -7.32 15.03
C GLN XA 111 28.27 -7.77 16.38
N THR XA 112 27.89 -7.07 17.45
CA THR XA 112 28.14 -7.40 18.86
C THR XA 112 29.61 -7.33 19.25
N GLY XA 113 30.52 -7.12 18.31
CA GLY XA 113 31.93 -7.00 18.67
C GLY XA 113 32.47 -8.29 19.25
N MET XA 114 33.09 -8.18 20.42
CA MET XA 114 33.73 -9.29 21.08
C MET XA 114 32.87 -9.92 22.17
N ARG XA 115 31.61 -9.53 22.28
CA ARG XA 115 30.72 -10.15 23.24
C ARG XA 115 30.31 -11.54 22.75
N GLY XA 116 30.43 -12.54 23.61
CA GLY XA 116 30.15 -13.91 23.23
C GLY XA 116 31.09 -14.39 22.14
N ALA XA 117 32.39 -14.17 22.34
CA ALA XA 117 33.36 -14.30 21.27
C ALA XA 117 33.68 -15.74 20.90
N PHE XA 118 33.28 -16.72 21.70
CA PHE XA 118 33.61 -18.12 21.41
C PHE XA 118 33.08 -18.52 20.04
N GLY XA 119 33.94 -19.16 19.25
CA GLY XA 119 33.66 -19.38 17.85
C GLY XA 119 33.07 -20.75 17.56
N LYS XA 120 32.50 -20.85 16.37
CA LYS XA 120 31.99 -22.10 15.83
C LYS XA 120 33.13 -22.88 15.19
N PRO XA 121 33.03 -24.21 15.12
CA PRO XA 121 34.07 -24.98 14.45
C PRO XA 121 34.19 -24.60 12.98
N GLN XA 122 35.43 -24.51 12.51
CA GLN XA 122 35.71 -24.13 11.14
C GLN XA 122 36.36 -25.25 10.34
N GLY XA 123 37.42 -25.85 10.87
CA GLY XA 123 38.09 -26.93 10.21
C GLY XA 123 38.91 -27.70 11.22
N THR XA 124 39.69 -28.64 10.71
CA THR XA 124 40.54 -29.47 11.56
C THR XA 124 41.97 -29.35 11.09
N VAL XA 125 42.90 -29.38 12.06
CA VAL XA 125 44.32 -29.34 11.80
C VAL XA 125 44.97 -30.50 12.53
N ALA XA 126 46.20 -30.81 12.14
CA ALA XA 126 46.99 -31.83 12.81
C ALA XA 126 48.11 -31.14 13.57
N ARG XA 127 48.09 -31.24 14.90
CA ARG XA 127 49.14 -30.66 15.72
C ARG XA 127 50.38 -31.52 15.62
N VAL XA 128 51.48 -30.94 15.10
CA VAL XA 128 52.69 -31.68 14.83
C VAL XA 128 53.81 -31.13 15.71
N HIS XA 129 54.74 -32.01 16.08
CA HIS XA 129 55.85 -31.66 16.95
C HIS XA 129 57.15 -31.67 16.17
N ILE XA 130 58.20 -31.15 16.82
CA ILE XA 130 59.53 -31.21 16.23
C ILE XA 130 60.01 -32.64 16.22
N GLY XA 131 60.49 -33.09 15.07
CA GLY XA 131 60.94 -34.46 14.96
C GLY XA 131 59.84 -35.47 14.69
N GLN XA 132 58.62 -35.02 14.42
CA GLN XA 132 57.52 -35.93 14.15
C GLN XA 132 57.43 -36.21 12.66
N VAL XA 133 57.05 -37.43 12.33
CA VAL XA 133 56.94 -37.85 10.94
C VAL XA 133 55.59 -37.44 10.39
N ILE XA 134 55.60 -36.71 9.28
CA ILE XA 134 54.36 -36.29 8.63
C ILE XA 134 53.88 -37.33 7.64
N MET XA 135 54.77 -37.78 6.76
CA MET XA 135 54.41 -38.70 5.70
C MET XA 135 55.54 -39.70 5.50
N SER XA 136 55.17 -40.92 5.12
CA SER XA 136 56.13 -41.98 4.91
C SER XA 136 55.85 -42.64 3.56
N ILE XA 137 56.91 -43.01 2.86
CA ILE XA 137 56.81 -43.74 1.61
C ILE XA 137 57.75 -44.94 1.68
N ARG XA 138 57.22 -46.13 1.47
CA ARG XA 138 58.05 -47.32 1.40
C ARG XA 138 58.04 -47.85 -0.02
N THR XA 139 59.20 -48.34 -0.47
CA THR XA 139 59.39 -48.76 -1.84
C THR XA 139 60.67 -49.59 -1.92
N LYS XA 140 61.06 -49.94 -3.14
CA LYS XA 140 62.28 -50.68 -3.39
C LYS XA 140 63.50 -49.77 -3.26
N LEU XA 141 64.67 -50.39 -3.15
CA LEU XA 141 65.90 -49.65 -2.90
C LEU XA 141 66.34 -48.79 -4.09
N GLN XA 142 65.87 -49.11 -5.29
CA GLN XA 142 66.26 -48.35 -6.47
C GLN XA 142 65.44 -47.09 -6.66
N ASN XA 143 64.40 -46.89 -5.87
CA ASN XA 143 63.51 -45.74 -6.00
C ASN XA 143 63.78 -44.68 -4.95
N GLU XA 144 64.96 -44.69 -4.33
CA GLU XA 144 65.27 -43.78 -3.24
C GLU XA 144 65.25 -42.34 -3.70
N GLU XA 145 65.86 -42.05 -4.86
CA GLU XA 145 65.87 -40.69 -5.37
C GLU XA 145 64.46 -40.23 -5.73
N HIS XA 146 63.61 -41.14 -6.20
CA HIS XA 146 62.24 -40.77 -6.51
C HIS XA 146 61.45 -40.47 -5.25
N VAL XA 147 61.68 -41.24 -4.18
CA VAL XA 147 61.03 -40.95 -2.91
C VAL XA 147 61.47 -39.60 -2.37
N ILE XA 148 62.77 -39.31 -2.45
CA ILE XA 148 63.28 -38.03 -1.99
C ILE XA 148 62.64 -36.90 -2.79
N GLU XA 149 62.55 -37.06 -4.10
CA GLU XA 149 61.96 -35.99 -4.93
C GLU XA 149 60.47 -35.83 -4.63
N ALA XA 150 59.75 -36.93 -4.42
CA ALA XA 150 58.34 -36.82 -4.10
C ALA XA 150 58.12 -36.09 -2.80
N LEU XA 151 58.90 -36.41 -1.77
CA LEU XA 151 58.78 -35.69 -0.51
C LEU XA 151 59.22 -34.24 -0.66
N ARG XA 152 60.21 -33.97 -1.50
CA ARG XA 152 60.62 -32.59 -1.76
C ARG XA 152 59.49 -31.78 -2.37
N ARG XA 153 58.78 -32.36 -3.33
CA ARG XA 153 57.62 -31.67 -3.89
C ARG XA 153 56.52 -31.50 -2.86
N ALA XA 154 56.28 -32.52 -2.04
CA ALA XA 154 55.23 -32.42 -1.03
C ALA XA 154 55.56 -31.39 0.04
N LYS XA 155 56.84 -31.08 0.24
CA LYS XA 155 57.23 -30.09 1.23
C LYS XA 155 56.69 -28.71 0.95
N PHE XA 156 56.32 -28.41 -0.29
CA PHE XA 156 55.86 -27.08 -0.65
C PHE XA 156 54.40 -26.84 -0.31
N LYS XA 157 53.73 -27.83 0.26
CA LYS XA 157 52.34 -27.68 0.67
C LYS XA 157 52.22 -27.39 2.16
N PHE XA 158 53.32 -27.18 2.85
CA PHE XA 158 53.34 -27.07 4.30
C PHE XA 158 53.98 -25.76 4.74
N PRO XA 159 53.55 -25.20 5.87
CA PRO XA 159 54.04 -23.89 6.29
C PRO XA 159 55.50 -23.86 6.70
N GLY XA 160 55.89 -24.73 7.61
CA GLY XA 160 57.18 -24.66 8.26
C GLY XA 160 58.29 -25.30 7.47
N ARG XA 161 59.34 -25.68 8.19
CA ARG XA 161 60.48 -26.36 7.61
C ARG XA 161 60.35 -27.85 7.83
N GLN XA 162 60.70 -28.64 6.81
CA GLN XA 162 60.64 -30.08 6.90
C GLN XA 162 61.92 -30.69 6.36
N LYS XA 163 62.30 -31.80 6.96
CA LYS XA 163 63.47 -32.58 6.56
C LYS XA 163 63.01 -33.84 5.84
N ILE XA 164 63.80 -34.27 4.87
CA ILE XA 164 63.59 -35.54 4.19
C ILE XA 164 64.61 -36.51 4.74
N HIS XA 165 64.13 -37.62 5.28
CA HIS XA 165 64.99 -38.59 5.95
C HIS XA 165 64.80 -39.94 5.29
N ILE XA 166 65.87 -40.73 5.27
CA ILE XA 166 65.80 -42.11 4.81
C ILE XA 166 66.00 -42.99 6.04
N SER XA 167 64.91 -43.60 6.50
CA SER XA 167 64.95 -44.33 7.75
C SER XA 167 65.79 -45.60 7.61
N LYS XA 168 66.48 -45.95 8.69
CA LYS XA 168 67.22 -47.19 8.77
C LYS XA 168 66.34 -48.38 9.13
N LYS XA 169 65.07 -48.15 9.44
CA LYS XA 169 64.14 -49.25 9.64
C LYS XA 169 63.77 -49.88 8.29
N TRP XA 170 63.36 -51.13 8.34
CA TRP XA 170 62.95 -51.85 7.15
C TRP XA 170 61.49 -51.51 6.85
N GLY XA 171 61.26 -50.75 5.78
CA GLY XA 171 59.91 -50.46 5.37
C GLY XA 171 59.15 -49.67 6.42
N PHE XA 172 57.98 -50.17 6.79
CA PHE XA 172 57.13 -49.52 7.77
C PHE XA 172 57.21 -50.19 9.14
N THR XA 173 58.20 -51.04 9.36
CA THR XA 173 58.36 -51.72 10.63
C THR XA 173 59.24 -50.91 11.56
N LYS XA 174 59.31 -51.34 12.82
CA LYS XA 174 60.14 -50.71 13.83
C LYS XA 174 61.47 -51.41 14.03
N PHE XA 175 61.83 -52.32 13.13
CA PHE XA 175 63.06 -53.08 13.23
C PHE XA 175 64.03 -52.63 12.15
N ASN XA 176 65.31 -52.62 12.48
CA ASN XA 176 66.32 -52.13 11.56
C ASN XA 176 66.47 -53.06 10.37
N ALA XA 177 66.71 -52.45 9.20
CA ALA XA 177 66.93 -53.23 7.99
C ALA XA 177 68.20 -54.03 8.05
N ASP XA 178 69.15 -53.67 8.92
CA ASP XA 178 70.37 -54.45 9.08
C ASP XA 178 70.07 -55.84 9.65
N GLU XA 179 69.15 -55.92 10.60
CA GLU XA 179 68.89 -57.15 11.32
C GLU XA 179 67.57 -57.81 10.91
N PHE XA 180 66.78 -57.15 10.05
CA PHE XA 180 65.44 -57.63 9.74
C PHE XA 180 65.46 -59.00 9.08
N GLU XA 181 66.28 -59.16 8.05
CA GLU XA 181 66.24 -60.40 7.26
C GLU XA 181 66.70 -61.59 8.08
N ASP XA 182 67.75 -61.42 8.89
CA ASP XA 182 68.19 -62.53 9.72
C ASP XA 182 67.21 -62.81 10.85
N MET XA 183 66.52 -61.78 11.36
CA MET XA 183 65.46 -62.03 12.33
C MET XA 183 64.35 -62.86 11.72
N VAL XA 184 63.95 -62.54 10.49
CA VAL XA 184 62.93 -63.33 9.80
C VAL XA 184 63.42 -64.75 9.58
N ALA XA 185 64.71 -64.90 9.25
CA ALA XA 185 65.27 -66.23 9.04
C ALA XA 185 65.23 -67.06 10.33
N LYS XA 186 65.56 -66.45 11.46
CA LYS XA 186 65.53 -67.15 12.73
C LYS XA 186 64.16 -67.10 13.40
N LYS XA 187 63.14 -66.65 12.67
CA LYS XA 187 61.73 -66.72 13.06
C LYS XA 187 61.41 -65.84 14.26
N CYS XA 188 62.23 -64.81 14.49
CA CYS XA 188 61.89 -63.82 15.49
C CYS XA 188 60.83 -62.85 14.99
N LEU XA 189 60.67 -62.74 13.67
CA LEU XA 189 59.62 -61.93 13.06
C LEU XA 189 58.85 -62.79 12.06
N ILE XA 190 57.53 -62.65 12.06
CA ILE XA 190 56.65 -63.37 11.15
C ILE XA 190 55.99 -62.36 10.23
N PRO XA 191 56.17 -62.45 8.93
CA PRO XA 191 55.55 -61.48 8.02
C PRO XA 191 54.03 -61.64 7.96
N ASP XA 192 53.29 -60.66 8.48
CA ASP XA 192 51.84 -60.64 8.35
C ASP XA 192 51.40 -59.28 7.82
N GLY XA 193 50.56 -59.30 6.79
CA GLY XA 193 50.09 -58.05 6.22
C GLY XA 193 51.23 -57.24 5.63
N CYS XA 194 51.12 -55.93 5.77
CA CYS XA 194 52.17 -55.02 5.32
C CYS XA 194 53.27 -54.85 6.35
N GLY XA 195 53.15 -55.48 7.52
CA GLY XA 195 54.17 -55.37 8.54
C GLY XA 195 54.68 -56.72 8.99
N VAL XA 196 55.20 -56.79 10.21
CA VAL XA 196 55.65 -58.04 10.80
C VAL XA 196 55.11 -58.15 12.21
N LYS XA 197 55.03 -59.40 12.69
CA LYS XA 197 54.66 -59.71 14.05
C LYS XA 197 55.91 -60.17 14.78
N TYR XA 198 56.23 -59.53 15.89
CA TYR XA 198 57.38 -59.92 16.70
C TYR XA 198 56.99 -61.10 17.58
N VAL XA 199 57.80 -62.15 17.54
CA VAL XA 199 57.51 -63.35 18.32
C VAL XA 199 58.52 -63.45 19.46
N PRO XA 200 58.12 -63.14 20.69
CA PRO XA 200 59.03 -63.28 21.82
C PRO XA 200 59.18 -64.74 22.23
N SER XA 201 60.24 -65.01 22.96
CA SER XA 201 60.50 -66.35 23.46
C SER XA 201 59.80 -66.59 24.80
N HIS XA 202 58.50 -66.32 24.83
CA HIS XA 202 57.70 -66.61 26.00
C HIS XA 202 56.25 -66.84 25.54
N GLY XA 203 55.51 -67.55 26.37
CA GLY XA 203 54.18 -67.99 26.00
C GLY XA 203 54.12 -69.50 26.00
N PRO XA 204 53.00 -70.06 25.57
CA PRO XA 204 52.90 -71.52 25.49
C PRO XA 204 53.83 -72.10 24.44
N LEU XA 205 54.32 -73.31 24.71
CA LEU XA 205 55.14 -74.01 23.72
C LEU XA 205 54.35 -74.45 22.51
N ASP XA 206 53.02 -74.45 22.59
CA ASP XA 206 52.23 -74.79 21.42
C ASP XA 206 52.42 -73.77 20.31
N LYS XA 207 52.51 -72.49 20.68
CA LYS XA 207 52.80 -71.46 19.68
C LYS XA 207 54.22 -71.54 19.17
N TRP XA 208 55.14 -72.11 19.93
CA TRP XA 208 56.49 -72.33 19.42
C TRP XA 208 56.54 -73.52 18.47
N ARG XA 209 55.76 -74.56 18.75
CA ARG XA 209 55.77 -75.77 17.95
C ARG XA 209 54.89 -75.68 16.73
N VAL XA 210 53.96 -74.72 16.67
CA VAL XA 210 53.34 -74.45 15.37
C VAL XA 210 54.35 -73.75 14.46
N LEU XA 211 55.26 -72.97 15.03
CA LEU XA 211 56.48 -72.61 14.34
C LEU XA 211 57.42 -73.80 14.35
N HIS XA 212 58.50 -73.69 13.59
CA HIS XA 212 59.51 -74.74 13.48
C HIS XA 212 58.91 -76.06 12.98
N SER XA 213 57.78 -75.99 12.31
CA SER XA 213 57.09 -77.18 11.83
C SER XA 213 56.45 -76.92 10.48
N LYS YA 6 34.59 -99.33 36.69
CA LYS YA 6 35.67 -98.54 36.13
C LYS YA 6 35.43 -97.05 36.36
N GLU YA 7 34.19 -96.63 36.18
CA GLU YA 7 33.81 -95.23 36.35
C GLU YA 7 33.45 -94.95 37.80
N ASN YA 8 33.71 -93.71 38.21
CA ASN YA 8 33.34 -93.28 39.56
C ASN YA 8 31.83 -93.21 39.69
N PRO YA 9 31.25 -93.80 40.75
CA PRO YA 9 29.79 -93.71 40.93
C PRO YA 9 29.28 -92.30 41.10
N MET YA 10 30.12 -91.35 41.46
CA MET YA 10 29.69 -89.97 41.64
C MET YA 10 29.66 -89.18 40.33
N ARG YA 11 30.03 -89.80 39.22
CA ARG YA 11 30.00 -89.13 37.92
C ARG YA 11 28.76 -89.50 37.11
N GLU YA 12 27.83 -90.23 37.69
CA GLU YA 12 26.67 -90.70 36.95
C GLU YA 12 25.73 -89.54 36.62
N LEU YA 13 25.32 -89.46 35.36
CA LEU YA 13 24.41 -88.40 34.94
C LEU YA 13 23.01 -88.66 35.47
N ARG YA 14 22.30 -87.57 35.75
CA ARG YA 14 20.92 -87.65 36.20
C ARG YA 14 20.20 -86.39 35.81
N ILE YA 15 18.89 -86.38 36.02
CA ILE YA 15 18.03 -85.27 35.64
C ILE YA 15 17.87 -84.35 36.84
N ARG YA 16 18.20 -83.07 36.65
CA ARG YA 16 18.00 -82.09 37.71
C ARG YA 16 16.58 -81.58 37.74
N LYS YA 17 16.07 -81.11 36.60
CA LYS YA 17 14.72 -80.58 36.54
C LYS YA 17 14.24 -80.66 35.10
N LEU YA 18 12.92 -80.52 34.92
CA LEU YA 18 12.35 -80.64 33.58
C LEU YA 18 11.85 -79.33 32.99
N CYS YA 19 11.40 -78.38 33.81
CA CYS YA 19 11.21 -76.98 33.38
C CYS YA 19 10.20 -76.87 32.23
N LEU YA 20 8.95 -77.14 32.56
CA LEU YA 20 7.86 -76.96 31.60
C LEU YA 20 7.49 -75.49 31.46
N ASN YA 21 7.14 -75.09 30.23
CA ASN YA 21 6.87 -73.69 29.95
C ASN YA 21 5.81 -73.57 28.86
N ILE YA 22 4.82 -72.70 29.08
CA ILE YA 22 3.83 -72.31 28.08
C ILE YA 22 3.80 -70.79 28.04
N CYS YA 23 4.21 -70.21 26.92
CA CYS YA 23 4.25 -68.75 26.77
C CYS YA 23 3.08 -68.33 25.89
N VAL YA 24 1.99 -67.92 26.54
CA VAL YA 24 0.83 -67.46 25.79
C VAL YA 24 1.05 -66.00 25.40
N GLY YA 25 0.39 -65.57 24.32
CA GLY YA 25 0.56 -64.20 23.87
C GLY YA 25 0.12 -63.17 24.90
N GLU YA 26 -1.04 -63.39 25.53
CA GLU YA 26 -1.61 -62.38 26.40
C GLU YA 26 -1.99 -62.94 27.76
N SER YA 27 -2.71 -62.15 28.55
CA SER YA 27 -3.16 -62.54 29.88
C SER YA 27 -4.66 -62.83 29.88
N GLY YA 28 -5.10 -63.57 30.89
CA GLY YA 28 -6.51 -63.83 31.08
C GLY YA 28 -7.08 -64.84 30.12
N ASP YA 29 -8.04 -65.64 30.59
CA ASP YA 29 -8.67 -66.68 29.78
C ASP YA 29 -7.63 -67.67 29.26
N ARG YA 30 -6.90 -67.26 28.23
CA ARG YA 30 -5.86 -68.10 27.66
C ARG YA 30 -4.84 -68.51 28.72
N LEU YA 31 -4.35 -67.54 29.49
CA LEU YA 31 -3.31 -67.82 30.47
C LEU YA 31 -3.83 -68.65 31.63
N THR YA 32 -5.06 -68.38 32.08
CA THR YA 32 -5.63 -69.18 33.17
C THR YA 32 -5.84 -70.62 32.73
N ARG YA 33 -6.30 -70.83 31.50
CA ARG YA 33 -6.46 -72.20 31.03
C ARG YA 33 -5.13 -72.89 30.81
N ALA YA 34 -4.10 -72.15 30.39
CA ALA YA 34 -2.76 -72.73 30.31
C ALA YA 34 -2.26 -73.15 31.69
N ALA YA 35 -2.52 -72.33 32.70
CA ALA YA 35 -2.16 -72.69 34.05
C ALA YA 35 -2.91 -73.93 34.51
N LYS YA 36 -4.18 -74.06 34.14
CA LYS YA 36 -4.91 -75.29 34.43
C LYS YA 36 -4.28 -76.50 33.76
N VAL YA 37 -3.82 -76.32 32.52
CA VAL YA 37 -3.17 -77.41 31.79
C VAL YA 37 -1.93 -77.88 32.53
N LEU YA 38 -1.06 -76.94 32.91
CA LEU YA 38 0.15 -77.33 33.65
C LEU YA 38 -0.20 -77.93 35.01
N GLU YA 39 -1.21 -77.39 35.69
CA GLU YA 39 -1.58 -77.91 37.00
C GLU YA 39 -2.02 -79.36 36.90
N GLN YA 40 -2.85 -79.68 35.91
CA GLN YA 40 -3.32 -81.05 35.77
C GLN YA 40 -2.28 -81.97 35.15
N LEU YA 41 -1.30 -81.44 34.44
CA LEU YA 41 -0.22 -82.27 33.91
C LEU YA 41 0.80 -82.63 34.98
N THR YA 42 1.12 -81.71 35.89
CA THR YA 42 2.20 -81.91 36.84
C THR YA 42 1.73 -82.22 38.26
N GLY YA 43 0.45 -82.04 38.57
CA GLY YA 43 0.01 -82.16 39.94
C GLY YA 43 0.71 -81.17 40.84
N GLN YA 44 0.86 -79.93 40.37
CA GLN YA 44 1.76 -78.98 41.00
C GLN YA 44 1.42 -77.59 40.52
N THR YA 45 1.46 -76.63 41.43
CA THR YA 45 1.05 -75.27 41.11
C THR YA 45 2.02 -74.63 40.11
N PRO YA 46 1.52 -73.99 39.05
CA PRO YA 46 2.40 -73.24 38.15
C PRO YA 46 2.66 -71.84 38.66
N VAL YA 47 3.69 -71.21 38.08
CA VAL YA 47 4.06 -69.86 38.44
C VAL YA 47 4.07 -69.00 37.19
N PHE YA 48 3.51 -67.79 37.30
CA PHE YA 48 3.31 -66.91 36.16
C PHE YA 48 4.57 -66.10 35.87
N SER YA 49 4.76 -65.78 34.61
CA SER YA 49 5.91 -65.01 34.13
C SER YA 49 5.40 -63.79 33.39
N LYS YA 50 5.90 -62.61 33.80
CA LYS YA 50 5.44 -61.33 33.30
C LYS YA 50 6.41 -60.79 32.27
N ALA YA 51 5.91 -59.90 31.42
CA ALA YA 51 6.72 -59.33 30.36
C ALA YA 51 7.76 -58.38 30.94
N ARG YA 52 9.01 -58.50 30.46
CA ARG YA 52 10.05 -57.60 30.92
C ARG YA 52 9.95 -56.23 30.28
N TYR YA 53 9.53 -56.16 29.02
CA TYR YA 53 9.43 -54.90 28.30
C TYR YA 53 8.14 -54.90 27.51
N THR YA 54 7.81 -53.73 26.96
CA THR YA 54 6.59 -53.56 26.18
C THR YA 54 6.95 -53.63 24.70
N VAL YA 55 6.33 -54.57 23.99
CA VAL YA 55 6.53 -54.75 22.56
C VAL YA 55 5.20 -54.47 21.87
N ARG YA 56 5.18 -53.45 21.02
CA ARG YA 56 3.94 -53.09 20.33
C ARG YA 56 3.54 -54.17 19.33
N SER YA 57 4.51 -54.73 18.61
CA SER YA 57 4.21 -55.74 17.60
C SER YA 57 3.62 -57.00 18.22
N PHE YA 58 4.17 -57.43 19.35
CA PHE YA 58 3.64 -58.59 20.04
C PHE YA 58 2.39 -58.28 20.84
N GLY YA 59 2.07 -57.01 21.03
CA GLY YA 59 0.92 -56.65 21.83
C GLY YA 59 1.05 -57.01 23.29
N ILE YA 60 2.23 -56.79 23.87
CA ILE YA 60 2.47 -57.09 25.27
C ILE YA 60 2.94 -55.84 25.98
N ARG YA 61 2.40 -55.60 27.17
CA ARG YA 61 2.80 -54.48 28.00
C ARG YA 61 3.68 -54.97 29.15
N ARG YA 62 4.45 -54.05 29.71
CA ARG YA 62 5.34 -54.39 30.81
C ARG YA 62 4.54 -54.85 32.03
N ASN YA 63 5.12 -55.78 32.77
CA ASN YA 63 4.54 -56.38 33.96
C ASN YA 63 3.23 -57.11 33.69
N GLU YA 64 2.91 -57.38 32.44
CA GLU YA 64 1.72 -58.15 32.09
C GLU YA 64 2.08 -59.63 32.04
N LYS YA 65 1.26 -60.46 32.66
CA LYS YA 65 1.56 -61.89 32.71
C LYS YA 65 1.44 -62.51 31.34
N ILE YA 66 2.50 -63.18 30.91
CA ILE YA 66 2.61 -63.71 29.56
C ILE YA 66 2.69 -65.23 29.56
N ALA YA 67 3.38 -65.81 30.53
CA ALA YA 67 3.64 -67.24 30.47
C ALA YA 67 3.31 -67.89 31.79
N VAL YA 68 3.26 -69.21 31.75
CA VAL YA 68 3.19 -70.03 32.96
C VAL YA 68 4.28 -71.08 32.86
N HIS YA 69 4.92 -71.38 33.98
CA HIS YA 69 5.95 -72.39 33.93
C HIS YA 69 5.99 -73.15 35.25
N CYS YA 70 6.57 -74.35 35.18
CA CYS YA 70 6.74 -75.25 36.30
C CYS YA 70 8.15 -75.82 36.26
N THR YA 71 8.64 -76.20 37.43
CA THR YA 71 9.91 -76.91 37.54
C THR YA 71 9.65 -78.18 38.33
N VAL YA 72 9.71 -79.33 37.66
CA VAL YA 72 9.46 -80.62 38.30
C VAL YA 72 10.78 -81.37 38.37
N ARG YA 73 11.01 -82.03 39.50
CA ARG YA 73 12.26 -82.73 39.78
C ARG YA 73 11.97 -84.12 40.31
N GLY YA 74 12.78 -85.08 39.89
CA GLY YA 74 12.74 -86.41 40.45
C GLY YA 74 11.94 -87.43 39.67
N ALA YA 75 11.23 -88.29 40.39
CA ALA YA 75 10.45 -89.35 39.75
C ALA YA 75 9.36 -88.77 38.87
N LYS YA 76 8.69 -87.71 39.35
CA LYS YA 76 7.71 -87.03 38.51
C LYS YA 76 8.37 -86.45 37.27
N ALA YA 77 9.58 -85.92 37.41
CA ALA YA 77 10.28 -85.35 36.27
C ALA YA 77 10.57 -86.40 35.21
N GLU YA 78 11.14 -87.54 35.61
CA GLU YA 78 11.41 -88.58 34.63
C GLU YA 78 10.13 -89.16 34.05
N GLU YA 79 9.05 -89.21 34.84
CA GLU YA 79 7.76 -89.67 34.32
C GLU YA 79 7.26 -88.75 33.21
N ILE YA 80 7.26 -87.45 33.45
CA ILE YA 80 6.81 -86.50 32.44
C ILE YA 80 7.73 -86.51 31.23
N LEU YA 81 9.03 -86.70 31.46
CA LEU YA 81 9.96 -86.76 30.34
C LEU YA 81 9.68 -87.96 29.45
N GLU YA 82 9.41 -89.12 30.05
CA GLU YA 82 9.02 -90.28 29.25
C GLU YA 82 7.73 -90.01 28.50
N LYS YA 83 6.77 -89.35 29.16
CA LYS YA 83 5.50 -89.04 28.51
C LYS YA 83 5.70 -88.16 27.28
N GLY YA 84 6.55 -87.14 27.39
CA GLY YA 84 6.78 -86.26 26.25
C GLY YA 84 7.61 -86.92 25.16
N LEU YA 85 8.61 -87.71 25.55
CA LEU YA 85 9.43 -88.39 24.57
C LEU YA 85 8.63 -89.44 23.80
N LYS YA 86 7.58 -89.96 24.40
CA LYS YA 86 6.69 -90.84 23.66
C LYS YA 86 6.06 -90.11 22.49
N VAL YA 87 5.61 -88.88 22.70
CA VAL YA 87 5.05 -88.08 21.62
C VAL YA 87 6.13 -87.77 20.59
N ARG YA 88 7.32 -87.43 21.07
CA ARG YA 88 8.42 -87.12 20.16
C ARG YA 88 9.01 -88.36 19.49
N GLU YA 89 8.53 -89.55 19.84
CA GLU YA 89 8.99 -90.83 19.29
C GLU YA 89 10.45 -91.10 19.59
N TYR YA 90 11.00 -90.48 20.64
CA TYR YA 90 12.40 -90.63 21.02
C TYR YA 90 13.32 -90.35 19.84
N GLU YA 91 13.02 -89.28 19.12
CA GLU YA 91 13.57 -89.01 17.80
C GLU YA 91 14.12 -87.58 17.76
N LEU YA 92 15.00 -87.28 18.71
CA LEU YA 92 15.45 -85.90 18.88
C LEU YA 92 16.45 -85.50 17.81
N ARG YA 93 16.54 -84.19 17.59
CA ARG YA 93 17.45 -83.61 16.63
C ARG YA 93 18.77 -83.29 17.32
N LYS YA 94 19.86 -83.33 16.54
CA LYS YA 94 21.16 -82.98 17.09
C LYS YA 94 21.23 -81.53 17.50
N ASN YA 95 20.43 -80.68 16.87
CA ASN YA 95 20.38 -79.27 17.24
C ASN YA 95 19.62 -79.02 18.53
N ASN YA 96 18.98 -80.04 19.09
CA ASN YA 96 18.22 -79.89 20.32
C ASN YA 96 19.08 -79.91 21.57
N PHE YA 97 20.38 -80.16 21.43
CA PHE YA 97 21.26 -80.33 22.58
C PHE YA 97 22.10 -79.08 22.78
N SER YA 98 22.03 -78.51 23.97
CA SER YA 98 22.82 -77.33 24.29
C SER YA 98 24.24 -77.72 24.62
N ASP YA 99 25.15 -76.79 24.42
CA ASP YA 99 26.57 -77.04 24.69
C ASP YA 99 26.90 -77.06 26.15
N THR YA 100 25.93 -77.04 27.06
CA THR YA 100 26.18 -77.15 28.49
C THR YA 100 25.71 -78.47 29.06
N GLY YA 101 25.25 -79.40 28.21
CA GLY YA 101 24.87 -80.72 28.67
C GLY YA 101 23.40 -80.92 28.98
N ASN YA 102 22.55 -79.99 28.59
CA ASN YA 102 21.11 -80.11 28.82
C ASN YA 102 20.38 -79.86 27.52
N PHE YA 103 19.14 -80.34 27.41
CA PHE YA 103 18.47 -80.28 26.13
C PHE YA 103 16.98 -80.02 26.32
N GLY YA 104 16.26 -79.93 25.22
CA GLY YA 104 14.84 -79.65 25.29
C GLY YA 104 14.18 -79.83 23.95
N PHE YA 105 12.86 -79.82 23.97
CA PHE YA 105 12.06 -79.98 22.77
C PHE YA 105 10.69 -79.38 23.01
N GLY YA 106 9.99 -79.10 21.93
CA GLY YA 106 8.64 -78.56 22.03
C GLY YA 106 7.58 -79.59 21.75
N ILE YA 107 6.38 -79.37 22.26
CA ILE YA 107 5.22 -80.21 21.98
C ILE YA 107 4.16 -79.32 21.33
N GLN YA 108 3.71 -79.72 20.14
CA GLN YA 108 2.79 -78.88 19.38
C GLN YA 108 1.42 -78.80 20.03
N GLU YA 109 0.91 -79.93 20.52
CA GLU YA 109 -0.40 -79.98 21.16
C GLU YA 109 -0.30 -80.63 22.53
N HIS YA 110 -0.97 -80.04 23.52
CA HIS YA 110 -0.96 -80.59 24.86
C HIS YA 110 -1.88 -81.79 25.01
N ILE YA 111 -2.75 -82.05 24.03
CA ILE YA 111 -3.73 -83.13 24.17
C ILE YA 111 -3.13 -84.50 23.86
N ASP YA 112 -2.02 -84.56 23.12
CA ASP YA 112 -1.43 -85.85 22.83
C ASP YA 112 -0.60 -86.40 23.98
N LEU YA 113 -0.33 -85.60 25.01
CA LEU YA 113 0.36 -86.09 26.19
C LEU YA 113 -0.49 -87.03 27.02
N GLY YA 114 -1.78 -87.13 26.73
CA GLY YA 114 -2.64 -88.07 27.42
C GLY YA 114 -3.90 -87.45 27.96
N ILE YA 115 -3.80 -86.20 28.42
CA ILE YA 115 -4.94 -85.55 29.05
C ILE YA 115 -5.98 -85.17 28.00
N LYS YA 116 -7.25 -85.30 28.37
CA LYS YA 116 -8.36 -85.18 27.44
C LYS YA 116 -8.50 -83.76 26.90
N TYR YA 117 -9.08 -83.66 25.72
CA TYR YA 117 -9.36 -82.36 25.13
C TYR YA 117 -10.64 -81.79 25.72
N ASP YA 118 -10.62 -80.48 25.99
CA ASP YA 118 -11.80 -79.75 26.41
C ASP YA 118 -12.05 -78.61 25.43
N PRO YA 119 -13.30 -78.38 25.03
CA PRO YA 119 -13.56 -77.31 24.05
C PRO YA 119 -13.23 -75.92 24.55
N SER YA 120 -13.42 -75.65 25.85
CA SER YA 120 -13.10 -74.33 26.37
C SER YA 120 -11.59 -74.11 26.43
N ILE YA 121 -10.85 -75.11 26.87
CA ILE YA 121 -9.40 -75.03 26.88
C ILE YA 121 -8.87 -75.14 25.45
N GLY YA 122 -7.82 -74.39 25.15
CA GLY YA 122 -7.28 -74.40 23.80
C GLY YA 122 -6.41 -75.60 23.49
N ILE YA 123 -5.27 -75.36 22.87
CA ILE YA 123 -4.32 -76.40 22.52
C ILE YA 123 -3.06 -76.33 23.37
N TYR YA 124 -2.44 -75.14 23.45
CA TYR YA 124 -1.40 -74.84 24.42
C TYR YA 124 -0.20 -75.78 24.28
N GLY YA 125 0.55 -75.58 23.20
CA GLY YA 125 1.82 -76.28 23.06
C GLY YA 125 2.76 -75.99 24.21
N LEU YA 126 3.66 -76.93 24.47
CA LEU YA 126 4.57 -76.89 25.61
C LEU YA 126 6.02 -76.76 25.15
N ASP YA 127 6.89 -76.46 26.11
CA ASP YA 127 8.26 -76.08 25.85
C ASP YA 127 9.24 -76.85 26.74
N PHE YA 128 9.19 -78.19 26.69
CA PHE YA 128 10.01 -79.03 27.57
C PHE YA 128 11.48 -78.67 27.47
N TYR YA 129 12.16 -78.57 28.61
CA TYR YA 129 13.61 -78.35 28.60
C TYR YA 129 14.23 -79.00 29.85
N VAL YA 130 14.77 -80.19 29.66
CA VAL YA 130 15.33 -80.97 30.75
C VAL YA 130 16.80 -80.62 30.96
N VAL YA 131 17.18 -80.52 32.23
CA VAL YA 131 18.51 -80.12 32.66
C VAL YA 131 19.20 -81.31 33.30
N LEU YA 132 20.38 -81.66 32.79
CA LEU YA 132 21.13 -82.79 33.32
C LEU YA 132 22.15 -82.32 34.34
N GLY YA 133 22.55 -83.24 35.21
CA GLY YA 133 23.48 -82.90 36.27
C GLY YA 133 24.20 -84.13 36.77
N ARG YA 134 25.14 -83.89 37.67
CA ARG YA 134 25.93 -84.92 38.33
C ARG YA 134 25.83 -84.72 39.82
N PRO YA 135 26.12 -85.75 40.62
CA PRO YA 135 26.25 -85.54 42.06
C PRO YA 135 27.34 -84.53 42.36
N GLY YA 136 26.93 -83.40 42.94
CA GLY YA 136 27.86 -82.35 43.26
C GLY YA 136 27.63 -81.05 42.53
N PHE YA 137 26.61 -80.97 41.68
CA PHE YA 137 26.33 -79.73 40.95
C PHE YA 137 25.76 -78.65 41.86
N SER YA 138 25.28 -79.00 43.05
CA SER YA 138 24.60 -78.06 43.92
C SER YA 138 25.56 -77.14 44.67
N ILE YA 139 26.87 -77.35 44.53
CA ILE YA 139 27.81 -76.44 45.16
C ILE YA 139 27.80 -75.08 44.47
N ALA YA 140 27.29 -75.01 43.24
CA ALA YA 140 27.12 -73.72 42.60
C ALA YA 140 25.90 -72.97 43.08
N ASP YA 141 25.00 -73.63 43.79
CA ASP YA 141 23.79 -73.00 44.30
C ASP YA 141 23.78 -72.81 45.81
N LYS YA 142 24.61 -73.56 46.54
CA LYS YA 142 24.66 -73.41 47.99
C LYS YA 142 25.11 -72.01 48.38
N LYS YA 143 24.60 -71.53 49.52
CA LYS YA 143 24.88 -70.17 49.96
C LYS YA 143 26.28 -70.01 50.52
N ARG YA 144 26.73 -70.95 51.34
CA ARG YA 144 28.00 -70.84 52.06
C ARG YA 144 29.08 -71.64 51.36
N ARG YA 145 30.20 -70.98 51.06
CA ARG YA 145 31.34 -71.59 50.39
C ARG YA 145 30.94 -72.16 49.03
N THR YA 146 30.23 -71.36 48.24
CA THR YA 146 29.85 -71.77 46.90
C THR YA 146 31.07 -71.79 45.98
N GLY YA 147 30.93 -72.48 44.86
CA GLY YA 147 32.03 -72.54 43.91
C GLY YA 147 31.58 -73.16 42.60
N CYS YA 148 32.50 -73.18 41.64
CA CYS YA 148 32.27 -73.82 40.36
C CYS YA 148 32.49 -75.33 40.49
N ILE YA 149 32.32 -76.05 39.38
CA ILE YA 149 32.31 -77.50 39.43
C ILE YA 149 33.49 -78.15 38.74
N GLY YA 150 34.22 -77.46 37.89
CA GLY YA 150 35.35 -78.18 37.32
C GLY YA 150 35.05 -78.75 35.95
N ALA YA 151 36.05 -78.62 35.06
CA ALA YA 151 35.84 -78.96 33.66
C ALA YA 151 35.56 -80.44 33.47
N LYS YA 152 36.27 -81.30 34.22
CA LYS YA 152 36.02 -82.73 34.10
C LYS YA 152 34.61 -83.09 34.54
N HIS YA 153 34.11 -82.44 35.59
CA HIS YA 153 32.78 -82.74 36.10
C HIS YA 153 31.68 -82.13 35.25
N ARG YA 154 32.00 -81.13 34.43
CA ARG YA 154 30.99 -80.56 33.55
C ARG YA 154 30.47 -81.60 32.57
N ILE YA 155 29.30 -81.31 32.00
CA ILE YA 155 28.63 -82.19 31.05
C ILE YA 155 28.73 -81.58 29.67
N SER YA 156 29.22 -82.37 28.71
CA SER YA 156 29.33 -81.89 27.35
C SER YA 156 28.10 -82.31 26.55
N LYS YA 157 27.95 -81.68 25.38
CA LYS YA 157 26.84 -82.01 24.50
C LYS YA 157 26.90 -83.46 24.04
N GLU YA 158 28.11 -83.94 23.74
CA GLU YA 158 28.27 -85.33 23.37
C GLU YA 158 27.90 -86.27 24.50
N GLU YA 159 28.27 -85.92 25.74
CA GLU YA 159 27.89 -86.73 26.89
C GLU YA 159 26.38 -86.77 27.07
N ALA YA 160 25.72 -85.62 26.92
CA ALA YA 160 24.26 -85.59 27.04
C ALA YA 160 23.60 -86.43 25.96
N MET YA 161 24.08 -86.30 24.72
CA MET YA 161 23.54 -87.11 23.63
C MET YA 161 23.71 -88.60 23.90
N ARG YA 162 24.90 -88.99 24.35
CA ARG YA 162 25.15 -90.38 24.65
C ARG YA 162 24.24 -90.88 25.76
N TRP YA 163 24.09 -90.09 26.83
CA TRP YA 163 23.24 -90.49 27.93
C TRP YA 163 21.80 -90.68 27.49
N PHE YA 164 21.31 -89.77 26.64
CA PHE YA 164 19.98 -89.95 26.07
C PHE YA 164 19.90 -91.23 25.27
N GLN YA 165 20.92 -91.53 24.47
CA GLN YA 165 20.90 -92.72 23.64
C GLN YA 165 20.88 -94.01 24.45
N GLN YA 166 21.67 -94.11 25.53
CA GLN YA 166 21.55 -95.32 26.34
C GLN YA 166 20.27 -95.36 27.16
N LYS YA 167 19.89 -94.24 27.78
CA LYS YA 167 18.78 -94.30 28.73
C LYS YA 167 17.45 -94.53 28.03
N TYR YA 168 17.16 -93.76 26.99
CA TYR YA 168 15.85 -93.81 26.35
C TYR YA 168 15.88 -94.57 25.04
N ASP YA 169 17.00 -95.19 24.70
CA ASP YA 169 17.20 -95.84 23.40
C ASP YA 169 16.88 -94.86 22.26
N GLY YA 170 17.26 -93.61 22.48
CA GLY YA 170 16.84 -92.56 21.58
C GLY YA 170 17.58 -92.60 20.26
N ILE YA 171 17.05 -91.80 19.33
CA ILE YA 171 17.63 -91.64 18.00
C ILE YA 171 17.85 -90.15 17.78
N ILE YA 172 19.06 -89.79 17.37
CA ILE YA 172 19.44 -88.40 17.16
C ILE YA 172 19.66 -88.19 15.67
N LEU YA 173 18.97 -87.21 15.12
CA LEU YA 173 18.96 -86.95 13.68
C LEU YA 173 19.95 -85.85 13.33
N PRO YA 174 20.68 -86.00 12.21
CA PRO YA 174 21.69 -85.00 11.87
C PRO YA 174 21.09 -83.70 11.34
N GLY YA 175 20.68 -82.84 12.25
CA GLY YA 175 20.18 -81.53 11.87
C GLY YA 175 21.16 -80.43 12.22
N ALA ZA 1 27.54 8.03 58.17
CA ALA ZA 1 27.91 6.63 58.06
C ALA ZA 1 28.55 6.13 59.33
N PRO ZA 2 28.19 4.93 59.77
CA PRO ZA 2 28.84 4.34 60.94
C PRO ZA 2 30.30 4.03 60.63
N SER ZA 3 31.11 4.02 61.69
CA SER ZA 3 32.53 3.72 61.55
C SER ZA 3 32.95 2.87 62.73
N ARG ZA 4 33.14 1.58 62.50
CA ARG ZA 4 33.64 0.63 63.50
C ARG ZA 4 32.67 0.61 64.68
N ASN ZA 5 33.16 0.27 65.86
CA ASN ZA 5 32.30 0.24 67.04
C ASN ZA 5 31.90 1.64 67.45
N GLY ZA 6 30.71 1.75 67.99
CA GLY ZA 6 30.21 3.03 68.45
C GLY ZA 6 28.78 2.89 68.90
N MET ZA 7 28.29 3.98 69.48
CA MET ZA 7 26.92 4.04 69.95
C MET ZA 7 26.04 4.58 68.84
N VAL ZA 8 24.90 3.92 68.60
CA VAL ZA 8 23.92 4.44 67.65
C VAL ZA 8 23.31 5.70 68.28
N LEU ZA 9 23.64 6.85 67.71
CA LEU ZA 9 23.21 8.12 68.28
C LEU ZA 9 22.04 8.68 67.49
N LYS ZA 10 21.12 9.33 68.21
CA LYS ZA 10 19.95 9.96 67.61
C LYS ZA 10 19.88 11.39 68.10
N PRO ZA 11 20.66 12.29 67.52
CA PRO ZA 11 20.56 13.70 67.91
C PRO ZA 11 19.27 14.31 67.40
N HIS ZA 12 18.63 15.10 68.26
CA HIS ZA 12 17.36 15.72 67.92
C HIS ZA 12 17.59 17.13 67.36
N PHE ZA 13 18.30 17.19 66.25
CA PHE ZA 13 18.65 18.44 65.60
C PHE ZA 13 18.25 18.41 64.13
N HIS ZA 14 17.00 17.99 63.87
CA HIS ZA 14 16.47 17.99 62.52
C HIS ZA 14 15.35 19.02 62.34
N LYS ZA 15 15.23 19.98 63.27
CA LYS ZA 15 14.00 20.74 63.39
C LYS ZA 15 14.28 22.22 63.57
N ASP ZA 16 15.31 22.74 62.90
CA ASP ZA 16 15.65 24.17 62.92
C ASP ZA 16 15.84 24.68 64.35
N TRP ZA 17 16.70 23.98 65.09
CA TRP ZA 17 16.90 24.28 66.50
C TRP ZA 17 17.54 25.64 66.74
N GLN ZA 18 18.27 26.17 65.76
CA GLN ZA 18 19.02 27.41 65.98
C GLN ZA 18 18.12 28.62 66.10
N ARG ZA 19 16.90 28.55 65.59
CA ARG ZA 19 15.97 29.67 65.74
C ARG ZA 19 15.46 29.79 67.17
N ARG ZA 20 15.51 28.71 67.94
CA ARG ZA 20 15.04 28.71 69.33
C ARG ZA 20 16.17 28.16 70.19
N VAL ZA 21 17.10 29.04 70.57
CA VAL ZA 21 18.17 28.72 71.51
C VAL ZA 21 18.08 29.73 72.64
N ALA ZA 22 18.02 29.24 73.87
CA ALA ZA 22 17.93 30.08 75.05
C ALA ZA 22 19.30 30.11 75.72
N THR ZA 23 20.02 31.20 75.52
CA THR ZA 23 21.26 31.42 76.23
C THR ZA 23 20.97 31.98 77.61
N TRP ZA 24 21.97 31.93 78.48
CA TRP ZA 24 21.80 32.26 79.88
C TRP ZA 24 22.74 33.38 80.33
N PHE ZA 25 23.05 34.32 79.44
CA PHE ZA 25 23.93 35.41 79.83
C PHE ZA 25 23.27 36.38 80.79
N ASN ZA 26 21.95 36.31 80.93
CA ASN ZA 26 21.22 37.11 81.89
C ASN ZA 26 20.94 36.36 83.18
N GLN ZA 27 21.57 35.20 83.38
CA GLN ZA 27 21.40 34.47 84.64
C GLN ZA 27 21.94 35.23 85.85
N PRO ZA 28 23.16 35.78 85.84
CA PRO ZA 28 23.59 36.57 87.00
C PRO ZA 28 22.72 37.78 87.24
N ALA ZA 29 22.27 38.44 86.18
CA ALA ZA 29 21.39 39.59 86.33
C ALA ZA 29 20.04 39.17 86.91
N ARG ZA 30 19.53 38.02 86.49
CA ARG ZA 30 18.29 37.51 87.05
C ARG ZA 30 18.43 37.19 88.53
N LYS ZA 31 19.57 36.61 88.90
CA LYS ZA 31 19.81 36.34 90.32
C LYS ZA 31 19.86 37.63 91.13
N ILE ZA 32 20.53 38.64 90.59
CA ILE ZA 32 20.60 39.93 91.27
C ILE ZA 32 19.21 40.55 91.41
N ARG ZA 33 18.43 40.50 90.35
CA ARG ZA 33 17.09 41.08 90.39
C ARG ZA 33 16.20 40.36 91.39
N ARG ZA 34 16.29 39.03 91.43
CA ARG ZA 34 15.51 38.27 92.41
C ARG ZA 34 15.94 38.60 93.83
N ARG ZA 35 17.24 38.74 94.07
CA ARG ZA 35 17.71 39.09 95.42
C ARG ZA 35 17.20 40.47 95.81
N LYS ZA 36 17.23 41.43 94.90
CA LYS ZA 36 16.75 42.76 95.21
C LYS ZA 36 15.26 42.77 95.48
N ALA ZA 37 14.49 42.01 94.70
CA ALA ZA 37 13.05 41.91 94.95
C ALA ZA 37 12.77 41.27 96.30
N ARG ZA 38 13.53 40.23 96.66
CA ARG ZA 38 13.38 39.61 97.97
C ARG ZA 38 13.66 40.60 99.09
N GLN ZA 39 14.73 41.37 98.97
CA GLN ZA 39 15.07 42.33 100.01
C GLN ZA 39 14.02 43.42 100.12
N ALA ZA 40 13.51 43.89 98.98
CA ALA ZA 40 12.45 44.90 99.01
C ALA ZA 40 11.18 44.35 99.64
N LYS ZA 41 10.82 43.11 99.34
CA LYS ZA 41 9.62 42.53 99.96
C LYS ZA 41 9.80 42.37 101.46
N ALA ZA 42 10.99 41.95 101.90
CA ALA ZA 42 11.26 41.83 103.31
C ALA ZA 42 11.18 43.18 104.01
N ARG ZA 43 11.68 44.23 103.36
CA ARG ZA 43 11.53 45.57 103.92
C ARG ZA 43 10.06 45.98 103.99
N ARG ZA 44 9.29 45.63 102.96
CA ARG ZA 44 7.89 46.03 102.91
C ARG ZA 44 7.10 45.39 104.06
N ILE ZA 45 7.23 44.08 104.26
CA ILE ZA 45 6.62 43.43 105.41
C ILE ZA 45 7.69 43.40 106.50
N ALA ZA 46 7.75 44.45 107.31
CA ALA ZA 46 8.94 44.68 108.12
C ALA ZA 46 9.10 43.65 109.23
N PRO ZA 47 8.14 43.46 110.15
CA PRO ZA 47 8.35 42.46 111.20
C PRO ZA 47 7.85 41.07 110.85
N ARG ZA 48 7.03 40.94 109.81
CA ARG ZA 48 6.54 39.64 109.40
C ARG ZA 48 7.68 38.81 108.83
N PRO ZA 49 7.61 37.48 108.96
CA PRO ZA 49 8.69 36.63 108.45
C PRO ZA 49 8.91 36.82 106.96
N ALA ZA 50 10.18 36.84 106.57
CA ALA ZA 50 10.51 37.19 105.19
C ALA ZA 50 10.10 36.09 104.21
N SER ZA 51 10.29 34.84 104.59
CA SER ZA 51 9.96 33.74 103.68
C SER ZA 51 8.46 33.68 103.38
N GLY ZA 52 7.63 33.87 104.40
CA GLY ZA 52 6.20 33.91 104.19
C GLY ZA 52 5.44 33.14 105.23
N PRO ZA 53 4.23 32.72 104.88
CA PRO ZA 53 3.39 32.00 105.84
C PRO ZA 53 3.98 30.66 106.21
N ILE ZA 54 3.62 30.20 107.42
CA ILE ZA 54 4.03 28.88 107.87
C ILE ZA 54 3.28 27.82 107.08
N ARG ZA 55 3.98 26.79 106.65
CA ARG ZA 55 3.42 25.71 105.86
C ARG ZA 55 3.28 24.44 106.69
N PRO ZA 56 2.35 23.55 106.35
CA PRO ZA 56 2.13 22.35 107.16
C PRO ZA 56 3.21 21.30 106.93
N ILE ZA 57 3.18 20.28 107.77
CA ILE ZA 57 4.02 19.12 107.62
C ILE ZA 57 3.29 18.12 106.73
N VAL ZA 58 3.96 17.70 105.66
CA VAL ZA 58 3.34 16.95 104.58
C VAL ZA 58 4.25 15.80 104.16
N ARG ZA 59 3.68 14.61 104.05
CA ARG ZA 59 4.40 13.44 103.56
C ARG ZA 59 4.33 13.38 102.04
N CYS ZA 60 5.46 13.08 101.42
CA CYS ZA 60 5.51 13.01 99.97
C CYS ZA 60 4.71 11.80 99.48
N PRO ZA 61 4.06 11.93 98.32
CA PRO ZA 61 3.08 10.90 97.92
C PRO ZA 61 3.64 9.52 97.66
N THR ZA 62 4.54 9.38 96.70
CA THR ZA 62 4.70 8.07 96.08
C THR ZA 62 5.58 7.17 96.96
N VAL ZA 63 5.57 5.86 96.68
CA VAL ZA 63 6.34 4.88 97.44
C VAL ZA 63 7.83 5.18 97.42
N ARG ZA 64 8.31 5.95 96.43
CA ARG ZA 64 9.69 6.36 96.41
C ARG ZA 64 10.00 7.34 97.53
N TYR ZA 65 9.04 8.16 97.92
CA TYR ZA 65 9.30 9.27 98.83
C TYR ZA 65 8.42 9.29 100.06
N HIS ZA 66 7.61 8.27 100.34
CA HIS ZA 66 6.77 8.40 101.51
C HIS ZA 66 7.55 8.30 102.82
N THR ZA 67 8.83 7.93 102.76
CA THR ZA 67 9.68 8.03 103.95
C THR ZA 67 10.14 9.45 104.21
N LYS ZA 68 9.84 10.38 103.31
CA LYS ZA 68 10.30 11.76 103.38
C LYS ZA 68 9.13 12.67 103.72
N VAL ZA 69 9.42 13.76 104.42
CA VAL ZA 69 8.42 14.74 104.84
C VAL ZA 69 8.87 16.11 104.37
N ARG ZA 70 7.97 16.85 103.73
CA ARG ZA 70 8.28 18.19 103.25
C ARG ZA 70 7.22 19.18 103.70
N ALA ZA 71 7.28 20.40 103.16
CA ALA ZA 71 6.29 21.43 103.45
C ALA ZA 71 5.21 21.42 102.38
N GLY ZA 72 3.97 21.58 102.81
CA GLY ZA 72 2.84 21.60 101.91
C GLY ZA 72 2.38 23.00 101.56
N ARG ZA 73 1.27 23.06 100.83
CA ARG ZA 73 0.74 24.34 100.39
C ARG ZA 73 0.13 25.12 101.54
N GLY ZA 74 -0.69 24.46 102.36
CA GLY ZA 74 -1.33 25.14 103.46
C GLY ZA 74 -1.99 24.15 104.39
N PHE ZA 75 -2.35 24.65 105.56
CA PHE ZA 75 -2.99 23.80 106.56
C PHE ZA 75 -4.42 23.48 106.14
N SER ZA 76 -4.86 22.27 106.46
CA SER ZA 76 -6.19 21.85 106.09
C SER ZA 76 -7.24 22.48 107.00
N LEU ZA 77 -8.46 22.51 106.49
CA LEU ZA 77 -9.56 23.12 107.25
C LEU ZA 77 -9.84 22.35 108.53
N GLU ZA 78 -9.72 21.03 108.49
CA GLU ZA 78 -9.89 20.24 109.71
C GLU ZA 78 -8.79 20.53 110.72
N GLU ZA 79 -7.55 20.71 110.24
CA GLU ZA 79 -6.46 21.09 111.14
C GLU ZA 79 -6.75 22.42 111.80
N LEU ZA 80 -7.21 23.41 111.02
CA LEU ZA 80 -7.54 24.70 111.59
C LEU ZA 80 -8.70 24.60 112.57
N ARG ZA 81 -9.69 23.76 112.25
CA ARG ZA 81 -10.83 23.58 113.13
C ARG ZA 81 -10.43 22.97 114.46
N VAL ZA 82 -9.54 21.98 114.43
CA VAL ZA 82 -9.07 21.36 115.66
C VAL ZA 82 -8.21 22.35 116.45
N ALA ZA 83 -7.36 23.12 115.77
CA ALA ZA 83 -6.54 24.10 116.46
C ALA ZA 83 -7.34 25.29 116.97
N GLY ZA 84 -8.55 25.50 116.48
CA GLY ZA 84 -9.36 26.62 116.94
C GLY ZA 84 -9.05 27.94 116.26
N ILE ZA 85 -8.72 27.91 114.97
CA ILE ZA 85 -8.43 29.10 114.19
C ILE ZA 85 -9.42 29.19 113.06
N HIS ZA 86 -10.05 30.36 112.89
CA HIS ZA 86 -10.96 30.55 111.78
C HIS ZA 86 -10.20 30.49 110.46
N LYS ZA 87 -10.82 29.88 109.45
CA LYS ZA 87 -10.15 29.71 108.17
C LYS ZA 87 -9.96 31.04 107.45
N LYS ZA 88 -10.72 32.06 107.81
CA LYS ZA 88 -10.56 33.37 107.22
C LYS ZA 88 -9.66 34.27 108.06
N VAL ZA 89 -9.48 33.96 109.33
CA VAL ZA 89 -8.57 34.73 110.18
C VAL ZA 89 -7.15 34.20 110.06
N ALA ZA 90 -6.99 32.93 109.71
CA ALA ZA 90 -5.67 32.31 109.67
C ALA ZA 90 -4.76 33.00 108.67
N ARG ZA 91 -5.29 33.37 107.51
CA ARG ZA 91 -4.47 33.99 106.49
C ARG ZA 91 -4.01 35.39 106.86
N THR ZA 92 -4.62 36.02 107.86
CA THR ZA 92 -4.21 37.35 108.29
C THR ZA 92 -3.13 37.32 109.35
N ILE ZA 93 -2.79 36.15 109.89
CA ILE ZA 93 -1.72 36.05 110.87
C ILE ZA 93 -0.64 35.12 110.35
N GLY ZA 94 -0.52 35.02 109.03
CA GLY ZA 94 0.59 34.30 108.44
C GLY ZA 94 0.47 32.80 108.47
N ILE ZA 95 -0.74 32.26 108.47
CA ILE ZA 95 -0.98 30.83 108.41
C ILE ZA 95 -1.57 30.52 107.05
N SER ZA 96 -0.83 29.79 106.23
CA SER ZA 96 -1.36 29.37 104.95
C SER ZA 96 -2.42 28.30 105.14
N VAL ZA 97 -3.44 28.34 104.31
CA VAL ZA 97 -4.55 27.39 104.39
C VAL ZA 97 -4.78 26.78 103.01
N ASP ZA 98 -5.00 25.47 102.99
CA ASP ZA 98 -5.29 24.72 101.77
C ASP ZA 98 -6.66 24.09 101.93
N PRO ZA 99 -7.71 24.69 101.36
CA PRO ZA 99 -9.05 24.14 101.56
C PRO ZA 99 -9.28 22.81 100.86
N ARG ZA 100 -8.46 22.47 99.88
CA ARG ZA 100 -8.72 21.28 99.07
C ARG ZA 100 -7.97 20.05 99.57
N ARG ZA 101 -7.22 20.16 100.66
CA ARG ZA 101 -6.52 19.04 101.24
C ARG ZA 101 -7.31 18.45 102.39
N ARG ZA 102 -7.52 17.14 102.36
CA ARG ZA 102 -8.18 16.41 103.44
C ARG ZA 102 -7.19 15.54 104.19
N ASN ZA 103 -7.54 15.22 105.43
CA ASN ZA 103 -6.67 14.51 106.35
C ASN ZA 103 -7.12 13.06 106.43
N LYS ZA 104 -6.29 12.15 105.92
CA LYS ZA 104 -6.60 10.73 105.94
C LYS ZA 104 -6.06 10.01 107.15
N SER ZA 105 -5.33 10.68 108.03
CA SER ZA 105 -4.75 10.02 109.19
C SER ZA 105 -4.65 10.99 110.36
N THR ZA 106 -5.01 10.47 111.53
CA THR ZA 106 -4.94 11.27 112.75
C THR ZA 106 -3.51 11.62 113.11
N GLU ZA 107 -2.53 10.82 112.71
CA GLU ZA 107 -1.14 11.16 113.01
C GLU ZA 107 -0.74 12.47 112.35
N SER ZA 108 -0.97 12.58 111.04
CA SER ZA 108 -0.66 13.82 110.35
C SER ZA 108 -1.54 14.96 110.84
N LEU ZA 109 -2.81 14.68 111.12
CA LEU ZA 109 -3.69 15.70 111.69
C LEU ZA 109 -3.12 16.27 112.97
N GLN ZA 110 -2.73 15.40 113.90
CA GLN ZA 110 -2.23 15.86 115.20
C GLN ZA 110 -0.88 16.53 115.07
N ALA ZA 111 -0.01 16.03 114.20
CA ALA ZA 111 1.26 16.69 113.98
C ALA ZA 111 1.07 18.11 113.48
N ASN ZA 112 0.15 18.31 112.54
CA ASN ZA 112 -0.04 19.65 112.02
C ASN ZA 112 -0.78 20.56 113.00
N VAL ZA 113 -1.68 20.03 113.83
CA VAL ZA 113 -2.28 20.91 114.83
C VAL ZA 113 -1.28 21.26 115.92
N GLN ZA 114 -0.33 20.37 116.24
CA GLN ZA 114 0.73 20.76 117.15
C GLN ZA 114 1.62 21.83 116.54
N ARG ZA 115 1.89 21.73 115.25
CA ARG ZA 115 2.59 22.80 114.54
C ARG ZA 115 1.84 24.12 114.65
N LEU ZA 116 0.52 24.09 114.47
CA LEU ZA 116 -0.29 25.31 114.56
C LEU ZA 116 -0.28 25.90 115.96
N LYS ZA 117 -0.38 25.04 116.98
CA LYS ZA 117 -0.36 25.55 118.35
C LYS ZA 117 0.99 26.14 118.71
N GLU ZA 118 2.08 25.51 118.26
CA GLU ZA 118 3.40 26.07 118.48
C GLU ZA 118 3.56 27.42 117.79
N TYR ZA 119 3.06 27.53 116.57
CA TYR ZA 119 3.12 28.82 115.87
C TYR ZA 119 2.30 29.88 116.58
N ARG ZA 120 1.11 29.52 117.06
CA ARG ZA 120 0.27 30.46 117.79
C ARG ZA 120 0.93 30.92 119.07
N SER ZA 121 1.64 30.02 119.75
CA SER ZA 121 2.40 30.41 120.93
C SER ZA 121 3.57 31.32 120.59
N LYS ZA 122 4.24 31.08 119.47
CA LYS ZA 122 5.38 31.90 119.09
C LYS ZA 122 4.99 33.24 118.47
N LEU ZA 123 3.73 33.41 118.06
CA LEU ZA 123 3.33 34.60 117.32
C LEU ZA 123 3.26 35.82 118.22
N ILE ZA 124 3.84 36.93 117.76
CA ILE ZA 124 3.69 38.23 118.39
C ILE ZA 124 2.72 39.03 117.55
N LEU ZA 125 1.60 39.44 118.14
CA LEU ZA 125 0.55 40.15 117.41
C LEU ZA 125 0.58 41.61 117.79
N PHE ZA 126 0.87 42.48 116.82
CA PHE ZA 126 0.83 43.90 117.06
C PHE ZA 126 -0.62 44.36 117.17
N PRO ZA 127 -0.89 45.36 118.02
CA PRO ZA 127 -2.23 45.95 118.05
C PRO ZA 127 -2.53 46.65 116.74
N ARG ZA 128 -3.80 46.62 116.36
CA ARG ZA 128 -4.21 47.28 115.12
C ARG ZA 128 -3.92 48.77 115.18
N LYS ZA 129 -4.29 49.40 116.29
CA LYS ZA 129 -3.91 50.78 116.58
C LYS ZA 129 -2.89 50.78 117.70
N PRO ZA 130 -1.67 51.24 117.48
CA PRO ZA 130 -0.62 51.10 118.51
C PRO ZA 130 -0.95 51.78 119.82
N SER ZA 131 -1.64 52.92 119.79
CA SER ZA 131 -2.00 53.60 121.01
C SER ZA 131 -3.12 52.90 121.77
N ALA ZA 132 -3.89 52.04 121.10
CA ALA ZA 132 -5.02 51.34 121.70
C ALA ZA 132 -4.85 49.84 121.48
N PRO ZA 133 -4.16 49.16 122.39
CA PRO ZA 133 -4.01 47.71 122.27
C PRO ZA 133 -5.23 46.98 122.82
N LYS ZA 134 -5.97 46.31 121.95
CA LYS ZA 134 -7.18 45.62 122.38
C LYS ZA 134 -6.87 44.25 122.95
N LYS ZA 135 -6.41 43.32 122.11
CA LYS ZA 135 -6.12 41.97 122.54
C LYS ZA 135 -4.84 41.42 121.90
N GLY ZA 136 -3.98 42.28 121.36
CA GLY ZA 136 -2.83 41.80 120.63
C GLY ZA 136 -1.74 41.17 121.48
N ASP ZA 137 -0.99 41.99 122.20
CA ASP ZA 137 0.21 41.51 122.87
C ASP ZA 137 0.76 42.60 123.77
N SER ZA 138 1.52 42.19 124.77
CA SER ZA 138 2.11 43.12 125.72
C SER ZA 138 3.18 43.97 125.04
N SER ZA 139 3.36 45.19 125.55
CA SER ZA 139 4.29 46.12 124.93
C SER ZA 139 5.74 45.67 125.12
N ALA ZA 140 6.05 45.03 126.24
CA ALA ZA 140 7.40 44.56 126.48
C ALA ZA 140 7.82 43.52 125.44
N GLU ZA 141 6.93 42.60 125.12
CA GLU ZA 141 7.21 41.64 124.05
C GLU ZA 141 7.12 42.32 122.69
N GLU ZA 142 6.23 43.31 122.55
CA GLU ZA 142 6.02 43.96 121.27
C GLU ZA 142 7.27 44.69 120.80
N LEU ZA 143 7.92 45.41 121.69
CA LEU ZA 143 9.00 46.30 121.26
C LEU ZA 143 10.28 45.53 120.98
N LYS ZA 144 10.87 44.94 122.02
CA LYS ZA 144 12.23 44.43 121.89
C LYS ZA 144 12.27 43.07 121.21
N LEU ZA 145 11.25 42.24 121.37
CA LEU ZA 145 11.33 40.87 120.91
C LEU ZA 145 10.87 40.68 119.47
N ALA ZA 146 10.36 41.72 118.83
CA ALA ZA 146 9.85 41.61 117.46
C ALA ZA 146 10.99 41.84 116.49
N THR ZA 147 11.46 40.78 115.86
CA THR ZA 147 12.43 40.85 114.79
C THR ZA 147 11.90 40.08 113.59
N GLN ZA 148 12.38 40.44 112.41
CA GLN ZA 148 11.98 39.72 111.21
C GLN ZA 148 12.67 38.36 111.17
N LEU ZA 149 11.88 37.31 110.96
CA LEU ZA 149 12.42 35.96 110.92
C LEU ZA 149 12.95 35.67 109.52
N THR ZA 150 14.16 35.11 109.45
CA THR ZA 150 14.80 34.78 108.19
C THR ZA 150 14.77 33.27 107.97
N GLY ZA 151 14.41 32.86 106.76
CA GLY ZA 151 14.26 31.46 106.45
C GLY ZA 151 12.82 31.02 106.64
N PRO ZA 152 12.52 29.77 106.31
CA PRO ZA 152 11.17 29.26 106.50
C PRO ZA 152 10.78 29.24 107.96
N VAL ZA 153 9.50 29.47 108.22
CA VAL ZA 153 9.00 29.54 109.59
C VAL ZA 153 8.86 28.12 110.12
N MET ZA 154 9.59 27.82 111.19
CA MET ZA 154 9.65 26.49 111.79
C MET ZA 154 9.95 25.45 110.73
N PRO ZA 155 11.19 25.38 110.24
CA PRO ZA 155 11.48 24.54 109.07
C PRO ZA 155 11.14 23.08 109.31
N VAL ZA 156 10.66 22.43 108.26
CA VAL ZA 156 10.23 21.04 108.34
C VAL ZA 156 11.45 20.15 108.22
N ARG ZA 157 11.71 19.36 109.26
CA ARG ZA 157 12.83 18.46 109.31
C ARG ZA 157 12.33 17.02 109.39
N ASN ZA 158 13.12 16.10 108.85
CA ASN ZA 158 12.82 14.68 108.93
C ASN ZA 158 13.44 14.13 110.20
N VAL ZA 159 12.62 13.57 111.07
CA VAL ZA 159 13.07 13.04 112.35
C VAL ZA 159 13.09 11.52 112.28
N TYR ZA 160 14.06 10.92 112.96
CA TYR ZA 160 14.23 9.48 112.98
C TYR ZA 160 14.16 8.98 114.41
N LYS ZA 161 13.31 8.00 114.66
CA LYS ZA 161 13.19 7.39 115.98
C LYS ZA 161 14.31 6.38 116.12
N LYS ZA 162 15.36 6.74 116.85
CA LYS ZA 162 16.49 5.85 117.05
C LYS ZA 162 16.09 4.64 117.89
N GLU ZA 163 16.50 3.46 117.44
CA GLU ZA 163 16.19 2.21 118.12
C GLU ZA 163 17.37 1.77 118.94
N LYS ZA 164 17.14 1.54 120.23
CA LYS ZA 164 18.19 1.05 121.12
C LYS ZA 164 18.42 -0.43 120.88
N ALA ZA 165 19.68 -0.83 120.90
CA ALA ZA 165 20.04 -2.23 120.70
C ALA ZA 165 19.41 -3.10 121.78
N ARG ZA 166 18.85 -4.23 121.37
CA ARG ZA 166 18.13 -5.10 122.28
C ARG ZA 166 18.49 -6.55 121.98
N VAL ZA 167 18.25 -7.41 122.97
CA VAL ZA 167 18.51 -8.84 122.81
C VAL ZA 167 17.48 -9.43 121.86
N ILE ZA 168 17.96 -10.23 120.90
CA ILE ZA 168 17.09 -10.81 119.89
C ILE ZA 168 16.33 -11.99 120.50
N THR ZA 169 15.01 -11.97 120.38
CA THR ZA 169 14.17 -13.03 120.90
C THR ZA 169 14.12 -14.20 119.92
N GLU ZA 170 13.59 -15.32 120.42
CA GLU ZA 170 13.49 -16.53 119.61
C GLU ZA 170 12.45 -16.39 118.51
N GLU ZA 171 11.35 -15.67 118.77
CA GLU ZA 171 10.38 -15.41 117.70
C GLU ZA 171 11.01 -14.62 116.57
N GLU ZA 172 11.79 -13.59 116.91
CA GLU ZA 172 12.50 -12.82 115.90
C GLU ZA 172 13.51 -13.69 115.15
N LYS ZA 173 14.22 -14.55 115.88
CA LYS ZA 173 15.18 -15.42 115.22
C LYS ZA 173 14.52 -16.46 114.33
N ASN ZA 174 13.28 -16.84 114.62
CA ASN ZA 174 12.59 -17.88 113.87
C ASN ZA 174 11.68 -17.34 112.77
N PHE ZA 175 11.42 -16.04 112.74
CA PHE ZA 175 10.59 -15.48 111.67
C PHE ZA 175 11.26 -15.65 110.32
N LYS ZA 176 10.50 -16.10 109.32
CA LYS ZA 176 11.03 -16.38 107.99
C LYS ZA 176 10.63 -15.24 107.06
N ALA ZA 177 11.55 -14.29 106.86
CA ALA ZA 177 11.22 -13.07 106.12
C ALA ZA 177 10.96 -13.36 104.65
N PHE ZA 178 11.87 -14.10 104.01
CA PHE ZA 178 11.71 -14.36 102.59
C PHE ZA 178 10.48 -15.22 102.31
N ALA ZA 179 10.27 -16.26 103.12
CA ALA ZA 179 9.09 -17.10 102.96
C ALA ZA 179 7.83 -16.30 103.18
N SER ZA 180 7.82 -15.41 104.17
CA SER ZA 180 6.65 -14.58 104.41
C SER ZA 180 6.36 -13.67 103.22
N LEU ZA 181 7.39 -13.07 102.64
CA LEU ZA 181 7.17 -12.21 101.48
C LEU ZA 181 6.63 -13.01 100.30
N ARG ZA 182 7.21 -14.19 100.04
CA ARG ZA 182 6.75 -15.00 98.92
C ARG ZA 182 5.31 -15.46 99.13
N MET ZA 183 4.96 -15.87 100.35
CA MET ZA 183 3.61 -16.33 100.61
C MET ZA 183 2.61 -15.19 100.54
N ALA ZA 184 3.00 -14.00 101.00
CA ALA ZA 184 2.11 -12.85 100.91
C ALA ZA 184 1.86 -12.48 99.46
N ARG ZA 185 2.91 -12.50 98.63
CA ARG ZA 185 2.71 -12.25 97.21
C ARG ZA 185 1.76 -13.27 96.59
N ALA ZA 186 1.94 -14.55 96.93
CA ALA ZA 186 1.09 -15.59 96.37
C ALA ZA 186 -0.36 -15.41 96.83
N ASN ZA 187 -0.57 -15.08 98.11
CA ASN ZA 187 -1.92 -14.91 98.62
C ASN ZA 187 -2.61 -13.73 97.96
N ALA ZA 188 -1.90 -12.62 97.79
CA ALA ZA 188 -2.49 -11.49 97.09
C ALA ZA 188 -2.79 -11.83 95.64
N ARG ZA 189 -1.91 -12.61 95.00
CA ARG ZA 189 -2.10 -12.95 93.60
C ARG ZA 189 -3.28 -13.88 93.40
N LEU ZA 190 -3.50 -14.81 94.32
CA LEU ZA 190 -4.53 -15.82 94.17
C LEU ZA 190 -5.75 -15.60 95.04
N PHE ZA 191 -5.90 -14.41 95.62
CA PHE ZA 191 -7.06 -14.19 96.49
C PHE ZA 191 -8.37 -14.30 95.73
N GLY ZA 192 -8.47 -13.63 94.59
CA GLY ZA 192 -9.74 -13.58 93.88
C GLY ZA 192 -10.16 -14.93 93.32
N ILE ZA 193 -9.23 -15.63 92.68
CA ILE ZA 193 -9.58 -16.92 92.09
C ILE ZA 193 -9.86 -17.97 93.15
N ARG ZA 194 -9.22 -17.88 94.32
CA ARG ZA 194 -9.57 -18.79 95.41
C ARG ZA 194 -11.00 -18.54 95.89
N ALA ZA 195 -11.39 -17.26 95.97
CA ALA ZA 195 -12.76 -16.94 96.35
C ALA ZA 195 -13.74 -17.47 95.33
N LYS ZA 196 -13.42 -17.33 94.04
CA LYS ZA 196 -14.29 -17.84 92.99
C LYS ZA 196 -14.43 -19.35 93.09
N ARG ZA 197 -13.32 -20.06 93.28
CA ARG ZA 197 -13.37 -21.51 93.36
C ARG ZA 197 -14.12 -21.97 94.59
N ALA ZA 198 -13.96 -21.26 95.71
CA ALA ZA 198 -14.72 -21.58 96.91
C ALA ZA 198 -16.21 -21.36 96.69
N LYS ZA 199 -16.57 -20.29 95.98
CA LYS ZA 199 -17.97 -20.03 95.70
C LYS ZA 199 -18.56 -21.12 94.81
N GLU ZA 200 -17.82 -21.54 93.79
CA GLU ZA 200 -18.31 -22.61 92.92
C GLU ZA 200 -18.41 -23.93 93.67
N ALA ZA 201 -17.46 -24.20 94.57
CA ALA ZA 201 -17.53 -25.40 95.38
C ALA ZA 201 -18.73 -25.38 96.32
N ALA ZA 202 -19.04 -24.21 96.88
CA ALA ZA 202 -20.23 -24.08 97.73
C ALA ZA 202 -21.50 -24.27 96.92
N GLU ZA 203 -21.52 -23.76 95.68
CA GLU ZA 203 -22.65 -23.98 94.80
C GLU ZA 203 -22.83 -25.47 94.49
N GLN ZA 204 -21.72 -26.18 94.29
CA GLN ZA 204 -21.81 -27.61 94.08
C GLN ZA 204 -22.24 -28.34 95.36
N ASP ZA 205 -21.84 -27.84 96.52
CA ASP ZA 205 -22.17 -28.48 97.79
C ASP ZA 205 -23.64 -28.30 98.15
N VAL ZA 206 -24.23 -27.13 97.85
CA VAL ZA 206 -25.63 -26.90 98.18
C VAL ZA 206 -26.59 -27.67 97.29
N GLU ZA 207 -26.08 -28.43 96.30
CA GLU ZA 207 -26.95 -29.26 95.47
C GLU ZA 207 -26.34 -30.63 95.20
N LYS ZA 208 -25.23 -30.98 95.86
CA LYS ZA 208 -24.55 -32.24 95.58
C LYS ZA 208 -25.38 -33.46 95.96
N LYS ZA 209 -26.35 -33.31 96.86
CA LYS ZA 209 -27.21 -34.42 97.24
C LYS ZA 209 -28.40 -34.50 96.28
N LYS ZA 210 -28.07 -34.85 95.04
CA LYS ZA 210 -29.06 -34.87 93.97
C LYS ZA 210 -29.05 -36.21 93.24
N VAL AB 1 109.44 -8.24 -7.65
CA VAL AB 1 109.72 -6.97 -6.98
C VAL AB 1 110.21 -7.25 -5.56
N PHE AB 2 109.72 -8.33 -4.96
CA PHE AB 2 110.11 -8.67 -3.61
C PHE AB 2 111.53 -9.24 -3.58
N ARG AB 3 112.27 -8.88 -2.54
CA ARG AB 3 113.63 -9.36 -2.35
C ARG AB 3 113.84 -10.13 -1.05
N ARG AB 4 113.05 -9.86 -0.03
CA ARG AB 4 113.16 -10.54 1.26
C ARG AB 4 111.94 -11.41 1.45
N PHE AB 5 112.17 -12.68 1.79
CA PHE AB 5 111.10 -13.65 1.91
C PHE AB 5 111.12 -14.31 3.27
N VAL AB 6 109.94 -14.70 3.74
CA VAL AB 6 109.83 -15.56 4.90
C VAL AB 6 110.17 -16.97 4.46
N GLU AB 7 111.18 -17.56 5.09
CA GLU AB 7 111.64 -18.89 4.72
C GLU AB 7 112.39 -19.47 5.91
N VAL AB 8 112.92 -20.67 5.72
CA VAL AB 8 113.68 -21.33 6.77
C VAL AB 8 115.10 -20.81 6.75
N GLY AB 9 115.52 -20.19 7.86
CA GLY AB 9 116.82 -19.59 7.95
C GLY AB 9 116.83 -18.09 7.82
N ARG AB 10 115.72 -17.49 7.41
CA ARG AB 10 115.64 -16.04 7.32
C ARG AB 10 115.79 -15.42 8.70
N VAL AB 11 116.66 -14.43 8.80
CA VAL AB 11 116.89 -13.72 10.05
C VAL AB 11 115.98 -12.50 10.07
N ALA AB 12 115.17 -12.39 11.11
CA ALA AB 12 114.24 -11.29 11.27
C ALA AB 12 114.59 -10.46 12.49
N TYR AB 13 114.36 -9.17 12.40
CA TYR AB 13 114.50 -8.25 13.52
C TYR AB 13 113.14 -8.07 14.17
N VAL AB 14 113.10 -8.15 15.49
CA VAL AB 14 111.85 -8.05 16.24
C VAL AB 14 111.60 -6.60 16.57
N SER AB 15 110.50 -6.04 16.05
CA SER AB 15 110.24 -4.62 16.21
C SER AB 15 109.61 -4.30 17.56
N PHE AB 16 108.53 -5.01 17.91
CA PHE AB 16 107.88 -4.81 19.19
C PHE AB 16 107.58 -6.17 19.80
N GLY AB 17 107.00 -6.14 20.99
CA GLY AB 17 106.71 -7.36 21.72
C GLY AB 17 107.68 -7.57 22.86
N PRO AB 18 107.60 -8.74 23.49
CA PRO AB 18 108.50 -9.01 24.62
C PRO AB 18 109.97 -9.08 24.22
N HIS AB 19 110.26 -9.42 22.97
CA HIS AB 19 111.63 -9.59 22.51
C HIS AB 19 112.02 -8.48 21.53
N ALA AB 20 111.51 -7.27 21.78
CA ALA AB 20 111.74 -6.17 20.86
C ALA AB 20 113.21 -5.81 20.82
N GLY AB 21 113.71 -5.52 19.61
CA GLY AB 21 115.07 -5.11 19.43
C GLY AB 21 116.07 -6.22 19.26
N LYS AB 22 115.63 -7.47 19.15
CA LYS AB 22 116.53 -8.60 19.04
C LYS AB 22 116.45 -9.22 17.66
N LEU AB 23 117.41 -10.08 17.38
CA LEU AB 23 117.45 -10.85 16.13
C LEU AB 23 117.01 -12.27 16.40
N VAL AB 24 116.24 -12.82 15.45
CA VAL AB 24 115.78 -14.19 15.54
C VAL AB 24 115.94 -14.84 14.17
N ALA AB 25 115.91 -16.16 14.16
CA ALA AB 25 115.92 -16.94 12.93
C ALA AB 25 114.62 -17.68 12.79
N ILE AB 26 114.03 -17.64 11.61
CA ILE AB 26 112.77 -18.34 11.36
C ILE AB 26 113.08 -19.81 11.13
N VAL AB 27 112.57 -20.66 12.02
CA VAL AB 27 112.79 -22.09 11.94
C VAL AB 27 111.68 -22.79 11.16
N ASP AB 28 110.44 -22.38 11.36
CA ASP AB 28 109.33 -23.00 10.66
C ASP AB 28 108.18 -22.01 10.55
N VAL AB 29 107.15 -22.40 9.81
CA VAL AB 29 105.98 -21.55 9.60
C VAL AB 29 104.74 -22.27 10.10
N ILE AB 30 103.87 -21.53 10.79
CA ILE AB 30 102.57 -22.02 11.20
C ILE AB 30 101.52 -21.08 10.63
N ASP AB 31 100.53 -21.67 9.95
CA ASP AB 31 99.25 -21.08 9.58
C ASP AB 31 99.26 -19.60 9.16
N GLN AB 32 100.25 -19.19 8.37
CA GLN AB 32 100.23 -17.94 7.63
C GLN AB 32 100.38 -16.70 8.51
N ASN AB 33 100.25 -16.88 9.82
CA ASN AB 33 100.36 -15.77 10.74
C ASN AB 33 101.48 -15.94 11.74
N ARG AB 34 101.98 -17.14 11.97
CA ARG AB 34 102.99 -17.35 12.99
C ARG AB 34 104.16 -18.12 12.41
N ALA AB 35 105.26 -18.09 13.15
CA ALA AB 35 106.45 -18.81 12.73
C ALA AB 35 107.13 -19.35 13.97
N LEU AB 36 107.62 -20.58 13.87
CA LEU AB 36 108.55 -21.09 14.85
C LEU AB 36 109.87 -20.36 14.69
N VAL AB 37 110.30 -19.73 15.78
CA VAL AB 37 111.32 -18.70 15.81
C VAL AB 37 112.32 -19.03 16.91
N ASP AB 38 113.60 -18.93 16.60
CA ASP AB 38 114.66 -19.31 17.54
C ASP AB 38 115.82 -18.35 17.39
N GLY AB 39 116.10 -17.56 18.43
CA GLY AB 39 117.37 -16.89 18.52
C GLY AB 39 118.23 -17.53 19.59
N PRO AB 40 119.15 -18.40 19.19
CA PRO AB 40 119.94 -19.12 20.18
C PRO AB 40 121.15 -18.32 20.66
N CYS AB 41 121.63 -17.42 19.82
CA CYS AB 41 122.74 -16.56 20.18
C CYS AB 41 122.30 -15.15 20.55
N THR AB 42 121.00 -14.86 20.45
CA THR AB 42 120.47 -13.55 20.84
C THR AB 42 119.50 -13.67 22.01
N GLN AB 43 119.54 -14.80 22.72
CA GLN AB 43 118.76 -14.99 23.96
C GLN AB 43 117.26 -14.92 23.69
N VAL AB 44 116.81 -15.66 22.69
CA VAL AB 44 115.38 -15.80 22.38
C VAL AB 44 115.14 -17.29 22.18
N ARG AB 45 114.59 -17.96 23.18
CA ARG AB 45 114.35 -19.38 23.06
C ARG AB 45 113.26 -19.67 22.04
N ARG AB 46 113.24 -20.91 21.55
CA ARG AB 46 112.33 -21.28 20.49
C ARG AB 46 110.88 -21.09 20.91
N GLN AB 47 110.11 -20.42 20.06
CA GLN AB 47 108.72 -20.12 20.38
C GLN AB 47 108.00 -19.71 19.13
N ALA AB 48 106.68 -19.72 19.20
CA ALA AB 48 105.86 -19.19 18.11
C ALA AB 48 105.89 -17.67 18.14
N MET AB 49 105.79 -17.07 16.97
CA MET AB 49 105.90 -15.62 16.91
C MET AB 49 105.15 -15.07 15.71
N PRO AB 50 104.34 -14.03 15.88
CA PRO AB 50 103.58 -13.50 14.74
C PRO AB 50 104.49 -12.80 13.74
N PHE AB 51 104.05 -12.81 12.48
CA PHE AB 51 104.80 -12.12 11.43
C PHE AB 51 104.66 -10.61 11.49
N LYS AB 52 103.71 -10.10 12.26
CA LYS AB 52 103.52 -8.65 12.32
C LYS AB 52 104.65 -7.96 13.05
N CYS AB 53 105.24 -8.61 14.05
CA CYS AB 53 106.32 -8.02 14.82
C CYS AB 53 107.69 -8.30 14.23
N MET AB 54 107.76 -8.99 13.10
CA MET AB 54 109.02 -9.33 12.46
C MET AB 54 109.31 -8.34 11.34
N GLN AB 55 110.59 -8.00 11.19
CA GLN AB 55 111.09 -7.24 10.04
C GLN AB 55 112.26 -8.01 9.46
N LEU AB 56 112.08 -8.59 8.29
CA LEU AB 56 113.09 -9.47 7.71
C LEU AB 56 114.34 -8.69 7.36
N THR AB 57 115.49 -9.28 7.69
CA THR AB 57 116.77 -8.75 7.28
C THR AB 57 117.23 -9.46 6.01
N ASP AB 58 118.47 -9.21 5.62
CA ASP AB 58 119.01 -9.78 4.39
C ASP AB 58 119.81 -11.04 4.65
N PHE AB 59 119.84 -11.54 5.87
CA PHE AB 59 120.61 -12.71 6.24
C PHE AB 59 119.74 -13.95 6.22
N ILE AB 60 120.21 -15.00 5.56
CA ILE AB 60 119.54 -16.29 5.54
C ILE AB 60 120.53 -17.35 5.97
N LEU AB 61 120.13 -18.17 6.94
CA LEU AB 61 120.95 -19.27 7.42
C LEU AB 61 120.54 -20.57 6.75
N LYS AB 62 121.45 -21.53 6.77
CA LYS AB 62 121.26 -22.80 6.08
C LYS AB 62 121.10 -23.91 7.12
N PHE AB 63 119.84 -24.22 7.45
CA PHE AB 63 119.52 -25.39 8.25
C PHE AB 63 118.16 -25.91 7.78
N PRO AB 64 117.91 -27.21 7.93
CA PRO AB 64 116.59 -27.74 7.57
C PRO AB 64 115.52 -27.28 8.54
N HIS AB 65 114.27 -27.33 8.08
CA HIS AB 65 113.17 -26.84 8.88
C HIS AB 65 112.96 -27.70 10.11
N SER AB 66 112.62 -27.04 11.22
CA SER AB 66 112.36 -27.70 12.50
C SER AB 66 113.57 -28.48 13.01
N ALA AB 67 114.78 -28.03 12.65
CA ALA AB 67 115.97 -28.61 13.22
C ALA AB 67 116.13 -28.13 14.66
N HIS AB 68 117.04 -28.76 15.38
CA HIS AB 68 117.19 -28.43 16.79
C HIS AB 68 117.98 -27.13 16.97
N GLN AB 69 117.85 -26.61 18.20
CA GLN AB 69 118.53 -25.36 18.56
C GLN AB 69 120.04 -25.52 18.45
N LYS AB 70 120.55 -26.73 18.62
CA LYS AB 70 121.98 -26.97 18.44
C LYS AB 70 122.43 -26.62 17.03
N TYR AB 71 121.71 -27.12 16.03
CA TYR AB 71 122.06 -26.83 14.64
C TYR AB 71 121.79 -25.39 14.26
N VAL AB 72 120.71 -24.81 14.78
CA VAL AB 72 120.47 -23.40 14.51
C VAL AB 72 121.59 -22.53 15.08
N ARG AB 73 122.04 -22.85 16.30
CA ARG AB 73 123.11 -22.09 16.91
C ARG AB 73 124.44 -22.29 16.17
N GLN AB 74 124.69 -23.50 15.69
CA GLN AB 74 125.89 -23.70 14.89
C GLN AB 74 125.85 -22.89 13.61
N ALA AB 75 124.71 -22.89 12.92
CA ALA AB 75 124.60 -22.12 11.68
C ALA AB 75 124.66 -20.62 11.94
N TRP AB 76 124.19 -20.19 13.11
CA TRP AB 76 124.28 -18.77 13.47
C TRP AB 76 125.71 -18.37 13.78
N GLN AB 77 126.42 -19.22 14.53
CA GLN AB 77 127.80 -18.90 14.92
C GLN AB 77 128.73 -18.93 13.73
N LYS AB 78 128.59 -19.93 12.86
CA LYS AB 78 129.32 -19.90 11.60
C LYS AB 78 128.71 -18.81 10.72
N ALA AB 79 129.58 -18.04 10.06
CA ALA AB 79 129.16 -16.83 9.35
C ALA AB 79 128.35 -15.93 10.29
N ASP AB 80 129.06 -15.48 11.33
CA ASP AB 80 128.48 -14.83 12.50
C ASP AB 80 127.48 -13.72 12.20
N ILE AB 81 126.22 -13.97 12.55
CA ILE AB 81 125.16 -13.01 12.25
C ILE AB 81 125.27 -11.79 13.14
N ASN AB 82 125.82 -11.94 14.34
CA ASN AB 82 125.92 -10.81 15.26
C ASN AB 82 126.81 -9.72 14.69
N THR AB 83 128.00 -10.10 14.22
CA THR AB 83 128.93 -9.12 13.69
C THR AB 83 128.45 -8.52 12.37
N LYS AB 84 127.97 -9.38 11.47
CA LYS AB 84 127.48 -8.90 10.18
C LYS AB 84 126.28 -7.98 10.37
N TRP AB 85 125.43 -8.29 11.36
CA TRP AB 85 124.31 -7.41 11.66
C TRP AB 85 124.79 -6.07 12.19
N ALA AB 86 125.67 -6.11 13.21
CA ALA AB 86 126.16 -4.87 13.80
C ALA AB 86 126.91 -4.00 12.79
N ALA AB 87 127.41 -4.58 11.71
CA ALA AB 87 128.08 -3.82 10.68
C ALA AB 87 127.13 -3.21 9.64
N THR AB 88 125.83 -3.44 9.75
CA THR AB 88 124.89 -2.90 8.78
C THR AB 88 124.47 -1.49 9.15
N ARG AB 89 123.98 -0.75 8.16
CA ARG AB 89 123.46 0.59 8.40
C ARG AB 89 122.21 0.55 9.26
N TRP AB 90 121.44 -0.53 9.15
CA TRP AB 90 120.26 -0.71 9.99
C TRP AB 90 120.64 -0.75 11.47
N ALA AB 91 121.62 -1.58 11.82
CA ALA AB 91 122.00 -1.72 13.22
C ALA AB 91 122.58 -0.46 13.78
N LYS AB 92 123.42 0.24 13.02
CA LYS AB 92 123.97 1.47 13.54
C LYS AB 92 122.99 2.62 13.53
N LYS AB 93 121.95 2.57 12.68
CA LYS AB 93 120.84 3.51 12.85
C LYS AB 93 120.13 3.27 14.17
N ILE AB 94 119.89 2.00 14.51
CA ILE AB 94 119.28 1.68 15.80
C ILE AB 94 120.16 2.17 16.94
N GLU AB 95 121.46 1.92 16.83
CA GLU AB 95 122.40 2.33 17.88
C GLU AB 95 122.45 3.85 18.02
N ALA AB 96 122.45 4.56 16.90
CA ALA AB 96 122.50 6.01 16.94
C ALA AB 96 121.26 6.59 17.58
N ARG AB 97 120.08 6.06 17.24
CA ARG AB 97 118.90 6.59 17.92
C ARG AB 97 118.86 6.19 19.39
N GLU AB 98 119.43 5.04 19.75
CA GLU AB 98 119.52 4.67 21.16
C GLU AB 98 120.38 5.66 21.94
N ARG AB 99 121.56 5.98 21.42
CA ARG AB 99 122.41 6.91 22.15
C ARG AB 99 121.88 8.34 22.11
N LYS AB 100 121.18 8.72 21.04
CA LYS AB 100 120.53 10.01 21.03
C LYS AB 100 119.44 10.10 22.10
N ALA AB 101 118.70 9.00 22.29
CA ALA AB 101 117.70 8.98 23.35
C ALA AB 101 118.34 9.04 24.73
N LYS AB 102 119.45 8.34 24.92
CA LYS AB 102 120.12 8.32 26.22
C LYS AB 102 120.99 9.55 26.48
N MET AB 103 121.12 10.44 25.50
CA MET AB 103 121.89 11.67 25.66
C MET AB 103 121.36 12.51 26.82
N THR AB 104 122.29 13.07 27.61
CA THR AB 104 121.94 13.84 28.79
C THR AB 104 121.95 15.34 28.48
N ASP AB 105 121.80 16.16 29.54
CA ASP AB 105 121.71 17.60 29.36
C ASP AB 105 123.05 18.20 28.99
N PHE AB 106 124.12 17.81 29.69
CA PHE AB 106 125.45 18.27 29.33
C PHE AB 106 125.82 17.82 27.92
N ASP AB 107 125.46 16.59 27.57
CA ASP AB 107 125.71 16.10 26.22
C ASP AB 107 124.94 16.92 25.19
N ARG AB 108 123.71 17.28 25.50
CA ARG AB 108 122.94 18.12 24.58
C ARG AB 108 123.56 19.48 24.41
N PHE AB 109 124.08 20.06 25.49
CA PHE AB 109 124.79 21.34 25.39
C PHE AB 109 126.00 21.22 24.49
N LYS AB 110 126.82 20.18 24.69
CA LYS AB 110 128.01 20.01 23.86
C LYS AB 110 127.65 19.75 22.41
N VAL AB 111 126.60 18.97 22.17
CA VAL AB 111 126.14 18.73 20.81
C VAL AB 111 125.66 20.02 20.17
N MET AB 112 124.96 20.86 20.93
CA MET AB 112 124.53 22.15 20.40
C MET AB 112 125.72 23.00 19.99
N LYS AB 113 126.76 23.04 20.82
CA LYS AB 113 127.94 23.82 20.48
C LYS AB 113 128.64 23.28 19.23
N ALA AB 114 128.84 21.96 19.18
CA ALA AB 114 129.50 21.36 18.02
C ALA AB 114 128.70 21.56 16.75
N LYS AB 115 127.38 21.40 16.84
CA LYS AB 115 126.51 21.58 15.69
C LYS AB 115 126.53 23.04 15.23
N LYS AB 116 126.56 23.97 16.18
CA LYS AB 116 126.68 25.39 15.84
C LYS AB 116 127.92 25.64 15.00
N MET AB 117 129.08 25.19 15.50
CA MET AB 117 130.32 25.44 14.76
C MET AB 117 130.31 24.74 13.40
N ARG AB 118 129.87 23.48 13.37
CA ARG AB 118 129.86 22.71 12.13
C ARG AB 118 128.96 23.36 11.10
N ASN AB 119 127.76 23.78 11.51
CA ASN AB 119 126.83 24.41 10.57
C ASN AB 119 127.36 25.72 10.05
N ARG AB 120 128.00 26.51 10.91
CA ARG AB 120 128.56 27.78 10.43
C ARG AB 120 129.65 27.53 9.38
N ILE AB 121 130.54 26.58 9.63
CA ILE AB 121 131.60 26.31 8.66
C ILE AB 121 131.00 25.80 7.35
N ILE AB 122 130.05 24.88 7.44
CA ILE AB 122 129.46 24.29 6.24
C ILE AB 122 128.77 25.35 5.41
N LYS AB 123 127.99 26.22 6.05
CA LYS AB 123 127.27 27.23 5.28
C LYS AB 123 128.18 28.33 4.75
N ASN AB 124 129.29 28.62 5.44
CA ASN AB 124 130.28 29.52 4.85
C ASN AB 124 130.87 28.91 3.58
N GLU AB 125 131.18 27.62 3.61
CA GLU AB 125 131.70 26.99 2.39
C GLU AB 125 130.63 26.92 1.30
N VAL AB 126 129.36 26.75 1.67
CA VAL AB 126 128.29 26.75 0.68
C VAL AB 126 128.20 28.10 -0.01
N LYS AB 127 128.26 29.18 0.78
CA LYS AB 127 128.25 30.52 0.20
C LYS AB 127 129.46 30.73 -0.71
N LYS AB 128 130.62 30.21 -0.29
CA LYS AB 128 131.82 30.31 -1.13
C LYS AB 128 131.63 29.59 -2.45
N LEU AB 129 131.06 28.39 -2.41
CA LEU AB 129 130.85 27.63 -3.65
C LEU AB 129 129.85 28.34 -4.55
N GLN AB 130 128.80 28.93 -3.97
CA GLN AB 130 127.85 29.70 -4.76
C GLN AB 130 128.52 30.89 -5.44
N LYS AB 131 129.34 31.62 -4.68
CA LYS AB 131 130.02 32.78 -5.25
C LYS AB 131 131.00 32.37 -6.33
N ALA AB 132 131.67 31.23 -6.15
CA ALA AB 132 132.56 30.72 -7.20
C ALA AB 132 131.79 30.33 -8.45
N ALA AB 133 130.66 29.64 -8.29
CA ALA AB 133 129.87 29.23 -9.43
C ALA AB 133 129.20 30.41 -10.12
N LEU AB 134 129.06 31.53 -9.43
CA LEU AB 134 128.48 32.72 -10.04
C LEU AB 134 129.37 33.31 -11.13
N LEU AB 135 130.63 32.88 -11.22
CA LEU AB 135 131.54 33.37 -12.26
C LEU AB 135 131.36 32.52 -13.51
N LYS AB 136 130.30 32.83 -14.27
CA LYS AB 136 130.01 32.18 -15.53
C LYS AB 136 130.15 33.19 -16.67
N ALA AB 137 130.89 32.79 -17.72
CA ALA AB 137 131.03 33.62 -18.91
C ALA AB 137 131.29 32.69 -20.09
N SER AB 138 130.22 32.38 -20.83
CA SER AB 138 130.31 31.47 -21.97
C SER AB 138 129.07 31.65 -22.82
N PRO AB 139 129.18 31.47 -24.15
CA PRO AB 139 128.01 31.53 -25.04
C PRO AB 139 127.03 30.39 -24.79
N GLY BB 1 -38.74 30.95 91.55
CA GLY BB 1 -38.06 29.72 91.18
C GLY BB 1 -38.38 29.25 89.79
N ALA BB 2 -38.78 30.18 88.93
CA ALA BB 2 -39.21 29.83 87.58
C ALA BB 2 -38.05 29.47 86.67
N TYR BB 3 -36.85 29.97 86.96
CA TYR BB 3 -35.71 29.65 86.11
C TYR BB 3 -35.36 28.19 86.15
N LYS BB 4 -35.58 27.53 87.29
CA LYS BB 4 -35.34 26.09 87.37
C LYS BB 4 -36.27 25.34 86.43
N TYR BB 5 -37.55 25.75 86.39
CA TYR BB 5 -38.50 25.15 85.48
C TYR BB 5 -38.12 25.39 84.03
N ILE BB 6 -37.72 26.61 83.69
CA ILE BB 6 -37.34 26.91 82.31
C ILE BB 6 -36.12 26.09 81.91
N GLN BB 7 -35.18 25.91 82.83
CA GLN BB 7 -34.01 25.08 82.56
C GLN BB 7 -34.40 23.64 82.27
N GLU BB 8 -35.20 23.04 83.16
CA GLU BB 8 -35.61 21.67 82.96
C GLU BB 8 -36.43 21.52 81.68
N LEU BB 9 -37.19 22.56 81.32
CA LEU BB 9 -37.96 22.52 80.08
C LEU BB 9 -37.06 22.56 78.87
N TRP BB 10 -36.06 23.43 78.88
CA TRP BB 10 -35.13 23.51 77.76
C TRP BB 10 -34.22 22.31 77.65
N ARG BB 11 -34.12 21.49 78.69
CA ARG BB 11 -33.45 20.21 78.56
C ARG BB 11 -34.34 19.14 77.93
N LYS BB 12 -35.48 19.52 77.37
CA LYS BB 12 -36.41 18.57 76.77
C LYS BB 12 -36.68 18.93 75.32
N LYS BB 13 -35.61 19.12 74.55
CA LYS BB 13 -35.71 19.67 73.20
C LYS BB 13 -36.49 18.79 72.23
N GLN BB 14 -36.72 17.53 72.56
CA GLN BB 14 -37.48 16.64 71.71
C GLN BB 14 -38.92 16.43 72.17
N SER BB 15 -39.38 17.20 73.15
CA SER BB 15 -40.78 17.17 73.50
C SER BB 15 -41.58 17.84 72.40
N ASP BB 16 -42.91 17.64 72.43
CA ASP BB 16 -43.76 18.27 71.42
C ASP BB 16 -43.69 19.79 71.53
N VAL BB 17 -43.78 20.32 72.74
CA VAL BB 17 -43.79 21.77 72.93
C VAL BB 17 -42.46 22.39 72.50
N MET BB 18 -41.35 21.77 72.87
CA MET BB 18 -40.05 22.33 72.51
C MET BB 18 -39.75 22.14 71.04
N ARG BB 19 -40.17 21.03 70.45
CA ARG BB 19 -40.02 20.87 69.01
C ARG BB 19 -40.79 21.94 68.25
N PHE BB 20 -42.03 22.22 68.68
CA PHE BB 20 -42.81 23.27 68.04
C PHE BB 20 -42.12 24.62 68.15
N LEU BB 21 -41.69 24.97 69.36
CA LEU BB 21 -41.08 26.29 69.58
C LEU BB 21 -39.80 26.43 68.77
N LEU BB 22 -38.96 25.39 68.77
CA LEU BB 22 -37.71 25.47 68.02
C LEU BB 22 -37.96 25.56 66.53
N ARG BB 23 -38.95 24.83 66.01
CA ARG BB 23 -39.25 24.90 64.58
C ARG BB 23 -39.72 26.29 64.18
N VAL BB 24 -40.67 26.85 64.94
CA VAL BB 24 -41.21 28.16 64.60
C VAL BB 24 -40.14 29.23 64.71
N ARG BB 25 -39.33 29.18 65.77
CA ARG BB 25 -38.30 30.20 65.94
C ARG BB 25 -37.21 30.05 64.90
N CYS BB 26 -36.88 28.82 64.51
CA CYS BB 26 -35.90 28.64 63.43
C CYS BB 26 -36.40 29.22 62.13
N TRP BB 27 -37.69 29.04 61.82
CA TRP BB 27 -38.25 29.65 60.62
C TRP BB 27 -38.15 31.18 60.70
N GLN BB 28 -38.50 31.74 61.85
CA GLN BB 28 -38.48 33.19 61.99
C GLN BB 28 -37.07 33.74 61.86
N TYR BB 29 -36.10 33.08 62.49
CA TYR BB 29 -34.71 33.53 62.38
C TYR BB 29 -34.20 33.37 60.95
N ARG BB 30 -34.66 32.34 60.25
CA ARG BB 30 -34.29 32.16 58.86
C ARG BB 30 -34.77 33.32 58.01
N GLN BB 31 -35.96 33.84 58.30
CA GLN BB 31 -36.46 34.97 57.52
C GLN BB 31 -35.71 36.27 57.77
N LEU BB 32 -34.83 36.33 58.77
CA LEU BB 32 -34.16 37.55 59.16
C LEU BB 32 -32.74 37.60 58.61
N SER BB 33 -32.01 38.64 58.98
CA SER BB 33 -30.65 38.85 58.51
C SER BB 33 -29.66 37.98 59.27
N ALA BB 34 -28.49 37.80 58.68
CA ALA BB 34 -27.48 36.92 59.26
C ALA BB 34 -26.97 37.45 60.58
N LEU BB 35 -26.78 38.75 60.67
CA LEU BB 35 -26.40 39.42 61.92
C LEU BB 35 -27.52 40.38 62.29
N HIS BB 36 -28.20 40.09 63.39
CA HIS BB 36 -29.37 40.84 63.79
C HIS BB 36 -29.22 41.18 65.26
N ARG BB 37 -29.90 42.22 65.72
CA ARG BB 37 -29.89 42.53 67.14
C ARG BB 37 -31.21 42.08 67.75
N ALA BB 38 -31.13 41.23 68.76
CA ALA BB 38 -32.33 40.82 69.45
C ALA BB 38 -32.71 41.86 70.50
N PRO BB 39 -33.99 42.22 70.59
CA PRO BB 39 -34.41 43.19 71.62
C PRO BB 39 -34.19 42.69 73.03
N ARG BB 40 -34.23 41.39 73.23
CA ARG BB 40 -34.06 40.77 74.54
C ARG BB 40 -33.54 39.36 74.32
N PRO BB 41 -32.91 38.76 75.33
CA PRO BB 41 -32.48 37.36 75.19
C PRO BB 41 -33.67 36.44 75.01
N THR BB 42 -33.55 35.53 74.03
CA THR BB 42 -34.56 34.51 73.84
C THR BB 42 -34.65 33.58 75.03
N ARG BB 43 -33.50 33.22 75.58
CA ARG BB 43 -33.40 32.36 76.76
C ARG BB 43 -32.85 33.19 77.90
N PRO BB 44 -33.70 33.90 78.66
CA PRO BB 44 -33.17 34.72 79.76
C PRO BB 44 -32.46 33.92 80.83
N ASP BB 45 -32.92 32.71 81.13
CA ASP BB 45 -32.25 31.89 82.14
C ASP BB 45 -30.85 31.49 81.70
N LYS BB 46 -30.69 31.05 80.46
CA LYS BB 46 -29.37 30.69 79.96
C LYS BB 46 -28.48 31.92 79.85
N ALA BB 47 -29.04 33.05 79.44
CA ALA BB 47 -28.26 34.27 79.31
C ALA BB 47 -27.70 34.70 80.66
N ARG BB 48 -28.55 34.73 81.69
CA ARG BB 48 -28.05 35.12 83.00
C ARG BB 48 -27.15 34.06 83.61
N ARG BB 49 -27.34 32.79 83.24
CA ARG BB 49 -26.38 31.76 83.63
C ARG BB 49 -25.02 32.04 83.04
N LEU BB 50 -24.96 32.52 81.80
CA LEU BB 50 -23.71 32.83 81.13
C LEU BB 50 -23.18 34.20 81.45
N GLY BB 51 -23.93 35.00 82.21
CA GLY BB 51 -23.40 36.25 82.75
C GLY BB 51 -24.18 37.48 82.40
N TYR BB 52 -25.26 37.36 81.64
CA TYR BB 52 -26.06 38.52 81.26
C TYR BB 52 -26.84 39.05 82.46
N LYS BB 53 -27.01 40.37 82.50
CA LYS BB 53 -27.83 41.02 83.51
C LYS BB 53 -28.75 42.00 82.83
N ALA BB 54 -30.01 42.05 83.26
CA ALA BB 54 -30.98 42.96 82.67
C ALA BB 54 -30.69 44.37 83.16
N LYS BB 55 -29.72 45.01 82.50
CA LYS BB 55 -29.40 46.39 82.79
C LYS BB 55 -28.79 47.01 81.54
N GLN BB 56 -28.72 48.33 81.54
CA GLN BB 56 -28.20 49.05 80.39
C GLN BB 56 -26.72 48.74 80.18
N GLY BB 57 -26.33 48.59 78.93
CA GLY BB 57 -24.99 48.19 78.57
C GLY BB 57 -24.87 46.75 78.13
N TYR BB 58 -25.86 45.92 78.41
CA TYR BB 58 -25.90 44.54 77.96
C TYR BB 58 -26.79 44.48 76.72
N VAL BB 59 -26.26 43.98 75.61
CA VAL BB 59 -27.05 43.84 74.40
C VAL BB 59 -26.91 42.40 73.91
N ILE BB 60 -27.86 41.99 73.07
CA ILE BB 60 -27.91 40.63 72.54
C ILE BB 60 -27.95 40.69 71.03
N TYR BB 61 -27.07 39.92 70.39
CA TYR BB 61 -27.02 39.85 68.94
C TYR BB 61 -27.23 38.43 68.49
N ARG BB 62 -28.19 38.22 67.59
CA ARG BB 62 -28.43 36.91 67.01
C ARG BB 62 -27.59 36.75 65.76
N ILE BB 63 -26.86 35.64 65.69
CA ILE BB 63 -25.95 35.34 64.58
C ILE BB 63 -26.37 34.03 63.94
N ARG BB 64 -26.35 34.02 62.62
CA ARG BB 64 -26.64 32.82 61.84
C ARG BB 64 -25.39 32.39 61.10
N VAL BB 65 -24.97 31.15 61.30
CA VAL BB 65 -23.78 30.63 60.64
C VAL BB 65 -24.17 29.42 59.81
N ARG BB 66 -23.34 29.13 58.81
CA ARG BB 66 -23.58 27.99 57.92
C ARG BB 66 -22.94 26.74 58.49
N ARG BB 67 -23.68 25.64 58.45
CA ARG BB 67 -23.27 24.39 59.04
C ARG BB 67 -22.30 23.66 58.14
N GLY BB 68 -21.71 22.60 58.68
CA GLY BB 68 -20.85 21.73 57.91
C GLY BB 68 -19.38 21.99 58.18
N GLY BB 69 -18.56 21.26 57.43
CA GLY BB 69 -17.12 21.33 57.57
C GLY BB 69 -16.53 22.48 56.80
N ARG BB 70 -15.21 22.44 56.67
CA ARG BB 70 -14.45 23.51 56.04
C ARG BB 70 -13.80 22.94 54.78
N LYS BB 71 -14.37 23.26 53.62
CA LYS BB 71 -13.75 22.87 52.36
C LYS BB 71 -12.48 23.67 52.15
N ARG BB 72 -11.43 22.98 51.72
CA ARG BB 72 -10.17 23.67 51.48
C ARG BB 72 -10.32 24.62 50.30
N PRO BB 73 -10.01 25.90 50.48
CA PRO BB 73 -10.22 26.89 49.42
C PRO BB 73 -9.10 26.92 48.40
N VAL BB 74 -9.07 25.90 47.56
CA VAL BB 74 -8.04 25.79 46.52
C VAL BB 74 -8.73 25.68 45.16
N PRO BB 75 -8.15 26.23 44.10
CA PRO BB 75 -8.81 26.15 42.79
C PRO BB 75 -8.84 24.73 42.26
N LYS BB 76 -10.04 24.27 41.91
CA LYS BB 76 -10.27 22.97 41.30
C LYS BB 76 -9.81 21.82 42.18
N GLY BB 77 -9.76 22.05 43.50
CA GLY BB 77 -9.35 21.01 44.41
C GLY BB 77 -7.90 20.62 44.32
N ALA BB 78 -7.07 21.40 43.64
CA ALA BB 78 -5.66 21.06 43.45
C ALA BB 78 -4.86 21.63 44.62
N THR BB 79 -4.43 20.74 45.52
CA THR BB 79 -3.54 21.09 46.62
C THR BB 79 -2.20 20.48 46.26
N TYR BB 80 -1.41 21.21 45.48
CA TYR BB 80 -0.19 20.68 44.89
C TYR BB 80 0.80 20.26 45.97
N GLY BB 81 1.06 18.97 46.09
CA GLY BB 81 1.95 18.49 47.11
C GLY BB 81 1.83 16.99 47.26
N LYS BB 82 2.31 16.49 48.39
CA LYS BB 82 2.29 15.08 48.65
C LYS BB 82 0.85 14.60 48.87
N PRO BB 83 0.57 13.33 48.61
CA PRO BB 83 -0.81 12.84 48.69
C PRO BB 83 -1.44 12.98 50.06
N VAL BB 84 -0.65 13.09 51.13
CA VAL BB 84 -1.21 13.25 52.46
C VAL BB 84 -1.96 14.57 52.59
N HIS BB 85 -1.67 15.54 51.73
CA HIS BB 85 -2.30 16.85 51.78
C HIS BB 85 -3.30 17.06 50.64
N HIS BB 86 -3.68 16.00 49.93
CA HIS BB 86 -4.62 16.15 48.83
C HIS BB 86 -6.05 16.34 49.29
N GLY BB 87 -6.32 16.22 50.57
CA GLY BB 87 -7.67 16.35 51.08
C GLY BB 87 -8.28 17.70 50.82
N VAL BB 88 -9.48 17.72 50.26
CA VAL BB 88 -10.24 18.94 50.03
C VAL BB 88 -11.56 18.92 50.79
N ASN BB 89 -12.29 17.82 50.67
CA ASN BB 89 -13.52 17.62 51.42
C ASN BB 89 -13.24 16.79 52.66
N GLN BB 90 -14.25 16.66 53.52
CA GLN BB 90 -14.16 15.99 54.81
C GLN BB 90 -13.13 16.63 55.73
N LEU BB 91 -12.76 17.89 55.48
CA LEU BB 91 -11.86 18.63 56.35
C LEU BB 91 -12.68 19.46 57.32
N LYS BB 92 -12.15 19.62 58.54
CA LYS BB 92 -12.90 20.24 59.62
C LYS BB 92 -12.11 21.42 60.20
N PHE BB 93 -12.82 22.52 60.40
CA PHE BB 93 -12.25 23.70 61.02
C PHE BB 93 -11.96 23.43 62.49
N ALA BB 94 -10.88 24.02 62.99
CA ALA BB 94 -10.44 23.75 64.35
C ALA BB 94 -11.31 24.41 65.41
N ARG BB 95 -12.11 25.40 65.04
CA ARG BB 95 -12.95 26.11 65.98
C ARG BB 95 -14.42 25.86 65.68
N SER BB 96 -15.25 25.97 66.71
CA SER BB 96 -16.64 25.60 66.57
C SER BB 96 -17.43 26.72 65.91
N LEU BB 97 -18.61 26.33 65.41
CA LEU BB 97 -19.51 27.31 64.80
C LEU BB 97 -19.96 28.35 65.81
N GLN BB 98 -20.04 27.99 67.09
CA GLN BB 98 -20.35 28.97 68.12
C GLN BB 98 -19.24 30.01 68.23
N SER BB 99 -17.98 29.57 68.15
CA SER BB 99 -16.86 30.51 68.14
C SER BB 99 -16.93 31.41 66.93
N VAL BB 100 -17.30 30.86 65.77
CA VAL BB 100 -17.41 31.67 64.57
C VAL BB 100 -18.50 32.72 64.74
N ALA BB 101 -19.63 32.34 65.33
CA ALA BB 101 -20.71 33.31 65.55
C ALA BB 101 -20.28 34.42 66.48
N GLU BB 102 -19.59 34.06 67.57
CA GLU BB 102 -19.09 35.09 68.48
C GLU BB 102 -18.09 36.01 67.79
N GLU BB 103 -17.23 35.44 66.96
CA GLU BB 103 -16.25 36.24 66.23
C GLU BB 103 -16.93 37.22 65.28
N ARG BB 104 -17.97 36.78 64.59
CA ARG BB 104 -18.66 37.69 63.67
C ARG BB 104 -19.41 38.78 64.41
N ALA BB 105 -20.03 38.44 65.55
CA ALA BB 105 -20.67 39.46 66.36
C ALA BB 105 -19.67 40.50 66.84
N GLY BB 106 -18.51 40.06 67.31
CA GLY BB 106 -17.51 41.01 67.77
C GLY BB 106 -16.93 41.86 66.66
N ARG BB 107 -16.69 41.25 65.49
CA ARG BB 107 -16.16 42.00 64.37
C ARG BB 107 -17.13 43.06 63.90
N HIS BB 108 -18.43 42.77 63.90
CA HIS BB 108 -19.39 43.82 63.59
C HIS BB 108 -19.40 44.89 64.68
N CYS BB 109 -19.58 44.49 65.93
CA CYS BB 109 -19.64 45.43 67.04
C CYS BB 109 -18.29 45.51 67.73
N GLY BB 110 -17.30 45.96 66.96
CA GLY BB 110 -15.95 46.16 67.46
C GLY BB 110 -15.84 47.10 68.64
N ALA BB 111 -16.85 47.95 68.87
CA ALA BB 111 -16.84 48.81 70.04
C ALA BB 111 -17.31 48.10 71.30
N LEU BB 112 -17.88 46.90 71.18
CA LEU BB 112 -18.42 46.18 72.33
C LEU BB 112 -17.51 45.03 72.71
N ARG BB 113 -17.84 44.37 73.81
CA ARG BB 113 -17.07 43.25 74.31
C ARG BB 113 -17.95 42.01 74.35
N VAL BB 114 -17.54 40.96 73.64
CA VAL BB 114 -18.26 39.69 73.68
C VAL BB 114 -18.06 39.05 75.05
N LEU BB 115 -19.15 38.67 75.69
CA LEU BB 115 -19.08 37.99 76.98
C LEU BB 115 -19.25 36.48 76.84
N ASN BB 116 -20.36 36.05 76.26
CA ASN BB 116 -20.64 34.64 76.03
C ASN BB 116 -21.69 34.53 74.94
N SER BB 117 -22.17 33.32 74.71
CA SER BB 117 -23.20 33.08 73.70
C SER BB 117 -23.84 31.74 73.98
N TYR BB 118 -24.98 31.51 73.34
CA TYR BB 118 -25.70 30.26 73.53
C TYR BB 118 -26.47 29.88 72.27
N TRP BB 119 -26.77 28.59 72.17
CA TRP BB 119 -27.50 28.01 71.06
C TRP BB 119 -28.98 28.34 71.17
N VAL BB 120 -29.59 28.78 70.07
CA VAL BB 120 -31.01 29.10 70.08
C VAL BB 120 -31.79 28.36 69.00
N GLY BB 121 -31.16 27.51 68.23
CA GLY BB 121 -31.87 26.77 67.20
C GLY BB 121 -30.94 26.46 66.05
N GLU BB 122 -31.28 25.42 65.31
CA GLU BB 122 -30.48 25.02 64.16
C GLU BB 122 -31.38 24.51 63.05
N ASP BB 123 -30.87 24.65 61.83
CA ASP BB 123 -31.46 24.14 60.60
C ASP BB 123 -30.57 23.03 60.07
N SER BB 124 -30.90 22.53 58.88
CA SER BB 124 -29.96 21.66 58.20
C SER BB 124 -28.79 22.45 57.62
N THR BB 125 -29.02 23.73 57.31
CA THR BB 125 -28.01 24.56 56.70
C THR BB 125 -27.61 25.76 57.55
N TYR BB 126 -28.25 25.98 58.70
CA TYR BB 126 -27.90 27.11 59.55
C TYR BB 126 -27.90 26.69 61.01
N LYS BB 127 -27.03 27.35 61.77
CA LYS BB 127 -27.05 27.29 63.23
C LYS BB 127 -27.21 28.71 63.74
N PHE BB 128 -28.05 28.87 64.76
CA PHE BB 128 -28.39 30.18 65.28
C PHE BB 128 -27.90 30.29 66.72
N PHE BB 129 -27.15 31.34 66.99
CA PHE BB 129 -26.62 31.61 68.31
C PHE BB 129 -27.00 33.02 68.73
N GLU BB 130 -27.04 33.25 70.03
CA GLU BB 130 -27.27 34.57 70.56
C GLU BB 130 -26.08 34.93 71.44
N VAL BB 131 -25.47 36.08 71.15
CA VAL BB 131 -24.23 36.50 71.77
C VAL BB 131 -24.53 37.68 72.69
N ILE BB 132 -24.00 37.60 73.91
CA ILE BB 132 -24.10 38.68 74.88
C ILE BB 132 -22.93 39.63 74.65
N LEU BB 133 -23.23 40.90 74.47
CA LEU BB 133 -22.23 41.93 74.29
C LEU BB 133 -22.39 42.94 75.42
N ILE BB 134 -21.28 43.57 75.79
CA ILE BB 134 -21.28 44.59 76.82
C ILE BB 134 -20.68 45.87 76.26
N ASP BB 135 -21.33 47.00 76.51
CA ASP BB 135 -20.72 48.28 76.20
C ASP BB 135 -19.78 48.64 77.34
N PRO BB 136 -18.46 48.66 77.10
CA PRO BB 136 -17.53 48.90 78.20
C PRO BB 136 -17.43 50.35 78.63
N PHE BB 137 -18.13 51.25 77.95
CA PHE BB 137 -18.07 52.67 78.28
C PHE BB 137 -19.38 53.20 78.82
N HIS BB 138 -20.39 52.36 78.96
CA HIS BB 138 -21.61 52.77 79.65
C HIS BB 138 -21.32 52.86 81.13
N LYS BB 139 -21.98 53.83 81.79
CA LYS BB 139 -21.68 54.06 83.20
C LYS BB 139 -22.20 52.94 84.09
N ALA BB 140 -23.26 52.26 83.68
CA ALA BB 140 -23.74 51.12 84.46
C ALA BB 140 -22.68 50.02 84.52
N ILE BB 141 -22.02 49.76 83.41
CA ILE BB 141 -20.92 48.81 83.40
C ILE BB 141 -19.71 49.38 84.12
N ARG BB 142 -19.46 50.67 83.93
CA ARG BB 142 -18.20 51.28 84.33
C ARG BB 142 -18.11 51.54 85.82
N ARG BB 143 -19.23 51.86 86.46
CA ARG BB 143 -19.27 52.14 87.89
C ARG BB 143 -19.55 50.91 88.73
N ASN BB 144 -19.70 49.75 88.11
CA ASN BB 144 -20.01 48.54 88.85
C ASN BB 144 -18.75 47.70 89.00
N PRO BB 145 -18.24 47.50 90.21
CA PRO BB 145 -17.24 46.46 90.41
C PRO BB 145 -17.86 45.11 90.20
N ASP BB 146 -17.01 44.10 89.98
CA ASP BB 146 -17.37 42.77 89.50
C ASP BB 146 -17.88 42.81 88.07
N THR BB 147 -17.86 43.98 87.44
CA THR BB 147 -18.09 44.14 86.02
C THR BB 147 -17.00 44.96 85.35
N GLN BB 148 -16.19 45.69 86.12
CA GLN BB 148 -15.15 46.54 85.57
C GLN BB 148 -14.06 45.77 84.86
N TRP BB 149 -13.96 44.45 85.08
CA TRP BB 149 -12.90 43.67 84.48
C TRP BB 149 -13.00 43.67 82.96
N ILE BB 150 -14.22 43.62 82.42
CA ILE BB 150 -14.41 43.61 80.98
C ILE BB 150 -14.02 44.93 80.35
N THR BB 151 -13.93 46.00 81.14
CA THR BB 151 -13.56 47.30 80.61
C THR BB 151 -12.06 47.50 80.50
N LYS BB 152 -11.25 46.60 81.05
CA LYS BB 152 -9.81 46.71 80.93
C LYS BB 152 -9.39 46.52 79.47
N PRO BB 153 -8.33 47.21 79.04
CA PRO BB 153 -7.90 47.07 77.64
C PRO BB 153 -7.43 45.68 77.28
N VAL BB 154 -7.04 44.87 78.25
CA VAL BB 154 -6.60 43.51 77.96
C VAL BB 154 -7.74 42.60 77.53
N HIS BB 155 -8.99 43.05 77.69
CA HIS BB 155 -10.15 42.21 77.42
C HIS BB 155 -10.87 42.59 76.15
N LYS BB 156 -10.23 43.34 75.25
CA LYS BB 156 -10.89 43.67 74.00
C LYS BB 156 -10.69 42.54 72.99
N HIS BB 157 -11.77 42.18 72.31
CA HIS BB 157 -11.78 41.11 71.31
C HIS BB 157 -11.32 39.79 71.91
N ARG BB 158 -11.99 39.39 73.00
CA ARG BB 158 -11.73 38.07 73.57
C ARG BB 158 -12.09 36.97 72.60
N GLU BB 159 -13.15 37.16 71.83
CA GLU BB 159 -13.60 36.16 70.88
C GLU BB 159 -12.61 35.93 69.76
N MET BB 160 -11.73 36.89 69.49
CA MET BB 160 -10.73 36.74 68.44
C MET BB 160 -9.41 36.19 68.96
N ARG BB 161 -9.25 36.12 70.28
CA ARG BB 161 -8.11 35.48 70.90
C ARG BB 161 -8.50 34.21 71.63
N GLY BB 162 -9.75 33.77 71.49
CA GLY BB 162 -10.19 32.52 72.08
C GLY BB 162 -10.28 32.56 73.60
N LEU BB 163 -10.77 33.66 74.16
CA LEU BB 163 -10.86 33.79 75.60
C LEU BB 163 -12.26 33.59 76.14
N THR BB 164 -13.28 33.63 75.29
CA THR BB 164 -14.62 33.26 75.70
C THR BB 164 -14.70 31.75 75.87
N SER BB 165 -15.83 31.28 76.38
CA SER BB 165 -15.98 29.84 76.62
C SER BB 165 -15.96 29.05 75.32
N ALA BB 166 -16.71 29.52 74.32
CA ALA BB 166 -16.79 28.81 73.06
C ALA BB 166 -15.44 28.77 72.36
N GLY BB 167 -14.73 29.90 72.31
CA GLY BB 167 -13.42 29.93 71.70
C GLY BB 167 -12.36 29.22 72.50
N ARG BB 168 -12.55 29.13 73.81
CA ARG BB 168 -11.59 28.45 74.66
C ARG BB 168 -11.71 26.94 74.56
N LYS BB 169 -12.92 26.44 74.29
CA LYS BB 169 -13.12 24.99 74.21
C LYS BB 169 -12.27 24.34 73.14
N SER BB 170 -11.80 25.08 72.14
CA SER BB 170 -11.05 24.48 71.04
C SER BB 170 -9.54 24.55 71.22
N ARG BB 171 -9.05 25.11 72.31
CA ARG BB 171 -7.62 25.27 72.51
C ARG BB 171 -6.97 24.12 73.27
N GLY BB 172 -7.75 23.14 73.72
CA GLY BB 172 -7.17 22.03 74.41
C GLY BB 172 -6.67 22.32 75.80
N LEU BB 173 -7.13 23.40 76.42
CA LEU BB 173 -6.77 23.68 77.79
C LEU BB 173 -7.49 22.72 78.73
N GLY BB 174 -6.94 22.58 79.93
CA GLY BB 174 -7.53 21.73 80.93
C GLY BB 174 -6.46 21.23 81.87
N LYS BB 175 -6.91 20.48 82.87
CA LYS BB 175 -6.03 19.95 83.89
C LYS BB 175 -5.95 18.44 83.77
N GLY BB 176 -4.75 17.91 83.81
CA GLY BB 176 -4.56 16.49 83.97
C GLY BB 176 -3.95 15.83 82.74
N HIS BB 177 -4.03 14.51 82.74
CA HIS BB 177 -3.30 13.72 81.78
C HIS BB 177 -3.86 13.80 80.37
N LYS BB 178 -5.08 14.30 80.21
CA LYS BB 178 -5.66 14.38 78.88
C LYS BB 178 -5.23 15.63 78.14
N PHE BB 179 -4.65 16.60 78.84
CA PHE BB 179 -4.37 17.93 78.27
C PHE BB 179 -2.91 18.30 78.47
N HIS BB 180 -2.01 17.36 78.18
CA HIS BB 180 -0.59 17.64 78.25
C HIS BB 180 -0.12 18.49 77.09
N HIS BB 181 -0.93 18.67 76.06
CA HIS BB 181 -0.54 19.44 74.89
C HIS BB 181 -0.32 20.89 75.21
N THR BB 182 -0.93 21.39 76.28
CA THR BB 182 -1.05 22.82 76.53
C THR BB 182 -0.48 23.22 77.88
N ILE BB 183 0.53 22.50 78.37
CA ILE BB 183 1.19 22.89 79.60
C ILE BB 183 2.08 24.08 79.32
N GLY BB 184 1.78 25.21 79.93
CA GLY BB 184 2.42 26.47 79.63
C GLY BB 184 1.48 27.56 79.20
N GLY BB 185 0.20 27.23 78.99
CA GLY BB 185 -0.81 28.21 78.62
C GLY BB 185 -1.46 27.95 77.28
N SER BB 186 -0.75 27.31 76.36
CA SER BB 186 -1.27 27.06 75.03
C SER BB 186 -0.39 26.03 74.34
N ARG BB 187 -0.85 25.57 73.19
CA ARG BB 187 -0.06 24.64 72.40
C ARG BB 187 1.23 25.27 71.93
N ARG BB 188 1.19 26.52 71.49
CA ARG BB 188 2.40 27.20 71.06
C ARG BB 188 3.36 27.38 72.23
N ALA BB 189 2.84 27.71 73.41
CA ALA BB 189 3.69 27.85 74.58
C ALA BB 189 4.37 26.54 74.93
N ALA BB 190 3.61 25.45 74.96
CA ALA BB 190 4.18 24.15 75.27
C ALA BB 190 5.19 23.73 74.22
N TRP BB 191 4.89 23.96 72.94
CA TRP BB 191 5.80 23.58 71.87
C TRP BB 191 7.10 24.37 71.94
N ARG BB 192 7.01 25.68 72.21
CA ARG BB 192 8.22 26.48 72.34
C ARG BB 192 9.06 26.02 73.51
N ARG BB 193 8.42 25.74 74.64
CA ARG BB 193 9.18 25.28 75.80
C ARG BB 193 9.84 23.93 75.53
N ARG BB 194 9.12 23.02 74.87
CA ARG BB 194 9.63 21.69 74.64
C ARG BB 194 10.63 21.62 73.49
N ASN BB 195 10.66 22.62 72.62
CA ASN BB 195 11.55 22.61 71.48
C ASN BB 195 12.63 23.68 71.55
N THR BB 196 12.69 24.45 72.63
CA THR BB 196 13.75 25.40 72.85
C THR BB 196 14.94 24.68 73.49
N LEU BB 197 16.12 24.88 72.92
CA LEU BB 197 17.35 24.30 73.44
C LEU BB 197 17.92 25.23 74.49
N GLN BB 198 17.96 24.77 75.75
CA GLN BB 198 18.51 25.56 76.83
C GLN BB 198 20.02 25.37 76.87
N LEU BB 199 20.75 26.40 76.51
CA LEU BB 199 22.21 26.38 76.51
C LEU BB 199 22.66 27.27 77.66
N HIS BB 200 22.98 26.65 78.80
CA HIS BB 200 23.33 27.41 79.99
C HIS BB 200 24.69 28.08 79.81
N ARG BB 201 25.12 28.79 80.85
CA ARG BB 201 26.46 29.35 80.78
C ARG BB 201 27.51 28.28 81.02
N TYR BB 202 27.23 27.34 81.92
CA TYR BB 202 28.12 26.25 82.23
C TYR BB 202 27.46 24.95 81.78
N ARG BB 203 28.02 24.32 80.75
CA ARG BB 203 27.46 23.08 80.25
C ARG BB 203 28.32 21.91 80.68
N GLU CB 1 99.14 22.47 19.36
CA GLU CB 1 100.29 23.35 19.45
C GLU CB 1 99.88 24.80 19.15
N VAL CB 2 100.86 25.64 18.79
CA VAL CB 2 100.63 27.06 18.57
C VAL CB 2 100.48 27.39 17.10
N GLN CB 3 101.28 26.75 16.24
CA GLN CB 3 101.24 27.03 14.83
C GLN CB 3 99.95 26.51 14.20
N VAL CB 4 99.69 26.94 12.97
CA VAL CB 4 98.53 26.49 12.21
C VAL CB 4 98.87 25.17 11.54
N LEU CB 5 98.08 24.14 11.84
CA LEU CB 5 98.30 22.80 11.29
C LEU CB 5 97.71 22.73 9.89
N VAL CB 6 98.55 22.63 8.88
CA VAL CB 6 98.11 22.58 7.50
C VAL CB 6 98.20 21.15 7.01
N LEU CB 7 97.04 20.59 6.67
CA LEU CB 7 96.93 19.22 6.20
C LEU CB 7 96.60 19.19 4.72
N ASP CB 8 97.14 18.21 4.03
CA ASP CB 8 96.86 17.97 2.63
C ASP CB 8 95.73 16.95 2.52
N GLY CB 9 94.66 17.32 1.84
CA GLY CB 9 93.53 16.43 1.76
C GLY CB 9 93.68 15.27 0.80
N ARG CB 10 94.71 15.28 -0.05
CA ARG CB 10 94.87 14.22 -1.02
C ARG CB 10 95.20 12.90 -0.35
N GLY CB 11 94.51 11.84 -0.76
CA GLY CB 11 94.76 10.51 -0.26
C GLY CB 11 94.14 10.20 1.08
N HIS CB 12 93.38 11.13 1.65
CA HIS CB 12 92.79 10.95 2.96
C HIS CB 12 91.34 10.50 2.84
N LEU CB 13 90.89 9.73 3.81
CA LEU CB 13 89.50 9.32 3.87
C LEU CB 13 88.68 10.36 4.61
N LEU CB 14 87.48 10.62 4.10
CA LEU CB 14 86.73 11.81 4.48
C LEU CB 14 86.37 11.78 5.96
N GLY CB 15 85.74 10.71 6.43
CA GLY CB 15 85.30 10.65 7.81
C GLY CB 15 86.43 10.55 8.81
N ARG CB 16 87.47 9.77 8.49
CA ARG CB 16 88.61 9.68 9.39
C ARG CB 16 89.30 11.03 9.55
N LEU CB 17 89.56 11.70 8.42
CA LEU CB 17 90.16 13.02 8.46
C LEU CB 17 89.29 14.01 9.20
N ALA CB 18 87.98 13.94 8.98
CA ALA CB 18 87.07 14.87 9.65
C ALA CB 18 87.05 14.64 11.15
N ALA CB 19 87.09 13.38 11.60
CA ALA CB 19 87.12 13.14 13.05
C ALA CB 19 88.39 13.67 13.67
N ILE CB 20 89.53 13.44 13.02
CA ILE CB 20 90.79 13.97 13.56
C ILE CB 20 90.75 15.49 13.62
N VAL CB 21 90.28 16.13 12.55
CA VAL CB 21 90.24 17.58 12.48
C VAL CB 21 89.28 18.15 13.52
N ALA CB 22 88.13 17.51 13.71
CA ALA CB 22 87.17 17.97 14.69
C ALA CB 22 87.76 17.94 16.10
N LYS CB 23 88.44 16.85 16.45
CA LYS CB 23 89.08 16.83 17.76
C LYS CB 23 90.16 17.90 17.88
N GLN CB 24 90.94 18.11 16.82
CA GLN CB 24 91.99 19.12 16.87
C GLN CB 24 91.43 20.52 17.09
N VAL CB 25 90.41 20.89 16.32
CA VAL CB 25 89.85 22.24 16.48
C VAL CB 25 89.09 22.38 17.78
N LEU CB 26 88.56 21.30 18.34
CA LEU CB 26 87.97 21.40 19.67
C LEU CB 26 89.02 21.56 20.75
N LEU CB 27 90.23 21.07 20.52
CA LEU CB 27 91.33 21.27 21.44
C LEU CB 27 92.01 22.62 21.28
N GLY CB 28 91.33 23.59 20.65
CA GLY CB 28 91.85 24.94 20.54
C GLY CB 28 92.85 25.16 19.44
N ARG CB 29 93.12 24.16 18.61
CA ARG CB 29 94.12 24.28 17.57
C ARG CB 29 93.49 24.80 16.29
N LYS CB 30 94.29 25.49 15.48
CA LYS CB 30 93.85 26.03 14.21
C LYS CB 30 94.31 25.14 13.08
N VAL CB 31 93.38 24.70 12.24
CA VAL CB 31 93.63 23.70 11.22
C VAL CB 31 93.21 24.26 9.87
N VAL CB 32 94.05 24.04 8.87
CA VAL CB 32 93.75 24.40 7.49
C VAL CB 32 93.90 23.16 6.63
N VAL CB 33 92.83 22.77 5.94
CA VAL CB 33 92.84 21.60 5.07
C VAL CB 33 92.84 22.10 3.63
N VAL CB 34 93.80 21.63 2.83
CA VAL CB 34 93.88 22.03 1.44
C VAL CB 34 93.69 20.79 0.56
N ARG CB 35 93.40 21.04 -0.71
CA ARG CB 35 93.11 20.01 -1.70
C ARG CB 35 91.98 19.10 -1.25
N CYS CB 36 90.84 19.71 -0.94
CA CYS CB 36 89.68 18.93 -0.56
C CYS CB 36 89.10 18.16 -1.75
N GLU CB 37 89.53 18.45 -2.97
CA GLU CB 37 89.12 17.63 -4.10
C GLU CB 37 89.89 16.33 -4.20
N GLY CB 38 91.01 16.20 -3.49
CA GLY CB 38 91.77 14.97 -3.46
C GLY CB 38 91.36 14.00 -2.39
N ILE CB 39 90.35 14.34 -1.60
CA ILE CB 39 89.89 13.47 -0.53
C ILE CB 39 89.17 12.27 -1.12
N ASN CB 40 89.40 11.09 -0.55
CA ASN CB 40 88.77 9.87 -0.99
C ASN CB 40 87.67 9.46 -0.02
N ILE CB 41 86.67 8.75 -0.54
CA ILE CB 41 85.63 8.13 0.26
C ILE CB 41 85.57 6.66 -0.10
N SER CB 42 85.56 5.80 0.90
CA SER CB 42 85.49 4.37 0.66
C SER CB 42 84.14 3.99 0.06
N GLY CB 43 84.14 2.91 -0.71
CA GLY CB 43 82.95 2.56 -1.45
C GLY CB 43 82.99 3.11 -2.86
N ASN CB 44 82.32 2.42 -3.77
CA ASN CB 44 82.46 2.78 -5.16
C ASN CB 44 81.77 4.11 -5.46
N PHE CB 45 82.13 4.68 -6.62
CA PHE CB 45 81.69 6.03 -6.93
C PHE CB 45 80.18 6.11 -7.05
N TYR CB 46 79.56 5.10 -7.65
CA TYR CB 46 78.11 5.13 -7.78
C TYR CB 46 77.44 5.08 -6.41
N ARG CB 47 77.97 4.27 -5.51
CA ARG CB 47 77.47 4.18 -4.15
C ARG CB 47 77.49 5.56 -3.48
N ASN CB 48 78.64 6.22 -3.54
CA ASN CB 48 78.78 7.52 -2.87
C ASN CB 48 77.96 8.61 -3.57
N LYS CB 49 77.84 8.53 -4.89
CA LYS CB 49 77.01 9.48 -5.61
C LYS CB 49 75.54 9.34 -5.23
N LEU CB 50 75.07 8.11 -5.08
CA LEU CB 50 73.71 7.91 -4.60
C LEU CB 50 73.53 8.47 -3.21
N LYS CB 51 74.54 8.32 -2.35
CA LYS CB 51 74.45 8.91 -1.02
C LYS CB 51 74.28 10.42 -1.10
N TYR CB 52 75.09 11.08 -1.93
CA TYR CB 52 74.96 12.53 -2.01
C TYR CB 52 73.66 12.96 -2.68
N LEU CB 53 73.17 12.18 -3.65
CA LEU CB 53 71.90 12.53 -4.27
C LEU CB 53 70.73 12.37 -3.29
N ALA CB 54 70.82 11.35 -2.43
CA ALA CB 54 69.83 11.21 -1.38
C ALA CB 54 69.88 12.39 -0.42
N PHE CB 55 71.09 12.89 -0.15
CA PHE CB 55 71.20 14.13 0.62
C PHE CB 55 70.54 15.29 -0.13
N LEU CB 56 70.76 15.38 -1.44
CA LEU CB 56 70.17 16.45 -2.24
C LEU CB 56 68.65 16.41 -2.22
N ARG CB 57 68.07 15.22 -2.10
CA ARG CB 57 66.62 15.10 -2.07
C ARG CB 57 66.02 15.64 -0.78
N LYS CB 58 66.80 15.78 0.29
CA LYS CB 58 66.27 16.26 1.57
C LYS CB 58 66.21 17.78 1.54
N ARG CB 59 65.05 18.31 1.18
CA ARG CB 59 64.81 19.74 1.23
C ARG CB 59 63.49 19.99 1.92
N MET CB 60 63.34 21.18 2.50
CA MET CB 60 62.12 21.52 3.19
C MET CB 60 60.99 21.68 2.19
N ASN CB 61 59.92 20.91 2.39
CA ASN CB 61 58.82 20.89 1.44
C ASN CB 61 58.14 22.24 1.35
N THR CB 62 58.01 22.93 2.47
CA THR CB 62 57.36 24.23 2.49
C THR CB 62 58.23 25.33 1.87
N ASN CB 63 59.51 25.36 2.21
CA ASN CB 63 60.41 26.39 1.70
C ASN CB 63 61.82 25.82 1.59
N PRO CB 64 62.22 25.39 0.40
CA PRO CB 64 63.59 24.91 0.22
C PRO CB 64 64.65 25.95 0.51
N SER CB 65 64.32 27.24 0.39
CA SER CB 65 65.26 28.27 0.77
C SER CB 65 65.56 28.23 2.26
N ARG CB 66 64.58 27.87 3.08
CA ARG CB 66 64.85 27.64 4.49
C ARG CB 66 65.53 26.31 4.72
N GLY CB 67 65.24 25.31 3.87
CA GLY CB 67 65.67 23.95 4.11
C GLY CB 67 67.17 23.74 4.12
N PRO CB 68 67.59 22.47 4.15
CA PRO CB 68 69.02 22.18 4.24
C PRO CB 68 69.77 22.74 3.05
N TYR CB 69 70.97 23.24 3.31
CA TYR CB 69 71.82 23.83 2.29
C TYR CB 69 72.81 22.78 1.83
N HIS CB 70 72.69 22.35 0.59
CA HIS CB 70 73.55 21.34 0.02
C HIS CB 70 74.71 22.05 -0.66
N PHE CB 71 75.86 22.03 -0.02
CA PHE CB 71 77.03 22.68 -0.58
C PHE CB 71 77.73 21.74 -1.54
N ARG CB 72 78.21 22.29 -2.66
CA ARG CB 72 78.69 21.48 -3.75
C ARG CB 72 80.21 21.44 -3.88
N ALA CB 73 80.93 22.43 -3.39
CA ALA CB 73 82.37 22.40 -3.48
C ALA CB 73 82.93 21.33 -2.54
N PRO CB 74 84.01 20.66 -2.92
CA PRO CB 74 84.60 19.66 -2.02
C PRO CB 74 85.03 20.22 -0.68
N SER CB 75 85.56 21.44 -0.67
CA SER CB 75 85.93 22.08 0.59
C SER CB 75 84.72 22.25 1.49
N ARG CB 76 83.61 22.70 0.92
CA ARG CB 76 82.40 22.88 1.72
C ARG CB 76 81.81 21.55 2.15
N ILE CB 77 81.93 20.50 1.33
CA ILE CB 77 81.46 19.19 1.72
C ILE CB 77 82.24 18.68 2.92
N PHE CB 78 83.57 18.80 2.87
CA PHE CB 78 84.39 18.39 4.00
C PHE CB 78 84.10 19.23 5.23
N TRP CB 79 83.87 20.53 5.03
CA TRP CB 79 83.55 21.42 6.14
C TRP CB 79 82.25 20.99 6.81
N ARG CB 80 81.25 20.61 6.02
CA ARG CB 80 80.00 20.15 6.60
C ARG CB 80 80.16 18.81 7.30
N THR CB 81 81.04 17.95 6.78
CA THR CB 81 81.33 16.69 7.46
C THR CB 81 81.96 16.95 8.83
N VAL CB 82 82.86 17.93 8.92
CA VAL CB 82 83.45 18.28 10.20
C VAL CB 82 82.42 18.91 11.12
N ARG CB 83 81.54 19.76 10.57
CA ARG CB 83 80.49 20.37 11.37
C ARG CB 83 79.56 19.32 11.94
N GLY CB 84 79.36 18.21 11.24
CA GLY CB 84 78.61 17.11 11.78
C GLY CB 84 79.25 16.42 12.94
N MET CB 85 80.56 16.57 13.12
CA MET CB 85 81.28 15.98 14.24
C MET CB 85 81.59 16.99 15.33
N LEU CB 86 81.31 18.26 15.09
CA LEU CB 86 81.42 19.28 16.13
C LEU CB 86 80.07 19.56 16.76
N PRO CB 87 80.04 20.06 17.99
CA PRO CB 87 78.77 20.57 18.57
C PRO CB 87 78.50 22.00 18.15
N HIS CB 88 78.11 22.17 16.89
CA HIS CB 88 78.09 23.47 16.24
C HIS CB 88 76.98 24.40 16.74
N LYS CB 89 76.05 23.92 17.54
CA LYS CB 89 75.00 24.77 18.04
C LYS CB 89 75.30 25.38 19.40
N THR CB 90 76.50 25.17 19.91
CA THR CB 90 76.98 25.84 21.10
C THR CB 90 78.12 26.78 20.74
N LYS CB 91 78.44 27.69 21.67
CA LYS CB 91 79.50 28.66 21.42
C LYS CB 91 80.85 27.97 21.28
N ARG CB 92 81.10 26.94 22.08
CA ARG CB 92 82.36 26.21 21.98
C ARG CB 92 82.51 25.54 20.62
N GLY CB 93 81.45 24.89 20.14
CA GLY CB 93 81.51 24.28 18.83
C GLY CB 93 81.63 25.28 17.71
N GLN CB 94 80.98 26.44 17.87
CA GLN CB 94 81.08 27.47 16.85
C GLN CB 94 82.49 28.05 16.78
N ALA CB 95 83.13 28.25 17.93
CA ALA CB 95 84.51 28.71 17.92
C ALA CB 95 85.43 27.65 17.30
N ALA CB 96 85.19 26.38 17.63
CA ALA CB 96 85.98 25.31 17.03
C ALA CB 96 85.83 25.30 15.52
N LEU CB 97 84.60 25.46 15.03
CA LEU CB 97 84.35 25.51 13.60
C LEU CB 97 84.98 26.73 12.96
N ASP CB 98 85.05 27.85 13.68
CA ASP CB 98 85.75 29.02 13.19
C ASP CB 98 87.24 28.78 13.06
N ARG CB 99 87.82 27.94 13.91
CA ARG CB 99 89.25 27.67 13.81
C ARG CB 99 89.63 26.85 12.58
N LEU CB 100 88.67 26.34 11.82
CA LEU CB 100 88.95 25.45 10.70
C LEU CB 100 88.77 26.20 9.38
N LYS CB 101 89.74 26.06 8.49
CA LYS CB 101 89.67 26.61 7.14
C LYS CB 101 89.85 25.48 6.13
N VAL CB 102 89.02 25.47 5.11
CA VAL CB 102 89.03 24.42 4.09
C VAL CB 102 89.09 25.07 2.72
N PHE CB 103 89.92 24.52 1.85
CA PHE CB 103 90.14 25.08 0.53
C PHE CB 103 90.13 23.97 -0.53
N ASP CB 104 89.67 24.33 -1.72
CA ASP CB 104 89.83 23.52 -2.90
C ASP CB 104 91.12 23.95 -3.59
N GLY CB 105 91.96 23.00 -3.93
CA GLY CB 105 93.25 23.43 -4.41
C GLY CB 105 94.07 23.95 -3.25
N ILE CB 106 95.08 24.74 -3.57
CA ILE CB 106 95.95 25.31 -2.55
C ILE CB 106 96.19 26.79 -2.81
N PRO CB 107 95.58 27.68 -2.04
CA PRO CB 107 95.75 29.12 -2.26
C PRO CB 107 97.15 29.59 -1.88
N PRO CB 108 97.50 30.81 -2.29
CA PRO CB 108 98.89 31.30 -2.13
C PRO CB 108 99.39 31.37 -0.69
N PRO CB 109 98.55 31.58 0.33
CA PRO CB 109 99.12 31.52 1.69
C PRO CB 109 99.78 30.20 2.02
N TYR CB 110 99.21 29.09 1.55
CA TYR CB 110 99.67 27.77 1.93
C TYR CB 110 100.36 27.01 0.81
N ASP CB 111 100.39 27.55 -0.41
CA ASP CB 111 101.06 26.84 -1.48
C ASP CB 111 102.58 26.84 -1.30
N LYS CB 112 103.10 27.71 -0.44
CA LYS CB 112 104.52 27.79 -0.14
C LYS CB 112 104.78 27.45 1.32
N LYS CB 113 104.11 26.42 1.83
CA LYS CB 113 104.33 25.91 3.16
C LYS CB 113 104.29 24.40 3.12
N LYS CB 114 104.85 23.77 4.16
CA LYS CB 114 104.85 22.33 4.26
C LYS CB 114 103.48 21.83 4.71
N ARG CB 115 103.06 20.71 4.12
CA ARG CB 115 101.75 20.12 4.40
C ARG CB 115 101.93 18.85 5.20
N MET CB 116 101.22 18.75 6.32
CA MET CB 116 101.23 17.53 7.11
C MET CB 116 100.32 16.48 6.47
N VAL CB 117 100.45 15.26 6.94
CA VAL CB 117 99.63 14.13 6.50
C VAL CB 117 99.19 13.38 7.76
N VAL CB 118 97.95 12.93 7.78
CA VAL CB 118 97.43 12.16 8.90
C VAL CB 118 97.38 10.69 8.50
N PRO CB 119 98.32 9.87 8.96
CA PRO CB 119 98.33 8.45 8.54
C PRO CB 119 97.08 7.70 8.93
N ALA CB 120 96.48 8.00 10.07
CA ALA CB 120 95.28 7.29 10.51
C ALA CB 120 94.08 7.55 9.61
N ALA CB 121 94.18 8.51 8.71
CA ALA CB 121 93.10 8.81 7.76
C ALA CB 121 93.49 8.52 6.33
N LEU CB 122 94.68 7.97 6.10
CA LEU CB 122 95.15 7.74 4.74
C LEU CB 122 94.51 6.49 4.15
N LYS CB 123 94.11 6.59 2.88
CA LYS CB 123 93.48 5.47 2.22
C LYS CB 123 94.43 4.29 2.07
N VAL CB 124 95.72 4.56 1.86
CA VAL CB 124 96.69 3.50 1.61
C VAL CB 124 96.81 2.57 2.81
N VAL CB 125 96.60 3.07 4.02
CA VAL CB 125 96.68 2.21 5.20
C VAL CB 125 95.30 1.83 5.74
N ARG CB 126 94.28 2.62 5.47
CA ARG CB 126 92.97 2.35 6.06
C ARG CB 126 92.06 1.52 5.18
N LEU CB 127 92.34 1.41 3.89
CA LEU CB 127 91.52 0.61 2.99
C LEU CB 127 92.33 -0.56 2.46
N LYS CB 128 91.67 -1.69 2.28
CA LYS CB 128 92.28 -2.80 1.59
C LYS CB 128 92.55 -2.40 0.14
N PRO CB 129 93.64 -2.87 -0.45
CA PRO CB 129 93.98 -2.43 -1.81
C PRO CB 129 92.94 -2.78 -2.86
N THR CB 130 92.17 -3.84 -2.63
CA THR CB 130 91.19 -4.31 -3.62
C THR CB 130 89.84 -3.62 -3.50
N ARG CB 131 89.63 -2.79 -2.51
CA ARG CB 131 88.35 -2.12 -2.34
C ARG CB 131 88.26 -0.92 -3.27
N LYS CB 132 87.04 -0.64 -3.71
CA LYS CB 132 86.78 0.55 -4.52
C LYS CB 132 86.66 1.77 -3.61
N PHE CB 133 86.92 2.93 -4.21
CA PHE CB 133 86.75 4.19 -3.50
C PHE CB 133 86.30 5.24 -4.51
N ALA CB 134 86.04 6.44 -4.00
CA ALA CB 134 85.55 7.54 -4.81
C ALA CB 134 86.35 8.78 -4.51
N TYR CB 135 86.46 9.65 -5.50
CA TYR CB 135 87.16 10.93 -5.34
C TYR CB 135 86.16 12.03 -5.05
N LEU CB 136 86.47 12.85 -4.04
CA LEU CB 136 85.58 13.94 -3.66
C LEU CB 136 85.46 14.97 -4.77
N GLY CB 137 86.54 15.22 -5.51
CA GLY CB 137 86.47 16.19 -6.59
C GLY CB 137 85.52 15.75 -7.68
N ARG CB 138 85.62 14.50 -8.12
CA ARG CB 138 84.71 13.98 -9.13
C ARG CB 138 83.28 13.94 -8.62
N LEU CB 139 83.09 13.53 -7.37
CA LEU CB 139 81.75 13.49 -6.80
C LEU CB 139 81.12 14.87 -6.76
N ALA CB 140 81.89 15.87 -6.35
CA ALA CB 140 81.41 17.23 -6.32
C ALA CB 140 81.09 17.73 -7.72
N HIS CB 141 81.97 17.44 -8.68
CA HIS CB 141 81.73 17.88 -10.05
C HIS CB 141 80.45 17.29 -10.61
N GLU CB 142 80.15 16.04 -10.28
CA GLU CB 142 78.96 15.41 -10.80
C GLU CB 142 77.71 15.70 -9.99
N VAL CB 143 77.83 16.27 -8.80
CA VAL CB 143 76.64 16.74 -8.07
C VAL CB 143 76.45 18.24 -8.15
N GLY CB 144 77.32 18.97 -8.84
CA GLY CB 144 77.02 20.35 -9.12
C GLY CB 144 78.14 21.36 -9.01
N TRP CB 145 79.33 20.91 -8.62
CA TRP CB 145 80.48 21.82 -8.54
C TRP CB 145 80.83 22.33 -9.93
N LYS CB 146 81.20 23.61 -9.99
CA LYS CB 146 81.41 24.28 -11.26
C LYS CB 146 82.87 24.60 -11.55
N TYR CB 147 83.77 24.34 -10.63
CA TYR CB 147 85.15 24.80 -10.74
C TYR CB 147 86.14 23.66 -10.68
N GLN CB 148 85.80 22.53 -11.28
CA GLN CB 148 86.76 21.43 -11.34
C GLN CB 148 87.86 21.71 -12.34
N ALA CB 149 87.52 22.30 -13.49
CA ALA CB 149 88.50 22.50 -14.55
C ALA CB 149 89.49 23.60 -14.19
N VAL CB 150 89.00 24.73 -13.68
CA VAL CB 150 89.90 25.83 -13.35
C VAL CB 150 90.80 25.46 -12.18
N THR CB 151 90.27 24.71 -11.22
CA THR CB 151 91.10 24.21 -10.13
C THR CB 151 92.18 23.27 -10.65
N ALA CB 152 91.84 22.45 -11.64
CA ALA CB 152 92.83 21.58 -12.24
C ALA CB 152 93.95 22.37 -12.92
N THR CB 153 93.59 23.40 -13.69
CA THR CB 153 94.61 24.19 -14.36
C THR CB 153 95.50 24.92 -13.35
N LEU CB 154 94.89 25.49 -12.32
CA LEU CB 154 95.67 26.20 -11.32
C LEU CB 154 96.55 25.25 -10.53
N GLU CB 155 96.07 24.04 -10.28
CA GLU CB 155 96.88 23.03 -9.61
C GLU CB 155 98.07 22.64 -10.47
N GLU CB 156 97.87 22.51 -11.78
CA GLU CB 156 99.00 22.19 -12.65
C GLU CB 156 100.04 23.30 -12.66
N LYS CB 157 99.58 24.56 -12.69
CA LYS CB 157 100.51 25.69 -12.59
C LYS CB 157 101.30 25.64 -11.28
N ARG CB 158 100.60 25.42 -10.17
CA ARG CB 158 101.26 25.35 -8.87
C ARG CB 158 102.26 24.20 -8.82
N LYS CB 159 101.92 23.07 -9.43
CA LYS CB 159 102.83 21.95 -9.47
C LYS CB 159 104.08 22.25 -10.27
N GLU CB 160 103.95 22.98 -11.38
CA GLU CB 160 105.14 23.37 -12.13
C GLU CB 160 106.05 24.28 -11.30
N LYS CB 161 105.46 25.27 -10.62
CA LYS CB 161 106.27 26.14 -9.78
C LYS CB 161 106.93 25.37 -8.65
N ALA CB 162 106.22 24.42 -8.04
CA ALA CB 162 106.81 23.61 -6.99
C ALA CB 162 107.93 22.72 -7.51
N LYS CB 163 107.80 22.22 -8.74
CA LYS CB 163 108.89 21.45 -9.33
C LYS CB 163 110.14 22.30 -9.49
N ILE CB 164 109.97 23.55 -9.93
CA ILE CB 164 111.13 24.45 -10.05
C ILE CB 164 111.78 24.66 -8.69
N HIS CB 165 110.95 24.91 -7.67
CA HIS CB 165 111.48 25.11 -6.32
C HIS CB 165 112.22 23.88 -5.82
N TYR CB 166 111.67 22.70 -6.09
CA TYR CB 166 112.30 21.46 -5.65
C TYR CB 166 113.63 21.23 -6.36
N ARG CB 167 113.71 21.57 -7.64
CA ARG CB 167 114.98 21.42 -8.34
C ARG CB 167 116.03 22.36 -7.77
N LYS CB 168 115.64 23.59 -7.41
CA LYS CB 168 116.58 24.47 -6.72
C LYS CB 168 117.00 23.88 -5.37
N LYS CB 169 116.05 23.30 -4.63
CA LYS CB 169 116.37 22.72 -3.33
C LYS CB 169 117.34 21.55 -3.47
N LYS CB 170 117.13 20.71 -4.47
CA LYS CB 170 118.03 19.59 -4.72
C LYS CB 170 119.41 20.07 -5.12
N GLN CB 171 119.48 21.14 -5.92
CA GLN CB 171 120.78 21.72 -6.26
C GLN CB 171 121.50 22.21 -5.01
N LEU CB 172 120.77 22.88 -4.11
CA LEU CB 172 121.39 23.35 -2.87
C LEU CB 172 121.85 22.18 -2.00
N MET CB 173 121.07 21.10 -1.96
CA MET CB 173 121.48 19.94 -1.17
C MET CB 173 122.73 19.29 -1.74
N ARG CB 174 122.81 19.18 -3.06
CA ARG CB 174 124.03 18.66 -3.69
C ARG CB 174 125.22 19.54 -3.37
N LEU CB 175 125.03 20.86 -3.43
CA LEU CB 175 126.11 21.78 -3.13
C LEU CB 175 126.54 21.69 -1.67
N ARG CB 176 125.59 21.48 -0.77
CA ARG CB 176 125.93 21.33 0.65
C ARG CB 176 126.68 20.03 0.91
N LYS CB 177 126.28 18.95 0.23
CA LYS CB 177 127.04 17.70 0.35
C LYS CB 177 128.46 17.88 -0.15
N GLN CB 178 128.61 18.61 -1.26
CA GLN CB 178 129.96 18.89 -1.77
C GLN CB 178 130.75 19.72 -0.78
N ALA CB 179 130.11 20.69 -0.14
CA ALA CB 179 130.81 21.51 0.86
C ALA CB 179 131.26 20.67 2.04
N GLU CB 180 130.40 19.76 2.52
CA GLU CB 180 130.79 18.89 3.62
C GLU CB 180 131.96 18.00 3.22
N LYS CB 181 131.97 17.52 1.98
CA LYS CB 181 133.12 16.76 1.51
C LYS CB 181 134.36 17.63 1.45
N ASN CB 182 134.22 18.89 1.05
CA ASN CB 182 135.36 19.78 0.91
C ASN CB 182 136.01 20.08 2.25
N VAL CB 183 135.23 20.50 3.23
CA VAL CB 183 135.77 20.75 4.57
C VAL CB 183 135.56 19.47 5.37
N GLU CB 184 136.61 18.67 5.47
CA GLU CB 184 136.55 17.43 6.21
C GLU CB 184 137.49 17.44 7.41
N LYS CB 185 138.75 17.83 7.20
CA LYS CB 185 139.68 17.96 8.31
C LYS CB 185 139.28 19.10 9.24
N LYS CB 186 138.53 20.07 8.73
CA LYS CB 186 138.09 21.21 9.51
C LYS CB 186 136.74 20.99 10.17
N ILE CB 187 136.11 19.84 9.95
CA ILE CB 187 134.78 19.54 10.45
C ILE CB 187 134.80 18.30 11.34
N ASP CB 188 135.74 17.39 11.09
CA ASP CB 188 135.70 16.07 11.72
C ASP CB 188 135.82 16.15 13.24
N LYS CB 189 136.31 17.26 13.78
CA LYS CB 189 136.36 17.42 15.23
C LYS CB 189 134.96 17.46 15.82
N TYR CB 190 134.03 18.12 15.14
CA TYR CB 190 132.64 18.19 15.58
C TYR CB 190 131.78 17.07 15.02
N THR CB 191 132.15 16.52 13.88
CA THR CB 191 131.41 15.38 13.33
C THR CB 191 131.50 14.18 14.26
N GLU CB 192 132.66 13.95 14.85
CA GLU CB 192 132.78 12.84 15.80
C GLU CB 192 131.98 13.12 17.07
N VAL CB 193 131.87 14.40 17.47
CA VAL CB 193 131.04 14.75 18.61
C VAL CB 193 129.59 14.38 18.33
N LEU CB 194 129.10 14.73 17.14
CA LEU CB 194 127.74 14.37 16.78
C LEU CB 194 127.57 12.86 16.69
N LYS CB 195 128.57 12.17 16.13
CA LYS CB 195 128.47 10.73 15.95
C LYS CB 195 128.40 10.00 17.28
N THR CB 196 129.21 10.42 18.26
CA THR CB 196 129.20 9.73 19.56
C THR CB 196 127.88 9.90 20.28
N HIS CB 197 127.09 10.91 19.95
CA HIS CB 197 125.81 11.15 20.60
C HIS CB 197 124.64 10.82 19.68
N GLY CB 198 124.90 10.27 18.50
CA GLY CB 198 123.86 9.64 17.71
C GLY CB 198 123.28 10.46 16.60
N LEU CB 199 123.34 11.78 16.73
CA LEU CB 199 123.04 12.63 15.59
C LEU CB 199 124.06 12.35 14.50
N LEU CB 200 123.60 12.30 13.26
CA LEU CB 200 124.49 12.18 12.11
C LEU CB 200 125.34 10.90 12.20
N VAL CB 201 124.66 9.77 12.03
CA VAL CB 201 125.28 8.44 11.90
C VAL CB 201 126.60 8.50 11.15
N VAL DB 1 59.51 72.08 42.34
CA VAL DB 1 58.84 70.80 42.45
C VAL DB 1 59.84 69.71 42.07
N ARG DB 2 59.53 68.47 42.42
CA ARG DB 2 60.45 67.34 42.24
C ARG DB 2 60.53 66.99 40.75
N TYR DB 3 61.61 67.39 40.10
CA TYR DB 3 61.93 66.87 38.79
C TYR DB 3 62.77 65.62 38.95
N SER DB 4 62.67 64.71 37.99
CA SER DB 4 63.68 63.67 37.88
C SER DB 4 64.89 64.26 37.15
N LEU DB 5 66.07 63.80 37.52
CA LEU DB 5 67.32 64.29 36.95
C LEU DB 5 67.47 65.80 37.16
N ASP DB 6 67.67 66.17 38.42
CA ASP DB 6 67.99 67.54 38.73
C ASP DB 6 69.27 67.97 38.01
N PRO DB 7 69.36 69.21 37.55
CA PRO DB 7 70.54 69.63 36.79
C PRO DB 7 71.79 69.63 37.65
N GLU DB 8 72.93 69.42 36.99
CA GLU DB 8 74.21 69.37 37.68
C GLU DB 8 74.58 70.72 38.28
N ASN DB 9 74.11 71.81 37.67
CA ASN DB 9 74.37 73.16 38.16
C ASN DB 9 73.16 74.06 37.91
N PRO DB 10 72.30 74.21 38.89
CA PRO DB 10 71.03 74.94 38.71
C PRO DB 10 71.19 76.47 38.73
N THR DB 11 72.18 76.96 37.98
CA THR DB 11 72.38 78.39 37.81
C THR DB 11 72.47 78.67 36.32
N LYS DB 12 72.92 77.66 35.57
CA LYS DB 12 72.91 77.68 34.11
C LYS DB 12 71.80 76.80 33.56
N SER DB 13 70.69 76.67 34.28
CA SER DB 13 69.61 75.77 33.91
C SER DB 13 68.28 76.49 34.04
N CYS DB 14 67.32 76.07 33.23
CA CYS DB 14 65.94 76.51 33.35
C CYS DB 14 65.04 75.29 33.19
N LYS DB 15 63.85 75.36 33.78
CA LYS DB 15 62.96 74.22 33.80
C LYS DB 15 61.59 74.60 33.28
N SER DB 16 60.91 73.62 32.70
CA SER DB 16 59.53 73.79 32.29
C SER DB 16 58.77 72.50 32.58
N ARG DB 17 57.47 72.65 32.85
CA ARG DB 17 56.66 71.54 33.32
C ARG DB 17 55.23 71.74 32.85
N GLY DB 18 54.55 70.64 32.59
CA GLY DB 18 53.12 70.67 32.31
C GLY DB 18 52.50 69.37 32.77
N SER DB 19 51.27 69.46 33.26
CA SER DB 19 50.58 68.32 33.84
C SER DB 19 49.22 68.14 33.18
N ASN DB 20 48.83 66.87 33.00
CA ASN DB 20 47.52 66.50 32.49
C ASN DB 20 47.22 67.14 31.15
N LEU DB 21 48.23 67.18 30.28
CA LEU DB 21 48.08 67.79 28.97
C LEU DB 21 47.38 66.84 28.01
N ARG DB 22 46.40 67.35 27.28
CA ARG DB 22 45.55 66.53 26.42
C ARG DB 22 46.21 66.28 25.06
N VAL DB 23 47.35 65.59 25.11
CA VAL DB 23 47.99 65.05 23.91
C VAL DB 23 48.28 63.59 24.14
N HIS DB 24 48.45 62.87 23.04
CA HIS DB 24 48.68 61.44 23.13
C HIS DB 24 50.07 61.15 23.65
N PHE DB 25 50.13 60.26 24.65
CA PHE DB 25 51.39 59.99 25.33
C PHE DB 25 52.42 59.40 24.39
N LYS DB 26 52.01 58.47 23.52
CA LYS DB 26 52.97 57.81 22.65
C LYS DB 26 53.56 58.77 21.64
N ASN DB 27 52.71 59.57 21.00
CA ASN DB 27 53.19 60.56 20.04
C ASN DB 27 54.10 61.57 20.72
N THR DB 28 53.73 62.01 21.92
CA THR DB 28 54.54 62.99 22.63
C THR DB 28 55.88 62.40 23.08
N ARG DB 29 55.89 61.13 23.48
CA ARG DB 29 57.13 60.48 23.84
C ARG DB 29 58.07 60.39 22.66
N GLU DB 30 57.55 60.03 21.49
CA GLU DB 30 58.40 59.99 20.31
C GLU DB 30 58.93 61.36 19.95
N THR DB 31 58.09 62.39 20.03
CA THR DB 31 58.52 63.74 19.71
C THR DB 31 59.59 64.23 20.69
N ALA DB 32 59.42 63.91 21.97
CA ALA DB 32 60.40 64.29 22.97
C ALA DB 32 61.73 63.60 22.74
N GLN DB 33 61.69 62.31 22.42
CA GLN DB 33 62.94 61.61 22.12
C GLN DB 33 63.61 62.18 20.88
N ALA DB 34 62.82 62.66 19.93
CA ALA DB 34 63.41 63.28 18.74
C ALA DB 34 64.10 64.58 19.07
N ILE DB 35 63.45 65.46 19.85
CA ILE DB 35 64.05 66.76 20.14
C ILE DB 35 65.02 66.74 21.30
N LYS DB 36 65.21 65.59 21.95
CA LYS DB 36 66.12 65.53 23.09
C LYS DB 36 67.55 65.76 22.65
N GLY DB 37 68.26 66.61 23.40
CA GLY DB 37 69.65 66.92 23.10
C GLY DB 37 69.84 68.02 22.09
N MET DB 38 68.77 68.52 21.49
CA MET DB 38 68.90 69.56 20.48
C MET DB 38 69.19 70.90 21.11
N HIS DB 39 69.78 71.79 20.32
CA HIS DB 39 69.77 73.21 20.66
C HIS DB 39 68.34 73.71 20.66
N ILE DB 40 68.09 74.81 21.38
CA ILE DB 40 66.72 75.29 21.49
C ILE DB 40 66.25 75.86 20.15
N ARG DB 41 67.11 76.56 19.44
CA ARG DB 41 66.75 77.07 18.12
C ARG DB 41 66.51 75.93 17.13
N LYS DB 42 67.38 74.92 17.16
CA LYS DB 42 67.19 73.75 16.31
C LYS DB 42 65.90 73.03 16.63
N ALA DB 43 65.58 72.89 17.92
CA ALA DB 43 64.35 72.22 18.33
C ALA DB 43 63.13 73.01 17.89
N THR DB 44 63.17 74.33 18.00
CA THR DB 44 62.05 75.14 17.54
C THR DB 44 61.83 74.99 16.04
N LYS DB 45 62.93 75.06 15.27
CA LYS DB 45 62.81 74.90 13.82
C LYS DB 45 62.31 73.52 13.46
N TYR DB 46 62.78 72.50 14.17
CA TYR DB 46 62.39 71.13 13.85
C TYR DB 46 60.92 70.88 14.20
N LEU DB 47 60.45 71.42 15.32
CA LEU DB 47 59.04 71.27 15.66
C LEU DB 47 58.15 72.01 14.68
N LYS DB 48 58.56 73.20 14.24
CA LYS DB 48 57.78 73.87 13.21
C LYS DB 48 57.79 73.09 11.90
N ASP DB 49 58.92 72.47 11.55
CA ASP DB 49 58.96 71.65 10.36
C ASP DB 49 58.08 70.42 10.49
N VAL DB 50 58.01 69.84 11.68
CA VAL DB 50 57.13 68.70 11.91
C VAL DB 50 55.68 69.12 11.74
N THR DB 51 55.34 70.32 12.22
CA THR DB 51 54.00 70.86 12.00
C THR DB 51 53.72 71.06 10.52
N LEU DB 52 54.71 71.53 9.76
CA LEU DB 52 54.54 71.77 8.34
C LEU DB 52 54.77 70.54 7.49
N GLN DB 53 55.06 69.39 8.11
CA GLN DB 53 55.32 68.12 7.42
C GLN DB 53 56.53 68.21 6.50
N LYS DB 54 57.56 68.93 6.94
CA LYS DB 54 58.83 68.97 6.23
C LYS DB 54 59.91 68.12 6.89
N GLN DB 55 59.80 67.85 8.18
CA GLN DB 55 60.62 66.89 8.88
C GLN DB 55 59.68 66.03 9.72
N CYS DB 56 60.10 64.80 9.98
CA CYS DB 56 59.24 63.86 10.70
C CYS DB 56 59.84 63.52 12.06
N VAL DB 57 59.03 62.97 12.94
CA VAL DB 57 59.58 62.33 14.13
C VAL DB 57 59.59 60.85 13.84
N PRO DB 58 60.67 60.14 14.17
CA PRO DB 58 60.68 58.68 13.97
C PRO DB 58 59.99 57.99 15.13
N PHE DB 59 59.07 57.10 14.81
CA PHE DB 59 58.36 56.32 15.82
C PHE DB 59 59.16 55.05 16.05
N ARG DB 60 59.86 54.98 17.18
CA ARG DB 60 60.78 53.90 17.44
C ARG DB 60 60.22 52.82 18.36
N ARG DB 61 59.58 53.20 19.45
CA ARG DB 61 59.02 52.21 20.37
C ARG DB 61 57.54 51.97 20.13
N TYR DB 62 56.76 53.02 20.00
CA TYR DB 62 55.32 52.89 19.77
C TYR DB 62 55.04 53.03 18.28
N ASN DB 63 55.44 52.01 17.52
CA ASN DB 63 55.38 52.06 16.08
C ASN DB 63 54.50 50.97 15.48
N GLY DB 64 53.59 50.39 16.27
CA GLY DB 64 52.73 49.35 15.73
C GLY DB 64 51.72 49.90 14.76
N GLY DB 65 51.90 49.59 13.48
CA GLY DB 65 51.03 50.08 12.44
C GLY DB 65 51.40 51.42 11.86
N VAL DB 66 52.42 52.09 12.42
CA VAL DB 66 52.85 53.37 11.88
C VAL DB 66 53.47 53.16 10.50
N GLY DB 67 53.06 53.97 9.55
CA GLY DB 67 53.52 53.83 8.19
C GLY DB 67 54.92 54.36 7.99
N ARG DB 68 55.43 54.12 6.80
CA ARG DB 68 56.77 54.53 6.41
C ARG DB 68 56.74 55.91 5.77
N CYS DB 69 57.91 56.53 5.72
CA CYS DB 69 58.02 57.83 5.07
C CYS DB 69 59.46 58.02 4.62
N ALA DB 70 59.65 58.94 3.69
CA ALA DB 70 60.98 59.22 3.17
C ALA DB 70 61.80 60.05 4.14
N GLN DB 71 61.15 60.91 4.92
CA GLN DB 71 61.86 61.76 5.86
C GLN DB 71 62.40 60.98 7.05
N ALA DB 72 61.99 59.73 7.24
CA ALA DB 72 62.51 58.94 8.35
C ALA DB 72 63.95 58.50 8.12
N LYS DB 73 64.50 58.70 6.93
CA LYS DB 73 65.86 58.26 6.64
C LYS DB 73 66.93 59.16 7.23
N GLN DB 74 66.61 60.42 7.50
CA GLN DB 74 67.56 61.28 8.21
C GLN DB 74 67.84 60.74 9.59
N TRP DB 75 66.80 60.30 10.27
CA TRP DB 75 66.93 59.46 11.44
C TRP DB 75 67.34 58.08 10.95
N GLY DB 76 68.00 57.31 11.80
CA GLY DB 76 68.45 56.03 11.29
C GLY DB 76 67.34 55.01 11.28
N TRP DB 77 66.23 55.29 10.60
CA TRP DB 77 65.01 54.56 10.92
C TRP DB 77 64.11 54.56 9.68
N THR DB 78 62.94 53.96 9.80
CA THR DB 78 62.08 53.75 8.64
C THR DB 78 60.68 54.33 8.83
N GLN DB 79 60.15 54.30 10.05
CA GLN DB 79 58.78 54.71 10.33
C GLN DB 79 58.76 56.08 10.98
N GLY DB 80 58.03 57.02 10.38
CA GLY DB 80 57.93 58.34 10.94
C GLY DB 80 56.56 58.92 10.74
N ARG DB 81 56.25 59.94 11.55
CA ARG DB 81 54.98 60.63 11.46
C ARG DB 81 55.17 62.10 11.79
N TRP DB 82 54.07 62.83 11.85
CA TRP DB 82 54.09 64.28 12.05
C TRP DB 82 53.07 64.68 13.09
N PRO DB 83 53.29 64.35 14.37
CA PRO DB 83 52.27 64.64 15.38
C PRO DB 83 52.15 66.13 15.62
N LYS DB 84 51.11 66.72 15.04
CA LYS DB 84 50.97 68.17 15.08
C LYS DB 84 50.66 68.65 16.49
N LYS DB 85 49.78 67.96 17.20
CA LYS DB 85 49.42 68.39 18.55
C LYS DB 85 50.61 68.25 19.50
N SER DB 86 51.36 67.16 19.40
CA SER DB 86 52.54 67.00 20.23
C SER DB 86 53.58 68.07 19.92
N ALA DB 87 53.77 68.38 18.64
CA ALA DB 87 54.71 69.43 18.28
C ALA DB 87 54.28 70.78 18.83
N GLU DB 88 52.98 71.08 18.77
CA GLU DB 88 52.49 72.36 19.30
C GLU DB 88 52.68 72.44 20.82
N PHE DB 89 52.36 71.36 21.53
CA PHE DB 89 52.52 71.36 22.97
C PHE DB 89 53.97 71.51 23.37
N LEU DB 90 54.87 70.82 22.66
CA LEU DB 90 56.28 70.96 22.97
C LEU DB 90 56.81 72.33 22.60
N LEU DB 91 56.28 72.95 21.55
CA LEU DB 91 56.66 74.33 21.24
C LEU DB 91 56.24 75.29 22.34
N HIS DB 92 55.03 75.11 22.87
CA HIS DB 92 54.58 75.97 23.95
C HIS DB 92 55.43 75.78 25.20
N MET DB 93 55.77 74.53 25.52
CA MET DB 93 56.62 74.29 26.68
C MET DB 93 58.03 74.84 26.45
N LEU DB 94 58.52 74.81 25.22
CA LEU DB 94 59.82 75.41 24.92
C LEU DB 94 59.79 76.92 25.09
N LYS DB 95 58.70 77.56 24.66
CA LYS DB 95 58.58 78.99 24.87
C LYS DB 95 58.51 79.33 26.36
N ASN DB 96 57.81 78.51 27.14
CA ASN DB 96 57.78 78.73 28.58
C ASN DB 96 59.17 78.58 29.19
N ALA DB 97 59.92 77.57 28.76
CA ALA DB 97 61.28 77.38 29.28
C ALA DB 97 62.18 78.54 28.89
N GLU DB 98 62.04 79.04 27.67
CA GLU DB 98 62.84 80.18 27.25
C GLU DB 98 62.51 81.42 28.07
N SER DB 99 61.23 81.63 28.37
CA SER DB 99 60.86 82.75 29.22
C SER DB 99 61.43 82.60 30.62
N ASN DB 100 61.42 81.38 31.17
CA ASN DB 100 62.03 81.16 32.46
C ASN DB 100 63.53 81.43 32.43
N ALA DB 101 64.19 81.04 31.35
CA ALA DB 101 65.62 81.33 31.21
C ALA DB 101 65.87 82.82 31.17
N GLU DB 102 65.04 83.56 30.46
CA GLU DB 102 65.19 85.01 30.41
C GLU DB 102 64.99 85.62 31.79
N LEU DB 103 64.01 85.11 32.54
CA LEU DB 103 63.79 85.61 33.90
C LEU DB 103 64.99 85.32 34.78
N LYS DB 104 65.59 84.13 34.66
CA LYS DB 104 66.77 83.80 35.44
C LYS DB 104 67.99 84.58 34.99
N GLY DB 105 67.99 85.11 33.76
CA GLY DB 105 69.06 85.97 33.32
C GLY DB 105 70.16 85.31 32.52
N LEU DB 106 69.96 84.07 32.10
CA LEU DB 106 70.94 83.37 31.28
C LEU DB 106 70.50 83.40 29.83
N ASP DB 107 71.44 83.64 28.92
CA ASP DB 107 71.08 83.91 27.53
C ASP DB 107 70.56 82.65 26.85
N VAL DB 108 69.55 82.83 25.99
CA VAL DB 108 68.82 81.72 25.43
C VAL DB 108 69.44 81.17 24.16
N ASP DB 109 70.43 81.85 23.59
CA ASP DB 109 71.03 81.41 22.35
C ASP DB 109 72.00 80.25 22.56
N SER DB 110 72.22 79.81 23.79
CA SER DB 110 73.10 78.70 24.09
C SER DB 110 72.38 77.56 24.79
N LEU DB 111 71.06 77.65 24.92
CA LEU DB 111 70.31 76.63 25.63
C LEU DB 111 70.22 75.34 24.82
N VAL DB 112 70.37 74.22 25.51
CA VAL DB 112 70.30 72.89 24.91
C VAL DB 112 69.38 72.05 25.77
N ILE DB 113 68.52 71.27 25.15
CA ILE DB 113 67.57 70.44 25.90
C ILE DB 113 68.32 69.25 26.47
N GLU DB 114 68.76 69.35 27.73
CA GLU DB 114 69.48 68.21 28.29
C GLU DB 114 68.54 67.16 28.86
N HIS DB 115 67.38 67.56 29.37
CA HIS DB 115 66.46 66.61 29.94
C HIS DB 115 65.07 66.85 29.38
N ILE DB 116 64.41 65.78 28.97
CA ILE DB 116 63.00 65.85 28.60
C ILE DB 116 62.38 64.51 28.97
N GLN DB 117 61.17 64.57 29.52
CA GLN DB 117 60.53 63.37 30.01
C GLN DB 117 59.03 63.49 29.90
N VAL DB 118 58.40 62.45 29.38
CA VAL DB 118 56.95 62.38 29.21
C VAL DB 118 56.44 61.21 30.05
N ASN DB 119 55.59 61.52 31.02
CA ASN DB 119 54.98 60.54 31.92
C ASN DB 119 53.51 60.41 31.58
N LYS DB 120 52.94 59.24 31.86
CA LYS DB 120 51.52 59.06 31.68
C LYS DB 120 50.74 59.77 32.77
N ALA DB 121 49.63 60.39 32.41
CA ALA DB 121 48.74 61.07 33.32
C ALA DB 121 47.52 60.21 33.59
N PRO DB 122 46.73 60.52 34.62
CA PRO DB 122 45.49 59.77 34.83
C PRO DB 122 44.58 59.84 33.63
N LYS DB 123 43.96 58.71 33.29
CA LYS DB 123 43.18 58.61 32.08
C LYS DB 123 41.79 59.19 32.28
N MET DB 124 41.34 59.97 31.30
CA MET DB 124 40.00 60.52 31.31
C MET DB 124 39.05 59.55 30.63
N ARG DB 125 37.89 59.34 31.23
CA ARG DB 125 36.98 58.29 30.82
C ARG DB 125 35.89 58.86 29.92
N ARG DB 126 35.69 58.23 28.77
CA ARG DB 126 34.53 58.48 27.94
C ARG DB 126 33.94 57.15 27.50
N ARG DB 127 32.85 57.19 26.75
CA ARG DB 127 32.03 56.02 26.50
C ARG DB 127 31.91 55.77 25.01
N THR DB 128 31.87 54.49 24.62
CA THR DB 128 31.54 54.15 23.25
C THR DB 128 30.55 52.99 23.25
N TYR DB 129 29.72 52.96 22.22
CA TYR DB 129 28.57 52.06 22.14
C TYR DB 129 28.81 51.04 21.04
N ARG DB 130 28.63 49.76 21.38
CA ARG DB 130 29.00 48.67 20.51
C ARG DB 130 27.78 47.82 20.14
N ALA DB 131 28.05 46.70 19.47
CA ALA DB 131 27.04 46.07 18.62
C ALA DB 131 25.83 45.60 19.40
N HIS DB 132 26.04 44.85 20.48
CA HIS DB 132 24.89 44.13 21.01
C HIS DB 132 24.47 44.68 22.36
N GLY DB 133 24.36 46.00 22.45
CA GLY DB 133 24.00 46.63 23.69
C GLY DB 133 25.15 46.73 24.66
N ARG DB 134 26.37 46.85 24.17
CA ARG DB 134 27.55 46.86 25.01
C ARG DB 134 28.16 48.24 25.08
N ILE DB 135 28.83 48.49 26.19
CA ILE DB 135 29.53 49.74 26.47
C ILE DB 135 31.00 49.44 26.60
N ASN DB 136 31.84 50.19 25.90
CA ASN DB 136 33.27 50.03 26.07
C ASN DB 136 33.94 51.37 26.35
N PRO DB 137 35.11 51.33 26.99
CA PRO DB 137 35.83 52.57 27.29
C PRO DB 137 36.26 53.29 26.03
N TYR DB 138 36.38 54.61 26.16
CA TYR DB 138 36.90 55.45 25.09
C TYR DB 138 37.89 56.43 25.71
N MET DB 139 38.83 55.89 26.46
CA MET DB 139 39.66 56.66 27.37
C MET DB 139 40.67 57.53 26.62
N SER DB 140 41.00 58.65 27.22
CA SER DB 140 42.11 59.49 26.79
C SER DB 140 43.38 59.07 27.51
N SER DB 141 44.52 59.42 26.94
CA SER DB 141 45.83 59.09 27.50
C SER DB 141 46.67 60.34 27.58
N PRO DB 142 46.39 61.23 28.53
CA PRO DB 142 47.16 62.47 28.63
C PRO DB 142 48.53 62.24 29.22
N CYS DB 143 49.37 63.28 29.24
CA CYS DB 143 50.73 63.08 29.71
C CYS DB 143 51.20 64.31 30.47
N HIS DB 144 52.04 64.06 31.47
CA HIS DB 144 52.86 65.08 32.08
C HIS DB 144 54.16 65.20 31.29
N ILE DB 145 54.63 66.42 31.10
CA ILE DB 145 55.90 66.65 30.41
C ILE DB 145 56.76 67.53 31.29
N GLU DB 146 58.04 67.20 31.35
CA GLU DB 146 59.00 68.05 32.05
C GLU DB 146 60.25 68.17 31.20
N MET DB 147 60.92 69.31 31.31
CA MET DB 147 62.14 69.50 30.55
C MET DB 147 63.07 70.46 31.29
N ILE DB 148 64.36 70.18 31.17
CA ILE DB 148 65.41 70.99 31.72
C ILE DB 148 66.38 71.34 30.61
N LEU DB 149 66.62 72.64 30.44
CA LEU DB 149 67.56 73.16 29.45
C LEU DB 149 68.78 73.69 30.16
N THR DB 150 69.95 73.53 29.55
CA THR DB 150 71.19 74.04 30.09
C THR DB 150 71.94 74.84 29.03
N GLU DB 151 72.94 75.58 29.50
CA GLU DB 151 73.82 76.33 28.62
C GLU DB 151 75.09 75.53 28.37
N LYS DB 152 75.46 75.38 27.10
CA LYS DB 152 76.73 74.74 26.78
C LYS DB 152 77.14 75.14 25.38
N GLU DB 153 78.24 75.89 25.28
CA GLU DB 153 78.86 76.20 23.99
C GLU DB 153 80.37 76.11 24.10
N GLY EB 1 72.48 0.56 49.23
CA GLY EB 1 71.18 0.27 49.79
C GLY EB 1 71.22 -0.93 50.72
N VAL EB 2 70.44 -0.86 51.80
CA VAL EB 2 70.38 -1.92 52.80
C VAL EB 2 68.96 -2.46 52.83
N ASP EB 3 68.83 -3.78 52.90
CA ASP EB 3 67.54 -4.46 52.85
C ASP EB 3 67.01 -4.65 54.27
N ILE EB 4 66.45 -3.59 54.82
CA ILE EB 4 65.84 -3.61 56.14
C ILE EB 4 64.51 -2.87 56.08
N ARG EB 5 63.72 -3.02 57.15
CA ARG EB 5 62.46 -2.33 57.31
C ARG EB 5 62.55 -1.39 58.50
N HIS EB 6 62.05 -0.17 58.32
CA HIS EB 6 62.19 0.88 59.32
C HIS EB 6 60.90 1.17 60.06
N ASN EB 7 59.88 0.33 59.92
CA ASN EB 7 58.59 0.62 60.54
C ASN EB 7 58.54 0.24 62.00
N LYS EB 8 59.51 -0.51 62.50
CA LYS EB 8 59.59 -0.85 63.92
C LYS EB 8 60.83 -0.28 64.58
N ASP EB 9 61.52 0.66 63.92
CA ASP EB 9 62.77 1.19 64.47
C ASP EB 9 62.52 1.93 65.77
N ARG EB 10 61.51 2.79 65.80
CA ARG EB 10 61.24 3.62 66.96
C ARG EB 10 60.34 2.85 67.92
N LYS EB 11 60.85 2.57 69.12
CA LYS EB 11 60.09 1.84 70.11
C LYS EB 11 59.17 2.78 70.87
N VAL EB 12 57.89 2.45 70.90
CA VAL EB 12 56.88 3.29 71.53
C VAL EB 12 56.85 2.94 73.01
N ARG EB 13 57.36 3.84 73.84
CA ARG EB 13 57.40 3.64 75.28
C ARG EB 13 57.60 4.99 75.95
N ARG EB 14 57.17 5.08 77.19
CA ARG EB 14 57.34 6.29 77.97
C ARG EB 14 58.78 6.41 78.45
N LYS EB 15 59.43 7.51 78.11
CA LYS EB 15 60.75 7.81 78.64
C LYS EB 15 60.71 8.88 79.71
N GLU EB 16 59.53 9.44 79.97
CA GLU EB 16 59.31 10.45 80.98
C GLU EB 16 57.82 10.56 81.22
N PRO EB 17 57.39 11.05 82.38
CA PRO EB 17 55.97 11.28 82.58
C PRO EB 17 55.47 12.39 81.68
N LYS EB 18 54.21 12.26 81.24
CA LYS EB 18 53.60 13.33 80.48
C LYS EB 18 53.09 14.45 81.37
N SER EB 19 53.01 14.23 82.68
CA SER EB 19 52.53 15.23 83.60
C SER EB 19 53.58 16.31 83.81
N GLN EB 20 53.12 17.48 84.22
CA GLN EB 20 54.00 18.57 84.64
C GLN EB 20 54.06 18.70 86.15
N ASP EB 21 53.53 17.72 86.88
CA ASP EB 21 53.56 17.68 88.33
C ASP EB 21 54.99 17.72 88.83
N ILE EB 22 55.39 18.81 89.48
CA ILE EB 22 56.79 19.02 89.81
C ILE EB 22 57.24 18.06 90.91
N TYR EB 23 56.35 17.69 91.83
CA TYR EB 23 56.73 16.71 92.84
C TYR EB 23 56.94 15.33 92.22
N LEU EB 24 56.08 14.95 91.27
CA LEU EB 24 56.28 13.70 90.57
C LEU EB 24 57.58 13.74 89.77
N ARG EB 25 57.88 14.86 89.14
CA ARG EB 25 59.14 14.98 88.41
C ARG EB 25 60.34 14.92 89.34
N LEU EB 26 60.24 15.48 90.54
CA LEU EB 26 61.35 15.41 91.49
C LEU EB 26 61.60 13.97 91.92
N LEU EB 27 60.56 13.24 92.28
CA LEU EB 27 60.83 11.86 92.66
C LEU EB 27 61.15 10.99 91.45
N VAL EB 28 60.76 11.39 90.25
CA VAL EB 28 61.25 10.73 89.05
C VAL EB 28 62.75 10.94 88.88
N LYS EB 29 63.23 12.16 89.17
CA LYS EB 29 64.67 12.39 89.18
C LYS EB 29 65.37 11.49 90.17
N LEU EB 30 64.82 11.41 91.39
CA LEU EB 30 65.40 10.56 92.43
C LEU EB 30 65.49 9.12 91.98
N TYR EB 31 64.41 8.56 91.47
CA TYR EB 31 64.42 7.16 91.08
C TYR EB 31 65.13 6.91 89.77
N ARG EB 32 65.25 7.89 88.90
CA ARG EB 32 66.11 7.76 87.74
C ARG EB 32 67.56 7.60 88.16
N PHE EB 33 68.01 8.43 89.10
CA PHE EB 33 69.36 8.28 89.63
C PHE EB 33 69.54 6.94 90.31
N LEU EB 34 68.55 6.50 91.09
CA LEU EB 34 68.68 5.24 91.81
C LEU EB 34 68.74 4.06 90.86
N ALA EB 35 67.87 4.03 89.85
CA ALA EB 35 67.90 2.94 88.88
C ALA EB 35 69.19 2.93 88.09
N ARG EB 36 69.72 4.09 87.74
CA ARG EB 36 70.96 4.12 86.98
C ARG EB 36 72.14 3.66 87.82
N ARG EB 37 72.23 4.14 89.06
CA ARG EB 37 73.43 3.94 89.86
C ARG EB 37 73.35 2.74 90.79
N THR EB 38 72.26 1.98 90.76
CA THR EB 38 72.20 0.72 91.50
C THR EB 38 71.92 -0.42 90.52
N ASN EB 39 72.23 -1.62 90.96
CA ASN EB 39 71.92 -2.82 90.19
C ASN EB 39 70.52 -3.37 90.48
N SER EB 40 69.77 -2.71 91.37
CA SER EB 40 68.45 -3.21 91.74
C SER EB 40 67.47 -3.01 90.60
N THR EB 41 66.79 -4.09 90.22
CA THR EB 41 65.74 -4.01 89.22
C THR EB 41 64.42 -3.49 89.77
N PHE EB 42 64.26 -3.50 91.09
CA PHE EB 42 63.08 -2.89 91.69
C PHE EB 42 63.01 -1.42 91.37
N ASN EB 43 64.15 -0.73 91.41
CA ASN EB 43 64.17 0.69 91.07
C ASN EB 43 63.82 0.92 89.61
N GLN EB 44 64.25 0.04 88.72
CA GLN EB 44 63.87 0.18 87.32
C GLN EB 44 62.38 0.00 87.12
N VAL EB 45 61.78 -0.99 87.79
CA VAL EB 45 60.34 -1.19 87.70
C VAL EB 45 59.59 0.01 88.26
N VAL EB 46 60.04 0.54 89.39
CA VAL EB 46 59.39 1.70 89.99
C VAL EB 46 59.50 2.91 89.09
N LEU EB 47 60.66 3.13 88.47
CA LEU EB 47 60.82 4.26 87.56
C LEU EB 47 59.89 4.14 86.36
N LYS EB 48 59.84 2.95 85.75
CA LYS EB 48 58.98 2.81 84.59
C LYS EB 48 57.51 2.91 84.96
N ARG EB 49 57.14 2.58 86.19
CA ARG EB 49 55.75 2.80 86.63
C ARG EB 49 55.49 4.26 86.97
N LEU EB 50 56.50 5.00 87.40
CA LEU EB 50 56.33 6.44 87.59
C LEU EB 50 56.08 7.13 86.27
N PHE EB 51 56.69 6.64 85.19
CA PHE EB 51 56.40 7.22 83.88
C PHE EB 51 54.96 6.98 83.43
N MET EB 52 54.29 5.96 83.97
CA MET EB 52 53.06 5.47 83.38
C MET EB 52 51.91 6.47 83.54
N SER EB 53 50.86 6.24 82.76
CA SER EB 53 49.67 7.07 82.78
C SER EB 53 48.72 6.59 83.86
N ARG EB 54 47.67 7.38 84.11
CA ARG EB 54 46.76 7.08 85.21
C ARG EB 54 46.03 5.78 84.97
N THR EB 55 45.61 5.52 83.74
CA THR EB 55 44.93 4.26 83.45
C THR EB 55 45.86 3.07 83.62
N ASN EB 56 47.17 3.29 83.47
CA ASN EB 56 48.15 2.25 83.70
C ASN EB 56 48.64 2.23 85.14
N ARG EB 57 48.11 3.09 85.99
CA ARG EB 57 48.37 3.06 87.43
C ARG EB 57 47.03 3.00 88.14
N PRO EB 58 46.36 1.84 88.08
CA PRO EB 58 45.03 1.76 88.67
C PRO EB 58 45.11 1.84 90.19
N PRO EB 59 44.05 2.29 90.85
CA PRO EB 59 44.05 2.33 92.30
C PRO EB 59 44.07 0.92 92.90
N LEU EB 60 44.69 0.82 94.07
CA LEU EB 60 44.79 -0.44 94.79
C LEU EB 60 43.89 -0.35 96.01
N SER EB 61 42.96 -1.28 96.13
CA SER EB 61 42.05 -1.25 97.27
C SER EB 61 42.75 -1.77 98.53
N LEU EB 62 42.26 -1.31 99.67
CA LEU EB 62 42.78 -1.76 100.95
C LEU EB 62 42.58 -3.24 101.13
N SER EB 63 41.44 -3.77 100.69
CA SER EB 63 41.18 -5.20 100.80
C SER EB 63 42.20 -6.00 100.01
N ARG EB 64 42.46 -5.60 98.77
CA ARG EB 64 43.43 -6.30 97.96
C ARG EB 64 44.84 -6.21 98.56
N MET EB 65 45.20 -5.04 99.06
CA MET EB 65 46.52 -4.89 99.68
C MET EB 65 46.65 -5.77 100.91
N ILE EB 66 45.62 -5.84 101.74
CA ILE EB 66 45.66 -6.71 102.91
C ILE EB 66 45.75 -8.16 102.50
N ARG EB 67 44.99 -8.55 101.48
CA ARG EB 67 44.97 -9.94 101.04
C ARG EB 67 46.32 -10.35 100.49
N LYS EB 68 47.00 -9.46 99.75
CA LYS EB 68 48.33 -9.78 99.26
C LYS EB 68 49.39 -9.69 100.34
N MET EB 69 49.16 -8.88 101.38
CA MET EB 69 50.11 -8.80 102.48
C MET EB 69 50.04 -10.00 103.41
N LYS EB 70 48.87 -10.63 103.52
CA LYS EB 70 48.71 -11.73 104.46
C LYS EB 70 49.25 -13.05 103.93
N LEU EB 71 49.76 -13.08 102.69
CA LEU EB 71 50.34 -14.29 102.15
C LEU EB 71 51.58 -14.68 102.94
N PRO EB 72 51.90 -15.97 103.00
CA PRO EB 72 53.01 -16.42 103.85
C PRO EB 72 54.35 -15.82 103.43
N GLY EB 73 55.18 -15.51 104.41
CA GLY EB 73 56.50 -15.00 104.18
C GLY EB 73 56.59 -13.50 103.98
N ARG EB 74 55.47 -12.81 103.80
CA ARG EB 74 55.45 -11.37 103.56
C ARG EB 74 55.35 -10.58 104.84
N GLU EB 75 55.85 -11.12 105.95
CA GLU EB 75 55.82 -10.42 107.22
C GLU EB 75 56.89 -9.34 107.23
N ASN EB 76 56.56 -8.20 107.85
CA ASN EB 76 57.49 -7.09 108.04
C ASN EB 76 58.03 -6.57 106.71
N LYS EB 77 57.23 -6.63 105.65
CA LYS EB 77 57.63 -6.16 104.34
C LYS EB 77 56.83 -4.92 103.97
N THR EB 78 57.47 -3.99 103.27
CA THR EB 78 56.80 -2.77 102.88
C THR EB 78 55.98 -3.00 101.62
N ALA EB 79 54.70 -2.65 101.68
CA ALA EB 79 53.85 -2.72 100.50
C ALA EB 79 54.07 -1.47 99.65
N VAL EB 80 54.56 -1.65 98.44
CA VAL EB 80 54.87 -0.54 97.55
C VAL EB 80 53.89 -0.60 96.39
N VAL EB 81 53.10 0.45 96.23
CA VAL EB 81 52.24 0.61 95.07
C VAL EB 81 52.53 1.96 94.44
N VAL EB 82 52.74 1.97 93.13
CA VAL EB 82 52.96 3.22 92.39
C VAL EB 82 51.58 3.67 91.92
N GLY EB 83 50.86 4.31 92.82
CA GLY EB 83 49.48 4.68 92.56
C GLY EB 83 48.79 5.09 93.85
N THR EB 84 47.47 4.95 93.85
CA THR EB 84 46.63 5.38 94.94
C THR EB 84 46.13 4.19 95.74
N ILE EB 85 46.33 4.22 97.05
CA ILE EB 85 45.70 3.27 97.95
C ILE EB 85 44.32 3.77 98.29
N THR EB 86 43.33 2.91 98.12
CA THR EB 86 41.93 3.28 98.23
C THR EB 86 41.27 2.48 99.33
N ASP EB 87 40.46 3.15 100.16
CA ASP EB 87 39.74 2.48 101.21
C ASP EB 87 38.72 1.49 100.65
N ASP EB 88 38.61 0.34 101.31
CA ASP EB 88 37.58 -0.64 100.99
C ASP EB 88 36.71 -0.79 102.24
N VAL EB 89 35.48 -0.30 102.16
CA VAL EB 89 34.56 -0.38 103.29
C VAL EB 89 33.97 -1.76 103.47
N ARG EB 90 34.33 -2.71 102.61
CA ARG EB 90 33.87 -4.09 102.73
C ARG EB 90 34.69 -4.90 103.70
N VAL EB 91 35.73 -4.33 104.29
CA VAL EB 91 36.55 -5.04 105.28
C VAL EB 91 36.41 -4.34 106.62
N GLN EB 92 36.52 -5.13 107.68
CA GLN EB 92 36.40 -4.64 109.05
C GLN EB 92 37.72 -4.62 109.79
N GLU EB 93 38.53 -5.66 109.65
CA GLU EB 93 39.80 -5.76 110.33
C GLU EB 93 40.91 -5.24 109.43
N VAL EB 94 41.67 -4.27 109.92
CA VAL EB 94 42.83 -3.74 109.22
C VAL EB 94 44.05 -4.09 110.05
N PRO EB 95 44.99 -4.85 109.53
CA PRO EB 95 46.20 -5.21 110.29
C PRO EB 95 47.21 -4.08 110.27
N LYS EB 96 48.36 -4.34 110.87
CA LYS EB 96 49.44 -3.35 110.91
C LYS EB 96 50.25 -3.45 109.63
N LEU EB 97 50.08 -2.47 108.75
CA LEU EB 97 50.73 -2.47 107.44
C LEU EB 97 51.73 -1.32 107.34
N LYS EB 98 52.86 -1.59 106.71
CA LYS EB 98 53.84 -0.57 106.36
C LYS EB 98 53.77 -0.39 104.86
N VAL EB 99 53.18 0.72 104.42
CA VAL EB 99 52.91 0.90 103.00
C VAL EB 99 53.68 2.11 102.48
N CYS EB 100 53.90 2.10 101.18
CA CYS EB 100 54.45 3.26 100.47
C CYS EB 100 53.62 3.47 99.22
N ALA EB 101 52.94 4.60 99.13
CA ALA EB 101 52.02 4.85 98.04
C ALA EB 101 52.31 6.21 97.44
N LEU EB 102 51.94 6.36 96.18
CA LEU EB 102 52.05 7.66 95.54
C LEU EB 102 50.95 8.59 96.03
N ARG EB 103 49.78 8.03 96.32
CA ARG EB 103 48.68 8.74 96.97
C ARG EB 103 47.95 7.78 97.89
N VAL EB 104 47.36 8.32 98.96
CA VAL EB 104 46.50 7.54 99.84
C VAL EB 104 45.22 8.35 100.07
N THR EB 105 44.08 7.70 99.89
CA THR EB 105 42.80 8.32 100.20
C THR EB 105 42.74 8.69 101.68
N SER EB 106 42.01 9.76 102.00
CA SER EB 106 41.96 10.25 103.37
C SER EB 106 41.44 9.18 104.32
N ARG EB 107 40.35 8.50 103.97
CA ARG EB 107 39.79 7.49 104.85
C ARG EB 107 40.70 6.30 104.98
N ALA EB 108 41.30 5.86 103.87
CA ALA EB 108 42.23 4.73 103.93
C ALA EB 108 43.44 5.07 104.79
N ARG EB 109 43.93 6.30 104.68
CA ARG EB 109 45.06 6.74 105.49
C ARG EB 109 44.69 6.74 106.96
N SER EB 110 43.49 7.23 107.29
CA SER EB 110 43.06 7.24 108.69
C SER EB 110 42.95 5.81 109.22
N ARG EB 111 42.40 4.90 108.42
CA ARG EB 111 42.28 3.51 108.86
C ARG EB 111 43.63 2.86 109.06
N ILE EB 112 44.55 3.05 108.12
CA ILE EB 112 45.88 2.45 108.23
C ILE EB 112 46.59 2.98 109.47
N LEU EB 113 46.54 4.29 109.69
CA LEU EB 113 47.22 4.87 110.83
C LEU EB 113 46.57 4.47 112.14
N ARG EB 114 45.24 4.32 112.16
CA ARG EB 114 44.56 3.89 113.37
C ARG EB 114 44.87 2.44 113.71
N ALA EB 115 45.08 1.60 112.70
CA ALA EB 115 45.48 0.22 112.95
C ALA EB 115 46.96 0.08 113.32
N GLY EB 116 47.65 1.18 113.59
CA GLY EB 116 49.05 1.13 113.93
C GLY EB 116 49.99 1.02 112.77
N GLY EB 117 49.52 1.23 111.55
CA GLY EB 117 50.37 1.13 110.40
C GLY EB 117 51.18 2.38 110.15
N LYS EB 118 52.01 2.31 109.12
CA LYS EB 118 52.90 3.39 108.74
C LYS EB 118 52.74 3.65 107.25
N ILE EB 119 52.79 4.93 106.87
CA ILE EB 119 52.66 5.36 105.49
C ILE EB 119 53.92 6.10 105.10
N LEU EB 120 54.50 5.73 103.96
CA LEU EB 120 55.68 6.39 103.43
C LEU EB 120 55.38 6.97 102.05
N THR EB 121 56.07 8.07 101.74
CA THR EB 121 56.13 8.53 100.37
C THR EB 121 57.30 7.83 99.69
N PHE EB 122 57.49 8.10 98.40
CA PHE EB 122 58.54 7.39 97.69
C PHE EB 122 59.94 7.91 98.00
N ASP EB 123 60.08 9.19 98.37
CA ASP EB 123 61.37 9.65 98.86
C ASP EB 123 61.74 8.98 100.18
N GLN EB 124 60.75 8.82 101.07
CA GLN EB 124 60.99 8.10 102.32
C GLN EB 124 61.30 6.64 102.06
N LEU EB 125 60.65 6.03 101.06
CA LEU EB 125 60.99 4.66 100.70
C LEU EB 125 62.42 4.58 100.18
N ALA EB 126 62.84 5.56 99.38
CA ALA EB 126 64.20 5.57 98.89
C ALA EB 126 65.20 5.66 100.03
N LEU EB 127 64.90 6.49 101.04
CA LEU EB 127 65.79 6.57 102.20
C LEU EB 127 65.75 5.28 103.02
N ASP EB 128 64.60 4.62 103.09
CA ASP EB 128 64.47 3.40 103.88
C ASP EB 128 65.20 2.24 103.23
N SER EB 129 64.77 1.85 102.03
CA SER EB 129 65.38 0.77 101.27
C SER EB 129 65.76 1.32 99.90
N PRO EB 130 66.98 1.85 99.76
CA PRO EB 130 67.39 2.39 98.45
C PRO EB 130 67.39 1.36 97.34
N LYS EB 131 67.60 0.09 97.66
CA LYS EB 131 67.51 -0.98 96.68
C LYS EB 131 66.15 -1.65 96.67
N GLY EB 132 65.23 -1.22 97.51
CA GLY EB 132 63.92 -1.83 97.56
C GLY EB 132 63.88 -3.20 98.21
N CYS EB 133 64.86 -3.51 99.05
CA CYS EB 133 64.85 -4.77 99.75
C CYS EB 133 63.72 -4.81 100.76
N GLY EB 134 63.18 -6.02 100.98
CA GLY EB 134 62.10 -6.19 101.93
C GLY EB 134 60.80 -5.51 101.53
N THR EB 135 60.50 -5.50 100.24
CA THR EB 135 59.30 -4.86 99.74
C THR EB 135 58.49 -5.86 98.92
N VAL EB 136 57.19 -5.66 98.91
CA VAL EB 136 56.27 -6.35 98.03
C VAL EB 136 55.71 -5.31 97.08
N LEU EB 137 56.02 -5.44 95.80
CA LEU EB 137 55.59 -4.50 94.79
C LEU EB 137 54.23 -4.93 94.28
N LEU EB 138 53.19 -4.22 94.69
CA LEU EB 138 51.83 -4.56 94.31
C LEU EB 138 51.34 -3.63 93.20
N SER EB 139 50.24 -4.03 92.58
CA SER EB 139 49.61 -3.23 91.54
C SER EB 139 48.11 -3.45 91.62
N GLY EB 140 47.35 -2.40 91.36
CA GLY EB 140 45.92 -2.51 91.28
C GLY EB 140 45.53 -3.24 90.02
N PRO EB 141 44.27 -3.67 89.94
CA PRO EB 141 43.83 -4.39 88.74
C PRO EB 141 43.90 -3.53 87.50
N ARG EB 142 44.76 -3.91 86.57
CA ARG EB 142 44.95 -3.12 85.36
C ARG EB 142 43.72 -3.16 84.47
N LYS EB 143 43.06 -4.30 84.39
CA LYS EB 143 41.89 -4.46 83.54
C LYS EB 143 40.60 -4.23 84.29
N GLY EB 144 40.67 -3.71 85.51
CA GLY EB 144 39.48 -3.34 86.24
C GLY EB 144 38.92 -2.01 85.80
N ARG EB 145 38.54 -1.91 84.53
CA ARG EB 145 37.99 -0.68 83.98
C ARG EB 145 36.82 -1.04 83.09
N GLU EB 146 35.93 -0.06 82.89
CA GLU EB 146 34.72 -0.32 82.13
C GLU EB 146 35.02 -0.57 80.65
N VAL EB 147 36.08 0.04 80.12
CA VAL EB 147 36.38 -0.06 78.70
C VAL EB 147 36.70 -1.50 78.30
N TYR EB 148 37.24 -2.29 79.24
CA TYR EB 148 37.63 -3.65 78.90
C TYR EB 148 36.43 -4.56 78.75
N ARG EB 149 35.26 -4.13 79.19
CA ARG EB 149 34.04 -4.87 78.92
C ARG EB 149 33.60 -4.70 77.47
N HIS EB 150 33.83 -3.54 76.89
CA HIS EB 150 33.54 -3.33 75.48
C HIS EB 150 34.65 -3.83 74.58
N PHE EB 151 35.87 -3.91 75.07
CA PHE EB 151 36.96 -4.40 74.25
C PHE EB 151 36.81 -5.90 74.00
N GLY EB 152 37.37 -6.35 72.88
CA GLY EB 152 37.35 -7.76 72.52
C GLY EB 152 36.71 -7.96 71.16
N LYS EB 153 36.18 -9.17 70.97
CA LYS EB 153 35.45 -9.47 69.75
C LYS EB 153 34.18 -8.64 69.68
N ALA EB 154 33.71 -8.40 68.46
CA ALA EB 154 32.51 -7.62 68.27
C ALA EB 154 31.31 -8.35 68.86
N PRO EB 155 30.35 -7.61 69.43
CA PRO EB 155 29.19 -8.26 70.05
C PRO EB 155 28.37 -9.10 69.10
N GLY EB 156 28.30 -8.74 67.83
CA GLY EB 156 27.48 -9.45 66.89
C GLY EB 156 28.20 -10.60 66.21
N THR EB 157 29.09 -11.25 66.94
CA THR EB 157 29.82 -12.42 66.47
C THR EB 157 29.62 -13.57 67.44
N PRO EB 158 29.70 -14.80 66.95
CA PRO EB 158 29.51 -15.96 67.84
C PRO EB 158 30.57 -16.04 68.92
N HIS EB 159 30.13 -16.50 70.09
CA HIS EB 159 31.01 -16.75 71.25
C HIS EB 159 31.74 -15.48 71.67
N SER EB 160 31.07 -14.34 71.59
CA SER EB 160 31.58 -13.09 72.10
C SER EB 160 30.64 -12.58 73.17
N HIS EB 161 31.18 -12.26 74.34
CA HIS EB 161 30.38 -11.73 75.42
C HIS EB 161 30.85 -10.33 75.78
N THR EB 162 31.06 -9.50 74.77
CA THR EB 162 31.53 -8.13 74.98
C THR EB 162 30.36 -7.18 75.02
N LYS EB 163 30.45 -6.18 75.88
CA LYS EB 163 29.36 -5.27 76.10
C LYS EB 163 29.23 -4.31 74.92
N PRO EB 164 28.07 -4.19 74.30
CA PRO EB 164 27.89 -3.21 73.23
C PRO EB 164 27.73 -1.81 73.79
N TYR EB 165 27.93 -0.83 72.92
CA TYR EB 165 27.71 0.57 73.27
C TYR EB 165 26.25 0.89 72.98
N VAL EB 166 25.45 0.98 74.03
CA VAL EB 166 24.03 1.29 73.91
C VAL EB 166 23.74 2.47 74.82
N ARG EB 167 22.95 3.42 74.32
CA ARG EB 167 22.68 4.63 75.11
C ARG EB 167 21.85 4.32 76.34
N SER EB 168 20.87 3.44 76.23
CA SER EB 168 20.00 3.10 77.33
C SER EB 168 19.87 1.59 77.42
N LYS EB 169 19.63 1.09 78.62
CA LYS EB 169 19.47 -0.34 78.84
C LYS EB 169 18.02 -0.64 79.12
N GLY EB 170 17.42 -1.49 78.29
CA GLY EB 170 16.03 -1.85 78.45
C GLY EB 170 15.64 -2.84 77.37
N ARG EB 171 14.40 -3.31 77.44
CA ARG EB 171 13.99 -4.36 76.53
C ARG EB 171 13.81 -3.85 75.11
N LYS EB 172 13.83 -2.54 74.90
CA LYS EB 172 13.68 -1.96 73.57
C LYS EB 172 15.01 -1.64 72.90
N PHE EB 173 16.12 -1.80 73.60
CA PHE EB 173 17.41 -1.32 73.12
C PHE EB 173 18.31 -2.50 72.85
N GLU EB 174 18.36 -2.90 71.57
CA GLU EB 174 19.27 -3.91 71.06
C GLU EB 174 19.09 -5.25 71.78
N ARG EB 175 17.89 -5.81 71.60
CA ARG EB 175 17.59 -7.12 72.13
C ARG EB 175 16.84 -8.03 71.17
N ALA EB 176 16.47 -7.58 69.98
CA ALA EB 176 15.61 -8.40 69.16
C ALA EB 176 16.31 -9.26 68.12
N ARG EB 177 16.88 -8.66 67.09
CA ARG EB 177 17.30 -9.41 65.91
C ARG EB 177 18.81 -9.54 65.89
N GLY EB 178 19.29 -10.77 65.97
CA GLY EB 178 20.67 -11.03 66.27
C GLY EB 178 20.91 -11.36 67.73
N ARG EB 179 19.88 -11.32 68.56
CA ARG EB 179 20.00 -11.63 69.97
C ARG EB 179 19.16 -12.82 70.41
N ARG EB 180 18.09 -13.15 69.70
CA ARG EB 180 17.29 -14.31 70.02
C ARG EB 180 16.86 -15.00 68.75
N ALA EB 181 16.71 -16.32 68.81
CA ALA EB 181 16.37 -17.10 67.64
C ALA EB 181 14.99 -16.79 67.10
N SER EB 182 14.12 -16.22 67.93
CA SER EB 182 12.78 -15.88 67.45
C SER EB 182 12.82 -14.73 66.45
N ARG EB 183 13.77 -13.80 66.62
CA ARG EB 183 13.92 -12.68 65.70
C ARG EB 183 15.12 -12.92 64.79
N GLY EB 184 14.93 -13.78 63.81
CA GLY EB 184 15.95 -14.00 62.79
C GLY EB 184 17.04 -14.97 63.15
N TYR EB 185 17.97 -14.55 64.00
CA TYR EB 185 19.11 -15.37 64.35
C TYR EB 185 19.61 -14.93 65.72
N LYS EB 186 20.50 -15.73 66.29
CA LYS EB 186 21.00 -15.42 67.62
C LYS EB 186 22.52 -15.30 67.69
N ASN EB 187 23.25 -16.16 67.00
CA ASN EB 187 24.70 -16.40 67.15
C ASN EB 187 25.30 -16.11 68.53
N LYS FB 1 79.40 -21.71 28.36
CA LYS FB 1 80.84 -21.65 28.51
C LYS FB 1 81.42 -20.51 27.68
N ALA FB 2 82.20 -19.63 28.32
CA ALA FB 2 82.93 -18.59 27.64
C ALA FB 2 84.32 -19.13 27.30
N SER FB 3 85.28 -18.25 27.02
CA SER FB 3 86.60 -18.70 26.61
C SER FB 3 87.64 -17.68 27.06
N GLY FB 4 88.81 -17.73 26.43
CA GLY FB 4 90.02 -17.05 26.82
C GLY FB 4 91.11 -17.65 25.96
N THR FB 5 92.19 -18.14 26.57
CA THR FB 5 93.03 -19.15 25.95
C THR FB 5 92.81 -20.46 26.68
N LEU FB 6 92.41 -21.50 25.95
CA LEU FB 6 91.99 -22.73 26.59
C LEU FB 6 93.20 -23.54 27.03
N ARG FB 7 92.95 -24.48 27.93
CA ARG FB 7 93.97 -25.39 28.41
C ARG FB 7 93.32 -26.73 28.68
N GLU FB 8 94.02 -27.81 28.32
CA GLU FB 8 93.46 -29.14 28.42
C GLU FB 8 93.50 -29.64 29.85
N TYR FB 9 92.46 -30.35 30.25
CA TYR FB 9 92.36 -30.91 31.58
C TYR FB 9 92.03 -32.39 31.47
N LYS FB 10 92.72 -33.19 32.26
CA LYS FB 10 92.35 -34.58 32.48
C LYS FB 10 91.47 -34.58 33.72
N VAL FB 11 90.21 -34.96 33.54
CA VAL FB 11 89.24 -35.02 34.63
C VAL FB 11 88.81 -36.47 34.79
N VAL FB 12 89.04 -37.03 35.98
CA VAL FB 12 88.64 -38.39 36.30
C VAL FB 12 87.62 -38.32 37.41
N GLY FB 13 86.47 -38.99 37.20
CA GLY FB 13 85.42 -39.02 38.19
C GLY FB 13 84.85 -40.43 38.32
N ARG FB 14 83.91 -40.56 39.25
CA ARG FB 14 83.22 -41.84 39.45
C ARG FB 14 81.97 -41.59 40.27
N CYS FB 15 81.06 -42.56 40.23
CA CYS FB 15 79.90 -42.52 41.10
C CYS FB 15 80.32 -42.73 42.54
N LEU FB 16 79.46 -42.30 43.46
CA LEU FB 16 79.72 -42.56 44.86
C LEU FB 16 79.49 -44.04 45.16
N PRO FB 17 80.31 -44.64 46.02
CA PRO FB 17 80.09 -46.05 46.37
C PRO FB 17 78.76 -46.25 47.08
N THR FB 18 78.01 -47.25 46.61
CA THR FB 18 76.70 -47.60 47.13
C THR FB 18 76.66 -49.08 47.40
N PRO FB 19 75.77 -49.54 48.29
CA PRO FB 19 75.71 -50.97 48.57
C PRO FB 19 75.00 -51.78 47.49
N LYS FB 20 75.30 -51.46 46.23
CA LYS FB 20 74.91 -52.28 45.09
C LYS FB 20 76.16 -52.51 44.25
N CYS FB 21 77.06 -51.54 44.28
CA CYS FB 21 78.40 -51.68 43.71
C CYS FB 21 79.35 -50.88 44.60
N HIS FB 22 80.20 -51.58 45.34
CA HIS FB 22 81.04 -50.92 46.32
C HIS FB 22 82.25 -50.25 45.69
N THR FB 23 82.62 -50.63 44.46
CA THR FB 23 83.75 -50.03 43.74
C THR FB 23 83.25 -49.64 42.36
N PRO FB 24 82.61 -48.48 42.23
CA PRO FB 24 82.12 -48.06 40.92
C PRO FB 24 83.27 -47.74 39.99
N PRO FB 25 83.07 -47.88 38.68
CA PRO FB 25 84.16 -47.63 37.74
C PRO FB 25 84.55 -46.17 37.66
N LEU FB 26 85.78 -45.94 37.24
CA LEU FB 26 86.34 -44.61 37.07
C LEU FB 26 86.31 -44.23 35.60
N TYR FB 27 85.88 -43.00 35.32
CA TYR FB 27 85.81 -42.50 33.96
C TYR FB 27 86.73 -41.30 33.82
N ARG FB 28 87.42 -41.22 32.69
CA ARG FB 28 88.36 -40.15 32.41
C ARG FB 28 87.91 -39.39 31.17
N MET FB 29 88.09 -38.08 31.18
CA MET FB 29 87.75 -37.23 30.04
C MET FB 29 88.83 -36.19 29.83
N ARG FB 30 88.95 -35.76 28.58
CA ARG FB 30 89.74 -34.59 28.21
C ARG FB 30 88.78 -33.43 28.04
N ILE FB 31 88.98 -32.36 28.82
CA ILE FB 31 88.11 -31.20 28.79
C ILE FB 31 88.95 -29.98 28.49
N PHE FB 32 88.58 -29.23 27.47
CA PHE FB 32 89.26 -27.99 27.12
C PHE FB 32 88.43 -26.84 27.67
N ALA FB 33 88.91 -26.22 28.73
CA ALA FB 33 88.17 -25.22 29.48
C ALA FB 33 89.09 -24.08 29.87
N PRO FB 34 88.55 -22.89 30.13
CA PRO FB 34 89.39 -21.80 30.64
C PRO FB 34 90.06 -22.09 31.97
N ASN FB 35 89.39 -22.81 32.86
CA ASN FB 35 89.95 -23.11 34.17
C ASN FB 35 89.32 -24.38 34.71
N HIS FB 36 89.81 -24.80 35.88
CA HIS FB 36 89.42 -26.11 36.41
C HIS FB 36 87.97 -26.13 36.87
N VAL FB 37 87.41 -25.00 37.28
CA VAL FB 37 86.00 -24.97 37.67
C VAL FB 37 85.12 -25.27 36.46
N VAL FB 38 85.37 -24.59 35.35
CA VAL FB 38 84.64 -24.88 34.12
C VAL FB 38 84.93 -26.30 33.65
N ALA FB 39 86.16 -26.77 33.87
CA ALA FB 39 86.50 -28.14 33.49
C ALA FB 39 85.65 -29.15 34.23
N LYS FB 40 85.48 -28.98 35.54
CA LYS FB 40 84.66 -29.90 36.30
C LYS FB 40 83.20 -29.80 35.91
N SER FB 41 82.72 -28.58 35.66
CA SER FB 41 81.33 -28.43 35.20
C SER FB 41 81.10 -29.15 33.88
N ARG FB 42 82.03 -29.00 32.93
CA ARG FB 42 81.87 -29.68 31.64
C ARG FB 42 82.02 -31.18 31.77
N PHE FB 43 82.86 -31.65 32.70
CA PHE FB 43 82.95 -33.09 32.92
C PHE FB 43 81.62 -33.65 33.38
N TRP FB 44 80.98 -32.97 34.32
CA TRP FB 44 79.66 -33.44 34.73
C TRP FB 44 78.65 -33.36 33.60
N TYR FB 45 78.72 -32.30 32.79
CA TYR FB 45 77.82 -32.18 31.64
C TYR FB 45 77.97 -33.35 30.68
N PHE FB 46 79.20 -33.81 30.45
CA PHE FB 46 79.39 -34.89 29.50
C PHE FB 46 79.10 -36.27 30.07
N VAL FB 47 79.49 -36.53 31.32
CA VAL FB 47 79.18 -37.83 31.89
C VAL FB 47 77.69 -37.96 32.19
N SER FB 48 76.98 -36.86 32.40
CA SER FB 48 75.53 -36.96 32.55
C SER FB 48 74.88 -37.40 31.25
N GLN FB 49 75.43 -36.98 30.11
CA GLN FB 49 74.92 -37.43 28.83
C GLN FB 49 75.29 -38.88 28.56
N LEU FB 50 76.54 -39.26 28.84
CA LEU FB 50 77.00 -40.59 28.47
C LEU FB 50 76.51 -41.66 29.45
N LYS FB 51 76.91 -41.56 30.71
CA LYS FB 51 76.45 -42.46 31.74
C LYS FB 51 75.28 -41.84 32.49
N LYS FB 52 74.69 -42.62 33.38
CA LYS FB 52 73.63 -42.10 34.24
C LYS FB 52 74.23 -41.57 35.53
N MET FB 53 75.04 -40.52 35.38
CA MET FB 53 75.79 -39.94 36.48
C MET FB 53 75.37 -38.50 36.67
N LYS FB 54 75.36 -38.05 37.92
CA LYS FB 54 75.08 -36.67 38.26
C LYS FB 54 76.10 -36.20 39.26
N LYS FB 55 76.27 -34.87 39.32
CA LYS FB 55 77.29 -34.29 40.19
C LYS FB 55 77.02 -34.64 41.65
N SER FB 56 75.74 -34.69 42.04
CA SER FB 56 75.39 -35.03 43.41
C SER FB 56 75.55 -36.52 43.69
N SER FB 57 75.32 -37.37 42.71
CA SER FB 57 75.44 -38.81 42.89
C SER FB 57 76.85 -39.32 42.65
N GLY FB 58 77.78 -38.44 42.27
CA GLY FB 58 79.14 -38.84 42.00
C GLY FB 58 80.15 -37.88 42.57
N GLU FB 59 81.40 -38.01 42.14
CA GLU FB 59 82.48 -37.16 42.60
C GLU FB 59 83.60 -37.18 41.58
N ILE FB 60 84.48 -36.19 41.69
CA ILE FB 60 85.64 -36.08 40.81
C ILE FB 60 86.86 -36.44 41.64
N VAL FB 61 87.54 -37.52 41.25
CA VAL FB 61 88.72 -37.96 41.98
C VAL FB 61 89.98 -37.28 41.49
N TYR FB 62 89.97 -36.72 40.28
CA TYR FB 62 91.17 -36.01 39.82
C TYR FB 62 90.78 -34.97 38.79
N CYS FB 63 91.48 -33.85 38.81
CA CYS FB 63 91.34 -32.84 37.76
C CYS FB 63 92.68 -32.11 37.67
N GLY FB 64 93.45 -32.45 36.65
CA GLY FB 64 94.77 -31.88 36.49
C GLY FB 64 95.01 -31.42 35.08
N GLN FB 65 95.72 -30.31 34.95
CA GLN FB 65 96.00 -29.77 33.63
C GLN FB 65 96.97 -30.67 32.89
N VAL FB 66 96.73 -30.85 31.60
CA VAL FB 66 97.56 -31.68 30.73
C VAL FB 66 98.47 -30.75 29.95
N PHE FB 67 99.75 -30.74 30.32
CA PHE FB 67 100.72 -29.94 29.61
C PHE FB 67 101.00 -30.54 28.24
N GLU FB 68 101.28 -29.68 27.27
CA GLU FB 68 101.62 -30.14 25.94
C GLU FB 68 102.94 -30.91 25.98
N LYS FB 69 102.96 -32.11 25.41
CA LYS FB 69 104.15 -32.93 25.47
C LYS FB 69 105.20 -32.55 24.44
N SER FB 70 104.89 -31.65 23.53
CA SER FB 70 105.89 -31.14 22.60
C SER FB 70 105.48 -29.76 22.11
N PRO FB 71 105.57 -28.73 22.95
CA PRO FB 71 105.16 -27.39 22.53
C PRO FB 71 106.14 -26.68 21.62
N LEU FB 72 107.25 -27.32 21.26
CA LEU FB 72 108.22 -26.73 20.34
C LEU FB 72 108.13 -27.32 18.95
N ARG FB 73 107.09 -28.09 18.66
CA ARG FB 73 106.98 -28.79 17.39
C ARG FB 73 105.67 -28.40 16.71
N VAL FB 74 105.79 -27.90 15.48
CA VAL FB 74 104.59 -27.62 14.69
C VAL FB 74 103.95 -28.94 14.31
N LYS FB 75 102.64 -29.03 14.51
CA LYS FB 75 101.96 -30.26 14.17
C LYS FB 75 100.53 -29.96 13.75
N ASN FB 76 99.93 -30.93 13.07
CA ASN FB 76 98.59 -30.82 12.52
C ASN FB 76 97.61 -31.52 13.45
N PHE FB 77 96.54 -30.82 13.79
CA PHE FB 77 95.50 -31.34 14.66
C PHE FB 77 94.21 -31.50 13.89
N GLY FB 78 93.64 -32.70 13.95
CA GLY FB 78 92.31 -32.95 13.43
C GLY FB 78 91.33 -33.01 14.58
N ILE FB 79 90.27 -32.22 14.48
CA ILE FB 79 89.28 -32.11 15.54
C ILE FB 79 87.94 -32.56 14.99
N TRP FB 80 87.37 -33.60 15.60
CA TRP FB 80 86.01 -34.02 15.34
C TRP FB 80 85.12 -33.43 16.40
N LEU FB 81 84.04 -32.79 15.98
CA LEU FB 81 83.15 -32.13 16.90
C LEU FB 81 81.73 -32.21 16.37
N ARG FB 82 80.78 -31.83 17.21
CA ARG FB 82 79.40 -31.63 16.82
C ARG FB 82 78.93 -30.31 17.40
N TYR FB 83 78.09 -29.61 16.65
CA TYR FB 83 77.59 -28.33 17.13
C TYR FB 83 76.15 -28.16 16.65
N ASP FB 84 75.42 -27.34 17.39
CA ASP FB 84 74.04 -27.02 17.07
C ASP FB 84 74.01 -25.75 16.22
N SER FB 85 73.46 -25.86 15.02
CA SER FB 85 73.26 -24.69 14.18
C SER FB 85 71.90 -24.08 14.51
N ARG FB 86 71.47 -23.09 13.73
CA ARG FB 86 70.16 -22.52 13.96
C ARG FB 86 69.04 -23.46 13.53
N SER FB 87 69.35 -24.49 12.73
CA SER FB 87 68.29 -25.35 12.21
C SER FB 87 68.70 -26.81 12.24
N GLY FB 88 69.49 -27.23 13.20
CA GLY FB 88 69.84 -28.63 13.34
C GLY FB 88 71.20 -28.79 13.98
N THR FB 89 71.66 -30.04 13.98
CA THR FB 89 72.93 -30.43 14.55
C THR FB 89 73.78 -31.11 13.48
N HIS FB 90 75.06 -30.81 13.46
CA HIS FB 90 75.96 -31.34 12.45
C HIS FB 90 77.24 -31.84 13.09
N ASN FB 91 77.83 -32.86 12.48
CA ASN FB 91 79.15 -33.33 12.84
C ASN FB 91 80.16 -32.75 11.85
N MET FB 92 81.28 -32.27 12.39
CA MET FB 92 82.30 -31.61 11.59
C MET FB 92 83.67 -32.17 11.93
N TYR FB 93 84.53 -32.21 10.92
CA TYR FB 93 85.94 -32.50 11.08
C TYR FB 93 86.72 -31.30 10.54
N ARG FB 94 87.56 -30.72 11.38
CA ARG FB 94 88.35 -29.56 11.02
C ARG FB 94 89.82 -29.85 11.28
N GLU FB 95 90.69 -29.07 10.63
CA GLU FB 95 92.12 -29.25 10.77
C GLU FB 95 92.78 -27.93 11.08
N TYR FB 96 93.80 -27.96 11.92
CA TYR FB 96 94.54 -26.77 12.29
C TYR FB 96 96.01 -27.10 12.43
N ARG FB 97 96.85 -26.09 12.35
CA ARG FB 97 98.28 -26.22 12.64
C ARG FB 97 98.60 -25.47 13.91
N ASP FB 98 99.29 -26.12 14.84
CA ASP FB 98 99.67 -25.43 16.06
C ASP FB 98 100.79 -26.18 16.76
N LEU FB 99 101.28 -25.56 17.82
CA LEU FB 99 102.24 -26.20 18.72
C LEU FB 99 101.58 -26.93 19.86
N THR FB 100 100.45 -26.43 20.34
CA THR FB 100 99.77 -26.99 21.50
C THR FB 100 98.36 -27.43 21.13
N THR FB 101 97.94 -28.53 21.74
CA THR FB 101 96.61 -29.07 21.49
C THR FB 101 95.53 -28.09 21.92
N ALA FB 102 95.70 -27.48 23.10
CA ALA FB 102 94.76 -26.49 23.57
C ALA FB 102 94.74 -25.26 22.68
N GLY FB 103 95.89 -24.89 22.12
CA GLY FB 103 95.92 -23.81 21.15
C GLY FB 103 95.12 -24.13 19.91
N ALA FB 104 95.23 -25.38 19.42
CA ALA FB 104 94.44 -25.80 18.27
C ALA FB 104 92.95 -25.78 18.59
N VAL FB 105 92.58 -26.22 19.79
CA VAL FB 105 91.17 -26.23 20.15
C VAL FB 105 90.64 -24.81 20.30
N THR FB 106 91.45 -23.89 20.83
CA THR FB 106 91.06 -22.49 20.88
C THR FB 106 90.88 -21.94 19.47
N GLN FB 107 91.80 -22.28 18.57
CA GLN FB 107 91.64 -21.92 17.16
C GLN FB 107 90.32 -22.42 16.63
N CYS FB 108 89.95 -23.65 16.99
CA CYS FB 108 88.71 -24.22 16.50
C CYS FB 108 87.51 -23.46 17.02
N TYR FB 109 87.53 -23.07 18.29
CA TYR FB 109 86.41 -22.31 18.84
C TYR FB 109 86.27 -20.95 18.16
N ARG FB 110 87.39 -20.25 17.98
CA ARG FB 110 87.35 -18.97 17.28
C ARG FB 110 86.87 -19.16 15.85
N ASP FB 111 87.36 -20.19 15.17
CA ASP FB 111 86.99 -20.43 13.78
C ASP FB 111 85.52 -20.79 13.63
N MET FB 112 85.00 -21.61 14.53
CA MET FB 112 83.59 -21.96 14.49
C MET FB 112 82.72 -20.74 14.74
N GLY FB 113 83.11 -19.90 15.70
CA GLY FB 113 82.40 -18.64 15.89
C GLY FB 113 82.48 -17.73 14.68
N ALA FB 114 83.63 -17.74 14.00
CA ALA FB 114 83.85 -16.82 12.88
C ALA FB 114 83.07 -17.24 11.65
N ARG FB 115 83.04 -18.53 11.37
CA ARG FB 115 82.47 -19.04 10.13
C ARG FB 115 81.02 -19.47 10.27
N HIS FB 116 80.64 -20.10 11.38
CA HIS FB 116 79.31 -20.67 11.53
C HIS FB 116 78.49 -19.98 12.58
N ARG FB 117 78.98 -18.88 13.14
CA ARG FB 117 78.32 -18.14 14.22
C ARG FB 117 78.03 -19.02 15.42
N ALA FB 118 78.73 -20.14 15.56
CA ALA FB 118 78.46 -21.08 16.62
C ALA FB 118 79.10 -20.60 17.91
N ARG FB 119 78.37 -20.75 19.01
CA ARG FB 119 78.88 -20.34 20.31
C ARG FB 119 79.42 -21.56 21.06
N ALA FB 120 80.24 -21.28 22.07
CA ALA FB 120 80.95 -22.35 22.76
C ALA FB 120 80.00 -23.30 23.48
N HIS FB 121 78.81 -22.86 23.86
CA HIS FB 121 77.84 -23.79 24.42
C HIS FB 121 77.23 -24.68 23.35
N SER FB 122 77.19 -24.22 22.09
CA SER FB 122 76.75 -25.10 21.01
C SER FB 122 77.80 -26.11 20.65
N ILE FB 123 79.07 -25.69 20.61
CA ILE FB 123 80.14 -26.57 20.15
C ILE FB 123 80.40 -27.65 21.20
N GLN FB 124 80.67 -28.87 20.73
CA GLN FB 124 80.86 -30.04 21.57
C GLN FB 124 82.01 -30.85 20.98
N ILE FB 125 83.23 -30.63 21.50
CA ILE FB 125 84.39 -31.32 20.97
C ILE FB 125 84.38 -32.77 21.41
N MET FB 126 84.45 -33.69 20.46
CA MET FB 126 84.40 -35.10 20.80
C MET FB 126 85.69 -35.86 20.53
N LYS FB 127 86.59 -35.35 19.70
CA LYS FB 127 87.88 -36.02 19.55
C LYS FB 127 88.90 -35.05 19.00
N VAL FB 128 90.11 -35.08 19.55
CA VAL FB 128 91.21 -34.27 19.03
C VAL FB 128 92.40 -35.21 18.84
N GLU FB 129 92.97 -35.22 17.65
CA GLU FB 129 94.08 -36.09 17.32
C GLU FB 129 95.16 -35.30 16.62
N GLU FB 130 96.40 -35.75 16.76
CA GLU FB 130 97.51 -35.19 16.01
C GLU FB 130 97.73 -36.06 14.79
N ILE FB 131 97.44 -35.52 13.62
CA ILE FB 131 97.47 -36.27 12.38
C ILE FB 131 98.76 -35.95 11.63
N ALA FB 132 99.21 -36.92 10.84
CA ALA FB 132 100.40 -36.73 10.02
C ALA FB 132 100.07 -35.86 8.82
N ALA FB 133 101.10 -35.22 8.27
CA ALA FB 133 100.91 -34.30 7.15
C ALA FB 133 100.40 -35.03 5.92
N SER FB 134 100.72 -36.31 5.78
CA SER FB 134 100.19 -37.11 4.69
C SER FB 134 98.74 -37.50 4.88
N LYS FB 135 98.18 -37.28 6.08
CA LYS FB 135 96.80 -37.61 6.38
C LYS FB 135 95.90 -36.38 6.45
N CYS FB 136 96.42 -35.20 6.11
CA CYS FB 136 95.63 -33.99 6.16
C CYS FB 136 94.72 -33.88 4.95
N ARG FB 137 93.51 -33.36 5.16
CA ARG FB 137 92.52 -33.23 4.11
C ARG FB 137 92.17 -31.80 3.76
N ARG FB 138 92.48 -30.84 4.62
CA ARG FB 138 92.11 -29.45 4.36
C ARG FB 138 93.23 -28.75 3.60
N PRO FB 139 92.94 -28.17 2.44
CA PRO FB 139 94.01 -27.56 1.64
C PRO FB 139 94.73 -26.42 2.32
N ALA FB 140 94.03 -25.66 3.18
CA ALA FB 140 94.69 -24.59 3.90
C ALA FB 140 95.77 -25.12 4.81
N VAL FB 141 95.52 -26.23 5.49
CA VAL FB 141 96.55 -26.88 6.30
C VAL FB 141 97.61 -27.51 5.41
N LYS FB 142 97.19 -28.09 4.29
CA LYS FB 142 98.12 -28.84 3.44
C LYS FB 142 99.14 -27.94 2.76
N GLN FB 143 98.77 -26.69 2.45
CA GLN FB 143 99.67 -25.83 1.71
C GLN FB 143 100.91 -25.44 2.49
N PHE FB 144 100.94 -25.68 3.80
CA PHE FB 144 102.12 -25.42 4.60
C PHE FB 144 103.02 -26.63 4.76
N HIS FB 145 102.66 -27.76 4.16
CA HIS FB 145 103.54 -28.94 4.14
C HIS FB 145 104.47 -28.83 2.94
N ASP FB 146 105.39 -27.88 3.05
CA ASP FB 146 106.39 -27.63 2.02
C ASP FB 146 107.72 -27.41 2.72
N SER FB 147 108.69 -28.28 2.47
CA SER FB 147 109.99 -28.12 3.11
C SER FB 147 110.73 -26.88 2.62
N LYS FB 148 110.44 -26.47 1.38
CA LYS FB 148 111.03 -25.26 0.79
C LYS FB 148 110.03 -24.12 0.78
N ILE FB 149 109.24 -23.98 1.85
CA ILE FB 149 108.23 -22.93 1.89
C ILE FB 149 108.89 -21.57 1.87
N LYS FB 150 108.29 -20.64 1.13
CA LYS FB 150 108.88 -19.34 0.90
C LYS FB 150 107.79 -18.40 0.42
N PHE FB 151 107.64 -17.26 1.10
CA PHE FB 151 106.69 -16.25 0.67
C PHE FB 151 107.12 -14.91 1.24
N PRO FB 152 106.79 -13.80 0.59
CA PRO FB 152 107.08 -12.49 1.16
C PRO FB 152 105.96 -11.98 2.04
N LEU FB 153 106.10 -10.76 2.52
CA LEU FB 153 105.01 -10.05 3.21
C LEU FB 153 104.65 -8.84 2.36
N PRO FB 154 103.65 -8.94 1.49
CA PRO FB 154 103.58 -8.01 0.35
C PRO FB 154 103.16 -6.59 0.71
N HIS FB 155 102.12 -6.42 1.51
CA HIS FB 155 101.49 -5.11 1.71
C HIS FB 155 101.45 -4.84 3.20
N ARG FB 156 102.55 -4.34 3.75
CA ARG FB 156 102.67 -4.12 5.18
C ARG FB 156 101.90 -2.86 5.56
N VAL FB 157 100.80 -3.03 6.27
CA VAL FB 157 99.99 -1.90 6.70
C VAL FB 157 100.63 -1.25 7.91
N LEU FB 158 100.67 0.07 7.92
CA LEU FB 158 101.22 0.79 9.05
C LEU FB 158 100.30 0.64 10.27
N ARG FB 159 100.87 0.22 11.39
CA ARG FB 159 100.08 0.00 12.60
C ARG FB 159 100.25 1.11 13.63
N ARG FB 160 101.36 1.85 13.59
CA ARG FB 160 101.51 3.03 14.44
C ARG FB 160 101.02 4.26 13.70
N GLN FB 161 99.71 4.27 13.45
CA GLN FB 161 99.09 5.38 12.74
C GLN FB 161 98.93 6.61 13.60
N HIS FB 162 99.20 6.52 14.90
CA HIS FB 162 99.04 7.65 15.79
C HIS FB 162 100.33 8.05 16.47
N LYS FB 163 101.45 7.43 16.12
CA LYS FB 163 102.77 7.78 16.64
C LYS FB 163 103.70 7.95 15.45
N PRO FB 164 103.78 9.15 14.87
CA PRO FB 164 103.07 10.39 15.18
C PRO FB 164 101.69 10.44 14.54
N ARG FB 165 100.77 11.23 15.10
CA ARG FB 165 99.46 11.37 14.49
C ARG FB 165 99.52 12.24 13.25
N PHE FB 166 100.39 13.25 13.23
CA PHE FB 166 100.58 14.13 12.09
C PHE FB 166 102.04 14.09 11.66
N THR FB 167 102.27 13.99 10.36
CA THR FB 167 103.63 13.87 9.84
C THR FB 167 103.65 14.38 8.40
N THR FB 168 104.85 14.68 7.93
CA THR FB 168 104.99 15.18 6.57
C THR FB 168 105.19 14.07 5.55
N LYS FB 169 105.74 12.93 5.96
CA LYS FB 169 105.99 11.85 5.04
C LYS FB 169 104.84 10.86 5.04
N ARG FB 170 104.44 10.44 3.85
CA ARG FB 170 103.44 9.40 3.75
C ARG FB 170 104.08 8.03 3.94
N PRO FB 171 103.40 7.12 4.62
CA PRO FB 171 104.04 5.85 5.00
C PRO FB 171 104.39 4.99 3.81
N ASN FB 172 105.44 4.21 3.97
CA ASN FB 172 105.86 3.24 2.97
C ASN FB 172 105.24 1.88 3.28
N THR FB 173 104.85 1.19 2.22
CA THR FB 173 104.25 -0.14 2.35
C THR FB 173 105.20 -1.25 1.92
N PHE FB 174 106.02 -1.03 0.90
CA PHE FB 174 106.96 -2.04 0.45
C PHE FB 174 108.13 -2.12 1.42
N PHE FB 175 108.49 -3.34 1.80
CA PHE FB 175 109.63 -3.58 2.66
C PHE FB 175 110.46 -4.77 2.19
N THR GB 1 32.72 -16.92 39.52
CA THR GB 1 31.83 -17.74 38.71
C THR GB 1 31.85 -19.19 39.16
N ASN GB 2 32.77 -19.51 40.06
CA ASN GB 2 32.87 -20.86 40.58
C ASN GB 2 31.76 -21.12 41.58
N THR GB 3 31.19 -22.32 41.53
CA THR GB 3 30.17 -22.65 42.51
C THR GB 3 30.81 -22.85 43.88
N LYS GB 4 29.99 -22.69 44.92
CA LYS GB 4 30.42 -22.89 46.29
C LYS GB 4 30.10 -24.28 46.80
N GLY GB 5 29.97 -25.25 45.91
CA GLY GB 5 29.57 -26.58 46.33
C GLY GB 5 30.61 -27.24 47.21
N LYS GB 6 30.15 -28.09 48.12
CA LYS GB 6 31.05 -28.66 49.11
C LYS GB 6 32.04 -29.63 48.50
N ARG GB 7 31.71 -30.21 47.36
CA ARG GB 7 32.55 -31.22 46.74
C ARG GB 7 32.88 -30.86 45.30
N ARG GB 8 33.18 -29.59 45.06
CA ARG GB 8 33.58 -29.14 43.73
C ARG GB 8 35.08 -29.31 43.56
N GLY GB 9 35.49 -30.03 42.53
CA GLY GB 9 36.89 -30.30 42.28
C GLY GB 9 37.44 -31.50 43.01
N THR GB 10 36.58 -32.30 43.65
CA THR GB 10 37.02 -33.47 44.39
C THR GB 10 36.90 -34.76 43.59
N ARG GB 11 36.78 -34.61 42.26
CA ARG GB 11 36.51 -35.76 41.39
C ARG GB 11 37.59 -36.83 41.52
N TYR GB 12 38.85 -36.43 41.52
CA TYR GB 12 39.92 -37.38 41.80
C TYR GB 12 40.33 -37.37 43.26
N MET GB 13 40.04 -36.29 44.00
CA MET GB 13 40.46 -36.22 45.39
C MET GB 13 39.80 -37.30 46.22
N PHE GB 14 38.50 -37.51 46.04
CA PHE GB 14 37.79 -38.50 46.84
C PHE GB 14 37.60 -39.83 46.12
N SER GB 15 38.09 -39.94 44.89
CA SER GB 15 37.98 -41.19 44.17
C SER GB 15 38.93 -42.23 44.75
N ARG GB 16 38.51 -43.48 44.70
CA ARG GB 16 39.33 -44.57 45.20
C ARG GB 16 40.53 -44.80 44.28
N PRO GB 17 41.62 -45.33 44.81
CA PRO GB 17 42.74 -45.72 43.95
C PRO GB 17 42.36 -46.85 43.02
N PHE GB 18 43.20 -47.07 42.01
CA PHE GB 18 42.91 -48.07 41.00
C PHE GB 18 42.91 -49.46 41.60
N ARG GB 19 41.84 -50.21 41.33
CA ARG GB 19 41.66 -51.57 41.84
C ARG GB 19 41.74 -51.62 43.36
N LYS GB 20 41.19 -50.60 44.00
CA LYS GB 20 41.09 -50.55 45.46
C LYS GB 20 39.72 -50.04 45.87
N HIS GB 21 38.70 -50.43 45.12
CA HIS GB 21 37.32 -50.08 45.45
C HIS GB 21 36.75 -51.12 46.40
N GLY GB 22 35.47 -51.01 46.72
CA GLY GB 22 34.77 -52.05 47.44
C GLY GB 22 34.71 -51.90 48.94
N VAL GB 23 34.83 -53.02 49.65
CA VAL GB 23 34.66 -53.03 51.10
C VAL GB 23 35.86 -52.37 51.76
N VAL GB 24 35.60 -51.51 52.71
CA VAL GB 24 36.70 -50.89 53.49
C VAL GB 24 37.31 -51.94 54.39
N PRO GB 25 38.64 -52.12 54.37
CA PRO GB 25 39.27 -53.07 55.27
C PRO GB 25 39.07 -52.68 56.73
N LEU GB 26 38.96 -53.68 57.59
CA LEU GB 26 38.48 -53.47 58.94
C LEU GB 26 39.57 -53.04 59.93
N ALA GB 27 40.84 -53.15 59.57
CA ALA GB 27 41.87 -52.61 60.45
C ALA GB 27 41.74 -51.11 60.62
N THR GB 28 41.24 -50.42 59.59
CA THR GB 28 41.01 -48.97 59.71
C THR GB 28 40.03 -48.67 60.82
N TYR GB 29 39.00 -49.49 60.96
CA TYR GB 29 38.07 -49.36 62.07
C TYR GB 29 38.69 -49.83 63.38
N MET GB 30 39.60 -50.78 63.34
CA MET GB 30 40.20 -51.31 64.56
C MET GB 30 41.33 -50.44 65.10
N ARG GB 31 41.76 -49.41 64.38
CA ARG GB 31 42.77 -48.51 64.94
C ARG GB 31 42.24 -47.76 66.16
N ILE GB 32 43.14 -47.39 67.05
CA ILE GB 32 42.81 -46.75 68.31
C ILE GB 32 43.34 -45.33 68.30
N TYR GB 33 42.48 -44.37 68.60
CA TYR GB 33 42.85 -42.96 68.61
C TYR GB 33 42.59 -42.37 69.98
N LYS GB 34 43.66 -41.89 70.62
CA LYS GB 34 43.57 -41.23 71.92
C LYS GB 34 43.49 -39.73 71.72
N LYS GB 35 43.28 -39.01 72.82
CA LYS GB 35 43.37 -37.56 72.77
C LYS GB 35 44.84 -37.14 72.69
N GLY GB 36 45.16 -36.26 71.76
CA GLY GB 36 46.49 -35.72 71.64
C GLY GB 36 47.38 -36.39 70.62
N ASP GB 37 46.90 -37.42 69.94
CA ASP GB 37 47.74 -38.03 68.93
C ASP GB 37 47.48 -37.41 67.57
N ILE GB 38 48.44 -37.60 66.67
CA ILE GB 38 48.55 -36.82 65.45
C ILE GB 38 48.04 -37.69 64.29
N VAL GB 39 47.08 -37.18 63.54
CA VAL GB 39 46.42 -37.95 62.50
C VAL GB 39 46.44 -37.17 61.18
N ASP GB 40 46.62 -37.89 60.09
CA ASP GB 40 46.51 -37.31 58.74
C ASP GB 40 45.08 -37.46 58.26
N ILE GB 41 44.49 -36.36 57.80
CA ILE GB 41 43.14 -36.38 57.28
C ILE GB 41 43.21 -36.74 55.80
N LYS GB 42 42.74 -37.93 55.45
CA LYS GB 42 42.76 -38.32 54.04
C LYS GB 42 41.42 -38.06 53.37
N GLY GB 43 40.37 -38.76 53.77
CA GLY GB 43 39.08 -38.51 53.15
C GLY GB 43 38.68 -39.42 52.00
N MET GB 44 38.58 -40.73 52.23
CA MET GB 44 38.12 -41.62 51.18
C MET GB 44 36.65 -41.40 50.86
N GLY GB 45 36.28 -41.73 49.62
CA GLY GB 45 34.95 -41.47 49.12
C GLY GB 45 33.95 -42.59 49.20
N THR GB 46 34.37 -43.76 49.66
CA THR GB 46 33.41 -44.85 49.87
C THR GB 46 32.44 -44.53 50.99
N VAL GB 47 32.89 -43.80 52.01
CA VAL GB 47 32.04 -43.41 53.12
C VAL GB 47 31.68 -41.94 52.93
N GLN GB 48 30.40 -41.67 52.72
CA GLN GB 48 29.95 -40.31 52.50
C GLN GB 48 29.59 -39.59 53.79
N LYS GB 49 29.52 -40.29 54.91
CA LYS GB 49 29.23 -39.66 56.18
C LYS GB 49 30.53 -39.25 56.85
N GLY GB 50 30.51 -38.10 57.53
CA GLY GB 50 31.67 -37.65 58.24
C GLY GB 50 32.85 -37.25 57.39
N MET GB 51 32.63 -36.98 56.11
CA MET GB 51 33.70 -36.60 55.22
C MET GB 51 34.28 -35.25 55.65
N PRO GB 52 35.59 -35.09 55.60
CA PRO GB 52 36.17 -33.76 55.78
C PRO GB 52 35.94 -32.92 54.54
N HIS GB 53 36.04 -31.61 54.70
CA HIS GB 53 36.00 -30.76 53.53
C HIS GB 53 37.31 -30.88 52.76
N LYS GB 54 37.25 -30.54 51.47
CA LYS GB 54 38.41 -30.72 50.60
C LYS GB 54 39.60 -29.89 51.03
N CYS GB 55 39.39 -28.84 51.82
CA CYS GB 55 40.50 -28.05 52.29
C CYS GB 55 41.32 -28.74 53.37
N TYR GB 56 40.78 -29.79 53.97
CA TYR GB 56 41.48 -30.53 55.01
C TYR GB 56 42.09 -31.83 54.50
N HIS GB 57 41.79 -32.23 53.27
CA HIS GB 57 42.42 -33.38 52.69
C HIS GB 57 43.92 -33.14 52.59
N GLY GB 58 44.71 -34.08 53.07
CA GLY GB 58 46.14 -33.93 53.07
C GLY GB 58 46.70 -33.13 54.23
N LYS GB 59 45.86 -32.62 55.11
CA LYS GB 59 46.35 -31.91 56.28
C LYS GB 59 46.59 -32.88 57.41
N THR GB 60 47.22 -32.38 58.46
CA THR GB 60 47.54 -33.17 59.64
C THR GB 60 47.10 -32.40 60.87
N GLY GB 61 46.51 -33.11 61.83
CA GLY GB 61 45.99 -32.45 63.01
C GLY GB 61 46.16 -33.29 64.26
N ARG GB 62 45.66 -32.79 65.38
CA ARG GB 62 45.77 -33.45 66.67
C ARG GB 62 44.38 -33.75 67.19
N VAL GB 63 44.17 -34.97 67.66
CA VAL GB 63 42.86 -35.41 68.13
C VAL GB 63 42.59 -34.79 69.50
N TYR GB 64 41.43 -34.16 69.64
CA TYR GB 64 41.01 -33.61 70.93
C TYR GB 64 39.76 -34.26 71.48
N ASN GB 65 38.99 -34.99 70.67
CA ASN GB 65 37.73 -35.58 71.12
C ASN GB 65 37.56 -36.92 70.43
N VAL GB 66 37.02 -37.89 71.15
CA VAL GB 66 36.75 -39.21 70.62
C VAL GB 66 35.29 -39.55 70.86
N THR GB 67 34.59 -39.96 69.81
CA THR GB 67 33.18 -40.33 69.85
C THR GB 67 33.03 -41.79 69.42
N GLN GB 68 31.80 -42.22 69.19
CA GLN GB 68 31.56 -43.61 68.82
C GLN GB 68 32.23 -43.96 67.50
N HIS GB 69 32.09 -43.09 66.50
CA HIS GB 69 32.57 -43.40 65.16
C HIS GB 69 33.55 -42.38 64.61
N ALA GB 70 33.66 -41.20 65.21
CA ALA GB 70 34.47 -40.14 64.67
C ALA GB 70 35.43 -39.64 65.72
N VAL GB 71 36.27 -38.69 65.33
CA VAL GB 71 37.15 -37.98 66.24
C VAL GB 71 37.06 -36.50 65.93
N GLY GB 72 37.38 -35.69 66.94
CA GLY GB 72 37.52 -34.26 66.77
C GLY GB 72 38.99 -33.93 66.61
N ILE GB 73 39.30 -33.20 65.54
CA ILE GB 73 40.67 -32.90 65.16
C ILE GB 73 40.84 -31.40 65.13
N VAL GB 74 41.92 -30.91 65.74
CA VAL GB 74 42.30 -29.51 65.68
C VAL GB 74 43.34 -29.38 64.58
N VAL GB 75 42.96 -28.82 63.45
CA VAL GB 75 43.79 -28.75 62.27
C VAL GB 75 43.92 -27.30 61.83
N ASN GB 76 45.14 -26.89 61.49
CA ASN GB 76 45.38 -25.52 61.07
C ASN GB 76 44.89 -25.30 59.66
N LYS GB 77 44.25 -24.15 59.43
CA LYS GB 77 43.78 -23.76 58.11
C LYS GB 77 44.26 -22.34 57.86
N GLN GB 78 44.91 -22.12 56.74
CA GLN GB 78 45.38 -20.79 56.37
C GLN GB 78 44.29 -20.10 55.56
N VAL GB 79 43.81 -18.98 56.08
CA VAL GB 79 42.75 -18.22 55.45
C VAL GB 79 43.29 -16.82 55.21
N LYS GB 80 43.66 -16.54 53.97
CA LYS GB 80 44.26 -15.27 53.56
C LYS GB 80 45.52 -15.04 54.38
N GLY GB 81 45.58 -14.03 55.24
CA GLY GB 81 46.82 -13.74 55.93
C GLY GB 81 46.87 -14.21 57.37
N LYS GB 82 45.98 -15.12 57.74
CA LYS GB 82 45.94 -15.64 59.09
C LYS GB 82 45.73 -17.14 59.05
N ILE GB 83 46.42 -17.84 59.92
CA ILE GB 83 46.25 -19.27 60.13
C ILE GB 83 45.43 -19.44 61.40
N LEU GB 84 44.33 -20.18 61.30
CA LEU GB 84 43.48 -20.39 62.45
C LEU GB 84 43.22 -21.88 62.63
N ALA GB 85 43.12 -22.29 63.89
CA ALA GB 85 42.95 -23.70 64.22
C ALA GB 85 41.48 -24.06 64.23
N LYS GB 86 41.07 -24.92 63.32
CA LYS GB 86 39.69 -25.33 63.16
C LYS GB 86 39.48 -26.71 63.79
N ARG GB 87 38.35 -26.88 64.44
CA ARG GB 87 37.96 -28.17 65.00
C ARG GB 87 37.00 -28.83 64.03
N ILE GB 88 37.32 -30.04 63.58
CA ILE GB 88 36.51 -30.76 62.61
C ILE GB 88 36.22 -32.15 63.13
N ASN GB 89 34.98 -32.61 62.93
CA ASN GB 89 34.57 -33.96 63.29
C ASN GB 89 34.70 -34.83 62.06
N VAL GB 90 35.57 -35.84 62.13
CA VAL GB 90 35.86 -36.71 60.99
C VAL GB 90 35.68 -38.15 61.41
N ARG GB 91 34.91 -38.91 60.64
CA ARG GB 91 34.80 -40.33 60.87
C ARG GB 91 36.12 -41.02 60.58
N ILE GB 92 36.38 -42.10 61.31
CA ILE GB 92 37.71 -42.71 61.33
C ILE GB 92 38.14 -43.32 60.01
N GLU GB 93 37.23 -43.47 59.05
CA GLU GB 93 37.64 -43.97 57.74
C GLU GB 93 38.51 -42.97 57.01
N HIS GB 94 38.38 -41.68 57.34
CA HIS GB 94 39.06 -40.62 56.63
C HIS GB 94 40.33 -40.15 57.31
N ILE GB 95 40.77 -40.84 58.36
CA ILE GB 95 41.97 -40.46 59.08
C ILE GB 95 42.87 -41.67 59.24
N LYS GB 96 44.13 -41.41 59.56
CA LYS GB 96 45.08 -42.46 59.89
C LYS GB 96 46.18 -41.84 60.74
N HIS GB 97 46.87 -42.68 61.49
CA HIS GB 97 47.94 -42.22 62.36
C HIS GB 97 49.08 -41.64 61.53
N SER GB 98 49.73 -40.61 62.07
CA SER GB 98 50.83 -39.95 61.41
C SER GB 98 52.15 -40.51 61.94
N LYS GB 99 53.03 -40.93 61.03
CA LYS GB 99 54.30 -41.50 61.42
C LYS GB 99 55.37 -40.46 61.69
N SER GB 100 55.10 -39.18 61.37
CA SER GB 100 56.05 -38.12 61.69
C SER GB 100 56.25 -38.02 63.19
N ARG GB 101 55.18 -38.13 63.96
CA ARG GB 101 55.30 -38.13 65.41
C ARG GB 101 56.03 -39.38 65.90
N ASP GB 102 55.73 -40.54 65.28
CA ASP GB 102 56.29 -41.80 65.75
C ASP GB 102 57.80 -41.88 65.55
N SER GB 103 58.30 -41.33 64.44
CA SER GB 103 59.75 -41.33 64.25
C SER GB 103 60.45 -40.52 65.33
N PHE GB 104 59.87 -39.38 65.69
CA PHE GB 104 60.45 -38.55 66.75
C PHE GB 104 60.37 -39.25 68.09
N LEU GB 105 59.27 -39.96 68.35
CA LEU GB 105 59.17 -40.70 69.61
C LEU GB 105 60.23 -41.79 69.69
N LYS GB 106 60.48 -42.48 68.58
CA LYS GB 106 61.55 -43.46 68.55
C LYS GB 106 62.89 -42.81 68.83
N ARG GB 107 63.14 -41.65 68.22
CA ARG GB 107 64.41 -40.96 68.46
C ARG GB 107 64.54 -40.55 69.92
N VAL GB 108 63.44 -40.12 70.55
CA VAL GB 108 63.48 -39.74 71.95
C VAL GB 108 63.79 -40.94 72.83
N LYS GB 109 63.14 -42.06 72.56
CA LYS GB 109 63.38 -43.26 73.35
C LYS GB 109 64.82 -43.73 73.23
N GLU GB 110 65.35 -43.75 72.01
CA GLU GB 110 66.75 -44.11 71.83
C GLU GB 110 67.68 -43.09 72.46
N ASN GB 111 67.32 -41.80 72.42
CA ASN GB 111 68.14 -40.77 73.04
C ASN GB 111 68.21 -40.96 74.55
N ASP GB 112 67.08 -41.27 75.17
CA ASP GB 112 67.06 -41.49 76.61
C ASP GB 112 67.85 -42.73 76.98
N GLN GB 113 67.73 -43.79 76.19
CA GLN GB 113 68.53 -44.99 76.43
C GLN GB 113 70.02 -44.68 76.32
N LYS GB 114 70.40 -43.92 75.29
CA LYS GB 114 71.81 -43.60 75.09
C LYS GB 114 72.34 -42.70 76.20
N LYS GB 115 71.53 -41.74 76.64
CA LYS GB 115 71.93 -40.88 77.76
C LYS GB 115 72.11 -41.69 79.03
N LYS GB 116 71.20 -42.63 79.28
CA LYS GB 116 71.32 -43.48 80.45
C LYS GB 116 72.58 -44.33 80.39
N GLU GB 117 72.88 -44.88 79.21
CA GLU GB 117 74.10 -45.64 79.03
C GLU GB 117 75.34 -44.79 79.24
N ALA GB 118 75.33 -43.56 78.72
CA ALA GB 118 76.48 -42.67 78.88
C ALA GB 118 76.67 -42.27 80.34
N LYS GB 119 75.59 -41.98 81.05
CA LYS GB 119 75.72 -41.67 82.47
C LYS GB 119 76.16 -42.88 83.28
N GLU GB 120 75.74 -44.07 82.87
CA GLU GB 120 76.15 -45.28 83.58
C GLU GB 120 77.63 -45.56 83.40
N LYS GB 121 78.13 -45.49 82.16
CA LYS GB 121 79.53 -45.80 81.93
C LYS GB 121 80.43 -44.60 82.24
N GLY GB 122 80.27 -43.51 81.49
CA GLY GB 122 81.10 -42.35 81.67
C GLY GB 122 81.63 -41.78 80.36
N THR GB 123 81.18 -42.33 79.24
CA THR GB 123 81.65 -41.92 77.92
C THR GB 123 80.64 -40.99 77.27
N TRP GB 124 81.09 -39.80 76.87
CA TRP GB 124 80.21 -38.83 76.24
C TRP GB 124 79.88 -39.24 74.81
N VAL GB 125 78.65 -38.96 74.39
CA VAL GB 125 78.15 -39.34 73.08
C VAL GB 125 77.43 -38.14 72.47
N GLN GB 126 77.60 -37.95 71.16
CA GLN GB 126 76.85 -36.95 70.43
C GLN GB 126 75.39 -37.35 70.33
N LEU GB 127 74.50 -36.52 70.88
CA LEU GB 127 73.06 -36.79 70.89
C LEU GB 127 72.30 -36.03 69.81
N LYS GB 128 72.63 -34.76 69.60
CA LYS GB 128 72.00 -34.00 68.53
C LYS GB 128 72.37 -34.60 67.19
N ARG GB 129 71.37 -34.80 66.33
CA ARG GB 129 71.66 -35.18 64.96
C ARG GB 129 72.12 -33.96 64.17
N GLN GB 130 72.90 -34.20 63.14
CA GLN GB 130 73.59 -33.13 62.43
C GLN GB 130 73.30 -33.23 60.94
N PRO GB 131 73.35 -32.10 60.24
CA PRO GB 131 73.20 -32.15 58.78
C PRO GB 131 74.37 -32.87 58.14
N ALA GB 132 74.14 -33.37 56.94
CA ALA GB 132 75.10 -34.19 56.21
C ALA GB 132 76.42 -33.44 56.05
N PRO GB 133 77.47 -33.89 56.72
CA PRO GB 133 78.74 -33.17 56.69
C PRO GB 133 79.44 -33.35 55.35
N PRO GB 134 80.38 -32.48 55.02
CA PRO GB 134 81.18 -32.69 53.80
C PRO GB 134 81.96 -33.98 53.89
N ARG GB 135 82.10 -34.65 52.75
CA ARG GB 135 82.77 -35.94 52.72
C ARG GB 135 84.24 -35.80 53.08
N GLU GB 136 84.76 -36.77 53.82
CA GLU GB 136 86.15 -36.73 54.25
C GLU GB 136 87.07 -37.15 53.12
N ALA GB 137 88.37 -36.98 53.34
CA ALA GB 137 89.35 -37.41 52.38
C ALA GB 137 89.40 -38.93 52.31
N HIS GB 138 89.67 -39.44 51.10
CA HIS GB 138 89.77 -40.87 50.90
C HIS GB 138 90.65 -41.13 49.69
N PHE GB 139 91.10 -42.38 49.58
CA PHE GB 139 91.91 -42.82 48.46
C PHE GB 139 91.06 -43.68 47.55
N VAL GB 140 91.15 -43.44 46.25
CA VAL GB 140 90.45 -44.24 45.26
C VAL GB 140 91.49 -45.08 44.54
N ARG GB 141 91.44 -46.39 44.74
CA ARG GB 141 92.37 -47.29 44.09
C ARG GB 141 91.97 -47.48 42.63
N THR GB 142 92.97 -47.52 41.76
CA THR GB 142 92.73 -47.81 40.36
C THR GB 142 92.67 -49.30 40.08
N ASN GB 143 93.18 -50.13 40.99
CA ASN GB 143 93.17 -51.59 40.86
C ASN GB 143 93.87 -52.04 39.58
N GLY GB 144 94.91 -51.31 39.20
CA GLY GB 144 95.64 -51.65 37.98
C GLY GB 144 94.83 -51.51 36.72
N LYS GB 145 93.92 -50.54 36.67
CA LYS GB 145 93.10 -50.29 35.49
C LYS GB 145 93.12 -48.80 35.18
N GLU GB 146 93.38 -48.47 33.93
CA GLU GB 146 93.24 -47.09 33.51
C GLU GB 146 91.76 -46.73 33.47
N PRO GB 147 91.35 -45.60 34.04
CA PRO GB 147 89.95 -45.19 33.93
C PRO GB 147 89.54 -45.03 32.48
N GLU GB 148 88.34 -45.50 32.16
CA GLU GB 148 87.90 -45.56 30.77
C GLU GB 148 87.72 -44.16 30.21
N LEU GB 149 88.27 -43.92 29.03
CA LEU GB 149 88.16 -42.62 28.40
C LEU GB 149 86.79 -42.49 27.75
N LEU GB 150 86.04 -41.48 28.17
CA LEU GB 150 84.72 -41.21 27.63
C LEU GB 150 84.77 -40.05 26.65
N GLU GB 151 84.01 -40.16 25.57
CA GLU GB 151 83.92 -39.13 24.56
C GLU GB 151 82.46 -38.96 24.16
N PRO GB 152 82.05 -37.74 23.85
CA PRO GB 152 80.71 -37.55 23.29
C PRO GB 152 80.56 -38.25 21.95
N ILE GB 153 79.34 -38.68 21.67
CA ILE GB 153 79.04 -39.48 20.48
C ILE GB 153 78.64 -38.55 19.34
N PRO GB 154 78.85 -38.96 18.08
CA PRO GB 154 78.38 -38.14 16.96
C PRO GB 154 76.86 -38.07 16.92
N TYR GB 155 76.37 -36.95 16.43
CA TYR GB 155 74.93 -36.78 16.27
C TYR GB 155 74.41 -37.64 15.12
N GLU GB 156 73.19 -38.14 15.29
CA GLU GB 156 72.51 -38.80 14.18
C GLU GB 156 71.02 -38.57 14.30
N PHE GB 157 70.37 -38.41 13.15
CA PHE GB 157 68.93 -38.16 13.09
C PHE GB 157 68.22 -39.51 13.18
N MET GB 158 67.64 -39.79 14.34
CA MET GB 158 67.08 -41.12 14.58
C MET GB 158 65.88 -41.39 13.69
N ALA GB 159 64.92 -40.47 13.66
CA ALA GB 159 63.74 -40.62 12.84
C ALA GB 159 63.11 -39.26 12.57
N GLN HB 1 -10.42 109.04 -24.34
CA GLN HB 1 -9.85 108.49 -25.56
C GLN HB 1 -8.41 108.93 -25.75
N VAL HB 2 -7.83 109.45 -24.67
CA VAL HB 2 -6.45 109.91 -24.67
C VAL HB 2 -5.75 109.33 -23.44
N LEU HB 3 -4.58 108.73 -23.64
CA LEU HB 3 -3.85 108.15 -22.52
C LEU HB 3 -2.90 109.16 -21.87
N LYS HB 4 -1.98 109.72 -22.65
CA LYS HB 4 -1.13 110.84 -22.23
C LYS HB 4 -0.30 110.49 -21.00
N PHE HB 5 0.64 109.58 -21.21
CA PHE HB 5 1.66 109.28 -20.21
C PHE HB 5 2.86 110.20 -20.39
N THR HB 6 3.68 110.30 -19.36
CA THR HB 6 4.87 111.14 -19.46
C THR HB 6 6.06 110.49 -18.76
N LEU HB 7 7.25 110.90 -19.20
CA LEU HB 7 8.54 110.50 -18.66
C LEU HB 7 9.31 111.74 -18.27
N ASP HB 8 9.86 111.74 -17.07
CA ASP HB 8 10.58 112.90 -16.53
C ASP HB 8 12.07 112.59 -16.54
N CYS HB 9 12.76 113.07 -17.57
CA CYS HB 9 14.21 112.94 -17.68
C CYS HB 9 14.82 114.28 -17.29
N THR HB 10 14.96 114.49 -15.98
CA THR HB 10 15.49 115.75 -15.47
C THR HB 10 16.84 115.57 -14.78
N HIS HB 11 16.92 114.70 -13.78
CA HIS HB 11 18.20 114.50 -13.09
C HIS HB 11 19.30 113.99 -14.01
N PRO HB 12 19.12 112.91 -14.79
CA PRO HB 12 20.25 112.46 -15.62
C PRO HB 12 20.55 113.40 -16.77
N VAL HB 13 19.51 114.04 -17.33
CA VAL HB 13 19.75 115.00 -18.41
C VAL HB 13 20.56 116.18 -17.89
N GLU HB 14 20.22 116.68 -16.69
CA GLU HB 14 20.95 117.81 -16.13
C GLU HB 14 22.32 117.40 -15.61
N ASP HB 15 22.54 116.12 -15.32
CA ASP HB 15 23.87 115.65 -14.95
C ASP HB 15 24.69 115.20 -16.16
N GLY HB 16 24.09 115.20 -17.34
CA GLY HB 16 24.84 114.97 -18.57
C GLY HB 16 25.13 113.53 -18.90
N ILE HB 17 24.59 112.57 -18.15
CA ILE HB 17 24.83 111.17 -18.46
C ILE HB 17 23.92 110.65 -19.56
N MET HB 18 22.88 111.40 -19.92
CA MET HB 18 22.01 111.02 -21.02
C MET HB 18 21.27 112.26 -21.50
N ASP HB 19 20.63 112.15 -22.65
CA ASP HB 19 19.91 113.27 -23.24
C ASP HB 19 18.52 112.84 -23.71
N ALA HB 20 17.54 113.69 -23.38
CA ALA HB 20 16.16 113.42 -23.73
C ALA HB 20 15.92 113.41 -25.23
N ALA HB 21 16.74 114.13 -26.01
CA ALA HB 21 16.61 114.06 -27.45
C ALA HB 21 16.90 112.67 -27.97
N ASN HB 22 17.98 112.06 -27.50
CA ASN HB 22 18.30 110.69 -27.91
C ASN HB 22 17.30 109.70 -27.34
N PHE HB 23 16.78 109.95 -26.13
CA PHE HB 23 15.76 109.06 -25.59
C PHE HB 23 14.49 109.10 -26.45
N GLU HB 24 14.05 110.30 -26.80
CA GLU HB 24 12.89 110.43 -27.69
C GLU HB 24 13.16 109.77 -29.02
N GLN HB 25 14.36 109.96 -29.56
CA GLN HB 25 14.74 109.29 -30.81
C GLN HB 25 14.66 107.79 -30.68
N PHE HB 26 15.07 107.26 -29.53
CA PHE HB 26 14.92 105.82 -29.28
C PHE HB 26 13.46 105.40 -29.29
N LEU HB 27 12.58 106.25 -28.77
CA LEU HB 27 11.21 105.79 -28.49
C LEU HB 27 10.38 105.55 -29.74
N GLN HB 28 10.46 106.40 -30.78
CA GLN HB 28 9.42 106.35 -31.79
C GLN HB 28 9.55 105.14 -32.70
N GLU HB 29 10.77 104.68 -32.98
CA GLU HB 29 10.94 103.49 -33.79
C GLU HB 29 11.01 102.21 -32.96
N ARG HB 30 10.84 102.33 -31.63
CA ARG HB 30 10.75 101.15 -30.79
C ARG HB 30 9.36 100.90 -30.26
N ILE HB 31 8.49 101.92 -30.25
CA ILE HB 31 7.13 101.73 -29.74
C ILE HB 31 6.35 100.88 -30.73
N LYS HB 32 5.78 99.79 -30.24
CA LYS HB 32 5.02 98.86 -31.05
C LYS HB 32 3.53 99.16 -30.90
N VAL HB 33 2.84 99.28 -32.03
CA VAL HB 33 1.38 99.35 -32.04
C VAL HB 33 0.88 98.18 -32.86
N ASN HB 34 0.08 97.33 -32.24
CA ASN HB 34 -0.38 96.07 -32.84
C ASN HB 34 0.80 95.21 -33.29
N GLY HB 35 1.87 95.23 -32.51
CA GLY HB 35 3.02 94.38 -32.74
C GLY HB 35 3.98 94.87 -33.80
N LYS HB 36 3.76 96.05 -34.38
CA LYS HB 36 4.59 96.56 -35.45
C LYS HB 36 5.31 97.82 -34.99
N ALA HB 37 6.62 97.72 -34.80
CA ALA HB 37 7.42 98.88 -34.46
C ALA HB 37 7.61 99.78 -35.67
N GLY HB 38 7.88 101.04 -35.42
CA GLY HB 38 7.96 102.00 -36.50
C GLY HB 38 6.68 102.79 -36.67
N ASN HB 39 6.83 104.01 -37.17
CA ASN HB 39 5.82 104.99 -37.58
C ASN HB 39 4.72 105.22 -36.55
N LEU HB 40 4.92 104.76 -35.31
CA LEU HB 40 4.00 105.02 -34.20
C LEU HB 40 2.56 104.64 -34.53
N GLY HB 41 2.40 103.48 -35.17
CA GLY HB 41 1.07 103.04 -35.58
C GLY HB 41 0.43 103.97 -36.58
N GLY HB 42 1.19 104.45 -37.55
CA GLY HB 42 0.68 105.43 -38.48
C GLY HB 42 0.38 106.76 -37.85
N GLY HB 43 1.12 107.14 -36.83
CA GLY HB 43 0.87 108.38 -36.12
C GLY HB 43 -0.26 108.30 -35.11
N VAL HB 44 -0.72 107.10 -34.75
CA VAL HB 44 -1.79 107.00 -33.78
C VAL HB 44 -1.27 107.25 -32.38
N VAL HB 45 0.04 107.13 -32.17
CA VAL HB 45 0.67 107.39 -30.89
C VAL HB 45 1.64 108.55 -31.11
N THR HB 46 1.28 109.73 -30.61
CA THR HB 46 2.10 110.91 -30.82
C THR HB 46 3.13 111.04 -29.71
N ILE HB 47 4.34 111.39 -30.12
CA ILE HB 47 5.45 111.63 -29.21
C ILE HB 47 5.71 113.13 -29.17
N GLU HB 48 6.12 113.63 -28.01
CA GLU HB 48 6.50 115.04 -27.93
C GLU HB 48 7.44 115.21 -26.75
N ARG HB 49 8.12 116.36 -26.72
CA ARG HB 49 9.06 116.64 -25.66
C ARG HB 49 8.93 118.09 -25.21
N SER HB 50 9.16 118.31 -23.91
CA SER HB 50 9.30 119.64 -23.34
C SER HB 50 10.76 119.93 -22.99
N LYS HB 51 11.68 119.37 -23.76
CA LYS HB 51 13.13 119.56 -23.68
C LYS HB 51 13.74 118.87 -22.47
N SER HB 52 12.91 118.39 -21.55
CA SER HB 52 13.35 117.43 -20.55
C SER HB 52 12.35 116.34 -20.24
N LYS HB 53 11.08 116.50 -20.62
CA LYS HB 53 10.03 115.53 -20.34
C LYS HB 53 9.44 115.03 -21.65
N ILE HB 54 9.34 113.71 -21.78
CA ILE HB 54 8.86 113.07 -22.99
C ILE HB 54 7.43 112.63 -22.75
N THR HB 55 6.49 113.19 -23.51
CA THR HB 55 5.08 112.88 -23.37
C THR HB 55 4.64 111.98 -24.51
N VAL HB 56 3.94 110.90 -24.17
CA VAL HB 56 3.41 109.94 -25.12
C VAL HB 56 1.90 110.03 -25.04
N THR HB 57 1.29 110.56 -26.08
CA THR HB 57 -0.16 110.65 -26.16
C THR HB 57 -0.65 109.53 -27.06
N SER HB 58 -1.70 108.83 -26.64
CA SER HB 58 -2.19 107.69 -27.39
C SER HB 58 -3.71 107.71 -27.44
N GLU HB 59 -4.24 107.26 -28.57
CA GLU HB 59 -5.68 107.05 -28.74
C GLU HB 59 -6.09 105.60 -28.66
N VAL HB 60 -5.24 104.68 -29.11
CA VAL HB 60 -5.47 103.25 -28.93
C VAL HB 60 -5.17 102.92 -27.47
N PRO HB 61 -5.68 101.81 -26.94
CA PRO HB 61 -5.29 101.40 -25.58
C PRO HB 61 -3.79 101.19 -25.48
N PHE HB 62 -3.18 101.86 -24.51
CA PHE HB 62 -1.74 101.85 -24.32
C PHE HB 62 -1.41 101.44 -22.89
N SER HB 63 -0.24 100.86 -22.71
CA SER HB 63 0.21 100.40 -21.41
C SER HB 63 1.34 101.29 -20.90
N LYS HB 64 1.18 101.78 -19.68
CA LYS HB 64 2.25 102.57 -19.05
C LYS HB 64 3.46 101.70 -18.76
N ARG HB 65 3.22 100.45 -18.36
CA ARG HB 65 4.32 99.53 -18.12
C ARG HB 65 5.11 99.24 -19.38
N TYR HB 66 4.49 99.38 -20.55
CA TYR HB 66 5.26 99.30 -21.80
C TYR HB 66 6.28 100.43 -21.88
N LEU HB 67 5.88 101.63 -21.49
CA LEU HB 67 6.84 102.73 -21.46
C LEU HB 67 7.95 102.46 -20.46
N LYS HB 68 7.60 101.89 -19.30
CA LYS HB 68 8.64 101.56 -18.33
C LYS HB 68 9.60 100.51 -18.89
N TYR HB 69 9.05 99.52 -19.58
CA TYR HB 69 9.86 98.47 -20.19
C TYR HB 69 10.82 99.04 -21.23
N LEU HB 70 10.32 99.95 -22.07
CA LEU HB 70 11.18 100.58 -23.08
C LEU HB 70 12.22 101.49 -22.45
N THR HB 71 11.87 102.19 -21.37
CA THR HB 71 12.85 103.03 -20.69
C THR HB 71 13.97 102.20 -20.09
N LYS HB 72 13.63 101.08 -19.47
CA LYS HB 72 14.66 100.18 -18.96
C LYS HB 72 15.49 99.59 -20.09
N LYS HB 73 14.86 99.31 -21.24
CA LYS HB 73 15.60 98.87 -22.41
C LYS HB 73 16.64 99.91 -22.83
N TYR HB 74 16.24 101.18 -22.89
CA TYR HB 74 17.15 102.25 -23.26
C TYR HB 74 18.28 102.40 -22.25
N LEU HB 75 17.96 102.32 -20.97
CA LEU HB 75 18.98 102.45 -19.94
C LEU HB 75 20.00 101.32 -20.00
N LYS HB 76 19.53 100.08 -20.23
CA LYS HB 76 20.45 98.98 -20.41
C LYS HB 76 21.30 99.17 -21.66
N LYS HB 77 20.70 99.70 -22.73
CA LYS HB 77 21.46 99.95 -23.95
C LYS HB 77 22.57 100.95 -23.70
N ASN HB 78 22.30 101.99 -22.92
CA ASN HB 78 23.27 103.05 -22.70
C ASN HB 78 24.04 102.90 -21.39
N ASN HB 79 23.96 101.73 -20.75
CA ASN HB 79 24.77 101.40 -19.57
C ASN HB 79 24.46 102.32 -18.39
N LEU HB 80 23.21 102.71 -18.26
CA LEU HB 80 22.76 103.52 -17.14
C LEU HB 80 21.94 102.73 -16.14
N ARG HB 81 21.75 101.43 -16.37
CA ARG HB 81 20.84 100.65 -15.56
C ARG HB 81 21.34 100.48 -14.12
N ASP HB 82 22.64 100.53 -13.91
CA ASP HB 82 23.20 100.38 -12.57
C ASP HB 82 23.23 101.69 -11.79
N TRP HB 83 22.82 102.81 -12.40
CA TRP HB 83 22.76 104.09 -11.70
C TRP HB 83 21.36 104.61 -11.52
N LEU HB 84 20.50 104.45 -12.51
CA LEU HB 84 19.17 105.04 -12.52
C LEU HB 84 18.10 103.97 -12.37
N ARG HB 85 16.92 104.40 -11.94
CA ARG HB 85 15.77 103.51 -11.87
C ARG HB 85 14.53 104.31 -12.20
N VAL HB 86 13.58 103.65 -12.87
CA VAL HB 86 12.32 104.26 -13.25
C VAL HB 86 11.35 104.11 -12.09
N VAL HB 87 10.79 105.22 -11.63
CA VAL HB 87 9.90 105.25 -10.48
C VAL HB 87 8.62 105.95 -10.89
N ALA HB 88 7.48 105.37 -10.53
CA ALA HB 88 6.19 106.01 -10.78
C ALA HB 88 6.00 107.12 -9.76
N ASN HB 89 6.41 108.33 -10.11
CA ASN HB 89 6.25 109.47 -9.22
C ASN HB 89 4.79 109.85 -9.03
N SER HB 90 3.94 109.54 -10.00
CA SER HB 90 2.51 109.76 -9.91
C SER HB 90 1.84 108.86 -10.92
N LYS HB 91 0.52 108.97 -11.04
CA LYS HB 91 -0.15 108.30 -12.14
C LYS HB 91 0.22 109.00 -13.44
N GLU HB 92 0.03 108.26 -14.55
CA GLU HB 92 0.39 108.68 -15.92
C GLU HB 92 1.78 109.30 -16.01
N SER HB 93 2.69 108.94 -15.12
CA SER HB 93 3.99 109.57 -15.09
C SER HB 93 5.03 108.63 -14.53
N TYR HB 94 6.15 108.51 -15.23
CA TYR HB 94 7.36 107.89 -14.70
C TYR HB 94 8.46 108.93 -14.59
N GLU HB 95 9.41 108.68 -13.71
CA GLU HB 95 10.54 109.57 -13.51
C GLU HB 95 11.73 108.72 -13.15
N LEU HB 96 12.82 108.87 -13.88
CA LEU HB 96 14.01 108.11 -13.57
C LEU HB 96 14.91 108.91 -12.64
N ARG HB 97 15.42 108.23 -11.61
CA ARG HB 97 16.16 108.88 -10.56
C ARG HB 97 17.24 107.94 -10.05
N TYR HB 98 18.22 108.53 -9.37
CA TYR HB 98 19.40 107.78 -8.98
C TYR HB 98 19.12 106.87 -7.79
N PHE HB 99 19.84 105.76 -7.74
CA PHE HB 99 19.87 104.93 -6.55
C PHE HB 99 20.50 105.70 -5.41
N GLN HB 100 20.08 105.40 -4.19
CA GLN HB 100 20.71 106.03 -3.05
C GLN HB 100 22.02 105.33 -2.73
N ILE HB 101 22.75 105.88 -1.76
CA ILE HB 101 24.07 105.36 -1.41
C ILE HB 101 23.96 104.04 -0.68
N SER IB 1 52.79 20.20 -48.62
CA SER IB 1 51.35 20.17 -48.34
C SER IB 1 50.88 21.48 -47.71
N GLY IB 2 50.73 21.47 -46.38
CA GLY IB 2 50.30 22.63 -45.64
C GLY IB 2 49.29 22.31 -44.57
N ALA IB 3 49.59 22.73 -43.34
CA ALA IB 3 48.74 22.46 -42.18
C ALA IB 3 47.98 23.72 -41.80
N LYS IB 4 46.74 23.54 -41.36
CA LYS IB 4 45.90 24.68 -41.05
C LYS IB 4 46.43 25.42 -39.83
N PHE IB 5 46.57 26.73 -39.97
CA PHE IB 5 47.00 27.56 -38.85
C PHE IB 5 45.90 27.69 -37.82
N ARG IB 6 46.29 28.06 -36.60
CA ARG IB 6 45.32 28.26 -35.54
C ARG IB 6 44.47 29.48 -35.81
N ILE IB 7 43.16 29.36 -35.55
CA ILE IB 7 42.21 30.45 -35.71
C ILE IB 7 41.39 30.57 -34.44
N SER IB 8 40.73 31.72 -34.29
CA SER IB 8 39.83 31.92 -33.16
C SER IB 8 38.62 31.01 -33.30
N LEU IB 9 38.29 30.29 -32.23
CA LEU IB 9 37.31 29.22 -32.35
C LEU IB 9 35.88 29.75 -32.28
N GLY IB 10 35.47 30.26 -31.13
CA GLY IB 10 34.18 30.92 -31.04
C GLY IB 10 32.96 30.05 -31.16
N LEU IB 11 33.10 28.73 -31.24
CA LEU IB 11 31.96 27.81 -31.25
C LEU IB 11 32.19 26.71 -30.24
N PRO IB 12 31.84 26.92 -28.99
CA PRO IB 12 32.03 25.91 -27.95
C PRO IB 12 30.99 24.81 -28.08
N VAL IB 13 31.13 23.80 -27.23
CA VAL IB 13 30.15 22.72 -27.18
C VAL IB 13 28.83 23.29 -26.67
N GLY IB 14 27.75 22.93 -27.34
CA GLY IB 14 26.45 23.48 -27.04
C GLY IB 14 25.99 24.54 -27.99
N ALA IB 15 26.78 24.84 -29.02
CA ALA IB 15 26.40 25.82 -30.02
C ALA IB 15 25.51 25.18 -31.06
N VAL IB 16 24.44 25.87 -31.44
CA VAL IB 16 23.56 25.44 -32.51
C VAL IB 16 23.82 26.34 -33.71
N ILE IB 17 24.32 25.74 -34.79
CA ILE IB 17 24.69 26.45 -36.00
C ILE IB 17 23.79 25.98 -37.13
N ASN IB 18 23.75 26.76 -38.20
CA ASN IB 18 22.94 26.38 -39.33
C ASN IB 18 23.54 25.20 -40.06
N CYS IB 19 22.70 24.44 -40.75
CA CYS IB 19 23.13 23.31 -41.56
C CYS IB 19 22.95 23.72 -43.01
N ALA IB 20 24.06 23.96 -43.70
CA ALA IB 20 24.05 24.63 -44.99
C ALA IB 20 23.88 23.69 -46.17
N ASP IB 21 23.80 22.38 -45.95
CA ASP IB 21 23.66 21.46 -47.06
C ASP IB 21 22.19 21.18 -47.33
N ASN IB 22 21.91 20.46 -48.41
CA ASN IB 22 20.56 20.06 -48.76
C ASN IB 22 20.18 18.71 -48.18
N THR IB 23 20.80 18.33 -47.06
CA THR IB 23 20.55 17.03 -46.46
C THR IB 23 19.11 16.91 -45.96
N GLY IB 24 18.56 18.00 -45.45
CA GLY IB 24 17.24 17.99 -44.86
C GLY IB 24 17.23 18.40 -43.40
N ALA IB 25 18.39 18.64 -42.81
CA ALA IB 25 18.49 19.14 -41.45
C ALA IB 25 18.54 20.66 -41.46
N LYS IB 26 17.97 21.26 -40.43
CA LYS IB 26 17.94 22.71 -40.35
C LYS IB 26 19.09 23.28 -39.54
N ASN IB 27 19.50 22.60 -38.48
CA ASN IB 27 20.60 23.08 -37.67
C ASN IB 27 21.35 21.91 -37.05
N LEU IB 28 22.54 22.20 -36.56
CA LEU IB 28 23.42 21.24 -35.91
C LEU IB 28 23.74 21.74 -34.52
N TYR IB 29 23.57 20.89 -33.53
CA TYR IB 29 23.91 21.18 -32.15
C TYR IB 29 25.22 20.46 -31.86
N ILE IB 30 26.27 21.22 -31.59
CA ILE IB 30 27.61 20.68 -31.43
C ILE IB 30 27.72 20.03 -30.05
N ILE IB 31 28.08 18.76 -30.02
CA ILE IB 31 28.26 18.05 -28.76
C ILE IB 31 29.72 17.78 -28.45
N SER IB 32 30.62 17.84 -29.42
CA SER IB 32 32.05 17.72 -29.19
C SER IB 32 32.80 18.06 -30.45
N VAL IB 33 34.11 18.26 -30.30
CA VAL IB 33 35.01 18.62 -31.39
C VAL IB 33 36.09 17.55 -31.48
N LYS IB 34 36.44 17.16 -32.70
CA LYS IB 34 37.48 16.17 -32.89
C LYS IB 34 38.86 16.77 -32.63
N GLY IB 35 39.73 15.97 -32.04
CA GLY IB 35 41.10 16.40 -31.78
C GLY IB 35 41.31 17.20 -30.52
N ILE IB 36 40.28 17.36 -29.69
CA ILE IB 36 40.38 18.16 -28.48
C ILE IB 36 40.84 17.25 -27.34
N LYS IB 37 42.09 17.42 -26.91
CA LYS IB 37 42.56 16.70 -25.73
C LYS IB 37 41.84 17.20 -24.48
N GLY IB 38 41.80 18.51 -24.30
CA GLY IB 38 40.98 19.12 -23.28
C GLY IB 38 41.79 19.61 -22.10
N ARG IB 39 41.10 20.38 -21.27
CA ARG IB 39 41.65 20.93 -20.03
C ARG IB 39 40.48 21.06 -19.07
N LEU IB 40 40.79 21.10 -17.78
CA LEU IB 40 39.75 21.15 -16.77
C LEU IB 40 38.89 22.39 -16.94
N ASN IB 41 37.57 22.18 -16.95
CA ASN IB 41 36.53 23.19 -17.05
C ASN IB 41 36.43 23.85 -18.42
N ARG IB 42 37.34 23.56 -19.34
CA ARG IB 42 37.36 24.22 -20.64
C ARG IB 42 36.44 23.51 -21.61
N LEU IB 43 35.52 24.26 -22.20
CA LEU IB 43 34.63 23.69 -23.20
C LEU IB 43 35.40 23.45 -24.49
N PRO IB 44 35.26 22.27 -25.10
CA PRO IB 44 35.81 22.10 -26.45
C PRO IB 44 35.15 23.06 -27.41
N ALA IB 45 35.96 23.63 -28.31
CA ALA IB 45 35.47 24.65 -29.21
C ALA IB 45 36.03 24.40 -30.59
N ALA IB 46 35.31 24.88 -31.60
CA ALA IB 46 35.66 24.64 -32.99
C ALA IB 46 35.59 25.92 -33.80
N GLY IB 47 36.47 26.03 -34.79
CA GLY IB 47 36.41 27.06 -35.78
C GLY IB 47 36.06 26.49 -37.14
N VAL IB 48 36.19 27.34 -38.16
CA VAL IB 48 35.93 26.88 -39.51
C VAL IB 48 37.00 25.88 -39.94
N GLY IB 49 36.58 24.83 -40.62
CA GLY IB 49 37.45 23.75 -40.98
C GLY IB 49 37.57 22.66 -39.95
N ASP IB 50 36.91 22.79 -38.81
CA ASP IB 50 37.01 21.81 -37.74
C ASP IB 50 35.89 20.79 -37.87
N MET IB 51 36.22 19.54 -37.54
CA MET IB 51 35.28 18.44 -37.55
C MET IB 51 34.70 18.27 -36.15
N VAL IB 52 33.37 18.33 -36.06
CA VAL IB 52 32.65 18.24 -34.80
C VAL IB 52 31.74 17.03 -34.87
N MET IB 53 31.24 16.64 -33.71
CA MET IB 53 30.12 15.72 -33.62
C MET IB 53 28.89 16.53 -33.27
N ALA IB 54 27.79 16.29 -33.97
CA ALA IB 54 26.63 17.14 -33.80
C ALA IB 54 25.36 16.31 -33.89
N THR IB 55 24.31 16.79 -33.25
CA THR IB 55 22.98 16.22 -33.39
C THR IB 55 22.06 17.28 -33.98
N VAL IB 56 21.22 16.90 -34.92
CA VAL IB 56 20.33 17.88 -35.52
C VAL IB 56 19.09 18.01 -34.65
N LYS IB 57 18.74 19.25 -34.32
CA LYS IB 57 17.57 19.53 -33.50
C LYS IB 57 16.32 19.75 -34.31
N LYS IB 58 16.40 20.49 -35.42
CA LYS IB 58 15.30 20.68 -36.34
C LYS IB 58 15.67 20.05 -37.67
N GLY IB 59 14.78 19.25 -38.22
CA GLY IB 59 15.02 18.58 -39.47
C GLY IB 59 14.21 17.32 -39.56
N LYS IB 60 14.65 16.42 -40.43
CA LYS IB 60 13.90 15.21 -40.68
C LYS IB 60 14.02 14.24 -39.50
N PRO IB 61 12.95 13.50 -39.21
CA PRO IB 61 13.02 12.51 -38.12
C PRO IB 61 14.09 11.45 -38.31
N GLU IB 62 14.34 11.04 -39.55
CA GLU IB 62 15.36 10.03 -39.79
C GLU IB 62 16.77 10.56 -39.56
N LEU IB 63 16.93 11.86 -39.39
CA LEU IB 63 18.18 12.46 -39.00
C LEU IB 63 18.22 12.90 -37.55
N ARG IB 64 17.05 13.10 -36.94
CA ARG IB 64 16.93 13.99 -35.79
C ARG IB 64 17.64 13.45 -34.55
N LYS IB 65 17.39 12.20 -34.17
CA LYS IB 65 17.90 11.68 -32.89
C LYS IB 65 19.13 10.78 -33.11
N LYS IB 66 20.20 11.38 -33.63
CA LYS IB 66 21.39 10.63 -33.99
C LYS IB 66 22.58 11.55 -33.96
N VAL IB 67 23.77 10.97 -33.78
CA VAL IB 67 25.02 11.73 -33.82
C VAL IB 67 25.61 11.63 -35.22
N HIS IB 68 25.98 12.77 -35.80
CA HIS IB 68 26.56 12.87 -37.11
C HIS IB 68 27.89 13.61 -37.04
N PRO IB 69 28.90 13.17 -37.76
CA PRO IB 69 30.07 14.02 -37.97
C PRO IB 69 29.70 15.21 -38.84
N ALA IB 70 30.26 16.36 -38.52
CA ALA IB 70 29.96 17.58 -39.25
C ALA IB 70 31.25 18.38 -39.36
N VAL IB 71 31.26 19.32 -40.29
CA VAL IB 71 32.41 20.19 -40.49
C VAL IB 71 31.91 21.63 -40.50
N VAL IB 72 32.57 22.49 -39.73
CA VAL IB 72 32.19 23.90 -39.70
C VAL IB 72 32.71 24.60 -40.94
N ILE IB 73 31.83 25.33 -41.62
CA ILE IB 73 32.20 26.03 -42.85
C ILE IB 73 32.10 27.55 -42.73
N ARG IB 74 31.30 28.08 -41.82
CA ARG IB 74 31.20 29.52 -41.61
C ARG IB 74 31.08 29.79 -40.11
N GLN IB 75 31.77 30.82 -39.65
CA GLN IB 75 31.68 31.20 -38.25
C GLN IB 75 31.51 32.71 -38.13
N ARG IB 76 30.78 33.13 -37.11
CA ARG IB 76 30.56 34.54 -36.86
C ARG IB 76 31.68 35.18 -36.04
N LYS IB 77 32.53 34.38 -35.41
CA LYS IB 77 33.69 34.90 -34.70
C LYS IB 77 34.77 35.29 -35.69
N SER IB 78 35.26 36.52 -35.57
CA SER IB 78 36.29 37.02 -36.46
C SER IB 78 37.60 36.28 -36.23
N TYR IB 79 38.28 35.92 -37.31
CA TYR IB 79 39.56 35.24 -37.20
C TYR IB 79 40.55 35.85 -38.19
N ARG IB 80 41.82 35.80 -37.83
CA ARG IB 80 42.90 36.43 -38.57
C ARG IB 80 43.51 35.44 -39.55
N ARG IB 81 43.64 35.84 -40.81
CA ARG IB 81 44.00 34.92 -41.88
C ARG IB 81 45.48 35.04 -42.28
N LYS IB 82 46.36 35.31 -41.31
CA LYS IB 82 47.81 35.28 -41.50
C LYS IB 82 48.32 36.30 -42.50
N ASP IB 83 47.41 37.04 -43.14
CA ASP IB 83 47.78 38.16 -44.00
C ASP IB 83 47.17 39.45 -43.48
N GLY IB 84 46.71 39.45 -42.23
CA GLY IB 84 46.20 40.63 -41.60
C GLY IB 84 44.72 40.87 -41.77
N VAL IB 85 44.05 40.10 -42.62
CA VAL IB 85 42.62 40.28 -42.76
C VAL IB 85 41.94 39.55 -41.60
N PHE IB 86 41.03 40.24 -40.94
CA PHE IB 86 40.17 39.65 -39.94
C PHE IB 86 38.83 39.40 -40.61
N LEU IB 87 38.48 38.13 -40.76
CA LEU IB 87 37.29 37.75 -41.51
C LEU IB 87 36.27 37.13 -40.57
N TYR IB 88 35.01 37.50 -40.76
CA TYR IB 88 33.90 36.82 -40.10
C TYR IB 88 32.72 36.79 -41.05
N PHE IB 89 31.80 35.87 -40.79
CA PHE IB 89 30.67 35.63 -41.66
C PHE IB 89 29.39 36.11 -40.98
N GLU IB 90 28.30 36.08 -41.75
CA GLU IB 90 27.03 36.54 -41.23
C GLU IB 90 26.40 35.56 -40.27
N ASP IB 91 26.73 34.27 -40.37
CA ASP IB 91 26.15 33.27 -39.48
C ASP IB 91 27.14 32.13 -39.31
N ASN IB 92 26.86 31.30 -38.31
CA ASN IB 92 27.59 30.05 -38.11
C ASN IB 92 26.88 28.95 -38.87
N ALA IB 93 27.64 28.19 -39.64
CA ALA IB 93 27.06 27.12 -40.44
C ALA IB 93 28.07 26.01 -40.65
N GLY IB 94 27.56 24.79 -40.76
CA GLY IB 94 28.38 23.63 -41.06
C GLY IB 94 27.59 22.67 -41.92
N VAL IB 95 28.26 21.59 -42.33
CA VAL IB 95 27.65 20.56 -43.16
C VAL IB 95 27.88 19.21 -42.51
N ILE IB 96 27.03 18.25 -42.89
CA ILE IB 96 27.10 16.90 -42.34
C ILE IB 96 27.96 16.03 -43.25
N VAL IB 97 28.97 15.39 -42.68
CA VAL IB 97 29.92 14.57 -43.42
C VAL IB 97 29.98 13.20 -42.75
N ASN IB 98 30.67 12.27 -43.40
CA ASN IB 98 30.94 10.98 -42.79
C ASN IB 98 32.32 11.03 -42.13
N ASN IB 99 32.80 9.88 -41.67
CA ASN IB 99 34.10 9.83 -41.01
C ASN IB 99 35.25 10.14 -41.96
N LYS IB 100 35.04 10.01 -43.27
CA LYS IB 100 36.06 10.28 -44.27
C LYS IB 100 36.03 11.73 -44.76
N GLY IB 101 35.20 12.57 -44.18
CA GLY IB 101 35.10 13.93 -44.67
C GLY IB 101 34.35 14.07 -45.96
N GLU IB 102 33.49 13.13 -46.31
CA GLU IB 102 32.69 13.18 -47.52
C GLU IB 102 31.27 13.60 -47.16
N MET IB 103 30.73 14.56 -47.90
CA MET IB 103 29.46 15.15 -47.53
C MET IB 103 28.31 14.17 -47.72
N LYS IB 104 27.35 14.21 -46.79
CA LYS IB 104 26.12 13.47 -46.98
C LYS IB 104 25.22 14.15 -48.01
N GLY IB 105 25.19 15.47 -48.00
CA GLY IB 105 24.42 16.22 -48.97
C GLY IB 105 25.14 16.34 -50.29
N SER IB 106 24.60 17.18 -51.17
CA SER IB 106 25.16 17.38 -52.49
C SER IB 106 25.32 18.82 -52.87
N ALA IB 107 24.94 19.77 -52.01
CA ALA IB 107 25.09 21.18 -52.33
C ALA IB 107 25.25 21.95 -51.03
N ILE IB 108 25.79 23.16 -51.15
CA ILE IB 108 25.99 24.05 -50.01
C ILE IB 108 25.43 25.42 -50.37
N THR IB 109 24.65 25.99 -49.46
CA THR IB 109 24.13 27.33 -49.64
C THR IB 109 25.05 28.32 -48.94
N GLY IB 110 25.46 29.37 -49.66
CA GLY IB 110 26.30 30.39 -49.09
C GLY IB 110 27.77 30.09 -49.27
N PRO IB 111 28.63 31.00 -48.83
CA PRO IB 111 30.06 30.81 -48.99
C PRO IB 111 30.61 29.76 -48.03
N VAL IB 112 31.80 29.28 -48.35
CA VAL IB 112 32.55 28.37 -47.50
C VAL IB 112 33.92 28.99 -47.26
N ALA IB 113 34.37 28.99 -46.02
CA ALA IB 113 35.65 29.58 -45.68
C ALA IB 113 36.77 28.88 -46.43
N LYS IB 114 37.82 29.64 -46.76
CA LYS IB 114 38.97 29.07 -47.45
C LYS IB 114 39.68 28.04 -46.58
N GLU IB 115 39.75 28.29 -45.27
CA GLU IB 115 40.39 27.35 -44.36
C GLU IB 115 39.68 26.01 -44.35
N CYS IB 116 38.35 26.03 -44.41
CA CYS IB 116 37.61 24.79 -44.53
C CYS IB 116 37.73 24.17 -45.92
N ALA IB 117 37.77 25.01 -46.95
CA ALA IB 117 37.77 24.50 -48.32
C ALA IB 117 39.03 23.74 -48.64
N ASP IB 118 40.19 24.34 -48.36
CA ASP IB 118 41.43 23.65 -48.70
C ASP IB 118 41.72 22.47 -47.78
N LEU IB 119 41.13 22.47 -46.58
CA LEU IB 119 41.28 21.33 -45.68
C LEU IB 119 40.38 20.17 -46.06
N TRP IB 120 39.20 20.44 -46.59
CA TRP IB 120 38.27 19.40 -47.02
C TRP IB 120 37.96 19.56 -48.51
N PRO IB 121 38.63 18.82 -49.38
CA PRO IB 121 38.37 18.96 -50.82
C PRO IB 121 36.97 18.58 -51.25
N ARG IB 122 36.33 17.63 -50.56
CA ARG IB 122 34.98 17.24 -50.94
C ARG IB 122 33.99 18.36 -50.68
N ILE IB 123 34.15 19.07 -49.56
CA ILE IB 123 33.30 20.22 -49.28
C ILE IB 123 33.57 21.35 -50.24
N ALA IB 124 34.83 21.53 -50.64
CA ALA IB 124 35.18 22.59 -51.58
C ALA IB 124 34.51 22.38 -52.93
N SER IB 125 34.35 21.12 -53.34
CA SER IB 125 33.71 20.82 -54.62
C SER IB 125 32.26 21.27 -54.61
N ASN IB 126 31.53 20.95 -53.54
CA ASN IB 126 30.12 21.32 -53.45
C ASN IB 126 29.93 22.77 -53.04
N ALA IB 127 30.98 23.46 -52.62
CA ALA IB 127 30.86 24.85 -52.23
C ALA IB 127 30.50 25.72 -53.41
N GLY IB 128 29.60 26.68 -53.19
CA GLY IB 128 29.22 27.62 -54.21
C GLY IB 128 30.32 28.63 -54.47
N SER IB 129 30.68 29.38 -53.43
CA SER IB 129 31.77 30.35 -53.50
C SER IB 129 32.64 30.18 -52.27
N ILE IB 130 33.90 30.59 -52.40
CA ILE IB 130 34.89 30.47 -51.34
C ILE IB 130 35.19 31.86 -50.82
N ALA IB 131 35.09 32.04 -49.51
CA ALA IB 131 35.38 33.33 -48.90
C ALA IB 131 36.60 33.24 -48.00
N LYS JB 1 -61.88 54.76 58.15
CA LYS JB 1 -62.37 54.61 56.78
C LYS JB 1 -61.58 55.47 55.82
N LYS JB 2 -60.86 56.45 56.36
CA LYS JB 2 -60.09 57.40 55.56
C LYS JB 2 -58.65 56.94 55.32
N LYS JB 3 -58.26 55.79 55.86
CA LYS JB 3 -56.94 55.23 55.63
C LYS JB 3 -57.00 54.34 54.39
N ILE JB 4 -56.46 54.81 53.28
CA ILE JB 4 -56.51 54.11 52.01
C ILE JB 4 -55.11 54.08 51.41
N ARG JB 5 -54.69 52.92 50.94
CA ARG JB 5 -53.41 52.75 50.24
C ARG JB 5 -53.72 52.61 48.76
N THR JB 6 -53.56 53.69 48.01
CA THR JB 6 -53.82 53.67 46.58
C THR JB 6 -52.63 53.21 45.76
N SER JB 7 -51.46 53.05 46.38
CA SER JB 7 -50.28 52.56 45.69
C SER JB 7 -49.81 51.27 46.32
N PRO JB 8 -49.43 50.27 45.53
CA PRO JB 8 -49.01 48.98 46.10
C PRO JB 8 -47.61 48.97 46.66
N THR JB 9 -46.98 50.12 46.81
CA THR JB 9 -45.63 50.23 47.36
C THR JB 9 -45.71 50.85 48.74
N PHE JB 10 -45.05 50.23 49.70
CA PHE JB 10 -44.85 50.83 51.02
C PHE JB 10 -43.56 51.63 50.96
N ARG JB 11 -43.68 52.94 51.12
CA ARG JB 11 -42.52 53.81 51.22
C ARG JB 11 -42.26 54.16 52.68
N ARG JB 12 -40.99 54.37 53.00
CA ARG JB 12 -40.64 54.75 54.36
C ARG JB 12 -41.27 56.09 54.69
N PRO JB 13 -42.07 56.19 55.74
CA PRO JB 13 -42.73 57.46 56.05
C PRO JB 13 -41.73 58.52 56.42
N LYS JB 14 -42.05 59.75 56.03
CA LYS JB 14 -41.17 60.88 56.33
C LYS JB 14 -41.30 61.24 57.80
N THR JB 15 -40.20 61.13 58.53
CA THR JB 15 -40.17 61.41 59.96
C THR JB 15 -39.45 62.74 60.20
N LEU JB 16 -39.49 63.17 61.45
CA LEU JB 16 -38.89 64.45 61.82
C LEU JB 16 -37.40 64.27 62.07
N ARG JB 17 -36.60 65.17 61.52
CA ARG JB 17 -35.15 65.16 61.68
C ARG JB 17 -34.76 66.46 62.37
N LEU JB 18 -34.39 66.36 63.65
CA LEU JB 18 -34.00 67.55 64.40
C LEU JB 18 -32.65 68.07 63.92
N ARG JB 19 -32.44 69.36 64.14
CA ARG JB 19 -31.14 69.96 63.90
C ARG JB 19 -30.25 69.75 65.12
N ARG JB 20 -28.94 69.80 64.88
CA ARG JB 20 -27.99 69.62 65.96
C ARG JB 20 -28.09 70.77 66.96
N GLN JB 21 -28.15 70.43 68.24
CA GLN JB 21 -28.13 71.40 69.32
C GLN JB 21 -27.03 70.97 70.28
N PRO JB 22 -25.77 71.19 69.89
CA PRO JB 22 -24.66 70.60 70.64
C PRO JB 22 -24.52 71.21 72.02
N LYS JB 23 -24.24 70.34 73.00
CA LYS JB 23 -24.05 70.81 74.37
C LYS JB 23 -22.73 71.53 74.56
N TYR JB 24 -21.80 71.37 73.61
CA TYR JB 24 -20.51 72.03 73.66
C TYR JB 24 -19.98 72.10 72.25
N PRO JB 25 -19.30 73.17 71.87
CA PRO JB 25 -18.65 73.20 70.56
C PRO JB 25 -17.42 72.32 70.56
N ARG JB 26 -17.17 71.65 69.46
CA ARG JB 26 -16.01 70.77 69.38
C ARG JB 26 -14.72 71.54 69.23
N LYS JB 27 -14.78 72.76 68.69
CA LYS JB 27 -13.64 73.65 68.65
C LYS JB 27 -13.94 74.83 69.56
N SER JB 28 -13.01 75.14 70.47
CA SER JB 28 -13.26 76.16 71.48
C SER JB 28 -13.48 77.52 70.86
N ALA JB 29 -12.65 77.90 69.91
CA ALA JB 29 -12.81 79.15 69.19
C ALA JB 29 -12.56 78.91 67.71
N PRO JB 30 -13.25 79.64 66.84
CA PRO JB 30 -12.97 79.54 65.41
C PRO JB 30 -11.56 80.00 65.10
N ARG JB 31 -10.89 79.26 64.22
CA ARG JB 31 -9.54 79.62 63.83
C ARG JB 31 -9.53 80.90 63.01
N ARG JB 32 -8.40 81.60 63.03
CA ARG JB 32 -8.31 82.81 62.25
C ARG JB 32 -7.97 82.48 60.80
N ASN JB 33 -8.32 83.41 59.92
CA ASN JB 33 -8.08 83.23 58.49
C ASN JB 33 -6.59 83.36 58.21
N LYS JB 34 -5.96 82.25 57.81
CA LYS JB 34 -4.54 82.32 57.49
C LYS JB 34 -4.30 83.04 56.17
N LEU JB 35 -5.22 82.91 55.22
CA LEU JB 35 -5.10 83.57 53.93
C LEU JB 35 -5.73 84.97 54.00
N ASP JB 36 -5.09 85.83 54.80
CA ASP JB 36 -5.49 87.23 54.89
C ASP JB 36 -4.88 87.98 53.72
N HIS JB 37 -4.96 89.32 53.76
CA HIS JB 37 -4.50 90.11 52.63
C HIS JB 37 -2.99 90.11 52.51
N TYR JB 38 -2.29 90.22 53.64
CA TYR JB 38 -0.83 90.20 53.60
C TYR JB 38 -0.31 88.83 53.22
N ALA JB 39 -1.03 87.77 53.60
CA ALA JB 39 -0.67 86.44 53.13
C ALA JB 39 -0.95 86.28 51.64
N ILE JB 40 -2.02 86.91 51.14
CA ILE JB 40 -2.37 86.77 49.74
C ILE JB 40 -1.34 87.43 48.85
N ILE JB 41 -0.96 88.67 49.15
CA ILE JB 41 0.03 89.37 48.34
C ILE JB 41 1.40 89.15 48.97
N LYS JB 42 2.25 88.38 48.29
CA LYS JB 42 3.57 88.09 48.82
C LYS JB 42 4.55 89.22 48.53
N PHE JB 43 4.82 89.47 47.26
CA PHE JB 43 5.73 90.53 46.84
C PHE JB 43 5.47 90.84 45.38
N PRO JB 44 5.77 92.05 44.93
CA PRO JB 44 5.59 92.38 43.52
C PRO JB 44 6.80 92.03 42.67
N LEU JB 45 6.52 91.57 41.46
CA LEU JB 45 7.56 91.23 40.51
C LEU JB 45 8.11 92.49 39.87
N THR JB 46 9.44 92.59 39.79
CA THR JB 46 10.09 93.79 39.27
C THR JB 46 10.98 93.47 38.08
N THR JB 47 10.62 92.46 37.29
CA THR JB 47 11.40 92.13 36.12
C THR JB 47 11.12 93.13 35.00
N GLU JB 48 11.84 92.95 33.89
CA GLU JB 48 11.66 93.84 32.74
C GLU JB 48 10.27 93.70 32.15
N SER JB 49 9.75 92.48 32.10
CA SER JB 49 8.39 92.28 31.62
C SER JB 49 7.38 92.94 32.54
N ALA JB 50 7.61 92.86 33.86
CA ALA JB 50 6.73 93.53 34.79
C ALA JB 50 6.77 95.04 34.60
N MET JB 51 7.97 95.60 34.37
CA MET JB 51 8.06 97.04 34.12
C MET JB 51 7.36 97.43 32.83
N LYS JB 52 7.46 96.60 31.79
CA LYS JB 52 6.73 96.86 30.56
C LYS JB 52 5.22 96.85 30.80
N LYS JB 53 4.74 95.89 31.60
CA LYS JB 53 3.32 95.85 31.93
C LYS JB 53 2.91 97.09 32.71
N ILE JB 54 3.74 97.54 33.65
CA ILE JB 54 3.40 98.69 34.46
C ILE JB 54 3.34 99.95 33.62
N GLU JB 55 4.33 100.17 32.76
CA GLU JB 55 4.40 101.41 32.02
C GLU JB 55 3.62 101.39 30.72
N ASP JB 56 3.08 100.24 30.32
CA ASP JB 56 2.32 100.18 29.07
C ASP JB 56 0.87 99.80 29.28
N ASN JB 57 0.61 98.68 29.95
CA ASN JB 57 -0.74 98.14 30.06
C ASN JB 57 -1.45 98.53 31.34
N ASN JB 58 -0.87 99.44 32.13
CA ASN JB 58 -1.45 99.89 33.39
C ASN JB 58 -1.71 98.73 34.34
N THR JB 59 -0.77 97.79 34.38
CA THR JB 59 -0.93 96.54 35.10
C THR JB 59 0.21 96.36 36.09
N LEU JB 60 -0.13 96.10 37.34
CA LEU JB 60 0.85 95.69 38.33
C LEU JB 60 1.03 94.18 38.26
N VAL JB 61 2.25 93.71 38.53
CA VAL JB 61 2.55 92.29 38.54
C VAL JB 61 2.94 91.90 39.94
N PHE JB 62 2.24 90.91 40.50
CA PHE JB 62 2.46 90.47 41.87
C PHE JB 62 2.73 88.98 41.89
N ILE JB 63 3.44 88.53 42.90
CA ILE JB 63 3.53 87.13 43.23
C ILE JB 63 2.63 86.89 44.42
N VAL JB 64 1.62 86.04 44.26
CA VAL JB 64 0.59 85.87 45.26
C VAL JB 64 0.61 84.44 45.76
N ASP JB 65 -0.22 84.17 46.76
CA ASP JB 65 -0.34 82.81 47.26
C ASP JB 65 -0.96 81.90 46.21
N VAL JB 66 -0.51 80.66 46.18
CA VAL JB 66 -1.02 79.72 45.19
C VAL JB 66 -2.48 79.39 45.46
N LYS JB 67 -2.92 79.50 46.71
CA LYS JB 67 -4.29 79.21 47.05
C LYS JB 67 -5.23 80.38 46.81
N ALA JB 68 -4.72 81.55 46.49
CA ALA JB 68 -5.56 82.71 46.24
C ALA JB 68 -6.20 82.62 44.87
N ASN JB 69 -7.46 83.03 44.78
CA ASN JB 69 -8.15 83.12 43.51
C ASN JB 69 -8.28 84.59 43.12
N LYS JB 70 -8.92 84.83 41.97
CA LYS JB 70 -8.97 86.17 41.41
C LYS JB 70 -9.76 87.14 42.29
N HIS JB 71 -10.85 86.66 42.88
CA HIS JB 71 -11.62 87.51 43.78
C HIS JB 71 -10.80 87.92 44.99
N GLN JB 72 -10.09 86.97 45.59
CA GLN JB 72 -9.26 87.30 46.75
C GLN JB 72 -8.12 88.24 46.39
N ILE JB 73 -7.49 88.02 45.23
CA ILE JB 73 -6.42 88.92 44.80
C ILE JB 73 -6.94 90.33 44.59
N LYS JB 74 -8.10 90.45 43.94
CA LYS JB 74 -8.69 91.76 43.70
C LYS JB 74 -9.00 92.47 45.01
N GLN JB 75 -9.62 91.75 45.95
CA GLN JB 75 -9.95 92.35 47.24
C GLN JB 75 -8.69 92.76 47.99
N ALA JB 76 -7.66 91.91 47.98
CA ALA JB 76 -6.44 92.21 48.72
C ALA JB 76 -5.74 93.44 48.16
N VAL JB 77 -5.63 93.53 46.84
CA VAL JB 77 -4.98 94.70 46.24
C VAL JB 77 -5.78 95.95 46.54
N LYS JB 78 -7.11 95.90 46.37
CA LYS JB 78 -7.93 97.06 46.67
C LYS JB 78 -7.81 97.47 48.14
N LYS JB 79 -7.66 96.51 49.04
CA LYS JB 79 -7.63 96.83 50.45
C LYS JB 79 -6.30 97.43 50.86
N LEU JB 80 -5.21 96.75 50.57
CA LEU JB 80 -3.92 97.18 51.10
C LEU JB 80 -3.16 98.11 50.17
N TYR JB 81 -3.74 98.51 49.04
CA TYR JB 81 -3.16 99.59 48.25
C TYR JB 81 -4.12 100.71 47.93
N ASP JB 82 -5.41 100.56 48.25
CA ASP JB 82 -6.42 101.60 48.01
C ASP JB 82 -6.48 102.02 46.55
N ILE JB 83 -6.48 101.03 45.66
CA ILE JB 83 -6.57 101.26 44.22
C ILE JB 83 -7.64 100.35 43.64
N ASP JB 84 -8.43 100.88 42.72
CA ASP JB 84 -9.40 100.06 42.01
C ASP JB 84 -8.70 99.24 40.94
N VAL JB 85 -9.25 98.06 40.67
CA VAL JB 85 -8.67 97.15 39.69
C VAL JB 85 -9.75 96.78 38.68
N ALA JB 86 -9.35 96.67 37.42
CA ALA JB 86 -10.29 96.32 36.36
C ALA JB 86 -10.43 94.82 36.21
N LYS JB 87 -9.32 94.10 36.19
CA LYS JB 87 -9.36 92.65 36.07
C LYS JB 87 -8.05 92.09 36.59
N VAL JB 88 -8.07 90.79 36.87
CA VAL JB 88 -6.90 90.06 37.33
C VAL JB 88 -6.72 88.83 36.46
N ASN JB 89 -5.54 88.67 35.88
CA ASN JB 89 -5.17 87.48 35.15
C ASN JB 89 -4.14 86.70 35.97
N THR JB 90 -4.27 85.40 35.98
CA THR JB 90 -3.53 84.56 36.92
C THR JB 90 -2.84 83.43 36.17
N LEU JB 91 -1.56 83.25 36.43
CA LEU JB 91 -0.88 82.05 35.96
C LEU JB 91 -0.07 81.49 37.10
N ILE JB 92 0.34 80.24 36.97
CA ILE JB 92 1.21 79.60 37.94
C ILE JB 92 2.53 79.31 37.25
N ARG JB 93 3.60 79.88 37.80
CA ARG JB 93 4.89 79.81 37.18
C ARG JB 93 5.45 78.39 37.22
N PRO JB 94 6.40 78.07 36.35
CA PRO JB 94 6.98 76.72 36.36
C PRO JB 94 7.70 76.37 37.63
N ASP JB 95 8.10 77.36 38.43
CA ASP JB 95 8.71 77.08 39.73
C ASP JB 95 7.69 76.95 40.85
N GLY JB 96 6.41 77.02 40.54
CA GLY JB 96 5.36 76.76 41.51
C GLY JB 96 4.68 77.99 42.06
N GLU JB 97 5.25 79.17 41.90
CA GLU JB 97 4.63 80.38 42.42
C GLU JB 97 3.52 80.86 41.50
N LYS JB 98 2.54 81.53 42.09
CA LYS JB 98 1.44 82.10 41.34
C LYS JB 98 1.71 83.57 41.05
N LYS JB 99 1.55 83.97 39.81
CA LYS JB 99 1.77 85.32 39.35
C LYS JB 99 0.44 85.93 38.91
N ALA JB 100 0.21 87.17 39.31
CA ALA JB 100 -1.02 87.89 39.01
C ALA JB 100 -0.70 89.16 38.25
N TYR JB 101 -1.34 89.34 37.11
CA TYR JB 101 -1.34 90.59 36.36
C TYR JB 101 -2.63 91.30 36.73
N VAL JB 102 -2.52 92.36 37.52
CA VAL JB 102 -3.66 93.09 38.04
C VAL JB 102 -3.75 94.40 37.29
N ARG JB 103 -4.75 94.55 36.42
CA ARG JB 103 -4.91 95.78 35.66
C ARG JB 103 -5.74 96.77 36.44
N LEU JB 104 -5.24 97.99 36.57
CA LEU JB 104 -5.89 99.00 37.37
C LEU JB 104 -7.01 99.68 36.58
N ALA JB 105 -7.88 100.37 37.30
CA ALA JB 105 -8.94 101.13 36.69
C ALA JB 105 -8.35 102.28 35.89
N PRO JB 106 -9.07 102.78 34.88
CA PRO JB 106 -8.51 103.84 34.04
C PRO JB 106 -8.14 105.10 34.79
N ASP JB 107 -8.83 105.43 35.87
CA ASP JB 107 -8.52 106.63 36.63
C ASP JB 107 -7.35 106.44 37.59
N TYR JB 108 -6.82 105.24 37.74
CA TYR JB 108 -5.60 105.01 38.50
C TYR JB 108 -4.45 104.77 37.54
N ASP JB 109 -3.27 105.24 37.91
CA ASP JB 109 -2.08 105.12 37.08
C ASP JB 109 -1.09 104.17 37.74
N ALA JB 110 -0.75 103.09 37.02
CA ALA JB 110 0.14 102.09 37.56
C ALA JB 110 1.54 102.63 37.82
N LEU JB 111 1.98 103.64 37.07
CA LEU JB 111 3.32 104.16 37.28
C LEU JB 111 3.47 104.79 38.65
N ASP JB 112 2.59 105.72 39.00
CA ASP JB 112 2.75 106.33 40.32
C ASP JB 112 2.21 105.45 41.43
N VAL JB 113 1.33 104.49 41.13
CA VAL JB 113 0.98 103.50 42.14
C VAL JB 113 2.21 102.65 42.50
N ALA JB 114 2.96 102.22 41.50
CA ALA JB 114 4.19 101.48 41.75
C ALA JB 114 5.25 102.37 42.38
N ASN JB 115 5.24 103.67 42.06
CA ASN JB 115 6.12 104.61 42.75
C ASN JB 115 5.83 104.63 44.24
N LYS JB 116 4.56 104.71 44.59
CA LYS JB 116 4.16 104.71 46.00
C LYS JB 116 4.51 103.38 46.66
N ILE JB 117 4.28 102.26 45.96
CA ILE JB 117 4.60 100.95 46.51
C ILE JB 117 6.09 100.81 46.76
N GLY JB 118 6.90 101.27 45.81
CA GLY JB 118 8.34 101.28 45.99
C GLY JB 118 9.07 100.34 45.07
N ILE JB 119 8.50 100.05 43.90
CA ILE JB 119 9.06 99.03 43.02
C ILE JB 119 9.47 99.62 41.67
N ILE JB 120 9.56 100.94 41.58
CA ILE JB 120 9.86 101.56 40.30
C ILE JB 120 11.31 101.34 39.93
N MET KB 1 39.08 55.49 91.46
CA MET KB 1 38.63 55.67 90.09
C MET KB 1 37.12 55.83 90.01
N LYS KB 2 36.58 55.75 88.81
CA LYS KB 2 35.16 56.00 88.58
C LYS KB 2 34.32 54.80 89.03
N PHE KB 3 33.34 55.05 89.89
CA PHE KB 3 32.44 54.01 90.37
C PHE KB 3 31.00 54.20 89.96
N ASN KB 4 30.61 55.38 89.53
CA ASN KB 4 29.24 55.63 89.12
C ASN KB 4 28.92 54.78 87.89
N PRO KB 5 27.94 53.89 87.95
CA PRO KB 5 27.61 53.05 86.81
C PRO KB 5 26.79 53.74 85.74
N PHE KB 6 26.56 55.05 85.85
CA PHE KB 6 25.77 55.78 84.87
C PHE KB 6 26.57 56.79 84.09
N VAL KB 7 27.76 57.15 84.55
CA VAL KB 7 28.71 57.90 83.73
C VAL KB 7 29.60 56.88 83.03
N THR KB 8 29.89 57.14 81.76
CA THR KB 8 30.66 56.21 80.94
C THR KB 8 32.12 56.59 80.92
N SER KB 9 32.98 55.58 80.84
CA SER KB 9 34.40 55.78 80.58
C SER KB 9 34.77 55.44 79.15
N ASP KB 10 33.78 55.28 78.28
CA ASP KB 10 34.05 54.91 76.90
C ASP KB 10 34.70 56.07 76.16
N ARG KB 11 35.79 55.76 75.47
CA ARG KB 11 36.51 56.78 74.71
C ARG KB 11 35.64 57.36 73.61
N SER KB 12 34.96 56.50 72.86
CA SER KB 12 34.11 56.98 71.77
C SER KB 12 32.97 57.84 72.29
N LYS KB 13 32.33 57.41 73.37
CA LYS KB 13 31.22 58.18 73.92
C LYS KB 13 31.68 59.52 74.45
N ASN KB 14 32.82 59.55 75.16
CA ASN KB 14 33.34 60.80 75.68
C ASN KB 14 33.72 61.75 74.55
N ARG KB 15 34.35 61.25 73.50
CA ARG KB 15 34.72 62.10 72.38
C ARG KB 15 33.49 62.62 71.64
N LYS KB 16 32.48 61.77 71.45
CA LYS KB 16 31.25 62.20 70.80
C LYS KB 16 30.55 63.29 71.62
N ARG KB 17 30.45 63.10 72.93
CA ARG KB 17 29.87 64.13 73.77
C ARG KB 17 30.65 65.43 73.69
N HIS KB 18 31.98 65.34 73.70
CA HIS KB 18 32.80 66.54 73.65
C HIS KB 18 32.61 67.31 72.34
N PHE KB 19 32.60 66.60 71.22
CA PHE KB 19 32.55 67.28 69.93
C PHE KB 19 31.14 67.62 69.49
N ASN KB 20 30.11 67.07 70.13
CA ASN KB 20 28.75 67.43 69.82
C ASN KB 20 28.07 68.14 70.97
N ALA KB 21 28.84 68.62 71.94
CA ALA KB 21 28.27 69.37 73.04
C ALA KB 21 27.65 70.67 72.53
N PRO KB 22 26.45 71.01 72.98
CA PRO KB 22 25.88 72.32 72.64
C PRO KB 22 26.67 73.43 73.30
N SER KB 23 26.42 74.66 72.84
CA SER KB 23 27.25 75.79 73.25
C SER KB 23 27.17 76.05 74.74
N HIS KB 24 26.04 75.76 75.37
CA HIS KB 24 25.89 76.09 76.79
C HIS KB 24 26.74 75.21 77.69
N ILE KB 25 27.19 74.04 77.21
CA ILE KB 25 28.19 73.26 77.93
C ILE KB 25 29.56 73.33 77.28
N ARG KB 26 29.64 73.76 76.01
CA ARG KB 26 30.93 74.15 75.47
C ARG KB 26 31.52 75.31 76.23
N ARG KB 27 30.67 76.19 76.75
CA ARG KB 27 31.13 77.27 77.62
C ARG KB 27 31.80 76.72 78.87
N LYS KB 28 31.21 75.69 79.47
CA LYS KB 28 31.81 75.08 80.65
C LYS KB 28 33.10 74.36 80.28
N ILE KB 29 33.12 73.70 79.13
CA ILE KB 29 34.32 73.00 78.68
C ILE KB 29 35.46 73.98 78.46
N MET KB 30 35.17 75.14 77.87
CA MET KB 30 36.18 76.15 77.55
C MET KB 30 36.44 77.02 78.78
N SER KB 31 37.01 76.40 79.80
CA SER KB 31 37.38 77.11 81.02
C SER KB 31 38.89 77.34 81.03
N SER KB 32 39.31 78.30 81.83
CA SER KB 32 40.71 78.65 81.98
C SER KB 32 41.03 78.81 83.46
N PRO KB 33 42.28 78.55 83.85
CA PRO KB 33 42.67 78.81 85.23
C PRO KB 33 42.80 80.31 85.49
N LEU KB 34 42.60 80.70 86.73
CA LEU KB 34 42.90 82.06 87.13
C LEU KB 34 44.34 82.15 87.60
N SER KB 35 44.86 83.38 87.64
CA SER KB 35 46.20 83.61 88.14
C SER KB 35 46.28 83.26 89.61
N LYS KB 36 47.50 83.21 90.14
CA LYS KB 36 47.66 82.93 91.56
C LYS KB 36 47.04 84.03 92.41
N GLU KB 37 47.20 85.28 91.98
CA GLU KB 37 46.60 86.40 92.70
C GLU KB 37 45.08 86.32 92.69
N LEU KB 38 44.49 86.00 91.54
CA LEU KB 38 43.04 85.88 91.47
C LEU KB 38 42.54 84.67 92.23
N ARG KB 39 43.30 83.57 92.22
CA ARG KB 39 42.96 82.39 93.00
C ARG KB 39 43.03 82.64 94.49
N GLN KB 40 43.91 83.53 94.94
CA GLN KB 40 43.89 83.92 96.35
C GLN KB 40 42.77 84.91 96.65
N LYS KB 41 42.50 85.84 95.72
CA LYS KB 41 41.49 86.85 95.97
C LYS KB 41 40.10 86.25 96.04
N TYR KB 42 39.72 85.47 95.04
CA TYR KB 42 38.51 84.68 95.06
C TYR KB 42 38.91 83.23 95.24
N ASN KB 43 38.29 82.54 96.20
CA ASN KB 43 38.70 81.17 96.50
C ASN KB 43 38.20 80.19 95.44
N VAL KB 44 38.58 80.47 94.19
CA VAL KB 44 38.18 79.64 93.07
C VAL KB 44 39.43 79.35 92.25
N ARG KB 45 39.44 78.19 91.59
CA ARG KB 45 40.60 77.79 90.81
C ARG KB 45 40.46 78.19 89.35
N SER KB 46 39.34 77.87 88.72
CA SER KB 46 39.14 78.12 87.31
C SER KB 46 37.73 78.65 87.07
N MET KB 47 37.60 79.49 86.06
CA MET KB 47 36.33 80.04 85.63
C MET KB 47 36.21 79.92 84.11
N PRO KB 48 35.00 79.75 83.59
CA PRO KB 48 34.84 79.69 82.13
C PRO KB 48 35.27 80.99 81.47
N ILE KB 49 35.90 80.85 80.30
CA ILE KB 49 36.40 82.01 79.60
C ILE KB 49 35.23 82.84 79.07
N ARG KB 50 35.49 84.13 78.86
CA ARG KB 50 34.44 85.07 78.54
C ARG KB 50 35.05 86.19 77.72
N LYS KB 51 34.17 86.96 77.05
CA LYS KB 51 34.58 87.74 75.89
C LYS KB 51 35.61 88.81 76.24
N ASP KB 52 35.44 89.51 77.35
CA ASP KB 52 36.14 90.77 77.53
C ASP KB 52 37.05 90.77 78.75
N ASP KB 53 37.83 89.71 78.94
CA ASP KB 53 38.76 89.63 80.06
C ASP KB 53 40.18 89.45 79.54
N GLU KB 54 41.15 89.76 80.39
CA GLU KB 54 42.55 89.74 80.02
C GLU KB 54 43.19 88.43 80.42
N VAL KB 55 43.95 87.83 79.49
CA VAL KB 55 44.61 86.56 79.70
C VAL KB 55 46.05 86.68 79.23
N GLN KB 56 46.88 85.74 79.67
CA GLN KB 56 48.22 85.59 79.12
C GLN KB 56 48.42 84.14 78.70
N VAL KB 57 49.11 83.96 77.59
CA VAL KB 57 49.31 82.63 77.02
C VAL KB 57 50.50 81.96 77.69
N VAL KB 58 50.31 80.73 78.13
CA VAL KB 58 51.35 80.02 78.88
C VAL KB 58 51.92 78.83 78.13
N ARG KB 59 51.35 78.44 77.01
CA ARG KB 59 51.87 77.37 76.19
C ARG KB 59 51.83 77.79 74.73
N GLY KB 60 52.72 77.22 73.93
CA GLY KB 60 52.69 77.39 72.50
C GLY KB 60 53.68 78.43 71.99
N HIS KB 61 53.40 78.88 70.76
CA HIS KB 61 54.28 79.84 70.11
C HIS KB 61 54.19 81.22 70.74
N TYR KB 62 53.05 81.54 71.35
CA TYR KB 62 52.80 82.88 71.88
C TYR KB 62 52.93 82.94 73.39
N LYS KB 63 53.83 82.13 73.96
CA LYS KB 63 54.12 82.21 75.38
C LYS KB 63 54.69 83.58 75.72
N GLY KB 64 54.49 83.99 76.96
CA GLY KB 64 55.04 85.25 77.42
C GLY KB 64 54.24 85.79 78.57
N GLN KB 65 54.74 86.89 79.11
CA GLN KB 65 54.08 87.60 80.20
C GLN KB 65 53.19 88.74 79.71
N GLN KB 66 53.07 88.94 78.41
CA GLN KB 66 52.22 89.99 77.89
C GLN KB 66 50.74 89.64 78.13
N ILE KB 67 49.98 90.65 78.54
CA ILE KB 67 48.57 90.47 78.88
C ILE KB 67 47.73 91.00 77.73
N GLY KB 68 46.90 90.14 77.17
CA GLY KB 68 46.06 90.51 76.04
C GLY KB 68 44.59 90.28 76.37
N LYS KB 69 43.74 91.16 75.87
CA LYS KB 69 42.31 91.08 76.11
C LYS KB 69 41.68 90.15 75.07
N VAL KB 70 40.83 89.23 75.56
CA VAL KB 70 40.10 88.34 74.66
C VAL KB 70 39.18 89.18 73.79
N VAL KB 71 39.09 88.81 72.51
CA VAL KB 71 38.27 89.55 71.57
C VAL KB 71 37.21 88.69 70.90
N GLN KB 72 37.26 87.37 71.08
CA GLN KB 72 36.27 86.47 70.52
C GLN KB 72 36.40 85.10 71.16
N VAL KB 73 35.28 84.50 71.55
CA VAL KB 73 35.28 83.14 72.08
C VAL KB 73 34.58 82.29 71.04
N TYR KB 74 35.35 81.66 70.15
CA TYR KB 74 34.79 80.94 69.03
C TYR KB 74 34.52 79.52 69.55
N ARG KB 75 33.29 79.32 70.02
CA ARG KB 75 32.96 78.06 70.67
C ARG KB 75 32.79 76.92 69.69
N LYS KB 76 32.49 77.21 68.42
CA LYS KB 76 32.38 76.15 67.44
C LYS KB 76 33.73 75.48 67.20
N LYS KB 77 34.81 76.25 67.23
CA LYS KB 77 36.15 75.73 67.03
C LYS KB 77 36.91 75.55 68.33
N TYR KB 78 36.25 75.75 69.47
CA TYR KB 78 36.85 75.57 70.79
C TYR KB 78 38.08 76.45 70.99
N VAL KB 79 38.07 77.68 70.47
CA VAL KB 79 39.24 78.53 70.60
C VAL KB 79 38.82 79.91 71.06
N ILE KB 80 39.81 80.71 71.41
CA ILE KB 80 39.61 82.11 71.72
C ILE KB 80 40.64 82.93 70.96
N TYR KB 81 40.28 84.16 70.62
CA TYR KB 81 41.16 85.10 69.96
C TYR KB 81 41.53 86.18 70.96
N ILE KB 82 42.81 86.57 70.95
CA ILE KB 82 43.33 87.56 71.89
C ILE KB 82 43.86 88.73 71.07
N GLU KB 83 44.20 89.82 71.77
CA GLU KB 83 44.50 91.08 71.10
C GLU KB 83 45.72 90.98 70.18
N ARG KB 84 46.84 90.50 70.72
CA ARG KB 84 48.08 90.47 69.95
C ARG KB 84 48.50 89.06 69.55
N VAL KB 85 47.64 88.07 69.76
CA VAL KB 85 47.94 86.71 69.31
C VAL KB 85 47.45 86.60 67.87
N GLN KB 86 48.29 87.05 66.94
CA GLN KB 86 47.86 87.17 65.55
C GLN KB 86 49.07 87.00 64.65
N ARG KB 87 48.80 86.86 63.37
CA ARG KB 87 49.84 86.71 62.37
C ARG KB 87 49.39 87.33 61.07
N GLU KB 88 50.36 87.71 60.25
CA GLU KB 88 50.08 88.26 58.94
C GLU KB 88 50.04 87.12 57.93
N LYS KB 89 48.98 87.07 57.13
CA LYS KB 89 48.89 86.06 56.10
C LYS KB 89 49.56 86.59 54.84
N ALA KB 90 49.33 85.92 53.70
CA ALA KB 90 50.10 86.21 52.50
C ALA KB 90 49.90 87.64 52.02
N ASN KB 91 48.64 88.06 51.88
CA ASN KB 91 48.35 89.40 51.39
C ASN KB 91 48.56 90.49 52.44
N GLY KB 92 49.21 90.17 53.54
CA GLY KB 92 49.57 91.17 54.52
C GLY KB 92 48.48 91.50 55.52
N THR KB 93 47.30 90.92 55.39
CA THR KB 93 46.27 91.18 56.38
C THR KB 93 46.53 90.36 57.64
N THR KB 94 46.05 90.87 58.76
CA THR KB 94 46.25 90.27 60.06
C THR KB 94 45.07 89.37 60.41
N VAL KB 95 45.36 88.13 60.80
CA VAL KB 95 44.35 87.20 61.28
C VAL KB 95 44.73 86.77 62.69
N HIS KB 96 43.74 86.63 63.55
CA HIS KB 96 43.96 86.13 64.89
C HIS KB 96 44.24 84.65 64.87
N VAL KB 97 45.06 84.19 65.81
CA VAL KB 97 45.36 82.78 65.96
C VAL KB 97 44.58 82.24 67.14
N GLY KB 98 43.82 81.19 66.91
CA GLY KB 98 43.00 80.63 67.97
C GLY KB 98 43.80 79.69 68.84
N ILE KB 99 43.67 79.87 70.14
CA ILE KB 99 44.34 79.01 71.11
C ILE KB 99 43.31 78.49 72.09
N HIS KB 100 43.57 77.30 72.63
CA HIS KB 100 42.65 76.70 73.56
C HIS KB 100 42.65 77.47 74.87
N PRO KB 101 41.49 77.68 75.49
CA PRO KB 101 41.45 78.41 76.76
C PRO KB 101 42.14 77.69 77.90
N SER KB 102 42.36 76.39 77.81
CA SER KB 102 43.10 75.70 78.87
C SER KB 102 44.57 76.08 78.88
N LYS KB 103 45.06 76.74 77.83
CA LYS KB 103 46.45 77.13 77.71
C LYS KB 103 46.66 78.62 77.97
N VAL KB 104 45.73 79.28 78.65
CA VAL KB 104 45.88 80.67 79.05
C VAL KB 104 45.69 80.75 80.55
N VAL KB 105 45.94 81.94 81.10
CA VAL KB 105 45.68 82.24 82.50
C VAL KB 105 44.93 83.56 82.55
N ILE KB 106 43.72 83.54 83.11
CA ILE KB 106 42.94 84.76 83.25
C ILE KB 106 43.57 85.61 84.33
N THR KB 107 44.20 86.72 83.93
CA THR KB 107 44.85 87.60 84.89
C THR KB 107 43.94 88.71 85.39
N ARG KB 108 42.84 89.00 84.69
CA ARG KB 108 41.86 89.97 85.13
C ARG KB 108 40.51 89.57 84.59
N LEU KB 109 39.51 89.50 85.47
CA LEU KB 109 38.19 89.01 85.09
C LEU KB 109 37.31 90.15 84.61
N LYS KB 110 36.44 89.83 83.66
CA LYS KB 110 35.38 90.73 83.22
C LYS KB 110 34.20 90.49 84.15
N LEU KB 111 33.97 91.41 85.08
CA LEU KB 111 33.07 91.17 86.21
C LEU KB 111 31.74 91.87 85.99
N ASP KB 112 30.66 91.12 86.19
CA ASP KB 112 29.32 91.68 86.31
C ASP KB 112 28.59 90.87 87.38
N LYS KB 113 27.28 91.07 87.51
CA LYS KB 113 26.55 90.40 88.57
C LYS KB 113 26.56 88.89 88.38
N ASP KB 114 26.47 88.41 87.14
CA ASP KB 114 26.50 86.97 86.90
C ASP KB 114 27.85 86.37 87.27
N ARG KB 115 28.94 87.02 86.86
CA ARG KB 115 30.27 86.51 87.21
C ARG KB 115 30.47 86.53 88.72
N LYS KB 116 30.02 87.59 89.38
CA LYS KB 116 30.16 87.65 90.84
C LYS KB 116 29.38 86.54 91.52
N LYS KB 117 28.15 86.27 91.04
CA LYS KB 117 27.36 85.19 91.61
C LYS KB 117 28.04 83.84 91.40
N ILE KB 118 28.59 83.60 90.21
CA ILE KB 118 29.26 82.33 89.95
C ILE KB 118 30.50 82.19 90.83
N LEU KB 119 31.26 83.27 91.00
CA LEU KB 119 32.45 83.22 91.85
C LEU KB 119 32.07 82.91 93.29
N GLU KB 120 31.00 83.54 93.80
CA GLU KB 120 30.57 83.26 95.15
C GLU KB 120 30.09 81.83 95.30
N ARG KB 121 29.37 81.31 94.30
CA ARG KB 121 28.90 79.94 94.36
C ARG KB 121 30.07 78.96 94.42
N LYS KB 122 31.07 79.16 93.57
CA LYS KB 122 32.22 78.27 93.55
C LYS KB 122 33.01 78.35 94.85
N ALA KB 123 33.22 79.56 95.37
CA ALA KB 123 33.96 79.69 96.62
C ALA KB 123 33.20 79.06 97.78
N LYS KB 124 31.88 79.21 97.81
CA LYS KB 124 31.07 78.60 98.85
C LYS KB 124 31.15 77.08 98.78
N SER KB 125 31.09 76.51 97.58
CA SER KB 125 31.22 75.06 97.47
C SER KB 125 32.60 74.59 97.92
N ARG KB 126 33.64 75.34 97.55
CA ARG KB 126 34.99 74.97 97.96
C ARG KB 126 35.12 75.00 99.48
N GLN KB 127 34.57 76.02 100.13
CA GLN KB 127 34.63 76.09 101.59
C GLN KB 127 33.84 74.96 102.23
N VAL KB 128 32.67 74.64 101.68
CA VAL KB 128 31.89 73.53 102.22
C VAL KB 128 32.69 72.25 102.15
N GLY KB 129 33.40 72.03 101.04
CA GLY KB 129 34.30 70.89 100.96
C GLY KB 129 35.43 70.93 101.96
N LYS KB 130 35.99 72.11 102.21
CA LYS KB 130 37.12 72.22 103.14
C LYS KB 130 36.70 71.85 104.56
N GLU KB 131 35.61 72.44 105.05
CA GLU KB 131 35.14 72.03 106.38
C GLU KB 131 34.40 70.70 106.38
N LYS KB 132 34.11 70.11 105.21
CA LYS KB 132 33.74 68.70 105.20
C LYS KB 132 34.95 67.83 105.49
N GLY KB 133 36.07 68.13 104.85
CA GLY KB 133 37.30 67.38 105.04
C GLY KB 133 38.04 67.67 106.31
N LYS KB 134 37.72 68.76 107.00
CA LYS KB 134 38.37 69.10 108.26
C LYS KB 134 38.09 68.06 109.34
N GLY LB 1 -78.01 64.70 -3.09
CA GLY LB 1 -77.74 65.97 -3.73
C GLY LB 1 -76.62 66.75 -3.06
N LYS LB 2 -76.78 68.06 -2.96
CA LYS LB 2 -75.80 68.90 -2.30
C LYS LB 2 -76.07 68.96 -0.81
N PHE LB 3 -75.01 69.23 -0.05
CA PHE LB 3 -75.15 69.34 1.41
C PHE LB 3 -74.43 70.54 1.99
N MET LB 4 -73.54 71.21 1.25
CA MET LB 4 -72.90 72.40 1.78
C MET LB 4 -73.90 73.56 1.75
N LYS LB 5 -74.61 73.75 2.85
CA LYS LB 5 -75.69 74.71 2.96
C LYS LB 5 -75.43 75.61 4.15
N PRO LB 6 -76.02 76.81 4.17
CA PRO LB 6 -75.95 77.64 5.37
C PRO LB 6 -76.55 76.92 6.57
N GLY LB 7 -75.92 77.11 7.72
CA GLY LB 7 -76.30 76.40 8.92
C GLY LB 7 -75.63 75.07 9.12
N LYS LB 8 -74.86 74.59 8.15
CA LYS LB 8 -74.17 73.32 8.26
C LYS LB 8 -72.94 73.45 9.14
N VAL LB 9 -72.73 72.48 10.03
CA VAL LB 9 -71.57 72.45 10.88
C VAL LB 9 -70.45 71.69 10.17
N VAL LB 10 -69.28 72.32 10.09
CA VAL LB 10 -68.11 71.74 9.44
C VAL LB 10 -66.95 71.78 10.43
N LEU LB 11 -65.96 70.96 10.15
CA LEU LB 11 -64.72 70.94 10.91
C LEU LB 11 -63.61 71.51 10.05
N VAL LB 12 -62.91 72.51 10.58
CA VAL LB 12 -61.81 73.09 9.83
C VAL LB 12 -60.64 72.13 9.83
N LEU LB 13 -60.12 71.82 8.64
CA LEU LB 13 -59.06 70.84 8.51
C LEU LB 13 -57.68 71.46 8.41
N ALA LB 14 -57.57 72.69 7.90
CA ALA LB 14 -56.27 73.29 7.65
C ALA LB 14 -56.25 74.72 8.19
N GLY LB 15 -55.05 75.22 8.37
CA GLY LB 15 -54.87 76.60 8.80
C GLY LB 15 -54.70 76.71 10.30
N ARG LB 16 -54.76 77.95 10.77
CA ARG LB 16 -54.60 78.23 12.19
C ARG LB 16 -55.71 77.59 13.01
N TYR LB 17 -56.95 77.65 12.50
CA TYR LB 17 -58.11 77.13 13.22
C TYR LB 17 -58.42 75.69 12.86
N SER LB 18 -57.42 74.90 12.49
CA SER LB 18 -57.66 73.50 12.16
C SER LB 18 -58.13 72.75 13.39
N GLY LB 19 -59.18 71.95 13.24
CA GLY LB 19 -59.79 71.26 14.34
C GLY LB 19 -60.94 71.99 15.00
N ARG LB 20 -61.19 73.24 14.62
CA ARG LB 20 -62.29 73.98 15.19
C ARG LB 20 -63.60 73.66 14.48
N LYS LB 21 -64.68 73.66 15.24
CA LYS LB 21 -66.01 73.52 14.67
C LYS LB 21 -66.49 74.87 14.18
N ALA LB 22 -67.30 74.85 13.13
CA ALA LB 22 -67.73 76.09 12.51
C ALA LB 22 -69.06 75.87 11.82
N VAL LB 23 -69.77 76.96 11.55
CA VAL LB 23 -71.06 76.91 10.88
C VAL LB 23 -71.00 77.74 9.60
N ILE LB 24 -71.46 77.16 8.50
CA ILE LB 24 -71.38 77.81 7.21
C ILE LB 24 -72.38 78.96 7.15
N VAL LB 25 -71.89 80.17 6.97
CA VAL LB 25 -72.75 81.33 6.82
C VAL LB 25 -73.19 81.50 5.38
N LYS LB 26 -72.30 81.30 4.42
CA LYS LB 26 -72.69 81.41 3.02
C LYS LB 26 -71.79 80.57 2.14
N ASN LB 27 -72.33 79.53 1.54
CA ASN LB 27 -71.62 78.73 0.56
C ASN LB 27 -71.67 79.41 -0.79
N ILE LB 28 -70.62 79.23 -1.59
CA ILE LB 28 -70.57 79.74 -2.95
C ILE LB 28 -70.55 78.60 -3.96
N ASP LB 29 -69.65 77.63 -3.76
CA ASP LB 29 -69.53 76.38 -4.52
C ASP LB 29 -69.46 76.60 -6.04
N ASP LB 30 -69.12 77.81 -6.47
CA ASP LB 30 -68.96 78.09 -7.89
C ASP LB 30 -67.75 78.94 -8.22
N GLY LB 31 -67.12 79.58 -7.25
CA GLY LB 31 -66.09 80.54 -7.54
C GLY LB 31 -66.67 81.92 -7.80
N THR LB 32 -65.81 82.94 -7.65
CA THR LB 32 -66.25 84.32 -7.79
C THR LB 32 -65.28 85.13 -8.64
N SER LB 33 -64.58 84.47 -9.56
CA SER LB 33 -63.59 85.06 -10.47
C SER LB 33 -62.37 85.61 -9.75
N ASP LB 34 -62.34 85.56 -8.42
CA ASP LB 34 -61.15 85.85 -7.64
C ASP LB 34 -60.80 84.76 -6.64
N ARG LB 35 -61.75 83.88 -6.32
CA ARG LB 35 -61.49 82.61 -5.65
C ARG LB 35 -62.12 81.55 -6.53
N PRO LB 36 -61.44 81.11 -7.59
CA PRO LB 36 -62.07 80.20 -8.56
C PRO LB 36 -62.51 78.88 -7.95
N TYR LB 37 -61.92 78.46 -6.84
CA TYR LB 37 -62.33 77.24 -6.18
C TYR LB 37 -63.68 77.43 -5.49
N SER LB 38 -64.26 76.32 -5.04
CA SER LB 38 -65.49 76.36 -4.27
C SER LB 38 -65.17 76.69 -2.82
N HIS LB 39 -65.85 77.69 -2.28
CA HIS LB 39 -65.54 78.17 -0.94
C HIS LB 39 -66.82 78.51 -0.20
N ALA LB 40 -66.66 78.87 1.07
CA ALA LB 40 -67.80 79.19 1.91
C ALA LB 40 -67.36 80.10 3.04
N LEU LB 41 -68.01 81.26 3.14
CA LEU LB 41 -67.90 82.05 4.35
C LEU LB 41 -68.43 81.26 5.53
N VAL LB 42 -67.65 81.20 6.60
CA VAL LB 42 -67.92 80.34 7.73
C VAL LB 42 -67.61 81.10 9.01
N ALA LB 43 -68.36 80.80 10.07
CA ALA LB 43 -68.16 81.42 11.38
C ALA LB 43 -67.94 80.30 12.38
N GLY LB 44 -66.77 80.31 13.03
CA GLY LB 44 -66.44 79.26 13.96
C GLY LB 44 -66.07 79.81 15.32
N ILE LB 45 -65.61 78.95 16.22
CA ILE LB 45 -65.24 79.36 17.56
C ILE LB 45 -63.78 78.99 17.81
N ASP LB 46 -63.01 79.97 18.27
CA ASP LB 46 -61.60 79.78 18.54
C ASP LB 46 -61.39 79.15 19.92
N ARG LB 47 -61.99 79.75 20.94
CA ARG LB 47 -61.86 79.27 22.31
C ARG LB 47 -63.20 78.69 22.73
N TYR LB 48 -63.26 77.38 22.88
CA TYR LB 48 -64.46 76.74 23.39
C TYR LB 48 -64.66 77.15 24.85
N PRO LB 49 -65.90 77.32 25.29
CA PRO LB 49 -66.14 77.58 26.71
C PRO LB 49 -65.70 76.40 27.55
N ARG LB 50 -65.14 76.70 28.72
CA ARG LB 50 -64.68 75.64 29.60
C ARG LB 50 -65.85 74.98 30.31
N LYS LB 51 -65.62 73.76 30.80
CA LYS LB 51 -66.66 73.02 31.48
C LYS LB 51 -67.03 73.70 32.80
N VAL LB 52 -68.29 73.61 33.16
CA VAL LB 52 -68.81 74.20 34.38
C VAL LB 52 -69.48 73.12 35.21
N THR LB 53 -69.25 73.16 36.51
CA THR LB 53 -69.79 72.18 37.44
C THR LB 53 -70.79 72.85 38.37
N ALA LB 54 -71.55 72.02 39.09
CA ALA LB 54 -72.58 72.54 39.97
C ALA LB 54 -71.99 73.36 41.11
N ALA LB 55 -70.88 72.91 41.69
CA ALA LB 55 -70.27 73.59 42.83
C ALA LB 55 -69.18 74.55 42.36
N MET LB 56 -69.57 75.49 41.50
CA MET LB 56 -68.63 76.40 40.90
C MET LB 56 -68.89 77.85 41.23
N GLY LB 57 -70.10 78.34 41.00
CA GLY LB 57 -70.41 79.73 41.31
C GLY LB 57 -70.82 80.53 40.11
N LYS LB 58 -71.68 81.54 40.33
CA LYS LB 58 -72.24 82.31 39.22
C LYS LB 58 -71.14 83.07 38.48
N LYS LB 59 -70.25 83.73 39.21
CA LYS LB 59 -69.22 84.54 38.56
C LYS LB 59 -68.25 83.66 37.78
N LYS LB 60 -67.83 82.53 38.36
CA LYS LB 60 -66.91 81.65 37.68
C LYS LB 60 -67.55 81.02 36.44
N ILE LB 61 -68.83 80.64 36.54
CA ILE LB 61 -69.53 80.08 35.39
C ILE LB 61 -69.65 81.12 34.29
N ALA LB 62 -69.96 82.37 34.66
CA ALA LB 62 -70.04 83.43 33.66
C ALA LB 62 -68.69 83.66 33.01
N LYS LB 63 -67.62 83.63 33.79
CA LYS LB 63 -66.27 83.84 33.25
C LYS LB 63 -65.90 82.71 32.30
N ARG LB 64 -66.24 81.47 32.65
CA ARG LB 64 -65.88 80.32 31.83
C ARG LB 64 -66.78 80.12 30.64
N SER LB 65 -67.95 80.76 30.60
CA SER LB 65 -68.88 80.60 29.49
C SER LB 65 -68.65 81.60 28.38
N LYS LB 66 -67.48 82.23 28.32
CA LYS LB 66 -67.15 83.17 27.27
C LYS LB 66 -66.56 82.43 26.07
N ILE LB 67 -66.84 82.96 24.88
CA ILE LB 67 -66.50 82.29 23.62
C ILE LB 67 -65.71 83.25 22.75
N LYS LB 68 -64.58 82.79 22.25
CA LYS LB 68 -63.86 83.48 21.18
C LYS LB 68 -64.29 82.90 19.84
N SER LB 69 -64.57 83.76 18.88
CA SER LB 69 -65.07 83.33 17.59
C SER LB 69 -64.11 83.77 16.49
N PHE LB 70 -64.38 83.28 15.29
CA PHE LB 70 -63.66 83.72 14.11
C PHE LB 70 -64.57 83.64 12.91
N VAL LB 71 -64.25 84.41 11.88
CA VAL LB 71 -64.93 84.32 10.60
C VAL LB 71 -63.88 84.15 9.52
N LYS LB 72 -64.11 83.23 8.60
CA LYS LB 72 -63.14 82.94 7.56
C LYS LB 72 -63.87 82.61 6.27
N VAL LB 73 -63.11 82.55 5.19
CA VAL LB 73 -63.58 82.04 3.91
C VAL LB 73 -62.69 80.86 3.57
N TYR LB 74 -63.21 79.65 3.68
CA TYR LB 74 -62.43 78.44 3.52
C TYR LB 74 -62.73 77.78 2.19
N ASN LB 75 -61.69 77.30 1.54
CA ASN LB 75 -61.87 76.38 0.43
C ASN LB 75 -62.54 75.10 0.94
N TYR LB 76 -63.38 74.52 0.09
CA TYR LB 76 -64.12 73.32 0.50
C TYR LB 76 -63.19 72.18 0.87
N ASN LB 77 -62.02 72.10 0.21
CA ASN LB 77 -61.08 71.02 0.49
C ASN LB 77 -60.46 71.14 1.87
N HIS LB 78 -60.63 72.27 2.55
CA HIS LB 78 -60.09 72.45 3.89
C HIS LB 78 -61.18 72.39 4.95
N LEU LB 79 -62.34 71.84 4.60
CA LEU LB 79 -63.45 71.68 5.53
C LEU LB 79 -63.91 70.23 5.52
N MET LB 80 -64.43 69.78 6.65
CA MET LB 80 -64.98 68.43 6.79
C MET LB 80 -66.44 68.55 7.19
N PRO LB 81 -67.38 68.34 6.26
CA PRO LB 81 -68.79 68.49 6.60
C PRO LB 81 -69.25 67.45 7.61
N THR LB 82 -70.17 67.84 8.45
CA THR LB 82 -70.80 66.95 9.42
C THR LB 82 -72.30 66.87 9.14
N ARG LB 83 -72.93 65.88 9.76
CA ARG LB 83 -74.38 65.77 9.64
C ARG LB 83 -75.10 66.80 10.47
N TYR LB 84 -74.44 67.41 11.43
CA TYR LB 84 -75.08 68.33 12.35
C TYR LB 84 -75.31 69.68 11.71
N SER LB 85 -76.35 70.36 12.16
CA SER LB 85 -76.66 71.70 11.67
C SER LB 85 -77.14 72.55 12.84
N VAL LB 86 -76.63 73.77 12.93
CA VAL LB 86 -77.05 74.73 13.94
C VAL LB 86 -77.75 75.88 13.25
N ASP LB 87 -78.97 76.17 13.68
CA ASP LB 87 -79.76 77.25 13.09
C ASP LB 87 -79.61 78.55 13.88
N ILE LB 88 -78.37 78.97 14.09
CA ILE LB 88 -78.09 80.19 14.84
C ILE LB 88 -78.36 81.39 13.92
N PRO LB 89 -79.21 82.31 14.31
CA PRO LB 89 -79.52 83.47 13.45
C PRO LB 89 -78.41 84.51 13.42
N LEU LB 90 -77.38 84.24 12.64
CA LEU LB 90 -76.35 85.24 12.40
C LEU LB 90 -76.89 86.33 11.48
N ASP LB 91 -76.31 87.52 11.60
CA ASP LB 91 -76.69 88.64 10.76
C ASP LB 91 -75.80 88.66 9.52
N LYS LB 92 -76.42 88.48 8.36
CA LYS LB 92 -75.66 88.44 7.12
C LYS LB 92 -75.13 89.81 6.74
N THR LB 93 -75.81 90.88 7.17
CA THR LB 93 -75.33 92.22 6.88
C THR LB 93 -74.05 92.54 7.64
N VAL LB 94 -73.74 91.79 8.69
CA VAL LB 94 -72.49 91.96 9.43
C VAL LB 94 -71.48 90.90 9.05
N VAL LB 95 -71.92 89.66 8.84
CA VAL LB 95 -71.06 88.56 8.48
C VAL LB 95 -71.26 88.33 6.98
N ASN LB 96 -70.34 88.86 6.19
CA ASN LB 96 -70.46 88.81 4.74
C ASN LB 96 -69.07 88.74 4.13
N LYS LB 97 -69.00 88.73 2.80
CA LYS LB 97 -67.73 88.51 2.13
C LYS LB 97 -66.81 89.71 2.21
N ASP LB 98 -67.36 90.92 2.10
CA ASP LB 98 -66.52 92.11 2.05
C ASP LB 98 -66.04 92.58 3.42
N VAL LB 99 -66.09 91.70 4.42
CA VAL LB 99 -65.70 92.09 5.76
C VAL LB 99 -64.19 91.99 5.95
N PHE LB 100 -63.49 91.31 5.04
CA PHE LB 100 -62.07 91.06 5.16
C PHE LB 100 -61.21 92.17 4.59
N ARG LB 101 -61.74 93.39 4.48
CA ARG LB 101 -60.96 94.54 4.07
C ARG LB 101 -60.83 95.59 5.16
N ASP LB 102 -61.85 95.74 6.01
CA ASP LB 102 -61.81 96.68 7.11
C ASP LB 102 -61.67 95.92 8.43
N PRO LB 103 -60.59 96.10 9.17
CA PRO LB 103 -60.47 95.44 10.47
C PRO LB 103 -61.57 95.80 11.45
N ALA LB 104 -62.13 97.00 11.36
CA ALA LB 104 -63.27 97.35 12.20
C ALA LB 104 -64.47 96.48 11.87
N LEU LB 105 -64.74 96.28 10.59
CA LEU LB 105 -65.86 95.44 10.18
C LEU LB 105 -65.65 94.00 10.62
N LYS LB 106 -64.42 93.49 10.50
CA LYS LB 106 -64.16 92.12 10.94
C LYS LB 106 -64.34 91.97 12.44
N ARG LB 107 -63.91 92.98 13.20
CA ARG LB 107 -64.14 92.95 14.64
C ARG LB 107 -65.63 92.96 14.95
N LYS LB 108 -66.39 93.74 14.21
CA LYS LB 108 -67.84 93.76 14.40
C LYS LB 108 -68.46 92.41 14.08
N ALA LB 109 -68.02 91.77 13.01
CA ALA LB 109 -68.56 90.47 12.63
C ALA LB 109 -68.24 89.41 13.68
N ARG LB 110 -67.00 89.38 14.16
CA ARG LB 110 -66.65 88.44 15.20
C ARG LB 110 -67.39 88.73 16.50
N ARG LB 111 -67.65 90.00 16.81
CA ARG LB 111 -68.43 90.34 17.99
C ARG LB 111 -69.85 89.80 17.89
N GLU LB 112 -70.48 90.00 16.74
CA GLU LB 112 -71.85 89.52 16.57
C GLU LB 112 -71.91 88.01 16.61
N ALA LB 113 -70.96 87.34 15.95
CA ALA LB 113 -70.89 85.89 16.02
C ALA LB 113 -70.67 85.41 17.44
N LYS LB 114 -69.82 86.11 18.21
CA LYS LB 114 -69.55 85.72 19.58
C LYS LB 114 -70.79 85.83 20.45
N VAL LB 115 -71.55 86.93 20.32
CA VAL LB 115 -72.71 87.09 21.17
C VAL LB 115 -73.79 86.06 20.80
N LYS LB 116 -73.96 85.79 19.51
CA LYS LB 116 -74.93 84.75 19.13
C LYS LB 116 -74.50 83.38 19.63
N PHE LB 117 -73.21 83.06 19.50
CA PHE LB 117 -72.71 81.78 19.95
C PHE LB 117 -72.88 81.63 21.45
N GLU LB 118 -72.67 82.71 22.21
CA GLU LB 118 -72.81 82.62 23.66
C GLU LB 118 -74.26 82.45 24.07
N GLU LB 119 -75.17 83.21 23.45
CA GLU LB 119 -76.58 83.05 23.79
C GLU LB 119 -77.12 81.69 23.38
N ARG LB 120 -76.50 81.03 22.39
CA ARG LB 120 -76.89 79.66 22.08
C ARG LB 120 -76.19 78.64 22.97
N TYR LB 121 -75.00 78.95 23.47
CA TYR LB 121 -74.34 78.07 24.41
C TYR LB 121 -75.13 78.01 25.71
N LYS LB 122 -75.69 79.13 26.13
CA LYS LB 122 -76.69 79.10 27.17
C LYS LB 122 -77.91 78.32 26.67
N THR LB 123 -78.78 77.93 27.61
CA THR LB 123 -79.97 77.11 27.37
C THR LB 123 -79.61 75.71 26.90
N GLY LB 124 -78.32 75.36 26.93
CA GLY LB 124 -77.89 73.98 26.77
C GLY LB 124 -78.26 73.31 25.47
N LYS LB 125 -78.14 74.01 24.36
CA LYS LB 125 -78.42 73.45 23.05
C LYS LB 125 -77.14 73.39 22.24
N ASN LB 126 -77.12 72.47 21.26
CA ASN LB 126 -75.97 72.27 20.38
C ASN LB 126 -74.71 71.98 21.19
N LYS LB 127 -74.84 71.05 22.13
CA LYS LB 127 -73.73 70.68 22.99
C LYS LB 127 -72.58 70.13 22.17
N TRP LB 128 -72.89 69.36 21.13
CA TRP LB 128 -71.82 68.84 20.28
C TRP LB 128 -71.10 69.98 19.57
N PHE LB 129 -71.83 71.00 19.14
CA PHE LB 129 -71.19 72.14 18.50
C PHE LB 129 -70.27 72.88 19.47
N PHE LB 130 -70.71 73.07 20.70
CA PHE LB 130 -69.93 73.87 21.63
C PHE LB 130 -68.93 73.07 22.43
N GLN LB 131 -68.84 71.76 22.22
CA GLN LB 131 -67.77 70.97 22.80
C GLN LB 131 -66.57 70.93 21.86
N LYS LB 132 -65.40 70.73 22.44
CA LYS LB 132 -64.16 70.71 21.67
C LYS LB 132 -63.89 69.33 21.13
N LEU LB 133 -63.42 69.28 19.88
CA LEU LB 133 -63.06 68.00 19.26
C LEU LB 133 -61.76 67.50 19.86
N ARG LB 134 -61.78 66.29 20.39
CA ARG LB 134 -60.63 65.71 21.08
C ARG LB 134 -59.88 64.83 20.10
N PHE LB 135 -58.72 65.29 19.67
CA PHE LB 135 -57.89 64.52 18.74
C PHE LB 135 -56.42 64.68 19.07
N PRO MB 1 41.45 25.37 72.34
CA PRO MB 1 42.55 26.03 71.63
C PRO MB 1 42.68 25.54 70.20
N SER MB 2 42.38 26.41 69.24
CA SER MB 2 42.48 26.03 67.84
C SER MB 2 43.92 25.93 67.36
N ARG MB 3 44.87 26.39 68.16
CA ARG MB 3 46.28 26.33 67.79
C ARG MB 3 46.90 24.96 68.00
N LEU MB 4 46.16 24.02 68.58
CA LEU MB 4 46.66 22.69 68.86
C LEU MB 4 46.05 21.62 67.98
N ARG MB 5 45.37 21.99 66.91
CA ARG MB 5 44.59 21.05 66.13
C ARG MB 5 45.24 20.80 64.77
N LYS MB 6 44.72 19.77 64.09
CA LYS MB 6 45.28 19.34 62.81
C LYS MB 6 45.10 20.40 61.73
N THR MB 7 44.16 21.32 61.91
CA THR MB 7 43.91 22.32 60.89
C THR MB 7 45.12 23.24 60.72
N ARG MB 8 45.85 23.49 61.79
CA ARG MB 8 47.04 24.32 61.68
C ARG MB 8 48.20 23.60 61.02
N LYS MB 9 48.16 22.27 60.99
CA LYS MB 9 49.21 21.49 60.35
C LYS MB 9 48.87 21.10 58.92
N LEU MB 10 47.59 21.11 58.56
CA LEU MB 10 47.17 20.77 57.22
C LEU MB 10 47.18 21.96 56.26
N ARG MB 11 47.66 23.10 56.70
CA ARG MB 11 47.81 24.23 55.79
C ARG MB 11 48.95 23.97 54.82
N GLY MB 12 48.69 24.16 53.54
CA GLY MB 12 49.65 23.90 52.50
C GLY MB 12 49.47 22.56 51.82
N HIS MB 13 48.76 21.63 52.44
CA HIS MB 13 48.45 20.34 51.86
C HIS MB 13 47.07 20.41 51.24
N VAL MB 14 46.98 20.11 49.94
CA VAL MB 14 45.84 20.58 49.17
C VAL MB 14 44.54 19.94 49.62
N SER MB 15 44.56 18.68 50.03
CA SER MB 15 43.34 17.94 50.27
C SER MB 15 42.87 18.01 51.71
N HIS MB 16 43.62 18.67 52.59
CA HIS MB 16 43.28 18.81 54.00
C HIS MB 16 43.09 17.45 54.67
N GLY MB 17 43.90 16.47 54.26
CA GLY MB 17 43.89 15.19 54.91
C GLY MB 17 42.73 14.30 54.55
N HIS MB 18 41.96 14.62 53.52
CA HIS MB 18 40.82 13.82 53.12
C HIS MB 18 41.03 13.08 51.80
N GLY MB 19 42.24 13.12 51.26
CA GLY MB 19 42.52 12.30 50.10
C GLY MB 19 42.23 13.03 48.80
N ARG MB 20 42.98 12.65 47.77
CA ARG MB 20 42.78 13.21 46.44
C ARG MB 20 41.78 12.41 45.62
N ILE MB 21 41.68 11.11 45.87
CA ILE MB 21 40.83 10.26 45.06
C ILE MB 21 39.38 10.34 45.52
N GLY MB 22 39.14 9.98 46.78
CA GLY MB 22 37.79 9.89 47.28
C GLY MB 22 37.24 11.20 47.78
N LYS MB 23 38.12 12.18 48.01
CA LYS MB 23 37.75 13.53 48.37
C LYS MB 23 36.97 13.61 49.67
N HIS MB 24 36.52 14.79 50.03
CA HIS MB 24 35.60 14.99 51.14
C HIS MB 24 34.32 15.57 50.56
N ARG MB 25 33.29 14.76 50.48
CA ARG MB 25 32.02 15.14 49.89
C ARG MB 25 30.97 15.29 50.98
N LYS MB 26 29.74 15.56 50.58
CA LYS MB 26 28.74 15.96 51.56
C LYS MB 26 28.29 14.80 52.43
N HIS MB 27 27.64 13.79 51.83
CA HIS MB 27 27.11 12.65 52.59
C HIS MB 27 27.13 11.41 51.73
N PRO MB 28 28.30 10.81 51.54
CA PRO MB 28 28.33 9.48 50.92
C PRO MB 28 27.93 8.43 51.93
N GLY MB 29 26.93 7.62 51.57
CA GLY MB 29 26.39 6.62 52.45
C GLY MB 29 25.07 6.99 53.08
N GLY MB 30 24.70 8.26 53.07
CA GLY MB 30 23.45 8.70 53.66
C GLY MB 30 23.68 9.53 54.91
N ARG MB 31 22.58 9.99 55.48
CA ARG MB 31 22.60 10.87 56.63
C ARG MB 31 22.12 10.11 57.85
N GLY MB 32 22.85 10.26 58.96
CA GLY MB 32 22.45 9.58 60.18
C GLY MB 32 22.61 8.08 60.04
N ASN MB 33 21.66 7.35 60.61
CA ASN MB 33 21.67 5.89 60.53
C ASN MB 33 20.97 5.40 59.28
N ALA MB 34 21.31 5.98 58.15
CA ALA MB 34 20.69 5.62 56.88
C ALA MB 34 21.23 4.29 56.40
N GLY MB 35 20.36 3.49 55.80
CA GLY MB 35 20.79 2.21 55.25
C GLY MB 35 21.32 1.25 56.28
N GLY MB 36 20.74 1.25 57.47
CA GLY MB 36 21.17 0.32 58.49
C GLY MB 36 20.80 -1.10 58.22
N LEU MB 37 19.91 -1.34 57.26
CA LEU MB 37 19.58 -2.69 56.83
C LEU MB 37 20.05 -2.99 55.42
N HIS MB 38 20.61 -2.01 54.71
CA HIS MB 38 20.93 -2.18 53.31
C HIS MB 38 22.42 -2.10 53.01
N HIS MB 39 23.07 -0.98 53.25
CA HIS MB 39 24.48 -0.87 52.94
C HIS MB 39 25.35 -0.59 54.15
N HIS MB 40 24.76 -0.49 55.35
CA HIS MB 40 25.48 -0.51 56.60
C HIS MB 40 25.08 -1.71 57.44
N ARG MB 41 24.53 -2.74 56.78
CA ARG MB 41 24.03 -3.90 57.48
C ARG MB 41 25.14 -4.65 58.19
N ILE MB 42 26.32 -4.74 57.57
CA ILE MB 42 27.42 -5.45 58.22
C ILE MB 42 27.80 -4.76 59.51
N ASN MB 43 27.93 -3.44 59.49
CA ASN MB 43 28.28 -2.70 60.70
C ASN MB 43 27.22 -2.86 61.77
N PHE MB 44 25.95 -2.76 61.38
CA PHE MB 44 24.88 -2.85 62.38
C PHE MB 44 24.82 -4.24 62.99
N ASP MB 45 24.94 -5.28 62.16
CA ASP MB 45 24.92 -6.64 62.69
C ASP MB 45 26.14 -6.92 63.55
N LYS MB 46 27.30 -6.37 63.17
CA LYS MB 46 28.54 -6.66 63.86
C LYS MB 46 28.58 -5.99 65.22
N TYR MB 47 28.17 -4.73 65.32
CA TYR MB 47 28.36 -3.98 66.56
C TYR MB 47 27.10 -3.75 67.35
N HIS MB 48 25.93 -3.77 66.73
CA HIS MB 48 24.65 -3.57 67.42
C HIS MB 48 23.69 -4.69 67.05
N PRO MB 49 23.93 -5.90 67.52
CA PRO MB 49 22.92 -6.95 67.36
C PRO MB 49 21.70 -6.64 68.19
N GLY MB 50 20.54 -7.06 67.71
CA GLY MB 50 19.29 -6.80 68.38
C GLY MB 50 18.66 -5.47 68.07
N TYR MB 51 19.26 -4.68 67.18
CA TYR MB 51 18.78 -3.32 66.94
C TYR MB 51 17.38 -3.31 66.33
N PHE MB 52 17.10 -4.21 65.41
CA PHE MB 52 15.86 -4.19 64.66
C PHE MB 52 14.86 -5.19 65.24
N GLY MB 53 13.60 -4.79 65.32
CA GLY MB 53 12.53 -5.67 65.75
C GLY MB 53 11.99 -5.30 67.13
N LYS MB 54 10.91 -5.98 67.49
CA LYS MB 54 10.23 -5.78 68.77
C LYS MB 54 10.40 -7.00 69.66
N VAL MB 55 10.55 -6.76 70.95
CA VAL MB 55 10.61 -7.82 71.95
C VAL MB 55 9.81 -7.35 73.16
N GLY MB 56 8.94 -8.21 73.67
CA GLY MB 56 8.28 -7.96 74.94
C GLY MB 56 6.95 -7.27 74.81
N MET MB 57 6.38 -7.00 75.98
CA MET MB 57 5.08 -6.36 76.11
C MET MB 57 5.28 -4.87 76.36
N LYS MB 58 4.55 -4.04 75.64
CA LYS MB 58 4.61 -2.61 75.92
C LYS MB 58 3.67 -2.26 77.05
N HIS MB 59 4.07 -1.29 77.86
CA HIS MB 59 3.32 -0.89 79.04
C HIS MB 59 3.18 0.62 79.00
N TYR MB 60 1.98 1.11 78.73
CA TYR MB 60 1.74 2.54 78.66
C TYR MB 60 1.78 3.14 80.05
N HIS MB 61 2.23 4.38 80.13
CA HIS MB 61 2.28 5.17 81.36
C HIS MB 61 3.08 4.44 82.44
N LEU MB 62 4.34 4.19 82.12
CA LEU MB 62 5.24 3.64 83.13
C LEU MB 62 5.60 4.73 84.13
N LYS MB 63 5.42 4.43 85.41
CA LYS MB 63 5.80 5.32 86.48
C LYS MB 63 7.02 4.71 87.15
N ARG MB 64 8.18 5.35 86.97
CA ARG MB 64 9.42 4.83 87.54
C ARG MB 64 9.40 4.85 89.06
N ASN MB 65 8.58 5.69 89.67
CA ASN MB 65 8.51 5.77 91.11
C ASN MB 65 7.87 4.53 91.72
N GLN MB 66 6.96 3.89 90.99
CA GLN MB 66 6.27 2.71 91.52
C GLN MB 66 7.24 1.57 91.78
N SER MB 67 8.17 1.35 90.86
CA SER MB 67 9.11 0.24 90.93
C SER MB 67 10.39 0.60 91.67
N PHE MB 68 10.39 1.71 92.39
CA PHE MB 68 11.59 2.16 93.09
C PHE MB 68 11.93 1.20 94.21
N CYS MB 69 13.06 0.52 94.10
CA CYS MB 69 13.51 -0.42 95.12
C CYS MB 69 15.03 -0.51 95.05
N PRO MB 70 15.72 0.44 95.66
CA PRO MB 70 17.19 0.36 95.73
C PRO MB 70 17.63 -0.77 96.65
N THR MB 71 18.80 -1.32 96.35
CA THR MB 71 19.27 -2.53 97.00
C THR MB 71 20.63 -2.31 97.61
N VAL MB 72 20.86 -2.93 98.76
CA VAL MB 72 22.15 -2.89 99.45
C VAL MB 72 22.57 -4.33 99.72
N ASN MB 73 23.87 -4.56 99.75
CA ASN MB 73 24.40 -5.89 99.98
C ASN MB 73 24.87 -6.06 101.42
N LEU MB 74 25.03 -7.31 101.82
CA LEU MB 74 25.45 -7.61 103.18
C LEU MB 74 26.88 -7.15 103.44
N ASP MB 75 27.73 -7.12 102.42
CA ASP MB 75 29.10 -6.66 102.65
C ASP MB 75 29.13 -5.18 102.97
N LYS MB 76 28.21 -4.40 102.41
CA LYS MB 76 28.10 -2.98 102.67
C LYS MB 76 27.11 -2.66 103.78
N LEU MB 77 26.51 -3.69 104.38
CA LEU MB 77 25.44 -3.48 105.35
C LEU MB 77 25.91 -2.69 106.57
N TRP MB 78 27.09 -3.02 107.11
CA TRP MB 78 27.50 -2.37 108.36
C TRP MB 78 27.97 -0.94 108.17
N THR MB 79 28.14 -0.48 106.92
CA THR MB 79 28.51 0.91 106.69
C THR MB 79 27.36 1.87 106.90
N LEU MB 80 26.13 1.36 107.05
CA LEU MB 80 24.97 2.22 107.21
C LEU MB 80 24.87 2.82 108.60
N VAL MB 81 25.60 2.28 109.57
CA VAL MB 81 25.59 2.79 110.93
C VAL MB 81 26.99 3.33 111.25
N SER MB 82 27.10 3.93 112.44
CA SER MB 82 28.37 4.45 112.88
C SER MB 82 29.33 3.33 113.26
N GLU MB 83 30.62 3.64 113.23
CA GLU MB 83 31.62 2.67 113.69
C GLU MB 83 31.48 2.40 115.18
N GLN MB 84 31.14 3.44 115.95
CA GLN MB 84 30.89 3.29 117.37
C GLN MB 84 29.85 2.21 117.64
N THR MB 85 28.80 2.16 116.83
CA THR MB 85 27.78 1.13 116.96
C THR MB 85 28.38 -0.26 116.86
N ARG MB 86 29.21 -0.48 115.83
CA ARG MB 86 29.74 -1.82 115.61
C ARG MB 86 30.72 -2.22 116.72
N VAL MB 87 31.60 -1.31 117.13
CA VAL MB 87 32.57 -1.70 118.16
C VAL MB 87 31.88 -1.91 119.50
N ASN MB 88 30.88 -1.09 119.82
CA ASN MB 88 30.13 -1.29 121.05
C ASN MB 88 29.39 -2.63 121.04
N ALA MB 89 28.78 -2.96 119.90
CA ALA MB 89 28.09 -4.24 119.80
C ALA MB 89 29.06 -5.41 119.90
N ALA MB 90 30.24 -5.29 119.28
CA ALA MB 90 31.21 -6.38 119.32
C ALA MB 90 31.74 -6.59 120.73
N LYS MB 91 32.05 -5.50 121.44
CA LYS MB 91 32.59 -5.62 122.79
C LYS MB 91 31.51 -5.74 123.85
N ASN MB 92 30.24 -5.73 123.46
CA ASN MB 92 29.15 -5.91 124.41
C ASN MB 92 29.17 -7.31 124.99
N LYS MB 93 28.92 -7.41 126.29
CA LYS MB 93 28.91 -8.71 126.96
C LYS MB 93 27.55 -9.38 126.85
N THR MB 94 26.46 -8.62 126.89
CA THR MB 94 25.13 -9.19 126.77
C THR MB 94 24.85 -9.55 125.31
N GLY MB 95 23.64 -10.06 125.08
CA GLY MB 95 23.22 -10.42 123.74
C GLY MB 95 22.61 -9.30 122.96
N ALA MB 96 22.67 -8.07 123.46
CA ALA MB 96 22.07 -6.93 122.77
C ALA MB 96 22.71 -6.73 121.41
N ALA MB 97 21.87 -6.60 120.39
CA ALA MB 97 22.33 -6.45 119.02
C ALA MB 97 21.78 -5.16 118.42
N PRO MB 98 22.59 -4.44 117.66
CA PRO MB 98 22.12 -3.17 117.10
C PRO MB 98 21.12 -3.38 115.99
N ILE MB 99 20.34 -2.34 115.74
CA ILE MB 99 19.33 -2.32 114.69
C ILE MB 99 19.86 -1.48 113.53
N ILE MB 100 19.87 -2.08 112.35
CA ILE MB 100 20.26 -1.36 111.13
C ILE MB 100 19.04 -1.24 110.23
N ASP MB 101 18.34 -0.11 110.32
CA ASP MB 101 17.19 0.16 109.48
C ASP MB 101 17.69 0.72 108.15
N VAL MB 102 17.68 -0.11 107.11
CA VAL MB 102 18.21 0.33 105.83
C VAL MB 102 17.27 1.27 105.09
N VAL MB 103 15.99 1.28 105.46
CA VAL MB 103 15.08 2.25 104.86
C VAL MB 103 15.47 3.66 105.26
N ARG MB 104 15.98 3.83 106.48
CA ARG MB 104 16.48 5.13 106.91
C ARG MB 104 17.66 5.57 106.06
N SER MB 105 18.55 4.65 105.73
CA SER MB 105 19.70 4.97 104.90
C SER MB 105 19.35 5.07 103.42
N GLY MB 106 18.15 4.65 103.03
CA GLY MB 106 17.69 4.85 101.67
C GLY MB 106 17.58 3.62 100.83
N TYR MB 107 17.70 2.43 101.41
CA TYR MB 107 17.59 1.18 100.68
C TYR MB 107 16.32 0.45 101.12
N TYR MB 108 15.69 -0.25 100.18
CA TYR MB 108 14.49 -1.00 100.48
C TYR MB 108 14.75 -2.49 100.60
N LYS MB 109 15.58 -3.05 99.72
CA LYS MB 109 15.81 -4.47 99.64
C LYS MB 109 17.24 -4.77 100.05
N VAL MB 110 17.42 -5.79 100.88
CA VAL MB 110 18.74 -6.24 101.31
C VAL MB 110 19.11 -7.48 100.51
N LEU MB 111 20.14 -7.38 99.70
CA LEU MB 111 20.65 -8.51 98.94
C LEU MB 111 21.79 -9.16 99.70
N GLY MB 112 22.18 -10.35 99.25
CA GLY MB 112 23.06 -11.17 100.06
C GLY MB 112 24.44 -11.43 99.50
N LYS MB 113 25.04 -10.42 98.88
CA LYS MB 113 26.39 -10.56 98.35
C LYS MB 113 27.41 -10.27 99.45
N GLY MB 114 28.43 -11.10 99.51
CA GLY MB 114 29.46 -10.95 100.52
C GLY MB 114 29.13 -11.75 101.76
N LYS MB 115 29.88 -11.44 102.81
CA LYS MB 115 29.75 -12.12 104.09
C LYS MB 115 29.62 -11.09 105.20
N LEU MB 116 29.11 -11.53 106.33
CA LEU MB 116 28.89 -10.66 107.47
C LEU MB 116 29.91 -10.93 108.57
N PRO MB 117 30.29 -9.91 109.33
CA PRO MB 117 31.06 -10.17 110.55
C PRO MB 117 30.23 -10.93 111.57
N LYS MB 118 30.91 -11.74 112.37
CA LYS MB 118 30.23 -12.66 113.27
C LYS MB 118 29.76 -11.91 114.50
N GLN MB 119 28.61 -11.23 114.36
CA GLN MB 119 27.95 -10.62 115.50
C GLN MB 119 26.48 -10.45 115.16
N PRO MB 120 25.58 -10.65 116.12
CA PRO MB 120 24.15 -10.52 115.81
C PRO MB 120 23.77 -9.09 115.47
N VAL MB 121 22.73 -8.96 114.66
CA VAL MB 121 22.23 -7.66 114.23
C VAL MB 121 20.78 -7.83 113.79
N ILE MB 122 19.94 -6.85 114.12
CA ILE MB 122 18.56 -6.84 113.67
C ILE MB 122 18.47 -5.90 112.48
N VAL MB 123 18.10 -6.43 111.33
CA VAL MB 123 18.06 -5.67 110.09
C VAL MB 123 16.60 -5.45 109.72
N LYS MB 124 16.23 -4.18 109.56
CA LYS MB 124 14.89 -3.81 109.14
C LYS MB 124 14.92 -3.41 107.67
N ALA MB 125 14.05 -4.03 106.87
CA ALA MB 125 14.00 -3.72 105.45
C ALA MB 125 12.62 -4.06 104.92
N LYS MB 126 12.31 -3.51 103.75
CA LYS MB 126 11.07 -3.86 103.09
C LYS MB 126 11.14 -5.27 102.53
N PHE MB 127 12.24 -5.61 101.85
CA PHE MB 127 12.41 -6.92 101.25
C PHE MB 127 13.78 -7.48 101.59
N PHE MB 128 13.84 -8.80 101.72
CA PHE MB 128 15.08 -9.53 101.90
C PHE MB 128 15.18 -10.59 100.82
N SER MB 129 16.39 -10.87 100.37
CA SER MB 129 16.57 -12.04 99.54
C SER MB 129 16.75 -13.27 100.43
N ARG MB 130 16.59 -14.44 99.81
CA ARG MB 130 16.63 -15.68 100.58
C ARG MB 130 18.01 -15.88 101.22
N ARG MB 131 19.07 -15.68 100.44
CA ARG MB 131 20.41 -15.88 100.97
C ARG MB 131 20.81 -14.79 101.95
N ALA MB 132 20.33 -13.56 101.76
CA ALA MB 132 20.59 -12.52 102.75
C ALA MB 132 19.94 -12.87 104.08
N GLU MB 133 18.70 -13.35 104.04
CA GLU MB 133 18.05 -13.79 105.27
C GLU MB 133 18.81 -14.95 105.91
N GLU MB 134 19.28 -15.89 105.08
CA GLU MB 134 20.04 -17.02 105.60
C GLU MB 134 21.33 -16.57 106.30
N LYS MB 135 22.05 -15.63 105.70
CA LYS MB 135 23.32 -15.20 106.27
C LYS MB 135 23.09 -14.40 107.55
N ILE MB 136 22.10 -13.51 107.55
CA ILE MB 136 21.79 -12.74 108.75
C ILE MB 136 21.39 -13.66 109.89
N LYS MB 137 20.61 -14.71 109.58
CA LYS MB 137 20.26 -15.68 110.60
C LYS MB 137 21.46 -16.50 111.05
N SER MB 138 22.38 -16.78 110.14
CA SER MB 138 23.54 -17.60 110.47
C SER MB 138 24.50 -16.88 111.40
N VAL MB 139 24.60 -15.56 111.31
CA VAL MB 139 25.41 -14.80 112.26
C VAL MB 139 24.65 -14.52 113.55
N GLY MB 140 23.50 -15.15 113.74
CA GLY MB 140 22.72 -14.97 114.95
C GLY MB 140 21.78 -13.79 114.94
N GLY MB 141 21.61 -13.12 113.81
CA GLY MB 141 20.75 -11.95 113.73
C GLY MB 141 19.32 -12.31 113.44
N ALA MB 142 18.57 -11.31 113.00
CA ALA MB 142 17.16 -11.49 112.67
C ALA MB 142 16.77 -10.45 111.64
N CYS MB 143 15.97 -10.88 110.67
CA CYS MB 143 15.42 -9.99 109.66
C CYS MB 143 13.99 -9.66 110.02
N VAL MB 144 13.68 -8.38 110.12
CA VAL MB 144 12.32 -7.94 110.40
C VAL MB 144 11.86 -7.03 109.27
N LEU MB 145 10.58 -7.11 108.95
CA LEU MB 145 10.04 -6.44 107.80
C LEU MB 145 9.34 -5.15 108.20
N VAL MB 146 9.45 -4.14 107.35
CA VAL MB 146 8.75 -2.88 107.52
C VAL MB 146 7.97 -2.60 106.24
N ALA MB 147 6.98 -1.73 106.36
CA ALA MB 147 6.11 -1.43 105.24
C ALA MB 147 6.53 -0.14 104.55
N ALA NB 1 32.83 1.83 32.32
CA ALA NB 1 31.73 0.87 32.32
C ALA NB 1 32.19 -0.46 32.91
N LYS NB 2 32.91 -1.24 32.13
CA LYS NB 2 33.44 -2.50 32.63
C LYS NB 2 34.70 -2.26 33.46
N SER NB 3 34.93 -3.14 34.42
CA SER NB 3 36.05 -3.01 35.34
C SER NB 3 36.67 -4.39 35.56
N LYS NB 4 37.80 -4.40 36.25
CA LYS NB 4 38.43 -5.66 36.64
C LYS NB 4 37.53 -6.39 37.62
N ASN NB 5 37.43 -7.70 37.46
CA ASN NB 5 36.49 -8.51 38.22
C ASN NB 5 37.06 -9.04 39.53
N HIS NB 6 38.25 -9.62 39.49
CA HIS NB 6 38.83 -10.22 40.68
C HIS NB 6 40.32 -10.40 40.48
N THR NB 7 41.09 -10.20 41.53
CA THR NB 7 42.51 -10.54 41.49
C THR NB 7 42.99 -10.80 42.91
N THR NB 8 44.07 -11.56 43.01
CA THR NB 8 44.80 -11.74 44.26
C THR NB 8 46.19 -11.13 44.19
N HIS NB 9 46.47 -10.35 43.16
CA HIS NB 9 47.74 -9.65 43.06
C HIS NB 9 47.92 -8.74 44.27
N ASN NB 10 49.14 -8.75 44.82
CA ASN NB 10 49.58 -7.93 45.96
C ASN NB 10 48.99 -8.42 47.28
N GLN NB 11 48.06 -9.37 47.25
CA GLN NB 11 47.45 -9.85 48.48
C GLN NB 11 48.43 -10.62 49.34
N SER NB 12 49.31 -11.41 48.71
CA SER NB 12 50.30 -12.14 49.47
C SER NB 12 51.28 -11.21 50.17
N ARG NB 13 51.68 -10.13 49.50
CA ARG NB 13 52.52 -9.14 50.12
C ARG NB 13 51.82 -8.48 51.29
N LYS NB 14 50.53 -8.16 51.13
CA LYS NB 14 49.77 -7.60 52.24
C LYS NB 14 49.71 -8.56 53.41
N TRP NB 15 49.53 -9.86 53.14
CA TRP NB 15 49.45 -10.84 54.21
C TRP NB 15 50.77 -10.99 54.94
N HIS NB 16 51.89 -10.89 54.23
CA HIS NB 16 53.18 -11.08 54.85
C HIS NB 16 53.77 -9.82 55.44
N ARG NB 17 53.14 -8.66 55.22
CA ARG NB 17 53.69 -7.44 55.81
C ARG NB 17 53.67 -7.50 57.34
N ASN NB 18 52.59 -8.01 57.93
CA ASN NB 18 52.54 -8.23 59.36
C ASN NB 18 52.78 -9.68 59.74
N GLY NB 19 53.18 -10.52 58.79
CA GLY NB 19 53.45 -11.91 59.08
C GLY NB 19 52.19 -12.74 59.20
N ILE NB 20 52.25 -13.99 58.76
CA ILE NB 20 51.12 -14.92 58.88
C ILE NB 20 51.38 -15.72 60.14
N LYS NB 21 50.88 -15.22 61.26
CA LYS NB 21 51.13 -15.82 62.56
C LYS NB 21 50.31 -17.09 62.74
N LYS NB 22 50.96 -18.14 63.24
CA LYS NB 22 50.26 -19.33 63.63
C LYS NB 22 49.42 -19.05 64.87
N PRO NB 23 48.38 -19.84 65.11
CA PRO NB 23 47.58 -19.66 66.33
C PRO NB 23 48.43 -19.86 67.57
N ARG NB 24 48.14 -19.06 68.60
CA ARG NB 24 48.94 -19.06 69.82
C ARG NB 24 48.67 -20.33 70.60
N SER NB 25 49.57 -21.30 70.47
CA SER NB 25 49.45 -22.55 71.21
C SER NB 25 49.87 -22.33 72.66
N GLN NB 26 49.12 -22.96 73.57
CA GLN NB 26 49.44 -22.84 74.98
C GLN NB 26 48.91 -24.06 75.70
N ARG NB 27 49.46 -24.31 76.89
CA ARG NB 27 49.04 -25.41 77.72
C ARG NB 27 47.56 -25.27 78.06
N TYR NB 28 46.94 -26.40 78.39
CA TYR NB 28 45.54 -26.44 78.82
C TYR NB 28 44.62 -25.88 77.73
N GLU NB 29 44.53 -26.66 76.65
CA GLU NB 29 43.58 -26.38 75.59
C GLU NB 29 42.15 -26.50 76.13
N SER NB 30 41.25 -25.68 75.59
CA SER NB 30 39.90 -25.58 76.12
C SER NB 30 39.12 -26.88 75.92
N LEU NB 31 38.17 -27.11 76.82
CA LEU NB 31 37.38 -28.33 76.84
C LEU NB 31 36.06 -28.22 76.10
N LYS NB 32 35.77 -27.08 75.49
CA LYS NB 32 34.50 -26.94 74.80
C LYS NB 32 34.47 -27.81 73.55
N GLY NB 33 33.29 -28.33 73.24
CA GLY NB 33 33.10 -29.19 72.10
C GLY NB 33 33.39 -30.65 72.36
N VAL NB 34 33.92 -30.98 73.51
CA VAL NB 34 34.17 -32.37 73.88
C VAL NB 34 32.85 -33.02 74.27
N ASP NB 35 32.74 -34.33 74.03
CA ASP NB 35 31.60 -35.19 74.32
C ASP NB 35 30.97 -34.85 75.67
N PRO NB 36 29.68 -34.49 75.69
CA PRO NB 36 29.07 -34.08 76.96
C PRO NB 36 29.06 -35.15 78.03
N LYS NB 37 28.90 -36.42 77.66
CA LYS NB 37 28.87 -37.48 78.66
C LYS NB 37 30.22 -37.67 79.32
N PHE NB 38 31.27 -37.75 78.50
CA PHE NB 38 32.63 -37.82 79.03
C PHE NB 38 32.97 -36.58 79.84
N LEU NB 39 32.46 -35.42 79.43
CA LEU NB 39 32.76 -34.18 80.13
C LEU NB 39 32.10 -34.14 81.50
N ARG NB 40 30.84 -34.57 81.60
CA ARG NB 40 30.18 -34.60 82.88
C ARG NB 40 30.79 -35.64 83.81
N ASN NB 41 31.24 -36.78 83.27
CA ASN NB 41 31.97 -37.69 84.14
C ASN NB 41 33.31 -37.11 84.59
N MET NB 42 34.00 -36.35 83.73
CA MET NB 42 35.22 -35.71 84.18
C MET NB 42 34.96 -34.70 85.28
N ARG NB 43 33.85 -33.97 85.19
CA ARG NB 43 33.49 -33.04 86.26
C ARG NB 43 33.21 -33.79 87.55
N PHE NB 44 32.53 -34.94 87.49
CA PHE NB 44 32.31 -35.74 88.69
C PHE NB 44 33.62 -36.23 89.28
N ALA NB 45 34.54 -36.68 88.42
CA ALA NB 45 35.83 -37.16 88.90
C ALA NB 45 36.60 -36.03 89.59
N LYS NB 46 36.56 -34.83 89.03
CA LYS NB 46 37.21 -33.69 89.65
C LYS NB 46 36.55 -33.33 90.97
N LYS NB 47 35.22 -33.37 91.04
CA LYS NB 47 34.54 -33.02 92.28
C LYS NB 47 34.90 -33.99 93.40
N HIS NB 48 34.86 -35.29 93.11
CA HIS NB 48 35.16 -36.28 94.13
C HIS NB 48 36.64 -36.56 94.26
N ASN NB 49 37.48 -35.86 93.50
CA ASN NB 49 38.92 -36.04 93.57
C ASN NB 49 39.47 -35.70 94.95
N LYS NB 50 38.77 -34.84 95.71
CA LYS NB 50 39.26 -34.46 97.02
C LYS NB 50 39.35 -35.65 97.95
N LYS NB 51 38.30 -36.47 98.01
CA LYS NB 51 38.34 -37.64 98.87
C LYS NB 51 39.44 -38.58 98.40
N GLY NB 52 40.02 -39.31 99.35
CA GLY NB 52 41.26 -40.00 99.05
C GLY NB 52 42.48 -39.13 99.16
N LEU NB 53 42.33 -37.90 99.63
CA LEU NB 53 43.50 -37.05 99.88
C LEU NB 53 44.38 -37.65 100.96
N LYS NB 54 43.76 -38.21 102.01
CA LYS NB 54 44.55 -38.85 103.06
C LYS NB 54 45.31 -40.05 102.52
N LYS NB 55 44.66 -40.87 101.70
CA LYS NB 55 45.33 -42.03 101.12
C LYS NB 55 46.48 -41.60 100.22
N MET NB 56 46.25 -40.57 99.41
CA MET NB 56 47.28 -40.07 98.51
C MET NB 56 48.46 -39.52 99.29
N GLN NB 57 48.18 -38.78 100.37
CA GLN NB 57 49.27 -38.21 101.17
C GLN NB 57 50.05 -39.30 101.91
N ALA NB 58 49.35 -40.33 102.39
CA ALA NB 58 50.05 -41.44 103.04
C ALA NB 58 50.94 -42.19 102.05
N ASN NB 59 50.43 -42.45 100.85
CA ASN NB 59 51.25 -43.11 99.84
C ASN NB 59 52.45 -42.24 99.46
N ASN NB 60 52.23 -40.94 99.30
CA ASN NB 60 53.34 -40.04 98.97
C ASN NB 60 54.37 -40.03 100.09
N ALA NB 61 53.91 -40.02 101.34
CA ALA NB 61 54.85 -40.02 102.47
C ALA NB 61 55.67 -41.30 102.52
N LYS NB 62 55.03 -42.45 102.31
CA LYS NB 62 55.80 -43.69 102.37
C LYS NB 62 56.77 -43.81 101.19
N ALA NB 63 56.36 -43.35 100.00
CA ALA NB 63 57.29 -43.35 98.86
C ALA NB 63 58.45 -42.41 99.11
N MET NB 64 58.18 -41.23 99.68
CA MET NB 64 59.25 -40.29 100.00
C MET NB 64 60.20 -40.87 101.04
N SER NB 65 59.67 -41.56 102.05
CA SER NB 65 60.52 -42.16 103.06
C SER NB 65 61.39 -43.26 102.47
N ALA NB 66 60.82 -44.09 101.60
CA ALA NB 66 61.61 -45.13 100.94
C ALA NB 66 62.72 -44.52 100.08
N ARG NB 67 62.40 -43.47 99.32
CA ARG NB 67 63.41 -42.78 98.52
C ARG NB 67 64.50 -42.18 99.39
N ALA NB 68 64.11 -41.58 100.52
CA ALA NB 68 65.08 -40.98 101.43
C ALA NB 68 66.01 -42.02 102.03
N GLU NB 69 65.47 -43.17 102.45
CA GLU NB 69 66.31 -44.23 102.98
C GLU NB 69 67.22 -44.82 101.90
N ALA NB 70 66.74 -44.94 100.66
CA ALA NB 70 67.58 -45.45 99.59
C ALA NB 70 68.70 -44.48 99.24
N ILE NB 71 68.42 -43.18 99.29
CA ILE NB 71 69.46 -42.18 99.03
C ILE NB 71 70.47 -42.15 100.17
N LYS NB 72 69.98 -42.14 101.40
CA LYS NB 72 70.85 -41.99 102.56
C LYS NB 72 71.57 -43.28 102.94
N ALA NB 73 71.21 -44.40 102.33
CA ALA NB 73 71.94 -45.65 102.54
C ALA NB 73 73.27 -45.54 101.77
N LEU NB 74 74.21 -44.83 102.39
CA LEU NB 74 75.51 -44.52 101.79
C LEU NB 74 76.59 -45.27 102.55
N VAL NB 75 77.20 -46.25 101.88
CA VAL NB 75 78.31 -47.03 102.40
C VAL NB 75 77.97 -47.70 103.74
N VAL NB 76 102.56 -34.69 82.82
CA VAL NB 76 103.68 -34.07 82.12
C VAL NB 76 103.60 -32.55 82.23
N SER NB 77 104.38 -31.86 81.41
CA SER NB 77 104.43 -30.40 81.49
C SER NB 77 103.27 -29.76 80.74
N ARG NB 78 103.19 -29.98 79.42
CA ARG NB 78 102.16 -29.41 78.56
C ARG NB 78 102.13 -27.89 78.67
N LYS NB 79 103.22 -27.30 78.15
CA LYS NB 79 103.45 -25.86 78.13
C LYS NB 79 102.21 -25.04 77.83
N LEU NB 80 101.49 -25.39 76.77
CA LEU NB 80 100.33 -24.61 76.35
C LEU NB 80 99.19 -24.71 77.34
N ASP NB 81 99.18 -25.74 78.19
CA ASP NB 81 98.14 -25.86 79.21
C ASP NB 81 98.54 -25.26 80.54
N ARG NB 82 99.81 -25.40 80.93
CA ARG NB 82 100.27 -24.72 82.14
C ARG NB 82 100.24 -23.21 81.96
N LEU NB 83 100.43 -22.72 80.73
CA LEU NB 83 100.31 -21.29 80.50
C LEU NB 83 98.87 -20.81 80.69
N ALA NB 84 97.88 -21.59 80.25
CA ALA NB 84 96.50 -21.23 80.50
C ALA NB 84 96.18 -21.28 81.98
N TYR NB 85 96.71 -22.28 82.67
CA TYR NB 85 96.50 -22.36 84.12
C TYR NB 85 97.08 -21.15 84.83
N ILE NB 86 98.29 -20.73 84.43
CA ILE NB 86 98.90 -19.55 85.03
C ILE NB 86 98.07 -18.31 84.72
N ALA NB 87 97.60 -18.18 83.48
CA ALA NB 87 96.82 -17.02 83.08
C ALA NB 87 95.43 -16.98 83.72
N HIS NB 88 94.95 -18.09 84.25
CA HIS NB 88 93.68 -18.08 84.97
C HIS NB 88 93.75 -17.13 86.16
N PRO NB 89 92.82 -16.18 86.30
CA PRO NB 89 92.94 -15.17 87.37
C PRO NB 89 92.93 -15.74 88.77
N LYS NB 90 92.18 -16.81 89.02
CA LYS NB 90 92.08 -17.39 90.36
C LYS NB 90 93.02 -18.58 90.53
N LEU NB 91 93.13 -19.42 89.50
CA LEU NB 91 93.95 -20.62 89.63
C LEU NB 91 95.43 -20.32 89.57
N GLY NB 92 95.82 -19.26 88.88
CA GLY NB 92 97.22 -19.01 88.63
C GLY NB 92 97.86 -17.94 89.49
N LYS NB 93 97.15 -17.49 90.53
CA LYS NB 93 97.67 -16.45 91.39
C LYS NB 93 99.00 -16.85 92.02
N ARG NB 94 99.05 -18.03 92.63
CA ARG NB 94 100.27 -18.49 93.28
C ARG NB 94 101.40 -18.66 92.27
N ALA NB 95 101.08 -19.18 91.08
CA ALA NB 95 102.10 -19.43 90.07
C ALA NB 95 102.74 -18.13 89.60
N ARG NB 96 101.92 -17.15 89.24
CA ARG NB 96 102.52 -15.91 88.77
C ARG NB 96 103.13 -15.09 89.91
N ALA NB 97 102.66 -15.26 91.14
CA ALA NB 97 103.37 -14.69 92.28
C ALA NB 97 104.76 -15.29 92.42
N ARG NB 98 104.87 -16.61 92.25
CA ARG NB 98 106.17 -17.25 92.35
C ARG NB 98 107.11 -16.78 91.24
N ILE NB 99 106.61 -16.67 90.01
CA ILE NB 99 107.50 -16.23 88.94
C ILE NB 99 107.88 -14.76 89.13
N ALA NB 100 106.97 -13.94 89.66
CA ALA NB 100 107.32 -12.56 89.97
C ALA NB 100 108.38 -12.48 91.06
N LYS NB 101 108.29 -13.34 92.07
CA LYS NB 101 109.33 -13.40 93.09
C LYS NB 101 110.66 -13.82 92.50
N GLY NB 102 110.64 -14.76 91.56
CA GLY NB 102 111.87 -15.20 90.92
C GLY NB 102 112.51 -14.12 90.08
N LEU NB 103 111.70 -13.30 89.42
CA LEU NB 103 112.24 -12.20 88.62
C LEU NB 103 113.00 -11.18 89.46
N ARG NB 104 112.60 -11.00 90.72
CA ARG NB 104 113.23 -9.99 91.58
C ARG NB 104 114.37 -10.57 92.41
N LEU NB 105 114.12 -11.62 93.17
CA LEU NB 105 115.13 -12.14 94.08
C LEU NB 105 116.21 -12.90 93.33
N CYS NB 106 117.45 -12.78 93.82
CA CYS NB 106 118.56 -13.56 93.30
C CYS NB 106 119.39 -14.06 94.47
N ARG NB 107 119.50 -15.37 94.60
CA ARG NB 107 120.24 -15.96 95.71
C ARG NB 107 121.24 -16.99 95.17
N PRO NB 108 122.44 -17.04 95.73
CA PRO NB 108 123.44 -17.99 95.25
C PRO NB 108 123.06 -19.43 95.57
N LYS NB 109 123.60 -20.34 94.75
CA LYS NB 109 123.40 -21.79 94.88
C LYS NB 109 121.92 -22.16 94.85
N LYS OB 1 -72.32 35.83 -9.81
CA LYS OB 1 -72.75 36.63 -10.94
C LYS OB 1 -72.51 38.11 -10.69
N SER OB 2 -72.36 38.47 -9.40
CA SER OB 2 -72.13 39.86 -9.04
C SER OB 2 -70.79 40.37 -9.55
N LEU OB 3 -69.74 39.53 -9.49
CA LEU OB 3 -68.43 39.94 -9.95
C LEU OB 3 -68.41 40.20 -11.46
N GLU OB 4 -68.92 39.24 -12.24
CA GLU OB 4 -68.98 39.44 -13.68
C GLU OB 4 -69.89 40.61 -14.03
N SER OB 5 -70.98 40.78 -13.28
CA SER OB 5 -71.89 41.88 -13.53
C SER OB 5 -71.20 43.23 -13.32
N ILE OB 6 -70.47 43.38 -12.22
CA ILE OB 6 -69.86 44.67 -11.94
C ILE OB 6 -68.72 44.94 -12.91
N ASN OB 7 -67.93 43.91 -13.26
CA ASN OB 7 -66.87 44.14 -14.25
C ASN OB 7 -67.43 44.53 -15.61
N SER OB 8 -68.46 43.81 -16.08
CA SER OB 8 -69.07 44.12 -17.36
C SER OB 8 -69.71 45.49 -17.34
N ARG OB 9 -70.38 45.84 -16.24
CA ARG OB 9 -71.04 47.13 -16.17
C ARG OB 9 -70.04 48.27 -16.10
N LEU OB 10 -68.92 48.08 -15.40
CA LEU OB 10 -67.87 49.10 -15.43
C LEU OB 10 -67.31 49.28 -16.84
N GLN OB 11 -67.06 48.16 -17.53
CA GLN OB 11 -66.54 48.26 -18.89
C GLN OB 11 -67.53 48.99 -19.78
N LEU OB 12 -68.83 48.78 -19.55
CA LEU OB 12 -69.82 49.46 -20.37
C LEU OB 12 -70.00 50.92 -19.98
N VAL OB 13 -69.83 51.26 -18.70
CA VAL OB 13 -69.83 52.67 -18.29
C VAL OB 13 -68.69 53.42 -18.95
N MET OB 14 -67.50 52.81 -18.99
CA MET OB 14 -66.44 53.37 -19.81
C MET OB 14 -66.90 53.44 -21.26
N LYS OB 15 -66.59 54.57 -21.91
CA LYS OB 15 -66.87 54.88 -23.31
C LYS OB 15 -68.35 55.10 -23.60
N SER OB 16 -69.23 54.91 -22.62
CA SER OB 16 -70.63 55.25 -22.80
C SER OB 16 -71.16 56.24 -21.78
N GLY OB 17 -70.64 56.22 -20.55
CA GLY OB 17 -71.10 57.11 -19.51
C GLY OB 17 -70.07 58.18 -19.16
N LYS OB 18 -70.38 58.94 -18.11
CA LYS OB 18 -69.51 59.96 -17.58
C LYS OB 18 -69.02 59.54 -16.22
N TYR OB 19 -67.74 59.79 -15.94
CA TYR OB 19 -67.17 59.33 -14.69
C TYR OB 19 -65.96 60.21 -14.34
N VAL OB 20 -65.55 60.12 -13.09
CA VAL OB 20 -64.30 60.70 -12.64
C VAL OB 20 -63.52 59.64 -11.88
N LEU OB 21 -62.21 59.64 -12.07
CA LEU OB 21 -61.33 58.68 -11.40
C LEU OB 21 -60.45 59.42 -10.42
N GLY OB 22 -60.36 58.92 -9.21
CA GLY OB 22 -59.43 59.46 -8.25
C GLY OB 22 -60.14 60.14 -7.08
N TYR OB 23 -59.38 60.30 -6.00
CA TYR OB 23 -59.95 60.71 -4.72
C TYR OB 23 -60.43 62.16 -4.77
N LYS OB 24 -59.60 63.07 -5.25
CA LYS OB 24 -59.95 64.48 -5.24
C LYS OB 24 -61.15 64.76 -6.14
N GLN OB 25 -61.12 64.25 -7.37
CA GLN OB 25 -62.24 64.45 -8.28
C GLN OB 25 -63.50 63.79 -7.76
N THR OB 26 -63.36 62.59 -7.20
CA THR OB 26 -64.52 61.89 -6.65
C THR OB 26 -65.16 62.70 -5.54
N LEU OB 27 -64.35 63.22 -4.63
CA LEU OB 27 -64.87 63.95 -3.49
C LEU OB 27 -65.49 65.28 -3.95
N LYS OB 28 -64.88 65.92 -4.93
CA LYS OB 28 -65.44 67.16 -5.47
C LYS OB 28 -66.78 66.93 -6.13
N MET OB 29 -66.91 65.84 -6.91
CA MET OB 29 -68.20 65.52 -7.50
C MET OB 29 -69.24 65.17 -6.45
N ILE OB 30 -68.84 64.44 -5.41
CA ILE OB 30 -69.77 64.10 -4.34
C ILE OB 30 -70.30 65.36 -3.68
N ARG OB 31 -69.42 66.28 -3.34
CA ARG OB 31 -69.86 67.48 -2.66
C ARG OB 31 -70.52 68.48 -3.60
N GLN OB 32 -70.36 68.32 -4.91
CA GLN OB 32 -71.18 69.05 -5.87
C GLN OB 32 -72.52 68.37 -6.13
N GLY OB 33 -72.70 67.15 -5.67
CA GLY OB 33 -73.97 66.48 -5.79
C GLY OB 33 -74.22 65.80 -7.12
N LYS OB 34 -73.22 65.75 -7.99
CA LYS OB 34 -73.36 65.11 -9.30
C LYS OB 34 -72.97 63.64 -9.29
N ALA OB 35 -72.44 63.14 -8.19
CA ALA OB 35 -72.11 61.73 -8.09
C ALA OB 35 -73.37 60.91 -7.89
N LYS OB 36 -73.40 59.71 -8.48
CA LYS OB 36 -74.55 58.83 -8.31
C LYS OB 36 -74.12 57.47 -7.79
N LEU OB 37 -72.89 57.07 -8.08
CA LEU OB 37 -72.35 55.83 -7.54
C LEU OB 37 -70.86 56.01 -7.32
N VAL OB 38 -70.39 55.68 -6.12
CA VAL OB 38 -68.97 55.79 -5.78
C VAL OB 38 -68.44 54.41 -5.52
N ILE OB 39 -67.40 54.02 -6.25
CA ILE OB 39 -66.81 52.69 -6.16
C ILE OB 39 -65.44 52.82 -5.51
N LEU OB 40 -65.21 52.01 -4.48
CA LEU OB 40 -63.98 52.07 -3.70
C LEU OB 40 -63.29 50.72 -3.73
N ALA OB 41 -62.01 50.71 -4.05
CA ALA OB 41 -61.23 49.49 -3.94
C ALA OB 41 -61.08 49.10 -2.47
N ASN OB 42 -60.93 47.80 -2.23
CA ASN OB 42 -60.71 47.36 -0.86
C ASN OB 42 -59.31 47.73 -0.37
N ASN OB 43 -58.41 48.04 -1.29
CA ASN OB 43 -57.07 48.50 -0.98
C ASN OB 43 -57.07 49.90 -0.39
N CYS OB 44 -58.21 50.59 -0.41
CA CYS OB 44 -58.27 51.98 0.01
C CYS OB 44 -57.90 52.10 1.48
N PRO OB 45 -57.18 53.17 1.86
CA PRO OB 45 -56.92 53.40 3.28
C PRO OB 45 -58.23 53.56 4.04
N ALA OB 46 -58.26 53.03 5.25
CA ALA OB 46 -59.53 52.95 5.98
C ALA OB 46 -60.07 54.33 6.33
N LEU OB 47 -59.19 55.29 6.61
CA LEU OB 47 -59.64 56.64 6.88
C LEU OB 47 -60.32 57.25 5.65
N ARG OB 48 -59.72 57.07 4.47
CA ARG OB 48 -60.32 57.58 3.25
C ARG OB 48 -61.63 56.87 2.94
N LYS OB 49 -61.68 55.57 3.21
CA LYS OB 49 -62.92 54.81 3.00
C LYS OB 49 -64.04 55.34 3.89
N SER OB 50 -63.74 55.58 5.16
CA SER OB 50 -64.74 56.12 6.08
C SER OB 50 -65.16 57.53 5.67
N GLU OB 51 -64.21 58.35 5.23
CA GLU OB 51 -64.53 59.71 4.83
C GLU OB 51 -65.41 59.72 3.60
N ILE OB 52 -65.10 58.88 2.61
CA ILE OB 52 -65.92 58.80 1.41
C ILE OB 52 -67.31 58.32 1.75
N GLU OB 53 -67.41 57.32 2.64
CA GLU OB 53 -68.72 56.83 3.04
C GLU OB 53 -69.53 57.89 3.77
N TYR OB 54 -68.88 58.71 4.59
CA TYR OB 54 -69.60 59.78 5.27
C TYR OB 54 -70.08 60.84 4.27
N TYR OB 55 -69.22 61.21 3.32
CA TYR OB 55 -69.64 62.15 2.29
C TYR OB 55 -70.82 61.61 1.50
N ALA OB 56 -70.79 60.31 1.17
CA ALA OB 56 -71.87 59.70 0.43
C ALA OB 56 -73.16 59.63 1.24
N MET OB 57 -73.04 59.40 2.54
CA MET OB 57 -74.22 59.45 3.40
C MET OB 57 -74.82 60.86 3.41
N LEU OB 58 -73.97 61.88 3.47
CA LEU OB 58 -74.48 63.25 3.43
C LEU OB 58 -75.15 63.56 2.11
N ALA OB 59 -74.55 63.10 1.01
CA ALA OB 59 -75.04 63.42 -0.33
C ALA OB 59 -76.10 62.45 -0.83
N LYS OB 60 -76.43 61.43 -0.05
CA LYS OB 60 -77.41 60.41 -0.41
C LYS OB 60 -77.04 59.73 -1.73
N THR OB 61 -75.79 59.28 -1.82
CA THR OB 61 -75.30 58.51 -2.95
C THR OB 61 -74.83 57.15 -2.48
N GLY OB 62 -74.87 56.17 -3.37
CA GLY OB 62 -74.46 54.83 -3.02
C GLY OB 62 -72.95 54.63 -3.12
N VAL OB 63 -72.45 53.75 -2.27
CA VAL OB 63 -71.04 53.36 -2.27
C VAL OB 63 -70.97 51.86 -2.49
N HIS OB 64 -70.30 51.45 -3.54
CA HIS OB 64 -69.98 50.05 -3.79
C HIS OB 64 -68.54 49.79 -3.40
N HIS OB 65 -68.30 48.65 -2.77
CA HIS OB 65 -66.98 48.23 -2.36
C HIS OB 65 -66.49 47.17 -3.33
N TYR OB 66 -65.66 47.58 -4.27
CA TYR OB 66 -65.12 46.68 -5.28
C TYR OB 66 -64.30 45.58 -4.63
N SER OB 67 -64.51 44.35 -5.07
CA SER OB 67 -63.76 43.21 -4.56
C SER OB 67 -62.49 42.97 -5.37
N GLY OB 68 -61.70 44.02 -5.52
CA GLY OB 68 -60.43 43.93 -6.19
C GLY OB 68 -59.35 44.64 -5.39
N ASN OB 69 -58.63 45.55 -6.02
CA ASN OB 69 -57.84 46.56 -5.33
C ASN OB 69 -57.70 47.71 -6.32
N ASN OB 70 -56.79 48.65 -6.04
CA ASN OB 70 -56.65 49.75 -6.98
C ASN OB 70 -56.09 49.29 -8.33
N ILE OB 71 -55.26 48.25 -8.33
CA ILE OB 71 -54.68 47.77 -9.58
C ILE OB 71 -55.74 47.21 -10.51
N GLU OB 72 -56.49 46.19 -10.09
CA GLU OB 72 -57.52 45.70 -10.99
C GLU OB 72 -58.78 46.56 -11.01
N LEU OB 73 -58.92 47.53 -10.12
CA LEU OB 73 -59.94 48.53 -10.35
C LEU OB 73 -59.60 49.42 -11.54
N GLY OB 74 -58.34 49.84 -11.63
CA GLY OB 74 -57.90 50.55 -12.82
C GLY OB 74 -57.99 49.68 -14.06
N THR OB 75 -57.64 48.40 -13.92
CA THR OB 75 -57.76 47.48 -15.06
C THR OB 75 -59.20 47.34 -15.52
N ALA OB 76 -60.13 47.17 -14.57
CA ALA OB 76 -61.54 47.11 -14.92
C ALA OB 76 -62.02 48.40 -15.56
N CYS OB 77 -61.50 49.53 -15.09
CA CYS OB 77 -61.75 50.80 -15.77
C CYS OB 77 -61.11 50.86 -17.15
N GLY OB 78 -60.18 49.96 -17.45
CA GLY OB 78 -59.53 50.00 -18.74
C GLY OB 78 -58.36 50.94 -18.80
N LYS OB 79 -57.91 51.44 -17.66
CA LYS OB 79 -56.76 52.33 -17.59
C LYS OB 79 -55.52 51.52 -17.29
N TYR OB 80 -54.37 52.12 -17.59
CA TYR OB 80 -53.09 51.50 -17.32
C TYR OB 80 -52.46 52.00 -16.03
N TYR OB 81 -53.27 52.56 -15.14
CA TYR OB 81 -52.77 53.00 -13.84
C TYR OB 81 -53.66 52.45 -12.73
N ARG OB 82 -53.44 52.91 -11.51
CA ARG OB 82 -54.20 52.47 -10.36
C ARG OB 82 -55.33 53.45 -10.08
N VAL OB 83 -56.52 52.91 -9.83
CA VAL OB 83 -57.68 53.71 -9.48
C VAL OB 83 -58.18 53.20 -8.13
N CYS OB 84 -58.08 54.04 -7.11
CA CYS OB 84 -58.52 53.64 -5.78
C CYS OB 84 -59.98 53.97 -5.54
N THR OB 85 -60.43 55.13 -6.02
CA THR OB 85 -61.79 55.59 -5.79
C THR OB 85 -62.29 56.22 -7.07
N LEU OB 86 -63.52 55.91 -7.46
CA LEU OB 86 -64.07 56.45 -8.69
C LEU OB 86 -65.53 56.78 -8.49
N ALA OB 87 -66.05 57.67 -9.33
CA ALA OB 87 -67.44 58.08 -9.25
C ALA OB 87 -68.07 58.07 -10.64
N ILE OB 88 -69.33 57.67 -10.72
CA ILE OB 88 -70.07 57.62 -11.98
C ILE OB 88 -71.05 58.78 -11.98
N ILE OB 89 -70.81 59.77 -12.83
CA ILE OB 89 -71.75 60.89 -12.96
C ILE OB 89 -73.02 60.43 -13.67
N ASP OB 90 -72.88 59.61 -14.71
CA ASP OB 90 -74.02 59.10 -15.45
C ASP OB 90 -73.68 57.74 -16.06
N PRO OB 91 -74.45 56.70 -15.75
CA PRO OB 91 -74.09 55.35 -16.20
C PRO OB 91 -74.21 55.13 -17.70
N GLY OB 92 -75.40 55.36 -18.25
CA GLY OB 92 -75.68 55.01 -19.62
C GLY OB 92 -75.85 53.52 -19.90
N ASP OB 93 -75.78 52.66 -18.87
CA ASP OB 93 -75.87 51.23 -19.10
C ASP OB 93 -76.64 50.48 -18.02
N SER OB 94 -77.46 51.17 -17.23
CA SER OB 94 -78.22 50.54 -16.14
C SER OB 94 -77.31 49.90 -15.11
N ASP OB 95 -76.16 50.52 -14.85
CA ASP OB 95 -75.39 50.15 -13.66
C ASP OB 95 -76.17 50.50 -12.40
N ILE OB 96 -76.83 51.65 -12.41
CA ILE OB 96 -77.75 52.02 -11.37
C ILE OB 96 -79.16 51.82 -11.89
N ILE OB 97 -80.13 51.85 -10.99
CA ILE OB 97 -81.54 51.71 -11.36
C ILE OB 97 -82.15 53.10 -11.44
N ARG OB 98 -82.72 53.43 -12.60
CA ARG OB 98 -83.24 54.76 -12.88
C ARG OB 98 -84.42 55.12 -11.97
N ASN PB 1 60.33 95.02 -10.20
CA ASN PB 1 59.20 95.37 -9.35
C ASN PB 1 58.61 94.13 -8.69
N GLU PB 2 57.88 94.33 -7.59
CA GLU PB 2 57.20 93.25 -6.90
C GLU PB 2 55.70 93.50 -6.76
N VAL PB 3 55.16 94.50 -7.44
CA VAL PB 3 53.73 94.79 -7.38
C VAL PB 3 53.19 94.59 -8.78
N VAL PB 4 53.73 93.61 -9.48
CA VAL PB 4 53.40 93.36 -10.87
C VAL PB 4 52.04 92.66 -10.98
N THR PB 5 51.31 92.99 -12.04
CA THR PB 5 50.10 92.28 -12.42
C THR PB 5 50.26 91.71 -13.82
N ARG PB 6 49.88 90.45 -14.01
CA ARG PB 6 50.02 89.76 -15.27
C ARG PB 6 48.74 89.01 -15.58
N GLU PB 7 48.59 88.61 -16.84
CA GLU PB 7 47.39 87.93 -17.31
C GLU PB 7 47.77 86.57 -17.86
N TYR PB 8 47.16 85.52 -17.30
CA TYR PB 8 47.44 84.15 -17.73
C TYR PB 8 46.16 83.48 -18.15
N THR PB 9 46.31 82.37 -18.86
CA THR PB 9 45.23 81.43 -19.10
C THR PB 9 45.64 80.06 -18.58
N ILE PB 10 44.74 79.44 -17.82
CA ILE PB 10 45.00 78.18 -17.16
C ILE PB 10 44.20 77.09 -17.87
N ASN PB 11 44.87 75.99 -18.19
CA ASN PB 11 44.24 74.80 -18.73
C ASN PB 11 43.65 74.03 -17.57
N ILE PB 12 42.45 74.43 -17.17
CA ILE PB 12 41.75 73.75 -16.09
C ILE PB 12 41.46 72.31 -16.48
N HIS PB 13 41.15 72.06 -17.76
CA HIS PB 13 40.92 70.70 -18.23
C HIS PB 13 42.13 69.82 -17.98
N LYS PB 14 43.30 70.32 -18.34
CA LYS PB 14 44.55 69.59 -18.13
C LYS PB 14 44.80 69.35 -16.65
N ARG PB 15 44.58 70.36 -15.82
CA ARG PB 15 44.88 70.21 -14.40
C ARG PB 15 43.83 69.39 -13.66
N ILE PB 16 42.63 69.24 -14.21
CA ILE PB 16 41.54 68.58 -13.51
C ILE PB 16 41.25 67.21 -14.07
N HIS PB 17 41.95 66.81 -15.13
CA HIS PB 17 41.71 65.51 -15.75
C HIS PB 17 41.86 64.37 -14.75
N GLY PB 18 40.88 63.46 -14.76
CA GLY PB 18 40.91 62.28 -13.94
C GLY PB 18 40.22 62.41 -12.60
N VAL PB 19 39.81 63.61 -12.21
CA VAL PB 19 39.20 63.83 -10.90
C VAL PB 19 37.73 63.46 -10.97
N GLY PB 20 37.21 62.88 -9.90
CA GLY PB 20 35.82 62.45 -9.87
C GLY PB 20 34.86 63.61 -9.91
N PHE PB 21 33.60 63.27 -10.15
CA PHE PB 21 32.59 64.28 -10.46
C PHE PB 21 32.40 65.27 -9.33
N LYS PB 22 32.30 64.79 -8.09
CA LYS PB 22 32.00 65.67 -6.98
C LYS PB 22 33.22 66.39 -6.44
N LYS PB 23 34.39 66.19 -7.05
CA LYS PB 23 35.60 66.85 -6.61
C LYS PB 23 36.25 67.70 -7.69
N ARG PB 24 35.55 67.96 -8.79
CA ARG PB 24 36.19 68.63 -9.93
C ARG PB 24 36.28 70.13 -9.72
N ALA PB 25 35.15 70.76 -9.42
CA ALA PB 25 35.19 72.20 -9.14
C ALA PB 25 36.02 72.58 -7.92
N PRO PB 26 35.94 71.88 -6.77
CA PRO PB 26 36.88 72.22 -5.69
C PRO PB 26 38.33 72.08 -6.06
N ARG PB 27 38.68 71.01 -6.77
CA ARG PB 27 40.07 70.84 -7.12
C ARG PB 27 40.51 71.81 -8.20
N ALA PB 28 39.57 72.34 -8.99
CA ALA PB 28 39.92 73.39 -9.93
C ALA PB 28 40.42 74.63 -9.21
N LEU PB 29 39.77 75.01 -8.11
CA LEU PB 29 40.24 76.14 -7.32
C LEU PB 29 41.51 75.82 -6.55
N LYS PB 30 41.67 74.58 -6.09
CA LYS PB 30 42.94 74.21 -5.50
C LYS PB 30 44.08 74.30 -6.50
N GLU PB 31 43.84 73.90 -7.75
CA GLU PB 31 44.85 74.01 -8.79
C GLU PB 31 45.09 75.45 -9.20
N ILE PB 32 44.06 76.30 -9.18
CA ILE PB 32 44.26 77.72 -9.43
C ILE PB 32 45.13 78.34 -8.35
N ARG PB 33 44.88 77.96 -7.10
CA ARG PB 33 45.72 78.43 -6.00
C ARG PB 33 47.16 77.96 -6.16
N LYS PB 34 47.36 76.69 -6.54
CA LYS PB 34 48.71 76.18 -6.77
C LYS PB 34 49.39 76.91 -7.92
N PHE PB 35 48.65 77.18 -8.99
CA PHE PB 35 49.19 77.92 -10.13
C PHE PB 35 49.65 79.30 -9.72
N ALA PB 36 48.81 80.01 -8.96
CA ALA PB 36 49.17 81.35 -8.52
C ALA PB 36 50.38 81.32 -7.59
N MET PB 37 50.42 80.35 -6.67
CA MET PB 37 51.56 80.24 -5.77
C MET PB 37 52.84 79.96 -6.52
N LYS PB 38 52.79 79.07 -7.51
CA LYS PB 38 53.99 78.73 -8.26
C LYS PB 38 54.45 79.89 -9.13
N GLU PB 39 53.50 80.61 -9.73
CA GLU PB 39 53.87 81.62 -10.72
C GLU PB 39 54.26 82.95 -10.07
N MET PB 40 53.67 83.29 -8.93
CA MET PB 40 53.97 84.55 -8.27
C MET PB 40 54.82 84.38 -7.03
N GLY PB 41 55.05 83.15 -6.57
CA GLY PB 41 55.91 82.92 -5.42
C GLY PB 41 55.38 83.47 -4.12
N THR PB 42 54.06 83.46 -3.92
CA THR PB 42 53.45 83.96 -2.71
C THR PB 42 52.54 82.89 -2.13
N PRO PB 43 52.81 82.38 -0.93
CA PRO PB 43 51.90 81.42 -0.33
C PRO PB 43 50.53 81.99 -0.02
N ASP PB 44 50.42 83.31 0.13
CA ASP PB 44 49.14 83.97 0.38
C ASP PB 44 48.52 84.30 -0.96
N VAL PB 45 47.51 83.55 -1.36
CA VAL PB 45 46.78 83.77 -2.59
C VAL PB 45 45.31 83.91 -2.25
N ARG PB 46 44.70 84.99 -2.70
CA ARG PB 46 43.27 85.20 -2.50
C ARG PB 46 42.55 85.25 -3.85
N ILE PB 47 41.49 84.47 -3.95
CA ILE PB 47 40.74 84.27 -5.17
C ILE PB 47 39.51 85.17 -5.14
N ASP PB 48 39.32 85.96 -6.18
CA ASP PB 48 38.15 86.83 -6.25
C ASP PB 48 36.88 86.00 -6.30
N THR PB 49 35.82 86.51 -5.66
CA THR PB 49 34.56 85.80 -5.63
C THR PB 49 33.98 85.64 -7.03
N ARG PB 50 34.21 86.61 -7.90
CA ARG PB 50 33.78 86.46 -9.29
C ARG PB 50 34.53 85.33 -9.98
N LEU PB 51 35.82 85.15 -9.69
CA LEU PB 51 36.55 84.02 -10.26
C LEU PB 51 36.02 82.70 -9.73
N ASN PB 52 35.73 82.63 -8.43
CA ASN PB 52 35.14 81.42 -7.87
C ASN PB 52 33.81 81.10 -8.55
N LYS PB 53 32.99 82.13 -8.76
CA LYS PB 53 31.72 81.96 -9.45
C LYS PB 53 31.92 81.50 -10.90
N ALA PB 54 32.93 82.04 -11.57
CA ALA PB 54 33.20 81.61 -12.94
C ALA PB 54 33.61 80.15 -13.00
N VAL PB 55 34.43 79.71 -12.05
CA VAL PB 55 34.84 78.31 -12.01
C VAL PB 55 33.64 77.41 -11.70
N TRP PB 56 32.74 77.87 -10.84
CA TRP PB 56 31.56 77.11 -10.49
C TRP PB 56 30.36 77.41 -11.40
N ALA PB 57 30.57 78.07 -12.53
CA ALA PB 57 29.45 78.53 -13.35
C ALA PB 57 28.63 77.37 -13.91
N LYS PB 58 29.29 76.29 -14.34
CA LYS PB 58 28.60 75.17 -14.97
C LYS PB 58 28.49 73.96 -14.04
N GLY PB 59 28.34 74.19 -12.75
CA GLY PB 59 28.17 73.09 -11.83
C GLY PB 59 29.47 72.55 -11.29
N ILE PB 60 29.36 71.44 -10.57
CA ILE PB 60 30.50 70.91 -9.85
C ILE PB 60 31.38 70.01 -10.72
N ARG PB 61 30.81 69.39 -11.75
CA ARG PB 61 31.58 68.43 -12.53
C ARG PB 61 31.93 68.90 -13.93
N ASN PB 62 31.16 69.82 -14.50
CA ASN PB 62 31.45 70.30 -15.84
C ASN PB 62 32.19 71.64 -15.80
N VAL PB 63 33.37 71.60 -15.23
CA VAL PB 63 34.17 72.82 -15.04
C VAL PB 63 34.65 73.31 -16.40
N PRO PB 64 34.75 74.62 -16.63
CA PRO PB 64 35.29 75.11 -17.91
C PRO PB 64 36.69 74.58 -18.18
N TYR PB 65 36.95 74.29 -19.46
CA TYR PB 65 38.24 73.71 -19.84
C TYR PB 65 39.38 74.69 -19.64
N ARG PB 66 39.17 75.95 -19.99
CA ARG PB 66 40.18 76.97 -19.86
C ARG PB 66 39.61 78.13 -19.07
N ILE PB 67 40.46 78.85 -18.37
CA ILE PB 67 40.05 80.04 -17.66
C ILE PB 67 41.08 81.13 -17.89
N ARG PB 68 40.63 82.36 -18.01
CA ARG PB 68 41.54 83.50 -18.17
C ARG PB 68 41.55 84.26 -16.86
N VAL PB 69 42.73 84.31 -16.22
CA VAL PB 69 42.85 84.94 -14.92
C VAL PB 69 43.86 86.06 -14.97
N ARG PB 70 43.86 86.89 -13.94
CA ARG PB 70 44.82 87.97 -13.80
C ARG PB 70 45.42 87.85 -12.40
N LEU PB 71 46.73 87.62 -12.35
CA LEU PB 71 47.46 87.52 -11.09
C LEU PB 71 48.05 88.88 -10.77
N SER PB 72 47.61 89.49 -9.67
CA SER PB 72 48.15 90.77 -9.24
C SER PB 72 48.86 90.54 -7.92
N ARG PB 73 50.19 90.66 -7.91
CA ARG PB 73 50.93 90.58 -6.67
C ARG PB 73 50.90 91.95 -6.00
N LYS PB 74 50.49 91.98 -4.73
CA LYS PB 74 50.30 93.22 -4.01
C LYS PB 74 50.99 93.13 -2.66
N ARG PB 75 51.33 94.30 -2.12
CA ARG PB 75 51.95 94.38 -0.82
C ARG PB 75 50.92 94.15 0.26
N ASN PB 76 51.16 93.16 1.12
CA ASN PB 76 50.26 92.86 2.23
C ASN PB 76 50.58 93.79 3.40
N GLU PB 77 50.29 95.07 3.18
CA GLU PB 77 50.49 96.07 4.21
C GLU PB 77 49.32 96.14 5.18
N ASP PB 78 48.31 95.31 4.98
CA ASP PB 78 47.11 95.37 5.82
C ASP PB 78 47.40 94.95 7.26
N GLU PB 79 48.42 94.11 7.46
CA GLU PB 79 48.76 93.64 8.80
C GLU PB 79 50.18 93.10 8.78
N ASP PB 80 50.68 92.77 9.96
CA ASP PB 80 52.03 92.25 10.13
C ASP PB 80 52.03 90.72 10.16
N SER PB 81 51.54 90.14 9.06
CA SER PB 81 51.65 88.70 8.86
C SER PB 81 53.05 88.34 8.36
N PRO PB 82 53.45 87.07 8.50
CA PRO PB 82 54.72 86.65 7.91
C PRO PB 82 54.78 86.85 6.41
N ASN PB 83 53.65 86.75 5.72
CA ASN PB 83 53.60 86.97 4.28
C ASN PB 83 53.36 88.46 4.03
N LYS PB 84 54.42 89.18 3.66
CA LYS PB 84 54.30 90.59 3.35
C LYS PB 84 53.78 90.85 1.95
N LEU PB 85 53.66 89.82 1.13
CA LEU PB 85 53.13 89.92 -0.23
C LEU PB 85 52.02 88.91 -0.39
N TYR PB 86 50.94 89.30 -1.07
CA TYR PB 86 49.88 88.37 -1.41
C TYR PB 86 49.59 88.50 -2.90
N THR PB 87 48.83 87.54 -3.42
CA THR PB 87 48.48 87.52 -4.83
C THR PB 87 46.96 87.44 -4.96
N LEU PB 88 46.36 88.47 -5.52
CA LEU PB 88 44.93 88.48 -5.78
C LEU PB 88 44.73 88.02 -7.22
N VAL PB 89 43.95 86.96 -7.39
CA VAL PB 89 43.67 86.44 -8.72
C VAL PB 89 42.22 86.73 -9.09
N THR PB 90 42.03 87.35 -10.24
CA THR PB 90 40.71 87.80 -10.67
C THR PB 90 40.35 87.22 -12.02
N TYR PB 91 39.05 87.13 -12.28
CA TYR PB 91 38.54 86.55 -13.50
C TYR PB 91 38.55 87.58 -14.61
N VAL PB 92 39.00 87.17 -15.80
CA VAL PB 92 38.98 88.01 -16.99
C VAL PB 92 38.06 87.33 -18.01
N PRO PB 93 36.86 87.83 -18.24
CA PRO PB 93 36.00 87.22 -19.26
C PRO PB 93 36.57 87.42 -20.64
N VAL PB 94 36.52 86.37 -21.45
CA VAL PB 94 37.02 86.40 -22.82
C VAL PB 94 35.99 85.75 -23.73
N THR PB 95 36.10 86.03 -25.02
CA THR PB 95 35.27 85.41 -26.03
C THR PB 95 35.92 84.21 -26.69
N THR PB 96 37.24 84.21 -26.81
CA THR PB 96 37.97 83.11 -27.41
C THR PB 96 39.29 82.94 -26.67
N PHE PB 97 39.83 81.72 -26.72
CA PHE PB 97 41.11 81.42 -26.11
C PHE PB 97 42.24 81.23 -27.11
N LYS PB 98 41.95 81.38 -28.40
CA LYS PB 98 42.99 81.19 -29.40
C LYS PB 98 43.97 82.34 -29.38
N ASN PB 99 45.26 82.01 -29.48
CA ASN PB 99 46.35 82.97 -29.63
C ASN PB 99 46.46 83.92 -28.45
N LEU PB 100 46.11 83.48 -27.25
CA LEU PB 100 46.27 84.28 -26.06
C LEU PB 100 47.55 83.91 -25.35
N GLN PB 101 48.44 84.87 -25.20
CA GLN PB 101 49.70 84.68 -24.51
C GLN PB 101 49.63 85.25 -23.10
N THR PB 102 50.67 84.95 -22.32
CA THR PB 102 50.85 85.58 -21.03
C THR PB 102 51.39 86.99 -21.25
N VAL PB 103 50.60 87.99 -20.87
CA VAL PB 103 50.91 89.38 -21.15
C VAL PB 103 50.95 90.18 -19.86
N ASN PB 104 51.95 91.03 -19.72
CA ASN PB 104 51.96 92.00 -18.64
C ASN PB 104 50.94 93.09 -18.91
N VAL PB 105 50.30 93.58 -17.86
CA VAL PB 105 49.30 94.63 -17.97
C VAL PB 105 49.69 95.77 -17.04
N ASP PB 106 49.40 96.99 -17.47
CA ASP PB 106 49.65 98.18 -16.67
C ASP PB 106 48.49 98.39 -15.69
N GLU PB 107 48.44 99.55 -15.05
CA GLU PB 107 47.42 99.85 -14.06
C GLU PB 107 46.03 99.94 -14.69
N ALA QB 1 92.88 45.06 66.11
CA ALA QB 1 92.09 46.21 66.53
C ALA QB 1 90.90 45.77 67.36
N ALA QB 2 89.99 45.05 66.72
CA ALA QB 2 88.75 44.66 67.36
C ALA QB 2 88.98 43.56 68.40
N LEU QB 3 87.97 43.36 69.24
CA LEU QB 3 88.01 42.30 70.24
C LEU QB 3 87.93 40.95 69.58
N ARG QB 4 88.63 39.97 70.13
CA ARG QB 4 88.68 38.70 69.45
C ARG QB 4 87.93 37.63 70.24
N PRO QB 5 87.33 36.67 69.55
CA PRO QB 5 86.64 35.58 70.24
C PRO QB 5 87.64 34.66 70.94
N LEU QB 6 87.09 33.82 71.79
CA LEU QB 6 87.93 32.86 72.52
C LEU QB 6 88.61 31.89 71.55
N VAL QB 7 87.84 31.32 70.63
CA VAL QB 7 88.38 30.48 69.58
C VAL QB 7 87.75 30.91 68.27
N LYS QB 8 88.48 30.73 67.18
CA LYS QB 8 87.99 31.05 65.84
C LYS QB 8 88.16 29.82 64.95
N PRO QB 9 87.26 28.85 65.07
CA PRO QB 9 87.31 27.70 64.17
C PRO QB 9 86.89 28.11 62.77
N LYS QB 10 87.37 27.34 61.80
CA LYS QB 10 86.96 27.56 60.42
C LYS QB 10 85.49 27.20 60.27
N ILE QB 11 84.69 28.16 59.83
CA ILE QB 11 83.26 27.96 59.67
C ILE QB 11 82.99 27.42 58.27
N VAL QB 12 82.34 26.26 58.20
CA VAL QB 12 82.09 25.58 56.93
C VAL QB 12 80.59 25.63 56.68
N LYS QB 13 80.21 26.21 55.55
CA LYS QB 13 78.81 26.26 55.12
C LYS QB 13 78.60 25.18 54.06
N LYS QB 14 77.68 24.26 54.32
CA LYS QB 14 77.38 23.24 53.33
C LYS QB 14 76.78 23.86 52.07
N ARG QB 15 75.88 24.82 52.24
CA ARG QB 15 75.34 25.59 51.13
C ARG QB 15 75.38 27.06 51.49
N THR QB 16 75.77 27.89 50.53
CA THR QB 16 75.88 29.32 50.75
C THR QB 16 74.75 30.10 50.08
N LYS QB 17 74.24 29.62 48.95
CA LYS QB 17 73.11 30.28 48.31
C LYS QB 17 71.82 30.04 49.11
N LYS QB 18 70.77 30.73 48.71
CA LYS QB 18 69.47 30.55 49.32
C LYS QB 18 68.70 29.44 48.62
N PHE QB 19 67.68 28.95 49.31
CA PHE QB 19 66.71 28.04 48.71
C PHE QB 19 65.53 28.88 48.24
N ILE QB 20 65.43 29.09 46.95
CA ILE QB 20 64.34 29.90 46.41
C ILE QB 20 63.17 28.98 46.12
N ARG QB 21 61.97 29.54 46.23
CA ARG QB 21 60.75 28.79 45.94
C ARG QB 21 60.69 28.45 44.46
N HIS QB 22 60.11 27.29 44.17
CA HIS QB 22 59.91 26.86 42.80
C HIS QB 22 59.03 27.86 42.05
N GLN QB 23 59.46 28.23 40.86
CA GLN QB 23 58.76 29.17 39.97
C GLN QB 23 58.64 30.56 40.57
N SER QB 24 59.48 30.91 41.54
CA SER QB 24 59.46 32.28 42.05
C SER QB 24 60.13 33.25 41.07
N ASP QB 25 60.86 32.73 40.09
CA ASP QB 25 61.42 33.58 39.05
C ASP QB 25 60.34 34.03 38.07
N ARG QB 26 59.39 33.17 37.77
CA ARG QB 26 58.42 33.47 36.72
C ARG QB 26 57.30 34.40 37.17
N TYR QB 27 57.10 34.57 38.47
CA TYR QB 27 55.97 35.34 38.96
C TYR QB 27 56.41 36.32 40.04
N VAL QB 28 55.72 37.45 40.08
CA VAL QB 28 55.90 38.40 41.17
C VAL QB 28 55.00 38.05 42.35
N LYS QB 29 53.85 37.41 42.08
CA LYS QB 29 52.95 36.99 43.14
C LYS QB 29 53.56 35.90 44.01
N ILE QB 30 54.60 35.23 43.53
CA ILE QB 30 55.26 34.16 44.27
C ILE QB 30 56.58 34.70 44.79
N LYS QB 31 56.69 34.81 46.10
CA LYS QB 31 57.90 35.29 46.73
C LYS QB 31 58.90 34.15 46.87
N ARG QB 32 60.16 34.52 47.05
CA ARG QB 32 61.22 33.53 47.08
C ARG QB 32 61.28 32.72 48.37
N ASN QB 33 60.46 33.05 49.37
CA ASN QB 33 60.40 32.25 50.58
C ASN QB 33 60.05 30.82 50.25
N TRP QB 34 60.77 29.88 50.85
CA TRP QB 34 60.67 28.49 50.45
C TRP QB 34 59.33 27.91 50.84
N ARG QB 35 58.67 27.24 49.89
CA ARG QB 35 57.47 26.47 50.13
C ARG QB 35 57.67 25.10 49.52
N LYS QB 36 57.35 24.06 50.27
CA LYS QB 36 57.52 22.70 49.78
C LYS QB 36 56.54 22.42 48.66
N PRO QB 37 57.00 22.03 47.48
CA PRO QB 37 56.06 21.70 46.40
C PRO QB 37 55.32 20.41 46.71
N ARG QB 38 54.03 20.41 46.41
CA ARG QB 38 53.20 19.24 46.70
C ARG QB 38 52.33 18.86 45.53
N GLY QB 39 52.63 19.36 44.34
CA GLY QB 39 51.88 18.97 43.17
C GLY QB 39 52.12 17.53 42.80
N ILE QB 40 51.13 16.94 42.15
CA ILE QB 40 51.23 15.52 41.81
C ILE QB 40 52.31 15.30 40.76
N ASP QB 41 52.53 16.26 39.87
CA ASP QB 41 53.50 16.12 38.79
C ASP QB 41 54.70 17.04 38.96
N ASN QB 42 54.93 17.55 40.15
CA ASN QB 42 55.98 18.54 40.35
C ASN QB 42 57.35 17.90 40.25
N ARG QB 43 58.14 18.32 39.26
CA ARG QB 43 59.46 17.75 39.07
C ARG QB 43 60.45 18.19 40.13
N VAL QB 44 60.27 19.38 40.69
CA VAL QB 44 61.12 19.78 41.80
C VAL QB 44 60.88 18.90 43.02
N ARG QB 45 59.61 18.63 43.33
CA ARG QB 45 59.31 17.72 44.43
C ARG QB 45 59.83 16.31 44.14
N ARG QB 46 59.68 15.85 42.90
CA ARG QB 46 60.18 14.53 42.55
C ARG QB 46 61.70 14.47 42.45
N ARG QB 47 62.38 15.62 42.50
CA ARG QB 47 63.84 15.68 42.56
C ARG QB 47 64.49 15.24 41.25
N PHE QB 48 63.96 15.74 40.14
CA PHE QB 48 64.62 15.55 38.87
C PHE QB 48 65.92 16.34 38.82
N LYS QB 49 66.87 15.86 38.03
CA LYS QB 49 68.15 16.54 37.93
C LYS QB 49 67.99 17.89 37.25
N GLY QB 50 68.88 18.82 37.62
CA GLY QB 50 68.87 20.13 37.02
C GLY QB 50 67.78 21.05 37.51
N GLN QB 51 67.08 20.70 38.58
CA GLN QB 51 65.97 21.50 39.09
C GLN QB 51 66.40 22.26 40.34
N ILE QB 52 65.45 23.04 40.86
CA ILE QB 52 65.64 23.73 42.13
C ILE QB 52 65.76 22.71 43.24
N LEU QB 53 66.77 22.86 44.08
CA LEU QB 53 67.01 21.93 45.17
C LEU QB 53 66.07 22.19 46.33
N MET QB 54 65.73 21.14 47.04
CA MET QB 54 64.85 21.23 48.20
C MET QB 54 65.66 21.18 49.48
N PRO QB 55 65.39 22.07 50.43
CA PRO QB 55 66.07 21.98 51.72
C PRO QB 55 65.74 20.69 52.45
N ASN QB 56 66.74 20.14 53.13
CA ASN QB 56 66.53 19.02 54.02
C ASN QB 56 67.58 19.11 55.13
N ILE QB 57 67.49 18.16 56.06
CA ILE QB 57 68.34 18.22 57.25
C ILE QB 57 69.80 17.94 56.97
N GLY QB 58 70.13 17.41 55.80
CA GLY QB 58 71.52 17.13 55.50
C GLY QB 58 72.36 18.37 55.30
N TYR QB 59 71.72 19.50 55.01
CA TYR QB 59 72.41 20.78 54.85
C TYR QB 59 72.69 21.45 56.17
N GLY QB 60 72.35 20.82 57.28
CA GLY QB 60 72.49 21.47 58.57
C GLY QB 60 73.94 21.80 58.88
N SER QB 61 74.14 22.95 59.50
CA SER QB 61 75.47 23.41 59.82
C SER QB 61 76.05 22.62 60.97
N ASN QB 62 77.38 22.59 61.04
CA ASN QB 62 78.08 22.00 62.17
C ASN QB 62 77.64 22.68 63.46
N LYS QB 63 77.33 21.88 64.47
CA LYS QB 63 76.81 22.42 65.72
C LYS QB 63 77.81 23.28 66.46
N LYS QB 64 79.11 23.09 66.21
CA LYS QB 64 80.10 23.91 66.89
C LYS QB 64 80.17 25.32 66.32
N THR QB 65 79.93 25.48 65.02
CA THR QB 65 80.01 26.78 64.37
C THR QB 65 78.65 27.32 63.98
N LYS QB 66 77.56 26.71 64.44
CA LYS QB 66 76.23 27.18 64.08
C LYS QB 66 75.94 28.49 64.77
N HIS QB 67 75.30 29.40 64.03
CA HIS QB 67 74.95 30.77 64.42
C HIS QB 67 76.17 31.65 64.65
N MET QB 68 77.35 31.22 64.28
CA MET QB 68 78.54 32.04 64.44
C MET QB 68 78.61 33.08 63.34
N LEU QB 69 78.87 34.33 63.72
CA LEU QB 69 79.10 35.37 62.76
C LEU QB 69 80.47 35.15 62.11
N PRO QB 70 80.73 35.80 60.97
CA PRO QB 70 82.07 35.73 60.39
C PRO QB 70 83.18 36.09 61.35
N SER QB 71 82.92 36.96 62.33
CA SER QB 71 83.93 37.33 63.31
C SER QB 71 84.27 36.21 64.28
N GLY QB 72 83.44 35.17 64.37
CA GLY QB 72 83.63 34.13 65.35
C GLY QB 72 82.80 34.30 66.61
N PHE QB 73 82.05 35.38 66.73
CA PHE QB 73 81.19 35.62 67.87
C PHE QB 73 79.80 35.10 67.58
N ARG QB 74 78.93 35.15 68.59
CA ARG QB 74 77.50 34.93 68.40
C ARG QB 74 76.76 36.14 68.94
N LYS QB 75 75.81 36.66 68.18
CA LYS QB 75 75.16 37.90 68.56
C LYS QB 75 74.07 37.66 69.61
N PHE QB 76 73.87 38.68 70.44
CA PHE QB 76 72.78 38.70 71.41
C PHE QB 76 72.13 40.07 71.35
N LEU QB 77 70.82 40.10 71.19
CA LEU QB 77 70.13 41.37 71.02
C LEU QB 77 69.88 42.03 72.38
N VAL QB 78 70.32 43.28 72.49
CA VAL QB 78 70.16 44.06 73.71
C VAL QB 78 69.31 45.28 73.41
N HIS QB 79 68.67 45.80 74.46
CA HIS QB 79 67.86 47.00 74.36
C HIS QB 79 68.27 48.08 75.33
N ASN QB 80 69.09 47.77 76.34
CA ASN QB 80 69.57 48.76 77.29
C ASN QB 80 70.80 48.20 78.00
N VAL QB 81 71.37 49.03 78.87
CA VAL QB 81 72.62 48.70 79.55
C VAL QB 81 72.42 47.51 80.47
N LYS QB 82 71.26 47.43 81.12
CA LYS QB 82 71.00 46.31 82.02
C LYS QB 82 71.02 44.98 81.27
N GLU QB 83 70.43 44.95 80.07
CA GLU QB 83 70.50 43.74 79.26
C GLU QB 83 71.91 43.50 78.76
N LEU QB 84 72.67 44.56 78.47
CA LEU QB 84 74.06 44.39 78.11
C LEU QB 84 74.88 43.76 79.22
N GLU QB 85 74.49 43.98 80.48
CA GLU QB 85 75.26 43.48 81.62
C GLU QB 85 75.35 41.96 81.69
N VAL QB 86 74.49 41.24 80.98
CA VAL QB 86 74.51 39.77 81.09
C VAL QB 86 75.61 39.11 80.27
N LEU QB 87 76.27 39.85 79.38
CA LEU QB 87 77.34 39.29 78.56
C LEU QB 87 78.69 39.43 79.23
N LEU QB 88 78.73 39.91 80.47
CA LEU QB 88 80.00 40.16 81.14
C LEU QB 88 80.83 38.90 81.28
N MET QB 89 80.18 37.78 81.59
CA MET QB 89 80.86 36.51 81.72
C MET QB 89 80.82 35.68 80.44
N CYS QB 90 80.01 36.08 79.46
CA CYS QB 90 80.01 35.51 78.12
C CYS QB 90 80.78 36.40 77.16
N ASN QB 91 81.73 37.12 77.73
CA ASN QB 91 82.46 38.17 77.03
C ASN QB 91 83.07 37.69 75.73
N LYS QB 92 83.77 36.56 75.75
CA LYS QB 92 84.65 36.17 74.65
C LYS QB 92 83.98 35.24 73.65
N SER QB 93 82.68 35.02 73.75
CA SER QB 93 81.97 34.23 72.77
C SER QB 93 80.72 34.89 72.22
N TYR QB 94 80.15 35.87 72.92
CA TYR QB 94 78.93 36.53 72.51
C TYR QB 94 79.17 38.04 72.41
N CYS QB 95 78.63 38.62 71.36
CA CYS QB 95 78.75 40.04 71.09
C CYS QB 95 77.37 40.67 71.09
N ALA QB 96 77.29 41.88 71.61
CA ALA QB 96 76.02 42.57 71.73
C ALA QB 96 75.60 43.19 70.40
N GLU QB 97 74.30 43.22 70.17
CA GLU QB 97 73.73 43.99 69.07
C GLU QB 97 72.60 44.85 69.61
N ILE QB 98 72.73 46.15 69.43
CA ILE QB 98 71.72 47.07 69.90
C ILE QB 98 70.49 46.99 69.00
N ALA QB 99 69.31 46.98 69.61
CA ALA QB 99 68.09 46.87 68.82
C ALA QB 99 67.89 48.09 67.93
N HIS QB 100 67.14 47.89 66.84
CA HIS QB 100 66.98 48.95 65.84
C HIS QB 100 66.20 50.13 66.38
N ASN QB 101 65.25 49.89 67.27
CA ASN QB 101 64.40 50.97 67.76
C ASN QB 101 65.02 51.75 68.91
N VAL QB 102 66.22 51.39 69.35
CA VAL QB 102 66.88 52.11 70.43
C VAL QB 102 67.31 53.48 69.92
N SER QB 103 67.04 54.52 70.70
CA SER QB 103 67.38 55.88 70.29
C SER QB 103 68.88 56.09 70.33
N SER QB 104 69.33 57.12 69.60
CA SER QB 104 70.75 57.39 69.47
C SER QB 104 71.38 57.76 70.81
N LYS QB 105 70.67 58.58 71.60
CA LYS QB 105 71.16 58.97 72.92
C LYS QB 105 71.42 57.76 73.80
N ASN QB 106 70.51 56.79 73.78
CA ASN QB 106 70.66 55.62 74.62
C ASN QB 106 71.70 54.65 74.08
N ARG QB 107 71.76 54.47 72.77
CA ARG QB 107 72.75 53.56 72.22
C ARG QB 107 74.15 54.10 72.38
N LYS QB 108 74.31 55.42 72.52
CA LYS QB 108 75.61 55.97 72.89
C LYS QB 108 76.07 55.43 74.24
N ALA QB 109 75.19 55.45 75.23
CA ALA QB 109 75.53 54.92 76.55
C ALA QB 109 75.76 53.42 76.52
N ILE QB 110 74.98 52.70 75.71
CA ILE QB 110 75.20 51.27 75.58
C ILE QB 110 76.58 50.99 75.02
N VAL QB 111 76.99 51.74 74.00
CA VAL QB 111 78.31 51.55 73.40
C VAL QB 111 79.41 51.88 74.40
N GLU QB 112 79.20 52.94 75.19
CA GLU QB 112 80.17 53.28 76.24
C GLU QB 112 80.33 52.14 77.23
N ARG QB 113 79.21 51.61 77.73
CA ARG QB 113 79.28 50.55 78.73
C ARG QB 113 79.88 49.27 78.13
N ALA QB 114 79.58 48.98 76.87
CA ALA QB 114 80.14 47.81 76.23
C ALA QB 114 81.65 47.93 76.08
N ALA QB 115 82.14 49.11 75.70
CA ALA QB 115 83.56 49.33 75.64
C ALA QB 115 84.19 49.16 77.02
N GLN QB 116 83.49 49.60 78.07
CA GLN QB 116 83.98 49.40 79.43
C GLN QB 116 84.08 47.92 79.77
N LEU QB 117 83.07 47.14 79.41
CA LEU QB 117 82.99 45.74 79.80
C LEU QB 117 83.67 44.82 78.81
N ALA QB 118 84.31 45.36 77.78
CA ALA QB 118 85.01 44.60 76.75
C ALA QB 118 84.07 43.71 75.95
N ILE QB 119 82.79 44.06 75.92
CA ILE QB 119 81.81 43.36 75.08
C ILE QB 119 81.88 43.96 73.68
N ARG QB 120 81.92 43.10 72.67
CA ARG QB 120 81.94 43.58 71.30
C ARG QB 120 80.54 43.92 70.82
N VAL QB 121 80.42 44.99 70.06
CA VAL QB 121 79.15 45.42 69.50
C VAL QB 121 79.26 45.34 67.98
N THR QB 122 78.28 44.71 67.34
CA THR QB 122 78.33 44.54 65.90
C THR QB 122 77.93 45.79 65.14
N ASN QB 123 77.23 46.72 65.79
CA ASN QB 123 76.88 48.01 65.18
C ASN QB 123 77.22 49.12 66.16
N PRO QB 124 78.51 49.35 66.42
CA PRO QB 124 78.87 50.35 67.43
C PRO QB 124 78.66 51.77 66.96
N ASN QB 125 78.84 52.06 65.68
CA ASN QB 125 78.61 53.39 65.13
C ASN QB 125 77.37 53.29 64.23
N ALA QB 126 76.21 53.37 64.85
CA ALA QB 126 74.96 53.08 64.17
C ALA QB 126 74.01 54.25 64.08
N ARG QB 127 74.05 55.19 65.02
CA ARG QB 127 73.28 56.42 64.84
C ARG QB 127 74.21 57.58 65.23
N LEU QB 128 75.01 58.01 64.26
CA LEU QB 128 76.02 59.05 64.47
C LEU QB 128 76.70 59.41 63.15
N SER RB 1 114.37 33.58 30.33
CA SER RB 1 115.27 33.08 29.30
C SER RB 1 114.65 31.89 28.57
N GLY RB 2 113.85 31.10 29.28
CA GLY RB 2 113.27 29.91 28.69
C GLY RB 2 111.88 29.65 29.20
N ARG RB 3 111.21 28.71 28.54
CA ARG RB 3 109.80 28.46 28.85
C ARG RB 3 109.64 27.80 30.22
N LEU RB 4 110.44 26.78 30.51
CA LEU RB 4 110.46 26.16 31.85
C LEU RB 4 109.14 25.57 32.32
N TRP RB 5 108.10 25.58 31.48
CA TRP RB 5 106.87 24.86 31.80
C TRP RB 5 106.40 24.12 30.57
N SER RB 6 105.80 22.97 30.79
CA SER RB 6 105.23 22.18 29.71
C SER RB 6 103.86 22.72 29.32
N LYS RB 7 103.60 22.71 28.03
CA LYS RB 7 102.32 23.19 27.51
C LYS RB 7 101.25 22.12 27.69
N ALA RB 8 100.08 22.52 28.16
CA ALA RB 8 98.94 21.65 28.27
C ALA RB 8 97.72 22.40 27.81
N ILE RB 9 96.69 21.66 27.45
CA ILE RB 9 95.41 22.22 27.01
C ILE RB 9 94.36 21.79 28.01
N PHE RB 10 93.58 22.75 28.50
CA PHE RB 10 92.41 22.43 29.31
C PHE RB 10 91.35 21.85 28.38
N ALA RB 11 91.18 20.53 28.40
CA ALA RB 11 90.26 19.89 27.48
C ALA RB 11 88.84 19.85 27.99
N GLY RB 12 88.65 19.80 29.30
CA GLY RB 12 87.31 19.76 29.86
C GLY RB 12 87.33 19.23 31.27
N TYR RB 13 86.15 19.17 31.84
CA TYR RB 13 85.99 18.62 33.18
C TYR RB 13 85.81 17.12 33.14
N LYS RB 14 86.09 16.48 34.27
CA LYS RB 14 85.69 15.10 34.46
C LYS RB 14 84.17 15.01 34.34
N ARG RB 15 83.71 14.06 33.55
CA ARG RB 15 82.30 14.05 33.21
C ARG RB 15 81.88 12.64 32.83
N GLY RB 16 80.59 12.39 32.93
CA GLY RB 16 79.99 11.25 32.28
C GLY RB 16 79.55 11.70 30.91
N LEU RB 17 78.39 11.26 30.46
CA LEU RB 17 77.85 11.87 29.26
C LEU RB 17 76.94 13.04 29.58
N ARG RB 18 76.10 12.87 30.60
CA ARG RB 18 75.10 13.89 30.96
C ARG RB 18 75.32 14.40 32.37
N ASN RB 19 76.53 14.25 32.90
CA ASN RB 19 76.89 14.79 34.20
C ASN RB 19 78.29 15.35 34.11
N GLN RB 20 78.56 16.38 34.91
CA GLN RB 20 79.83 17.11 34.83
C GLN RB 20 80.31 17.41 36.24
N ARG RB 21 81.50 16.92 36.59
CA ARG RB 21 82.11 17.19 37.89
C ARG RB 21 83.17 18.25 37.69
N GLU RB 22 82.77 19.51 37.93
CA GLU RB 22 83.65 20.64 37.63
C GLU RB 22 84.83 20.74 38.59
N HIS RB 23 84.82 20.02 39.72
CA HIS RB 23 85.88 20.20 40.69
C HIS RB 23 87.22 19.67 40.20
N THR RB 24 87.25 18.86 39.16
CA THR RB 24 88.49 18.36 38.58
C THR RB 24 88.46 18.50 37.06
N ALA RB 25 89.62 18.76 36.49
CA ALA RB 25 89.76 19.10 35.09
C ALA RB 25 90.61 18.08 34.36
N LEU RB 26 90.40 17.95 33.07
CA LEU RB 26 91.19 17.06 32.23
C LEU RB 26 92.16 17.90 31.43
N LEU RB 27 93.45 17.56 31.50
CA LEU RB 27 94.50 18.28 30.81
C LEU RB 27 95.14 17.36 29.79
N LYS RB 28 95.39 17.90 28.61
CA LYS RB 28 96.13 17.20 27.57
C LYS RB 28 97.50 17.85 27.46
N ILE RB 29 98.52 17.15 27.88
CA ILE RB 29 99.88 17.67 27.87
C ILE RB 29 100.51 17.38 26.52
N GLU RB 30 101.21 18.36 25.97
CA GLU RB 30 101.81 18.20 24.65
C GLU RB 30 102.93 17.18 24.70
N GLY RB 31 102.93 16.26 23.75
CA GLY RB 31 103.96 15.24 23.66
C GLY RB 31 103.74 14.01 24.49
N VAL RB 32 102.68 13.97 25.29
CA VAL RB 32 102.39 12.84 26.17
C VAL RB 32 101.13 12.18 25.62
N TYR RB 33 101.29 11.06 24.92
CA TYR RB 33 100.18 10.42 24.23
C TYR RB 33 100.04 8.95 24.61
N ALA RB 34 100.49 8.61 25.81
CA ALA RB 34 100.26 7.28 26.36
C ALA RB 34 100.19 7.40 27.86
N ARG RB 35 99.46 6.46 28.49
CA ARG RB 35 99.24 6.55 29.93
C ARG RB 35 100.53 6.36 30.70
N ASP RB 36 101.41 5.48 30.23
CA ASP RB 36 102.65 5.19 30.93
C ASP RB 36 103.66 6.32 30.84
N GLU RB 37 103.44 7.31 29.98
CA GLU RB 37 104.30 8.49 29.92
C GLU RB 37 103.87 9.58 30.88
N THR RB 38 102.72 9.45 31.53
CA THR RB 38 102.20 10.48 32.41
C THR RB 38 102.78 10.41 33.81
N GLU RB 39 103.61 9.42 34.11
CA GLU RB 39 104.13 9.29 35.46
C GLU RB 39 105.02 10.47 35.85
N PHE RB 40 105.66 11.09 34.86
CA PHE RB 40 106.54 12.21 35.16
C PHE RB 40 105.76 13.39 35.74
N TYR RB 41 104.55 13.61 35.25
CA TYR RB 41 103.80 14.81 35.55
C TYR RB 41 102.89 14.68 36.75
N LEU RB 42 102.84 13.53 37.40
CA LEU RB 42 101.98 13.36 38.56
C LEU RB 42 102.51 14.20 39.72
N GLY RB 43 101.62 14.98 40.32
CA GLY RB 43 101.98 15.85 41.41
C GLY RB 43 102.57 17.17 41.02
N LYS RB 44 102.80 17.41 39.74
CA LYS RB 44 103.37 18.68 39.31
C LYS RB 44 102.35 19.79 39.45
N ARG RB 45 102.83 20.96 39.87
CA ARG RB 45 101.97 22.13 39.95
C ARG RB 45 101.59 22.58 38.54
N CYS RB 46 100.37 23.06 38.38
CA CYS RB 46 99.91 23.59 37.11
C CYS RB 46 99.21 24.92 37.35
N ALA RB 47 99.23 25.76 36.34
CA ALA RB 47 98.74 27.12 36.45
C ALA RB 47 97.92 27.49 35.23
N TYR RB 48 96.77 28.08 35.47
CA TYR RB 48 95.98 28.70 34.41
C TYR RB 48 96.18 30.20 34.54
N VAL RB 49 96.95 30.77 33.61
CA VAL RB 49 97.34 32.17 33.66
C VAL RB 49 96.50 32.93 32.66
N TYR RB 50 95.80 33.95 33.13
CA TYR RB 50 94.95 34.76 32.27
C TYR RB 50 95.17 36.23 32.59
N LYS RB 51 94.52 37.09 31.82
CA LYS RB 51 94.59 38.52 32.03
C LYS RB 51 93.20 39.05 32.33
N ALA RB 52 93.14 40.08 33.16
CA ALA RB 52 91.87 40.71 33.47
C ALA RB 52 91.97 42.21 33.30
N LYS RB 53 90.96 42.93 33.77
CA LYS RB 53 90.90 44.37 33.57
C LYS RB 53 91.61 45.15 34.68
N ASN RB 54 91.34 44.82 35.93
CA ASN RB 54 91.94 45.53 37.04
C ASN RB 54 93.29 44.95 37.41
N ASN RB 55 94.17 45.81 37.91
CA ASN RB 55 95.48 45.37 38.35
C ASN RB 55 95.37 44.57 39.64
N THR RB 56 96.21 43.55 39.77
CA THR RB 56 96.31 42.75 40.98
C THR RB 56 97.76 42.65 41.39
N VAL RB 57 97.99 42.41 42.67
CA VAL RB 57 99.36 42.37 43.19
C VAL RB 57 100.09 41.17 42.60
N THR RB 58 101.34 41.41 42.18
CA THR RB 58 102.19 40.33 41.71
C THR RB 58 103.21 40.02 42.79
N PRO RB 59 103.32 38.78 43.25
CA PRO RB 59 104.39 38.44 44.19
C PRO RB 59 105.75 38.64 43.54
N GLY RB 60 106.61 39.37 44.23
CA GLY RB 60 107.92 39.69 43.68
C GLY RB 60 107.85 40.54 42.43
N GLY RB 61 107.00 41.55 42.42
CA GLY RB 61 106.88 42.40 41.26
C GLY RB 61 105.83 43.46 41.47
N LYS RB 62 105.65 44.26 40.47
CA LYS RB 62 104.69 45.34 40.42
C LYS RB 62 103.33 44.84 39.98
N PRO RB 63 102.26 45.49 40.43
CA PRO RB 63 100.91 45.04 40.03
C PRO RB 63 100.71 45.14 38.53
N ASN RB 64 100.06 44.11 37.98
CA ASN RB 64 99.75 44.07 36.56
C ASN RB 64 98.38 43.44 36.39
N LYS RB 65 98.02 43.15 35.15
CA LYS RB 65 96.73 42.58 34.83
C LYS RB 65 96.72 41.07 34.82
N THR RB 66 97.84 40.43 35.15
CA THR RB 66 97.95 38.99 35.12
C THR RB 66 97.36 38.38 36.38
N ARG RB 67 96.50 37.39 36.19
CA ARG RB 67 95.97 36.57 37.27
C ARG RB 67 96.27 35.12 36.98
N VAL RB 68 96.25 34.30 38.03
CA VAL RB 68 96.57 32.88 37.88
C VAL RB 68 95.68 32.08 38.82
N ILE RB 69 95.27 30.91 38.36
CA ILE RB 69 94.64 29.90 39.20
C ILE RB 69 95.59 28.73 39.30
N TRP RB 70 95.94 28.36 40.53
CA TRP RB 70 96.90 27.30 40.76
C TRP RB 70 96.19 25.98 40.98
N GLY RB 71 96.88 24.90 40.66
CA GLY RB 71 96.37 23.56 40.90
C GLY RB 71 97.50 22.58 40.75
N LYS RB 72 97.18 21.29 40.70
CA LYS RB 72 98.23 20.30 40.48
C LYS RB 72 97.64 19.07 39.80
N VAL RB 73 98.52 18.36 39.11
CA VAL RB 73 98.15 17.12 38.45
C VAL RB 73 98.02 16.02 39.49
N THR RB 74 96.92 15.29 39.46
CA THR RB 74 96.63 14.28 40.46
C THR RB 74 96.81 12.85 39.95
N ARG RB 75 96.31 12.54 38.76
CA ARG RB 75 96.40 11.18 38.25
C ARG RB 75 96.24 11.20 36.74
N ALA RB 76 96.57 10.08 36.11
CA ALA RB 76 96.37 9.92 34.69
C ALA RB 76 94.89 9.69 34.39
N HIS RB 77 94.52 9.97 33.14
CA HIS RB 77 93.13 9.82 32.70
C HIS RB 77 93.13 9.09 31.36
N GLY RB 78 92.55 7.90 31.35
CA GLY RB 78 92.50 7.13 30.12
C GLY RB 78 93.86 6.55 29.75
N ASN RB 79 93.92 6.07 28.52
CA ASN RB 79 95.13 5.45 27.98
C ASN RB 79 95.94 6.39 27.10
N SER RB 80 95.41 7.57 26.76
CA SER RB 80 96.01 8.41 25.73
C SER RB 80 96.86 9.54 26.30
N GLY RB 81 97.31 9.41 27.54
CA GLY RB 81 98.23 10.39 28.08
C GLY RB 81 97.60 11.63 28.65
N MET RB 82 96.28 11.66 28.80
CA MET RB 82 95.66 12.78 29.46
C MET RB 82 95.74 12.61 30.97
N VAL RB 83 95.62 13.72 31.69
CA VAL RB 83 95.75 13.70 33.14
C VAL RB 83 94.58 14.45 33.75
N ARG RB 84 94.36 14.20 35.04
CA ARG RB 84 93.40 14.97 35.82
C ARG RB 84 94.14 15.96 36.70
N ALA RB 85 93.50 17.08 36.98
CA ALA RB 85 94.09 18.13 37.77
C ALA RB 85 93.05 18.70 38.72
N LYS RB 86 93.49 19.04 39.93
CA LYS RB 86 92.66 19.74 40.89
C LYS RB 86 93.19 21.16 41.04
N PHE RB 87 92.33 22.14 40.80
CA PHE RB 87 92.67 23.54 40.98
C PHE RB 87 92.01 24.07 42.24
N ARG RB 88 92.58 25.15 42.80
CA ARG RB 88 92.07 25.70 44.04
C ARG RB 88 90.65 26.21 43.87
N SER RB 89 90.36 26.85 42.75
CA SER RB 89 89.00 27.14 42.35
C SER RB 89 88.76 26.45 41.02
N ASN RB 90 87.54 25.98 40.82
CA ASN RB 90 87.21 25.25 39.59
C ASN RB 90 87.46 26.14 38.39
N LEU RB 91 88.08 25.58 37.36
CA LEU RB 91 88.50 26.37 36.22
C LEU RB 91 87.27 26.92 35.49
N PRO RB 92 87.30 28.16 35.04
CA PRO RB 92 86.19 28.69 34.27
C PRO RB 92 86.05 27.96 32.95
N ALA RB 93 84.80 27.81 32.50
CA ALA RB 93 84.53 27.08 31.27
C ALA RB 93 85.05 27.81 30.04
N LYS RB 94 85.34 29.11 30.15
CA LYS RB 94 85.91 29.85 29.05
C LYS RB 94 87.34 29.42 28.73
N ALA RB 95 87.98 28.67 29.61
CA ALA RB 95 89.36 28.27 29.41
C ALA RB 95 89.50 26.97 28.65
N ILE RB 96 88.40 26.35 28.25
CA ILE RB 96 88.48 25.08 27.54
C ILE RB 96 89.13 25.31 26.19
N GLY RB 97 90.14 24.52 25.87
CA GLY RB 97 90.93 24.74 24.67
C GLY RB 97 92.00 25.80 24.83
N HIS RB 98 92.33 26.19 26.04
CA HIS RB 98 93.35 27.19 26.28
C HIS RB 98 94.50 26.59 27.07
N ARG RB 99 95.53 27.41 27.27
CA ARG RB 99 96.82 26.95 27.76
C ARG RB 99 96.80 26.79 29.27
N ILE RB 100 97.29 25.65 29.74
CA ILE RB 100 97.67 25.42 31.13
C ILE RB 100 99.17 25.17 31.14
N ARG RB 101 99.85 25.71 32.13
CA ARG RB 101 101.28 25.48 32.26
C ARG RB 101 101.51 24.42 33.33
N VAL RB 102 102.32 23.41 33.01
CA VAL RB 102 102.75 22.44 34.01
C VAL RB 102 104.18 22.80 34.39
N MET RB 103 104.37 23.19 35.65
CA MET RB 103 105.49 24.04 36.05
C MET RB 103 106.77 23.30 36.36
N LEU RB 104 106.77 21.97 36.42
CA LEU RB 104 107.92 21.15 36.79
C LEU RB 104 108.39 21.36 38.22
N TYR RB 105 107.63 22.11 39.04
CA TYR RB 105 108.16 22.57 40.31
C TYR RB 105 108.46 21.40 41.24
N PRO RB 106 107.46 20.63 41.71
CA PRO RB 106 107.84 19.62 42.72
C PRO RB 106 108.51 18.42 42.06
N SER RB 107 109.79 18.59 41.74
CA SER RB 107 110.50 17.60 40.95
C SER RB 107 110.83 16.38 41.79
N ARG RB 108 110.67 15.20 41.19
CA ARG RB 108 111.08 13.95 41.81
C ARG RB 108 112.33 13.37 41.16
N ILE RB 109 112.99 14.12 40.28
CA ILE RB 109 114.23 13.66 39.69
C ILE RB 109 115.35 14.63 40.00
N VAL SB 1 1.80 77.42 -2.37
CA VAL SB 1 0.72 78.24 -1.84
C VAL SB 1 0.74 78.19 -0.32
N GLN SB 2 -0.05 79.05 0.31
CA GLN SB 2 -0.04 79.12 1.77
C GLN SB 2 -0.80 77.95 2.35
N ARG SB 3 -0.16 77.23 3.27
CA ARG SB 3 -0.72 76.05 3.88
C ARG SB 3 -1.20 76.38 5.29
N LEU SB 4 -2.17 75.62 5.78
CA LEU SB 4 -2.92 76.01 6.96
C LEU SB 4 -2.63 75.07 8.13
N THR SB 5 -2.82 75.58 9.34
CA THR SB 5 -2.65 74.82 10.55
C THR SB 5 -3.92 74.93 11.39
N TYR SB 6 -4.15 73.93 12.23
CA TYR SB 6 -5.22 74.00 13.20
C TYR SB 6 -4.93 75.11 14.20
N ARG SB 7 -5.99 75.74 14.69
CA ARG SB 7 -5.86 76.79 15.69
C ARG SB 7 -6.11 76.32 17.10
N ARG SB 8 -6.40 75.04 17.29
CA ARG SB 8 -6.63 74.47 18.61
C ARG SB 8 -5.79 73.21 18.77
N ARG SB 9 -5.82 72.65 19.97
CA ARG SB 9 -4.98 71.50 20.30
C ARG SB 9 -5.60 70.17 19.92
N LEU SB 10 -6.80 70.15 19.36
CA LEU SB 10 -7.36 68.92 18.81
C LEU SB 10 -6.84 68.76 17.40
N SER SB 11 -6.05 67.71 17.17
CA SER SB 11 -5.31 67.55 15.93
C SER SB 11 -5.88 66.45 15.04
N TYR SB 12 -7.06 65.95 15.33
CA TYR SB 12 -7.64 64.85 14.58
C TYR SB 12 -8.90 65.31 13.86
N ASN SB 13 -9.16 64.69 12.71
CA ASN SB 13 -10.29 65.07 11.87
C ASN SB 13 -11.58 64.45 12.40
N THR SB 14 -11.89 64.79 13.64
CA THR SB 14 -13.06 64.23 14.30
C THR SB 14 -14.32 65.02 13.91
N ALA SB 15 -15.46 64.55 14.39
CA ALA SB 15 -16.74 65.17 14.05
C ALA SB 15 -16.90 66.54 14.68
N SER SB 16 -16.14 66.85 15.73
CA SER SB 16 -16.21 68.13 16.40
C SER SB 16 -15.07 69.05 16.01
N ASN SB 17 -14.29 68.68 15.01
CA ASN SB 17 -13.11 69.43 14.60
C ASN SB 17 -13.22 69.91 13.17
N LYS SB 18 -14.43 70.25 12.74
CA LYS SB 18 -14.67 70.61 11.36
C LYS SB 18 -14.47 72.10 11.15
N THR SB 19 -13.82 72.43 10.04
CA THR SB 19 -13.36 73.79 9.78
C THR SB 19 -13.78 74.22 8.39
N ARG SB 20 -13.79 75.53 8.18
CA ARG SB 20 -13.95 76.10 6.84
C ARG SB 20 -12.89 77.16 6.64
N LEU SB 21 -12.65 77.50 5.39
CA LEU SB 21 -11.60 78.45 5.05
C LEU SB 21 -12.18 79.86 5.00
N SER SB 22 -11.49 80.79 5.65
CA SER SB 22 -11.91 82.19 5.71
C SER SB 22 -10.74 83.07 5.33
N ARG SB 23 -11.03 84.18 4.66
CA ARG SB 23 -10.01 85.18 4.33
C ARG SB 23 -10.22 86.39 5.21
N THR SB 24 -9.18 86.79 5.92
CA THR SB 24 -9.27 87.85 6.89
C THR SB 24 -9.04 89.20 6.21
N PRO SB 25 -9.39 90.30 6.89
CA PRO SB 25 -8.99 91.62 6.38
C PRO SB 25 -7.48 91.80 6.29
N GLY SB 26 -6.70 90.97 6.98
CA GLY SB 26 -5.26 90.97 6.87
C GLY SB 26 -4.71 90.14 5.73
N ASN SB 27 -5.58 89.66 4.84
CA ASN SB 27 -5.18 88.93 3.63
C ASN SB 27 -4.42 87.65 3.96
N ARG SB 28 -4.98 86.86 4.86
CA ARG SB 28 -4.47 85.52 5.14
C ARG SB 28 -5.65 84.57 5.22
N ILE SB 29 -5.42 83.33 4.82
CA ILE SB 29 -6.44 82.29 4.90
C ILE SB 29 -6.29 81.57 6.24
N VAL SB 30 -7.40 81.41 6.94
CA VAL SB 30 -7.42 80.77 8.25
C VAL SB 30 -8.57 79.79 8.32
N TYR SB 31 -8.45 78.84 9.25
CA TYR SB 31 -9.60 78.03 9.66
C TYR SB 31 -10.56 78.81 10.54
N LEU SB 32 -11.84 78.61 10.26
CA LEU SB 32 -12.92 78.99 11.16
C LEU SB 32 -13.63 77.71 11.54
N TYR SB 33 -13.70 77.42 12.83
CA TYR SB 33 -14.28 76.17 13.29
C TYR SB 33 -15.80 76.27 13.21
N THR SB 34 -16.41 75.40 12.42
CA THR SB 34 -17.82 75.50 12.13
C THR SB 34 -18.65 74.74 13.17
N LYS SB 35 -19.88 75.18 13.34
CA LYS SB 35 -20.83 74.47 14.16
C LYS SB 35 -21.40 73.29 13.36
N LYS SB 36 -21.98 72.34 14.09
CA LYS SB 36 -22.59 71.21 13.42
C LYS SB 36 -23.87 71.65 12.70
N VAL SB 37 -24.24 70.88 11.68
CA VAL SB 37 -25.45 71.17 10.91
C VAL SB 37 -26.65 70.73 11.74
N GLY SB 38 -27.55 71.66 11.98
CA GLY SB 38 -28.76 71.35 12.71
C GLY SB 38 -29.79 70.64 11.85
N LYS SB 39 -30.79 70.09 12.52
CA LYS SB 39 -31.86 69.35 11.86
C LYS SB 39 -33.20 69.93 12.27
N ALA SB 40 -34.11 70.04 11.31
CA ALA SB 40 -35.47 70.42 11.62
C ALA SB 40 -36.15 69.29 12.39
N PRO SB 41 -37.18 69.59 13.16
CA PRO SB 41 -37.90 68.54 13.87
C PRO SB 41 -38.55 67.56 12.92
N LYS SB 42 -38.59 66.30 13.34
CA LYS SB 42 -39.30 65.26 12.62
C LYS SB 42 -40.73 65.18 13.16
N SER SB 43 -41.67 64.89 12.26
CA SER SB 43 -43.08 64.88 12.63
C SER SB 43 -43.36 63.81 13.67
N ALA SB 44 -44.24 64.12 14.61
CA ALA SB 44 -44.58 63.22 15.69
C ALA SB 44 -45.40 62.02 15.23
N CYS SB 45 -45.91 62.04 14.00
CA CYS SB 45 -46.70 60.93 13.50
C CYS SB 45 -45.86 59.66 13.42
N GLY SB 46 -44.61 59.78 13.02
CA GLY SB 46 -43.75 58.62 12.86
C GLY SB 46 -43.94 57.87 11.57
N VAL SB 47 -44.77 58.39 10.66
CA VAL SB 47 -45.07 57.71 9.42
C VAL SB 47 -44.56 58.47 8.20
N CYS SB 48 -44.61 59.79 8.22
CA CYS SB 48 -44.09 60.36 6.98
C CYS SB 48 -42.71 60.95 7.21
N PRO SB 49 -41.80 60.78 6.24
CA PRO SB 49 -40.37 60.95 6.51
C PRO SB 49 -39.86 62.37 6.42
N GLY SB 50 -40.62 63.30 5.85
CA GLY SB 50 -40.14 64.66 5.74
C GLY SB 50 -40.07 65.36 7.09
N ARG SB 51 -39.20 66.35 7.16
CA ARG SB 51 -39.07 67.15 8.36
C ARG SB 51 -40.01 68.35 8.29
N LEU SB 52 -40.37 68.85 9.46
CA LEU SB 52 -41.39 69.90 9.56
C LEU SB 52 -40.89 71.19 8.94
N ARG SB 53 -41.83 71.98 8.44
CA ARG SB 53 -41.54 73.26 7.81
C ARG SB 53 -41.87 74.40 8.76
N GLY SB 54 -41.27 75.56 8.48
CA GLY SB 54 -41.49 76.72 9.30
C GLY SB 54 -40.74 76.72 10.60
N VAL SB 55 -39.91 75.72 10.86
CA VAL SB 55 -39.14 75.62 12.09
C VAL SB 55 -37.67 75.72 11.74
N ARG SB 56 -36.97 76.60 12.43
CA ARG SB 56 -35.56 76.81 12.16
C ARG SB 56 -34.74 75.60 12.57
N ALA SB 57 -33.81 75.20 11.71
CA ALA SB 57 -33.01 74.00 11.89
C ALA SB 57 -31.68 74.37 12.54
N VAL SB 58 -31.57 74.17 13.84
CA VAL SB 58 -30.39 74.53 14.62
C VAL SB 58 -30.06 73.40 15.57
N ARG SB 59 -28.93 73.55 16.26
CA ARG SB 59 -28.55 72.61 17.29
C ARG SB 59 -29.50 72.73 18.49
N PRO SB 60 -29.69 71.66 19.25
CA PRO SB 60 -30.73 71.67 20.29
C PRO SB 60 -30.56 72.75 21.35
N LYS SB 61 -29.33 73.06 21.75
CA LYS SB 61 -29.13 74.05 22.79
C LYS SB 61 -29.29 75.47 22.28
N VAL SB 62 -29.32 75.66 20.96
CA VAL SB 62 -29.60 76.97 20.38
C VAL SB 62 -31.07 77.30 20.49
N LEU SB 63 -31.93 76.29 20.57
CA LEU SB 63 -33.37 76.53 20.67
C LEU SB 63 -33.75 77.23 21.96
N MET SB 64 -32.87 77.23 22.95
CA MET SB 64 -33.14 77.94 24.20
C MET SB 64 -33.20 79.45 23.97
N ARG SB 65 -32.36 79.97 23.08
CA ARG SB 65 -32.25 81.41 22.87
C ARG SB 65 -33.01 81.89 21.66
N LEU SB 66 -33.88 81.07 21.09
CA LEU SB 66 -34.69 81.51 19.97
C LEU SB 66 -36.04 82.02 20.46
N SER SB 67 -36.68 82.82 19.63
CA SER SB 67 -38.03 83.26 19.92
C SER SB 67 -39.00 82.10 19.79
N LYS SB 68 -40.16 82.24 20.44
CA LYS SB 68 -41.16 81.18 20.41
C LYS SB 68 -41.65 80.92 18.99
N THR SB 69 -41.84 81.99 18.21
CA THR SB 69 -42.39 81.85 16.87
C THR SB 69 -41.47 81.05 15.97
N LYS SB 70 -40.16 81.23 16.11
CA LYS SB 70 -39.20 80.54 15.27
C LYS SB 70 -39.08 79.06 15.59
N LYS SB 71 -39.86 78.54 16.54
CA LYS SB 71 -39.77 77.14 16.91
C LYS SB 71 -41.07 76.38 16.69
N HIS SB 72 -42.13 77.01 16.17
CA HIS SB 72 -43.39 76.32 15.99
C HIS SB 72 -44.19 76.99 14.89
N VAL SB 73 -45.33 76.40 14.57
CA VAL SB 73 -46.22 76.87 13.52
C VAL SB 73 -47.56 77.22 14.16
N SER SB 74 -48.21 78.25 13.64
CA SER SB 74 -49.52 78.68 14.13
C SER SB 74 -50.58 77.68 13.70
N ARG SB 75 -50.67 76.58 14.43
CA ARG SB 75 -51.62 75.52 14.16
C ARG SB 75 -51.59 74.57 15.34
N ALA SB 76 -52.69 73.84 15.54
CA ALA SB 76 -52.72 72.76 16.51
C ALA SB 76 -51.66 71.73 16.16
N TYR SB 77 -50.91 71.30 17.18
CA TYR SB 77 -49.75 70.42 17.04
C TYR SB 77 -48.64 71.04 16.21
N GLY SB 78 -48.73 72.33 15.89
CA GLY SB 78 -47.77 72.94 15.00
C GLY SB 78 -46.38 72.99 15.60
N GLY SB 79 -45.39 72.70 14.79
CA GLY SB 79 -44.04 72.57 15.26
C GLY SB 79 -43.73 71.24 15.89
N SER SB 80 -44.69 70.36 15.97
CA SER SB 80 -44.53 69.00 16.47
C SER SB 80 -45.08 67.96 15.52
N MET SB 81 -46.16 68.26 14.81
CA MET SB 81 -46.75 67.34 13.85
C MET SB 81 -47.05 68.06 12.56
N CYS SB 82 -47.02 67.31 11.46
CA CYS SB 82 -47.20 67.88 10.14
C CYS SB 82 -48.68 68.12 9.84
N ALA SB 83 -48.92 69.02 8.89
CA ALA SB 83 -50.28 69.40 8.54
C ALA SB 83 -51.08 68.22 8.00
N LYS SB 84 -50.45 67.37 7.18
CA LYS SB 84 -51.16 66.26 6.57
C LYS SB 84 -51.66 65.28 7.62
N CYS SB 85 -50.81 64.93 8.57
CA CYS SB 85 -51.21 64.01 9.62
C CYS SB 85 -52.12 64.66 10.65
N VAL SB 86 -52.05 65.97 10.84
CA VAL SB 86 -53.07 66.64 11.66
C VAL SB 86 -54.44 66.58 10.99
N ARG SB 87 -54.50 66.82 9.68
CA ARG SB 87 -55.79 66.69 8.99
C ARG SB 87 -56.31 65.27 9.09
N ASP SB 88 -55.42 64.28 8.91
CA ASP SB 88 -55.83 62.90 9.03
C ASP SB 88 -56.36 62.60 10.43
N ARG SB 89 -55.71 63.13 11.46
CA ARG SB 89 -56.16 62.86 12.82
C ARG SB 89 -57.48 63.54 13.13
N ILE SB 90 -57.70 64.75 12.62
CA ILE SB 90 -59.00 65.41 12.81
C ILE SB 90 -60.10 64.57 12.18
N LYS SB 91 -59.90 64.17 10.92
CA LYS SB 91 -60.91 63.37 10.24
C LYS SB 91 -61.13 62.03 10.93
N ARG SB 92 -60.05 61.41 11.39
CA ARG SB 92 -60.16 60.11 12.05
C ARG SB 92 -60.92 60.23 13.36
N ALA SB 93 -60.61 61.24 14.17
CA ALA SB 93 -61.33 61.42 15.43
C ALA SB 93 -62.80 61.63 15.18
N PHE SB 94 -63.15 62.53 14.25
CA PHE SB 94 -64.56 62.81 14.00
C PHE SB 94 -65.28 61.56 13.50
N LEU SB 95 -64.68 60.84 12.55
CA LEU SB 95 -65.36 59.70 11.96
C LEU SB 95 -65.50 58.55 12.95
N ILE SB 96 -64.51 58.35 13.81
CA ILE SB 96 -64.63 57.27 14.79
C ILE SB 96 -65.68 57.62 15.84
N GLU SB 97 -65.78 58.89 16.22
CA GLU SB 97 -66.85 59.27 17.14
C GLU SB 97 -68.22 59.08 16.49
N GLU SB 98 -68.34 59.40 15.20
CA GLU SB 98 -69.60 59.16 14.49
C GLU SB 98 -69.92 57.67 14.43
N GLN SB 99 -68.91 56.84 14.22
CA GLN SB 99 -69.13 55.40 14.22
C GLN SB 99 -69.57 54.90 15.59
N LYS SB 100 -69.03 55.49 16.65
CA LYS SB 100 -69.50 55.17 18.00
C LYS SB 100 -70.98 55.47 18.14
N ILE SB 101 -71.40 56.63 17.63
CA ILE SB 101 -72.82 56.98 17.66
C ILE SB 101 -73.64 55.97 16.85
N VAL SB 102 -73.12 55.55 15.70
CA VAL SB 102 -73.83 54.59 14.85
C VAL SB 102 -74.03 53.28 15.59
N VAL SB 103 -72.97 52.78 16.24
CA VAL SB 103 -73.07 51.52 16.96
C VAL SB 103 -74.03 51.65 18.13
N LYS SB 104 -74.02 52.79 18.81
CA LYS SB 104 -74.96 53.02 19.91
C LYS SB 104 -76.39 52.99 19.41
N VAL SB 105 -76.67 53.64 18.29
CA VAL SB 105 -78.02 53.65 17.73
C VAL SB 105 -78.43 52.24 17.31
N LEU SB 106 -77.50 51.50 16.69
CA LEU SB 106 -77.81 50.15 16.25
C LEU SB 106 -78.16 49.24 17.42
N LYS SB 107 -77.38 49.30 18.50
CA LYS SB 107 -77.70 48.48 19.66
C LYS SB 107 -78.95 48.96 20.38
N ALA SB 108 -79.23 50.26 20.38
CA ALA SB 108 -80.47 50.74 20.99
C ALA SB 108 -81.69 50.24 20.22
N GLN SB 109 -81.66 50.32 18.90
CA GLN SB 109 -82.78 49.79 18.12
C GLN SB 109 -82.85 48.27 18.20
N ALA SB 110 -81.71 47.58 18.37
CA ALA SB 110 -81.76 46.14 18.59
C ALA SB 110 -82.46 45.79 19.89
N GLN SB 111 -82.15 46.54 20.96
CA GLN SB 111 -82.81 46.32 22.24
C GLN SB 111 -84.30 46.66 22.14
N SER SB 112 -84.64 47.71 21.40
CA SER SB 112 -86.05 48.04 21.22
C SER SB 112 -86.79 46.94 20.44
N GLN SB 113 -86.13 46.37 19.43
CA GLN SB 113 -86.76 45.28 18.67
C GLN SB 113 -86.94 44.04 19.53
N LYS SB 114 -85.87 43.62 20.22
CA LYS SB 114 -85.82 42.44 21.11
C LYS SB 114 -86.72 41.27 20.70
N ALA TB 1 14.75 98.64 70.40
CA ALA TB 1 13.38 98.99 70.06
C ALA TB 1 12.57 97.75 69.66
N LYS TB 2 12.93 96.61 70.23
CA LYS TB 2 12.24 95.37 69.94
C LYS TB 2 11.05 95.20 70.87
N ILE TB 3 10.10 94.37 70.44
CA ILE TB 3 8.97 94.04 71.26
C ILE TB 3 9.32 92.82 72.11
N LYS TB 4 8.60 92.66 73.22
CA LYS TB 4 8.77 91.53 74.11
C LYS TB 4 7.39 90.93 74.38
N ALA TB 5 7.40 89.66 74.78
CA ALA TB 5 6.13 89.03 75.12
C ALA TB 5 5.65 89.46 76.50
N ARG TB 6 6.56 89.84 77.40
CA ARG TB 6 6.15 90.12 78.77
C ARG TB 6 5.37 91.42 78.88
N ASP TB 7 5.55 92.34 77.94
CA ASP TB 7 4.88 93.63 78.01
C ASP TB 7 3.77 93.76 76.97
N LEU TB 8 3.40 92.67 76.32
CA LEU TB 8 2.19 92.62 75.51
C LEU TB 8 1.02 92.01 76.26
N ARG TB 9 1.26 91.36 77.39
CA ARG TB 9 0.21 90.61 78.05
C ARG TB 9 -0.81 91.50 78.74
N GLY TB 10 -0.41 92.72 79.13
CA GLY TB 10 -1.39 93.64 79.69
C GLY TB 10 -2.24 94.34 78.66
N LYS TB 11 -1.79 94.40 77.41
CA LYS TB 11 -2.49 95.16 76.39
C LYS TB 11 -3.80 94.49 76.01
N LYS TB 12 -4.77 95.30 75.63
CA LYS TB 12 -6.07 94.81 75.22
C LYS TB 12 -6.01 94.24 73.80
N LYS TB 13 -7.11 93.62 73.39
CA LYS TB 13 -7.12 92.91 72.11
C LYS TB 13 -6.94 93.87 70.93
N GLU TB 14 -7.56 95.04 71.00
CA GLU TB 14 -7.48 95.99 69.89
C GLU TB 14 -6.06 96.49 69.69
N GLU TB 15 -5.35 96.78 70.78
CA GLU TB 15 -3.96 97.23 70.67
C GLU TB 15 -3.08 96.14 70.10
N LEU TB 16 -3.32 94.89 70.49
CA LEU TB 16 -2.55 93.78 69.93
C LEU TB 16 -2.82 93.62 68.45
N LEU TB 17 -4.07 93.77 68.02
CA LEU TB 17 -4.38 93.69 66.61
C LEU TB 17 -3.73 94.82 65.83
N LYS TB 18 -3.71 96.03 66.39
CA LYS TB 18 -3.05 97.15 65.73
C LYS TB 18 -1.56 96.91 65.60
N GLN TB 19 -0.93 96.40 66.65
CA GLN TB 19 0.50 96.09 66.59
C GLN TB 19 0.78 95.03 65.53
N LEU TB 20 -0.07 94.01 65.45
CA LEU TB 20 0.09 92.97 64.45
C LEU TB 20 -0.06 93.54 63.04
N ASP TB 21 -1.02 94.44 62.85
CA ASP TB 21 -1.20 95.07 61.55
C ASP TB 21 0.01 95.90 61.15
N ASP TB 22 0.55 96.68 62.08
CA ASP TB 22 1.73 97.48 61.78
C ASP TB 22 2.92 96.59 61.44
N LEU TB 23 3.11 95.50 62.18
CA LEU TB 23 4.20 94.58 61.87
C LEU TB 23 3.99 93.95 60.49
N LYS TB 24 2.76 93.62 60.13
CA LYS TB 24 2.53 92.99 58.84
C LYS TB 24 2.79 93.95 57.70
N VAL TB 25 2.38 95.21 57.83
CA VAL TB 25 2.67 96.15 56.75
C VAL TB 25 4.17 96.43 56.66
N GLU TB 26 4.87 96.46 57.79
CA GLU TB 26 6.31 96.60 57.75
C GLU TB 26 6.97 95.42 57.05
N LEU TB 27 6.49 94.21 57.32
CA LEU TB 27 7.05 93.03 56.67
C LEU TB 27 6.79 93.04 55.17
N SER TB 28 5.62 93.51 54.75
CA SER TB 28 5.34 93.60 53.32
C SER TB 28 6.29 94.60 52.65
N GLN TB 29 6.52 95.74 53.31
CA GLN TB 29 7.48 96.70 52.78
C GLN TB 29 8.89 96.12 52.71
N LEU TB 30 9.26 95.33 53.72
CA LEU TB 30 10.58 94.71 53.72
C LEU TB 30 10.74 93.72 52.58
N ARG TB 31 9.70 92.96 52.30
CA ARG TB 31 9.77 92.04 51.17
C ARG TB 31 9.84 92.79 49.84
N VAL TB 32 9.13 93.90 49.74
CA VAL TB 32 9.25 94.76 48.56
C VAL TB 32 10.70 95.23 48.40
N ALA TB 33 11.32 95.65 49.49
CA ALA TB 33 12.72 96.08 49.43
C ALA TB 33 13.63 94.93 49.02
N LYS TB 34 13.39 93.74 49.55
CA LYS TB 34 14.21 92.58 49.22
C LYS TB 34 14.13 92.27 47.73
N VAL TB 35 12.94 92.39 47.15
CA VAL TB 35 12.82 92.18 45.71
C VAL TB 35 13.52 93.29 44.94
N THR TB 36 13.36 94.54 45.37
CA THR TB 36 13.96 95.68 44.69
C THR TB 36 15.41 95.92 45.09
N GLY TB 37 16.05 94.94 45.70
CA GLY TB 37 17.46 95.06 46.05
C GLY TB 37 17.68 95.49 47.49
N GLY TB 38 17.38 96.74 47.80
CA GLY TB 38 17.42 97.16 49.20
C GLY TB 38 18.83 97.14 49.78
N ALA TB 39 18.88 97.00 51.10
CA ALA TB 39 20.13 97.03 51.84
C ALA TB 39 20.16 95.88 52.83
N ALA TB 40 21.38 95.59 53.30
CA ALA TB 40 21.57 94.47 54.21
C ALA TB 40 20.80 94.67 55.51
N SER TB 41 20.66 95.90 55.96
CA SER TB 41 19.85 96.17 57.14
C SER TB 41 18.39 95.81 56.88
N LYS TB 42 17.87 96.19 55.72
CA LYS TB 42 16.50 95.84 55.37
C LYS TB 42 16.32 94.32 55.29
N LEU TB 43 17.30 93.63 54.72
CA LEU TB 43 17.19 92.18 54.61
C LEU TB 43 17.26 91.51 55.97
N SER TB 44 18.10 92.01 56.87
CA SER TB 44 18.20 91.43 58.19
C SER TB 44 16.99 91.75 59.05
N LYS TB 45 16.27 92.83 58.75
CA LYS TB 45 15.08 93.15 59.53
C LYS TB 45 13.91 92.22 59.27
N ILE TB 46 13.96 91.43 58.19
CA ILE TB 46 12.83 90.56 57.83
C ILE TB 46 12.60 89.52 58.92
N ARG TB 47 13.67 88.88 59.39
CA ARG TB 47 13.52 87.88 60.44
C ARG TB 47 13.05 88.51 61.74
N VAL TB 48 13.52 89.71 62.06
CA VAL TB 48 13.09 90.38 63.28
C VAL TB 48 11.59 90.66 63.23
N VAL TB 49 11.10 91.16 62.11
CA VAL TB 49 9.67 91.45 62.00
C VAL TB 49 8.85 90.17 62.00
N ARG TB 50 9.36 89.11 61.38
CA ARG TB 50 8.65 87.83 61.39
C ARG TB 50 8.52 87.28 62.80
N LYS TB 51 9.60 87.34 63.58
CA LYS TB 51 9.53 86.88 64.95
C LYS TB 51 8.64 87.76 65.80
N SER TB 52 8.60 89.06 65.52
CA SER TB 52 7.68 89.93 66.25
C SER TB 52 6.23 89.58 65.94
N ILE TB 53 5.93 89.28 64.68
CA ILE TB 53 4.58 88.85 64.30
C ILE TB 53 4.23 87.57 65.03
N ALA TB 54 5.16 86.61 65.04
CA ALA TB 54 4.92 85.35 65.74
C ALA TB 54 4.67 85.58 67.22
N ARG TB 55 5.40 86.51 67.82
CA ARG TB 55 5.26 86.78 69.25
C ARG TB 55 3.92 87.42 69.57
N VAL TB 56 3.50 88.41 68.77
CA VAL TB 56 2.20 89.03 69.00
C VAL TB 56 1.08 88.01 68.81
N LEU TB 57 1.18 87.17 67.78
CA LEU TB 57 0.15 86.17 67.55
C LEU TB 57 0.11 85.15 68.68
N THR TB 58 1.28 84.76 69.20
CA THR TB 58 1.31 83.84 70.33
C THR TB 58 0.63 84.43 71.55
N VAL TB 59 0.90 85.69 71.84
CA VAL TB 59 0.26 86.34 72.98
C VAL TB 59 -1.24 86.41 72.79
N ILE TB 60 -1.70 86.76 71.58
CA ILE TB 60 -3.13 86.83 71.32
C ILE TB 60 -3.78 85.48 71.53
N ASN TB 61 -3.18 84.43 70.98
CA ASN TB 61 -3.77 83.09 71.06
C ASN TB 61 -3.77 82.58 72.48
N GLN TB 62 -2.70 82.84 73.24
CA GLN TB 62 -2.66 82.41 74.62
C GLN TB 62 -3.72 83.13 75.44
N THR TB 63 -3.87 84.44 75.24
CA THR TB 63 -4.90 85.17 75.97
C THR TB 63 -6.28 84.61 75.67
N GLN TB 64 -6.56 84.35 74.39
CA GLN TB 64 -7.86 83.79 74.02
C GLN TB 64 -8.07 82.40 74.62
N LYS TB 65 -7.02 81.56 74.60
CA LYS TB 65 -7.16 80.19 75.07
C LYS TB 65 -7.42 80.13 76.58
N GLU TB 66 -6.63 80.86 77.37
CA GLU TB 66 -6.94 80.82 78.81
C GLU TB 66 -8.17 81.63 79.20
N ASN TB 67 -8.60 82.60 78.39
CA ASN TB 67 -9.93 83.16 78.63
C ASN TB 67 -11.01 82.10 78.44
N LEU TB 68 -10.88 81.29 77.39
CA LEU TB 68 -11.83 80.21 77.19
C LEU TB 68 -11.75 79.16 78.28
N ARG TB 69 -10.55 78.91 78.80
CA ARG TB 69 -10.42 77.96 79.89
C ARG TB 69 -11.13 78.47 81.14
N LYS TB 70 -11.00 79.76 81.43
CA LYS TB 70 -11.76 80.34 82.54
C LYS TB 70 -13.25 80.24 82.29
N PHE TB 71 -13.69 80.49 81.05
CA PHE TB 71 -15.12 80.43 80.75
C PHE TB 71 -15.68 79.03 80.94
N TYR TB 72 -14.95 78.01 80.50
CA TYR TB 72 -15.42 76.64 80.57
C TYR TB 72 -15.05 75.94 81.85
N LYS TB 73 -14.36 76.60 82.77
CA LYS TB 73 -14.02 75.98 84.04
C LYS TB 73 -15.28 75.67 84.83
N GLY TB 74 -15.39 74.43 85.29
CA GLY TB 74 -16.52 74.01 86.08
C GLY TB 74 -17.70 73.50 85.29
N LYS TB 75 -17.70 73.62 83.98
CA LYS TB 75 -18.81 73.15 83.17
C LYS TB 75 -18.66 71.66 82.88
N LYS TB 76 -19.80 70.99 82.69
CA LYS TB 76 -19.79 69.55 82.50
C LYS TB 76 -19.12 69.18 81.18
N TYR TB 77 -19.44 69.88 80.11
CA TYR TB 77 -18.93 69.57 78.79
C TYR TB 77 -18.02 70.68 78.31
N LYS TB 78 -16.82 70.31 77.86
CA LYS TB 78 -15.82 71.24 77.41
C LYS TB 78 -15.36 70.86 76.02
N PRO TB 79 -14.92 71.81 75.22
CA PRO TB 79 -14.44 71.48 73.88
C PRO TB 79 -13.22 70.57 73.92
N LEU TB 80 -13.05 69.80 72.84
CA LEU TB 80 -12.03 68.77 72.81
C LEU TB 80 -10.62 69.35 72.93
N ASP TB 81 -10.38 70.53 72.36
CA ASP TB 81 -9.09 71.16 72.54
C ASP TB 81 -8.88 71.64 73.98
N LEU TB 82 -9.94 71.87 74.73
CA LEU TB 82 -9.80 72.24 76.13
C LEU TB 82 -9.68 71.04 77.05
N ARG TB 83 -10.14 69.88 76.63
CA ARG TB 83 -9.97 68.68 77.43
C ARG TB 83 -8.51 68.25 77.43
N PRO TB 84 -8.08 67.52 78.47
CA PRO TB 84 -6.71 67.02 78.50
C PRO TB 84 -6.41 66.04 77.38
N LYS TB 85 -5.16 66.04 76.94
CA LYS TB 85 -4.72 65.18 75.84
C LYS TB 85 -3.63 64.22 76.29
N LYS TB 86 -3.86 63.51 77.39
CA LYS TB 86 -2.83 62.64 77.93
C LYS TB 86 -2.32 61.66 76.88
N THR TB 87 -3.19 60.76 76.45
CA THR TB 87 -2.93 59.66 75.52
C THR TB 87 -4.29 59.04 75.28
N ARG TB 88 -4.48 58.46 74.10
CA ARG TB 88 -5.78 57.87 73.80
C ARG TB 88 -6.15 56.80 74.83
N ALA TB 89 -5.22 55.90 75.13
CA ALA TB 89 -5.49 54.85 76.11
C ALA TB 89 -5.67 55.42 77.51
N MET TB 90 -4.87 56.42 77.87
CA MET TB 90 -4.99 57.02 79.19
C MET TB 90 -6.30 57.76 79.35
N ARG TB 91 -6.86 58.28 78.26
CA ARG TB 91 -8.18 58.88 78.32
C ARG TB 91 -9.27 57.83 78.34
N ARG TB 92 -9.02 56.66 77.77
CA ARG TB 92 -9.99 55.57 77.83
C ARG TB 92 -10.09 54.93 79.20
N ARG TB 93 -9.01 54.89 79.96
CA ARG TB 93 -9.01 54.11 81.19
C ARG TB 93 -9.94 54.72 82.24
N LEU TB 94 -10.24 53.90 83.27
CA LEU TB 94 -11.15 54.30 84.32
C LEU TB 94 -10.59 55.46 85.13
N ASN TB 95 -11.47 56.30 85.67
CA ASN TB 95 -11.01 57.42 86.47
C ASN TB 95 -10.73 56.97 87.90
N LYS TB 96 -10.27 57.92 88.72
CA LYS TB 96 -9.76 57.58 90.04
C LYS TB 96 -10.86 56.99 90.93
N HIS TB 97 -12.05 57.56 90.87
CA HIS TB 97 -13.14 57.09 91.73
C HIS TB 97 -13.62 55.71 91.31
N GLU TB 98 -13.84 55.51 90.03
CA GLU TB 98 -14.39 54.25 89.55
C GLU TB 98 -13.36 53.14 89.48
N GLU TB 99 -12.07 53.46 89.62
CA GLU TB 99 -11.07 52.42 89.81
C GLU TB 99 -10.82 52.12 91.27
N ASN TB 100 -11.50 52.83 92.18
CA ASN TB 100 -11.26 52.65 93.60
C ASN TB 100 -12.48 52.21 94.39
N LEU TB 101 -13.68 52.32 93.85
CA LEU TB 101 -14.83 51.86 94.62
C LEU TB 101 -14.84 50.33 94.65
N LYS TB 102 -15.46 49.77 95.69
CA LYS TB 102 -15.47 48.34 95.92
C LYS TB 102 -16.88 47.87 96.19
N THR TB 103 -17.10 46.57 96.04
CA THR TB 103 -18.38 45.98 96.39
C THR TB 103 -18.55 45.94 97.90
N LYS TB 104 -19.81 45.88 98.32
CA LYS TB 104 -20.11 45.74 99.74
C LYS TB 104 -19.54 44.44 100.29
N LYS TB 105 -19.55 43.37 99.49
CA LYS TB 105 -18.91 42.13 99.91
C LYS TB 105 -17.43 42.32 100.15
N GLN TB 106 -16.75 43.02 99.24
CA GLN TB 106 -15.32 43.25 99.39
C GLN TB 106 -15.02 44.08 100.63
N GLN TB 107 -15.77 45.15 100.85
CA GLN TB 107 -15.45 45.96 102.02
C GLN TB 107 -15.89 45.31 103.33
N ARG TB 108 -16.91 44.46 103.33
CA ARG TB 108 -17.19 43.68 104.52
C ARG TB 108 -16.08 42.69 104.82
N LYS TB 109 -15.53 42.05 103.79
CA LYS TB 109 -14.38 41.18 104.01
C LYS TB 109 -13.21 41.95 104.59
N GLU TB 110 -12.94 43.14 104.04
CA GLU TB 110 -11.82 43.95 104.54
C GLU TB 110 -12.06 44.40 105.97
N ARG TB 111 -13.30 44.75 106.32
CA ARG TB 111 -13.57 45.18 107.68
C ARG TB 111 -13.44 44.03 108.67
N LEU TB 112 -13.96 42.86 108.30
CA LEU TB 112 -13.97 41.73 109.24
C LEU TB 112 -12.60 41.11 109.40
N TYR TB 113 -11.83 40.97 108.32
CA TYR TB 113 -10.57 40.24 108.34
C TYR TB 113 -9.47 41.12 107.76
N PRO TB 114 -9.02 42.11 108.52
CA PRO TB 114 -7.94 42.98 108.04
C PRO TB 114 -6.59 42.34 108.25
N LEU TB 115 -5.63 42.75 107.41
CA LEU TB 115 -4.30 42.17 107.47
C LEU TB 115 -3.60 42.66 108.73
N ARG TB 116 -3.21 41.72 109.59
CA ARG TB 116 -2.61 42.08 110.86
C ARG TB 116 -1.10 42.20 110.73
N LYS TB 117 -0.51 42.97 111.63
CA LYS TB 117 0.92 43.11 111.75
C LYS TB 117 1.41 42.16 112.82
N TYR TB 118 2.37 41.29 112.48
CA TYR TB 118 2.79 40.26 113.39
C TYR TB 118 4.27 39.96 113.18
N ALA TB 119 4.86 39.33 114.19
CA ALA TB 119 6.22 38.83 114.10
C ALA TB 119 6.26 37.48 114.80
N VAL TB 120 7.22 36.64 114.40
CA VAL TB 120 7.34 35.29 114.93
C VAL TB 120 8.68 35.19 115.64
N LYS TB 121 8.63 34.78 116.90
CA LYS TB 121 9.86 34.56 117.66
C LYS TB 121 10.65 33.41 117.07
N ALA TB 122 11.96 33.58 117.00
CA ALA TB 122 12.83 32.57 116.42
C ALA TB 122 12.86 31.31 117.27
N ALA UB 1 8.47 -11.10 116.00
CA ALA UB 1 7.02 -11.21 116.00
C ALA UB 1 6.56 -12.09 114.85
N LEU UB 2 5.36 -12.66 115.01
CA LEU UB 2 4.84 -13.55 113.97
C LEU UB 2 4.50 -12.78 112.70
N ARG UB 3 3.89 -11.61 112.85
CA ARG UB 3 3.44 -10.82 111.71
C ARG UB 3 4.04 -9.43 111.78
N TYR UB 4 4.47 -8.92 110.63
CA TYR UB 4 5.06 -7.61 110.49
C TYR UB 4 4.30 -6.82 109.44
N PRO UB 5 4.32 -5.50 109.52
CA PRO UB 5 3.77 -4.71 108.43
C PRO UB 5 4.59 -4.90 107.17
N MET UB 6 4.00 -5.50 106.15
CA MET UB 6 4.73 -5.83 104.94
C MET UB 6 4.38 -4.87 103.81
N ALA UB 7 5.33 -4.70 102.90
CA ALA UB 7 5.10 -3.85 101.74
C ALA UB 7 4.31 -4.53 100.65
N VAL UB 8 4.06 -5.84 100.77
CA VAL UB 8 3.29 -6.59 99.80
C VAL UB 8 2.29 -7.46 100.53
N GLY UB 9 1.28 -7.91 99.81
CA GLY UB 9 0.29 -8.82 100.35
C GLY UB 9 -1.09 -8.19 100.40
N LEU UB 10 -2.00 -8.90 101.07
CA LEU UB 10 -3.37 -8.43 101.16
C LEU UB 10 -3.54 -7.29 102.15
N ASN UB 11 -2.61 -7.11 103.08
CA ASN UB 11 -2.68 -6.06 104.08
C ASN UB 11 -1.46 -5.16 103.99
N LYS UB 12 -0.98 -4.93 102.79
CA LYS UB 12 0.24 -4.18 102.60
C LYS UB 12 0.05 -2.72 103.00
N GLY UB 13 1.14 -2.09 103.43
CA GLY UB 13 1.09 -0.68 103.74
C GLY UB 13 1.51 -0.33 105.15
N HIS UB 14 1.98 0.90 105.31
CA HIS UB 14 2.28 1.44 106.63
C HIS UB 14 1.00 1.54 107.45
N LYS UB 15 1.07 1.13 108.71
CA LYS UB 15 -0.10 1.08 109.58
C LYS UB 15 -0.30 2.45 110.21
N VAL UB 16 -1.34 3.16 109.77
CA VAL UB 16 -1.78 4.40 110.39
C VAL UB 16 -3.26 4.29 110.66
N THR UB 17 -3.71 4.94 111.73
CA THR UB 17 -5.12 4.90 112.07
C THR UB 17 -5.89 5.90 111.21
N LYS UB 18 -7.07 5.48 110.76
CA LYS UB 18 -7.84 6.29 109.82
C LYS UB 18 -8.54 7.42 110.54
N ASN UB 19 -8.56 8.59 109.91
CA ASN UB 19 -9.26 9.75 110.43
C ASN UB 19 -10.65 9.77 109.82
N VAL UB 20 -11.63 9.23 110.54
CA VAL UB 20 -13.00 9.27 110.07
C VAL UB 20 -13.53 10.69 110.18
N SER UB 21 -14.19 11.15 109.12
CA SER UB 21 -14.70 12.51 109.10
C SER UB 21 -15.85 12.58 108.10
N LYS UB 22 -16.62 13.65 108.19
CA LYS UB 22 -17.72 13.86 107.28
C LYS UB 22 -17.20 14.01 105.85
N PRO UB 23 -17.90 13.45 104.87
CA PRO UB 23 -17.48 13.66 103.48
C PRO UB 23 -17.64 15.12 103.10
N ARG UB 24 -16.79 15.55 102.17
CA ARG UB 24 -16.82 16.92 101.72
C ARG UB 24 -18.13 17.23 101.02
N HIS UB 25 -18.51 18.51 101.02
CA HIS UB 25 -19.81 18.87 100.48
C HIS UB 25 -19.88 18.69 98.98
N SER UB 26 -18.74 18.76 98.27
CA SER UB 26 -18.77 18.54 96.84
C SER UB 26 -19.18 17.12 96.49
N ARG UB 27 -19.01 16.16 97.41
CA ARG UB 27 -19.42 14.79 97.16
C ARG UB 27 -20.93 14.64 97.14
N ARG UB 28 -21.67 15.67 97.56
CA ARG UB 28 -23.12 15.68 97.54
C ARG UB 28 -23.69 16.01 96.15
N ARG UB 29 -22.83 16.32 95.19
CA ARG UB 29 -23.30 16.66 93.85
C ARG UB 29 -24.13 15.52 93.26
N GLY UB 30 -25.25 15.86 92.65
CA GLY UB 30 -26.08 14.89 91.98
C GLY UB 30 -27.13 14.22 92.82
N ARG UB 31 -27.16 14.46 94.13
CA ARG UB 31 -28.21 13.89 94.96
C ARG UB 31 -29.53 14.56 94.63
N LEU UB 32 -30.57 13.76 94.44
CA LEU UB 32 -31.88 14.27 94.06
C LEU UB 32 -32.56 14.85 95.29
N THR UB 33 -32.74 16.17 95.29
CA THR UB 33 -33.49 16.79 96.36
C THR UB 33 -34.99 16.74 96.07
N LYS UB 34 -35.78 16.95 97.11
CA LYS UB 34 -37.24 16.84 96.99
C LYS UB 34 -37.79 17.87 96.02
N HIS UB 35 -37.33 19.12 96.14
CA HIS UB 35 -37.83 20.18 95.28
C HIS UB 35 -37.41 19.96 93.82
N THR UB 36 -36.18 19.51 93.61
CA THR UB 36 -35.72 19.24 92.26
C THR UB 36 -36.51 18.09 91.63
N LYS UB 37 -36.80 17.05 92.42
CA LYS UB 37 -37.63 15.97 91.91
C LYS UB 37 -39.03 16.47 91.56
N PHE UB 38 -39.58 17.34 92.38
CA PHE UB 38 -40.89 17.92 92.08
C PHE UB 38 -40.86 18.71 90.78
N VAL UB 39 -39.81 19.52 90.58
CA VAL UB 39 -39.71 20.32 89.36
C VAL UB 39 -39.61 19.41 88.15
N ARG UB 40 -38.77 18.37 88.24
CA ARG UB 40 -38.58 17.49 87.10
C ARG UB 40 -39.85 16.74 86.78
N ASP UB 41 -40.59 16.28 87.79
CA ASP UB 41 -41.85 15.58 87.52
C ASP UB 41 -42.88 16.52 86.91
N MET UB 42 -42.93 17.77 87.37
CA MET UB 42 -43.80 18.76 86.75
C MET UB 42 -43.47 18.94 85.28
N ILE UB 43 -42.18 19.04 84.97
CA ILE UB 43 -41.77 19.22 83.57
C ILE UB 43 -42.09 17.98 82.75
N ARG UB 44 -41.95 16.78 83.34
CA ARG UB 44 -42.29 15.57 82.60
C ARG UB 44 -43.77 15.54 82.25
N GLU UB 45 -44.63 15.92 83.19
CA GLU UB 45 -46.05 15.92 82.85
C GLU UB 45 -46.41 17.05 81.90
N VAL UB 46 -45.66 18.16 81.93
CA VAL UB 46 -45.93 19.24 80.98
C VAL UB 46 -45.51 18.85 79.57
N CYS UB 47 -44.33 18.24 79.44
CA CYS UB 47 -43.73 17.99 78.14
C CYS UB 47 -44.20 16.67 77.54
N GLY UB 48 -43.94 15.56 78.23
CA GLY UB 48 -44.21 14.26 77.67
C GLY UB 48 -42.95 13.43 77.55
N PHE UB 49 -42.75 12.80 76.40
CA PHE UB 49 -41.63 11.90 76.18
C PHE UB 49 -41.01 12.17 74.82
N ALA UB 50 -39.74 11.84 74.68
CA ALA UB 50 -39.10 11.91 73.39
C ALA UB 50 -39.57 10.76 72.50
N PRO UB 51 -39.54 10.95 71.18
CA PRO UB 51 -40.00 9.88 70.28
C PRO UB 51 -39.25 8.56 70.43
N TYR UB 52 -37.95 8.59 70.67
CA TYR UB 52 -37.23 7.34 70.92
C TYR UB 52 -37.69 6.70 72.21
N GLU UB 53 -38.00 7.50 73.22
CA GLU UB 53 -38.52 6.95 74.47
C GLU UB 53 -39.88 6.29 74.24
N ARG UB 54 -40.72 6.89 73.41
CA ARG UB 54 -42.01 6.28 73.12
C ARG UB 54 -41.85 4.98 72.34
N ARG UB 55 -40.92 4.94 71.39
CA ARG UB 55 -40.64 3.70 70.66
C ARG UB 55 -40.13 2.61 71.59
N ALA UB 56 -39.23 2.96 72.51
CA ALA UB 56 -38.75 1.99 73.48
C ALA UB 56 -39.86 1.53 74.42
N MET UB 57 -40.78 2.43 74.76
CA MET UB 57 -41.92 2.02 75.58
C MET UB 57 -42.83 1.07 74.83
N GLU UB 58 -42.96 1.25 73.51
CA GLU UB 58 -43.71 0.27 72.71
C GLU UB 58 -43.05 -1.09 72.77
N LEU UB 59 -41.71 -1.13 72.65
CA LEU UB 59 -40.99 -2.40 72.76
C LEU UB 59 -41.18 -3.04 74.13
N LEU UB 60 -41.12 -2.25 75.20
CA LEU UB 60 -41.32 -2.80 76.53
C LEU UB 60 -42.76 -3.23 76.76
N LYS UB 61 -43.72 -2.57 76.11
CA LYS UB 61 -45.12 -3.00 76.19
C LYS UB 61 -45.31 -4.36 75.55
N VAL UB 62 -44.70 -4.59 74.38
CA VAL UB 62 -44.82 -5.89 73.73
C VAL UB 62 -43.80 -6.84 74.35
N SER UB 63 -43.09 -6.37 75.37
CA SER UB 63 -42.27 -7.21 76.25
C SER UB 63 -41.04 -7.75 75.53
N LYS UB 64 -40.48 -6.94 74.65
CA LYS UB 64 -39.18 -7.25 74.04
C LYS UB 64 -38.10 -6.47 74.79
N ASP UB 65 -37.74 -6.99 75.96
CA ASP UB 65 -36.79 -6.31 76.82
C ASP UB 65 -35.41 -6.21 76.18
N LYS UB 66 -34.96 -7.30 75.55
CA LYS UB 66 -33.62 -7.30 74.95
C LYS UB 66 -33.55 -6.34 73.78
N ARG UB 67 -34.55 -6.35 72.91
CA ARG UB 67 -34.58 -5.41 71.79
C ARG UB 67 -34.71 -3.98 72.29
N ALA UB 68 -35.50 -3.76 73.35
CA ALA UB 68 -35.62 -2.43 73.92
C ALA UB 68 -34.28 -1.93 74.44
N LEU UB 69 -33.54 -2.80 75.13
CA LEU UB 69 -32.22 -2.43 75.61
C LEU UB 69 -31.28 -2.10 74.46
N LYS UB 70 -31.31 -2.92 73.40
CA LYS UB 70 -30.44 -2.65 72.25
C LYS UB 70 -30.78 -1.32 71.60
N PHE UB 71 -32.07 -1.04 71.44
CA PHE UB 71 -32.50 0.22 70.83
C PHE UB 71 -32.13 1.41 71.68
N ILE UB 72 -32.35 1.32 73.00
CA ILE UB 72 -32.00 2.42 73.88
C ILE UB 72 -30.50 2.63 73.91
N LYS UB 73 -29.72 1.54 73.85
CA LYS UB 73 -28.28 1.69 73.81
C LYS UB 73 -27.83 2.36 72.52
N LYS UB 74 -28.44 1.98 71.40
CA LYS UB 74 -28.11 2.61 70.13
C LYS UB 74 -28.46 4.10 70.14
N ARG UB 75 -29.53 4.48 70.84
CA ARG UB 75 -29.91 5.88 70.88
C ARG UB 75 -29.05 6.66 71.86
N VAL UB 76 -29.06 6.27 73.14
CA VAL UB 76 -28.39 7.04 74.18
C VAL UB 76 -26.88 6.92 74.07
N GLY UB 77 -26.37 5.69 73.95
CA GLY UB 77 -24.96 5.54 73.65
C GLY UB 77 -24.17 4.54 74.46
N THR UB 78 -24.46 4.38 75.75
CA THR UB 78 -23.68 3.49 76.59
C THR UB 78 -24.61 2.50 77.29
N HIS UB 79 -24.01 1.38 77.72
CA HIS UB 79 -24.77 0.33 78.37
C HIS UB 79 -25.34 0.80 79.70
N ILE UB 80 -24.55 1.54 80.49
CA ILE UB 80 -25.02 1.96 81.81
C ILE UB 80 -26.18 2.94 81.69
N ARG UB 81 -26.03 3.95 80.84
CA ARG UB 81 -27.10 4.90 80.63
C ARG UB 81 -28.32 4.23 80.03
N ALA UB 82 -28.11 3.27 79.12
CA ALA UB 82 -29.23 2.56 78.53
C ALA UB 82 -29.98 1.74 79.56
N LYS UB 83 -29.26 1.07 80.46
CA LYS UB 83 -29.91 0.30 81.51
C LYS UB 83 -30.71 1.20 82.43
N ARG UB 84 -30.15 2.34 82.82
CA ARG UB 84 -30.87 3.27 83.67
C ARG UB 84 -32.13 3.79 82.97
N LYS UB 85 -32.01 4.15 81.69
CA LYS UB 85 -33.15 4.68 80.96
C LYS UB 85 -34.23 3.62 80.76
N ARG UB 86 -33.84 2.38 80.50
CA ARG UB 86 -34.82 1.31 80.38
C ARG UB 86 -35.54 1.08 81.69
N GLU UB 87 -34.80 1.17 82.80
CA GLU UB 87 -35.45 1.09 84.11
C GLU UB 87 -36.46 2.20 84.30
N GLU UB 88 -36.11 3.43 83.92
CA GLU UB 88 -37.04 4.55 84.04
C GLU UB 88 -38.29 4.33 83.20
N LEU UB 89 -38.12 3.89 81.96
CA LEU UB 89 -39.27 3.69 81.07
C LEU UB 89 -40.15 2.55 81.54
N SER UB 90 -39.55 1.45 82.04
CA SER UB 90 -40.35 0.39 82.62
C SER UB 90 -41.11 0.86 83.84
N ASN UB 91 -40.50 1.72 84.66
CA ASN UB 91 -41.19 2.26 85.83
C ASN UB 91 -42.38 3.10 85.43
N VAL UB 92 -42.24 3.94 84.42
CA VAL UB 92 -43.39 4.77 84.03
C VAL UB 92 -44.46 3.92 83.38
N LEU UB 93 -44.07 2.88 82.63
CA LEU UB 93 -45.08 1.96 82.09
C LEU UB 93 -45.84 1.27 83.19
N ALA UB 94 -45.15 0.79 84.21
CA ALA UB 94 -45.82 0.15 85.33
C ALA UB 94 -46.72 1.13 86.08
N ALA UB 95 -46.27 2.37 86.24
CA ALA UB 95 -47.09 3.37 86.93
C ALA UB 95 -48.37 3.65 86.16
N MET UB 96 -48.28 3.82 84.85
CA MET UB 96 -49.48 4.09 84.08
C MET UB 96 -50.37 2.86 83.95
N ARG UB 97 -49.78 1.66 83.95
CA ARG UB 97 -50.59 0.44 84.01
C ARG UB 97 -51.36 0.36 85.32
N LYS UB 98 -50.72 0.68 86.43
CA LYS UB 98 -51.41 0.71 87.71
C LYS UB 98 -52.53 1.76 87.73
N ALA UB 99 -52.25 2.95 87.18
CA ALA UB 99 -53.26 3.99 87.15
C ALA UB 99 -54.44 3.58 86.29
N ALA UB 100 -54.19 2.91 85.16
CA ALA UB 100 -55.30 2.41 84.35
C ALA UB 100 -56.06 1.31 85.09
N ALA UB 101 -55.36 0.45 85.83
CA ALA UB 101 -56.01 -0.62 86.56
C ALA UB 101 -56.94 -0.08 87.64
N LYS UB 102 -56.52 0.95 88.36
CA LYS UB 102 -57.38 1.54 89.38
C LYS UB 102 -58.44 2.43 88.73
N THR VB 1 9.28 42.88 15.69
CA THR VB 1 10.48 42.68 16.47
C THR VB 1 10.22 42.91 17.95
N LYS VB 2 10.52 41.90 18.75
CA LYS VB 2 10.18 41.93 20.17
C LYS VB 2 11.07 42.86 20.97
N GLY VB 3 12.13 43.40 20.40
CA GLY VB 3 13.06 44.20 21.16
C GLY VB 3 13.03 45.69 20.89
N THR VB 4 14.03 46.17 20.15
CA THR VB 4 14.25 47.62 20.01
C THR VB 4 13.07 48.28 19.32
N SER VB 5 12.51 47.64 18.29
CA SER VB 5 11.34 48.21 17.62
C SER VB 5 10.16 48.30 18.57
N SER VB 6 9.94 47.25 19.38
CA SER VB 6 8.80 47.24 20.28
C SER VB 6 8.94 48.22 21.43
N PHE VB 7 10.17 48.58 21.80
CA PHE VB 7 10.34 49.56 22.86
C PHE VB 7 9.94 50.97 22.42
N GLY VB 8 9.68 51.19 21.14
CA GLY VB 8 9.25 52.50 20.70
C GLY VB 8 7.79 52.79 20.92
N LYS VB 9 6.98 51.77 21.12
CA LYS VB 9 5.54 51.96 21.22
C LYS VB 9 5.07 52.25 22.63
N ARG VB 10 5.94 52.17 23.63
CA ARG VB 10 5.51 52.35 25.01
C ARG VB 10 5.44 53.84 25.32
N ARG VB 11 4.23 54.36 25.42
CA ARG VB 11 4.02 55.76 25.77
C ARG VB 11 2.82 55.96 26.70
N ASN VB 12 2.22 54.89 27.21
CA ASN VB 12 1.07 54.99 28.10
C ASN VB 12 1.46 54.49 29.48
N LYS VB 13 1.32 55.35 30.48
CA LYS VB 13 1.75 55.01 31.83
C LYS VB 13 0.80 54.02 32.48
N THR VB 14 1.35 52.92 33.01
CA THR VB 14 0.56 52.00 33.80
C THR VB 14 0.28 52.56 35.19
N HIS VB 15 1.29 53.14 35.83
CA HIS VB 15 1.21 53.57 37.21
C HIS VB 15 1.34 55.09 37.29
N THR VB 16 0.93 55.63 38.44
CA THR VB 16 1.13 57.03 38.75
C THR VB 16 1.42 57.17 40.24
N LEU VB 17 1.62 58.40 40.69
CA LEU VB 17 1.88 58.64 42.10
C LEU VB 17 0.65 58.31 42.93
N CYS VB 18 0.88 57.61 44.03
CA CYS VB 18 -0.19 57.25 44.96
C CYS VB 18 -0.34 58.35 46.00
N ARG VB 19 -1.60 58.72 46.30
CA ARG VB 19 -1.83 59.80 47.25
C ARG VB 19 -1.41 59.39 48.65
N ARG VB 20 -1.66 58.14 49.02
CA ARG VB 20 -0.98 57.54 50.17
C ARG VB 20 0.41 57.10 49.73
N CYS VB 21 1.36 57.15 50.65
CA CYS VB 21 2.70 56.58 50.50
C CYS VB 21 3.52 57.21 49.38
N GLY VB 22 2.93 58.08 48.57
CA GLY VB 22 3.65 58.85 47.57
C GLY VB 22 4.51 58.09 46.58
N SER VB 23 4.20 56.84 46.33
CA SER VB 23 5.01 56.00 45.46
C SER VB 23 4.36 55.91 44.09
N LYS VB 24 5.20 55.88 43.05
CA LYS VB 24 4.74 55.78 41.67
C LYS VB 24 4.36 54.32 41.40
N ALA VB 25 3.31 53.88 42.09
CA ALA VB 25 2.86 52.50 41.98
C ALA VB 25 1.35 52.40 41.95
N TYR VB 26 0.63 53.49 41.72
CA TYR VB 26 -0.82 53.48 41.72
C TYR VB 26 -1.28 53.05 40.34
N HIS VB 27 -1.60 51.77 40.21
CA HIS VB 27 -2.21 51.24 38.99
C HIS VB 27 -3.49 51.99 38.69
N LEU VB 28 -3.48 52.70 37.57
CA LEU VB 28 -4.61 53.52 37.15
C LEU VB 28 -5.80 52.68 36.73
N GLN VB 29 -5.55 51.62 35.98
CA GLN VB 29 -6.63 50.84 35.42
C GLN VB 29 -7.30 49.98 36.49
N LYS VB 30 -6.57 49.60 37.53
CA LYS VB 30 -7.13 48.91 38.67
C LYS VB 30 -7.47 49.85 39.82
N SER VB 31 -7.01 51.10 39.77
CA SER VB 31 -7.20 52.08 40.83
C SER VB 31 -6.69 51.55 42.17
N THR VB 32 -5.47 51.00 42.15
CA THR VB 32 -4.93 50.36 43.34
C THR VB 32 -3.42 50.52 43.39
N CYS VB 33 -2.90 50.82 44.58
CA CYS VB 33 -1.46 50.93 44.73
C CYS VB 33 -0.83 49.55 44.88
N GLY VB 34 0.20 49.28 44.09
CA GLY VB 34 0.92 48.04 44.20
C GLY VB 34 1.88 47.98 45.35
N LYS VB 35 2.10 49.08 46.06
CA LYS VB 35 2.97 49.09 47.23
C LYS VB 35 2.22 49.14 48.54
N CYS VB 36 1.23 50.04 48.67
CA CYS VB 36 0.48 50.14 49.90
C CYS VB 36 -0.96 49.65 49.77
N GLY VB 37 -1.49 49.53 48.57
CA GLY VB 37 -2.89 49.22 48.38
C GLY VB 37 -3.78 50.32 48.90
N TYR VB 38 -3.75 51.50 48.27
CA TYR VB 38 -4.36 52.68 48.88
C TYR VB 38 -5.85 52.56 49.16
N PRO VB 39 -6.72 52.14 48.24
CA PRO VB 39 -8.14 52.11 48.59
C PRO VB 39 -8.46 51.15 49.71
N ALA VB 40 -7.58 50.19 49.99
CA ALA VB 40 -7.71 49.36 51.17
C ALA VB 40 -7.37 50.17 52.41
N LYS VB 41 -8.11 49.91 53.49
CA LYS VB 41 -7.88 50.63 54.74
C LYS VB 41 -6.50 50.30 55.33
N ARG VB 42 -6.12 49.04 55.29
CA ARG VB 42 -4.86 48.60 55.86
C ARG VB 42 -3.76 48.64 54.83
N LYS VB 43 -2.57 49.07 55.24
CA LYS VB 43 -1.45 49.15 54.33
C LYS VB 43 -0.92 47.77 53.99
N ARG VB 44 -0.44 47.63 52.76
CA ARG VB 44 0.06 46.37 52.25
C ARG VB 44 1.44 46.10 52.84
N LYS VB 45 1.57 44.97 53.53
CA LYS VB 45 2.79 44.67 54.28
C LYS VB 45 2.95 43.17 54.36
N TYR VB 46 4.13 42.68 54.04
CA TYR VB 46 4.37 41.24 53.97
C TYR VB 46 5.67 40.89 54.67
N ASN VB 47 5.66 39.72 55.32
CA ASN VB 47 6.81 39.27 56.08
C ASN VB 47 7.88 38.62 55.21
N TRP VB 48 7.61 38.38 53.93
CA TRP VB 48 8.66 37.85 53.08
C TRP VB 48 9.59 38.93 52.57
N SER VB 49 9.35 40.20 52.89
CA SER VB 49 10.28 41.27 52.53
C SER VB 49 10.51 42.14 53.75
N ALA VB 50 11.43 41.72 54.60
CA ALA VB 50 11.81 42.53 55.76
C ALA VB 50 12.51 43.80 55.32
N LYS VB 51 13.20 43.78 54.18
CA LYS VB 51 13.81 44.98 53.66
C LYS VB 51 12.76 46.00 53.25
N ALA VB 52 11.70 45.55 52.58
CA ALA VB 52 10.61 46.45 52.25
C ALA VB 52 9.91 46.95 53.50
N LYS VB 53 9.81 46.11 54.53
CA LYS VB 53 9.23 46.57 55.79
C LYS VB 53 10.06 47.68 56.42
N ARG VB 54 11.38 47.50 56.47
CA ARG VB 54 12.24 48.53 57.06
C ARG VB 54 12.31 49.78 56.21
N ARG VB 55 11.97 49.69 54.92
CA ARG VB 55 12.04 50.88 54.07
C ARG VB 55 11.00 51.93 54.43
N ASN VB 56 9.85 51.53 54.98
CA ASN VB 56 8.81 52.50 55.31
C ASN VB 56 8.17 52.21 56.66
N THR VB 57 8.88 51.51 57.54
CA THR VB 57 8.36 51.30 58.89
C THR VB 57 8.35 52.61 59.68
N THR VB 58 7.85 52.54 60.90
CA THR VB 58 7.88 53.70 61.78
C THR VB 58 9.32 54.06 62.12
N GLY VB 59 9.63 55.35 62.07
CA GLY VB 59 10.96 55.84 62.29
C GLY VB 59 11.69 56.22 61.03
N THR VB 60 11.24 55.75 59.88
CA THR VB 60 11.85 56.13 58.62
C THR VB 60 11.40 57.49 58.13
N GLY VB 61 10.42 58.10 58.78
CA GLY VB 61 9.93 59.39 58.37
C GLY VB 61 10.22 60.46 59.39
N ARG VB 62 9.20 61.25 59.72
CA ARG VB 62 9.40 62.46 60.50
C ARG VB 62 8.99 62.30 61.96
N MET VB 63 7.98 61.47 62.24
CA MET VB 63 7.54 61.15 63.61
C MET VB 63 7.15 62.41 64.37
N ARG VB 64 6.35 63.26 63.72
CA ARG VB 64 5.99 64.56 64.27
C ARG VB 64 5.33 64.43 65.63
N HIS VB 65 4.43 63.47 65.78
CA HIS VB 65 3.71 63.28 67.02
C HIS VB 65 4.46 62.37 67.98
N LEU VB 66 5.15 61.35 67.46
CA LEU VB 66 5.77 60.37 68.32
C LEU VB 66 7.01 60.90 69.01
N LYS VB 67 7.75 61.82 68.39
CA LYS VB 67 8.86 62.44 69.09
C LYS VB 67 8.37 63.18 70.33
N ILE VB 68 7.28 63.94 70.17
CA ILE VB 68 6.73 64.68 71.31
C ILE VB 68 6.16 63.71 72.33
N VAL VB 69 5.58 62.60 71.90
CA VAL VB 69 5.09 61.60 72.84
C VAL VB 69 6.23 61.04 73.66
N TYR VB 70 7.34 60.71 73.01
CA TYR VB 70 8.50 60.19 73.73
C TYR VB 70 9.04 61.21 74.71
N ARG VB 71 9.09 62.48 74.31
CA ARG VB 71 9.56 63.51 75.24
C ARG VB 71 8.61 63.68 76.41
N ARG VB 72 7.29 63.66 76.14
CA ARG VB 72 6.31 63.90 77.17
C ARG VB 72 6.21 62.75 78.16
N PHE VB 73 6.54 61.55 77.70
CA PHE VB 73 6.46 60.38 78.58
C PHE VB 73 7.40 60.50 79.77
N ARG VB 74 8.53 61.16 79.59
CA ARG VB 74 9.53 61.27 80.64
C ARG VB 74 9.05 62.09 81.83
N HIS VB 75 7.96 62.85 81.69
CA HIS VB 75 7.42 63.63 82.79
C HIS VB 75 5.99 63.23 83.11
N GLY VB 76 5.57 62.05 82.71
CA GLY VB 76 4.27 61.56 83.07
C GLY VB 76 3.11 62.16 82.31
N PHE VB 77 3.37 62.70 81.11
CA PHE VB 77 2.34 63.32 80.29
C PHE VB 77 1.61 64.44 81.04
N ARG VB 78 2.38 65.26 81.76
CA ARG VB 78 1.80 66.36 82.50
C ARG VB 78 1.19 67.39 81.55
N GLU VB 79 0.08 67.99 81.99
CA GLU VB 79 -0.61 68.98 81.18
C GLU VB 79 -1.19 70.05 82.09
N GLY VB 80 -1.39 71.23 81.52
CA GLY VB 80 -1.99 72.32 82.25
C GLY VB 80 -1.08 72.98 83.25
N THR VB 81 0.19 72.61 83.29
CA THR VB 81 1.14 73.17 84.24
C THR VB 81 2.16 74.04 83.51
N THR VB 82 2.83 74.86 84.28
CA THR VB 82 3.82 75.80 83.78
C THR VB 82 4.96 75.84 84.79
N PRO VB 83 6.20 76.02 84.36
CA PRO VB 83 7.28 76.25 85.31
C PRO VB 83 6.99 77.47 86.16
N LYS VB 84 7.45 77.43 87.40
CA LYS VB 84 7.17 78.50 88.34
C LYS VB 84 7.73 79.81 87.81
N PRO VB 85 6.92 80.84 87.65
CA PRO VB 85 7.41 82.10 87.06
C PRO VB 85 8.51 82.72 87.90
N LYS VB 86 9.48 83.31 87.22
CA LYS VB 86 10.62 83.92 87.89
C LYS VB 86 10.23 85.27 88.49
N PRO WB 1 -22.63 95.16 14.84
CA PRO WB 1 -22.98 96.53 14.49
C PRO WB 1 -24.36 96.62 13.86
N ARG WB 2 -25.05 97.72 14.12
CA ARG WB 2 -26.36 97.96 13.54
C ARG WB 2 -26.30 99.17 12.63
N LYS WB 3 -27.12 99.16 11.59
CA LYS WB 3 -27.19 100.23 10.62
C LYS WB 3 -28.50 100.97 10.77
N ILE WB 4 -28.44 102.29 10.84
CA ILE WB 4 -29.62 103.14 10.94
C ILE WB 4 -29.90 103.73 9.57
N GLU WB 5 -31.18 103.88 9.25
CA GLU WB 5 -31.59 104.43 7.95
C GLU WB 5 -32.07 105.87 8.05
N GLU WB 6 -32.88 106.20 9.06
CA GLU WB 6 -33.48 107.52 9.15
C GLU WB 6 -32.76 108.38 10.18
N ILE WB 7 -32.86 109.70 9.98
CA ILE WB 7 -32.08 110.65 10.77
C ILE WB 7 -32.59 110.72 12.21
N LYS WB 8 -33.91 110.77 12.38
CA LYS WB 8 -34.48 110.89 13.73
C LYS WB 8 -34.17 109.67 14.59
N ASP WB 9 -34.12 108.48 13.98
CA ASP WB 9 -33.73 107.30 14.73
C ASP WB 9 -32.30 107.42 15.24
N PHE WB 10 -31.39 107.92 14.41
CA PHE WB 10 -30.03 108.12 14.87
C PHE WB 10 -29.97 109.16 15.98
N LEU WB 11 -30.78 110.21 15.86
CA LEU WB 11 -30.79 111.23 16.90
C LEU WB 11 -31.26 110.66 18.24
N LEU WB 12 -32.34 109.87 18.21
CA LEU WB 12 -32.86 109.33 19.46
C LEU WB 12 -31.95 108.24 20.03
N THR WB 13 -31.24 107.49 19.18
CA THR WB 13 -30.30 106.52 19.70
C THR WB 13 -28.96 107.13 20.08
N ALA WB 14 -28.68 108.36 19.64
CA ALA WB 14 -27.51 109.07 20.09
C ALA WB 14 -27.75 109.80 21.40
N ARG WB 15 -28.99 110.21 21.67
CA ARG WB 15 -29.30 110.84 22.94
C ARG WB 15 -29.60 109.83 24.04
N ARG WB 16 -29.30 108.55 23.82
CA ARG WB 16 -29.45 107.54 24.85
C ARG WB 16 -28.44 107.76 25.97
N LYS WB 17 -28.73 107.16 27.12
CA LYS WB 17 -27.84 107.32 28.27
C LYS WB 17 -26.53 106.55 28.10
N ASP WB 18 -26.53 105.46 27.34
CA ASP WB 18 -25.37 104.59 27.22
C ASP WB 18 -24.50 104.92 26.02
N ALA WB 19 -24.76 106.02 25.33
CA ALA WB 19 -23.99 106.39 24.14
C ALA WB 19 -22.65 106.96 24.60
N LYS WB 20 -21.56 106.21 24.37
CA LYS WB 20 -20.26 106.67 24.82
C LYS WB 20 -19.76 107.84 23.99
N SER WB 21 -19.85 107.74 22.66
CA SER WB 21 -19.27 108.75 21.80
C SER WB 21 -19.88 108.63 20.41
N VAL WB 22 -19.59 109.62 19.57
CA VAL WB 22 -19.95 109.62 18.16
C VAL WB 22 -18.70 109.91 17.36
N LYS WB 23 -18.42 109.04 16.40
CA LYS WB 23 -17.30 109.18 15.48
C LYS WB 23 -17.84 109.56 14.12
N ILE WB 24 -17.28 110.61 13.53
CA ILE WB 24 -17.69 111.08 12.21
C ILE WB 24 -16.59 110.78 11.22
N LYS WB 25 -16.91 110.00 10.20
CA LYS WB 25 -15.96 109.56 9.19
C LYS WB 25 -16.37 110.14 7.85
N LYS WB 26 -15.48 110.89 7.22
CA LYS WB 26 -15.73 111.49 5.92
C LYS WB 26 -15.06 110.65 4.85
N ASN WB 27 -15.86 109.93 4.07
CA ASN WB 27 -15.34 109.18 2.95
C ASN WB 27 -15.38 110.02 1.68
N LYS WB 28 -15.02 109.41 0.56
CA LYS WB 28 -15.06 110.12 -0.72
C LYS WB 28 -16.50 110.35 -1.16
N ASP WB 29 -17.42 109.45 -0.82
CA ASP WB 29 -18.77 109.51 -1.35
C ASP WB 29 -19.85 109.55 -0.29
N ASN WB 30 -19.52 109.47 1.00
CA ASN WB 30 -20.52 109.55 2.04
C ASN WB 30 -19.86 109.97 3.35
N VAL WB 31 -20.72 110.24 4.34
CA VAL WB 31 -20.29 110.54 5.70
C VAL WB 31 -20.98 109.53 6.61
N LYS WB 32 -20.20 108.91 7.48
CA LYS WB 32 -20.71 107.92 8.42
C LYS WB 32 -20.68 108.49 9.83
N PHE WB 33 -21.79 108.37 10.53
CA PHE WB 33 -21.89 108.73 11.94
C PHE WB 33 -22.03 107.44 12.73
N LYS WB 34 -21.07 107.18 13.61
CA LYS WB 34 -21.02 105.93 14.36
C LYS WB 34 -21.14 106.25 15.84
N VAL WB 35 -22.28 105.95 16.42
CA VAL WB 35 -22.48 106.15 17.85
C VAL WB 35 -22.19 104.84 18.56
N ARG WB 36 -21.38 104.92 19.61
CA ARG WB 36 -20.90 103.75 20.35
C ARG WB 36 -21.82 103.55 21.54
N CYS WB 37 -22.83 102.70 21.36
CA CYS WB 37 -23.75 102.39 22.44
C CYS WB 37 -23.15 101.27 23.28
N SER WB 38 -23.94 100.74 24.23
CA SER WB 38 -23.42 99.72 25.13
C SER WB 38 -23.16 98.42 24.40
N ARG WB 39 -24.09 98.01 23.53
CA ARG WB 39 -24.00 96.72 22.85
C ARG WB 39 -23.60 96.83 21.40
N TYR WB 40 -24.14 97.79 20.65
CA TYR WB 40 -23.88 97.92 19.23
C TYR WB 40 -23.21 99.25 18.92
N LEU WB 41 -22.52 99.27 17.79
CA LEU WB 41 -21.99 100.49 17.20
C LEU WB 41 -22.93 100.86 16.06
N TYR WB 42 -23.80 101.84 16.29
CA TYR WB 42 -24.82 102.19 15.31
C TYR WB 42 -24.23 103.13 14.28
N THR WB 43 -24.29 102.74 13.02
CA THR WB 43 -23.73 103.53 11.92
C THR WB 43 -24.85 104.05 11.05
N LEU WB 44 -24.83 105.35 10.78
CA LEU WB 44 -25.76 105.99 9.86
C LEU WB 44 -24.96 106.59 8.72
N VAL WB 45 -25.35 106.28 7.49
CA VAL WB 45 -24.64 106.72 6.29
C VAL WB 45 -25.47 107.81 5.62
N ILE WB 46 -24.83 108.95 5.36
CA ILE WB 46 -25.46 110.06 4.66
C ILE WB 46 -24.67 110.33 3.39
N THR WB 47 -25.36 110.42 2.27
CA THR WB 47 -24.69 110.57 0.99
C THR WB 47 -24.43 112.02 0.60
N ASP WB 48 -25.06 113.00 1.27
CA ASP WB 48 -24.89 114.40 0.89
C ASP WB 48 -24.41 115.22 2.08
N LYS WB 49 -23.44 116.10 1.79
CA LYS WB 49 -22.71 116.79 2.85
C LYS WB 49 -23.52 117.91 3.49
N GLU WB 50 -24.54 118.43 2.81
CA GLU WB 50 -25.41 119.41 3.49
C GLU WB 50 -26.22 118.76 4.60
N LYS WB 51 -26.78 117.57 4.35
CA LYS WB 51 -27.42 116.82 5.43
C LYS WB 51 -26.40 116.39 6.48
N ALA WB 52 -25.19 116.04 6.04
CA ALA WB 52 -24.15 115.69 7.00
C ALA WB 52 -23.84 116.85 7.94
N GLU WB 53 -23.72 118.05 7.40
CA GLU WB 53 -23.44 119.22 8.22
C GLU WB 53 -24.63 119.56 9.12
N LYS WB 54 -25.85 119.42 8.61
CA LYS WB 54 -27.02 119.65 9.44
C LYS WB 54 -27.06 118.70 10.63
N LEU WB 55 -26.77 117.42 10.39
CA LEU WB 55 -26.73 116.46 11.49
C LEU WB 55 -25.60 116.78 12.46
N LYS WB 56 -24.44 117.18 11.94
CA LYS WB 56 -23.32 117.51 12.81
C LYS WB 56 -23.66 118.67 13.73
N GLN WB 57 -24.37 119.68 13.21
CA GLN WB 57 -24.84 120.75 14.07
C GLN WB 57 -25.95 120.30 15.00
N SER WB 58 -26.74 119.31 14.62
CA SER WB 58 -27.85 118.84 15.42
C SER WB 58 -27.45 117.77 16.44
N LEU WB 59 -26.18 117.39 16.50
CA LEU WB 59 -25.74 116.41 17.48
C LEU WB 59 -25.96 116.91 18.90
N PRO WB 60 -26.31 116.02 19.84
CA PRO WB 60 -26.59 116.47 21.19
C PRO WB 60 -25.32 116.92 21.89
N PRO WB 61 -25.42 117.89 22.79
CA PRO WB 61 -24.23 118.33 23.53
C PRO WB 61 -23.89 117.36 24.64
N GLY WB 62 -22.70 117.53 25.21
CA GLY WB 62 -22.24 116.67 26.28
C GLY WB 62 -21.72 115.33 25.84
N LEU WB 63 -21.62 115.10 24.53
CA LEU WB 63 -21.20 113.83 23.98
C LEU WB 63 -19.98 114.04 23.10
N ALA WB 64 -19.05 113.07 23.12
CA ALA WB 64 -17.86 113.18 22.30
C ALA WB 64 -18.24 113.14 20.83
N VAL WB 65 -17.66 114.05 20.04
CA VAL WB 65 -18.05 114.27 18.65
C VAL WB 65 -16.78 114.03 17.82
N LYS WB 66 -16.03 113.00 18.20
CA LYS WB 66 -14.73 112.75 17.60
C LYS WB 66 -14.84 112.56 16.10
N GLU WB 67 -13.91 113.16 15.35
CA GLU WB 67 -13.86 113.07 13.91
C GLU WB 67 -12.60 112.32 13.50
N LEU WB 68 -12.74 111.45 12.49
CA LEU WB 68 -11.62 110.58 12.15
C LEU WB 68 -10.55 111.26 11.32
N LYS WB 69 -10.76 112.50 10.88
CA LYS WB 69 -9.74 113.23 10.15
C LYS WB 69 -9.41 114.55 10.84
N SER XB 1 3.77 66.61 28.95
CA SER XB 1 3.01 67.17 27.84
C SER XB 1 2.61 68.59 28.15
N SER XB 2 1.95 69.23 27.20
CA SER XB 2 1.38 70.55 27.49
C SER XB 2 0.20 70.43 28.44
N HIS XB 3 -0.66 69.45 28.23
CA HIS XB 3 -1.73 69.15 29.17
C HIS XB 3 -1.13 68.43 30.37
N LYS XB 4 -1.24 69.05 31.54
CA LYS XB 4 -0.74 68.42 32.76
C LYS XB 4 -1.67 68.78 33.91
N THR XB 5 -1.65 67.95 34.94
CA THR XB 5 -2.44 68.22 36.12
C THR XB 5 -1.66 69.08 37.10
N PHE XB 6 -2.37 69.65 38.06
CA PHE XB 6 -1.75 70.53 39.05
C PHE XB 6 -0.71 69.79 39.89
N ARG XB 7 -1.00 68.55 40.29
CA ARG XB 7 -0.05 67.80 41.09
C ARG XB 7 1.23 67.50 40.31
N ILE XB 8 1.09 67.14 39.03
CA ILE XB 8 2.27 66.89 38.22
C ILE XB 8 3.07 68.18 38.06
N LYS XB 9 2.39 69.29 37.82
CA LYS XB 9 3.09 70.56 37.65
C LYS XB 9 3.84 70.95 38.92
N ARG XB 10 3.23 70.73 40.08
CA ARG XB 10 3.88 71.07 41.34
C ARG XB 10 5.08 70.16 41.61
N PHE XB 11 4.97 68.88 41.27
CA PHE XB 11 6.10 67.97 41.42
C PHE XB 11 7.26 68.39 40.54
N LEU XB 12 6.97 68.73 39.28
CA LEU XB 12 8.01 69.22 38.39
C LEU XB 12 8.61 70.52 38.88
N ALA XB 13 7.78 71.39 39.46
CA ALA XB 13 8.28 72.64 40.00
C ALA XB 13 9.29 72.41 41.12
N LYS XB 14 8.97 71.49 42.02
CA LYS XB 14 9.91 71.20 43.11
C LYS XB 14 11.20 70.61 42.58
N LYS XB 15 11.11 69.71 41.59
CA LYS XB 15 12.32 69.13 41.02
C LYS XB 15 13.18 70.21 40.37
N GLN XB 16 12.56 71.11 39.63
CA GLN XB 16 13.29 72.18 38.98
C GLN XB 16 13.94 73.10 40.00
N LYS XB 17 13.24 73.41 41.08
CA LYS XB 17 13.81 74.29 42.10
C LYS XB 17 14.99 73.64 42.80
N GLN XB 18 14.92 72.35 43.10
CA GLN XB 18 15.99 71.72 43.82
C GLN XB 18 17.14 71.27 42.93
N ASN XB 19 17.00 71.35 41.61
CA ASN XB 19 18.11 71.07 40.71
C ASN XB 19 18.90 72.35 40.42
N ARG XB 20 19.80 72.70 41.34
CA ARG XB 20 20.66 73.87 41.17
C ARG XB 20 21.94 73.64 41.96
N PRO XB 21 23.03 74.31 41.60
CA PRO XB 21 24.29 74.11 42.31
C PRO XB 21 24.25 74.65 43.73
N ILE XB 22 25.21 74.18 44.53
CA ILE XB 22 25.32 74.64 45.91
C ILE XB 22 25.80 76.08 45.91
N PRO XB 23 25.41 76.88 46.90
CA PRO XB 23 25.98 78.23 47.01
C PRO XB 23 27.45 78.16 47.33
N GLN XB 24 28.19 79.18 46.89
CA GLN XB 24 29.64 79.16 47.00
C GLN XB 24 30.09 79.20 48.45
N TRP XB 25 29.38 79.95 49.29
CA TRP XB 25 29.79 80.15 50.67
C TRP XB 25 29.63 78.91 51.54
N ILE XB 26 28.94 77.88 51.05
CA ILE XB 26 28.79 76.66 51.82
C ILE XB 26 30.15 75.99 52.02
N ARG XB 27 31.02 76.08 51.02
CA ARG XB 27 32.34 75.47 51.11
C ARG XB 27 33.24 76.14 52.13
N MET XB 28 32.86 77.31 52.63
CA MET XB 28 33.66 78.00 53.64
C MET XB 28 33.23 77.69 55.06
N LYS XB 29 32.17 76.90 55.25
CA LYS XB 29 31.69 76.61 56.58
C LYS XB 29 32.67 75.70 57.33
N THR XB 30 32.55 75.71 58.65
CA THR XB 30 33.43 74.92 59.51
C THR XB 30 33.00 73.46 59.45
N GLY XB 31 33.93 72.59 59.08
CA GLY XB 31 33.63 71.18 58.93
C GLY XB 31 32.64 70.91 57.82
N ASN XB 32 32.84 71.53 56.67
CA ASN XB 32 31.86 71.48 55.59
C ASN XB 32 31.77 70.09 54.98
N LYS XB 33 32.86 69.63 54.36
CA LYS XB 33 32.95 68.30 53.75
C LYS XB 33 31.92 68.10 52.65
N ILE XB 34 31.57 69.15 51.90
CA ILE XB 34 30.73 69.06 50.73
C ILE XB 34 31.42 69.81 49.61
N ARG XB 35 31.67 69.13 48.49
CA ARG XB 35 32.38 69.74 47.38
C ARG XB 35 31.44 70.29 46.31
N TYR XB 36 30.43 69.52 45.94
CA TYR XB 36 29.47 69.92 44.92
C TYR XB 36 28.13 69.33 45.28
N ASN XB 37 27.15 69.52 44.39
CA ASN XB 37 25.82 68.95 44.58
C ASN XB 37 25.78 67.63 43.82
N SER XB 38 25.85 66.53 44.56
CA SER XB 38 25.86 65.22 43.93
C SER XB 38 24.50 64.80 43.42
N LYS XB 39 23.44 65.53 43.74
CA LYS XB 39 22.08 65.19 43.33
C LYS XB 39 21.62 65.97 42.11
N ARG XB 40 22.55 66.54 41.35
CA ARG XB 40 22.18 67.25 40.13
C ARG XB 40 21.58 66.28 39.13
N ARG XB 41 20.57 66.75 38.42
CA ARG XB 41 19.86 65.93 37.44
C ARG XB 41 19.79 66.67 36.12
N HIS XB 42 20.15 65.99 35.04
CA HIS XB 42 19.97 66.52 33.70
C HIS XB 42 18.77 65.86 33.05
N TRP XB 43 18.01 66.63 32.28
CA TRP XB 43 16.78 66.11 31.71
C TRP XB 43 17.04 65.01 30.71
N ARG XB 44 18.18 65.05 30.02
CA ARG XB 44 18.47 64.04 29.03
C ARG XB 44 19.19 62.83 29.58
N ARG XB 45 19.96 62.99 30.66
CA ARG XB 45 20.73 61.87 31.20
C ARG XB 45 19.85 60.95 32.03
N THR XB 46 19.16 61.49 33.03
CA THR XB 46 18.31 60.70 33.90
C THR XB 46 16.90 61.26 33.87
N LYS XB 47 15.93 60.39 33.64
CA LYS XB 47 14.53 60.78 33.62
C LYS XB 47 13.91 60.66 34.99
N LEU XB 48 13.00 61.56 35.30
CA LEU XB 48 12.27 61.48 36.55
C LEU XB 48 11.46 60.20 36.60
N GLY XB 49 11.32 59.65 37.80
CA GLY XB 49 10.59 58.40 37.94
C GLY XB 49 9.14 58.53 37.50
N LEU XB 50 8.57 59.71 37.70
CA LEU XB 50 7.26 60.04 37.18
C LEU XB 50 7.24 59.94 35.67
N ILE YB 1 65.39 -14.39 -47.91
CA ILE YB 1 66.06 -14.69 -49.17
C ILE YB 1 67.58 -14.67 -48.95
N ILE YB 2 67.97 -14.38 -47.70
CA ILE YB 2 69.37 -14.38 -47.33
C ILE YB 2 69.94 -15.79 -47.52
N GLU YB 3 71.18 -15.86 -47.98
CA GLU YB 3 71.84 -17.16 -48.10
C GLU YB 3 72.00 -17.76 -46.70
N PRO YB 4 71.95 -19.09 -46.59
CA PRO YB 4 71.90 -19.72 -45.26
C PRO YB 4 73.10 -19.43 -44.39
N SER YB 5 74.30 -19.27 -44.95
CA SER YB 5 75.46 -18.95 -44.14
C SER YB 5 75.30 -17.62 -43.43
N LEU YB 6 74.97 -16.57 -44.18
CA LEU YB 6 74.73 -15.27 -43.58
C LEU YB 6 73.52 -15.30 -42.66
N ARG YB 7 72.50 -16.09 -43.00
CA ARG YB 7 71.33 -16.18 -42.16
C ARG YB 7 71.68 -16.76 -40.80
N GLN YB 8 72.47 -17.83 -40.76
CA GLN YB 8 72.88 -18.39 -39.50
C GLN YB 8 73.89 -17.52 -38.76
N LEU YB 9 74.69 -16.73 -39.49
CA LEU YB 9 75.54 -15.75 -38.81
C LEU YB 9 74.71 -14.72 -38.07
N ALA YB 10 73.65 -14.22 -38.71
CA ALA YB 10 72.77 -13.28 -38.03
C ALA YB 10 72.03 -13.95 -36.87
N GLN YB 11 71.60 -15.21 -37.07
CA GLN YB 11 70.88 -15.90 -36.01
C GLN YB 11 71.77 -16.24 -34.82
N LYS YB 12 73.09 -16.31 -35.01
CA LYS YB 12 73.98 -16.48 -33.87
C LYS YB 12 73.85 -15.33 -32.89
N TYR YB 13 73.63 -14.11 -33.39
CA TYR YB 13 73.50 -12.95 -32.54
C TYR YB 13 72.06 -12.62 -32.19
N ASN YB 14 71.09 -13.08 -32.97
CA ASN YB 14 69.71 -12.68 -32.74
C ASN YB 14 68.80 -13.77 -32.19
N CYS YB 15 69.11 -15.04 -32.40
CA CYS YB 15 68.14 -16.07 -32.02
C CYS YB 15 68.71 -17.14 -31.13
N ASP YB 16 69.97 -17.53 -31.29
CA ASP YB 16 70.54 -18.65 -30.56
C ASP YB 16 70.94 -18.18 -29.16
N LYS YB 17 69.96 -18.13 -28.27
CA LYS YB 17 70.18 -17.54 -26.96
C LYS YB 17 69.24 -18.14 -25.94
N MET YB 18 69.56 -17.91 -24.67
CA MET YB 18 68.70 -18.28 -23.55
C MET YB 18 67.96 -17.04 -23.05
N ILE YB 19 66.82 -17.28 -22.43
CA ILE YB 19 65.99 -16.24 -21.83
C ILE YB 19 65.73 -16.63 -20.39
N CYS YB 20 66.00 -15.72 -19.46
CA CYS YB 20 65.64 -15.93 -18.07
C CYS YB 20 64.13 -15.87 -17.92
N ARG YB 21 63.56 -16.84 -17.20
CA ARG YB 21 62.12 -16.85 -17.03
C ARG YB 21 61.64 -15.79 -16.06
N LYS YB 22 62.51 -15.28 -15.21
CA LYS YB 22 62.08 -14.30 -14.22
C LYS YB 22 62.22 -12.87 -14.71
N CYS YB 23 63.28 -12.56 -15.46
CA CYS YB 23 63.56 -11.19 -15.85
C CYS YB 23 63.79 -11.01 -17.33
N TYR YB 24 63.54 -12.06 -18.14
CA TYR YB 24 63.57 -11.98 -19.61
C TYR YB 24 64.93 -11.57 -20.16
N ALA YB 25 66.00 -11.70 -19.39
CA ALA YB 25 67.31 -11.30 -19.87
C ALA YB 25 67.79 -12.20 -21.00
N ARG YB 26 68.49 -11.60 -21.96
CA ARG YB 26 68.99 -12.31 -23.13
C ARG YB 26 70.39 -12.84 -22.81
N LEU YB 27 70.50 -14.15 -22.62
CA LEU YB 27 71.73 -14.78 -22.18
C LEU YB 27 72.31 -15.66 -23.27
N HIS YB 28 73.60 -15.96 -23.16
CA HIS YB 28 74.29 -16.76 -24.14
C HIS YB 28 73.75 -18.19 -24.16
N PRO YB 29 73.90 -18.90 -25.28
CA PRO YB 29 73.23 -20.21 -25.40
C PRO YB 29 73.65 -21.24 -24.37
N ARG YB 30 74.89 -21.19 -23.90
CA ARG YB 30 75.38 -22.16 -22.92
C ARG YB 30 75.17 -21.71 -21.48
N ALA YB 31 74.28 -20.75 -21.25
CA ALA YB 31 74.06 -20.22 -19.92
C ALA YB 31 73.34 -21.23 -19.03
N VAL YB 32 73.68 -21.21 -17.74
CA VAL YB 32 73.00 -21.98 -16.73
C VAL YB 32 72.26 -21.07 -15.75
N ASN YB 33 72.87 -19.94 -15.39
CA ASN YB 33 72.28 -18.98 -14.48
C ASN YB 33 72.18 -17.63 -15.15
N CYS YB 34 71.16 -16.87 -14.78
CA CYS YB 34 71.06 -15.50 -15.27
C CYS YB 34 72.15 -14.64 -14.64
N ARG YB 35 72.58 -13.65 -15.39
CA ARG YB 35 73.70 -12.80 -14.98
C ARG YB 35 73.25 -11.56 -14.24
N LYS YB 36 71.97 -11.42 -13.95
CA LYS YB 36 71.41 -10.19 -13.42
C LYS YB 36 70.98 -10.36 -11.98
N LYS YB 37 71.24 -9.34 -11.17
CA LYS YB 37 70.98 -9.42 -9.74
C LYS YB 37 69.49 -9.41 -9.44
N LYS YB 38 68.69 -8.71 -10.25
CA LYS YB 38 67.30 -8.48 -9.90
C LYS YB 38 66.46 -9.74 -9.92
N CYS YB 39 66.96 -10.82 -10.51
CA CYS YB 39 66.32 -12.12 -10.39
C CYS YB 39 67.07 -13.05 -9.45
N GLY YB 40 68.19 -12.61 -8.89
CA GLY YB 40 68.94 -13.44 -7.98
C GLY YB 40 69.80 -14.49 -8.65
N HIS YB 41 70.23 -14.24 -9.89
CA HIS YB 41 71.05 -15.19 -10.66
C HIS YB 41 70.37 -16.54 -10.77
N THR YB 42 69.07 -16.52 -11.02
CA THR YB 42 68.29 -17.76 -11.06
C THR YB 42 68.71 -18.62 -12.23
N ASN YB 43 68.52 -19.93 -12.07
CA ASN YB 43 68.78 -20.89 -13.13
C ASN YB 43 67.51 -21.31 -13.86
N ASN YB 44 66.41 -20.61 -13.64
CA ASN YB 44 65.18 -20.81 -14.41
C ASN YB 44 65.36 -20.13 -15.76
N LEU YB 45 65.89 -20.89 -16.72
CA LEU YB 45 66.11 -20.39 -18.07
C LEU YB 45 65.38 -21.27 -19.07
N ARG YB 46 65.09 -20.69 -20.22
CA ARG YB 46 64.47 -21.41 -21.33
C ARG YB 46 65.17 -20.98 -22.61
N PRO YB 47 65.10 -21.76 -23.66
CA PRO YB 47 65.62 -21.29 -24.95
C PRO YB 47 64.78 -20.16 -25.49
N LYS YB 48 65.40 -19.29 -26.29
CA LYS YB 48 64.64 -18.29 -27.01
C LYS YB 48 63.78 -18.97 -28.06
N LYS YB 49 62.53 -18.55 -28.17
CA LYS YB 49 61.62 -19.22 -29.06
C LYS YB 49 62.00 -18.97 -30.51
N LYS YB 50 61.86 -20.00 -31.34
CA LYS YB 50 62.16 -19.91 -32.75
C LYS YB 50 60.93 -19.47 -33.53
N VAL YB 51 61.14 -19.12 -34.80
CA VAL YB 51 60.06 -18.63 -35.66
C VAL YB 51 59.37 -19.81 -36.33
N LYS YB 52 59.69 -21.02 -35.90
CA LYS YB 52 59.09 -22.22 -36.47
C LYS YB 52 57.76 -22.53 -35.78
N MET ZB 1 -37.16 -9.12 -18.81
CA MET ZB 1 -36.92 -7.92 -19.60
C MET ZB 1 -35.49 -7.94 -20.12
N ARG ZB 2 -35.15 -8.93 -20.94
CA ARG ZB 2 -33.76 -9.09 -21.37
C ARG ZB 2 -33.29 -7.90 -22.19
N ALA ZB 3 -34.14 -7.39 -23.07
CA ALA ZB 3 -33.74 -6.24 -23.88
C ALA ZB 3 -33.56 -5.00 -23.01
N LYS ZB 4 -34.43 -4.80 -22.02
CA LYS ZB 4 -34.29 -3.68 -21.10
C LYS ZB 4 -33.01 -3.79 -20.29
N TRP ZB 5 -32.67 -4.99 -19.83
CA TRP ZB 5 -31.44 -5.15 -19.06
C TRP ZB 5 -30.21 -5.02 -19.93
N ARG ZB 6 -30.31 -5.42 -21.20
CA ARG ZB 6 -29.22 -5.16 -22.13
C ARG ZB 6 -29.03 -3.66 -22.36
N LYS ZB 7 -30.12 -2.92 -22.43
CA LYS ZB 7 -30.04 -1.46 -22.53
C LYS ZB 7 -29.36 -0.87 -21.30
N LYS ZB 8 -29.72 -1.35 -20.12
CA LYS ZB 8 -29.10 -0.86 -18.89
C LYS ZB 8 -27.61 -1.19 -18.87
N ARG ZB 9 -27.24 -2.40 -19.29
CA ARG ZB 9 -25.84 -2.79 -19.37
C ARG ZB 9 -25.07 -1.90 -20.34
N MET ZB 10 -25.68 -1.59 -21.49
CA MET ZB 10 -25.03 -0.71 -22.45
C MET ZB 10 -24.83 0.69 -21.86
N ARG ZB 11 -25.80 1.16 -21.08
CA ARG ZB 11 -25.65 2.47 -20.46
C ARG ZB 11 -24.51 2.49 -19.44
N ARG ZB 12 -24.39 1.44 -18.62
CA ARG ZB 12 -23.26 1.38 -17.69
C ARG ZB 12 -21.94 1.33 -18.44
N LEU ZB 13 -21.88 0.57 -19.52
CA LEU ZB 13 -20.65 0.50 -20.31
C LEU ZB 13 -20.31 1.85 -20.91
N LYS ZB 14 -21.32 2.58 -21.39
CA LYS ZB 14 -21.08 3.91 -21.95
C LYS ZB 14 -20.55 4.87 -20.89
N ARG ZB 15 -21.09 4.79 -19.68
CA ARG ZB 15 -20.58 5.62 -18.60
C ARG ZB 15 -19.12 5.31 -18.30
N LYS ZB 16 -18.77 4.02 -18.28
CA LYS ZB 16 -17.38 3.63 -18.06
C LYS ZB 16 -16.49 4.17 -19.18
N ARG ZB 17 -16.94 4.08 -20.42
CA ARG ZB 17 -16.15 4.59 -21.54
C ARG ZB 17 -15.93 6.08 -21.44
N ARG ZB 18 -16.97 6.83 -21.08
CA ARG ZB 18 -16.81 8.27 -20.89
C ARG ZB 18 -15.79 8.57 -19.81
N LYS ZB 19 -15.85 7.83 -18.70
CA LYS ZB 19 -14.90 8.07 -17.62
C LYS ZB 19 -13.46 7.81 -18.06
N MET ZB 20 -13.22 6.69 -18.75
CA MET ZB 20 -11.87 6.39 -19.22
C MET ZB 20 -11.38 7.43 -20.21
N ARG ZB 21 -12.24 7.86 -21.14
CA ARG ZB 21 -11.84 8.84 -22.13
C ARG ZB 21 -11.52 10.18 -21.48
N GLN ZB 22 -12.34 10.62 -20.51
CA GLN ZB 22 -12.04 11.87 -19.83
C GLN ZB 22 -10.76 11.77 -19.00
N ARG ZB 23 -10.46 10.59 -18.49
CA ARG ZB 23 -9.15 10.39 -17.87
C ARG ZB 23 -8.02 10.59 -18.85
N SER ZB 24 -8.07 9.89 -19.99
CA SER ZB 24 -6.99 9.96 -20.95
C SER ZB 24 -7.26 10.99 -22.04
N VAL AC 1 2.82 -34.97 46.70
CA VAL AC 1 3.19 -36.10 47.54
C VAL AC 1 1.93 -36.69 48.17
N ASN AC 2 2.08 -37.86 48.78
CA ASN AC 2 0.97 -38.56 49.40
C ASN AC 2 1.37 -38.94 50.82
N VAL AC 3 0.64 -38.42 51.81
CA VAL AC 3 0.91 -38.78 53.20
C VAL AC 3 -0.35 -39.40 53.79
N PRO AC 4 -0.21 -40.39 54.67
CA PRO AC 4 -1.40 -41.04 55.22
C PRO AC 4 -2.12 -40.14 56.22
N LYS AC 5 -3.39 -40.46 56.43
CA LYS AC 5 -4.23 -39.66 57.31
C LYS AC 5 -3.93 -39.87 58.78
N THR AC 6 -3.20 -40.93 59.14
CA THR AC 6 -2.80 -41.17 60.51
C THR AC 6 -1.32 -41.48 60.55
N ARG AC 7 -0.68 -41.12 61.66
CA ARG AC 7 0.71 -41.52 61.85
C ARG AC 7 1.00 -41.61 63.34
N ARG AC 8 1.91 -42.49 63.69
CA ARG AC 8 2.32 -42.68 65.07
C ARG AC 8 3.60 -41.88 65.28
N THR AC 9 3.54 -40.85 66.11
CA THR AC 9 4.70 -39.98 66.31
C THR AC 9 4.65 -39.41 67.72
N PHE AC 10 5.71 -38.70 68.08
CA PHE AC 10 5.88 -38.22 69.45
C PHE AC 10 4.81 -37.21 69.81
N CYS AC 11 4.25 -37.35 71.01
CA CYS AC 11 3.31 -36.39 71.56
C CYS AC 11 4.00 -35.66 72.70
N LYS AC 12 4.08 -34.33 72.59
CA LYS AC 12 4.79 -33.55 73.59
C LYS AC 12 4.08 -33.60 74.93
N LYS AC 13 2.75 -33.51 74.93
CA LYS AC 13 2.01 -33.57 76.18
C LYS AC 13 2.05 -34.96 76.79
N CYS AC 14 1.82 -35.99 75.97
CA CYS AC 14 1.90 -37.35 76.47
C CYS AC 14 3.32 -37.73 76.85
N GLY AC 15 4.31 -37.09 76.24
CA GLY AC 15 5.70 -37.44 76.50
C GLY AC 15 6.14 -38.75 75.90
N LYS AC 16 5.42 -39.25 74.90
CA LYS AC 16 5.72 -40.55 74.31
C LYS AC 16 5.12 -40.60 72.93
N HIS AC 17 5.48 -41.64 72.18
CA HIS AC 17 4.91 -41.85 70.86
C HIS AC 17 3.47 -42.29 70.97
N GLN AC 18 2.60 -41.64 70.20
CA GLN AC 18 1.17 -41.89 70.22
C GLN AC 18 0.63 -41.83 68.80
N PRO AC 19 -0.51 -42.47 68.53
CA PRO AC 19 -1.17 -42.26 67.25
C PRO AC 19 -1.68 -40.83 67.13
N HIS AC 20 -1.72 -40.34 65.89
CA HIS AC 20 -2.09 -38.99 65.57
C HIS AC 20 -2.92 -38.99 64.30
N LYS AC 21 -3.93 -38.14 64.29
CA LYS AC 21 -4.73 -37.88 63.10
C LYS AC 21 -4.11 -36.70 62.36
N VAL AC 22 -3.93 -36.85 61.06
CA VAL AC 22 -3.23 -35.87 60.24
C VAL AC 22 -4.23 -35.17 59.34
N THR AC 23 -4.26 -33.84 59.41
CA THR AC 23 -5.00 -33.01 58.47
C THR AC 23 -4.06 -31.98 57.88
N GLN AC 24 -4.56 -31.18 56.97
CA GLN AC 24 -3.77 -30.12 56.36
C GLN AC 24 -4.13 -28.78 57.01
N TYR AC 25 -3.11 -28.10 57.52
CA TYR AC 25 -3.31 -26.79 58.13
C TYR AC 25 -3.72 -25.76 57.08
N LYS AC 26 -4.73 -24.97 57.41
CA LYS AC 26 -5.14 -23.85 56.58
C LYS AC 26 -5.14 -22.58 57.40
N LYS AC 27 -4.66 -21.49 56.81
CA LYS AC 27 -4.57 -20.22 57.52
C LYS AC 27 -5.94 -19.72 57.92
N GLY AC 28 -6.06 -19.29 59.17
CA GLY AC 28 -7.31 -18.75 59.65
C GLY AC 28 -7.56 -17.36 59.11
N LYS AC 29 -8.78 -16.89 59.33
CA LYS AC 29 -9.13 -15.53 58.91
C LYS AC 29 -8.52 -14.51 59.85
N ASP AC 30 -8.28 -13.32 59.32
CA ASP AC 30 -7.65 -12.25 60.10
C ASP AC 30 -8.60 -11.70 61.15
N SER AC 31 -8.02 -11.28 62.27
CA SER AC 31 -8.83 -10.97 63.45
C SER AC 31 -9.52 -9.62 63.36
N LEU AC 32 -8.93 -8.65 62.65
CA LEU AC 32 -9.40 -7.28 62.53
C LEU AC 32 -9.18 -6.52 63.84
N TYR AC 33 -8.79 -7.23 64.89
CA TYR AC 33 -8.44 -6.62 66.17
C TYR AC 33 -7.07 -7.06 66.64
N ALA AC 34 -6.31 -7.74 65.80
CA ALA AC 34 -4.89 -7.90 66.05
C ALA AC 34 -4.23 -6.53 66.03
N GLN AC 35 -3.17 -6.38 66.81
CA GLN AC 35 -2.58 -5.07 67.01
C GLN AC 35 -2.05 -4.48 65.70
N GLY AC 36 -1.44 -5.32 64.87
CA GLY AC 36 -0.96 -4.84 63.58
C GLY AC 36 -2.07 -4.45 62.64
N LYS AC 37 -3.19 -5.18 62.67
CA LYS AC 37 -4.33 -4.78 61.86
C LYS AC 37 -4.93 -3.47 62.34
N ARG AC 38 -5.00 -3.27 63.66
CA ARG AC 38 -5.48 -2.01 64.21
C ARG AC 38 -4.57 -0.86 63.79
N ARG AC 39 -3.25 -1.07 63.88
CA ARG AC 39 -2.31 -0.04 63.48
C ARG AC 39 -2.44 0.27 62.00
N TYR AC 40 -2.60 -0.76 61.18
CA TYR AC 40 -2.77 -0.56 59.74
C TYR AC 40 -4.04 0.21 59.44
N ASP AC 41 -5.13 -0.12 60.11
CA ASP AC 41 -6.40 0.58 59.86
C ASP AC 41 -6.30 2.05 60.26
N ARG AC 42 -5.68 2.32 61.41
CA ARG AC 42 -5.49 3.70 61.81
C ARG AC 42 -4.59 4.45 60.84
N LYS AC 43 -3.55 3.80 60.34
CA LYS AC 43 -2.65 4.43 59.38
C LYS AC 43 -3.35 4.72 58.07
N GLN AC 44 -4.22 3.81 57.63
CA GLN AC 44 -4.89 3.97 56.34
C GLN AC 44 -6.06 4.93 56.42
N SER AC 45 -6.62 5.16 57.59
CA SER AC 45 -7.71 6.13 57.70
C SER AC 45 -7.21 7.53 57.38
N GLY AC 46 -8.03 8.29 56.67
CA GLY AC 46 -7.70 9.66 56.35
C GLY AC 46 -7.19 9.82 54.93
N TYR AC 47 -6.32 10.80 54.72
CA TYR AC 47 -5.71 11.06 53.43
C TYR AC 47 -4.27 10.59 53.43
N GLY AC 48 -3.74 10.37 52.24
CA GLY AC 48 -2.38 9.90 52.11
C GLY AC 48 -2.27 8.66 51.25
N GLY AC 49 -3.40 8.02 50.99
CA GLY AC 49 -3.38 6.84 50.15
C GLY AC 49 -2.80 5.64 50.86
N GLN AC 50 -2.20 4.75 50.07
CA GLN AC 50 -1.62 3.55 50.63
C GLN AC 50 -0.36 3.88 51.40
N THR AC 51 -0.27 3.35 52.62
CA THR AC 51 0.79 3.70 53.54
C THR AC 51 1.76 2.57 53.82
N LYS AC 52 1.46 1.35 53.38
CA LYS AC 52 2.31 0.19 53.55
C LYS AC 52 2.53 -0.47 52.20
N PRO AC 53 3.66 -1.15 52.00
CA PRO AC 53 3.90 -1.79 50.71
C PRO AC 53 2.91 -2.90 50.41
N ILE AC 54 2.62 -3.06 49.12
CA ILE AC 54 1.83 -4.17 48.61
C ILE AC 54 2.73 -4.99 47.71
N PHE AC 55 2.93 -6.26 48.05
CA PHE AC 55 4.02 -7.07 47.51
C PHE AC 55 4.03 -7.16 45.98
N ARG AC 56 3.02 -7.78 45.39
CA ARG AC 56 2.83 -7.92 43.95
C ARG AC 56 4.09 -8.26 43.14
N LYS AC 57 4.97 -9.09 43.68
CA LYS AC 57 6.18 -9.51 42.97
C LYS AC 57 6.40 -11.01 43.18
N LYS AC 58 5.34 -11.79 42.99
CA LYS AC 58 5.37 -13.21 43.33
C LYS AC 58 6.37 -13.96 42.46
N ALA AC 59 7.12 -14.84 43.10
CA ALA AC 59 8.06 -15.71 42.42
C ALA AC 59 7.87 -17.18 42.74
N LYS AC 60 7.54 -17.51 43.99
CA LYS AC 60 7.28 -18.88 44.37
C LYS AC 60 6.02 -19.40 43.70
N THR AC 61 6.02 -20.68 43.37
CA THR AC 61 4.85 -21.33 42.80
C THR AC 61 4.19 -22.32 43.74
N THR AC 62 4.86 -22.70 44.81
CA THR AC 62 4.37 -23.69 45.77
C THR AC 62 4.33 -23.08 47.15
N LYS AC 63 3.93 -23.89 48.12
CA LYS AC 63 3.97 -23.54 49.52
C LYS AC 63 4.50 -24.73 50.30
N LYS AC 64 5.13 -24.46 51.44
CA LYS AC 64 5.46 -25.53 52.35
C LYS AC 64 4.19 -26.02 53.00
N ILE AC 65 3.90 -27.31 52.88
CA ILE AC 65 2.67 -27.86 53.40
C ILE AC 65 2.83 -28.14 54.88
N VAL AC 66 1.89 -27.64 55.68
CA VAL AC 66 1.89 -27.86 57.12
C VAL AC 66 0.84 -28.90 57.45
N LEU AC 67 1.24 -29.94 58.16
CA LEU AC 67 0.34 -30.97 58.62
C LEU AC 67 -0.06 -30.66 60.05
N ARG AC 68 -1.36 -30.60 60.29
CA ARG AC 68 -1.92 -30.47 61.62
C ARG AC 68 -2.05 -31.87 62.20
N LEU AC 69 -1.23 -32.15 63.20
CA LEU AC 69 -1.30 -33.42 63.92
C LEU AC 69 -2.23 -33.26 65.09
N GLU AC 70 -2.95 -34.32 65.44
CA GLU AC 70 -3.78 -34.31 66.63
C GLU AC 70 -3.64 -35.65 67.34
N CYS AC 71 -3.16 -35.61 68.58
CA CYS AC 71 -3.08 -36.82 69.38
C CYS AC 71 -4.47 -37.39 69.61
N VAL AC 72 -4.61 -38.70 69.41
CA VAL AC 72 -5.92 -39.34 69.49
C VAL AC 72 -6.26 -39.82 70.89
N GLU AC 73 -5.35 -39.69 71.84
CA GLU AC 73 -5.64 -40.08 73.21
C GLU AC 73 -6.73 -39.16 73.77
N PRO AC 74 -7.81 -39.69 74.33
CA PRO AC 74 -8.96 -38.84 74.68
C PRO AC 74 -8.65 -37.75 75.70
N ASN AC 75 -7.73 -38.01 76.63
CA ASN AC 75 -7.36 -37.01 77.61
C ASN AC 75 -6.29 -36.05 77.09
N CYS AC 76 -5.81 -36.25 75.87
CA CYS AC 76 -4.76 -35.42 75.28
C CYS AC 76 -5.11 -35.18 73.82
N ARG AC 77 -5.79 -34.07 73.54
CA ARG AC 77 -6.06 -33.67 72.17
C ARG AC 77 -5.03 -32.69 71.65
N SER AC 78 -3.80 -32.81 72.14
CA SER AC 78 -2.75 -31.85 71.82
C SER AC 78 -2.45 -31.88 70.34
N LYS AC 79 -2.16 -30.70 69.79
CA LYS AC 79 -1.93 -30.55 68.36
C LYS AC 79 -0.52 -30.04 68.10
N ARG AC 80 -0.07 -30.25 66.87
CA ARG AC 80 1.27 -29.87 66.49
C ARG AC 80 1.28 -29.54 65.00
N MET AC 81 2.25 -28.73 64.60
CA MET AC 81 2.44 -28.36 63.21
C MET AC 81 3.72 -29.01 62.70
N LEU AC 82 3.59 -29.88 61.71
CA LEU AC 82 4.74 -30.41 60.98
C LEU AC 82 4.75 -29.86 59.58
N ALA AC 83 5.89 -29.31 59.18
CA ALA AC 83 6.06 -28.76 57.84
C ALA AC 83 6.88 -29.73 57.01
N ILE AC 84 6.42 -29.98 55.80
CA ILE AC 84 7.15 -30.82 54.85
C ILE AC 84 7.63 -29.91 53.73
N LYS AC 85 8.38 -30.46 52.78
CA LYS AC 85 8.98 -29.65 51.75
C LYS AC 85 7.92 -29.12 50.78
N ARG AC 86 8.36 -28.31 49.84
CA ARG AC 86 7.47 -27.71 48.86
C ARG AC 86 7.05 -28.74 47.84
N CYS AC 87 5.73 -28.87 47.63
CA CYS AC 87 5.21 -29.79 46.64
C CYS AC 87 4.12 -29.10 45.84
N LYS AC 88 4.09 -29.38 44.54
CA LYS AC 88 3.04 -28.81 43.70
C LYS AC 88 1.71 -29.48 43.94
N HIS AC 89 1.70 -30.80 44.09
CA HIS AC 89 0.48 -31.57 44.32
C HIS AC 89 0.59 -32.32 45.63
N PHE AC 90 -0.39 -32.15 46.50
CA PHE AC 90 -0.40 -32.78 47.80
C PHE AC 90 -1.75 -33.46 48.01
N GLU AC 91 -1.72 -34.73 48.38
CA GLU AC 91 -2.93 -35.48 48.68
C GLU AC 91 -2.80 -36.12 50.06
N LEU AC 92 -3.90 -36.12 50.79
CA LEU AC 92 -3.95 -36.67 52.13
C LEU AC 92 -4.61 -38.04 52.08
N GLY AC 93 -3.88 -39.07 52.47
CA GLY AC 93 -4.45 -40.40 52.51
C GLY AC 93 -4.89 -40.93 51.17
N GLY AC 94 -4.10 -40.70 50.14
CA GLY AC 94 -4.42 -41.20 48.82
C GLY AC 94 -4.20 -42.70 48.72
N ASP AC 95 -4.57 -43.24 47.55
CA ASP AC 95 -4.37 -44.66 47.30
C ASP AC 95 -2.89 -44.97 47.17
N LYS AC 96 -2.43 -46.02 47.84
CA LYS AC 96 -1.02 -46.35 47.84
C LYS AC 96 -0.61 -46.96 46.50
N LYS AC 97 0.69 -46.85 46.22
CA LYS AC 97 1.24 -47.34 44.96
C LYS AC 97 1.56 -48.83 45.07
N ARG AC 98 1.51 -49.50 43.93
CA ARG AC 98 1.89 -50.90 43.82
C ARG AC 98 2.93 -51.03 42.72
N LYS AC 99 3.83 -52.00 42.88
CA LYS AC 99 5.01 -52.11 42.02
C LYS AC 99 4.77 -52.97 40.79
N GLY AC 100 4.38 -54.22 40.98
CA GLY AC 100 4.24 -55.13 39.85
C GLY AC 100 2.92 -55.00 39.13
N GLN AC 101 2.64 -53.84 38.56
CA GLN AC 101 1.38 -53.59 37.88
C GLN AC 101 1.64 -53.06 36.47
N VAL AC 102 0.64 -53.23 35.62
CA VAL AC 102 0.71 -52.77 34.25
C VAL AC 102 0.24 -51.32 34.17
N ILE AC 103 0.63 -50.64 33.11
CA ILE AC 103 0.13 -49.29 32.86
C ILE AC 103 -1.19 -49.38 32.10
N GLN AC 104 -2.22 -48.73 32.63
CA GLN AC 104 -3.57 -48.88 32.08
C GLN AC 104 -3.65 -48.29 30.68
N PHE AC 105 -4.33 -49.01 29.80
CA PHE AC 105 -4.47 -48.60 28.41
C PHE AC 105 -5.47 -47.44 28.27
N ALA BC 1 -27.03 44.24 -25.09
CA ALA BC 1 -26.83 42.83 -25.45
C ALA BC 1 -26.86 41.96 -24.21
N LYS BC 2 -27.07 40.66 -24.40
CA LYS BC 2 -26.96 39.72 -23.29
C LYS BC 2 -25.51 39.61 -22.87
N ARG BC 3 -25.26 39.77 -21.58
CA ARG BC 3 -23.89 39.85 -21.08
C ARG BC 3 -23.36 38.56 -20.52
N THR BC 4 -24.21 37.75 -19.91
CA THR BC 4 -23.83 36.43 -19.41
C THR BC 4 -24.83 35.41 -19.91
N LYS BC 5 -24.33 34.21 -20.22
CA LYS BC 5 -25.23 33.15 -20.69
C LYS BC 5 -26.12 32.64 -19.58
N LYS BC 6 -25.54 32.31 -18.42
CA LYS BC 6 -26.34 31.65 -17.40
C LYS BC 6 -26.13 32.15 -15.97
N VAL BC 7 -25.01 32.79 -15.62
CA VAL BC 7 -24.78 33.11 -14.22
C VAL BC 7 -25.72 34.22 -13.76
N GLY BC 8 -25.93 35.23 -14.59
CA GLY BC 8 -26.82 36.31 -14.22
C GLY BC 8 -26.32 37.11 -13.04
N ILE BC 9 -27.12 37.19 -11.99
CA ILE BC 9 -26.81 38.07 -10.86
C ILE BC 9 -25.59 37.60 -10.08
N VAL BC 10 -25.24 36.32 -10.15
CA VAL BC 10 -24.11 35.81 -9.37
C VAL BC 10 -22.85 35.90 -10.21
N GLY BC 11 -22.88 36.72 -11.27
CA GLY BC 11 -21.66 37.03 -11.96
C GLY BC 11 -20.69 37.84 -11.12
N LYS BC 12 -21.18 38.48 -10.07
CA LYS BC 12 -20.31 39.21 -9.17
C LYS BC 12 -19.38 38.30 -8.39
N TYR BC 13 -19.73 37.05 -8.20
CA TYR BC 13 -18.94 36.12 -7.41
C TYR BC 13 -17.82 35.48 -8.20
N GLY BC 14 -17.73 35.76 -9.50
CA GLY BC 14 -16.60 35.25 -10.26
C GLY BC 14 -16.63 33.75 -10.39
N THR BC 15 -15.46 33.14 -10.26
CA THR BC 15 -15.31 31.70 -10.34
C THR BC 15 -15.37 31.03 -8.97
N ARG BC 16 -15.68 31.78 -7.93
CA ARG BC 16 -15.52 31.31 -6.57
C ARG BC 16 -16.76 30.59 -6.07
N TYR BC 17 -16.57 29.81 -5.00
CA TYR BC 17 -17.55 29.20 -4.12
C TYR BC 17 -18.24 27.98 -4.71
N GLY BC 18 -18.02 27.65 -5.97
CA GLY BC 18 -18.64 26.46 -6.52
C GLY BC 18 -19.91 26.74 -7.29
N ALA BC 19 -20.10 26.04 -8.40
CA ALA BC 19 -21.22 26.32 -9.28
C ALA BC 19 -22.55 26.04 -8.60
N SER BC 20 -22.63 24.95 -7.85
CA SER BC 20 -23.88 24.63 -7.17
C SER BC 20 -24.21 25.64 -6.10
N LEU BC 21 -23.21 26.12 -5.37
CA LEU BC 21 -23.47 27.12 -4.35
C LEU BC 21 -23.89 28.45 -4.97
N ARG BC 22 -23.25 28.84 -6.07
CA ARG BC 22 -23.68 30.06 -6.77
C ARG BC 22 -25.09 29.91 -7.32
N LYS BC 23 -25.41 28.74 -7.88
CA LYS BC 23 -26.75 28.49 -8.40
C LYS BC 23 -27.78 28.54 -7.29
N MET BC 24 -27.47 27.98 -6.13
CA MET BC 24 -28.38 28.01 -5.00
C MET BC 24 -28.61 29.42 -4.51
N VAL BC 25 -27.54 30.23 -4.41
CA VAL BC 25 -27.69 31.58 -3.88
C VAL BC 25 -28.27 32.53 -4.91
N LYS BC 26 -28.29 32.15 -6.19
CA LYS BC 26 -28.82 33.03 -7.23
C LYS BC 26 -30.30 33.33 -7.02
N LYS BC 27 -31.11 32.29 -6.81
CA LYS BC 27 -32.54 32.49 -6.63
C LYS BC 27 -32.83 33.32 -5.38
N ILE BC 28 -32.10 33.05 -4.30
CA ILE BC 28 -32.29 33.78 -3.07
C ILE BC 28 -31.91 35.25 -3.24
N GLU BC 29 -30.81 35.53 -3.94
CA GLU BC 29 -30.43 36.92 -4.15
C GLU BC 29 -31.41 37.66 -5.04
N ILE BC 30 -31.94 36.99 -6.08
CA ILE BC 30 -32.95 37.62 -6.92
C ILE BC 30 -34.19 37.96 -6.10
N SER BC 31 -34.68 37.01 -5.31
CA SER BC 31 -35.88 37.27 -4.51
C SER BC 31 -35.62 38.27 -3.40
N GLN BC 32 -34.39 38.33 -2.90
CA GLN BC 32 -34.06 39.20 -1.79
C GLN BC 32 -33.92 40.64 -2.24
N HIS BC 33 -33.41 40.86 -3.45
CA HIS BC 33 -33.24 42.21 -3.96
C HIS BC 33 -34.37 42.63 -4.89
N ALA BC 34 -35.35 41.76 -5.14
CA ALA BC 34 -36.48 42.16 -5.97
C ALA BC 34 -37.38 43.13 -5.20
N LYS BC 35 -38.13 43.93 -5.96
CA LYS BC 35 -39.11 44.85 -5.41
C LYS BC 35 -40.49 44.27 -5.64
N TYR BC 36 -41.23 44.06 -4.55
CA TYR BC 36 -42.54 43.48 -4.62
C TYR BC 36 -43.61 44.57 -4.70
N THR BC 37 -44.82 44.17 -5.08
CA THR BC 37 -45.94 45.09 -5.10
C THR BC 37 -46.53 45.20 -3.71
N CYS BC 38 -46.59 46.41 -3.18
CA CYS BC 38 -47.14 46.61 -1.85
C CYS BC 38 -48.64 46.34 -1.88
N SER BC 39 -49.10 45.51 -0.95
CA SER BC 39 -50.51 45.17 -0.88
C SER BC 39 -51.33 46.27 -0.22
N PHE BC 40 -50.69 47.29 0.32
CA PHE BC 40 -51.40 48.39 0.98
C PHE BC 40 -51.62 49.58 0.08
N CYS BC 41 -50.70 49.88 -0.83
CA CYS BC 41 -50.84 51.02 -1.72
C CYS BC 41 -50.84 50.64 -3.18
N GLY BC 42 -50.54 49.38 -3.52
CA GLY BC 42 -50.56 48.95 -4.90
C GLY BC 42 -49.32 49.27 -5.70
N LYS BC 43 -48.34 49.93 -5.10
CA LYS BC 43 -47.12 50.29 -5.82
C LYS BC 43 -46.07 49.19 -5.69
N THR BC 44 -45.20 49.12 -6.70
CA THR BC 44 -44.08 48.19 -6.69
C THR BC 44 -42.88 48.85 -5.99
N LYS BC 45 -43.08 49.18 -4.72
CA LYS BC 45 -42.07 49.89 -3.96
C LYS BC 45 -41.80 49.25 -2.61
N MET BC 46 -42.17 47.98 -2.42
CA MET BC 46 -41.93 47.27 -1.18
C MET BC 46 -40.67 46.45 -1.33
N LYS BC 47 -39.63 46.80 -0.58
CA LYS BC 47 -38.34 46.13 -0.70
C LYS BC 47 -37.78 45.85 0.68
N ARG BC 48 -36.83 44.92 0.73
CA ARG BC 48 -36.28 44.47 1.99
C ARG BC 48 -35.37 45.51 2.60
N ARG BC 49 -35.56 45.77 3.89
CA ARG BC 49 -34.67 46.65 4.64
C ARG BC 49 -33.59 45.85 5.36
N ALA BC 50 -33.99 44.95 6.25
CA ALA BC 50 -33.11 44.01 6.90
C ALA BC 50 -33.70 42.62 6.74
N VAL BC 51 -33.05 41.62 7.33
CA VAL BC 51 -33.54 40.26 7.19
C VAL BC 51 -34.88 40.13 7.93
N GLY BC 52 -35.91 39.75 7.20
CA GLY BC 52 -37.24 39.64 7.76
C GLY BC 52 -38.05 40.93 7.78
N ILE BC 53 -37.48 42.05 7.40
CA ILE BC 53 -38.14 43.35 7.49
C ILE BC 53 -38.32 43.88 6.08
N TRP BC 54 -39.56 44.21 5.72
CA TRP BC 54 -39.89 44.67 4.38
C TRP BC 54 -40.58 46.01 4.46
N HIS BC 55 -39.97 47.03 3.88
CA HIS BC 55 -40.46 48.39 3.99
C HIS BC 55 -40.94 48.86 2.62
N CYS BC 56 -42.09 49.54 2.60
CA CYS BC 56 -42.57 50.18 1.39
C CYS BC 56 -42.10 51.63 1.39
N GLY BC 57 -41.48 52.05 0.28
CA GLY BC 57 -41.03 53.42 0.18
C GLY BC 57 -42.16 54.41 0.02
N SER BC 58 -43.30 53.98 -0.51
CA SER BC 58 -44.39 54.90 -0.83
C SER BC 58 -45.25 55.21 0.39
N CYS BC 59 -45.92 54.19 0.93
CA CYS BC 59 -46.82 54.39 2.05
C CYS BC 59 -46.13 54.24 3.40
N MET BC 60 -44.82 53.98 3.40
CA MET BC 60 -44.02 53.91 4.61
C MET BC 60 -44.51 52.84 5.58
N LYS BC 61 -44.99 51.74 5.03
CA LYS BC 61 -45.47 50.61 5.83
C LYS BC 61 -44.39 49.56 5.94
N THR BC 62 -44.14 49.10 7.16
CA THR BC 62 -43.14 48.08 7.43
C THR BC 62 -43.85 46.79 7.81
N VAL BC 63 -43.45 45.69 7.20
CA VAL BC 63 -44.06 44.39 7.38
C VAL BC 63 -42.99 43.41 7.83
N ALA BC 64 -43.36 42.49 8.70
CA ALA BC 64 -42.48 41.41 9.11
C ALA BC 64 -42.74 40.22 8.20
N GLY BC 65 -41.82 39.96 7.27
CA GLY BC 65 -41.98 38.85 6.35
C GLY BC 65 -40.83 37.87 6.40
N GLY BC 66 -40.53 37.23 5.29
CA GLY BC 66 -39.49 36.23 5.28
C GLY BC 66 -38.11 36.82 5.15
N ALA BC 67 -37.10 35.96 5.32
CA ALA BC 67 -35.72 36.39 5.24
C ALA BC 67 -35.36 36.88 3.85
N TRP BC 68 -35.78 36.16 2.83
CA TRP BC 68 -35.46 36.50 1.45
C TRP BC 68 -36.66 36.85 0.61
N THR BC 69 -37.81 36.24 0.87
CA THR BC 69 -39.04 36.56 0.17
C THR BC 69 -39.92 37.45 1.04
N TYR BC 70 -40.88 38.12 0.40
CA TYR BC 70 -41.76 39.00 1.13
C TYR BC 70 -42.61 38.23 2.14
N ASN BC 71 -43.14 37.08 1.74
CA ASN BC 71 -43.81 36.19 2.67
C ASN BC 71 -43.45 34.76 2.35
N THR BC 72 -43.49 33.91 3.37
CA THR BC 72 -43.11 32.52 3.19
C THR BC 72 -44.34 31.62 3.08
N THR BC 73 -44.15 30.48 2.43
CA THR BC 73 -45.24 29.54 2.21
C THR BC 73 -45.82 29.05 3.54
N SER BC 74 -44.95 28.79 4.52
CA SER BC 74 -45.43 28.38 5.83
C SER BC 74 -46.30 29.46 6.45
N ALA BC 75 -45.87 30.72 6.33
CA ALA BC 75 -46.65 31.82 6.89
C ALA BC 75 -48.01 31.93 6.22
N VAL BC 76 -48.06 31.79 4.89
CA VAL BC 76 -49.33 31.92 4.19
C VAL BC 76 -50.28 30.80 4.57
N THR BC 77 -49.78 29.55 4.58
CA THR BC 77 -50.64 28.43 4.95
C THR BC 77 -51.10 28.55 6.39
N VAL BC 78 -50.23 29.03 7.27
CA VAL BC 78 -50.60 29.19 8.67
C VAL BC 78 -51.67 30.26 8.83
N LYS BC 79 -51.54 31.36 8.10
CA LYS BC 79 -52.55 32.40 8.17
C LYS BC 79 -53.91 31.89 7.71
N SER BC 80 -53.92 31.12 6.61
CA SER BC 80 -55.18 30.53 6.16
C SER BC 80 -55.75 29.56 7.19
N ALA BC 81 -54.89 28.76 7.82
CA ALA BC 81 -55.35 27.81 8.82
C ALA BC 81 -55.92 28.52 10.04
N ILE BC 82 -55.30 29.62 10.46
CA ILE BC 82 -55.81 30.39 11.59
C ILE BC 82 -57.14 31.02 11.24
N ARG BC 83 -57.28 31.50 10.01
CA ARG BC 83 -58.57 32.04 9.58
C ARG BC 83 -59.66 30.98 9.59
N ARG BC 84 -59.35 29.77 9.15
CA ARG BC 84 -60.33 28.69 9.23
C ARG BC 84 -60.67 28.31 10.67
N LEU BC 85 -59.69 28.29 11.57
CA LEU BC 85 -59.98 27.99 12.96
C LEU BC 85 -60.86 29.07 13.58
N LYS BC 86 -60.61 30.33 13.23
CA LYS BC 86 -61.46 31.40 13.75
C LYS BC 86 -62.88 31.31 13.21
N GLU BC 87 -63.03 30.98 11.93
CA GLU BC 87 -64.39 30.85 11.40
C GLU BC 87 -65.10 29.63 11.97
N LEU BC 88 -64.35 28.58 12.35
CA LEU BC 88 -64.98 27.46 13.04
C LEU BC 88 -65.39 27.86 14.46
N LYS BC 89 -64.55 28.64 15.15
CA LYS BC 89 -64.89 29.09 16.49
C LYS BC 89 -66.14 29.96 16.48
N ASP BC 90 -66.28 30.82 15.48
CA ASP BC 90 -67.48 31.66 15.42
C ASP BC 90 -68.67 30.84 14.93
N GLN BC 91 -68.62 30.42 13.66
CA GLN BC 91 -69.64 29.62 12.98
C GLN BC 91 -71.08 29.75 13.47
N SER CC 1 62.13 24.39 99.23
CA SER CC 1 63.41 23.75 98.92
C SER CC 1 63.98 24.23 97.61
N ALA CC 2 65.30 24.11 97.47
CA ALA CC 2 65.96 24.61 96.27
C ALA CC 2 65.49 23.89 95.02
N HIS CC 3 65.37 22.56 95.08
CA HIS CC 3 64.97 21.80 93.92
C HIS CC 3 63.52 22.06 93.54
N LEU CC 4 62.64 22.21 94.53
CA LEU CC 4 61.25 22.52 94.24
C LEU CC 4 61.12 23.91 93.62
N GLN CC 5 61.79 24.90 94.21
CA GLN CC 5 61.74 26.24 93.65
C GLN CC 5 62.34 26.28 92.26
N TRP CC 6 63.36 25.46 92.01
CA TRP CC 6 63.90 25.36 90.66
C TRP CC 6 62.87 24.79 89.70
N MET CC 7 62.16 23.74 90.12
CA MET CC 7 61.10 23.21 89.27
C MET CC 7 60.04 24.25 88.97
N VAL CC 8 59.81 25.18 89.89
CA VAL CC 8 58.86 26.26 89.65
C VAL CC 8 59.40 27.30 88.67
N VAL CC 9 60.63 27.76 88.83
CA VAL CC 9 61.10 28.94 88.11
C VAL CC 9 62.08 28.60 86.99
N ARG CC 10 62.24 27.34 86.63
CA ARG CC 10 63.21 27.01 85.59
C ARG CC 10 62.79 27.56 84.23
N ASN CC 11 61.50 27.80 84.02
CA ASN CC 11 61.02 28.33 82.76
C ASN CC 11 60.08 29.50 82.90
N CYS CC 12 59.61 29.80 84.11
CA CYS CC 12 58.68 30.90 84.35
C CYS CC 12 59.29 31.80 85.40
N SER CC 13 60.08 32.77 84.95
CA SER CC 13 60.69 33.74 85.85
C SER CC 13 60.75 35.08 85.16
N SER CC 14 60.71 36.15 85.96
CA SER CC 14 60.86 37.48 85.40
C SER CC 14 62.30 37.82 85.06
N PHE CC 15 63.25 37.12 85.65
CA PHE CC 15 64.66 37.32 85.34
C PHE CC 15 65.10 36.55 84.12
N LEU CC 16 64.23 35.76 83.51
CA LEU CC 16 64.59 34.86 82.43
C LEU CC 16 64.58 35.61 81.10
N ILE CC 17 65.70 35.57 80.39
CA ILE CC 17 65.81 36.13 79.05
C ILE CC 17 66.12 35.00 78.09
N LYS CC 18 65.28 34.85 77.07
CA LYS CC 18 65.44 33.78 76.08
C LYS CC 18 65.47 34.43 74.70
N ARG CC 19 66.65 34.53 74.10
CA ARG CC 19 66.82 35.25 72.86
C ARG CC 19 68.01 34.67 72.11
N ASN CC 20 67.91 34.65 70.79
CA ASN CC 20 69.02 34.28 69.91
C ASN CC 20 69.59 32.91 70.25
N LYS CC 21 68.69 31.95 70.49
CA LYS CC 21 69.03 30.59 70.90
C LYS CC 21 69.83 30.55 72.19
N GLN CC 22 69.79 31.63 72.97
CA GLN CC 22 70.49 31.71 74.24
C GLN CC 22 69.49 31.87 75.37
N THR CC 23 69.99 31.74 76.59
CA THR CC 23 69.15 31.86 77.78
C THR CC 23 69.97 32.49 78.89
N TYR CC 24 69.42 33.52 79.51
CA TYR CC 24 70.12 34.23 80.58
C TYR CC 24 69.18 34.45 81.74
N SER CC 25 69.76 34.66 82.92
CA SER CC 25 69.02 34.94 84.13
C SER CC 25 69.68 36.14 84.80
N THR CC 26 68.87 37.09 85.25
CA THR CC 26 69.37 38.38 85.70
C THR CC 26 69.07 38.66 87.17
N GLU CC 27 68.87 37.63 87.98
CA GLU CC 27 68.70 37.87 89.41
C GLU CC 27 70.03 38.32 90.01
N PRO CC 28 69.99 39.11 91.08
CA PRO CC 28 71.20 39.82 91.53
C PRO CC 28 72.37 38.93 91.91
N ASN CC 29 72.13 37.76 92.50
CA ASN CC 29 73.20 36.96 93.07
C ASN CC 29 73.65 35.84 92.15
N ASN CC 30 73.59 36.06 90.84
CA ASN CC 30 73.85 35.05 89.84
C ASN CC 30 75.20 35.34 89.19
N LEU CC 31 76.20 34.55 89.53
CA LEU CC 31 77.46 34.57 88.79
C LEU CC 31 77.25 33.88 87.46
N LYS CC 32 77.89 34.39 86.41
CA LYS CC 32 77.80 33.90 85.04
C LYS CC 32 76.45 34.21 84.40
N ALA CC 33 75.49 34.67 85.20
CA ALA CC 33 74.20 35.18 84.72
C ALA CC 33 73.48 34.18 83.82
N ARG CC 34 73.63 32.90 84.09
CA ARG CC 34 72.97 31.88 83.30
C ARG CC 34 71.80 31.29 84.07
N ASN CC 35 70.83 30.77 83.32
CA ASN CC 35 69.69 30.08 83.90
C ASN CC 35 70.11 28.66 84.20
N SER CC 36 70.44 28.40 85.47
CA SER CC 36 70.85 27.06 85.86
C SER CC 36 70.62 26.89 87.34
N PHE CC 37 70.45 25.63 87.75
CA PHE CC 37 70.23 25.32 89.16
C PHE CC 37 71.44 25.69 89.99
N ARG CC 38 72.64 25.43 89.48
CA ARG CC 38 73.85 25.70 90.22
C ARG CC 38 74.05 27.19 90.45
N TYR CC 39 73.75 28.01 89.44
CA TYR CC 39 74.09 29.42 89.48
C TYR CC 39 72.92 30.33 89.82
N ASN CC 40 71.72 29.79 90.01
CA ASN CC 40 70.60 30.64 90.41
C ASN CC 40 70.87 31.26 91.77
N GLY CC 41 70.61 32.56 91.88
CA GLY CC 41 70.98 33.28 93.08
C GLY CC 41 69.82 33.57 94.01
N LEU CC 42 68.77 32.76 93.93
CA LEU CC 42 67.61 33.00 94.75
C LEU CC 42 67.16 31.75 95.50
N ILE CC 43 67.41 30.59 94.91
CA ILE CC 43 66.78 29.37 95.39
C ILE CC 43 67.60 28.61 96.41
N HIS CC 44 68.86 28.98 96.62
CA HIS CC 44 69.74 28.21 97.48
C HIS CC 44 69.83 28.81 98.88
N ARG CC 45 70.01 27.92 99.86
CA ARG CC 45 70.15 28.36 101.25
C ARG CC 45 71.39 29.23 101.44
N LYS CC 46 72.40 29.03 100.62
CA LYS CC 46 73.59 29.87 100.67
C LYS CC 46 74.02 30.19 99.25
N THR CC 47 74.27 31.47 98.98
CA THR CC 47 74.69 31.94 97.67
C THR CC 47 75.77 33.00 97.84
N VAL CC 48 76.57 33.19 96.79
CA VAL CC 48 77.55 34.25 96.72
C VAL CC 48 77.27 35.09 95.48
N GLY CC 49 77.68 36.35 95.53
CA GLY CC 49 77.56 37.24 94.41
C GLY CC 49 78.63 38.31 94.44
N VAL CC 50 79.17 38.66 93.29
CA VAL CC 50 80.18 39.70 93.18
C VAL CC 50 79.61 40.79 92.30
N GLU CC 51 79.60 42.02 92.82
CA GLU CC 51 79.08 43.16 92.09
C GLU CC 51 80.10 44.28 92.11
N PRO CC 52 80.02 45.21 91.17
CA PRO CC 52 80.86 46.41 91.27
C PRO CC 52 80.47 47.23 92.49
N ALA CC 53 81.46 47.91 93.06
CA ALA CC 53 81.21 48.69 94.25
C ALA CC 53 80.32 49.88 93.94
N ALA CC 54 79.91 50.59 94.99
CA ALA CC 54 79.02 51.75 94.82
C ALA CC 54 79.68 52.81 93.96
N ASP CC 55 80.95 53.11 94.22
CA ASP CC 55 81.74 53.93 93.33
C ASP CC 55 82.47 53.02 92.34
N GLY CC 56 83.22 53.62 91.43
CA GLY CC 56 83.87 52.85 90.39
C GLY CC 56 85.21 52.26 90.81
N LYS CC 57 85.29 51.71 92.01
CA LYS CC 57 86.54 51.13 92.49
C LYS CC 57 86.24 50.04 93.50
N GLY CC 58 86.77 48.85 93.25
CA GLY CC 58 86.58 47.72 94.15
C GLY CC 58 85.39 46.89 93.77
N VAL CC 59 85.20 45.82 94.53
CA VAL CC 59 84.07 44.92 94.35
C VAL CC 59 83.32 44.83 95.67
N VAL CC 60 82.09 44.36 95.58
CA VAL CC 60 81.25 44.05 96.73
C VAL CC 60 80.92 42.58 96.65
N VAL CC 61 81.30 41.82 97.67
CA VAL CC 61 80.97 40.42 97.79
C VAL CC 61 79.79 40.30 98.72
N VAL CC 62 78.70 39.73 98.23
CA VAL CC 62 77.51 39.49 99.03
C VAL CC 62 77.35 37.99 99.22
N ILE CC 63 77.11 37.59 100.47
CA ILE CC 63 76.88 36.18 100.78
C ILE CC 63 75.58 36.07 101.54
N LYS CC 64 74.92 34.93 101.40
CA LYS CC 64 73.65 34.68 102.08
C LYS CC 64 73.92 34.04 103.43
N ARG CC 65 73.38 34.62 104.50
CA ARG CC 65 73.51 34.00 105.80
C ARG CC 65 72.56 32.80 105.91
N ARG CC 66 72.76 31.99 106.93
CA ARG CC 66 72.03 30.74 107.03
C ARG CC 66 70.70 30.85 107.77
N SER CC 67 70.45 31.94 108.50
CA SER CC 67 69.30 31.96 109.39
C SER CC 67 68.07 32.60 108.74
N GLY CC 68 68.16 33.87 108.35
CA GLY CC 68 66.98 34.57 107.90
C GLY CC 68 66.60 34.29 106.46
N GLN CC 69 66.21 33.05 106.16
CA GLN CC 69 65.86 32.71 104.79
C GLN CC 69 64.57 33.38 104.36
N ARG CC 70 63.61 33.50 105.28
CA ARG CC 70 62.33 34.12 104.98
C ARG CC 70 62.32 35.61 105.23
N LYS CC 71 63.47 36.20 105.57
CA LYS CC 71 63.57 37.59 105.98
C LYS CC 71 64.58 38.28 105.05
N PRO CC 72 64.15 38.66 103.85
CA PRO CC 72 65.10 39.16 102.84
C PRO CC 72 65.77 40.47 103.20
N ALA CC 73 65.28 41.20 104.19
CA ALA CC 73 65.92 42.46 104.56
C ALA CC 73 67.31 42.23 105.11
N THR CC 74 67.50 41.17 105.88
CA THR CC 74 68.77 40.90 106.54
C THR CC 74 69.45 39.64 106.04
N SER CC 75 68.95 39.03 104.98
CA SER CC 75 69.45 37.73 104.56
C SER CC 75 70.82 37.79 103.90
N TYR CC 76 71.23 38.97 103.42
CA TYR CC 76 72.45 39.10 102.64
C TYR CC 76 73.44 40.00 103.36
N VAL CC 77 74.67 39.53 103.50
CA VAL CC 77 75.76 40.29 104.11
C VAL CC 77 76.67 40.74 103.00
N ARG CC 78 76.86 42.05 102.89
CA ARG CC 78 77.65 42.64 101.82
C ARG CC 78 78.93 43.23 102.42
N THR CC 79 80.06 42.90 101.81
CA THR CC 79 81.35 43.43 102.23
C THR CC 79 82.09 43.96 101.03
N THR CC 80 82.71 45.13 101.17
CA THR CC 80 83.37 45.82 100.08
C THR CC 80 84.88 45.61 100.18
N ILE CC 81 85.47 45.13 99.09
CA ILE CC 81 86.91 44.92 99.00
C ILE CC 81 87.44 45.88 97.95
N ASN CC 82 88.33 46.77 98.36
CA ASN CC 82 88.86 47.83 97.52
C ASN CC 82 90.37 47.86 97.58
N LYS CC 83 90.99 46.71 97.36
CA LYS CC 83 92.44 46.59 97.32
C LYS CC 83 92.85 46.13 95.92
N ASN CC 84 94.14 45.79 95.78
CA ASN CC 84 94.66 45.39 94.48
C ASN CC 84 94.02 44.07 94.04
N ALA CC 85 94.20 43.76 92.76
CA ALA CC 85 93.48 42.65 92.15
C ALA CC 85 93.87 41.32 92.77
N ARG CC 86 95.17 41.10 92.98
CA ARG CC 86 95.62 39.82 93.50
C ARG CC 86 95.11 39.59 94.92
N ALA CC 87 95.16 40.62 95.77
CA ALA CC 87 94.65 40.48 97.12
C ALA CC 87 93.14 40.33 97.14
N THR CC 88 92.44 40.99 96.21
CA THR CC 88 90.99 40.82 96.12
C THR CC 88 90.65 39.38 95.76
N LEU CC 89 91.34 38.80 94.78
CA LEU CC 89 91.09 37.43 94.41
C LEU CC 89 91.45 36.48 95.54
N SER CC 90 92.52 36.77 96.28
CA SER CC 90 92.88 35.95 97.43
C SER CC 90 91.80 35.99 98.49
N SER CC 91 91.24 37.18 98.75
CA SER CC 91 90.17 37.31 99.73
C SER CC 91 88.95 36.51 99.31
N ILE CC 92 88.63 36.52 98.02
CA ILE CC 92 87.47 35.76 97.56
C ILE CC 92 87.73 34.26 97.66
N ARG CC 93 88.94 33.82 97.31
CA ARG CC 93 89.30 32.42 97.51
C ARG CC 93 89.13 32.01 98.96
N HIS CC 94 89.56 32.86 99.88
CA HIS CC 94 89.46 32.51 101.29
C HIS CC 94 88.02 32.51 101.75
N MET CC 95 87.21 33.44 101.25
CA MET CC 95 85.81 33.47 101.65
C MET CC 95 85.06 32.24 101.19
N ILE CC 96 85.35 31.75 99.99
CA ILE CC 96 84.60 30.61 99.47
C ILE CC 96 85.20 29.28 99.93
N ARG CC 97 86.53 29.14 99.87
CA ARG CC 97 87.16 27.86 100.12
C ARG CC 97 87.35 27.57 101.59
N LYS CC 98 87.88 28.54 102.34
CA LYS CC 98 88.15 28.30 103.76
C LYS CC 98 86.86 28.07 104.54
N ASN CC 99 85.82 28.84 104.23
CA ASN CC 99 84.53 28.63 104.87
C ASN CC 99 83.80 27.41 104.35
N LYS CC 100 84.27 26.82 103.25
CA LYS CC 100 83.55 25.76 102.55
C LYS CC 100 82.13 26.23 102.23
N TYR CC 101 82.02 27.49 101.84
CA TYR CC 101 80.75 28.14 101.57
C TYR CC 101 80.56 28.10 100.06
N ARG CC 102 79.89 27.06 99.58
CA ARG CC 102 79.62 26.82 98.18
C ARG CC 102 80.91 26.82 97.37
N PRO CC 103 81.78 25.83 97.56
CA PRO CC 103 83.06 25.84 96.82
C PRO CC 103 82.91 25.68 95.33
N ASP CC 104 81.75 25.24 94.84
CA ASP CC 104 81.55 25.06 93.41
C ASP CC 104 81.43 26.39 92.66
N LEU CC 105 81.31 27.51 93.36
CA LEU CC 105 81.25 28.82 92.73
C LEU CC 105 82.55 29.60 92.86
N ARG CC 106 83.63 28.93 93.28
CA ARG CC 106 84.87 29.63 93.58
C ARG CC 106 85.47 30.28 92.34
N MET CC 107 85.65 29.50 91.28
CA MET CC 107 86.27 30.06 90.08
C MET CC 107 85.33 30.99 89.35
N ALA CC 108 84.02 30.75 89.42
CA ALA CC 108 83.07 31.68 88.85
C ALA CC 108 83.17 33.04 89.51
N ALA CC 109 83.24 33.07 90.84
CA ALA CC 109 83.39 34.32 91.56
C ALA CC 109 84.72 34.99 91.28
N ILE CC 110 85.81 34.22 91.22
CA ILE CC 110 87.11 34.82 90.93
C ILE CC 110 87.13 35.44 89.54
N ARG CC 111 86.58 34.73 88.54
CA ARG CC 111 86.54 35.26 87.19
C ARG CC 111 85.66 36.50 87.12
N ARG CC 112 84.52 36.50 87.81
CA ARG CC 112 83.66 37.68 87.79
C ARG CC 112 84.34 38.87 88.45
N ALA CC 113 85.04 38.65 89.56
CA ALA CC 113 85.77 39.74 90.20
C ALA CC 113 86.85 40.29 89.28
N SER CC 114 87.57 39.40 88.58
CA SER CC 114 88.57 39.85 87.63
C SER CC 114 87.94 40.69 86.52
N ALA CC 115 86.79 40.27 86.02
CA ALA CC 115 86.11 41.04 84.98
C ALA CC 115 85.69 42.41 85.49
N ILE CC 116 85.18 42.47 86.72
CA ILE CC 116 84.76 43.75 87.28
C ILE CC 116 85.95 44.68 87.45
N LEU CC 117 87.07 44.16 87.97
CA LEU CC 117 88.23 45.02 88.16
C LEU CC 117 88.82 45.49 86.83
N ARG CC 118 88.84 44.61 85.84
CA ARG CC 118 89.30 45.00 84.52
C ARG CC 118 88.41 46.08 83.92
N SER CC 119 87.10 45.98 84.14
CA SER CC 119 86.20 47.04 83.68
C SER CC 119 86.45 48.33 84.43
N GLN CC 120 86.75 48.25 85.73
CA GLN CC 120 86.93 49.44 86.54
C GLN CC 120 88.20 50.19 86.20
N LYS CC 121 89.27 49.48 85.85
CA LYS CC 121 90.52 50.15 85.55
C LYS CC 121 90.37 51.00 84.29
N PRO CC 122 91.07 52.15 84.22
CA PRO CC 122 90.78 53.11 83.15
C PRO CC 122 91.10 52.58 81.76
N VAL CC 123 90.30 53.01 80.79
CA VAL CC 123 90.52 52.61 79.41
C VAL CC 123 91.75 53.30 78.86
N MET CC 124 92.45 52.62 77.95
CA MET CC 124 93.61 53.19 77.30
C MET CC 124 93.21 53.80 75.97
N VAL CC 125 94.17 54.40 75.27
CA VAL CC 125 93.92 54.96 73.95
C VAL CC 125 94.87 54.34 72.92
N ASP DC 1 81.41 -54.25 -12.84
CA ASP DC 1 81.13 -54.23 -14.28
C ASP DC 1 82.30 -53.62 -15.06
N ARG DC 2 82.67 -52.39 -14.71
CA ARG DC 2 83.74 -51.71 -15.42
C ARG DC 2 85.08 -52.39 -15.17
N ALA DC 3 85.40 -52.68 -13.89
CA ALA DC 3 86.66 -53.34 -13.58
C ALA DC 3 86.70 -54.75 -14.16
N THR DC 4 85.56 -55.45 -14.14
CA THR DC 4 85.49 -56.77 -14.75
C THR DC 4 85.76 -56.69 -16.25
N TRP DC 5 85.18 -55.70 -16.92
CA TRP DC 5 85.41 -55.53 -18.35
C TRP DC 5 86.88 -55.21 -18.64
N LYS DC 6 87.49 -54.36 -17.81
CA LYS DC 6 88.89 -54.04 -18.00
C LYS DC 6 89.79 -55.25 -17.80
N SER DC 7 89.52 -56.06 -16.78
CA SER DC 7 90.30 -57.26 -16.56
C SER DC 7 90.11 -58.25 -17.70
N ASN DC 8 88.87 -58.39 -18.20
CA ASN DC 8 88.63 -59.26 -19.33
C ASN DC 8 89.34 -58.77 -20.58
N TYR DC 9 89.42 -57.46 -20.77
CA TYR DC 9 90.17 -56.91 -21.90
C TYR DC 9 91.65 -57.21 -21.77
N PHE DC 10 92.21 -57.07 -20.57
CA PHE DC 10 93.60 -57.46 -20.35
C PHE DC 10 93.82 -58.92 -20.71
N LEU DC 11 92.93 -59.79 -20.23
CA LEU DC 11 93.05 -61.22 -20.53
C LEU DC 11 92.97 -61.48 -22.02
N LYS DC 12 92.04 -60.82 -22.71
CA LYS DC 12 91.88 -61.01 -24.15
C LYS DC 12 93.14 -60.60 -24.90
N ILE DC 13 93.69 -59.42 -24.58
CA ILE DC 13 94.85 -58.97 -25.35
C ILE DC 13 96.07 -59.83 -25.04
N ILE DC 14 96.25 -60.27 -23.80
CA ILE DC 14 97.44 -61.05 -23.50
C ILE DC 14 97.35 -62.43 -24.14
N GLN DC 15 96.17 -63.07 -24.11
CA GLN DC 15 96.04 -64.36 -24.76
C GLN DC 15 96.17 -64.25 -26.27
N LEU DC 16 95.68 -63.16 -26.86
CA LEU DC 16 95.77 -63.03 -28.32
C LEU DC 16 97.22 -62.79 -28.75
N LEU DC 17 97.95 -61.94 -28.01
CA LEU DC 17 99.35 -61.72 -28.37
C LEU DC 17 100.18 -62.96 -28.14
N ASP DC 18 99.85 -63.75 -27.10
CA ASP DC 18 100.55 -65.00 -26.87
C ASP DC 18 100.27 -66.00 -27.99
N ASP DC 19 99.02 -66.08 -28.43
CA ASP DC 19 98.66 -67.01 -29.49
C ASP DC 19 99.33 -66.65 -30.80
N TYR DC 20 99.30 -65.37 -31.19
CA TYR DC 20 99.87 -64.98 -32.47
C TYR DC 20 101.18 -64.24 -32.25
N PRO DC 21 102.33 -64.86 -32.54
CA PRO DC 21 103.61 -64.21 -32.25
C PRO DC 21 103.90 -62.99 -33.11
N LYS DC 22 103.18 -62.80 -34.22
CA LYS DC 22 103.43 -61.68 -35.12
C LYS DC 22 102.15 -60.88 -35.31
N CYS DC 23 102.28 -59.56 -35.30
CA CYS DC 23 101.10 -58.70 -35.34
C CYS DC 23 101.46 -57.36 -35.96
N PHE DC 24 100.44 -56.67 -36.43
CA PHE DC 24 100.56 -55.33 -36.99
C PHE DC 24 99.99 -54.32 -36.00
N ILE DC 25 100.52 -53.11 -36.03
CA ILE DC 25 99.85 -51.96 -35.43
C ILE DC 25 99.20 -51.17 -36.56
N VAL DC 26 97.91 -50.92 -36.42
CA VAL DC 26 97.07 -50.45 -37.51
C VAL DC 26 96.39 -49.15 -37.07
N GLY DC 27 96.30 -48.21 -38.01
CA GLY DC 27 95.68 -46.94 -37.71
C GLY DC 27 94.18 -46.94 -37.96
N ALA DC 28 93.41 -46.88 -36.89
CA ALA DC 28 91.95 -46.82 -37.01
C ALA DC 28 91.58 -45.40 -37.43
N ASP DC 29 91.44 -45.19 -38.73
CA ASP DC 29 91.02 -43.91 -39.26
C ASP DC 29 89.51 -43.78 -39.12
N ASN DC 30 88.91 -42.82 -39.83
CA ASN DC 30 87.48 -42.58 -39.70
C ASN DC 30 86.67 -43.68 -40.36
N VAL DC 31 86.84 -44.92 -39.91
CA VAL DC 31 86.11 -46.05 -40.43
C VAL DC 31 84.88 -46.29 -39.57
N GLY DC 32 83.75 -46.49 -40.21
CA GLY DC 32 82.51 -46.66 -39.49
C GLY DC 32 82.42 -48.00 -38.80
N SER DC 33 81.36 -48.14 -38.00
CA SER DC 33 81.07 -49.42 -37.36
C SER DC 33 80.84 -50.50 -38.40
N LYS DC 34 80.16 -50.16 -39.49
CA LYS DC 34 79.94 -51.13 -40.56
C LYS DC 34 81.25 -51.52 -41.23
N GLN DC 35 82.17 -50.56 -41.39
CA GLN DC 35 83.47 -50.88 -41.99
C GLN DC 35 84.30 -51.77 -41.08
N MET DC 36 84.28 -51.49 -39.77
CA MET DC 36 84.96 -52.37 -38.84
C MET DC 36 84.32 -53.77 -38.83
N GLN DC 37 83.00 -53.84 -38.94
CA GLN DC 37 82.34 -55.14 -39.00
C GLN DC 37 82.71 -55.89 -40.27
N GLN DC 38 82.84 -55.19 -41.40
CA GLN DC 38 83.14 -55.90 -42.64
C GLN DC 38 84.60 -56.33 -42.70
N ILE DC 39 85.52 -55.55 -42.16
CA ILE DC 39 86.90 -56.06 -42.07
C ILE DC 39 86.98 -57.21 -41.07
N ARG DC 40 86.20 -57.14 -39.99
CA ARG DC 40 86.15 -58.25 -39.04
C ARG DC 40 85.64 -59.53 -39.69
N MET DC 41 84.59 -59.43 -40.49
CA MET DC 41 84.05 -60.61 -41.18
C MET DC 41 84.95 -61.05 -42.33
N SER DC 42 85.73 -60.13 -42.90
CA SER DC 42 86.68 -60.52 -43.94
C SER DC 42 87.82 -61.34 -43.35
N LEU DC 43 88.35 -60.92 -42.20
CA LEU DC 43 89.33 -61.72 -41.47
C LEU DC 43 88.69 -62.57 -40.38
N ARG DC 44 87.43 -62.99 -40.57
CA ARG DC 44 86.78 -63.87 -39.61
C ARG DC 44 87.47 -65.22 -39.49
N GLY DC 45 88.25 -65.62 -40.49
CA GLY DC 45 88.99 -66.85 -40.42
C GLY DC 45 90.48 -66.69 -40.71
N LYS DC 46 90.90 -65.46 -41.00
CA LYS DC 46 92.28 -65.21 -41.40
C LYS DC 46 93.16 -64.83 -40.21
N ALA DC 47 92.82 -63.74 -39.53
CA ALA DC 47 93.59 -63.25 -38.40
C ALA DC 47 92.60 -62.66 -37.40
N VAL DC 48 93.09 -61.87 -36.45
CA VAL DC 48 92.20 -61.21 -35.51
C VAL DC 48 92.63 -59.75 -35.38
N VAL DC 49 91.65 -58.86 -35.37
CA VAL DC 49 91.87 -57.42 -35.18
C VAL DC 49 91.28 -57.04 -33.83
N LEU DC 50 92.09 -56.41 -32.99
CA LEU DC 50 91.70 -56.07 -31.63
C LEU DC 50 91.98 -54.60 -31.38
N MET DC 51 90.96 -53.88 -30.95
CA MET DC 51 91.03 -52.47 -30.66
C MET DC 51 90.73 -52.23 -29.18
N GLY DC 52 90.78 -50.97 -28.78
CA GLY DC 52 90.45 -50.63 -27.41
C GLY DC 52 91.24 -49.43 -26.94
N LYS DC 53 91.42 -49.37 -25.63
CA LYS DC 53 92.10 -48.24 -25.00
C LYS DC 53 93.60 -48.43 -25.10
N ASN DC 54 94.28 -47.46 -25.73
CA ASN DC 54 95.73 -47.51 -25.84
C ASN DC 54 96.38 -47.44 -24.47
N THR DC 55 95.83 -46.65 -23.56
CA THR DC 55 96.35 -46.56 -22.21
C THR DC 55 96.29 -47.90 -21.50
N MET DC 56 95.25 -48.70 -21.79
CA MET DC 56 95.17 -50.04 -21.22
C MET DC 56 96.15 -50.99 -21.91
N MET DC 57 96.28 -50.89 -23.24
CA MET DC 57 97.19 -51.77 -23.96
C MET DC 57 98.62 -51.61 -23.47
N ARG DC 58 99.09 -50.36 -23.35
CA ARG DC 58 100.43 -50.11 -22.86
C ARG DC 58 100.64 -50.72 -21.47
N LYS DC 59 99.70 -50.48 -20.56
CA LYS DC 59 99.86 -50.97 -19.20
C LYS DC 59 99.90 -52.48 -19.14
N ALA DC 60 98.99 -53.15 -19.87
CA ALA DC 60 98.93 -54.60 -19.81
C ALA DC 60 100.17 -55.23 -20.42
N ILE DC 61 100.61 -54.74 -21.58
CA ILE DC 61 101.79 -55.37 -22.20
C ILE DC 61 103.05 -55.03 -21.43
N ARG DC 62 103.12 -53.85 -20.81
CA ARG DC 62 104.28 -53.53 -19.97
C ARG DC 62 104.30 -54.36 -18.70
N GLY DC 63 103.12 -54.73 -18.19
CA GLY DC 63 103.07 -55.61 -17.03
C GLY DC 63 103.24 -57.07 -17.34
N HIS DC 64 103.03 -57.50 -18.58
CA HIS DC 64 103.14 -58.92 -18.90
C HIS DC 64 104.05 -59.13 -20.11
N LEU DC 65 105.07 -58.30 -20.26
CA LEU DC 65 106.16 -58.58 -21.17
C LEU DC 65 107.09 -59.68 -20.68
N GLU DC 66 106.92 -60.14 -19.44
CA GLU DC 66 107.88 -61.09 -18.86
C GLU DC 66 107.85 -62.45 -19.54
N ASN DC 67 106.66 -62.92 -19.97
CA ASN DC 67 106.59 -64.22 -20.60
C ASN DC 67 107.11 -64.20 -22.03
N ASN DC 68 107.15 -63.04 -22.67
CA ASN DC 68 107.75 -62.96 -23.99
C ASN DC 68 108.40 -61.60 -24.21
N PRO DC 69 109.71 -61.56 -24.43
CA PRO DC 69 110.37 -60.26 -24.64
C PRO DC 69 110.07 -59.68 -26.00
N ALA DC 70 110.77 -58.57 -26.34
CA ALA DC 70 110.65 -57.88 -27.62
C ALA DC 70 109.26 -57.26 -27.81
N LEU DC 71 108.41 -57.36 -26.79
CA LEU DC 71 107.11 -56.72 -26.80
C LEU DC 71 107.21 -55.24 -26.48
N GLU DC 72 108.29 -54.81 -25.84
CA GLU DC 72 108.49 -53.41 -25.51
C GLU DC 72 108.76 -52.54 -26.72
N LYS DC 73 109.16 -53.15 -27.84
CA LYS DC 73 109.48 -52.39 -29.04
C LYS DC 73 108.25 -51.76 -29.67
N LEU DC 74 107.05 -52.28 -29.38
CA LEU DC 74 105.83 -51.69 -29.90
C LEU DC 74 105.36 -50.49 -29.09
N LEU DC 75 105.93 -50.25 -27.92
CA LEU DC 75 105.47 -49.17 -27.05
C LEU DC 75 105.57 -47.79 -27.68
N PRO DC 76 106.71 -47.35 -28.22
CA PRO DC 76 106.76 -45.97 -28.74
C PRO DC 76 106.00 -45.78 -30.04
N HIS DC 77 105.36 -46.82 -30.55
CA HIS DC 77 104.64 -46.75 -31.81
C HIS DC 77 103.13 -46.86 -31.66
N ILE DC 78 102.64 -47.33 -30.52
CA ILE DC 78 101.18 -47.42 -30.28
C ILE DC 78 100.76 -46.08 -29.69
N ARG DC 79 100.55 -45.12 -30.58
CA ARG DC 79 100.11 -43.78 -30.23
C ARG DC 79 98.97 -43.38 -31.14
N GLY DC 80 98.11 -42.51 -30.64
CA GLY DC 80 96.97 -42.13 -31.46
C GLY DC 80 95.96 -43.25 -31.56
N ASN DC 81 95.09 -43.13 -32.56
CA ASN DC 81 94.02 -44.10 -32.77
C ASN DC 81 94.62 -45.32 -33.47
N VAL DC 82 95.14 -46.26 -32.68
CA VAL DC 82 95.78 -47.44 -33.22
C VAL DC 82 95.21 -48.68 -32.54
N GLY DC 83 95.32 -49.81 -33.23
CA GLY DC 83 94.95 -51.10 -32.70
C GLY DC 83 95.89 -52.19 -33.18
N PHE DC 84 95.64 -53.44 -32.80
CA PHE DC 84 96.53 -54.53 -33.13
C PHE DC 84 95.84 -55.48 -34.10
N VAL DC 85 96.65 -56.15 -34.92
CA VAL DC 85 96.19 -57.16 -35.87
C VAL DC 85 97.10 -58.37 -35.66
N PHE DC 86 96.65 -59.31 -34.84
CA PHE DC 86 97.43 -60.52 -34.57
C PHE DC 86 97.18 -61.53 -35.69
N THR DC 87 98.25 -62.02 -36.31
CA THR DC 87 98.08 -62.85 -37.49
C THR DC 87 98.97 -64.09 -37.42
N LYS DC 88 98.59 -65.09 -38.22
CA LYS DC 88 99.37 -66.31 -38.40
C LYS DC 88 99.94 -66.44 -39.80
N GLU DC 89 99.31 -65.81 -40.80
CA GLU DC 89 99.77 -65.90 -42.18
C GLU DC 89 100.93 -64.93 -42.39
N ASP DC 90 101.27 -64.68 -43.65
CA ASP DC 90 102.36 -63.78 -44.00
C ASP DC 90 101.89 -62.33 -43.88
N LEU DC 91 102.68 -61.40 -44.40
CA LEU DC 91 102.33 -59.99 -44.37
C LEU DC 91 101.46 -59.59 -45.56
N THR DC 92 101.83 -60.03 -46.76
CA THR DC 92 101.25 -59.49 -47.99
C THR DC 92 99.76 -59.81 -48.11
N GLU DC 93 99.35 -61.01 -47.69
CA GLU DC 93 97.95 -61.42 -47.82
C GLU DC 93 97.02 -60.51 -47.02
N ILE DC 94 97.32 -60.34 -45.73
CA ILE DC 94 96.51 -59.46 -44.91
C ILE DC 94 96.63 -58.02 -45.39
N ARG DC 95 97.83 -57.59 -45.79
CA ARG DC 95 98.03 -56.21 -46.21
C ARG DC 95 97.16 -55.88 -47.42
N ASP DC 96 97.26 -56.66 -48.49
CA ASP DC 96 96.49 -56.32 -49.67
C ASP DC 96 95.02 -56.67 -49.54
N MET DC 97 94.64 -57.57 -48.63
CA MET DC 97 93.22 -57.81 -48.41
C MET DC 97 92.57 -56.62 -47.70
N LEU DC 98 93.21 -56.11 -46.65
CA LEU DC 98 92.63 -54.96 -45.96
C LEU DC 98 92.78 -53.67 -46.76
N LEU DC 99 93.75 -53.59 -47.67
CA LEU DC 99 93.73 -52.49 -48.63
C LEU DC 99 92.69 -52.70 -49.73
N ALA DC 100 92.33 -53.95 -50.03
CA ALA DC 100 91.37 -54.21 -51.09
C ALA DC 100 89.95 -53.86 -50.65
N ASN DC 101 89.57 -54.23 -49.43
CA ASN DC 101 88.18 -54.02 -49.02
C ASN DC 101 87.98 -52.57 -48.58
N LYS DC 102 87.99 -51.69 -49.57
CA LYS DC 102 87.72 -50.28 -49.38
C LYS DC 102 86.22 -50.01 -49.36
N VAL DC 103 85.83 -48.93 -48.67
CA VAL DC 103 84.44 -48.50 -48.61
C VAL DC 103 84.40 -47.00 -48.91
N PRO DC 104 83.63 -46.56 -49.92
CA PRO DC 104 83.53 -45.13 -50.21
C PRO DC 104 82.62 -44.43 -49.21
N ALA DC 105 83.14 -43.37 -48.57
CA ALA DC 105 82.39 -42.62 -47.58
C ALA DC 105 81.79 -41.38 -48.23
N ALA DC 106 80.47 -41.27 -48.18
CA ALA DC 106 79.78 -40.13 -48.78
C ALA DC 106 80.00 -38.88 -47.93
N ALA DC 107 80.19 -37.75 -48.61
CA ALA DC 107 80.37 -36.48 -47.92
C ALA DC 107 79.08 -36.05 -47.24
N ARG DC 108 79.21 -35.48 -46.05
CA ARG DC 108 78.05 -34.99 -45.30
C ARG DC 108 78.28 -33.55 -44.87
N ALA DC 109 77.41 -33.03 -44.00
CA ALA DC 109 77.57 -31.67 -43.50
C ALA DC 109 78.78 -31.58 -42.59
N GLY DC 110 79.54 -30.50 -42.76
CA GLY DC 110 80.74 -30.29 -41.97
C GLY DC 110 81.81 -31.32 -42.22
N ALA DC 111 82.09 -31.61 -43.48
CA ALA DC 111 83.03 -32.65 -43.86
C ALA DC 111 84.21 -32.05 -44.64
N ILE DC 112 85.31 -32.80 -44.63
CA ILE DC 112 86.52 -32.45 -45.37
C ILE DC 112 86.67 -33.41 -46.53
N ALA DC 113 86.86 -32.87 -47.74
CA ALA DC 113 86.96 -33.69 -48.94
C ALA DC 113 88.38 -33.63 -49.50
N PRO DC 114 89.23 -34.61 -49.21
CA PRO DC 114 90.58 -34.60 -49.80
C PRO DC 114 90.58 -34.78 -51.31
N CYS DC 115 89.53 -35.33 -51.89
CA CYS DC 115 89.45 -35.56 -53.32
C CYS DC 115 88.54 -34.54 -53.98
N GLU DC 116 88.78 -34.29 -55.26
CA GLU DC 116 88.00 -33.34 -56.04
C GLU DC 116 86.92 -34.09 -56.81
N VAL DC 117 85.69 -33.59 -56.74
CA VAL DC 117 84.57 -34.14 -57.47
C VAL DC 117 83.96 -33.04 -58.32
N THR DC 118 83.75 -33.32 -59.60
CA THR DC 118 83.27 -32.34 -60.57
C THR DC 118 81.99 -32.82 -61.22
N VAL DC 119 80.97 -31.98 -61.19
CA VAL DC 119 79.68 -32.34 -61.81
C VAL DC 119 79.82 -32.32 -63.33
N PRO DC 120 79.36 -33.33 -64.04
CA PRO DC 120 79.41 -33.31 -65.50
C PRO DC 120 78.13 -32.70 -66.08
N ALA DC 121 78.19 -32.43 -67.38
CA ALA DC 121 77.03 -31.91 -68.12
C ALA DC 121 76.24 -33.07 -68.73
N GLN DC 122 75.70 -33.90 -67.84
CA GLN DC 122 74.99 -35.11 -68.22
C GLN DC 122 73.60 -35.12 -67.58
N ASN DC 123 72.69 -35.86 -68.19
CA ASN DC 123 71.33 -35.98 -67.69
C ASN DC 123 71.33 -36.59 -66.29
N THR DC 124 70.58 -35.95 -65.38
CA THR DC 124 70.51 -36.45 -64.00
C THR DC 124 69.85 -37.81 -63.92
N GLY DC 125 68.79 -38.03 -64.71
CA GLY DC 125 68.15 -39.32 -64.80
C GLY DC 125 66.90 -39.49 -63.96
N LEU DC 126 66.63 -38.57 -63.05
CA LEU DC 126 65.43 -38.62 -62.21
C LEU DC 126 64.48 -37.50 -62.61
N GLY DC 127 63.36 -37.42 -61.90
CA GLY DC 127 62.35 -36.42 -62.17
C GLY DC 127 62.83 -35.02 -61.81
N PRO DC 128 62.08 -34.00 -62.25
CA PRO DC 128 62.52 -32.62 -61.99
C PRO DC 128 62.26 -32.16 -60.58
N GLU DC 129 62.55 -33.00 -59.58
CA GLU DC 129 62.21 -32.71 -58.19
C GLU DC 129 63.41 -32.25 -57.38
N LYS DC 130 64.49 -31.87 -58.04
CA LYS DC 130 65.66 -31.32 -57.34
C LYS DC 130 66.04 -29.94 -57.87
N THR DC 131 65.11 -29.27 -58.56
CA THR DC 131 65.39 -27.95 -59.12
C THR DC 131 65.68 -26.93 -58.04
N SER DC 132 64.98 -27.02 -56.90
CA SER DC 132 65.24 -26.10 -55.79
C SER DC 132 66.65 -26.26 -55.27
N PHE DC 133 67.11 -27.51 -55.10
CA PHE DC 133 68.46 -27.76 -54.64
C PHE DC 133 69.50 -27.31 -55.66
N PHE DC 134 69.22 -27.55 -56.95
CA PHE DC 134 70.14 -27.12 -58.01
C PHE DC 134 70.27 -25.61 -58.03
N GLN DC 135 69.17 -24.89 -57.88
CA GLN DC 135 69.22 -23.44 -57.86
C GLN DC 135 69.88 -22.92 -56.59
N ALA DC 136 69.70 -23.61 -55.46
CA ALA DC 136 70.37 -23.22 -54.23
C ALA DC 136 71.88 -23.36 -54.36
N LEU DC 137 72.35 -24.44 -54.96
CA LEU DC 137 73.78 -24.61 -55.18
C LEU DC 137 74.29 -23.79 -56.36
N GLY DC 138 73.39 -23.21 -57.17
CA GLY DC 138 73.78 -22.31 -58.22
C GLY DC 138 73.85 -22.92 -59.61
N ILE DC 139 73.71 -24.24 -59.73
CA ILE DC 139 73.80 -24.92 -61.02
C ILE DC 139 72.49 -24.66 -61.76
N THR DC 140 72.52 -23.70 -62.70
CA THR DC 140 71.36 -23.39 -63.51
C THR DC 140 71.24 -24.40 -64.64
N THR DC 141 70.08 -25.04 -64.75
CA THR DC 141 69.87 -26.16 -65.66
C THR DC 141 68.71 -25.86 -66.61
N LYS DC 142 68.40 -26.86 -67.44
CA LYS DC 142 67.26 -26.80 -68.35
C LYS DC 142 66.41 -28.05 -68.14
N ILE DC 143 65.14 -27.95 -68.51
CA ILE DC 143 64.15 -28.98 -68.23
C ILE DC 143 63.65 -29.55 -69.56
N SER DC 144 63.72 -30.88 -69.68
CA SER DC 144 63.31 -31.54 -70.90
C SER DC 144 63.07 -33.02 -70.62
N ARG DC 145 62.12 -33.60 -71.35
CA ARG DC 145 61.81 -35.04 -71.31
C ARG DC 145 61.41 -35.51 -69.91
N GLY DC 146 60.82 -34.62 -69.12
CA GLY DC 146 60.41 -34.97 -67.77
C GLY DC 146 61.55 -35.29 -66.84
N THR DC 147 62.76 -34.85 -67.16
CA THR DC 147 63.95 -35.10 -66.34
C THR DC 147 64.73 -33.80 -66.27
N ILE DC 148 65.94 -33.88 -65.71
CA ILE DC 148 66.85 -32.73 -65.59
C ILE DC 148 68.15 -33.08 -66.29
N GLU DC 149 68.63 -32.15 -67.12
CA GLU DC 149 69.92 -32.29 -67.79
C GLU DC 149 70.80 -31.11 -67.42
N ILE DC 150 72.03 -31.40 -67.01
CA ILE DC 150 72.98 -30.36 -66.62
C ILE DC 150 73.59 -29.78 -67.89
N LEU DC 151 73.51 -28.45 -68.02
CA LEU DC 151 73.96 -27.79 -69.25
C LEU DC 151 75.40 -27.32 -69.21
N SER DC 152 76.10 -27.46 -68.08
CA SER DC 152 77.44 -26.92 -67.97
C SER DC 152 78.20 -27.64 -66.86
N ASP DC 153 79.52 -27.54 -66.92
CA ASP DC 153 80.39 -28.08 -65.88
C ASP DC 153 80.65 -27.02 -64.83
N VAL DC 154 80.62 -27.44 -63.57
CA VAL DC 154 80.83 -26.56 -62.42
C VAL DC 154 81.84 -27.23 -61.49
N GLN DC 155 82.80 -26.44 -61.00
CA GLN DC 155 83.76 -26.94 -60.02
C GLN DC 155 83.04 -27.09 -58.69
N LEU DC 156 82.61 -28.31 -58.39
CA LEU DC 156 81.72 -28.54 -57.24
C LEU DC 156 82.42 -28.25 -55.92
N ILE DC 157 83.59 -28.83 -55.70
CA ILE DC 157 84.34 -28.61 -54.46
C ILE DC 157 85.80 -28.84 -54.73
N LYS DC 158 86.66 -28.23 -53.92
CA LYS DC 158 88.10 -28.35 -54.06
C LYS DC 158 88.61 -29.51 -53.20
N THR DC 159 89.92 -29.59 -53.03
CA THR DC 159 90.55 -30.68 -52.29
C THR DC 159 90.93 -30.21 -50.89
N GLY DC 160 90.49 -30.95 -49.88
CA GLY DC 160 90.81 -30.62 -48.51
C GLY DC 160 90.21 -29.33 -47.99
N ASP DC 161 88.94 -29.07 -48.29
CA ASP DC 161 88.25 -27.89 -47.78
C ASP DC 161 86.92 -28.30 -47.16
N LYS DC 162 86.07 -27.32 -46.85
CA LYS DC 162 84.81 -27.58 -46.18
C LYS DC 162 83.70 -27.74 -47.20
N VAL DC 163 82.93 -28.82 -47.08
CA VAL DC 163 81.81 -29.12 -47.96
C VAL DC 163 80.53 -28.62 -47.29
N GLY DC 164 79.71 -27.89 -48.06
CA GLY DC 164 78.50 -27.34 -47.50
C GLY DC 164 77.40 -28.37 -47.30
N ALA DC 165 76.48 -28.04 -46.40
CA ALA DC 165 75.35 -28.92 -46.11
C ALA DC 165 74.40 -29.00 -47.30
N SER DC 166 74.18 -27.89 -48.00
CA SER DC 166 73.34 -27.86 -49.19
C SER DC 166 74.11 -28.25 -50.44
N GLU DC 167 75.23 -28.95 -50.27
CA GLU DC 167 76.07 -29.41 -51.37
C GLU DC 167 76.32 -30.91 -51.20
N ALA DC 168 76.42 -31.34 -49.94
CA ALA DC 168 76.55 -32.77 -49.66
C ALA DC 168 75.34 -33.54 -50.14
N THR DC 169 74.14 -33.00 -49.92
CA THR DC 169 72.93 -33.68 -50.39
C THR DC 169 72.83 -33.65 -51.92
N LEU DC 170 73.36 -32.61 -52.57
CA LEU DC 170 73.41 -32.59 -54.03
C LEU DC 170 74.32 -33.68 -54.56
N LEU DC 171 75.49 -33.85 -53.94
CA LEU DC 171 76.38 -34.95 -54.31
C LEU DC 171 75.70 -36.29 -54.06
N ASN DC 172 74.97 -36.42 -52.95
CA ASN DC 172 74.28 -37.66 -52.65
C ASN DC 172 73.22 -37.98 -53.70
N MET DC 173 72.45 -36.98 -54.12
CA MET DC 173 71.41 -37.21 -55.11
C MET DC 173 71.98 -37.47 -56.50
N LEU DC 174 73.10 -36.84 -56.84
CA LEU DC 174 73.73 -37.13 -58.13
C LEU DC 174 74.52 -38.43 -58.09
N ASN DC 175 74.75 -38.99 -56.90
CA ASN DC 175 75.38 -40.31 -56.73
C ASN DC 175 76.77 -40.36 -57.34
N ILE DC 176 77.59 -39.36 -57.01
CA ILE DC 176 78.99 -39.34 -57.42
C ILE DC 176 79.83 -39.87 -56.26
N SER DC 177 80.75 -40.77 -56.57
CA SER DC 177 81.59 -41.37 -55.53
C SER DC 177 82.62 -40.34 -55.05
N PRO DC 178 82.56 -39.90 -53.79
CA PRO DC 178 83.52 -38.92 -53.30
C PRO DC 178 84.79 -39.55 -52.78
N PHE DC 179 85.63 -38.73 -52.14
CA PHE DC 179 86.81 -39.18 -51.41
C PHE DC 179 86.51 -40.41 -50.56
N SER DC 180 87.45 -41.36 -50.56
CA SER DC 180 87.31 -42.60 -49.82
C SER DC 180 88.54 -42.81 -48.95
N PHE DC 181 88.33 -43.53 -47.83
CA PHE DC 181 89.39 -43.80 -46.88
C PHE DC 181 89.05 -45.06 -46.11
N GLY DC 182 90.06 -45.89 -45.89
CA GLY DC 182 89.88 -47.16 -45.21
C GLY DC 182 90.82 -47.30 -44.03
N LEU DC 183 91.24 -48.54 -43.80
CA LEU DC 183 92.08 -48.90 -42.66
C LEU DC 183 93.52 -49.05 -43.12
N VAL DC 184 94.43 -48.32 -42.46
CA VAL DC 184 95.84 -48.31 -42.85
C VAL DC 184 96.68 -48.82 -41.69
N ILE DC 185 97.69 -49.63 -42.03
CA ILE DC 185 98.56 -50.28 -41.07
C ILE DC 185 99.67 -49.30 -40.70
N GLN DC 186 99.81 -49.02 -39.41
CA GLN DC 186 100.89 -48.13 -38.97
C GLN DC 186 102.25 -48.77 -39.19
N GLN DC 187 102.43 -49.99 -38.71
CA GLN DC 187 103.68 -50.71 -38.95
C GLN DC 187 103.48 -52.18 -38.61
N VAL DC 188 104.51 -52.99 -38.88
CA VAL DC 188 104.46 -54.44 -38.75
C VAL DC 188 105.49 -54.86 -37.71
N PHE DC 189 105.10 -55.79 -36.84
CA PHE DC 189 105.96 -56.32 -35.79
C PHE DC 189 106.02 -57.84 -35.95
N ASP DC 190 107.20 -58.35 -36.27
CA ASP DC 190 107.45 -59.77 -36.47
C ASP DC 190 108.45 -60.22 -35.40
N ASN DC 191 107.92 -60.70 -34.28
CA ASN DC 191 108.65 -61.42 -33.23
C ASN DC 191 109.78 -60.61 -32.61
N GLY DC 192 109.89 -59.32 -32.91
CA GLY DC 192 110.98 -58.53 -32.40
C GLY DC 192 111.55 -57.57 -33.43
N SER DC 193 111.05 -57.65 -34.66
CA SER DC 193 111.46 -56.76 -35.74
C SER DC 193 110.30 -55.84 -36.10
N ILE DC 194 110.63 -54.60 -36.48
CA ILE DC 194 109.64 -53.62 -36.87
C ILE DC 194 109.91 -53.22 -38.32
N TYR DC 195 108.85 -53.17 -39.12
CA TYR DC 195 108.93 -52.84 -40.54
C TYR DC 195 107.75 -51.96 -40.92
N ASN DC 196 107.80 -51.43 -42.15
CA ASN DC 196 106.70 -50.65 -42.68
C ASN DC 196 105.62 -51.57 -43.26
N PRO EC 1 73.17 -49.81 -68.88
CA PRO EC 1 72.84 -49.96 -67.47
C PRO EC 1 71.80 -51.05 -67.22
N ASN EC 2 71.87 -52.11 -68.03
CA ASN EC 2 70.93 -53.24 -68.00
C ASN EC 2 69.49 -52.81 -68.24
N GLU EC 3 69.30 -51.62 -68.83
CA GLU EC 3 68.03 -51.04 -69.26
C GLU EC 3 67.09 -50.69 -68.10
N ILE EC 4 67.44 -51.02 -66.86
CA ILE EC 4 66.59 -50.71 -65.71
C ILE EC 4 67.43 -50.81 -64.46
N LYS EC 5 67.13 -49.93 -63.49
CA LYS EC 5 67.72 -49.96 -62.15
C LYS EC 5 66.56 -49.92 -61.17
N VAL EC 6 66.12 -51.11 -60.74
CA VAL EC 6 64.92 -51.24 -59.92
C VAL EC 6 65.27 -52.08 -58.68
N VAL EC 7 66.56 -52.07 -58.33
CA VAL EC 7 67.08 -52.94 -57.27
C VAL EC 7 66.62 -52.50 -55.89
N TYR EC 8 65.89 -51.39 -55.80
CA TYR EC 8 65.40 -50.93 -54.51
C TYR EC 8 64.38 -51.92 -53.94
N LEU EC 9 64.45 -52.12 -52.63
CA LEU EC 9 63.62 -53.12 -51.98
C LEU EC 9 62.22 -52.57 -51.72
N ARG EC 10 61.37 -53.44 -51.19
CA ARG EC 10 59.96 -53.14 -50.97
C ARG EC 10 59.49 -53.80 -49.68
N CYS EC 11 58.70 -53.05 -48.89
CA CYS EC 11 58.20 -53.51 -47.61
C CYS EC 11 56.71 -53.22 -47.47
N THR EC 12 55.91 -53.61 -48.46
CA THR EC 12 54.47 -53.59 -48.34
C THR EC 12 53.93 -55.01 -48.51
N GLY EC 13 52.80 -55.28 -47.86
CA GLY EC 13 52.25 -56.62 -47.88
C GLY EC 13 50.90 -56.73 -47.20
N GLY EC 14 50.65 -57.87 -46.56
CA GLY EC 14 49.34 -58.11 -45.97
C GLY EC 14 48.29 -58.18 -47.05
N GLU EC 15 47.25 -57.36 -46.91
CA GLU EC 15 46.24 -57.22 -47.95
C GLU EC 15 46.83 -56.47 -49.14
N VAL EC 16 46.07 -56.43 -50.23
CA VAL EC 16 46.55 -55.77 -51.45
C VAL EC 16 46.80 -54.29 -51.20
N GLY EC 17 45.85 -53.62 -50.58
CA GLY EC 17 46.06 -52.23 -50.18
C GLY EC 17 45.97 -51.23 -51.31
N ALA EC 18 46.84 -51.38 -52.32
CA ALA EC 18 46.89 -50.52 -53.49
C ALA EC 18 47.11 -49.05 -53.10
N THR EC 19 46.02 -48.29 -53.00
CA THR EC 19 46.12 -46.89 -52.65
C THR EC 19 46.69 -46.70 -51.25
N SER EC 20 46.26 -47.51 -50.29
CA SER EC 20 46.78 -47.42 -48.93
C SER EC 20 48.25 -47.81 -48.86
N ALA EC 21 48.68 -48.75 -49.69
CA ALA EC 21 50.07 -49.15 -49.72
C ALA EC 21 50.92 -48.10 -50.42
N LEU EC 22 52.24 -48.18 -50.20
CA LEU EC 22 53.19 -47.25 -50.79
C LEU EC 22 53.57 -47.63 -52.21
N ALA EC 23 52.82 -48.53 -52.84
CA ALA EC 23 53.10 -48.90 -54.23
C ALA EC 23 52.99 -47.73 -55.20
N PRO EC 24 51.94 -46.89 -55.17
CA PRO EC 24 51.97 -45.68 -56.01
C PRO EC 24 53.07 -44.70 -55.64
N LYS EC 25 53.55 -44.74 -54.40
CA LYS EC 25 54.66 -43.87 -54.01
C LYS EC 25 55.99 -44.37 -54.56
N ILE EC 26 56.15 -45.69 -54.73
CA ILE EC 26 57.39 -46.25 -55.25
C ILE EC 26 57.33 -46.49 -56.76
N GLY EC 27 56.17 -46.35 -57.39
CA GLY EC 27 56.04 -46.51 -58.81
C GLY EC 27 56.93 -45.62 -59.66
N PRO EC 28 56.96 -44.30 -59.37
CA PRO EC 28 57.85 -43.41 -60.13
C PRO EC 28 59.32 -43.70 -59.99
N LEU EC 29 59.74 -44.52 -59.02
CA LEU EC 29 61.15 -44.88 -58.90
C LEU EC 29 61.65 -45.60 -60.14
N GLY EC 30 60.79 -46.38 -60.79
CA GLY EC 30 61.16 -47.00 -62.05
C GLY EC 30 60.45 -46.39 -63.23
N LEU EC 31 59.19 -46.01 -63.03
CA LEU EC 31 58.30 -45.38 -64.01
C LEU EC 31 57.89 -46.35 -65.11
N SER EC 32 58.49 -47.54 -65.14
CA SER EC 32 58.09 -48.64 -66.01
C SER EC 32 56.94 -49.46 -65.42
N PRO EC 33 57.00 -49.92 -64.13
CA PRO EC 33 55.92 -50.77 -63.61
C PRO EC 33 54.57 -50.10 -63.52
N LYS EC 34 54.51 -48.99 -62.78
CA LYS EC 34 53.27 -48.25 -62.52
C LYS EC 34 52.24 -49.18 -61.87
N LYS EC 35 50.96 -48.95 -62.15
CA LYS EC 35 49.89 -49.68 -61.48
C LYS EC 35 49.93 -51.17 -61.80
N VAL EC 36 50.14 -51.53 -63.06
CA VAL EC 36 50.18 -52.94 -63.43
C VAL EC 36 51.39 -53.62 -62.80
N GLY EC 37 52.53 -52.94 -62.77
CA GLY EC 37 53.72 -53.53 -62.16
C GLY EC 37 53.56 -53.74 -60.67
N ASP EC 38 53.08 -52.74 -59.94
CA ASP EC 38 52.94 -52.88 -58.50
C ASP EC 38 51.67 -53.61 -58.10
N ASP EC 39 50.82 -53.97 -59.05
CA ASP EC 39 49.73 -54.90 -58.78
C ASP EC 39 50.13 -56.34 -59.03
N ILE EC 40 50.91 -56.62 -60.08
CA ILE EC 40 51.44 -57.97 -60.23
C ILE EC 40 52.47 -58.26 -59.15
N ALA EC 41 53.12 -57.22 -58.62
CA ALA EC 41 53.98 -57.40 -57.45
C ALA EC 41 53.18 -57.93 -56.27
N LYS EC 42 52.00 -57.35 -56.01
CA LYS EC 42 51.15 -57.87 -54.95
C LYS EC 42 50.58 -59.23 -55.30
N ALA EC 43 50.35 -59.50 -56.58
CA ALA EC 43 49.87 -60.81 -57.01
C ALA EC 43 50.90 -61.89 -56.67
N THR EC 44 52.19 -61.59 -56.88
CA THR EC 44 53.24 -62.54 -56.55
C THR EC 44 53.63 -62.51 -55.07
N GLY EC 45 53.26 -61.46 -54.33
CA GLY EC 45 53.65 -61.38 -52.94
C GLY EC 45 52.52 -61.33 -51.93
N ASP EC 46 51.33 -61.77 -52.33
CA ASP EC 46 50.24 -61.92 -51.36
C ASP EC 46 50.64 -62.86 -50.24
N TRP EC 47 51.22 -64.00 -50.58
CA TRP EC 47 51.69 -64.97 -49.61
C TRP EC 47 53.20 -65.12 -49.75
N LYS EC 48 53.79 -65.87 -48.81
CA LYS EC 48 55.23 -66.05 -48.69
C LYS EC 48 55.97 -64.70 -48.67
N GLY EC 49 55.75 -63.95 -47.59
CA GLY EC 49 54.91 -64.25 -46.45
C GLY EC 49 53.55 -63.58 -46.57
N LEU EC 50 52.68 -63.82 -45.60
CA LEU EC 50 51.41 -63.13 -45.49
C LEU EC 50 51.54 -61.82 -44.71
N ARG EC 51 52.74 -61.25 -44.68
CA ARG EC 51 53.11 -60.13 -43.83
C ARG EC 51 53.65 -58.99 -44.69
N ILE EC 52 54.33 -58.04 -44.06
CA ILE EC 52 54.86 -56.83 -44.71
C ILE EC 52 55.73 -57.16 -45.91
N THR EC 53 56.20 -58.41 -46.01
CA THR EC 53 56.75 -58.99 -47.24
C THR EC 53 57.93 -58.17 -47.78
N VAL EC 54 59.01 -58.21 -47.00
CA VAL EC 54 60.25 -57.55 -47.40
C VAL EC 54 60.81 -58.29 -48.61
N LYS EC 55 60.85 -57.62 -49.76
CA LYS EC 55 61.24 -58.25 -51.01
C LYS EC 55 62.08 -57.28 -51.83
N LEU EC 56 62.55 -57.78 -52.97
CA LEU EC 56 63.33 -57.01 -53.93
C LEU EC 56 62.77 -57.29 -55.32
N THR EC 57 62.52 -56.23 -56.08
CA THR EC 57 61.87 -56.35 -57.39
C THR EC 57 62.89 -56.23 -58.51
N ILE EC 58 62.68 -57.03 -59.56
CA ILE EC 58 63.52 -57.02 -60.75
C ILE EC 58 62.61 -56.87 -61.97
N GLN EC 59 62.97 -55.93 -62.85
CA GLN EC 59 62.10 -55.50 -63.94
C GLN EC 59 62.54 -56.13 -65.25
N ASN EC 60 61.60 -56.78 -65.94
CA ASN EC 60 61.80 -57.29 -67.30
C ASN EC 60 61.38 -56.29 -68.36
N ARG EC 61 61.40 -55.00 -68.00
CA ARG EC 61 61.08 -53.84 -68.84
C ARG EC 61 59.57 -53.73 -69.10
N GLN EC 62 58.83 -54.77 -68.79
CA GLN EC 62 57.38 -54.69 -68.61
C GLN EC 62 56.90 -55.42 -67.37
N ALA EC 63 57.50 -56.56 -67.05
CA ALA EC 63 57.07 -57.40 -65.94
C ALA EC 63 58.00 -57.24 -64.75
N GLN EC 64 57.57 -57.76 -63.62
CA GLN EC 64 58.30 -57.61 -62.37
C GLN EC 64 58.31 -58.94 -61.62
N ILE EC 65 59.48 -59.30 -61.10
CA ILE EC 65 59.65 -60.52 -60.32
C ILE EC 65 60.19 -60.14 -58.95
N GLU EC 66 59.59 -60.69 -57.90
CA GLU EC 66 59.92 -60.34 -56.53
C GLU EC 66 60.64 -61.50 -55.86
N VAL EC 67 61.89 -61.27 -55.47
CA VAL EC 67 62.64 -62.21 -54.65
C VAL EC 67 62.52 -61.78 -53.20
N VAL EC 68 62.12 -62.71 -52.33
CA VAL EC 68 61.74 -62.38 -50.97
C VAL EC 68 62.80 -62.94 -50.02
N PRO EC 69 63.65 -62.09 -49.46
CA PRO EC 69 64.57 -62.55 -48.41
C PRO EC 69 63.80 -62.95 -47.16
N SER EC 70 64.37 -63.91 -46.43
CA SER EC 70 63.72 -64.47 -45.25
C SER EC 70 64.06 -63.60 -44.04
N ALA EC 71 63.23 -62.58 -43.80
CA ALA EC 71 63.30 -61.83 -42.57
C ALA EC 71 62.91 -62.73 -41.41
N SER EC 72 63.57 -62.53 -40.25
CA SER EC 72 63.34 -63.44 -39.13
C SER EC 72 61.93 -63.28 -38.55
N ALA EC 73 61.51 -62.04 -38.32
CA ALA EC 73 60.14 -61.82 -37.86
C ALA EC 73 59.12 -62.30 -38.87
N LEU EC 74 59.40 -62.08 -40.16
CA LEU EC 74 58.51 -62.56 -41.21
C LEU EC 74 58.36 -64.08 -41.16
N ILE EC 75 59.48 -64.80 -41.06
CA ILE EC 75 59.40 -66.25 -41.12
C ILE EC 75 58.79 -66.82 -39.85
N ILE EC 76 59.05 -66.20 -38.69
CA ILE EC 76 58.43 -66.74 -37.48
C ILE EC 76 56.93 -66.48 -37.47
N LYS EC 77 56.50 -65.29 -37.93
CA LYS EC 77 55.06 -65.02 -37.99
C LYS EC 77 54.37 -65.87 -39.06
N ALA EC 78 55.09 -66.21 -40.14
CA ALA EC 78 54.52 -67.08 -41.14
C ALA EC 78 54.44 -68.52 -40.66
N LEU EC 79 55.48 -68.99 -39.96
CA LEU EC 79 55.49 -70.35 -39.44
C LEU EC 79 54.46 -70.54 -38.34
N LYS EC 80 54.20 -69.50 -37.55
CA LYS EC 80 53.03 -69.53 -36.68
C LYS EC 80 51.77 -69.47 -37.54
N GLU EC 81 50.77 -70.25 -37.15
CA GLU EC 81 49.51 -70.32 -37.88
C GLU EC 81 48.62 -69.13 -37.55
N ILE EC 82 56.04 -72.00 -25.86
CA ILE EC 82 56.38 -73.03 -26.83
C ILE EC 82 57.84 -72.86 -27.22
N THR EC 83 58.53 -73.98 -27.46
CA THR EC 83 59.95 -73.94 -27.78
C THR EC 83 60.17 -73.67 -29.28
N PHE EC 84 59.59 -74.51 -30.13
CA PHE EC 84 59.72 -74.50 -31.60
C PHE EC 84 61.14 -74.20 -32.07
N ASP EC 85 62.14 -74.76 -31.38
CA ASP EC 85 63.53 -74.49 -31.72
C ASP EC 85 63.97 -75.20 -32.99
N GLU EC 86 63.36 -76.35 -33.29
CA GLU EC 86 63.80 -77.16 -34.42
C GLU EC 86 63.54 -76.49 -35.76
N ILE EC 87 62.50 -75.64 -35.83
CA ILE EC 87 62.20 -74.98 -37.09
C ILE EC 87 63.07 -73.74 -37.27
N VAL EC 88 63.31 -72.98 -36.19
CA VAL EC 88 64.18 -71.82 -36.29
C VAL EC 88 65.63 -72.23 -36.44
N ASN EC 89 65.99 -73.46 -36.08
CA ASN EC 89 67.35 -73.95 -36.32
C ASN EC 89 67.64 -74.01 -37.81
N ILE EC 90 66.68 -74.48 -38.62
CA ILE EC 90 66.88 -74.58 -40.05
C ILE EC 90 66.32 -73.40 -40.82
N ALA EC 91 65.66 -72.46 -40.14
CA ALA EC 91 65.08 -71.31 -40.81
C ALA EC 91 66.10 -70.35 -41.39
N ARG EC 92 67.39 -70.49 -41.04
CA ARG EC 92 68.43 -69.58 -41.52
C ARG EC 92 69.54 -70.30 -42.28
N GLN EC 93 69.26 -71.47 -42.84
CA GLN EC 93 70.25 -72.08 -43.73
C GLN EC 93 70.26 -71.42 -45.10
N MET EC 94 69.24 -70.62 -45.41
CA MET EC 94 69.13 -69.98 -46.72
C MET EC 94 69.18 -68.46 -46.65
N ARG EC 95 69.43 -67.90 -45.46
CA ARG EC 95 69.45 -66.45 -45.30
C ARG EC 95 70.76 -65.89 -45.84
N HIS EC 96 70.96 -64.57 -45.67
CA HIS EC 96 72.22 -63.96 -46.05
C HIS EC 96 73.37 -64.52 -45.24
N ARG EC 97 73.13 -64.81 -43.97
CA ARG EC 97 74.08 -65.48 -43.07
C ARG EC 97 75.36 -64.67 -42.89
N SER EC 98 75.26 -63.34 -43.01
CA SER EC 98 76.38 -62.48 -42.66
C SER EC 98 76.27 -61.99 -41.22
N LEU EC 99 75.23 -61.21 -40.93
CA LEU EC 99 74.78 -60.88 -39.57
C LEU EC 99 75.88 -60.32 -38.66
N ALA EC 100 77.02 -59.96 -39.24
CA ALA EC 100 78.23 -59.63 -38.48
C ALA EC 100 78.49 -60.68 -37.38
N ARG EC 101 78.67 -61.92 -37.83
CA ARG EC 101 78.75 -63.06 -36.94
C ARG EC 101 80.15 -63.64 -36.91
N GLU EC 102 80.34 -64.60 -36.00
CA GLU EC 102 81.57 -65.39 -35.89
C GLU EC 102 81.33 -66.87 -36.11
N LEU EC 103 80.25 -67.41 -35.56
CA LEU EC 103 79.88 -68.81 -35.77
C LEU EC 103 78.37 -68.88 -36.01
N SER EC 104 77.87 -70.10 -36.18
CA SER EC 104 76.46 -70.32 -36.51
C SER EC 104 75.54 -70.12 -35.32
N GLY EC 105 76.03 -70.34 -34.09
CA GLY EC 105 75.19 -70.16 -32.91
C GLY EC 105 74.72 -68.73 -32.72
N THR EC 106 75.42 -67.76 -33.31
CA THR EC 106 74.99 -66.37 -33.24
C THR EC 106 73.61 -66.19 -33.85
N ILE EC 107 73.34 -66.86 -34.97
CA ILE EC 107 72.07 -66.68 -35.66
C ILE EC 107 70.92 -67.21 -34.82
N LYS EC 108 71.08 -68.40 -34.24
CA LYS EC 108 70.02 -68.94 -33.40
C LYS EC 108 69.86 -68.12 -32.12
N GLU EC 109 70.96 -67.57 -31.60
CA GLU EC 109 70.84 -66.63 -30.49
C GLU EC 109 69.99 -65.43 -30.89
N ILE EC 110 70.23 -64.87 -32.07
CA ILE EC 110 69.49 -63.71 -32.52
C ILE EC 110 68.01 -64.06 -32.73
N LEU EC 111 67.74 -65.28 -33.22
CA LEU EC 111 66.37 -65.70 -33.44
C LEU EC 111 65.62 -65.84 -32.12
N GLY EC 112 66.22 -66.55 -31.16
CA GLY EC 112 65.61 -66.70 -29.85
C GLY EC 112 65.46 -65.37 -29.14
N THR EC 113 66.34 -64.43 -29.42
CA THR EC 113 66.26 -63.11 -28.83
C THR EC 113 65.14 -62.28 -29.45
N ALA EC 114 65.00 -62.34 -30.77
CA ALA EC 114 64.00 -61.54 -31.48
C ALA EC 114 62.61 -62.13 -31.42
N GLN EC 115 62.48 -63.42 -31.08
CA GLN EC 115 61.17 -64.04 -31.00
C GLN EC 115 60.43 -63.69 -29.71
N SER EC 116 61.01 -62.85 -28.85
CA SER EC 116 60.29 -62.38 -27.68
C SER EC 116 59.08 -61.53 -28.06
N VAL EC 117 59.06 -61.01 -29.28
CA VAL EC 117 57.93 -60.27 -29.80
C VAL EC 117 56.73 -61.20 -29.99
N HIS EC 125 58.36 -67.29 -21.59
CA HIS EC 125 59.19 -66.38 -22.37
C HIS EC 125 60.36 -67.11 -23.01
N PRO EC 126 60.67 -66.77 -24.26
CA PRO EC 126 61.83 -67.36 -24.95
C PRO EC 126 63.13 -66.62 -24.67
N HIS EC 127 63.37 -66.30 -23.40
CA HIS EC 127 64.62 -65.69 -22.97
C HIS EC 127 65.42 -66.54 -22.00
N ASP EC 128 64.77 -67.45 -21.28
CA ASP EC 128 65.51 -68.37 -20.42
C ASP EC 128 66.42 -69.28 -21.24
N ILE EC 129 65.93 -69.75 -22.39
CA ILE EC 129 66.72 -70.60 -23.28
C ILE EC 129 67.87 -69.86 -23.93
N ILE EC 130 67.93 -68.54 -23.81
CA ILE EC 130 69.02 -67.77 -24.42
C ILE EC 130 70.33 -68.02 -23.68
N ASP EC 131 70.27 -68.09 -22.35
CA ASP EC 131 71.50 -68.19 -21.56
C ASP EC 131 72.03 -69.62 -21.55
N ASP EC 132 71.24 -70.56 -21.04
CA ASP EC 132 71.67 -71.96 -20.92
C ASP EC 132 71.22 -72.76 -22.15
N ILE EC 133 71.95 -72.52 -23.24
CA ILE EC 133 71.70 -73.22 -24.49
C ILE EC 133 72.97 -73.93 -24.91
N ASN EC 134 72.87 -75.24 -25.16
CA ASN EC 134 74.00 -76.04 -25.58
C ASN EC 134 73.68 -77.00 -26.72
N SER EC 135 72.41 -77.23 -27.03
CA SER EC 135 72.02 -78.13 -28.11
C SER EC 135 71.95 -77.38 -29.43
N GLY EC 136 72.44 -78.04 -30.49
CA GLY EC 136 72.48 -77.41 -31.79
C GLY EC 136 73.45 -76.25 -31.88
N ALA EC 137 74.61 -76.37 -31.22
CA ALA EC 137 75.60 -75.29 -31.25
C ALA EC 137 76.26 -75.18 -32.61
N VAL EC 138 76.57 -76.32 -33.23
CA VAL EC 138 77.20 -76.34 -34.55
C VAL EC 138 76.38 -77.23 -35.47
N GLU EC 139 75.07 -77.33 -35.20
CA GLU EC 139 74.21 -78.21 -35.98
C GLU EC 139 74.07 -77.71 -37.42
N CYS EC 140 73.96 -76.39 -37.60
CA CYS EC 140 73.75 -75.84 -38.93
C CYS EC 140 74.93 -76.08 -39.88
N PRO EC 141 76.19 -75.78 -39.51
CA PRO EC 141 77.22 -76.02 -40.53
C PRO EC 141 77.64 -77.49 -40.61
N GLY FC 1 -48.44 -50.34 -89.84
CA GLY FC 1 -47.84 -51.63 -90.14
C GLY FC 1 -46.44 -51.77 -89.58
N PRO FC 2 -45.45 -51.27 -90.32
CA PRO FC 2 -44.06 -51.32 -89.84
C PRO FC 2 -43.89 -50.52 -88.55
N THR FC 3 -43.04 -51.03 -87.67
CA THR FC 3 -42.82 -50.38 -86.38
C THR FC 3 -42.23 -49.00 -86.56
N ALA FC 4 -41.11 -48.90 -87.27
CA ALA FC 4 -40.46 -47.61 -87.51
C ALA FC 4 -39.91 -47.52 -88.93
N ALA FC 5 -40.70 -47.94 -89.91
CA ALA FC 5 -40.22 -47.89 -91.30
C ALA FC 5 -41.40 -47.61 -92.21
N GLN FC 6 -41.15 -47.77 -93.53
CA GLN FC 6 -42.04 -47.46 -94.65
C GLN FC 6 -42.18 -45.95 -94.84
N ALA FC 7 -41.67 -45.18 -93.87
CA ALA FC 7 -41.40 -43.77 -94.01
C ALA FC 7 -40.12 -43.36 -93.30
N LYS FC 8 -39.44 -44.30 -92.65
CA LYS FC 8 -38.26 -44.01 -91.84
C LYS FC 8 -37.24 -45.12 -92.07
N SER FC 9 -36.20 -44.81 -92.85
CA SER FC 9 -35.12 -45.74 -93.17
C SER FC 9 -33.86 -44.91 -93.34
N LYS FC 10 -32.85 -45.47 -94.00
CA LYS FC 10 -31.70 -44.65 -94.34
C LYS FC 10 -31.93 -43.96 -95.69
N GLN FC 11 -32.07 -44.76 -96.75
CA GLN FC 11 -32.27 -44.21 -98.09
C GLN FC 11 -33.62 -43.53 -98.23
N ALA FC 12 -34.66 -44.09 -97.62
CA ALA FC 12 -35.98 -43.48 -97.69
C ALA FC 12 -35.99 -42.12 -97.01
N ILE FC 13 -35.37 -42.00 -95.84
CA ILE FC 13 -35.31 -40.70 -95.16
C ILE FC 13 -34.48 -39.72 -95.96
N LEU FC 14 -33.36 -40.18 -96.54
CA LEU FC 14 -32.54 -39.27 -97.36
C LEU FC 14 -33.34 -38.74 -98.55
N ALA FC 15 -34.02 -39.63 -99.27
CA ALA FC 15 -34.80 -39.22 -100.42
C ALA FC 15 -35.98 -38.33 -100.03
N ALA FC 16 -36.53 -38.54 -98.82
CA ALA FC 16 -37.60 -37.68 -98.35
C ALA FC 16 -37.08 -36.30 -97.98
N GLN FC 17 -35.92 -36.23 -97.32
CA GLN FC 17 -35.28 -34.97 -97.00
C GLN FC 17 -34.90 -34.18 -98.24
N ARG FC 18 -34.65 -34.87 -99.36
CA ARG FC 18 -34.50 -34.15 -100.62
C ARG FC 18 -35.71 -33.28 -100.92
N ARG FC 19 -36.88 -33.89 -101.11
CA ARG FC 19 -38.09 -33.16 -101.45
C ARG FC 19 -38.99 -32.98 -100.22
N GLY FC 20 -38.49 -32.23 -99.23
CA GLY FC 20 -39.30 -31.88 -98.08
C GLY FC 20 -39.81 -33.05 -97.27
N GLU FC 21 -41.10 -33.34 -97.43
CA GLU FC 21 -41.79 -34.53 -96.92
C GLU FC 21 -42.01 -34.49 -95.41
N ASP FC 22 -41.42 -33.50 -94.73
CA ASP FC 22 -41.61 -33.28 -93.30
C ASP FC 22 -41.30 -34.54 -92.49
N VAL FC 23 -40.04 -34.98 -92.57
CA VAL FC 23 -39.63 -36.21 -91.91
C VAL FC 23 -39.71 -36.04 -90.40
N GLU FC 24 -40.43 -36.96 -89.75
CA GLU FC 24 -40.62 -36.90 -88.30
C GLU FC 24 -39.46 -37.58 -87.59
N THR FC 25 -38.94 -36.92 -86.56
CA THR FC 25 -37.85 -37.46 -85.76
C THR FC 25 -38.22 -37.36 -84.29
N SER FC 26 -38.10 -38.48 -83.57
CA SER FC 26 -38.46 -38.54 -82.16
C SER FC 26 -37.30 -39.12 -81.37
N LYS FC 27 -37.14 -38.61 -80.15
CA LYS FC 27 -36.05 -39.07 -79.30
C LYS FC 27 -36.38 -40.43 -78.69
N LYS FC 28 -35.34 -41.12 -78.25
CA LYS FC 28 -35.47 -42.47 -77.73
C LYS FC 28 -35.68 -42.46 -76.23
N TRP FC 29 -35.84 -43.65 -75.63
CA TRP FC 29 -36.05 -43.74 -74.20
C TRP FC 29 -34.84 -43.24 -73.42
N ALA FC 30 -33.65 -43.75 -73.76
CA ALA FC 30 -32.44 -43.31 -73.07
C ALA FC 30 -32.13 -41.85 -73.37
N ALA FC 31 -31.84 -41.54 -74.63
CA ALA FC 31 -31.63 -40.18 -75.11
C ALA FC 31 -30.56 -39.46 -74.29
N GLY FC 32 -29.34 -39.99 -74.35
CA GLY FC 32 -28.21 -39.37 -73.70
C GLY FC 32 -28.04 -39.72 -72.24
N GLN FC 33 -28.93 -40.53 -71.67
CA GLN FC 33 -28.80 -40.92 -70.27
C GLN FC 33 -27.66 -41.92 -70.11
N ASN FC 34 -26.94 -41.79 -68.98
CA ASN FC 34 -25.85 -42.71 -68.66
C ASN FC 34 -26.36 -43.86 -67.80
N LYS FC 35 -27.35 -44.56 -68.33
CA LYS FC 35 -28.08 -45.59 -67.61
C LYS FC 35 -27.15 -46.76 -67.31
N GLN FC 36 -26.71 -46.88 -66.06
CA GLN FC 36 -25.91 -48.02 -65.62
C GLN FC 36 -26.77 -49.14 -65.04
N HIS FC 37 -28.09 -48.95 -64.98
CA HIS FC 37 -28.98 -49.93 -64.36
C HIS FC 37 -29.01 -51.23 -65.16
N SER FC 38 -29.07 -51.12 -66.50
CA SER FC 38 -29.04 -52.25 -67.42
C SER FC 38 -30.20 -53.22 -67.16
N ILE FC 39 -31.40 -52.70 -67.41
CA ILE FC 39 -32.61 -53.51 -67.29
C ILE FC 39 -32.59 -54.59 -68.37
N THR FC 40 -32.90 -55.82 -67.97
CA THR FC 40 -32.88 -56.96 -68.89
C THR FC 40 -34.27 -57.47 -69.23
N LYS FC 41 -35.06 -57.85 -68.23
CA LYS FC 41 -36.40 -58.33 -68.48
C LYS FC 41 -37.37 -57.16 -68.58
N ASN FC 42 -38.37 -57.30 -69.43
CA ASN FC 42 -39.30 -56.21 -69.67
C ASN FC 42 -40.21 -56.01 -68.46
N THR FC 43 -40.27 -54.76 -67.99
CA THR FC 43 -41.14 -54.44 -66.86
C THR FC 43 -42.61 -54.66 -67.20
N ALA FC 44 -42.99 -54.33 -68.44
CA ALA FC 44 -44.35 -54.58 -68.89
C ALA FC 44 -44.64 -56.08 -68.91
N LYS FC 45 -43.67 -56.88 -69.38
CA LYS FC 45 -43.84 -58.33 -69.35
C LYS FC 45 -43.99 -58.85 -67.92
N LEU FC 46 -43.21 -58.29 -66.99
CA LEU FC 46 -43.32 -58.71 -65.60
C LEU FC 46 -44.67 -58.35 -65.02
N ASP FC 47 -45.19 -57.17 -65.36
CA ASP FC 47 -46.52 -56.79 -64.90
C ASP FC 47 -47.59 -57.72 -65.47
N ARG FC 48 -47.46 -58.07 -66.75
CA ARG FC 48 -48.45 -58.94 -67.38
C ARG FC 48 -48.41 -60.36 -66.81
N GLU FC 49 -47.21 -60.86 -66.50
CA GLU FC 49 -47.04 -62.26 -66.15
C GLU FC 49 -47.65 -62.53 -64.78
N THR FC 50 -48.87 -63.08 -64.78
CA THR FC 50 -49.54 -63.51 -63.57
C THR FC 50 -49.52 -65.02 -63.41
N GLU FC 51 -48.87 -65.75 -64.31
CA GLU FC 51 -48.80 -67.20 -64.24
C GLU FC 51 -47.39 -67.72 -64.07
N GLU FC 52 -46.47 -67.32 -64.94
CA GLU FC 52 -45.09 -67.81 -64.85
C GLU FC 52 -44.41 -67.23 -63.62
N LEU FC 53 -43.71 -68.08 -62.87
CA LEU FC 53 -43.05 -67.65 -61.65
C LEU FC 53 -41.69 -68.33 -61.47
N HIS FC 54 -41.07 -68.79 -62.56
CA HIS FC 54 -39.82 -69.53 -62.51
C HIS FC 54 -38.74 -68.78 -63.27
N HIS FC 55 -37.61 -68.56 -62.61
CA HIS FC 55 -36.48 -67.89 -63.23
C HIS FC 55 -35.50 -68.93 -63.79
N ASP FC 56 -34.38 -68.47 -64.30
CA ASP FC 56 -33.52 -69.30 -65.15
C ASP FC 56 -32.20 -69.67 -64.51
N ARG FC 57 -31.42 -68.68 -64.05
CA ARG FC 57 -30.10 -68.85 -63.43
C ARG FC 57 -29.06 -69.39 -64.41
N VAL FC 58 -27.78 -69.23 -64.06
CA VAL FC 58 -26.68 -69.61 -64.94
C VAL FC 58 -26.33 -71.08 -64.69
N THR FC 59 -26.13 -71.82 -65.77
CA THR FC 59 -25.76 -73.23 -65.65
C THR FC 59 -24.32 -73.39 -65.21
N LEU FC 60 -24.04 -74.54 -64.59
CA LEU FC 60 -22.69 -74.84 -64.15
C LEU FC 60 -21.72 -74.97 -65.31
N GLU FC 61 -22.21 -75.30 -66.50
CA GLU FC 61 -21.34 -75.27 -67.67
C GLU FC 61 -20.79 -73.88 -67.91
N VAL FC 62 -21.67 -72.87 -67.88
CA VAL FC 62 -21.24 -71.49 -68.04
C VAL FC 62 -20.33 -71.08 -66.89
N GLY FC 63 -20.64 -71.52 -65.67
CA GLY FC 63 -19.76 -71.22 -64.55
C GLY FC 63 -18.36 -71.78 -64.74
N LYS FC 64 -18.26 -73.02 -65.23
CA LYS FC 64 -16.96 -73.61 -65.50
C LYS FC 64 -16.24 -72.87 -66.61
N VAL FC 65 -16.97 -72.42 -67.64
CA VAL FC 65 -16.33 -71.63 -68.70
C VAL FC 65 -15.74 -70.35 -68.12
N ILE FC 66 -16.49 -69.69 -67.23
CA ILE FC 66 -16.01 -68.46 -66.60
C ILE FC 66 -14.75 -68.73 -65.79
N GLN FC 67 -14.78 -69.79 -64.98
CA GLN FC 67 -13.63 -70.12 -64.14
C GLN FC 67 -12.41 -70.46 -64.99
N GLN FC 68 -12.61 -71.22 -66.07
CA GLN FC 68 -11.51 -71.57 -66.95
C GLN FC 68 -10.91 -70.34 -67.60
N GLY FC 69 -11.75 -69.43 -68.08
CA GLY FC 69 -11.24 -68.21 -68.70
C GLY FC 69 -10.45 -67.36 -67.73
N ARG FC 70 -10.96 -67.19 -66.51
CA ARG FC 70 -10.24 -66.39 -65.53
C ARG FC 70 -8.95 -67.03 -65.10
N GLN FC 71 -8.93 -68.35 -64.93
CA GLN FC 71 -7.69 -69.01 -64.54
C GLN FC 71 -6.68 -69.02 -65.68
N SER FC 72 -7.16 -68.99 -66.92
CA SER FC 72 -6.25 -68.84 -68.05
C SER FC 72 -5.66 -67.44 -68.08
N LYS FC 73 -6.47 -66.42 -67.78
CA LYS FC 73 -5.99 -65.05 -67.80
C LYS FC 73 -5.31 -64.62 -66.51
N GLY FC 74 -5.28 -65.48 -65.50
CA GLY FC 74 -4.67 -65.14 -64.22
C GLY FC 74 -5.37 -64.04 -63.46
N LEU FC 75 -6.70 -63.99 -63.53
CA LEU FC 75 -7.48 -62.96 -62.86
C LEU FC 75 -8.37 -63.60 -61.81
N THR FC 76 -8.31 -63.06 -60.59
CA THR FC 76 -9.15 -63.55 -59.52
C THR FC 76 -10.55 -62.94 -59.62
N GLN FC 77 -11.43 -63.33 -58.69
CA GLN FC 77 -12.78 -62.79 -58.67
C GLN FC 77 -12.76 -61.28 -58.46
N LYS FC 78 -11.99 -60.80 -57.47
CA LYS FC 78 -11.91 -59.37 -57.22
C LYS FC 78 -11.29 -58.64 -58.38
N ASP FC 79 -10.27 -59.24 -59.01
CA ASP FC 79 -9.60 -58.60 -60.14
C ASP FC 79 -10.56 -58.41 -61.31
N LEU FC 80 -11.29 -59.46 -61.67
CA LEU FC 80 -12.23 -59.31 -62.78
C LEU FC 80 -13.41 -58.43 -62.39
N ALA FC 81 -13.78 -58.43 -61.10
CA ALA FC 81 -14.84 -57.55 -60.64
C ALA FC 81 -14.47 -56.09 -60.82
N THR FC 82 -13.24 -55.72 -60.44
CA THR FC 82 -12.80 -54.35 -60.67
C THR FC 82 -12.63 -54.04 -62.14
N LYS FC 83 -12.19 -55.02 -62.94
CA LYS FC 83 -12.04 -54.79 -64.38
C LYS FC 83 -13.40 -54.52 -65.04
N ILE FC 84 -14.42 -55.27 -64.65
CA ILE FC 84 -15.75 -55.11 -65.24
C ILE FC 84 -16.58 -54.03 -64.56
N ASN FC 85 -16.11 -53.51 -63.41
CA ASN FC 85 -16.85 -52.56 -62.60
C ASN FC 85 -18.17 -53.18 -62.14
N GLU FC 86 -18.04 -54.27 -61.40
CA GLU FC 86 -19.17 -54.97 -60.81
C GLU FC 86 -18.71 -55.56 -59.49
N LYS FC 87 -19.66 -55.90 -58.63
CA LYS FC 87 -19.33 -56.36 -57.30
C LYS FC 87 -18.76 -57.78 -57.32
N PRO FC 88 -17.80 -58.07 -56.45
CA PRO FC 88 -17.29 -59.44 -56.33
C PRO FC 88 -18.34 -60.44 -55.91
N GLN FC 89 -19.36 -60.03 -55.16
CA GLN FC 89 -20.46 -60.93 -54.84
C GLN FC 89 -21.21 -61.36 -56.10
N VAL FC 90 -21.44 -60.42 -57.02
CA VAL FC 90 -22.08 -60.76 -58.29
C VAL FC 90 -21.17 -61.65 -59.13
N ILE FC 91 -19.87 -61.37 -59.08
CA ILE FC 91 -18.89 -62.19 -59.80
C ILE FC 91 -18.92 -63.63 -59.30
N ALA FC 92 -18.92 -63.81 -57.98
CA ALA FC 92 -19.00 -65.15 -57.40
C ALA FC 92 -20.33 -65.80 -57.69
N ASP FC 93 -21.42 -65.03 -57.74
CA ASP FC 93 -22.71 -65.58 -58.12
C ASP FC 93 -22.70 -66.11 -59.55
N TYR FC 94 -22.04 -65.39 -60.44
CA TYR FC 94 -21.95 -65.86 -61.83
C TYR FC 94 -21.08 -67.10 -61.94
N GLU FC 95 -20.02 -67.20 -61.15
CA GLU FC 95 -19.25 -68.45 -61.12
C GLU FC 95 -20.08 -69.60 -60.58
N SER FC 96 -20.85 -69.36 -59.52
CA SER FC 96 -21.69 -70.39 -58.95
C SER FC 96 -22.95 -70.54 -59.80
N GLY FC 97 -23.96 -71.24 -59.28
CA GLY FC 97 -25.17 -71.47 -60.02
C GLY FC 97 -26.31 -70.51 -59.76
N ARG FC 98 -26.13 -69.52 -58.89
CA ARG FC 98 -27.25 -68.64 -58.53
C ARG FC 98 -27.45 -67.56 -59.58
N ALA FC 99 -26.49 -66.64 -59.69
CA ALA FC 99 -26.38 -65.65 -60.76
C ALA FC 99 -27.67 -64.92 -61.13
N ILE FC 100 -28.60 -65.61 -61.77
CA ILE FC 100 -29.77 -65.01 -62.42
C ILE FC 100 -29.27 -64.01 -63.46
N PRO FC 101 -28.79 -64.48 -64.61
CA PRO FC 101 -27.92 -63.66 -65.45
C PRO FC 101 -28.58 -62.41 -66.02
N ASN FC 102 -27.74 -61.41 -66.26
CA ASN FC 102 -28.11 -60.22 -67.02
C ASN FC 102 -27.29 -60.18 -68.30
N ASN FC 103 -27.93 -59.79 -69.40
CA ASN FC 103 -27.29 -59.82 -70.70
C ASN FC 103 -26.11 -58.84 -70.77
N GLN FC 104 -26.28 -57.65 -70.20
CA GLN FC 104 -25.19 -56.68 -70.20
C GLN FC 104 -23.97 -57.18 -69.43
N VAL FC 105 -24.20 -57.79 -68.27
CA VAL FC 105 -23.10 -58.32 -67.48
C VAL FC 105 -22.45 -59.50 -68.20
N LEU FC 106 -23.25 -60.35 -68.83
CA LEU FC 106 -22.70 -61.47 -69.57
C LEU FC 106 -21.82 -61.00 -70.72
N GLY FC 107 -22.28 -59.98 -71.45
CA GLY FC 107 -21.44 -59.41 -72.50
C GLY FC 107 -20.18 -58.78 -71.96
N LYS FC 108 -20.27 -58.11 -70.81
CA LYS FC 108 -19.08 -57.53 -70.20
C LYS FC 108 -18.07 -58.60 -69.84
N ILE FC 109 -18.53 -59.72 -69.29
CA ILE FC 109 -17.61 -60.81 -68.94
C ILE FC 109 -17.03 -61.44 -70.21
N GLU FC 110 -17.84 -61.55 -71.26
CA GLU FC 110 -17.32 -62.05 -72.54
C GLU FC 110 -16.19 -61.17 -73.05
N ARG FC 111 -16.40 -59.86 -73.05
CA ARG FC 111 -15.37 -58.93 -73.52
C ARG FC 111 -14.13 -58.98 -72.64
N ALA FC 112 -14.31 -59.12 -71.32
CA ALA FC 112 -13.17 -59.13 -70.42
C ALA FC 112 -12.36 -60.42 -70.51
N ILE FC 113 -13.02 -61.55 -70.78
CA ILE FC 113 -12.34 -62.84 -70.74
C ILE FC 113 -11.83 -63.24 -72.13
N GLY FC 114 -12.70 -63.23 -73.14
CA GLY FC 114 -12.33 -63.69 -74.46
C GLY FC 114 -13.08 -64.92 -74.92
N LEU FC 115 -14.02 -65.43 -74.13
CA LEU FC 115 -14.80 -66.61 -74.48
C LEU FC 115 -16.27 -66.21 -74.60
N LYS FC 116 -16.87 -66.51 -75.75
CA LYS FC 116 -18.27 -66.20 -75.95
C LYS FC 116 -19.15 -67.16 -75.16
N LEU FC 117 -20.26 -66.63 -74.65
CA LEU FC 117 -21.21 -67.46 -73.92
C LEU FC 117 -22.66 -67.09 -74.17
N ARG FC 118 -22.95 -66.20 -75.13
CA ARG FC 118 -24.32 -65.79 -75.41
C ARG FC 118 -24.84 -66.66 -76.55
N GLY FC 119 -25.39 -67.82 -76.20
CA GLY FC 119 -25.99 -68.67 -77.20
C GLY FC 119 -24.98 -69.27 -78.16
N LYS FC 120 -25.50 -69.71 -79.32
CA LYS FC 120 -24.72 -70.38 -80.36
C LYS FC 120 -23.97 -71.57 -79.78
N ASP FC 121 -22.65 -71.42 -79.60
CA ASP FC 121 -21.84 -72.38 -78.88
C ASP FC 121 -21.13 -71.66 -77.75
N ILE FC 122 -21.20 -72.22 -76.55
CA ILE FC 122 -20.63 -71.60 -75.36
C ILE FC 122 -19.20 -72.07 -75.22
N GLY FC 123 -18.26 -71.13 -75.28
CA GLY FC 123 -16.87 -71.47 -75.15
C GLY FC 123 -16.06 -71.27 -76.42
N LYS FC 124 -16.43 -70.29 -77.22
CA LYS FC 124 -15.63 -69.93 -78.38
C LYS FC 124 -14.28 -69.40 -77.90
N PRO FC 125 -13.17 -69.88 -78.47
CA PRO FC 125 -11.86 -69.45 -77.97
C PRO FC 125 -11.62 -67.94 -78.07
N ILE FC 126 -12.13 -67.30 -79.11
CA ILE FC 126 -12.00 -65.86 -79.30
C ILE FC 126 -13.39 -65.30 -79.58
N GLU FC 127 -13.65 -64.10 -79.06
CA GLU FC 127 -14.94 -63.44 -79.28
C GLU FC 127 -15.13 -63.14 -80.76
N LYS FC 128 -14.32 -62.24 -81.29
CA LYS FC 128 -14.32 -61.94 -82.73
C LYS FC 128 -12.93 -61.79 -83.33
N GLY FC 129 -11.91 -61.47 -82.54
CA GLY FC 129 -10.58 -61.23 -83.06
C GLY FC 129 -10.30 -59.74 -83.16
N PRO FC 130 -9.58 -59.20 -82.18
CA PRO FC 130 -9.28 -57.77 -82.16
C PRO FC 130 -8.03 -57.42 -82.95
N ARG FC 131 -7.99 -56.18 -83.40
CA ARG FC 131 -6.84 -55.66 -84.13
C ARG FC 131 -6.80 -54.14 -83.98
N ALA FC 132 -5.57 -53.61 -83.99
CA ALA FC 132 -5.37 -52.16 -83.88
C ALA FC 132 -5.57 -51.47 -85.23
#